data_9RKT
#
_entry.id   9RKT
#
_cell.length_a   1.00
_cell.length_b   1.00
_cell.length_c   1.00
_cell.angle_alpha   90.00
_cell.angle_beta   90.00
_cell.angle_gamma   90.00
#
_symmetry.space_group_name_H-M   'P 1'
#
_entity_poly.entity_id   1
_entity_poly.type   'polypeptide(L)'
_entity_poly.pdbx_seq_one_letter_code
;MYFFSVDPRNGASSVDACGKCCCESISARPGEVNGVMVSYVAWSAPLGGHGLTNKTTFEFENVSVTEPLVNSAFERTPFN
TTLAGSLAALFPNPEGEAVEYEILELYPPVNGIVELGENGAFTYRPATSFTGIDRFWFSINGNVGEFVIAVDPAQGPQIA
QPPFTPAVYVPLSRREVNKQTQALRFVLGVSPAAKPADIYRLNIRQAAIDCEGNEYFHISCYDISIGSCG
;
_entity_poly.pdbx_strand_id   A,B,C,D,E,F,G,H,I,J,K,L,M,N,O,P,Q,R,S,T,U,V,W,X,Y,Z,a,b,c,d,e,f,g,h,i,j,k,l,m,n,o,p,q,r,s,t,u,v,w,x,y,z,1,2,3,4,5,6,7,8
#
# COMPACT_ATOMS: atom_id res chain seq x y z
N CYS A 23 -61.20 30.50 -32.79
CA CYS A 23 -62.37 30.55 -31.91
C CYS A 23 -62.17 29.65 -30.70
N GLU A 24 -61.52 30.19 -29.67
CA GLU A 24 -61.34 29.44 -28.44
C GLU A 24 -62.68 29.19 -27.77
N SER A 25 -62.77 28.08 -27.04
CA SER A 25 -64.02 27.62 -26.46
C SER A 25 -64.11 28.02 -25.00
N ILE A 26 -65.23 28.64 -24.63
CA ILE A 26 -65.55 28.96 -23.25
C ILE A 26 -66.88 28.31 -22.91
N SER A 27 -66.94 27.68 -21.75
CA SER A 27 -68.16 27.04 -21.27
C SER A 27 -68.70 27.82 -20.08
N ALA A 28 -70.03 27.91 -19.98
CA ALA A 28 -70.64 28.71 -18.93
C ALA A 28 -71.93 28.03 -18.48
N ARG A 29 -72.37 28.38 -17.27
CA ARG A 29 -73.58 27.86 -16.66
C ARG A 29 -74.55 29.00 -16.37
N PRO A 30 -75.85 28.82 -16.56
CA PRO A 30 -76.79 29.89 -16.20
C PRO A 30 -76.67 30.27 -14.74
N GLY A 31 -76.69 31.57 -14.47
CA GLY A 31 -76.59 32.08 -13.12
C GLY A 31 -75.18 32.25 -12.60
N GLU A 32 -74.17 31.85 -13.38
CA GLU A 32 -72.78 31.96 -12.95
C GLU A 32 -72.18 33.29 -13.34
N VAL A 33 -71.27 33.79 -12.51
CA VAL A 33 -70.47 34.97 -12.84
C VAL A 33 -69.01 34.61 -12.59
N ASN A 34 -68.18 34.68 -13.62
CA ASN A 34 -66.81 34.19 -13.57
C ASN A 34 -65.90 35.13 -14.34
N GLY A 35 -64.63 35.14 -13.95
CA GLY A 35 -63.65 36.01 -14.57
C GLY A 35 -62.85 35.32 -15.66
N VAL A 36 -62.25 36.13 -16.52
CA VAL A 36 -61.44 35.65 -17.64
C VAL A 36 -60.20 36.52 -17.75
N MET A 37 -59.08 35.91 -18.15
CA MET A 37 -57.82 36.63 -18.31
C MET A 37 -57.11 36.13 -19.56
N VAL A 38 -56.54 37.08 -20.31
CA VAL A 38 -55.80 36.78 -21.53
C VAL A 38 -54.48 37.54 -21.48
N SER A 39 -53.41 36.89 -21.92
CA SER A 39 -52.05 37.43 -21.82
C SER A 39 -51.59 37.87 -23.20
N TYR A 40 -51.08 39.11 -23.28
CA TYR A 40 -50.63 39.69 -24.53
C TYR A 40 -49.11 39.81 -24.62
N VAL A 41 -48.36 39.19 -23.71
CA VAL A 41 -46.91 39.37 -23.71
C VAL A 41 -46.30 38.89 -25.01
N ALA A 42 -46.83 37.80 -25.58
CA ALA A 42 -46.27 37.25 -26.81
C ALA A 42 -46.42 38.21 -27.99
N TRP A 43 -47.34 39.16 -27.92
CA TRP A 43 -47.62 40.06 -29.03
C TRP A 43 -47.06 41.46 -28.80
N SER A 44 -47.33 42.05 -27.63
CA SER A 44 -46.93 43.43 -27.37
C SER A 44 -45.51 43.57 -26.87
N ALA A 45 -44.81 42.46 -26.62
CA ALA A 45 -43.43 42.57 -26.13
C ALA A 45 -42.47 43.00 -27.23
N PRO A 46 -42.34 42.28 -28.35
CA PRO A 46 -41.39 42.70 -29.38
C PRO A 46 -41.67 44.08 -29.97
N LEU A 47 -42.93 44.55 -29.92
CA LEU A 47 -43.24 45.86 -30.48
C LEU A 47 -42.55 46.99 -29.71
N GLY A 48 -42.08 46.72 -28.50
CA GLY A 48 -41.51 47.80 -27.71
C GLY A 48 -42.58 48.78 -27.28
N GLY A 49 -42.20 50.04 -27.13
CA GLY A 49 -43.18 51.04 -26.76
C GLY A 49 -43.62 50.91 -25.31
N HIS A 50 -44.84 51.38 -25.04
CA HIS A 50 -45.36 51.45 -23.69
C HIS A 50 -46.38 50.35 -23.39
N GLY A 51 -46.51 49.36 -24.27
CA GLY A 51 -47.36 48.22 -23.96
C GLY A 51 -48.82 48.48 -24.25
N LEU A 52 -49.68 47.82 -23.48
CA LEU A 52 -51.11 47.84 -23.73
C LEU A 52 -51.72 49.18 -23.34
N THR A 53 -53.00 49.33 -23.67
CA THR A 53 -53.76 50.54 -23.37
C THR A 53 -55.19 50.14 -23.05
N ASN A 54 -55.90 51.03 -22.35
CA ASN A 54 -57.25 50.73 -21.88
C ASN A 54 -58.31 50.87 -22.95
N LYS A 55 -57.94 50.93 -24.24
CA LYS A 55 -58.93 51.07 -25.31
C LYS A 55 -59.33 49.69 -25.86
N THR A 56 -60.13 48.98 -25.08
CA THR A 56 -60.68 47.71 -25.51
C THR A 56 -62.13 47.89 -25.97
N THR A 57 -62.56 46.97 -26.85
CA THR A 57 -63.92 46.99 -27.39
C THR A 57 -64.44 45.58 -27.48
N PHE A 58 -65.70 45.39 -27.08
CA PHE A 58 -66.34 44.08 -27.06
C PHE A 58 -67.55 44.08 -27.97
N GLU A 59 -67.82 42.94 -28.59
CA GLU A 59 -69.00 42.77 -29.45
C GLU A 59 -69.50 41.34 -29.31
N PHE A 60 -70.83 41.19 -29.28
CA PHE A 60 -71.48 39.90 -29.12
C PHE A 60 -72.25 39.55 -30.39
N GLU A 61 -72.10 38.31 -30.85
CA GLU A 61 -72.80 37.81 -32.02
C GLU A 61 -73.49 36.49 -31.67
N ASN A 62 -74.62 36.25 -32.33
CA ASN A 62 -75.36 35.02 -32.13
C ASN A 62 -75.09 34.04 -33.27
N VAL A 63 -74.96 32.76 -32.91
CA VAL A 63 -74.84 31.68 -33.88
C VAL A 63 -75.98 30.67 -33.73
N SER A 64 -76.30 30.29 -32.50
CA SER A 64 -77.44 29.46 -32.18
C SER A 64 -78.16 30.05 -30.97
N VAL A 65 -79.42 30.44 -31.16
CA VAL A 65 -80.21 31.04 -30.09
C VAL A 65 -81.66 30.68 -30.30
N THR A 66 -82.36 30.41 -29.20
CA THR A 66 -83.77 30.04 -29.21
C THR A 66 -84.57 31.15 -28.55
N GLU A 67 -85.59 31.63 -29.23
CA GLU A 67 -86.38 32.73 -28.70
C GLU A 67 -87.13 32.27 -27.44
N PRO A 68 -87.25 33.14 -26.43
CA PRO A 68 -87.92 32.72 -25.20
C PRO A 68 -89.41 32.53 -25.42
N LEU A 69 -90.01 31.66 -24.60
CA LEU A 69 -91.44 31.42 -24.63
C LEU A 69 -92.21 32.24 -23.62
N VAL A 70 -91.53 33.05 -22.80
CA VAL A 70 -92.17 33.89 -21.80
C VAL A 70 -91.57 35.29 -21.89
N ASN A 71 -92.39 36.30 -21.66
CA ASN A 71 -91.98 37.68 -21.80
C ASN A 71 -91.63 38.29 -20.46
N SER A 72 -90.73 39.28 -20.49
CA SER A 72 -90.39 40.03 -19.29
C SER A 72 -91.43 41.11 -19.04
N ALA A 73 -91.37 41.70 -17.84
CA ALA A 73 -92.33 42.71 -17.43
C ALA A 73 -91.67 43.73 -16.54
N PHE A 74 -92.31 44.90 -16.43
CA PHE A 74 -91.83 45.98 -15.59
C PHE A 74 -93.02 46.72 -15.01
N GLU A 75 -92.94 47.05 -13.72
CA GLU A 75 -94.04 47.69 -13.03
C GLU A 75 -93.49 48.68 -12.01
N ARG A 76 -94.35 49.61 -11.59
CA ARG A 76 -94.01 50.60 -10.59
C ARG A 76 -94.97 50.49 -9.40
N THR A 77 -94.49 50.92 -8.24
CA THR A 77 -95.31 50.95 -7.03
C THR A 77 -94.99 52.22 -6.25
N PRO A 78 -95.95 52.76 -5.49
CA PRO A 78 -95.66 53.95 -4.69
C PRO A 78 -94.73 53.64 -3.53
N PHE A 79 -94.17 54.69 -2.95
CA PHE A 79 -93.25 54.54 -1.84
C PHE A 79 -93.87 53.74 -0.70
N ASN A 80 -93.11 52.76 -0.21
CA ASN A 80 -93.54 51.92 0.92
C ASN A 80 -94.93 51.35 0.70
N THR A 81 -95.20 50.83 -0.50
CA THR A 81 -96.51 50.31 -0.87
C THR A 81 -96.38 48.88 -1.36
N THR A 82 -97.33 48.04 -0.96
CA THR A 82 -97.35 46.66 -1.42
C THR A 82 -97.78 46.59 -2.88
N LEU A 83 -97.21 45.64 -3.62
CA LEU A 83 -97.50 45.45 -5.03
C LEU A 83 -98.12 44.07 -5.24
N ALA A 84 -99.12 44.02 -6.12
CA ALA A 84 -99.79 42.77 -6.47
C ALA A 84 -99.88 42.65 -7.99
N GLY A 85 -99.82 41.41 -8.47
CA GLY A 85 -99.87 41.18 -9.90
C GLY A 85 -100.14 39.73 -10.20
N SER A 86 -100.04 39.39 -11.49
CA SER A 86 -100.29 38.03 -11.96
C SER A 86 -99.28 37.68 -13.03
N LEU A 87 -98.84 36.41 -13.02
CA LEU A 87 -97.86 35.94 -14.00
C LEU A 87 -98.51 35.29 -15.22
N ALA A 88 -99.84 35.15 -15.24
CA ALA A 88 -100.48 34.41 -16.31
C ALA A 88 -100.37 35.12 -17.65
N ALA A 89 -100.42 36.45 -17.66
CA ALA A 89 -100.45 37.19 -18.90
C ALA A 89 -99.13 37.13 -19.66
N LEU A 90 -98.06 36.64 -19.03
CA LEU A 90 -96.73 36.64 -19.62
C LEU A 90 -96.40 35.36 -20.38
N PHE A 91 -97.36 34.45 -20.55
CA PHE A 91 -97.10 33.18 -21.22
C PHE A 91 -98.05 33.00 -22.39
N PRO A 92 -97.76 33.61 -23.55
CA PRO A 92 -98.66 33.51 -24.71
C PRO A 92 -98.52 32.19 -25.44
N ASN A 93 -98.93 31.11 -24.78
CA ASN A 93 -98.86 29.80 -25.42
C ASN A 93 -99.87 29.72 -26.56
N PRO A 94 -99.45 29.31 -27.75
CA PRO A 94 -100.40 29.20 -28.87
C PRO A 94 -101.35 28.02 -28.76
N GLU A 95 -101.13 27.09 -27.84
CA GLU A 95 -102.04 25.98 -27.61
C GLU A 95 -102.44 25.97 -26.13
N GLY A 96 -103.75 25.90 -25.89
CA GLY A 96 -104.24 25.80 -24.52
C GLY A 96 -103.70 24.54 -23.87
N GLU A 97 -103.11 24.69 -22.69
CA GLU A 97 -102.52 23.56 -21.98
C GLU A 97 -102.40 23.91 -20.51
N ALA A 98 -102.20 22.89 -19.69
CA ALA A 98 -102.02 23.09 -18.27
C ALA A 98 -100.75 23.89 -18.01
N VAL A 99 -100.83 24.86 -17.10
CA VAL A 99 -99.72 25.75 -16.81
C VAL A 99 -99.53 25.82 -15.30
N GLU A 100 -98.27 25.85 -14.88
CA GLU A 100 -97.91 25.99 -13.48
C GLU A 100 -96.83 27.05 -13.34
N TYR A 101 -96.78 27.66 -12.17
CA TYR A 101 -95.88 28.78 -11.91
C TYR A 101 -94.93 28.41 -10.78
N GLU A 102 -93.78 29.09 -10.78
CA GLU A 102 -92.75 28.84 -9.78
C GLU A 102 -91.84 30.04 -9.70
N ILE A 103 -91.20 30.22 -8.53
CA ILE A 103 -90.24 31.29 -8.30
C ILE A 103 -88.91 30.66 -7.99
N LEU A 104 -87.88 31.03 -8.76
CA LEU A 104 -86.53 30.51 -8.55
C LEU A 104 -85.99 31.11 -7.26
N GLU A 105 -85.74 30.26 -6.26
CA GLU A 105 -85.37 30.72 -4.93
C GLU A 105 -83.87 30.97 -4.78
N LEU A 106 -83.06 30.57 -5.75
CA LEU A 106 -81.63 30.89 -5.68
C LEU A 106 -81.36 32.36 -5.92
N TYR A 107 -82.35 33.12 -6.37
CA TYR A 107 -82.19 34.52 -6.75
C TYR A 107 -83.24 35.37 -6.05
N PRO A 108 -83.21 35.45 -4.73
CA PRO A 108 -84.23 36.17 -4.00
C PRO A 108 -84.08 37.67 -4.20
N PRO A 109 -85.17 38.44 -4.05
CA PRO A 109 -85.04 39.89 -4.13
C PRO A 109 -84.17 40.43 -3.02
N VAL A 110 -83.44 41.50 -3.33
CA VAL A 110 -82.48 42.04 -2.37
C VAL A 110 -83.12 43.00 -1.38
N ASN A 111 -84.26 43.60 -1.73
CA ASN A 111 -84.91 44.59 -0.89
C ASN A 111 -86.42 44.35 -0.83
N GLY A 112 -86.82 43.11 -0.56
CA GLY A 112 -88.23 42.82 -0.42
C GLY A 112 -88.47 41.34 -0.25
N ILE A 113 -89.75 40.97 -0.21
CA ILE A 113 -90.18 39.60 -0.09
C ILE A 113 -91.28 39.35 -1.11
N VAL A 114 -91.19 38.22 -1.82
CA VAL A 114 -92.17 37.83 -2.83
C VAL A 114 -92.88 36.58 -2.35
N GLU A 115 -94.21 36.60 -2.43
CA GLU A 115 -95.04 35.46 -2.08
C GLU A 115 -95.84 35.04 -3.30
N LEU A 116 -95.86 33.74 -3.58
CA LEU A 116 -96.56 33.20 -4.74
C LEU A 116 -97.89 32.62 -4.30
N GLY A 117 -98.97 33.08 -4.91
CA GLY A 117 -100.31 32.68 -4.55
C GLY A 117 -100.83 31.55 -5.41
N GLU A 118 -102.11 31.66 -5.77
CA GLU A 118 -102.78 30.64 -6.55
C GLU A 118 -103.04 31.13 -7.97
N ASN A 119 -102.81 30.25 -8.93
CA ASN A 119 -102.97 30.56 -10.35
C ASN A 119 -102.16 31.79 -10.75
N GLY A 120 -100.88 31.78 -10.37
CA GLY A 120 -99.96 32.79 -10.84
C GLY A 120 -100.05 34.14 -10.15
N ALA A 121 -100.89 34.28 -9.13
CA ALA A 121 -100.96 35.53 -8.41
C ALA A 121 -99.83 35.61 -7.39
N PHE A 122 -99.18 36.78 -7.33
CA PHE A 122 -98.04 36.97 -6.45
C PHE A 122 -98.16 38.32 -5.75
N THR A 123 -97.46 38.43 -4.61
CA THR A 123 -97.47 39.65 -3.82
C THR A 123 -96.03 40.02 -3.50
N TYR A 124 -95.69 41.30 -3.70
CA TYR A 124 -94.37 41.83 -3.42
C TYR A 124 -94.50 42.85 -2.30
N ARG A 125 -93.69 42.71 -1.25
CA ARG A 125 -93.78 43.52 -0.04
C ARG A 125 -92.44 44.20 0.19
N PRO A 126 -92.24 45.39 -0.36
CA PRO A 126 -90.92 46.03 -0.28
C PRO A 126 -90.53 46.36 1.16
N ALA A 127 -89.22 46.38 1.40
CA ALA A 127 -88.70 46.73 2.70
C ALA A 127 -88.98 48.20 3.01
N THR A 128 -89.20 48.50 4.28
CA THR A 128 -89.53 49.85 4.70
C THR A 128 -88.43 50.82 4.31
N SER A 129 -88.83 51.99 3.81
CA SER A 129 -87.90 53.06 3.45
C SER A 129 -86.98 52.66 2.30
N PHE A 130 -87.44 51.83 1.38
CA PHE A 130 -86.64 51.45 0.24
C PHE A 130 -86.89 52.38 -0.94
N THR A 131 -85.87 52.55 -1.78
CA THR A 131 -85.99 53.38 -2.98
C THR A 131 -84.96 52.90 -3.99
N GLY A 132 -85.43 52.38 -5.12
CA GLY A 132 -84.54 51.90 -6.15
C GLY A 132 -85.24 50.87 -7.02
N ILE A 133 -84.45 49.95 -7.57
CA ILE A 133 -84.91 48.92 -8.48
C ILE A 133 -84.79 47.56 -7.80
N ASP A 134 -85.63 46.62 -8.20
CA ASP A 134 -85.60 45.28 -7.65
C ASP A 134 -86.00 44.28 -8.73
N ARG A 135 -85.65 43.02 -8.51
CA ARG A 135 -85.89 41.97 -9.49
C ARG A 135 -86.23 40.66 -8.77
N PHE A 136 -86.85 39.76 -9.52
CA PHE A 136 -86.99 38.37 -9.10
C PHE A 136 -87.32 37.54 -10.33
N TRP A 137 -86.85 36.29 -10.32
CA TRP A 137 -86.92 35.42 -11.49
C TRP A 137 -87.96 34.34 -11.28
N PHE A 138 -88.80 34.14 -12.28
CA PHE A 138 -89.92 33.20 -12.23
C PHE A 138 -89.81 32.19 -13.35
N SER A 139 -90.47 31.05 -13.15
CA SER A 139 -90.51 29.98 -14.13
C SER A 139 -91.96 29.60 -14.41
N ILE A 140 -92.35 29.66 -15.67
CA ILE A 140 -93.70 29.30 -16.10
C ILE A 140 -93.60 28.06 -16.97
N ASN A 141 -93.96 26.90 -16.40
CA ASN A 141 -93.96 25.64 -17.13
C ASN A 141 -92.59 25.34 -17.71
N GLY A 142 -91.55 25.57 -16.91
CA GLY A 142 -90.20 25.24 -17.30
C GLY A 142 -89.45 26.31 -18.07
N ASN A 143 -90.10 27.44 -18.36
CA ASN A 143 -89.47 28.55 -19.08
C ASN A 143 -89.17 29.67 -18.10
N VAL A 144 -87.95 30.18 -18.12
CA VAL A 144 -87.51 31.18 -17.17
C VAL A 144 -87.74 32.56 -17.75
N GLY A 145 -88.09 33.51 -16.89
CA GLY A 145 -88.29 34.88 -17.30
C GLY A 145 -87.79 35.84 -16.22
N GLU A 146 -87.90 37.13 -16.52
CA GLU A 146 -87.46 38.18 -15.62
C GLU A 146 -88.64 39.09 -15.29
N PHE A 147 -88.63 39.63 -14.08
CA PHE A 147 -89.63 40.61 -13.65
C PHE A 147 -88.91 41.72 -12.89
N VAL A 148 -89.23 42.97 -13.22
CA VAL A 148 -88.54 44.13 -12.67
C VAL A 148 -89.56 44.98 -11.92
N ILE A 149 -89.14 45.53 -10.78
CA ILE A 149 -89.97 46.40 -9.97
C ILE A 149 -89.17 47.65 -9.63
N ALA A 150 -89.85 48.80 -9.61
CA ALA A 150 -89.23 50.08 -9.29
C ALA A 150 -89.99 50.73 -8.16
N VAL A 151 -89.26 51.32 -7.21
CA VAL A 151 -89.83 52.00 -6.06
C VAL A 151 -89.38 53.45 -6.12
N ASP A 152 -90.27 54.34 -6.55
CA ASP A 152 -89.91 55.73 -6.74
C ASP A 152 -89.98 56.49 -5.41
N PRO A 153 -89.23 57.57 -5.27
CA PRO A 153 -89.31 58.39 -4.06
C PRO A 153 -90.68 59.03 -3.91
N ALA A 154 -91.03 59.34 -2.66
CA ALA A 154 -92.32 59.97 -2.38
C ALA A 154 -92.34 61.43 -2.81
N GLN A 155 -91.19 62.10 -2.79
CA GLN A 155 -91.11 63.54 -3.05
C GLN A 155 -90.02 63.84 -4.08
N GLY A 156 -90.02 63.09 -5.18
CA GLY A 156 -89.04 63.28 -6.22
C GLY A 156 -89.50 62.73 -7.56
N PRO A 157 -88.68 62.93 -8.59
CA PRO A 157 -89.03 62.41 -9.92
C PRO A 157 -88.97 60.89 -9.96
N GLN A 158 -89.73 60.32 -10.89
CA GLN A 158 -89.79 58.88 -11.04
C GLN A 158 -88.46 58.34 -11.54
N ILE A 159 -88.19 57.08 -11.23
CA ILE A 159 -86.96 56.42 -11.66
C ILE A 159 -87.16 55.90 -13.08
N ALA A 160 -86.21 56.19 -13.95
CA ALA A 160 -86.29 55.74 -15.33
C ALA A 160 -86.23 54.23 -15.40
N GLN A 161 -86.96 53.66 -16.37
CA GLN A 161 -86.99 52.22 -16.54
C GLN A 161 -85.64 51.71 -17.02
N PRO A 162 -84.99 50.78 -16.32
CA PRO A 162 -83.70 50.28 -16.77
C PRO A 162 -83.87 49.19 -17.82
N PRO A 163 -82.83 48.91 -18.60
CA PRO A 163 -82.94 47.85 -19.60
C PRO A 163 -82.95 46.47 -18.96
N PHE A 164 -83.52 45.51 -19.68
CA PHE A 164 -83.56 44.14 -19.20
C PHE A 164 -82.18 43.50 -19.22
N THR A 165 -82.01 42.44 -18.45
CA THR A 165 -80.72 41.78 -18.33
C THR A 165 -80.49 40.87 -19.53
N PRO A 166 -79.42 41.06 -20.30
CA PRO A 166 -79.16 40.17 -21.43
C PRO A 166 -78.84 38.75 -20.97
N ALA A 167 -78.92 37.82 -21.93
CA ALA A 167 -78.58 36.43 -21.63
C ALA A 167 -77.12 36.30 -21.22
N VAL A 168 -76.22 37.01 -21.93
CA VAL A 168 -74.81 37.07 -21.58
C VAL A 168 -74.34 38.50 -21.76
N TYR A 169 -73.50 38.95 -20.83
CA TYR A 169 -73.05 40.34 -20.85
C TYR A 169 -71.67 40.41 -20.22
N VAL A 170 -70.99 41.53 -20.47
CA VAL A 170 -69.67 41.80 -19.91
C VAL A 170 -69.69 43.18 -19.28
N PRO A 171 -69.76 43.30 -17.96
CA PRO A 171 -69.76 44.64 -17.35
C PRO A 171 -68.53 45.43 -17.77
N LEU A 172 -68.76 46.64 -18.26
CA LEU A 172 -67.67 47.47 -18.76
C LEU A 172 -66.98 48.27 -17.67
N SER A 173 -67.57 48.35 -16.47
CA SER A 173 -66.90 49.02 -15.36
C SER A 173 -65.90 48.11 -14.65
N ARG A 174 -66.07 46.80 -14.77
CA ARG A 174 -65.17 45.84 -14.14
C ARG A 174 -64.17 45.32 -15.18
N ARG A 175 -63.13 46.12 -15.38
CA ARG A 175 -62.14 45.85 -16.41
C ARG A 175 -60.81 46.47 -16.01
N GLU A 176 -59.72 45.74 -16.25
CA GLU A 176 -58.40 46.22 -15.89
C GLU A 176 -57.37 45.65 -16.84
N VAL A 177 -56.29 46.40 -17.04
CA VAL A 177 -55.12 45.95 -17.80
C VAL A 177 -53.90 46.13 -16.91
N ASN A 178 -53.12 45.07 -16.75
CA ASN A 178 -51.96 45.08 -15.86
C ASN A 178 -50.73 45.38 -16.71
N LYS A 179 -50.28 46.63 -16.67
CA LYS A 179 -49.12 47.02 -17.45
C LYS A 179 -47.87 46.26 -17.05
N GLN A 180 -47.80 45.77 -15.80
CA GLN A 180 -46.63 45.04 -15.36
C GLN A 180 -46.45 43.74 -16.12
N THR A 181 -47.53 43.01 -16.41
CA THR A 181 -47.40 41.73 -17.10
C THR A 181 -48.20 41.66 -18.39
N GLN A 182 -48.80 42.75 -18.84
CA GLN A 182 -49.52 42.78 -20.12
C GLN A 182 -50.62 41.72 -20.15
N ALA A 183 -51.54 41.82 -19.20
CA ALA A 183 -52.67 40.92 -19.10
C ALA A 183 -53.96 41.72 -18.99
N LEU A 184 -55.00 41.25 -19.65
CA LEU A 184 -56.32 41.90 -19.64
C LEU A 184 -57.29 41.03 -18.84
N ARG A 185 -58.01 41.66 -17.92
CA ARG A 185 -59.00 40.98 -17.09
C ARG A 185 -60.38 41.56 -17.35
N PHE A 186 -61.37 40.69 -17.43
CA PHE A 186 -62.76 41.11 -17.58
C PHE A 186 -63.67 40.04 -16.98
N VAL A 187 -64.91 40.41 -16.74
CA VAL A 187 -65.89 39.56 -16.05
C VAL A 187 -66.95 39.15 -17.05
N LEU A 188 -67.25 37.85 -17.09
CA LEU A 188 -68.28 37.30 -17.96
C LEU A 188 -69.43 36.82 -17.08
N GLY A 189 -70.63 37.32 -17.37
CA GLY A 189 -71.81 36.98 -16.59
C GLY A 189 -72.85 36.30 -17.45
N VAL A 190 -73.60 35.38 -16.85
CA VAL A 190 -74.66 34.64 -17.54
C VAL A 190 -75.94 34.80 -16.73
N SER A 191 -77.01 35.23 -17.39
CA SER A 191 -78.28 35.39 -16.72
C SER A 191 -78.94 34.03 -16.50
N PRO A 192 -79.83 33.92 -15.51
CA PRO A 192 -80.54 32.65 -15.30
C PRO A 192 -81.35 32.23 -16.52
N ALA A 193 -81.79 33.19 -17.33
CA ALA A 193 -82.63 32.92 -18.48
C ALA A 193 -81.89 32.21 -19.61
N ALA A 194 -80.57 32.13 -19.55
CA ALA A 194 -79.82 31.46 -20.60
C ALA A 194 -80.30 30.02 -20.76
N LYS A 195 -80.50 29.62 -22.01
CA LYS A 195 -80.99 28.28 -22.28
C LYS A 195 -79.84 27.35 -22.63
N PRO A 196 -79.78 26.13 -22.10
CA PRO A 196 -78.66 25.24 -22.41
C PRO A 196 -78.57 24.96 -23.91
N ALA A 197 -77.34 24.67 -24.35
CA ALA A 197 -77.05 24.26 -25.72
C ALA A 197 -76.99 25.44 -26.68
N ASP A 198 -77.24 26.65 -26.19
CA ASP A 198 -77.06 27.83 -27.01
C ASP A 198 -75.59 28.19 -27.12
N ILE A 199 -75.26 28.99 -28.13
CA ILE A 199 -73.88 29.39 -28.39
C ILE A 199 -73.85 30.87 -28.73
N TYR A 200 -72.90 31.60 -28.15
CA TYR A 200 -72.64 33.00 -28.47
C TYR A 200 -71.18 33.17 -28.84
N ARG A 201 -70.90 34.26 -29.56
CA ARG A 201 -69.55 34.60 -29.99
C ARG A 201 -69.18 35.98 -29.48
N LEU A 202 -67.94 36.14 -29.02
CA LEU A 202 -67.44 37.39 -28.47
C LEU A 202 -66.20 37.81 -29.25
N ASN A 203 -66.12 39.09 -29.59
CA ASN A 203 -64.99 39.65 -30.32
C ASN A 203 -64.35 40.76 -29.50
N ILE A 204 -63.02 40.75 -29.44
CA ILE A 204 -62.26 41.72 -28.65
C ILE A 204 -61.21 42.35 -29.55
N ARG A 205 -61.11 43.67 -29.50
CA ARG A 205 -60.03 44.41 -30.15
C ARG A 205 -59.27 45.20 -29.10
N GLN A 206 -57.98 44.93 -28.97
CA GLN A 206 -57.14 45.55 -27.97
C GLN A 206 -56.07 46.40 -28.64
N ALA A 207 -55.66 47.46 -27.97
CA ALA A 207 -54.74 48.45 -28.54
C ALA A 207 -53.44 48.51 -27.73
N ALA A 208 -52.36 48.85 -28.44
CA ALA A 208 -51.07 49.07 -27.81
C ALA A 208 -50.42 50.26 -28.51
N ILE A 209 -49.59 50.98 -27.75
CA ILE A 209 -49.01 52.24 -28.23
C ILE A 209 -47.49 52.11 -28.26
N ASP A 210 -46.88 52.68 -29.28
CA ASP A 210 -45.43 52.74 -29.35
C ASP A 210 -44.91 53.89 -28.51
N CYS A 211 -43.62 54.20 -28.68
CA CYS A 211 -42.99 55.23 -27.85
C CYS A 211 -43.61 56.60 -28.03
N GLU A 212 -43.92 56.99 -29.26
CA GLU A 212 -44.37 58.35 -29.55
C GLU A 212 -45.88 58.52 -29.44
N GLY A 213 -46.63 57.44 -29.24
CA GLY A 213 -48.06 57.53 -29.00
C GLY A 213 -48.96 56.97 -30.07
N ASN A 214 -48.42 56.46 -31.17
CA ASN A 214 -49.23 55.82 -32.19
C ASN A 214 -49.67 54.44 -31.71
N GLU A 215 -50.74 53.93 -32.31
CA GLU A 215 -51.46 52.77 -31.80
C GLU A 215 -51.36 51.57 -32.73
N TYR A 216 -51.34 50.38 -32.15
CA TYR A 216 -51.53 49.13 -32.85
C TYR A 216 -52.89 48.53 -32.48
N PHE A 217 -53.16 47.34 -33.00
CA PHE A 217 -54.42 46.66 -32.71
C PHE A 217 -54.27 45.16 -32.89
N HIS A 218 -55.05 44.41 -32.10
CA HIS A 218 -55.07 42.96 -32.13
C HIS A 218 -56.51 42.49 -31.94
N ILE A 219 -56.95 41.54 -32.75
CA ILE A 219 -58.33 41.09 -32.77
C ILE A 219 -58.37 39.59 -32.49
N SER A 220 -59.30 39.17 -31.65
CA SER A 220 -59.50 37.76 -31.32
C SER A 220 -60.96 37.55 -30.99
N CYS A 221 -61.40 36.29 -31.06
CA CYS A 221 -62.79 35.95 -30.81
C CYS A 221 -62.87 34.66 -30.02
N TYR A 222 -63.91 34.55 -29.20
CA TYR A 222 -64.13 33.40 -28.33
C TYR A 222 -65.57 32.92 -28.47
N ASP A 223 -65.77 31.61 -28.33
CA ASP A 223 -67.08 30.99 -28.45
C ASP A 223 -67.57 30.58 -27.07
N ILE A 224 -68.79 30.99 -26.72
CA ILE A 224 -69.38 30.71 -25.42
C ILE A 224 -70.58 29.80 -25.63
N SER A 225 -70.59 28.65 -24.95
CA SER A 225 -71.67 27.67 -25.07
C SER A 225 -72.22 27.38 -23.68
N ILE A 226 -73.55 27.40 -23.55
CA ILE A 226 -74.19 27.17 -22.27
C ILE A 226 -74.21 25.66 -21.98
N GLY A 227 -74.18 25.31 -20.69
CA GLY A 227 -74.17 23.92 -20.30
C GLY A 227 -74.81 23.68 -18.94
N SER A 228 -74.40 22.59 -18.29
CA SER A 228 -74.92 22.22 -16.97
C SER A 228 -74.01 21.12 -16.43
N CYS A 229 -74.41 20.50 -15.31
CA CYS A 229 -73.66 19.40 -14.73
C CYS A 229 -74.62 18.48 -14.01
N GLY A 230 -74.16 17.25 -13.78
CA GLY A 230 -74.98 16.24 -13.13
C GLY A 230 -74.17 15.07 -12.61
N CYS B 23 -84.75 -0.57 -42.97
CA CYS B 23 -85.06 0.16 -41.75
C CYS B 23 -84.77 -0.70 -40.53
N GLU B 24 -84.15 -0.11 -39.51
CA GLU B 24 -83.81 -0.84 -38.31
C GLU B 24 -85.07 -1.27 -37.58
N SER B 25 -84.96 -2.38 -36.84
CA SER B 25 -86.11 -3.00 -36.19
C SER B 25 -86.03 -2.81 -34.69
N ILE B 26 -87.14 -2.41 -34.09
CA ILE B 26 -87.28 -2.27 -32.64
C ILE B 26 -88.44 -3.13 -32.19
N SER B 27 -88.20 -3.97 -31.18
CA SER B 27 -89.22 -4.85 -30.63
C SER B 27 -89.54 -4.38 -29.22
N ALA B 28 -90.83 -4.13 -28.96
CA ALA B 28 -91.27 -3.60 -27.68
C ALA B 28 -92.45 -4.41 -27.17
N ARG B 29 -92.66 -4.36 -25.84
CA ARG B 29 -93.76 -5.07 -25.20
C ARG B 29 -94.76 -4.09 -24.63
N PRO B 30 -96.04 -4.47 -24.51
CA PRO B 30 -97.03 -3.58 -23.91
C PRO B 30 -96.65 -3.21 -22.48
N GLY B 31 -96.91 -1.97 -22.10
CA GLY B 31 -96.67 -1.51 -20.75
C GLY B 31 -95.21 -1.21 -20.44
N GLU B 32 -94.33 -1.21 -21.42
CA GLU B 32 -92.91 -1.03 -21.20
C GLU B 32 -92.46 0.36 -21.62
N VAL B 33 -91.46 0.88 -20.91
CA VAL B 33 -90.77 2.11 -21.29
C VAL B 33 -89.28 1.79 -21.24
N ASN B 34 -88.60 1.92 -22.37
CA ASN B 34 -87.26 1.37 -22.53
C ASN B 34 -86.18 2.40 -22.78
N GLY B 35 -86.35 3.31 -23.73
CA GLY B 35 -85.32 4.28 -24.05
C GLY B 35 -84.39 3.78 -25.14
N VAL B 36 -83.94 4.68 -26.01
CA VAL B 36 -83.14 4.33 -27.17
C VAL B 36 -82.00 5.33 -27.29
N MET B 37 -80.90 4.90 -27.93
CA MET B 37 -79.72 5.73 -28.10
C MET B 37 -79.17 5.51 -29.51
N VAL B 38 -78.90 6.59 -30.22
CA VAL B 38 -78.35 6.55 -31.57
C VAL B 38 -77.12 7.44 -31.62
N SER B 39 -76.11 7.00 -32.36
CA SER B 39 -74.82 7.68 -32.42
C SER B 39 -74.66 8.33 -33.79
N TYR B 40 -74.28 9.62 -33.79
CA TYR B 40 -74.13 10.39 -35.00
C TYR B 40 -72.67 10.73 -35.33
N VAL B 41 -71.70 10.11 -34.65
CA VAL B 41 -70.31 10.46 -34.87
C VAL B 41 -69.91 10.19 -36.32
N ALA B 42 -70.41 9.11 -36.90
CA ALA B 42 -70.01 8.74 -38.25
C ALA B 42 -70.39 9.81 -39.27
N TRP B 43 -71.41 10.60 -38.98
CA TRP B 43 -71.90 11.60 -39.93
C TRP B 43 -71.46 13.01 -39.54
N SER B 44 -71.64 13.39 -38.28
CA SER B 44 -71.37 14.76 -37.87
C SER B 44 -69.87 15.05 -37.75
N ALA B 45 -69.07 14.03 -37.44
CA ALA B 45 -67.66 14.26 -37.16
C ALA B 45 -66.93 14.91 -38.32
N PRO B 46 -66.97 14.37 -39.54
CA PRO B 46 -66.19 14.98 -40.64
C PRO B 46 -66.66 16.38 -41.03
N LEU B 47 -67.89 16.77 -40.68
CA LEU B 47 -68.39 18.07 -41.09
C LEU B 47 -67.75 19.22 -40.33
N GLY B 48 -67.05 18.95 -39.24
CA GLY B 48 -66.54 20.05 -38.44
C GLY B 48 -67.69 20.77 -37.75
N GLY B 49 -67.46 22.07 -37.51
CA GLY B 49 -68.50 22.87 -36.92
C GLY B 49 -68.70 22.54 -35.44
N HIS B 50 -69.93 22.77 -34.97
CA HIS B 50 -70.29 22.63 -33.57
C HIS B 50 -71.12 21.38 -33.29
N GLY B 51 -71.14 20.43 -34.22
CA GLY B 51 -71.81 19.17 -33.95
C GLY B 51 -73.32 19.29 -33.97
N LEU B 52 -73.97 18.40 -33.22
CA LEU B 52 -75.41 18.27 -33.25
C LEU B 52 -76.08 19.48 -32.62
N THR B 53 -77.41 19.47 -32.66
CA THR B 53 -78.23 20.54 -32.09
C THR B 53 -79.56 19.93 -31.66
N ASN B 54 -80.25 20.64 -30.77
CA ASN B 54 -81.51 20.14 -30.21
C ASN B 54 -82.69 20.23 -31.17
N LYS B 55 -82.52 20.51 -32.46
CA LYS B 55 -83.65 20.63 -33.38
C LYS B 55 -84.03 19.27 -33.97
N THR B 56 -84.50 18.36 -33.12
CA THR B 56 -84.98 17.08 -33.59
C THR B 56 -86.46 17.15 -33.94
N THR B 57 -86.94 16.14 -34.66
CA THR B 57 -88.34 16.04 -35.02
C THR B 57 -88.72 14.57 -35.18
N PHE B 58 -89.90 14.21 -34.70
CA PHE B 58 -90.37 12.83 -34.72
C PHE B 58 -91.72 12.76 -35.41
N GLU B 59 -92.00 11.62 -36.05
CA GLU B 59 -93.25 11.38 -36.74
C GLU B 59 -93.55 9.89 -36.73
N PHE B 60 -94.83 9.55 -36.58
CA PHE B 60 -95.29 8.17 -36.52
C PHE B 60 -96.18 7.87 -37.70
N GLU B 61 -96.04 6.66 -38.25
CA GLU B 61 -96.85 6.19 -39.37
C GLU B 61 -97.45 4.84 -39.00
N ASN B 62 -98.72 4.63 -39.37
CA ASN B 62 -99.43 3.39 -39.06
C ASN B 62 -99.36 2.47 -40.28
N VAL B 63 -98.24 1.73 -40.37
CA VAL B 63 -98.07 0.82 -41.49
C VAL B 63 -99.05 -0.35 -41.40
N SER B 64 -99.25 -0.88 -40.19
CA SER B 64 -100.16 -2.01 -39.99
C SER B 64 -100.62 -1.98 -38.54
N VAL B 65 -101.86 -1.52 -38.32
CA VAL B 65 -102.45 -1.41 -37.00
C VAL B 65 -103.86 -1.95 -37.05
N THR B 66 -104.37 -2.37 -35.89
CA THR B 66 -105.72 -2.91 -35.76
C THR B 66 -106.59 -1.96 -34.95
N GLU B 67 -107.85 -1.86 -35.34
CA GLU B 67 -108.79 -0.98 -34.65
C GLU B 67 -109.12 -1.59 -33.29
N PRO B 68 -109.33 -0.77 -32.26
CA PRO B 68 -109.71 -1.33 -30.95
C PRO B 68 -111.21 -1.56 -30.84
N LEU B 69 -111.57 -2.66 -30.17
CA LEU B 69 -112.96 -3.10 -30.07
C LEU B 69 -113.68 -2.53 -28.86
N VAL B 70 -113.03 -1.68 -28.07
CA VAL B 70 -113.65 -1.03 -26.91
C VAL B 70 -113.31 0.45 -26.95
N ASN B 71 -114.11 1.24 -26.24
CA ASN B 71 -113.98 2.69 -26.24
C ASN B 71 -113.53 3.19 -24.88
N SER B 72 -112.58 4.11 -24.87
CA SER B 72 -112.17 4.76 -23.64
C SER B 72 -113.24 5.74 -23.18
N ALA B 73 -113.18 6.11 -21.90
CA ALA B 73 -114.16 7.00 -21.31
C ALA B 73 -113.48 8.02 -20.41
N PHE B 74 -114.13 9.17 -20.25
CA PHE B 74 -113.66 10.23 -19.38
C PHE B 74 -114.83 10.72 -18.53
N GLU B 75 -114.57 10.96 -17.24
CA GLU B 75 -115.60 11.32 -16.30
C GLU B 75 -115.04 12.29 -15.28
N ARG B 76 -115.89 12.72 -14.35
CA ARG B 76 -115.53 13.70 -13.34
C ARG B 76 -116.20 13.37 -12.01
N THR B 77 -115.71 14.00 -10.95
CA THR B 77 -116.33 13.91 -9.63
C THR B 77 -115.92 15.12 -8.82
N PRO B 78 -116.73 15.55 -7.85
CA PRO B 78 -116.34 16.68 -7.01
C PRO B 78 -115.29 16.30 -5.99
N PHE B 79 -114.94 17.28 -5.16
CA PHE B 79 -113.91 17.09 -4.14
C PHE B 79 -114.32 16.02 -3.14
N ASN B 80 -113.39 15.11 -2.85
CA ASN B 80 -113.60 14.07 -1.84
C ASN B 80 -114.91 13.34 -2.04
N THR B 81 -115.34 13.19 -3.30
CA THR B 81 -116.60 12.54 -3.63
C THR B 81 -116.33 11.24 -4.36
N THR B 82 -116.92 10.14 -3.86
CA THR B 82 -116.78 8.86 -4.53
C THR B 82 -117.44 8.90 -5.90
N LEU B 83 -116.81 8.24 -6.88
CA LEU B 83 -117.31 8.21 -8.25
C LEU B 83 -117.85 6.82 -8.55
N ALA B 84 -119.15 6.63 -8.33
CA ALA B 84 -119.81 5.43 -8.78
C ALA B 84 -120.08 5.52 -10.28
N GLY B 85 -120.12 4.36 -10.94
CA GLY B 85 -120.34 4.35 -12.37
C GLY B 85 -120.47 2.93 -12.88
N SER B 86 -120.63 2.83 -14.19
CA SER B 86 -120.81 1.55 -14.86
C SER B 86 -119.84 1.45 -16.02
N LEU B 87 -119.44 0.22 -16.33
CA LEU B 87 -118.44 -0.03 -17.36
C LEU B 87 -118.98 -0.82 -18.54
N ALA B 88 -120.15 -1.47 -18.38
CA ALA B 88 -120.68 -2.33 -19.43
C ALA B 88 -121.05 -1.57 -20.70
N ALA B 89 -121.23 -0.25 -20.62
CA ALA B 89 -121.67 0.51 -21.78
C ALA B 89 -120.56 0.75 -22.79
N LEU B 90 -119.32 0.40 -22.47
CA LEU B 90 -118.18 0.72 -23.32
C LEU B 90 -117.86 -0.38 -24.34
N PHE B 91 -118.66 -1.44 -24.42
CA PHE B 91 -118.42 -2.54 -25.35
C PHE B 91 -119.60 -2.62 -26.32
N PRO B 92 -119.54 -1.93 -27.47
CA PRO B 92 -120.65 -1.90 -28.42
C PRO B 92 -120.68 -3.09 -29.38
N ASN B 93 -120.71 -4.29 -28.82
CA ASN B 93 -120.75 -5.48 -29.66
C ASN B 93 -122.15 -5.66 -30.23
N PRO B 94 -122.29 -5.77 -31.57
CA PRO B 94 -123.63 -5.99 -32.14
C PRO B 94 -124.13 -7.42 -31.98
N GLU B 95 -123.28 -8.36 -31.62
CA GLU B 95 -123.67 -9.75 -31.46
C GLU B 95 -124.08 -10.04 -30.02
N GLY B 96 -124.86 -11.10 -29.85
CA GLY B 96 -125.23 -11.56 -28.53
C GLY B 96 -124.25 -12.59 -28.00
N GLU B 97 -123.53 -12.25 -26.93
CA GLU B 97 -122.50 -13.13 -26.41
C GLU B 97 -122.25 -12.77 -24.95
N ALA B 98 -121.63 -13.71 -24.24
CA ALA B 98 -121.31 -13.49 -22.83
C ALA B 98 -120.14 -12.52 -22.71
N VAL B 99 -120.23 -11.63 -21.72
CA VAL B 99 -119.19 -10.64 -21.47
C VAL B 99 -118.68 -10.81 -20.04
N GLU B 100 -117.36 -10.78 -19.90
CA GLU B 100 -116.72 -10.85 -18.60
C GLU B 100 -115.83 -9.63 -18.44
N TYR B 101 -115.86 -9.05 -17.25
CA TYR B 101 -115.15 -7.81 -16.95
C TYR B 101 -113.98 -8.08 -16.03
N GLU B 102 -112.89 -7.36 -16.26
CA GLU B 102 -111.65 -7.58 -15.51
C GLU B 102 -110.90 -6.26 -15.40
N ILE B 103 -110.24 -6.07 -14.27
CA ILE B 103 -109.41 -4.89 -14.04
C ILE B 103 -107.95 -5.32 -14.01
N LEU B 104 -107.16 -4.76 -14.90
CA LEU B 104 -105.73 -5.04 -14.91
C LEU B 104 -105.10 -4.47 -13.65
N GLU B 105 -104.34 -5.30 -12.94
CA GLU B 105 -103.81 -4.93 -11.63
C GLU B 105 -102.33 -4.60 -11.63
N LEU B 106 -101.63 -4.78 -12.76
CA LEU B 106 -100.26 -4.27 -12.86
C LEU B 106 -100.22 -2.76 -13.02
N TYR B 107 -101.36 -2.10 -13.19
CA TYR B 107 -101.43 -0.66 -13.45
C TYR B 107 -102.43 -0.04 -12.49
N PRO B 108 -102.17 -0.10 -11.19
CA PRO B 108 -103.14 0.38 -10.21
C PRO B 108 -103.27 1.89 -10.27
N PRO B 109 -104.41 2.45 -9.86
CA PRO B 109 -104.55 3.91 -9.82
C PRO B 109 -103.54 4.50 -8.85
N VAL B 110 -103.05 5.70 -9.19
CA VAL B 110 -101.99 6.32 -8.42
C VAL B 110 -102.51 7.00 -7.15
N ASN B 111 -103.69 7.63 -7.21
CA ASN B 111 -104.21 8.41 -6.10
C ASN B 111 -105.57 7.91 -5.63
N GLY B 112 -105.85 6.61 -5.78
CA GLY B 112 -107.12 6.08 -5.35
C GLY B 112 -107.12 4.57 -5.40
N ILE B 113 -108.31 4.00 -5.26
CA ILE B 113 -108.50 2.57 -5.33
C ILE B 113 -109.78 2.28 -6.11
N VAL B 114 -109.72 1.26 -6.97
CA VAL B 114 -110.83 0.87 -7.82
C VAL B 114 -111.40 -0.45 -7.32
N GLU B 115 -112.72 -0.48 -7.15
CA GLU B 115 -113.43 -1.67 -6.67
C GLU B 115 -114.41 -2.10 -7.76
N LEU B 116 -114.16 -3.27 -8.34
CA LEU B 116 -115.02 -3.78 -9.40
C LEU B 116 -116.30 -4.34 -8.81
N GLY B 117 -117.44 -3.94 -9.39
CA GLY B 117 -118.74 -4.42 -8.97
C GLY B 117 -119.23 -5.56 -9.84
N GLU B 118 -120.55 -5.78 -9.76
CA GLU B 118 -121.17 -6.85 -10.53
C GLU B 118 -121.64 -6.34 -11.89
N ASN B 119 -121.45 -7.19 -12.91
CA ASN B 119 -121.94 -6.91 -14.26
C ASN B 119 -121.46 -5.54 -14.75
N GLY B 120 -120.16 -5.29 -14.59
CA GLY B 120 -119.54 -4.08 -15.11
C GLY B 120 -119.62 -2.88 -14.20
N ALA B 121 -120.31 -2.97 -13.07
CA ALA B 121 -120.33 -1.87 -12.12
C ALA B 121 -118.97 -1.73 -11.44
N PHE B 122 -118.66 -0.52 -11.02
CA PHE B 122 -117.39 -0.23 -10.36
C PHE B 122 -117.56 0.99 -9.48
N THR B 123 -116.61 1.18 -8.57
CA THR B 123 -116.60 2.32 -7.67
C THR B 123 -115.16 2.78 -7.45
N TYR B 124 -114.92 4.06 -7.69
CA TYR B 124 -113.60 4.67 -7.51
C TYR B 124 -113.66 5.57 -6.29
N ARG B 125 -112.77 5.34 -5.33
CA ARG B 125 -112.77 6.09 -4.08
C ARG B 125 -111.47 6.88 -3.98
N PRO B 126 -111.47 8.17 -4.34
CA PRO B 126 -110.22 8.93 -4.30
C PRO B 126 -109.76 9.18 -2.87
N ALA B 127 -108.44 9.30 -2.72
CA ALA B 127 -107.86 9.62 -1.42
C ALA B 127 -108.26 11.04 -1.01
N THR B 128 -108.36 11.24 0.30
CA THR B 128 -108.80 12.54 0.82
C THR B 128 -107.81 13.63 0.44
N SER B 129 -108.36 14.77 -0.01
CA SER B 129 -107.58 15.96 -0.33
C SER B 129 -106.87 15.87 -1.68
N PHE B 130 -107.19 14.87 -2.49
CA PHE B 130 -106.55 14.74 -3.79
C PHE B 130 -107.25 15.61 -4.83
N THR B 131 -106.45 16.14 -5.76
CA THR B 131 -106.98 16.98 -6.83
C THR B 131 -106.07 16.83 -8.04
N GLY B 132 -106.60 16.24 -9.12
CA GLY B 132 -105.83 16.01 -10.32
C GLY B 132 -106.49 14.96 -11.17
N ILE B 133 -105.68 14.30 -12.00
CA ILE B 133 -106.14 13.30 -12.94
C ILE B 133 -105.67 11.92 -12.47
N ASP B 134 -106.46 10.89 -12.79
CA ASP B 134 -106.12 9.53 -12.43
C ASP B 134 -106.63 8.59 -13.52
N ARG B 135 -106.01 7.41 -13.59
CA ARG B 135 -106.32 6.44 -14.65
C ARG B 135 -106.43 5.05 -14.05
N PHE B 136 -107.14 4.18 -14.75
CA PHE B 136 -107.14 2.75 -14.44
C PHE B 136 -107.57 2.00 -15.70
N TRP B 137 -106.93 0.86 -15.92
CA TRP B 137 -107.06 0.10 -17.16
C TRP B 137 -107.96 -1.10 -16.94
N PHE B 138 -108.93 -1.28 -17.84
CA PHE B 138 -109.91 -2.35 -17.75
C PHE B 138 -109.84 -3.23 -18.99
N SER B 139 -110.39 -4.44 -18.86
CA SER B 139 -110.46 -5.40 -19.95
C SER B 139 -111.88 -5.95 -20.04
N ILE B 140 -112.42 -6.02 -21.25
CA ILE B 140 -113.74 -6.57 -21.50
C ILE B 140 -113.59 -7.71 -22.49
N ASN B 141 -113.77 -8.94 -22.01
CA ASN B 141 -113.76 -10.12 -22.86
C ASN B 141 -112.45 -10.23 -23.64
N GLY B 142 -111.36 -9.71 -23.07
CA GLY B 142 -110.06 -9.81 -23.67
C GLY B 142 -109.60 -8.60 -24.44
N ASN B 143 -110.35 -7.50 -24.41
CA ASN B 143 -109.99 -6.27 -25.10
C ASN B 143 -109.69 -5.19 -24.06
N VAL B 144 -108.55 -4.52 -24.23
CA VAL B 144 -108.05 -3.56 -23.25
C VAL B 144 -108.57 -2.17 -23.59
N GLY B 145 -108.77 -1.36 -22.57
CA GLY B 145 -109.20 0.02 -22.75
C GLY B 145 -108.72 0.87 -21.60
N GLU B 146 -108.83 2.18 -21.77
CA GLU B 146 -108.37 3.15 -20.78
C GLU B 146 -109.56 3.89 -20.20
N PHE B 147 -109.50 4.17 -18.90
CA PHE B 147 -110.47 4.99 -18.21
C PHE B 147 -109.75 6.12 -17.49
N VAL B 148 -110.20 7.36 -17.71
CA VAL B 148 -109.58 8.54 -17.14
C VAL B 148 -110.59 9.22 -16.23
N ILE B 149 -110.16 9.54 -15.01
CA ILE B 149 -111.01 10.18 -14.02
C ILE B 149 -110.30 11.44 -13.53
N ALA B 150 -111.07 12.52 -13.38
CA ALA B 150 -110.55 13.79 -12.89
C ALA B 150 -111.31 14.19 -11.64
N VAL B 151 -110.57 14.66 -10.63
CA VAL B 151 -111.14 15.12 -9.37
C VAL B 151 -110.90 16.62 -9.29
N ASP B 152 -111.99 17.38 -9.08
CA ASP B 152 -111.89 18.83 -9.16
C ASP B 152 -111.93 19.45 -7.77
N PRO B 153 -111.27 20.60 -7.58
CA PRO B 153 -111.35 21.27 -6.28
C PRO B 153 -112.73 21.85 -6.03
N ALA B 154 -113.06 22.02 -4.75
CA ALA B 154 -114.36 22.53 -4.35
C ALA B 154 -114.39 24.05 -4.24
N GLN B 155 -113.30 24.74 -4.56
CA GLN B 155 -113.22 26.19 -4.44
C GLN B 155 -112.53 26.82 -5.63
N GLY B 156 -112.79 26.31 -6.84
CA GLY B 156 -112.14 26.82 -8.02
C GLY B 156 -112.73 26.29 -9.31
N PRO B 157 -112.08 26.60 -10.43
CA PRO B 157 -112.59 26.15 -11.73
C PRO B 157 -112.31 24.67 -11.99
N GLN B 158 -112.99 24.15 -13.00
CA GLN B 158 -112.86 22.74 -13.36
C GLN B 158 -111.62 22.51 -14.22
N ILE B 159 -111.12 21.27 -14.17
CA ILE B 159 -109.92 20.92 -14.91
C ILE B 159 -110.30 20.50 -16.33
N ALA B 160 -109.45 20.88 -17.29
CA ALA B 160 -109.69 20.53 -18.69
C ALA B 160 -109.41 19.06 -18.93
N GLN B 161 -110.20 18.45 -19.81
CA GLN B 161 -110.04 17.04 -20.13
C GLN B 161 -108.69 16.83 -20.81
N PRO B 162 -107.90 15.83 -20.39
CA PRO B 162 -106.63 15.56 -21.05
C PRO B 162 -106.81 14.61 -22.22
N PRO B 163 -105.83 14.51 -23.11
CA PRO B 163 -105.94 13.58 -24.23
C PRO B 163 -105.65 12.15 -23.81
N PHE B 164 -106.34 11.20 -24.42
CA PHE B 164 -106.13 9.80 -24.12
C PHE B 164 -104.73 9.38 -24.54
N THR B 165 -104.13 8.49 -23.75
CA THR B 165 -102.78 8.05 -24.02
C THR B 165 -102.73 7.24 -25.31
N PRO B 166 -101.84 7.55 -26.24
CA PRO B 166 -101.78 6.78 -27.49
C PRO B 166 -101.29 5.36 -27.26
N ALA B 167 -101.23 4.59 -28.34
CA ALA B 167 -100.70 3.24 -28.26
C ALA B 167 -99.17 3.26 -28.12
N VAL B 168 -98.51 4.14 -28.87
CA VAL B 168 -97.06 4.34 -28.76
C VAL B 168 -96.79 5.83 -28.84
N TYR B 169 -95.83 6.29 -28.02
CA TYR B 169 -95.53 7.71 -27.95
C TYR B 169 -94.08 7.89 -27.55
N VAL B 170 -93.57 9.10 -27.78
CA VAL B 170 -92.22 9.48 -27.41
C VAL B 170 -92.32 10.82 -26.69
N PRO B 171 -92.10 10.87 -25.36
CA PRO B 171 -92.21 12.15 -24.66
C PRO B 171 -91.25 13.19 -25.24
N LEU B 172 -91.74 14.42 -25.36
CA LEU B 172 -90.94 15.48 -25.98
C LEU B 172 -90.06 16.20 -24.96
N SER B 173 -90.33 16.06 -23.67
CA SER B 173 -89.52 16.69 -22.64
C SER B 173 -88.30 15.87 -22.27
N ARG B 174 -88.34 14.55 -22.48
CA ARG B 174 -87.23 13.67 -22.12
C ARG B 174 -86.38 13.39 -23.37
N ARG B 175 -85.51 14.36 -23.67
CA ARG B 175 -84.67 14.29 -24.85
C ARG B 175 -83.40 15.09 -24.58
N GLU B 176 -82.26 14.49 -24.89
CA GLU B 176 -80.99 15.17 -24.67
C GLU B 176 -79.98 14.70 -25.71
N VAL B 177 -79.02 15.57 -26.01
CA VAL B 177 -77.93 15.26 -26.94
C VAL B 177 -76.62 15.46 -26.20
N ASN B 178 -75.72 14.49 -26.31
CA ASN B 178 -74.42 14.54 -25.64
C ASN B 178 -73.41 15.12 -26.63
N LYS B 179 -73.16 16.43 -26.50
CA LYS B 179 -72.27 17.10 -27.45
C LYS B 179 -70.86 16.53 -27.41
N GLN B 180 -70.44 15.95 -26.30
CA GLN B 180 -69.08 15.40 -26.21
C GLN B 180 -68.90 14.21 -27.14
N THR B 181 -69.93 13.37 -27.29
CA THR B 181 -69.81 12.16 -28.11
C THR B 181 -70.81 12.12 -29.26
N GLN B 182 -71.58 13.19 -29.47
CA GLN B 182 -72.51 13.26 -30.60
C GLN B 182 -73.46 12.07 -30.61
N ALA B 183 -74.28 11.99 -29.56
CA ALA B 183 -75.26 10.91 -29.42
C ALA B 183 -76.58 11.49 -28.96
N LEU B 184 -77.67 10.90 -29.45
CA LEU B 184 -79.02 11.34 -29.12
C LEU B 184 -79.71 10.30 -28.27
N ARG B 185 -80.40 10.74 -27.23
CA ARG B 185 -81.16 9.87 -26.34
C ARG B 185 -82.62 10.30 -26.34
N PHE B 186 -83.52 9.33 -26.37
CA PHE B 186 -84.95 9.58 -26.28
C PHE B 186 -85.64 8.36 -25.70
N VAL B 187 -86.87 8.54 -25.24
CA VAL B 187 -87.61 7.54 -24.50
C VAL B 187 -88.79 7.07 -25.35
N LEU B 188 -88.94 5.75 -25.47
CA LEU B 188 -90.04 5.13 -26.18
C LEU B 188 -90.91 4.38 -25.19
N GLY B 189 -92.20 4.69 -25.16
CA GLY B 189 -93.12 4.08 -24.23
C GLY B 189 -94.32 3.49 -24.93
N VAL B 190 -94.67 2.27 -24.54
CA VAL B 190 -95.76 1.52 -25.16
C VAL B 190 -96.90 1.43 -24.15
N SER B 191 -98.07 1.90 -24.55
CA SER B 191 -99.24 1.81 -23.68
C SER B 191 -99.70 0.36 -23.58
N PRO B 192 -100.37 -0.01 -22.48
CA PRO B 192 -100.89 -1.38 -22.38
C PRO B 192 -101.92 -1.71 -23.44
N ALA B 193 -102.57 -0.71 -24.04
CA ALA B 193 -103.60 -0.97 -25.04
C ALA B 193 -103.03 -1.50 -26.34
N ALA B 194 -101.71 -1.42 -26.55
CA ALA B 194 -101.12 -1.90 -27.78
C ALA B 194 -101.44 -3.38 -27.98
N LYS B 195 -101.86 -3.73 -29.20
CA LYS B 195 -102.18 -5.12 -29.52
C LYS B 195 -100.99 -5.77 -30.19
N PRO B 196 -100.63 -7.01 -29.83
CA PRO B 196 -99.45 -7.63 -30.44
C PRO B 196 -99.64 -7.85 -31.93
N ALA B 197 -98.50 -8.04 -32.61
CA ALA B 197 -98.40 -8.29 -34.06
C ALA B 197 -98.59 -7.02 -34.89
N ASP B 198 -98.90 -5.88 -34.28
CA ASP B 198 -99.00 -4.64 -35.03
C ASP B 198 -97.61 -4.07 -35.29
N ILE B 199 -97.54 -3.13 -36.22
CA ILE B 199 -96.28 -2.51 -36.62
C ILE B 199 -96.48 -1.01 -36.77
N TYR B 200 -95.52 -0.25 -36.27
CA TYR B 200 -95.45 1.20 -36.46
C TYR B 200 -94.09 1.56 -37.04
N ARG B 201 -94.02 2.74 -37.64
CA ARG B 201 -92.77 3.26 -38.21
C ARG B 201 -92.50 4.64 -37.63
N LEU B 202 -91.25 4.88 -37.26
CA LEU B 202 -90.82 6.13 -36.66
C LEU B 202 -89.80 6.79 -37.57
N ASN B 203 -90.00 8.08 -37.83
CA ASN B 203 -89.10 8.88 -38.66
C ASN B 203 -88.48 9.97 -37.81
N ILE B 204 -87.16 10.14 -37.94
CA ILE B 204 -86.40 11.10 -37.16
C ILE B 204 -85.64 12.00 -38.11
N ARG B 205 -85.75 13.31 -37.91
CA ARG B 205 -84.98 14.30 -38.64
C ARG B 205 -84.13 15.09 -37.65
N GLN B 206 -82.81 15.03 -37.82
CA GLN B 206 -81.88 15.62 -36.88
C GLN B 206 -81.03 16.66 -37.59
N ALA B 207 -80.61 17.67 -36.85
CA ALA B 207 -79.93 18.83 -37.41
C ALA B 207 -78.54 19.00 -36.79
N ALA B 208 -77.61 19.46 -37.62
CA ALA B 208 -76.27 19.83 -37.17
C ALA B 208 -75.93 21.18 -37.78
N ILE B 209 -75.00 21.89 -37.15
CA ILE B 209 -74.67 23.26 -37.53
C ILE B 209 -73.17 23.34 -37.84
N ASP B 210 -72.82 24.18 -38.81
CA ASP B 210 -71.42 24.40 -39.14
C ASP B 210 -70.83 25.42 -38.16
N CYS B 211 -69.61 25.88 -38.48
CA CYS B 211 -68.90 26.82 -37.61
C CYS B 211 -69.52 28.21 -37.61
N GLU B 212 -70.45 28.51 -38.52
CA GLU B 212 -71.00 29.85 -38.64
C GLU B 212 -72.47 29.92 -38.23
N GLY B 213 -73.15 28.79 -38.08
CA GLY B 213 -74.54 28.76 -37.70
C GLY B 213 -75.49 28.19 -38.72
N ASN B 214 -75.02 27.90 -39.93
CA ASN B 214 -75.85 27.25 -40.93
C ASN B 214 -76.07 25.79 -40.56
N GLU B 215 -77.15 25.21 -41.06
CA GLU B 215 -77.66 23.94 -40.59
C GLU B 215 -77.55 22.85 -41.65
N TYR B 216 -77.19 21.65 -41.22
CA TYR B 216 -77.31 20.43 -42.00
C TYR B 216 -78.46 19.61 -41.46
N PHE B 217 -78.83 18.55 -42.18
CA PHE B 217 -79.92 17.69 -41.76
C PHE B 217 -79.64 16.24 -42.11
N HIS B 218 -80.22 15.34 -41.33
CA HIS B 218 -80.09 13.90 -41.53
C HIS B 218 -81.44 13.24 -41.22
N ILE B 219 -81.73 12.15 -41.91
CA ILE B 219 -83.03 11.49 -41.80
C ILE B 219 -82.81 9.99 -41.70
N SER B 220 -83.60 9.35 -40.83
CA SER B 220 -83.57 7.91 -40.65
C SER B 220 -84.94 7.45 -40.16
N CYS B 221 -85.22 6.16 -40.31
CA CYS B 221 -86.51 5.62 -39.91
C CYS B 221 -86.31 4.27 -39.24
N TYR B 222 -87.24 3.94 -38.34
CA TYR B 222 -87.17 2.72 -37.55
C TYR B 222 -88.55 2.05 -37.53
N ASP B 223 -88.55 0.72 -37.46
CA ASP B 223 -89.77 -0.07 -37.43
C ASP B 223 -89.99 -0.61 -36.02
N ILE B 224 -91.20 -0.43 -35.50
CA ILE B 224 -91.56 -0.87 -34.16
C ILE B 224 -92.66 -1.91 -34.29
N SER B 225 -92.43 -3.09 -33.71
CA SER B 225 -93.39 -4.19 -33.74
C SER B 225 -93.71 -4.62 -32.32
N ILE B 226 -95.01 -4.76 -32.02
CA ILE B 226 -95.44 -5.11 -30.67
C ILE B 226 -95.27 -6.61 -30.48
N GLY B 227 -94.55 -7.00 -29.43
CA GLY B 227 -94.29 -8.40 -29.13
C GLY B 227 -95.13 -8.91 -27.97
N SER B 228 -94.63 -9.99 -27.38
CA SER B 228 -95.31 -10.64 -26.26
C SER B 228 -94.30 -11.47 -25.49
N CYS B 229 -94.78 -12.17 -24.48
CA CYS B 229 -93.92 -13.00 -23.64
C CYS B 229 -93.33 -14.16 -24.44
N GLY B 230 -92.40 -14.87 -23.82
CA GLY B 230 -91.76 -16.00 -24.46
C GLY B 230 -90.91 -16.82 -23.49
N CYS C 23 -68.32 10.00 -65.02
CA CYS C 23 -68.89 10.93 -64.06
C CYS C 23 -69.04 10.27 -62.70
N GLU C 24 -68.60 10.96 -61.64
CA GLU C 24 -68.77 10.45 -60.29
C GLU C 24 -70.24 10.51 -59.90
N SER C 25 -70.64 9.56 -59.06
CA SER C 25 -72.04 9.36 -58.71
C SER C 25 -72.30 9.83 -57.28
N ILE C 26 -73.35 10.63 -57.12
CA ILE C 26 -73.80 11.08 -55.81
C ILE C 26 -75.24 10.64 -55.61
N SER C 27 -75.53 10.01 -54.48
CA SER C 27 -76.87 9.56 -54.14
C SER C 27 -77.37 10.37 -52.96
N ALA C 28 -78.54 10.98 -53.13
CA ALA C 28 -79.11 11.86 -52.11
C ALA C 28 -80.57 11.48 -51.88
N ARG C 29 -81.06 11.81 -50.67
CA ARG C 29 -82.43 11.53 -50.27
C ARG C 29 -83.22 12.82 -50.13
N PRO C 30 -84.54 12.78 -50.34
CA PRO C 30 -85.33 14.00 -50.16
C PRO C 30 -85.24 14.52 -48.74
N GLY C 31 -85.18 15.85 -48.62
CA GLY C 31 -85.13 16.50 -47.33
C GLY C 31 -83.78 16.52 -46.67
N GLU C 32 -82.74 16.01 -47.33
CA GLU C 32 -81.42 15.89 -46.74
C GLU C 32 -80.53 17.06 -47.17
N VAL C 33 -79.58 17.40 -46.31
CA VAL C 33 -78.55 18.38 -46.61
C VAL C 33 -77.24 17.77 -46.12
N ASN C 34 -76.34 17.45 -47.05
CA ASN C 34 -75.20 16.58 -46.76
C ASN C 34 -73.85 17.26 -46.82
N GLY C 35 -73.55 18.02 -47.86
CA GLY C 35 -72.25 18.64 -47.99
C GLY C 35 -71.25 17.73 -48.68
N VAL C 36 -70.35 18.31 -49.48
CA VAL C 36 -69.42 17.55 -50.30
C VAL C 36 -68.06 18.24 -50.26
N MET C 37 -67.01 17.45 -50.46
CA MET C 37 -65.64 17.96 -50.50
C MET C 37 -64.90 17.31 -51.65
N VAL C 38 -64.16 18.12 -52.41
CA VAL C 38 -63.35 17.64 -53.52
C VAL C 38 -61.94 18.22 -53.36
N SER C 39 -60.94 17.39 -53.63
CA SER C 39 -59.55 17.73 -53.39
C SER C 39 -58.87 18.04 -54.73
N TYR C 40 -58.20 19.18 -54.80
CA TYR C 40 -57.55 19.65 -56.02
C TYR C 40 -56.03 19.57 -55.96
N VAL C 41 -55.47 18.91 -54.94
CA VAL C 41 -54.01 18.88 -54.79
C VAL C 41 -53.36 18.25 -56.01
N ALA C 42 -53.97 17.19 -56.55
CA ALA C 42 -53.34 16.46 -57.65
C ALA C 42 -53.18 17.33 -58.88
N TRP C 43 -53.95 18.40 -59.01
CA TRP C 43 -53.91 19.23 -60.21
C TRP C 43 -53.15 20.54 -59.99
N SER C 44 -53.49 21.27 -58.92
CA SER C 44 -52.91 22.60 -58.72
C SER C 44 -51.54 22.55 -58.06
N ALA C 45 -51.17 21.44 -57.44
CA ALA C 45 -49.88 21.39 -56.74
C ALA C 45 -48.71 21.62 -57.67
N PRO C 46 -48.57 20.91 -58.80
CA PRO C 46 -47.40 21.13 -59.66
C PRO C 46 -47.40 22.47 -60.37
N LEU C 47 -48.53 23.17 -60.45
CA LEU C 47 -48.58 24.45 -61.15
C LEU C 47 -47.90 25.58 -60.38
N GLY C 48 -47.52 25.36 -59.13
CA GLY C 48 -46.95 26.45 -58.36
C GLY C 48 -47.99 27.54 -58.11
N GLY C 49 -47.51 28.78 -58.04
CA GLY C 49 -48.43 29.89 -57.87
C GLY C 49 -49.06 29.89 -56.48
N HIS C 50 -50.27 30.43 -56.42
CA HIS C 50 -50.98 30.63 -55.17
C HIS C 50 -52.17 29.69 -55.01
N GLY C 51 -52.23 28.59 -55.76
CA GLY C 51 -53.29 27.63 -55.56
C GLY C 51 -54.63 28.13 -56.07
N LEU C 52 -55.69 27.68 -55.41
CA LEU C 52 -57.04 27.97 -55.87
C LEU C 52 -57.37 29.45 -55.70
N THR C 53 -58.47 29.88 -56.32
CA THR C 53 -58.80 31.29 -56.43
C THR C 53 -60.09 31.67 -55.71
N ASN C 54 -60.97 30.72 -55.41
CA ASN C 54 -62.24 31.01 -54.73
C ASN C 54 -63.23 31.71 -55.66
N LYS C 55 -63.27 31.33 -56.93
CA LYS C 55 -64.22 31.87 -57.90
C LYS C 55 -64.86 30.74 -58.71
N THR C 56 -65.34 29.72 -58.00
CA THR C 56 -65.97 28.58 -58.67
C THR C 56 -67.28 28.99 -59.31
N THR C 57 -67.81 28.10 -60.16
CA THR C 57 -69.08 28.30 -60.84
C THR C 57 -69.79 26.96 -60.97
N PHE C 58 -71.09 26.94 -60.72
CA PHE C 58 -71.89 25.73 -60.71
C PHE C 58 -73.00 25.83 -61.75
N GLU C 59 -73.34 24.69 -62.36
CA GLU C 59 -74.42 24.61 -63.33
C GLU C 59 -75.15 23.29 -63.16
N PHE C 60 -76.47 23.32 -63.34
CA PHE C 60 -77.33 22.15 -63.21
C PHE C 60 -77.95 21.80 -64.55
N GLU C 61 -78.18 20.51 -64.76
CA GLU C 61 -78.81 20.00 -65.98
C GLU C 61 -79.83 18.94 -65.61
N ASN C 62 -80.90 18.85 -66.41
CA ASN C 62 -81.98 17.90 -66.16
C ASN C 62 -81.86 16.75 -67.15
N VAL C 63 -81.07 15.75 -66.78
CA VAL C 63 -80.92 14.58 -67.64
C VAL C 63 -82.19 13.76 -67.65
N SER C 64 -82.86 13.62 -66.50
CA SER C 64 -84.08 12.85 -66.40
C SER C 64 -84.87 13.36 -65.19
N VAL C 65 -85.97 14.04 -65.45
CA VAL C 65 -86.83 14.58 -64.40
C VAL C 65 -88.28 14.35 -64.78
N THR C 66 -89.14 14.19 -63.78
CA THR C 66 -90.56 13.96 -63.98
C THR C 66 -91.33 15.22 -63.59
N GLU C 67 -92.30 15.59 -64.42
CA GLU C 67 -93.08 16.78 -64.15
C GLU C 67 -93.87 16.62 -62.86
N PRO C 68 -93.96 17.67 -62.04
CA PRO C 68 -94.79 17.59 -60.82
C PRO C 68 -96.27 17.66 -61.16
N LEU C 69 -97.07 16.85 -60.48
CA LEU C 69 -98.50 16.79 -60.73
C LEU C 69 -99.31 17.75 -59.87
N VAL C 70 -98.65 18.56 -59.04
CA VAL C 70 -99.33 19.55 -58.19
C VAL C 70 -98.60 20.87 -58.34
N ASN C 71 -99.30 21.96 -58.00
CA ASN C 71 -98.78 23.31 -58.17
C ASN C 71 -98.57 23.96 -56.80
N SER C 72 -97.41 24.59 -56.64
CA SER C 72 -97.17 25.39 -55.45
C SER C 72 -97.97 26.68 -55.50
N ALA C 73 -98.11 27.33 -54.35
CA ALA C 73 -98.91 28.54 -54.23
C ALA C 73 -98.27 29.50 -53.24
N PHE C 74 -98.62 30.78 -53.38
CA PHE C 74 -98.09 31.83 -52.54
C PHE C 74 -99.24 32.76 -52.15
N GLU C 75 -99.24 33.22 -50.90
CA GLU C 75 -100.33 34.03 -50.38
C GLU C 75 -99.79 35.03 -49.36
N ARG C 76 -100.68 35.91 -48.90
CA ARG C 76 -100.35 36.94 -47.94
C ARG C 76 -101.41 37.01 -46.85
N THR C 77 -101.05 37.61 -45.73
CA THR C 77 -101.97 37.88 -44.64
C THR C 77 -101.50 39.11 -43.88
N PRO C 78 -102.41 39.88 -43.28
CA PRO C 78 -101.98 41.05 -42.51
C PRO C 78 -101.32 40.67 -41.20
N PHE C 79 -100.90 41.70 -40.47
CA PHE C 79 -100.22 41.51 -39.20
C PHE C 79 -101.11 40.80 -38.20
N ASN C 80 -100.55 39.78 -37.53
CA ASN C 80 -101.25 39.05 -36.49
C ASN C 80 -102.64 38.59 -36.93
N THR C 81 -102.78 38.30 -38.23
CA THR C 81 -104.07 37.92 -38.80
C THR C 81 -104.00 36.46 -39.24
N THR C 82 -104.99 35.67 -38.81
CA THR C 82 -105.06 34.28 -39.22
C THR C 82 -105.32 34.18 -40.71
N LEU C 83 -104.73 33.18 -41.34
CA LEU C 83 -104.89 32.93 -42.77
C LEU C 83 -105.64 31.62 -42.99
N ALA C 84 -106.63 31.65 -43.85
CA ALA C 84 -107.43 30.48 -44.18
C ALA C 84 -107.41 30.25 -45.69
N GLY C 85 -107.48 28.99 -46.07
CA GLY C 85 -107.44 28.65 -47.48
C GLY C 85 -107.79 27.20 -47.71
N SER C 86 -107.55 26.74 -48.93
CA SER C 86 -107.88 25.38 -49.31
C SER C 86 -106.82 24.86 -50.28
N LEU C 87 -106.51 23.57 -50.16
CA LEU C 87 -105.53 22.94 -51.03
C LEU C 87 -106.17 22.28 -52.25
N ALA C 88 -107.51 22.25 -52.34
CA ALA C 88 -108.16 21.54 -53.43
C ALA C 88 -107.89 22.17 -54.79
N ALA C 89 -107.73 23.50 -54.84
CA ALA C 89 -107.53 24.17 -56.11
C ALA C 89 -106.16 23.90 -56.71
N LEU C 90 -105.26 23.27 -55.97
CA LEU C 90 -103.88 23.06 -56.40
C LEU C 90 -103.66 21.72 -57.09
N PHE C 91 -104.71 20.92 -57.30
CA PHE C 91 -104.60 19.61 -57.94
C PHE C 91 -105.48 19.60 -59.18
N PRO C 92 -104.96 20.02 -60.35
CA PRO C 92 -105.75 20.08 -61.58
C PRO C 92 -105.84 18.75 -62.32
N ASN C 93 -106.29 17.71 -61.62
CA ASN C 93 -106.42 16.40 -62.24
C ASN C 93 -107.61 16.41 -63.21
N PRO C 94 -107.39 15.98 -64.46
CA PRO C 94 -108.53 15.93 -65.41
C PRO C 94 -109.43 14.73 -65.20
N GLU C 95 -108.98 13.71 -64.47
CA GLU C 95 -109.78 12.53 -64.24
C GLU C 95 -110.66 12.70 -63.00
N GLY C 96 -111.68 11.86 -62.90
CA GLY C 96 -112.50 11.81 -61.71
C GLY C 96 -112.04 10.73 -60.76
N GLU C 97 -111.54 11.13 -59.58
CA GLU C 97 -110.97 10.18 -58.64
C GLU C 97 -111.00 10.80 -57.26
N ALA C 98 -110.85 9.94 -56.24
CA ALA C 98 -110.83 10.39 -54.86
C ALA C 98 -109.53 11.12 -54.56
N VAL C 99 -109.62 12.12 -53.68
CA VAL C 99 -108.48 12.92 -53.28
C VAL C 99 -108.39 12.91 -51.76
N GLU C 100 -107.16 12.80 -51.26
CA GLU C 100 -106.89 12.85 -49.84
C GLU C 100 -105.78 13.86 -49.59
N TYR C 101 -105.89 14.59 -48.49
CA TYR C 101 -104.98 15.68 -48.17
C TYR C 101 -104.21 15.35 -46.90
N GLU C 102 -102.93 15.72 -46.89
CA GLU C 102 -102.07 15.40 -45.76
C GLU C 102 -100.99 16.47 -45.66
N ILE C 103 -100.47 16.65 -44.45
CA ILE C 103 -99.40 17.60 -44.17
C ILE C 103 -98.17 16.80 -43.71
N LEU C 104 -97.05 17.01 -44.40
CA LEU C 104 -95.80 16.37 -44.01
C LEU C 104 -95.32 17.02 -42.73
N GLU C 105 -95.30 16.24 -41.64
CA GLU C 105 -95.02 16.80 -40.32
C GLU C 105 -93.54 16.80 -39.97
N LEU C 106 -92.68 16.20 -40.80
CA LEU C 106 -91.25 16.31 -40.56
C LEU C 106 -90.71 17.69 -40.87
N TYR C 107 -91.51 18.55 -41.51
CA TYR C 107 -91.10 19.89 -41.90
C TYR C 107 -92.15 20.90 -41.42
N PRO C 108 -92.29 21.07 -40.11
CA PRO C 108 -93.32 21.95 -39.58
C PRO C 108 -92.99 23.41 -39.85
N PRO C 109 -93.99 24.29 -39.85
CA PRO C 109 -93.70 25.71 -40.03
C PRO C 109 -92.82 26.25 -38.92
N VAL C 110 -91.99 27.23 -39.27
CA VAL C 110 -90.99 27.72 -38.33
C VAL C 110 -91.54 28.80 -37.41
N ASN C 111 -92.53 29.58 -37.86
CA ASN C 111 -93.08 30.69 -37.08
C ASN C 111 -94.59 30.64 -37.04
N GLY C 112 -95.17 29.47 -36.89
CA GLY C 112 -96.61 29.35 -36.83
C GLY C 112 -97.03 27.91 -36.66
N ILE C 113 -98.33 27.67 -36.82
CA ILE C 113 -98.91 26.34 -36.72
C ILE C 113 -99.95 26.19 -37.82
N VAL C 114 -99.97 25.02 -38.44
CA VAL C 114 -100.88 24.71 -39.54
C VAL C 114 -101.90 23.69 -39.05
N GLU C 115 -103.18 24.01 -39.24
CA GLU C 115 -104.29 23.16 -38.82
C GLU C 115 -105.06 22.73 -40.07
N LEU C 116 -104.92 21.46 -40.45
CA LEU C 116 -105.62 20.97 -41.62
C LEU C 116 -107.10 20.78 -41.33
N GLY C 117 -107.95 21.33 -42.19
CA GLY C 117 -109.38 21.20 -42.08
C GLY C 117 -109.91 20.03 -42.88
N GLU C 118 -111.20 20.08 -43.16
CA GLU C 118 -111.85 19.02 -43.93
C GLU C 118 -111.88 19.37 -45.41
N ASN C 119 -111.74 18.33 -46.24
CA ASN C 119 -111.85 18.47 -47.70
C ASN C 119 -110.89 19.53 -48.22
N GLY C 120 -109.67 19.51 -47.71
CA GLY C 120 -108.61 20.39 -48.19
C GLY C 120 -108.54 21.75 -47.55
N ALA C 121 -109.50 22.11 -46.69
CA ALA C 121 -109.43 23.39 -45.99
C ALA C 121 -108.34 23.34 -44.93
N PHE C 122 -107.80 24.51 -44.62
CA PHE C 122 -106.73 24.62 -43.64
C PHE C 122 -106.75 26.00 -43.03
N THR C 123 -106.07 26.14 -41.89
CA THR C 123 -105.93 27.41 -41.20
C THR C 123 -104.51 27.54 -40.66
N TYR C 124 -103.87 28.66 -40.98
CA TYR C 124 -102.52 28.96 -40.52
C TYR C 124 -102.58 30.10 -39.53
N ARG C 125 -102.07 29.88 -38.32
CA ARG C 125 -102.11 30.87 -37.27
C ARG C 125 -100.72 31.38 -36.98
N PRO C 126 -100.33 32.56 -37.45
CA PRO C 126 -98.97 33.05 -37.22
C PRO C 126 -98.73 33.42 -35.76
N ALA C 127 -97.48 33.28 -35.34
CA ALA C 127 -97.09 33.69 -34.00
C ALA C 127 -97.18 35.21 -33.88
N THR C 128 -97.53 35.67 -32.69
CA THR C 128 -97.73 37.10 -32.46
C THR C 128 -96.42 37.86 -32.70
N SER C 129 -96.53 38.98 -33.41
CA SER C 129 -95.41 39.89 -33.66
C SER C 129 -94.43 39.35 -34.69
N PHE C 130 -94.83 38.34 -35.46
CA PHE C 130 -93.95 37.79 -36.49
C PHE C 130 -94.11 38.55 -37.79
N THR C 131 -92.99 38.67 -38.52
CA THR C 131 -92.99 39.37 -39.81
C THR C 131 -91.91 38.74 -40.68
N GLY C 132 -92.31 38.13 -41.78
CA GLY C 132 -91.38 37.48 -42.68
C GLY C 132 -92.09 36.43 -43.51
N ILE C 133 -91.32 35.42 -43.92
CA ILE C 133 -91.81 34.35 -44.80
C ILE C 133 -91.94 33.07 -43.98
N ASP C 134 -92.89 32.23 -44.37
CA ASP C 134 -93.11 30.94 -43.72
C ASP C 134 -93.47 29.90 -44.77
N ARG C 135 -93.30 28.63 -44.41
CA ARG C 135 -93.50 27.54 -45.34
C ARG C 135 -94.14 26.36 -44.63
N PHE C 136 -94.78 25.50 -45.40
CA PHE C 136 -95.19 24.18 -44.93
C PHE C 136 -95.52 23.33 -46.15
N TRP C 137 -95.23 22.04 -46.04
CA TRP C 137 -95.29 21.12 -47.17
C TRP C 137 -96.52 20.24 -47.07
N PHE C 138 -97.22 20.08 -48.18
CA PHE C 138 -98.46 19.32 -48.22
C PHE C 138 -98.38 18.23 -49.28
N SER C 139 -99.20 17.21 -49.10
CA SER C 139 -99.30 16.09 -50.04
C SER C 139 -100.75 15.89 -50.44
N ILE C 140 -101.00 15.79 -51.74
CA ILE C 140 -102.34 15.53 -52.28
C ILE C 140 -102.28 14.21 -53.03
N ASN C 141 -102.94 13.19 -52.48
CA ASN C 141 -103.04 11.88 -53.10
C ASN C 141 -101.66 11.26 -53.37
N GLY C 142 -100.66 11.66 -52.58
CA GLY C 142 -99.33 11.12 -52.72
C GLY C 142 -98.35 11.97 -53.51
N ASN C 143 -98.72 13.20 -53.85
CA ASN C 143 -97.86 14.10 -54.60
C ASN C 143 -97.50 15.29 -53.71
N VAL C 144 -96.20 15.59 -53.64
CA VAL C 144 -95.69 16.60 -52.71
C VAL C 144 -95.69 17.95 -53.40
N GLY C 145 -95.93 19.00 -52.61
CA GLY C 145 -95.89 20.36 -53.11
C GLY C 145 -95.51 21.31 -51.99
N GLU C 146 -95.25 22.55 -52.37
CA GLU C 146 -94.83 23.58 -51.42
C GLU C 146 -95.89 24.68 -51.35
N PHE C 147 -96.14 25.17 -50.15
CA PHE C 147 -97.00 26.33 -49.93
C PHE C 147 -96.22 27.36 -49.13
N VAL C 148 -96.25 28.61 -49.58
CA VAL C 148 -95.50 29.69 -48.96
C VAL C 148 -96.47 30.73 -48.43
N ILE C 149 -96.09 31.37 -47.33
CA ILE C 149 -96.91 32.41 -46.69
C ILE C 149 -96.00 33.57 -46.31
N ALA C 150 -96.49 34.78 -46.50
CA ALA C 150 -95.80 35.99 -46.09
C ALA C 150 -96.69 36.79 -45.13
N VAL C 151 -96.12 37.17 -43.99
CA VAL C 151 -96.82 37.97 -42.99
C VAL C 151 -96.22 39.37 -43.03
N ASP C 152 -97.07 40.38 -43.26
CA ASP C 152 -96.57 41.71 -43.53
C ASP C 152 -96.69 42.61 -42.30
N PRO C 153 -95.80 43.60 -42.16
CA PRO C 153 -95.92 44.53 -41.04
C PRO C 153 -97.16 45.40 -41.17
N ALA C 154 -97.66 45.86 -40.02
CA ALA C 154 -98.86 46.69 -40.00
C ALA C 154 -98.56 48.15 -40.25
N GLN C 155 -97.29 48.54 -40.34
CA GLN C 155 -96.90 49.93 -40.53
C GLN C 155 -95.79 50.07 -41.57
N GLY C 156 -95.91 49.35 -42.69
CA GLY C 156 -94.89 49.38 -43.71
C GLY C 156 -95.34 48.81 -45.03
N PRO C 157 -94.41 48.70 -45.98
CA PRO C 157 -94.77 48.18 -47.30
C PRO C 157 -94.87 46.67 -47.31
N GLN C 158 -95.44 46.16 -48.41
CA GLN C 158 -95.58 44.72 -48.59
C GLN C 158 -94.21 44.09 -48.88
N ILE C 159 -94.10 42.80 -48.60
CA ILE C 159 -92.87 42.06 -48.84
C ILE C 159 -92.92 41.43 -50.23
N ALA C 160 -91.80 41.45 -50.92
CA ALA C 160 -91.74 40.88 -52.26
C ALA C 160 -91.80 39.36 -52.21
N GLN C 161 -92.49 38.78 -53.17
CA GLN C 161 -92.63 37.33 -53.22
C GLN C 161 -91.27 36.68 -53.46
N PRO C 162 -90.92 35.62 -52.73
CA PRO C 162 -89.64 34.95 -52.95
C PRO C 162 -89.77 33.87 -54.00
N PRO C 163 -88.65 33.34 -54.50
CA PRO C 163 -88.73 32.25 -55.47
C PRO C 163 -88.98 30.91 -54.79
N PHE C 164 -89.72 30.05 -55.46
CA PHE C 164 -90.02 28.73 -54.92
C PHE C 164 -88.74 27.89 -54.85
N THR C 165 -88.65 27.07 -53.81
CA THR C 165 -87.44 26.27 -53.61
C THR C 165 -87.32 25.23 -54.72
N PRO C 166 -86.15 25.10 -55.35
CA PRO C 166 -86.00 24.09 -56.41
C PRO C 166 -85.99 22.68 -55.84
N ALA C 167 -85.89 21.71 -56.74
CA ALA C 167 -85.79 20.31 -56.33
C ALA C 167 -84.43 20.01 -55.72
N VAL C 168 -83.36 20.49 -56.36
CA VAL C 168 -82.00 20.37 -55.83
C VAL C 168 -81.30 21.71 -56.04
N TYR C 169 -80.54 22.13 -55.03
CA TYR C 169 -79.90 23.44 -55.07
C TYR C 169 -78.59 23.37 -54.30
N VAL C 170 -77.72 24.34 -54.57
CA VAL C 170 -76.45 24.49 -53.87
C VAL C 170 -76.32 25.93 -53.39
N PRO C 171 -76.43 26.21 -52.10
CA PRO C 171 -76.33 27.60 -51.63
C PRO C 171 -75.00 28.22 -52.05
N LEU C 172 -75.06 29.49 -52.45
CA LEU C 172 -73.86 30.17 -52.94
C LEU C 172 -73.06 30.82 -51.83
N SER C 173 -73.64 31.05 -50.66
CA SER C 173 -72.91 31.66 -49.56
C SER C 173 -72.11 30.63 -48.77
N ARG C 174 -72.64 29.42 -48.62
CA ARG C 174 -71.97 28.35 -47.88
C ARG C 174 -71.01 27.64 -48.82
N ARG C 175 -69.80 28.20 -48.91
CA ARG C 175 -68.82 27.72 -49.88
C ARG C 175 -67.47 28.31 -49.52
N GLU C 176 -66.45 27.46 -49.42
CA GLU C 176 -65.13 27.91 -49.00
C GLU C 176 -64.08 27.01 -49.62
N VAL C 177 -62.85 27.52 -49.68
CA VAL C 177 -61.69 26.79 -50.18
C VAL C 177 -60.60 26.86 -49.12
N ASN C 178 -59.98 25.72 -48.84
CA ASN C 178 -58.92 25.63 -47.85
C ASN C 178 -57.58 25.72 -48.57
N LYS C 179 -56.96 26.89 -48.50
CA LYS C 179 -55.72 27.13 -49.22
C LYS C 179 -54.58 26.22 -48.74
N GLN C 180 -54.58 25.82 -47.48
CA GLN C 180 -53.49 24.99 -46.97
C GLN C 180 -53.48 23.62 -47.63
N THR C 181 -54.65 23.04 -47.90
CA THR C 181 -54.73 21.71 -48.48
C THR C 181 -55.38 21.70 -49.86
N GLN C 182 -55.74 22.87 -50.40
CA GLN C 182 -56.29 22.96 -51.75
C GLN C 182 -57.53 22.07 -51.89
N ALA C 183 -58.48 22.26 -50.99
CA ALA C 183 -59.73 21.50 -50.99
C ALA C 183 -60.90 22.46 -51.08
N LEU C 184 -61.95 22.04 -51.80
CA LEU C 184 -63.15 22.84 -51.99
C LEU C 184 -64.31 22.19 -51.24
N ARG C 185 -65.07 22.99 -50.53
CA ARG C 185 -66.22 22.54 -49.76
C ARG C 185 -67.47 23.29 -50.19
N PHE C 186 -68.58 22.57 -50.31
CA PHE C 186 -69.86 23.16 -50.67
C PHE C 186 -70.98 22.28 -50.13
N VAL C 187 -72.19 22.82 -50.11
CA VAL C 187 -73.35 22.20 -49.47
C VAL C 187 -74.36 21.83 -50.54
N LEU C 188 -74.86 20.60 -50.48
CA LEU C 188 -75.87 20.10 -51.39
C LEU C 188 -77.15 19.81 -50.59
N GLY C 189 -78.25 20.38 -51.03
CA GLY C 189 -79.52 20.19 -50.35
C GLY C 189 -80.61 19.76 -51.31
N VAL C 190 -81.40 18.79 -50.88
CA VAL C 190 -82.47 18.20 -51.69
C VAL C 190 -83.80 18.58 -51.07
N SER C 191 -84.66 19.21 -51.86
CA SER C 191 -85.98 19.56 -51.39
C SER C 191 -86.83 18.30 -51.23
N PRO C 192 -87.82 18.32 -50.34
CA PRO C 192 -88.68 17.13 -50.18
C PRO C 192 -89.45 16.77 -51.44
N ALA C 193 -89.65 17.72 -52.35
CA ALA C 193 -90.42 17.46 -53.57
C ALA C 193 -89.67 16.57 -54.55
N ALA C 194 -88.38 16.31 -54.34
CA ALA C 194 -87.60 15.52 -55.27
C ALA C 194 -88.18 14.11 -55.37
N LYS C 195 -88.74 13.78 -56.53
CA LYS C 195 -89.30 12.46 -56.75
C LYS C 195 -88.17 11.45 -56.94
N PRO C 196 -88.24 10.27 -56.33
CA PRO C 196 -87.13 9.31 -56.45
C PRO C 196 -86.98 8.80 -57.88
N ALA C 197 -85.83 8.18 -58.12
CA ALA C 197 -85.50 7.57 -59.41
C ALA C 197 -85.11 8.63 -60.44
N ASP C 198 -85.19 9.90 -60.09
CA ASP C 198 -84.78 10.95 -61.00
C ASP C 198 -83.26 11.13 -60.95
N ILE C 199 -82.73 11.84 -61.94
CA ILE C 199 -81.30 12.06 -62.07
C ILE C 199 -81.05 13.50 -62.49
N TYR C 200 -80.06 14.13 -61.85
CA TYR C 200 -79.57 15.45 -62.24
C TYR C 200 -78.06 15.37 -62.47
N ARG C 201 -77.55 16.39 -63.16
CA ARG C 201 -76.11 16.50 -63.43
C ARG C 201 -75.62 17.86 -62.97
N LEU C 202 -74.45 17.87 -62.35
CA LEU C 202 -73.83 19.09 -61.82
C LEU C 202 -72.46 19.26 -62.46
N ASN C 203 -72.18 20.47 -62.96
CA ASN C 203 -70.91 20.81 -63.56
C ASN C 203 -70.22 21.85 -62.70
N ILE C 204 -68.94 21.65 -62.44
CA ILE C 204 -68.14 22.55 -61.59
C ILE C 204 -66.97 23.06 -62.40
N ARG C 205 -66.77 24.38 -62.39
CA ARG C 205 -65.64 25.02 -63.03
C ARG C 205 -64.84 25.78 -61.98
N GLN C 206 -63.59 25.38 -61.77
CA GLN C 206 -62.78 25.92 -60.70
C GLN C 206 -61.53 26.58 -61.30
N ALA C 207 -61.03 27.60 -60.62
CA ALA C 207 -59.95 28.43 -61.14
C ALA C 207 -58.78 28.45 -60.17
N ALA C 208 -57.58 28.27 -60.70
CA ALA C 208 -56.34 28.46 -59.96
C ALA C 208 -55.63 29.71 -60.45
N ILE C 209 -54.53 30.06 -59.79
CA ILE C 209 -53.78 31.26 -60.11
C ILE C 209 -52.29 30.96 -60.02
N ASP C 210 -51.52 31.49 -60.97
CA ASP C 210 -50.08 31.31 -60.99
C ASP C 210 -49.46 32.31 -60.02
N CYS C 211 -48.13 32.46 -60.10
CA CYS C 211 -47.41 33.36 -59.20
C CYS C 211 -47.56 34.83 -59.57
N GLU C 212 -48.21 35.14 -60.70
CA GLU C 212 -48.35 36.50 -61.17
C GLU C 212 -49.79 37.01 -61.17
N GLY C 213 -50.78 36.13 -61.16
CA GLY C 213 -52.17 36.53 -61.13
C GLY C 213 -53.03 36.05 -62.28
N ASN C 214 -52.49 35.23 -63.19
CA ASN C 214 -53.25 34.70 -64.31
C ASN C 214 -53.93 33.40 -63.90
N GLU C 215 -55.02 33.08 -64.58
CA GLU C 215 -55.88 31.99 -64.13
C GLU C 215 -55.68 30.72 -64.95
N TYR C 216 -55.69 29.59 -64.25
CA TYR C 216 -55.88 28.27 -64.85
C TYR C 216 -57.29 27.81 -64.49
N PHE C 217 -57.85 26.91 -65.31
CA PHE C 217 -59.23 26.46 -65.13
C PHE C 217 -59.31 24.95 -65.19
N HIS C 218 -60.25 24.39 -64.44
CA HIS C 218 -60.52 22.96 -64.39
C HIS C 218 -62.03 22.73 -64.40
N ILE C 219 -62.45 21.65 -65.04
CA ILE C 219 -63.86 21.33 -65.21
C ILE C 219 -64.10 19.87 -64.85
N SER C 220 -65.15 19.63 -64.08
CA SER C 220 -65.57 18.27 -63.74
C SER C 220 -67.07 18.28 -63.54
N CYS C 221 -67.67 17.09 -63.65
CA CYS C 221 -69.13 16.97 -63.57
C CYS C 221 -69.49 15.75 -62.73
N TYR C 222 -70.64 15.83 -62.07
CA TYR C 222 -71.11 14.80 -61.16
C TYR C 222 -72.58 14.52 -61.42
N ASP C 223 -72.98 13.27 -61.17
CA ASP C 223 -74.36 12.82 -61.39
C ASP C 223 -75.05 12.64 -60.04
N ILE C 224 -76.25 13.20 -59.92
CA ILE C 224 -77.03 13.16 -58.68
C ILE C 224 -78.31 12.38 -58.97
N SER C 225 -78.54 11.31 -58.22
CA SER C 225 -79.73 10.47 -58.37
C SER C 225 -80.50 10.47 -57.06
N ILE C 226 -81.81 10.66 -57.14
CA ILE C 226 -82.65 10.71 -55.95
C ILE C 226 -82.97 9.29 -55.51
N GLY C 227 -82.71 8.99 -54.24
CA GLY C 227 -82.92 7.67 -53.69
C GLY C 227 -84.10 7.61 -52.74
N SER C 228 -84.09 6.59 -51.89
CA SER C 228 -85.17 6.38 -50.93
C SER C 228 -84.65 5.50 -49.80
N CYS C 229 -85.54 5.17 -48.87
CA CYS C 229 -85.17 4.38 -47.71
C CYS C 229 -84.81 2.95 -48.12
N GLY C 230 -84.25 2.21 -47.18
CA GLY C 230 -83.86 0.83 -47.41
C GLY C 230 -83.56 0.08 -46.13
N CYS D 23 -40.45 36.18 -52.88
CA CYS D 23 -41.73 36.66 -52.40
C CYS D 23 -42.10 36.00 -51.07
N GLU D 24 -41.60 36.59 -49.97
CA GLU D 24 -41.94 36.09 -48.65
C GLU D 24 -43.43 36.29 -48.38
N SER D 25 -43.98 35.42 -47.54
CA SER D 25 -45.41 35.39 -47.29
C SER D 25 -45.75 36.12 -46.01
N ILE D 26 -46.69 37.07 -46.10
CA ILE D 26 -47.24 37.77 -44.95
C ILE D 26 -48.74 37.51 -44.94
N SER D 27 -49.28 37.25 -43.75
CA SER D 27 -50.71 37.03 -43.56
C SER D 27 -51.27 38.12 -42.67
N ALA D 28 -52.52 38.51 -42.91
CA ALA D 28 -53.13 39.59 -42.17
C ALA D 28 -54.63 39.34 -42.04
N ARG D 29 -55.22 40.02 -41.06
CA ARG D 29 -56.65 39.94 -40.78
C ARG D 29 -57.27 41.33 -40.89
N PRO D 30 -58.48 41.46 -41.44
CA PRO D 30 -59.11 42.78 -41.52
C PRO D 30 -59.26 43.40 -40.14
N GLY D 31 -59.00 44.70 -40.06
CA GLY D 31 -59.09 45.42 -38.81
C GLY D 31 -57.83 45.37 -37.96
N GLU D 32 -56.82 44.62 -38.38
CA GLU D 32 -55.59 44.50 -37.62
C GLU D 32 -54.61 45.61 -38.01
N VAL D 33 -53.69 45.90 -37.08
CA VAL D 33 -52.59 46.82 -37.33
C VAL D 33 -51.36 46.23 -36.64
N ASN D 34 -50.41 45.73 -37.43
CA ASN D 34 -49.28 44.97 -36.91
C ASN D 34 -47.99 45.50 -37.51
N GLY D 35 -46.89 45.36 -36.77
CA GLY D 35 -45.62 45.85 -37.24
C GLY D 35 -44.80 44.76 -37.92
N VAL D 36 -43.80 45.21 -38.69
CA VAL D 36 -42.90 44.33 -39.42
C VAL D 36 -41.48 44.83 -39.24
N MET D 37 -40.53 43.90 -39.19
CA MET D 37 -39.13 44.23 -38.99
C MET D 37 -38.26 43.37 -39.90
N VAL D 38 -37.34 44.01 -40.61
CA VAL D 38 -36.41 43.33 -41.51
C VAL D 38 -35.00 43.72 -41.11
N SER D 39 -34.04 42.83 -41.36
CA SER D 39 -32.66 43.01 -40.95
C SER D 39 -31.76 43.02 -42.18
N TYR D 40 -30.90 44.03 -42.27
CA TYR D 40 -30.01 44.22 -43.41
C TYR D 40 -28.54 43.96 -43.06
N VAL D 41 -28.26 43.36 -41.90
CA VAL D 41 -26.87 43.20 -41.49
C VAL D 41 -26.10 42.35 -42.48
N ALA D 42 -26.74 41.34 -43.05
CA ALA D 42 -26.05 40.46 -43.98
C ALA D 42 -25.64 41.20 -45.25
N TRP D 43 -26.36 42.25 -45.62
CA TRP D 43 -26.08 42.95 -46.86
C TRP D 43 -25.15 44.14 -46.64
N SER D 44 -25.53 45.05 -45.75
CA SER D 44 -24.81 46.30 -45.59
C SER D 44 -23.61 46.22 -44.65
N ALA D 45 -23.36 45.06 -44.05
CA ALA D 45 -22.19 44.94 -43.17
C ALA D 45 -20.90 44.88 -43.98
N PRO D 46 -20.69 43.92 -44.88
CA PRO D 46 -19.43 43.90 -45.63
C PRO D 46 -19.22 45.12 -46.52
N LEU D 47 -20.29 45.85 -46.86
CA LEU D 47 -20.14 47.04 -47.69
C LEU D 47 -19.32 48.12 -47.02
N GLY D 48 -19.15 48.05 -45.69
CA GLY D 48 -18.49 49.14 -45.00
C GLY D 48 -19.37 50.38 -45.00
N GLY D 49 -18.70 51.53 -44.92
CA GLY D 49 -19.43 52.78 -45.01
C GLY D 49 -20.18 53.11 -43.73
N HIS D 50 -21.25 53.89 -43.88
CA HIS D 50 -22.02 54.41 -42.75
C HIS D 50 -23.36 53.70 -42.58
N GLY D 51 -23.53 52.53 -43.19
CA GLY D 51 -24.73 51.76 -42.96
C GLY D 51 -25.94 52.27 -43.72
N LEU D 52 -27.12 51.97 -43.17
CA LEU D 52 -28.37 52.24 -43.85
C LEU D 52 -28.67 53.75 -43.86
N THR D 53 -29.79 54.09 -44.49
CA THR D 53 -30.23 55.47 -44.60
C THR D 53 -31.74 55.48 -44.68
N ASN D 54 -32.34 56.62 -44.34
CA ASN D 54 -33.79 56.75 -44.27
C ASN D 54 -34.45 56.92 -45.63
N LYS D 55 -33.81 56.63 -46.75
CA LYS D 55 -34.43 56.80 -48.07
C LYS D 55 -35.09 55.51 -48.55
N THR D 56 -36.18 55.11 -47.88
CA THR D 56 -36.93 53.95 -48.31
C THR D 56 -38.08 54.36 -49.22
N THR D 57 -38.57 53.40 -50.00
CA THR D 57 -39.69 53.62 -50.90
C THR D 57 -40.56 52.37 -50.95
N PHE D 58 -41.87 52.57 -50.87
CA PHE D 58 -42.84 51.48 -50.86
C PHE D 58 -43.78 51.61 -52.07
N GLU D 59 -44.18 50.46 -52.61
CA GLU D 59 -45.13 50.41 -53.72
C GLU D 59 -46.02 49.19 -53.54
N PHE D 60 -47.31 49.36 -53.80
CA PHE D 60 -48.28 48.28 -53.65
C PHE D 60 -48.83 47.88 -55.02
N GLU D 61 -48.90 46.58 -55.26
CA GLU D 61 -49.40 46.02 -56.51
C GLU D 61 -50.50 45.02 -56.23
N ASN D 62 -51.41 44.88 -57.19
CA ASN D 62 -52.51 43.93 -57.06
C ASN D 62 -52.24 42.69 -57.90
N VAL D 63 -52.55 41.52 -57.34
CA VAL D 63 -52.51 40.26 -58.06
C VAL D 63 -53.87 39.59 -58.11
N SER D 64 -54.60 39.59 -56.99
CA SER D 64 -55.96 39.07 -56.93
C SER D 64 -56.77 39.99 -56.02
N VAL D 65 -57.60 40.83 -56.62
CA VAL D 65 -58.45 41.75 -55.88
C VAL D 65 -59.84 41.76 -56.50
N THR D 66 -60.86 41.74 -55.66
CA THR D 66 -62.25 41.74 -56.09
C THR D 66 -62.85 43.10 -55.81
N GLU D 67 -63.46 43.70 -56.82
CA GLU D 67 -64.02 45.04 -56.67
C GLU D 67 -65.18 45.00 -55.68
N PRO D 68 -65.34 46.02 -54.84
CA PRO D 68 -66.40 45.99 -53.84
C PRO D 68 -67.77 46.11 -54.46
N LEU D 69 -68.77 45.59 -53.74
CA LEU D 69 -70.17 45.65 -54.17
C LEU D 69 -70.92 46.82 -53.55
N VAL D 70 -70.25 47.64 -52.75
CA VAL D 70 -70.86 48.82 -52.14
C VAL D 70 -69.93 50.00 -52.33
N ASN D 71 -70.48 51.20 -52.19
CA ASN D 71 -69.73 52.43 -52.45
C ASN D 71 -69.59 53.23 -51.15
N SER D 72 -68.41 53.80 -50.94
CA SER D 72 -68.19 54.70 -49.82
C SER D 72 -68.87 56.03 -50.07
N ALA D 73 -68.99 56.82 -49.01
CA ALA D 73 -69.68 58.10 -49.08
C ALA D 73 -69.03 59.10 -48.13
N PHE D 74 -69.30 60.37 -48.38
CA PHE D 74 -68.77 61.47 -47.58
C PHE D 74 -69.80 62.59 -47.53
N GLU D 75 -69.89 63.26 -46.39
CA GLU D 75 -70.87 64.32 -46.20
C GLU D 75 -70.36 65.28 -45.14
N ARG D 76 -71.08 66.39 -44.99
CA ARG D 76 -70.72 67.45 -44.06
C ARG D 76 -71.92 67.80 -43.17
N THR D 77 -71.61 68.35 -41.99
CA THR D 77 -72.63 68.82 -41.07
C THR D 77 -72.13 70.11 -40.42
N PRO D 78 -73.02 71.04 -40.08
CA PRO D 78 -72.58 72.26 -39.40
C PRO D 78 -72.23 72.00 -37.94
N PHE D 79 -71.71 73.05 -37.30
CA PHE D 79 -71.27 72.95 -35.92
C PHE D 79 -72.42 72.53 -35.01
N ASN D 80 -72.13 71.60 -34.10
CA ASN D 80 -73.11 71.11 -33.12
C ASN D 80 -74.44 70.75 -33.78
N THR D 81 -74.40 70.22 -35.00
CA THR D 81 -75.59 69.92 -35.77
C THR D 81 -75.72 68.41 -35.97
N THR D 82 -76.89 67.87 -35.66
CA THR D 82 -77.14 66.46 -35.90
C THR D 82 -77.24 66.19 -37.39
N LEU D 83 -76.76 65.01 -37.80
CA LEU D 83 -76.75 64.59 -39.19
C LEU D 83 -77.66 63.40 -39.38
N ALA D 84 -78.34 63.35 -40.54
CA ALA D 84 -79.22 62.26 -40.89
C ALA D 84 -78.95 61.83 -42.31
N GLY D 85 -79.23 60.56 -42.61
CA GLY D 85 -79.01 60.04 -43.93
C GLY D 85 -79.57 58.64 -44.06
N SER D 86 -79.26 58.01 -45.20
CA SER D 86 -79.73 56.67 -45.50
C SER D 86 -78.65 55.89 -46.22
N LEU D 87 -78.57 54.59 -45.92
CA LEU D 87 -77.57 53.72 -46.53
C LEU D 87 -78.08 53.02 -47.79
N ALA D 88 -79.36 53.19 -48.12
CA ALA D 88 -79.93 52.44 -49.24
C ALA D 88 -79.30 52.83 -50.57
N ALA D 89 -79.04 54.12 -50.79
CA ALA D 89 -78.56 54.57 -52.09
C ALA D 89 -77.16 54.09 -52.40
N LEU D 90 -76.44 53.54 -51.42
CA LEU D 90 -75.05 53.15 -51.60
C LEU D 90 -74.86 51.72 -52.07
N PHE D 91 -75.96 50.98 -52.31
CA PHE D 91 -75.88 49.58 -52.72
C PHE D 91 -76.48 49.44 -54.11
N PRO D 92 -75.68 49.58 -55.18
CA PRO D 92 -76.19 49.46 -56.55
C PRO D 92 -76.33 48.01 -57.03
N ASN D 93 -77.18 47.26 -56.35
CA ASN D 93 -77.39 45.86 -56.73
C ASN D 93 -78.12 45.80 -58.07
N PRO D 94 -77.59 45.06 -59.05
CA PRO D 94 -78.27 44.96 -60.34
C PRO D 94 -79.39 43.93 -60.38
N GLU D 95 -79.66 43.24 -59.26
CA GLU D 95 -80.79 42.31 -59.17
C GLU D 95 -81.60 42.63 -57.93
N GLY D 96 -82.92 42.68 -58.10
CA GLY D 96 -83.81 42.91 -56.98
C GLY D 96 -83.65 41.81 -55.95
N GLU D 97 -83.45 42.19 -54.68
CA GLU D 97 -83.27 41.22 -53.62
C GLU D 97 -83.41 41.95 -52.28
N ALA D 98 -83.61 41.14 -51.23
CA ALA D 98 -83.75 41.71 -49.90
C ALA D 98 -82.45 42.35 -49.44
N VAL D 99 -82.58 43.42 -48.67
CA VAL D 99 -81.44 44.17 -48.16
C VAL D 99 -81.58 44.35 -46.65
N GLU D 100 -80.50 44.10 -45.93
CA GLU D 100 -80.44 44.34 -44.50
C GLU D 100 -79.17 45.10 -44.18
N TYR D 101 -79.27 46.06 -43.26
CA TYR D 101 -78.19 46.95 -42.92
C TYR D 101 -77.66 46.62 -41.54
N GLU D 102 -76.41 46.99 -41.29
CA GLU D 102 -75.76 46.73 -40.02
C GLU D 102 -74.61 47.72 -39.83
N ILE D 103 -74.22 47.90 -38.57
CA ILE D 103 -73.10 48.76 -38.22
C ILE D 103 -72.07 47.93 -37.47
N LEU D 104 -70.84 47.90 -37.98
CA LEU D 104 -69.77 47.14 -37.36
C LEU D 104 -69.40 47.84 -36.06
N GLU D 105 -69.74 47.23 -34.93
CA GLU D 105 -69.57 47.87 -33.64
C GLU D 105 -68.14 47.82 -33.13
N LEU D 106 -67.27 47.00 -33.72
CA LEU D 106 -65.88 46.94 -33.28
C LEU D 106 -65.11 48.20 -33.64
N TYR D 107 -65.66 49.06 -34.51
CA TYR D 107 -64.99 50.26 -34.97
C TYR D 107 -65.89 51.47 -34.73
N PRO D 108 -66.20 51.77 -33.48
CA PRO D 108 -67.13 52.86 -33.17
C PRO D 108 -66.52 54.21 -33.51
N PRO D 109 -67.34 55.22 -33.77
CA PRO D 109 -66.80 56.56 -34.02
C PRO D 109 -66.10 57.10 -32.79
N VAL D 110 -65.08 57.93 -33.03
CA VAL D 110 -64.25 58.41 -31.93
C VAL D 110 -64.83 59.66 -31.28
N ASN D 111 -65.63 60.45 -32.00
CA ASN D 111 -66.17 61.70 -31.49
C ASN D 111 -67.64 61.84 -31.84
N GLY D 112 -68.44 60.83 -31.55
CA GLY D 112 -69.86 60.92 -31.82
C GLY D 112 -70.56 59.62 -31.50
N ILE D 113 -71.86 59.60 -31.81
CA ILE D 113 -72.69 58.41 -31.63
C ILE D 113 -73.51 58.20 -32.89
N VAL D 114 -73.63 56.95 -33.31
CA VAL D 114 -74.39 56.57 -34.48
C VAL D 114 -75.53 55.65 -34.08
N GLU D 115 -76.71 55.92 -34.61
CA GLU D 115 -77.90 55.13 -34.35
C GLU D 115 -78.45 54.63 -35.69
N LEU D 116 -78.89 53.38 -35.72
CA LEU D 116 -79.42 52.77 -36.93
C LEU D 116 -80.94 52.64 -36.79
N GLY D 117 -81.67 53.21 -37.73
CA GLY D 117 -83.12 53.17 -37.75
C GLY D 117 -83.64 52.02 -38.57
N GLU D 118 -84.80 52.24 -39.18
CA GLU D 118 -85.44 51.23 -40.01
C GLU D 118 -85.14 51.48 -41.48
N ASN D 119 -84.88 50.37 -42.20
CA ASN D 119 -84.67 50.41 -43.64
C ASN D 119 -83.55 51.37 -44.01
N GLY D 120 -82.40 51.21 -43.36
CA GLY D 120 -81.20 51.92 -43.73
C GLY D 120 -81.10 53.34 -43.23
N ALA D 121 -82.07 53.82 -42.46
CA ALA D 121 -81.98 55.16 -41.90
C ALA D 121 -81.06 55.18 -40.69
N PHE D 122 -80.18 56.18 -40.65
CA PHE D 122 -79.22 56.31 -39.57
C PHE D 122 -79.14 57.75 -39.11
N THR D 123 -78.69 57.95 -37.88
CA THR D 123 -78.55 59.27 -37.28
C THR D 123 -77.19 59.38 -36.63
N TYR D 124 -76.48 60.47 -36.90
CA TYR D 124 -75.17 60.74 -36.31
C TYR D 124 -75.28 61.98 -35.43
N ARG D 125 -74.80 61.87 -34.19
CA ARG D 125 -74.94 62.91 -33.19
C ARG D 125 -73.55 63.31 -32.69
N PRO D 126 -72.93 64.30 -33.31
CA PRO D 126 -71.55 64.65 -32.93
C PRO D 126 -71.47 65.18 -31.51
N ALA D 127 -70.30 64.95 -30.91
CA ALA D 127 -70.05 65.44 -29.56
C ALA D 127 -69.95 66.97 -29.58
N THR D 128 -70.39 67.59 -28.48
CA THR D 128 -70.39 69.04 -28.40
C THR D 128 -68.97 69.60 -28.53
N SER D 129 -68.82 70.68 -29.28
CA SER D 129 -67.56 71.39 -29.45
C SER D 129 -66.55 70.60 -30.27
N PHE D 130 -67.02 69.69 -31.13
CA PHE D 130 -66.10 68.92 -31.96
C PHE D 130 -65.84 69.62 -33.28
N THR D 131 -64.66 69.38 -33.84
CA THR D 131 -64.31 69.92 -35.15
C THR D 131 -63.22 69.05 -35.74
N GLY D 132 -63.54 68.30 -36.79
CA GLY D 132 -62.59 67.41 -37.42
C GLY D 132 -63.29 66.43 -38.33
N ILE D 133 -62.66 65.26 -38.50
CA ILE D 133 -63.16 64.20 -39.37
C ILE D 133 -63.55 63.01 -38.50
N ASP D 134 -64.61 62.31 -38.91
CA ASP D 134 -65.09 61.14 -38.18
C ASP D 134 -65.50 60.07 -39.18
N ARG D 135 -65.54 58.82 -38.72
CA ARG D 135 -65.81 57.68 -39.58
C ARG D 135 -66.67 56.67 -38.85
N PHE D 136 -67.33 55.82 -39.62
CA PHE D 136 -67.98 54.63 -39.10
C PHE D 136 -68.21 53.66 -40.25
N TRP D 137 -68.19 52.37 -39.92
CA TRP D 137 -68.19 51.31 -40.92
C TRP D 137 -69.52 50.58 -40.89
N PHE D 138 -70.13 50.41 -42.06
CA PHE D 138 -71.43 49.78 -42.20
C PHE D 138 -71.32 48.57 -43.11
N SER D 139 -72.24 47.62 -42.92
CA SER D 139 -72.31 46.41 -43.72
C SER D 139 -73.70 46.28 -44.32
N ILE D 140 -73.76 46.06 -45.63
CA ILE D 140 -75.02 45.90 -46.36
C ILE D 140 -75.04 44.50 -46.94
N ASN D 141 -75.79 43.60 -46.31
CA ASN D 141 -75.95 42.24 -46.81
C ASN D 141 -74.61 41.55 -46.99
N GLY D 142 -73.73 41.71 -46.00
CA GLY D 142 -72.44 41.06 -46.00
C GLY D 142 -71.32 41.81 -46.68
N ASN D 143 -71.61 42.96 -47.29
CA ASN D 143 -70.59 43.78 -47.94
C ASN D 143 -70.29 44.99 -47.07
N VAL D 144 -69.00 45.24 -46.83
CA VAL D 144 -68.56 46.26 -45.89
C VAL D 144 -68.18 47.51 -46.66
N GLY D 145 -68.65 48.67 -46.17
CA GLY D 145 -68.32 49.94 -46.76
C GLY D 145 -67.81 50.91 -45.71
N GLU D 146 -67.51 52.12 -46.16
CA GLU D 146 -67.00 53.18 -45.29
C GLU D 146 -67.86 54.42 -45.44
N PHE D 147 -68.06 55.14 -44.34
CA PHE D 147 -68.80 56.39 -44.33
C PHE D 147 -67.98 57.44 -43.58
N VAL D 148 -67.77 58.59 -44.23
CA VAL D 148 -66.94 59.66 -43.67
C VAL D 148 -67.82 60.87 -43.41
N ILE D 149 -67.55 61.55 -42.30
CA ILE D 149 -68.28 62.75 -41.91
C ILE D 149 -67.28 63.81 -41.49
N ALA D 150 -67.53 65.05 -41.90
CA ALA D 150 -66.67 66.19 -41.58
C ALA D 150 -67.49 67.24 -40.85
N VAL D 151 -66.96 67.73 -39.74
CA VAL D 151 -67.63 68.71 -38.89
C VAL D 151 -66.88 70.03 -39.06
N ASP D 152 -67.37 70.89 -39.95
CA ASP D 152 -66.73 72.19 -40.13
C ASP D 152 -67.05 73.11 -38.96
N PRO D 153 -66.14 74.00 -38.59
CA PRO D 153 -66.39 74.88 -37.44
C PRO D 153 -67.38 75.98 -37.79
N ALA D 154 -67.85 76.66 -36.75
CA ALA D 154 -68.78 77.78 -36.95
C ALA D 154 -68.15 78.92 -37.72
N GLN D 155 -66.83 79.11 -37.61
CA GLN D 155 -66.13 80.17 -38.32
C GLN D 155 -64.86 79.59 -38.93
N GLY D 156 -64.42 80.19 -40.03
CA GLY D 156 -63.25 79.74 -40.73
C GLY D 156 -63.59 78.92 -41.96
N PRO D 157 -62.56 78.56 -42.74
CA PRO D 157 -62.81 77.81 -43.97
C PRO D 157 -63.25 76.39 -43.69
N GLN D 158 -63.90 75.80 -44.69
CA GLN D 158 -64.37 74.43 -44.58
C GLN D 158 -63.18 73.46 -44.57
N ILE D 159 -63.41 72.28 -43.98
CA ILE D 159 -62.37 71.26 -43.91
C ILE D 159 -62.33 70.50 -45.23
N ALA D 160 -61.13 70.36 -45.78
CA ALA D 160 -60.97 69.66 -47.04
C ALA D 160 -61.31 68.18 -46.89
N GLN D 161 -61.83 67.58 -47.95
CA GLN D 161 -62.23 66.19 -47.92
C GLN D 161 -61.00 65.29 -47.93
N PRO D 162 -60.81 64.39 -46.98
CA PRO D 162 -59.66 63.50 -47.00
C PRO D 162 -59.90 62.31 -47.90
N PRO D 163 -58.86 61.64 -48.37
CA PRO D 163 -59.06 60.45 -49.20
C PRO D 163 -59.55 59.28 -48.38
N PHE D 164 -60.16 58.32 -49.08
CA PHE D 164 -60.69 57.14 -48.41
C PHE D 164 -59.56 56.24 -47.94
N THR D 165 -59.91 55.32 -47.02
CA THR D 165 -58.92 54.43 -46.44
C THR D 165 -58.65 53.26 -47.38
N PRO D 166 -57.42 53.04 -47.83
CA PRO D 166 -57.15 51.90 -48.72
C PRO D 166 -57.37 50.58 -48.01
N ALA D 167 -57.41 49.51 -48.81
CA ALA D 167 -57.56 48.17 -48.23
C ALA D 167 -56.34 47.79 -47.40
N VAL D 168 -55.15 48.06 -47.90
CA VAL D 168 -53.90 47.86 -47.16
C VAL D 168 -53.01 49.06 -47.40
N TYR D 169 -52.34 49.53 -46.34
CA TYR D 169 -51.55 50.75 -46.41
C TYR D 169 -50.40 50.65 -45.43
N VAL D 170 -49.41 51.52 -45.62
CA VAL D 170 -48.25 51.62 -44.76
C VAL D 170 -48.09 53.08 -44.37
N PRO D 171 -48.40 53.48 -43.13
CA PRO D 171 -48.21 54.89 -42.74
C PRO D 171 -46.74 55.27 -42.88
N LEU D 172 -46.48 56.35 -43.62
CA LEU D 172 -45.12 56.77 -43.90
C LEU D 172 -44.51 57.59 -42.78
N SER D 173 -45.30 58.05 -41.82
CA SER D 173 -44.76 58.76 -40.66
C SER D 173 -44.26 57.83 -39.58
N ARG D 174 -44.78 56.61 -39.52
CA ARG D 174 -44.36 55.62 -38.53
C ARG D 174 -43.34 54.66 -39.14
N ARG D 175 -42.11 55.15 -39.24
CA ARG D 175 -41.06 54.45 -39.95
C ARG D 175 -39.71 54.85 -39.36
N GLU D 176 -38.87 53.86 -39.09
CA GLU D 176 -37.60 54.11 -38.43
C GLU D 176 -36.55 53.10 -38.89
N VAL D 177 -35.29 53.51 -38.83
CA VAL D 177 -34.15 52.65 -39.13
C VAL D 177 -33.21 52.69 -37.93
N ASN D 178 -32.79 51.53 -37.46
CA ASN D 178 -31.93 51.41 -36.29
C ASN D 178 -30.50 51.22 -36.76
N LYS D 179 -29.73 52.31 -36.76
CA LYS D 179 -28.34 52.23 -37.20
C LYS D 179 -27.49 51.33 -36.33
N GLN D 180 -27.86 51.12 -35.07
CA GLN D 180 -27.07 50.27 -34.19
C GLN D 180 -27.05 48.82 -34.65
N THR D 181 -28.11 48.35 -35.33
CA THR D 181 -28.16 46.96 -35.77
C THR D 181 -28.61 46.79 -37.20
N GLN D 182 -28.70 47.86 -37.99
CA GLN D 182 -29.06 47.77 -39.41
C GLN D 182 -30.39 47.04 -39.59
N ALA D 183 -31.45 47.65 -39.06
CA ALA D 183 -32.79 47.09 -39.17
C ALA D 183 -33.77 48.19 -39.54
N LEU D 184 -34.84 47.80 -40.23
CA LEU D 184 -35.89 48.71 -40.65
C LEU D 184 -37.20 48.28 -40.00
N ARG D 185 -38.00 49.26 -39.60
CA ARG D 185 -39.29 49.01 -38.98
C ARG D 185 -40.38 49.82 -39.69
N PHE D 186 -41.53 49.19 -39.90
CA PHE D 186 -42.68 49.87 -40.47
C PHE D 186 -43.94 49.17 -40.00
N VAL D 187 -45.07 49.84 -40.20
CA VAL D 187 -46.37 49.39 -39.71
C VAL D 187 -47.24 49.02 -40.90
N LEU D 188 -47.82 47.83 -40.86
CA LEU D 188 -48.73 47.35 -41.90
C LEU D 188 -50.14 47.35 -41.33
N GLY D 189 -51.04 48.06 -41.98
CA GLY D 189 -52.42 48.18 -41.53
C GLY D 189 -53.38 47.61 -42.57
N VAL D 190 -54.44 46.97 -42.09
CA VAL D 190 -55.47 46.37 -42.94
C VAL D 190 -56.81 46.97 -42.57
N SER D 191 -57.54 47.46 -43.57
CA SER D 191 -58.83 48.07 -43.31
C SER D 191 -59.90 47.00 -43.14
N PRO D 192 -60.99 47.31 -42.42
CA PRO D 192 -62.07 46.33 -42.26
C PRO D 192 -62.68 45.91 -43.59
N ALA D 193 -62.61 46.79 -44.59
CA ALA D 193 -63.20 46.51 -45.90
C ALA D 193 -62.43 45.46 -46.68
N ALA D 194 -61.24 45.08 -46.24
CA ALA D 194 -60.48 44.06 -46.95
C ALA D 194 -61.28 42.76 -47.02
N LYS D 195 -61.28 42.14 -48.19
CA LYS D 195 -62.06 40.93 -48.41
C LYS D 195 -61.16 39.72 -48.31
N PRO D 196 -61.53 38.68 -47.56
CA PRO D 196 -60.63 37.54 -47.38
C PRO D 196 -60.33 36.84 -48.70
N ALA D 197 -59.15 36.20 -48.75
CA ALA D 197 -58.63 35.45 -49.88
C ALA D 197 -57.99 36.34 -50.95
N ASP D 198 -58.01 37.66 -50.79
CA ASP D 198 -57.28 38.53 -51.71
C ASP D 198 -55.79 38.48 -51.40
N ILE D 199 -55.00 38.94 -52.37
CA ILE D 199 -53.54 38.95 -52.26
C ILE D 199 -53.02 40.27 -52.78
N TYR D 200 -52.09 40.87 -52.04
CA TYR D 200 -51.40 42.08 -52.45
C TYR D 200 -49.90 41.84 -52.41
N ARG D 201 -49.16 42.68 -53.15
CA ARG D 201 -47.70 42.59 -53.21
C ARG D 201 -47.09 43.94 -52.87
N LEU D 202 -46.04 43.92 -52.07
CA LEU D 202 -45.35 45.12 -51.62
C LEU D 202 -43.89 45.06 -52.06
N ASN D 203 -43.37 46.18 -52.55
CA ASN D 203 -41.99 46.28 -52.99
C ASN D 203 -41.27 47.34 -52.15
N ILE D 204 -40.04 47.04 -51.74
CA ILE D 204 -39.25 47.92 -50.89
C ILE D 204 -37.92 48.17 -51.58
N ARG D 205 -37.48 49.42 -51.59
CA ARG D 205 -36.20 49.82 -52.16
C ARG D 205 -35.45 50.64 -51.11
N GLN D 206 -34.44 50.02 -50.50
CA GLN D 206 -33.74 50.60 -49.36
C GLN D 206 -32.33 50.97 -49.75
N ALA D 207 -31.87 52.11 -49.26
CA ALA D 207 -30.57 52.67 -49.66
C ALA D 207 -29.57 52.57 -48.51
N ALA D 208 -28.30 52.48 -48.89
CA ALA D 208 -27.20 52.52 -47.94
C ALA D 208 -26.09 53.37 -48.54
N ILE D 209 -25.27 53.98 -47.67
CA ILE D 209 -24.28 54.94 -48.08
C ILE D 209 -22.89 54.43 -47.72
N ASP D 210 -21.92 54.69 -48.59
CA ASP D 210 -20.53 54.33 -48.32
C ASP D 210 -19.89 55.40 -47.43
N CYS D 211 -18.57 55.33 -47.30
CA CYS D 211 -17.85 56.19 -46.38
C CYS D 211 -17.75 57.63 -46.86
N GLU D 212 -18.12 57.93 -48.10
CA GLU D 212 -18.00 59.27 -48.64
C GLU D 212 -19.33 59.89 -49.06
N GLY D 213 -20.43 59.15 -48.97
CA GLY D 213 -21.74 59.68 -49.26
C GLY D 213 -22.44 59.11 -50.48
N ASN D 214 -21.77 58.26 -51.26
CA ASN D 214 -22.42 57.60 -52.39
C ASN D 214 -23.32 56.47 -51.89
N GLU D 215 -24.33 56.14 -52.68
CA GLU D 215 -25.43 55.31 -52.23
C GLU D 215 -25.45 53.96 -52.94
N TYR D 216 -25.87 52.93 -52.20
CA TYR D 216 -26.23 51.63 -52.74
C TYR D 216 -27.75 51.48 -52.70
N PHE D 217 -28.23 50.32 -53.14
CA PHE D 217 -29.67 50.06 -53.14
C PHE D 217 -29.93 48.56 -53.05
N HIS D 218 -31.05 48.20 -52.43
CA HIS D 218 -31.49 46.82 -52.27
C HIS D 218 -32.99 46.76 -52.50
N ILE D 219 -33.45 45.71 -53.17
CA ILE D 219 -34.84 45.56 -53.55
C ILE D 219 -35.35 44.20 -53.09
N SER D 220 -36.55 44.18 -52.51
CA SER D 220 -37.19 42.95 -52.08
C SER D 220 -38.70 43.16 -52.13
N CYS D 221 -39.44 42.05 -52.16
CA CYS D 221 -40.89 42.11 -52.26
C CYS D 221 -41.51 41.09 -51.33
N TYR D 222 -42.72 41.38 -50.89
CA TYR D 222 -43.46 40.53 -49.95
C TYR D 222 -44.90 40.38 -50.43
N ASP D 223 -45.50 39.23 -50.18
CA ASP D 223 -46.86 38.93 -50.57
C ASP D 223 -47.76 38.98 -49.33
N ILE D 224 -48.86 39.74 -49.42
CA ILE D 224 -49.79 39.91 -48.32
C ILE D 224 -51.12 39.28 -48.75
N SER D 225 -51.59 38.32 -47.97
CA SER D 225 -52.84 37.60 -48.26
C SER D 225 -53.78 37.75 -47.09
N ILE D 226 -55.02 38.15 -47.37
CA ILE D 226 -56.01 38.34 -46.32
C ILE D 226 -56.49 36.98 -45.83
N GLY D 227 -56.91 36.92 -44.57
CA GLY D 227 -57.36 35.66 -43.99
C GLY D 227 -58.37 35.84 -42.87
N SER D 228 -58.44 34.86 -41.98
CA SER D 228 -59.34 34.87 -40.83
C SER D 228 -58.92 33.72 -39.92
N CYS D 229 -59.73 33.47 -38.89
CA CYS D 229 -59.47 32.37 -37.96
C CYS D 229 -60.78 31.91 -37.36
N GLY D 230 -60.76 30.70 -36.80
CA GLY D 230 -61.94 30.11 -36.21
C GLY D 230 -61.63 28.87 -35.39
N CYS E 23 -73.49 16.47 -9.91
CA CYS E 23 -74.22 16.12 -8.71
C CYS E 23 -73.43 15.15 -7.84
N GLU E 24 -72.65 15.70 -6.91
CA GLU E 24 -71.95 14.86 -5.94
C GLU E 24 -72.96 14.17 -5.02
N SER E 25 -72.59 12.99 -4.55
CA SER E 25 -73.50 12.13 -3.81
C SER E 25 -73.25 12.24 -2.31
N ILE E 26 -74.32 12.50 -1.57
CA ILE E 26 -74.30 12.50 -0.12
C ILE E 26 -75.27 11.42 0.36
N SER E 27 -74.92 10.77 1.47
CA SER E 27 -75.77 9.75 2.07
C SER E 27 -76.07 10.16 3.50
N ALA E 28 -77.29 9.85 3.95
CA ALA E 28 -77.72 10.27 5.27
C ALA E 28 -78.63 9.21 5.87
N ARG E 29 -78.80 9.26 7.19
CA ARG E 29 -79.62 8.32 7.93
C ARG E 29 -80.65 9.07 8.76
N PRO E 30 -81.89 8.58 8.85
CA PRO E 30 -82.88 9.29 9.67
C PRO E 30 -82.41 9.44 11.12
N GLY E 31 -82.68 10.60 11.70
CA GLY E 31 -82.28 10.90 13.05
C GLY E 31 -80.88 11.46 13.20
N GLU E 32 -80.12 11.55 12.11
CA GLU E 32 -78.73 12.00 12.18
C GLU E 32 -78.65 13.50 11.93
N VAL E 33 -77.59 14.11 12.47
CA VAL E 33 -77.25 15.50 12.21
C VAL E 33 -75.74 15.57 12.02
N ASN E 34 -75.32 15.91 10.80
CA ASN E 34 -73.91 15.82 10.43
C ASN E 34 -73.50 17.08 9.68
N GLY E 35 -72.21 17.40 9.77
CA GLY E 35 -71.67 18.58 9.12
C GLY E 35 -71.10 18.29 7.75
N VAL E 36 -70.99 19.34 6.95
CA VAL E 36 -70.47 19.26 5.59
C VAL E 36 -69.52 20.44 5.37
N MET E 37 -68.47 20.21 4.59
CA MET E 37 -67.45 21.23 4.33
C MET E 37 -67.05 21.17 2.87
N VAL E 38 -66.97 22.34 2.23
CA VAL E 38 -66.55 22.46 0.83
C VAL E 38 -65.45 23.50 0.75
N SER E 39 -64.46 23.23 -0.11
CA SER E 39 -63.29 24.10 -0.26
C SER E 39 -63.38 24.85 -1.58
N TYR E 40 -63.15 26.15 -1.53
CA TYR E 40 -63.25 27.03 -2.70
C TYR E 40 -61.90 27.59 -3.13
N VAL E 41 -60.80 27.07 -2.61
CA VAL E 41 -59.49 27.65 -2.92
C VAL E 41 -59.21 27.59 -4.41
N ALA E 42 -59.61 26.49 -5.06
CA ALA E 42 -59.31 26.35 -6.48
C ALA E 42 -60.00 27.40 -7.32
N TRP E 43 -61.18 27.86 -6.91
CA TRP E 43 -61.95 28.82 -7.68
C TRP E 43 -61.67 30.26 -7.25
N SER E 44 -61.46 30.50 -5.96
CA SER E 44 -61.32 31.85 -5.45
C SER E 44 -59.88 32.33 -5.39
N ALA E 45 -58.91 31.43 -5.31
CA ALA E 45 -57.52 31.85 -5.21
C ALA E 45 -57.05 32.66 -6.41
N PRO E 46 -57.23 32.21 -7.66
CA PRO E 46 -56.71 32.98 -8.80
C PRO E 46 -57.44 34.29 -9.06
N LEU E 47 -58.65 34.46 -8.53
CA LEU E 47 -59.39 35.70 -8.77
C LEU E 47 -58.83 36.88 -7.99
N GLY E 48 -57.92 36.65 -7.04
CA GLY E 48 -57.47 37.74 -6.21
C GLY E 48 -58.59 38.27 -5.34
N GLY E 49 -58.54 39.56 -5.06
CA GLY E 49 -59.61 40.16 -4.29
C GLY E 49 -59.55 39.77 -2.81
N HIS E 50 -60.72 39.85 -2.18
CA HIS E 50 -60.85 39.62 -0.75
C HIS E 50 -61.45 38.26 -0.42
N GLY E 51 -61.58 37.36 -1.39
CA GLY E 51 -62.02 36.02 -1.08
C GLY E 51 -63.53 35.88 -1.00
N LEU E 52 -63.97 34.94 -0.18
CA LEU E 52 -65.39 34.59 -0.10
C LEU E 52 -66.15 35.63 0.73
N THR E 53 -67.47 35.47 0.74
CA THR E 53 -68.37 36.35 1.49
C THR E 53 -69.50 35.51 2.04
N ASN E 54 -70.16 36.03 3.08
CA ASN E 54 -71.20 35.31 3.78
C ASN E 54 -72.53 35.29 3.03
N LYS E 55 -72.60 35.64 1.75
CA LYS E 55 -73.86 35.64 1.02
C LYS E 55 -74.14 34.30 0.34
N THR E 56 -74.37 33.24 1.11
CA THR E 56 -74.71 31.94 0.55
C THR E 56 -76.23 31.77 0.52
N THR E 57 -76.70 30.94 -0.42
CA THR E 57 -78.12 30.67 -0.58
C THR E 57 -78.32 29.18 -0.85
N PHE E 58 -79.35 28.60 -0.24
CA PHE E 58 -79.64 27.19 -0.35
C PHE E 58 -81.04 26.99 -0.90
N GLU E 59 -81.22 25.93 -1.67
CA GLU E 59 -82.52 25.55 -2.22
C GLU E 59 -82.62 24.03 -2.26
N PHE E 60 -83.79 23.51 -1.95
CA PHE E 60 -84.04 22.07 -1.91
C PHE E 60 -85.06 21.70 -2.99
N GLU E 61 -84.78 20.62 -3.71
CA GLU E 61 -85.64 20.11 -4.76
C GLU E 61 -85.90 18.63 -4.53
N ASN E 62 -87.07 18.18 -4.97
CA ASN E 62 -87.44 16.78 -4.83
C ASN E 62 -87.29 16.06 -6.16
N VAL E 63 -86.76 14.84 -6.11
CA VAL E 63 -86.65 13.97 -7.27
C VAL E 63 -87.43 12.66 -7.08
N SER E 64 -87.30 12.05 -5.90
CA SER E 64 -88.06 10.85 -5.56
C SER E 64 -88.47 10.95 -4.10
N VAL E 65 -89.72 11.30 -3.85
CA VAL E 65 -90.24 11.45 -2.49
C VAL E 65 -91.61 10.79 -2.44
N THR E 66 -91.86 10.05 -1.35
CA THR E 66 -93.11 9.34 -1.15
C THR E 66 -93.91 10.08 -0.07
N GLU E 67 -95.15 10.44 -0.39
CA GLU E 67 -95.95 11.18 0.56
C GLU E 67 -96.25 10.31 1.78
N PRO E 68 -96.32 10.90 2.97
CA PRO E 68 -96.51 10.10 4.18
C PRO E 68 -97.92 9.54 4.28
N LEU E 69 -98.04 8.43 5.01
CA LEU E 69 -99.32 7.81 5.26
C LEU E 69 -99.97 8.25 6.57
N VAL E 70 -99.29 9.10 7.35
CA VAL E 70 -99.82 9.61 8.60
C VAL E 70 -99.62 11.12 8.64
N ASN E 71 -100.39 11.77 9.50
CA ASN E 71 -100.38 13.23 9.57
C ASN E 71 -99.79 13.70 10.90
N SER E 72 -99.21 14.90 10.86
CA SER E 72 -98.72 15.54 12.07
C SER E 72 -99.87 16.23 12.80
N ALA E 73 -99.61 16.63 14.05
CA ALA E 73 -100.63 17.26 14.86
C ALA E 73 -99.99 18.30 15.77
N PHE E 74 -100.81 19.26 16.20
CA PHE E 74 -100.39 20.32 17.11
C PHE E 74 -101.52 20.58 18.09
N GLU E 75 -101.15 20.81 19.35
CA GLU E 75 -102.15 21.03 20.40
C GLU E 75 -101.54 21.88 21.51
N ARG E 76 -102.40 22.41 22.36
CA ARG E 76 -102.01 23.28 23.45
C ARG E 76 -102.44 22.69 24.79
N THR E 77 -101.85 23.21 25.85
CA THR E 77 -102.18 22.81 27.21
C THR E 77 -101.89 23.97 28.15
N PRO E 78 -102.73 24.21 29.16
CA PRO E 78 -102.47 25.31 30.09
C PRO E 78 -101.28 25.02 30.98
N PHE E 79 -100.92 26.03 31.79
CA PHE E 79 -99.77 25.94 32.66
C PHE E 79 -99.92 24.78 33.64
N ASN E 80 -98.84 24.01 33.80
CA ASN E 80 -98.80 22.89 34.74
C ASN E 80 -99.98 21.95 34.57
N THR E 81 -100.50 21.82 33.35
CA THR E 81 -101.70 21.04 33.08
C THR E 81 -101.35 19.79 32.30
N THR E 82 -101.85 18.65 32.76
CA THR E 82 -101.65 17.40 32.04
C THR E 82 -102.47 17.40 30.76
N LEU E 83 -101.92 16.77 29.72
CA LEU E 83 -102.56 16.70 28.41
C LEU E 83 -102.91 15.27 28.07
N ALA E 84 -104.05 15.09 27.41
CA ALA E 84 -104.50 13.78 26.97
C ALA E 84 -104.95 13.85 25.52
N GLY E 85 -104.78 12.74 24.81
CA GLY E 85 -105.15 12.71 23.40
C GLY E 85 -105.18 11.29 22.89
N SER E 86 -105.35 11.17 21.58
CA SER E 86 -105.42 9.88 20.91
C SER E 86 -104.73 9.95 19.56
N LEU E 87 -104.04 8.87 19.20
CA LEU E 87 -103.31 8.83 17.93
C LEU E 87 -104.15 8.22 16.80
N ALA E 88 -105.36 7.75 17.09
CA ALA E 88 -106.13 7.03 16.09
C ALA E 88 -106.52 7.91 14.91
N ALA E 89 -106.88 9.17 15.17
CA ALA E 89 -107.39 10.03 14.11
C ALA E 89 -106.33 10.42 13.08
N LEU E 90 -105.06 10.14 13.37
CA LEU E 90 -103.97 10.61 12.52
C LEU E 90 -103.58 9.63 11.42
N PHE E 91 -104.28 8.50 11.29
CA PHE E 91 -103.94 7.47 10.31
C PHE E 91 -105.15 7.19 9.42
N PRO E 92 -105.37 7.96 8.36
CA PRO E 92 -106.52 7.74 7.47
C PRO E 92 -106.29 6.58 6.50
N ASN E 93 -106.28 5.36 7.03
CA ASN E 93 -106.11 4.19 6.18
C ASN E 93 -107.37 3.98 5.35
N PRO E 94 -107.26 3.93 4.01
CA PRO E 94 -108.45 3.72 3.18
C PRO E 94 -109.03 2.33 3.31
N GLU E 95 -108.19 1.33 3.58
CA GLU E 95 -108.65 -0.04 3.81
C GLU E 95 -108.57 -0.35 5.30
N GLY E 96 -109.69 -0.77 5.88
CA GLY E 96 -109.70 -1.16 7.27
C GLY E 96 -108.72 -2.27 7.58
N GLU E 97 -107.91 -2.09 8.61
CA GLU E 97 -106.90 -3.09 8.98
C GLU E 97 -106.48 -2.84 10.41
N ALA E 98 -105.79 -3.83 10.98
CA ALA E 98 -105.31 -3.71 12.35
C ALA E 98 -104.28 -2.59 12.46
N VAL E 99 -104.33 -1.84 13.56
CA VAL E 99 -103.43 -0.73 13.80
C VAL E 99 -102.79 -0.92 15.17
N GLU E 100 -101.47 -0.78 15.22
CA GLU E 100 -100.72 -0.82 16.46
C GLU E 100 -99.88 0.43 16.58
N TYR E 101 -99.88 1.03 17.76
CA TYR E 101 -99.20 2.29 18.02
C TYR E 101 -97.91 2.05 18.77
N GLU E 102 -96.98 2.99 18.64
CA GLU E 102 -95.67 2.87 19.27
C GLU E 102 -95.06 4.26 19.38
N ILE E 103 -94.24 4.44 20.40
CA ILE E 103 -93.52 5.69 20.64
C ILE E 103 -92.03 5.43 20.46
N LEU E 104 -91.39 6.22 19.60
CA LEU E 104 -89.96 6.08 19.34
C LEU E 104 -89.22 6.60 20.57
N GLU E 105 -88.48 5.72 21.23
CA GLU E 105 -87.83 6.06 22.49
C GLU E 105 -86.46 6.70 22.31
N LEU E 106 -85.93 6.73 21.10
CA LEU E 106 -84.66 7.43 20.88
C LEU E 106 -84.83 8.94 20.88
N TYR E 107 -86.06 9.43 20.86
CA TYR E 107 -86.35 10.86 20.71
C TYR E 107 -87.29 11.30 21.83
N PRO E 108 -86.88 11.17 23.08
CA PRO E 108 -87.76 11.47 24.20
C PRO E 108 -88.04 12.97 24.29
N PRO E 109 -89.19 13.36 24.83
CA PRO E 109 -89.42 14.79 25.05
C PRO E 109 -88.39 15.37 26.01
N VAL E 110 -87.99 16.60 25.75
CA VAL E 110 -86.95 17.25 26.53
C VAL E 110 -87.48 17.88 27.82
N ASN E 111 -88.77 18.17 27.90
CA ASN E 111 -89.36 18.85 29.05
C ASN E 111 -90.69 18.23 29.41
N GLY E 112 -90.75 16.90 29.48
CA GLY E 112 -91.98 16.24 29.86
C GLY E 112 -91.82 14.74 29.83
N ILE E 113 -92.93 14.04 30.07
CA ILE E 113 -92.97 12.59 30.05
C ILE E 113 -94.23 12.16 29.31
N VAL E 114 -94.09 11.13 28.48
CA VAL E 114 -95.19 10.61 27.67
C VAL E 114 -95.42 9.15 28.05
N GLU E 115 -96.70 8.78 28.14
CA GLU E 115 -97.10 7.41 28.43
C GLU E 115 -98.10 6.97 27.38
N LEU E 116 -97.95 5.74 26.90
CA LEU E 116 -98.82 5.19 25.86
C LEU E 116 -99.80 4.20 26.49
N GLY E 117 -101.08 4.37 26.18
CA GLY E 117 -102.14 3.58 26.75
C GLY E 117 -102.63 2.49 25.83
N GLU E 118 -103.95 2.37 25.74
CA GLU E 118 -104.59 1.34 24.95
C GLU E 118 -105.41 1.93 23.82
N ASN E 119 -105.27 1.33 22.64
CA ASN E 119 -105.81 1.88 21.39
C ASN E 119 -105.41 3.35 21.20
N GLY E 120 -104.11 3.60 21.28
CA GLY E 120 -103.57 4.89 20.90
C GLY E 120 -103.79 6.01 21.88
N ALA E 121 -104.32 5.73 23.07
CA ALA E 121 -104.46 6.77 24.08
C ALA E 121 -103.13 7.04 24.74
N PHE E 122 -102.76 8.31 24.84
CA PHE E 122 -101.49 8.71 25.42
C PHE E 122 -101.71 9.86 26.39
N THR E 123 -100.78 9.98 27.34
CA THR E 123 -100.82 11.03 28.35
C THR E 123 -99.46 11.73 28.39
N TYR E 124 -99.50 13.06 28.33
CA TYR E 124 -98.30 13.89 28.38
C TYR E 124 -98.32 14.69 29.67
N ARG E 125 -97.23 14.63 30.43
CA ARG E 125 -97.14 15.21 31.76
C ARG E 125 -96.02 16.23 31.78
N PRO E 126 -96.31 17.50 31.50
CA PRO E 126 -95.25 18.50 31.39
C PRO E 126 -94.54 18.73 32.71
N ALA E 127 -93.26 19.10 32.60
CA ALA E 127 -92.47 19.41 33.78
C ALA E 127 -92.97 20.68 34.45
N THR E 128 -92.86 20.72 35.78
CA THR E 128 -93.34 21.86 36.53
C THR E 128 -92.62 23.13 36.13
N SER E 129 -93.39 24.21 35.96
CA SER E 129 -92.85 25.53 35.65
C SER E 129 -92.24 25.60 34.26
N PHE E 130 -92.78 24.86 33.30
CA PHE E 130 -92.28 24.92 31.93
C PHE E 130 -93.14 25.84 31.08
N THR E 131 -92.50 26.45 30.08
CA THR E 131 -93.21 27.32 29.13
C THR E 131 -92.42 27.33 27.83
N GLY E 132 -92.98 26.71 26.80
CA GLY E 132 -92.32 26.62 25.52
C GLY E 132 -92.97 25.57 24.65
N ILE E 133 -92.19 25.03 23.72
CA ILE E 133 -92.64 24.03 22.76
C ILE E 133 -91.98 22.70 23.09
N ASP E 134 -92.69 21.61 22.81
CA ASP E 134 -92.17 20.27 23.05
C ASP E 134 -92.65 19.35 21.93
N ARG E 135 -91.98 18.22 21.78
CA ARG E 135 -92.24 17.29 20.68
C ARG E 135 -92.09 15.86 21.15
N PHE E 136 -92.70 14.95 20.40
CA PHE E 136 -92.42 13.54 20.52
C PHE E 136 -92.88 12.85 19.24
N TRP E 137 -92.24 11.72 18.94
CA TRP E 137 -92.42 11.04 17.66
C TRP E 137 -93.10 9.70 17.87
N PHE E 138 -94.11 9.42 17.07
CA PHE E 138 -94.90 8.20 17.17
C PHE E 138 -94.87 7.44 15.86
N SER E 139 -95.22 6.16 15.93
CA SER E 139 -95.23 5.28 14.77
C SER E 139 -96.52 4.50 14.73
N ILE E 140 -97.16 4.46 13.55
CA ILE E 140 -98.39 3.71 13.34
C ILE E 140 -98.16 2.76 12.17
N ASN E 141 -98.20 1.47 12.45
CA ASN E 141 -97.98 0.45 11.41
C ASN E 141 -96.67 0.70 10.65
N GLY E 142 -95.65 1.16 11.36
CA GLY E 142 -94.36 1.42 10.75
C GLY E 142 -94.23 2.76 10.05
N ASN E 143 -95.24 3.62 10.16
CA ASN E 143 -95.20 4.95 9.57
C ASN E 143 -94.95 5.98 10.67
N VAL E 144 -93.97 6.84 10.46
CA VAL E 144 -93.49 7.76 11.50
C VAL E 144 -94.12 9.13 11.28
N GLY E 145 -94.63 9.72 12.36
CA GLY E 145 -95.20 11.05 12.31
C GLY E 145 -94.65 11.90 13.42
N GLU E 146 -95.11 13.14 13.46
CA GLU E 146 -94.66 14.12 14.45
C GLU E 146 -95.84 14.62 15.27
N PHE E 147 -95.58 14.92 16.54
CA PHE E 147 -96.57 15.51 17.43
C PHE E 147 -95.95 16.70 18.14
N VAL E 148 -96.62 17.84 18.10
CA VAL E 148 -96.11 19.08 18.67
C VAL E 148 -97.05 19.52 19.78
N ILE E 149 -96.48 19.94 20.90
CA ILE E 149 -97.23 20.42 22.06
C ILE E 149 -96.65 21.76 22.49
N ALA E 150 -97.54 22.71 22.79
CA ALA E 150 -97.14 24.04 23.22
C ALA E 150 -97.70 24.30 24.61
N VAL E 151 -96.83 24.74 25.52
CA VAL E 151 -97.21 25.01 26.91
C VAL E 151 -97.21 26.53 27.06
N ASP E 152 -98.38 27.14 26.92
CA ASP E 152 -98.50 28.57 27.09
C ASP E 152 -98.42 28.95 28.57
N PRO E 153 -97.90 30.14 28.88
CA PRO E 153 -97.78 30.54 30.29
C PRO E 153 -99.13 30.87 30.89
N ALA E 154 -99.16 30.92 32.23
CA ALA E 154 -100.38 31.28 32.94
C ALA E 154 -100.82 32.71 32.62
N GLN E 155 -99.89 33.59 32.27
CA GLN E 155 -100.20 34.97 31.93
C GLN E 155 -99.43 35.38 30.68
N GLY E 156 -100.00 36.33 29.94
CA GLY E 156 -99.36 36.85 28.75
C GLY E 156 -99.90 36.21 27.49
N PRO E 157 -99.43 36.67 26.33
CA PRO E 157 -99.92 36.14 25.06
C PRO E 157 -99.57 34.68 24.87
N GLN E 158 -100.35 34.01 24.04
CA GLN E 158 -100.08 32.62 23.70
C GLN E 158 -98.83 32.52 22.83
N ILE E 159 -98.28 31.32 22.76
CA ILE E 159 -97.11 31.07 21.92
C ILE E 159 -97.57 30.68 20.53
N ALA E 160 -97.00 31.34 19.52
CA ALA E 160 -97.39 31.07 18.14
C ALA E 160 -96.99 29.65 17.74
N GLN E 161 -97.79 29.07 16.86
CA GLN E 161 -97.54 27.70 16.41
C GLN E 161 -96.32 27.67 15.51
N PRO E 162 -95.31 26.85 15.81
CA PRO E 162 -94.14 26.77 14.95
C PRO E 162 -94.39 25.84 13.78
N PRO E 163 -93.63 25.98 12.69
CA PRO E 163 -93.82 25.06 11.56
C PRO E 163 -93.28 23.67 11.87
N PHE E 164 -93.83 22.68 11.17
CA PHE E 164 -93.36 21.31 11.33
C PHE E 164 -91.95 21.16 10.77
N THR E 165 -91.20 20.23 11.35
CA THR E 165 -89.82 20.02 10.94
C THR E 165 -89.77 19.28 9.61
N PRO E 166 -89.10 19.79 8.59
CA PRO E 166 -89.04 19.09 7.31
C PRO E 166 -88.31 17.76 7.43
N ALA E 167 -88.33 17.01 6.32
CA ALA E 167 -87.60 15.75 6.28
C ALA E 167 -86.09 15.99 6.26
N VAL E 168 -85.63 16.95 5.45
CA VAL E 168 -84.24 17.37 5.43
C VAL E 168 -84.20 18.89 5.46
N TYR E 169 -83.30 19.44 6.26
CA TYR E 169 -83.21 20.88 6.44
C TYR E 169 -81.77 21.26 6.74
N VAL E 170 -81.46 22.53 6.51
CA VAL E 170 -80.12 23.08 6.79
C VAL E 170 -80.28 24.28 7.70
N PRO E 171 -79.96 24.18 8.99
CA PRO E 171 -80.08 25.35 9.87
C PRO E 171 -79.27 26.51 9.35
N LEU E 172 -79.93 27.65 9.16
CA LEU E 172 -79.27 28.81 8.55
C LEU E 172 -78.48 29.63 9.57
N SER E 173 -78.71 29.43 10.87
CA SER E 173 -77.93 30.12 11.88
C SER E 173 -76.58 29.48 12.12
N ARG E 174 -76.44 28.19 11.81
CA ARG E 174 -75.17 27.47 11.99
C ARG E 174 -74.45 27.38 10.65
N ARG E 175 -73.73 28.46 10.34
CA ARG E 175 -73.08 28.62 9.05
C ARG E 175 -71.94 29.61 9.18
N GLU E 176 -70.79 29.28 8.57
CA GLU E 176 -69.63 30.14 8.66
C GLU E 176 -68.72 29.90 7.46
N VAL E 177 -67.87 30.88 7.18
CA VAL E 177 -66.88 30.81 6.12
C VAL E 177 -65.52 31.14 6.73
N ASN E 178 -64.54 30.29 6.49
CA ASN E 178 -63.20 30.46 7.04
C ASN E 178 -62.35 31.17 6.00
N LYS E 179 -62.17 32.48 6.19
CA LYS E 179 -61.37 33.26 5.24
C LYS E 179 -59.91 32.84 5.23
N GLN E 180 -59.43 32.20 6.30
CA GLN E 180 -58.03 31.76 6.32
C GLN E 180 -57.76 30.69 5.27
N THR E 181 -58.76 29.89 4.90
CA THR E 181 -58.55 28.82 3.94
C THR E 181 -59.66 28.73 2.90
N GLN E 182 -60.58 29.69 2.82
CA GLN E 182 -61.62 29.69 1.81
C GLN E 182 -62.42 28.39 1.84
N ALA E 183 -63.09 28.15 2.96
CA ALA E 183 -63.92 26.96 3.14
C ALA E 183 -65.25 27.35 3.75
N LEU E 184 -66.30 26.64 3.35
CA LEU E 184 -67.65 26.87 3.84
C LEU E 184 -68.10 25.67 4.66
N ARG E 185 -68.74 25.94 5.79
CA ARG E 185 -69.27 24.90 6.66
C ARG E 185 -70.76 25.11 6.88
N PHE E 186 -71.52 24.02 6.82
CA PHE E 186 -72.93 24.04 7.14
C PHE E 186 -73.32 22.69 7.74
N VAL E 187 -74.49 22.65 8.35
CA VAL E 187 -74.97 21.48 9.08
C VAL E 187 -76.15 20.89 8.33
N LEU E 188 -76.11 19.57 8.11
CA LEU E 188 -77.19 18.84 7.45
C LEU E 188 -77.84 17.91 8.46
N GLY E 189 -79.15 18.01 8.61
CA GLY E 189 -79.91 17.21 9.55
C GLY E 189 -81.05 16.49 8.84
N VAL E 190 -81.39 15.31 9.35
CA VAL E 190 -82.46 14.49 8.79
C VAL E 190 -83.45 14.17 9.89
N SER E 191 -84.73 14.42 9.62
CA SER E 191 -85.76 14.14 10.61
C SER E 191 -86.00 12.63 10.70
N PRO E 192 -86.53 12.16 11.83
CA PRO E 192 -86.83 10.72 11.95
C PRO E 192 -87.85 10.24 10.93
N ALA E 193 -88.65 11.17 10.39
CA ALA E 193 -89.70 10.84 9.45
C ALA E 193 -89.19 10.59 8.04
N ALA E 194 -87.92 10.86 7.77
CA ALA E 194 -87.37 10.58 6.45
C ALA E 194 -87.53 9.10 6.12
N LYS E 195 -87.94 8.82 4.89
CA LYS E 195 -88.22 7.46 4.46
C LYS E 195 -87.06 6.93 3.64
N PRO E 196 -86.53 5.75 3.93
CA PRO E 196 -85.36 5.26 3.19
C PRO E 196 -85.65 5.10 1.71
N ALA E 197 -84.60 5.25 0.90
CA ALA E 197 -84.61 5.15 -0.55
C ALA E 197 -85.08 6.43 -1.23
N ASP E 198 -85.46 7.45 -0.48
CA ASP E 198 -85.80 8.73 -1.09
C ASP E 198 -84.53 9.49 -1.47
N ILE E 199 -84.69 10.50 -2.33
CA ILE E 199 -83.59 11.30 -2.82
C ILE E 199 -84.01 12.76 -2.84
N TYR E 200 -83.12 13.63 -2.36
CA TYR E 200 -83.31 15.07 -2.42
C TYR E 200 -82.10 15.71 -3.09
N ARG E 201 -82.29 16.93 -3.59
CA ARG E 201 -81.24 17.67 -4.27
C ARG E 201 -81.05 19.03 -3.59
N LEU E 202 -79.80 19.46 -3.45
CA LEU E 202 -79.46 20.71 -2.80
C LEU E 202 -78.68 21.58 -3.79
N ASN E 203 -79.02 22.87 -3.84
CA ASN E 203 -78.35 23.84 -4.69
C ASN E 203 -77.73 24.93 -3.82
N ILE E 204 -76.48 25.26 -4.10
CA ILE E 204 -75.72 26.25 -3.33
C ILE E 204 -75.16 27.28 -4.30
N ARG E 205 -75.34 28.56 -3.98
CA ARG E 205 -74.71 29.65 -4.72
C ARG E 205 -73.89 30.47 -3.74
N GLN E 206 -72.59 30.57 -3.99
CA GLN E 206 -71.66 31.25 -3.10
C GLN E 206 -71.05 32.44 -3.83
N ALA E 207 -70.71 33.47 -3.06
CA ALA E 207 -70.26 34.74 -3.62
C ALA E 207 -68.85 35.06 -3.15
N ALA E 208 -68.08 35.67 -4.05
CA ALA E 208 -66.75 36.17 -3.74
C ALA E 208 -66.64 37.59 -4.27
N ILE E 209 -65.75 38.37 -3.68
CA ILE E 209 -65.65 39.80 -3.97
C ILE E 209 -64.24 40.12 -4.42
N ASP E 210 -64.12 41.03 -5.39
CA ASP E 210 -62.82 41.54 -5.80
C ASP E 210 -62.36 42.63 -4.84
N CYS E 211 -61.28 43.31 -5.22
CA CYS E 211 -60.70 44.32 -4.35
C CYS E 211 -61.66 45.48 -4.08
N GLU E 212 -62.38 45.95 -5.09
CA GLU E 212 -63.22 47.13 -4.96
C GLU E 212 -64.62 46.82 -4.42
N GLY E 213 -64.96 45.54 -4.24
CA GLY E 213 -66.22 45.17 -3.65
C GLY E 213 -67.23 44.54 -4.59
N ASN E 214 -66.93 44.44 -5.88
CA ASN E 214 -67.83 43.77 -6.80
C ASN E 214 -67.79 42.26 -6.59
N GLU E 215 -68.88 41.59 -6.95
CA GLU E 215 -69.12 40.22 -6.54
C GLU E 215 -69.02 39.25 -7.72
N TYR E 216 -68.60 38.03 -7.40
CA TYR E 216 -68.67 36.88 -8.29
C TYR E 216 -69.65 35.87 -7.70
N PHE E 217 -69.92 34.79 -8.45
CA PHE E 217 -70.82 33.75 -7.97
C PHE E 217 -70.40 32.40 -8.51
N HIS E 218 -70.76 31.35 -7.79
CA HIS E 218 -70.42 29.98 -8.14
C HIS E 218 -71.56 29.07 -7.68
N ILE E 219 -71.95 28.13 -8.53
CA ILE E 219 -73.12 27.28 -8.31
C ILE E 219 -72.69 25.82 -8.34
N SER E 220 -73.19 25.04 -7.38
CA SER E 220 -72.95 23.62 -7.33
C SER E 220 -74.16 22.95 -6.68
N CYS E 221 -74.30 21.64 -6.92
CA CYS E 221 -75.44 20.90 -6.42
C CYS E 221 -74.99 19.53 -5.94
N TYR E 222 -75.70 19.02 -4.94
CA TYR E 222 -75.39 17.74 -4.32
C TYR E 222 -76.66 16.90 -4.18
N ASP E 223 -76.50 15.59 -4.25
CA ASP E 223 -77.61 14.65 -4.15
C ASP E 223 -77.59 13.99 -2.79
N ILE E 224 -78.73 13.99 -2.10
CA ILE E 224 -78.88 13.39 -0.77
C ILE E 224 -79.85 12.23 -0.90
N SER E 225 -79.41 11.05 -0.47
CA SER E 225 -80.21 9.83 -0.54
C SER E 225 -80.29 9.22 0.84
N ILE E 226 -81.50 8.87 1.27
CA ILE E 226 -81.70 8.33 2.61
C ILE E 226 -81.28 6.87 2.64
N GLY E 227 -80.55 6.49 3.70
CA GLY E 227 -80.05 5.15 3.86
C GLY E 227 -80.56 4.49 5.13
N SER E 228 -79.81 3.49 5.59
CA SER E 228 -80.18 2.74 6.79
C SER E 228 -78.94 1.99 7.28
N CYS E 229 -79.15 1.15 8.29
CA CYS E 229 -78.06 0.40 8.89
C CYS E 229 -77.78 -0.88 8.10
N GLY E 230 -76.94 -1.73 8.67
CA GLY E 230 -76.59 -3.01 8.05
C GLY E 230 -75.99 -3.99 9.03
N CYS F 23 -90.92 -18.32 -20.29
CA CYS F 23 -91.00 -17.83 -18.91
C CYS F 23 -90.15 -18.70 -17.99
N GLU F 24 -89.46 -18.06 -17.05
CA GLU F 24 -88.64 -18.80 -16.10
C GLU F 24 -89.51 -19.66 -15.20
N SER F 25 -89.00 -20.82 -14.81
CA SER F 25 -89.76 -21.81 -14.06
C SER F 25 -89.28 -21.83 -12.62
N ILE F 26 -90.24 -21.79 -11.68
CA ILE F 26 -89.97 -21.91 -10.26
C ILE F 26 -90.75 -23.12 -9.73
N SER F 27 -90.07 -24.00 -9.02
CA SER F 27 -90.68 -25.18 -8.43
C SER F 27 -90.68 -25.02 -6.90
N ALA F 28 -91.86 -25.17 -6.31
CA ALA F 28 -92.03 -24.95 -4.88
C ALA F 28 -92.84 -26.09 -4.29
N ARG F 29 -92.63 -26.32 -2.98
CA ARG F 29 -93.30 -27.39 -2.26
C ARG F 29 -94.30 -26.83 -1.25
N PRO F 30 -95.34 -27.58 -0.91
CA PRO F 30 -96.26 -27.10 0.12
C PRO F 30 -95.55 -26.85 1.44
N GLY F 31 -95.94 -25.77 2.12
CA GLY F 31 -95.39 -25.43 3.42
C GLY F 31 -94.03 -24.76 3.40
N GLU F 32 -93.50 -24.46 2.22
CA GLU F 32 -92.16 -23.91 2.10
C GLU F 32 -92.20 -22.39 1.95
N VAL F 33 -91.17 -21.74 2.47
CA VAL F 33 -90.96 -20.30 2.30
C VAL F 33 -89.49 -20.14 1.91
N ASN F 34 -89.25 -19.77 0.66
CA ASN F 34 -87.92 -19.90 0.07
C ASN F 34 -87.23 -18.57 -0.21
N GLY F 35 -87.89 -17.62 -0.85
CA GLY F 35 -87.25 -16.36 -1.19
C GLY F 35 -86.54 -16.42 -2.53
N VAL F 36 -86.62 -15.33 -3.30
CA VAL F 36 -86.09 -15.28 -4.65
C VAL F 36 -85.30 -13.99 -4.82
N MET F 37 -84.37 -13.99 -5.78
CA MET F 37 -83.58 -12.81 -6.09
C MET F 37 -83.42 -12.71 -7.60
N VAL F 38 -83.64 -11.50 -8.13
CA VAL F 38 -83.51 -11.22 -9.56
C VAL F 38 -82.58 -10.03 -9.73
N SER F 39 -81.69 -10.11 -10.72
CA SER F 39 -80.68 -9.11 -10.95
C SER F 39 -81.09 -8.23 -12.13
N TYR F 40 -80.99 -6.91 -11.96
CA TYR F 40 -81.40 -5.95 -12.96
C TYR F 40 -80.25 -5.16 -13.56
N VAL F 41 -78.99 -5.57 -13.31
CA VAL F 41 -77.86 -4.77 -13.79
C VAL F 41 -77.86 -4.70 -15.31
N ALA F 42 -78.19 -5.81 -15.98
CA ALA F 42 -78.10 -5.84 -17.43
C ALA F 42 -79.02 -4.82 -18.09
N TRP F 43 -80.08 -4.41 -17.39
CA TRP F 43 -81.05 -3.46 -17.95
C TRP F 43 -80.83 -2.05 -17.42
N SER F 44 -80.64 -1.92 -16.11
CA SER F 44 -80.58 -0.59 -15.49
C SER F 44 -79.26 0.10 -15.72
N ALA F 45 -78.17 -0.65 -15.89
CA ALA F 45 -76.85 -0.04 -15.96
C ALA F 45 -76.71 0.96 -17.10
N PRO F 46 -77.03 0.63 -18.35
CA PRO F 46 -76.83 1.60 -19.44
C PRO F 46 -77.70 2.84 -19.33
N LEU F 47 -78.82 2.79 -18.61
CA LEU F 47 -79.71 3.94 -18.56
C LEU F 47 -79.13 5.09 -17.74
N GLY F 48 -78.03 4.87 -17.02
CA GLY F 48 -77.55 5.91 -16.15
C GLY F 48 -78.54 6.19 -15.02
N GLY F 49 -78.61 7.44 -14.62
CA GLY F 49 -79.59 7.81 -13.60
C GLY F 49 -79.24 7.24 -12.25
N HIS F 50 -80.28 7.02 -11.44
CA HIS F 50 -80.12 6.57 -10.06
C HIS F 50 -80.51 5.11 -9.86
N GLY F 51 -80.74 4.36 -10.94
CA GLY F 51 -80.98 2.94 -10.79
C GLY F 51 -82.42 2.64 -10.38
N LEU F 52 -82.59 1.48 -9.75
CA LEU F 52 -83.90 0.95 -9.42
C LEU F 52 -84.60 1.84 -8.40
N THR F 53 -85.87 1.49 -8.11
CA THR F 53 -86.67 2.21 -7.15
C THR F 53 -87.68 1.23 -6.55
N ASN F 54 -88.20 1.61 -5.38
CA ASN F 54 -89.04 0.70 -4.60
C ASN F 54 -90.45 0.53 -5.17
N LYS F 55 -90.77 1.09 -6.33
CA LYS F 55 -92.12 0.98 -6.90
C LYS F 55 -92.25 -0.30 -7.73
N THR F 56 -92.42 -1.42 -7.03
CA THR F 56 -92.69 -2.69 -7.67
C THR F 56 -94.18 -2.99 -7.65
N THR F 57 -94.57 -4.03 -8.40
CA THR F 57 -95.95 -4.48 -8.44
C THR F 57 -96.00 -5.95 -8.83
N PHE F 58 -96.83 -6.71 -8.15
CA PHE F 58 -96.95 -8.15 -8.35
C PHE F 58 -98.38 -8.49 -8.74
N GLU F 59 -98.54 -9.56 -9.52
CA GLU F 59 -99.85 -10.06 -9.93
C GLU F 59 -99.78 -11.57 -10.11
N PHE F 60 -100.82 -12.26 -9.65
CA PHE F 60 -100.91 -13.70 -9.73
C PHE F 60 -102.02 -14.09 -10.69
N GLU F 61 -101.77 -15.12 -11.50
CA GLU F 61 -102.74 -15.64 -12.45
C GLU F 61 -102.88 -17.14 -12.26
N ASN F 62 -104.11 -17.64 -12.35
CA ASN F 62 -104.40 -19.06 -12.16
C ASN F 62 -104.49 -19.74 -13.53
N VAL F 63 -103.33 -20.15 -14.04
CA VAL F 63 -103.30 -20.82 -15.33
C VAL F 63 -103.92 -22.21 -15.23
N SER F 64 -103.63 -22.93 -14.15
CA SER F 64 -104.16 -24.28 -13.95
C SER F 64 -104.21 -24.55 -12.45
N VAL F 65 -105.41 -24.51 -11.89
CA VAL F 65 -105.61 -24.71 -10.47
C VAL F 65 -106.85 -25.59 -10.26
N THR F 66 -106.77 -26.47 -9.26
CA THR F 66 -107.86 -27.36 -8.91
C THR F 66 -108.56 -26.82 -7.67
N GLU F 67 -109.89 -26.83 -7.68
CA GLU F 67 -110.64 -26.28 -6.57
C GLU F 67 -110.52 -27.18 -5.34
N PRO F 68 -110.69 -26.63 -4.14
CA PRO F 68 -110.60 -27.44 -2.93
C PRO F 68 -111.90 -28.19 -2.66
N LEU F 69 -111.79 -29.40 -2.13
CA LEU F 69 -112.94 -30.22 -1.80
C LEU F 69 -113.39 -30.06 -0.36
N VAL F 70 -112.74 -29.18 0.42
CA VAL F 70 -113.13 -28.91 1.79
C VAL F 70 -113.14 -27.40 2.00
N ASN F 71 -113.84 -26.97 3.03
CA ASN F 71 -114.05 -25.55 3.31
C ASN F 71 -113.35 -25.15 4.59
N SER F 72 -112.67 -24.00 4.56
CA SER F 72 -112.12 -23.43 5.77
C SER F 72 -113.22 -22.82 6.62
N ALA F 73 -112.90 -22.54 7.89
CA ALA F 73 -113.88 -22.00 8.81
C ALA F 73 -113.20 -21.06 9.79
N PHE F 74 -114.01 -20.18 10.39
CA PHE F 74 -113.54 -19.20 11.35
C PHE F 74 -114.51 -19.16 12.53
N GLU F 75 -113.96 -19.01 13.73
CA GLU F 75 -114.76 -19.03 14.95
C GLU F 75 -114.13 -18.12 16.00
N ARG F 76 -114.87 -17.91 17.08
CA ARG F 76 -114.45 -17.06 18.18
C ARG F 76 -114.64 -17.79 19.51
N THR F 77 -113.98 -17.29 20.54
CA THR F 77 -114.14 -17.80 21.90
C THR F 77 -113.80 -16.69 22.88
N PRO F 78 -114.38 -16.71 24.08
CA PRO F 78 -114.06 -15.66 25.06
C PRO F 78 -112.67 -15.86 25.67
N PHE F 79 -112.33 -14.92 26.56
CA PHE F 79 -111.04 -14.94 27.22
C PHE F 79 -110.86 -16.21 28.05
N ASN F 80 -109.71 -16.85 27.91
CA ASN F 80 -109.34 -18.04 28.69
C ASN F 80 -110.44 -19.09 28.67
N THR F 81 -111.21 -19.17 27.59
CA THR F 81 -112.33 -20.09 27.48
C THR F 81 -111.99 -21.17 26.46
N THR F 82 -112.20 -22.43 26.85
CA THR F 82 -111.96 -23.53 25.92
C THR F 82 -112.97 -23.50 24.79
N LEU F 83 -112.52 -23.90 23.59
CA LEU F 83 -113.36 -23.93 22.40
C LEU F 83 -113.53 -25.37 21.95
N ALA F 84 -114.77 -25.74 21.63
CA ALA F 84 -115.09 -27.08 21.15
C ALA F 84 -115.84 -26.97 19.82
N GLY F 85 -115.65 -27.97 18.98
CA GLY F 85 -116.29 -27.96 17.68
C GLY F 85 -116.15 -29.31 16.99
N SER F 86 -116.45 -29.31 15.70
CA SER F 86 -116.39 -30.53 14.91
C SER F 86 -115.99 -30.20 13.48
N LEU F 87 -115.23 -31.10 12.86
CA LEU F 87 -114.81 -30.91 11.48
C LEU F 87 -115.73 -31.58 10.48
N ALA F 88 -116.76 -32.30 10.95
CA ALA F 88 -117.61 -33.06 10.04
C ALA F 88 -118.37 -32.14 9.09
N ALA F 89 -118.81 -30.98 9.56
CA ALA F 89 -119.63 -30.10 8.74
C ALA F 89 -118.85 -29.49 7.58
N LEU F 90 -117.52 -29.61 7.58
CA LEU F 90 -116.68 -28.95 6.58
C LEU F 90 -116.40 -29.81 5.36
N PHE F 91 -116.98 -31.00 5.27
CA PHE F 91 -116.79 -31.88 4.12
C PHE F 91 -118.13 -32.15 3.46
N PRO F 92 -118.56 -31.33 2.50
CA PRO F 92 -119.88 -31.52 1.90
C PRO F 92 -119.90 -32.54 0.78
N ASN F 93 -119.51 -33.77 1.07
CA ASN F 93 -119.53 -34.81 0.06
C ASN F 93 -120.97 -35.30 -0.14
N PRO F 94 -121.51 -35.26 -1.37
CA PRO F 94 -122.85 -35.80 -1.59
C PRO F 94 -122.88 -37.32 -1.74
N GLU F 95 -121.72 -37.96 -1.83
CA GLU F 95 -121.65 -39.40 -2.03
C GLU F 95 -121.51 -40.11 -0.68
N GLY F 96 -121.81 -41.40 -0.69
CA GLY F 96 -121.67 -42.22 0.50
C GLY F 96 -120.31 -42.86 0.59
N GLU F 97 -119.53 -42.49 1.61
CA GLU F 97 -118.17 -42.99 1.75
C GLU F 97 -117.71 -42.76 3.17
N ALA F 98 -116.67 -43.49 3.56
CA ALA F 98 -116.08 -43.35 4.88
C ALA F 98 -115.23 -42.08 4.95
N VAL F 99 -115.20 -41.49 6.15
CA VAL F 99 -114.43 -40.27 6.39
C VAL F 99 -113.51 -40.49 7.58
N GLU F 100 -112.26 -40.08 7.42
CA GLU F 100 -111.27 -40.14 8.48
C GLU F 100 -110.69 -38.75 8.68
N TYR F 101 -110.52 -38.36 9.94
CA TYR F 101 -110.07 -37.03 10.30
C TYR F 101 -108.66 -37.09 10.85
N GLU F 102 -107.85 -36.10 10.48
CA GLU F 102 -106.45 -36.06 10.88
C GLU F 102 -106.02 -34.62 11.08
N ILE F 103 -105.02 -34.42 11.93
CA ILE F 103 -104.44 -33.12 12.20
C ILE F 103 -103.00 -33.14 11.73
N LEU F 104 -102.66 -32.22 10.83
CA LEU F 104 -101.28 -32.10 10.34
C LEU F 104 -100.43 -31.55 11.48
N GLU F 105 -99.50 -32.37 11.98
CA GLU F 105 -98.74 -32.02 13.17
C GLU F 105 -97.46 -31.27 12.88
N LEU F 106 -97.09 -31.11 11.60
CA LEU F 106 -95.97 -30.24 11.27
C LEU F 106 -96.31 -28.77 11.47
N TYR F 107 -97.56 -28.44 11.72
CA TYR F 107 -98.03 -27.06 11.78
C TYR F 107 -98.83 -26.86 13.06
N PRO F 108 -98.20 -27.02 14.22
CA PRO F 108 -98.94 -26.97 15.48
C PRO F 108 -99.41 -25.56 15.78
N PRO F 109 -100.47 -25.42 16.58
CA PRO F 109 -100.93 -24.08 16.96
C PRO F 109 -99.85 -23.34 17.74
N VAL F 110 -99.83 -22.02 17.55
CA VAL F 110 -98.76 -21.21 18.13
C VAL F 110 -99.01 -20.84 19.58
N ASN F 111 -100.28 -20.75 19.99
CA ASN F 111 -100.63 -20.30 21.33
C ASN F 111 -101.69 -21.18 21.96
N GLY F 112 -101.62 -22.49 21.75
CA GLY F 112 -102.59 -23.39 22.33
C GLY F 112 -102.27 -24.83 22.01
N ILE F 113 -103.21 -25.71 22.33
CA ILE F 113 -103.08 -27.13 22.06
C ILE F 113 -104.39 -27.62 21.45
N VAL F 114 -104.28 -28.43 20.40
CA VAL F 114 -105.43 -28.99 19.70
C VAL F 114 -105.51 -30.48 20.01
N GLU F 115 -106.67 -30.91 20.50
CA GLU F 115 -106.91 -32.30 20.87
C GLU F 115 -108.04 -32.82 20.00
N LEU F 116 -107.71 -33.71 19.07
CA LEU F 116 -108.71 -34.27 18.18
C LEU F 116 -109.56 -35.30 18.92
N GLY F 117 -110.88 -35.14 18.82
CA GLY F 117 -111.83 -36.07 19.42
C GLY F 117 -112.24 -37.14 18.44
N GLU F 118 -113.38 -37.75 18.72
CA GLU F 118 -113.92 -38.79 17.85
C GLU F 118 -114.75 -38.17 16.73
N ASN F 119 -114.93 -38.94 15.66
CA ASN F 119 -115.81 -38.60 14.53
C ASN F 119 -115.78 -37.11 14.21
N GLY F 120 -114.58 -36.54 14.16
CA GLY F 120 -114.39 -35.17 13.74
C GLY F 120 -114.47 -34.14 14.85
N ALA F 121 -114.80 -34.53 16.07
CA ALA F 121 -114.84 -33.58 17.17
C ALA F 121 -113.41 -33.20 17.57
N PHE F 122 -113.28 -31.99 18.12
CA PHE F 122 -111.98 -31.47 18.53
C PHE F 122 -112.17 -30.52 19.69
N THR F 123 -111.07 -30.22 20.38
CA THR F 123 -111.06 -29.29 21.49
C THR F 123 -109.79 -28.47 21.44
N TYR F 124 -109.93 -27.14 21.44
CA TYR F 124 -108.81 -26.22 21.41
C TYR F 124 -108.73 -25.52 22.77
N ARG F 125 -107.58 -25.62 23.42
CA ARG F 125 -107.39 -25.07 24.76
C ARG F 125 -106.36 -23.95 24.70
N PRO F 126 -106.77 -22.68 24.66
CA PRO F 126 -105.80 -21.60 24.54
C PRO F 126 -104.98 -21.44 25.81
N ALA F 127 -103.75 -20.96 25.64
CA ALA F 127 -102.89 -20.66 26.78
C ALA F 127 -103.46 -19.49 27.58
N THR F 128 -103.23 -19.52 28.88
CA THR F 128 -103.78 -18.50 29.76
C THR F 128 -103.20 -17.13 29.41
N SER F 129 -104.07 -16.12 29.35
CA SER F 129 -103.71 -14.73 29.12
C SER F 129 -103.43 -14.42 27.65
N PHE F 130 -103.69 -15.35 26.74
CA PHE F 130 -103.45 -15.11 25.33
C PHE F 130 -104.61 -14.36 24.70
N THR F 131 -104.28 -13.49 23.75
CA THR F 131 -105.30 -12.70 23.05
C THR F 131 -104.80 -12.42 21.64
N GLY F 132 -105.45 -12.98 20.64
CA GLY F 132 -105.06 -12.80 19.26
C GLY F 132 -105.68 -13.87 18.39
N ILE F 133 -105.01 -14.13 17.27
CA ILE F 133 -105.46 -15.09 16.27
C ILE F 133 -104.61 -16.35 16.37
N ASP F 134 -105.20 -17.49 16.00
CA ASP F 134 -104.51 -18.77 16.02
C ASP F 134 -104.97 -19.60 14.84
N ARG F 135 -104.22 -20.66 14.54
CA ARG F 135 -104.50 -21.50 13.39
C ARG F 135 -104.10 -22.95 13.69
N PHE F 136 -104.70 -23.87 12.93
CA PHE F 136 -104.21 -25.23 12.86
C PHE F 136 -104.83 -25.89 11.64
N TRP F 137 -104.07 -26.78 11.02
CA TRP F 137 -104.41 -27.33 9.71
C TRP F 137 -104.87 -28.78 9.87
N PHE F 138 -105.99 -29.11 9.24
CA PHE F 138 -106.61 -30.42 9.34
C PHE F 138 -106.73 -31.05 7.97
N SER F 139 -106.99 -32.36 7.97
CA SER F 139 -107.20 -33.12 6.75
C SER F 139 -108.42 -34.03 6.91
N ILE F 140 -109.29 -34.04 5.91
CA ILE F 140 -110.46 -34.90 5.89
C ILE F 140 -110.36 -35.81 4.68
N ASN F 141 -110.07 -37.08 4.93
CA ASN F 141 -110.04 -38.09 3.87
C ASN F 141 -109.03 -37.74 2.78
N GLY F 142 -107.97 -37.04 3.16
CA GLY F 142 -106.89 -36.71 2.24
C GLY F 142 -106.95 -35.33 1.63
N ASN F 143 -107.86 -34.47 2.09
CA ASN F 143 -107.98 -33.11 1.59
C ASN F 143 -107.62 -32.13 2.71
N VAL F 144 -106.73 -31.19 2.40
CA VAL F 144 -106.20 -30.26 3.40
C VAL F 144 -107.11 -29.05 3.50
N GLY F 145 -107.17 -28.47 4.70
CA GLY F 145 -107.95 -27.28 4.93
C GLY F 145 -107.38 -26.49 6.08
N GLU F 146 -107.88 -25.27 6.25
CA GLU F 146 -107.42 -24.37 7.28
C GLU F 146 -108.57 -24.05 8.24
N PHE F 147 -108.26 -23.99 9.53
CA PHE F 147 -109.23 -23.61 10.55
C PHE F 147 -108.60 -22.53 11.41
N VAL F 148 -109.34 -21.43 11.62
CA VAL F 148 -108.80 -20.23 12.25
C VAL F 148 -109.59 -19.95 13.52
N ILE F 149 -108.88 -19.53 14.57
CA ILE F 149 -109.47 -19.18 15.86
C ILE F 149 -109.07 -17.76 16.22
N ALA F 150 -109.96 -17.07 16.93
CA ALA F 150 -109.69 -15.77 17.50
C ALA F 150 -110.09 -15.76 18.96
N VAL F 151 -109.16 -15.34 19.83
CA VAL F 151 -109.40 -15.26 21.26
C VAL F 151 -109.50 -13.78 21.61
N ASP F 152 -110.64 -13.39 22.19
CA ASP F 152 -110.92 -11.97 22.37
C ASP F 152 -110.62 -11.54 23.81
N PRO F 153 -110.22 -10.29 24.00
CA PRO F 153 -110.00 -9.79 25.37
C PRO F 153 -111.30 -9.70 26.15
N ALA F 154 -111.19 -9.82 27.47
CA ALA F 154 -112.35 -9.77 28.34
C ALA F 154 -112.79 -8.35 28.70
N GLN F 155 -112.05 -7.33 28.26
CA GLN F 155 -112.36 -5.95 28.59
C GLN F 155 -112.21 -5.03 27.38
N GLY F 156 -112.74 -5.45 26.23
CA GLY F 156 -112.63 -4.67 25.03
C GLY F 156 -113.45 -5.22 23.88
N PRO F 157 -113.31 -4.61 22.70
CA PRO F 157 -114.08 -5.05 21.53
C PRO F 157 -113.51 -6.33 20.93
N GLN F 158 -114.36 -6.99 20.14
CA GLN F 158 -113.97 -8.22 19.48
C GLN F 158 -113.02 -7.94 18.31
N ILE F 159 -112.23 -8.94 17.95
CA ILE F 159 -111.26 -8.77 16.88
C ILE F 159 -111.93 -9.04 15.54
N ALA F 160 -111.55 -8.28 14.52
CA ALA F 160 -112.10 -8.46 13.19
C ALA F 160 -111.56 -9.73 12.54
N GLN F 161 -112.41 -10.39 11.76
CA GLN F 161 -112.02 -11.63 11.12
C GLN F 161 -110.88 -11.37 10.13
N PRO F 162 -109.83 -12.18 10.12
CA PRO F 162 -108.76 -11.99 9.15
C PRO F 162 -109.04 -12.75 7.87
N PRO F 163 -108.31 -12.46 6.79
CA PRO F 163 -108.51 -13.20 5.55
C PRO F 163 -107.78 -14.54 5.57
N PHE F 164 -108.40 -15.54 4.95
CA PHE F 164 -107.79 -16.86 4.89
C PHE F 164 -106.50 -16.82 4.07
N THR F 165 -105.53 -17.63 4.48
CA THR F 165 -104.24 -17.64 3.80
C THR F 165 -104.40 -18.23 2.40
N PRO F 166 -103.95 -17.53 1.35
CA PRO F 166 -104.08 -18.09 -0.01
C PRO F 166 -103.21 -19.32 -0.19
N ALA F 167 -103.35 -19.94 -1.37
CA ALA F 167 -102.50 -21.07 -1.70
C ALA F 167 -101.05 -20.65 -1.89
N VAL F 168 -100.83 -19.54 -2.59
CA VAL F 168 -99.51 -18.95 -2.74
C VAL F 168 -99.64 -17.45 -2.53
N TYR F 169 -98.56 -16.84 -2.04
CA TYR F 169 -98.59 -15.41 -1.74
C TYR F 169 -97.17 -14.89 -1.69
N VAL F 170 -97.05 -13.57 -1.74
CA VAL F 170 -95.77 -12.86 -1.62
C VAL F 170 -95.98 -11.74 -0.61
N PRO F 171 -95.38 -11.80 0.58
CA PRO F 171 -95.57 -10.72 1.54
C PRO F 171 -95.10 -9.38 0.98
N LEU F 172 -95.84 -8.32 1.32
CA LEU F 172 -95.53 -7.00 0.77
C LEU F 172 -94.49 -6.26 1.60
N SER F 173 -94.41 -6.55 2.91
CA SER F 173 -93.43 -5.87 3.75
C SER F 173 -92.03 -6.42 3.54
N ARG F 174 -91.90 -7.73 3.32
CA ARG F 174 -90.59 -8.36 3.14
C ARG F 174 -90.17 -8.24 1.67
N ARG F 175 -89.64 -7.07 1.34
CA ARG F 175 -89.31 -6.74 -0.04
C ARG F 175 -88.34 -5.57 -0.04
N GLU F 176 -87.17 -5.75 -0.66
CA GLU F 176 -86.13 -4.75 -0.63
C GLU F 176 -85.34 -4.79 -1.93
N VAL F 177 -84.66 -3.68 -2.22
CA VAL F 177 -83.81 -3.55 -3.39
C VAL F 177 -82.43 -3.07 -2.94
N ASN F 178 -81.39 -3.69 -3.48
CA ASN F 178 -80.01 -3.33 -3.14
C ASN F 178 -79.49 -2.41 -4.25
N LYS F 179 -79.42 -1.11 -3.93
CA LYS F 179 -79.03 -0.12 -4.93
C LYS F 179 -77.59 -0.30 -5.42
N GLN F 180 -76.70 -0.83 -4.58
CA GLN F 180 -75.31 -0.97 -5.00
C GLN F 180 -75.15 -1.97 -6.14
N THR F 181 -75.90 -3.08 -6.11
CA THR F 181 -75.78 -4.11 -7.12
C THR F 181 -77.03 -4.25 -7.99
N GLN F 182 -78.04 -3.40 -7.78
CA GLN F 182 -79.24 -3.41 -8.59
C GLN F 182 -79.88 -4.80 -8.61
N ALA F 183 -80.28 -5.26 -7.43
CA ALA F 183 -80.92 -6.56 -7.27
C ALA F 183 -82.18 -6.41 -6.44
N LEU F 184 -83.20 -7.21 -6.77
CA LEU F 184 -84.48 -7.19 -6.07
C LEU F 184 -84.66 -8.50 -5.33
N ARG F 185 -85.06 -8.41 -4.06
CA ARG F 185 -85.28 -9.57 -3.22
C ARG F 185 -86.71 -9.57 -2.70
N PHE F 186 -87.37 -10.73 -2.77
CA PHE F 186 -88.71 -10.89 -2.25
C PHE F 186 -88.90 -12.33 -1.79
N VAL F 187 -89.95 -12.54 -1.01
CA VAL F 187 -90.21 -13.81 -0.34
C VAL F 187 -91.39 -14.49 -1.01
N LEU F 188 -91.26 -15.78 -1.27
CA LEU F 188 -92.33 -16.60 -1.85
C LEU F 188 -92.75 -17.64 -0.82
N GLY F 189 -94.05 -17.66 -0.51
CA GLY F 189 -94.56 -18.59 0.48
C GLY F 189 -95.71 -19.44 -0.04
N VAL F 190 -95.61 -20.74 0.13
CA VAL F 190 -96.61 -21.69 -0.36
C VAL F 190 -97.36 -22.25 0.85
N SER F 191 -98.67 -22.08 0.86
CA SER F 191 -99.48 -22.61 1.94
C SER F 191 -99.55 -24.13 1.85
N PRO F 192 -99.75 -24.82 2.98
CA PRO F 192 -99.86 -26.29 2.94
C PRO F 192 -101.03 -26.75 2.09
N ALA F 193 -102.06 -25.91 1.95
CA ALA F 193 -103.25 -26.29 1.21
C ALA F 193 -102.97 -26.49 -0.28
N ALA F 194 -101.84 -25.98 -0.79
CA ALA F 194 -101.55 -26.11 -2.20
C ALA F 194 -101.54 -27.57 -2.62
N LYS F 195 -102.16 -27.85 -3.77
CA LYS F 195 -102.25 -29.22 -4.28
C LYS F 195 -101.21 -29.44 -5.36
N PRO F 196 -100.49 -30.55 -5.37
CA PRO F 196 -99.42 -30.74 -6.37
C PRO F 196 -99.99 -30.78 -7.78
N ALA F 197 -99.07 -30.63 -8.74
CA ALA F 197 -99.39 -30.67 -10.16
C ALA F 197 -100.07 -29.39 -10.63
N ASP F 198 -100.35 -28.47 -9.71
CA ASP F 198 -100.95 -27.20 -10.09
C ASP F 198 -99.88 -26.24 -10.60
N ILE F 199 -100.32 -25.17 -11.25
CA ILE F 199 -99.43 -24.18 -11.84
C ILE F 199 -99.99 -22.79 -11.56
N TYR F 200 -99.10 -21.85 -11.26
CA TYR F 200 -99.44 -20.44 -11.11
C TYR F 200 -98.47 -19.60 -11.92
N ARG F 201 -98.88 -18.38 -12.24
CA ARG F 201 -98.06 -17.44 -12.98
C ARG F 201 -97.96 -16.12 -12.21
N LEU F 202 -96.75 -15.57 -12.15
CA LEU F 202 -96.46 -14.34 -11.44
C LEU F 202 -95.90 -13.32 -12.42
N ASN F 203 -96.42 -12.09 -12.35
CA ASN F 203 -95.98 -11.00 -13.21
C ASN F 203 -95.39 -9.89 -12.33
N ILE F 204 -94.20 -9.41 -12.71
CA ILE F 204 -93.49 -8.40 -11.94
C ILE F 204 -93.27 -7.18 -12.84
N ARG F 205 -93.63 -6.01 -12.34
CA ARG F 205 -93.37 -4.74 -13.01
C ARG F 205 -92.46 -3.91 -12.12
N GLN F 206 -91.22 -3.73 -12.55
CA GLN F 206 -90.21 -3.02 -11.77
C GLN F 206 -89.90 -1.69 -12.42
N ALA F 207 -89.60 -0.69 -11.59
CA ALA F 207 -89.43 0.69 -12.04
C ALA F 207 -88.02 1.18 -11.75
N ALA F 208 -87.49 1.97 -12.67
CA ALA F 208 -86.20 2.63 -12.50
C ALA F 208 -86.36 4.10 -12.88
N ILE F 209 -85.50 4.94 -12.32
CA ILE F 209 -85.62 6.39 -12.49
C ILE F 209 -84.36 6.91 -13.17
N ASP F 210 -84.52 7.98 -13.94
CA ASP F 210 -83.39 8.63 -14.59
C ASP F 210 -82.72 9.61 -13.63
N CYS F 211 -81.82 10.43 -14.17
CA CYS F 211 -81.07 11.38 -13.36
C CYS F 211 -81.91 12.55 -12.87
N GLU F 212 -83.13 12.72 -13.37
CA GLU F 212 -83.96 13.86 -13.02
C GLU F 212 -85.23 13.47 -12.28
N GLY F 213 -85.58 12.19 -12.24
CA GLY F 213 -86.75 11.72 -11.54
C GLY F 213 -87.80 11.05 -12.42
N ASN F 214 -87.63 11.07 -13.73
CA ASN F 214 -88.55 10.36 -14.62
C ASN F 214 -88.32 8.86 -14.52
N GLU F 215 -89.35 8.09 -14.85
CA GLU F 215 -89.39 6.67 -14.55
C GLU F 215 -89.36 5.82 -15.82
N TYR F 216 -88.65 4.70 -15.72
CA TYR F 216 -88.71 3.62 -16.70
C TYR F 216 -89.40 2.42 -16.06
N PHE F 217 -89.80 1.47 -16.88
CA PHE F 217 -90.48 0.26 -16.40
C PHE F 217 -90.00 -0.96 -17.15
N HIS F 218 -89.96 -2.09 -16.45
CA HIS F 218 -89.58 -3.39 -17.02
C HIS F 218 -90.56 -4.43 -16.50
N ILE F 219 -90.94 -5.36 -17.38
CA ILE F 219 -91.97 -6.35 -17.09
C ILE F 219 -91.43 -7.74 -17.37
N SER F 220 -91.66 -8.67 -16.45
CA SER F 220 -91.28 -10.05 -16.62
C SER F 220 -92.27 -10.94 -15.88
N CYS F 221 -92.31 -12.21 -16.27
CA CYS F 221 -93.26 -13.14 -15.69
C CYS F 221 -92.56 -14.46 -15.38
N TYR F 222 -93.08 -15.16 -14.37
CA TYR F 222 -92.51 -16.43 -13.92
C TYR F 222 -93.63 -17.43 -13.70
N ASP F 223 -93.32 -18.71 -13.90
CA ASP F 223 -94.27 -19.80 -13.74
C ASP F 223 -93.92 -20.59 -12.48
N ILE F 224 -94.93 -20.83 -11.64
CA ILE F 224 -94.76 -21.55 -10.38
C ILE F 224 -95.55 -22.84 -10.46
N SER F 225 -94.87 -23.97 -10.26
CA SER F 225 -95.49 -25.28 -10.29
C SER F 225 -95.31 -25.97 -8.93
N ILE F 226 -96.41 -26.47 -8.38
CA ILE F 226 -96.36 -27.11 -7.07
C ILE F 226 -95.77 -28.51 -7.23
N GLY F 227 -94.74 -28.81 -6.43
CA GLY F 227 -94.05 -30.08 -6.49
C GLY F 227 -94.40 -30.99 -5.34
N SER F 228 -93.53 -31.97 -5.11
CA SER F 228 -93.71 -32.95 -4.06
C SER F 228 -92.35 -33.57 -3.73
N CYS F 229 -92.36 -34.57 -2.85
CA CYS F 229 -91.13 -35.21 -2.44
C CYS F 229 -90.55 -36.04 -3.58
N GLY F 230 -89.31 -36.47 -3.39
CA GLY F 230 -88.62 -37.28 -4.39
C GLY F 230 -87.42 -38.02 -3.82
N CYS G 23 -7.72 82.95 -10.02
CA CYS G 23 -9.01 83.50 -9.62
C CYS G 23 -9.42 82.98 -8.25
N GLU G 24 -8.93 83.63 -7.20
CA GLU G 24 -9.31 83.24 -5.84
C GLU G 24 -10.81 83.45 -5.64
N SER G 25 -11.42 82.57 -4.86
CA SER G 25 -12.86 82.57 -4.67
C SER G 25 -13.24 83.27 -3.37
N ILE G 26 -14.30 84.07 -3.43
CA ILE G 26 -14.87 84.75 -2.28
C ILE G 26 -16.37 84.47 -2.27
N SER G 27 -16.91 84.20 -1.09
CA SER G 27 -18.33 83.95 -0.90
C SER G 27 -18.96 85.13 -0.20
N ALA G 28 -20.09 85.61 -0.73
CA ALA G 28 -20.77 86.78 -0.20
C ALA G 28 -22.25 86.50 -0.06
N ARG G 29 -22.89 87.23 0.85
CA ARG G 29 -24.30 87.08 1.13
C ARG G 29 -25.00 88.43 0.98
N PRO G 30 -26.23 88.46 0.48
CA PRO G 30 -26.92 89.74 0.35
C PRO G 30 -27.04 90.46 1.68
N GLY G 31 -26.87 91.78 1.66
CA GLY G 31 -26.99 92.60 2.84
C GLY G 31 -25.79 92.60 3.76
N GLU G 32 -24.70 91.97 3.37
CA GLU G 32 -23.52 91.88 4.22
C GLU G 32 -22.45 92.86 3.77
N VAL G 33 -21.69 93.37 4.73
CA VAL G 33 -20.53 94.20 4.47
C VAL G 33 -19.36 93.60 5.25
N ASN G 34 -18.29 93.26 4.54
CA ASN G 34 -17.20 92.50 5.13
C ASN G 34 -15.86 93.06 4.66
N GLY G 35 -14.82 92.77 5.42
CA GLY G 35 -13.49 93.25 5.11
C GLY G 35 -12.62 92.18 4.46
N VAL G 36 -11.67 92.64 3.65
CA VAL G 36 -10.76 91.76 2.92
C VAL G 36 -9.34 92.31 3.06
N MET G 37 -8.38 91.41 3.21
CA MET G 37 -6.97 91.79 3.34
C MET G 37 -6.13 90.90 2.45
N VAL G 38 -5.13 91.50 1.80
CA VAL G 38 -4.20 90.77 0.92
C VAL G 38 -2.79 91.18 1.29
N SER G 39 -1.88 90.21 1.36
CA SER G 39 -0.50 90.42 1.78
C SER G 39 0.42 90.40 0.58
N TYR G 40 1.26 91.43 0.46
CA TYR G 40 2.18 91.57 -0.66
C TYR G 40 3.64 91.35 -0.27
N VAL G 41 3.91 90.91 0.96
CA VAL G 41 5.29 90.83 1.43
C VAL G 41 6.12 89.90 0.56
N ALA G 42 5.49 88.88 -0.02
CA ALA G 42 6.24 87.91 -0.81
C ALA G 42 6.72 88.50 -2.14
N TRP G 43 6.12 89.60 -2.58
CA TRP G 43 6.41 90.18 -3.89
C TRP G 43 7.29 91.42 -3.80
N SER G 44 6.97 92.34 -2.87
CA SER G 44 7.69 93.60 -2.81
C SER G 44 8.96 93.52 -1.98
N ALA G 45 9.11 92.49 -1.15
CA ALA G 45 10.27 92.41 -0.28
C ALA G 45 11.59 92.34 -1.04
N PRO G 46 11.77 91.44 -2.01
CA PRO G 46 13.08 91.35 -2.69
C PRO G 46 13.44 92.59 -3.50
N LEU G 47 12.48 93.39 -3.94
CA LEU G 47 12.80 94.54 -4.76
C LEU G 47 13.44 95.67 -3.98
N GLY G 48 13.24 95.72 -2.67
CA GLY G 48 13.84 96.77 -1.86
C GLY G 48 13.08 98.08 -1.96
N GLY G 49 13.64 99.09 -1.29
CA GLY G 49 13.01 100.40 -1.30
C GLY G 49 11.83 100.48 -0.34
N HIS G 50 10.95 101.44 -0.60
CA HIS G 50 9.79 101.63 0.27
C HIS G 50 8.77 100.51 0.13
N GLY G 51 8.66 99.90 -1.05
CA GLY G 51 7.69 98.84 -1.26
C GLY G 51 6.41 99.32 -1.88
N LEU G 52 5.29 99.12 -1.19
CA LEU G 52 3.98 99.45 -1.75
C LEU G 52 3.80 100.97 -1.82
N THR G 53 2.79 101.38 -2.59
CA THR G 53 2.44 102.77 -2.74
C THR G 53 0.94 102.88 -2.92
N ASN G 54 0.37 104.03 -2.51
CA ASN G 54 -1.06 104.23 -2.59
C ASN G 54 -1.50 104.58 -3.99
N LYS G 55 -1.54 103.58 -4.88
CA LYS G 55 -2.01 103.77 -6.25
C LYS G 55 -2.86 102.59 -6.72
N THR G 56 -3.58 101.95 -5.81
CA THR G 56 -4.41 100.80 -6.17
C THR G 56 -5.55 101.23 -7.08
N THR G 57 -5.91 100.36 -8.02
CA THR G 57 -7.01 100.59 -8.94
C THR G 57 -7.89 99.34 -8.99
N PHE G 58 -9.20 99.54 -8.95
CA PHE G 58 -10.17 98.45 -8.92
C PHE G 58 -11.05 98.49 -10.16
N GLU G 59 -11.42 97.30 -10.65
CA GLU G 59 -12.33 97.14 -11.77
C GLU G 59 -13.29 96.00 -11.47
N PHE G 60 -14.55 96.16 -11.85
CA PHE G 60 -15.57 95.13 -11.66
C PHE G 60 -16.12 94.71 -13.01
N GLU G 61 -16.23 93.40 -13.21
CA GLU G 61 -16.73 92.82 -14.45
C GLU G 61 -17.82 91.81 -14.15
N ASN G 62 -18.80 91.75 -15.05
CA ASN G 62 -19.89 90.79 -14.90
C ASN G 62 -19.60 89.53 -15.70
N VAL G 63 -19.81 88.38 -15.08
CA VAL G 63 -19.68 87.08 -15.73
C VAL G 63 -21.01 86.35 -15.82
N SER G 64 -21.83 86.44 -14.79
CA SER G 64 -23.16 85.84 -14.78
C SER G 64 -24.05 86.69 -13.89
N VAL G 65 -24.82 87.59 -14.49
CA VAL G 65 -25.70 88.50 -13.77
C VAL G 65 -27.11 88.36 -14.34
N THR G 66 -28.10 88.30 -13.44
CA THR G 66 -29.50 88.23 -13.82
C THR G 66 -30.08 89.62 -13.83
N GLU G 67 -30.67 90.01 -14.96
CA GLU G 67 -31.21 91.35 -15.08
C GLU G 67 -32.34 91.56 -14.06
N PRO G 68 -32.36 92.69 -13.36
CA PRO G 68 -33.43 92.91 -12.38
C PRO G 68 -34.78 93.06 -13.06
N LEU G 69 -35.81 92.59 -12.38
CA LEU G 69 -37.18 92.65 -12.88
C LEU G 69 -37.98 93.81 -12.32
N VAL G 70 -37.36 94.67 -11.52
CA VAL G 70 -38.02 95.86 -10.98
C VAL G 70 -37.09 97.05 -11.16
N ASN G 71 -37.67 98.24 -11.09
CA ASN G 71 -36.96 99.48 -11.33
C ASN G 71 -36.84 100.28 -10.04
N SER G 72 -35.64 100.76 -9.75
CA SER G 72 -35.46 101.68 -8.64
C SER G 72 -36.11 103.02 -8.97
N ALA G 73 -36.06 103.94 -8.01
CA ALA G 73 -36.66 105.25 -8.21
C ALA G 73 -35.99 106.26 -7.28
N PHE G 74 -36.19 107.53 -7.61
CA PHE G 74 -35.66 108.65 -6.83
C PHE G 74 -36.70 109.76 -6.78
N GLU G 75 -36.85 110.37 -5.61
CA GLU G 75 -37.83 111.43 -5.42
C GLU G 75 -37.33 112.39 -4.36
N ARG G 76 -37.88 113.60 -4.38
CA ARG G 76 -37.49 114.68 -3.49
C ARG G 76 -38.71 115.21 -2.74
N THR G 77 -38.45 115.90 -1.63
CA THR G 77 -39.49 116.53 -0.84
C THR G 77 -38.96 117.80 -0.21
N PRO G 78 -39.81 118.79 0.04
CA PRO G 78 -39.36 119.99 0.75
C PRO G 78 -39.18 119.73 2.25
N PHE G 79 -38.75 120.77 2.94
CA PHE G 79 -38.37 120.63 4.34
C PHE G 79 -39.58 120.35 5.22
N ASN G 80 -39.45 119.33 6.07
CA ASN G 80 -40.50 118.93 7.01
C ASN G 80 -41.86 118.74 6.34
N THR G 81 -41.92 117.99 5.25
CA THR G 81 -43.18 117.66 4.59
C THR G 81 -43.23 116.16 4.38
N THR G 82 -44.31 115.52 4.85
CA THR G 82 -44.49 114.10 4.62
C THR G 82 -44.62 113.83 3.13
N LEU G 83 -44.04 112.72 2.69
CA LEU G 83 -44.04 112.33 1.29
C LEU G 83 -44.93 111.12 1.07
N ALA G 84 -45.65 111.11 -0.04
CA ALA G 84 -46.51 110.00 -0.42
C ALA G 84 -46.17 109.58 -1.83
N GLY G 85 -46.32 108.28 -2.09
CA GLY G 85 -46.00 107.76 -3.40
C GLY G 85 -46.66 106.42 -3.62
N SER G 86 -46.21 105.74 -4.68
CA SER G 86 -46.76 104.44 -5.06
C SER G 86 -45.65 103.55 -5.60
N LEU G 87 -45.73 102.26 -5.27
CA LEU G 87 -44.77 101.28 -5.79
C LEU G 87 -45.27 100.58 -7.04
N ALA G 88 -46.50 100.85 -7.47
CA ALA G 88 -47.08 100.11 -8.58
C ALA G 88 -46.31 100.31 -9.88
N ALA G 89 -45.88 101.55 -10.15
CA ALA G 89 -45.26 101.87 -11.44
C ALA G 89 -43.88 101.27 -11.60
N LEU G 90 -43.30 100.70 -10.55
CA LEU G 90 -41.92 100.22 -10.58
C LEU G 90 -41.81 98.75 -10.95
N PHE G 91 -42.91 98.08 -11.30
CA PHE G 91 -42.91 96.66 -11.64
C PHE G 91 -43.59 96.49 -12.99
N PRO G 92 -42.88 96.71 -14.10
CA PRO G 92 -43.50 96.58 -15.44
C PRO G 92 -43.62 95.14 -15.90
N ASN G 93 -44.43 94.35 -15.19
CA ASN G 93 -44.66 92.98 -15.61
C ASN G 93 -45.43 92.96 -16.92
N PRO G 94 -45.01 92.16 -17.90
CA PRO G 94 -45.66 92.22 -19.22
C PRO G 94 -47.04 91.57 -19.22
N GLU G 95 -47.19 90.46 -18.51
CA GLU G 95 -48.44 89.72 -18.43
C GLU G 95 -49.09 89.97 -17.08
N GLY G 96 -50.36 90.33 -17.08
CA GLY G 96 -51.08 90.62 -15.85
C GLY G 96 -51.09 89.45 -14.90
N GLU G 97 -50.74 89.71 -13.64
CA GLU G 97 -50.72 88.67 -12.62
C GLU G 97 -50.88 89.32 -11.25
N ALA G 98 -51.23 88.50 -10.27
CA ALA G 98 -51.42 89.00 -8.92
C ALA G 98 -50.12 89.60 -8.39
N VAL G 99 -50.24 90.69 -7.66
CA VAL G 99 -49.09 91.41 -7.11
C VAL G 99 -49.28 91.59 -5.62
N GLU G 100 -48.16 91.74 -4.91
CA GLU G 100 -48.17 91.98 -3.48
C GLU G 100 -46.91 92.74 -3.10
N TYR G 101 -47.06 93.73 -2.23
CA TYR G 101 -45.99 94.64 -1.88
C TYR G 101 -45.61 94.44 -0.42
N GLU G 102 -44.31 94.54 -0.15
CA GLU G 102 -43.80 94.38 1.21
C GLU G 102 -42.60 95.29 1.40
N ILE G 103 -42.28 95.56 2.66
CA ILE G 103 -41.13 96.37 3.04
C ILE G 103 -40.18 95.50 3.85
N LEU G 104 -38.90 95.53 3.47
CA LEU G 104 -37.88 94.74 4.17
C LEU G 104 -37.53 95.48 5.45
N GLU G 105 -37.91 94.89 6.60
CA GLU G 105 -37.71 95.54 7.88
C GLU G 105 -36.28 95.44 8.39
N LEU G 106 -35.46 94.57 7.82
CA LEU G 106 -34.07 94.50 8.22
C LEU G 106 -33.27 95.71 7.76
N TYR G 107 -33.85 96.55 6.91
CA TYR G 107 -33.14 97.66 6.29
C TYR G 107 -33.93 98.95 6.50
N PRO G 108 -34.18 99.33 7.74
CA PRO G 108 -35.05 100.48 8.00
C PRO G 108 -34.36 101.78 7.63
N PRO G 109 -35.13 102.82 7.30
CA PRO G 109 -34.51 104.13 7.05
C PRO G 109 -33.87 104.69 8.32
N VAL G 110 -32.86 105.52 8.13
CA VAL G 110 -32.06 106.03 9.25
C VAL G 110 -32.69 107.28 9.83
N ASN G 111 -33.21 108.16 8.97
CA ASN G 111 -33.69 109.47 9.39
C ASN G 111 -35.19 109.63 9.19
N GLY G 112 -35.93 108.53 9.17
CA GLY G 112 -37.38 108.61 9.01
C GLY G 112 -38.03 107.29 9.34
N ILE G 113 -39.34 107.24 9.13
CA ILE G 113 -40.13 106.04 9.31
C ILE G 113 -41.09 105.91 8.13
N VAL G 114 -41.17 104.71 7.57
CA VAL G 114 -42.04 104.46 6.43
C VAL G 114 -43.31 103.78 6.92
N GLU G 115 -44.32 103.76 6.04
CA GLU G 115 -45.58 103.12 6.34
C GLU G 115 -46.16 102.61 5.02
N LEU G 116 -46.51 101.33 4.98
CA LEU G 116 -47.02 100.69 3.77
C LEU G 116 -48.54 100.60 3.85
N GLY G 117 -49.20 101.10 2.82
CA GLY G 117 -50.65 101.07 2.74
C GLY G 117 -51.17 99.89 1.96
N GLU G 118 -52.13 100.14 1.09
CA GLU G 118 -52.72 99.11 0.24
C GLU G 118 -52.38 99.37 -1.22
N ASN G 119 -52.15 98.27 -1.95
CA ASN G 119 -51.89 98.34 -3.39
C ASN G 119 -50.70 99.25 -3.69
N GLY G 120 -49.65 99.13 -2.89
CA GLY G 120 -48.42 99.84 -3.15
C GLY G 120 -48.36 101.27 -2.67
N ALA G 121 -49.40 101.76 -2.00
CA ALA G 121 -49.37 103.11 -1.45
C ALA G 121 -48.52 103.13 -0.18
N PHE G 122 -47.62 104.09 -0.09
CA PHE G 122 -46.70 104.17 1.03
C PHE G 122 -46.53 105.64 1.43
N THR G 123 -46.06 105.84 2.66
CA THR G 123 -45.86 107.17 3.22
C THR G 123 -44.49 107.25 3.88
N TYR G 124 -43.79 108.35 3.66
CA TYR G 124 -42.50 108.61 4.28
C TYR G 124 -42.63 109.85 5.15
N ARG G 125 -42.05 109.80 6.34
CA ARG G 125 -42.23 110.84 7.36
C ARG G 125 -40.88 111.20 7.95
N PRO G 126 -40.19 112.20 7.37
CA PRO G 126 -38.83 112.50 7.81
C PRO G 126 -38.79 113.03 9.23
N ALA G 127 -37.66 112.81 9.89
CA ALA G 127 -37.45 113.34 11.23
C ALA G 127 -37.22 114.84 11.18
N THR G 128 -37.45 115.50 12.31
CA THR G 128 -37.36 116.95 12.37
C THR G 128 -35.93 117.42 12.13
N SER G 129 -35.79 118.49 11.35
CA SER G 129 -34.52 119.16 11.12
C SER G 129 -33.55 118.31 10.31
N PHE G 130 -34.01 117.21 9.71
CA PHE G 130 -33.15 116.37 8.91
C PHE G 130 -33.05 116.90 7.49
N THR G 131 -31.85 116.81 6.92
CA THR G 131 -31.62 117.22 5.54
C THR G 131 -30.56 116.30 4.94
N GLY G 132 -30.91 115.59 3.88
CA GLY G 132 -29.97 114.68 3.24
C GLY G 132 -30.64 113.59 2.44
N ILE G 133 -29.96 112.45 2.30
CA ILE G 133 -30.45 111.32 1.54
C ILE G 133 -30.81 110.19 2.48
N ASP G 134 -31.96 109.56 2.24
CA ASP G 134 -32.40 108.42 3.04
C ASP G 134 -32.91 107.34 2.10
N ARG G 135 -32.87 106.09 2.58
CA ARG G 135 -33.14 104.94 1.74
C ARG G 135 -34.06 103.96 2.46
N PHE G 136 -34.78 103.17 1.66
CA PHE G 136 -35.44 101.98 2.16
C PHE G 136 -35.65 101.03 0.99
N TRP G 137 -35.72 99.73 1.30
CA TRP G 137 -35.76 98.69 0.30
C TRP G 137 -37.12 98.01 0.32
N PHE G 138 -37.66 97.73 -0.86
CA PHE G 138 -39.00 97.17 -1.01
C PHE G 138 -38.94 95.91 -1.86
N SER G 139 -39.90 95.03 -1.64
CA SER G 139 -40.03 93.77 -2.37
C SER G 139 -41.39 93.71 -3.03
N ILE G 140 -41.40 93.48 -4.35
CA ILE G 140 -42.63 93.37 -5.13
C ILE G 140 -42.67 91.96 -5.71
N ASN G 141 -43.60 91.14 -5.21
CA ASN G 141 -43.81 89.80 -5.73
C ASN G 141 -42.52 88.99 -5.73
N GLY G 142 -41.64 89.26 -4.76
CA GLY G 142 -40.38 88.56 -4.63
C GLY G 142 -39.18 89.27 -5.20
N ASN G 143 -39.38 90.34 -5.96
CA ASN G 143 -38.29 91.09 -6.57
C ASN G 143 -37.94 92.29 -5.68
N VAL G 144 -36.65 92.53 -5.47
CA VAL G 144 -36.18 93.56 -4.55
C VAL G 144 -35.80 94.79 -5.35
N GLY G 145 -35.95 95.96 -4.72
CA GLY G 145 -35.61 97.21 -5.37
C GLY G 145 -35.16 98.23 -4.34
N GLU G 146 -34.74 99.39 -4.86
CA GLU G 146 -34.26 100.49 -4.04
C GLU G 146 -35.07 101.74 -4.34
N PHE G 147 -35.39 102.50 -3.30
CA PHE G 147 -36.10 103.77 -3.43
C PHE G 147 -35.33 104.81 -2.62
N VAL G 148 -34.98 105.92 -3.24
CA VAL G 148 -34.12 106.94 -2.63
C VAL G 148 -34.93 108.21 -2.44
N ILE G 149 -34.77 108.84 -1.28
CA ILE G 149 -35.48 110.07 -0.94
C ILE G 149 -34.44 111.11 -0.55
N ALA G 150 -34.59 112.32 -1.10
CA ALA G 150 -33.76 113.46 -0.75
C ALA G 150 -34.62 114.53 -0.11
N VAL G 151 -34.22 114.97 1.08
CA VAL G 151 -34.96 115.98 1.84
C VAL G 151 -34.26 117.31 1.64
N ASP G 152 -34.94 118.24 0.99
CA ASP G 152 -34.34 119.52 0.67
C ASP G 152 -34.25 120.40 1.92
N PRO G 153 -33.27 121.30 1.99
CA PRO G 153 -33.18 122.22 3.12
C PRO G 153 -34.27 123.26 3.07
N ALA G 154 -34.47 123.94 4.20
CA ALA G 154 -35.46 125.00 4.26
C ALA G 154 -35.14 126.11 3.27
N GLN G 155 -33.88 126.52 3.21
CA GLN G 155 -33.42 127.53 2.27
C GLN G 155 -32.14 127.05 1.61
N GLY G 156 -32.02 127.33 0.30
CA GLY G 156 -30.86 126.94 -0.45
C GLY G 156 -31.21 126.16 -1.70
N PRO G 157 -30.19 125.74 -2.45
CA PRO G 157 -30.44 125.04 -3.71
C PRO G 157 -30.89 123.60 -3.48
N GLN G 158 -31.41 123.01 -4.56
CA GLN G 158 -31.86 121.63 -4.51
C GLN G 158 -30.68 120.67 -4.35
N ILE G 159 -30.94 119.53 -3.72
CA ILE G 159 -29.89 118.53 -3.52
C ILE G 159 -29.80 117.66 -4.76
N ALA G 160 -28.57 117.38 -5.19
CA ALA G 160 -28.36 116.59 -6.40
C ALA G 160 -28.74 115.14 -6.16
N GLN G 161 -29.21 114.48 -7.22
CA GLN G 161 -29.59 113.07 -7.13
C GLN G 161 -28.34 112.20 -7.07
N PRO G 162 -28.19 111.32 -6.09
CA PRO G 162 -27.00 110.49 -6.02
C PRO G 162 -27.17 109.22 -6.86
N PRO G 163 -26.06 108.59 -7.25
CA PRO G 163 -26.17 107.34 -8.02
C PRO G 163 -26.73 106.21 -7.17
N PHE G 164 -27.34 105.24 -7.85
CA PHE G 164 -27.94 104.10 -7.17
C PHE G 164 -26.87 103.15 -6.64
N THR G 165 -27.26 102.30 -5.71
CA THR G 165 -26.33 101.37 -5.08
C THR G 165 -26.07 100.18 -6.00
N PRO G 166 -24.81 99.91 -6.38
CA PRO G 166 -24.54 98.74 -7.22
C PRO G 166 -24.80 97.45 -6.48
N ALA G 167 -24.80 96.34 -7.23
CA ALA G 167 -25.00 95.05 -6.61
C ALA G 167 -23.88 94.72 -5.63
N VAL G 168 -22.63 94.93 -6.04
CA VAL G 168 -21.48 94.79 -5.16
C VAL G 168 -20.54 95.95 -5.45
N TYR G 169 -20.02 96.57 -4.39
CA TYR G 169 -19.22 97.78 -4.54
C TYR G 169 -18.11 97.79 -3.50
N VAL G 170 -17.07 98.56 -3.80
CA VAL G 170 -15.95 98.77 -2.90
C VAL G 170 -15.79 100.27 -2.71
N PRO G 171 -16.10 100.83 -1.53
CA PRO G 171 -15.91 102.28 -1.35
C PRO G 171 -14.44 102.65 -1.40
N LEU G 172 -14.04 103.35 -2.47
CA LEU G 172 -12.62 103.64 -2.69
C LEU G 172 -12.05 104.56 -1.63
N SER G 173 -12.87 105.38 -0.98
CA SER G 173 -12.38 106.22 0.10
C SER G 173 -11.83 105.38 1.25
N ARG G 174 -12.51 104.27 1.57
CA ARG G 174 -12.08 103.38 2.65
C ARG G 174 -11.08 102.37 2.10
N ARG G 175 -9.81 102.77 2.16
CA ARG G 175 -8.72 101.92 1.70
C ARG G 175 -7.42 102.39 2.36
N GLU G 176 -6.59 101.42 2.72
CA GLU G 176 -5.32 101.73 3.38
C GLU G 176 -4.30 100.66 3.03
N VAL G 177 -3.02 101.04 3.11
CA VAL G 177 -1.91 100.11 2.93
C VAL G 177 -1.01 100.22 4.15
N ASN G 178 -0.75 99.09 4.80
CA ASN G 178 0.12 99.05 5.97
C ASN G 178 1.56 98.95 5.50
N LYS G 179 2.15 100.11 5.21
CA LYS G 179 3.49 100.14 4.65
C LYS G 179 4.51 99.48 5.57
N GLN G 180 4.22 99.43 6.88
CA GLN G 180 5.13 98.79 7.81
C GLN G 180 5.18 97.28 7.63
N THR G 181 4.15 96.67 7.04
CA THR G 181 4.13 95.23 6.84
C THR G 181 3.65 94.83 5.45
N GLN G 182 3.48 95.78 4.54
CA GLN G 182 3.17 95.49 3.14
C GLN G 182 1.88 94.68 3.02
N ALA G 183 0.78 95.30 3.43
CA ALA G 183 -0.55 94.69 3.33
C ALA G 183 -1.54 95.73 2.86
N LEU G 184 -2.61 95.26 2.23
CA LEU G 184 -3.65 96.11 1.69
C LEU G 184 -5.01 95.66 2.23
N ARG G 185 -5.81 96.61 2.69
CA ARG G 185 -7.14 96.34 3.22
C ARG G 185 -8.17 97.22 2.54
N PHE G 186 -9.32 96.63 2.21
CA PHE G 186 -10.44 97.37 1.65
C PHE G 186 -11.74 96.74 2.13
N VAL G 187 -12.84 97.42 1.85
CA VAL G 187 -14.16 97.04 2.34
C VAL G 187 -14.99 96.58 1.15
N LEU G 188 -15.59 95.39 1.28
CA LEU G 188 -16.45 94.82 0.25
C LEU G 188 -17.88 94.78 0.78
N GLY G 189 -18.79 95.42 0.06
CA GLY G 189 -20.18 95.52 0.47
C GLY G 189 -21.10 94.95 -0.57
N VAL G 190 -22.13 94.23 -0.12
CA VAL G 190 -23.10 93.58 -1.00
C VAL G 190 -24.44 94.24 -0.80
N SER G 191 -25.05 94.70 -1.90
CA SER G 191 -26.37 95.31 -1.80
C SER G 191 -27.42 94.25 -1.51
N PRO G 192 -28.50 94.60 -0.81
CA PRO G 192 -29.57 93.62 -0.56
C PRO G 192 -30.21 93.12 -1.84
N ALA G 193 -30.10 93.88 -2.92
CA ALA G 193 -30.73 93.55 -4.18
C ALA G 193 -29.99 92.47 -4.97
N ALA G 194 -28.80 92.07 -4.52
CA ALA G 194 -28.06 91.03 -5.23
C ALA G 194 -28.86 89.73 -5.23
N LYS G 195 -28.80 89.01 -6.35
CA LYS G 195 -29.53 87.77 -6.50
C LYS G 195 -28.60 86.59 -6.32
N PRO G 196 -28.98 85.56 -5.56
CA PRO G 196 -28.08 84.42 -5.36
C PRO G 196 -27.71 83.75 -6.67
N ALA G 197 -26.59 83.02 -6.63
CA ALA G 197 -26.12 82.23 -7.77
C ALA G 197 -25.44 83.09 -8.83
N ASP G 198 -25.39 84.40 -8.60
CA ASP G 198 -24.70 85.28 -9.53
C ASP G 198 -23.22 85.40 -9.14
N ILE G 199 -22.40 85.81 -10.11
CA ILE G 199 -20.96 85.87 -9.94
C ILE G 199 -20.44 87.18 -10.50
N TYR G 200 -19.49 87.79 -9.80
CA TYR G 200 -18.81 88.99 -10.24
C TYR G 200 -17.31 88.82 -10.10
N ARG G 201 -16.55 89.54 -10.92
CA ARG G 201 -15.10 89.45 -10.94
C ARG G 201 -14.50 90.81 -10.63
N LEU G 202 -13.47 90.83 -9.78
CA LEU G 202 -12.81 92.05 -9.35
C LEU G 202 -11.33 91.97 -9.72
N ASN G 203 -10.84 93.02 -10.38
CA ASN G 203 -9.44 93.12 -10.76
C ASN G 203 -8.77 94.22 -9.95
N ILE G 204 -7.57 93.93 -9.43
CA ILE G 204 -6.81 94.86 -8.61
C ILE G 204 -5.43 94.99 -9.20
N ARG G 205 -5.00 96.23 -9.44
CA ARG G 205 -3.63 96.54 -9.83
C ARG G 205 -3.00 97.43 -8.77
N GLN G 206 -1.89 96.97 -8.20
CA GLN G 206 -1.20 97.66 -7.12
C GLN G 206 0.21 97.98 -7.56
N ALA G 207 0.70 99.14 -7.13
CA ALA G 207 2.00 99.64 -7.56
C ALA G 207 3.03 99.54 -6.44
N ALA G 208 4.30 99.57 -6.83
CA ALA G 208 5.41 99.57 -5.89
C ALA G 208 6.57 100.30 -6.52
N ILE G 209 7.48 100.79 -5.67
CA ILE G 209 8.59 101.63 -6.10
C ILE G 209 9.88 101.02 -5.58
N ASP G 210 10.89 100.94 -6.44
CA ASP G 210 12.17 100.35 -6.06
C ASP G 210 12.97 101.33 -5.20
N CYS G 211 14.18 100.89 -4.84
CA CYS G 211 15.07 101.75 -4.07
C CYS G 211 15.45 103.00 -4.86
N GLU G 212 15.76 102.85 -6.14
CA GLU G 212 16.16 103.98 -6.98
C GLU G 212 15.02 104.96 -7.24
N GLY G 213 13.78 104.57 -6.98
CA GLY G 213 12.65 105.46 -7.20
C GLY G 213 11.96 105.28 -8.53
N ASN G 214 11.62 104.05 -8.91
CA ASN G 214 10.89 103.79 -10.14
C ASN G 214 9.91 102.65 -9.89
N GLU G 215 8.86 102.61 -10.72
CA GLU G 215 7.66 101.87 -10.36
C GLU G 215 7.70 100.42 -10.82
N TYR G 216 6.98 99.58 -10.08
CA TYR G 216 6.62 98.24 -10.49
C TYR G 216 5.11 98.09 -10.32
N PHE G 217 4.55 97.04 -10.91
CA PHE G 217 3.11 96.83 -10.86
C PHE G 217 2.79 95.35 -10.70
N HIS G 218 1.63 95.08 -10.10
CA HIS G 218 1.15 93.73 -9.86
C HIS G 218 -0.35 93.67 -10.16
N ILE G 219 -0.79 92.56 -10.74
CA ILE G 219 -2.19 92.37 -11.12
C ILE G 219 -2.70 91.07 -10.53
N SER G 220 -3.92 91.11 -10.00
CA SER G 220 -4.58 89.94 -9.44
C SER G 220 -6.07 90.10 -9.61
N CYS G 221 -6.80 88.98 -9.46
CA CYS G 221 -8.24 88.98 -9.65
C CYS G 221 -8.88 88.03 -8.65
N TYR G 222 -10.16 88.29 -8.37
CA TYR G 222 -10.95 87.48 -7.45
C TYR G 222 -12.35 87.31 -7.99
N ASP G 223 -12.96 86.17 -7.69
CA ASP G 223 -14.34 85.88 -8.09
C ASP G 223 -15.23 85.96 -6.85
N ILE G 224 -16.33 86.69 -6.96
CA ILE G 224 -17.29 86.86 -5.88
C ILE G 224 -18.60 86.22 -6.31
N SER G 225 -19.06 85.24 -5.54
CA SER G 225 -20.28 84.51 -5.84
C SER G 225 -21.28 84.72 -4.70
N ILE G 226 -22.50 85.10 -5.04
CA ILE G 226 -23.52 85.38 -4.04
C ILE G 226 -24.07 84.05 -3.51
N GLY G 227 -24.09 83.92 -2.20
CA GLY G 227 -24.59 82.71 -1.57
C GLY G 227 -25.75 82.96 -0.63
N SER G 228 -25.95 82.07 0.33
CA SER G 228 -27.03 82.21 1.31
C SER G 228 -26.71 81.29 2.49
N CYS G 229 -27.68 81.12 3.40
CA CYS G 229 -27.51 80.27 4.56
C CYS G 229 -28.79 79.46 4.77
N GLY G 230 -28.65 78.34 5.44
CA GLY G 230 -29.78 77.45 5.69
C GLY G 230 -29.61 76.63 6.96
N CYS H 23 -35.53 56.92 -22.04
CA CYS H 23 -36.01 57.93 -21.11
C CYS H 23 -36.30 57.31 -19.76
N GLU H 24 -35.83 57.95 -18.69
CA GLU H 24 -36.13 57.46 -17.35
C GLU H 24 -37.63 57.45 -17.12
N SER H 25 -38.10 56.47 -16.37
CA SER H 25 -39.52 56.29 -16.10
C SER H 25 -39.85 56.74 -14.69
N ILE H 26 -40.91 57.53 -14.56
CA ILE H 26 -41.41 58.02 -13.28
C ILE H 26 -42.85 57.58 -13.11
N SER H 27 -43.18 57.09 -11.93
CA SER H 27 -44.53 56.65 -11.60
C SER H 27 -45.11 57.58 -10.55
N ALA H 28 -46.30 58.11 -10.81
CA ALA H 28 -46.93 59.09 -9.93
C ALA H 28 -48.36 58.66 -9.63
N ARG H 29 -48.84 59.10 -8.47
CA ARG H 29 -50.20 58.82 -8.02
C ARG H 29 -51.02 60.10 -7.95
N PRO H 30 -52.33 60.07 -8.22
CA PRO H 30 -53.12 61.30 -8.09
C PRO H 30 -53.09 61.85 -6.66
N GLY H 31 -53.02 63.17 -6.53
CA GLY H 31 -52.98 63.81 -5.24
C GLY H 31 -51.62 63.85 -4.58
N GLU H 32 -50.57 63.41 -5.28
CA GLU H 32 -49.25 63.33 -4.68
C GLU H 32 -48.37 64.51 -5.09
N VAL H 33 -47.41 64.83 -4.23
CA VAL H 33 -46.37 65.82 -4.53
C VAL H 33 -45.08 65.24 -3.96
N ASN H 34 -44.14 64.89 -4.83
CA ASN H 34 -43.03 64.02 -4.45
C ASN H 34 -41.66 64.68 -4.45
N GLY H 35 -41.25 65.31 -5.54
CA GLY H 35 -39.90 65.85 -5.62
C GLY H 35 -38.94 64.93 -6.33
N VAL H 36 -37.94 65.51 -6.99
CA VAL H 36 -37.01 64.76 -7.84
C VAL H 36 -35.64 65.40 -7.76
N MET H 37 -34.59 64.59 -7.87
CA MET H 37 -33.22 65.06 -7.90
C MET H 37 -32.49 64.43 -9.08
N VAL H 38 -31.67 65.21 -9.77
CA VAL H 38 -30.85 64.74 -10.87
C VAL H 38 -29.44 65.28 -10.67
N SER H 39 -28.44 64.45 -10.94
CA SER H 39 -27.04 64.77 -10.67
C SER H 39 -26.31 64.97 -11.99
N TYR H 40 -25.62 66.11 -12.11
CA TYR H 40 -24.90 66.47 -13.33
C TYR H 40 -23.39 66.38 -13.20
N VAL H 41 -22.87 65.79 -12.12
CA VAL H 41 -21.42 65.76 -11.93
C VAL H 41 -20.73 65.03 -13.06
N ALA H 42 -21.34 63.96 -13.57
CA ALA H 42 -20.71 63.18 -14.63
C ALA H 42 -20.55 63.98 -15.92
N TRP H 43 -21.29 65.08 -16.07
CA TRP H 43 -21.25 65.87 -17.29
C TRP H 43 -20.56 67.21 -17.10
N SER H 44 -20.63 67.79 -15.90
CA SER H 44 -20.14 69.15 -15.69
C SER H 44 -18.75 69.18 -15.07
N ALA H 45 -18.34 68.12 -14.37
CA ALA H 45 -17.03 68.13 -13.73
C ALA H 45 -15.89 68.29 -14.72
N PRO H 46 -15.81 67.52 -15.81
CA PRO H 46 -14.65 67.65 -16.71
C PRO H 46 -14.62 68.95 -17.50
N LEU H 47 -15.73 69.71 -17.56
CA LEU H 47 -15.75 70.95 -18.31
C LEU H 47 -15.04 72.09 -17.61
N GLY H 48 -14.66 71.92 -16.35
CA GLY H 48 -14.09 73.04 -15.62
C GLY H 48 -15.14 74.13 -15.41
N GLY H 49 -14.68 75.38 -15.42
CA GLY H 49 -15.61 76.48 -15.29
C GLY H 49 -16.23 76.54 -13.91
N HIS H 50 -17.42 77.14 -13.85
CA HIS H 50 -18.13 77.37 -12.59
C HIS H 50 -19.26 76.37 -12.36
N GLY H 51 -19.60 75.55 -13.36
CA GLY H 51 -20.64 74.55 -13.16
C GLY H 51 -22.01 75.01 -13.62
N LEU H 52 -23.03 74.58 -12.89
CA LEU H 52 -24.40 74.88 -13.25
C LEU H 52 -24.70 76.36 -13.10
N THR H 53 -25.66 76.86 -13.87
CA THR H 53 -25.98 78.27 -13.92
C THR H 53 -27.34 78.61 -13.34
N ASN H 54 -28.19 77.61 -13.09
CA ASN H 54 -29.52 77.84 -12.55
C ASN H 54 -30.41 78.58 -13.56
N LYS H 55 -30.45 78.05 -14.79
CA LYS H 55 -31.28 78.60 -15.86
C LYS H 55 -31.99 77.47 -16.58
N THR H 56 -32.60 76.57 -15.82
CA THR H 56 -33.27 75.42 -16.41
C THR H 56 -34.58 75.83 -17.09
N THR H 57 -35.08 74.94 -17.94
CA THR H 57 -36.34 75.15 -18.64
C THR H 57 -37.09 73.83 -18.73
N PHE H 58 -38.40 73.88 -18.51
CA PHE H 58 -39.24 72.70 -18.48
C PHE H 58 -40.36 72.82 -19.52
N GLU H 59 -40.65 71.70 -20.18
CA GLU H 59 -41.74 71.61 -21.14
C GLU H 59 -42.45 70.28 -20.97
N PHE H 60 -43.77 70.28 -21.17
CA PHE H 60 -44.58 69.08 -21.07
C PHE H 60 -45.18 68.74 -22.43
N GLU H 61 -45.23 67.45 -22.74
CA GLU H 61 -45.81 66.96 -23.98
C GLU H 61 -46.69 65.76 -23.67
N ASN H 62 -47.78 65.62 -24.43
CA ASN H 62 -48.69 64.51 -24.24
C ASN H 62 -48.31 63.34 -25.16
N VAL H 63 -48.42 62.13 -24.62
CA VAL H 63 -48.31 60.92 -25.43
C VAL H 63 -49.53 60.03 -25.32
N SER H 64 -50.26 60.08 -24.22
CA SER H 64 -51.53 59.35 -24.10
C SER H 64 -52.37 60.07 -23.04
N VAL H 65 -53.41 60.76 -23.47
CA VAL H 65 -54.28 61.51 -22.57
C VAL H 65 -55.73 61.22 -22.94
N THR H 66 -56.55 60.97 -21.92
CA THR H 66 -57.98 60.73 -22.09
C THR H 66 -58.70 62.02 -21.72
N GLU H 67 -59.47 62.55 -22.67
CA GLU H 67 -60.15 63.81 -22.42
C GLU H 67 -61.15 63.66 -21.27
N PRO H 68 -61.24 64.63 -20.37
CA PRO H 68 -62.16 64.49 -19.24
C PRO H 68 -63.61 64.49 -19.71
N LEU H 69 -64.45 63.74 -18.99
CA LEU H 69 -65.87 63.68 -19.30
C LEU H 69 -66.69 64.69 -18.51
N VAL H 70 -66.06 65.50 -17.67
CA VAL H 70 -66.75 66.53 -16.89
C VAL H 70 -66.00 67.84 -17.06
N ASN H 71 -66.71 68.94 -16.79
CA ASN H 71 -66.17 70.28 -16.99
C ASN H 71 -65.95 70.96 -15.66
N SER H 72 -64.80 71.62 -15.51
CA SER H 72 -64.55 72.45 -14.35
C SER H 72 -65.37 73.73 -14.45
N ALA H 73 -65.58 74.38 -13.31
CA ALA H 73 -66.43 75.56 -13.25
C ALA H 73 -65.79 76.61 -12.35
N PHE H 74 -66.29 77.83 -12.48
CA PHE H 74 -65.84 78.95 -11.66
C PHE H 74 -67.03 79.84 -11.34
N GLU H 75 -67.10 80.30 -10.10
CA GLU H 75 -68.22 81.10 -9.64
C GLU H 75 -67.72 82.08 -8.59
N ARG H 76 -68.52 83.10 -8.35
CA ARG H 76 -68.14 84.24 -7.51
C ARG H 76 -69.22 84.52 -6.47
N THR H 77 -68.79 84.90 -5.27
CA THR H 77 -69.70 85.26 -4.19
C THR H 77 -69.24 86.54 -3.51
N PRO H 78 -70.15 87.39 -3.04
CA PRO H 78 -69.73 88.60 -2.33
C PRO H 78 -69.16 88.29 -0.94
N PHE H 79 -68.68 89.34 -0.29
CA PHE H 79 -68.08 89.20 1.02
C PHE H 79 -69.06 88.59 2.01
N ASN H 80 -68.59 87.60 2.76
CA ASN H 80 -69.38 86.96 3.82
C ASN H 80 -70.76 86.53 3.34
N THR H 81 -70.89 86.19 2.07
CA THR H 81 -72.16 85.82 1.47
C THR H 81 -72.15 84.33 1.14
N THR H 82 -73.16 83.62 1.61
CA THR H 82 -73.26 82.20 1.31
C THR H 82 -73.53 81.99 -0.18
N LEU H 83 -73.05 80.87 -0.71
CA LEU H 83 -73.17 80.55 -2.12
C LEU H 83 -73.89 79.22 -2.29
N ALA H 84 -74.60 79.08 -3.41
CA ALA H 84 -75.32 77.86 -3.73
C ALA H 84 -75.16 77.57 -5.21
N GLY H 85 -75.34 76.31 -5.58
CA GLY H 85 -75.20 75.91 -6.97
C GLY H 85 -75.58 74.46 -7.14
N SER H 86 -75.33 73.95 -8.35
CA SER H 86 -75.65 72.57 -8.69
C SER H 86 -74.57 72.00 -9.58
N LEU H 87 -74.28 70.71 -9.38
CA LEU H 87 -73.26 70.04 -10.17
C LEU H 87 -73.84 69.34 -11.40
N ALA H 88 -75.16 69.37 -11.58
CA ALA H 88 -75.77 68.60 -12.67
C ALA H 88 -75.39 69.16 -14.04
N ALA H 89 -75.24 70.48 -14.16
CA ALA H 89 -74.95 71.08 -15.45
C ALA H 89 -73.54 70.78 -15.95
N LEU H 90 -72.68 70.19 -15.13
CA LEU H 90 -71.29 69.97 -15.48
C LEU H 90 -71.01 68.59 -16.05
N PHE H 91 -72.05 67.76 -16.25
CA PHE H 91 -71.88 66.40 -16.77
C PHE H 91 -72.56 66.30 -18.12
N PRO H 92 -71.91 66.74 -19.21
CA PRO H 92 -72.55 66.72 -20.54
C PRO H 92 -72.57 65.33 -21.16
N ASN H 93 -73.27 64.40 -20.50
CA ASN H 93 -73.38 63.06 -21.04
C ASN H 93 -74.38 63.05 -22.20
N PRO H 94 -73.98 62.55 -23.38
CA PRO H 94 -74.92 62.50 -24.50
C PRO H 94 -76.00 61.45 -24.33
N GLU H 95 -75.82 60.49 -23.43
CA GLU H 95 -76.79 59.44 -23.21
C GLU H 95 -77.77 59.84 -22.11
N GLY H 96 -78.72 58.94 -21.82
CA GLY H 96 -79.58 59.09 -20.68
C GLY H 96 -79.34 57.95 -19.70
N GLU H 97 -78.75 58.26 -18.55
CA GLU H 97 -78.33 57.23 -17.61
C GLU H 97 -78.37 57.79 -16.20
N ALA H 98 -78.43 56.88 -15.23
CA ALA H 98 -78.47 57.28 -13.83
C ALA H 98 -77.18 57.98 -13.44
N VAL H 99 -77.30 58.99 -12.59
CA VAL H 99 -76.16 59.79 -12.15
C VAL H 99 -76.19 59.88 -10.63
N GLU H 100 -75.00 60.09 -10.04
CA GLU H 100 -74.88 60.34 -8.63
C GLU H 100 -73.61 61.15 -8.39
N TYR H 101 -73.62 61.93 -7.31
CA TYR H 101 -72.58 62.91 -7.04
C TYR H 101 -71.88 62.57 -5.74
N GLU H 102 -70.65 63.09 -5.60
CA GLU H 102 -69.85 62.82 -4.42
C GLU H 102 -68.81 63.92 -4.28
N ILE H 103 -68.49 64.26 -3.02
CA ILE H 103 -67.48 65.25 -2.70
C ILE H 103 -66.29 64.52 -2.10
N LEU H 104 -65.11 64.75 -2.65
CA LEU H 104 -63.90 64.08 -2.20
C LEU H 104 -63.44 64.75 -0.89
N GLU H 105 -63.47 63.98 0.20
CA GLU H 105 -63.12 64.52 1.50
C GLU H 105 -61.62 64.56 1.75
N LEU H 106 -60.81 63.86 0.95
CA LEU H 106 -59.37 63.90 1.12
C LEU H 106 -58.78 65.27 0.80
N TYR H 107 -59.51 66.10 0.05
CA TYR H 107 -59.03 67.42 -0.38
C TYR H 107 -60.07 68.47 0.00
N PRO H 108 -60.27 68.71 1.28
CA PRO H 108 -61.30 69.66 1.71
C PRO H 108 -60.86 71.08 1.42
N PRO H 109 -61.81 72.02 1.30
CA PRO H 109 -61.43 73.42 1.14
C PRO H 109 -60.72 73.93 2.38
N VAL H 110 -59.81 74.90 2.16
CA VAL H 110 -58.98 75.40 3.23
C VAL H 110 -59.63 76.56 3.99
N ASN H 111 -60.63 77.22 3.42
CA ASN H 111 -61.24 78.39 4.05
C ASN H 111 -62.77 78.36 3.94
N GLY H 112 -63.39 77.20 4.14
CA GLY H 112 -64.83 77.13 4.05
C GLY H 112 -65.32 75.73 4.33
N ILE H 113 -66.64 75.56 4.26
CA ILE H 113 -67.27 74.26 4.48
C ILE H 113 -68.32 74.05 3.39
N VAL H 114 -68.36 72.83 2.86
CA VAL H 114 -69.25 72.47 1.77
C VAL H 114 -70.20 71.37 2.24
N GLU H 115 -71.41 71.36 1.69
CA GLU H 115 -72.43 70.39 2.06
C GLU H 115 -73.11 69.94 0.77
N LEU H 116 -73.01 68.64 0.47
CA LEU H 116 -73.64 68.10 -0.72
C LEU H 116 -75.15 68.04 -0.52
N GLY H 117 -75.89 68.57 -1.49
CA GLY H 117 -77.33 68.70 -1.39
C GLY H 117 -78.07 67.59 -2.11
N GLU H 118 -79.29 67.89 -2.53
CA GLU H 118 -80.13 66.91 -3.18
C GLU H 118 -79.95 66.95 -4.69
N ASN H 119 -79.59 65.80 -5.26
CA ASN H 119 -79.48 65.64 -6.71
C ASN H 119 -78.62 66.74 -7.32
N GLY H 120 -77.36 66.80 -6.88
CA GLY H 120 -76.39 67.70 -7.46
C GLY H 120 -76.32 69.07 -6.82
N ALA H 121 -77.25 69.42 -5.94
CA ALA H 121 -77.18 70.70 -5.26
C ALA H 121 -76.10 70.67 -4.18
N PHE H 122 -75.56 71.86 -3.88
CA PHE H 122 -74.53 72.00 -2.86
C PHE H 122 -74.56 73.41 -2.32
N THR H 123 -73.90 73.61 -1.18
CA THR H 123 -73.83 74.90 -0.51
C THR H 123 -72.43 75.13 0.02
N TYR H 124 -71.91 76.34 -0.20
CA TYR H 124 -70.58 76.73 0.25
C TYR H 124 -70.71 77.87 1.24
N ARG H 125 -70.19 77.67 2.44
CA ARG H 125 -70.32 78.64 3.53
C ARG H 125 -68.94 79.16 3.91
N PRO H 126 -68.52 80.32 3.40
CA PRO H 126 -67.17 80.79 3.67
C PRO H 126 -66.99 81.19 5.13
N ALA H 127 -65.74 81.10 5.58
CA ALA H 127 -65.41 81.54 6.93
C ALA H 127 -65.51 83.06 7.03
N THR H 128 -65.78 83.54 8.23
CA THR H 128 -65.97 84.97 8.44
C THR H 128 -64.71 85.75 8.08
N SER H 129 -64.89 86.86 7.36
CA SER H 129 -63.82 87.80 7.05
C SER H 129 -62.80 87.25 6.08
N PHE H 130 -63.12 86.18 5.35
CA PHE H 130 -62.19 85.64 4.38
C PHE H 130 -62.36 86.32 3.02
N THR H 131 -61.25 86.42 2.29
CA THR H 131 -61.26 86.92 0.92
C THR H 131 -60.12 86.25 0.16
N GLY H 132 -60.43 85.75 -1.03
CA GLY H 132 -59.44 85.05 -1.82
C GLY H 132 -60.02 83.97 -2.72
N ILE H 133 -59.28 82.90 -2.92
CA ILE H 133 -59.67 81.79 -3.80
C ILE H 133 -59.71 80.51 -2.99
N ASP H 134 -60.72 79.69 -3.26
CA ASP H 134 -60.88 78.40 -2.59
C ASP H 134 -61.31 77.36 -3.62
N ARG H 135 -61.03 76.09 -3.31
CA ARG H 135 -61.29 75.00 -4.23
C ARG H 135 -61.93 73.84 -3.49
N PHE H 136 -62.63 73.00 -4.24
CA PHE H 136 -63.03 71.67 -3.78
C PHE H 136 -63.22 70.78 -4.98
N TRP H 137 -62.98 69.49 -4.79
CA TRP H 137 -62.96 68.51 -5.88
C TRP H 137 -64.17 67.61 -5.75
N PHE H 138 -64.96 67.52 -6.82
CA PHE H 138 -66.20 66.76 -6.84
C PHE H 138 -66.08 65.59 -7.79
N SER H 139 -66.94 64.59 -7.60
CA SER H 139 -66.94 63.39 -8.43
C SER H 139 -68.36 63.12 -8.92
N ILE H 140 -68.50 62.87 -10.22
CA ILE H 140 -69.79 62.58 -10.84
C ILE H 140 -69.68 61.22 -11.53
N ASN H 141 -70.42 60.24 -11.03
CA ASN H 141 -70.49 58.92 -11.66
C ASN H 141 -69.11 58.32 -11.87
N GLY H 142 -68.20 58.60 -10.94
CA GLY H 142 -66.85 58.07 -11.01
C GLY H 142 -65.82 59.00 -11.62
N ASN H 143 -66.24 59.99 -12.39
CA ASN H 143 -65.32 60.97 -12.94
C ASN H 143 -65.02 62.05 -11.91
N VAL H 144 -63.98 62.83 -12.17
CA VAL H 144 -63.50 63.85 -11.24
C VAL H 144 -63.35 65.18 -11.98
N GLY H 145 -63.68 66.26 -11.29
CA GLY H 145 -63.53 67.60 -11.83
C GLY H 145 -63.23 68.58 -10.73
N GLU H 146 -62.94 69.82 -11.12
CA GLU H 146 -62.56 70.87 -10.20
C GLU H 146 -63.64 71.93 -10.12
N PHE H 147 -63.78 72.57 -8.96
CA PHE H 147 -64.69 73.69 -8.76
C PHE H 147 -63.94 74.78 -8.01
N VAL H 148 -63.94 75.99 -8.56
CA VAL H 148 -63.21 77.12 -8.00
C VAL H 148 -64.22 78.19 -7.61
N ILE H 149 -64.10 78.71 -6.39
CA ILE H 149 -65.00 79.72 -5.85
C ILE H 149 -64.17 80.88 -5.35
N ALA H 150 -64.58 82.10 -5.70
CA ALA H 150 -63.85 83.31 -5.35
C ALA H 150 -64.70 84.16 -4.40
N VAL H 151 -64.05 84.76 -3.41
CA VAL H 151 -64.71 85.63 -2.44
C VAL H 151 -64.19 87.04 -2.68
N ASP H 152 -65.09 87.94 -3.07
CA ASP H 152 -64.70 89.30 -3.42
C ASP H 152 -64.45 90.13 -2.16
N PRO H 153 -63.51 91.08 -2.22
CA PRO H 153 -63.36 92.03 -1.11
C PRO H 153 -64.55 92.98 -1.05
N ALA H 154 -64.80 93.52 0.14
CA ALA H 154 -65.98 94.34 0.35
C ALA H 154 -65.83 95.74 -0.26
N GLN H 155 -64.64 96.33 -0.14
CA GLN H 155 -64.44 97.74 -0.48
C GLN H 155 -63.18 97.89 -1.35
N GLY H 156 -63.09 97.06 -2.39
CA GLY H 156 -61.97 97.12 -3.30
C GLY H 156 -62.24 96.47 -4.64
N PRO H 157 -61.26 96.56 -5.55
CA PRO H 157 -61.46 96.01 -6.90
C PRO H 157 -61.59 94.50 -6.91
N GLN H 158 -62.36 94.02 -7.89
CA GLN H 158 -62.68 92.61 -8.02
C GLN H 158 -61.41 91.81 -8.31
N ILE H 159 -61.35 90.59 -7.77
CA ILE H 159 -60.17 89.75 -7.91
C ILE H 159 -60.27 88.94 -9.21
N ALA H 160 -59.14 88.81 -9.89
CA ALA H 160 -59.11 88.19 -11.20
C ALA H 160 -59.32 86.68 -11.11
N GLN H 161 -59.84 86.11 -12.19
CA GLN H 161 -60.03 84.66 -12.28
C GLN H 161 -58.67 83.96 -12.27
N PRO H 162 -58.52 82.88 -11.51
CA PRO H 162 -57.27 82.11 -11.59
C PRO H 162 -57.39 80.99 -12.61
N PRO H 163 -56.27 80.47 -13.12
CA PRO H 163 -56.34 79.35 -14.06
C PRO H 163 -56.55 78.03 -13.32
N PHE H 164 -57.13 77.07 -14.05
CA PHE H 164 -57.35 75.75 -13.49
C PHE H 164 -56.03 74.99 -13.38
N THR H 165 -55.94 74.12 -12.37
CA THR H 165 -54.72 73.37 -12.13
C THR H 165 -54.58 72.26 -13.17
N PRO H 166 -53.46 72.20 -13.90
CA PRO H 166 -53.29 71.14 -14.89
C PRO H 166 -53.22 69.76 -14.24
N ALA H 167 -53.15 68.74 -15.09
CA ALA H 167 -53.05 67.37 -14.59
C ALA H 167 -51.73 67.14 -13.86
N VAL H 168 -50.62 67.53 -14.48
CA VAL H 168 -49.31 67.45 -13.86
C VAL H 168 -48.60 68.78 -14.10
N TYR H 169 -47.99 69.32 -13.05
CA TYR H 169 -47.39 70.65 -13.12
C TYR H 169 -46.11 70.65 -12.30
N VAL H 170 -45.25 71.62 -12.60
CA VAL H 170 -43.98 71.81 -11.90
C VAL H 170 -43.96 73.25 -11.39
N PRO H 171 -44.17 73.50 -10.09
CA PRO H 171 -44.07 74.87 -9.58
C PRO H 171 -42.69 75.44 -9.83
N LEU H 172 -42.63 76.57 -10.55
CA LEU H 172 -41.34 77.09 -11.01
C LEU H 172 -40.60 77.90 -9.95
N SER H 173 -41.24 78.23 -8.84
CA SER H 173 -40.56 78.94 -7.76
C SER H 173 -39.90 78.00 -6.76
N ARG H 174 -40.27 76.73 -6.74
CA ARG H 174 -39.69 75.74 -5.84
C ARG H 174 -38.61 74.93 -6.57
N ARG H 175 -37.51 75.60 -6.87
CA ARG H 175 -36.46 75.03 -7.70
C ARG H 175 -35.12 75.61 -7.27
N GLU H 176 -34.09 74.77 -7.29
CA GLU H 176 -32.77 75.18 -6.83
C GLU H 176 -31.71 74.26 -7.40
N VAL H 177 -30.48 74.75 -7.43
CA VAL H 177 -29.32 73.97 -7.84
C VAL H 177 -28.25 74.12 -6.76
N ASN H 178 -27.68 72.99 -6.36
CA ASN H 178 -26.64 72.96 -5.32
C ASN H 178 -25.29 73.00 -6.01
N LYS H 179 -24.63 74.15 -5.96
CA LYS H 179 -23.34 74.31 -6.63
C LYS H 179 -22.24 73.46 -6.00
N GLN H 180 -22.45 72.96 -4.78
CA GLN H 180 -21.44 72.13 -4.13
C GLN H 180 -21.38 70.72 -4.69
N THR H 181 -22.49 70.20 -5.21
CA THR H 181 -22.50 68.85 -5.76
C THR H 181 -23.13 68.78 -7.15
N GLN H 182 -23.43 69.93 -7.77
CA GLN H 182 -23.96 69.95 -9.14
C GLN H 182 -25.21 69.10 -9.26
N ALA H 183 -26.21 69.39 -8.42
CA ALA H 183 -27.46 68.67 -8.40
C ALA H 183 -28.62 69.65 -8.53
N LEU H 184 -29.68 69.21 -9.18
CA LEU H 184 -30.87 70.03 -9.42
C LEU H 184 -32.06 69.42 -8.69
N ARG H 185 -32.88 70.26 -8.08
CA ARG H 185 -34.08 69.84 -7.37
C ARG H 185 -35.29 70.57 -7.92
N PHE H 186 -36.39 69.84 -8.12
CA PHE H 186 -37.68 70.42 -8.43
C PHE H 186 -38.76 69.51 -7.87
N VAL H 187 -39.96 70.06 -7.74
CA VAL H 187 -41.06 69.37 -7.07
C VAL H 187 -42.09 69.02 -8.13
N LEU H 188 -42.30 67.72 -8.34
CA LEU H 188 -43.33 67.25 -9.25
C LEU H 188 -44.64 67.07 -8.49
N GLY H 189 -45.74 67.51 -9.10
CA GLY H 189 -47.04 67.40 -8.47
C GLY H 189 -48.10 66.87 -9.42
N VAL H 190 -49.06 66.11 -8.89
CA VAL H 190 -50.13 65.51 -9.68
C VAL H 190 -51.46 65.91 -9.08
N SER H 191 -52.39 66.35 -9.93
CA SER H 191 -53.70 66.75 -9.47
C SER H 191 -54.57 65.52 -9.19
N PRO H 192 -55.59 65.66 -8.34
CA PRO H 192 -56.49 64.53 -8.07
C PRO H 192 -57.25 64.08 -9.32
N ALA H 193 -57.33 64.94 -10.32
CA ALA H 193 -58.13 64.67 -11.51
C ALA H 193 -57.40 63.82 -12.55
N ALA H 194 -56.09 63.63 -12.41
CA ALA H 194 -55.35 62.86 -13.39
C ALA H 194 -55.90 61.43 -13.47
N LYS H 195 -56.12 60.94 -14.67
CA LYS H 195 -56.72 59.63 -14.84
C LYS H 195 -55.63 58.56 -14.85
N PRO H 196 -55.82 57.43 -14.17
CA PRO H 196 -54.80 56.38 -14.18
C PRO H 196 -54.57 55.83 -15.57
N ALA H 197 -53.35 55.34 -15.80
CA ALA H 197 -52.88 54.76 -17.05
C ALA H 197 -52.47 55.81 -18.07
N ASP H 198 -52.63 57.10 -17.79
CA ASP H 198 -52.18 58.12 -18.71
C ASP H 198 -50.66 58.27 -18.65
N ILE H 199 -50.11 58.92 -19.66
CA ILE H 199 -48.67 59.13 -19.77
C ILE H 199 -48.40 60.55 -20.25
N TYR H 200 -47.43 61.21 -19.63
CA TYR H 200 -46.95 62.52 -20.05
C TYR H 200 -45.44 62.47 -20.17
N ARG H 201 -44.88 63.39 -20.95
CA ARG H 201 -43.45 63.49 -21.16
C ARG H 201 -42.95 64.87 -20.74
N LEU H 202 -41.85 64.90 -20.00
CA LEU H 202 -41.27 66.12 -19.47
C LEU H 202 -39.86 66.30 -20.04
N ASN H 203 -39.59 67.47 -20.57
CA ASN H 203 -38.29 67.79 -21.14
C ASN H 203 -37.60 68.85 -20.29
N ILE H 204 -36.29 68.66 -20.07
CA ILE H 204 -35.49 69.56 -19.25
C ILE H 204 -34.28 69.99 -20.08
N ARG H 205 -34.01 71.30 -20.08
CA ARG H 205 -32.79 71.84 -20.66
C ARG H 205 -32.04 72.62 -19.60
N GLN H 206 -30.84 72.17 -19.27
CA GLN H 206 -30.04 72.73 -18.19
C GLN H 206 -28.77 73.33 -18.76
N ALA H 207 -28.34 74.45 -18.19
CA ALA H 207 -27.23 75.22 -18.72
C ALA H 207 -26.09 75.27 -17.71
N ALA H 208 -24.86 75.30 -18.24
CA ALA H 208 -23.66 75.48 -17.44
C ALA H 208 -22.79 76.52 -18.13
N ILE H 209 -21.83 77.06 -17.38
CA ILE H 209 -20.99 78.15 -17.87
C ILE H 209 -19.53 77.76 -17.70
N ASP H 210 -18.69 78.26 -18.61
CA ASP H 210 -17.25 78.14 -18.45
C ASP H 210 -16.74 79.26 -17.55
N CYS H 211 -15.41 79.36 -17.48
CA CYS H 211 -14.79 80.31 -16.56
C CYS H 211 -14.98 81.76 -16.96
N GLU H 212 -15.44 82.04 -18.19
CA GLU H 212 -15.58 83.40 -18.68
C GLU H 212 -17.02 83.82 -18.91
N GLY H 213 -17.99 82.96 -18.61
CA GLY H 213 -19.40 83.30 -18.78
C GLY H 213 -20.07 82.67 -19.98
N ASN H 214 -19.32 82.07 -20.90
CA ASN H 214 -19.93 81.37 -22.02
C ASN H 214 -20.64 80.12 -21.52
N GLU H 215 -21.63 79.67 -22.30
CA GLU H 215 -22.61 78.71 -21.82
C GLU H 215 -22.51 77.38 -22.55
N TYR H 216 -22.81 76.31 -21.82
CA TYR H 216 -23.06 74.98 -22.36
C TYR H 216 -24.50 74.60 -22.05
N PHE H 217 -25.01 73.59 -22.75
CA PHE H 217 -26.40 73.16 -22.59
C PHE H 217 -26.49 71.64 -22.59
N HIS H 218 -27.54 71.14 -21.95
CA HIS H 218 -27.81 69.70 -21.84
C HIS H 218 -29.32 69.48 -21.90
N ILE H 219 -29.73 68.38 -22.54
CA ILE H 219 -31.13 68.09 -22.77
C ILE H 219 -31.42 66.66 -22.32
N SER H 220 -32.56 66.46 -21.67
CA SER H 220 -32.99 65.14 -21.23
C SER H 220 -34.50 65.16 -21.10
N CYS H 221 -35.09 63.96 -21.03
CA CYS H 221 -36.54 63.84 -20.94
C CYS H 221 -36.90 62.64 -20.09
N TYR H 222 -38.11 62.69 -19.51
CA TYR H 222 -38.60 61.66 -18.61
C TYR H 222 -40.06 61.37 -18.92
N ASP H 223 -40.47 60.11 -18.70
CA ASP H 223 -41.85 59.68 -18.93
C ASP H 223 -42.55 59.51 -17.60
N ILE H 224 -43.73 60.14 -17.47
CA ILE H 224 -44.51 60.12 -16.25
C ILE H 224 -45.81 59.37 -16.53
N SER H 225 -46.08 58.34 -15.74
CA SER H 225 -47.26 57.51 -15.90
C SER H 225 -48.05 57.47 -14.61
N ILE H 226 -49.36 57.67 -14.70
CA ILE H 226 -50.21 57.75 -13.52
C ILE H 226 -50.47 56.34 -12.99
N GLY H 227 -50.23 56.14 -11.70
CA GLY H 227 -50.41 54.86 -11.06
C GLY H 227 -51.70 54.79 -10.26
N SER H 228 -51.69 53.95 -9.24
CA SER H 228 -52.84 53.74 -8.38
C SER H 228 -52.40 52.90 -7.18
N CYS H 229 -53.36 52.54 -6.34
CA CYS H 229 -53.07 51.76 -5.15
C CYS H 229 -53.18 50.27 -5.46
N GLY H 230 -53.07 49.45 -4.42
CA GLY H 230 -53.18 48.00 -4.56
C GLY H 230 -53.27 47.30 -3.23
N CYS I 23 -11.21 58.44 -38.94
CA CYS I 23 -12.43 59.20 -38.73
C CYS I 23 -13.12 58.80 -37.42
N GLU I 24 -12.75 59.47 -36.33
CA GLU I 24 -13.41 59.24 -35.08
C GLU I 24 -14.88 59.66 -35.17
N SER I 25 -15.73 58.99 -34.40
CA SER I 25 -17.17 59.17 -34.45
C SER I 25 -17.64 60.01 -33.27
N ILE I 26 -18.48 61.00 -33.57
CA ILE I 26 -19.10 61.85 -32.57
C ILE I 26 -20.61 61.82 -32.77
N SER I 27 -21.35 61.67 -31.68
CA SER I 27 -22.81 61.65 -31.70
C SER I 27 -23.32 62.89 -31.00
N ALA I 28 -24.20 63.63 -31.67
CA ALA I 28 -24.71 64.89 -31.15
C ALA I 28 -26.22 64.91 -31.25
N ARG I 29 -26.86 65.61 -30.32
CA ARG I 29 -28.30 65.76 -30.25
C ARG I 29 -28.72 67.18 -30.61
N PRO I 30 -29.87 67.38 -31.25
CA PRO I 30 -30.29 68.76 -31.55
C PRO I 30 -30.47 69.58 -30.28
N GLY I 31 -30.08 70.85 -30.36
CA GLY I 31 -30.20 71.76 -29.23
C GLY I 31 -29.12 71.62 -28.17
N GLU I 32 -28.05 70.87 -28.46
CA GLU I 32 -27.02 70.63 -27.47
C GLU I 32 -25.77 71.46 -27.77
N VAL I 33 -25.00 71.70 -26.71
CA VAL I 33 -23.68 72.35 -26.81
C VAL I 33 -22.78 71.60 -25.82
N ASN I 34 -21.79 70.87 -26.34
CA ASN I 34 -21.07 69.89 -25.53
C ASN I 34 -19.61 70.19 -25.30
N GLY I 35 -18.82 70.48 -26.33
CA GLY I 35 -17.40 70.71 -26.14
C GLY I 35 -16.58 69.45 -26.31
N VAL I 36 -15.36 69.58 -26.81
CA VAL I 36 -14.51 68.44 -27.13
C VAL I 36 -13.09 68.76 -26.70
N MET I 37 -12.28 67.71 -26.50
CA MET I 37 -10.89 67.86 -26.09
C MET I 37 -10.06 66.80 -26.80
N VAL I 38 -8.94 67.22 -27.39
CA VAL I 38 -8.03 66.33 -28.09
C VAL I 38 -6.62 66.59 -27.58
N SER I 39 -5.83 65.51 -27.44
CA SER I 39 -4.51 65.58 -26.85
C SER I 39 -3.47 65.34 -27.93
N TYR I 40 -2.49 66.24 -28.02
CA TYR I 40 -1.44 66.18 -29.03
C TYR I 40 -0.09 65.78 -28.45
N VAL I 41 -0.04 65.32 -27.20
CA VAL I 41 1.25 65.01 -26.58
C VAL I 41 1.99 63.94 -27.37
N ALA I 42 1.26 62.95 -27.86
CA ALA I 42 1.90 61.83 -28.56
C ALA I 42 2.55 62.28 -29.87
N TRP I 43 2.22 63.47 -30.36
CA TRP I 43 2.73 63.96 -31.64
C TRP I 43 3.80 65.03 -31.47
N SER I 44 3.57 66.02 -30.60
CA SER I 44 4.46 67.17 -30.49
C SER I 44 5.53 67.00 -29.42
N ALA I 45 5.37 66.06 -28.50
CA ALA I 45 6.37 65.88 -27.45
C ALA I 45 7.75 65.54 -28.02
N PRO I 46 7.91 64.57 -28.92
CA PRO I 46 9.25 64.25 -29.42
C PRO I 46 9.83 65.29 -30.35
N LEU I 47 9.03 66.22 -30.87
CA LEU I 47 9.56 67.25 -31.75
C LEU I 47 10.40 68.28 -31.01
N GLY I 48 10.36 68.28 -29.67
CA GLY I 48 11.02 69.34 -28.95
C GLY I 48 10.32 70.66 -29.22
N GLY I 49 11.12 71.72 -29.32
CA GLY I 49 10.55 73.02 -29.66
C GLY I 49 9.65 73.55 -28.56
N HIS I 50 8.67 74.36 -28.96
CA HIS I 50 7.80 75.06 -28.03
C HIS I 50 6.39 74.48 -27.98
N GLY I 51 6.10 73.43 -28.75
CA GLY I 51 4.78 72.82 -28.69
C GLY I 51 3.77 73.53 -29.58
N LEU I 52 2.50 73.42 -29.19
CA LEU I 52 1.43 73.97 -30.00
C LEU I 52 1.57 75.49 -30.12
N THR I 53 0.79 76.06 -31.04
CA THR I 53 0.93 77.47 -31.41
C THR I 53 -0.37 78.24 -31.35
N ASN I 54 -1.51 77.58 -31.19
CA ASN I 54 -2.80 78.25 -31.16
C ASN I 54 -3.15 78.86 -32.51
N LYS I 55 -2.99 78.07 -33.58
CA LYS I 55 -3.28 78.50 -34.94
C LYS I 55 -4.11 77.45 -35.68
N THR I 56 -5.17 76.94 -35.05
CA THR I 56 -5.97 75.88 -35.65
C THR I 56 -6.88 76.44 -36.73
N THR I 57 -7.38 75.55 -37.60
CA THR I 57 -8.32 75.90 -38.64
C THR I 57 -9.37 74.79 -38.75
N PHE I 58 -10.63 75.19 -38.90
CA PHE I 58 -11.75 74.26 -38.92
C PHE I 58 -12.53 74.43 -40.22
N GLU I 59 -12.98 73.29 -40.76
CA GLU I 59 -13.78 73.27 -41.98
C GLU I 59 -14.84 72.20 -41.86
N PHE I 60 -16.03 72.48 -42.39
CA PHE I 60 -17.16 71.56 -42.36
C PHE I 60 -17.50 71.11 -43.78
N GLU I 61 -17.78 69.82 -43.93
CA GLU I 61 -18.17 69.24 -45.20
C GLU I 61 -19.38 68.34 -45.00
N ASN I 62 -20.23 68.27 -46.03
CA ASN I 62 -21.41 67.44 -45.96
C ASN I 62 -21.15 66.07 -46.59
N VAL I 63 -21.73 65.04 -45.97
CA VAL I 63 -21.77 63.70 -46.55
C VAL I 63 -23.20 63.23 -46.78
N SER I 64 -24.08 63.46 -45.82
CA SER I 64 -25.50 63.12 -45.95
C SER I 64 -26.31 64.22 -45.27
N VAL I 65 -26.93 65.08 -46.07
CA VAL I 65 -27.74 66.18 -45.57
C VAL I 65 -29.07 66.19 -46.30
N THR I 66 -30.15 66.42 -45.56
CA THR I 66 -31.50 66.48 -46.12
C THR I 66 -31.94 67.93 -46.13
N GLU I 67 -32.35 68.42 -47.30
CA GLU I 67 -32.73 69.82 -47.42
C GLU I 67 -33.98 70.09 -46.57
N PRO I 68 -34.05 71.24 -45.91
CA PRO I 68 -35.23 71.53 -45.08
C PRO I 68 -36.47 71.73 -45.94
N LEU I 69 -37.62 71.41 -45.36
CA LEU I 69 -38.91 71.59 -46.02
C LEU I 69 -39.62 72.87 -45.58
N VAL I 70 -38.96 73.71 -44.78
CA VAL I 70 -39.49 74.99 -44.36
C VAL I 70 -38.41 76.05 -44.52
N ASN I 71 -38.83 77.31 -44.57
CA ASN I 71 -37.93 78.42 -44.81
C ASN I 71 -37.83 79.30 -43.56
N SER I 72 -36.61 79.72 -43.24
CA SER I 72 -36.42 80.71 -42.19
C SER I 72 -36.84 82.09 -42.71
N ALA I 73 -36.96 83.04 -41.79
CA ALA I 73 -37.41 84.37 -42.14
C ALA I 73 -36.74 85.40 -41.25
N PHE I 74 -36.77 86.65 -41.71
CA PHE I 74 -36.21 87.78 -40.98
C PHE I 74 -37.12 88.98 -41.16
N GLU I 75 -37.31 89.74 -40.08
CA GLU I 75 -38.20 90.90 -40.11
C GLU I 75 -37.63 91.98 -39.21
N ARG I 76 -38.21 93.17 -39.33
CA ARG I 76 -37.79 94.34 -38.57
C ARG I 76 -38.98 94.96 -37.86
N THR I 77 -38.71 95.64 -36.74
CA THR I 77 -39.75 96.28 -35.96
C THR I 77 -39.21 97.55 -35.32
N PRO I 78 -40.01 98.62 -35.24
CA PRO I 78 -39.54 99.85 -34.59
C PRO I 78 -39.43 99.69 -33.09
N PHE I 79 -38.86 100.71 -32.46
CA PHE I 79 -38.66 100.70 -31.01
C PHE I 79 -39.99 100.53 -30.29
N ASN I 80 -40.00 99.64 -29.30
CA ASN I 80 -41.16 99.43 -28.43
C ASN I 80 -42.45 99.25 -29.22
N THR I 81 -42.37 98.68 -30.41
CA THR I 81 -43.52 98.48 -31.28
C THR I 81 -43.83 97.00 -31.38
N THR I 82 -45.10 96.64 -31.21
CA THR I 82 -45.50 95.25 -31.33
C THR I 82 -45.40 94.79 -32.78
N LEU I 83 -45.19 93.48 -32.96
CA LEU I 83 -45.03 92.89 -34.29
C LEU I 83 -46.04 91.77 -34.45
N ALA I 84 -46.45 91.54 -35.71
CA ALA I 84 -47.38 90.48 -36.05
C ALA I 84 -46.98 89.88 -37.38
N GLY I 85 -47.43 88.65 -37.61
CA GLY I 85 -47.10 87.96 -38.84
C GLY I 85 -47.80 86.62 -38.91
N SER I 86 -47.44 85.84 -39.93
CA SER I 86 -48.03 84.53 -40.14
C SER I 86 -46.97 83.56 -40.62
N LEU I 87 -47.07 82.31 -40.16
CA LEU I 87 -46.10 81.28 -40.54
C LEU I 87 -46.53 80.52 -41.79
N ALA I 88 -47.72 80.77 -42.31
CA ALA I 88 -48.24 79.98 -43.42
C ALA I 88 -47.40 80.13 -44.68
N ALA I 89 -46.80 81.31 -44.88
CA ALA I 89 -46.04 81.56 -46.09
C ALA I 89 -44.70 80.85 -46.12
N LEU I 90 -44.29 80.21 -45.03
CA LEU I 90 -42.98 79.60 -44.92
C LEU I 90 -43.00 78.09 -45.14
N PHE I 91 -44.10 77.53 -45.65
CA PHE I 91 -44.22 76.09 -45.87
C PHE I 91 -44.59 75.84 -47.33
N PRO I 92 -43.63 75.90 -48.26
CA PRO I 92 -43.94 75.74 -49.68
C PRO I 92 -44.19 74.28 -50.06
N ASN I 93 -45.28 73.72 -49.53
CA ASN I 93 -45.62 72.35 -49.85
C ASN I 93 -46.26 72.29 -51.24
N PRO I 94 -45.68 71.53 -52.18
CA PRO I 94 -46.32 71.39 -53.49
C PRO I 94 -47.56 70.51 -53.47
N GLU I 95 -47.71 69.65 -52.49
CA GLU I 95 -48.91 68.83 -52.36
C GLU I 95 -49.99 69.61 -51.59
N GLY I 96 -51.19 69.03 -51.55
CA GLY I 96 -52.27 69.56 -50.76
C GLY I 96 -52.55 68.69 -49.56
N GLU I 97 -52.14 69.16 -48.39
CA GLU I 97 -52.38 68.43 -47.14
C GLU I 97 -52.66 69.44 -46.05
N ALA I 98 -53.31 68.95 -45.00
CA ALA I 98 -53.59 69.78 -43.83
C ALA I 98 -52.29 70.14 -43.12
N VAL I 99 -52.31 71.29 -42.44
CA VAL I 99 -51.13 71.79 -41.75
C VAL I 99 -51.53 72.22 -40.34
N GLU I 100 -50.54 72.22 -39.45
CA GLU I 100 -50.72 72.72 -38.09
C GLU I 100 -49.40 73.25 -37.60
N TYR I 101 -49.47 74.25 -36.72
CA TYR I 101 -48.30 75.00 -36.29
C TYR I 101 -48.04 74.81 -34.81
N GLU I 102 -46.81 75.06 -34.39
CA GLU I 102 -46.43 74.94 -32.99
C GLU I 102 -45.21 75.84 -32.75
N ILE I 103 -45.00 76.16 -31.47
CA ILE I 103 -43.85 76.94 -31.04
C ILE I 103 -43.06 76.10 -30.04
N LEU I 104 -41.78 75.90 -30.31
CA LEU I 104 -40.92 75.09 -29.45
C LEU I 104 -40.63 75.90 -28.19
N GLU I 105 -41.15 75.44 -27.06
CA GLU I 105 -40.99 76.17 -25.80
C GLU I 105 -39.67 75.88 -25.12
N LEU I 106 -38.93 74.85 -25.53
CA LEU I 106 -37.63 74.59 -24.94
C LEU I 106 -36.61 75.68 -25.28
N TYR I 107 -36.86 76.47 -26.32
CA TYR I 107 -35.95 77.51 -26.76
C TYR I 107 -36.70 78.83 -26.88
N PRO I 108 -37.12 79.41 -25.76
CA PRO I 108 -37.91 80.63 -25.79
C PRO I 108 -37.05 81.83 -26.14
N PRO I 109 -37.66 82.93 -26.59
CA PRO I 109 -36.89 84.16 -26.80
C PRO I 109 -36.37 84.72 -25.49
N VAL I 110 -35.27 85.46 -25.58
CA VAL I 110 -34.60 85.97 -24.40
C VAL I 110 -35.04 87.39 -24.05
N ASN I 111 -35.61 88.15 -24.98
CA ASN I 111 -35.99 89.54 -24.74
C ASN I 111 -37.41 89.83 -25.24
N GLY I 112 -38.33 88.89 -25.08
CA GLY I 112 -39.69 89.14 -25.49
C GLY I 112 -40.57 87.94 -25.21
N ILE I 113 -41.84 88.07 -25.61
CA ILE I 113 -42.82 87.01 -25.46
C ILE I 113 -43.54 86.82 -26.79
N VAL I 114 -43.95 85.58 -27.06
CA VAL I 114 -44.62 85.22 -28.30
C VAL I 114 -45.92 84.51 -27.97
N GLU I 115 -46.89 84.62 -28.87
CA GLU I 115 -48.20 84.00 -28.69
C GLU I 115 -48.64 83.45 -30.03
N LEU I 116 -48.91 82.14 -30.08
CA LEU I 116 -49.35 81.51 -31.32
C LEU I 116 -50.81 81.85 -31.58
N GLY I 117 -51.08 82.39 -32.76
CA GLY I 117 -52.41 82.85 -33.12
C GLY I 117 -53.21 81.79 -33.85
N GLU I 118 -54.18 82.25 -34.63
CA GLU I 118 -55.07 81.35 -35.33
C GLU I 118 -54.55 81.04 -36.73
N ASN I 119 -54.39 79.76 -37.02
CA ASN I 119 -53.98 79.29 -38.34
C ASN I 119 -52.72 80.01 -38.82
N GLY I 120 -51.64 79.85 -38.05
CA GLY I 120 -50.34 80.35 -38.43
C GLY I 120 -50.05 81.77 -38.01
N ALA I 121 -51.02 82.50 -37.46
CA ALA I 121 -50.75 83.84 -37.00
C ALA I 121 -50.00 83.83 -35.68
N PHE I 122 -49.24 84.89 -35.44
CA PHE I 122 -48.48 85.02 -34.21
C PHE I 122 -48.22 86.50 -33.93
N THR I 123 -47.83 86.78 -32.68
CA THR I 123 -47.57 88.14 -32.25
C THR I 123 -46.34 88.16 -31.35
N TYR I 124 -45.46 89.14 -31.59
CA TYR I 124 -44.24 89.31 -30.81
C TYR I 124 -44.30 90.64 -30.09
N ARG I 125 -44.14 90.60 -28.76
CA ARG I 125 -44.28 91.77 -27.90
C ARG I 125 -42.94 92.02 -27.21
N PRO I 126 -42.07 92.85 -27.78
CA PRO I 126 -40.75 93.05 -27.17
C PRO I 126 -40.85 93.72 -25.81
N ALA I 127 -39.89 93.40 -24.95
CA ALA I 127 -39.82 94.05 -23.65
C ALA I 127 -39.49 95.53 -23.83
N THR I 128 -39.96 96.34 -22.89
CA THR I 128 -39.77 97.77 -22.98
C THR I 128 -38.30 98.13 -22.98
N SER I 129 -37.92 99.09 -23.82
CA SER I 129 -36.58 99.65 -23.91
C SER I 129 -35.55 98.66 -24.44
N PHE I 130 -35.98 97.62 -25.14
CA PHE I 130 -35.03 96.66 -25.68
C PHE I 130 -34.66 97.03 -27.12
N THR I 131 -33.40 96.73 -27.47
CA THR I 131 -32.93 96.88 -28.85
C THR I 131 -31.87 95.83 -29.10
N GLY I 132 -31.94 95.19 -30.27
CA GLY I 132 -31.02 94.14 -30.62
C GLY I 132 -31.70 93.10 -31.49
N ILE I 133 -31.24 91.86 -31.36
CA ILE I 133 -31.74 90.74 -32.15
C ILE I 133 -32.33 89.70 -31.22
N ASP I 134 -33.36 89.01 -31.70
CA ASP I 134 -34.03 87.97 -30.93
C ASP I 134 -34.47 86.85 -31.87
N ARG I 135 -34.69 85.67 -31.32
CA ARG I 135 -35.00 84.49 -32.11
C ARG I 135 -36.10 83.68 -31.41
N PHE I 136 -36.80 82.88 -32.22
CA PHE I 136 -37.66 81.83 -31.71
C PHE I 136 -37.83 80.79 -32.81
N TRP I 137 -37.94 79.53 -32.40
CA TRP I 137 -37.96 78.40 -33.31
C TRP I 137 -39.37 77.83 -33.40
N PHE I 138 -39.90 77.74 -34.60
CA PHE I 138 -41.26 77.28 -34.84
C PHE I 138 -41.25 75.94 -35.56
N SER I 139 -42.37 75.24 -35.50
CA SER I 139 -42.51 73.92 -36.12
C SER I 139 -43.77 73.89 -36.98
N ILE I 140 -43.66 73.37 -38.19
CA ILE I 140 -44.77 73.24 -39.11
C ILE I 140 -44.86 71.79 -39.55
N ASN I 141 -45.96 71.13 -39.20
CA ASN I 141 -46.24 69.77 -39.65
C ASN I 141 -45.08 68.83 -39.35
N GLY I 142 -44.36 69.10 -38.26
CA GLY I 142 -43.24 68.28 -37.85
C GLY I 142 -41.88 68.81 -38.26
N ASN I 143 -41.82 69.71 -39.24
CA ASN I 143 -40.55 70.31 -39.63
C ASN I 143 -40.23 71.49 -38.71
N VAL I 144 -38.97 71.92 -38.74
CA VAL I 144 -38.47 72.96 -37.85
C VAL I 144 -37.79 74.05 -38.67
N GLY I 145 -37.93 75.30 -38.20
CA GLY I 145 -37.31 76.43 -38.86
C GLY I 145 -36.99 77.51 -37.85
N GLU I 146 -36.41 78.59 -38.34
CA GLU I 146 -35.98 79.70 -37.51
C GLU I 146 -36.71 80.98 -37.91
N PHE I 147 -36.92 81.86 -36.95
CA PHE I 147 -37.50 83.18 -37.20
C PHE I 147 -36.69 84.21 -36.41
N VAL I 148 -36.19 85.23 -37.11
CA VAL I 148 -35.33 86.25 -36.53
C VAL I 148 -36.07 87.58 -36.59
N ILE I 149 -36.10 88.29 -35.46
CA ILE I 149 -36.79 89.57 -35.35
C ILE I 149 -35.80 90.61 -34.82
N ALA I 150 -35.81 91.79 -35.44
CA ALA I 150 -34.89 92.86 -35.11
C ALA I 150 -35.65 94.05 -34.55
N VAL I 151 -35.11 94.65 -33.49
CA VAL I 151 -35.70 95.83 -32.86
C VAL I 151 -34.74 96.99 -33.08
N ASP I 152 -35.14 97.92 -33.95
CA ASP I 152 -34.26 99.03 -34.29
C ASP I 152 -34.15 100.01 -33.12
N PRO I 153 -33.03 100.72 -33.01
CA PRO I 153 -32.93 101.79 -32.02
C PRO I 153 -33.86 102.94 -32.38
N ALA I 154 -34.32 103.66 -31.35
CA ALA I 154 -35.26 104.74 -31.56
C ALA I 154 -34.67 105.89 -32.36
N GLN I 155 -33.41 106.26 -32.09
CA GLN I 155 -32.81 107.46 -32.64
C GLN I 155 -31.42 107.15 -33.20
N GLY I 156 -31.32 106.10 -34.01
CA GLY I 156 -30.06 105.72 -34.60
C GLY I 156 -30.23 104.90 -35.86
N PRO I 157 -29.12 104.62 -36.54
CA PRO I 157 -29.19 103.83 -37.77
C PRO I 157 -29.65 102.41 -37.50
N GLN I 158 -30.29 101.81 -38.51
CA GLN I 158 -30.82 100.47 -38.37
C GLN I 158 -29.69 99.46 -38.17
N ILE I 159 -30.02 98.36 -37.49
CA ILE I 159 -29.05 97.31 -37.21
C ILE I 159 -29.02 96.34 -38.37
N ALA I 160 -27.82 95.83 -38.68
CA ALA I 160 -27.65 94.98 -39.84
C ALA I 160 -28.29 93.61 -39.63
N GLN I 161 -28.63 92.97 -40.75
CA GLN I 161 -29.22 91.64 -40.70
C GLN I 161 -28.18 90.61 -40.29
N PRO I 162 -28.43 89.77 -39.29
CA PRO I 162 -27.46 88.74 -38.91
C PRO I 162 -27.67 87.47 -39.72
N PRO I 163 -26.62 86.68 -39.90
CA PRO I 163 -26.78 85.41 -40.61
C PRO I 163 -27.54 84.38 -39.78
N PHE I 164 -28.18 83.44 -40.48
CA PHE I 164 -28.90 82.38 -39.81
C PHE I 164 -27.92 81.38 -39.20
N THR I 165 -28.35 80.72 -38.13
CA THR I 165 -27.49 79.77 -37.45
C THR I 165 -27.40 78.48 -38.26
N PRO I 166 -26.20 78.02 -38.62
CA PRO I 166 -26.09 76.78 -39.40
C PRO I 166 -26.58 75.57 -38.60
N ALA I 167 -26.56 74.42 -39.26
CA ALA I 167 -26.98 73.18 -38.61
C ALA I 167 -26.03 72.83 -37.47
N VAL I 168 -24.73 72.85 -37.74
CA VAL I 168 -23.70 72.65 -36.72
C VAL I 168 -22.63 73.70 -36.91
N TYR I 169 -22.13 74.23 -35.79
CA TYR I 169 -21.17 75.33 -35.85
C TYR I 169 -20.20 75.20 -34.69
N VAL I 170 -19.04 75.84 -34.85
CA VAL I 170 -18.01 75.86 -33.82
C VAL I 170 -17.64 77.31 -33.54
N PRO I 171 -18.12 77.90 -32.44
CA PRO I 171 -17.75 79.29 -32.14
C PRO I 171 -16.24 79.46 -32.05
N LEU I 172 -15.68 80.28 -32.94
CA LEU I 172 -14.22 80.37 -33.05
C LEU I 172 -13.59 81.22 -31.96
N SER I 173 -14.37 81.98 -31.20
CA SER I 173 -13.82 82.73 -30.09
C SER I 173 -13.72 81.91 -28.80
N ARG I 174 -14.44 80.80 -28.71
CA ARG I 174 -14.40 79.94 -27.54
C ARG I 174 -13.45 78.76 -27.79
N ARG I 175 -12.17 79.09 -27.82
CA ARG I 175 -11.14 78.14 -28.22
C ARG I 175 -9.85 78.46 -27.48
N GLU I 176 -9.11 77.43 -27.11
CA GLU I 176 -7.87 77.61 -26.37
C GLU I 176 -7.01 76.36 -26.49
N VAL I 177 -5.71 76.54 -26.25
CA VAL I 177 -4.75 75.44 -26.19
C VAL I 177 -4.01 75.54 -24.86
N ASN I 178 -3.93 74.42 -24.16
CA ASN I 178 -3.23 74.37 -22.87
C ASN I 178 -1.79 73.95 -23.12
N LYS I 179 -0.89 74.94 -23.04
CA LYS I 179 0.52 74.67 -23.32
C LYS I 179 1.16 73.76 -22.29
N GLN I 180 0.53 73.57 -21.13
CA GLN I 180 1.10 72.71 -20.10
C GLN I 180 0.96 71.23 -20.43
N THR I 181 -0.10 70.84 -21.16
CA THR I 181 -0.30 69.43 -21.50
C THR I 181 -0.56 69.22 -22.99
N GLN I 182 -0.42 70.25 -23.82
CA GLN I 182 -0.59 70.10 -25.27
C GLN I 182 -1.97 69.55 -25.61
N ALA I 183 -3.01 70.28 -25.22
CA ALA I 183 -4.39 69.87 -25.45
C ALA I 183 -5.17 71.04 -26.04
N LEU I 184 -6.15 70.72 -26.88
CA LEU I 184 -6.97 71.71 -27.56
C LEU I 184 -8.43 71.54 -27.15
N ARG I 185 -9.12 72.66 -26.95
CA ARG I 185 -10.52 72.66 -26.59
C ARG I 185 -11.31 73.56 -27.54
N PHE I 186 -12.43 73.03 -28.04
CA PHE I 186 -13.38 73.81 -28.80
C PHE I 186 -14.79 73.38 -28.40
N VAL I 187 -15.77 74.17 -28.82
CA VAL I 187 -17.15 74.02 -28.36
C VAL I 187 -18.01 73.66 -29.56
N LEU I 188 -18.42 72.40 -29.63
CA LEU I 188 -19.35 71.97 -30.67
C LEU I 188 -20.78 72.27 -30.26
N GLY I 189 -21.57 72.75 -31.20
CA GLY I 189 -22.96 73.08 -30.92
C GLY I 189 -23.85 72.68 -32.08
N VAL I 190 -25.09 72.32 -31.76
CA VAL I 190 -26.06 71.84 -32.74
C VAL I 190 -27.31 72.70 -32.64
N SER I 191 -27.81 73.17 -33.78
CA SER I 191 -29.04 73.94 -33.79
C SER I 191 -30.24 73.01 -33.60
N PRO I 192 -31.36 73.54 -33.08
CA PRO I 192 -32.54 72.69 -32.90
C PRO I 192 -33.10 72.16 -34.23
N ALA I 193 -32.72 72.79 -35.33
CA ALA I 193 -33.27 72.45 -36.64
C ALA I 193 -32.53 71.31 -37.32
N ALA I 194 -31.44 70.81 -36.73
CA ALA I 194 -30.73 69.69 -37.35
C ALA I 194 -31.63 68.47 -37.40
N LYS I 195 -31.66 67.83 -38.57
CA LYS I 195 -32.55 66.67 -38.74
C LYS I 195 -31.83 65.40 -38.32
N PRO I 196 -32.46 64.53 -37.53
CA PRO I 196 -31.76 63.31 -37.09
C PRO I 196 -31.38 62.41 -38.25
N ALA I 197 -30.32 61.63 -38.04
CA ALA I 197 -29.74 60.68 -38.99
C ALA I 197 -28.84 61.36 -40.01
N ASP I 198 -28.69 62.68 -39.98
CA ASP I 198 -27.75 63.35 -40.86
C ASP I 198 -26.33 63.16 -40.37
N ILE I 199 -25.38 63.41 -41.26
CA ILE I 199 -23.96 63.25 -40.95
C ILE I 199 -23.19 64.42 -41.55
N TYR I 200 -22.27 64.98 -40.76
CA TYR I 200 -21.34 66.00 -41.20
C TYR I 200 -19.92 65.58 -40.85
N ARG I 201 -18.95 66.15 -41.55
CA ARG I 201 -17.54 65.86 -41.34
C ARG I 201 -16.80 67.13 -40.97
N LEU I 202 -15.98 67.05 -39.93
CA LEU I 202 -15.22 68.19 -39.44
C LEU I 202 -13.74 67.92 -39.65
N ASN I 203 -13.03 68.90 -40.19
CA ASN I 203 -11.59 68.79 -40.42
C ASN I 203 -10.86 69.81 -39.56
N ILE I 204 -9.68 69.43 -39.07
CA ILE I 204 -8.87 70.28 -38.22
C ILE I 204 -7.43 70.22 -38.72
N ARG I 205 -6.78 71.39 -38.78
CA ARG I 205 -5.35 71.47 -39.06
C ARG I 205 -4.69 72.28 -37.96
N GLN I 206 -3.76 71.66 -37.25
CA GLN I 206 -3.12 72.24 -36.08
C GLN I 206 -1.65 72.50 -36.38
N ALA I 207 -1.10 73.53 -35.76
CA ALA I 207 0.25 73.99 -36.01
C ALA I 207 1.07 73.95 -34.73
N ALA I 208 2.30 73.45 -34.85
CA ALA I 208 3.28 73.48 -33.77
C ALA I 208 4.57 74.06 -34.31
N ILE I 209 5.37 74.64 -33.41
CA ILE I 209 6.58 75.36 -33.80
C ILE I 209 7.78 74.69 -33.16
N ASP I 210 8.92 74.78 -33.85
CA ASP I 210 10.18 74.35 -33.27
C ASP I 210 10.73 75.46 -32.37
N CYS I 211 11.99 75.29 -31.96
CA CYS I 211 12.61 76.25 -31.04
C CYS I 211 12.88 77.60 -31.70
N GLU I 212 12.77 77.71 -33.02
CA GLU I 212 13.11 78.94 -33.72
C GLU I 212 11.93 79.64 -34.36
N GLY I 213 10.75 79.03 -34.40
CA GLY I 213 9.55 79.65 -34.96
C GLY I 213 9.02 79.00 -36.21
N ASN I 214 9.70 78.01 -36.78
CA ASN I 214 9.21 77.30 -37.95
C ASN I 214 8.14 76.30 -37.54
N GLU I 215 7.17 76.08 -38.43
CA GLU I 215 5.96 75.37 -38.04
C GLU I 215 5.98 73.92 -38.50
N TYR I 216 5.36 73.06 -37.70
CA TYR I 216 4.95 71.72 -38.08
C TYR I 216 3.43 71.68 -38.10
N PHE I 217 2.87 70.81 -38.95
CA PHE I 217 1.43 70.78 -39.16
C PHE I 217 0.90 69.36 -39.01
N HIS I 218 -0.36 69.26 -38.58
CA HIS I 218 -1.04 67.99 -38.35
C HIS I 218 -2.49 68.13 -38.77
N ILE I 219 -3.03 67.09 -39.40
CA ILE I 219 -4.38 67.10 -39.96
C ILE I 219 -5.15 65.90 -39.42
N SER I 220 -6.42 66.13 -39.08
CA SER I 220 -7.29 65.06 -38.61
C SER I 220 -8.74 65.45 -38.94
N CYS I 221 -9.62 64.46 -38.92
CA CYS I 221 -11.01 64.69 -39.26
C CYS I 221 -11.91 63.82 -38.40
N TYR I 222 -13.15 64.28 -38.22
CA TYR I 222 -14.14 63.59 -37.42
C TYR I 222 -15.49 63.63 -38.12
N ASP I 223 -16.31 62.60 -37.89
CA ASP I 223 -17.63 62.50 -38.48
C ASP I 223 -18.68 62.68 -37.38
N ILE I 224 -19.60 63.62 -37.58
CA ILE I 224 -20.63 63.95 -36.61
C ILE I 224 -21.97 63.49 -37.15
N SER I 225 -22.66 62.63 -36.40
CA SER I 225 -23.95 62.09 -36.80
C SER I 225 -25.00 62.54 -35.80
N ILE I 226 -26.12 63.07 -36.30
CA ILE I 226 -27.15 63.63 -35.44
C ILE I 226 -27.94 62.49 -34.80
N GLY I 227 -28.02 62.51 -33.48
CA GLY I 227 -28.73 61.48 -32.73
C GLY I 227 -30.15 61.87 -32.41
N SER I 228 -30.66 61.31 -31.31
CA SER I 228 -32.02 61.56 -30.88
C SER I 228 -32.19 60.98 -29.48
N CYS I 229 -33.42 61.10 -28.96
CA CYS I 229 -33.72 60.59 -27.65
C CYS I 229 -34.02 59.09 -27.70
N GLY I 230 -34.31 58.52 -26.54
CA GLY I 230 -34.64 57.11 -26.44
C GLY I 230 -35.14 56.72 -25.06
N CYS J 23 18.39 78.53 -23.41
CA CYS J 23 17.29 79.50 -23.43
C CYS J 23 16.44 79.38 -22.17
N GLU J 24 16.84 80.10 -21.13
CA GLU J 24 16.08 80.09 -19.89
C GLU J 24 14.69 80.65 -20.12
N SER J 25 13.70 80.10 -19.43
CA SER J 25 12.31 80.46 -19.67
C SER J 25 11.81 81.46 -18.64
N ILE J 26 11.06 82.46 -19.11
CA ILE J 26 10.41 83.45 -18.27
C ILE J 26 8.94 83.51 -18.66
N SER J 27 8.10 83.84 -17.69
CA SER J 27 6.67 83.96 -17.91
C SER J 27 6.22 85.34 -17.46
N ALA J 28 5.35 85.96 -18.25
CA ALA J 28 4.87 87.30 -17.94
C ALA J 28 3.40 87.41 -18.32
N ARG J 29 2.70 88.33 -17.65
CA ARG J 29 1.29 88.57 -17.85
C ARG J 29 1.06 89.98 -18.39
N PRO J 30 0.12 90.18 -19.31
CA PRO J 30 -0.09 91.53 -19.84
C PRO J 30 -0.40 92.54 -18.73
N GLY J 31 0.18 93.72 -18.86
CA GLY J 31 -0.01 94.78 -17.88
C GLY J 31 0.90 94.72 -16.68
N GLU J 32 1.75 93.71 -16.58
CA GLU J 32 2.64 93.57 -15.43
C GLU J 32 4.00 94.17 -15.73
N VAL J 33 4.65 94.66 -14.68
CA VAL J 33 6.04 95.13 -14.74
C VAL J 33 6.79 94.48 -13.59
N ASN J 34 7.85 93.75 -13.91
CA ASN J 34 8.54 92.92 -12.94
C ASN J 34 10.05 93.06 -13.11
N GLY J 35 10.78 92.71 -12.05
CA GLY J 35 12.23 92.81 -12.06
C GLY J 35 12.90 91.45 -12.20
N VAL J 36 14.10 91.46 -12.76
CA VAL J 36 14.87 90.24 -13.01
C VAL J 36 16.31 90.47 -12.53
N MET J 37 16.89 89.43 -11.92
CA MET J 37 18.26 89.47 -11.44
C MET J 37 19.01 88.25 -11.94
N VAL J 38 20.26 88.47 -12.36
CA VAL J 38 21.13 87.41 -12.83
C VAL J 38 22.49 87.55 -12.15
N SER J 39 23.05 86.42 -11.71
CA SER J 39 24.31 86.40 -10.98
C SER J 39 25.44 85.98 -11.90
N TYR J 40 26.60 86.61 -11.74
CA TYR J 40 27.76 86.35 -12.58
C TYR J 40 28.99 85.90 -11.80
N VAL J 41 28.82 85.58 -10.50
CA VAL J 41 29.99 85.24 -9.69
C VAL J 41 30.72 84.04 -10.26
N ALA J 42 29.98 83.04 -10.75
CA ALA J 42 30.62 81.82 -11.23
C ALA J 42 31.52 82.08 -12.42
N TRP J 43 31.25 83.13 -13.19
CA TRP J 43 32.02 83.36 -14.42
C TRP J 43 33.18 84.32 -14.19
N SER J 44 32.93 85.44 -13.51
CA SER J 44 33.94 86.48 -13.34
C SER J 44 34.84 86.27 -12.13
N ALA J 45 34.49 85.35 -11.23
CA ALA J 45 35.31 85.16 -10.04
C ALA J 45 36.73 84.70 -10.36
N PRO J 46 36.96 83.68 -11.19
CA PRO J 46 38.33 83.23 -11.44
C PRO J 46 39.14 84.16 -12.33
N LEU J 47 38.51 84.99 -13.15
CA LEU J 47 39.27 85.88 -14.02
C LEU J 47 40.08 86.90 -13.24
N GLY J 48 39.66 87.22 -12.02
CA GLY J 48 40.35 88.22 -11.23
C GLY J 48 40.00 89.64 -11.67
N GLY J 49 40.62 90.61 -10.99
CA GLY J 49 40.37 92.00 -11.32
C GLY J 49 39.05 92.49 -10.75
N HIS J 50 38.51 93.53 -11.38
CA HIS J 50 37.28 94.14 -10.92
C HIS J 50 36.04 93.33 -11.27
N GLY J 51 36.08 92.57 -12.36
CA GLY J 51 34.91 91.79 -12.74
C GLY J 51 34.08 92.54 -13.76
N LEU J 52 32.78 92.69 -13.48
CA LEU J 52 31.87 93.34 -14.41
C LEU J 52 32.27 94.79 -14.63
N THR J 53 32.03 95.29 -15.84
CA THR J 53 32.47 96.62 -16.23
C THR J 53 31.34 97.50 -16.75
N ASN J 54 30.09 97.08 -16.60
CA ASN J 54 28.94 97.92 -16.95
C ASN J 54 28.95 98.31 -18.43
N LYS J 55 28.89 97.31 -19.31
CA LYS J 55 28.75 97.54 -20.74
C LYS J 55 27.75 96.57 -21.35
N THR J 56 26.59 96.40 -20.69
CA THR J 56 25.61 95.44 -21.16
C THR J 56 24.90 95.95 -22.40
N THR J 57 24.46 95.02 -23.25
CA THR J 57 23.71 95.34 -24.45
C THR J 57 22.57 94.35 -24.60
N PHE J 58 21.40 94.85 -24.99
CA PHE J 58 20.19 94.04 -25.09
C PHE J 58 19.68 94.03 -26.52
N GLU J 59 19.14 92.89 -26.93
CA GLU J 59 18.53 92.73 -28.25
C GLU J 59 17.27 91.88 -28.09
N PHE J 60 16.23 92.24 -28.85
CA PHE J 60 14.97 91.53 -28.81
C PHE J 60 14.67 90.91 -30.17
N GLU J 61 14.14 89.69 -30.15
CA GLU J 61 13.80 88.94 -31.35
C GLU J 61 12.39 88.38 -31.22
N ASN J 62 11.71 88.26 -32.35
CA ASN J 62 10.35 87.72 -32.39
C ASN J 62 10.41 86.29 -32.91
N VAL J 63 9.99 85.34 -32.08
CA VAL J 63 9.91 83.95 -32.53
C VAL J 63 8.50 83.61 -32.99
N SER J 64 7.49 84.13 -32.27
CA SER J 64 6.09 83.91 -32.64
C SER J 64 5.31 85.12 -32.13
N VAL J 65 4.95 86.02 -33.05
CA VAL J 65 4.19 87.22 -32.72
C VAL J 65 2.99 87.32 -33.65
N THR J 66 1.86 87.71 -33.10
CA THR J 66 0.63 87.84 -33.88
C THR J 66 0.44 89.29 -34.29
N GLU J 67 0.16 89.50 -35.58
CA GLU J 67 0.01 90.85 -36.09
C GLU J 67 -1.17 91.52 -35.41
N PRO J 68 -1.03 92.78 -34.98
CA PRO J 68 -2.15 93.46 -34.33
C PRO J 68 -3.24 93.81 -35.34
N LEU J 69 -4.49 93.70 -34.92
CA LEU J 69 -5.63 93.98 -35.77
C LEU J 69 -6.17 95.39 -35.59
N VAL J 70 -5.53 96.21 -34.76
CA VAL J 70 -5.93 97.61 -34.59
C VAL J 70 -4.68 98.47 -34.67
N ASN J 71 -4.88 99.76 -34.92
CA ASN J 71 -3.79 100.70 -35.12
C ASN J 71 -3.75 101.71 -33.98
N SER J 72 -2.57 101.91 -33.42
CA SER J 72 -2.37 102.98 -32.46
C SER J 72 -2.45 104.33 -33.16
N ALA J 73 -2.52 105.39 -32.37
CA ALA J 73 -2.64 106.73 -32.93
C ALA J 73 -2.00 107.74 -31.99
N PHE J 74 -1.70 108.91 -32.55
CA PHE J 74 -1.11 110.02 -31.80
C PHE J 74 -1.81 111.31 -32.24
N GLU J 75 -2.09 112.18 -31.27
CA GLU J 75 -2.80 113.42 -31.54
C GLU J 75 -2.36 114.49 -30.55
N ARG J 76 -2.66 115.74 -30.90
CA ARG J 76 -2.24 116.90 -30.13
C ARG J 76 -3.43 117.77 -29.76
N THR J 77 -3.26 118.54 -28.69
CA THR J 77 -4.26 119.51 -28.25
C THR J 77 -3.55 120.75 -27.73
N PRO J 78 -4.19 121.93 -27.83
CA PRO J 78 -3.59 123.13 -27.23
C PRO J 78 -3.73 123.14 -25.71
N PHE J 79 -3.10 124.14 -25.11
CA PHE J 79 -3.04 124.24 -23.65
C PHE J 79 -4.43 124.50 -23.07
N ASN J 80 -4.82 123.67 -22.10
CA ASN J 80 -6.16 123.72 -21.51
C ASN J 80 -7.26 123.69 -22.57
N THR J 81 -7.14 122.77 -23.54
CA THR J 81 -8.14 122.61 -24.58
C THR J 81 -8.67 121.17 -24.53
N THR J 82 -9.99 121.04 -24.36
CA THR J 82 -10.60 119.72 -24.40
C THR J 82 -10.45 119.12 -25.79
N LEU J 83 -10.11 117.84 -25.84
CA LEU J 83 -9.85 117.13 -27.09
C LEU J 83 -11.00 116.18 -27.38
N ALA J 84 -11.44 116.15 -28.64
CA ALA J 84 -12.49 115.26 -29.10
C ALA J 84 -11.99 114.48 -30.30
N GLY J 85 -12.39 113.22 -30.38
CA GLY J 85 -11.94 112.36 -31.45
C GLY J 85 -12.87 111.18 -31.63
N SER J 86 -12.41 110.21 -32.42
CA SER J 86 -13.19 109.02 -32.70
C SER J 86 -12.26 107.82 -32.82
N LEU J 87 -12.74 106.66 -32.34
CA LEU J 87 -12.00 105.42 -32.44
C LEU J 87 -12.37 104.60 -33.68
N ALA J 88 -13.33 105.07 -34.48
CA ALA J 88 -13.78 104.27 -35.61
C ALA J 88 -12.68 104.05 -36.63
N ALA J 89 -11.90 105.09 -36.92
CA ALA J 89 -10.89 105.00 -37.97
C ALA J 89 -9.72 104.09 -37.62
N LEU J 90 -9.62 103.65 -36.36
CA LEU J 90 -8.48 102.86 -35.91
C LEU J 90 -8.70 101.37 -36.07
N PHE J 91 -9.85 100.93 -36.57
CA PHE J 91 -10.13 99.51 -36.78
C PHE J 91 -10.39 99.26 -38.26
N PRO J 92 -9.38 98.84 -39.04
CA PRO J 92 -9.60 98.65 -40.48
C PRO J 92 -10.09 97.26 -40.83
N ASN J 93 -11.24 96.86 -40.29
CA ASN J 93 -11.79 95.56 -40.64
C ASN J 93 -12.24 95.57 -42.10
N PRO J 94 -12.10 94.44 -42.80
CA PRO J 94 -12.55 94.37 -44.19
C PRO J 94 -14.02 94.00 -44.36
N GLU J 95 -14.78 93.92 -43.26
CA GLU J 95 -16.16 93.48 -43.31
C GLU J 95 -17.05 94.48 -42.58
N GLY J 96 -18.35 94.38 -42.83
CA GLY J 96 -19.32 95.21 -42.15
C GLY J 96 -19.81 94.58 -40.86
N GLU J 97 -18.93 93.84 -40.19
CA GLU J 97 -19.31 93.16 -38.96
C GLU J 97 -19.58 94.18 -37.85
N ALA J 98 -20.39 93.76 -36.89
CA ALA J 98 -20.76 94.62 -35.78
C ALA J 98 -19.52 94.98 -34.95
N VAL J 99 -19.52 96.20 -34.42
CA VAL J 99 -18.41 96.71 -33.64
C VAL J 99 -18.93 97.24 -32.31
N GLU J 100 -18.03 97.26 -31.31
CA GLU J 100 -18.35 97.80 -30.01
C GLU J 100 -17.05 98.29 -29.37
N TYR J 101 -17.12 99.46 -28.73
CA TYR J 101 -15.95 100.13 -28.20
C TYR J 101 -16.00 100.14 -26.68
N GLU J 102 -14.82 100.02 -26.07
CA GLU J 102 -14.71 100.03 -24.62
C GLU J 102 -13.38 100.67 -24.22
N ILE J 103 -13.31 101.10 -22.96
CA ILE J 103 -12.10 101.69 -22.39
C ILE J 103 -11.67 100.83 -21.21
N LEU J 104 -10.39 100.48 -21.19
CA LEU J 104 -9.84 99.66 -20.11
C LEU J 104 -9.68 100.52 -18.87
N GLU J 105 -10.47 100.24 -17.83
CA GLU J 105 -10.45 101.09 -16.64
C GLU J 105 -9.23 100.84 -15.77
N LEU J 106 -8.57 99.69 -15.91
CA LEU J 106 -7.39 99.41 -15.10
C LEU J 106 -6.21 100.31 -15.47
N TYR J 107 -6.30 101.04 -16.59
CA TYR J 107 -5.18 101.81 -17.12
C TYR J 107 -5.59 103.26 -17.30
N PRO J 108 -6.07 103.91 -16.24
CA PRO J 108 -6.60 105.26 -16.38
C PRO J 108 -5.52 106.26 -16.73
N PRO J 109 -5.85 107.32 -17.46
CA PRO J 109 -4.85 108.35 -17.73
C PRO J 109 -4.39 109.03 -16.45
N VAL J 110 -3.14 109.46 -16.45
CA VAL J 110 -2.54 110.01 -15.23
C VAL J 110 -2.90 111.48 -15.02
N ASN J 111 -2.97 112.27 -16.09
CA ASN J 111 -3.17 113.72 -15.97
C ASN J 111 -4.46 114.19 -16.66
N GLY J 112 -5.46 113.33 -16.77
CA GLY J 112 -6.70 113.71 -17.39
C GLY J 112 -7.80 112.71 -17.08
N ILE J 113 -8.97 112.97 -17.66
CA ILE J 113 -10.12 112.08 -17.54
C ILE J 113 -10.71 111.87 -18.92
N VAL J 114 -11.11 110.64 -19.21
CA VAL J 114 -11.64 110.27 -20.51
C VAL J 114 -13.12 109.91 -20.35
N GLU J 115 -13.89 110.23 -21.38
CA GLU J 115 -15.31 109.91 -21.44
C GLU J 115 -15.59 109.23 -22.77
N LEU J 116 -16.35 108.15 -22.74
CA LEU J 116 -16.67 107.37 -23.94
C LEU J 116 -18.11 107.65 -24.33
N GLY J 117 -18.30 108.04 -25.60
CA GLY J 117 -19.61 108.34 -26.13
C GLY J 117 -20.20 107.18 -26.88
N GLU J 118 -20.90 107.48 -27.97
CA GLU J 118 -21.51 106.47 -28.82
C GLU J 118 -20.75 106.34 -30.13
N ASN J 119 -20.62 105.09 -30.58
CA ASN J 119 -19.97 104.80 -31.86
C ASN J 119 -18.53 105.28 -31.87
N GLY J 120 -17.82 105.06 -30.76
CA GLY J 120 -16.40 105.35 -30.71
C GLY J 120 -16.04 106.80 -30.45
N ALA J 121 -17.02 107.67 -30.22
CA ALA J 121 -16.71 109.05 -29.89
C ALA J 121 -16.24 109.16 -28.45
N PHE J 122 -15.14 109.87 -28.23
CA PHE J 122 -14.53 109.99 -26.91
C PHE J 122 -14.11 111.43 -26.67
N THR J 123 -13.98 111.79 -25.39
CA THR J 123 -13.61 113.13 -24.98
C THR J 123 -12.51 113.04 -23.94
N TYR J 124 -11.46 113.84 -24.12
CA TYR J 124 -10.35 113.92 -23.18
C TYR J 124 -10.32 115.31 -22.56
N ARG J 125 -10.17 115.37 -21.23
CA ARG J 125 -10.27 116.62 -20.47
C ARG J 125 -9.00 116.78 -19.66
N PRO J 126 -7.96 117.40 -20.22
CA PRO J 126 -6.69 117.51 -19.49
C PRO J 126 -6.83 118.32 -18.22
N ALA J 127 -6.01 117.96 -17.23
CA ALA J 127 -6.02 118.69 -15.97
C ALA J 127 -5.41 120.07 -16.15
N THR J 128 -5.74 120.96 -15.23
CA THR J 128 -5.29 122.34 -15.32
C THR J 128 -3.77 122.43 -15.20
N SER J 129 -3.17 123.26 -16.04
CA SER J 129 -1.74 123.57 -15.99
C SER J 129 -0.86 122.37 -16.30
N PHE J 130 -1.44 121.31 -16.87
CA PHE J 130 -0.65 120.15 -17.23
C PHE J 130 -0.05 120.30 -18.63
N THR J 131 1.16 119.81 -18.80
CA THR J 131 1.84 119.84 -20.09
C THR J 131 2.75 118.64 -20.19
N GLY J 132 2.50 117.75 -21.14
CA GLY J 132 3.31 116.56 -21.31
C GLY J 132 2.58 115.55 -22.17
N ILE J 133 2.93 114.28 -21.95
CA ILE J 133 2.38 113.15 -22.69
C ILE J 133 1.50 112.33 -21.77
N ASP J 134 0.32 111.96 -22.26
CA ASP J 134 -0.61 111.14 -21.49
C ASP J 134 -1.16 110.04 -22.41
N ARG J 135 -1.62 108.96 -21.78
CA ARG J 135 -1.99 107.76 -22.52
C ARG J 135 -3.29 107.19 -21.97
N PHE J 136 -3.98 106.41 -22.80
CA PHE J 136 -5.02 105.52 -22.34
C PHE J 136 -5.18 104.40 -23.36
N TRP J 137 -5.69 103.26 -22.90
CA TRP J 137 -5.79 102.06 -23.71
C TRP J 137 -7.26 101.75 -23.97
N PHE J 138 -7.58 101.37 -25.20
CA PHE J 138 -8.94 101.11 -25.62
C PHE J 138 -9.03 99.72 -26.23
N SER J 139 -10.25 99.17 -26.21
CA SER J 139 -10.53 97.85 -26.76
C SER J 139 -11.66 97.95 -27.77
N ILE J 140 -11.40 97.47 -29.00
CA ILE J 140 -12.37 97.47 -30.07
C ILE J 140 -12.65 96.01 -30.44
N ASN J 141 -13.87 95.55 -30.14
CA ASN J 141 -14.29 94.21 -30.51
C ASN J 141 -13.32 93.15 -29.99
N GLY J 142 -12.69 93.43 -28.85
CA GLY J 142 -11.76 92.50 -28.23
C GLY J 142 -10.30 92.73 -28.54
N ASN J 143 -9.98 93.70 -29.40
CA ASN J 143 -8.61 94.00 -29.78
C ASN J 143 -8.13 95.24 -29.04
N VAL J 144 -6.93 95.17 -28.47
CA VAL J 144 -6.39 96.23 -27.62
C VAL J 144 -5.50 97.13 -28.47
N GLY J 145 -5.44 98.41 -28.09
CA GLY J 145 -4.60 99.37 -28.78
C GLY J 145 -4.22 100.52 -27.86
N GLU J 146 -3.29 101.34 -28.33
CA GLU J 146 -2.77 102.47 -27.58
C GLU J 146 -3.13 103.77 -28.29
N PHE J 147 -3.47 104.79 -27.51
CA PHE J 147 -3.75 106.12 -28.02
C PHE J 147 -2.97 107.12 -27.18
N VAL J 148 -2.23 108.01 -27.84
CA VAL J 148 -1.31 108.93 -27.17
C VAL J 148 -1.80 110.36 -27.41
N ILE J 149 -1.74 111.19 -26.37
CA ILE J 149 -2.13 112.58 -26.44
C ILE J 149 -1.01 113.44 -25.87
N ALA J 150 -0.65 114.49 -26.60
CA ALA J 150 0.36 115.45 -26.16
C ALA J 150 -0.31 116.79 -25.94
N VAL J 151 -0.12 117.37 -24.76
CA VAL J 151 -0.73 118.65 -24.40
C VAL J 151 0.35 119.72 -24.55
N ASP J 152 0.13 120.64 -25.49
CA ASP J 152 1.12 121.66 -25.78
C ASP J 152 1.16 122.69 -24.64
N PRO J 153 2.29 123.35 -24.45
CA PRO J 153 2.36 124.42 -23.45
C PRO J 153 1.62 125.66 -23.91
N ALA J 154 1.40 126.58 -22.97
CA ALA J 154 0.75 127.84 -23.31
C ALA J 154 1.57 128.62 -24.34
N GLN J 155 2.88 128.68 -24.13
CA GLN J 155 3.78 129.36 -25.07
C GLN J 155 5.01 128.48 -25.29
N GLY J 156 5.54 128.55 -26.50
CA GLY J 156 6.72 127.79 -26.86
C GLY J 156 6.47 126.85 -28.03
N PRO J 157 7.49 126.11 -28.41
CA PRO J 157 7.39 125.24 -29.60
C PRO J 157 6.55 123.99 -29.31
N GLN J 158 6.28 123.25 -30.38
CA GLN J 158 5.48 122.04 -30.26
C GLN J 158 6.27 120.93 -29.56
N ILE J 159 5.54 120.02 -28.93
CA ILE J 159 6.14 118.87 -28.27
C ILE J 159 6.30 117.75 -29.29
N ALA J 160 7.45 117.07 -29.23
CA ALA J 160 7.74 116.02 -30.19
C ALA J 160 6.85 114.80 -29.95
N GLN J 161 6.61 114.05 -31.02
CA GLN J 161 5.81 112.84 -30.93
C GLN J 161 6.67 111.70 -30.39
N PRO J 162 6.28 111.03 -29.30
CA PRO J 162 7.10 109.96 -28.75
C PRO J 162 6.82 108.64 -29.46
N PRO J 163 7.74 107.69 -29.40
CA PRO J 163 7.48 106.38 -30.00
C PRO J 163 6.44 105.60 -29.21
N PHE J 164 5.79 104.66 -29.89
CA PHE J 164 4.76 103.86 -29.26
C PHE J 164 5.37 102.83 -28.31
N THR J 165 4.52 102.27 -27.46
CA THR J 165 4.97 101.32 -26.44
C THR J 165 5.10 99.93 -27.05
N PRO J 166 6.28 99.31 -27.03
CA PRO J 166 6.40 97.95 -27.57
C PRO J 166 5.62 96.95 -26.72
N ALA J 167 5.43 95.75 -27.29
CA ALA J 167 4.73 94.69 -26.55
C ALA J 167 5.47 94.34 -25.27
N VAL J 168 6.79 94.17 -25.36
CA VAL J 168 7.64 93.95 -24.19
C VAL J 168 8.88 94.79 -24.36
N TYR J 169 9.30 95.45 -23.28
CA TYR J 169 10.40 96.40 -23.35
C TYR J 169 11.20 96.33 -22.06
N VAL J 170 12.45 96.78 -22.16
CA VAL J 170 13.35 96.93 -21.02
C VAL J 170 13.81 98.38 -20.99
N PRO J 171 13.36 99.20 -20.04
CA PRO J 171 13.80 100.60 -20.03
C PRO J 171 15.28 100.70 -19.72
N LEU J 172 16.08 101.06 -20.74
CA LEU J 172 17.52 101.03 -20.60
C LEU J 172 18.05 102.09 -19.65
N SER J 173 17.27 103.14 -19.38
CA SER J 173 17.70 104.11 -18.38
C SER J 173 17.81 103.48 -17.00
N ARG J 174 17.00 102.46 -16.73
CA ARG J 174 17.02 101.75 -15.45
C ARG J 174 17.86 100.50 -15.61
N ARG J 175 19.04 100.50 -14.99
CA ARG J 175 19.93 99.35 -15.04
C ARG J 175 21.09 99.59 -14.07
N GLU J 176 21.51 98.54 -13.40
CA GLU J 176 22.58 98.64 -12.41
C GLU J 176 23.31 97.31 -12.31
N VAL J 177 24.56 97.38 -11.89
CA VAL J 177 25.38 96.21 -11.61
C VAL J 177 25.92 96.35 -10.20
N ASN J 178 25.71 95.32 -9.37
CA ASN J 178 26.20 95.32 -7.99
C ASN J 178 27.63 94.77 -8.01
N LYS J 179 28.58 95.68 -8.22
CA LYS J 179 29.98 95.27 -8.34
C LYS J 179 30.48 94.60 -7.08
N GLN J 180 29.84 94.86 -5.93
CA GLN J 180 30.26 94.20 -4.69
C GLN J 180 29.93 92.72 -4.68
N THR J 181 28.98 92.27 -5.51
CA THR J 181 28.59 90.87 -5.53
C THR J 181 28.40 90.33 -6.95
N GLN J 182 28.80 91.08 -7.97
CA GLN J 182 28.78 90.61 -9.35
C GLN J 182 27.39 90.14 -9.75
N ALA J 183 26.45 91.08 -9.73
CA ALA J 183 25.07 90.79 -10.11
C ALA J 183 24.55 91.92 -10.98
N LEU J 184 23.56 91.60 -11.82
CA LEU J 184 22.94 92.54 -12.73
C LEU J 184 21.44 92.53 -12.52
N ARG J 185 20.84 93.72 -12.53
CA ARG J 185 19.40 93.89 -12.36
C ARG J 185 18.84 94.79 -13.45
N PHE J 186 17.68 94.43 -13.98
CA PHE J 186 16.98 95.24 -14.95
C PHE J 186 15.47 95.05 -14.76
N VAL J 187 14.70 95.91 -15.42
CA VAL J 187 13.25 95.93 -15.29
C VAL J 187 12.64 95.44 -16.59
N LEU J 188 11.73 94.47 -16.48
CA LEU J 188 11.03 93.90 -17.63
C LEU J 188 9.57 94.29 -17.55
N GLY J 189 9.08 94.97 -18.59
CA GLY J 189 7.72 95.45 -18.62
C GLY J 189 6.95 94.97 -19.83
N VAL J 190 5.71 94.52 -19.62
CA VAL J 190 4.86 94.01 -20.67
C VAL J 190 3.72 94.99 -20.90
N SER J 191 3.53 95.39 -22.15
CA SER J 191 2.44 96.30 -22.47
C SER J 191 1.10 95.57 -22.34
N PRO J 192 0.02 96.28 -22.01
CA PRO J 192 -1.29 95.62 -21.93
C PRO J 192 -1.75 95.05 -23.26
N ALA J 193 -1.18 95.53 -24.36
CA ALA J 193 -1.59 95.09 -25.69
C ALA J 193 -1.02 93.74 -26.09
N ALA J 194 -0.07 93.20 -25.33
CA ALA J 194 0.53 91.92 -25.69
C ALA J 194 -0.54 90.84 -25.74
N LYS J 195 -0.52 90.05 -26.81
CA LYS J 195 -1.51 88.99 -26.96
C LYS J 195 -1.00 87.71 -26.32
N PRO J 196 -1.78 87.04 -25.49
CA PRO J 196 -1.29 85.83 -24.81
C PRO J 196 -0.95 84.72 -25.81
N ALA J 197 -0.06 83.84 -25.37
CA ALA J 197 0.47 82.70 -26.12
C ALA J 197 1.58 83.09 -27.08
N ASP J 198 1.95 84.36 -27.17
CA ASP J 198 3.07 84.76 -27.99
C ASP J 198 4.37 84.62 -27.21
N ILE J 199 5.49 84.61 -27.94
CA ILE J 199 6.80 84.35 -27.37
C ILE J 199 7.79 85.36 -27.92
N TYR J 200 8.68 85.86 -27.07
CA TYR J 200 9.74 86.77 -27.45
C TYR J 200 11.07 86.29 -26.87
N ARG J 201 12.16 86.67 -27.51
CA ARG J 201 13.50 86.26 -27.10
C ARG J 201 14.35 87.48 -26.80
N LEU J 202 15.11 87.40 -25.72
CA LEU J 202 15.97 88.49 -25.26
C LEU J 202 17.41 87.99 -25.19
N ASN J 203 18.33 88.76 -25.76
CA ASN J 203 19.75 88.45 -25.75
C ASN J 203 20.50 89.49 -24.92
N ILE J 204 21.42 89.03 -24.07
CA ILE J 204 22.20 89.90 -23.21
C ILE J 204 23.68 89.60 -23.42
N ARG J 205 24.46 90.65 -23.65
CA ARG J 205 25.90 90.54 -23.80
C ARG J 205 26.57 91.39 -22.73
N GLN J 206 27.32 90.75 -21.84
CA GLN J 206 27.92 91.41 -20.69
C GLN J 206 29.43 91.38 -20.82
N ALA J 207 30.08 92.41 -20.29
CA ALA J 207 31.52 92.58 -20.40
C ALA J 207 32.17 92.57 -19.02
N ALA J 208 33.43 92.18 -18.99
CA ALA J 208 34.22 92.19 -17.76
C ALA J 208 35.67 92.47 -18.10
N ILE J 209 36.40 92.98 -17.12
CA ILE J 209 37.81 93.34 -17.27
C ILE J 209 38.61 92.63 -16.19
N ASP J 210 39.70 91.99 -16.58
CA ASP J 210 40.56 91.27 -15.64
C ASP J 210 41.58 92.24 -15.05
N CYS J 211 42.57 91.69 -14.33
CA CYS J 211 43.57 92.51 -13.67
C CYS J 211 44.46 93.25 -14.65
N GLU J 212 44.77 92.65 -15.80
CA GLU J 212 45.73 93.21 -16.74
C GLU J 212 45.05 94.07 -17.81
N GLY J 213 43.73 94.19 -17.78
CA GLY J 213 43.02 95.01 -18.74
C GLY J 213 42.47 94.28 -19.94
N ASN J 214 42.55 92.96 -19.97
CA ASN J 214 41.94 92.20 -21.06
C ASN J 214 40.43 92.17 -20.88
N GLU J 215 39.70 92.48 -21.96
CA GLU J 215 38.25 92.46 -21.91
C GLU J 215 37.72 91.06 -22.20
N TYR J 216 36.69 90.67 -21.45
CA TYR J 216 35.99 89.41 -21.66
C TYR J 216 34.52 89.70 -21.85
N PHE J 217 33.84 88.81 -22.57
CA PHE J 217 32.43 88.99 -22.89
C PHE J 217 31.68 87.69 -22.63
N HIS J 218 30.40 87.82 -22.29
CA HIS J 218 29.53 86.68 -22.00
C HIS J 218 28.16 86.93 -22.62
N ILE J 219 27.59 85.89 -23.22
CA ILE J 219 26.33 85.98 -23.94
C ILE J 219 25.35 84.98 -23.34
N SER J 220 24.10 85.39 -23.19
CA SER J 220 23.03 84.53 -22.71
C SER J 220 21.72 84.99 -23.32
N CYS J 221 20.70 84.15 -23.20
CA CYS J 221 19.40 84.47 -23.77
C CYS J 221 18.31 83.92 -22.86
N TYR J 222 17.13 84.53 -22.94
CA TYR J 222 15.98 84.15 -22.12
C TYR J 222 14.74 84.18 -22.99
N ASP J 223 13.82 83.23 -22.76
CA ASP J 223 12.58 83.12 -23.50
C ASP J 223 11.44 83.70 -22.67
N ILE J 224 10.69 84.63 -23.25
CA ILE J 224 9.58 85.28 -22.59
C ILE J 224 8.30 84.84 -23.29
N SER J 225 7.38 84.24 -22.54
CA SER J 225 6.10 83.78 -23.07
C SER J 225 4.98 84.42 -22.29
N ILE J 226 3.96 84.90 -23.01
CA ILE J 226 2.86 85.63 -22.38
C ILE J 226 1.85 84.65 -21.80
N GLY J 227 1.50 84.84 -20.53
CA GLY J 227 0.52 84.02 -19.85
C GLY J 227 -0.80 84.72 -19.69
N SER J 228 -1.54 84.34 -18.65
CA SER J 228 -2.84 84.93 -18.36
C SER J 228 -3.28 84.45 -16.98
N CYS J 229 -4.50 84.85 -16.60
CA CYS J 229 -5.05 84.50 -15.31
C CYS J 229 -5.81 83.17 -15.38
N GLY J 230 -6.27 82.70 -14.23
CA GLY J 230 -7.02 81.47 -14.15
C GLY J 230 -7.66 81.27 -12.79
N CYS K 23 -29.23 78.04 9.65
CA CYS K 23 -30.41 78.27 10.47
C CYS K 23 -30.34 77.46 11.76
N GLU K 24 -29.75 78.05 12.79
CA GLU K 24 -29.64 77.38 14.07
C GLU K 24 -31.02 77.15 14.67
N SER K 25 -31.15 76.06 15.43
CA SER K 25 -32.43 75.63 15.97
C SER K 25 -32.55 75.98 17.44
N ILE K 26 -33.71 76.52 17.81
CA ILE K 26 -34.05 76.83 19.19
C ILE K 26 -35.38 76.17 19.52
N SER K 27 -35.45 75.51 20.66
CA SER K 27 -36.67 74.84 21.11
C SER K 27 -37.29 75.64 22.25
N ALA K 28 -38.59 75.90 22.15
CA ALA K 28 -39.29 76.71 23.12
C ALA K 28 -40.59 76.04 23.51
N ARG K 29 -41.06 76.35 24.72
CA ARG K 29 -42.29 75.81 25.29
C ARG K 29 -43.30 76.92 25.53
N PRO K 30 -44.59 76.69 25.31
CA PRO K 30 -45.57 77.75 25.58
C PRO K 30 -45.50 78.22 27.02
N GLY K 31 -45.60 79.53 27.21
CA GLY K 31 -45.58 80.11 28.54
C GLY K 31 -44.21 80.32 29.13
N GLU K 32 -43.15 79.94 28.43
CA GLU K 32 -41.81 80.08 28.96
C GLU K 32 -41.16 81.37 28.47
N VAL K 33 -40.24 81.89 29.29
CA VAL K 33 -39.42 83.04 28.93
C VAL K 33 -37.97 82.69 29.23
N ASN K 34 -37.11 82.83 28.23
CA ASN K 34 -35.73 82.37 28.33
C ASN K 34 -34.80 83.39 27.70
N GLY K 35 -33.52 83.28 28.03
CA GLY K 35 -32.50 84.17 27.52
C GLY K 35 -31.60 83.49 26.50
N VAL K 36 -31.04 84.29 25.61
CA VAL K 36 -30.17 83.80 24.54
C VAL K 36 -28.93 84.69 24.47
N MET K 37 -27.78 84.08 24.23
CA MET K 37 -26.52 84.79 24.13
C MET K 37 -25.77 84.31 22.88
N VAL K 38 -25.19 85.25 22.14
CA VAL K 38 -24.43 84.96 20.94
C VAL K 38 -23.10 85.70 21.01
N SER K 39 -22.03 85.00 20.65
CA SER K 39 -20.67 85.53 20.73
C SER K 39 -20.21 85.96 19.34
N TYR K 40 -19.60 87.14 19.26
CA TYR K 40 -19.15 87.71 17.99
C TYR K 40 -17.63 87.88 17.90
N VAL K 41 -16.87 87.33 18.85
CA VAL K 41 -15.43 87.57 18.88
C VAL K 41 -14.78 87.10 17.58
N ALA K 42 -15.23 85.97 17.05
CA ALA K 42 -14.58 85.41 15.87
C ALA K 42 -14.70 86.33 14.66
N TRP K 43 -15.73 87.17 14.63
CA TRP K 43 -15.98 88.03 13.48
C TRP K 43 -15.44 89.45 13.69
N SER K 44 -15.54 89.98 14.91
CA SER K 44 -15.16 91.37 15.17
C SER K 44 -13.70 91.51 15.61
N ALA K 45 -13.08 90.44 16.11
CA ALA K 45 -11.71 90.57 16.61
C ALA K 45 -10.74 91.01 15.52
N PRO K 46 -10.66 90.36 14.36
CA PRO K 46 -9.66 90.77 13.36
C PRO K 46 -9.91 92.14 12.76
N LEU K 47 -11.15 92.62 12.76
CA LEU K 47 -11.42 93.92 12.15
C LEU K 47 -10.78 95.06 12.93
N GLY K 48 -10.52 94.88 14.21
CA GLY K 48 -9.91 95.93 15.02
C GLY K 48 -10.90 97.00 15.40
N GLY K 49 -10.40 97.99 16.13
CA GLY K 49 -11.25 99.11 16.53
C GLY K 49 -12.15 98.78 17.70
N HIS K 50 -13.23 99.56 17.82
CA HIS K 50 -14.15 99.38 18.94
C HIS K 50 -14.81 98.00 18.93
N GLY K 51 -15.25 97.54 17.76
CA GLY K 51 -15.92 96.24 17.70
C GLY K 51 -17.40 96.43 17.45
N LEU K 52 -18.22 95.86 18.34
CA LEU K 52 -19.66 95.89 18.16
C LEU K 52 -20.21 97.28 18.45
N THR K 53 -21.48 97.48 18.07
CA THR K 53 -22.18 98.74 18.29
C THR K 53 -23.65 98.44 18.50
N ASN K 54 -24.32 99.31 19.24
CA ASN K 54 -25.73 99.10 19.58
C ASN K 54 -26.65 99.51 18.44
N LYS K 55 -26.66 98.73 17.35
CA LYS K 55 -27.56 98.96 16.22
C LYS K 55 -28.25 97.68 15.78
N THR K 56 -28.43 96.72 16.67
CA THR K 56 -29.05 95.44 16.29
C THR K 56 -30.48 95.65 15.80
N THR K 57 -30.86 94.88 14.80
CA THR K 57 -32.21 94.93 14.23
C THR K 57 -32.76 93.51 14.16
N PHE K 58 -33.98 93.33 14.66
CA PHE K 58 -34.64 92.03 14.70
C PHE K 58 -35.83 92.01 13.76
N GLU K 59 -36.06 90.85 13.14
CA GLU K 59 -37.20 90.65 12.25
C GLU K 59 -37.70 89.23 12.42
N PHE K 60 -39.02 89.06 12.35
CA PHE K 60 -39.65 87.75 12.53
C PHE K 60 -40.39 87.36 11.25
N GLU K 61 -40.28 86.09 10.89
CA GLU K 61 -40.94 85.54 9.72
C GLU K 61 -41.63 84.23 10.09
N ASN K 62 -42.79 83.99 9.48
CA ASN K 62 -43.52 82.75 9.69
C ASN K 62 -43.17 81.74 8.61
N VAL K 63 -43.02 80.49 9.03
CA VAL K 63 -42.80 79.37 8.12
C VAL K 63 -43.94 78.36 8.18
N SER K 64 -44.43 78.06 9.39
CA SER K 64 -45.57 77.17 9.57
C SER K 64 -46.32 77.62 10.81
N VAL K 65 -47.39 78.38 10.62
CA VAL K 65 -48.20 78.89 11.71
C VAL K 65 -49.65 78.48 11.48
N THR K 66 -50.30 77.99 12.53
CA THR K 66 -51.70 77.58 12.48
C THR K 66 -52.57 78.73 12.92
N GLU K 67 -53.51 79.12 12.08
CA GLU K 67 -54.36 80.26 12.40
C GLU K 67 -55.17 79.98 13.66
N PRO K 68 -55.23 80.92 14.60
CA PRO K 68 -56.00 80.68 15.83
C PRO K 68 -57.48 80.54 15.53
N LEU K 69 -58.15 79.71 16.32
CA LEU K 69 -59.59 79.47 16.16
C LEU K 69 -60.42 80.32 17.12
N VAL K 70 -59.80 81.17 17.93
CA VAL K 70 -60.52 82.03 18.85
C VAL K 70 -60.01 83.45 18.71
N ASN K 71 -60.84 84.41 19.14
CA ASN K 71 -60.50 85.82 19.00
C ASN K 71 -60.13 86.41 20.36
N SER K 72 -59.18 87.33 20.34
CA SER K 72 -58.85 88.10 21.52
C SER K 72 -59.91 89.18 21.75
N ALA K 73 -59.72 89.97 22.80
CA ALA K 73 -60.67 91.03 23.11
C ALA K 73 -60.00 92.06 24.01
N PHE K 74 -60.62 93.24 24.07
CA PHE K 74 -60.14 94.34 24.90
C PHE K 74 -61.35 95.09 25.44
N GLU K 75 -61.30 95.43 26.72
CA GLU K 75 -62.41 96.14 27.36
C GLU K 75 -61.87 97.02 28.47
N ARG K 76 -62.66 98.02 28.84
CA ARG K 76 -62.28 99.01 29.85
C ARG K 76 -63.34 99.10 30.93
N THR K 77 -62.94 99.61 32.08
CA THR K 77 -63.83 99.77 33.22
C THR K 77 -63.49 101.07 33.95
N PRO K 78 -64.45 101.67 34.65
CA PRO K 78 -64.13 102.85 35.46
C PRO K 78 -63.35 102.50 36.71
N PHE K 79 -62.91 103.54 37.40
CA PHE K 79 -62.05 103.38 38.57
C PHE K 79 -62.79 102.66 39.69
N ASN K 80 -62.20 101.57 40.17
CA ASN K 80 -62.81 100.70 41.19
C ASN K 80 -64.23 100.28 40.82
N THR K 81 -64.43 99.85 39.58
CA THR K 81 -65.73 99.33 39.14
C THR K 81 -65.55 97.88 38.73
N THR K 82 -66.36 97.00 39.34
CA THR K 82 -66.32 95.60 38.95
C THR K 82 -66.79 95.44 37.51
N LEU K 83 -66.13 94.55 36.77
CA LEU K 83 -66.40 94.35 35.36
C LEU K 83 -67.01 92.99 35.13
N ALA K 84 -67.99 92.93 34.22
CA ALA K 84 -68.64 91.68 33.85
C ALA K 84 -68.66 91.57 32.33
N GLY K 85 -68.53 90.33 31.85
CA GLY K 85 -68.50 90.10 30.42
C GLY K 85 -68.87 88.68 30.09
N SER K 86 -68.58 88.29 28.86
CA SER K 86 -68.93 86.97 28.36
C SER K 86 -67.84 86.46 27.42
N LEU K 87 -67.53 85.17 27.52
CA LEU K 87 -66.55 84.55 26.64
C LEU K 87 -67.20 83.92 25.41
N ALA K 88 -68.52 83.92 25.32
CA ALA K 88 -69.20 83.21 24.23
C ALA K 88 -68.88 83.82 22.87
N ALA K 89 -68.84 85.15 22.78
CA ALA K 89 -68.69 85.80 21.49
C ALA K 89 -67.31 85.64 20.89
N LEU K 90 -66.34 85.11 21.63
CA LEU K 90 -64.97 85.00 21.17
C LEU K 90 -64.66 83.68 20.46
N PHE K 91 -65.66 82.83 20.25
CA PHE K 91 -65.47 81.53 19.60
C PHE K 91 -66.45 81.41 18.45
N PRO K 92 -66.13 81.97 17.28
CA PRO K 92 -67.06 81.92 16.14
C PRO K 92 -67.00 80.58 15.40
N ASN K 93 -67.37 79.51 16.08
CA ASN K 93 -67.41 78.21 15.44
C ASN K 93 -68.58 78.16 14.46
N PRO K 94 -68.38 77.59 13.27
CA PRO K 94 -69.47 77.56 12.28
C PRO K 94 -70.44 76.41 12.44
N GLU K 95 -70.26 75.55 13.45
CA GLU K 95 -71.10 74.39 13.65
C GLU K 95 -71.62 74.38 15.08
N GLY K 96 -72.78 73.75 15.26
CA GLY K 96 -73.37 73.64 16.58
C GLY K 96 -72.81 72.47 17.36
N GLU K 97 -71.90 72.75 18.28
CA GLU K 97 -71.25 71.71 19.07
C GLU K 97 -71.08 72.19 20.50
N ALA K 98 -70.86 71.23 21.40
CA ALA K 98 -70.74 71.54 22.81
C ALA K 98 -69.55 72.46 23.05
N VAL K 99 -69.72 73.39 23.99
CA VAL K 99 -68.69 74.35 24.36
C VAL K 99 -68.50 74.32 25.86
N GLU K 100 -67.23 74.32 26.30
CA GLU K 100 -66.89 74.35 27.71
C GLU K 100 -65.78 75.36 27.92
N TYR K 101 -65.98 76.25 28.88
CA TYR K 101 -65.07 77.35 29.14
C TYR K 101 -64.24 77.07 30.39
N GLU K 102 -62.98 77.50 30.36
CA GLU K 102 -62.08 77.31 31.49
C GLU K 102 -61.14 78.52 31.59
N ILE K 103 -60.53 78.68 32.75
CA ILE K 103 -59.56 79.73 33.01
C ILE K 103 -58.23 79.07 33.34
N LEU K 104 -57.16 79.53 32.69
CA LEU K 104 -55.83 78.98 32.91
C LEU K 104 -55.29 79.55 34.22
N GLU K 105 -55.13 78.68 35.21
CA GLU K 105 -54.71 79.13 36.53
C GLU K 105 -53.23 79.48 36.60
N LEU K 106 -52.41 78.94 35.70
CA LEU K 106 -50.97 79.18 35.78
C LEU K 106 -50.61 80.63 35.49
N TYR K 107 -51.49 81.39 34.86
CA TYR K 107 -51.22 82.77 34.47
C TYR K 107 -52.29 83.70 35.05
N PRO K 108 -52.34 83.81 36.37
CA PRO K 108 -53.39 84.62 37.00
C PRO K 108 -53.15 86.10 36.77
N PRO K 109 -54.19 86.92 36.86
CA PRO K 109 -53.99 88.37 36.73
C PRO K 109 -53.14 88.91 37.87
N VAL K 110 -52.45 90.00 37.60
CA VAL K 110 -51.51 90.56 38.57
C VAL K 110 -52.20 91.48 39.57
N ASN K 111 -53.14 92.30 39.11
CA ASN K 111 -53.77 93.31 39.96
C ASN K 111 -55.28 93.11 40.08
N GLY K 112 -55.74 91.87 40.12
CA GLY K 112 -57.15 91.61 40.27
C GLY K 112 -57.42 90.14 40.50
N ILE K 113 -58.69 89.80 40.56
CA ILE K 113 -59.14 88.42 40.71
C ILE K 113 -60.29 88.18 39.73
N VAL K 114 -60.29 86.99 39.13
CA VAL K 114 -61.30 86.61 38.15
C VAL K 114 -62.17 85.51 38.74
N GLU K 115 -63.41 85.45 38.28
CA GLU K 115 -64.35 84.42 38.69
C GLU K 115 -65.13 83.98 37.46
N LEU K 116 -65.15 82.67 37.21
CA LEU K 116 -65.83 82.11 36.05
C LEU K 116 -67.19 81.58 36.48
N GLY K 117 -68.24 82.06 35.81
CA GLY K 117 -69.58 81.62 36.11
C GLY K 117 -70.00 80.42 35.28
N GLU K 118 -71.09 80.56 34.54
CA GLU K 118 -71.59 79.49 33.67
C GLU K 118 -71.89 80.07 32.30
N ASN K 119 -71.74 79.22 31.28
CA ASN K 119 -71.98 79.60 29.90
C ASN K 119 -71.11 80.79 29.48
N GLY K 120 -69.86 80.77 29.94
CA GLY K 120 -68.92 81.79 29.54
C GLY K 120 -69.02 83.11 30.28
N ALA K 121 -69.88 83.20 31.29
CA ALA K 121 -69.96 84.43 32.08
C ALA K 121 -68.81 84.48 33.08
N PHE K 122 -68.22 85.67 33.22
CA PHE K 122 -67.08 85.84 34.09
C PHE K 122 -67.13 87.21 34.73
N THR K 123 -66.39 87.37 35.82
CA THR K 123 -66.34 88.60 36.59
C THR K 123 -64.90 88.98 36.88
N TYR K 124 -64.57 90.26 36.73
CA TYR K 124 -63.26 90.79 37.07
C TYR K 124 -63.43 91.82 38.17
N ARG K 125 -62.51 91.78 39.15
CA ARG K 125 -62.65 92.58 40.36
C ARG K 125 -61.30 93.21 40.70
N PRO K 126 -61.03 94.40 40.17
CA PRO K 126 -59.70 95.00 40.36
C PRO K 126 -59.43 95.35 41.81
N ALA K 127 -58.14 95.35 42.15
CA ALA K 127 -57.72 95.72 43.49
C ALA K 127 -57.86 97.22 43.69
N THR K 128 -57.92 97.63 44.96
CA THR K 128 -58.15 99.02 45.29
C THR K 128 -57.00 99.90 44.79
N SER K 129 -57.35 101.08 44.27
CA SER K 129 -56.39 102.10 43.85
C SER K 129 -55.50 101.63 42.70
N PHE K 130 -55.91 100.60 41.97
CA PHE K 130 -55.11 100.14 40.83
C PHE K 130 -55.51 100.87 39.56
N THR K 131 -54.51 101.13 38.72
CA THR K 131 -54.75 101.76 37.42
C THR K 131 -53.69 101.25 36.45
N GLY K 132 -54.14 100.72 35.32
CA GLY K 132 -53.22 100.22 34.31
C GLY K 132 -53.89 99.12 33.49
N ILE K 133 -53.06 98.22 32.97
CA ILE K 133 -53.50 97.13 32.12
C ILE K 133 -53.31 95.81 32.86
N ASP K 134 -54.31 94.94 32.76
CA ASP K 134 -54.24 93.62 33.37
C ASP K 134 -54.68 92.58 32.34
N ARG K 135 -54.20 91.35 32.53
CA ARG K 135 -54.42 90.30 31.55
C ARG K 135 -54.84 89.01 32.25
N PHE K 136 -55.55 88.17 31.50
CA PHE K 136 -55.79 86.79 31.91
C PHE K 136 -56.10 85.98 30.66
N TRP K 137 -55.80 84.69 30.73
CA TRP K 137 -55.88 83.80 29.57
C TRP K 137 -57.01 82.80 29.79
N PHE K 138 -57.77 82.52 28.72
CA PHE K 138 -58.93 81.65 28.78
C PHE K 138 -58.80 80.55 27.73
N SER K 139 -59.51 79.46 27.96
CA SER K 139 -59.49 78.30 27.07
C SER K 139 -60.91 77.91 26.72
N ILE K 140 -61.13 77.60 25.44
CA ILE K 140 -62.43 77.16 24.94
C ILE K 140 -62.19 75.92 24.08
N ASN K 141 -62.65 74.76 24.56
CA ASN K 141 -62.50 73.51 23.82
C ASN K 141 -61.03 73.25 23.47
N GLY K 142 -60.12 73.73 24.32
CA GLY K 142 -58.71 73.60 24.09
C GLY K 142 -58.07 74.73 23.33
N ASN K 143 -58.87 75.68 22.82
CA ASN K 143 -58.31 76.83 22.12
C ASN K 143 -58.05 77.96 23.11
N VAL K 144 -56.86 78.55 23.01
CA VAL K 144 -56.39 79.55 23.96
C VAL K 144 -56.50 80.93 23.34
N GLY K 145 -56.77 81.93 24.18
CA GLY K 145 -56.86 83.30 23.74
C GLY K 145 -56.42 84.25 24.83
N GLU K 146 -56.43 85.53 24.50
CA GLU K 146 -56.00 86.59 25.40
C GLU K 146 -57.16 87.55 25.64
N PHE K 147 -57.32 87.98 26.90
CA PHE K 147 -58.30 88.99 27.28
C PHE K 147 -57.58 90.07 28.05
N VAL K 148 -57.76 91.32 27.63
CA VAL K 148 -57.04 92.46 28.19
C VAL K 148 -58.05 93.41 28.82
N ILE K 149 -57.76 93.87 30.04
CA ILE K 149 -58.61 94.79 30.78
C ILE K 149 -57.78 96.01 31.13
N ALA K 150 -58.35 97.20 30.90
CA ALA K 150 -57.72 98.46 31.26
C ALA K 150 -58.56 99.13 32.34
N VAL K 151 -57.93 99.44 33.47
CA VAL K 151 -58.61 100.06 34.61
C VAL K 151 -58.34 101.55 34.55
N ASP K 152 -59.38 102.34 34.33
CA ASP K 152 -59.21 103.77 34.14
C ASP K 152 -58.97 104.47 35.47
N PRO K 153 -58.28 105.61 35.46
CA PRO K 153 -58.11 106.39 36.68
C PRO K 153 -59.39 107.09 37.09
N ALA K 154 -59.43 107.53 38.35
CA ALA K 154 -60.59 108.27 38.83
C ALA K 154 -60.77 109.56 38.07
N GLN K 155 -59.69 110.31 37.83
CA GLN K 155 -59.73 111.54 37.08
C GLN K 155 -58.63 111.52 36.03
N GLY K 156 -58.96 112.00 34.83
CA GLY K 156 -58.01 112.05 33.75
C GLY K 156 -58.53 111.39 32.49
N PRO K 157 -57.72 111.40 31.42
CA PRO K 157 -58.17 110.87 30.14
C PRO K 157 -58.19 109.35 30.11
N GLN K 158 -58.79 108.83 29.04
CA GLN K 158 -58.90 107.38 28.86
C GLN K 158 -57.51 106.79 28.61
N ILE K 159 -57.35 105.51 28.98
CA ILE K 159 -56.09 104.82 28.72
C ILE K 159 -56.14 104.19 27.33
N ALA K 160 -55.04 104.33 26.60
CA ALA K 160 -54.99 103.82 25.23
C ALA K 160 -54.98 102.29 25.23
N GLN K 161 -55.56 101.71 24.19
CA GLN K 161 -55.59 100.27 24.04
C GLN K 161 -54.21 99.75 23.63
N PRO K 162 -53.62 98.81 24.36
CA PRO K 162 -52.29 98.31 23.98
C PRO K 162 -52.40 97.19 22.97
N PRO K 163 -51.33 96.93 22.21
CA PRO K 163 -51.37 95.84 21.24
C PRO K 163 -51.40 94.48 21.92
N PHE K 164 -51.94 93.50 21.21
CA PHE K 164 -52.03 92.14 21.74
C PHE K 164 -50.66 91.47 21.78
N THR K 165 -50.56 90.43 22.59
CA THR K 165 -49.30 89.74 22.78
C THR K 165 -49.04 88.80 21.61
N PRO K 166 -47.94 88.94 20.87
CA PRO K 166 -47.66 88.00 19.78
C PRO K 166 -47.39 86.61 20.30
N ALA K 167 -47.40 85.64 19.37
CA ALA K 167 -47.10 84.26 19.75
C ALA K 167 -45.69 84.15 20.31
N VAL K 168 -44.72 84.79 19.66
CA VAL K 168 -43.35 84.88 20.15
C VAL K 168 -42.86 86.29 19.90
N TYR K 169 -42.11 86.83 20.84
CA TYR K 169 -41.70 88.22 20.78
C TYR K 169 -40.37 88.41 21.47
N VAL K 170 -39.68 89.49 21.11
CA VAL K 170 -38.46 89.94 21.76
C VAL K 170 -38.71 91.36 22.25
N PRO K 171 -38.62 91.64 23.57
CA PRO K 171 -38.88 93.00 24.03
C PRO K 171 -37.77 93.95 23.61
N LEU K 172 -37.85 94.42 22.35
CA LEU K 172 -36.81 95.28 21.80
C LEU K 172 -36.45 96.44 22.71
N SER K 173 -37.39 96.89 23.55
CA SER K 173 -37.10 97.98 24.47
C SER K 173 -35.96 97.65 25.41
N ARG K 174 -35.70 96.36 25.66
CA ARG K 174 -34.63 95.93 26.56
C ARG K 174 -33.65 95.06 25.79
N ARG K 175 -32.37 95.40 25.89
CA ARG K 175 -31.31 94.67 25.21
C ARG K 175 -29.98 95.24 25.65
N GLU K 176 -28.93 94.43 25.54
CA GLU K 176 -27.60 94.86 25.94
C GLU K 176 -26.55 94.14 25.10
N VAL K 177 -25.38 94.76 25.00
CA VAL K 177 -24.21 94.15 24.37
C VAL K 177 -23.03 94.34 25.31
N ASN K 178 -22.36 93.24 25.65
CA ASN K 178 -21.20 93.29 26.55
C ASN K 178 -19.98 93.65 25.70
N LYS K 179 -19.80 94.95 25.49
CA LYS K 179 -18.76 95.42 24.59
C LYS K 179 -17.37 95.02 25.05
N GLN K 180 -17.21 94.66 26.33
CA GLN K 180 -15.90 94.26 26.83
C GLN K 180 -15.48 92.90 26.29
N THR K 181 -16.42 92.06 25.84
CA THR K 181 -16.05 90.77 25.26
C THR K 181 -16.79 90.47 23.96
N GLN K 182 -17.46 91.46 23.36
CA GLN K 182 -18.10 91.30 22.06
C GLN K 182 -19.14 90.18 22.09
N ALA K 183 -20.18 90.39 22.91
CA ALA K 183 -21.27 89.45 23.02
C ALA K 183 -22.59 90.21 23.03
N LEU K 184 -23.66 89.52 22.64
CA LEU K 184 -24.99 90.09 22.57
C LEU K 184 -25.97 89.19 23.32
N ARG K 185 -26.88 89.81 24.07
CA ARG K 185 -27.88 89.09 24.84
C ARG K 185 -29.25 89.72 24.64
N PHE K 186 -30.28 88.88 24.63
CA PHE K 186 -31.65 89.34 24.51
C PHE K 186 -32.57 88.33 25.16
N VAL K 187 -33.83 88.73 25.34
CA VAL K 187 -34.83 87.93 26.02
C VAL K 187 -35.84 87.43 24.99
N LEU K 188 -36.08 86.12 24.96
CA LEU K 188 -37.03 85.50 24.06
C LEU K 188 -38.20 84.96 24.88
N GLY K 189 -39.41 85.41 24.55
CA GLY K 189 -40.58 85.02 25.29
C GLY K 189 -41.69 84.45 24.42
N VAL K 190 -42.32 83.38 24.88
CA VAL K 190 -43.38 82.69 24.13
C VAL K 190 -44.70 82.88 24.87
N SER K 191 -45.71 83.33 24.15
CA SER K 191 -47.02 83.51 24.74
C SER K 191 -47.64 82.13 25.04
N PRO K 192 -48.51 82.04 26.04
CA PRO K 192 -49.17 80.74 26.31
C PRO K 192 -50.03 80.25 25.17
N ALA K 193 -50.45 81.14 24.26
CA ALA K 193 -51.33 80.76 23.15
C ALA K 193 -50.60 80.10 22.00
N ALA K 194 -49.27 80.05 22.02
CA ALA K 194 -48.52 79.45 20.94
C ALA K 194 -48.89 77.99 20.79
N LYS K 195 -49.39 77.61 19.62
CA LYS K 195 -49.81 76.24 19.38
C LYS K 195 -48.58 75.37 19.10
N PRO K 196 -48.43 74.25 19.79
CA PRO K 196 -47.22 73.43 19.59
C PRO K 196 -47.13 72.90 18.17
N ALA K 197 -45.91 72.57 17.77
CA ALA K 197 -45.53 72.06 16.46
C ALA K 197 -45.39 73.15 15.42
N ASP K 198 -45.63 74.42 15.76
CA ASP K 198 -45.41 75.50 14.83
C ASP K 198 -43.95 75.94 14.87
N ILE K 199 -43.54 76.69 13.85
CA ILE K 199 -42.15 77.09 13.68
C ILE K 199 -42.12 78.55 13.27
N TYR K 200 -41.17 79.30 13.83
CA TYR K 200 -40.95 80.70 13.50
C TYR K 200 -39.47 80.94 13.23
N ARG K 201 -39.18 81.95 12.42
CA ARG K 201 -37.81 82.29 12.04
C ARG K 201 -37.48 83.70 12.50
N LEU K 202 -36.27 83.89 13.02
CA LEU K 202 -35.80 85.16 13.55
C LEU K 202 -34.54 85.57 12.79
N ASN K 203 -34.49 86.82 12.34
CA ASN K 203 -33.35 87.37 11.64
C ASN K 203 -32.71 88.48 12.46
N ILE K 204 -31.39 88.46 12.57
CA ILE K 204 -30.64 89.45 13.33
C ILE K 204 -29.56 90.03 12.43
N ARG K 205 -29.51 91.35 12.34
CA ARG K 205 -28.41 92.05 11.70
C ARG K 205 -27.71 92.92 12.74
N GLN K 206 -26.40 92.70 12.90
CA GLN K 206 -25.59 93.41 13.87
C GLN K 206 -24.57 94.27 13.15
N ALA K 207 -24.19 95.38 13.78
CA ALA K 207 -23.29 96.35 13.18
C ALA K 207 -21.99 96.43 13.99
N ALA K 208 -20.90 96.74 13.29
CA ALA K 208 -19.60 96.93 13.93
C ALA K 208 -18.88 98.05 13.19
N ILE K 209 -17.98 98.73 13.92
CA ILE K 209 -17.26 99.88 13.41
C ILE K 209 -15.77 99.60 13.52
N ASP K 210 -15.04 99.85 12.43
CA ASP K 210 -13.62 99.56 12.40
C ASP K 210 -12.84 100.60 13.20
N CYS K 211 -11.50 100.48 13.15
CA CYS K 211 -10.65 101.44 13.83
C CYS K 211 -10.79 102.84 13.24
N GLU K 212 -10.97 102.94 11.93
CA GLU K 212 -11.06 104.23 11.25
C GLU K 212 -12.41 104.90 11.42
N GLY K 213 -13.37 104.24 12.06
CA GLY K 213 -14.68 104.84 12.27
C GLY K 213 -15.65 104.63 11.14
N ASN K 214 -15.74 103.43 10.59
CA ASN K 214 -16.65 103.12 9.51
C ASN K 214 -17.26 101.74 9.73
N GLU K 215 -18.46 101.55 9.21
CA GLU K 215 -19.32 100.46 9.66
C GLU K 215 -19.11 99.18 8.86
N TYR K 216 -19.38 98.06 9.54
CA TYR K 216 -19.55 96.76 8.91
C TYR K 216 -20.90 96.21 9.35
N PHE K 217 -21.25 95.02 8.86
CA PHE K 217 -22.51 94.40 9.21
C PHE K 217 -22.38 92.88 9.15
N HIS K 218 -23.29 92.20 9.83
CA HIS K 218 -23.33 90.75 9.90
C HIS K 218 -24.76 90.29 10.06
N ILE K 219 -25.15 89.26 9.32
CA ILE K 219 -26.52 88.76 9.29
C ILE K 219 -26.52 87.30 9.70
N SER K 220 -27.51 86.92 10.51
CA SER K 220 -27.69 85.53 10.92
C SER K 220 -29.17 85.30 11.19
N CYS K 221 -29.54 84.03 11.33
CA CYS K 221 -30.94 83.68 11.53
C CYS K 221 -31.03 82.44 12.41
N TYR K 222 -32.19 82.27 13.05
CA TYR K 222 -32.45 81.16 13.93
C TYR K 222 -33.86 80.64 13.70
N ASP K 223 -34.06 79.35 13.91
CA ASP K 223 -35.36 78.71 13.78
C ASP K 223 -35.89 78.37 15.17
N ILE K 224 -37.12 78.77 15.46
CA ILE K 224 -37.76 78.55 16.75
C ILE K 224 -38.93 77.61 16.52
N SER K 225 -38.93 76.47 17.20
CA SER K 225 -39.97 75.46 17.09
C SER K 225 -40.59 75.23 18.46
N ILE K 226 -41.92 75.18 18.50
CA ILE K 226 -42.64 75.05 19.77
C ILE K 226 -42.70 73.58 20.17
N GLY K 227 -42.29 73.29 21.41
CA GLY K 227 -42.30 71.96 21.94
C GLY K 227 -43.38 71.76 23.00
N SER K 228 -43.13 70.80 23.88
CA SER K 228 -44.06 70.50 24.96
C SER K 228 -43.37 69.59 25.96
N CYS K 229 -44.13 69.13 26.95
CA CYS K 229 -43.62 68.27 28.00
C CYS K 229 -43.78 66.81 27.61
N GLY K 230 -43.39 65.91 28.52
CA GLY K 230 -43.48 64.50 28.29
C GLY K 230 -43.14 63.68 29.53
N CYS L 23 -52.39 48.29 -0.20
CA CYS L 23 -53.44 48.14 0.79
C CYS L 23 -52.99 47.22 1.93
N GLU L 24 -52.34 47.80 2.93
CA GLU L 24 -51.97 47.03 4.10
C GLU L 24 -53.21 46.54 4.82
N SER L 25 -53.10 45.37 5.44
CA SER L 25 -54.24 44.69 6.03
C SER L 25 -54.24 44.89 7.54
N ILE L 26 -55.38 45.29 8.08
CA ILE L 26 -55.58 45.47 9.52
C ILE L 26 -56.78 44.64 9.94
N SER L 27 -56.64 43.90 11.03
CA SER L 27 -57.70 43.06 11.58
C SER L 27 -58.14 43.64 12.91
N ALA L 28 -59.45 43.87 13.05
CA ALA L 28 -60.00 44.50 14.24
C ALA L 28 -61.15 43.67 14.78
N ARG L 29 -61.36 43.76 16.09
CA ARG L 29 -62.41 43.03 16.79
C ARG L 29 -63.47 44.00 17.31
N PRO L 30 -64.75 43.61 17.38
CA PRO L 30 -65.77 44.51 17.95
C PRO L 30 -65.45 44.92 19.38
N GLY L 31 -65.62 46.21 19.69
CA GLY L 31 -65.40 46.72 21.02
C GLY L 31 -63.95 47.04 21.34
N GLU L 32 -63.03 46.82 20.41
CA GLU L 32 -61.61 47.05 20.67
C GLU L 32 -61.23 48.49 20.35
N VAL L 33 -60.15 48.95 20.99
CA VAL L 33 -59.52 50.23 20.69
C VAL L 33 -58.02 49.99 20.78
N ASN L 34 -57.32 50.02 19.65
CA ASN L 34 -55.98 49.48 19.55
C ASN L 34 -54.89 50.51 19.31
N GLY L 35 -55.03 51.38 18.32
CA GLY L 35 -53.99 52.33 18.01
C GLY L 35 -53.01 51.82 16.96
N VAL L 36 -52.47 52.73 16.15
CA VAL L 36 -51.62 52.36 15.03
C VAL L 36 -50.47 53.37 14.93
N MET L 37 -49.35 52.91 14.38
CA MET L 37 -48.18 53.76 14.17
C MET L 37 -47.60 53.47 12.79
N VAL L 38 -47.26 54.53 12.06
CA VAL L 38 -46.68 54.43 10.73
C VAL L 38 -45.44 55.31 10.68
N SER L 39 -44.37 54.80 10.09
CA SER L 39 -43.07 55.47 10.05
C SER L 39 -42.84 56.06 8.67
N TYR L 40 -42.50 57.35 8.63
CA TYR L 40 -42.29 58.07 7.38
C TYR L 40 -40.83 58.39 7.09
N VAL L 41 -39.90 57.82 7.86
CA VAL L 41 -38.48 58.18 7.69
C VAL L 41 -38.02 57.86 6.27
N ALA L 42 -38.47 56.73 5.72
CA ALA L 42 -38.02 56.32 4.40
C ALA L 42 -38.44 57.29 3.30
N TRP L 43 -39.41 58.16 3.56
CA TRP L 43 -39.93 59.09 2.57
C TRP L 43 -39.55 60.54 2.86
N SER L 44 -39.46 60.92 4.13
CA SER L 44 -39.28 62.32 4.49
C SER L 44 -37.82 62.69 4.71
N ALA L 45 -36.98 61.74 5.10
CA ALA L 45 -35.59 62.07 5.39
C ALA L 45 -34.83 62.64 4.20
N PRO L 46 -34.83 62.02 3.02
CA PRO L 46 -34.05 62.58 1.90
C PRO L 46 -34.54 63.93 1.41
N LEU L 47 -35.79 64.31 1.69
CA LEU L 47 -36.30 65.60 1.23
C LEU L 47 -35.65 66.78 1.95
N GLY L 48 -34.91 66.53 3.04
CA GLY L 48 -34.40 67.64 3.83
C GLY L 48 -35.55 68.36 4.50
N GLY L 49 -35.44 69.68 4.59
CA GLY L 49 -36.52 70.46 5.16
C GLY L 49 -36.70 70.18 6.65
N HIS L 50 -37.94 70.35 7.10
CA HIS L 50 -38.28 70.23 8.51
C HIS L 50 -39.06 68.96 8.83
N GLY L 51 -39.41 68.16 7.83
CA GLY L 51 -40.09 66.91 8.08
C GLY L 51 -41.61 67.07 8.18
N LEU L 52 -42.23 66.13 8.90
CA LEU L 52 -43.68 66.13 9.03
C LEU L 52 -44.16 67.38 9.74
N THR L 53 -45.33 67.87 9.33
CA THR L 53 -45.88 69.12 9.83
C THR L 53 -47.31 68.94 10.29
N ASN L 54 -47.63 67.77 10.85
CA ASN L 54 -48.98 67.49 11.33
C ASN L 54 -49.91 67.60 10.11
N LYS L 55 -51.09 68.20 10.25
CA LYS L 55 -51.96 68.48 9.10
C LYS L 55 -52.36 67.20 8.36
N THR L 56 -52.70 66.15 9.11
CA THR L 56 -53.13 64.90 8.48
C THR L 56 -54.63 64.95 8.18
N THR L 57 -55.07 64.08 7.28
CA THR L 57 -56.47 63.97 6.90
C THR L 57 -56.85 62.50 6.74
N PHE L 58 -58.07 62.17 7.18
CA PHE L 58 -58.56 60.80 7.15
C PHE L 58 -59.90 60.74 6.43
N GLU L 59 -60.13 59.64 5.72
CA GLU L 59 -61.40 59.39 5.05
C GLU L 59 -61.70 57.90 5.10
N PHE L 60 -62.98 57.57 5.26
CA PHE L 60 -63.44 56.18 5.31
C PHE L 60 -64.31 55.88 4.10
N GLU L 61 -64.14 54.68 3.55
CA GLU L 61 -64.94 54.22 2.42
C GLU L 61 -65.39 52.79 2.67
N ASN L 62 -66.56 52.46 2.13
CA ASN L 62 -67.10 51.11 2.28
C ASN L 62 -66.73 50.25 1.08
N VAL L 63 -66.48 48.96 1.36
CA VAL L 63 -66.32 47.96 0.32
C VAL L 63 -67.32 46.83 0.48
N SER L 64 -67.52 46.35 1.71
CA SER L 64 -68.54 45.33 2.00
C SER L 64 -69.12 45.64 3.37
N VAL L 65 -70.31 46.21 3.39
CA VAL L 65 -71.01 46.55 4.63
C VAL L 65 -72.41 45.96 4.57
N THR L 66 -72.84 45.33 5.65
CA THR L 66 -74.15 44.73 5.77
C THR L 66 -75.03 45.66 6.60
N GLU L 67 -76.17 46.05 6.05
CA GLU L 67 -77.03 47.00 6.73
C GLU L 67 -77.59 46.39 8.02
N PRO L 68 -77.72 47.19 9.08
CA PRO L 68 -78.23 46.65 10.33
C PRO L 68 -79.69 46.26 10.23
N LEU L 69 -80.09 45.28 11.02
CA LEU L 69 -81.48 44.85 11.08
C LEU L 69 -82.24 45.43 12.26
N VAL L 70 -81.62 46.32 13.04
CA VAL L 70 -82.27 46.99 14.15
C VAL L 70 -81.92 48.47 14.09
N ASN L 71 -82.74 49.29 14.73
CA ASN L 71 -82.60 50.74 14.70
C ASN L 71 -82.22 51.26 16.08
N SER L 72 -81.25 52.16 16.14
CA SER L 72 -80.92 52.82 17.38
C SER L 72 -81.97 53.88 17.70
N ALA L 73 -81.97 54.34 18.95
CA ALA L 73 -82.98 55.29 19.41
C ALA L 73 -82.34 56.30 20.35
N PHE L 74 -82.99 57.44 20.48
CA PHE L 74 -82.57 58.50 21.39
C PHE L 74 -83.79 59.03 22.13
N GLU L 75 -83.60 59.35 23.41
CA GLU L 75 -84.70 59.80 24.25
C GLU L 75 -84.19 60.80 25.27
N ARG L 76 -85.12 61.46 25.95
CA ARG L 76 -84.83 62.47 26.95
C ARG L 76 -85.60 62.17 28.24
N THR L 77 -84.97 62.48 29.37
CA THR L 77 -85.60 62.34 30.67
C THR L 77 -85.26 63.56 31.52
N PRO L 78 -86.17 64.00 32.40
CA PRO L 78 -85.87 65.16 33.25
C PRO L 78 -84.85 64.81 34.34
N PHE L 79 -84.46 65.84 35.08
CA PHE L 79 -83.47 65.69 36.14
C PHE L 79 -83.95 64.68 37.18
N ASN L 80 -83.05 63.76 37.55
CA ASN L 80 -83.32 62.80 38.62
C ASN L 80 -84.65 62.09 38.42
N THR L 81 -85.06 61.90 37.17
CA THR L 81 -86.34 61.27 36.84
C THR L 81 -86.08 59.91 36.22
N THR L 82 -86.75 58.89 36.75
CA THR L 82 -86.61 57.55 36.20
C THR L 82 -87.20 57.49 34.80
N LEU L 83 -86.63 56.62 33.96
CA LEU L 83 -87.06 56.47 32.58
C LEU L 83 -87.46 55.02 32.32
N ALA L 84 -88.39 54.85 31.38
CA ALA L 84 -88.87 53.52 31.02
C ALA L 84 -89.15 53.48 29.51
N GLY L 85 -89.21 52.27 28.98
CA GLY L 85 -89.45 52.10 27.56
C GLY L 85 -89.46 50.65 27.19
N SER L 86 -89.52 50.39 25.88
CA SER L 86 -89.56 49.03 25.36
C SER L 86 -88.71 48.95 24.10
N LEU L 87 -88.07 47.80 23.90
CA LEU L 87 -87.20 47.59 22.76
C LEU L 87 -87.92 46.96 21.57
N ALA L 88 -89.19 46.58 21.73
CA ALA L 88 -89.87 45.84 20.67
C ALA L 88 -90.07 46.67 19.42
N ALA L 89 -90.19 47.99 19.57
CA ALA L 89 -90.43 48.86 18.42
C ALA L 89 -89.20 49.04 17.54
N LEU L 90 -88.04 48.55 17.96
CA LEU L 90 -86.79 48.78 17.25
C LEU L 90 -86.35 47.60 16.40
N PHE L 91 -87.23 46.63 16.15
CA PHE L 91 -86.91 45.42 15.39
C PHE L 91 -87.93 45.27 14.27
N PRO L 92 -87.78 46.03 13.18
CA PRO L 92 -88.78 45.97 12.08
C PRO L 92 -88.64 44.70 11.24
N ASN L 93 -88.89 43.56 11.87
CA ASN L 93 -88.82 42.30 11.14
C ASN L 93 -90.06 42.12 10.27
N PRO L 94 -89.90 41.93 8.96
CA PRO L 94 -91.09 41.70 8.11
C PRO L 94 -91.71 40.34 8.29
N GLU L 95 -90.95 39.34 8.74
CA GLU L 95 -91.50 38.01 8.96
C GLU L 95 -92.20 37.94 10.32
N GLY L 96 -92.89 36.83 10.55
CA GLY L 96 -93.47 36.53 11.84
C GLY L 96 -92.67 35.45 12.52
N GLU L 97 -91.87 35.86 13.50
CA GLU L 97 -90.96 34.94 14.17
C GLU L 97 -90.81 35.35 15.63
N ALA L 98 -90.50 34.38 16.47
CA ALA L 98 -90.29 34.64 17.89
C ALA L 98 -89.03 35.48 18.09
N VAL L 99 -89.06 36.33 19.11
CA VAL L 99 -87.96 37.23 19.41
C VAL L 99 -87.63 37.14 20.90
N GLU L 100 -86.39 37.50 21.23
CA GLU L 100 -85.95 37.59 22.61
C GLU L 100 -84.92 38.70 22.70
N TYR L 101 -84.81 39.30 23.88
CA TYR L 101 -83.99 40.48 24.09
C TYR L 101 -82.88 40.18 25.08
N GLU L 102 -81.85 41.03 25.06
CA GLU L 102 -80.72 40.88 25.98
C GLU L 102 -80.04 42.23 26.14
N ILE L 103 -79.32 42.38 27.25
CA ILE L 103 -78.53 43.56 27.53
C ILE L 103 -77.06 43.14 27.64
N LEU L 104 -76.21 43.76 26.84
CA LEU L 104 -74.78 43.43 26.84
C LEU L 104 -74.17 44.00 28.11
N GLU L 105 -73.93 43.13 29.08
CA GLU L 105 -73.38 43.57 30.36
C GLU L 105 -71.89 43.90 30.27
N LEU L 106 -71.22 43.52 29.17
CA LEU L 106 -69.82 43.86 29.02
C LEU L 106 -69.60 45.35 28.79
N TYR L 107 -70.67 46.08 28.42
CA TYR L 107 -70.58 47.50 28.13
C TYR L 107 -71.65 48.23 28.96
N PRO L 108 -71.47 48.29 30.26
CA PRO L 108 -72.49 48.89 31.13
C PRO L 108 -72.51 50.39 30.99
N PRO L 109 -73.62 51.04 31.36
CA PRO L 109 -73.64 52.51 31.38
C PRO L 109 -72.72 53.04 32.47
N VAL L 110 -72.25 54.27 32.28
CA VAL L 110 -71.24 54.86 33.14
C VAL L 110 -71.89 55.64 34.27
N ASN L 111 -73.12 56.12 34.05
CA ASN L 111 -73.80 56.97 35.02
C ASN L 111 -75.24 56.53 35.24
N GLY L 112 -75.46 55.23 35.41
CA GLY L 112 -76.80 54.75 35.67
C GLY L 112 -76.83 53.24 35.77
N ILE L 113 -78.03 52.72 35.99
CA ILE L 113 -78.26 51.28 36.07
C ILE L 113 -79.50 50.94 35.23
N VAL L 114 -79.42 49.82 34.53
CA VAL L 114 -80.50 49.37 33.65
C VAL L 114 -80.96 48.00 34.09
N GLU L 115 -82.24 47.71 33.84
CA GLU L 115 -82.85 46.44 34.23
C GLU L 115 -83.73 45.99 33.08
N LEU L 116 -83.47 44.78 32.56
CA LEU L 116 -84.26 44.25 31.46
C LEU L 116 -85.63 43.81 31.98
N GLY L 117 -86.69 44.29 31.34
CA GLY L 117 -88.04 44.02 31.77
C GLY L 117 -88.65 42.84 31.03
N GLU L 118 -89.98 42.79 31.06
CA GLU L 118 -90.72 41.70 30.44
C GLU L 118 -90.99 42.01 28.97
N ASN L 119 -90.63 41.08 28.10
CA ASN L 119 -90.95 41.15 26.68
C ASN L 119 -90.51 42.49 26.09
N GLY L 120 -89.23 42.80 26.27
CA GLY L 120 -88.64 43.98 25.67
C GLY L 120 -88.72 45.24 26.51
N ALA L 121 -89.41 45.21 27.64
CA ALA L 121 -89.46 46.38 28.52
C ALA L 121 -88.13 46.53 29.25
N PHE L 122 -87.86 47.76 29.68
CA PHE L 122 -86.64 48.07 30.42
C PHE L 122 -86.87 49.34 31.23
N THR L 123 -85.96 49.57 32.18
CA THR L 123 -86.01 50.73 33.05
C THR L 123 -84.61 51.25 33.29
N TYR L 124 -84.46 52.57 33.18
CA TYR L 124 -83.17 53.24 33.38
C TYR L 124 -83.29 54.16 34.58
N ARG L 125 -82.41 53.96 35.56
CA ARG L 125 -82.45 54.72 36.82
C ARG L 125 -81.18 55.55 36.94
N PRO L 126 -81.20 56.83 36.57
CA PRO L 126 -79.98 57.63 36.62
C PRO L 126 -79.52 57.87 38.05
N ALA L 127 -78.21 58.01 38.20
CA ALA L 127 -77.64 58.35 39.49
C ALA L 127 -78.03 59.76 39.89
N THR L 128 -78.10 60.00 41.20
CA THR L 128 -78.53 61.29 41.71
C THR L 128 -77.58 62.39 41.25
N SER L 129 -78.14 63.54 40.86
CA SER L 129 -77.42 64.74 40.50
C SER L 129 -76.66 64.61 39.17
N PHE L 130 -76.92 63.57 38.39
CA PHE L 130 -76.23 63.41 37.12
C PHE L 130 -76.92 64.21 36.02
N THR L 131 -76.11 64.69 35.07
CA THR L 131 -76.63 65.36 33.89
C THR L 131 -75.62 65.18 32.76
N GLY L 132 -76.11 64.79 31.59
CA GLY L 132 -75.25 64.56 30.45
C GLY L 132 -75.84 63.48 29.56
N ILE L 133 -74.96 62.73 28.92
CA ILE L 133 -75.33 61.69 27.97
C ILE L 133 -74.88 60.34 28.51
N ASP L 134 -75.64 59.30 28.20
CA ASP L 134 -75.32 57.95 28.63
C ASP L 134 -75.80 56.97 27.56
N ARG L 135 -75.26 55.76 27.60
CA ARG L 135 -75.52 54.77 26.56
C ARG L 135 -75.61 53.38 27.17
N PHE L 136 -76.27 52.48 26.45
CA PHE L 136 -76.18 51.05 26.71
C PHE L 136 -76.52 50.31 25.43
N TRP L 137 -75.84 49.19 25.22
CA TRP L 137 -75.93 48.44 23.98
C TRP L 137 -76.81 47.22 24.19
N PHE L 138 -77.88 47.11 23.42
CA PHE L 138 -78.85 46.03 23.54
C PHE L 138 -78.76 45.11 22.33
N SER L 139 -79.27 43.90 22.51
CA SER L 139 -79.25 42.87 21.47
C SER L 139 -80.64 42.28 21.30
N ILE L 140 -81.06 42.11 20.05
CA ILE L 140 -82.36 41.55 19.71
C ILE L 140 -82.14 40.38 18.77
N ASN L 141 -82.48 39.17 19.21
CA ASN L 141 -82.45 37.99 18.36
C ASN L 141 -81.10 37.82 17.68
N GLY L 142 -80.02 38.22 18.37
CA GLY L 142 -78.68 38.10 17.85
C GLY L 142 -78.12 39.37 17.24
N ASN L 143 -78.98 40.30 16.85
CA ASN L 143 -78.51 41.57 16.32
C ASN L 143 -78.15 42.52 17.45
N VAL L 144 -77.46 43.61 17.11
CA VAL L 144 -76.97 44.57 18.09
C VAL L 144 -77.40 45.97 17.67
N GLY L 145 -77.61 46.83 18.66
CA GLY L 145 -78.01 48.20 18.41
C GLY L 145 -77.54 49.10 19.54
N GLU L 146 -77.91 50.37 19.45
CA GLU L 146 -77.50 51.38 20.43
C GLU L 146 -78.73 52.10 20.96
N PHE L 147 -78.66 52.50 22.23
CA PHE L 147 -79.69 53.33 22.86
C PHE L 147 -79.00 54.47 23.59
N VAL L 148 -79.47 55.69 23.34
CA VAL L 148 -78.88 56.91 23.91
C VAL L 148 -79.94 57.59 24.76
N ILE L 149 -79.58 57.93 25.99
CA ILE L 149 -80.49 58.55 26.94
C ILE L 149 -79.86 59.84 27.45
N ALA L 150 -80.64 60.91 27.45
CA ALA L 150 -80.14 62.23 27.83
C ALA L 150 -80.86 62.70 29.10
N VAL L 151 -80.09 63.24 30.04
CA VAL L 151 -80.62 63.76 31.30
C VAL L 151 -80.50 65.28 31.24
N ASP L 152 -81.64 65.97 31.20
CA ASP L 152 -81.63 67.42 31.10
C ASP L 152 -81.25 68.07 32.42
N PRO L 153 -80.59 69.23 32.40
CA PRO L 153 -80.42 70.00 33.63
C PRO L 153 -81.76 70.55 34.11
N ALA L 154 -81.85 70.75 35.43
CA ALA L 154 -83.10 71.16 36.02
C ALA L 154 -83.42 72.63 35.76
N GLN L 155 -82.41 73.49 35.64
CA GLN L 155 -82.60 74.93 35.57
C GLN L 155 -81.75 75.52 34.43
N GLY L 156 -81.83 74.91 33.26
CA GLY L 156 -81.09 75.40 32.11
C GLY L 156 -81.61 74.85 30.81
N PRO L 157 -81.06 75.33 29.70
CA PRO L 157 -81.50 74.85 28.37
C PRO L 157 -81.17 73.37 28.19
N GLN L 158 -82.01 72.70 27.40
CA GLN L 158 -81.83 71.28 27.14
C GLN L 158 -80.54 71.05 26.34
N ILE L 159 -79.97 69.86 26.54
CA ILE L 159 -78.73 69.49 25.87
C ILE L 159 -79.03 68.93 24.49
N ALA L 160 -78.19 69.27 23.53
CA ALA L 160 -78.43 68.88 22.14
C ALA L 160 -78.23 67.38 21.94
N GLN L 161 -78.92 66.85 20.95
CA GLN L 161 -78.82 65.42 20.65
C GLN L 161 -77.43 65.10 20.12
N PRO L 162 -76.77 64.06 20.63
CA PRO L 162 -75.45 63.68 20.10
C PRO L 162 -75.59 62.74 18.93
N PRO L 163 -74.60 62.67 18.05
CA PRO L 163 -74.65 61.71 16.94
C PRO L 163 -74.36 60.30 17.40
N PHE L 164 -74.87 59.34 16.64
CA PHE L 164 -74.62 57.93 16.95
C PHE L 164 -73.18 57.56 16.58
N THR L 165 -72.62 56.61 17.32
CA THR L 165 -71.24 56.20 17.10
C THR L 165 -71.15 55.35 15.84
N PRO L 166 -70.30 55.70 14.87
CA PRO L 166 -70.19 54.88 13.65
C PRO L 166 -69.67 53.50 13.96
N ALA L 167 -69.63 52.66 12.92
CA ALA L 167 -69.11 51.31 13.07
C ALA L 167 -67.64 51.33 13.43
N VAL L 168 -66.83 52.08 12.68
CA VAL L 168 -65.43 52.30 12.97
C VAL L 168 -65.15 53.79 12.88
N TYR L 169 -64.37 54.30 13.82
CA TYR L 169 -64.11 55.72 13.91
C TYR L 169 -62.68 55.95 14.37
N VAL L 170 -62.18 57.14 14.08
CA VAL L 170 -60.83 57.55 14.45
C VAL L 170 -60.95 58.85 15.24
N PRO L 171 -60.81 58.83 16.57
CA PRO L 171 -60.87 60.08 17.33
C PRO L 171 -59.82 61.07 16.88
N LEU L 172 -60.25 62.22 16.35
CA LEU L 172 -59.32 63.16 15.73
C LEU L 172 -58.56 64.01 16.74
N SER L 173 -58.99 64.04 18.01
CA SER L 173 -58.24 64.76 19.02
C SER L 173 -57.10 63.93 19.60
N ARG L 174 -57.07 62.63 19.34
CA ARG L 174 -56.01 61.75 19.79
C ARG L 174 -55.11 61.42 18.61
N ARG L 175 -54.13 62.29 18.38
CA ARG L 175 -53.31 62.20 17.17
C ARG L 175 -52.07 63.06 17.38
N GLU L 176 -50.91 62.53 17.00
CA GLU L 176 -49.66 63.24 17.21
C GLU L 176 -48.61 62.74 16.23
N VAL L 177 -47.63 63.59 15.95
CA VAL L 177 -46.50 63.27 15.08
C VAL L 177 -45.22 63.50 15.87
N ASN L 178 -44.33 62.52 15.87
CA ASN L 178 -43.07 62.61 16.59
C ASN L 178 -42.01 63.11 15.62
N LYS L 179 -41.59 64.37 15.82
CA LYS L 179 -40.61 64.97 14.91
C LYS L 179 -39.23 64.38 15.09
N GLN L 180 -38.96 63.70 16.21
CA GLN L 180 -37.65 63.12 16.42
C GLN L 180 -37.46 61.83 15.62
N THR L 181 -38.54 61.20 15.16
CA THR L 181 -38.43 59.96 14.41
C THR L 181 -39.39 59.91 13.22
N GLN L 182 -40.13 60.97 12.95
CA GLN L 182 -41.02 61.02 11.78
C GLN L 182 -42.02 59.87 11.82
N ALA L 183 -42.66 59.68 12.97
CA ALA L 183 -43.64 58.63 13.16
C ALA L 183 -44.98 59.23 13.57
N LEU L 184 -46.06 58.71 12.98
CA LEU L 184 -47.40 59.20 13.23
C LEU L 184 -48.18 58.18 14.06
N ARG L 185 -48.88 58.66 15.06
CA ARG L 185 -49.71 57.81 15.92
C ARG L 185 -51.17 58.28 15.86
N PHE L 186 -52.09 57.32 15.80
CA PHE L 186 -53.51 57.62 15.87
C PHE L 186 -54.23 56.41 16.45
N VAL L 187 -55.46 56.63 16.88
CA VAL L 187 -56.26 55.63 17.60
C VAL L 187 -57.39 55.17 16.72
N LEU L 188 -57.55 53.85 16.60
CA LEU L 188 -58.63 53.23 15.85
C LEU L 188 -59.54 52.49 16.81
N GLY L 189 -60.85 52.70 16.67
CA GLY L 189 -61.81 52.08 17.55
C GLY L 189 -62.96 51.43 16.81
N VAL L 190 -63.52 50.37 17.38
CA VAL L 190 -64.60 49.61 16.77
C VAL L 190 -65.78 49.57 17.74
N SER L 191 -66.97 49.88 17.23
CA SER L 191 -68.16 49.83 18.06
C SER L 191 -68.60 48.37 18.25
N PRO L 192 -69.33 48.07 19.32
CA PRO L 192 -69.81 46.69 19.52
C PRO L 192 -70.76 46.25 18.43
N ALA L 193 -71.33 47.20 17.69
CA ALA L 193 -72.32 46.90 16.67
C ALA L 193 -71.72 46.46 15.34
N ALA L 194 -70.41 46.58 15.17
CA ALA L 194 -69.78 46.17 13.90
C ALA L 194 -70.03 44.69 13.66
N LYS L 195 -70.43 44.36 12.44
CA LYS L 195 -70.75 42.97 12.11
C LYS L 195 -69.49 42.26 11.62
N PRO L 196 -69.18 41.06 12.13
CA PRO L 196 -67.99 40.35 11.67
C PRO L 196 -68.06 40.05 10.18
N ALA L 197 -66.89 39.97 9.55
CA ALA L 197 -66.68 39.71 8.14
C ALA L 197 -66.87 40.95 7.28
N ASP L 198 -67.24 42.09 7.85
CA ASP L 198 -67.32 43.33 7.08
C ASP L 198 -65.93 43.90 6.84
N ILE L 199 -65.84 44.79 5.87
CA ILE L 199 -64.56 45.38 5.47
C ILE L 199 -64.76 46.86 5.22
N TYR L 200 -63.81 47.67 5.69
CA TYR L 200 -63.77 49.11 5.45
C TYR L 200 -62.39 49.49 4.93
N ARG L 201 -62.31 50.65 4.30
CA ARG L 201 -61.06 51.17 3.76
C ARG L 201 -60.77 52.53 4.36
N LEU L 202 -59.52 52.76 4.75
CA LEU L 202 -59.09 54.01 5.38
C LEU L 202 -57.99 54.63 4.54
N ASN L 203 -58.13 55.91 4.23
CA ASN L 203 -57.12 56.65 3.49
C ASN L 203 -56.49 57.72 4.38
N ILE L 204 -55.22 58.02 4.11
CA ILE L 204 -54.47 59.00 4.88
C ILE L 204 -53.68 59.86 3.91
N ARG L 205 -53.70 61.17 4.15
CA ARG L 205 -52.89 62.13 3.39
C ARG L 205 -52.06 62.94 4.36
N GLN L 206 -50.74 62.76 4.32
CA GLN L 206 -49.82 63.36 5.27
C GLN L 206 -48.97 64.40 4.56
N ALA L 207 -48.74 65.52 5.23
CA ALA L 207 -48.02 66.64 4.65
C ALA L 207 -46.64 66.79 5.26
N ALA L 208 -45.72 67.32 4.46
CA ALA L 208 -44.37 67.65 4.91
C ALA L 208 -43.95 68.94 4.23
N ILE L 209 -43.00 69.63 4.85
CA ILE L 209 -42.60 70.97 4.41
C ILE L 209 -41.10 70.98 4.13
N ASP L 210 -40.69 71.84 3.21
CA ASP L 210 -39.29 72.12 2.99
C ASP L 210 -38.85 73.24 3.95
N CYS L 211 -37.65 73.77 3.72
CA CYS L 211 -37.10 74.78 4.61
C CYS L 211 -37.91 76.07 4.64
N GLU L 212 -38.49 76.49 3.51
CA GLU L 212 -39.17 77.77 3.41
C GLU L 212 -40.66 77.69 3.70
N GLY L 213 -41.18 76.50 3.99
CA GLY L 213 -42.59 76.34 4.31
C GLY L 213 -43.46 75.78 3.21
N ASN L 214 -42.91 75.51 2.03
CA ASN L 214 -43.65 74.87 0.96
C ASN L 214 -43.90 73.41 1.30
N GLU L 215 -45.01 72.87 0.80
CA GLU L 215 -45.55 71.60 1.29
C GLU L 215 -45.39 70.49 0.27
N TYR L 216 -45.15 69.28 0.78
CA TYR L 216 -45.27 68.04 0.03
C TYR L 216 -46.49 67.27 0.53
N PHE L 217 -46.73 66.10 -0.06
CA PHE L 217 -47.87 65.27 0.34
C PHE L 217 -47.58 63.81 0.04
N HIS L 218 -48.30 62.94 0.74
CA HIS L 218 -48.16 61.49 0.61
C HIS L 218 -49.51 60.84 0.91
N ILE L 219 -49.87 59.84 0.10
CA ILE L 219 -51.18 59.20 0.18
C ILE L 219 -50.98 57.70 0.36
N SER L 220 -51.76 57.12 1.27
CA SER L 220 -51.74 55.68 1.51
C SER L 220 -53.12 55.25 1.99
N CYS L 221 -53.38 53.95 1.91
CA CYS L 221 -54.69 53.42 2.28
C CYS L 221 -54.51 52.08 2.97
N TYR L 222 -55.50 51.73 3.80
CA TYR L 222 -55.49 50.50 4.59
C TYR L 222 -56.86 49.86 4.57
N ASP L 223 -56.90 48.53 4.69
CA ASP L 223 -58.14 47.77 4.69
C ASP L 223 -58.37 47.20 6.09
N ILE L 224 -59.55 47.46 6.64
CA ILE L 224 -59.92 47.00 7.99
C ILE L 224 -61.00 45.95 7.84
N SER L 225 -60.76 44.76 8.39
CA SER L 225 -61.69 43.64 8.32
C SER L 225 -62.02 43.19 9.73
N ILE L 226 -63.31 43.08 10.03
CA ILE L 226 -63.76 42.74 11.37
C ILE L 226 -63.56 41.25 11.62
N GLY L 227 -62.99 40.93 12.79
CA GLY L 227 -62.70 39.57 13.16
C GLY L 227 -63.58 39.08 14.30
N SER L 228 -63.07 38.10 15.04
CA SER L 228 -63.79 37.50 16.15
C SER L 228 -62.81 36.66 16.96
N CYS L 229 -63.35 35.94 17.94
CA CYS L 229 -62.54 35.11 18.81
C CYS L 229 -62.44 33.69 18.25
N GLY L 230 -61.87 32.79 19.04
CA GLY L 230 -61.72 31.40 18.64
C GLY L 230 -61.11 30.54 19.72
N CYS M 23 11.63 20.39 -71.96
CA CYS M 23 10.77 21.49 -72.39
C CYS M 23 9.64 21.71 -71.41
N GLU M 24 9.90 22.47 -70.35
CA GLU M 24 8.85 22.83 -69.41
C GLU M 24 7.81 23.70 -70.10
N SER M 25 6.56 23.55 -69.68
CA SER M 25 5.45 24.21 -70.34
C SER M 25 5.06 25.49 -69.63
N ILE M 26 4.88 26.56 -70.40
CA ILE M 26 4.38 27.83 -69.91
C ILE M 26 3.15 28.19 -70.73
N SER M 27 2.14 28.74 -70.04
CA SER M 27 0.91 29.16 -70.68
C SER M 27 0.73 30.65 -70.47
N ALA M 28 0.28 31.34 -71.51
CA ALA M 28 0.12 32.79 -71.45
C ALA M 28 -1.16 33.20 -72.15
N ARG M 29 -1.67 34.37 -71.77
CA ARG M 29 -2.87 34.93 -72.34
C ARG M 29 -2.54 36.22 -73.08
N PRO M 30 -3.17 36.50 -74.23
CA PRO M 30 -2.88 37.76 -74.92
C PRO M 30 -3.13 38.97 -74.05
N GLY M 31 -2.21 39.93 -74.09
CA GLY M 31 -2.33 41.15 -73.32
C GLY M 31 -1.80 41.07 -71.90
N GLU M 32 -1.28 39.92 -71.48
CA GLU M 32 -0.79 39.74 -70.13
C GLU M 32 0.71 39.97 -70.06
N VAL M 33 1.16 40.50 -68.93
CA VAL M 33 2.58 40.63 -68.61
C VAL M 33 2.81 39.99 -67.25
N ASN M 34 3.65 38.95 -67.21
CA ASN M 34 3.82 38.15 -66.02
C ASN M 34 5.28 37.83 -65.81
N GLY M 35 5.66 37.63 -64.55
CA GLY M 35 7.05 37.34 -64.23
C GLY M 35 7.31 35.84 -64.16
N VAL M 36 8.59 35.49 -64.27
CA VAL M 36 9.05 34.10 -64.23
C VAL M 36 10.31 34.04 -63.38
N MET M 37 10.46 32.94 -62.64
CA MET M 37 11.60 32.74 -61.75
C MET M 37 12.10 31.32 -61.84
N VAL M 38 13.42 31.16 -61.92
CA VAL M 38 14.07 29.85 -61.99
C VAL M 38 15.17 29.81 -60.94
N SER M 39 15.32 28.65 -60.30
CA SER M 39 16.27 28.47 -59.22
C SER M 39 17.44 27.61 -59.70
N TYR M 40 18.66 28.10 -59.46
CA TYR M 40 19.88 27.43 -59.90
C TYR M 40 20.68 26.83 -58.76
N VAL M 41 20.12 26.75 -57.55
CA VAL M 41 20.90 26.29 -56.40
C VAL M 41 21.40 24.88 -56.62
N ALA M 42 20.58 24.01 -57.22
CA ALA M 42 20.96 22.62 -57.40
C ALA M 42 22.16 22.45 -58.32
N TRP M 43 22.45 23.43 -59.18
CA TRP M 43 23.53 23.34 -60.15
C TRP M 43 24.77 24.09 -59.71
N SER M 44 24.62 25.38 -59.36
CA SER M 44 25.77 26.22 -59.06
C SER M 44 26.24 26.09 -57.62
N ALA M 45 25.56 25.29 -56.79
CA ALA M 45 26.02 25.14 -55.42
C ALA M 45 27.26 24.24 -55.33
N PRO M 46 27.24 23.00 -55.81
CA PRO M 46 28.44 22.16 -55.68
C PRO M 46 29.64 22.69 -56.43
N LEU M 47 29.46 23.54 -57.43
CA LEU M 47 30.60 24.09 -58.17
C LEU M 47 31.46 24.99 -57.30
N GLY M 48 30.95 25.43 -56.15
CA GLY M 48 31.69 26.39 -55.37
C GLY M 48 31.78 27.72 -56.11
N GLY M 49 32.89 28.42 -55.90
CA GLY M 49 33.09 29.66 -56.61
C GLY M 49 32.18 30.77 -56.11
N HIS M 50 31.90 31.72 -57.00
CA HIS M 50 31.14 32.92 -56.68
C HIS M 50 29.70 32.87 -57.18
N GLY M 51 29.23 31.71 -57.63
CA GLY M 51 27.83 31.60 -58.00
C GLY M 51 27.52 32.14 -59.37
N LEU M 52 26.29 32.64 -59.52
CA LEU M 52 25.79 33.05 -60.83
C LEU M 52 26.41 34.36 -61.28
N THR M 53 26.05 34.78 -62.48
CA THR M 53 26.55 36.00 -63.08
C THR M 53 25.47 36.58 -63.98
N ASN M 54 25.58 37.87 -64.28
CA ASN M 54 24.56 38.57 -65.04
C ASN M 54 24.68 38.37 -66.55
N LYS M 55 25.39 37.34 -67.02
CA LYS M 55 25.54 37.11 -68.46
C LYS M 55 24.53 36.07 -68.94
N THR M 56 23.27 36.49 -69.03
CA THR M 56 22.21 35.65 -69.57
C THR M 56 21.97 35.98 -71.03
N THR M 57 21.44 35.01 -71.77
CA THR M 57 21.15 35.18 -73.19
C THR M 57 19.84 34.48 -73.51
N PHE M 58 19.03 35.13 -74.34
CA PHE M 58 17.69 34.66 -74.68
C PHE M 58 17.55 34.54 -76.18
N GLU M 59 16.86 33.49 -76.63
CA GLU M 59 16.57 33.29 -78.04
C GLU M 59 15.17 32.72 -78.18
N PHE M 60 14.42 33.20 -79.17
CA PHE M 60 13.05 32.76 -79.41
C PHE M 60 12.97 32.00 -80.72
N GLU M 61 12.26 30.88 -80.70
CA GLU M 61 12.07 30.03 -81.87
C GLU M 61 10.60 29.74 -82.08
N ASN M 62 10.21 29.62 -83.34
CA ASN M 62 8.83 29.32 -83.69
C ASN M 62 8.66 27.83 -83.98
N VAL M 63 7.54 27.27 -83.53
CA VAL M 63 7.15 25.92 -83.87
C VAL M 63 5.80 25.86 -84.56
N SER M 64 4.81 26.61 -84.06
CA SER M 64 3.51 26.73 -84.70
C SER M 64 3.07 28.18 -84.60
N VAL M 65 3.20 28.92 -85.70
CA VAL M 65 2.81 30.32 -85.76
C VAL M 65 2.03 30.56 -87.04
N THR M 66 0.92 31.28 -86.92
CA THR M 66 0.05 31.59 -88.05
C THR M 66 0.27 33.03 -88.47
N GLU M 67 0.54 33.25 -89.75
CA GLU M 67 0.83 34.60 -90.21
C GLU M 67 -0.41 35.47 -90.07
N PRO M 68 -0.25 36.74 -89.70
CA PRO M 68 -1.43 37.60 -89.50
C PRO M 68 -2.13 37.93 -90.79
N LEU M 69 -3.42 38.24 -90.69
CA LEU M 69 -4.23 38.63 -91.83
C LEU M 69 -4.38 40.13 -91.98
N VAL M 70 -3.76 40.92 -91.11
CA VAL M 70 -3.81 42.38 -91.19
C VAL M 70 -2.39 42.92 -91.03
N ASN M 71 -2.19 44.13 -91.54
CA ASN M 71 -0.87 44.75 -91.53
C ASN M 71 -0.82 45.91 -90.54
N SER M 72 0.33 46.08 -89.90
CA SER M 72 0.54 47.21 -89.02
C SER M 72 0.90 48.45 -89.84
N ALA M 73 0.72 49.62 -89.22
CA ALA M 73 0.98 50.88 -89.89
C ALA M 73 1.62 51.87 -88.93
N PHE M 74 2.31 52.84 -89.49
CA PHE M 74 3.00 53.88 -88.73
C PHE M 74 2.84 55.20 -89.47
N GLU M 75 2.65 56.28 -88.73
CA GLU M 75 2.44 57.59 -89.34
C GLU M 75 2.87 58.68 -88.37
N ARG M 76 3.01 59.89 -88.90
CA ARG M 76 3.47 61.05 -88.15
C ARG M 76 2.45 62.17 -88.21
N THR M 77 2.48 63.03 -87.20
CA THR M 77 1.64 64.21 -87.15
C THR M 77 2.46 65.37 -86.61
N PRO M 78 2.18 66.61 -87.02
CA PRO M 78 2.92 67.74 -86.47
C PRO M 78 2.58 68.00 -85.01
N PHE M 79 3.39 68.84 -84.38
CA PHE M 79 3.21 69.14 -82.97
C PHE M 79 1.83 69.69 -82.71
N ASN M 80 1.17 69.15 -81.68
CA ASN M 80 -0.16 69.59 -81.26
C ASN M 80 -1.14 69.64 -82.43
N THR M 81 -1.11 68.62 -83.28
CA THR M 81 -1.93 68.57 -84.49
C THR M 81 -2.78 67.31 -84.47
N THR M 82 -4.06 67.46 -84.86
CA THR M 82 -4.94 66.31 -84.96
C THR M 82 -4.57 65.46 -86.17
N LEU M 83 -4.76 64.15 -86.04
CA LEU M 83 -4.43 63.19 -87.08
C LEU M 83 -5.69 62.49 -87.56
N ALA M 84 -5.73 62.18 -88.86
CA ALA M 84 -6.84 61.47 -89.46
C ALA M 84 -6.31 60.36 -90.36
N GLY M 85 -7.12 59.32 -90.54
CA GLY M 85 -6.71 58.21 -91.35
C GLY M 85 -7.83 57.21 -91.51
N SER M 86 -7.52 56.12 -92.22
CA SER M 86 -8.49 55.07 -92.49
C SER M 86 -7.84 53.71 -92.28
N LEU M 87 -8.63 52.76 -91.78
CA LEU M 87 -8.15 51.41 -91.52
C LEU M 87 -8.42 50.44 -92.65
N ALA M 88 -9.11 50.87 -93.71
CA ALA M 88 -9.50 49.94 -94.77
C ALA M 88 -8.30 49.38 -95.51
N ALA M 89 -7.28 50.20 -95.76
CA ALA M 89 -6.16 49.78 -96.58
C ALA M 89 -5.31 48.71 -95.91
N LEU M 90 -5.50 48.46 -94.62
CA LEU M 90 -4.65 47.54 -93.88
C LEU M 90 -5.15 46.11 -93.90
N PHE M 91 -6.22 45.79 -94.62
CA PHE M 91 -6.80 44.45 -94.65
C PHE M 91 -6.81 43.96 -96.10
N PRO M 92 -5.73 43.30 -96.54
CA PRO M 92 -5.69 42.77 -97.93
C PRO M 92 -6.38 41.42 -98.06
N ASN M 93 -7.70 41.43 -97.96
CA ASN M 93 -8.46 40.19 -98.09
C ASN M 93 -8.43 39.72 -99.56
N PRO M 94 -7.95 38.50 -99.82
CA PRO M 94 -7.89 38.04 -101.21
C PRO M 94 -9.23 37.72 -101.84
N GLU M 95 -10.30 37.59 -101.07
CA GLU M 95 -11.65 37.49 -101.63
C GLU M 95 -12.52 38.57 -101.02
N GLY M 96 -13.32 39.22 -101.87
CA GLY M 96 -14.18 40.30 -101.39
C GLY M 96 -15.16 39.78 -100.35
N GLU M 97 -15.31 40.55 -99.27
CA GLU M 97 -16.27 40.22 -98.24
C GLU M 97 -16.53 41.47 -97.40
N ALA M 98 -17.65 41.45 -96.68
CA ALA M 98 -18.00 42.57 -95.82
C ALA M 98 -17.03 42.65 -94.65
N VAL M 99 -16.66 43.88 -94.28
CA VAL M 99 -15.70 44.12 -93.21
C VAL M 99 -16.31 45.05 -92.18
N GLU M 100 -15.93 44.84 -90.92
CA GLU M 100 -16.30 45.73 -89.83
C GLU M 100 -15.07 46.03 -89.00
N TYR M 101 -15.07 47.19 -88.36
CA TYR M 101 -13.91 47.68 -87.63
C TYR M 101 -14.25 47.84 -86.15
N GLU M 102 -13.21 47.83 -85.33
CA GLU M 102 -13.37 47.96 -83.88
C GLU M 102 -12.05 48.44 -83.28
N ILE M 103 -12.15 49.02 -82.10
CA ILE M 103 -10.99 49.47 -81.33
C ILE M 103 -11.02 48.76 -79.99
N LEU M 104 -9.95 48.02 -79.70
CA LEU M 104 -9.85 47.29 -78.43
C LEU M 104 -9.69 48.32 -77.32
N GLU M 105 -10.74 48.47 -76.51
CA GLU M 105 -10.76 49.53 -75.49
C GLU M 105 -9.96 49.18 -74.25
N LEU M 106 -9.54 47.92 -74.08
CA LEU M 106 -8.69 47.58 -72.94
C LEU M 106 -7.30 48.19 -73.05
N TYR M 107 -6.91 48.70 -74.22
CA TYR M 107 -5.56 49.18 -74.47
C TYR M 107 -5.64 50.59 -75.06
N PRO M 108 -6.16 51.55 -74.31
CA PRO M 108 -6.36 52.90 -74.85
C PRO M 108 -5.02 53.62 -74.99
N PRO M 109 -4.95 54.65 -75.83
CA PRO M 109 -3.73 55.45 -75.91
C PRO M 109 -3.46 56.15 -74.59
N VAL M 110 -2.19 56.31 -74.27
CA VAL M 110 -1.78 56.84 -72.98
C VAL M 110 -1.73 58.37 -73.02
N ASN M 111 -1.53 58.93 -74.21
CA ASN M 111 -1.39 60.37 -74.38
C ASN M 111 -2.25 60.87 -75.53
N GLY M 112 -3.53 60.50 -75.54
CA GLY M 112 -4.42 60.98 -76.57
C GLY M 112 -5.77 60.32 -76.47
N ILE M 113 -6.62 60.64 -77.44
CA ILE M 113 -7.95 60.05 -77.55
C ILE M 113 -8.20 59.67 -79.00
N VAL M 114 -8.78 58.50 -79.20
CA VAL M 114 -9.09 57.98 -80.53
C VAL M 114 -10.59 57.86 -80.68
N GLU M 115 -11.08 58.28 -81.84
CA GLU M 115 -12.50 58.19 -82.18
C GLU M 115 -12.63 57.41 -83.48
N LEU M 116 -13.59 56.51 -83.55
CA LEU M 116 -13.81 55.68 -84.71
C LEU M 116 -15.05 56.16 -85.44
N GLY M 117 -14.89 56.49 -86.73
CA GLY M 117 -15.98 56.98 -87.55
C GLY M 117 -16.68 55.85 -88.27
N GLU M 118 -17.09 56.14 -89.51
CA GLU M 118 -17.79 55.16 -90.34
C GLU M 118 -16.87 54.59 -91.41
N ASN M 119 -16.99 53.29 -91.62
CA ASN M 119 -16.24 52.59 -92.67
C ASN M 119 -14.73 52.78 -92.51
N GLY M 120 -14.25 52.51 -91.30
CA GLY M 120 -12.82 52.50 -91.03
C GLY M 120 -12.18 53.86 -90.82
N ALA M 121 -12.95 54.94 -90.86
CA ALA M 121 -12.39 56.25 -90.59
C ALA M 121 -12.21 56.47 -89.09
N PHE M 122 -11.06 57.02 -88.72
CA PHE M 122 -10.74 57.25 -87.32
C PHE M 122 -10.04 58.59 -87.17
N THR M 123 -10.10 59.12 -85.95
CA THR M 123 -9.48 60.40 -85.62
C THR M 123 -8.69 60.27 -84.33
N TYR M 124 -7.46 60.77 -84.35
CA TYR M 124 -6.58 60.77 -83.18
C TYR M 124 -6.31 62.21 -82.78
N ARG M 125 -6.59 62.53 -81.52
CA ARG M 125 -6.49 63.90 -81.00
C ARG M 125 -5.48 63.90 -79.85
N PRO M 126 -4.21 64.21 -80.14
CA PRO M 126 -3.19 64.10 -79.10
C PRO M 126 -3.40 65.12 -77.98
N ALA M 127 -2.91 64.76 -76.81
CA ALA M 127 -2.99 65.64 -75.66
C ALA M 127 -2.16 66.89 -75.91
N THR M 128 -2.61 68.01 -75.34
CA THR M 128 -1.95 69.29 -75.58
C THR M 128 -0.50 69.23 -75.13
N SER M 129 0.39 69.79 -75.97
CA SER M 129 1.81 69.88 -75.65
C SER M 129 2.41 68.50 -75.39
N PHE M 130 2.09 67.54 -76.23
CA PHE M 130 2.67 66.21 -76.13
C PHE M 130 3.76 66.02 -77.18
N THR M 131 4.74 65.17 -76.86
CA THR M 131 5.83 64.85 -77.78
C THR M 131 6.36 63.48 -77.42
N GLY M 132 6.20 62.53 -78.32
CA GLY M 132 6.66 61.18 -78.07
C GLY M 132 5.99 60.20 -79.04
N ILE M 133 5.80 58.97 -78.55
CA ILE M 133 5.22 57.89 -79.33
C ILE M 133 3.92 57.46 -78.65
N ASP M 134 2.99 56.93 -79.45
CA ASP M 134 1.70 56.48 -78.94
C ASP M 134 1.21 55.31 -79.79
N ARG M 135 0.27 54.55 -79.24
CA ARG M 135 -0.22 53.34 -79.89
C ARG M 135 -1.71 53.17 -79.61
N PHE M 136 -2.35 52.37 -80.46
CA PHE M 136 -3.65 51.80 -80.13
C PHE M 136 -3.86 50.58 -81.00
N TRP M 137 -4.70 49.67 -80.52
CA TRP M 137 -4.89 48.36 -81.14
C TRP M 137 -6.28 48.29 -81.74
N PHE M 138 -6.35 47.94 -83.02
CA PHE M 138 -7.61 47.84 -83.76
C PHE M 138 -7.86 46.40 -84.17
N SER M 139 -9.11 46.10 -84.48
CA SER M 139 -9.52 44.77 -84.93
C SER M 139 -10.38 44.92 -86.17
N ILE M 140 -9.99 44.24 -87.24
CA ILE M 140 -10.72 44.26 -88.51
C ILE M 140 -11.28 42.86 -88.75
N ASN M 141 -12.59 42.71 -88.59
CA ASN M 141 -13.27 41.44 -88.85
C ASN M 141 -12.67 40.32 -88.02
N GLY M 142 -12.35 40.61 -86.77
CA GLY M 142 -11.85 39.60 -85.85
C GLY M 142 -10.34 39.41 -85.83
N ASN M 143 -9.60 40.14 -86.66
CA ASN M 143 -8.15 40.04 -86.71
C ASN M 143 -7.55 41.28 -86.04
N VAL M 144 -6.69 41.06 -85.06
CA VAL M 144 -6.11 42.14 -84.28
C VAL M 144 -4.85 42.63 -84.96
N GLY M 145 -4.61 43.94 -84.90
CA GLY M 145 -3.42 44.54 -85.46
C GLY M 145 -2.96 45.69 -84.60
N GLU M 146 -1.82 46.27 -84.98
CA GLU M 146 -1.20 47.36 -84.26
C GLU M 146 -1.15 48.60 -85.14
N PHE M 147 -1.19 49.77 -84.53
CA PHE M 147 -1.06 51.04 -85.23
C PHE M 147 -0.24 51.97 -84.35
N VAL M 148 0.86 52.48 -84.88
CA VAL M 148 1.79 53.32 -84.12
C VAL M 148 1.67 54.75 -84.62
N ILE M 149 1.85 55.70 -83.71
CA ILE M 149 1.82 57.13 -84.02
C ILE M 149 2.99 57.81 -83.32
N ALA M 150 3.60 58.77 -84.01
CA ALA M 150 4.72 59.53 -83.46
C ALA M 150 4.40 61.02 -83.56
N VAL M 151 4.63 61.74 -82.48
CA VAL M 151 4.37 63.17 -82.40
C VAL M 151 5.74 63.86 -82.30
N ASP M 152 6.22 64.39 -83.42
CA ASP M 152 7.49 65.08 -83.42
C ASP M 152 7.38 66.45 -82.76
N PRO M 153 8.45 66.95 -82.14
CA PRO M 153 8.37 68.26 -81.49
C PRO M 153 8.31 69.39 -82.50
N ALA M 154 7.91 70.55 -82.01
CA ALA M 154 7.82 71.74 -82.87
C ALA M 154 9.18 72.12 -83.43
N GLN M 155 10.26 71.84 -82.70
CA GLN M 155 11.61 72.15 -83.14
C GLN M 155 12.51 70.96 -82.86
N GLY M 156 13.59 70.86 -83.62
CA GLY M 156 14.54 69.79 -83.47
C GLY M 156 14.31 68.67 -84.47
N PRO M 157 15.16 67.64 -84.44
CA PRO M 157 15.03 66.55 -85.39
C PRO M 157 13.81 65.70 -85.12
N GLN M 158 13.37 65.00 -86.17
CA GLN M 158 12.21 64.13 -86.06
C GLN M 158 12.51 62.92 -85.19
N ILE M 159 11.46 62.30 -84.66
CA ILE M 159 11.62 61.12 -83.83
C ILE M 159 11.78 59.89 -84.71
N ALA M 160 12.80 59.10 -84.43
CA ALA M 160 13.05 57.90 -85.22
C ALA M 160 11.90 56.90 -85.06
N GLN M 161 11.63 56.15 -86.12
CA GLN M 161 10.55 55.18 -86.10
C GLN M 161 10.93 54.00 -85.20
N PRO M 162 10.12 53.65 -84.21
CA PRO M 162 10.44 52.50 -83.36
C PRO M 162 9.96 51.21 -83.99
N PRO M 163 10.51 50.07 -83.58
CA PRO M 163 10.05 48.79 -84.12
C PRO M 163 8.69 48.39 -83.58
N PHE M 164 8.01 47.52 -84.31
CA PHE M 164 6.71 47.03 -83.88
C PHE M 164 6.85 46.07 -82.71
N THR M 165 5.75 45.88 -82.00
CA THR M 165 5.75 45.03 -80.82
C THR M 165 5.70 43.56 -81.23
N PRO M 166 6.65 42.72 -80.83
CA PRO M 166 6.57 41.30 -81.18
C PRO M 166 5.41 40.61 -80.49
N ALA M 167 5.06 39.43 -81.00
CA ALA M 167 3.99 38.65 -80.39
C ALA M 167 4.33 38.26 -78.95
N VAL M 168 5.57 37.83 -78.73
CA VAL M 168 6.08 37.55 -77.39
C VAL M 168 7.50 38.10 -77.30
N TYR M 169 7.82 38.71 -76.15
CA TYR M 169 9.09 39.37 -75.97
C TYR M 169 9.49 39.30 -74.51
N VAL M 170 10.78 39.51 -74.27
CA VAL M 170 11.33 39.55 -72.92
C VAL M 170 12.14 40.84 -72.76
N PRO M 171 11.66 41.83 -72.01
CA PRO M 171 12.44 43.06 -71.83
C PRO M 171 13.81 42.74 -71.26
N LEU M 172 14.84 43.41 -71.80
CA LEU M 172 16.20 43.14 -71.38
C LEU M 172 16.65 44.01 -70.23
N SER M 173 15.91 45.08 -69.92
CA SER M 173 16.26 45.93 -68.79
C SER M 173 15.65 45.42 -67.50
N ARG M 174 14.52 44.72 -67.58
CA ARG M 174 13.86 44.15 -66.41
C ARG M 174 14.37 42.74 -66.14
N ARG M 175 15.54 42.68 -65.51
CA ARG M 175 16.25 41.43 -65.30
C ARG M 175 17.11 41.56 -64.05
N GLU M 176 17.22 40.47 -63.29
CA GLU M 176 17.99 40.50 -62.06
C GLU M 176 18.35 39.08 -61.65
N VAL M 177 19.48 38.95 -60.97
CA VAL M 177 19.94 37.69 -60.41
C VAL M 177 20.20 37.91 -58.92
N ASN M 178 19.66 37.03 -58.09
CA ASN M 178 19.76 37.15 -56.63
C ASN M 178 20.89 36.25 -56.16
N LYS M 179 22.07 36.85 -55.94
CA LYS M 179 23.22 36.07 -55.49
C LYS M 179 22.98 35.43 -54.14
N GLN M 180 22.07 35.97 -53.32
CA GLN M 180 21.85 35.41 -52.00
C GLN M 180 21.25 34.01 -52.07
N THR M 181 20.46 33.72 -53.11
CA THR M 181 19.81 32.42 -53.23
C THR M 181 19.97 31.81 -54.62
N GLN M 182 20.75 32.40 -55.50
CA GLN M 182 21.03 31.84 -56.83
C GLN M 182 19.73 31.62 -57.59
N ALA M 183 19.04 32.71 -57.90
CA ALA M 183 17.80 32.68 -58.65
C ALA M 183 17.82 33.76 -59.71
N LEU M 184 17.11 33.51 -60.81
CA LEU M 184 17.02 34.45 -61.92
C LEU M 184 15.57 34.85 -62.13
N ARG M 185 15.34 36.14 -62.36
CA ARG M 185 14.01 36.68 -62.62
C ARG M 185 14.00 37.44 -63.92
N PHE M 186 12.98 37.18 -64.75
CA PHE M 186 12.75 37.93 -65.97
C PHE M 186 11.25 38.10 -66.16
N VAL M 187 10.89 38.97 -67.10
CA VAL M 187 9.50 39.34 -67.35
C VAL M 187 9.11 38.82 -68.73
N LEU M 188 7.98 38.13 -68.78
CA LEU M 188 7.43 37.61 -70.03
C LEU M 188 6.16 38.39 -70.37
N GLY M 189 6.13 38.96 -71.57
CA GLY M 189 5.00 39.75 -72.02
C GLY M 189 4.42 39.20 -73.30
N VAL M 190 3.10 39.31 -73.45
CA VAL M 190 2.39 38.83 -74.62
C VAL M 190 1.60 40.00 -75.20
N SER M 191 1.75 40.23 -76.50
CA SER M 191 1.05 41.33 -77.15
C SER M 191 -0.41 40.95 -77.35
N PRO M 192 -1.30 41.95 -77.49
CA PRO M 192 -2.71 41.64 -77.77
C PRO M 192 -2.90 40.90 -79.07
N ALA M 193 -1.97 41.02 -80.02
CA ALA M 193 -2.14 40.42 -81.33
C ALA M 193 -1.81 38.93 -81.36
N ALA M 194 -1.29 38.38 -80.27
CA ALA M 194 -0.99 36.95 -80.25
C ALA M 194 -2.27 36.16 -80.48
N LYS M 195 -2.15 35.10 -81.30
CA LYS M 195 -3.30 34.32 -81.69
C LYS M 195 -3.37 33.04 -80.87
N PRO M 196 -4.53 32.67 -80.34
CA PRO M 196 -4.60 31.46 -79.51
C PRO M 196 -4.15 30.22 -80.26
N ALA M 197 -3.63 29.26 -79.51
CA ALA M 197 -3.18 27.95 -79.97
C ALA M 197 -1.79 27.96 -80.61
N ASP M 198 -1.16 29.13 -80.73
CA ASP M 198 0.22 29.16 -81.21
C ASP M 198 1.17 28.70 -80.11
N ILE M 199 2.39 28.35 -80.52
CA ILE M 199 3.41 27.86 -79.59
C ILE M 199 4.74 28.49 -79.95
N TYR M 200 5.47 28.96 -78.94
CA TYR M 200 6.81 29.50 -79.09
C TYR M 200 7.75 28.77 -78.15
N ARG M 201 9.04 28.82 -78.46
CA ARG M 201 10.08 28.18 -77.66
C ARG M 201 11.15 29.20 -77.28
N LEU M 202 11.61 29.14 -76.04
CA LEU M 202 12.60 30.07 -75.51
C LEU M 202 13.79 29.27 -74.99
N ASN M 203 15.00 29.73 -75.30
CA ASN M 203 16.24 29.09 -74.87
C ASN M 203 17.03 30.07 -74.02
N ILE M 204 17.49 29.61 -72.86
CA ILE M 204 18.21 30.44 -71.90
C ILE M 204 19.57 29.82 -71.64
N ARG M 205 20.63 30.63 -71.73
CA ARG M 205 21.96 30.24 -71.30
C ARG M 205 22.38 31.14 -70.15
N GLN M 206 22.78 30.53 -69.03
CA GLN M 206 23.15 31.26 -67.83
C GLN M 206 24.57 30.86 -67.46
N ALA M 207 25.34 31.82 -66.95
CA ALA M 207 26.75 31.62 -66.67
C ALA M 207 27.02 31.66 -65.17
N ALA M 208 28.11 31.00 -64.78
CA ALA M 208 28.59 31.03 -63.40
C ALA M 208 30.11 31.02 -63.42
N ILE M 209 30.70 31.56 -62.36
CA ILE M 209 32.15 31.77 -62.31
C ILE M 209 32.70 31.04 -61.08
N ASP M 210 33.89 30.47 -61.24
CA ASP M 210 34.61 29.88 -60.12
C ASP M 210 35.37 30.98 -59.37
N CYS M 211 36.21 30.56 -58.43
CA CYS M 211 36.93 31.52 -57.61
C CYS M 211 37.85 32.42 -58.43
N GLU M 212 38.55 31.87 -59.42
CA GLU M 212 39.54 32.63 -60.18
C GLU M 212 38.92 33.47 -61.29
N GLY M 213 37.66 33.24 -61.65
CA GLY M 213 36.99 34.03 -62.64
C GLY M 213 36.63 33.33 -63.94
N ASN M 214 36.98 32.06 -64.09
CA ASN M 214 36.58 31.30 -65.27
C ASN M 214 35.10 30.97 -65.20
N GLU M 215 34.48 30.75 -66.36
CA GLU M 215 33.04 30.70 -66.49
C GLU M 215 32.54 29.30 -66.83
N TYR M 216 31.41 28.94 -66.24
CA TYR M 216 30.63 27.77 -66.63
C TYR M 216 29.41 28.24 -67.43
N PHE M 217 28.59 27.28 -67.84
CA PHE M 217 27.37 27.59 -68.59
C PHE M 217 26.33 26.50 -68.39
N HIS M 218 25.07 26.87 -68.56
CA HIS M 218 23.93 25.96 -68.39
C HIS M 218 22.83 26.38 -69.35
N ILE M 219 22.24 25.41 -70.04
CA ILE M 219 21.27 25.68 -71.10
C ILE M 219 19.97 24.96 -70.76
N SER M 220 18.85 25.65 -70.96
CA SER M 220 17.53 25.08 -70.76
C SER M 220 16.55 25.79 -71.69
N CYS M 221 15.42 25.14 -71.94
CA CYS M 221 14.45 25.68 -72.88
C CYS M 221 13.04 25.48 -72.32
N TYR M 222 12.15 26.38 -72.70
CA TYR M 222 10.76 26.38 -72.23
C TYR M 222 9.82 26.59 -73.41
N ASP M 223 8.61 26.04 -73.30
CA ASP M 223 7.60 26.15 -74.35
C ASP M 223 6.48 27.06 -73.88
N ILE M 224 6.10 28.02 -74.72
CA ILE M 224 5.05 28.98 -74.42
C ILE M 224 3.90 28.75 -75.39
N SER M 225 2.70 28.54 -74.86
CA SER M 225 1.52 28.28 -75.67
C SER M 225 0.43 29.28 -75.29
N ILE M 226 -0.18 29.91 -76.29
CA ILE M 226 -1.21 30.91 -76.04
C ILE M 226 -2.52 30.22 -75.70
N GLY M 227 -3.35 30.89 -74.93
CA GLY M 227 -4.62 30.32 -74.50
C GLY M 227 -5.68 31.36 -74.19
N SER M 228 -6.65 30.98 -73.36
CA SER M 228 -7.74 31.86 -72.97
C SER M 228 -8.45 31.23 -71.78
N CYS M 229 -9.61 31.79 -71.41
CA CYS M 229 -10.40 31.22 -70.33
C CYS M 229 -11.88 31.46 -70.62
N GLY M 230 -12.72 30.71 -69.93
CA GLY M 230 -14.16 30.79 -70.12
C GLY M 230 -14.95 30.18 -68.98
N CYS N 23 -18.58 3.99 -92.96
CA CYS N 23 -18.64 5.41 -92.64
C CYS N 23 -19.71 5.66 -91.58
N GLU N 24 -19.38 6.49 -90.60
CA GLU N 24 -20.33 6.80 -89.53
C GLU N 24 -21.54 7.54 -90.09
N SER N 25 -22.68 7.32 -89.46
CA SER N 25 -23.96 7.83 -89.96
C SER N 25 -24.47 8.95 -89.05
N ILE N 26 -24.88 10.05 -89.66
CA ILE N 26 -25.47 11.18 -88.95
C ILE N 26 -26.86 11.44 -89.54
N SER N 27 -27.86 11.54 -88.67
CA SER N 27 -29.24 11.83 -89.07
C SER N 27 -29.61 13.21 -88.58
N ALA N 28 -30.09 14.06 -89.48
CA ALA N 28 -30.41 15.44 -89.17
C ALA N 28 -31.78 15.78 -89.73
N ARG N 29 -32.43 16.77 -89.10
CA ARG N 29 -33.75 17.23 -89.50
C ARG N 29 -33.67 18.62 -90.10
N PRO N 30 -34.58 18.98 -91.01
CA PRO N 30 -34.57 20.34 -91.55
C PRO N 30 -34.76 21.38 -90.45
N GLY N 31 -34.03 22.48 -90.57
CA GLY N 31 -34.13 23.58 -89.64
C GLY N 31 -33.38 23.39 -88.33
N GLU N 32 -32.62 22.32 -88.19
CA GLU N 32 -31.94 22.01 -86.95
C GLU N 32 -30.48 22.44 -87.01
N VAL N 33 -29.93 22.79 -85.85
CA VAL N 33 -28.51 23.07 -85.68
C VAL N 33 -28.09 22.33 -84.41
N ASN N 34 -27.26 21.29 -84.56
CA ASN N 34 -27.06 20.32 -83.51
C ASN N 34 -25.66 20.31 -82.90
N GLY N 35 -24.60 20.31 -83.71
CA GLY N 35 -23.25 20.25 -83.17
C GLY N 35 -22.75 18.82 -83.02
N VAL N 36 -21.45 18.61 -83.21
CA VAL N 36 -20.85 17.29 -83.20
C VAL N 36 -19.51 17.36 -82.49
N MET N 37 -19.08 16.22 -81.95
CA MET N 37 -17.80 16.12 -81.26
C MET N 37 -17.15 14.79 -81.60
N VAL N 38 -15.86 14.82 -81.90
CA VAL N 38 -15.08 13.63 -82.23
C VAL N 38 -13.80 13.64 -81.42
N SER N 39 -13.43 12.48 -80.89
CA SER N 39 -12.31 12.34 -79.97
C SER N 39 -11.13 11.71 -80.71
N TYR N 40 -9.98 12.36 -80.63
CA TYR N 40 -8.76 11.91 -81.30
C TYR N 40 -7.73 11.31 -80.35
N VAL N 41 -8.10 11.03 -79.10
CA VAL N 41 -7.12 10.55 -78.13
C VAL N 41 -6.51 9.24 -78.62
N ALA N 42 -7.31 8.37 -79.23
CA ALA N 42 -6.82 7.06 -79.62
C ALA N 42 -5.72 7.16 -80.66
N TRP N 43 -5.68 8.25 -81.43
CA TRP N 43 -4.70 8.41 -82.49
C TRP N 43 -3.58 9.36 -82.11
N SER N 44 -3.92 10.48 -81.48
CA SER N 44 -2.93 11.52 -81.20
C SER N 44 -2.03 11.14 -80.02
N ALA N 45 -2.57 10.42 -79.04
CA ALA N 45 -1.82 10.18 -77.80
C ALA N 45 -0.49 9.49 -78.04
N PRO N 46 -0.42 8.34 -78.72
CA PRO N 46 0.88 7.65 -78.86
C PRO N 46 1.91 8.44 -79.64
N LEU N 47 1.51 9.40 -80.48
CA LEU N 47 2.48 10.15 -81.27
C LEU N 47 3.32 11.10 -80.44
N GLY N 48 2.97 11.32 -79.18
CA GLY N 48 3.67 12.33 -78.39
C GLY N 48 3.43 13.71 -78.99
N GLY N 49 4.47 14.54 -78.96
CA GLY N 49 4.35 15.84 -79.57
C GLY N 49 3.41 16.76 -78.79
N HIS N 50 2.83 17.71 -79.51
CA HIS N 50 1.98 18.73 -78.92
C HIS N 50 0.50 18.50 -79.21
N GLY N 51 0.13 17.36 -79.77
CA GLY N 51 -1.27 17.07 -79.96
C GLY N 51 -1.86 17.73 -81.20
N LEU N 52 -3.17 17.95 -81.16
CA LEU N 52 -3.90 18.45 -82.31
C LEU N 52 -3.52 19.89 -82.63
N THR N 53 -4.10 20.41 -83.71
CA THR N 53 -3.87 21.77 -84.15
C THR N 53 -5.09 22.24 -84.91
N ASN N 54 -5.23 23.56 -85.04
CA ASN N 54 -6.43 24.16 -85.61
C ASN N 54 -6.49 24.08 -87.14
N LYS N 55 -5.63 23.29 -87.79
CA LYS N 55 -5.65 23.18 -89.25
C LYS N 55 -6.58 22.04 -89.69
N THR N 56 -7.88 22.31 -89.63
CA THR N 56 -8.88 21.38 -90.11
C THR N 56 -9.35 21.78 -91.51
N THR N 57 -10.03 20.84 -92.18
CA THR N 57 -10.55 21.08 -93.51
C THR N 57 -11.79 20.22 -93.71
N PHE N 58 -12.84 20.83 -94.25
CA PHE N 58 -14.13 20.17 -94.45
C PHE N 58 -14.50 20.19 -95.93
N GLU N 59 -15.13 19.12 -96.39
CA GLU N 59 -15.58 19.02 -97.77
C GLU N 59 -16.90 18.26 -97.82
N PHE N 60 -17.78 18.68 -98.71
CA PHE N 60 -19.09 18.08 -98.88
C PHE N 60 -19.21 17.45 -100.26
N GLU N 61 -19.88 16.31 -100.34
CA GLU N 61 -20.14 15.61 -101.59
C GLU N 61 -21.61 15.26 -101.68
N ASN N 62 -22.19 15.40 -102.87
CA ASN N 62 -23.61 15.13 -103.09
C ASN N 62 -23.76 13.71 -103.64
N VAL N 63 -23.83 12.75 -102.72
CA VAL N 63 -23.97 11.36 -103.13
C VAL N 63 -25.36 11.10 -103.72
N SER N 64 -26.39 11.68 -103.13
CA SER N 64 -27.76 11.50 -103.61
C SER N 64 -28.58 12.70 -103.15
N VAL N 65 -28.85 13.61 -104.09
CA VAL N 65 -29.58 14.84 -103.80
C VAL N 65 -30.59 15.09 -104.91
N THR N 66 -31.75 15.61 -104.53
CA THR N 66 -32.79 15.96 -105.48
C THR N 66 -32.79 17.47 -105.72
N GLU N 67 -32.95 17.87 -106.97
CA GLU N 67 -32.89 19.28 -107.32
C GLU N 67 -34.14 20.00 -106.82
N PRO N 68 -34.05 21.32 -106.62
CA PRO N 68 -35.21 22.08 -106.15
C PRO N 68 -36.14 22.44 -107.31
N LEU N 69 -37.44 22.42 -107.04
CA LEU N 69 -38.45 22.77 -108.05
C LEU N 69 -38.85 24.23 -107.99
N VAL N 70 -38.24 25.02 -107.11
CA VAL N 70 -38.53 26.45 -107.01
C VAL N 70 -37.20 27.19 -106.95
N ASN N 71 -37.25 28.49 -107.25
CA ASN N 71 -36.06 29.32 -107.34
C ASN N 71 -36.06 30.37 -106.23
N SER N 72 -34.92 30.52 -105.57
CA SER N 72 -34.77 31.59 -104.59
C SER N 72 -34.63 32.93 -105.30
N ALA N 73 -34.94 34.01 -104.58
CA ALA N 73 -34.91 35.34 -105.16
C ALA N 73 -34.24 36.30 -104.19
N PHE N 74 -33.66 37.37 -104.74
CA PHE N 74 -33.01 38.41 -103.97
C PHE N 74 -33.45 39.77 -104.49
N GLU N 75 -33.71 40.69 -103.57
CA GLU N 75 -34.24 41.99 -103.92
C GLU N 75 -33.70 43.04 -102.96
N ARG N 76 -34.06 44.30 -103.21
CA ARG N 76 -33.61 45.43 -102.42
C ARG N 76 -34.75 46.41 -102.22
N THR N 77 -34.57 47.31 -101.25
CA THR N 77 -35.52 48.38 -100.98
C THR N 77 -34.77 49.56 -100.39
N PRO N 78 -35.28 50.78 -100.56
CA PRO N 78 -34.64 51.95 -99.93
C PRO N 78 -34.89 51.99 -98.43
N PHE N 79 -34.28 52.99 -97.80
CA PHE N 79 -34.38 53.17 -96.36
C PHE N 79 -35.82 53.39 -95.94
N ASN N 80 -36.25 52.65 -94.90
CA ASN N 80 -37.58 52.82 -94.32
C ASN N 80 -38.68 52.74 -95.38
N THR N 81 -38.43 52.03 -96.47
CA THR N 81 -39.36 51.94 -97.58
C THR N 81 -39.94 50.53 -97.63
N THR N 82 -41.27 50.44 -97.68
CA THR N 82 -41.93 49.15 -97.80
C THR N 82 -41.59 48.52 -99.15
N LEU N 83 -41.40 47.19 -99.14
CA LEU N 83 -41.03 46.44 -100.34
C LEU N 83 -42.21 45.60 -100.78
N ALA N 84 -42.96 46.09 -101.76
CA ALA N 84 -43.99 45.29 -102.40
C ALA N 84 -43.33 44.34 -103.39
N GLY N 85 -44.00 43.21 -103.63
CA GLY N 85 -43.45 42.22 -104.54
C GLY N 85 -44.45 41.12 -104.83
N SER N 86 -44.01 40.17 -105.65
CA SER N 86 -44.84 39.05 -106.05
C SER N 86 -44.04 37.77 -105.91
N LEU N 87 -44.74 36.67 -105.65
CA LEU N 87 -44.12 35.37 -105.42
C LEU N 87 -44.44 34.35 -106.51
N ALA N 88 -45.35 34.66 -107.43
CA ALA N 88 -45.78 33.68 -108.41
C ALA N 88 -44.74 33.43 -109.50
N ALA N 89 -43.85 34.38 -109.76
CA ALA N 89 -42.89 34.23 -110.85
C ALA N 89 -41.81 33.21 -110.53
N LEU N 90 -41.73 32.72 -109.30
CA LEU N 90 -40.64 31.85 -108.88
C LEU N 90 -40.94 30.37 -109.07
N PHE N 91 -42.08 30.01 -109.64
CA PHE N 91 -42.45 28.61 -109.84
C PHE N 91 -42.63 28.35 -111.33
N PRO N 92 -41.58 27.97 -112.06
CA PRO N 92 -41.66 27.78 -113.52
C PRO N 92 -42.19 26.40 -113.93
N ASN N 93 -43.34 26.02 -113.40
CA ASN N 93 -43.93 24.75 -113.78
C ASN N 93 -44.42 24.80 -115.23
N PRO N 94 -44.06 23.81 -116.05
CA PRO N 94 -44.56 23.81 -117.44
C PRO N 94 -45.98 23.31 -117.57
N GLU N 95 -46.51 22.61 -116.58
CA GLU N 95 -47.86 22.09 -116.63
C GLU N 95 -48.85 23.11 -116.07
N GLY N 96 -50.12 22.92 -116.44
CA GLY N 96 -51.19 23.72 -115.87
C GLY N 96 -51.80 23.06 -114.66
N GLU N 97 -51.64 23.67 -113.49
CA GLU N 97 -52.10 23.07 -112.25
C GLU N 97 -52.33 24.17 -111.22
N ALA N 98 -53.09 23.84 -110.19
CA ALA N 98 -53.38 24.79 -109.13
C ALA N 98 -52.13 25.05 -108.30
N VAL N 99 -51.98 26.30 -107.87
CA VAL N 99 -50.86 26.71 -107.04
C VAL N 99 -51.40 27.39 -105.79
N GLU N 100 -50.84 27.00 -104.64
CA GLU N 100 -51.18 27.61 -103.37
C GLU N 100 -49.91 28.12 -102.71
N TYR N 101 -49.94 29.35 -102.24
CA TYR N 101 -48.79 30.02 -101.66
C TYR N 101 -48.91 30.04 -100.15
N GLU N 102 -47.77 29.84 -99.47
CA GLU N 102 -47.76 29.76 -98.02
C GLU N 102 -46.44 30.31 -97.50
N ILE N 103 -46.47 30.83 -96.27
CA ILE N 103 -45.29 31.34 -95.60
C ILE N 103 -45.02 30.49 -94.38
N LEU N 104 -43.82 29.93 -94.30
CA LEU N 104 -43.42 29.13 -93.15
C LEU N 104 -43.25 30.05 -91.95
N GLU N 105 -44.07 29.85 -90.92
CA GLU N 105 -44.11 30.76 -89.79
C GLU N 105 -43.18 30.37 -88.65
N LEU N 106 -42.55 29.19 -88.73
CA LEU N 106 -41.52 28.84 -87.76
C LEU N 106 -40.23 29.63 -87.97
N TYR N 107 -40.13 30.37 -89.07
CA TYR N 107 -38.90 31.06 -89.45
C TYR N 107 -39.22 32.52 -89.75
N PRO N 108 -39.71 33.27 -88.76
CA PRO N 108 -40.16 34.63 -89.03
C PRO N 108 -39.00 35.54 -89.35
N PRO N 109 -39.25 36.63 -90.08
CA PRO N 109 -38.17 37.59 -90.34
C PRO N 109 -37.66 38.21 -89.06
N VAL N 110 -36.36 38.52 -89.05
CA VAL N 110 -35.72 39.00 -87.83
C VAL N 110 -35.95 40.49 -87.61
N ASN N 111 -35.96 41.30 -88.67
CA ASN N 111 -36.04 42.75 -88.55
C ASN N 111 -37.20 43.31 -89.36
N GLY N 112 -38.32 42.61 -89.39
CA GLY N 112 -39.46 43.10 -90.13
C GLY N 112 -40.64 42.15 -90.00
N ILE N 113 -41.65 42.39 -90.83
CA ILE N 113 -42.84 41.55 -90.87
C ILE N 113 -43.24 41.34 -92.33
N VAL N 114 -43.65 40.12 -92.65
CA VAL N 114 -44.07 39.76 -93.99
C VAL N 114 -45.58 39.53 -93.99
N GLU N 115 -46.27 40.15 -94.94
CA GLU N 115 -47.72 40.05 -95.08
C GLU N 115 -48.01 39.43 -96.43
N LEU N 116 -48.54 38.20 -96.42
CA LEU N 116 -48.85 37.51 -97.66
C LEU N 116 -50.13 38.05 -98.27
N GLY N 117 -50.06 38.47 -99.54
CA GLY N 117 -51.21 38.94 -100.26
C GLY N 117 -51.91 37.82 -101.01
N GLU N 118 -52.86 38.20 -101.85
CA GLU N 118 -53.62 37.24 -102.62
C GLU N 118 -52.86 36.82 -103.88
N ASN N 119 -52.96 35.53 -104.20
CA ASN N 119 -52.40 34.99 -105.45
C ASN N 119 -50.92 35.32 -105.57
N GLY N 120 -50.16 35.07 -104.50
CA GLY N 120 -48.72 35.20 -104.53
C GLY N 120 -48.19 36.58 -104.22
N ALA N 121 -49.06 37.59 -104.09
CA ALA N 121 -48.59 38.91 -103.71
C ALA N 121 -48.17 38.92 -102.24
N PHE N 122 -47.24 39.81 -101.91
CA PHE N 122 -46.75 39.93 -100.55
C PHE N 122 -46.25 41.35 -100.33
N THR N 123 -46.11 41.71 -99.05
CA THR N 123 -45.62 43.01 -98.66
C THR N 123 -44.72 42.86 -97.44
N TYR N 124 -43.49 43.35 -97.55
CA TYR N 124 -42.51 43.30 -96.46
C TYR N 124 -42.34 44.71 -95.93
N ARG N 125 -42.55 44.88 -94.63
CA ARG N 125 -42.48 46.19 -94.00
C ARG N 125 -41.31 46.22 -93.03
N PRO N 126 -40.15 46.78 -93.42
CA PRO N 126 -39.01 46.76 -92.50
C PRO N 126 -39.21 47.64 -91.29
N ALA N 127 -38.57 47.25 -90.20
CA ALA N 127 -38.62 48.07 -88.98
C ALA N 127 -37.90 49.39 -89.21
N THR N 128 -38.38 50.42 -88.52
CA THR N 128 -37.82 51.75 -88.72
C THR N 128 -36.35 51.78 -88.30
N SER N 129 -35.52 52.40 -89.15
CA SER N 129 -34.11 52.61 -88.87
C SER N 129 -33.27 51.35 -89.07
N PHE N 130 -33.84 50.29 -89.63
CA PHE N 130 -33.09 49.07 -89.86
C PHE N 130 -32.27 49.17 -91.14
N THR N 131 -31.09 48.55 -91.11
CA THR N 131 -30.20 48.53 -92.27
C THR N 131 -29.39 47.25 -92.23
N GLY N 132 -29.60 46.38 -93.21
CA GLY N 132 -28.91 45.12 -93.26
C GLY N 132 -29.65 44.14 -94.16
N ILE N 133 -29.45 42.86 -93.89
CA ILE N 133 -30.02 41.78 -94.69
C ILE N 133 -31.13 41.12 -93.88
N ASP N 134 -32.14 40.60 -94.58
CA ASP N 134 -33.26 39.92 -93.96
C ASP N 134 -33.70 38.76 -94.83
N ARG N 135 -34.43 37.82 -94.23
CA ARG N 135 -34.84 36.60 -94.91
C ARG N 135 -36.26 36.24 -94.50
N PHE N 136 -36.92 35.45 -95.35
CA PHE N 136 -38.18 34.83 -94.99
C PHE N 136 -38.41 33.67 -95.95
N TRP N 137 -38.88 32.56 -95.40
CA TRP N 137 -39.00 31.30 -96.13
C TRP N 137 -40.44 31.11 -96.59
N PHE N 138 -40.60 30.69 -97.84
CA PHE N 138 -41.91 30.53 -98.45
C PHE N 138 -42.02 29.14 -99.05
N SER N 139 -43.25 28.71 -99.30
CA SER N 139 -43.54 27.42 -99.90
C SER N 139 -44.56 27.62 -101.02
N ILE N 140 -44.37 26.91 -102.12
CA ILE N 140 -45.27 26.95 -103.26
C ILE N 140 -45.69 25.53 -103.59
N ASN N 141 -46.94 25.19 -103.26
CA ASN N 141 -47.51 23.89 -103.61
C ASN N 141 -46.67 22.74 -103.05
N GLY N 142 -46.04 22.98 -101.90
CA GLY N 142 -45.28 21.94 -101.22
C GLY N 142 -43.79 21.96 -101.45
N ASN N 143 -43.26 22.98 -102.12
CA ASN N 143 -41.83 23.12 -102.36
C ASN N 143 -41.31 24.35 -101.66
N VAL N 144 -40.19 24.20 -100.95
CA VAL N 144 -39.65 25.24 -100.09
C VAL N 144 -38.60 26.04 -100.84
N GLY N 145 -38.61 27.35 -100.63
CA GLY N 145 -37.62 28.22 -101.22
C GLY N 145 -37.25 29.33 -100.24
N GLU N 146 -36.19 30.05 -100.58
CA GLU N 146 -35.67 31.12 -99.73
C GLU N 146 -35.82 32.46 -100.46
N PHE N 147 -36.25 33.48 -99.72
CA PHE N 147 -36.29 34.84 -100.21
C PHE N 147 -35.41 35.71 -99.32
N VAL N 148 -34.54 36.51 -99.94
CA VAL N 148 -33.60 37.36 -99.22
C VAL N 148 -33.87 38.80 -99.62
N ILE N 149 -33.86 39.70 -98.63
CA ILE N 149 -34.12 41.11 -98.84
C ILE N 149 -33.02 41.92 -98.17
N ALA N 150 -32.62 43.01 -98.81
CA ALA N 150 -31.62 43.92 -98.27
C ALA N 150 -32.20 45.33 -98.17
N VAL N 151 -31.94 45.99 -97.05
CA VAL N 151 -32.40 47.36 -96.82
C VAL N 151 -31.15 48.24 -96.77
N ASP N 152 -31.11 49.28 -97.63
CA ASP N 152 -29.89 50.05 -97.78
C ASP N 152 -30.02 51.41 -97.07
N PRO N 153 -28.90 51.96 -96.59
CA PRO N 153 -28.96 53.29 -95.98
C PRO N 153 -29.29 54.37 -96.99
N ALA N 154 -29.89 55.44 -96.50
CA ALA N 154 -30.28 56.56 -97.37
C ALA N 154 -29.15 57.56 -97.60
N GLN N 155 -27.98 57.35 -96.98
CA GLN N 155 -26.86 58.27 -97.10
C GLN N 155 -25.55 57.54 -97.30
N GLY N 156 -25.53 56.54 -98.18
CA GLY N 156 -24.33 55.77 -98.42
C GLY N 156 -24.46 54.82 -99.59
N PRO N 157 -23.46 53.96 -99.76
CA PRO N 157 -23.47 53.01 -100.88
C PRO N 157 -24.39 51.83 -100.62
N GLN N 158 -24.59 51.03 -101.67
CA GLN N 158 -25.45 49.87 -101.57
C GLN N 158 -24.69 48.66 -101.02
N ILE N 159 -25.44 47.70 -100.49
CA ILE N 159 -24.85 46.52 -99.88
C ILE N 159 -24.67 45.43 -100.93
N ALA N 160 -23.56 44.70 -100.82
CA ALA N 160 -23.30 43.61 -101.76
C ALA N 160 -24.25 42.44 -101.50
N GLN N 161 -24.67 41.79 -102.58
CA GLN N 161 -25.59 40.67 -102.45
C GLN N 161 -24.92 39.52 -101.70
N PRO N 162 -25.58 38.89 -100.73
CA PRO N 162 -24.98 37.77 -100.03
C PRO N 162 -25.26 36.46 -100.75
N PRO N 163 -24.54 35.39 -100.42
CA PRO N 163 -24.82 34.11 -101.06
C PRO N 163 -26.00 33.40 -100.41
N PHE N 164 -26.73 32.64 -101.21
CA PHE N 164 -27.88 31.90 -100.71
C PHE N 164 -27.43 30.80 -99.77
N THR N 165 -28.25 30.54 -98.74
CA THR N 165 -27.90 29.53 -97.76
C THR N 165 -27.94 28.13 -98.40
N PRO N 166 -26.91 27.31 -98.19
CA PRO N 166 -26.93 25.97 -98.77
C PRO N 166 -27.96 25.07 -98.10
N ALA N 167 -28.04 23.84 -98.60
CA ALA N 167 -28.91 22.84 -97.98
C ALA N 167 -28.34 22.39 -96.63
N VAL N 168 -27.05 22.09 -96.59
CA VAL N 168 -26.35 21.80 -95.35
C VAL N 168 -25.02 22.55 -95.36
N TYR N 169 -24.52 22.87 -94.18
CA TYR N 169 -23.30 23.67 -94.07
C TYR N 169 -22.70 23.48 -92.68
N VAL N 170 -21.45 23.89 -92.55
CA VAL N 170 -20.72 23.86 -91.30
C VAL N 170 -20.04 25.21 -91.13
N PRO N 171 -20.47 26.07 -90.21
CA PRO N 171 -19.82 27.37 -90.06
C PRO N 171 -18.34 27.21 -89.74
N LEU N 172 -17.52 28.07 -90.34
CA LEU N 172 -16.07 27.97 -90.18
C LEU N 172 -15.56 28.69 -88.94
N SER N 173 -16.28 29.71 -88.46
CA SER N 173 -15.85 30.43 -87.27
C SER N 173 -16.10 29.62 -86.01
N ARG N 174 -17.16 28.82 -85.98
CA ARG N 174 -17.54 28.05 -84.79
C ARG N 174 -16.82 26.70 -84.84
N ARG N 175 -15.55 26.71 -84.43
CA ARG N 175 -14.74 25.52 -84.42
C ARG N 175 -13.68 25.66 -83.35
N GLU N 176 -13.54 24.66 -82.49
CA GLU N 176 -12.56 24.71 -81.42
C GLU N 176 -12.03 23.30 -81.15
N VAL N 177 -10.83 23.24 -80.62
CA VAL N 177 -10.18 21.98 -80.24
C VAL N 177 -9.74 22.09 -78.79
N ASN N 178 -10.04 21.05 -78.01
CA ASN N 178 -9.72 21.01 -76.58
C ASN N 178 -8.41 20.25 -76.43
N LYS N 179 -7.31 20.98 -76.31
CA LYS N 179 -5.99 20.37 -76.27
C LYS N 179 -5.80 19.48 -75.04
N GLN N 180 -6.57 19.68 -73.97
CA GLN N 180 -6.42 18.86 -72.78
C GLN N 180 -6.93 17.44 -73.01
N THR N 181 -8.01 17.28 -73.77
CA THR N 181 -8.61 15.97 -74.02
C THR N 181 -8.56 15.56 -75.48
N GLN N 182 -7.93 16.35 -76.34
CA GLN N 182 -7.78 16.01 -77.75
C GLN N 182 -9.14 15.71 -78.38
N ALA N 183 -10.00 16.73 -78.41
CA ALA N 183 -11.33 16.61 -78.98
C ALA N 183 -11.59 17.79 -79.92
N LEU N 184 -12.35 17.53 -80.97
CA LEU N 184 -12.70 18.53 -81.97
C LEU N 184 -14.20 18.77 -81.93
N ARG N 185 -14.59 20.04 -81.94
CA ARG N 185 -15.99 20.44 -81.93
C ARG N 185 -16.31 21.31 -83.14
N PHE N 186 -17.45 21.06 -83.76
CA PHE N 186 -17.93 21.87 -84.87
C PHE N 186 -19.45 21.79 -84.92
N VAL N 187 -20.05 22.71 -85.66
CA VAL N 187 -21.50 22.89 -85.68
C VAL N 187 -22.02 22.47 -87.05
N LEU N 188 -23.10 21.70 -87.06
CA LEU N 188 -23.75 21.26 -88.28
C LEU N 188 -25.14 21.89 -88.37
N GLY N 189 -25.41 22.59 -89.47
CA GLY N 189 -26.68 23.26 -89.64
C GLY N 189 -27.40 22.87 -90.92
N VAL N 190 -28.66 22.48 -90.80
CA VAL N 190 -29.47 22.03 -91.93
C VAL N 190 -30.51 23.10 -92.22
N SER N 191 -30.49 23.62 -93.44
CA SER N 191 -31.46 24.62 -93.84
C SER N 191 -32.84 23.98 -94.02
N PRO N 192 -33.91 24.76 -93.88
CA PRO N 192 -35.25 24.20 -94.10
C PRO N 192 -35.45 23.69 -95.52
N ALA N 193 -34.69 24.19 -96.49
CA ALA N 193 -34.86 23.77 -97.88
C ALA N 193 -34.49 22.30 -98.09
N ALA N 194 -33.78 21.69 -97.16
CA ALA N 194 -33.38 20.31 -97.32
C ALA N 194 -34.60 19.41 -97.47
N LYS N 195 -34.53 18.47 -98.42
CA LYS N 195 -35.64 17.55 -98.67
C LYS N 195 -35.33 16.21 -98.05
N PRO N 196 -36.30 15.55 -97.42
CA PRO N 196 -36.01 14.27 -96.75
C PRO N 196 -35.58 13.20 -97.74
N ALA N 197 -34.95 12.16 -97.20
CA ALA N 197 -34.51 10.99 -97.96
C ALA N 197 -33.24 11.28 -98.75
N ASP N 198 -32.76 12.52 -98.72
CA ASP N 198 -31.51 12.85 -99.39
C ASP N 198 -30.32 12.44 -98.52
N ILE N 199 -29.14 12.41 -99.14
CA ILE N 199 -27.92 11.98 -98.46
C ILE N 199 -26.78 12.89 -98.89
N TYR N 200 -25.93 13.27 -97.93
CA TYR N 200 -24.70 13.99 -98.18
C TYR N 200 -23.55 13.28 -97.47
N ARG N 201 -22.33 13.55 -97.94
CA ARG N 201 -21.13 12.99 -97.34
C ARG N 201 -20.16 14.09 -96.95
N LEU N 202 -19.58 13.98 -95.76
CA LEU N 202 -18.67 14.96 -95.21
C LEU N 202 -17.31 14.31 -94.99
N ASN N 203 -16.26 14.96 -95.47
CA ASN N 203 -14.89 14.49 -95.29
C ASN N 203 -14.12 15.49 -94.44
N ILE N 204 -13.40 14.98 -93.45
CA ILE N 204 -12.65 15.81 -92.50
C ILE N 204 -11.19 15.39 -92.55
N ARG N 205 -10.29 16.36 -92.69
CA ARG N 205 -8.86 16.15 -92.62
C ARG N 205 -8.32 16.94 -91.45
N GLN N 206 -7.87 16.25 -90.41
CA GLN N 206 -7.41 16.87 -89.18
C GLN N 206 -5.90 16.69 -89.06
N ALA N 207 -5.24 17.68 -88.47
CA ALA N 207 -3.78 17.74 -88.43
C ALA N 207 -3.29 17.77 -87.00
N ALA N 208 -2.23 17.01 -86.73
CA ALA N 208 -1.53 17.02 -85.45
C ALA N 208 -0.05 17.25 -85.71
N ILE N 209 0.64 17.78 -84.71
CA ILE N 209 2.04 18.18 -84.84
C ILE N 209 2.88 17.38 -83.85
N ASP N 210 4.14 17.16 -84.21
CA ASP N 210 5.08 16.50 -83.31
C ASP N 210 5.69 17.52 -82.35
N CYS N 211 6.74 17.09 -81.64
CA CYS N 211 7.38 17.95 -80.66
C CYS N 211 8.21 19.06 -81.29
N GLU N 212 8.43 19.05 -82.61
CA GLU N 212 9.29 20.03 -83.25
C GLU N 212 8.52 20.95 -84.20
N GLY N 213 7.32 20.57 -84.63
CA GLY N 213 6.49 21.40 -85.48
C GLY N 213 6.05 20.78 -86.78
N ASN N 214 6.46 19.54 -87.07
CA ASN N 214 6.04 18.85 -88.29
C ASN N 214 4.68 18.21 -88.07
N GLU N 215 3.92 18.07 -89.16
CA GLU N 215 2.52 17.69 -89.06
C GLU N 215 2.28 16.23 -89.39
N TYR N 216 1.34 15.62 -88.67
CA TYR N 216 0.71 14.37 -89.04
C TYR N 216 -0.72 14.67 -89.46
N PHE N 217 -1.30 13.79 -90.28
CA PHE N 217 -2.64 13.99 -90.80
C PHE N 217 -3.49 12.75 -90.63
N HIS N 218 -4.79 12.96 -90.45
CA HIS N 218 -5.77 11.90 -90.30
C HIS N 218 -7.03 12.28 -91.07
N ILE N 219 -7.66 11.29 -91.70
CA ILE N 219 -8.80 11.52 -92.59
C ILE N 219 -9.93 10.58 -92.21
N SER N 220 -11.14 11.11 -92.17
CA SER N 220 -12.34 10.33 -91.89
C SER N 220 -13.52 10.96 -92.61
N CYS N 221 -14.59 10.19 -92.77
CA CYS N 221 -15.76 10.64 -93.50
C CYS N 221 -17.03 10.23 -92.75
N TYR N 222 -18.09 11.01 -92.97
CA TYR N 222 -19.37 10.80 -92.30
C TYR N 222 -20.49 10.94 -93.30
N ASP N 223 -21.57 10.20 -93.08
CA ASP N 223 -22.74 10.21 -93.96
C ASP N 223 -23.87 10.95 -93.27
N ILE N 224 -24.48 11.91 -93.98
CA ILE N 224 -25.56 12.74 -93.47
C ILE N 224 -26.81 12.45 -94.29
N SER N 225 -27.88 12.04 -93.61
CA SER N 225 -29.15 11.73 -94.26
C SER N 225 -30.24 12.59 -93.65
N ILE N 226 -31.06 13.21 -94.50
CA ILE N 226 -32.12 14.09 -94.02
C ILE N 226 -33.30 13.24 -93.56
N GLY N 227 -33.78 13.50 -92.34
CA GLY N 227 -34.88 12.75 -91.76
C GLY N 227 -36.16 13.56 -91.72
N SER N 228 -37.05 13.13 -90.84
CA SER N 228 -38.36 13.76 -90.69
C SER N 228 -38.92 13.40 -89.32
N CYS N 229 -40.14 13.87 -89.06
CA CYS N 229 -40.78 13.63 -87.78
C CYS N 229 -41.16 12.15 -87.62
N GLY N 230 -41.43 11.77 -86.38
CA GLY N 230 -41.80 10.40 -86.07
C GLY N 230 -42.57 10.27 -84.77
N CYS O 23 6.70 -11.26 -94.12
CA CYS O 23 6.78 -9.82 -94.02
C CYS O 23 5.57 -9.26 -93.27
N GLU O 24 5.81 -8.24 -92.45
CA GLU O 24 4.73 -7.59 -91.74
C GLU O 24 3.89 -6.75 -92.69
N SER O 25 2.63 -6.54 -92.32
CA SER O 25 1.66 -5.88 -93.19
C SER O 25 1.32 -4.50 -92.63
N ILE O 26 1.37 -3.49 -93.51
CA ILE O 26 0.98 -2.13 -93.17
C ILE O 26 -0.08 -1.68 -94.18
N SER O 27 -1.19 -1.16 -93.67
CA SER O 27 -2.28 -0.66 -94.49
C SER O 27 -2.39 0.85 -94.30
N ALA O 28 -2.40 1.58 -95.42
CA ALA O 28 -2.41 3.04 -95.39
C ALA O 28 -3.45 3.56 -96.36
N ARG O 29 -3.94 4.78 -96.08
CA ARG O 29 -4.93 5.44 -96.91
C ARG O 29 -4.31 6.62 -97.65
N PRO O 30 -4.82 6.98 -98.83
CA PRO O 30 -4.25 8.13 -99.54
C PRO O 30 -4.37 9.40 -98.72
N GLY O 31 -3.33 10.23 -98.78
CA GLY O 31 -3.32 11.50 -98.09
C GLY O 31 -3.00 11.43 -96.61
N GLU O 32 -2.64 10.25 -96.10
CA GLU O 32 -2.41 10.08 -94.68
C GLU O 32 -0.92 10.15 -94.36
N VAL O 33 -0.62 10.58 -93.13
CA VAL O 33 0.74 10.56 -92.58
C VAL O 33 0.60 10.02 -91.16
N ASN O 34 1.14 8.82 -90.92
CA ASN O 34 0.79 8.06 -89.73
C ASN O 34 1.95 7.86 -88.75
N GLY O 35 3.14 7.52 -89.21
CA GLY O 35 4.23 7.24 -88.31
C GLY O 35 4.24 5.81 -87.81
N VAL O 36 5.44 5.24 -87.62
CA VAL O 36 5.59 3.84 -87.26
C VAL O 36 6.71 3.72 -86.24
N MET O 37 6.61 2.71 -85.37
CA MET O 37 7.62 2.44 -84.36
C MET O 37 7.95 0.95 -84.36
N VAL O 38 9.25 0.63 -84.33
CA VAL O 38 9.72 -0.75 -84.27
C VAL O 38 10.69 -0.86 -83.11
N SER O 39 10.56 -1.93 -82.33
CA SER O 39 11.32 -2.13 -81.10
C SER O 39 12.44 -3.13 -81.37
N TYR O 40 13.67 -2.76 -80.98
CA TYR O 40 14.85 -3.58 -81.22
C TYR O 40 15.42 -4.19 -79.95
N VAL O 41 14.70 -4.12 -78.83
CA VAL O 41 15.25 -4.61 -77.57
C VAL O 41 15.55 -6.10 -77.66
N ALA O 42 14.70 -6.86 -78.36
CA ALA O 42 14.85 -8.31 -78.39
C ALA O 42 16.16 -8.72 -79.07
N TRP O 43 16.73 -7.84 -79.89
CA TRP O 43 17.93 -8.19 -80.66
C TRP O 43 19.19 -7.56 -80.08
N SER O 44 19.18 -6.23 -79.87
CA SER O 44 20.38 -5.54 -79.45
C SER O 44 20.65 -5.64 -77.95
N ALA O 45 19.67 -6.05 -77.16
CA ALA O 45 19.88 -6.12 -75.71
C ALA O 45 20.99 -7.08 -75.33
N PRO O 46 20.99 -8.34 -75.75
CA PRO O 46 22.08 -9.26 -75.35
C PRO O 46 23.43 -8.90 -75.94
N LEU O 47 23.48 -8.11 -77.01
CA LEU O 47 24.76 -7.80 -77.66
C LEU O 47 25.64 -6.92 -76.79
N GLY O 48 25.10 -6.31 -75.74
CA GLY O 48 25.90 -5.37 -74.98
C GLY O 48 26.18 -4.13 -75.80
N GLY O 49 27.32 -3.51 -75.50
CA GLY O 49 27.73 -2.35 -76.27
C GLY O 49 26.86 -1.13 -76.00
N HIS O 50 26.73 -0.29 -77.02
CA HIS O 50 26.04 0.99 -76.91
C HIS O 50 24.72 1.01 -77.68
N GLY O 51 24.12 -0.14 -77.94
CA GLY O 51 22.82 -0.16 -78.56
C GLY O 51 22.85 0.30 -80.01
N LEU O 52 21.78 0.98 -80.42
CA LEU O 52 21.61 1.37 -81.81
C LEU O 52 22.58 2.49 -82.19
N THR O 53 22.70 2.72 -83.50
CA THR O 53 23.70 3.63 -84.05
C THR O 53 23.11 4.90 -84.65
N ASN O 54 21.83 4.89 -85.03
CA ASN O 54 21.19 6.05 -85.66
C ASN O 54 21.70 6.27 -87.08
N LYS O 55 21.92 5.17 -87.81
CA LYS O 55 22.35 5.21 -89.21
C LYS O 55 21.55 4.21 -90.05
N THR O 56 20.23 4.23 -89.89
CA THR O 56 19.36 3.34 -90.65
C THR O 56 19.41 3.67 -92.13
N THR O 57 18.84 2.78 -92.94
CA THR O 57 18.75 2.95 -94.39
C THR O 57 17.45 2.36 -94.89
N PHE O 58 16.79 3.07 -95.79
CA PHE O 58 15.47 2.69 -96.30
C PHE O 58 15.53 2.48 -97.81
N GLU O 59 14.69 1.58 -98.30
CA GLU O 59 14.57 1.30 -99.73
C GLU O 59 13.15 0.87 -100.05
N PHE O 60 12.66 1.27 -101.21
CA PHE O 60 11.31 0.96 -101.66
C PHE O 60 11.37 0.09 -102.91
N GLU O 61 10.39 -0.79 -103.06
CA GLU O 61 10.27 -1.66 -104.22
C GLU O 61 8.83 -1.67 -104.71
N ASN O 62 8.65 -1.76 -106.03
CA ASN O 62 7.33 -1.73 -106.64
C ASN O 62 6.91 -3.15 -106.98
N VAL O 63 6.31 -3.82 -106.00
CA VAL O 63 5.84 -5.18 -106.22
C VAL O 63 4.64 -5.20 -107.16
N SER O 64 3.72 -4.24 -107.00
CA SER O 64 2.52 -4.19 -107.84
C SER O 64 2.02 -2.74 -107.83
N VAL O 65 2.19 -2.05 -108.96
CA VAL O 65 1.76 -0.67 -109.09
C VAL O 65 1.09 -0.49 -110.45
N THR O 66 0.13 0.44 -110.50
CA THR O 66 -0.56 0.80 -111.73
C THR O 66 -0.08 2.16 -112.18
N GLU O 67 0.28 2.27 -113.46
CA GLU O 67 0.84 3.51 -113.97
C GLU O 67 -0.21 4.62 -113.96
N PRO O 68 0.21 5.87 -113.86
CA PRO O 68 -0.76 6.98 -113.84
C PRO O 68 -1.26 7.29 -115.25
N LEU O 69 -2.55 7.61 -115.34
CA LEU O 69 -3.18 7.95 -116.61
C LEU O 69 -3.18 9.45 -116.88
N VAL O 70 -2.60 10.25 -115.99
CA VAL O 70 -2.52 11.70 -116.16
C VAL O 70 -1.13 12.16 -115.74
N ASN O 71 -0.62 13.15 -116.48
CA ASN O 71 0.74 13.63 -116.25
C ASN O 71 0.74 14.84 -115.34
N SER O 72 1.77 14.94 -114.50
CA SER O 72 1.98 16.13 -113.69
C SER O 72 2.58 17.25 -114.53
N ALA O 73 2.56 18.45 -113.99
CA ALA O 73 3.05 19.63 -114.70
C ALA O 73 3.69 20.60 -113.73
N PHE O 74 4.54 21.47 -114.27
CA PHE O 74 5.25 22.47 -113.48
C PHE O 74 5.35 23.76 -114.27
N GLU O 75 5.17 24.89 -113.59
CA GLU O 75 5.16 26.19 -114.25
C GLU O 75 5.70 27.23 -113.30
N ARG O 76 5.90 28.44 -113.83
CA ARG O 76 6.41 29.57 -113.08
C ARG O 76 5.58 30.81 -113.35
N THR O 77 5.74 31.82 -112.51
CA THR O 77 5.12 33.13 -112.70
C THR O 77 5.95 34.16 -111.96
N PRO O 78 5.95 35.42 -112.40
CA PRO O 78 6.72 36.44 -111.70
C PRO O 78 6.06 36.88 -110.40
N PHE O 79 6.74 37.81 -109.72
CA PHE O 79 6.30 38.33 -108.44
C PHE O 79 4.92 38.96 -108.55
N ASN O 80 4.04 38.60 -107.61
CA ASN O 80 2.70 39.17 -107.53
C ASN O 80 1.98 39.13 -108.87
N THR O 81 2.26 38.12 -109.68
CA THR O 81 1.69 37.99 -111.02
C THR O 81 0.73 36.81 -111.04
N THR O 82 -0.50 37.05 -111.51
CA THR O 82 -1.47 35.98 -111.63
C THR O 82 -1.05 35.00 -112.72
N LEU O 83 -1.35 33.72 -112.52
CA LEU O 83 -1.00 32.67 -113.47
C LEU O 83 -2.28 32.02 -113.98
N ALA O 84 -2.37 31.89 -115.30
CA ALA O 84 -3.52 31.27 -115.95
C ALA O 84 -3.04 30.07 -116.77
N GLY O 85 -3.87 29.06 -116.85
CA GLY O 85 -3.51 27.86 -117.58
C GLY O 85 -4.71 26.98 -117.82
N SER O 86 -4.43 25.74 -118.22
CA SER O 86 -5.49 24.78 -118.50
C SER O 86 -4.99 23.37 -118.21
N LEU O 87 -5.90 22.52 -117.75
CA LEU O 87 -5.59 21.13 -117.43
C LEU O 87 -5.85 20.18 -118.59
N ALA O 88 -6.39 20.67 -119.70
CA ALA O 88 -6.78 19.77 -120.80
C ALA O 88 -5.59 19.04 -121.40
N ALA O 89 -4.45 19.72 -121.58
CA ALA O 89 -3.31 19.10 -122.24
C ALA O 89 -2.72 17.96 -121.43
N LEU O 90 -3.08 17.82 -120.16
CA LEU O 90 -2.46 16.83 -119.28
C LEU O 90 -3.13 15.47 -119.33
N PHE O 91 -4.16 15.28 -120.16
CA PHE O 91 -4.85 14.00 -120.27
C PHE O 91 -4.73 13.50 -121.70
N PRO O 92 -3.69 12.71 -122.01
CA PRO O 92 -3.49 12.26 -123.40
C PRO O 92 -4.27 11.01 -123.75
N ASN O 93 -5.59 11.05 -123.58
CA ASN O 93 -6.40 9.89 -123.94
C ASN O 93 -6.48 9.75 -125.45
N PRO O 94 -6.14 8.59 -126.02
CA PRO O 94 -6.27 8.43 -127.47
C PRO O 94 -7.69 8.11 -127.93
N GLU O 95 -8.62 7.89 -127.01
CA GLU O 95 -9.99 7.56 -127.35
C GLU O 95 -10.86 8.81 -127.33
N GLY O 96 -12.05 8.68 -127.92
CA GLY O 96 -13.02 9.75 -127.89
C GLY O 96 -14.01 9.59 -126.76
N GLU O 97 -13.96 10.49 -125.77
CA GLU O 97 -14.82 10.37 -124.60
C GLU O 97 -14.92 11.73 -123.93
N ALA O 98 -15.95 11.87 -123.10
CA ALA O 98 -16.16 13.12 -122.37
C ALA O 98 -15.15 13.24 -121.23
N VAL O 99 -14.74 14.48 -120.97
CA VAL O 99 -13.78 14.78 -119.90
C VAL O 99 -14.42 15.78 -118.95
N GLU O 100 -14.27 15.51 -117.66
CA GLU O 100 -14.73 16.40 -116.61
C GLU O 100 -13.57 16.69 -115.67
N TYR O 101 -13.47 17.95 -115.24
CA TYR O 101 -12.36 18.42 -114.43
C TYR O 101 -12.86 18.77 -113.04
N GLU O 102 -12.01 18.53 -112.04
CA GLU O 102 -12.37 18.76 -110.65
C GLU O 102 -11.11 19.08 -109.86
N ILE O 103 -11.27 19.85 -108.80
CA ILE O 103 -10.19 20.21 -107.90
C ILE O 103 -10.47 19.57 -106.54
N LEU O 104 -9.52 18.78 -106.05
CA LEU O 104 -9.64 18.15 -104.74
C LEU O 104 -9.50 19.25 -103.70
N GLU O 105 -10.57 19.49 -102.94
CA GLU O 105 -10.59 20.62 -102.02
C GLU O 105 -10.08 20.25 -100.62
N LEU O 106 -9.80 18.98 -100.35
CA LEU O 106 -9.16 18.62 -99.09
C LEU O 106 -7.70 19.05 -99.06
N TYR O 107 -7.15 19.50 -100.18
CA TYR O 107 -5.72 19.80 -100.31
C TYR O 107 -5.56 21.19 -100.93
N PRO O 108 -6.04 22.23 -100.26
CA PRO O 108 -6.00 23.57 -100.84
C PRO O 108 -4.58 24.11 -100.91
N PRO O 109 -4.32 25.04 -101.82
CA PRO O 109 -2.99 25.65 -101.87
C PRO O 109 -2.67 26.38 -100.57
N VAL O 110 -1.40 26.34 -100.18
CA VAL O 110 -0.99 26.88 -98.89
C VAL O 110 -0.84 28.40 -98.93
N ASN O 111 -0.41 28.97 -100.07
CA ASN O 111 -0.13 30.39 -100.17
C ASN O 111 -0.89 31.05 -101.31
N GLY O 112 -2.10 30.60 -101.59
CA GLY O 112 -2.87 31.20 -102.66
C GLY O 112 -4.26 30.59 -102.73
N ILE O 113 -4.91 30.81 -103.88
CA ILE O 113 -6.23 30.26 -104.14
C ILE O 113 -6.31 29.87 -105.61
N VAL O 114 -7.07 28.83 -105.90
CA VAL O 114 -7.21 28.27 -107.24
C VAL O 114 -8.66 28.39 -107.67
N GLU O 115 -8.88 28.93 -108.87
CA GLU O 115 -10.22 29.13 -109.42
C GLU O 115 -10.31 28.31 -110.71
N LEU O 116 -11.14 27.27 -110.69
CA LEU O 116 -11.29 26.42 -111.86
C LEU O 116 -12.15 27.11 -112.91
N GLY O 117 -11.62 27.23 -114.12
CA GLY O 117 -12.33 27.82 -115.23
C GLY O 117 -13.14 26.80 -115.99
N GLU O 118 -13.59 27.19 -117.18
CA GLU O 118 -14.40 26.32 -118.01
C GLU O 118 -13.52 25.46 -118.92
N ASN O 119 -13.96 24.22 -119.12
CA ASN O 119 -13.29 23.29 -120.03
C ASN O 119 -11.81 23.15 -119.69
N GLY O 120 -11.53 22.98 -118.40
CA GLY O 120 -10.19 22.71 -117.95
C GLY O 120 -9.34 23.93 -117.66
N ALA O 121 -9.81 25.12 -117.97
CA ALA O 121 -9.07 26.33 -117.65
C ALA O 121 -9.07 26.58 -116.15
N PHE O 122 -8.06 27.31 -115.68
CA PHE O 122 -7.95 27.62 -114.25
C PHE O 122 -7.15 28.90 -114.10
N THR O 123 -7.22 29.47 -112.90
CA THR O 123 -6.48 30.67 -112.56
C THR O 123 -5.98 30.56 -111.12
N TYR O 124 -4.69 30.80 -110.93
CA TYR O 124 -4.06 30.76 -109.62
C TYR O 124 -3.63 32.17 -109.25
N ARG O 125 -4.09 32.65 -108.10
CA ARG O 125 -3.82 34.01 -107.66
C ARG O 125 -2.94 33.97 -106.42
N PRO O 126 -1.63 34.16 -106.52
CA PRO O 126 -0.79 34.08 -105.33
C PRO O 126 -1.03 35.23 -104.37
N ALA O 127 -0.81 34.96 -103.10
CA ALA O 127 -0.92 36.01 -102.09
C ALA O 127 0.20 37.02 -102.27
N THR O 128 -0.10 38.28 -101.92
CA THR O 128 0.86 39.35 -102.11
C THR O 128 2.11 39.11 -101.27
N SER O 129 3.28 39.31 -101.89
CA SER O 129 4.57 39.23 -101.21
C SER O 129 5.01 37.79 -100.97
N PHE O 130 4.36 36.81 -101.60
CA PHE O 130 4.76 35.43 -101.43
C PHE O 130 5.87 35.06 -102.41
N THR O 131 6.79 34.21 -101.95
CA THR O 131 7.89 33.75 -102.78
C THR O 131 8.26 32.34 -102.37
N GLY O 132 7.98 31.37 -103.23
CA GLY O 132 8.26 29.98 -102.93
C GLY O 132 7.47 29.08 -103.84
N ILE O 133 7.34 27.82 -103.42
CA ILE O 133 6.65 26.79 -104.19
C ILE O 133 5.24 26.61 -103.63
N ASP O 134 4.32 26.19 -104.50
CA ASP O 134 2.94 25.94 -104.10
C ASP O 134 2.39 24.81 -104.95
N ARG O 135 1.35 24.16 -104.44
CA ARG O 135 0.78 22.98 -105.08
C ARG O 135 -0.73 23.02 -105.02
N PHE O 136 -1.36 22.25 -105.90
CA PHE O 136 -2.78 21.93 -105.79
C PHE O 136 -3.06 20.71 -106.63
N TRP O 137 -3.98 19.87 -106.15
CA TRP O 137 -4.24 18.57 -106.72
C TRP O 137 -5.54 18.60 -107.52
N PHE O 138 -5.50 18.00 -108.71
CA PHE O 138 -6.63 18.02 -109.63
C PHE O 138 -6.98 16.59 -110.04
N SER O 139 -8.23 16.40 -110.48
CA SER O 139 -8.73 15.13 -110.95
C SER O 139 -9.34 15.31 -112.33
N ILE O 140 -8.96 14.44 -113.27
CA ILE O 140 -9.50 14.44 -114.62
C ILE O 140 -10.18 13.10 -114.86
N ASN O 141 -11.51 13.11 -114.87
CA ASN O 141 -12.29 11.91 -115.16
C ASN O 141 -11.98 10.78 -114.19
N GLY O 142 -11.60 11.14 -112.96
CA GLY O 142 -11.35 10.17 -111.92
C GLY O 142 -9.89 9.79 -111.72
N ASN O 143 -8.96 10.49 -112.36
CA ASN O 143 -7.54 10.22 -112.23
C ASN O 143 -6.88 11.42 -111.55
N VAL O 144 -6.11 11.14 -110.50
CA VAL O 144 -5.51 12.19 -109.68
C VAL O 144 -4.14 12.56 -110.24
N GLY O 145 -3.81 13.84 -110.18
CA GLY O 145 -2.53 14.33 -110.63
C GLY O 145 -2.10 15.51 -109.77
N GLU O 146 -0.83 15.87 -109.90
CA GLU O 146 -0.24 16.95 -109.12
C GLU O 146 0.15 18.09 -110.06
N PHE O 147 -0.13 19.31 -109.64
CA PHE O 147 0.29 20.51 -110.35
C PHE O 147 1.08 21.39 -109.40
N VAL O 148 2.28 21.78 -109.81
CA VAL O 148 3.20 22.55 -108.96
C VAL O 148 3.37 23.93 -109.56
N ILE O 149 3.55 24.93 -108.68
CA ILE O 149 3.76 26.30 -109.09
C ILE O 149 4.87 26.91 -108.26
N ALA O 150 5.71 27.71 -108.90
CA ALA O 150 6.79 28.44 -108.23
C ALA O 150 6.62 29.93 -108.52
N VAL O 151 6.70 30.74 -107.47
CA VAL O 151 6.61 32.19 -107.59
C VAL O 151 8.01 32.76 -107.32
N ASP O 152 8.52 33.52 -108.29
CA ASP O 152 9.91 33.95 -108.20
C ASP O 152 10.00 35.41 -107.77
N PRO O 153 11.05 35.78 -107.04
CA PRO O 153 11.22 37.18 -106.67
C PRO O 153 11.53 38.04 -107.89
N ALA O 154 11.18 39.31 -107.81
CA ALA O 154 11.38 40.25 -108.91
C ALA O 154 12.76 40.90 -108.89
N GLN O 155 13.63 40.55 -107.93
CA GLN O 155 14.93 41.18 -107.80
C GLN O 155 16.04 40.15 -107.55
N GLY O 156 15.91 38.94 -108.08
CA GLY O 156 16.89 37.92 -107.84
C GLY O 156 16.80 36.77 -108.82
N PRO O 157 17.54 35.69 -108.55
CA PRO O 157 17.54 34.53 -109.45
C PRO O 157 16.25 33.73 -109.35
N GLN O 158 16.02 32.90 -110.36
CA GLN O 158 14.84 32.07 -110.39
C GLN O 158 15.07 30.78 -109.59
N ILE O 159 13.97 30.22 -109.08
CA ILE O 159 14.05 29.04 -108.22
C ILE O 159 14.16 27.79 -109.09
N ALA O 160 14.94 26.83 -108.62
CA ALA O 160 15.09 25.57 -109.33
C ALA O 160 13.85 24.70 -109.17
N GLN O 161 13.52 23.96 -110.21
CA GLN O 161 12.32 23.12 -110.18
C GLN O 161 12.49 22.04 -109.11
N PRO O 162 11.48 21.79 -108.28
CA PRO O 162 11.59 20.73 -107.28
C PRO O 162 11.13 19.39 -107.84
N PRO O 163 11.39 18.30 -107.15
CA PRO O 163 10.93 16.99 -107.63
C PRO O 163 9.49 16.73 -107.25
N PHE O 164 8.77 16.07 -108.15
CA PHE O 164 7.37 15.74 -107.90
C PHE O 164 7.27 14.77 -106.72
N THR O 165 6.22 14.93 -105.93
CA THR O 165 6.05 14.10 -104.74
C THR O 165 5.77 12.66 -105.15
N PRO O 166 6.47 11.67 -104.59
CA PRO O 166 6.20 10.28 -104.96
C PRO O 166 4.83 9.81 -104.47
N ALA O 167 4.50 8.56 -104.80
CA ALA O 167 3.28 7.97 -104.30
C ALA O 167 3.39 7.66 -102.81
N VAL O 168 4.52 7.10 -102.38
CA VAL O 168 4.80 6.86 -100.98
C VAL O 168 6.25 7.27 -100.72
N TYR O 169 6.51 7.71 -99.48
CA TYR O 169 7.83 8.20 -99.14
C TYR O 169 7.98 8.18 -97.62
N VAL O 170 9.23 8.29 -97.19
CA VAL O 170 9.58 8.37 -95.77
C VAL O 170 10.56 9.52 -95.60
N PRO O 171 10.18 10.64 -94.99
CA PRO O 171 11.12 11.76 -94.85
C PRO O 171 12.38 11.34 -94.10
N LEU O 172 13.53 11.84 -94.56
CA LEU O 172 14.80 11.45 -93.97
C LEU O 172 15.20 12.31 -92.78
N SER O 173 14.54 13.45 -92.57
CA SER O 173 14.87 14.30 -91.44
C SER O 173 14.08 13.92 -90.20
N ARG O 174 12.93 13.27 -90.36
CA ARG O 174 12.07 12.93 -89.24
C ARG O 174 12.32 11.47 -88.83
N ARG O 175 13.41 11.29 -88.09
CA ARG O 175 13.82 9.97 -87.62
C ARG O 175 14.57 10.14 -86.31
N GLU O 176 14.29 9.25 -85.36
CA GLU O 176 14.97 9.27 -84.08
C GLU O 176 14.99 7.87 -83.48
N VAL O 177 15.98 7.63 -82.63
CA VAL O 177 16.12 6.37 -81.92
C VAL O 177 16.17 6.66 -80.43
N ASN O 178 15.35 5.97 -79.65
CA ASN O 178 15.29 6.16 -78.21
C ASN O 178 16.27 5.19 -77.58
N LYS O 179 17.46 5.70 -77.23
CA LYS O 179 18.52 4.83 -76.73
C LYS O 179 18.15 4.18 -75.41
N GLN O 180 17.21 4.74 -74.66
CA GLN O 180 16.83 4.15 -73.38
C GLN O 180 15.97 2.90 -73.55
N THR O 181 15.29 2.75 -74.69
CA THR O 181 14.45 1.58 -74.92
C THR O 181 14.68 0.94 -76.27
N GLN O 182 15.70 1.36 -77.02
CA GLN O 182 16.04 0.74 -78.30
C GLN O 182 14.82 0.67 -79.23
N ALA O 183 14.20 1.82 -79.45
CA ALA O 183 13.05 1.93 -80.33
C ALA O 183 13.33 2.93 -81.44
N LEU O 184 12.95 2.57 -82.66
CA LEU O 184 13.15 3.41 -83.84
C LEU O 184 11.82 4.00 -84.27
N ARG O 185 11.84 5.29 -84.60
CA ARG O 185 10.65 6.01 -85.03
C ARG O 185 10.90 6.64 -86.39
N PHE O 186 9.89 6.57 -87.26
CA PHE O 186 9.95 7.21 -88.57
C PHE O 186 8.53 7.48 -89.05
N VAL O 187 8.42 8.31 -90.08
CA VAL O 187 7.14 8.82 -90.56
C VAL O 187 6.88 8.26 -91.95
N LEU O 188 5.67 7.72 -92.14
CA LEU O 188 5.23 7.21 -93.44
C LEU O 188 4.14 8.12 -93.99
N GLY O 189 4.32 8.59 -95.21
CA GLY O 189 3.35 9.49 -95.82
C GLY O 189 2.90 9.03 -97.19
N VAL O 190 1.59 8.97 -97.41
CA VAL O 190 1.01 8.50 -98.66
C VAL O 190 0.46 9.70 -99.41
N SER O 191 0.92 9.88 -100.64
CA SER O 191 0.45 10.99 -101.45
C SER O 191 -1.00 10.72 -101.90
N PRO O 192 -1.76 11.77 -102.20
CA PRO O 192 -3.13 11.56 -102.67
C PRO O 192 -3.19 10.78 -103.99
N ALA O 193 -2.10 10.83 -104.75
CA ALA O 193 -2.07 10.18 -106.05
C ALA O 193 -2.10 8.65 -105.94
N ALA O 194 -1.83 8.10 -104.76
CA ALA O 194 -1.79 6.66 -104.60
C ALA O 194 -3.11 6.03 -105.02
N LYS O 195 -3.03 4.98 -105.84
CA LYS O 195 -4.23 4.29 -106.31
C LYS O 195 -4.51 3.08 -105.43
N PRO O 196 -5.75 2.88 -104.98
CA PRO O 196 -6.02 1.76 -104.07
C PRO O 196 -5.75 0.42 -104.74
N ALA O 197 -5.57 -0.59 -103.90
CA ALA O 197 -5.26 -1.98 -104.26
C ALA O 197 -3.80 -2.17 -104.67
N ASP O 198 -3.01 -1.11 -104.72
CA ASP O 198 -1.59 -1.25 -105.04
C ASP O 198 -0.83 -1.76 -103.82
N ILE O 199 0.40 -2.21 -104.06
CA ILE O 199 1.26 -2.76 -103.01
C ILE O 199 2.67 -2.26 -103.21
N TYR O 200 3.31 -1.87 -102.12
CA TYR O 200 4.73 -1.53 -102.10
C TYR O 200 5.43 -2.33 -101.01
N ARG O 201 6.75 -2.40 -101.10
CA ARG O 201 7.57 -3.10 -100.12
C ARG O 201 8.65 -2.16 -99.61
N LEU O 202 8.94 -2.24 -98.31
CA LEU O 202 9.92 -1.39 -97.65
C LEU O 202 10.94 -2.27 -96.94
N ASN O 203 12.21 -1.98 -97.16
CA ASN O 203 13.31 -2.72 -96.53
C ASN O 203 14.09 -1.76 -95.63
N ILE O 204 14.37 -2.20 -94.41
CA ILE O 204 15.05 -1.38 -93.41
C ILE O 204 16.29 -2.12 -92.96
N ARG O 205 17.42 -1.41 -92.90
CA ARG O 205 18.67 -1.95 -92.41
C ARG O 205 19.18 -1.07 -91.28
N GLN O 206 19.30 -1.65 -90.10
CA GLN O 206 19.63 -0.92 -88.88
C GLN O 206 20.94 -1.45 -88.31
N ALA O 207 21.71 -0.56 -87.69
CA ALA O 207 23.04 -0.86 -87.20
C ALA O 207 23.13 -0.63 -85.70
N ALA O 208 23.85 -1.53 -85.02
CA ALA O 208 24.16 -1.40 -83.61
C ALA O 208 25.67 -1.41 -83.42
N ILE O 209 26.12 -1.06 -82.22
CA ILE O 209 27.54 -0.95 -81.92
C ILE O 209 27.87 -1.79 -80.70
N ASP O 210 29.04 -2.43 -80.74
CA ASP O 210 29.57 -3.09 -79.57
C ASP O 210 30.21 -2.05 -78.65
N CYS O 211 30.95 -2.52 -77.64
CA CYS O 211 31.54 -1.62 -76.67
C CYS O 211 32.80 -0.93 -77.17
N GLU O 212 33.25 -1.23 -78.38
CA GLU O 212 34.50 -0.69 -78.90
C GLU O 212 34.32 0.14 -80.16
N GLY O 213 33.13 0.18 -80.74
CA GLY O 213 32.87 0.94 -81.95
C GLY O 213 32.62 0.13 -83.20
N ASN O 214 32.75 -1.19 -83.14
CA ASN O 214 32.43 -2.03 -84.28
C ASN O 214 30.92 -2.17 -84.43
N GLU O 215 30.48 -2.51 -85.63
CA GLU O 215 29.08 -2.43 -86.00
C GLU O 215 28.48 -3.81 -86.25
N TYR O 216 27.23 -3.98 -85.79
CA TYR O 216 26.37 -5.09 -86.19
C TYR O 216 25.29 -4.55 -87.10
N PHE O 217 24.56 -5.45 -87.75
CA PHE O 217 23.52 -5.05 -88.70
C PHE O 217 22.32 -5.97 -88.59
N HIS O 218 21.14 -5.43 -88.91
CA HIS O 218 19.89 -6.16 -88.91
C HIS O 218 19.06 -5.71 -90.10
N ILE O 219 18.27 -6.63 -90.65
CA ILE O 219 17.49 -6.38 -91.86
C ILE O 219 16.07 -6.92 -91.67
N SER O 220 15.09 -6.14 -92.10
CA SER O 220 13.70 -6.55 -92.06
C SER O 220 12.95 -5.81 -93.16
N CYS O 221 11.79 -6.36 -93.53
CA CYS O 221 11.00 -5.81 -94.63
C CYS O 221 9.54 -5.74 -94.23
N TYR O 222 8.82 -4.80 -94.83
CA TYR O 222 7.41 -4.56 -94.53
C TYR O 222 6.65 -4.36 -95.84
N ASP O 223 5.38 -4.75 -95.83
CA ASP O 223 4.52 -4.65 -97.00
C ASP O 223 3.49 -3.53 -96.78
N ILE O 224 3.36 -2.65 -97.76
CA ILE O 224 2.46 -1.52 -97.70
C ILE O 224 1.41 -1.68 -98.79
N SER O 225 0.14 -1.68 -98.41
CA SER O 225 -0.97 -1.84 -99.34
C SER O 225 -1.89 -0.63 -99.20
N ILE O 226 -2.25 -0.03 -100.33
CA ILE O 226 -3.10 1.15 -100.34
C ILE O 226 -4.55 0.73 -100.13
N GLY O 227 -5.22 1.34 -99.15
CA GLY O 227 -6.58 1.01 -98.81
C GLY O 227 -7.57 2.07 -99.24
N SER O 228 -8.74 2.01 -98.62
CA SER O 228 -9.82 2.95 -98.91
C SER O 228 -10.75 3.00 -97.71
N CYS O 229 -11.87 3.73 -97.87
CA CYS O 229 -12.81 3.89 -96.78
C CYS O 229 -13.56 2.58 -96.52
N GLY O 230 -14.27 2.55 -95.39
CA GLY O 230 -15.03 1.38 -95.00
C GLY O 230 -16.13 1.70 -94.02
N CYS P 23 33.98 1.45 -67.82
CA CYS P 23 33.69 2.76 -68.39
C CYS P 23 32.45 3.38 -67.75
N GLU P 24 32.66 4.26 -66.78
CA GLU P 24 31.55 5.03 -66.22
C GLU P 24 30.99 5.95 -67.29
N SER P 25 29.67 6.13 -67.27
CA SER P 25 28.99 6.84 -68.34
C SER P 25 28.73 8.29 -67.96
N ILE P 26 29.03 9.20 -68.89
CA ILE P 26 28.76 10.62 -68.74
C ILE P 26 27.89 11.05 -69.90
N SER P 27 27.03 12.03 -69.64
CA SER P 27 26.16 12.61 -70.65
C SER P 27 26.42 14.10 -70.75
N ALA P 28 26.40 14.63 -71.96
CA ALA P 28 26.66 16.03 -72.19
C ALA P 28 25.71 16.57 -73.25
N ARG P 29 25.56 17.88 -73.27
CA ARG P 29 24.71 18.58 -74.22
C ARG P 29 25.53 19.57 -75.02
N PRO P 30 25.24 19.77 -76.30
CA PRO P 30 26.00 20.75 -77.08
C PRO P 30 25.92 22.13 -76.44
N GLY P 31 27.08 22.79 -76.35
CA GLY P 31 27.16 24.14 -75.82
C GLY P 31 27.29 24.23 -74.31
N GLU P 32 27.27 23.11 -73.60
CA GLU P 32 27.35 23.14 -72.15
C GLU P 32 28.79 23.11 -71.67
N VAL P 33 29.03 23.75 -70.53
CA VAL P 33 30.30 23.68 -69.83
C VAL P 33 30.01 23.31 -68.38
N ASN P 34 30.58 22.19 -67.93
CA ASN P 34 30.20 21.62 -66.65
C ASN P 34 31.42 20.98 -66.01
N GLY P 35 31.41 20.91 -64.68
CA GLY P 35 32.53 20.37 -63.94
C GLY P 35 32.35 18.90 -63.58
N VAL P 36 33.47 18.23 -63.34
CA VAL P 36 33.48 16.83 -62.94
C VAL P 36 34.42 16.67 -61.75
N MET P 37 34.10 15.74 -60.86
CA MET P 37 34.89 15.51 -59.65
C MET P 37 34.98 14.01 -59.40
N VAL P 38 36.20 13.54 -59.15
CA VAL P 38 36.46 12.13 -58.84
C VAL P 38 37.27 12.06 -57.56
N SER P 39 36.94 11.09 -56.71
CA SER P 39 37.54 10.95 -55.39
C SER P 39 38.47 9.75 -55.38
N TYR P 40 39.70 9.94 -54.89
CA TYR P 40 40.71 8.89 -54.84
C TYR P 40 40.99 8.40 -53.43
N VAL P 41 40.12 8.70 -52.46
CA VAL P 41 40.42 8.37 -51.06
C VAL P 41 40.59 6.86 -50.90
N ALA P 42 39.74 6.08 -51.57
CA ALA P 42 39.80 4.63 -51.39
C ALA P 42 41.09 4.04 -51.92
N TRP P 43 41.75 4.73 -52.86
CA TRP P 43 42.96 4.18 -53.47
C TRP P 43 44.22 4.68 -52.78
N SER P 44 44.35 6.00 -52.62
CA SER P 44 45.57 6.59 -52.11
C SER P 44 45.62 6.66 -50.58
N ALA P 45 44.56 6.25 -49.89
CA ALA P 45 44.60 6.28 -48.43
C ALA P 45 45.47 5.16 -47.86
N PRO P 46 45.19 3.88 -48.12
CA PRO P 46 46.05 2.82 -47.55
C PRO P 46 47.50 2.91 -47.99
N LEU P 47 47.77 3.50 -49.15
CA LEU P 47 49.15 3.59 -49.62
C LEU P 47 50.03 4.44 -48.71
N GLY P 48 49.42 5.28 -47.88
CA GLY P 48 50.22 6.18 -47.08
C GLY P 48 50.86 7.25 -47.94
N GLY P 49 51.99 7.76 -47.45
CA GLY P 49 52.72 8.74 -48.22
C GLY P 49 52.08 10.11 -48.17
N HIS P 50 52.34 10.90 -49.21
CA HIS P 50 51.87 12.28 -49.28
C HIS P 50 50.65 12.44 -50.19
N GLY P 51 50.01 11.35 -50.60
CA GLY P 51 48.76 11.47 -51.32
C GLY P 51 48.95 11.79 -52.79
N LEU P 52 47.99 12.52 -53.35
CA LEU P 52 47.93 12.77 -54.78
C LEU P 52 49.00 13.79 -55.20
N THR P 53 49.08 14.01 -56.51
CA THR P 53 50.03 14.94 -57.09
C THR P 53 49.42 15.52 -58.35
N ASN P 54 49.93 16.67 -58.78
CA ASN P 54 49.38 17.39 -59.93
C ASN P 54 49.83 16.84 -61.27
N LYS P 55 50.33 15.62 -61.34
CA LYS P 55 50.77 15.05 -62.61
C LYS P 55 49.66 14.23 -63.25
N THR P 56 48.63 14.89 -63.76
CA THR P 56 47.56 14.20 -64.46
C THR P 56 47.77 14.26 -65.97
N THR P 57 47.13 13.34 -66.68
CA THR P 57 47.22 13.28 -68.13
C THR P 57 45.87 12.83 -68.70
N PHE P 58 45.43 13.51 -69.76
CA PHE P 58 44.15 13.23 -70.39
C PHE P 58 44.36 12.85 -71.85
N GLU P 59 43.51 11.96 -72.35
CA GLU P 59 43.52 11.55 -73.74
C GLU P 59 42.10 11.28 -74.19
N PHE P 60 41.78 11.67 -75.42
CA PHE P 60 40.45 11.50 -75.99
C PHE P 60 40.50 10.53 -77.15
N GLU P 61 39.53 9.61 -77.17
CA GLU P 61 39.42 8.62 -78.23
C GLU P 61 38.00 8.64 -78.81
N ASN P 62 37.91 8.32 -80.10
CA ASN P 62 36.62 8.29 -80.78
C ASN P 62 36.13 6.85 -80.92
N VAL P 63 34.83 6.67 -80.71
CA VAL P 63 34.16 5.39 -80.95
C VAL P 63 33.06 5.54 -82.00
N SER P 64 32.27 6.61 -81.92
CA SER P 64 31.25 6.92 -82.91
C SER P 64 31.28 8.42 -83.16
N VAL P 65 31.78 8.81 -84.33
CA VAL P 65 31.86 10.20 -84.72
C VAL P 65 31.48 10.33 -86.19
N THR P 66 30.71 11.36 -86.51
CA THR P 66 30.26 11.63 -87.87
C THR P 66 30.97 12.89 -88.37
N GLU P 67 31.62 12.78 -89.52
CA GLU P 67 32.39 13.90 -90.04
C GLU P 67 31.46 15.06 -90.37
N PRO P 68 31.86 16.30 -90.10
CA PRO P 68 30.97 17.43 -90.36
C PRO P 68 30.74 17.64 -91.85
N LEU P 69 29.56 18.18 -92.18
CA LEU P 69 29.21 18.48 -93.55
C LEU P 69 29.53 19.90 -93.97
N VAL P 70 30.03 20.73 -93.04
CA VAL P 70 30.34 22.13 -93.33
C VAL P 70 31.74 22.43 -92.79
N ASN P 71 32.48 23.25 -93.53
CA ASN P 71 33.86 23.56 -93.18
C ASN P 71 33.93 24.85 -92.36
N SER P 72 34.97 24.96 -91.55
CA SER P 72 35.23 26.17 -90.80
C SER P 72 36.13 27.10 -91.62
N ALA P 73 36.20 28.36 -91.17
CA ALA P 73 36.95 29.37 -91.90
C ALA P 73 37.60 30.34 -90.92
N PHE P 74 38.63 31.02 -91.39
CA PHE P 74 39.37 32.00 -90.61
C PHE P 74 39.81 33.13 -91.54
N GLU P 75 39.71 34.36 -91.05
CA GLU P 75 40.07 35.53 -91.85
C GLU P 75 40.56 36.64 -90.95
N ARG P 76 41.22 37.63 -91.57
CA ARG P 76 41.80 38.76 -90.87
C ARG P 76 41.15 40.05 -91.35
N THR P 77 41.13 41.05 -90.48
CA THR P 77 40.64 42.38 -90.81
C THR P 77 41.57 43.42 -90.19
N PRO P 78 41.72 44.58 -90.83
CA PRO P 78 42.56 45.63 -90.24
C PRO P 78 41.86 46.31 -89.07
N PHE P 79 42.57 47.27 -88.47
CA PHE P 79 42.04 47.99 -87.31
C PHE P 79 40.78 48.76 -87.68
N ASN P 80 39.78 48.68 -86.80
CA ASN P 80 38.53 49.41 -86.96
C ASN P 80 37.94 49.27 -88.36
N THR P 81 38.15 48.11 -88.99
CA THR P 81 37.75 47.89 -90.37
C THR P 81 36.60 46.89 -90.41
N THR P 82 35.51 47.26 -91.08
CA THR P 82 34.39 46.36 -91.25
C THR P 82 34.79 45.19 -92.15
N LEU P 83 34.27 44.01 -91.84
CA LEU P 83 34.58 42.79 -92.57
C LEU P 83 33.33 42.28 -93.26
N ALA P 84 33.47 41.81 -94.50
CA ALA P 84 32.39 41.26 -95.28
C ALA P 84 32.79 39.90 -95.85
N GLY P 85 31.81 39.04 -96.02
CA GLY P 85 32.07 37.71 -96.54
C GLY P 85 30.80 37.00 -96.90
N SER P 86 30.94 35.72 -97.23
CA SER P 86 29.80 34.90 -97.63
C SER P 86 29.98 33.49 -97.06
N LEU P 87 28.85 32.88 -96.69
CA LEU P 87 28.87 31.54 -96.12
C LEU P 87 28.65 30.44 -97.14
N ALA P 88 28.41 30.80 -98.41
CA ALA P 88 28.06 29.80 -99.41
C ALA P 88 29.21 28.84 -99.69
N ALA P 89 30.45 29.34 -99.74
CA ALA P 89 31.57 28.51 -100.13
C ALA P 89 31.90 27.43 -99.10
N LEU P 90 31.32 27.50 -97.91
CA LEU P 90 31.66 26.58 -96.82
C LEU P 90 30.78 25.34 -96.77
N PHE P 91 29.88 25.15 -97.74
CA PHE P 91 28.97 24.01 -97.76
C PHE P 91 29.17 23.25 -99.07
N PRO P 92 30.12 22.32 -99.11
CA PRO P 92 30.37 21.54 -100.35
C PRO P 92 29.41 20.36 -100.49
N ASN P 93 28.14 20.68 -100.76
CA ASN P 93 27.15 19.63 -100.92
C ASN P 93 27.38 18.90 -102.24
N PRO P 94 27.62 17.59 -102.23
CA PRO P 94 27.83 16.88 -103.50
C PRO P 94 26.62 16.89 -104.41
N GLU P 95 25.41 17.01 -103.86
CA GLU P 95 24.18 17.05 -104.65
C GLU P 95 23.56 18.43 -104.52
N GLY P 96 23.33 19.08 -105.65
CA GLY P 96 22.80 20.44 -105.63
C GLY P 96 21.42 20.48 -104.99
N GLU P 97 21.20 21.48 -104.14
CA GLU P 97 19.90 21.66 -103.51
C GLU P 97 19.83 23.07 -102.93
N ALA P 98 18.62 23.54 -102.70
CA ALA P 98 18.42 24.84 -102.08
C ALA P 98 18.88 24.81 -100.64
N VAL P 99 19.53 25.89 -100.22
CA VAL P 99 20.09 25.99 -98.88
C VAL P 99 19.63 27.28 -98.22
N GLU P 100 19.60 27.25 -96.89
CA GLU P 100 19.27 28.43 -96.10
C GLU P 100 20.32 28.59 -95.01
N TYR P 101 20.64 29.84 -94.71
CA TYR P 101 21.68 30.17 -93.74
C TYR P 101 21.06 30.70 -92.46
N GLU P 102 21.83 30.66 -91.38
CA GLU P 102 21.36 31.11 -90.09
C GLU P 102 22.55 31.39 -89.18
N ILE P 103 22.35 32.27 -88.22
CA ILE P 103 23.34 32.60 -87.21
C ILE P 103 22.77 32.23 -85.85
N LEU P 104 23.47 31.38 -85.11
CA LEU P 104 23.02 30.93 -83.80
C LEU P 104 23.16 32.12 -82.84
N GLU P 105 22.02 32.59 -82.32
CA GLU P 105 22.01 33.79 -81.49
C GLU P 105 22.37 33.53 -80.04
N LEU P 106 22.36 32.27 -79.59
CA LEU P 106 22.78 31.99 -78.22
C LEU P 106 24.27 32.22 -78.04
N TYR P 107 25.02 32.39 -79.12
CA TYR P 107 26.48 32.49 -79.07
C TYR P 107 26.93 33.77 -79.75
N PRO P 108 26.50 34.92 -79.25
CA PRO P 108 26.83 36.18 -79.90
C PRO P 108 28.30 36.49 -79.77
N PRO P 109 28.87 37.24 -80.71
CA PRO P 109 30.28 37.63 -80.56
C PRO P 109 30.45 38.53 -79.35
N VAL P 110 31.62 38.42 -78.72
CA VAL P 110 31.89 39.15 -77.48
C VAL P 110 32.37 40.57 -77.74
N ASN P 111 32.91 40.87 -78.92
CA ASN P 111 33.47 42.18 -79.22
C ASN P 111 33.09 42.64 -80.61
N GLY P 112 31.83 42.51 -80.99
CA GLY P 112 31.39 42.97 -82.29
C GLY P 112 29.93 42.67 -82.52
N ILE P 113 29.48 42.98 -83.73
CA ILE P 113 28.11 42.72 -84.14
C ILE P 113 28.13 42.10 -85.53
N VAL P 114 27.28 41.10 -85.73
CA VAL P 114 27.19 40.37 -86.99
C VAL P 114 25.80 40.57 -87.57
N GLU P 115 25.75 40.84 -88.88
CA GLU P 115 24.50 40.99 -89.60
C GLU P 115 24.48 39.99 -90.74
N LEU P 116 23.31 39.40 -91.00
CA LEU P 116 23.16 38.39 -92.03
C LEU P 116 22.37 38.98 -93.18
N GLY P 117 22.93 38.89 -94.39
CA GLY P 117 22.33 39.45 -95.58
C GLY P 117 21.55 38.43 -96.38
N GLU P 118 21.63 38.56 -97.69
CA GLU P 118 20.89 37.70 -98.61
C GLU P 118 21.83 36.73 -99.32
N ASN P 119 21.40 35.47 -99.39
CA ASN P 119 22.22 34.39 -99.94
C ASN P 119 23.53 34.24 -99.18
N GLY P 120 23.42 34.17 -97.86
CA GLY P 120 24.57 33.86 -97.03
C GLY P 120 25.57 34.98 -96.85
N ALA P 121 25.27 36.19 -97.34
CA ALA P 121 26.16 37.31 -97.10
C ALA P 121 26.03 37.78 -95.66
N PHE P 122 27.16 38.17 -95.07
CA PHE P 122 27.19 38.62 -93.69
C PHE P 122 28.18 39.76 -93.54
N THR P 123 27.97 40.58 -92.51
CA THR P 123 28.82 41.72 -92.22
C THR P 123 29.22 41.68 -90.75
N TYR P 124 30.51 41.83 -90.48
CA TYR P 124 31.03 41.89 -89.12
C TYR P 124 31.58 43.28 -88.86
N ARG P 125 31.15 43.88 -87.75
CA ARG P 125 31.46 45.27 -87.42
C ARG P 125 32.12 45.31 -86.05
N PRO P 126 33.45 45.21 -85.99
CA PRO P 126 34.12 45.13 -84.68
C PRO P 126 33.95 46.40 -83.87
N ALA P 127 33.98 46.23 -82.55
CA ALA P 127 33.89 47.37 -81.65
C ALA P 127 35.12 48.25 -81.78
N THR P 128 34.92 49.56 -81.63
CA THR P 128 36.00 50.51 -81.80
C THR P 128 37.12 50.23 -80.81
N SER P 129 38.36 50.29 -81.31
CA SER P 129 39.55 50.13 -80.47
C SER P 129 39.71 48.70 -79.96
N PHE P 130 39.32 47.72 -80.77
CA PHE P 130 39.48 46.32 -80.39
C PHE P 130 40.68 45.70 -81.10
N THR P 131 41.29 44.72 -80.43
CA THR P 131 42.41 43.98 -81.01
C THR P 131 42.47 42.62 -80.34
N GLY P 132 42.22 41.57 -81.11
CA GLY P 132 42.20 40.22 -80.57
C GLY P 132 41.51 39.27 -81.53
N ILE P 133 40.89 38.24 -80.95
CA ILE P 133 40.21 37.19 -81.70
C ILE P 133 38.74 37.22 -81.35
N ASP P 134 37.90 36.78 -82.29
CA ASP P 134 36.46 36.74 -82.10
C ASP P 134 35.87 35.58 -82.89
N ARG P 135 34.66 35.19 -82.52
CA ARG P 135 34.01 34.03 -83.12
C ARG P 135 32.52 34.27 -83.25
N PHE P 136 31.90 33.49 -84.14
CA PHE P 136 30.44 33.37 -84.17
C PHE P 136 30.10 32.09 -84.90
N TRP P 137 29.02 31.46 -84.46
CA TRP P 137 28.64 30.12 -84.92
C TRP P 137 27.46 30.24 -85.87
N PHE P 138 27.59 29.68 -87.06
CA PHE P 138 26.57 29.72 -88.09
C PHE P 138 26.03 28.32 -88.36
N SER P 139 24.91 28.27 -89.07
CA SER P 139 24.28 27.02 -89.44
C SER P 139 23.84 27.09 -90.90
N ILE P 140 24.14 26.05 -91.67
CA ILE P 140 23.79 25.96 -93.07
C ILE P 140 22.94 24.72 -93.26
N ASN P 141 21.63 24.91 -93.45
CA ASN P 141 20.71 23.81 -93.70
C ASN P 141 20.75 22.77 -92.59
N GLY P 142 20.82 23.23 -91.34
CA GLY P 142 20.78 22.35 -90.19
C GLY P 142 22.12 21.84 -89.71
N ASN P 143 23.21 22.18 -90.40
CA ASN P 143 24.55 21.76 -90.00
C ASN P 143 25.29 22.94 -89.40
N VAL P 144 25.89 22.73 -88.23
CA VAL P 144 26.52 23.79 -87.48
C VAL P 144 28.00 23.84 -87.82
N GLY P 145 28.55 25.05 -87.88
CA GLY P 145 29.96 25.25 -88.16
C GLY P 145 30.49 26.39 -87.33
N GLU P 146 31.78 26.68 -87.51
CA GLU P 146 32.45 27.74 -86.78
C GLU P 146 33.07 28.73 -87.76
N PHE P 147 33.12 30.00 -87.35
CA PHE P 147 33.79 31.05 -88.11
C PHE P 147 34.64 31.86 -87.14
N VAL P 148 35.90 32.10 -87.51
CA VAL P 148 36.85 32.81 -86.67
C VAL P 148 37.25 34.10 -87.36
N ILE P 149 37.46 35.15 -86.57
CA ILE P 149 37.90 36.45 -87.07
C ILE P 149 38.99 36.96 -86.15
N ALA P 150 40.05 37.51 -86.74
CA ALA P 150 41.17 38.07 -86.00
C ALA P 150 41.33 39.54 -86.38
N VAL P 151 41.41 40.41 -85.37
CA VAL P 151 41.56 41.84 -85.58
C VAL P 151 42.99 42.21 -85.20
N ASP P 152 43.78 42.61 -86.19
CA ASP P 152 45.16 42.97 -85.94
C ASP P 152 45.29 44.45 -85.61
N PRO P 153 46.29 44.84 -84.82
CA PRO P 153 46.44 46.24 -84.47
C PRO P 153 46.97 47.06 -85.63
N ALA P 154 46.81 48.38 -85.51
CA ALA P 154 47.32 49.28 -86.53
C ALA P 154 48.83 49.21 -86.68
N GLN P 155 49.54 48.86 -85.62
CA GLN P 155 50.99 48.73 -85.64
C GLN P 155 51.40 47.47 -84.91
N GLY P 156 52.55 46.92 -85.27
CA GLY P 156 53.07 45.74 -84.66
C GLY P 156 52.81 44.49 -85.48
N PRO P 157 53.24 43.34 -84.99
CA PRO P 157 53.07 42.09 -85.74
C PRO P 157 51.62 41.62 -85.73
N GLN P 158 51.31 40.78 -86.72
CA GLN P 158 49.96 40.21 -86.83
C GLN P 158 49.75 39.16 -85.75
N ILE P 159 48.47 38.84 -85.51
CA ILE P 159 48.13 37.85 -84.51
C ILE P 159 48.12 36.47 -85.16
N ALA P 160 48.80 35.52 -84.52
CA ALA P 160 48.87 34.16 -85.04
C ALA P 160 47.49 33.52 -85.03
N GLN P 161 47.27 32.65 -86.01
CA GLN P 161 45.97 31.98 -86.14
C GLN P 161 45.79 30.97 -85.02
N PRO P 162 44.72 31.04 -84.23
CA PRO P 162 44.51 30.04 -83.17
C PRO P 162 43.88 28.78 -83.73
N PRO P 163 43.98 27.67 -83.01
CA PRO P 163 43.35 26.43 -83.47
C PRO P 163 41.83 26.49 -83.32
N PHE P 164 41.15 25.66 -84.12
CA PHE P 164 39.71 25.58 -84.04
C PHE P 164 39.27 24.87 -82.76
N THR P 165 38.03 25.13 -82.35
CA THR P 165 37.51 24.57 -81.12
C THR P 165 37.15 23.10 -81.33
N PRO P 166 37.70 22.16 -80.56
CA PRO P 166 37.33 20.76 -80.73
C PRO P 166 35.88 20.52 -80.35
N ALA P 167 35.40 19.32 -80.68
CA ALA P 167 34.03 18.95 -80.33
C ALA P 167 33.86 18.84 -78.83
N VAL P 168 34.80 18.16 -78.15
CA VAL P 168 34.83 18.07 -76.70
C VAL P 168 36.27 18.29 -76.25
N TYR P 169 36.44 19.09 -75.20
CA TYR P 169 37.76 19.48 -74.74
C TYR P 169 37.74 19.62 -73.23
N VAL P 170 38.94 19.58 -72.64
CA VAL P 170 39.14 19.77 -71.22
C VAL P 170 40.22 20.83 -71.03
N PRO P 171 39.89 22.05 -70.62
CA PRO P 171 40.92 23.07 -70.44
C PRO P 171 41.92 22.62 -69.38
N LEU P 172 43.20 22.60 -69.75
CA LEU P 172 44.23 22.10 -68.83
C LEU P 172 44.61 23.13 -67.78
N SER P 173 44.32 24.41 -68.01
CA SER P 173 44.59 25.43 -67.01
C SER P 173 43.60 25.39 -65.86
N ARG P 174 42.39 24.88 -66.08
CA ARG P 174 41.36 24.81 -65.06
C ARG P 174 41.36 23.41 -64.46
N ARG P 175 42.32 23.19 -63.56
CA ARG P 175 42.52 21.89 -62.93
C ARG P 175 43.04 22.11 -61.52
N GLU P 176 42.67 21.21 -60.61
CA GLU P 176 43.11 21.33 -59.23
C GLU P 176 42.94 20.00 -58.53
N VAL P 177 43.79 19.78 -57.53
CA VAL P 177 43.74 18.58 -56.68
C VAL P 177 43.68 19.05 -55.24
N ASN P 178 42.76 18.49 -54.47
CA ASN P 178 42.51 18.89 -53.09
C ASN P 178 43.19 17.88 -52.18
N LYS P 179 44.41 18.21 -51.74
CA LYS P 179 45.14 17.32 -50.85
C LYS P 179 44.41 17.08 -49.54
N GLN P 180 43.51 17.98 -49.13
CA GLN P 180 42.78 17.80 -47.88
C GLN P 180 41.83 16.61 -47.94
N THR P 181 41.27 16.31 -49.11
CA THR P 181 40.32 15.20 -49.21
C THR P 181 40.65 14.25 -50.36
N GLN P 182 41.76 14.41 -51.05
CA GLN P 182 42.17 13.50 -52.12
C GLN P 182 41.09 13.43 -53.21
N ALA P 183 40.87 14.55 -53.87
CA ALA P 183 39.90 14.65 -54.95
C ALA P 183 40.50 15.44 -56.11
N LEU P 184 40.01 15.16 -57.31
CA LEU P 184 40.47 15.82 -58.53
C LEU P 184 39.28 16.53 -59.18
N ARG P 185 39.51 17.75 -59.64
CA ARG P 185 38.49 18.54 -60.31
C ARG P 185 38.98 18.98 -61.68
N PHE P 186 38.13 18.83 -62.69
CA PHE P 186 38.41 19.34 -64.02
C PHE P 186 37.11 19.77 -64.67
N VAL P 187 37.23 20.51 -65.77
CA VAL P 187 36.08 21.11 -66.45
C VAL P 187 35.93 20.45 -67.82
N LEU P 188 34.71 20.01 -68.12
CA LEU P 188 34.39 19.39 -69.41
C LEU P 188 33.50 20.34 -70.20
N GLY P 189 33.92 20.66 -71.41
CA GLY P 189 33.18 21.59 -72.26
C GLY P 189 32.85 20.95 -73.59
N VAL P 190 31.69 21.30 -74.14
CA VAL P 190 31.20 20.76 -75.40
C VAL P 190 30.94 21.93 -76.35
N SER P 191 31.52 21.86 -77.54
CA SER P 191 31.29 22.91 -78.53
C SER P 191 29.88 22.79 -79.10
N PRO P 192 29.31 23.89 -79.59
CA PRO P 192 27.98 23.82 -80.20
C PRO P 192 27.94 22.89 -81.41
N ALA P 193 29.08 22.69 -82.05
CA ALA P 193 29.15 21.90 -83.27
C ALA P 193 29.02 20.41 -83.03
N ALA P 194 29.12 19.96 -81.78
CA ALA P 194 28.97 18.53 -81.50
C ALA P 194 27.61 18.05 -81.98
N LYS P 195 27.61 16.92 -82.68
CA LYS P 195 26.38 16.37 -83.23
C LYS P 195 25.78 15.37 -82.24
N PRO P 196 24.48 15.42 -81.97
CA PRO P 196 23.90 14.50 -80.99
C PRO P 196 24.05 13.04 -81.41
N ALA P 197 24.08 12.16 -80.41
CA ALA P 197 24.17 10.71 -80.53
C ALA P 197 25.59 10.21 -80.77
N ASP P 198 26.59 11.09 -80.86
CA ASP P 198 27.96 10.64 -80.93
C ASP P 198 28.48 10.29 -79.54
N ILE P 199 29.60 9.56 -79.51
CA ILE P 199 30.18 9.08 -78.26
C ILE P 199 31.69 9.28 -78.32
N TYR P 200 32.27 9.79 -77.24
CA TYR P 200 33.70 9.93 -77.09
C TYR P 200 34.15 9.22 -75.82
N ARG P 201 35.44 8.90 -75.75
CA ARG P 201 36.03 8.24 -74.61
C ARG P 201 37.20 9.06 -74.09
N LEU P 202 37.32 9.16 -72.76
CA LEU P 202 38.35 9.96 -72.11
C LEU P 202 39.13 9.06 -71.16
N ASN P 203 40.46 9.12 -71.24
CA ASN P 203 41.34 8.35 -70.38
C ASN P 203 42.11 9.29 -69.45
N ILE P 204 42.28 8.88 -68.20
CA ILE P 204 42.96 9.68 -67.19
C ILE P 204 43.99 8.79 -66.48
N ARG P 205 45.19 9.30 -66.31
CA ARG P 205 46.22 8.65 -65.50
C ARG P 205 46.66 9.62 -64.41
N GLN P 206 46.44 9.24 -63.14
CA GLN P 206 46.71 10.10 -62.01
C GLN P 206 47.86 9.51 -61.20
N ALA P 207 48.66 10.40 -60.61
CA ALA P 207 49.88 10.02 -59.93
C ALA P 207 49.78 10.34 -58.44
N ALA P 208 50.31 9.43 -57.62
CA ALA P 208 50.44 9.64 -56.19
C ALA P 208 51.88 9.36 -55.81
N ILE P 209 52.30 9.90 -54.66
CA ILE P 209 53.69 9.82 -54.22
C ILE P 209 53.74 9.21 -52.83
N ASP P 210 54.79 8.43 -52.57
CA ASP P 210 55.02 7.84 -51.27
C ASP P 210 55.77 8.83 -50.38
N CYS P 211 56.24 8.34 -49.23
CA CYS P 211 56.85 9.22 -48.24
C CYS P 211 58.16 9.84 -48.70
N GLU P 212 58.75 9.37 -49.81
CA GLU P 212 60.06 9.84 -50.23
C GLU P 212 60.13 10.21 -51.70
N GLY P 213 58.98 10.43 -52.36
CA GLY P 213 58.97 10.95 -53.70
C GLY P 213 58.72 9.94 -54.81
N ASN P 214 58.78 8.65 -54.53
CA ASN P 214 58.47 7.66 -55.55
C ASN P 214 56.97 7.69 -55.85
N GLU P 215 56.62 7.32 -57.08
CA GLU P 215 55.30 7.59 -57.63
C GLU P 215 54.52 6.30 -57.87
N TYR P 216 53.20 6.42 -57.68
CA TYR P 216 52.24 5.40 -58.09
C TYR P 216 51.39 5.97 -59.22
N PHE P 217 50.57 5.11 -59.83
CA PHE P 217 49.71 5.53 -60.93
C PHE P 217 48.39 4.78 -60.91
N HIS P 218 47.34 5.43 -61.38
CA HIS P 218 45.99 4.87 -61.45
C HIS P 218 45.34 5.31 -62.75
N ILE P 219 44.66 4.39 -63.42
CA ILE P 219 44.11 4.63 -64.75
C ILE P 219 42.62 4.34 -64.73
N SER P 220 41.83 5.24 -65.35
CA SER P 220 40.40 5.04 -65.48
C SER P 220 39.94 5.77 -66.73
N CYS P 221 38.76 5.38 -67.22
CA CYS P 221 38.23 5.93 -68.46
C CYS P 221 36.73 6.14 -68.33
N TYR P 222 36.22 7.13 -69.07
CA TYR P 222 34.81 7.49 -69.02
C TYR P 222 34.28 7.66 -70.45
N ASP P 223 33.00 7.38 -70.63
CA ASP P 223 32.33 7.52 -71.93
C ASP P 223 31.45 8.75 -71.91
N ILE P 224 31.59 9.60 -72.93
CA ILE P 224 30.82 10.82 -73.06
C ILE P 224 29.93 10.68 -74.29
N SER P 225 28.62 10.80 -74.09
CA SER P 225 27.64 10.66 -75.16
C SER P 225 26.83 11.94 -75.26
N ILE P 226 26.74 12.48 -76.47
CA ILE P 226 26.05 13.75 -76.68
C ILE P 226 24.54 13.52 -76.61
N GLY P 227 23.84 14.44 -75.94
CA GLY P 227 22.40 14.35 -75.79
C GLY P 227 21.67 15.56 -76.32
N SER P 228 20.46 15.79 -75.84
CA SER P 228 19.64 16.92 -76.29
C SER P 228 18.54 17.14 -75.25
N CYS P 229 17.61 18.04 -75.59
CA CYS P 229 16.52 18.39 -74.70
C CYS P 229 15.32 17.46 -74.93
N GLY P 230 14.19 17.80 -74.31
CA GLY P 230 12.98 17.03 -74.46
C GLY P 230 11.78 17.70 -73.83
N CYS Q 23 -14.76 32.40 -66.34
CA CYS Q 23 -15.75 33.45 -66.20
C CYS Q 23 -16.59 33.27 -64.94
N GLU Q 24 -16.17 33.89 -63.84
CA GLU Q 24 -16.98 33.89 -62.64
C GLU Q 24 -18.35 34.48 -62.94
N SER Q 25 -19.38 33.83 -62.44
CA SER Q 25 -20.76 34.21 -62.74
C SER Q 25 -21.26 35.21 -61.71
N ILE Q 26 -21.84 36.31 -62.19
CA ILE Q 26 -22.46 37.32 -61.35
C ILE Q 26 -23.93 37.42 -61.75
N SER Q 27 -24.81 37.49 -60.76
CA SER Q 27 -26.24 37.63 -60.98
C SER Q 27 -26.69 38.98 -60.45
N ALA Q 28 -27.57 39.64 -61.21
CA ALA Q 28 -28.02 40.98 -60.85
C ALA Q 28 -29.52 41.10 -61.11
N ARG Q 29 -30.11 42.12 -60.50
CA ARG Q 29 -31.53 42.41 -60.61
C ARG Q 29 -31.75 43.83 -61.09
N PRO Q 30 -32.75 44.08 -61.94
CA PRO Q 30 -32.99 45.46 -62.40
C PRO Q 30 -33.27 46.39 -61.23
N GLY Q 31 -32.66 47.58 -61.28
CA GLY Q 31 -32.83 48.57 -60.24
C GLY Q 31 -31.86 48.44 -59.08
N GLU Q 32 -31.08 47.37 -59.02
CA GLU Q 32 -30.16 47.16 -57.92
C GLU Q 32 -28.84 47.87 -58.16
N VAL Q 33 -28.20 48.29 -57.07
CA VAL Q 33 -26.83 48.80 -57.09
C VAL Q 33 -26.06 48.07 -56.00
N ASN Q 34 -25.02 47.35 -56.38
CA ASN Q 34 -24.34 46.44 -55.47
C ASN Q 34 -22.83 46.54 -55.68
N GLY Q 35 -22.08 46.20 -54.64
CA GLY Q 35 -20.63 46.27 -54.71
C GLY Q 35 -20.00 44.92 -55.00
N VAL Q 36 -18.77 44.97 -55.53
CA VAL Q 36 -18.01 43.78 -55.89
C VAL Q 36 -16.57 43.99 -55.45
N MET Q 37 -15.94 42.92 -54.98
CA MET Q 37 -14.55 42.97 -54.54
C MET Q 37 -13.81 41.75 -55.05
N VAL Q 38 -12.57 41.96 -55.49
CA VAL Q 38 -11.69 40.89 -55.96
C VAL Q 38 -10.36 41.01 -55.24
N SER Q 39 -9.75 39.87 -54.93
CA SER Q 39 -8.51 39.83 -54.17
C SER Q 39 -7.36 39.40 -55.09
N TYR Q 40 -6.26 40.15 -55.05
CA TYR Q 40 -5.10 39.89 -55.89
C TYR Q 40 -3.89 39.40 -55.11
N VAL Q 41 -4.05 39.00 -53.84
CA VAL Q 41 -2.90 38.63 -53.03
C VAL Q 41 -2.16 37.45 -53.63
N ALA Q 42 -2.87 36.50 -54.22
CA ALA Q 42 -2.22 35.31 -54.76
C ALA Q 42 -1.29 35.65 -55.91
N TRP Q 43 -1.66 36.62 -56.74
CA TRP Q 43 -0.88 36.95 -57.93
C TRP Q 43 0.15 38.05 -57.66
N SER Q 44 -0.19 39.01 -56.80
CA SER Q 44 0.69 40.16 -56.58
C SER Q 44 1.68 39.94 -55.45
N ALA Q 45 1.48 38.94 -54.60
CA ALA Q 45 2.38 38.75 -53.47
C ALA Q 45 3.76 38.27 -53.92
N PRO Q 46 3.90 37.13 -54.60
CA PRO Q 46 5.24 36.64 -54.93
C PRO Q 46 6.05 37.57 -55.83
N LEU Q 47 5.41 38.46 -56.58
CA LEU Q 47 6.14 39.38 -57.44
C LEU Q 47 6.96 40.40 -56.66
N GLY Q 48 6.72 40.54 -55.36
CA GLY Q 48 7.40 41.60 -54.62
C GLY Q 48 6.94 42.96 -55.09
N GLY Q 49 7.85 43.93 -54.98
CA GLY Q 49 7.53 45.26 -55.48
C GLY Q 49 6.59 46.01 -54.55
N HIS Q 50 5.86 46.97 -55.14
CA HIS Q 50 5.00 47.87 -54.40
C HIS Q 50 3.52 47.51 -54.55
N GLY Q 51 3.21 46.31 -55.01
CA GLY Q 51 1.83 45.87 -55.03
C GLY Q 51 1.02 46.47 -56.17
N LEU Q 52 -0.27 46.63 -55.92
CA LEU Q 52 -1.21 47.04 -56.95
C LEU Q 52 -1.08 48.55 -57.24
N THR Q 53 -1.77 48.98 -58.29
CA THR Q 53 -1.75 50.37 -58.71
C THR Q 53 -3.15 50.71 -59.23
N ASN Q 54 -3.47 52.01 -59.21
CA ASN Q 54 -4.81 52.48 -59.55
C ASN Q 54 -5.08 52.53 -61.05
N LYS Q 55 -4.27 51.88 -61.88
CA LYS Q 55 -4.48 51.89 -63.33
C LYS Q 55 -5.30 50.66 -63.77
N THR Q 56 -6.60 50.73 -63.49
CA THR Q 56 -7.52 49.70 -63.96
C THR Q 56 -8.24 50.15 -65.22
N THR Q 57 -8.80 49.19 -65.94
CA THR Q 57 -9.56 49.46 -67.15
C THR Q 57 -10.71 48.47 -67.26
N PHE Q 58 -11.89 48.97 -67.64
CA PHE Q 58 -13.09 48.18 -67.71
C PHE Q 58 -13.65 48.22 -69.13
N GLU Q 59 -14.23 47.10 -69.57
CA GLU Q 59 -14.86 47.02 -70.88
C GLU Q 59 -16.07 46.11 -70.79
N PHE Q 60 -17.13 46.48 -71.49
CA PHE Q 60 -18.38 45.71 -71.52
C PHE Q 60 -18.61 45.16 -72.91
N GLU Q 61 -19.07 43.91 -72.97
CA GLU Q 61 -19.38 43.24 -74.23
C GLU Q 61 -20.76 42.60 -74.15
N ASN Q 62 -21.43 42.55 -75.29
CA ASN Q 62 -22.76 41.95 -75.37
C ASN Q 62 -22.66 40.52 -75.90
N VAL Q 63 -23.43 39.62 -75.29
CA VAL Q 63 -23.57 38.25 -75.77
C VAL Q 63 -25.02 37.91 -76.10
N SER Q 64 -25.95 38.28 -75.23
CA SER Q 64 -27.39 38.08 -75.48
C SER Q 64 -28.11 39.33 -74.98
N VAL Q 65 -28.46 40.23 -75.90
CA VAL Q 65 -29.16 41.46 -75.59
C VAL Q 65 -30.32 41.63 -76.56
N THR Q 66 -31.48 42.01 -76.04
CA THR Q 66 -32.67 42.24 -76.84
C THR Q 66 -32.91 43.74 -76.93
N GLU Q 67 -33.07 44.25 -78.15
CA GLU Q 67 -33.21 45.67 -78.34
C GLU Q 67 -34.54 46.14 -77.74
N PRO Q 68 -34.59 47.35 -77.17
CA PRO Q 68 -35.82 47.82 -76.53
C PRO Q 68 -36.91 48.09 -77.55
N LEU Q 69 -38.16 47.96 -77.09
CA LEU Q 69 -39.31 48.26 -77.93
C LEU Q 69 -39.84 49.67 -77.75
N VAL Q 70 -39.28 50.45 -76.82
CA VAL Q 70 -39.69 51.81 -76.57
C VAL Q 70 -38.45 52.70 -76.57
N ASN Q 71 -38.64 53.97 -76.91
CA ASN Q 71 -37.52 54.89 -77.04
C ASN Q 71 -37.43 55.82 -75.84
N SER Q 72 -36.21 56.27 -75.56
CA SER Q 72 -35.99 57.29 -74.55
C SER Q 72 -36.18 58.68 -75.16
N ALA Q 73 -36.25 59.69 -74.28
CA ALA Q 73 -36.51 61.05 -74.72
C ALA Q 73 -35.83 62.02 -73.77
N PHE Q 74 -35.73 63.27 -74.23
CA PHE Q 74 -35.12 64.35 -73.48
C PHE Q 74 -35.76 65.66 -73.87
N GLU Q 75 -36.00 66.53 -72.90
CA GLU Q 75 -36.68 67.80 -73.14
C GLU Q 75 -36.18 68.84 -72.16
N ARG Q 76 -36.68 70.06 -72.32
CA ARG Q 76 -36.28 71.20 -71.50
C ARG Q 76 -37.52 71.98 -71.06
N THR Q 77 -37.36 72.71 -69.96
CA THR Q 77 -38.40 73.60 -69.45
C THR Q 77 -37.75 74.85 -68.89
N PRO Q 78 -38.45 75.99 -68.93
CA PRO Q 78 -37.90 77.21 -68.31
C PRO Q 78 -37.94 77.14 -66.80
N PHE Q 79 -37.37 78.17 -66.17
CA PHE Q 79 -37.29 78.23 -64.72
C PHE Q 79 -38.69 78.24 -64.10
N ASN Q 80 -38.87 77.45 -63.05
CA ASN Q 80 -40.13 77.37 -62.31
C ASN Q 80 -41.32 77.18 -63.23
N THR Q 81 -41.14 76.43 -64.32
CA THR Q 81 -42.17 76.27 -65.34
C THR Q 81 -42.61 74.81 -65.39
N THR Q 82 -43.93 74.60 -65.42
CA THR Q 82 -44.47 73.26 -65.54
C THR Q 82 -44.26 72.72 -66.96
N LEU Q 83 -44.04 71.41 -67.06
CA LEU Q 83 -43.82 70.74 -68.33
C LEU Q 83 -44.97 69.78 -68.61
N ALA Q 84 -45.39 69.74 -69.87
CA ALA Q 84 -46.45 68.83 -70.30
C ALA Q 84 -45.99 68.08 -71.55
N GLY Q 85 -46.48 66.85 -71.69
CA GLY Q 85 -46.09 66.04 -72.82
C GLY Q 85 -46.91 64.77 -72.88
N SER Q 86 -46.57 63.91 -73.84
CA SER Q 86 -47.27 62.66 -74.06
C SER Q 86 -46.26 61.54 -74.29
N LEU Q 87 -46.61 60.34 -73.81
CA LEU Q 87 -45.74 59.19 -73.96
C LEU Q 87 -46.07 58.36 -75.19
N ALA Q 88 -47.12 58.71 -75.93
CA ALA Q 88 -47.57 57.87 -77.03
C ALA Q 88 -46.54 57.80 -78.16
N ALA Q 89 -45.88 58.92 -78.47
CA ALA Q 89 -44.98 58.97 -79.61
C ALA Q 89 -43.76 58.08 -79.45
N LEU Q 90 -43.48 57.60 -78.24
CA LEU Q 90 -42.27 56.85 -77.96
C LEU Q 90 -42.43 55.34 -78.12
N PHE Q 91 -43.59 54.87 -78.59
CA PHE Q 91 -43.84 53.44 -78.75
C PHE Q 91 -44.13 53.16 -80.22
N PRO Q 92 -43.11 52.93 -81.05
CA PRO Q 92 -43.34 52.64 -82.48
C PRO Q 92 -43.72 51.19 -82.73
N ASN Q 93 -44.89 50.80 -82.24
CA ASN Q 93 -45.36 49.44 -82.45
C ASN Q 93 -45.69 49.24 -83.94
N PRO Q 94 -45.11 48.23 -84.59
CA PRO Q 94 -45.36 48.05 -86.03
C PRO Q 94 -46.74 47.48 -86.36
N GLU Q 95 -47.49 46.97 -85.38
CA GLU Q 95 -48.86 46.56 -85.60
C GLU Q 95 -49.76 47.23 -84.57
N GLY Q 96 -50.92 47.71 -85.02
CA GLY Q 96 -51.85 48.35 -84.12
C GLY Q 96 -52.31 47.43 -83.01
N GLU Q 97 -52.35 47.95 -81.78
CA GLU Q 97 -52.80 47.18 -80.63
C GLU Q 97 -53.10 48.14 -79.49
N ALA Q 98 -53.82 47.64 -78.50
CA ALA Q 98 -54.15 48.44 -77.33
C ALA Q 98 -52.89 48.81 -76.57
N VAL Q 99 -52.82 50.06 -76.12
CA VAL Q 99 -51.66 50.60 -75.44
C VAL Q 99 -52.10 51.19 -74.11
N GLU Q 100 -51.37 50.84 -73.04
CA GLU Q 100 -51.61 51.40 -71.72
C GLU Q 100 -50.29 51.87 -71.15
N TYR Q 101 -50.34 52.97 -70.39
CA TYR Q 101 -49.15 53.61 -69.86
C TYR Q 101 -49.11 53.47 -68.34
N GLU Q 102 -47.92 53.63 -67.78
CA GLU Q 102 -47.73 53.54 -66.35
C GLU Q 102 -46.45 54.26 -65.97
N ILE Q 103 -46.36 54.63 -64.68
CA ILE Q 103 -45.17 55.26 -64.13
C ILE Q 103 -44.64 54.38 -63.01
N LEU Q 104 -43.38 54.00 -63.11
CA LEU Q 104 -42.75 53.15 -62.10
C LEU Q 104 -42.54 53.98 -60.84
N GLU Q 105 -43.31 53.68 -59.79
CA GLU Q 105 -43.31 54.51 -58.60
C GLU Q 105 -42.12 54.23 -57.68
N LEU Q 106 -41.39 53.15 -57.90
CA LEU Q 106 -40.20 52.88 -57.09
C LEU Q 106 -39.09 53.89 -57.36
N TYR Q 107 -39.18 54.67 -58.44
CA TYR Q 107 -38.12 55.54 -58.89
C TYR Q 107 -38.64 56.96 -59.05
N PRO Q 108 -39.12 57.56 -57.98
CA PRO Q 108 -39.75 58.89 -58.09
C PRO Q 108 -38.72 59.95 -58.43
N PRO Q 109 -39.13 61.03 -59.10
CA PRO Q 109 -38.18 62.12 -59.37
C PRO Q 109 -37.67 62.71 -58.06
N VAL Q 110 -36.39 63.08 -58.06
CA VAL Q 110 -35.76 63.58 -56.86
C VAL Q 110 -36.13 65.03 -56.57
N ASN Q 111 -36.45 65.82 -57.59
CA ASN Q 111 -36.72 67.24 -57.43
C ASN Q 111 -37.96 67.66 -58.21
N GLY Q 112 -39.06 66.92 -58.06
CA GLY Q 112 -40.28 67.29 -58.75
C GLY Q 112 -41.38 66.30 -58.46
N ILE Q 113 -42.51 66.51 -59.12
CA ILE Q 113 -43.67 65.63 -59.01
C ILE Q 113 -44.21 65.36 -60.41
N VAL Q 114 -44.53 64.10 -60.69
CA VAL Q 114 -45.06 63.68 -61.97
C VAL Q 114 -46.46 63.13 -61.76
N GLU Q 115 -47.37 63.55 -62.64
CA GLU Q 115 -48.75 63.09 -62.63
C GLU Q 115 -49.09 62.54 -64.00
N LEU Q 116 -49.70 61.36 -64.03
CA LEU Q 116 -50.05 60.69 -65.28
C LEU Q 116 -51.51 60.94 -65.59
N GLY Q 117 -51.77 61.40 -66.81
CA GLY Q 117 -53.10 61.76 -67.25
C GLY Q 117 -53.79 60.65 -68.03
N GLU Q 118 -54.52 61.05 -69.06
CA GLU Q 118 -55.31 60.14 -69.86
C GLU Q 118 -54.72 60.00 -71.26
N ASN Q 119 -54.60 58.75 -71.71
CA ASN Q 119 -53.94 58.43 -72.97
C ASN Q 119 -52.50 58.97 -73.00
N GLY Q 120 -51.74 58.67 -71.96
CA GLY Q 120 -50.31 58.95 -71.98
C GLY Q 120 -49.93 60.38 -71.71
N ALA Q 121 -50.90 61.25 -71.43
CA ALA Q 121 -50.57 62.63 -71.10
C ALA Q 121 -50.08 62.71 -69.66
N PHE Q 122 -48.98 63.42 -69.46
CA PHE Q 122 -48.36 63.54 -68.15
C PHE Q 122 -47.97 64.99 -67.90
N THR Q 123 -47.82 65.32 -66.62
CA THR Q 123 -47.43 66.67 -66.20
C THR Q 123 -46.31 66.57 -65.19
N TYR Q 124 -45.27 67.37 -65.39
CA TYR Q 124 -44.12 67.43 -64.48
C TYR Q 124 -44.09 68.81 -63.83
N ARG Q 125 -44.07 68.85 -62.50
CA ARG Q 125 -44.16 70.08 -61.73
C ARG Q 125 -42.88 70.24 -60.93
N PRO Q 126 -41.88 70.95 -61.44
CA PRO Q 126 -40.59 71.03 -60.76
C PRO Q 126 -40.68 71.79 -59.44
N ALA Q 127 -39.78 71.44 -58.53
CA ALA Q 127 -39.70 72.13 -57.26
C ALA Q 127 -39.18 73.54 -57.46
N THR Q 128 -39.68 74.47 -56.64
CA THR Q 128 -39.29 75.87 -56.79
C THR Q 128 -37.79 76.04 -56.57
N SER Q 129 -37.18 76.89 -57.39
CA SER Q 129 -35.77 77.25 -57.29
C SER Q 129 -34.84 76.10 -57.69
N PHE Q 130 -35.32 75.16 -58.50
CA PHE Q 130 -34.48 74.05 -58.93
C PHE Q 130 -33.75 74.39 -60.22
N THR Q 131 -32.55 73.82 -60.38
CA THR Q 131 -31.76 74.00 -61.59
C THR Q 131 -30.84 72.80 -61.73
N GLY Q 132 -31.15 71.92 -62.66
CA GLY Q 132 -30.36 70.71 -62.87
C GLY Q 132 -31.09 69.75 -63.79
N ILE Q 133 -30.76 68.47 -63.62
CA ILE Q 133 -31.33 67.40 -64.43
C ILE Q 133 -32.24 66.55 -63.55
N ASP Q 134 -33.24 65.93 -64.17
CA ASP Q 134 -34.19 65.09 -63.46
C ASP Q 134 -34.64 63.96 -64.37
N ARG Q 135 -35.16 62.90 -63.78
CA ARG Q 135 -35.55 61.71 -64.52
C ARG Q 135 -36.79 61.10 -63.90
N PHE Q 136 -37.49 60.30 -64.71
CA PHE Q 136 -38.49 59.37 -64.20
C PHE Q 136 -38.66 58.25 -65.22
N TRP Q 137 -39.15 57.12 -64.74
CA TRP Q 137 -39.20 55.89 -65.54
C TRP Q 137 -40.66 55.52 -65.80
N PHE Q 138 -40.96 55.20 -67.05
CA PHE Q 138 -42.31 54.85 -67.47
C PHE Q 138 -42.29 53.48 -68.13
N SER Q 139 -43.48 52.90 -68.27
CA SER Q 139 -43.65 51.59 -68.88
C SER Q 139 -44.86 51.62 -69.81
N ILE Q 140 -44.68 51.05 -71.01
CA ILE Q 140 -45.74 50.95 -72.00
C ILE Q 140 -45.88 49.49 -72.39
N ASN Q 141 -47.03 48.89 -72.08
CA ASN Q 141 -47.28 47.49 -72.39
C ASN Q 141 -46.19 46.58 -71.80
N GLY Q 142 -45.69 46.95 -70.62
CA GLY Q 142 -44.67 46.16 -69.96
C GLY Q 142 -43.26 46.41 -70.42
N ASN Q 143 -43.04 47.40 -71.29
CA ASN Q 143 -41.70 47.76 -71.75
C ASN Q 143 -41.27 49.04 -71.06
N VAL Q 144 -40.14 49.00 -70.38
CA VAL Q 144 -39.67 50.12 -69.57
C VAL Q 144 -38.80 51.02 -70.41
N GLY Q 145 -38.90 52.32 -70.17
CA GLY Q 145 -38.09 53.30 -70.88
C GLY Q 145 -37.76 54.47 -69.98
N GLU Q 146 -36.72 55.19 -70.35
CA GLU Q 146 -36.22 56.31 -69.56
C GLU Q 146 -36.75 57.62 -70.13
N PHE Q 147 -36.90 58.62 -69.27
CA PHE Q 147 -37.31 59.96 -69.68
C PHE Q 147 -36.49 60.96 -68.87
N VAL Q 148 -35.91 61.95 -69.55
CA VAL Q 148 -35.00 62.90 -68.93
C VAL Q 148 -35.56 64.31 -69.09
N ILE Q 149 -35.40 65.11 -68.05
CA ILE Q 149 -35.83 66.51 -68.02
C ILE Q 149 -34.68 67.37 -67.55
N ALA Q 150 -34.51 68.53 -68.16
CA ALA Q 150 -33.48 69.49 -67.79
C ALA Q 150 -34.13 70.82 -67.46
N VAL Q 151 -33.74 71.41 -66.34
CA VAL Q 151 -34.29 72.67 -65.86
C VAL Q 151 -33.18 73.71 -65.94
N ASP Q 152 -33.16 74.47 -67.04
CA ASP Q 152 -32.16 75.51 -67.20
C ASP Q 152 -32.48 76.72 -66.31
N PRO Q 153 -31.46 77.44 -65.86
CA PRO Q 153 -31.71 78.58 -64.98
C PRO Q 153 -32.29 79.76 -65.74
N ALA Q 154 -32.81 80.73 -64.97
CA ALA Q 154 -33.38 81.93 -65.57
C ALA Q 154 -32.32 82.75 -66.31
N GLN Q 155 -31.07 82.69 -65.87
CA GLN Q 155 -29.99 83.41 -66.53
C GLN Q 155 -28.78 82.49 -66.68
N GLY Q 156 -27.97 82.77 -67.69
CA GLY Q 156 -26.79 81.99 -67.97
C GLY Q 156 -27.01 80.99 -69.08
N PRO Q 157 -25.96 80.25 -69.44
CA PRO Q 157 -26.08 79.29 -70.55
C PRO Q 157 -26.94 78.09 -70.18
N GLN Q 158 -27.45 77.44 -71.21
CA GLN Q 158 -28.28 76.26 -71.02
C GLN Q 158 -27.43 75.08 -70.55
N ILE Q 159 -28.09 74.09 -69.95
CA ILE Q 159 -27.40 72.90 -69.47
C ILE Q 159 -27.25 71.91 -70.61
N ALA Q 160 -26.04 71.37 -70.77
CA ALA Q 160 -25.79 70.41 -71.83
C ALA Q 160 -26.59 69.14 -71.59
N GLN Q 161 -26.98 68.48 -72.68
CA GLN Q 161 -27.76 67.26 -72.58
C GLN Q 161 -26.89 66.10 -72.09
N PRO Q 162 -27.25 65.44 -71.00
CA PRO Q 162 -26.44 64.31 -70.53
C PRO Q 162 -26.78 63.05 -71.30
N PRO Q 163 -25.89 62.06 -71.31
CA PRO Q 163 -26.19 60.81 -72.00
C PRO Q 163 -27.17 59.95 -71.21
N PHE Q 164 -27.86 59.07 -71.93
CA PHE Q 164 -28.80 58.16 -71.28
C PHE Q 164 -28.03 57.14 -70.44
N THR Q 165 -28.70 56.64 -69.40
CA THR Q 165 -28.08 55.67 -68.51
C THR Q 165 -28.06 54.29 -69.18
N PRO Q 166 -26.90 53.64 -69.27
CA PRO Q 166 -26.85 52.32 -69.91
C PRO Q 166 -27.63 51.28 -69.11
N ALA Q 167 -27.69 50.07 -69.68
CA ALA Q 167 -28.34 48.96 -68.99
C ALA Q 167 -27.52 48.50 -67.79
N VAL Q 168 -26.21 48.37 -67.97
CA VAL Q 168 -25.28 48.05 -66.89
C VAL Q 168 -24.08 48.96 -67.02
N TYR Q 169 -23.61 49.47 -65.88
CA TYR Q 169 -22.53 50.44 -65.87
C TYR Q 169 -21.72 50.29 -64.59
N VAL Q 170 -20.50 50.80 -64.63
CA VAL Q 170 -19.60 50.81 -63.47
C VAL Q 170 -19.13 52.25 -63.28
N PRO Q 171 -19.62 52.97 -62.26
CA PRO Q 171 -19.15 54.36 -62.06
C PRO Q 171 -17.64 54.37 -61.86
N LEU Q 172 -16.95 55.22 -62.63
CA LEU Q 172 -15.49 55.24 -62.57
C LEU Q 172 -14.97 56.12 -61.45
N SER Q 173 -15.83 56.91 -60.81
CA SER Q 173 -15.40 57.72 -59.67
C SER Q 173 -15.43 56.94 -58.37
N ARG Q 174 -16.25 55.90 -58.28
CA ARG Q 174 -16.37 55.07 -57.08
C ARG Q 174 -15.54 53.80 -57.24
N ARG Q 175 -14.23 53.95 -57.03
CA ARG Q 175 -13.28 52.88 -57.29
C ARG Q 175 -12.07 53.07 -56.40
N GLU Q 176 -11.61 51.99 -55.78
CA GLU Q 176 -10.54 52.08 -54.80
C GLU Q 176 -9.77 50.77 -54.76
N VAL Q 177 -8.47 50.88 -54.46
CA VAL Q 177 -7.59 49.73 -54.27
C VAL Q 177 -6.98 49.83 -52.89
N ASN Q 178 -7.04 48.73 -52.13
CA ASN Q 178 -6.56 48.69 -50.75
C ASN Q 178 -5.17 48.05 -50.76
N LYS Q 179 -4.13 48.88 -50.64
CA LYS Q 179 -2.77 48.38 -50.63
C LYS Q 179 -2.47 47.51 -49.42
N GLN Q 180 -3.24 47.64 -48.34
CA GLN Q 180 -2.97 46.83 -47.16
C GLN Q 180 -3.21 45.36 -47.43
N THR Q 181 -4.23 45.03 -48.24
CA THR Q 181 -4.55 43.62 -48.49
C THR Q 181 -4.65 43.29 -49.98
N GLN Q 182 -4.24 44.19 -50.86
CA GLN Q 182 -4.23 43.93 -52.30
C GLN Q 182 -5.61 43.48 -52.79
N ALA Q 183 -6.60 44.36 -52.57
CA ALA Q 183 -7.97 44.08 -52.99
C ALA Q 183 -8.52 45.28 -53.75
N LEU Q 184 -9.34 45.00 -54.76
CA LEU Q 184 -9.96 46.03 -55.58
C LEU Q 184 -11.46 46.05 -55.31
N ARG Q 185 -12.02 47.25 -55.19
CA ARG Q 185 -13.45 47.43 -55.01
C ARG Q 185 -14.01 48.30 -56.13
N PHE Q 186 -15.18 47.92 -56.64
CA PHE Q 186 -15.90 48.70 -57.62
C PHE Q 186 -17.39 48.48 -57.44
N VAL Q 187 -18.19 49.36 -58.02
CA VAL Q 187 -19.64 49.35 -57.88
C VAL Q 187 -20.26 48.92 -59.21
N LEU Q 188 -21.15 47.95 -59.15
CA LEU Q 188 -21.89 47.46 -60.31
C LEU Q 188 -23.34 47.85 -60.16
N GLY Q 189 -23.86 48.56 -61.15
CA GLY Q 189 -25.24 49.05 -61.11
C GLY Q 189 -26.01 48.60 -62.32
N VAL Q 190 -27.31 48.33 -62.12
CA VAL Q 190 -28.20 47.87 -63.17
C VAL Q 190 -29.35 48.86 -63.28
N SER Q 191 -29.63 49.30 -64.51
CA SER Q 191 -30.72 50.24 -64.72
C SER Q 191 -32.06 49.52 -64.57
N PRO Q 192 -33.12 50.23 -64.23
CA PRO Q 192 -34.44 49.59 -64.13
C PRO Q 192 -34.94 49.04 -65.45
N ALA Q 193 -34.36 49.51 -66.55
CA ALA Q 193 -34.79 49.12 -67.89
C ALA Q 193 -34.14 47.83 -68.37
N ALA Q 194 -33.22 47.26 -67.60
CA ALA Q 194 -32.60 46.00 -68.00
C ALA Q 194 -33.66 44.92 -68.13
N LYS Q 195 -33.56 44.13 -69.19
CA LYS Q 195 -34.55 43.10 -69.49
C LYS Q 195 -34.07 41.75 -68.98
N PRO Q 196 -34.85 41.03 -68.19
CA PRO Q 196 -34.37 39.78 -67.60
C PRO Q 196 -33.98 38.76 -68.67
N ALA Q 197 -33.08 37.86 -68.28
CA ALA Q 197 -32.53 36.78 -69.10
C ALA Q 197 -31.43 37.24 -70.05
N ASP Q 198 -31.11 38.53 -70.07
CA ASP Q 198 -29.98 39.00 -70.86
C ASP Q 198 -28.67 38.69 -70.15
N ILE Q 199 -27.58 38.77 -70.90
CA ILE Q 199 -26.24 38.47 -70.38
C ILE Q 199 -25.27 39.51 -70.92
N TYR Q 200 -24.38 39.99 -70.05
CA TYR Q 200 -23.30 40.89 -70.41
C TYR Q 200 -21.99 40.32 -69.89
N ARG Q 201 -20.88 40.78 -70.48
CA ARG Q 201 -19.54 40.34 -70.07
C ARG Q 201 -18.69 41.56 -69.75
N LEU Q 202 -17.92 41.48 -68.68
CA LEU Q 202 -17.07 42.57 -68.22
C LEU Q 202 -15.62 42.12 -68.22
N ASN Q 203 -14.74 42.96 -68.76
CA ASN Q 203 -13.31 42.67 -68.83
C ASN Q 203 -12.55 43.67 -67.97
N ILE Q 204 -11.66 43.16 -67.11
CA ILE Q 204 -10.89 43.97 -66.18
C ILE Q 204 -9.41 43.71 -66.42
N ARG Q 205 -8.63 44.77 -66.55
CA ARG Q 205 -7.18 44.67 -66.61
C ARG Q 205 -6.60 45.49 -65.46
N GLN Q 206 -5.80 44.86 -64.61
CA GLN Q 206 -5.24 45.49 -63.42
C GLN Q 206 -3.72 45.48 -63.49
N ALA Q 207 -3.11 46.53 -62.95
CA ALA Q 207 -1.68 46.76 -63.07
C ALA Q 207 -1.02 46.69 -61.70
N ALA Q 208 0.20 46.15 -61.69
CA ALA Q 208 1.04 46.13 -60.50
C ALA Q 208 2.45 46.57 -60.89
N ILE Q 209 3.19 47.11 -59.93
CA ILE Q 209 4.50 47.70 -60.18
C ILE Q 209 5.54 46.98 -59.34
N ASP Q 210 6.76 46.91 -59.86
CA ASP Q 210 7.88 46.35 -59.13
C ASP Q 210 8.57 47.43 -58.32
N CYS Q 211 9.76 47.09 -57.80
CA CYS Q 211 10.48 48.02 -56.94
C CYS Q 211 10.85 49.32 -57.65
N GLU Q 212 11.28 49.24 -58.91
CA GLU Q 212 11.75 50.42 -59.63
C GLU Q 212 10.65 51.13 -60.41
N GLY Q 213 9.43 50.62 -60.40
CA GLY Q 213 8.31 51.29 -61.02
C GLY Q 213 7.82 50.71 -62.33
N ASN Q 214 8.40 49.60 -62.80
CA ASN Q 214 7.90 48.97 -64.01
C ASN Q 214 6.66 48.14 -63.69
N GLU Q 215 5.80 47.99 -64.70
CA GLU Q 215 4.43 47.54 -64.50
C GLU Q 215 4.22 46.11 -65.00
N TYR Q 216 3.32 45.40 -64.32
CA TYR Q 216 2.77 44.14 -64.76
C TYR Q 216 1.30 44.35 -65.11
N PHE Q 217 0.63 43.29 -65.57
CA PHE Q 217 -0.78 43.35 -65.90
C PHE Q 217 -1.44 42.00 -65.71
N HIS Q 218 -2.70 42.03 -65.31
CA HIS Q 218 -3.52 40.83 -65.11
C HIS Q 218 -4.90 41.06 -65.72
N ILE Q 219 -5.43 40.06 -66.40
CA ILE Q 219 -6.67 40.18 -67.15
C ILE Q 219 -7.65 39.11 -66.66
N SER Q 220 -8.90 39.51 -66.44
CA SER Q 220 -9.94 38.58 -66.05
C SER Q 220 -11.27 39.11 -66.57
N CYS Q 221 -12.26 38.22 -66.66
CA CYS Q 221 -13.55 38.58 -67.22
C CYS Q 221 -14.65 37.90 -66.43
N TYR Q 222 -15.80 38.57 -66.33
CA TYR Q 222 -16.94 38.11 -65.56
C TYR Q 222 -18.21 38.20 -66.41
N ASP Q 223 -19.14 37.28 -66.16
CA ASP Q 223 -20.42 37.23 -66.88
C ASP Q 223 -21.53 37.70 -65.94
N ILE Q 224 -22.35 38.63 -66.42
CA ILE Q 224 -23.46 39.19 -65.66
C ILE Q 224 -24.74 38.81 -66.35
N SER Q 225 -25.66 38.16 -65.62
CA SER Q 225 -26.94 37.72 -66.15
C SER Q 225 -28.05 38.37 -65.35
N ILE Q 226 -29.03 38.94 -66.04
CA ILE Q 226 -30.12 39.65 -65.37
C ILE Q 226 -31.14 38.64 -64.85
N GLY Q 227 -31.54 38.82 -63.59
CA GLY Q 227 -32.49 37.92 -62.96
C GLY Q 227 -33.77 38.60 -62.54
N SER Q 228 -34.45 38.04 -61.54
CA SER Q 228 -35.72 38.58 -61.08
C SER Q 228 -36.02 37.96 -59.71
N CYS Q 229 -37.21 38.26 -59.20
CA CYS Q 229 -37.63 37.77 -57.89
C CYS Q 229 -38.21 36.37 -58.00
N GLY Q 230 -38.74 35.88 -56.88
CA GLY Q 230 -39.36 34.58 -56.84
C GLY Q 230 -40.20 34.37 -55.59
N CYS R 23 -45.09 11.60 -82.79
CA CYS R 23 -45.44 12.85 -82.12
C CYS R 23 -46.14 12.58 -80.79
N GLU R 24 -45.78 13.34 -79.77
CA GLU R 24 -46.40 13.17 -78.46
C GLU R 24 -47.86 13.57 -78.50
N SER R 25 -48.66 12.99 -77.61
CA SER R 25 -50.11 13.15 -77.61
C SER R 25 -50.53 14.04 -76.44
N ILE R 26 -51.34 15.05 -76.75
CA ILE R 26 -51.94 15.93 -75.74
C ILE R 26 -53.45 15.87 -75.91
N SER R 27 -54.15 15.58 -74.82
CA SER R 27 -55.61 15.51 -74.81
C SER R 27 -56.16 16.64 -73.95
N ALA R 28 -57.08 17.41 -74.51
CA ALA R 28 -57.63 18.57 -73.83
C ALA R 28 -59.14 18.61 -73.99
N ARG R 29 -59.81 19.26 -73.04
CA ARG R 29 -61.26 19.40 -73.04
C ARG R 29 -61.66 20.83 -73.37
N PRO R 30 -62.83 21.06 -73.96
CA PRO R 30 -63.27 22.43 -74.21
C PRO R 30 -63.37 23.23 -72.91
N GLY R 31 -62.96 24.50 -72.99
CA GLY R 31 -63.03 25.40 -71.86
C GLY R 31 -61.95 25.23 -70.82
N GLU R 32 -60.98 24.36 -71.06
CA GLU R 32 -59.93 24.09 -70.08
C GLU R 32 -58.67 24.89 -70.39
N VAL R 33 -57.94 25.24 -69.34
CA VAL R 33 -56.64 25.89 -69.44
C VAL R 33 -55.71 25.14 -68.51
N ASN R 34 -54.73 24.43 -69.07
CA ASN R 34 -53.95 23.45 -68.32
C ASN R 34 -52.50 23.84 -68.12
N GLY R 35 -51.76 24.06 -69.20
CA GLY R 35 -50.33 24.34 -69.10
C GLY R 35 -49.48 23.10 -69.28
N VAL R 36 -48.31 23.27 -69.89
CA VAL R 36 -47.44 22.15 -70.24
C VAL R 36 -46.01 22.50 -69.87
N MET R 37 -45.19 21.47 -69.65
CA MET R 37 -43.78 21.64 -69.33
C MET R 37 -42.97 20.62 -70.10
N VAL R 38 -41.85 21.06 -70.67
CA VAL R 38 -40.94 20.20 -71.43
C VAL R 38 -39.52 20.42 -70.92
N SER R 39 -38.77 19.33 -70.78
CA SER R 39 -37.44 19.36 -70.20
C SER R 39 -36.41 19.22 -71.31
N TYR R 40 -35.42 20.12 -71.33
CA TYR R 40 -34.39 20.15 -72.36
C TYR R 40 -33.02 19.74 -71.84
N VAL R 41 -32.92 19.22 -70.62
CA VAL R 41 -31.61 18.89 -70.06
C VAL R 41 -30.91 17.85 -70.92
N ALA R 42 -31.66 16.89 -71.45
CA ALA R 42 -31.05 15.81 -72.22
C ALA R 42 -30.34 16.33 -73.46
N TRP R 43 -30.73 17.49 -73.96
CA TRP R 43 -30.16 18.04 -75.19
C TRP R 43 -29.19 19.18 -74.91
N SER R 44 -29.59 20.14 -74.07
CA SER R 44 -28.78 21.33 -73.87
C SER R 44 -27.56 21.08 -73.00
N ALA R 45 -27.63 20.10 -72.11
CA ALA R 45 -26.54 19.89 -71.15
C ALA R 45 -25.19 19.64 -71.81
N PRO R 46 -25.03 18.69 -72.73
CA PRO R 46 -23.70 18.46 -73.32
C PRO R 46 -23.15 19.63 -74.11
N LEU R 47 -24.01 20.53 -74.59
CA LEU R 47 -23.52 21.64 -75.41
C LEU R 47 -22.74 22.68 -74.61
N GLY R 48 -22.77 22.60 -73.28
CA GLY R 48 -22.14 23.65 -72.50
C GLY R 48 -22.83 24.98 -72.71
N GLY R 49 -22.04 26.05 -72.72
CA GLY R 49 -22.61 27.35 -72.97
C GLY R 49 -23.49 27.81 -71.83
N HIS R 50 -24.47 28.65 -72.17
CA HIS R 50 -25.35 29.26 -71.19
C HIS R 50 -26.76 28.65 -71.20
N GLY R 51 -26.97 27.56 -71.94
CA GLY R 51 -28.25 26.89 -71.88
C GLY R 51 -29.31 27.55 -72.75
N LEU R 52 -30.56 27.37 -72.34
CA LEU R 52 -31.70 27.80 -73.15
C LEU R 52 -31.75 29.33 -73.26
N THR R 53 -32.71 29.80 -74.03
CA THR R 53 -32.92 31.22 -74.26
C THR R 53 -34.40 31.46 -74.55
N ASN R 54 -34.84 32.69 -74.34
CA ASN R 54 -36.26 33.03 -74.47
C ASN R 54 -36.73 33.10 -75.91
N LYS R 55 -35.94 32.68 -76.89
CA LYS R 55 -36.32 32.77 -78.30
C LYS R 55 -37.12 31.57 -78.77
N THR R 56 -38.33 31.37 -78.27
CA THR R 56 -39.18 30.28 -78.72
C THR R 56 -40.09 30.75 -79.85
N THR R 57 -40.70 29.79 -80.54
CA THR R 57 -41.65 30.06 -81.60
C THR R 57 -42.66 28.93 -81.68
N PHE R 58 -43.93 29.30 -81.85
CA PHE R 58 -45.03 28.34 -81.89
C PHE R 58 -45.76 28.43 -83.21
N GLU R 59 -46.30 27.30 -83.67
CA GLU R 59 -47.09 27.24 -84.89
C GLU R 59 -48.16 26.18 -84.75
N PHE R 60 -49.34 26.45 -85.31
CA PHE R 60 -50.47 25.55 -85.26
C PHE R 60 -50.87 25.12 -86.67
N GLU R 61 -51.26 23.86 -86.81
CA GLU R 61 -51.69 23.30 -88.08
C GLU R 61 -53.01 22.56 -87.89
N ASN R 62 -53.93 22.73 -88.84
CA ASN R 62 -55.24 22.09 -88.78
C ASN R 62 -55.21 20.78 -89.57
N VAL R 63 -54.79 19.72 -88.89
CA VAL R 63 -54.73 18.41 -89.53
C VAL R 63 -56.14 17.88 -89.79
N SER R 64 -57.05 18.09 -88.85
CA SER R 64 -58.43 17.61 -89.00
C SER R 64 -59.32 18.51 -88.13
N VAL R 65 -60.05 19.40 -88.79
CA VAL R 65 -60.92 20.36 -88.11
C VAL R 65 -62.24 20.45 -88.85
N THR R 66 -63.33 20.53 -88.10
CA THR R 66 -64.67 20.66 -88.65
C THR R 66 -65.08 22.13 -88.62
N GLU R 67 -65.69 22.60 -89.71
CA GLU R 67 -66.08 23.99 -89.79
C GLU R 67 -67.21 24.30 -88.82
N PRO R 68 -67.33 25.55 -88.39
CA PRO R 68 -68.44 25.92 -87.48
C PRO R 68 -69.72 26.15 -88.26
N LEU R 69 -70.84 25.70 -87.68
CA LEU R 69 -72.15 25.87 -88.29
C LEU R 69 -72.85 27.14 -87.83
N VAL R 70 -72.22 27.95 -86.97
CA VAL R 70 -72.78 29.22 -86.52
C VAL R 70 -71.69 30.27 -86.58
N ASN R 71 -72.10 31.53 -86.64
CA ASN R 71 -71.19 32.65 -86.81
C ASN R 71 -71.16 33.52 -85.57
N SER R 72 -69.97 33.93 -85.16
CA SER R 72 -69.81 34.88 -84.08
C SER R 72 -70.18 36.29 -84.56
N ALA R 73 -70.54 37.15 -83.61
CA ALA R 73 -70.95 38.51 -83.92
C ALA R 73 -70.33 39.48 -82.93
N PHE R 74 -70.17 40.73 -83.37
CA PHE R 74 -69.57 41.78 -82.57
C PHE R 74 -70.43 43.03 -82.68
N GLU R 75 -70.66 43.69 -81.54
CA GLU R 75 -71.57 44.82 -81.47
C GLU R 75 -71.03 45.86 -80.49
N ARG R 76 -71.79 46.93 -80.31
CA ARG R 76 -71.41 48.04 -79.45
C ARG R 76 -72.63 48.58 -78.71
N THR R 77 -72.36 49.38 -77.67
CA THR R 77 -73.39 50.12 -76.96
C THR R 77 -72.74 51.31 -76.27
N PRO R 78 -73.48 52.40 -76.06
CA PRO R 78 -72.91 53.56 -75.38
C PRO R 78 -72.76 53.32 -73.88
N PHE R 79 -72.20 54.33 -73.22
CA PHE R 79 -71.95 54.28 -71.78
C PHE R 79 -73.23 54.06 -71.01
N ASN R 80 -73.20 53.10 -70.08
CA ASN R 80 -74.34 52.82 -69.20
C ASN R 80 -75.63 52.66 -69.99
N THR R 81 -75.55 52.08 -71.19
CA THR R 81 -76.70 51.92 -72.07
C THR R 81 -76.98 50.42 -72.25
N THR R 82 -78.22 50.03 -72.03
CA THR R 82 -78.60 48.63 -72.24
C THR R 82 -78.59 48.31 -73.72
N LEU R 83 -78.20 47.07 -74.04
CA LEU R 83 -78.10 46.61 -75.42
C LEU R 83 -79.05 45.44 -75.62
N ALA R 84 -79.86 45.52 -76.67
CA ALA R 84 -80.80 44.46 -77.03
C ALA R 84 -80.47 43.95 -78.42
N GLY R 85 -80.70 42.66 -78.62
CA GLY R 85 -80.38 42.04 -79.88
C GLY R 85 -81.07 40.70 -80.03
N SER R 86 -80.62 39.94 -81.03
CA SER R 86 -81.21 38.64 -81.32
C SER R 86 -80.14 37.71 -81.86
N LEU R 87 -80.24 36.43 -81.51
CA LEU R 87 -79.32 35.41 -82.00
C LEU R 87 -79.85 34.68 -83.23
N ALA R 88 -81.06 35.00 -83.70
CA ALA R 88 -81.65 34.26 -84.80
C ALA R 88 -80.86 34.42 -86.09
N ALA R 89 -80.37 35.63 -86.37
CA ALA R 89 -79.67 35.88 -87.63
C ALA R 89 -78.34 35.16 -87.71
N LEU R 90 -77.84 34.60 -86.61
CA LEU R 90 -76.52 34.01 -86.56
C LEU R 90 -76.49 32.53 -86.95
N PHE R 91 -77.63 31.96 -87.36
CA PHE R 91 -77.71 30.56 -87.75
C PHE R 91 -78.26 30.46 -89.17
N PRO R 92 -77.41 30.56 -90.21
CA PRO R 92 -77.88 30.54 -91.59
C PRO R 92 -78.13 29.14 -92.14
N ASN R 93 -78.98 28.40 -91.46
CA ASN R 93 -79.31 27.06 -91.91
C ASN R 93 -80.15 27.12 -93.20
N PRO R 94 -79.76 26.38 -94.24
CA PRO R 94 -80.59 26.37 -95.46
C PRO R 94 -81.80 25.47 -95.35
N GLU R 95 -81.82 24.54 -94.41
CA GLU R 95 -82.96 23.64 -94.24
C GLU R 95 -84.03 24.30 -93.40
N GLY R 96 -85.23 23.72 -93.46
CA GLY R 96 -86.32 24.14 -92.60
C GLY R 96 -86.45 23.24 -91.40
N GLU R 97 -86.15 23.77 -90.21
CA GLU R 97 -86.13 22.95 -89.01
C GLU R 97 -86.31 23.85 -87.79
N ALA R 98 -86.69 23.23 -86.67
CA ALA R 98 -86.87 23.95 -85.43
C ALA R 98 -85.53 24.34 -84.84
N VAL R 99 -85.48 25.52 -84.23
CA VAL R 99 -84.28 26.04 -83.61
C VAL R 99 -84.58 26.39 -82.16
N GLU R 100 -83.62 26.10 -81.28
CA GLU R 100 -83.71 26.45 -79.87
C GLU R 100 -82.43 27.15 -79.46
N TYR R 101 -82.58 28.15 -78.58
CA TYR R 101 -81.47 28.99 -78.17
C TYR R 101 -81.18 28.76 -76.70
N GLU R 102 -79.89 28.77 -76.35
CA GLU R 102 -79.46 28.50 -74.99
C GLU R 102 -78.20 29.31 -74.70
N ILE R 103 -78.02 29.64 -73.42
CA ILE R 103 -76.85 30.37 -72.95
C ILE R 103 -76.04 29.45 -72.05
N LEU R 104 -74.76 29.25 -72.41
CA LEU R 104 -73.86 28.43 -71.61
C LEU R 104 -73.54 29.21 -70.33
N GLU R 105 -73.98 28.69 -69.19
CA GLU R 105 -73.86 29.41 -67.93
C GLU R 105 -72.58 29.13 -67.18
N LEU R 106 -71.76 28.18 -67.65
CA LEU R 106 -70.43 28.00 -67.05
C LEU R 106 -69.50 29.15 -67.39
N TYR R 107 -69.86 30.01 -68.33
CA TYR R 107 -69.01 31.10 -68.79
C TYR R 107 -69.80 32.41 -68.77
N PRO R 108 -70.21 32.87 -67.59
CA PRO R 108 -71.05 34.06 -67.50
C PRO R 108 -70.28 35.31 -67.85
N PRO R 109 -70.96 36.38 -68.25
CA PRO R 109 -70.26 37.64 -68.53
C PRO R 109 -69.58 38.17 -67.27
N VAL R 110 -68.44 38.82 -67.48
CA VAL R 110 -67.64 39.28 -66.35
C VAL R 110 -68.13 40.61 -65.80
N ASN R 111 -68.66 41.50 -66.65
CA ASN R 111 -69.03 42.85 -66.23
C ASN R 111 -70.48 43.18 -66.58
N GLY R 112 -71.37 42.19 -66.55
CA GLY R 112 -72.76 42.45 -66.86
C GLY R 112 -73.60 41.22 -66.64
N ILE R 113 -74.84 41.29 -67.13
CA ILE R 113 -75.79 40.19 -67.04
C ILE R 113 -76.46 40.02 -68.39
N VAL R 114 -76.64 38.77 -68.80
CA VAL R 114 -77.29 38.42 -70.06
C VAL R 114 -78.65 37.80 -69.75
N GLU R 115 -79.69 38.35 -70.36
CA GLU R 115 -81.06 37.90 -70.15
C GLU R 115 -81.61 37.42 -71.49
N LEU R 116 -81.69 36.10 -71.65
CA LEU R 116 -82.19 35.53 -72.90
C LEU R 116 -83.68 35.80 -73.04
N GLY R 117 -84.06 36.36 -74.18
CA GLY R 117 -85.46 36.62 -74.48
C GLY R 117 -86.11 35.46 -75.21
N GLU R 118 -87.26 35.75 -75.81
CA GLU R 118 -88.00 34.74 -76.55
C GLU R 118 -87.57 34.71 -78.01
N ASN R 119 -87.52 33.51 -78.56
CA ASN R 119 -87.23 33.30 -79.99
C ASN R 119 -85.91 33.96 -80.38
N GLY R 120 -84.89 33.77 -79.56
CA GLY R 120 -83.56 34.22 -79.87
C GLY R 120 -83.22 35.63 -79.43
N ALA R 121 -84.19 36.39 -78.93
CA ALA R 121 -83.90 37.72 -78.44
C ALA R 121 -83.12 37.65 -77.13
N PHE R 122 -82.36 38.70 -76.85
CA PHE R 122 -81.55 38.76 -75.64
C PHE R 122 -81.38 40.21 -75.22
N THR R 123 -81.01 40.41 -73.95
CA THR R 123 -80.73 41.72 -73.41
C THR R 123 -79.52 41.64 -72.51
N TYR R 124 -78.55 42.52 -72.76
CA TYR R 124 -77.33 42.60 -71.97
C TYR R 124 -77.33 43.92 -71.21
N ARG R 125 -77.19 43.85 -69.89
CA ARG R 125 -77.26 45.03 -69.05
C ARG R 125 -75.91 45.28 -68.41
N PRO R 126 -75.09 46.20 -68.94
CA PRO R 126 -73.76 46.41 -68.37
C PRO R 126 -73.83 47.04 -66.99
N ALA R 127 -72.83 46.73 -66.17
CA ALA R 127 -72.73 47.35 -64.86
C ALA R 127 -72.38 48.82 -64.98
N THR R 128 -72.87 49.60 -64.03
CA THR R 128 -72.66 51.04 -64.07
C THR R 128 -71.18 51.38 -63.97
N SER R 129 -70.74 52.31 -64.81
CA SER R 129 -69.37 52.82 -64.84
C SER R 129 -68.38 51.86 -65.47
N PHE R 130 -68.85 50.83 -66.17
CA PHE R 130 -67.95 49.89 -66.81
C PHE R 130 -67.58 50.37 -68.22
N THR R 131 -66.33 50.10 -68.60
CA THR R 131 -65.83 50.47 -69.93
C THR R 131 -64.79 49.46 -70.36
N GLY R 132 -65.06 48.76 -71.45
CA GLY R 132 -64.16 47.75 -71.96
C GLY R 132 -64.92 46.74 -72.79
N ILE R 133 -64.37 45.53 -72.86
CA ILE R 133 -64.92 44.45 -73.67
C ILE R 133 -65.59 43.43 -72.75
N ASP R 134 -66.58 42.71 -73.29
CA ASP R 134 -67.27 41.67 -72.55
C ASP R 134 -67.69 40.58 -73.51
N ARG R 135 -67.93 39.39 -72.97
CA ARG R 135 -68.22 38.22 -73.77
C ARG R 135 -69.32 37.39 -73.11
N PHE R 136 -69.97 36.56 -73.92
CA PHE R 136 -70.82 35.50 -73.41
C PHE R 136 -71.07 34.50 -74.53
N TRP R 137 -71.14 33.23 -74.16
CA TRP R 137 -71.18 32.13 -75.12
C TRP R 137 -72.60 31.60 -75.22
N PHE R 138 -73.05 31.38 -76.45
CA PHE R 138 -74.42 30.94 -76.73
C PHE R 138 -74.40 29.66 -77.53
N SER R 139 -75.55 29.00 -77.58
CA SER R 139 -75.73 27.77 -78.34
C SER R 139 -77.04 27.84 -79.12
N ILE R 140 -77.00 27.41 -80.38
CA ILE R 140 -78.16 27.35 -81.24
C ILE R 140 -78.30 25.93 -81.75
N ASN R 141 -79.30 25.21 -81.22
CA ASN R 141 -79.61 23.86 -81.69
C ASN R 141 -78.41 22.93 -81.54
N GLY R 142 -77.59 23.16 -80.53
CA GLY R 142 -76.46 22.31 -80.23
C GLY R 142 -75.13 22.74 -80.80
N ASN R 143 -75.04 23.94 -81.38
CA ASN R 143 -73.80 24.46 -81.93
C ASN R 143 -73.37 25.67 -81.13
N VAL R 144 -72.09 25.69 -80.73
CA VAL R 144 -71.58 26.74 -79.86
C VAL R 144 -71.10 27.91 -80.68
N GLY R 145 -71.24 29.11 -80.13
CA GLY R 145 -70.76 30.32 -80.77
C GLY R 145 -70.39 31.35 -79.74
N GLU R 146 -69.70 32.39 -80.19
CA GLU R 146 -69.22 33.46 -79.33
C GLU R 146 -69.86 34.77 -79.74
N PHE R 147 -70.23 35.57 -78.74
CA PHE R 147 -70.74 36.92 -78.97
C PHE R 147 -69.91 37.88 -78.12
N VAL R 148 -69.38 38.93 -78.74
CA VAL R 148 -68.50 39.89 -78.07
C VAL R 148 -69.22 41.22 -77.98
N ILE R 149 -68.94 41.97 -76.93
CA ILE R 149 -69.57 43.25 -76.67
C ILE R 149 -68.52 44.24 -76.21
N ALA R 150 -68.66 45.48 -76.67
CA ALA R 150 -67.79 46.58 -76.24
C ALA R 150 -68.64 47.71 -75.71
N VAL R 151 -68.23 48.27 -74.58
CA VAL R 151 -68.90 49.41 -73.95
C VAL R 151 -67.94 50.59 -74.00
N ASP R 152 -68.38 51.69 -74.60
CA ASP R 152 -67.48 52.79 -74.87
C ASP R 152 -67.72 53.95 -73.92
N PRO R 153 -66.69 54.74 -73.60
CA PRO R 153 -66.90 55.91 -72.75
C PRO R 153 -67.73 56.97 -73.44
N ALA R 154 -68.42 57.77 -72.63
CA ALA R 154 -69.28 58.82 -73.15
C ALA R 154 -68.53 60.12 -73.44
N GLN R 155 -67.23 60.18 -73.16
CA GLN R 155 -66.45 61.39 -73.34
C GLN R 155 -65.09 61.09 -73.97
N GLY R 156 -65.05 60.18 -74.95
CA GLY R 156 -63.80 59.81 -75.56
C GLY R 156 -63.98 59.03 -76.85
N PRO R 157 -62.86 58.54 -77.40
CA PRO R 157 -62.93 57.77 -78.65
C PRO R 157 -63.44 56.37 -78.42
N GLN R 158 -63.84 55.72 -79.52
CA GLN R 158 -64.36 54.36 -79.44
C GLN R 158 -63.23 53.34 -79.41
N ILE R 159 -63.55 52.13 -78.96
CA ILE R 159 -62.56 51.07 -78.82
C ILE R 159 -62.48 50.28 -80.12
N ALA R 160 -61.27 49.84 -80.47
CA ALA R 160 -61.09 49.03 -81.67
C ALA R 160 -61.60 47.61 -81.44
N GLN R 161 -62.16 47.02 -82.49
CA GLN R 161 -62.71 45.68 -82.37
C GLN R 161 -61.59 44.68 -82.08
N PRO R 162 -61.77 43.76 -81.13
CA PRO R 162 -60.73 42.77 -80.86
C PRO R 162 -60.94 41.54 -81.72
N PRO R 163 -59.90 40.69 -81.85
CA PRO R 163 -60.06 39.47 -82.63
C PRO R 163 -60.82 38.41 -81.85
N PHE R 164 -61.58 37.59 -82.59
CA PHE R 164 -62.33 36.51 -81.97
C PHE R 164 -61.37 35.45 -81.42
N THR R 165 -61.75 34.87 -80.30
CA THR R 165 -60.89 33.88 -79.64
C THR R 165 -60.79 32.62 -80.51
N PRO R 166 -59.59 32.11 -80.78
CA PRO R 166 -59.48 30.90 -81.60
C PRO R 166 -60.01 29.68 -80.87
N ALA R 167 -60.02 28.56 -81.60
CA ALA R 167 -60.41 27.28 -80.99
C ALA R 167 -59.37 26.81 -79.98
N VAL R 168 -58.09 26.89 -80.35
CA VAL R 168 -57.00 26.57 -79.43
C VAL R 168 -55.90 27.62 -79.63
N TYR R 169 -55.30 28.03 -78.52
CA TYR R 169 -54.31 29.09 -78.55
C TYR R 169 -53.31 28.89 -77.42
N VAL R 170 -52.18 29.57 -77.54
CA VAL R 170 -51.12 29.56 -76.53
C VAL R 170 -50.74 31.02 -76.26
N PRO R 171 -51.05 31.57 -75.08
CA PRO R 171 -50.70 32.97 -74.83
C PRO R 171 -49.19 33.18 -74.95
N LEU R 172 -48.82 34.33 -75.51
CA LEU R 172 -47.41 34.64 -75.74
C LEU R 172 -46.74 35.28 -74.54
N SER R 173 -47.51 35.94 -73.67
CA SER R 173 -46.91 36.59 -72.51
C SER R 173 -46.67 35.62 -71.36
N ARG R 174 -47.43 34.53 -71.30
CA ARG R 174 -47.30 33.56 -70.21
C ARG R 174 -46.33 32.45 -70.62
N ARG R 175 -45.05 32.80 -70.56
CA ARG R 175 -43.98 31.89 -70.95
C ARG R 175 -42.77 32.18 -70.09
N GLU R 176 -42.01 31.12 -69.77
CA GLU R 176 -40.80 31.28 -68.98
C GLU R 176 -39.93 30.04 -69.15
N VAL R 177 -38.63 30.23 -68.95
CA VAL R 177 -37.65 29.15 -68.99
C VAL R 177 -36.87 29.17 -67.69
N ASN R 178 -36.76 28.01 -67.06
CA ASN R 178 -36.05 27.87 -65.78
C ASN R 178 -34.60 27.53 -66.10
N LYS R 179 -33.74 28.55 -66.06
CA LYS R 179 -32.34 28.37 -66.44
C LYS R 179 -31.63 27.35 -65.54
N GLN R 180 -32.07 27.20 -64.29
CA GLN R 180 -31.39 26.29 -63.38
C GLN R 180 -31.60 24.82 -63.78
N THR R 181 -32.75 24.49 -64.37
CA THR R 181 -33.02 23.09 -64.72
C THR R 181 -33.35 22.91 -66.19
N GLN R 182 -33.19 23.94 -67.02
CA GLN R 182 -33.42 23.84 -68.46
C GLN R 182 -34.80 23.24 -68.75
N ALA R 183 -35.83 23.94 -68.31
CA ALA R 183 -37.22 23.53 -68.53
C ALA R 183 -38.02 24.70 -69.08
N LEU R 184 -38.93 24.39 -69.99
CA LEU R 184 -39.77 25.40 -70.64
C LEU R 184 -41.22 25.18 -70.24
N ARG R 185 -41.91 26.25 -69.87
CA ARG R 185 -43.30 26.20 -69.47
C ARG R 185 -44.13 27.15 -70.34
N PHE R 186 -45.30 26.67 -70.77
CA PHE R 186 -46.23 27.49 -71.53
C PHE R 186 -47.64 27.05 -71.22
N VAL R 187 -48.60 27.90 -71.56
CA VAL R 187 -50.00 27.72 -71.21
C VAL R 187 -50.78 27.37 -72.45
N LEU R 188 -51.62 26.34 -72.36
CA LEU R 188 -52.48 25.90 -73.46
C LEU R 188 -53.93 26.12 -73.06
N GLY R 189 -54.66 26.85 -73.90
CA GLY R 189 -56.05 27.15 -73.62
C GLY R 189 -56.98 26.74 -74.74
N VAL R 190 -58.05 26.03 -74.39
CA VAL R 190 -59.01 25.50 -75.36
C VAL R 190 -60.30 26.30 -75.21
N SER R 191 -60.72 26.95 -76.29
CA SER R 191 -61.97 27.69 -76.26
C SER R 191 -63.15 26.73 -76.16
N PRO R 192 -64.27 27.18 -75.59
CA PRO R 192 -65.45 26.30 -75.53
C PRO R 192 -65.97 25.88 -76.89
N ALA R 193 -65.67 26.63 -77.95
CA ALA R 193 -66.18 26.30 -79.27
C ALA R 193 -65.51 25.07 -79.88
N ALA R 194 -64.43 24.58 -79.28
CA ALA R 194 -63.70 23.44 -79.85
C ALA R 194 -64.61 22.22 -79.93
N LYS R 195 -64.92 21.78 -81.14
CA LYS R 195 -65.75 20.60 -81.32
C LYS R 195 -64.94 19.35 -80.99
N PRO R 196 -65.51 18.37 -80.29
CA PRO R 196 -64.75 17.16 -79.96
C PRO R 196 -64.42 16.35 -81.20
N ALA R 197 -63.44 15.45 -81.04
CA ALA R 197 -62.94 14.54 -82.07
C ALA R 197 -62.02 15.23 -83.06
N ASP R 198 -61.84 16.55 -82.98
CA ASP R 198 -60.91 17.23 -83.87
C ASP R 198 -59.47 17.04 -83.41
N ILE R 199 -58.54 17.38 -84.28
CA ILE R 199 -57.12 17.23 -84.00
C ILE R 199 -56.38 18.47 -84.50
N TYR R 200 -55.41 18.93 -83.72
CA TYR R 200 -54.51 20.01 -84.09
C TYR R 200 -53.08 19.55 -83.86
N ARG R 201 -52.14 20.21 -84.53
CA ARG R 201 -50.72 19.92 -84.38
C ARG R 201 -49.98 21.20 -83.99
N LEU R 202 -49.08 21.09 -83.03
CA LEU R 202 -48.31 22.22 -82.52
C LEU R 202 -46.83 21.95 -82.75
N ASN R 203 -46.14 22.93 -83.33
CA ASN R 203 -44.71 22.83 -83.60
C ASN R 203 -43.97 23.86 -82.77
N ILE R 204 -42.93 23.42 -82.08
CA ILE R 204 -42.16 24.27 -81.17
C ILE R 204 -40.71 24.29 -81.65
N ARG R 205 -40.16 25.48 -81.81
CA ARG R 205 -38.74 25.66 -82.13
C ARG R 205 -38.08 26.44 -80.99
N GLN R 206 -37.11 25.80 -80.33
CA GLN R 206 -36.48 26.37 -79.15
C GLN R 206 -35.00 26.59 -79.44
N ALA R 207 -34.46 27.66 -78.86
CA ALA R 207 -33.10 28.11 -79.14
C ALA R 207 -32.23 28.00 -77.89
N ALA R 208 -30.99 27.58 -78.08
CA ALA R 208 -29.98 27.56 -77.02
C ALA R 208 -28.74 28.27 -77.53
N ILE R 209 -27.96 28.84 -76.61
CA ILE R 209 -26.82 29.68 -76.94
C ILE R 209 -25.56 29.05 -76.40
N ASP R 210 -24.46 29.17 -77.15
CA ASP R 210 -23.16 28.70 -76.72
C ASP R 210 -22.54 29.72 -75.77
N CYS R 211 -21.25 29.57 -75.49
CA CYS R 211 -20.56 30.46 -74.55
C CYS R 211 -20.25 31.83 -75.15
N GLU R 212 -20.42 32.01 -76.46
CA GLU R 212 -20.07 33.26 -77.11
C GLU R 212 -21.27 34.01 -77.66
N GLY R 213 -22.47 33.42 -77.64
CA GLY R 213 -23.66 34.05 -78.14
C GLY R 213 -24.25 33.45 -79.39
N ASN R 214 -23.57 32.49 -80.01
CA ASN R 214 -24.13 31.79 -81.15
C ASN R 214 -25.24 30.84 -80.70
N GLU R 215 -26.09 30.46 -81.63
CA GLU R 215 -27.36 29.82 -81.31
C GLU R 215 -27.44 28.41 -81.88
N TYR R 216 -27.99 27.50 -81.06
CA TYR R 216 -28.42 26.18 -81.50
C TYR R 216 -29.94 26.13 -81.47
N PHE R 217 -30.52 25.25 -82.28
CA PHE R 217 -31.97 25.16 -82.40
C PHE R 217 -32.43 23.72 -82.29
N HIS R 218 -33.63 23.54 -81.72
CA HIS R 218 -34.28 22.25 -81.59
C HIS R 218 -35.74 22.38 -81.99
N ILE R 219 -36.27 21.32 -82.61
CA ILE R 219 -37.62 21.33 -83.16
C ILE R 219 -38.34 20.07 -82.70
N SER R 220 -39.59 20.23 -82.26
CA SER R 220 -40.43 19.10 -81.87
C SER R 220 -41.88 19.48 -82.12
N CYS R 221 -42.73 18.47 -82.22
CA CYS R 221 -44.13 18.67 -82.53
C CYS R 221 -45.00 17.82 -81.63
N TYR R 222 -46.21 18.30 -81.36
CA TYR R 222 -47.15 17.64 -80.47
C TYR R 222 -48.53 17.64 -81.12
N ASP R 223 -49.32 16.60 -80.81
CA ASP R 223 -50.66 16.44 -81.36
C ASP R 223 -51.69 16.76 -80.28
N ILE R 224 -52.66 17.60 -80.61
CA ILE R 224 -53.71 18.02 -79.68
C ILE R 224 -55.03 17.48 -80.20
N SER R 225 -55.71 16.66 -79.40
CA SER R 225 -57.00 16.08 -79.76
C SER R 225 -58.04 16.52 -78.74
N ILE R 226 -59.18 16.99 -79.23
CA ILE R 226 -60.23 17.49 -78.34
C ILE R 226 -61.03 16.30 -77.82
N GLY R 227 -61.14 16.21 -76.49
CA GLY R 227 -61.84 15.12 -75.84
C GLY R 227 -63.20 15.55 -75.30
N SER R 228 -63.70 14.74 -74.37
CA SER R 228 -65.00 14.99 -73.77
C SER R 228 -65.06 14.28 -72.42
N CYS R 229 -66.22 14.36 -71.78
CA CYS R 229 -66.39 13.77 -70.46
C CYS R 229 -66.38 12.24 -70.56
N GLY R 230 -66.19 11.61 -69.41
CA GLY R 230 -66.16 10.16 -69.33
C GLY R 230 -66.36 9.64 -67.91
N CYS S 23 66.33 46.15 -22.33
CA CYS S 23 66.13 47.32 -23.17
C CYS S 23 64.96 48.15 -22.67
N GLU S 24 65.23 49.06 -21.74
CA GLU S 24 64.17 49.92 -21.22
C GLU S 24 63.60 50.80 -22.32
N SER S 25 62.30 51.05 -22.25
CA SER S 25 61.58 51.75 -23.31
C SER S 25 61.36 53.22 -22.95
N ILE S 26 61.59 54.08 -23.93
CA ILE S 26 61.34 55.52 -23.80
C ILE S 26 60.48 55.94 -24.98
N SER S 27 59.57 56.89 -24.73
CA SER S 27 58.69 57.42 -25.75
C SER S 27 59.00 58.90 -25.97
N ALA S 28 58.97 59.32 -27.23
CA ALA S 28 59.31 60.70 -27.57
C ALA S 28 58.37 61.21 -28.66
N ARG S 29 58.30 62.53 -28.77
CA ARG S 29 57.45 63.21 -29.73
C ARG S 29 58.27 64.18 -30.55
N PRO S 30 58.00 64.33 -31.85
CA PRO S 30 58.76 65.31 -32.64
C PRO S 30 58.68 66.71 -32.05
N GLY S 31 59.81 67.41 -32.05
CA GLY S 31 59.88 68.76 -31.54
C GLY S 31 60.09 68.88 -30.06
N GLU S 32 59.95 67.79 -29.30
CA GLU S 32 60.10 67.85 -27.85
C GLU S 32 61.56 67.70 -27.44
N VAL S 33 61.91 68.33 -26.33
CA VAL S 33 63.22 68.17 -25.70
C VAL S 33 62.97 67.88 -24.22
N ASN S 34 63.46 66.73 -23.75
CA ASN S 34 63.10 66.23 -22.43
C ASN S 34 64.36 65.74 -21.72
N GLY S 35 64.28 65.68 -20.39
CA GLY S 35 65.39 65.21 -19.58
C GLY S 35 65.17 63.80 -19.07
N VAL S 36 66.28 63.12 -18.79
CA VAL S 36 66.27 61.73 -18.32
C VAL S 36 67.26 61.60 -17.17
N MET S 37 66.88 60.81 -16.17
CA MET S 37 67.72 60.56 -15.01
C MET S 37 67.77 59.06 -14.73
N VAL S 38 68.96 58.57 -14.40
CA VAL S 38 69.18 57.17 -14.07
C VAL S 38 69.96 57.09 -12.76
N SER S 39 69.55 56.18 -11.89
CA SER S 39 70.16 56.03 -10.57
C SER S 39 71.11 54.84 -10.59
N TYR S 40 72.30 55.03 -10.02
CA TYR S 40 73.33 54.01 -9.99
C TYR S 40 73.66 53.53 -8.58
N VAL S 41 72.94 53.98 -7.57
CA VAL S 41 73.30 53.67 -6.19
C VAL S 41 73.30 52.16 -5.95
N ALA S 42 72.39 51.44 -6.60
CA ALA S 42 72.29 50.00 -6.36
C ALA S 42 73.51 49.23 -6.85
N TRP S 43 74.36 49.84 -7.67
CA TRP S 43 75.50 49.16 -8.27
C TRP S 43 76.83 49.58 -7.66
N SER S 44 77.06 50.89 -7.51
CA SER S 44 78.36 51.36 -7.05
C SER S 44 78.46 51.41 -5.53
N ALA S 45 77.34 51.28 -4.82
CA ALA S 45 77.38 51.37 -3.36
C ALA S 45 78.22 50.28 -2.72
N PRO S 46 78.03 48.99 -3.02
CA PRO S 46 78.83 47.96 -2.34
C PRO S 46 80.31 48.00 -2.65
N LEU S 47 80.73 48.60 -3.77
CA LEU S 47 82.14 48.62 -4.13
C LEU S 47 82.96 49.59 -3.29
N GLY S 48 82.32 50.59 -2.69
CA GLY S 48 83.03 51.56 -1.87
C GLY S 48 83.73 52.60 -2.72
N GLY S 49 84.50 53.45 -2.05
CA GLY S 49 85.24 54.49 -2.74
C GLY S 49 84.35 55.67 -3.11
N HIS S 50 84.80 56.43 -4.11
CA HIS S 50 84.08 57.62 -4.55
C HIS S 50 82.88 57.29 -5.44
N GLY S 51 82.77 56.06 -5.93
CA GLY S 51 81.63 55.68 -6.74
C GLY S 51 81.78 56.05 -8.20
N LEU S 52 80.87 56.90 -8.70
CA LEU S 52 80.84 57.22 -10.11
C LEU S 52 81.99 58.14 -10.50
N THR S 53 82.20 58.27 -11.80
CA THR S 53 83.23 59.14 -12.36
C THR S 53 82.73 59.67 -13.69
N ASN S 54 83.21 60.85 -14.07
CA ASN S 54 82.78 61.51 -15.30
C ASN S 54 83.43 60.95 -16.55
N LYS S 55 83.14 59.70 -16.90
CA LYS S 55 83.65 59.09 -18.13
C LYS S 55 82.54 58.38 -18.90
N THR S 56 81.32 58.90 -18.83
CA THR S 56 80.21 58.30 -19.56
C THR S 56 80.44 58.41 -21.06
N THR S 57 79.96 57.43 -21.80
CA THR S 57 80.06 57.40 -23.26
C THR S 57 78.72 57.01 -23.85
N PHE S 58 78.30 57.70 -24.90
CA PHE S 58 77.01 57.48 -25.53
C PHE S 58 77.21 57.00 -26.96
N GLU S 59 76.32 56.12 -27.42
CA GLU S 59 76.35 55.61 -28.78
C GLU S 59 74.91 55.41 -29.25
N PHE S 60 74.67 55.70 -30.52
CA PHE S 60 73.34 55.59 -31.12
C PHE S 60 73.36 54.55 -32.23
N GLU S 61 72.27 53.78 -32.34
CA GLU S 61 72.13 52.76 -33.36
C GLU S 61 70.73 52.82 -33.94
N ASN S 62 70.62 52.51 -35.22
CA ASN S 62 69.32 52.47 -35.89
C ASN S 62 68.81 51.04 -35.96
N VAL S 63 67.53 50.87 -35.62
CA VAL S 63 66.85 49.58 -35.73
C VAL S 63 65.73 49.62 -36.77
N SER S 64 64.99 50.73 -36.84
CA SER S 64 63.94 50.91 -37.84
C SER S 64 63.86 52.40 -38.15
N VAL S 65 64.46 52.81 -39.26
CA VAL S 65 64.49 54.21 -39.67
C VAL S 65 64.04 54.31 -41.12
N THR S 66 63.28 55.36 -41.42
CA THR S 66 62.77 55.61 -42.77
C THR S 66 63.60 56.71 -43.42
N GLU S 67 64.12 56.43 -44.61
CA GLU S 67 64.97 57.40 -45.29
C GLU S 67 64.16 58.66 -45.60
N PRO S 68 64.73 59.85 -45.39
CA PRO S 68 63.99 61.07 -45.71
C PRO S 68 63.80 61.23 -47.21
N LEU S 69 62.69 61.86 -47.59
CA LEU S 69 62.37 62.12 -48.98
C LEU S 69 62.69 63.55 -49.41
N VAL S 70 63.33 64.34 -48.54
CA VAL S 70 63.75 65.69 -48.88
C VAL S 70 65.18 65.88 -48.41
N ASN S 71 65.84 66.89 -48.97
CA ASN S 71 67.25 67.17 -48.69
C ASN S 71 67.38 68.47 -47.92
N SER S 72 68.19 68.45 -46.88
CA SER S 72 68.55 69.68 -46.19
C SER S 72 69.44 70.55 -47.08
N ALA S 73 69.79 71.73 -46.58
CA ALA S 73 70.63 72.64 -47.35
C ALA S 73 71.32 73.61 -46.42
N PHE S 74 72.33 74.29 -46.95
CA PHE S 74 73.10 75.29 -46.22
C PHE S 74 73.49 76.39 -47.18
N GLU S 75 73.33 77.65 -46.76
CA GLU S 75 73.60 78.80 -47.62
C GLU S 75 74.12 79.94 -46.77
N ARG S 76 74.74 80.91 -47.45
CA ARG S 76 75.42 82.02 -46.81
C ARG S 76 74.89 83.36 -47.32
N THR S 77 75.09 84.39 -46.52
CA THR S 77 74.74 85.75 -46.88
C THR S 77 75.74 86.71 -46.26
N PRO S 78 76.00 87.87 -46.88
CA PRO S 78 76.84 88.88 -46.24
C PRO S 78 76.10 89.62 -45.14
N PHE S 79 76.81 90.55 -44.51
CA PHE S 79 76.31 91.23 -43.33
C PHE S 79 75.17 92.17 -43.67
N ASN S 80 74.06 92.03 -42.95
CA ASN S 80 72.87 92.86 -43.14
C ASN S 80 72.41 92.90 -44.58
N THR S 81 72.37 91.74 -45.24
CA THR S 81 71.84 91.62 -46.59
C THR S 81 70.74 90.56 -46.61
N THR S 82 69.58 90.92 -47.16
CA THR S 82 68.50 89.95 -47.28
C THR S 82 68.91 88.81 -48.19
N LEU S 83 68.46 87.61 -47.88
CA LEU S 83 68.78 86.40 -48.62
C LEU S 83 67.52 85.91 -49.34
N ALA S 84 67.70 85.42 -50.56
CA ALA S 84 66.61 84.87 -51.35
C ALA S 84 67.01 83.49 -51.86
N GLY S 85 66.02 82.62 -52.02
CA GLY S 85 66.30 81.27 -52.46
C GLY S 85 65.04 80.58 -52.92
N SER S 86 65.13 79.26 -53.07
CA SER S 86 64.01 78.46 -53.53
C SER S 86 64.05 77.10 -52.87
N LEU S 87 62.87 76.58 -52.54
CA LEU S 87 62.76 75.24 -51.96
C LEU S 87 62.56 74.16 -53.03
N ALA S 88 62.39 74.54 -54.30
CA ALA S 88 62.08 73.56 -55.33
C ALA S 88 63.21 72.57 -55.51
N ALA S 89 64.46 73.04 -55.53
CA ALA S 89 65.60 72.17 -55.83
C ALA S 89 65.87 71.14 -54.75
N LEU S 90 65.25 71.27 -53.58
CA LEU S 90 65.53 70.38 -52.46
C LEU S 90 64.64 69.15 -52.42
N PHE S 91 63.67 69.03 -53.33
CA PHE S 91 62.78 67.87 -53.37
C PHE S 91 63.09 67.06 -54.62
N PRO S 92 63.79 65.91 -54.52
CA PRO S 92 64.11 65.11 -55.71
C PRO S 92 63.04 64.08 -56.06
N ASN S 93 61.82 64.56 -56.30
CA ASN S 93 60.75 63.66 -56.68
C ASN S 93 61.03 63.05 -58.06
N PRO S 94 60.69 61.77 -58.25
CA PRO S 94 60.93 61.14 -59.56
C PRO S 94 59.81 61.32 -60.57
N GLU S 95 58.72 61.98 -60.20
CA GLU S 95 57.56 62.10 -61.06
C GLU S 95 57.08 63.54 -61.07
N GLY S 96 56.26 63.87 -62.06
CA GLY S 96 55.70 65.21 -62.19
C GLY S 96 54.45 65.40 -61.35
N GLU S 97 54.44 64.84 -60.14
CA GLU S 97 53.31 64.97 -59.25
C GLU S 97 53.23 66.40 -58.72
N ALA S 98 52.01 66.82 -58.40
CA ALA S 98 51.79 68.16 -57.88
C ALA S 98 52.49 68.32 -56.53
N VAL S 99 53.01 69.52 -56.30
CA VAL S 99 53.77 69.82 -55.08
C VAL S 99 53.23 71.10 -54.47
N GLU S 100 53.47 71.27 -53.17
CA GLU S 100 53.07 72.47 -52.44
C GLU S 100 54.03 72.66 -51.28
N TYR S 101 54.36 73.92 -51.00
CA TYR S 101 55.36 74.26 -50.01
C TYR S 101 54.71 74.99 -48.84
N GLU S 102 55.25 74.76 -47.64
CA GLU S 102 54.77 75.41 -46.43
C GLU S 102 55.94 75.60 -45.48
N ILE S 103 55.73 76.50 -44.50
CA ILE S 103 56.70 76.78 -43.46
C ILE S 103 56.11 76.35 -42.13
N LEU S 104 56.86 75.55 -41.37
CA LEU S 104 56.41 75.13 -40.05
C LEU S 104 56.59 76.30 -39.10
N GLU S 105 55.48 76.91 -38.69
CA GLU S 105 55.53 78.13 -37.90
C GLU S 105 55.88 77.88 -36.44
N LEU S 106 55.64 76.67 -35.92
CA LEU S 106 55.93 76.39 -34.51
C LEU S 106 57.39 76.59 -34.17
N TYR S 107 58.30 76.45 -35.13
CA TYR S 107 59.73 76.56 -34.90
C TYR S 107 60.29 77.74 -35.68
N PRO S 108 59.92 78.96 -35.32
CA PRO S 108 60.33 80.14 -36.08
C PRO S 108 61.81 80.41 -35.90
N PRO S 109 62.43 81.12 -36.85
CA PRO S 109 63.85 81.47 -36.68
C PRO S 109 64.03 82.40 -35.49
N VAL S 110 65.23 82.38 -34.93
CA VAL S 110 65.50 83.14 -33.71
C VAL S 110 65.93 84.57 -34.01
N ASN S 111 66.73 84.79 -35.05
CA ASN S 111 67.31 86.10 -35.32
C ASN S 111 66.91 86.65 -36.69
N GLY S 112 65.72 86.31 -37.18
CA GLY S 112 65.28 86.81 -38.47
C GLY S 112 63.81 86.54 -38.68
N ILE S 113 63.36 86.87 -39.89
CA ILE S 113 61.98 86.63 -40.30
C ILE S 113 61.99 86.05 -41.70
N VAL S 114 61.15 85.05 -41.91
CA VAL S 114 61.07 84.34 -43.19
C VAL S 114 59.75 84.69 -43.86
N GLU S 115 59.80 84.78 -45.19
CA GLU S 115 58.61 85.05 -46.00
C GLU S 115 58.55 83.99 -47.10
N LEU S 116 57.36 83.45 -47.34
CA LEU S 116 57.16 82.40 -48.32
C LEU S 116 56.36 82.96 -49.50
N GLY S 117 56.91 82.82 -50.70
CA GLY S 117 56.27 83.28 -51.91
C GLY S 117 55.54 82.17 -52.64
N GLU S 118 55.52 82.29 -53.96
CA GLU S 118 54.88 81.29 -54.80
C GLU S 118 55.92 80.35 -55.41
N ASN S 119 55.51 79.09 -55.58
CA ASN S 119 56.36 78.07 -56.20
C ASN S 119 57.66 77.89 -55.43
N GLY S 120 57.56 77.91 -54.11
CA GLY S 120 58.71 77.59 -53.27
C GLY S 120 59.71 78.70 -53.08
N ALA S 121 59.45 79.90 -53.61
CA ALA S 121 60.34 81.02 -53.37
C ALA S 121 60.17 81.54 -51.95
N PHE S 122 61.28 81.91 -51.34
CA PHE S 122 61.27 82.38 -49.96
C PHE S 122 62.31 83.48 -49.78
N THR S 123 62.15 84.25 -48.71
CA THR S 123 63.05 85.36 -48.40
C THR S 123 63.41 85.31 -46.92
N TYR S 124 64.68 85.52 -46.62
CA TYR S 124 65.17 85.60 -45.25
C TYR S 124 65.72 87.00 -45.01
N ARG S 125 65.36 87.58 -43.87
CA ARG S 125 65.63 88.99 -43.58
C ARG S 125 66.27 89.09 -42.19
N PRO S 126 67.59 88.92 -42.11
CA PRO S 126 68.23 88.88 -40.79
C PRO S 126 68.10 90.19 -40.04
N ALA S 127 68.09 90.08 -38.71
CA ALA S 127 68.03 91.26 -37.86
C ALA S 127 69.33 92.03 -37.91
N THR S 128 69.24 93.32 -37.62
CA THR S 128 70.41 94.20 -37.70
C THR S 128 71.48 93.78 -36.69
N SER S 129 72.73 93.80 -37.13
CA SER S 129 73.88 93.55 -36.27
C SER S 129 73.96 92.10 -35.81
N PHE S 130 73.23 91.20 -36.44
CA PHE S 130 73.27 89.80 -36.06
C PHE S 130 74.37 89.07 -36.84
N THR S 131 75.00 88.11 -36.17
CA THR S 131 76.00 87.26 -36.79
C THR S 131 75.97 85.90 -36.11
N GLY S 132 75.90 84.84 -36.90
CA GLY S 132 75.88 83.49 -36.38
C GLY S 132 75.11 82.57 -37.30
N ILE S 133 74.55 81.52 -36.71
CA ILE S 133 73.82 80.49 -37.43
C ILE S 133 72.34 80.58 -37.06
N ASP S 134 71.48 80.48 -38.06
CA ASP S 134 70.04 80.51 -37.84
C ASP S 134 69.41 79.37 -38.64
N ARG S 135 68.18 79.03 -38.28
CA ARG S 135 67.51 77.87 -38.85
C ARG S 135 66.02 78.16 -39.06
N PHE S 136 65.42 77.41 -39.98
CA PHE S 136 63.98 77.30 -40.05
C PHE S 136 63.64 76.00 -40.75
N TRP S 137 62.49 75.43 -40.41
CA TRP S 137 62.07 74.12 -40.90
C TRP S 137 60.93 74.29 -41.89
N PHE S 138 61.01 73.57 -43.01
CA PHE S 138 60.04 73.68 -44.08
C PHE S 138 59.45 72.31 -44.38
N SER S 139 58.23 72.31 -44.91
CA SER S 139 57.53 71.08 -45.26
C SER S 139 57.15 71.12 -46.72
N ILE S 140 57.52 70.07 -47.46
CA ILE S 140 57.19 69.94 -48.87
C ILE S 140 56.34 68.68 -49.04
N ASN S 141 55.07 68.87 -49.39
CA ASN S 141 54.18 67.75 -49.68
C ASN S 141 54.14 66.76 -48.52
N GLY S 142 54.21 67.27 -47.30
CA GLY S 142 54.17 66.45 -46.10
C GLY S 142 55.51 65.97 -45.60
N ASN S 143 56.60 66.27 -46.31
CA ASN S 143 57.94 65.86 -45.91
C ASN S 143 58.67 67.05 -45.28
N VAL S 144 59.29 66.84 -44.14
CA VAL S 144 59.93 67.89 -43.36
C VAL S 144 61.42 67.89 -43.66
N GLY S 145 62.03 69.07 -43.55
CA GLY S 145 63.46 69.21 -43.79
C GLY S 145 64.01 70.39 -43.02
N GLU S 146 65.33 70.52 -43.04
CA GLU S 146 66.03 71.59 -42.34
C GLU S 146 66.78 72.46 -43.34
N PHE S 147 66.75 73.76 -43.11
CA PHE S 147 67.49 74.72 -43.91
C PHE S 147 68.31 75.60 -42.97
N VAL S 148 69.59 75.77 -43.27
CA VAL S 148 70.52 76.47 -42.38
C VAL S 148 71.02 77.73 -43.08
N ILE S 149 71.16 78.81 -42.32
CA ILE S 149 71.64 80.08 -42.83
C ILE S 149 72.73 80.59 -41.89
N ALA S 150 73.82 81.08 -42.47
CA ALA S 150 74.92 81.68 -41.73
C ALA S 150 75.10 83.12 -42.19
N VAL S 151 75.10 84.05 -41.25
CA VAL S 151 75.25 85.46 -41.54
C VAL S 151 76.69 85.86 -41.23
N ASP S 152 77.42 86.24 -42.26
CA ASP S 152 78.83 86.57 -42.08
C ASP S 152 78.98 87.96 -41.45
N PRO S 153 80.06 88.19 -40.70
CA PRO S 153 80.26 89.51 -40.09
C PRO S 153 80.63 90.54 -41.15
N ALA S 154 80.62 91.80 -40.73
CA ALA S 154 81.01 92.87 -41.64
C ALA S 154 82.45 92.71 -42.10
N GLN S 155 83.35 92.38 -41.18
CA GLN S 155 84.74 92.11 -41.50
C GLN S 155 85.19 90.87 -40.76
N GLY S 156 86.09 90.12 -41.38
CA GLY S 156 86.63 88.91 -40.79
C GLY S 156 86.51 87.71 -41.70
N PRO S 157 86.97 86.56 -41.22
CA PRO S 157 86.97 85.36 -42.06
C PRO S 157 85.57 84.76 -42.23
N GLN S 158 85.50 83.74 -43.09
CA GLN S 158 84.24 83.07 -43.34
C GLN S 158 83.86 82.18 -42.17
N ILE S 159 82.55 82.04 -41.93
CA ILE S 159 82.06 81.17 -40.87
C ILE S 159 81.94 79.75 -41.38
N ALA S 160 82.36 78.79 -40.55
CA ALA S 160 82.34 77.39 -40.96
C ALA S 160 80.91 76.86 -41.00
N GLN S 161 80.67 75.91 -41.89
CA GLN S 161 79.36 75.28 -42.00
C GLN S 161 79.18 74.27 -40.88
N PRO S 162 78.12 74.35 -40.10
CA PRO S 162 77.93 73.40 -39.00
C PRO S 162 77.25 72.13 -39.46
N PRO S 163 77.34 71.05 -38.69
CA PRO S 163 76.65 69.82 -39.08
C PRO S 163 75.14 69.94 -38.91
N PHE S 164 74.42 69.11 -39.66
CA PHE S 164 72.96 69.13 -39.61
C PHE S 164 72.45 68.50 -38.32
N THR S 165 71.20 68.78 -38.01
CA THR S 165 70.60 68.29 -36.77
C THR S 165 70.16 66.84 -36.94
N PRO S 166 70.66 65.91 -36.13
CA PRO S 166 70.21 64.51 -36.25
C PRO S 166 68.75 64.36 -35.87
N ALA S 167 68.19 63.20 -36.20
CA ALA S 167 66.81 62.92 -35.83
C ALA S 167 66.63 62.94 -34.32
N VAL S 168 67.56 62.30 -33.60
CA VAL S 168 67.61 62.36 -32.14
C VAL S 168 69.06 62.55 -31.73
N TYR S 169 69.27 63.40 -30.73
CA TYR S 169 70.62 63.76 -30.32
C TYR S 169 70.66 63.96 -28.81
N VAL S 170 71.84 63.77 -28.25
CA VAL S 170 72.10 64.02 -26.83
C VAL S 170 73.27 64.98 -26.74
N PRO S 171 73.05 66.25 -26.38
CA PRO S 171 74.20 67.17 -26.27
C PRO S 171 75.17 66.73 -25.19
N LEU S 172 76.37 66.32 -25.60
CA LEU S 172 77.33 65.76 -24.65
C LEU S 172 77.81 66.79 -23.63
N SER S 173 77.88 68.06 -24.02
CA SER S 173 78.28 69.09 -23.07
C SER S 173 77.32 69.21 -21.91
N ARG S 174 76.01 69.09 -22.18
CA ARG S 174 75.00 69.17 -21.13
C ARG S 174 74.85 67.81 -20.46
N ARG S 175 75.69 67.59 -19.45
CA ARG S 175 75.68 66.36 -18.68
C ARG S 175 76.26 66.63 -17.30
N GLU S 176 75.78 65.86 -16.32
CA GLU S 176 76.27 65.98 -14.96
C GLU S 176 76.03 64.67 -14.23
N VAL S 177 76.83 64.44 -13.18
CA VAL S 177 76.66 63.30 -12.29
C VAL S 177 76.63 63.84 -10.87
N ASN S 178 75.58 63.48 -10.12
CA ASN S 178 75.43 63.91 -8.73
C ASN S 178 76.17 62.90 -7.87
N LYS S 179 77.45 63.18 -7.62
CA LYS S 179 78.28 62.24 -6.88
C LYS S 179 77.80 62.07 -5.44
N GLN S 180 77.00 63.01 -4.93
CA GLN S 180 76.47 62.88 -3.59
C GLN S 180 75.37 61.83 -3.49
N THR S 181 74.70 61.51 -4.61
CA THR S 181 73.63 60.52 -4.59
C THR S 181 73.76 59.51 -5.72
N GLN S 182 74.87 59.50 -6.45
CA GLN S 182 75.15 58.50 -7.48
C GLN S 182 74.02 58.44 -8.50
N ALA S 183 73.85 59.56 -9.22
CA ALA S 183 72.85 59.66 -10.27
C ALA S 183 73.45 60.38 -11.46
N LEU S 184 72.86 60.14 -12.63
CA LEU S 184 73.33 60.70 -13.89
C LEU S 184 72.17 61.37 -14.60
N ARG S 185 72.41 62.56 -15.16
CA ARG S 185 71.42 63.30 -15.90
C ARG S 185 71.96 63.67 -17.28
N PHE S 186 71.08 63.67 -18.28
CA PHE S 186 71.43 64.14 -19.61
C PHE S 186 70.14 64.58 -20.31
N VAL S 187 70.31 65.29 -21.42
CA VAL S 187 69.22 65.90 -22.16
C VAL S 187 69.01 65.13 -23.45
N LEU S 188 67.77 64.75 -23.71
CA LEU S 188 67.39 64.02 -24.92
C LEU S 188 66.52 64.93 -25.78
N GLY S 189 66.95 65.19 -27.00
CA GLY S 189 66.26 66.10 -27.90
C GLY S 189 65.86 65.41 -29.19
N VAL S 190 64.70 65.78 -29.71
CA VAL S 190 64.16 65.21 -30.94
C VAL S 190 63.92 66.34 -31.93
N SER S 191 64.44 66.19 -33.13
CA SER S 191 64.23 67.21 -34.15
C SER S 191 62.81 67.09 -34.72
N PRO S 192 62.26 68.18 -35.25
CA PRO S 192 60.93 68.10 -35.86
C PRO S 192 60.86 67.13 -37.03
N ALA S 193 62.02 66.85 -37.64
CA ALA S 193 62.08 66.03 -38.84
C ALA S 193 61.87 64.55 -38.58
N ALA S 194 61.99 64.11 -37.32
CA ALA S 194 61.80 62.69 -37.02
C ALA S 194 60.40 62.25 -37.42
N LYS S 195 60.30 61.04 -37.97
CA LYS S 195 59.04 60.52 -38.47
C LYS S 195 58.45 59.53 -37.48
N PRO S 196 57.14 59.54 -37.24
CA PRO S 196 56.57 58.63 -36.25
C PRO S 196 56.78 57.17 -36.64
N ALA S 197 56.75 56.30 -35.63
CA ALA S 197 56.87 54.85 -35.74
C ALA S 197 58.31 54.38 -35.89
N ASP S 198 59.28 55.28 -35.97
CA ASP S 198 60.67 54.89 -36.04
C ASP S 198 61.23 54.63 -34.65
N ILE S 199 62.29 53.85 -34.58
CA ILE S 199 62.88 53.41 -33.32
C ILE S 199 64.38 53.58 -33.38
N TYR S 200 64.96 54.05 -32.28
CA TYR S 200 66.41 54.21 -32.14
C TYR S 200 66.85 53.60 -30.82
N ARG S 201 68.12 53.20 -30.76
CA ARG S 201 68.70 52.56 -29.59
C ARG S 201 69.87 53.38 -29.09
N LEU S 202 69.98 53.51 -27.77
CA LEU S 202 71.03 54.29 -27.12
C LEU S 202 71.76 53.41 -26.13
N ASN S 203 73.10 53.42 -26.19
CA ASN S 203 73.94 52.64 -25.30
C ASN S 203 74.75 53.58 -24.41
N ILE S 204 74.85 53.22 -23.13
CA ILE S 204 75.55 54.03 -22.13
C ILE S 204 76.58 53.13 -21.45
N ARG S 205 77.82 53.61 -21.38
CA ARG S 205 78.89 52.92 -20.67
C ARG S 205 79.44 53.85 -19.59
N GLN S 206 79.18 53.51 -18.33
CA GLN S 206 79.51 54.36 -17.21
C GLN S 206 80.64 53.74 -16.40
N ALA S 207 81.54 54.58 -15.89
CA ALA S 207 82.72 54.13 -15.17
C ALA S 207 82.58 54.42 -13.69
N ALA S 208 83.34 53.67 -12.89
CA ALA S 208 83.38 53.86 -11.45
C ALA S 208 84.75 53.41 -10.95
N ILE S 209 85.15 53.95 -9.80
CA ILE S 209 86.48 53.71 -9.24
C ILE S 209 86.32 53.15 -7.83
N ASP S 210 87.06 52.10 -7.54
CA ASP S 210 87.00 51.47 -6.23
C ASP S 210 87.68 52.33 -5.17
N CYS S 211 87.67 51.85 -3.94
CA CYS S 211 88.37 52.54 -2.86
C CYS S 211 89.86 52.59 -3.11
N GLU S 212 90.45 51.48 -3.58
CA GLU S 212 91.89 51.40 -3.80
C GLU S 212 92.35 52.24 -4.98
N GLY S 213 91.44 52.68 -5.83
CA GLY S 213 91.81 53.53 -6.96
C GLY S 213 91.95 52.82 -8.28
N ASN S 214 90.97 52.03 -8.68
CA ASN S 214 90.97 51.37 -9.97
C ASN S 214 89.54 51.24 -10.48
N GLU S 215 89.41 51.05 -11.79
CA GLU S 215 88.16 51.33 -12.48
C GLU S 215 87.23 50.12 -12.53
N TYR S 216 85.94 50.41 -12.64
CA TYR S 216 84.91 49.45 -13.00
C TYR S 216 84.12 50.02 -14.16
N PHE S 217 83.15 49.26 -14.65
CA PHE S 217 82.33 49.73 -15.76
C PHE S 217 80.95 49.08 -15.70
N HIS S 218 80.00 49.73 -16.38
CA HIS S 218 78.61 49.27 -16.44
C HIS S 218 78.03 49.68 -17.78
N ILE S 219 77.19 48.81 -18.34
CA ILE S 219 76.60 49.01 -19.66
C ILE S 219 75.10 48.83 -19.56
N SER S 220 74.36 49.71 -20.24
CA SER S 220 72.91 49.63 -20.31
C SER S 220 72.46 50.22 -21.63
N CYS S 221 71.20 49.94 -22.00
CA CYS S 221 70.67 50.41 -23.26
C CYS S 221 69.20 50.77 -23.09
N TYR S 222 68.73 51.66 -23.97
CA TYR S 222 67.35 52.14 -23.96
C TYR S 222 66.82 52.21 -25.38
N ASP S 223 65.54 51.91 -25.54
CA ASP S 223 64.87 52.00 -26.84
C ASP S 223 64.00 53.25 -26.86
N ILE S 224 64.16 54.05 -27.92
CA ILE S 224 63.41 55.29 -28.10
C ILE S 224 62.53 55.13 -29.33
N SER S 225 61.23 55.32 -29.18
CA SER S 225 60.28 55.19 -30.26
C SER S 225 59.50 56.50 -30.41
N ILE S 226 59.41 56.98 -31.64
CA ILE S 226 58.73 58.24 -31.91
C ILE S 226 57.22 58.03 -31.86
N GLY S 227 56.52 58.93 -31.19
CA GLY S 227 55.08 58.83 -31.06
C GLY S 227 54.36 60.10 -31.45
N SER S 228 53.12 60.26 -30.97
CA SER S 228 52.33 61.44 -31.25
C SER S 228 51.25 61.55 -30.18
N CYS S 229 50.26 62.42 -30.41
CA CYS S 229 49.16 62.60 -29.49
C CYS S 229 47.88 62.80 -30.28
N GLY S 230 46.75 62.52 -29.64
CA GLY S 230 45.45 62.64 -30.28
C GLY S 230 44.33 62.91 -29.30
N CYS T 23 38.86 33.29 -48.82
CA CYS T 23 39.12 34.73 -48.72
C CYS T 23 37.93 35.43 -48.09
N GLU T 24 38.19 36.30 -47.13
CA GLU T 24 37.12 37.03 -46.47
C GLU T 24 36.40 37.92 -47.47
N SER T 25 35.09 38.05 -47.28
CA SER T 25 34.22 38.74 -48.22
C SER T 25 33.86 40.13 -47.69
N ILE T 26 33.90 41.12 -48.58
CA ILE T 26 33.50 42.49 -48.27
C ILE T 26 32.46 42.91 -49.28
N SER T 27 31.40 43.56 -48.80
CA SER T 27 30.33 44.08 -49.63
C SER T 27 30.36 45.60 -49.61
N ALA T 28 30.36 46.21 -50.79
CA ALA T 28 30.49 47.66 -50.92
C ALA T 28 29.41 48.19 -51.84
N ARG T 29 29.01 49.44 -51.59
CA ARG T 29 27.98 50.12 -52.37
C ARG T 29 28.59 51.27 -53.17
N PRO T 30 28.07 51.59 -54.35
CA PRO T 30 28.61 52.75 -55.10
C PRO T 30 28.51 54.04 -54.32
N GLY T 31 29.55 54.87 -54.37
CA GLY T 31 29.57 56.15 -53.69
C GLY T 31 29.89 56.09 -52.22
N GLU T 32 30.27 54.93 -51.68
CA GLU T 32 30.53 54.78 -50.26
C GLU T 32 32.01 54.91 -49.96
N VAL T 33 32.31 55.29 -48.71
CA VAL T 33 33.66 55.28 -48.17
C VAL T 33 33.52 54.80 -46.73
N ASN T 34 34.03 53.60 -46.44
CA ASN T 34 33.67 52.89 -45.22
C ASN T 34 34.80 52.73 -44.22
N GLY T 35 35.95 52.20 -44.62
CA GLY T 35 37.03 51.95 -43.68
C GLY T 35 37.02 50.53 -43.17
N VAL T 36 38.20 49.98 -42.89
CA VAL T 36 38.34 48.59 -42.49
C VAL T 36 39.43 48.48 -41.44
N MET T 37 39.28 47.50 -40.55
CA MET T 37 40.25 47.25 -39.48
C MET T 37 40.54 45.76 -39.41
N VAL T 38 41.82 45.41 -39.26
CA VAL T 38 42.25 44.02 -39.13
C VAL T 38 43.20 43.93 -37.94
N SER T 39 43.10 42.84 -37.18
CA SER T 39 43.87 42.65 -35.95
C SER T 39 44.93 41.57 -36.19
N TYR T 40 46.19 41.89 -35.85
CA TYR T 40 47.30 40.98 -36.04
C TYR T 40 47.84 40.40 -34.73
N VAL T 41 47.13 40.57 -33.61
CA VAL T 41 47.66 40.12 -32.33
C VAL T 41 47.90 38.61 -32.36
N ALA T 42 46.99 37.86 -33.00
CA ALA T 42 47.12 36.41 -33.01
C ALA T 42 48.37 35.94 -33.74
N TRP T 43 48.99 36.79 -34.55
CA TRP T 43 50.17 36.43 -35.33
C TRP T 43 51.44 37.11 -34.84
N SER T 44 51.33 38.30 -34.27
CA SER T 44 52.51 39.10 -33.95
C SER T 44 52.94 38.95 -32.50
N ALA T 45 52.00 38.69 -31.58
CA ALA T 45 52.35 38.62 -30.17
C ALA T 45 53.37 37.54 -29.86
N PRO T 46 53.21 36.28 -30.28
CA PRO T 46 54.17 35.25 -29.89
C PRO T 46 55.58 35.46 -30.44
N LEU T 47 55.74 36.27 -31.50
CA LEU T 47 57.06 36.49 -32.06
C LEU T 47 57.93 37.39 -31.20
N GLY T 48 57.35 38.11 -30.24
CA GLY T 48 58.13 39.07 -29.49
C GLY T 48 58.49 40.26 -30.37
N GLY T 49 59.68 40.81 -30.16
CA GLY T 49 60.10 41.93 -30.99
C GLY T 49 59.29 43.17 -30.69
N HIS T 50 59.21 44.05 -31.70
CA HIS T 50 58.54 45.33 -31.57
C HIS T 50 57.15 45.35 -32.20
N GLY T 51 56.80 44.34 -32.99
CA GLY T 51 55.47 44.30 -33.56
C GLY T 51 55.43 44.81 -35.00
N LEU T 52 54.33 45.46 -35.33
CA LEU T 52 54.11 45.95 -36.69
C LEU T 52 55.07 47.09 -37.00
N THR T 53 55.35 47.27 -38.30
CA THR T 53 56.35 48.23 -38.75
C THR T 53 55.78 49.37 -39.57
N ASN T 54 54.52 49.28 -40.00
CA ASN T 54 53.90 50.31 -40.83
C ASN T 54 54.54 50.35 -42.23
N LYS T 55 54.67 49.17 -42.83
CA LYS T 55 55.24 49.03 -44.17
C LYS T 55 54.33 48.17 -45.05
N THR T 56 53.04 48.46 -45.07
CA THR T 56 52.10 47.63 -45.81
C THR T 56 52.17 47.93 -47.31
N THR T 57 51.62 47.01 -48.10
CA THR T 57 51.54 47.15 -49.55
C THR T 57 50.22 46.58 -50.03
N PHE T 58 49.53 47.34 -50.88
CA PHE T 58 48.20 46.99 -51.37
C PHE T 58 48.24 46.77 -52.88
N GLU T 59 47.55 45.73 -53.33
CA GLU T 59 47.43 45.44 -54.76
C GLU T 59 46.01 45.04 -55.07
N PHE T 60 45.51 45.46 -56.22
CA PHE T 60 44.16 45.15 -56.68
C PHE T 60 44.21 44.26 -57.91
N GLU T 61 43.38 43.23 -57.94
CA GLU T 61 43.26 42.32 -59.06
C GLU T 61 41.80 42.16 -59.45
N ASN T 62 41.57 41.97 -60.73
CA ASN T 62 40.21 41.79 -61.24
C ASN T 62 39.85 40.31 -61.30
N VAL T 63 38.60 40.00 -60.94
CA VAL T 63 38.06 38.67 -61.18
C VAL T 63 36.78 38.70 -62.00
N SER T 64 36.01 39.79 -61.99
CA SER T 64 34.85 39.94 -62.85
C SER T 64 34.58 41.42 -63.00
N VAL T 65 34.88 41.98 -64.17
CA VAL T 65 34.71 43.40 -64.44
C VAL T 65 34.02 43.56 -65.79
N THR T 66 33.06 44.48 -65.84
CA THR T 66 32.33 44.78 -67.07
C THR T 66 32.81 46.12 -67.60
N GLU T 67 33.29 46.13 -68.83
CA GLU T 67 33.83 47.35 -69.40
C GLU T 67 32.74 48.41 -69.52
N PRO T 68 33.02 49.67 -69.23
CA PRO T 68 31.98 50.70 -69.31
C PRO T 68 31.57 50.96 -70.75
N LEU T 69 30.31 51.37 -70.91
CA LEU T 69 29.78 51.70 -72.22
C LEU T 69 29.87 53.19 -72.54
N VAL T 70 30.46 54.00 -71.66
CA VAL T 70 30.63 55.42 -71.89
C VAL T 70 32.06 55.79 -71.54
N ASN T 71 32.52 56.91 -72.09
CA ASN T 71 33.90 57.35 -71.95
C ASN T 71 33.95 58.60 -71.09
N SER T 72 34.84 58.61 -70.09
CA SER T 72 35.09 59.80 -69.32
C SER T 72 35.90 60.79 -70.15
N ALA T 73 35.73 62.08 -69.85
CA ALA T 73 36.37 63.13 -70.62
C ALA T 73 37.01 64.15 -69.69
N PHE T 74 37.86 64.99 -70.27
CA PHE T 74 38.56 66.03 -69.54
C PHE T 74 38.72 67.24 -70.43
N GLU T 75 38.52 68.43 -69.86
CA GLU T 75 38.60 69.67 -70.61
C GLU T 75 39.23 70.75 -69.75
N ARG T 76 39.56 71.87 -70.40
CA ARG T 76 40.26 72.98 -69.78
C ARG T 76 39.54 74.29 -70.10
N THR T 77 39.47 75.16 -69.10
CA THR T 77 38.83 76.45 -69.27
C THR T 77 39.67 77.55 -68.64
N PRO T 78 39.66 78.77 -69.20
CA PRO T 78 40.44 79.86 -68.61
C PRO T 78 39.86 80.34 -67.30
N PHE T 79 40.57 81.29 -66.68
CA PHE T 79 40.14 81.86 -65.41
C PHE T 79 38.79 82.56 -65.57
N ASN T 80 37.89 82.31 -64.63
CA ASN T 80 36.59 82.98 -64.56
C ASN T 80 35.86 82.95 -65.90
N THR T 81 36.06 81.89 -66.69
CA THR T 81 35.46 81.76 -68.01
C THR T 81 34.46 80.62 -67.99
N THR T 82 33.23 80.89 -68.42
CA THR T 82 32.22 79.85 -68.49
C THR T 82 32.59 78.82 -69.55
N LEU T 83 32.23 77.56 -69.29
CA LEU T 83 32.54 76.45 -70.18
C LEU T 83 31.25 75.82 -70.69
N ALA T 84 31.26 75.44 -71.96
CA ALA T 84 30.12 74.78 -72.58
C ALA T 84 30.59 73.50 -73.27
N GLY T 85 29.69 72.52 -73.34
CA GLY T 85 30.03 71.25 -73.96
C GLY T 85 28.79 70.42 -74.21
N SER T 86 29.03 69.20 -74.66
CA SER T 86 27.95 68.27 -74.97
C SER T 86 28.35 66.86 -74.56
N LEU T 87 27.39 66.10 -74.03
CA LEU T 87 27.63 64.74 -73.60
C LEU T 87 27.41 63.71 -74.70
N ALA T 88 26.92 64.14 -75.87
CA ALA T 88 26.53 63.17 -76.89
C ALA T 88 27.73 62.40 -77.43
N ALA T 89 28.90 63.04 -77.50
CA ALA T 89 30.07 62.40 -78.10
C ALA T 89 30.67 61.31 -77.21
N LEU T 90 30.18 61.15 -75.98
CA LEU T 90 30.77 60.23 -75.02
C LEU T 90 30.03 58.90 -74.93
N PHE T 91 29.11 58.61 -75.86
CA PHE T 91 28.32 57.38 -75.85
C PHE T 91 28.46 56.70 -77.20
N PRO T 92 29.55 55.96 -77.44
CA PRO T 92 29.78 55.31 -78.72
C PRO T 92 28.94 54.05 -78.93
N ASN T 93 27.63 54.22 -79.00
CA ASN T 93 26.74 53.08 -79.21
C ASN T 93 26.76 52.69 -80.69
N PRO T 94 27.14 51.46 -81.03
CA PRO T 94 27.11 51.06 -82.44
C PRO T 94 25.71 50.81 -82.98
N GLU T 95 24.74 50.55 -82.11
CA GLU T 95 23.36 50.33 -82.53
C GLU T 95 22.63 51.66 -82.65
N GLY T 96 21.37 51.58 -83.05
CA GLY T 96 20.51 52.75 -83.11
C GLY T 96 19.40 52.67 -82.09
N GLU T 97 19.51 53.51 -81.06
CA GLU T 97 18.50 53.57 -80.00
C GLU T 97 18.44 55.00 -79.48
N ALA T 98 17.30 55.31 -78.85
CA ALA T 98 17.11 56.65 -78.29
C ALA T 98 18.07 56.88 -77.12
N VAL T 99 18.38 58.14 -76.89
CA VAL T 99 19.31 58.54 -75.84
C VAL T 99 18.63 59.56 -74.94
N GLU T 100 18.99 59.53 -73.66
CA GLU T 100 18.55 60.52 -72.70
C GLU T 100 19.65 60.71 -71.67
N TYR T 101 19.82 61.94 -71.22
CA TYR T 101 20.94 62.33 -70.37
C TYR T 101 20.42 62.76 -69.01
N GLU T 102 21.31 62.69 -68.01
CA GLU T 102 20.94 63.06 -66.65
C GLU T 102 22.21 63.45 -65.90
N ILE T 103 22.02 64.22 -64.83
CA ILE T 103 23.11 64.64 -63.95
C ILE T 103 22.82 64.13 -62.56
N LEU T 104 23.76 63.38 -61.99
CA LEU T 104 23.59 62.81 -60.66
C LEU T 104 23.74 63.93 -59.65
N GLU T 105 22.65 64.25 -58.95
CA GLU T 105 22.66 65.34 -57.99
C GLU T 105 23.22 64.95 -56.64
N LEU T 106 23.43 63.66 -56.39
CA LEU T 106 24.01 63.24 -55.12
C LEU T 106 25.49 63.59 -55.02
N TYR T 107 26.15 63.86 -56.14
CA TYR T 107 27.58 64.17 -56.17
C TYR T 107 27.80 65.48 -56.92
N PRO T 108 27.34 66.59 -56.38
CA PRO T 108 27.46 67.87 -57.08
C PRO T 108 28.89 68.38 -57.08
N PRO T 109 29.26 69.24 -58.01
CA PRO T 109 30.59 69.86 -57.96
C PRO T 109 30.73 70.74 -56.72
N VAL T 110 31.97 70.85 -56.24
CA VAL T 110 32.25 71.53 -54.99
C VAL T 110 32.51 73.01 -55.24
N ASN T 111 32.98 73.35 -56.43
CA ASN T 111 33.38 74.73 -56.75
C ASN T 111 32.72 75.24 -58.03
N GLY T 112 31.49 74.85 -58.31
CA GLY T 112 30.82 75.33 -59.50
C GLY T 112 29.37 74.88 -59.52
N ILE T 113 28.68 75.30 -60.57
CA ILE T 113 27.28 74.94 -60.79
C ILE T 113 27.11 74.51 -62.23
N VAL T 114 26.41 73.40 -62.43
CA VAL T 114 26.19 72.83 -63.76
C VAL T 114 24.70 72.88 -64.07
N GLU T 115 24.39 72.91 -65.37
CA GLU T 115 23.00 72.99 -65.82
C GLU T 115 22.89 72.13 -67.08
N LEU T 116 22.17 71.02 -66.98
CA LEU T 116 21.98 70.15 -68.13
C LEU T 116 21.18 70.89 -69.21
N GLY T 117 21.68 70.84 -70.43
CA GLY T 117 21.10 71.56 -71.55
C GLY T 117 20.22 70.68 -72.41
N GLU T 118 20.10 71.06 -73.68
CA GLU T 118 19.26 70.34 -74.62
C GLU T 118 20.06 69.21 -75.28
N ASN T 119 19.42 68.06 -75.42
CA ASN T 119 19.96 66.90 -76.13
C ASN T 119 21.47 66.76 -75.94
N GLY T 120 21.88 66.71 -74.67
CA GLY T 120 23.26 66.45 -74.31
C GLY T 120 24.10 67.66 -74.01
N ALA T 121 23.61 68.87 -74.30
CA ALA T 121 24.38 70.07 -74.01
C ALA T 121 24.38 70.35 -72.51
N PHE T 122 25.40 71.07 -72.06
CA PHE T 122 25.53 71.44 -70.66
C PHE T 122 26.42 72.67 -70.55
N THR T 123 26.37 73.32 -69.39
CA THR T 123 27.15 74.51 -69.12
C THR T 123 27.66 74.46 -67.68
N TYR T 124 28.94 74.78 -67.51
CA TYR T 124 29.59 74.79 -66.21
C TYR T 124 30.06 76.21 -65.90
N ARG T 125 29.54 76.78 -64.81
CA ARG T 125 29.82 78.16 -64.43
C ARG T 125 30.64 78.18 -63.16
N PRO T 126 31.96 78.34 -63.24
CA PRO T 126 32.79 78.28 -62.02
C PRO T 126 32.54 79.46 -61.10
N ALA T 127 32.78 79.22 -59.82
CA ALA T 127 32.69 80.29 -58.83
C ALA T 127 33.83 81.29 -59.04
N THR T 128 33.57 82.54 -58.64
CA THR T 128 34.55 83.59 -58.85
C THR T 128 35.83 83.30 -58.05
N SER T 129 36.97 83.57 -58.68
CA SER T 129 38.30 83.47 -58.08
C SER T 129 38.73 82.04 -57.80
N PHE T 130 38.09 81.05 -58.43
CA PHE T 130 38.46 79.66 -58.20
C PHE T 130 39.53 79.22 -59.20
N THR T 131 40.39 78.32 -58.75
CA THR T 131 41.38 77.70 -59.62
C THR T 131 41.72 76.33 -59.04
N GLY T 132 41.68 75.30 -59.89
CA GLY T 132 41.94 73.95 -59.46
C GLY T 132 41.19 72.97 -60.34
N ILE T 133 40.84 71.83 -59.74
CA ILE T 133 40.17 70.75 -60.44
C ILE T 133 38.77 70.57 -59.85
N ASP T 134 37.82 70.17 -60.69
CA ASP T 134 36.46 69.92 -60.26
C ASP T 134 35.87 68.79 -61.10
N ARG T 135 34.80 68.18 -60.57
CA ARG T 135 34.23 67.00 -61.19
C ARG T 135 32.71 67.06 -61.12
N PHE T 136 32.06 66.31 -62.01
CA PHE T 136 30.65 66.00 -61.89
C PHE T 136 30.39 64.72 -62.66
N TRP T 137 29.44 63.93 -62.16
CA TRP T 137 29.16 62.60 -62.69
C TRP T 137 27.87 62.64 -63.49
N PHE T 138 27.94 62.15 -64.73
CA PHE T 138 26.80 62.18 -65.64
C PHE T 138 26.37 60.75 -65.96
N SER T 139 25.11 60.61 -66.37
CA SER T 139 24.53 59.32 -66.71
C SER T 139 23.87 59.40 -68.08
N ILE T 140 24.18 58.43 -68.94
CA ILE T 140 23.64 58.37 -70.29
C ILE T 140 22.92 57.05 -70.46
N ASN T 141 21.63 57.10 -70.76
CA ASN T 141 20.82 55.92 -71.05
C ASN T 141 20.96 54.83 -69.99
N GLY T 142 21.25 55.23 -68.75
CA GLY T 142 21.41 54.31 -67.66
C GLY T 142 22.85 54.04 -67.25
N ASN T 143 23.82 54.34 -68.11
CA ASN T 143 25.21 54.17 -67.76
C ASN T 143 25.71 55.36 -66.95
N VAL T 144 26.95 55.27 -66.48
CA VAL T 144 27.56 56.30 -65.65
C VAL T 144 28.97 56.58 -66.16
N GLY T 145 29.39 57.83 -66.03
CA GLY T 145 30.73 58.23 -66.44
C GLY T 145 31.19 59.41 -65.61
N GLU T 146 32.40 59.89 -65.93
CA GLU T 146 33.01 61.00 -65.21
C GLU T 146 33.39 62.10 -66.18
N PHE T 147 33.32 63.35 -65.71
CA PHE T 147 33.73 64.51 -66.47
C PHE T 147 34.58 65.39 -65.58
N VAL T 148 35.77 65.77 -66.04
CA VAL T 148 36.73 66.54 -65.26
C VAL T 148 36.95 67.87 -65.95
N ILE T 149 36.97 68.95 -65.16
CA ILE T 149 37.14 70.30 -65.66
C ILE T 149 38.26 70.98 -64.88
N ALA T 150 39.14 71.66 -65.60
CA ALA T 150 40.30 72.33 -65.00
C ALA T 150 40.19 73.83 -65.21
N VAL T 151 40.41 74.59 -64.15
CA VAL T 151 40.39 76.06 -64.19
C VAL T 151 41.83 76.53 -64.03
N ASP T 152 42.38 77.14 -65.07
CA ASP T 152 43.78 77.54 -65.04
C ASP T 152 43.95 78.85 -64.27
N PRO T 153 45.11 79.06 -63.64
CA PRO T 153 45.39 80.36 -63.04
C PRO T 153 45.55 81.42 -64.11
N ALA T 154 45.26 82.67 -63.73
CA ALA T 154 45.28 83.76 -64.70
C ALA T 154 46.69 84.12 -65.13
N GLN T 155 47.67 84.06 -64.22
CA GLN T 155 49.01 84.57 -64.47
C GLN T 155 50.05 83.54 -64.02
N GLY T 156 49.86 82.29 -64.44
CA GLY T 156 50.80 81.24 -64.09
C GLY T 156 50.71 80.05 -65.03
N PRO T 157 51.61 79.09 -64.85
CA PRO T 157 51.59 77.89 -65.70
C PRO T 157 50.33 77.06 -65.46
N GLN T 158 49.90 76.35 -66.51
CA GLN T 158 48.71 75.55 -66.43
C GLN T 158 48.91 74.37 -65.49
N ILE T 159 47.81 73.85 -64.96
CA ILE T 159 47.84 72.73 -64.04
C ILE T 159 47.81 71.43 -64.82
N ALA T 160 48.52 70.42 -64.30
CA ALA T 160 48.62 69.14 -64.99
C ALA T 160 47.31 68.37 -64.92
N GLN T 161 47.08 67.52 -65.91
CA GLN T 161 45.87 66.72 -65.95
C GLN T 161 45.89 65.69 -64.82
N PRO T 162 44.80 65.54 -64.06
CA PRO T 162 44.77 64.54 -63.01
C PRO T 162 44.26 63.21 -63.54
N PRO T 163 44.64 62.10 -62.91
CA PRO T 163 44.12 60.80 -63.34
C PRO T 163 42.65 60.61 -62.93
N PHE T 164 41.96 59.76 -63.68
CA PHE T 164 40.57 59.47 -63.36
C PHE T 164 40.48 58.57 -62.13
N THR T 165 39.38 58.69 -61.40
CA THR T 165 39.19 57.92 -60.18
C THR T 165 38.86 56.47 -60.54
N PRO T 166 39.63 55.49 -60.04
CA PRO T 166 39.33 54.10 -60.37
C PRO T 166 37.99 53.65 -59.78
N ALA T 167 37.64 52.40 -60.09
CA ALA T 167 36.39 51.85 -59.56
C ALA T 167 36.45 51.70 -58.05
N VAL T 168 37.51 51.08 -57.54
CA VAL T 168 37.76 50.96 -56.11
C VAL T 168 39.21 51.33 -55.84
N TYR T 169 39.43 52.14 -54.80
CA TYR T 169 40.75 52.65 -54.51
C TYR T 169 40.94 52.74 -53.00
N VAL T 170 42.20 52.75 -52.59
CA VAL T 170 42.56 52.86 -51.18
C VAL T 170 43.49 54.06 -51.02
N PRO T 171 43.03 55.19 -50.49
CA PRO T 171 43.95 56.32 -50.29
C PRO T 171 45.09 55.94 -49.37
N LEU T 172 46.32 55.98 -49.89
CA LEU T 172 47.46 55.44 -49.16
C LEU T 172 47.96 56.38 -48.05
N SER T 173 47.54 57.64 -48.05
CA SER T 173 47.93 58.54 -46.97
C SER T 173 47.03 58.41 -45.75
N ARG T 174 45.85 57.82 -45.91
CA ARG T 174 44.92 57.61 -44.79
C ARG T 174 45.07 56.19 -44.28
N ARG T 175 46.18 55.96 -43.59
CA ARG T 175 46.57 54.61 -43.18
C ARG T 175 47.44 54.71 -41.94
N GLU T 176 47.18 53.84 -40.96
CA GLU T 176 47.90 53.88 -39.71
C GLU T 176 47.88 52.50 -39.07
N VAL T 177 48.84 52.28 -38.16
CA VAL T 177 48.94 51.05 -37.39
C VAL T 177 49.04 51.43 -35.92
N ASN T 178 48.29 50.74 -35.08
CA ASN T 178 48.29 50.97 -33.64
C ASN T 178 49.20 49.94 -32.98
N LYS T 179 50.20 50.43 -32.25
CA LYS T 179 51.16 49.53 -31.61
C LYS T 179 50.70 49.05 -30.24
N GLN T 180 49.64 49.64 -29.69
CA GLN T 180 49.13 49.17 -28.40
C GLN T 180 48.29 47.92 -28.54
N THR T 181 47.73 47.66 -29.74
CA THR T 181 46.90 46.49 -29.95
C THR T 181 47.20 45.78 -31.27
N GLN T 182 48.20 46.23 -32.02
CA GLN T 182 48.60 45.55 -33.25
C GLN T 182 47.43 45.47 -34.23
N ALA T 183 46.90 46.62 -34.60
CA ALA T 183 45.77 46.71 -35.51
C ALA T 183 46.09 47.67 -36.65
N LEU T 184 45.60 47.36 -37.84
CA LEU T 184 45.82 48.18 -39.03
C LEU T 184 44.49 48.76 -39.49
N ARG T 185 44.51 50.03 -39.87
CA ARG T 185 43.33 50.72 -40.37
C ARG T 185 43.63 51.30 -41.75
N PHE T 186 42.66 51.16 -42.66
CA PHE T 186 42.74 51.80 -43.97
C PHE T 186 41.33 52.12 -44.42
N VAL T 187 41.23 52.91 -45.49
CA VAL T 187 39.96 53.48 -45.93
C VAL T 187 39.66 52.93 -47.32
N LEU T 188 38.63 52.09 -47.41
CA LEU T 188 38.16 51.60 -48.70
C LEU T 188 37.15 52.59 -49.28
N GLY T 189 37.24 52.82 -50.58
CA GLY T 189 36.34 53.76 -51.24
C GLY T 189 35.88 53.21 -52.57
N VAL T 190 34.66 53.59 -52.94
CA VAL T 190 34.02 53.12 -54.18
C VAL T 190 33.56 54.33 -54.97
N SER T 191 33.87 54.33 -56.26
CA SER T 191 33.43 55.41 -57.13
C SER T 191 31.96 55.23 -57.50
N PRO T 192 31.26 56.31 -57.84
CA PRO T 192 29.85 56.17 -58.24
C PRO T 192 29.66 55.30 -59.47
N ALA T 193 30.71 55.14 -60.27
CA ALA T 193 30.62 54.46 -61.55
C ALA T 193 30.75 52.94 -61.45
N ALA T 194 31.07 52.40 -60.27
CA ALA T 194 31.24 50.96 -60.15
C ALA T 194 29.94 50.25 -60.48
N LYS T 195 30.02 49.25 -61.35
CA LYS T 195 28.82 48.54 -61.79
C LYS T 195 28.44 47.48 -60.77
N PRO T 196 27.18 47.41 -60.33
CA PRO T 196 26.80 46.39 -59.36
C PRO T 196 27.00 44.99 -59.90
N ALA T 197 27.26 44.05 -58.99
CA ALA T 197 27.53 42.64 -59.25
C ALA T 197 28.98 42.39 -59.67
N ASP T 198 29.81 43.41 -59.79
CA ASP T 198 31.21 43.19 -60.10
C ASP T 198 31.96 42.73 -58.85
N ILE T 199 33.15 42.18 -59.07
CA ILE T 199 33.98 41.65 -58.00
C ILE T 199 35.44 42.03 -58.24
N TYR T 200 36.11 42.49 -57.20
CA TYR T 200 37.55 42.76 -57.23
C TYR T 200 38.22 42.03 -56.08
N ARG T 201 39.53 41.86 -56.18
CA ARG T 201 40.33 41.18 -55.16
C ARG T 201 41.40 42.13 -54.65
N LEU T 202 41.60 42.14 -53.34
CA LEU T 202 42.57 43.01 -52.67
C LEU T 202 43.59 42.14 -51.95
N ASN T 203 44.86 42.47 -52.11
CA ASN T 203 45.96 41.77 -51.44
C ASN T 203 46.69 42.72 -50.52
N ILE T 204 47.13 42.21 -49.37
CA ILE T 204 47.83 42.99 -48.37
C ILE T 204 49.05 42.21 -47.91
N ARG T 205 50.17 42.92 -47.74
CA ARG T 205 51.40 42.34 -47.23
C ARG T 205 51.92 43.22 -46.10
N GLN T 206 51.81 42.73 -44.86
CA GLN T 206 52.15 43.50 -43.67
C GLN T 206 53.46 42.97 -43.11
N ALA T 207 54.28 43.88 -42.59
CA ALA T 207 55.62 43.56 -42.10
C ALA T 207 55.73 43.83 -40.61
N ALA T 208 56.39 42.92 -39.90
CA ALA T 208 56.70 43.08 -38.49
C ALA T 208 58.17 42.77 -38.29
N ILE T 209 58.75 43.36 -37.24
CA ILE T 209 60.19 43.28 -37.00
C ILE T 209 60.45 42.60 -35.67
N ASP T 210 61.59 41.93 -35.57
CA ASP T 210 62.04 41.38 -34.30
C ASP T 210 62.73 42.47 -33.49
N CYS T 211 63.41 42.06 -32.42
CA CYS T 211 64.03 43.03 -31.52
C CYS T 211 65.21 43.77 -32.15
N GLU T 212 65.78 43.26 -33.23
CA GLU T 212 66.96 43.85 -33.84
C GLU T 212 66.70 44.53 -35.17
N GLY T 213 65.48 44.49 -35.68
CA GLY T 213 65.13 45.16 -36.92
C GLY T 213 64.95 44.25 -38.12
N ASN T 214 65.05 42.94 -37.96
CA ASN T 214 64.81 42.01 -39.05
C ASN T 214 63.31 41.73 -39.17
N GLU T 215 62.84 41.58 -40.40
CA GLU T 215 61.42 41.65 -40.70
C GLU T 215 60.78 40.27 -40.84
N TYR T 216 59.49 40.21 -40.52
CA TYR T 216 58.61 39.11 -40.86
C TYR T 216 57.50 39.64 -41.75
N PHE T 217 56.91 38.78 -42.57
CA PHE T 217 55.88 39.20 -43.52
C PHE T 217 54.67 38.29 -43.42
N HIS T 218 53.49 38.88 -43.65
CA HIS T 218 52.22 38.17 -43.62
C HIS T 218 51.39 38.62 -44.81
N ILE T 219 50.70 37.67 -45.45
CA ILE T 219 49.97 37.92 -46.68
C ILE T 219 48.53 37.47 -46.49
N SER T 220 47.58 38.27 -46.99
CA SER T 220 46.16 37.94 -46.92
C SER T 220 45.45 38.67 -48.06
N CYS T 221 44.25 38.21 -48.37
CA CYS T 221 43.48 38.80 -49.46
C CYS T 221 42.00 38.78 -49.12
N TYR T 222 41.25 39.70 -49.72
CA TYR T 222 39.83 39.84 -49.50
C TYR T 222 39.12 40.07 -50.83
N ASP T 223 37.86 39.67 -50.90
CA ASP T 223 37.05 39.80 -52.11
C ASP T 223 36.01 40.89 -51.89
N ILE T 224 35.94 41.84 -52.82
CA ILE T 224 35.03 42.97 -52.73
C ILE T 224 34.00 42.84 -53.84
N SER T 225 32.72 42.80 -53.45
CA SER T 225 31.62 42.65 -54.39
C SER T 225 30.69 43.86 -54.27
N ILE T 226 30.31 44.43 -55.40
CA ILE T 226 29.51 45.65 -55.41
C ILE T 226 28.05 45.29 -55.18
N GLY T 227 27.41 45.98 -54.24
CA GLY T 227 26.04 45.73 -53.88
C GLY T 227 25.09 46.82 -54.35
N SER T 228 23.96 46.92 -53.65
CA SER T 228 22.93 47.89 -54.00
C SER T 228 21.95 47.97 -52.83
N CYS T 229 20.86 48.72 -53.04
CA CYS T 229 19.85 48.91 -52.03
C CYS T 229 18.71 47.90 -52.21
N GLY T 230 17.65 48.08 -51.43
CA GLY T 230 16.49 47.22 -51.53
C GLY T 230 15.39 47.59 -50.54
N CYS U 23 58.28 12.93 -38.82
CA CYS U 23 58.19 14.01 -39.79
C CYS U 23 57.00 14.92 -39.49
N GLU U 24 57.25 15.96 -38.70
CA GLU U 24 56.22 16.96 -38.47
C GLU U 24 55.91 17.71 -39.76
N SER U 25 54.68 18.20 -39.86
CA SER U 25 54.18 18.83 -41.07
C SER U 25 54.09 20.33 -40.90
N ILE U 26 54.63 21.06 -41.87
CA ILE U 26 54.59 22.52 -41.90
C ILE U 26 53.98 22.94 -43.22
N SER U 27 53.15 23.99 -43.18
CA SER U 27 52.51 24.54 -44.36
C SER U 27 52.96 25.98 -44.54
N ALA U 28 53.41 26.33 -45.74
CA ALA U 28 53.95 27.65 -46.02
C ALA U 28 53.31 28.21 -47.28
N ARG U 29 53.23 29.54 -47.34
CA ARG U 29 52.67 30.25 -48.47
C ARG U 29 53.76 31.03 -49.21
N PRO U 30 53.67 31.18 -50.54
CA PRO U 30 54.68 31.99 -51.24
C PRO U 30 54.74 33.42 -50.74
N GLY U 31 55.94 33.97 -50.61
CA GLY U 31 56.11 35.33 -50.16
C GLY U 31 56.05 35.53 -48.66
N GLU U 32 56.03 34.47 -47.89
CA GLU U 32 55.85 34.56 -46.45
C GLU U 32 57.18 34.38 -45.72
N VAL U 33 57.26 34.95 -44.52
CA VAL U 33 58.36 34.74 -43.59
C VAL U 33 57.75 34.60 -42.20
N ASN U 34 57.78 33.40 -41.64
CA ASN U 34 56.95 33.07 -40.49
C ASN U 34 57.69 32.85 -39.18
N GLY U 35 58.76 32.08 -39.16
CA GLY U 35 59.45 31.80 -37.91
C GLY U 35 58.91 30.57 -37.21
N VAL U 36 59.78 29.81 -36.57
CA VAL U 36 59.41 28.53 -35.94
C VAL U 36 60.16 28.39 -34.63
N MET U 37 59.60 27.61 -33.71
CA MET U 37 60.21 27.35 -32.41
C MET U 37 60.03 25.88 -32.06
N VAL U 38 61.09 25.27 -31.54
CA VAL U 38 61.05 23.89 -31.08
C VAL U 38 61.63 23.84 -29.66
N SER U 39 61.05 22.98 -28.83
CA SER U 39 61.39 22.90 -27.41
C SER U 39 62.11 21.60 -27.13
N TYR U 40 63.31 21.70 -26.57
CA TYR U 40 64.13 20.54 -26.24
C TYR U 40 64.12 20.21 -24.74
N VAL U 41 63.22 20.82 -23.97
CA VAL U 41 63.25 20.63 -22.52
C VAL U 41 63.05 19.17 -22.16
N ALA U 42 62.21 18.45 -22.92
CA ALA U 42 61.92 17.06 -22.60
C ALA U 42 63.10 16.14 -22.87
N TRP U 43 64.16 16.63 -23.52
CA TRP U 43 65.30 15.80 -23.90
C TRP U 43 66.57 16.16 -23.14
N SER U 44 66.88 17.45 -23.00
CA SER U 44 68.13 17.86 -22.41
C SER U 44 68.06 18.02 -20.89
N ALA U 45 66.86 18.16 -20.33
CA ALA U 45 66.76 18.36 -18.88
C ALA U 45 67.32 17.17 -18.11
N PRO U 46 66.92 15.92 -18.37
CA PRO U 46 67.45 14.80 -17.56
C PRO U 46 68.93 14.57 -17.73
N LEU U 47 69.55 15.07 -18.81
CA LEU U 47 70.97 14.84 -19.03
C LEU U 47 71.85 15.63 -18.07
N GLY U 48 71.28 16.55 -17.30
CA GLY U 48 72.11 17.43 -16.50
C GLY U 48 72.96 18.32 -17.38
N GLY U 49 74.18 18.59 -16.95
CA GLY U 49 75.06 19.37 -17.78
C GLY U 49 74.61 20.82 -17.90
N HIS U 50 75.04 21.45 -18.99
CA HIS U 50 74.78 22.86 -19.24
C HIS U 50 73.68 23.09 -20.27
N GLY U 51 73.17 22.04 -20.90
CA GLY U 51 72.06 22.21 -21.82
C GLY U 51 72.50 22.45 -23.26
N LEU U 52 71.70 23.23 -23.98
CA LEU U 52 71.96 23.48 -25.38
C LEU U 52 73.24 24.28 -25.57
N THR U 53 73.82 24.18 -26.77
CA THR U 53 75.15 24.73 -27.03
C THR U 53 75.15 25.77 -28.15
N ASN U 54 74.06 25.90 -28.90
CA ASN U 54 74.00 26.83 -30.03
C ASN U 54 74.97 26.43 -31.14
N LYS U 55 74.86 25.17 -31.57
CA LYS U 55 75.69 24.62 -32.64
C LYS U 55 74.83 23.82 -33.62
N THR U 56 73.70 24.40 -34.03
CA THR U 56 72.77 23.68 -34.90
C THR U 56 73.28 23.65 -36.33
N THR U 57 72.70 22.74 -37.12
CA THR U 57 73.02 22.60 -38.53
C THR U 57 71.76 22.25 -39.30
N PHE U 58 71.58 22.88 -40.46
CA PHE U 58 70.38 22.71 -41.27
C PHE U 58 70.76 22.17 -42.65
N GLU U 59 69.88 21.33 -43.20
CA GLU U 59 70.04 20.81 -44.54
C GLU U 59 68.67 20.66 -45.18
N PHE U 60 68.58 20.91 -46.48
CA PHE U 60 67.33 20.81 -47.22
C PHE U 60 67.45 19.74 -48.29
N GLU U 61 66.39 18.95 -48.44
CA GLU U 61 66.32 17.90 -49.44
C GLU U 61 64.99 17.99 -50.17
N ASN U 62 65.02 17.66 -51.46
CA ASN U 62 63.82 17.69 -52.27
C ASN U 62 63.11 16.33 -52.25
N VAL U 63 61.78 16.37 -52.22
CA VAL U 63 60.97 15.17 -52.40
C VAL U 63 60.06 15.29 -53.61
N SER U 64 59.46 16.46 -53.83
CA SER U 64 58.66 16.72 -55.03
C SER U 64 58.86 18.17 -55.41
N VAL U 65 59.62 18.41 -56.48
CA VAL U 65 59.89 19.75 -56.96
C VAL U 65 59.68 19.79 -58.47
N THR U 66 59.05 20.85 -58.95
CA THR U 66 58.77 21.04 -60.36
C THR U 66 59.74 22.09 -60.90
N GLU U 67 60.47 21.74 -61.96
CA GLU U 67 61.45 22.65 -62.51
C GLU U 67 60.77 23.90 -63.06
N PRO U 68 61.38 25.07 -62.88
CA PRO U 68 60.74 26.30 -63.37
C PRO U 68 60.72 26.34 -64.89
N LEU U 69 59.70 27.00 -65.44
CA LEU U 69 59.58 27.18 -66.87
C LEU U 69 60.10 28.52 -67.35
N VAL U 70 60.68 29.34 -66.46
CA VAL U 70 61.28 30.61 -66.82
C VAL U 70 62.64 30.70 -66.13
N ASN U 71 63.50 31.56 -66.67
CA ASN U 71 64.86 31.70 -66.20
C ASN U 71 65.08 33.08 -65.58
N SER U 72 65.77 33.12 -64.46
CA SER U 72 66.15 34.40 -63.87
C SER U 72 67.31 35.00 -64.66
N ALA U 73 67.63 36.26 -64.35
CA ALA U 73 68.66 36.97 -65.08
C ALA U 73 69.37 37.94 -64.14
N PHE U 74 70.46 38.52 -64.63
CA PHE U 74 71.25 39.48 -63.88
C PHE U 74 71.92 40.43 -64.85
N GLU U 75 71.97 41.71 -64.49
CA GLU U 75 72.53 42.75 -65.34
C GLU U 75 73.23 43.80 -64.49
N ARG U 76 73.91 44.72 -65.16
CA ARG U 76 74.62 45.81 -64.51
C ARG U 76 74.27 47.13 -65.18
N THR U 77 74.33 48.21 -64.40
CA THR U 77 74.03 49.54 -64.91
C THR U 77 75.00 50.53 -64.27
N PRO U 78 75.50 51.51 -65.03
CA PRO U 78 76.41 52.50 -64.43
C PRO U 78 75.69 53.39 -63.44
N PHE U 79 76.49 54.16 -62.70
CA PHE U 79 75.95 55.05 -61.67
C PHE U 79 74.93 56.01 -62.25
N ASN U 80 73.79 56.13 -61.57
CA ASN U 80 72.76 57.09 -61.95
C ASN U 80 72.38 56.95 -63.42
N THR U 81 72.45 55.74 -63.96
CA THR U 81 72.18 55.47 -65.37
C THR U 81 70.92 54.61 -65.49
N THR U 82 70.04 54.99 -66.41
CA THR U 82 68.83 54.22 -66.64
C THR U 82 69.16 52.90 -67.33
N LEU U 83 68.31 51.91 -67.12
CA LEU U 83 68.49 50.58 -67.69
C LEU U 83 67.23 50.17 -68.45
N ALA U 84 67.43 49.34 -69.47
CA ALA U 84 66.33 48.85 -70.28
C ALA U 84 66.61 47.41 -70.68
N GLY U 85 65.55 46.69 -71.02
CA GLY U 85 65.70 45.30 -71.41
C GLY U 85 64.36 44.73 -71.84
N SER U 86 64.37 43.42 -72.11
CA SER U 86 63.18 42.72 -72.55
C SER U 86 63.08 41.38 -71.85
N LEU U 87 61.85 41.01 -71.48
CA LEU U 87 61.63 39.75 -70.78
C LEU U 87 61.40 38.58 -71.74
N ALA U 88 61.27 38.84 -73.04
CA ALA U 88 60.89 37.78 -73.97
C ALA U 88 61.94 36.68 -74.03
N ALA U 89 63.22 37.02 -73.83
CA ALA U 89 64.29 36.04 -73.94
C ALA U 89 64.33 35.07 -72.76
N LEU U 90 63.54 35.29 -71.72
CA LEU U 90 63.59 34.48 -70.51
C LEU U 90 62.51 33.42 -70.45
N PHE U 91 61.77 33.19 -71.54
CA PHE U 91 60.70 32.21 -71.58
C PHE U 91 61.01 31.19 -72.68
N PRO U 92 61.87 30.21 -72.42
CA PRO U 92 62.26 29.24 -73.47
C PRO U 92 61.17 28.22 -73.75
N ASN U 93 60.03 28.69 -74.23
CA ASN U 93 58.96 27.77 -74.59
C ASN U 93 59.28 27.09 -75.92
N PRO U 94 59.27 25.76 -75.96
CA PRO U 94 59.55 25.07 -77.24
C PRO U 94 58.38 25.12 -78.21
N GLU U 95 57.16 25.37 -77.73
CA GLU U 95 56.01 25.47 -78.61
C GLU U 95 55.82 26.91 -79.06
N GLY U 96 54.74 27.15 -79.81
CA GLY U 96 54.36 28.48 -80.20
C GLY U 96 52.98 28.87 -79.68
N GLU U 97 52.95 29.76 -78.70
CA GLU U 97 51.68 30.21 -78.13
C GLU U 97 51.81 31.67 -77.73
N ALA U 98 50.66 32.31 -77.54
CA ALA U 98 50.63 33.71 -77.14
C ALA U 98 51.28 33.89 -75.77
N VAL U 99 51.91 35.04 -75.59
CA VAL U 99 52.60 35.35 -74.33
C VAL U 99 52.12 36.69 -73.82
N GLU U 100 52.19 36.85 -72.50
CA GLU U 100 51.87 38.13 -71.87
C GLU U 100 52.64 38.22 -70.57
N TYR U 101 53.03 39.44 -70.22
CA TYR U 101 53.96 39.68 -69.12
C TYR U 101 53.26 40.50 -68.04
N GLU U 102 53.81 40.42 -66.83
CA GLU U 102 53.28 41.18 -65.71
C GLU U 102 54.39 41.40 -64.69
N ILE U 103 54.29 42.50 -63.95
CA ILE U 103 55.20 42.80 -62.86
C ILE U 103 54.42 42.68 -61.55
N LEU U 104 54.89 41.82 -60.65
CA LEU U 104 54.21 41.58 -59.39
C LEU U 104 54.37 42.82 -58.52
N GLU U 105 53.32 43.63 -58.47
CA GLU U 105 53.36 44.87 -57.72
C GLU U 105 53.39 44.65 -56.21
N LEU U 106 53.13 43.43 -55.75
CA LEU U 106 53.12 43.17 -54.31
C LEU U 106 54.53 43.10 -53.73
N TYR U 107 55.55 42.95 -54.57
CA TYR U 107 56.95 42.90 -54.13
C TYR U 107 57.74 43.93 -54.94
N PRO U 108 57.54 45.21 -54.67
CA PRO U 108 58.18 46.24 -55.49
C PRO U 108 59.65 46.35 -55.18
N PRO U 109 60.44 46.93 -56.08
CA PRO U 109 61.85 47.18 -55.78
C PRO U 109 62.00 48.19 -54.65
N VAL U 110 63.11 48.08 -53.92
CA VAL U 110 63.30 48.91 -52.74
C VAL U 110 64.00 50.22 -53.06
N ASN U 111 64.80 50.27 -54.13
CA ASN U 111 65.59 51.46 -54.45
C ASN U 111 65.45 51.86 -55.91
N GLY U 112 64.25 51.75 -56.48
CA GLY U 112 64.04 52.15 -57.85
C GLY U 112 62.59 52.01 -58.26
N ILE U 113 62.33 52.30 -59.52
CA ILE U 113 60.98 52.20 -60.09
C ILE U 113 61.09 51.48 -61.43
N VAL U 114 60.06 50.70 -61.75
CA VAL U 114 60.02 49.91 -62.97
C VAL U 114 58.73 50.20 -63.72
N GLU U 115 58.80 50.09 -65.05
CA GLU U 115 57.66 50.36 -65.91
C GLU U 115 57.61 49.26 -66.97
N LEU U 116 56.52 48.52 -67.01
CA LEU U 116 56.35 47.46 -68.00
C LEU U 116 56.04 48.08 -69.36
N GLY U 117 56.80 47.69 -70.39
CA GLY U 117 56.67 48.23 -71.71
C GLY U 117 55.92 47.32 -72.65
N GLU U 118 56.12 47.54 -73.95
CA GLU U 118 55.43 46.76 -74.96
C GLU U 118 56.09 45.40 -75.12
N ASN U 119 55.26 44.38 -75.33
CA ASN U 119 55.69 43.01 -75.67
C ASN U 119 57.00 42.65 -74.98
N GLY U 120 57.00 42.73 -73.66
CA GLY U 120 58.12 42.28 -72.86
C GLY U 120 59.17 43.33 -72.55
N ALA U 121 59.07 44.52 -73.14
CA ALA U 121 60.03 45.57 -72.85
C ALA U 121 59.77 46.16 -71.46
N PHE U 122 60.85 46.62 -70.82
CA PHE U 122 60.74 47.22 -69.50
C PHE U 122 61.87 48.21 -69.32
N THR U 123 61.71 49.09 -68.33
CA THR U 123 62.70 50.12 -68.02
C THR U 123 62.84 50.24 -66.51
N TYR U 124 64.09 50.34 -66.05
CA TYR U 124 64.40 50.47 -64.63
C TYR U 124 65.11 51.80 -64.40
N ARG U 125 64.58 52.60 -63.48
CA ARG U 125 65.10 53.94 -63.22
C ARG U 125 65.62 54.01 -61.79
N PRO U 126 66.92 53.85 -61.57
CA PRO U 126 67.44 53.86 -60.19
C PRO U 126 67.31 55.22 -59.55
N ALA U 127 67.14 55.21 -58.24
CA ALA U 127 67.10 56.46 -57.48
C ALA U 127 68.48 57.11 -57.47
N THR U 128 68.49 58.44 -57.39
CA THR U 128 69.74 59.17 -57.42
C THR U 128 70.63 58.78 -56.25
N SER U 129 71.92 58.65 -56.53
CA SER U 129 72.96 58.38 -55.52
C SER U 129 72.88 56.96 -54.97
N PHE U 130 72.08 56.08 -55.54
CA PHE U 130 71.98 54.72 -55.05
C PHE U 130 73.09 53.85 -55.62
N THR U 131 73.55 52.90 -54.82
CA THR U 131 74.51 51.89 -55.27
C THR U 131 74.31 50.64 -54.45
N GLY U 132 74.23 49.50 -55.11
CA GLY U 132 73.99 48.23 -54.45
C GLY U 132 73.24 47.29 -55.36
N ILE U 133 72.42 46.44 -54.74
CA ILE U 133 71.66 45.40 -55.44
C ILE U 133 70.18 45.69 -55.26
N ASP U 134 69.37 45.24 -56.23
CA ASP U 134 67.93 45.41 -56.18
C ASP U 134 67.28 44.28 -56.96
N ARG U 135 65.99 44.08 -56.72
CA ARG U 135 65.26 42.95 -57.29
C ARG U 135 63.86 43.37 -57.68
N PHE U 136 63.27 42.61 -58.59
CA PHE U 136 61.84 42.69 -58.87
C PHE U 136 61.43 41.40 -59.54
N TRP U 137 60.24 40.92 -59.17
CA TRP U 137 59.75 39.61 -59.59
C TRP U 137 58.73 39.78 -60.69
N PHE U 138 58.95 39.09 -61.82
CA PHE U 138 58.10 39.20 -62.99
C PHE U 138 57.39 37.89 -63.25
N SER U 139 56.28 37.97 -63.98
CA SER U 139 55.46 36.82 -64.31
C SER U 139 55.26 36.74 -65.81
N ILE U 140 55.44 35.54 -66.37
CA ILE U 140 55.27 35.29 -67.79
C ILE U 140 54.28 34.15 -67.96
N ASN U 141 53.14 34.44 -68.60
CA ASN U 141 52.16 33.42 -68.95
C ASN U 141 51.77 32.59 -67.73
N GLY U 142 51.76 33.21 -66.55
CA GLY U 142 51.41 32.54 -65.32
C GLY U 142 52.58 32.05 -64.50
N ASN U 143 53.76 31.90 -65.10
CA ASN U 143 54.93 31.49 -64.35
C ASN U 143 55.55 32.69 -63.63
N VAL U 144 56.53 32.41 -62.77
CA VAL U 144 57.18 33.43 -61.95
C VAL U 144 58.68 33.28 -62.07
N GLY U 145 59.38 34.41 -62.09
CA GLY U 145 60.83 34.41 -62.18
C GLY U 145 61.40 35.60 -61.43
N GLU U 146 62.72 35.66 -61.37
CA GLU U 146 63.43 36.70 -60.65
C GLU U 146 64.30 37.49 -61.61
N PHE U 147 64.47 38.78 -61.33
CA PHE U 147 65.38 39.64 -62.07
C PHE U 147 66.20 40.45 -61.08
N VAL U 148 67.51 40.46 -61.26
CA VAL U 148 68.43 41.11 -60.33
C VAL U 148 69.21 42.17 -61.09
N ILE U 149 69.31 43.36 -60.50
CA ILE U 149 70.01 44.50 -61.11
C ILE U 149 70.97 45.06 -60.07
N ALA U 150 72.17 45.41 -60.51
CA ALA U 150 73.21 45.95 -59.65
C ALA U 150 73.62 47.33 -60.15
N VAL U 151 73.75 48.27 -59.23
CA VAL U 151 74.18 49.63 -59.53
C VAL U 151 75.62 49.77 -59.05
N ASP U 152 76.56 49.76 -59.99
CA ASP U 152 77.97 49.78 -59.64
C ASP U 152 78.37 51.14 -59.09
N PRO U 153 79.39 51.19 -58.22
CA PRO U 153 79.88 52.49 -57.73
C PRO U 153 80.55 53.28 -58.84
N ALA U 154 80.55 54.61 -58.67
CA ALA U 154 81.09 55.47 -59.72
C ALA U 154 82.60 55.42 -59.79
N GLN U 155 83.29 55.33 -58.63
CA GLN U 155 84.74 55.46 -58.56
C GLN U 155 85.32 54.32 -57.70
N GLY U 156 84.90 53.10 -58.01
CA GLY U 156 85.39 51.95 -57.29
C GLY U 156 85.20 50.65 -58.04
N PRO U 157 85.72 49.55 -57.50
CA PRO U 157 85.56 48.25 -58.17
C PRO U 157 84.11 47.86 -58.26
N GLN U 158 83.77 47.11 -59.31
CA GLN U 158 82.40 46.71 -59.54
C GLN U 158 81.92 45.76 -58.45
N ILE U 159 80.60 45.60 -58.35
CA ILE U 159 80.01 44.77 -57.31
C ILE U 159 79.95 43.32 -57.77
N ALA U 160 80.24 42.41 -56.85
CA ALA U 160 80.20 40.99 -57.16
C ALA U 160 78.75 40.51 -57.31
N GLN U 161 78.54 39.57 -58.21
CA GLN U 161 77.21 39.04 -58.48
C GLN U 161 76.69 38.30 -57.26
N PRO U 162 75.48 38.60 -56.77
CA PRO U 162 74.93 37.85 -55.64
C PRO U 162 74.19 36.61 -56.12
N PRO U 163 74.07 35.59 -55.28
CA PRO U 163 73.33 34.40 -55.69
C PRO U 163 71.83 34.64 -55.71
N PHE U 164 71.14 33.85 -56.53
CA PHE U 164 69.69 33.94 -56.60
C PHE U 164 69.06 33.36 -55.33
N THR U 165 67.89 33.87 -54.97
CA THR U 165 67.23 33.42 -53.75
C THR U 165 66.60 32.05 -53.97
N PRO U 166 66.93 31.06 -53.15
CA PRO U 166 66.32 29.73 -53.35
C PRO U 166 64.82 29.76 -53.14
N ALA U 167 64.19 28.61 -53.38
CA ALA U 167 62.75 28.51 -53.18
C ALA U 167 62.38 28.67 -51.71
N VAL U 168 63.05 27.93 -50.84
CA VAL U 168 62.88 28.08 -49.39
C VAL U 168 64.27 28.11 -48.76
N TYR U 169 64.44 29.01 -47.79
CA TYR U 169 65.74 29.24 -47.20
C TYR U 169 65.57 29.59 -45.73
N VAL U 170 66.65 29.41 -44.97
CA VAL U 170 66.68 29.73 -43.55
C VAL U 170 67.81 30.72 -43.29
N PRO U 171 67.53 32.01 -43.09
CA PRO U 171 68.61 32.95 -42.79
C PRO U 171 69.39 32.52 -41.56
N LEU U 172 70.68 32.22 -41.74
CA LEU U 172 71.47 31.61 -40.66
C LEU U 172 71.88 32.61 -39.59
N SER U 173 71.87 33.90 -39.88
CA SER U 173 72.23 34.89 -38.86
C SER U 173 71.08 35.16 -37.89
N ARG U 174 69.85 34.81 -38.26
CA ARG U 174 68.68 35.04 -37.41
C ARG U 174 68.30 33.75 -36.68
N ARG U 175 69.06 33.45 -35.63
CA ARG U 175 68.96 32.18 -34.94
C ARG U 175 69.45 32.36 -33.51
N GLU U 176 68.76 31.72 -32.56
CA GLU U 176 69.12 31.86 -31.16
C GLU U 176 68.55 30.68 -30.38
N VAL U 177 69.15 30.44 -29.22
CA VAL U 177 68.71 29.42 -28.28
C VAL U 177 68.53 30.07 -26.92
N ASN U 178 67.36 29.87 -26.31
CA ASN U 178 67.05 30.44 -25.00
C ASN U 178 67.49 29.44 -23.95
N LYS U 179 68.62 29.70 -23.30
CA LYS U 179 69.15 28.78 -22.30
C LYS U 179 68.26 28.68 -21.07
N GLN U 180 67.33 29.62 -20.89
CA GLN U 180 66.43 29.56 -19.74
C GLN U 180 65.36 28.50 -19.90
N THR U 181 64.90 28.22 -21.12
CA THR U 181 63.86 27.23 -21.33
C THR U 181 64.24 26.18 -22.37
N GLN U 182 65.49 26.16 -22.83
CA GLN U 182 65.95 25.13 -23.76
C GLN U 182 65.10 25.10 -25.03
N ALA U 183 64.90 26.27 -25.62
CA ALA U 183 64.10 26.42 -26.83
C ALA U 183 64.95 27.04 -27.94
N LEU U 184 64.70 26.60 -29.17
CA LEU U 184 65.44 27.07 -30.34
C LEU U 184 64.51 27.86 -31.25
N ARG U 185 65.00 28.98 -31.78
CA ARG U 185 64.25 29.82 -32.69
C ARG U 185 65.00 29.99 -34.00
N PHE U 186 64.30 29.84 -35.11
CA PHE U 186 64.85 30.11 -36.43
C PHE U 186 63.74 30.68 -37.30
N VAL U 187 64.13 31.22 -38.46
CA VAL U 187 63.22 31.95 -39.34
C VAL U 187 63.12 31.20 -40.66
N LEU U 188 61.90 30.95 -41.10
CA LEU U 188 61.63 30.26 -42.34
C LEU U 188 60.95 31.21 -43.32
N GLY U 189 61.48 31.30 -44.53
CA GLY U 189 60.93 32.19 -45.53
C GLY U 189 60.77 31.48 -46.86
N VAL U 190 59.80 31.92 -47.64
CA VAL U 190 59.47 31.34 -48.92
C VAL U 190 59.53 32.42 -49.99
N SER U 191 60.21 32.12 -51.09
CA SER U 191 60.26 33.07 -52.19
C SER U 191 58.94 33.07 -52.95
N PRO U 192 58.61 34.18 -53.62
CA PRO U 192 57.35 34.23 -54.38
C PRO U 192 57.29 33.21 -55.51
N ALA U 193 58.46 32.70 -55.91
CA ALA U 193 58.54 31.81 -57.07
C ALA U 193 58.24 30.35 -56.73
N ALA U 194 58.12 30.00 -55.45
CA ALA U 194 57.86 28.61 -55.09
C ALA U 194 56.50 28.18 -55.64
N LYS U 195 56.50 27.07 -56.37
CA LYS U 195 55.26 26.59 -56.99
C LYS U 195 54.40 25.87 -55.95
N PRO U 196 53.11 26.15 -55.89
CA PRO U 196 52.26 25.47 -54.90
C PRO U 196 52.21 23.97 -55.14
N ALA U 197 51.93 23.24 -54.07
CA ALA U 197 51.81 21.78 -54.08
C ALA U 197 53.17 21.10 -54.05
N ASP U 198 54.25 21.87 -54.04
CA ASP U 198 55.58 21.31 -53.90
C ASP U 198 55.84 20.96 -52.43
N ILE U 199 56.85 20.12 -52.22
CA ILE U 199 57.22 19.65 -50.88
C ILE U 199 58.73 19.64 -50.75
N TYR U 200 59.23 20.13 -49.62
CA TYR U 200 60.64 20.08 -49.29
C TYR U 200 60.80 19.47 -47.90
N ARG U 201 62.00 18.95 -47.63
CA ARG U 201 62.32 18.33 -46.34
C ARG U 201 63.48 19.09 -45.70
N LEU U 202 63.33 19.39 -44.41
CA LEU U 202 64.34 20.11 -43.65
C LEU U 202 64.84 19.22 -42.53
N ASN U 203 66.15 19.16 -42.36
CA ASN U 203 66.78 18.38 -41.30
C ASN U 203 67.52 19.30 -40.33
N ILE U 204 67.49 18.96 -39.06
CA ILE U 204 68.14 19.74 -38.01
C ILE U 204 68.96 18.81 -37.13
N ARG U 205 70.16 19.23 -36.78
CA ARG U 205 71.04 18.47 -35.89
C ARG U 205 71.51 19.41 -34.79
N GLN U 206 70.94 19.25 -33.60
CA GLN U 206 71.18 20.16 -32.48
C GLN U 206 72.07 19.48 -31.45
N ALA U 207 72.93 20.26 -30.81
CA ALA U 207 73.94 19.74 -29.91
C ALA U 207 73.73 20.26 -28.50
N ALA U 208 74.06 19.44 -27.52
CA ALA U 208 74.06 19.81 -26.12
C ALA U 208 75.31 19.26 -25.48
N ILE U 209 75.69 19.83 -24.33
CA ILE U 209 76.95 19.52 -23.67
C ILE U 209 76.69 19.06 -22.26
N ASP U 210 77.63 18.29 -21.72
CA ASP U 210 77.63 17.93 -20.31
C ASP U 210 78.44 18.95 -19.52
N CYS U 211 78.72 18.63 -18.26
CA CYS U 211 79.43 19.57 -17.39
C CYS U 211 80.84 19.89 -17.86
N GLU U 212 81.54 18.93 -18.48
CA GLU U 212 82.94 19.10 -18.83
C GLU U 212 83.14 19.53 -20.28
N GLY U 213 82.06 19.77 -21.03
CA GLY U 213 82.16 20.21 -22.40
C GLY U 213 81.91 19.14 -23.45
N ASN U 214 81.83 17.88 -23.06
CA ASN U 214 81.53 16.81 -24.01
C ASN U 214 80.10 16.97 -24.54
N GLU U 215 79.89 16.56 -25.78
CA GLU U 215 78.70 16.91 -26.53
C GLU U 215 77.73 15.73 -26.67
N TYR U 216 76.45 16.06 -26.78
CA TYR U 216 75.40 15.16 -27.20
C TYR U 216 74.76 15.73 -28.46
N PHE U 217 74.04 14.89 -29.21
CA PHE U 217 73.45 15.32 -30.47
C PHE U 217 72.03 14.79 -30.61
N HIS U 218 71.21 15.54 -31.33
CA HIS U 218 69.82 15.19 -31.60
C HIS U 218 69.52 15.48 -33.07
N ILE U 219 68.68 14.64 -33.67
CA ILE U 219 68.35 14.75 -35.09
C ILE U 219 66.85 14.71 -35.25
N SER U 220 66.32 15.58 -36.12
CA SER U 220 64.89 15.62 -36.42
C SER U 220 64.72 16.21 -37.81
N CYS U 221 63.53 16.00 -38.38
CA CYS U 221 63.25 16.46 -39.73
C CYS U 221 61.80 16.92 -39.82
N TYR U 222 61.54 17.80 -40.78
CA TYR U 222 60.21 18.37 -40.99
C TYR U 222 59.92 18.44 -42.48
N ASP U 223 58.64 18.33 -42.83
CA ASP U 223 58.18 18.39 -44.21
C ASP U 223 57.46 19.70 -44.45
N ILE U 224 57.90 20.45 -45.46
CA ILE U 224 57.35 21.76 -45.79
C ILE U 224 56.62 21.63 -47.11
N SER U 225 55.30 21.90 -47.09
CA SER U 225 54.46 21.81 -48.27
C SER U 225 53.92 23.19 -48.60
N ILE U 226 54.05 23.61 -49.86
CA ILE U 226 53.65 24.94 -50.26
C ILE U 226 52.13 25.00 -50.40
N GLY U 227 51.52 25.96 -49.72
CA GLY U 227 50.09 26.15 -49.74
C GLY U 227 49.65 27.20 -50.74
N SER U 228 48.51 27.82 -50.45
CA SER U 228 47.96 28.85 -51.32
C SER U 228 46.77 29.49 -50.61
N CYS U 229 46.15 30.44 -51.28
CA CYS U 229 44.98 31.12 -50.74
C CYS U 229 43.72 30.29 -50.97
N GLY U 230 42.60 30.82 -50.49
CA GLY U 230 41.32 30.15 -50.65
C GLY U 230 40.16 31.01 -50.17
N CYS V 23 79.93 23.86 -8.40
CA CYS V 23 80.25 24.86 -9.41
C CYS V 23 79.25 26.00 -9.38
N GLU V 24 79.53 27.02 -8.57
CA GLU V 24 78.65 28.17 -8.50
C GLU V 24 78.64 28.90 -9.83
N SER V 25 77.52 29.57 -10.11
CA SER V 25 77.27 30.18 -11.41
C SER V 25 77.45 31.68 -11.35
N ILE V 26 78.14 32.22 -12.35
CA ILE V 26 78.31 33.67 -12.53
C ILE V 26 77.89 34.02 -13.95
N SER V 27 77.23 35.15 -14.09
CA SER V 27 76.76 35.65 -15.38
C SER V 27 77.43 36.99 -15.68
N ALA V 28 77.92 37.14 -16.91
CA ALA V 28 78.63 38.34 -17.30
C ALA V 28 78.20 38.76 -18.69
N ARG V 29 78.35 40.05 -18.98
CA ARG V 29 78.02 40.65 -20.26
C ARG V 29 79.28 41.18 -20.94
N PRO V 30 79.42 41.04 -22.25
CA PRO V 30 80.63 41.56 -22.91
C PRO V 30 80.84 43.03 -22.63
N GLY V 31 82.09 43.40 -22.36
CA GLY V 31 82.45 44.76 -22.08
C GLY V 31 82.34 45.19 -20.64
N GLU V 32 81.66 44.40 -19.80
CA GLU V 32 81.47 44.77 -18.41
C GLU V 32 82.68 44.39 -17.56
N VAL V 33 82.90 45.16 -16.50
CA VAL V 33 83.92 44.87 -15.50
C VAL V 33 83.25 44.96 -14.14
N ASN V 34 83.29 43.87 -13.37
CA ASN V 34 82.52 43.77 -12.14
C ASN V 34 83.37 43.09 -11.07
N GLY V 35 83.01 43.35 -9.81
CA GLY V 35 83.73 42.79 -8.69
C GLY V 35 82.98 41.62 -8.06
N VAL V 36 83.73 40.77 -7.36
CA VAL V 36 83.20 39.57 -6.72
C VAL V 36 83.78 39.45 -5.33
N MET V 37 82.96 39.02 -4.37
CA MET V 37 83.39 38.83 -2.99
C MET V 37 82.98 37.43 -2.53
N VAL V 38 83.88 36.77 -1.82
CA VAL V 38 83.62 35.44 -1.26
C VAL V 38 84.02 35.46 0.21
N SER V 39 83.18 34.87 1.06
CA SER V 39 83.39 34.87 2.51
C SER V 39 83.91 33.52 2.95
N TYR V 40 84.93 33.53 3.81
CA TYR V 40 85.59 32.32 4.28
C TYR V 40 85.43 32.09 5.78
N VAL V 41 84.56 32.85 6.45
CA VAL V 41 84.47 32.74 7.91
C VAL V 41 84.09 31.33 8.32
N ALA V 42 83.18 30.70 7.58
CA ALA V 42 82.68 29.39 8.00
C ALA V 42 83.77 28.34 8.01
N TRP V 43 84.84 28.54 7.25
CA TRP V 43 85.89 27.52 7.13
C TRP V 43 87.11 27.83 7.97
N SER V 44 87.52 29.10 8.06
CA SER V 44 88.74 29.44 8.78
C SER V 44 88.50 29.76 10.24
N ALA V 45 87.27 30.09 10.61
CA ALA V 45 86.99 30.46 12.00
C ALA V 45 87.31 29.35 13.00
N PRO V 46 86.87 28.10 12.81
CA PRO V 46 87.13 27.07 13.83
C PRO V 46 88.58 26.61 13.89
N LEU V 47 89.38 26.86 12.86
CA LEU V 47 90.77 26.42 12.88
C LEU V 47 91.62 27.20 13.88
N GLY V 48 91.23 28.44 14.20
CA GLY V 48 92.01 29.26 15.09
C GLY V 48 93.16 29.94 14.35
N GLY V 49 93.91 30.74 15.11
CA GLY V 49 95.02 31.47 14.53
C GLY V 49 94.58 32.70 13.78
N HIS V 50 95.44 33.13 12.85
CA HIS V 50 95.15 34.34 12.07
C HIS V 50 94.10 34.09 11.00
N GLY V 51 94.07 32.92 10.39
CA GLY V 51 93.10 32.66 9.34
C GLY V 51 93.73 32.73 7.97
N LEU V 52 93.17 33.57 7.11
CA LEU V 52 93.67 33.68 5.75
C LEU V 52 95.09 34.22 5.74
N THR V 53 95.87 33.82 4.73
CA THR V 53 97.29 34.14 4.68
C THR V 53 97.71 34.77 3.36
N ASN V 54 96.76 35.14 2.50
CA ASN V 54 97.06 35.88 1.27
C ASN V 54 98.03 35.10 0.38
N LYS V 55 97.60 33.93 -0.08
CA LYS V 55 98.35 33.13 -1.02
C LYS V 55 97.43 32.55 -2.09
N THR V 56 96.47 33.33 -2.57
CA THR V 56 95.48 32.83 -3.52
C THR V 56 96.14 32.57 -4.88
N THR V 57 95.63 31.56 -5.58
CA THR V 57 96.07 31.24 -6.92
C THR V 57 94.85 31.01 -7.81
N PHE V 58 94.87 31.62 -9.00
CA PHE V 58 93.74 31.57 -9.92
C PHE V 58 94.14 30.82 -11.18
N GLU V 59 93.20 30.02 -11.71
CA GLU V 59 93.41 29.26 -12.93
C GLU V 59 92.12 29.29 -13.74
N PHE V 60 92.26 29.46 -15.05
CA PHE V 60 91.14 29.53 -15.96
C PHE V 60 91.14 28.34 -16.91
N GLU V 61 89.97 27.74 -17.12
CA GLU V 61 89.81 26.60 -17.99
C GLU V 61 88.65 26.83 -18.94
N ASN V 62 88.78 26.31 -20.15
CA ASN V 62 87.72 26.43 -21.15
C ASN V 62 86.84 25.19 -21.14
N VAL V 63 85.54 25.40 -21.32
CA VAL V 63 84.57 24.33 -21.48
C VAL V 63 83.86 24.41 -22.83
N SER V 64 83.48 25.61 -23.23
CA SER V 64 82.85 25.84 -24.53
C SER V 64 83.26 27.23 -25.02
N VAL V 65 84.27 27.27 -25.88
CA VAL V 65 84.79 28.52 -26.43
C VAL V 65 84.77 28.41 -27.95
N THR V 66 84.27 29.45 -28.61
CA THR V 66 84.21 29.47 -30.06
C THR V 66 85.48 30.08 -30.64
N GLU V 67 85.97 29.46 -31.71
CA GLU V 67 87.19 29.94 -32.34
C GLU V 67 86.96 31.33 -32.93
N PRO V 68 87.82 32.30 -32.61
CA PRO V 68 87.65 33.63 -33.20
C PRO V 68 87.94 33.61 -34.70
N LEU V 69 87.12 34.32 -35.46
CA LEU V 69 87.22 34.34 -36.91
C LEU V 69 88.00 35.54 -37.43
N VAL V 70 88.57 36.37 -36.54
CA VAL V 70 89.40 37.49 -36.94
C VAL V 70 90.68 37.47 -36.11
N ASN V 71 91.71 38.11 -36.63
CA ASN V 71 93.02 38.11 -36.02
C ASN V 71 93.32 39.48 -35.41
N SER V 72 93.72 39.49 -34.15
CA SER V 72 94.21 40.72 -33.54
C SER V 72 95.55 41.10 -34.18
N ALA V 73 95.94 42.36 -33.95
CA ALA V 73 97.16 42.87 -34.57
C ALA V 73 97.84 43.86 -33.64
N PHE V 74 99.12 44.09 -33.89
CA PHE V 74 99.93 45.03 -33.12
C PHE V 74 100.87 45.75 -34.07
N GLU V 75 100.95 47.07 -33.92
CA GLU V 75 101.77 47.89 -34.81
C GLU V 75 102.36 49.05 -34.02
N ARG V 76 103.37 49.68 -34.62
CA ARG V 76 104.19 50.69 -33.96
C ARG V 76 104.23 51.97 -34.77
N THR V 77 104.46 53.08 -34.07
CA THR V 77 104.59 54.39 -34.70
C THR V 77 105.65 55.19 -33.97
N PRO V 78 106.31 56.13 -34.66
CA PRO V 78 107.26 57.01 -33.95
C PRO V 78 106.54 58.10 -33.15
N PHE V 79 107.35 58.92 -32.48
CA PHE V 79 106.82 59.97 -31.63
C PHE V 79 106.09 61.03 -32.45
N ASN V 80 104.89 61.39 -31.99
CA ASN V 80 104.05 62.38 -32.67
C ASN V 80 103.93 62.12 -34.16
N THR V 81 103.79 60.85 -34.55
CA THR V 81 103.65 60.47 -35.95
C THR V 81 102.30 59.81 -36.16
N THR V 82 101.53 60.33 -37.10
CA THR V 82 100.26 59.70 -37.44
C THR V 82 100.50 58.33 -38.04
N LEU V 83 99.64 57.37 -37.70
CA LEU V 83 99.77 56.00 -38.15
C LEU V 83 98.66 55.66 -39.13
N ALA V 84 99.01 54.93 -40.18
CA ALA V 84 98.05 54.48 -41.19
C ALA V 84 98.17 52.99 -41.37
N GLY V 85 97.04 52.35 -41.62
CA GLY V 85 97.02 50.90 -41.78
C GLY V 85 95.77 50.46 -42.49
N SER V 86 95.56 49.13 -42.49
CA SER V 86 94.42 48.52 -43.15
C SER V 86 93.90 47.38 -42.30
N LEU V 87 92.57 47.26 -42.24
CA LEU V 87 91.94 46.16 -41.51
C LEU V 87 91.67 44.95 -42.40
N ALA V 88 91.91 45.05 -43.70
CA ALA V 88 91.56 43.96 -44.60
C ALA V 88 92.37 42.70 -44.30
N ALA V 89 93.65 42.84 -44.02
CA ALA V 89 94.52 41.69 -43.82
C ALA V 89 94.19 40.89 -42.55
N LEU V 90 93.36 41.43 -41.67
CA LEU V 90 93.05 40.78 -40.41
C LEU V 90 91.86 39.84 -40.48
N PHE V 91 91.24 39.70 -41.65
CA PHE V 91 90.08 38.82 -41.82
C PHE V 91 90.42 37.73 -42.83
N PRO V 92 90.80 36.51 -42.39
CA PRO V 92 91.17 35.44 -43.32
C PRO V 92 89.99 34.58 -43.77
N ASN V 93 89.01 35.22 -44.40
CA ASN V 93 87.87 34.48 -44.91
C ASN V 93 88.30 33.58 -46.07
N PRO V 94 87.71 32.38 -46.19
CA PRO V 94 88.05 31.51 -47.32
C PRO V 94 87.24 31.77 -48.57
N GLU V 95 86.39 32.80 -48.57
CA GLU V 95 85.49 33.06 -49.68
C GLU V 95 85.57 34.53 -50.06
N GLY V 96 85.12 34.83 -51.28
CA GLY V 96 85.06 36.20 -51.75
C GLY V 96 83.77 36.89 -51.37
N GLU V 97 83.25 36.57 -50.18
CA GLU V 97 82.00 37.16 -49.73
C GLU V 97 82.19 38.65 -49.44
N ALA V 98 81.08 39.38 -49.52
CA ALA V 98 81.11 40.81 -49.27
C ALA V 98 81.53 41.09 -47.83
N VAL V 99 82.26 42.19 -47.65
CA VAL V 99 82.79 42.56 -46.35
C VAL V 99 82.43 44.02 -46.07
N GLU V 100 82.43 44.37 -44.78
CA GLU V 100 82.17 45.73 -44.36
C GLU V 100 82.86 45.95 -43.01
N TYR V 101 83.41 47.15 -42.83
CA TYR V 101 84.23 47.47 -41.67
C TYR V 101 83.55 48.55 -40.83
N GLU V 102 83.70 48.43 -39.51
CA GLU V 102 83.11 49.38 -38.58
C GLU V 102 84.02 49.50 -37.36
N ILE V 103 83.84 50.59 -36.61
CA ILE V 103 84.57 50.85 -35.39
C ILE V 103 83.59 50.91 -34.24
N LEU V 104 83.88 50.18 -33.17
CA LEU V 104 83.01 50.17 -31.99
C LEU V 104 83.19 51.49 -31.25
N GLU V 105 82.13 52.30 -31.23
CA GLU V 105 82.22 53.65 -30.66
C GLU V 105 82.26 53.63 -29.14
N LEU V 106 81.69 52.61 -28.50
CA LEU V 106 81.63 52.58 -27.04
C LEU V 106 83.01 52.45 -26.39
N TYR V 107 84.04 52.12 -27.18
CA TYR V 107 85.37 51.82 -26.65
C TYR V 107 86.40 52.68 -27.36
N PRO V 108 86.31 54.00 -27.24
CA PRO V 108 87.22 54.87 -27.97
C PRO V 108 88.64 54.80 -27.40
N PRO V 109 89.65 55.10 -28.22
CA PRO V 109 91.02 55.12 -27.69
C PRO V 109 91.17 56.20 -26.63
N VAL V 110 92.07 55.94 -25.68
CA VAL V 110 92.24 56.82 -24.54
C VAL V 110 93.10 58.03 -24.87
N ASN V 111 94.19 57.83 -25.62
CA ASN V 111 95.15 58.89 -25.88
C ASN V 111 95.28 59.20 -27.37
N GLY V 112 94.20 59.07 -28.13
CA GLY V 112 94.25 59.36 -29.55
C GLY V 112 92.86 59.41 -30.15
N ILE V 113 92.84 59.58 -31.48
CA ILE V 113 91.61 59.59 -32.25
C ILE V 113 91.80 58.74 -33.49
N VAL V 114 90.73 58.07 -33.90
CA VAL V 114 90.76 57.17 -35.04
C VAL V 114 89.79 57.69 -36.11
N GLU V 115 90.11 57.37 -37.36
CA GLU V 115 89.27 57.75 -38.48
C GLU V 115 89.19 56.58 -39.43
N LEU V 116 87.97 56.18 -39.79
CA LEU V 116 87.75 55.02 -40.66
C LEU V 116 87.46 55.49 -42.07
N GLY V 117 88.23 54.97 -43.03
CA GLY V 117 88.07 55.31 -44.42
C GLY V 117 87.27 54.27 -45.18
N GLU V 118 87.59 54.12 -46.46
CA GLU V 118 86.92 53.16 -47.31
C GLU V 118 87.76 51.90 -47.47
N ASN V 119 87.09 50.77 -47.55
CA ASN V 119 87.74 49.47 -47.76
C ASN V 119 88.76 49.17 -46.67
N GLY V 120 88.39 49.46 -45.43
CA GLY V 120 89.20 49.10 -44.29
C GLY V 120 90.37 50.01 -43.99
N ALA V 121 90.55 51.10 -44.74
CA ALA V 121 91.61 52.03 -44.43
C ALA V 121 91.24 52.85 -43.19
N PHE V 122 92.24 53.08 -42.33
CA PHE V 122 92.02 53.79 -41.09
C PHE V 122 93.24 54.64 -40.76
N THR V 123 93.02 55.64 -39.92
CA THR V 123 94.07 56.57 -39.51
C THR V 123 94.02 56.75 -38.01
N TYR V 124 95.20 56.76 -37.38
CA TYR V 124 95.33 56.99 -35.94
C TYR V 124 96.18 58.22 -35.72
N ARG V 125 95.74 59.09 -34.82
CA ARG V 125 96.32 60.41 -34.62
C ARG V 125 96.64 60.59 -33.13
N PRO V 126 97.81 60.16 -32.69
CA PRO V 126 98.11 60.23 -31.25
C PRO V 126 98.19 61.66 -30.75
N ALA V 127 97.85 61.82 -29.47
CA ALA V 127 97.90 63.12 -28.83
C ALA V 127 99.35 63.55 -28.59
N THR V 128 99.55 64.85 -28.46
CA THR V 128 100.90 65.39 -28.31
C THR V 128 101.52 64.92 -27.00
N SER V 129 102.80 64.59 -27.04
CA SER V 129 103.59 64.24 -25.86
C SER V 129 103.15 62.91 -25.23
N PHE V 130 102.31 62.14 -25.92
CA PHE V 130 101.89 60.85 -25.40
C PHE V 130 102.90 59.78 -25.75
N THR V 131 103.10 58.85 -24.81
CA THR V 131 103.99 57.71 -25.03
C THR V 131 103.48 56.55 -24.20
N GLY V 132 103.07 55.48 -24.86
CA GLY V 132 102.54 54.32 -24.19
C GLY V 132 101.79 53.43 -25.16
N ILE V 133 100.87 52.65 -24.59
CA ILE V 133 100.06 51.70 -25.35
C ILE V 133 98.62 52.20 -25.42
N ASP V 134 98.03 52.12 -26.62
CA ASP V 134 96.65 52.54 -26.83
C ASP V 134 95.93 51.44 -27.60
N ARG V 135 94.61 51.45 -27.49
CA ARG V 135 93.79 50.37 -28.04
C ARG V 135 92.54 50.95 -28.68
N PHE V 136 92.00 50.20 -29.65
CA PHE V 136 90.64 50.40 -30.12
C PHE V 136 90.15 49.10 -30.72
N TRP V 137 88.84 48.89 -30.67
CA TRP V 137 88.22 47.63 -31.06
C TRP V 137 87.46 47.82 -32.36
N PHE V 138 87.68 46.90 -33.30
CA PHE V 138 87.06 46.97 -34.61
C PHE V 138 86.21 45.74 -34.85
N SER V 139 85.19 45.90 -35.70
CA SER V 139 84.27 44.82 -36.04
C SER V 139 84.28 44.63 -37.55
N ILE V 140 84.48 43.39 -37.98
CA ILE V 140 84.49 43.04 -39.39
C ILE V 140 83.39 42.02 -39.63
N ASN V 141 82.38 42.41 -40.40
CA ASN V 141 81.30 41.50 -40.79
C ASN V 141 80.65 40.84 -39.57
N GLY V 142 80.61 41.55 -38.45
CA GLY V 142 80.04 41.04 -37.23
C GLY V 142 81.03 40.43 -36.26
N ASN V 143 82.27 40.20 -36.67
CA ASN V 143 83.31 39.63 -35.81
C ASN V 143 84.13 40.76 -35.22
N VAL V 144 84.43 40.66 -33.92
CA VAL V 144 85.14 41.70 -33.19
C VAL V 144 86.59 41.28 -33.00
N GLY V 145 87.47 42.28 -32.88
CA GLY V 145 88.88 42.01 -32.69
C GLY V 145 89.54 43.15 -31.92
N GLU V 146 90.84 42.99 -31.69
CA GLU V 146 91.62 43.98 -30.96
C GLU V 146 92.79 44.44 -31.82
N PHE V 147 93.07 45.74 -31.77
CA PHE V 147 94.22 46.32 -32.46
C PHE V 147 94.97 47.19 -31.44
N VAL V 148 96.28 46.95 -31.31
CA VAL V 148 97.10 47.59 -30.28
C VAL V 148 98.12 48.49 -30.97
N ILE V 149 98.33 49.68 -30.41
CA ILE V 149 99.28 50.65 -30.94
C ILE V 149 100.22 51.05 -29.82
N ALA V 150 101.52 51.06 -30.12
CA ALA V 150 102.55 51.52 -29.20
C ALA V 150 103.21 52.77 -29.79
N VAL V 151 103.25 53.84 -29.02
CA VAL V 151 103.83 55.10 -29.44
C VAL V 151 105.21 55.23 -28.80
N ASP V 152 106.25 55.27 -29.61
CA ASP V 152 107.60 55.33 -29.09
C ASP V 152 107.90 56.73 -28.56
N PRO V 153 108.83 56.86 -27.62
CA PRO V 153 109.24 58.18 -27.15
C PRO V 153 110.14 58.86 -28.17
N ALA V 154 110.37 60.16 -27.94
CA ALA V 154 111.26 60.90 -28.82
C ALA V 154 112.67 60.31 -28.80
N GLN V 155 113.18 59.97 -27.62
CA GLN V 155 114.48 59.34 -27.48
C GLN V 155 114.36 58.18 -26.50
N GLY V 156 115.16 57.15 -26.72
CA GLY V 156 115.17 55.98 -25.87
C GLY V 156 114.92 54.69 -26.63
N PRO V 157 114.93 53.58 -25.90
CA PRO V 157 114.75 52.28 -26.56
C PRO V 157 113.31 52.03 -26.96
N GLN V 158 113.11 50.92 -27.66
CA GLN V 158 111.79 50.56 -28.15
C GLN V 158 110.92 50.05 -27.00
N ILE V 159 109.59 50.19 -27.17
CA ILE V 159 108.66 49.69 -26.18
C ILE V 159 108.28 48.25 -26.53
N ALA V 160 108.27 47.39 -25.52
CA ALA V 160 107.97 45.98 -25.74
C ALA V 160 106.50 45.79 -26.10
N GLN V 161 106.23 44.75 -26.89
CA GLN V 161 104.87 44.43 -27.28
C GLN V 161 104.12 43.80 -26.11
N PRO V 162 102.96 44.31 -25.72
CA PRO V 162 102.23 43.73 -24.60
C PRO V 162 101.35 42.58 -25.06
N PRO V 163 100.96 41.68 -24.15
CA PRO V 163 100.07 40.58 -24.54
C PRO V 163 98.67 41.09 -24.83
N PHE V 164 97.94 40.31 -25.63
CA PHE V 164 96.58 40.68 -26.00
C PHE V 164 95.62 40.47 -24.84
N THR V 165 94.45 41.09 -24.95
CA THR V 165 93.45 41.01 -23.89
C THR V 165 92.67 39.70 -23.98
N PRO V 166 92.70 38.85 -22.97
CA PRO V 166 91.92 37.61 -23.03
C PRO V 166 90.42 37.87 -23.07
N ALA V 167 89.65 36.81 -23.31
CA ALA V 167 88.20 36.93 -23.30
C ALA V 167 87.69 37.33 -21.93
N VAL V 168 88.16 36.64 -20.89
CA VAL V 168 87.85 36.99 -19.51
C VAL V 168 89.14 36.88 -18.71
N TYR V 169 89.36 37.86 -17.83
CA TYR V 169 90.61 37.94 -17.11
C TYR V 169 90.37 38.49 -15.71
N VAL V 170 91.28 38.17 -14.80
CA VAL V 170 91.29 38.69 -13.44
C VAL V 170 92.62 39.37 -13.21
N PRO V 171 92.68 40.71 -13.13
CA PRO V 171 93.98 41.36 -12.90
C PRO V 171 94.53 41.01 -11.53
N LEU V 172 95.59 40.20 -11.49
CA LEU V 172 96.09 39.67 -10.23
C LEU V 172 96.73 40.75 -9.36
N SER V 173 97.15 41.87 -9.94
CA SER V 173 97.65 42.96 -9.12
C SER V 173 96.55 43.50 -8.20
N ARG V 174 95.32 43.57 -8.69
CA ARG V 174 94.19 44.06 -7.90
C ARG V 174 93.58 42.87 -7.16
N ARG V 175 93.92 42.78 -5.87
CA ARG V 175 93.39 41.74 -5.01
C ARG V 175 93.68 42.11 -3.56
N GLU V 176 92.80 41.65 -2.66
CA GLU V 176 92.96 41.94 -1.25
C GLU V 176 92.19 40.91 -0.43
N VAL V 177 92.61 40.72 0.81
CA VAL V 177 91.93 39.87 1.77
C VAL V 177 91.65 40.69 3.01
N ASN V 178 90.39 40.72 3.44
CA ASN V 178 89.99 41.47 4.63
C ASN V 178 90.23 40.58 5.84
N LYS V 179 91.48 40.61 6.34
CA LYS V 179 91.86 39.74 7.44
C LYS V 179 91.04 39.99 8.69
N GLN V 180 90.42 41.18 8.81
CA GLN V 180 89.60 41.45 9.97
C GLN V 180 88.25 40.73 9.91
N THR V 181 87.84 40.27 8.73
CA THR V 181 86.56 39.57 8.63
C THR V 181 86.63 38.36 7.70
N GLN V 182 87.82 37.92 7.29
CA GLN V 182 87.99 36.70 6.52
C GLN V 182 87.15 36.73 5.23
N ALA V 183 87.47 37.68 4.36
CA ALA V 183 86.80 37.81 3.07
C ALA V 183 87.84 38.08 1.99
N LEU V 184 87.51 37.71 0.76
CA LEU V 184 88.38 37.90 -0.39
C LEU V 184 87.64 38.64 -1.48
N ARG V 185 88.33 39.58 -2.13
CA ARG V 185 87.77 40.38 -3.20
C ARG V 185 88.71 40.39 -4.39
N PHE V 186 88.15 40.35 -5.59
CA PHE V 186 88.93 40.44 -6.82
C PHE V 186 88.05 41.01 -7.91
N VAL V 187 88.68 41.41 -9.00
CA VAL V 187 88.03 42.08 -10.12
C VAL V 187 87.93 41.11 -11.28
N LEU V 188 86.74 40.99 -11.85
CA LEU V 188 86.48 40.12 -12.99
C LEU V 188 86.16 40.98 -14.21
N GLY V 189 86.98 40.86 -15.25
CA GLY V 189 86.81 41.67 -16.44
C GLY V 189 86.55 40.86 -17.68
N VAL V 190 85.66 41.34 -18.55
CA VAL V 190 85.28 40.66 -19.78
C VAL V 190 85.64 41.55 -20.95
N SER V 191 86.36 40.99 -21.92
CA SER V 191 86.74 41.74 -23.10
C SER V 191 85.52 41.94 -24.00
N PRO V 192 85.49 43.03 -24.77
CA PRO V 192 84.37 43.22 -25.72
C PRO V 192 84.27 42.11 -26.76
N ALA V 193 85.39 41.42 -27.01
CA ALA V 193 85.44 40.41 -28.06
C ALA V 193 84.84 39.08 -27.63
N ALA V 194 84.47 38.92 -26.36
CA ALA V 194 83.84 37.68 -25.92
C ALA V 194 82.55 37.45 -26.68
N LYS V 195 82.30 36.19 -27.03
CA LYS V 195 81.12 35.85 -27.80
C LYS V 195 80.03 35.29 -26.88
N PRO V 196 78.78 35.71 -27.02
CA PRO V 196 77.75 35.24 -26.11
C PRO V 196 77.51 33.74 -26.24
N ALA V 197 77.02 33.15 -25.16
CA ALA V 197 76.70 31.72 -25.03
C ALA V 197 77.93 30.86 -24.73
N ASP V 198 79.12 31.44 -24.67
CA ASP V 198 80.30 30.68 -24.27
C ASP V 198 80.40 30.61 -22.76
N ILE V 199 81.20 29.66 -22.28
CA ILE V 199 81.32 29.38 -20.85
C ILE V 199 82.78 29.18 -20.51
N TYR V 200 83.21 29.75 -19.38
CA TYR V 200 84.56 29.59 -18.85
C TYR V 200 84.47 29.18 -17.39
N ARG V 201 85.51 28.51 -16.90
CA ARG V 201 85.57 28.02 -15.53
C ARG V 201 86.78 28.61 -14.82
N LEU V 202 86.59 28.98 -13.56
CA LEU V 202 87.63 29.60 -12.74
C LEU V 202 87.85 28.75 -11.50
N ASN V 203 89.12 28.56 -11.13
CA ASN V 203 89.50 27.79 -9.95
C ASN V 203 90.29 28.67 -9.00
N ILE V 204 89.98 28.59 -7.71
CA ILE V 204 90.64 29.38 -6.68
C ILE V 204 91.16 28.42 -5.60
N ARG V 205 92.41 28.59 -5.21
CA ARG V 205 93.02 27.83 -4.13
C ARG V 205 93.51 28.81 -3.07
N GLN V 206 92.88 28.78 -1.90
CA GLN V 206 93.16 29.72 -0.84
C GLN V 206 93.87 29.01 0.30
N ALA V 207 94.72 29.76 1.01
CA ALA V 207 95.56 29.21 2.07
C ALA V 207 95.22 29.87 3.39
N ALA V 208 95.45 29.14 4.48
CA ALA V 208 95.25 29.65 5.83
C ALA V 208 96.27 29.00 6.75
N ILE V 209 96.56 29.69 7.86
CA ILE V 209 97.53 29.24 8.84
C ILE V 209 96.87 29.22 10.21
N ASP V 210 97.00 28.10 10.91
CA ASP V 210 96.41 27.95 12.24
C ASP V 210 97.36 28.57 13.27
N CYS V 211 97.06 28.33 14.55
CA CYS V 211 97.86 28.90 15.63
C CYS V 211 99.24 28.28 15.75
N GLU V 212 99.43 27.05 15.27
CA GLU V 212 100.68 26.33 15.44
C GLU V 212 101.53 26.32 14.17
N GLY V 213 101.13 27.05 13.13
CA GLY V 213 101.90 27.12 11.91
C GLY V 213 101.54 26.10 10.85
N ASN V 214 100.52 25.29 11.07
CA ASN V 214 100.09 24.35 10.05
C ASN V 214 99.31 25.08 8.97
N GLU V 215 99.63 24.79 7.71
CA GLU V 215 98.95 25.39 6.58
C GLU V 215 97.74 24.56 6.18
N TYR V 216 96.65 25.26 5.87
CA TYR V 216 95.42 24.64 5.38
C TYR V 216 95.05 25.28 4.05
N PHE V 217 94.45 24.49 3.17
CA PHE V 217 94.11 24.94 1.83
C PHE V 217 92.66 24.63 1.53
N HIS V 218 92.04 25.47 0.72
CA HIS V 218 90.64 25.35 0.31
C HIS V 218 90.53 25.60 -1.18
N ILE V 219 89.68 24.82 -1.85
CA ILE V 219 89.54 24.87 -3.30
C ILE V 219 88.06 25.07 -3.63
N SER V 220 87.79 25.92 -4.62
CA SER V 220 86.44 26.16 -5.10
C SER V 220 86.51 26.54 -6.57
N CYS V 221 85.34 26.59 -7.21
CA CYS V 221 85.28 26.90 -8.63
C CYS V 221 83.99 27.64 -8.94
N TYR V 222 83.99 28.36 -10.05
CA TYR V 222 82.85 29.14 -10.51
C TYR V 222 82.71 29.03 -12.01
N ASP V 223 81.48 28.99 -12.49
CA ASP V 223 81.17 28.91 -13.91
C ASP V 223 80.73 30.28 -14.40
N ILE V 224 81.40 30.78 -15.44
CA ILE V 224 81.13 32.10 -16.00
C ILE V 224 80.56 31.90 -17.40
N SER V 225 79.35 32.40 -17.62
CA SER V 225 78.67 32.28 -18.90
C SER V 225 78.35 33.67 -19.43
N ILE V 226 78.60 33.88 -20.73
CA ILE V 226 78.41 35.20 -21.32
C ILE V 226 76.95 35.40 -21.68
N GLY V 227 76.38 36.52 -21.22
CA GLY V 227 75.02 36.88 -21.51
C GLY V 227 74.92 37.96 -22.57
N SER V 228 73.84 38.74 -22.50
CA SER V 228 73.60 39.81 -23.45
C SER V 228 72.42 40.63 -22.94
N CYS V 229 72.01 41.62 -23.74
CA CYS V 229 70.91 42.49 -23.38
C CYS V 229 69.58 41.93 -23.90
N GLY V 230 68.52 42.68 -23.64
CA GLY V 230 67.19 42.28 -24.08
C GLY V 230 66.11 43.28 -23.68
N CYS W 23 44.52 65.39 -27.56
CA CYS W 23 43.87 66.60 -28.05
C CYS W 23 42.72 67.00 -27.13
N GLU W 24 43.04 67.82 -26.13
CA GLU W 24 42.02 68.28 -25.20
C GLU W 24 40.96 69.09 -25.94
N SER W 25 39.71 68.97 -25.49
CA SER W 25 38.58 69.57 -26.19
C SER W 25 38.12 70.85 -25.50
N ILE W 26 37.80 71.86 -26.30
CA ILE W 26 37.26 73.12 -25.83
C ILE W 26 36.01 73.43 -26.64
N SER W 27 35.07 74.15 -26.03
CA SER W 27 33.84 74.55 -26.68
C SER W 27 33.68 76.05 -26.57
N ALA W 28 33.26 76.68 -27.68
CA ALA W 28 33.12 78.13 -27.72
C ALA W 28 31.87 78.49 -28.50
N ARG W 29 31.29 79.64 -28.16
CA ARG W 29 30.09 80.17 -28.78
C ARG W 29 30.43 81.42 -29.58
N PRO W 30 29.82 81.64 -30.75
CA PRO W 30 30.14 82.84 -31.53
C PRO W 30 29.96 84.12 -30.73
N GLY W 31 30.96 85.00 -30.78
CA GLY W 31 30.91 86.27 -30.09
C GLY W 31 31.46 86.25 -28.68
N GLU W 32 31.60 85.07 -28.08
CA GLU W 32 32.11 84.98 -26.72
C GLU W 32 33.62 85.17 -26.70
N VAL W 33 34.12 85.76 -25.61
CA VAL W 33 35.54 85.89 -25.34
C VAL W 33 35.80 85.31 -23.95
N ASN W 34 36.73 84.37 -23.86
CA ASN W 34 36.94 83.60 -22.64
C ASN W 34 38.43 83.40 -22.41
N GLY W 35 38.77 83.10 -21.15
CA GLY W 35 40.15 82.85 -20.78
C GLY W 35 40.43 81.38 -20.54
N VAL W 36 41.70 81.00 -20.68
CA VAL W 36 42.13 79.63 -20.54
C VAL W 36 43.39 79.60 -19.67
N MET W 37 43.48 78.60 -18.80
CA MET W 37 44.64 78.43 -17.92
C MET W 37 45.13 77.00 -18.02
N VAL W 38 46.45 76.83 -18.05
CA VAL W 38 47.10 75.52 -18.11
C VAL W 38 48.20 75.49 -17.06
N SER W 39 48.30 74.37 -16.35
CA SER W 39 49.27 74.20 -15.27
C SER W 39 50.42 73.33 -15.75
N TYR W 40 51.64 73.75 -15.42
CA TYR W 40 52.85 73.06 -15.87
C TYR W 40 53.68 72.50 -14.73
N VAL W 41 53.17 72.51 -13.49
CA VAL W 41 53.98 72.10 -12.35
C VAL W 41 54.43 70.65 -12.50
N ALA W 42 53.58 69.79 -13.05
CA ALA W 42 53.93 68.38 -13.14
C ALA W 42 55.14 68.16 -14.04
N TRP W 43 55.38 69.03 -15.00
CA TRP W 43 56.46 68.86 -15.96
C TRP W 43 57.71 69.64 -15.59
N SER W 44 57.56 70.87 -15.10
CA SER W 44 58.70 71.73 -14.85
C SER W 44 59.33 71.50 -13.48
N ALA W 45 58.55 71.02 -12.52
CA ALA W 45 59.07 70.90 -11.15
C ALA W 45 60.27 69.97 -11.05
N PRO W 46 60.23 68.72 -11.53
CA PRO W 46 61.38 67.83 -11.35
C PRO W 46 62.64 68.29 -12.05
N LEU W 47 62.52 69.10 -13.11
CA LEU W 47 63.72 69.56 -13.81
C LEU W 47 64.58 70.47 -12.96
N GLY W 48 63.99 71.18 -12.01
CA GLY W 48 64.73 72.11 -11.17
C GLY W 48 64.99 73.42 -11.88
N GLY W 49 65.64 74.33 -11.15
CA GLY W 49 65.96 75.63 -11.70
C GLY W 49 64.77 76.58 -11.67
N HIS W 50 64.82 77.58 -12.55
CA HIS W 50 63.77 78.59 -12.58
C HIS W 50 62.44 78.01 -13.05
N GLY W 51 62.46 77.16 -14.08
CA GLY W 51 61.24 76.58 -14.59
C GLY W 51 60.81 77.16 -15.93
N LEU W 52 59.64 77.78 -15.96
CA LEU W 52 59.09 78.28 -17.21
C LEU W 52 59.83 79.53 -17.68
N THR W 53 59.56 79.93 -18.91
CA THR W 53 60.15 81.12 -19.50
C THR W 53 59.17 81.69 -20.51
N ASN W 54 59.26 82.99 -20.75
CA ASN W 54 58.34 83.68 -21.65
C ASN W 54 58.74 83.48 -23.11
N LYS W 55 58.59 82.26 -23.62
CA LYS W 55 58.87 81.96 -25.02
C LYS W 55 57.80 81.03 -25.60
N THR W 56 56.53 81.30 -25.28
CA THR W 56 55.44 80.49 -25.82
C THR W 56 55.19 80.87 -27.27
N THR W 57 54.77 79.88 -28.06
CA THR W 57 54.43 80.08 -29.47
C THR W 57 53.12 79.39 -29.78
N PHE W 58 52.25 80.10 -30.50
CA PHE W 58 50.92 79.59 -30.84
C PHE W 58 50.80 79.41 -32.34
N GLU W 59 50.10 78.36 -32.75
CA GLU W 59 49.84 78.07 -34.15
C GLU W 59 48.43 77.54 -34.30
N PHE W 60 47.74 77.98 -35.35
CA PHE W 60 46.37 77.58 -35.61
C PHE W 60 46.29 76.79 -36.91
N GLU W 61 45.49 75.73 -36.89
CA GLU W 61 45.30 74.87 -38.06
C GLU W 61 43.82 74.61 -38.26
N ASN W 62 43.42 74.45 -39.52
CA ASN W 62 42.04 74.15 -39.85
C ASN W 62 41.85 72.65 -40.06
N VAL W 63 40.78 72.11 -39.49
CA VAL W 63 40.40 70.73 -39.71
C VAL W 63 39.06 70.62 -40.45
N SER W 64 38.11 71.49 -40.13
CA SER W 64 36.82 71.54 -40.83
C SER W 64 36.32 72.97 -40.77
N VAL W 65 36.50 73.72 -41.85
CA VAL W 65 36.07 75.10 -41.95
C VAL W 65 35.18 75.25 -43.17
N THR W 66 34.08 75.96 -43.00
CA THR W 66 33.13 76.23 -44.08
C THR W 66 33.45 77.59 -44.69
N GLU W 67 33.67 77.62 -46.00
CA GLU W 67 34.04 78.86 -46.65
C GLU W 67 32.92 79.88 -46.50
N PRO W 68 33.24 81.13 -46.15
CA PRO W 68 32.18 82.14 -46.03
C PRO W 68 31.56 82.46 -47.38
N LEU W 69 30.27 82.81 -47.36
CA LEU W 69 29.55 83.17 -48.57
C LEU W 69 29.40 84.68 -48.75
N VAL W 70 30.06 85.47 -47.90
CA VAL W 70 30.04 86.93 -48.03
C VAL W 70 31.47 87.44 -47.88
N ASN W 71 31.67 88.67 -48.33
CA ASN W 71 32.99 89.29 -48.34
C ASN W 71 33.04 90.45 -47.37
N SER W 72 34.12 90.53 -46.59
CA SER W 72 34.35 91.70 -45.76
C SER W 72 34.75 92.88 -46.63
N ALA W 73 34.77 94.07 -46.03
CA ALA W 73 35.11 95.28 -46.77
C ALA W 73 35.79 96.27 -45.84
N PHE W 74 36.53 97.20 -46.45
CA PHE W 74 37.23 98.25 -45.74
C PHE W 74 37.09 99.55 -46.52
N GLU W 75 36.86 100.64 -45.80
CA GLU W 75 36.65 101.94 -46.43
C GLU W 75 37.19 103.04 -45.52
N ARG W 76 37.42 104.20 -46.11
CA ARG W 76 37.96 105.36 -45.41
C ARG W 76 36.99 106.55 -45.51
N THR W 77 37.17 107.49 -44.60
CA THR W 77 36.41 108.73 -44.60
C THR W 77 37.25 109.84 -44.00
N PRO W 78 37.13 111.06 -44.49
CA PRO W 78 37.84 112.18 -43.85
C PRO W 78 37.19 112.60 -42.54
N PHE W 79 37.82 113.59 -41.90
CA PHE W 79 37.49 113.94 -40.53
C PHE W 79 36.11 114.58 -40.43
N ASN W 80 35.31 114.07 -39.49
CA ASN W 80 33.94 114.54 -39.27
C ASN W 80 33.12 114.59 -40.55
N THR W 81 33.11 113.52 -41.34
CA THR W 81 32.29 113.42 -42.52
C THR W 81 31.43 112.17 -42.44
N THR W 82 30.13 112.33 -42.65
CA THR W 82 29.24 111.17 -42.69
C THR W 82 29.62 110.27 -43.87
N LEU W 83 29.58 108.97 -43.63
CA LEU W 83 29.94 107.98 -44.64
C LEU W 83 28.70 107.25 -45.12
N ALA W 84 28.63 106.99 -46.42
CA ALA W 84 27.53 106.27 -47.03
C ALA W 84 28.06 105.19 -47.94
N GLY W 85 27.30 104.13 -48.08
CA GLY W 85 27.72 103.01 -48.90
C GLY W 85 26.59 102.04 -49.15
N SER W 86 26.96 100.83 -49.56
CA SER W 86 25.97 99.81 -49.87
C SER W 86 26.55 98.44 -49.54
N LEU W 87 25.67 97.53 -49.10
CA LEU W 87 26.07 96.16 -48.82
C LEU W 87 25.83 95.21 -49.99
N ALA W 88 25.27 95.70 -51.10
CA ALA W 88 24.92 94.82 -52.20
C ALA W 88 26.14 94.15 -52.80
N ALA W 89 27.23 94.90 -52.98
CA ALA W 89 28.41 94.37 -53.66
C ALA W 89 29.13 93.32 -52.84
N LEU W 90 28.79 93.14 -51.56
CA LEU W 90 29.49 92.23 -50.68
C LEU W 90 28.91 90.82 -50.67
N PHE W 91 27.86 90.56 -51.46
CA PHE W 91 27.22 89.25 -51.53
C PHE W 91 27.27 88.77 -52.98
N PRO W 92 28.30 87.97 -53.35
CA PRO W 92 28.41 87.49 -54.74
C PRO W 92 27.68 86.18 -55.00
N ASN W 93 26.36 86.21 -54.81
CA ASN W 93 25.57 85.03 -55.10
C ASN W 93 25.54 84.76 -56.60
N PRO W 94 25.51 83.49 -57.02
CA PRO W 94 25.48 83.18 -58.45
C PRO W 94 24.09 83.25 -59.07
N GLU W 95 23.06 83.54 -58.28
CA GLU W 95 21.68 83.52 -58.76
C GLU W 95 20.96 84.76 -58.26
N GLY W 96 19.87 85.11 -58.96
CA GLY W 96 19.08 86.26 -58.59
C GLY W 96 18.05 85.96 -57.52
N GLU W 97 18.44 85.18 -56.52
CA GLU W 97 17.53 84.86 -55.43
C GLU W 97 17.28 86.09 -54.56
N ALA W 98 16.18 86.04 -53.81
CA ALA W 98 15.80 87.15 -52.96
C ALA W 98 16.87 87.43 -51.90
N VAL W 99 17.08 88.71 -51.63
CA VAL W 99 18.09 89.15 -50.67
C VAL W 99 17.43 90.06 -49.65
N GLU W 100 17.79 89.87 -48.38
CA GLU W 100 17.35 90.74 -47.30
C GLU W 100 18.52 91.01 -46.37
N TYR W 101 18.66 92.27 -45.98
CA TYR W 101 19.81 92.72 -45.21
C TYR W 101 19.40 92.97 -43.76
N GLU W 102 20.40 93.05 -42.88
CA GLU W 102 20.16 93.26 -41.47
C GLU W 102 21.46 93.71 -40.80
N ILE W 103 21.31 94.31 -39.62
CA ILE W 103 22.44 94.74 -38.80
C ILE W 103 22.36 94.02 -37.47
N LEU W 104 23.48 93.42 -37.06
CA LEU W 104 23.53 92.70 -35.78
C LEU W 104 23.62 93.72 -34.67
N GLU W 105 22.56 93.82 -33.86
CA GLU W 105 22.47 94.84 -32.84
C GLU W 105 23.33 94.56 -31.63
N LEU W 106 23.68 93.30 -31.39
CA LEU W 106 24.49 92.96 -30.22
C LEU W 106 25.91 93.50 -30.31
N TYR W 107 26.34 93.97 -31.47
CA TYR W 107 27.72 94.39 -31.70
C TYR W 107 27.73 95.80 -32.29
N PRO W 108 27.23 96.79 -31.54
CA PRO W 108 27.16 98.15 -32.07
C PRO W 108 28.54 98.75 -32.20
N PRO W 109 28.73 99.69 -33.14
CA PRO W 109 30.04 100.35 -33.23
C PRO W 109 30.35 101.15 -31.98
N VAL W 110 31.62 101.26 -31.67
CA VAL W 110 32.06 101.89 -30.43
C VAL W 110 32.03 103.40 -30.52
N ASN W 111 32.49 103.97 -31.65
CA ASN W 111 32.63 105.41 -31.79
C ASN W 111 31.76 105.98 -32.91
N GLY W 112 30.56 105.46 -33.08
CA GLY W 112 29.67 105.97 -34.10
C GLY W 112 28.31 105.35 -33.99
N ILE W 113 27.44 105.74 -34.93
CA ILE W 113 26.08 105.19 -35.03
C ILE W 113 25.82 104.82 -36.48
N VAL W 114 25.35 103.60 -36.68
CA VAL W 114 25.03 103.11 -38.02
C VAL W 114 23.53 103.20 -38.23
N GLU W 115 23.13 103.32 -39.50
CA GLU W 115 21.72 103.39 -39.86
C GLU W 115 21.52 102.59 -41.14
N LEU W 116 20.54 101.71 -41.13
CA LEU W 116 20.25 100.84 -42.27
C LEU W 116 19.06 101.39 -43.05
N GLY W 117 19.25 101.57 -44.35
CA GLY W 117 18.19 102.07 -45.21
C GLY W 117 17.44 100.95 -45.89
N GLU W 118 17.44 100.95 -47.22
CA GLU W 118 16.77 99.92 -48.01
C GLU W 118 17.71 99.46 -49.13
N ASN W 119 17.54 98.20 -49.52
CA ASN W 119 18.35 97.61 -50.59
C ASN W 119 19.83 97.69 -50.27
N GLY W 120 20.16 97.50 -48.98
CA GLY W 120 21.54 97.45 -48.57
C GLY W 120 22.21 98.78 -48.36
N ALA W 121 21.50 99.89 -48.55
CA ALA W 121 22.09 101.20 -48.30
C ALA W 121 22.19 101.44 -46.80
N PHE W 122 23.30 102.05 -46.39
CA PHE W 122 23.56 102.30 -44.98
C PHE W 122 24.32 103.61 -44.82
N THR W 123 24.27 104.15 -43.61
CA THR W 123 24.93 105.41 -43.27
C THR W 123 25.68 105.25 -41.96
N TYR W 124 26.90 105.77 -41.92
CA TYR W 124 27.72 105.77 -40.71
C TYR W 124 27.99 107.21 -40.30
N ARG W 125 27.85 107.49 -39.00
CA ARG W 125 27.90 108.85 -38.47
C ARG W 125 28.96 108.91 -37.38
N PRO W 126 30.21 109.20 -37.72
CA PRO W 126 31.27 109.18 -36.71
C PRO W 126 31.05 110.22 -35.61
N ALA W 127 31.51 109.88 -34.41
CA ALA W 127 31.40 110.79 -33.28
C ALA W 127 32.37 111.96 -33.44
N THR W 128 32.04 113.07 -32.77
CA THR W 128 32.83 114.29 -32.90
C THR W 128 34.25 114.07 -32.38
N SER W 129 35.23 114.52 -33.14
CA SER W 129 36.64 114.51 -32.75
C SER W 129 37.21 113.10 -32.66
N PHE W 130 36.50 112.11 -33.18
CA PHE W 130 37.00 110.74 -33.15
C PHE W 130 37.95 110.48 -34.31
N THR W 131 38.97 109.67 -34.05
CA THR W 131 39.92 109.27 -35.08
C THR W 131 40.45 107.88 -34.73
N GLY W 132 40.27 106.93 -35.64
CA GLY W 132 40.71 105.58 -35.43
C GLY W 132 39.93 104.62 -36.29
N ILE W 133 39.82 103.38 -35.80
CA ILE W 133 39.18 102.29 -36.53
C ILE W 133 37.89 101.92 -35.80
N ASP W 134 36.83 101.68 -36.58
CA ASP W 134 35.53 101.28 -36.03
C ASP W 134 34.98 100.14 -36.86
N ARG W 135 34.07 99.37 -36.26
CA ARG W 135 33.55 98.17 -36.87
C ARG W 135 32.05 98.08 -36.68
N PHE W 136 31.40 97.33 -37.57
CA PHE W 136 30.05 96.86 -37.35
C PHE W 136 29.85 95.61 -38.19
N TRP W 137 28.93 94.75 -37.75
CA TRP W 137 28.71 93.45 -38.36
C TRP W 137 27.35 93.43 -39.02
N PHE W 138 27.28 92.88 -40.24
CA PHE W 138 26.07 92.87 -41.03
C PHE W 138 25.70 91.44 -41.39
N SER W 139 24.41 91.22 -41.65
CA SER W 139 23.88 89.90 -41.98
C SER W 139 23.15 89.98 -43.31
N ILE W 140 23.35 88.96 -44.15
CA ILE W 140 22.71 88.87 -45.46
C ILE W 140 22.23 87.44 -45.63
N ASN W 141 20.90 87.24 -45.59
CA ASN W 141 20.31 85.91 -45.76
C ASN W 141 20.89 84.92 -44.77
N GLY W 142 21.27 85.40 -43.58
CA GLY W 142 21.87 84.57 -42.56
C GLY W 142 23.38 84.50 -42.60
N ASN W 143 24.01 85.01 -43.65
CA ASN W 143 25.46 85.05 -43.71
C ASN W 143 25.98 86.31 -43.03
N VAL W 144 27.10 86.16 -42.33
CA VAL W 144 27.67 87.23 -41.51
C VAL W 144 28.99 87.66 -42.11
N GLY W 145 29.31 88.95 -41.97
CA GLY W 145 30.56 89.49 -42.46
C GLY W 145 30.96 90.69 -41.64
N GLU W 146 32.19 91.14 -41.86
CA GLU W 146 32.77 92.26 -41.12
C GLU W 146 32.95 93.46 -42.06
N PHE W 147 32.65 94.65 -41.55
CA PHE W 147 32.87 95.90 -42.28
C PHE W 147 33.69 96.82 -41.38
N VAL W 148 34.82 97.31 -41.91
CA VAL W 148 35.76 98.11 -41.13
C VAL W 148 35.78 99.52 -41.69
N ILE W 149 35.76 100.51 -40.79
CA ILE W 149 35.76 101.91 -41.16
C ILE W 149 36.94 102.58 -40.46
N ALA W 150 37.69 103.40 -41.19
CA ALA W 150 38.81 104.16 -40.65
C ALA W 150 38.51 105.64 -40.82
N VAL W 151 38.59 106.39 -39.73
CA VAL W 151 38.32 107.82 -39.74
C VAL W 151 39.65 108.55 -39.76
N ASP W 152 39.92 109.26 -40.85
CA ASP W 152 41.19 109.94 -40.99
C ASP W 152 41.24 111.17 -40.08
N PRO W 153 42.43 111.55 -39.61
CA PRO W 153 42.54 112.75 -38.78
C PRO W 153 42.32 114.01 -39.61
N ALA W 154 42.09 115.12 -38.91
CA ALA W 154 41.90 116.39 -39.60
C ALA W 154 43.13 116.77 -40.41
N GLN W 155 44.33 116.60 -39.84
CA GLN W 155 45.58 116.86 -40.52
C GLN W 155 46.52 115.70 -40.28
N GLY W 156 47.32 115.36 -41.29
CA GLY W 156 48.26 114.28 -41.19
C GLY W 156 48.04 113.21 -42.24
N PRO W 157 48.86 112.16 -42.22
CA PRO W 157 48.78 111.13 -43.24
C PRO W 157 47.59 110.19 -43.03
N GLN W 158 47.33 109.40 -44.07
CA GLN W 158 46.25 108.43 -44.03
C GLN W 158 46.55 107.32 -43.03
N ILE W 159 45.50 106.73 -42.48
CA ILE W 159 45.64 105.62 -41.54
C ILE W 159 45.73 104.31 -42.32
N ALA W 160 46.61 103.42 -41.87
CA ALA W 160 46.82 102.15 -42.55
C ALA W 160 45.62 101.24 -42.38
N GLN W 161 45.37 100.41 -43.37
CA GLN W 161 44.27 99.45 -43.31
C GLN W 161 44.64 98.29 -42.39
N PRO W 162 43.85 97.98 -41.38
CA PRO W 162 44.20 96.88 -40.48
C PRO W 162 43.69 95.55 -41.01
N PRO W 163 44.27 94.44 -40.59
CA PRO W 163 43.79 93.13 -41.04
C PRO W 163 42.44 92.78 -40.44
N PHE W 164 41.71 91.93 -41.14
CA PHE W 164 40.40 91.49 -40.68
C PHE W 164 40.55 90.54 -39.49
N THR W 165 39.50 90.47 -38.69
CA THR W 165 39.53 89.62 -37.49
C THR W 165 39.29 88.15 -37.88
N PRO W 166 40.16 87.23 -37.50
CA PRO W 166 39.95 85.82 -37.85
C PRO W 166 38.72 85.26 -37.17
N ALA W 167 38.40 84.01 -37.52
CA ALA W 167 37.28 83.33 -36.89
C ALA W 167 37.54 83.10 -35.40
N VAL W 168 38.71 82.56 -35.08
CA VAL W 168 39.15 82.41 -33.69
C VAL W 168 40.59 82.88 -33.61
N TYR W 169 40.91 83.62 -32.56
CA TYR W 169 42.21 84.24 -32.45
C TYR W 169 42.63 84.33 -31.00
N VAL W 170 43.93 84.44 -30.78
CA VAL W 170 44.52 84.63 -29.46
C VAL W 170 45.43 85.85 -29.53
N PRO W 171 45.07 86.98 -28.92
CA PRO W 171 45.96 88.14 -28.98
C PRO W 171 47.29 87.85 -28.30
N LEU W 172 48.37 87.81 -29.09
CA LEU W 172 49.66 87.38 -28.57
C LEU W 172 50.19 88.32 -27.49
N SER W 173 49.87 89.61 -27.57
CA SER W 173 50.27 90.54 -26.53
C SER W 173 49.61 90.22 -25.19
N ARG W 174 48.37 89.74 -25.22
CA ARG W 174 47.64 89.39 -24.01
C ARG W 174 48.00 87.97 -23.58
N ARG W 175 49.14 87.88 -22.89
CA ARG W 175 49.63 86.59 -22.41
C ARG W 175 50.56 86.82 -21.22
N GLU W 176 50.54 85.89 -20.28
CA GLU W 176 51.37 85.99 -19.09
C GLU W 176 51.67 84.59 -18.56
N VAL W 177 52.74 84.49 -17.78
CA VAL W 177 53.10 83.25 -17.09
C VAL W 177 53.32 83.59 -15.62
N ASN W 178 52.60 82.89 -14.74
CA ASN W 178 52.75 83.09 -13.30
C ASN W 178 53.90 82.22 -12.81
N LYS W 179 55.12 82.75 -12.96
CA LYS W 179 56.31 81.98 -12.67
C LYS W 179 56.37 81.50 -11.23
N GLN W 180 55.63 82.13 -10.34
CA GLN W 180 55.63 81.70 -8.94
C GLN W 180 54.96 80.35 -8.76
N THR W 181 54.11 79.92 -9.71
CA THR W 181 53.47 78.61 -9.60
C THR W 181 53.43 77.86 -10.93
N GLN W 182 54.22 78.27 -11.90
CA GLN W 182 54.36 77.56 -13.17
C GLN W 182 53.00 77.36 -13.83
N ALA W 183 52.35 78.47 -14.18
CA ALA W 183 51.07 78.44 -14.88
C ALA W 183 51.11 79.42 -16.03
N LEU W 184 50.23 79.19 -17.01
CA LEU W 184 50.14 80.03 -18.20
C LEU W 184 48.69 80.38 -18.46
N ARG W 185 48.44 81.63 -18.80
CA ARG W 185 47.10 82.12 -19.08
C ARG W 185 47.09 82.93 -20.37
N PHE W 186 46.01 82.82 -21.12
CA PHE W 186 45.84 83.59 -22.35
C PHE W 186 44.35 83.78 -22.61
N VAL W 187 44.05 84.65 -23.57
CA VAL W 187 42.68 85.02 -23.90
C VAL W 187 42.31 84.37 -25.23
N LEU W 188 41.16 83.71 -25.27
CA LEU W 188 40.66 83.05 -26.47
C LEU W 188 39.43 83.81 -26.96
N GLY W 189 39.49 84.29 -28.20
CA GLY W 189 38.42 85.11 -28.74
C GLY W 189 37.79 84.52 -29.98
N VAL W 190 36.46 84.51 -30.04
CA VAL W 190 35.70 83.97 -31.16
C VAL W 190 34.94 85.12 -31.80
N SER W 191 35.11 85.29 -33.11
CA SER W 191 34.43 86.36 -33.82
C SER W 191 32.96 85.99 -34.04
N PRO W 192 32.08 86.98 -34.19
CA PRO W 192 30.67 86.68 -34.46
C PRO W 192 30.46 85.94 -35.78
N ALA W 193 31.43 86.04 -36.69
CA ALA W 193 31.30 85.44 -38.02
C ALA W 193 31.53 83.94 -38.02
N ALA W 194 32.08 83.37 -36.95
CA ALA W 194 32.32 81.94 -36.91
C ALA W 194 31.02 81.18 -37.08
N LYS W 195 31.05 80.13 -37.90
CA LYS W 195 29.85 79.34 -38.17
C LYS W 195 29.85 78.11 -37.29
N PRO W 196 28.71 77.72 -36.71
CA PRO W 196 28.71 76.57 -35.79
C PRO W 196 29.04 75.27 -36.52
N ALA W 197 29.51 74.30 -35.73
CA ALA W 197 29.89 72.96 -36.17
C ALA W 197 31.27 72.90 -36.81
N ASP W 198 31.96 74.03 -36.98
CA ASP W 198 33.33 73.98 -37.46
C ASP W 198 34.28 73.74 -36.29
N ILE W 199 35.49 73.29 -36.63
CA ILE W 199 36.48 72.88 -35.63
C ILE W 199 37.83 73.47 -36.00
N TYR W 200 38.58 73.92 -35.00
CA TYR W 200 39.91 74.45 -35.18
C TYR W 200 40.85 73.80 -34.16
N ARG W 201 42.13 73.75 -34.52
CA ARG W 201 43.16 73.13 -33.68
C ARG W 201 44.20 74.18 -33.30
N LEU W 202 44.65 74.13 -32.05
CA LEU W 202 45.64 75.07 -31.53
C LEU W 202 46.84 74.29 -31.04
N ASN W 203 48.04 74.78 -31.36
CA ASN W 203 49.30 74.16 -30.95
C ASN W 203 50.08 75.13 -30.08
N ILE W 204 50.59 74.64 -28.95
CA ILE W 204 51.34 75.45 -28.00
C ILE W 204 52.70 74.79 -27.79
N ARG W 205 53.76 75.55 -27.98
CA ARG W 205 55.12 75.10 -27.72
C ARG W 205 55.73 75.99 -26.65
N GLN W 206 55.97 75.41 -25.47
CA GLN W 206 56.41 76.16 -24.31
C GLN W 206 57.84 75.79 -23.97
N ALA W 207 58.59 76.77 -23.45
CA ALA W 207 60.00 76.60 -23.13
C ALA W 207 60.22 76.62 -21.63
N ALA W 208 61.30 75.96 -21.20
CA ALA W 208 61.71 75.95 -19.81
C ALA W 208 63.23 75.86 -19.76
N ILE W 209 63.79 76.31 -18.64
CA ILE W 209 65.24 76.40 -18.48
C ILE W 209 65.64 75.65 -17.22
N ASP W 210 66.69 74.84 -17.33
CA ASP W 210 67.16 74.06 -16.21
C ASP W 210 67.96 74.93 -15.24
N CYS W 211 68.51 74.27 -14.20
CA CYS W 211 69.34 75.00 -13.24
C CYS W 211 70.62 75.52 -13.87
N GLU W 212 71.16 74.79 -14.85
CA GLU W 212 72.41 75.16 -15.50
C GLU W 212 72.23 76.23 -16.56
N GLY W 213 70.99 76.65 -16.83
CA GLY W 213 70.76 77.68 -17.82
C GLY W 213 70.66 77.19 -19.25
N ASN W 214 70.00 76.06 -19.47
CA ASN W 214 69.81 75.52 -20.81
C ASN W 214 68.36 75.08 -20.97
N GLU W 215 67.88 75.11 -22.21
CA GLU W 215 66.45 75.10 -22.47
C GLU W 215 65.89 73.69 -22.60
N TYR W 216 64.61 73.56 -22.25
CA TYR W 216 63.79 72.42 -22.59
C TYR W 216 62.58 72.92 -23.36
N PHE W 217 61.70 72.00 -23.75
CA PHE W 217 60.51 72.37 -24.50
C PHE W 217 59.39 71.38 -24.25
N HIS W 218 58.17 71.82 -24.54
CA HIS W 218 56.96 71.01 -24.36
C HIS W 218 55.94 71.41 -25.41
N ILE W 219 55.19 70.42 -25.89
CA ILE W 219 54.23 70.63 -26.97
C ILE W 219 52.90 70.02 -26.56
N SER W 220 51.81 70.73 -26.83
CA SER W 220 50.47 70.23 -26.56
C SER W 220 49.52 70.91 -27.54
N CYS W 221 48.33 70.32 -27.69
CA CYS W 221 47.36 70.82 -28.66
C CYS W 221 45.96 70.74 -28.05
N TYR W 222 45.07 71.58 -28.58
CA TYR W 222 43.69 71.66 -28.13
C TYR W 222 42.77 71.78 -29.34
N ASP W 223 41.59 71.18 -29.24
CA ASP W 223 40.59 71.25 -30.29
C ASP W 223 39.48 72.20 -29.86
N ILE W 224 39.14 73.15 -30.72
CA ILE W 224 38.11 74.15 -30.46
C ILE W 224 36.97 73.91 -31.43
N SER W 225 35.77 73.67 -30.92
CA SER W 225 34.59 73.43 -31.73
C SER W 225 33.54 74.47 -31.42
N ILE W 226 32.94 75.05 -32.46
CA ILE W 226 31.98 76.13 -32.29
C ILE W 226 30.63 75.53 -31.91
N GLY W 227 30.06 76.02 -30.80
CA GLY W 227 28.77 75.59 -30.33
C GLY W 227 27.67 76.60 -30.65
N SER W 228 26.64 76.58 -29.83
CA SER W 228 25.51 77.50 -29.99
C SER W 228 24.64 77.44 -28.74
N CYS W 229 23.52 78.15 -28.78
CA CYS W 229 22.60 78.19 -27.65
C CYS W 229 21.54 77.10 -27.78
N GLY W 230 20.66 77.04 -26.79
CA GLY W 230 19.57 76.08 -26.78
C GLY W 230 18.61 76.29 -25.62
N CYS X 23 15.31 50.01 -48.36
CA CYS X 23 14.30 51.03 -48.60
C CYS X 23 13.28 51.07 -47.47
N GLU X 24 13.56 51.86 -46.44
CA GLU X 24 12.59 52.07 -45.37
C GLU X 24 11.36 52.77 -45.93
N SER X 25 10.21 52.47 -45.33
CA SER X 25 8.93 52.95 -45.82
C SER X 25 8.44 54.10 -44.95
N ILE X 26 8.01 55.18 -45.60
CA ILE X 26 7.44 56.35 -44.95
C ILE X 26 6.08 56.63 -45.55
N SER X 27 5.09 56.88 -44.72
CA SER X 27 3.74 57.19 -45.15
C SER X 27 3.42 58.64 -44.81
N ALA X 28 2.97 59.39 -45.81
CA ALA X 28 2.70 60.82 -45.64
C ALA X 28 1.31 61.13 -46.15
N ARG X 29 0.72 62.18 -45.59
CA ARG X 29 -0.62 62.66 -45.95
C ARG X 29 -0.53 64.03 -46.59
N PRO X 30 -1.39 64.37 -47.55
CA PRO X 30 -1.35 65.73 -48.11
C PRO X 30 -1.62 66.79 -47.06
N GLY X 31 -0.90 67.91 -47.12
CA GLY X 31 -1.05 69.00 -46.18
C GLY X 31 -0.28 68.84 -44.90
N GLU X 32 0.49 67.77 -44.76
CA GLU X 32 1.20 67.48 -43.51
C GLU X 32 2.63 67.99 -43.57
N VAL X 33 3.19 68.25 -42.39
CA VAL X 33 4.61 68.54 -42.22
C VAL X 33 5.03 67.86 -40.93
N ASN X 34 5.86 66.82 -41.03
CA ASN X 34 6.07 65.89 -39.93
C ASN X 34 7.46 65.91 -39.33
N GLY X 35 8.52 65.73 -40.12
CA GLY X 35 9.85 65.66 -39.56
C GLY X 35 10.32 64.24 -39.34
N VAL X 36 11.63 64.01 -39.42
CA VAL X 36 12.20 62.67 -39.35
C VAL X 36 13.53 62.74 -38.63
N MET X 37 13.91 61.63 -38.00
CA MET X 37 15.17 61.54 -37.27
C MET X 37 15.82 60.19 -37.56
N VAL X 38 17.12 60.20 -37.83
CA VAL X 38 17.89 59.00 -38.12
C VAL X 38 19.14 59.00 -37.27
N SER X 39 19.49 57.84 -36.72
CA SER X 39 20.60 57.71 -35.78
C SER X 39 21.76 57.00 -36.47
N TYR X 40 22.95 57.59 -36.34
CA TYR X 40 24.16 57.05 -36.96
C TYR X 40 25.15 56.47 -35.96
N VAL X 41 24.75 56.31 -34.70
CA VAL X 41 25.70 55.81 -33.70
C VAL X 41 26.23 54.44 -34.07
N ALA X 42 25.41 53.62 -34.74
CA ALA X 42 25.84 52.28 -35.08
C ALA X 42 26.92 52.28 -36.14
N TRP X 43 27.09 53.39 -36.87
CA TRP X 43 28.04 53.49 -37.96
C TRP X 43 29.22 54.39 -37.63
N SER X 44 28.98 55.53 -36.99
CA SER X 44 30.02 56.52 -36.78
C SER X 44 30.81 56.30 -35.50
N ALA X 45 30.22 55.66 -34.50
CA ALA X 45 30.90 55.47 -33.23
C ALA X 45 32.21 54.71 -33.37
N PRO X 46 32.27 53.55 -34.04
CA PRO X 46 33.53 52.80 -34.09
C PRO X 46 34.60 53.43 -34.97
N LEU X 47 34.26 54.41 -35.80
CA LEU X 47 35.26 55.04 -36.66
C LEU X 47 36.19 55.94 -35.88
N GLY X 48 35.86 56.27 -34.64
CA GLY X 48 36.66 57.25 -33.92
C GLY X 48 36.48 58.64 -34.52
N GLY X 49 37.53 59.45 -34.44
CA GLY X 49 37.46 60.76 -35.03
C GLY X 49 36.45 61.65 -34.33
N HIS X 50 35.87 62.57 -35.09
CA HIS X 50 34.94 63.56 -34.55
C HIS X 50 33.48 63.19 -34.79
N GLY X 51 33.19 62.35 -35.78
CA GLY X 51 31.82 61.96 -36.04
C GLY X 51 31.20 62.72 -37.20
N LEU X 52 29.90 62.94 -37.12
CA LEU X 52 29.18 63.64 -38.19
C LEU X 52 29.68 65.07 -38.31
N THR X 53 29.65 65.59 -39.54
CA THR X 53 30.21 66.91 -39.84
C THR X 53 29.24 67.72 -40.69
N ASN X 54 27.94 67.50 -40.51
CA ASN X 54 26.94 68.22 -41.31
C ASN X 54 27.19 67.85 -42.78
N LYS X 55 26.99 68.76 -43.72
CA LYS X 55 27.31 68.52 -45.12
C LYS X 55 26.54 67.31 -45.67
N THR X 56 25.21 67.41 -45.66
CA THR X 56 24.37 66.36 -46.22
C THR X 56 23.77 66.80 -47.55
N THR X 57 23.32 65.82 -48.32
CA THR X 57 22.72 66.07 -49.63
C THR X 57 21.48 65.21 -49.81
N PHE X 58 20.43 65.79 -50.37
CA PHE X 58 19.17 65.11 -50.60
C PHE X 58 18.81 65.17 -52.08
N GLU X 59 18.27 64.07 -52.60
CA GLU X 59 17.81 64.01 -53.97
C GLU X 59 16.48 63.25 -54.00
N PHE X 60 15.60 63.67 -54.90
CA PHE X 60 14.28 63.06 -55.05
C PHE X 60 14.17 62.42 -56.43
N GLU X 61 13.60 61.21 -56.46
CA GLU X 61 13.37 60.48 -57.69
C GLU X 61 11.94 59.95 -57.69
N ASN X 62 11.35 59.91 -58.89
CA ASN X 62 10.00 59.40 -59.03
C ASN X 62 10.01 57.91 -59.35
N VAL X 63 9.02 57.20 -58.82
CA VAL X 63 8.75 55.82 -59.19
C VAL X 63 7.35 55.65 -59.77
N SER X 64 6.35 56.29 -59.17
CA SER X 64 5.00 56.31 -59.70
C SER X 64 4.40 57.69 -59.43
N VAL X 65 4.16 58.45 -60.48
CA VAL X 65 3.59 59.79 -60.39
C VAL X 65 2.54 59.96 -61.46
N THR X 66 1.42 60.56 -61.08
CA THR X 66 0.31 60.82 -61.99
C THR X 66 0.32 62.30 -62.33
N GLU X 67 0.40 62.62 -63.62
CA GLU X 67 0.49 64.01 -64.03
C GLU X 67 -0.79 64.75 -63.64
N PRO X 68 -0.68 66.00 -63.20
CA PRO X 68 -1.88 66.75 -62.81
C PRO X 68 -2.77 67.04 -64.01
N LEU X 69 -4.08 67.08 -63.77
CA LEU X 69 -5.03 67.42 -64.82
C LEU X 69 -5.41 68.89 -64.82
N VAL X 70 -4.80 69.70 -63.95
CA VAL X 70 -5.03 71.14 -63.91
C VAL X 70 -3.68 71.83 -63.84
N ASN X 71 -3.66 73.10 -64.22
CA ASN X 71 -2.43 73.88 -64.30
C ASN X 71 -2.41 74.97 -63.24
N SER X 72 -1.23 75.19 -62.66
CA SER X 72 -1.05 76.32 -61.75
C SER X 72 -0.92 77.61 -62.55
N ALA X 73 -1.06 78.74 -61.85
CA ALA X 73 -1.01 80.04 -62.52
C ALA X 73 -0.40 81.06 -61.57
N PHE X 74 0.05 82.17 -62.15
CA PHE X 74 0.67 83.26 -61.41
C PHE X 74 0.20 84.58 -62.00
N GLU X 75 0.02 85.58 -61.14
CA GLU X 75 -0.44 86.89 -61.57
C GLU X 75 0.13 87.97 -60.65
N ARG X 76 0.05 89.21 -61.11
CA ARG X 76 0.52 90.36 -60.36
C ARG X 76 -0.61 91.38 -60.22
N THR X 77 -0.62 92.09 -59.09
CA THR X 77 -1.58 93.16 -58.84
C THR X 77 -0.84 94.35 -58.24
N PRO X 78 -1.24 95.57 -58.56
CA PRO X 78 -0.57 96.74 -57.98
C PRO X 78 -0.88 96.89 -56.50
N PHE X 79 -0.21 97.87 -55.89
CA PHE X 79 -0.38 98.12 -54.47
C PHE X 79 -1.84 98.44 -54.15
N ASN X 80 -2.36 97.80 -53.10
CA ASN X 80 -3.71 98.04 -52.60
C ASN X 80 -4.75 98.02 -53.72
N THR X 81 -4.55 97.17 -54.72
CA THR X 81 -5.43 97.08 -55.88
C THR X 81 -6.11 95.72 -55.88
N THR X 82 -7.44 95.73 -55.97
CA THR X 82 -8.19 94.48 -56.01
C THR X 82 -7.88 93.73 -57.29
N LEU X 83 -7.98 92.41 -57.24
CA LEU X 83 -7.67 91.53 -58.36
C LEU X 83 -8.87 90.62 -58.64
N ALA X 84 -9.01 90.25 -59.90
CA ALA X 84 -10.10 89.37 -60.32
C ALA X 84 -9.59 88.44 -61.41
N GLY X 85 -10.30 87.32 -61.58
CA GLY X 85 -9.90 86.35 -62.58
C GLY X 85 -10.91 85.23 -62.66
N SER X 86 -10.55 84.20 -63.43
CA SER X 86 -11.42 83.05 -63.61
C SER X 86 -10.58 81.78 -63.63
N LEU X 87 -11.13 80.71 -63.05
CA LEU X 87 -10.43 79.43 -62.98
C LEU X 87 -10.71 78.53 -64.18
N ALA X 88 -11.63 78.92 -65.06
CA ALA X 88 -12.05 78.02 -66.13
C ALA X 88 -10.91 77.75 -67.11
N ALA X 89 -10.01 78.72 -67.31
CA ALA X 89 -8.94 78.55 -68.29
C ALA X 89 -7.87 77.57 -67.83
N LEU X 90 -7.91 77.12 -66.58
CA LEU X 90 -6.87 76.26 -66.03
C LEU X 90 -7.21 74.77 -66.07
N PHE X 91 -8.28 74.38 -66.77
CA PHE X 91 -8.70 72.99 -66.83
C PHE X 91 -8.71 72.54 -68.29
N PRO X 92 -7.59 72.05 -68.82
CA PRO X 92 -7.55 71.65 -70.23
C PRO X 92 -8.16 70.28 -70.48
N ASN X 93 -9.44 70.13 -70.17
CA ASN X 93 -10.09 68.84 -70.37
C ASN X 93 -10.35 68.62 -71.86
N PRO X 94 -9.82 67.55 -72.46
CA PRO X 94 -10.13 67.28 -73.86
C PRO X 94 -11.51 66.65 -74.02
N GLU X 95 -11.91 65.87 -73.02
CA GLU X 95 -13.23 65.27 -73.02
C GLU X 95 -14.30 66.32 -72.73
N GLY X 96 -15.56 65.91 -72.85
CA GLY X 96 -16.68 66.79 -72.58
C GLY X 96 -17.43 66.36 -71.33
N GLU X 97 -17.27 67.15 -70.26
CA GLU X 97 -17.95 66.87 -69.00
C GLU X 97 -18.24 68.18 -68.31
N ALA X 98 -19.20 68.14 -67.39
CA ALA X 98 -19.54 69.31 -66.59
C ALA X 98 -18.43 69.59 -65.58
N VAL X 99 -18.34 70.84 -65.15
CA VAL X 99 -17.29 71.29 -64.24
C VAL X 99 -17.93 72.03 -63.07
N GLU X 100 -17.25 71.97 -61.93
CA GLU X 100 -17.61 72.74 -60.75
C GLU X 100 -16.35 73.10 -60.00
N TYR X 101 -16.37 74.26 -59.35
CA TYR X 101 -15.20 74.84 -58.72
C TYR X 101 -15.41 74.93 -57.22
N GLU X 102 -14.30 74.97 -56.48
CA GLU X 102 -14.33 75.04 -55.04
C GLU X 102 -12.99 75.52 -54.53
N ILE X 103 -13.01 76.26 -53.42
CA ILE X 103 -11.80 76.78 -52.79
C ILE X 103 -11.55 75.98 -51.52
N LEU X 104 -10.34 75.46 -51.37
CA LEU X 104 -9.97 74.68 -50.19
C LEU X 104 -9.83 75.63 -49.02
N GLU X 105 -10.82 75.61 -48.12
CA GLU X 105 -10.82 76.51 -46.99
C GLU X 105 -9.85 76.11 -45.89
N LEU X 106 -9.31 74.89 -45.94
CA LEU X 106 -8.37 74.46 -44.92
C LEU X 106 -7.01 75.12 -45.05
N TYR X 107 -6.70 75.72 -46.21
CA TYR X 107 -5.42 76.36 -46.46
C TYR X 107 -5.69 77.79 -46.95
N PRO X 108 -6.20 78.65 -46.08
CA PRO X 108 -6.59 80.00 -46.50
C PRO X 108 -5.37 80.86 -46.77
N PRO X 109 -5.51 81.93 -47.56
CA PRO X 109 -4.40 82.86 -47.74
C PRO X 109 -4.08 83.58 -46.44
N VAL X 110 -2.81 83.99 -46.31
CA VAL X 110 -2.36 84.57 -45.05
C VAL X 110 -2.52 86.09 -45.02
N ASN X 111 -2.58 86.74 -46.18
CA ASN X 111 -2.64 88.20 -46.25
C ASN X 111 -3.75 88.70 -47.16
N GLY X 112 -4.89 88.02 -47.19
CA GLY X 112 -5.98 88.46 -48.03
C GLY X 112 -7.21 87.60 -47.83
N ILE X 113 -8.27 87.96 -48.55
CA ILE X 113 -9.53 87.24 -48.51
C ILE X 113 -10.00 87.00 -49.94
N VAL X 114 -10.48 85.78 -50.19
CA VAL X 114 -10.91 85.37 -51.52
C VAL X 114 -12.41 85.09 -51.48
N GLU X 115 -13.04 85.17 -52.65
CA GLU X 115 -14.48 84.96 -52.77
C GLU X 115 -14.73 84.25 -54.10
N LEU X 116 -15.25 83.04 -54.03
CA LEU X 116 -15.54 82.27 -55.23
C LEU X 116 -16.77 82.87 -55.93
N GLY X 117 -16.64 83.13 -57.23
CA GLY X 117 -17.67 83.78 -58.00
C GLY X 117 -18.52 82.81 -58.78
N GLU X 118 -19.11 83.32 -59.87
CA GLU X 118 -19.99 82.50 -60.69
C GLU X 118 -19.21 81.80 -61.78
N ASN X 119 -19.35 80.47 -61.84
CA ASN X 119 -18.77 79.65 -62.89
C ASN X 119 -17.29 79.96 -63.08
N GLY X 120 -16.52 79.78 -62.01
CA GLY X 120 -15.08 79.91 -62.07
C GLY X 120 -14.53 81.29 -61.78
N ALA X 121 -15.39 82.30 -61.68
CA ALA X 121 -14.92 83.64 -61.36
C ALA X 121 -14.56 83.72 -59.87
N PHE X 122 -13.62 84.62 -59.56
CA PHE X 122 -13.18 84.82 -58.19
C PHE X 122 -12.60 86.22 -58.06
N THR X 123 -12.52 86.69 -56.81
CA THR X 123 -12.00 88.00 -56.50
C THR X 123 -11.08 87.92 -55.29
N TYR X 124 -9.92 88.56 -55.38
CA TYR X 124 -8.92 88.57 -54.31
C TYR X 124 -8.75 90.00 -53.83
N ARG X 125 -8.93 90.21 -52.53
CA ARG X 125 -8.88 91.54 -51.93
C ARG X 125 -7.73 91.61 -50.93
N PRO X 126 -6.57 92.14 -51.33
CA PRO X 126 -5.42 92.15 -50.42
C PRO X 126 -5.65 93.06 -49.23
N ALA X 127 -5.02 92.71 -48.10
CA ALA X 127 -5.07 93.56 -46.92
C ALA X 127 -4.33 94.86 -47.18
N THR X 128 -4.73 95.91 -46.48
CA THR X 128 -4.14 97.22 -46.68
C THR X 128 -2.65 97.20 -46.34
N SER X 129 -1.86 97.82 -47.21
CA SER X 129 -0.43 98.03 -47.02
C SER X 129 0.40 96.76 -47.14
N PHE X 130 -0.17 95.69 -47.67
CA PHE X 130 0.59 94.44 -47.82
C PHE X 130 1.44 94.48 -49.08
N THR X 131 2.57 93.78 -49.03
CA THR X 131 3.44 93.64 -50.19
C THR X 131 4.24 92.36 -50.03
N GLY X 132 4.13 91.47 -51.02
CA GLY X 132 4.80 90.19 -50.97
C GLY X 132 4.09 89.18 -51.84
N ILE X 133 4.22 87.92 -51.46
CA ILE X 133 3.65 86.79 -52.20
C ILE X 133 2.57 86.15 -51.35
N ASP X 134 1.54 85.61 -52.00
CA ASP X 134 0.45 84.95 -51.33
C ASP X 134 -0.04 83.79 -52.20
N ARG X 135 -0.74 82.85 -51.58
CA ARG X 135 -1.17 81.64 -52.25
C ARG X 135 -2.59 81.27 -51.82
N PHE X 136 -3.25 80.48 -52.65
CA PHE X 136 -4.47 79.80 -52.25
C PHE X 136 -4.69 78.62 -53.19
N TRP X 137 -5.23 77.54 -52.64
CA TRP X 137 -5.37 76.28 -53.37
C TRP X 137 -6.82 76.11 -53.79
N PHE X 138 -7.03 75.75 -55.05
CA PHE X 138 -8.35 75.61 -55.63
C PHE X 138 -8.55 74.19 -56.13
N SER X 139 -9.81 73.79 -56.24
CA SER X 139 -10.18 72.45 -56.68
C SER X 139 -11.14 72.56 -57.87
N ILE X 140 -10.86 71.79 -58.91
CA ILE X 140 -11.70 71.75 -60.11
C ILE X 140 -12.10 70.31 -60.37
N ASN X 141 -13.40 70.02 -60.26
CA ASN X 141 -13.93 68.70 -60.60
C ASN X 141 -13.19 67.58 -59.87
N GLY X 142 -12.73 67.86 -58.65
CA GLY X 142 -12.03 66.90 -57.84
C GLY X 142 -10.53 67.01 -57.88
N ASN X 143 -9.97 67.65 -58.90
CA ASN X 143 -8.53 67.85 -58.99
C ASN X 143 -8.13 69.08 -58.20
N VAL X 144 -6.83 69.22 -57.95
CA VAL X 144 -6.30 70.29 -57.12
C VAL X 144 -5.18 71.00 -57.88
N GLY X 145 -5.04 72.30 -57.61
CA GLY X 145 -4.00 73.10 -58.24
C GLY X 145 -3.67 74.28 -57.36
N GLU X 146 -2.68 75.06 -57.80
CA GLU X 146 -2.18 76.19 -57.04
C GLU X 146 -2.39 77.48 -57.83
N PHE X 147 -2.64 78.58 -57.12
CA PHE X 147 -2.72 79.91 -57.71
C PHE X 147 -1.88 80.84 -56.86
N VAL X 148 -0.96 81.57 -57.50
CA VAL X 148 -0.03 82.46 -56.82
C VAL X 148 -0.33 83.88 -57.24
N ILE X 149 -0.42 84.78 -56.26
CA ILE X 149 -0.73 86.18 -56.49
C ILE X 149 0.36 87.04 -55.85
N ALA X 150 0.85 88.02 -56.59
CA ALA X 150 1.93 88.90 -56.15
C ALA X 150 1.41 90.32 -56.02
N VAL X 151 1.69 90.95 -54.89
CA VAL X 151 1.28 92.33 -54.62
C VAL X 151 2.51 93.21 -54.82
N ASP X 152 2.54 93.95 -55.93
CA ASP X 152 3.71 94.76 -56.24
C ASP X 152 3.76 95.98 -55.31
N PRO X 153 4.96 96.42 -54.93
CA PRO X 153 5.08 97.61 -54.10
C PRO X 153 4.70 98.86 -54.86
N ALA X 154 4.29 99.89 -54.10
CA ALA X 154 3.93 101.16 -54.71
C ALA X 154 5.11 101.81 -55.43
N GLN X 155 6.30 101.73 -54.84
CA GLN X 155 7.48 102.34 -55.42
C GLN X 155 8.62 101.33 -55.40
N GLY X 156 9.57 101.50 -56.32
CA GLY X 156 10.73 100.65 -56.39
C GLY X 156 10.59 99.52 -57.38
N PRO X 157 11.62 98.69 -57.49
CA PRO X 157 11.58 97.59 -58.46
C PRO X 157 10.54 96.55 -58.10
N GLN X 158 10.07 95.83 -59.12
CA GLN X 158 9.08 94.78 -58.92
C GLN X 158 9.71 93.57 -58.25
N ILE X 159 8.84 92.69 -57.75
CA ILE X 159 9.27 91.47 -57.07
C ILE X 159 9.26 90.30 -58.06
N ALA X 160 10.29 89.48 -57.98
CA ALA X 160 10.47 88.39 -58.94
C ALA X 160 9.47 87.26 -58.70
N GLN X 161 9.20 86.50 -59.75
CA GLN X 161 8.29 85.37 -59.66
C GLN X 161 8.88 84.29 -58.75
N PRO X 162 8.11 83.70 -57.86
CA PRO X 162 8.60 82.58 -57.07
C PRO X 162 8.28 81.26 -57.74
N PRO X 163 9.03 80.19 -57.44
CA PRO X 163 8.70 78.89 -58.01
C PRO X 163 7.52 78.23 -57.30
N PHE X 164 6.84 77.34 -58.01
CA PHE X 164 5.72 76.62 -57.43
C PHE X 164 6.21 75.57 -56.45
N THR X 165 5.37 75.27 -55.47
CA THR X 165 5.75 74.31 -54.43
C THR X 165 5.65 72.89 -54.97
N PRO X 166 6.73 72.10 -54.91
CA PRO X 166 6.66 70.73 -55.42
C PRO X 166 5.68 69.87 -54.63
N ALA X 167 5.48 68.64 -55.11
CA ALA X 167 4.59 67.72 -54.42
C ALA X 167 5.13 67.37 -53.04
N VAL X 168 6.40 67.00 -52.96
CA VAL X 168 7.09 66.74 -51.71
C VAL X 168 8.42 67.47 -51.72
N TYR X 169 8.78 68.07 -50.59
CA TYR X 169 9.97 68.90 -50.53
C TYR X 169 10.57 68.81 -49.13
N VAL X 170 11.84 69.17 -49.03
CA VAL X 170 12.57 69.15 -47.77
C VAL X 170 13.22 70.51 -47.56
N PRO X 171 12.68 71.39 -46.71
CA PRO X 171 13.32 72.69 -46.49
C PRO X 171 14.76 72.53 -46.02
N LEU X 172 15.71 73.04 -46.80
CA LEU X 172 17.12 72.79 -46.52
C LEU X 172 17.65 73.61 -45.36
N SER X 173 17.02 74.73 -45.01
CA SER X 173 17.47 75.54 -43.89
C SER X 173 17.04 74.96 -42.55
N ARG X 174 16.04 74.08 -42.52
CA ARG X 174 15.57 73.45 -41.29
C ARG X 174 16.19 72.06 -41.17
N ARG X 175 17.46 72.04 -40.78
CA ARG X 175 18.25 70.82 -40.77
C ARG X 175 19.38 70.98 -39.77
N GLU X 176 19.61 69.93 -38.97
CA GLU X 176 20.63 70.00 -37.93
C GLU X 176 21.13 68.60 -37.61
N VAL X 177 22.32 68.54 -37.03
CA VAL X 177 22.92 67.28 -36.57
C VAL X 177 23.37 67.47 -35.13
N ASN X 178 23.02 66.52 -34.28
CA ASN X 178 23.40 66.56 -32.87
C ASN X 178 24.69 65.76 -32.69
N LYS X 179 25.73 66.42 -32.19
CA LYS X 179 27.02 65.77 -32.02
C LYS X 179 27.11 64.94 -30.75
N GLN X 180 26.18 65.12 -29.81
CA GLN X 180 26.21 64.32 -28.59
C GLN X 180 25.69 62.90 -28.82
N THR X 181 24.69 62.75 -29.69
CA THR X 181 24.07 61.45 -29.96
C THR X 181 24.21 61.03 -31.42
N GLN X 182 24.88 61.83 -32.25
CA GLN X 182 25.11 61.47 -33.64
C GLN X 182 23.80 61.18 -34.37
N ALA X 183 22.87 62.14 -34.29
CA ALA X 183 21.56 62.01 -34.91
C ALA X 183 21.33 63.17 -35.87
N LEU X 184 20.59 62.90 -36.95
CA LEU X 184 20.27 63.90 -37.95
C LEU X 184 18.76 64.15 -37.93
N ARG X 185 18.37 65.41 -38.01
CA ARG X 185 16.97 65.82 -38.07
C ARG X 185 16.72 66.66 -39.31
N PHE X 186 15.61 66.38 -40.00
CA PHE X 186 15.18 67.19 -41.12
C PHE X 186 13.66 67.16 -41.17
N VAL X 187 13.09 68.09 -41.93
CA VAL X 187 11.65 68.31 -41.98
C VAL X 187 11.14 67.89 -43.35
N LEU X 188 10.11 67.05 -43.36
CA LEU X 188 9.47 66.59 -44.59
C LEU X 188 8.06 67.14 -44.66
N GLY X 189 7.73 67.76 -45.79
CA GLY X 189 6.41 68.34 -45.98
C GLY X 189 5.80 67.92 -47.29
N VAL X 190 4.48 67.82 -47.31
CA VAL X 190 3.73 67.37 -48.48
C VAL X 190 2.75 68.47 -48.87
N SER X 191 2.74 68.83 -50.15
CA SER X 191 1.83 69.85 -50.63
C SER X 191 0.41 69.29 -50.69
N PRO X 192 -0.61 70.15 -50.60
CA PRO X 192 -1.99 69.65 -50.71
C PRO X 192 -2.29 69.01 -52.06
N ALA X 193 -1.49 69.36 -53.07
CA ALA X 193 -1.74 68.88 -54.43
C ALA X 193 -1.28 67.44 -54.66
N ALA X 194 -0.56 66.85 -53.72
CA ALA X 194 -0.09 65.48 -53.90
C ALA X 194 -1.28 64.54 -54.04
N LYS X 195 -1.16 63.57 -54.95
CA LYS X 195 -2.25 62.66 -55.24
C LYS X 195 -2.07 61.37 -54.44
N PRO X 196 -3.11 60.87 -53.77
CA PRO X 196 -2.94 59.63 -53.00
C PRO X 196 -2.54 58.46 -53.89
N ALA X 197 -1.82 57.51 -53.30
CA ALA X 197 -1.29 56.31 -53.93
C ALA X 197 -0.02 56.56 -54.74
N ASP X 198 0.44 57.81 -54.83
CA ASP X 198 1.72 58.07 -55.48
C ASP X 198 2.87 57.67 -54.57
N ILE X 199 4.05 57.49 -55.18
CA ILE X 199 5.24 57.06 -54.46
C ILE X 199 6.43 57.86 -54.96
N TYR X 200 7.26 58.35 -54.03
CA TYR X 200 8.50 59.02 -54.34
C TYR X 200 9.64 58.36 -53.56
N ARG X 201 10.87 58.58 -54.01
CA ARG X 201 12.06 58.04 -53.37
C ARG X 201 12.99 59.17 -52.98
N LEU X 202 13.57 59.08 -51.78
CA LEU X 202 14.46 60.10 -51.25
C LEU X 202 15.80 59.45 -50.94
N ASN X 203 16.88 60.07 -51.42
CA ASN X 203 18.23 59.59 -51.17
C ASN X 203 18.97 60.57 -50.27
N ILE X 204 19.72 60.03 -49.31
CA ILE X 204 20.46 60.83 -48.34
C ILE X 204 21.92 60.38 -48.37
N ARG X 205 22.83 61.35 -48.39
CA ARG X 205 24.27 61.09 -48.30
C ARG X 205 24.83 61.92 -47.16
N GLN X 206 25.33 61.25 -46.13
CA GLN X 206 25.81 61.91 -44.92
C GLN X 206 27.31 61.74 -44.83
N ALA X 207 28.00 62.81 -44.41
CA ALA X 207 29.45 62.78 -44.32
C ALA X 207 29.90 62.80 -42.87
N ALA X 208 30.99 62.08 -42.60
CA ALA X 208 31.63 62.07 -41.29
C ALA X 208 33.13 62.17 -41.51
N ILE X 209 33.84 62.66 -40.49
CA ILE X 209 35.25 62.96 -40.58
C ILE X 209 36.02 62.17 -39.53
N ASP X 210 37.29 61.92 -39.82
CA ASP X 210 38.20 61.34 -38.84
C ASP X 210 38.82 62.44 -37.99
N CYS X 211 39.85 62.08 -37.21
CA CYS X 211 40.45 63.03 -36.30
C CYS X 211 41.26 64.12 -37.01
N GLU X 212 41.58 63.95 -38.29
CA GLU X 212 42.44 64.87 -39.00
C GLU X 212 41.72 65.69 -40.07
N GLY X 213 40.44 65.42 -40.32
CA GLY X 213 39.67 66.17 -41.29
C GLY X 213 39.31 65.42 -42.55
N ASN X 214 39.80 64.21 -42.74
CA ASN X 214 39.42 63.40 -43.89
C ASN X 214 38.03 62.83 -43.69
N GLU X 215 37.34 62.57 -44.80
CA GLU X 215 35.90 62.33 -44.78
C GLU X 215 35.54 60.86 -45.01
N TYR X 216 34.39 60.49 -44.48
CA TYR X 216 33.71 59.24 -44.79
C TYR X 216 32.32 59.57 -45.29
N PHE X 217 31.68 58.62 -45.98
CA PHE X 217 30.36 58.85 -46.55
C PHE X 217 29.46 57.64 -46.35
N HIS X 218 28.17 57.91 -46.20
CA HIS X 218 27.15 56.89 -46.02
C HIS X 218 25.94 57.24 -46.88
N ILE X 219 25.35 56.23 -47.51
CA ILE X 219 24.25 56.42 -48.45
C ILE X 219 23.07 55.55 -48.00
N SER X 220 21.88 56.14 -48.03
CA SER X 220 20.65 55.43 -47.68
C SER X 220 19.50 56.06 -48.46
N CYS X 221 18.40 55.32 -48.56
CA CYS X 221 17.25 55.78 -49.32
C CYS X 221 15.97 55.35 -48.64
N TYR X 222 14.90 56.10 -48.90
CA TYR X 222 13.58 55.85 -48.31
C TYR X 222 12.51 56.02 -49.37
N ASP X 223 11.41 55.28 -49.21
CA ASP X 223 10.27 55.35 -50.11
C ASP X 223 9.12 56.05 -49.39
N ILE X 224 8.54 57.05 -50.04
CA ILE X 224 7.47 57.86 -49.47
C ILE X 224 6.21 57.61 -50.30
N SER X 225 5.15 57.15 -49.64
CA SER X 225 3.88 56.84 -50.29
C SER X 225 2.80 57.73 -49.71
N ILE X 226 2.01 58.36 -50.58
CA ILE X 226 0.98 59.30 -50.14
C ILE X 226 -0.21 58.51 -49.61
N GLY X 227 -0.66 58.85 -48.41
CA GLY X 227 -1.77 58.19 -47.76
C GLY X 227 -3.06 58.99 -47.86
N SER X 228 -3.94 58.75 -46.89
CA SER X 228 -5.24 59.42 -46.85
C SER X 228 -5.86 59.13 -45.48
N CYS X 229 -7.09 59.59 -45.30
CA CYS X 229 -7.80 59.40 -44.05
C CYS X 229 -8.56 58.08 -44.06
N GLY X 230 -9.34 57.86 -43.01
CA GLY X 230 -10.13 56.65 -42.88
C GLY X 230 -11.10 56.69 -41.72
N CYS Y 23 52.23 -41.73 -34.81
CA CYS Y 23 53.07 -40.88 -35.65
C CYS Y 23 52.35 -39.59 -36.03
N GLU Y 24 52.65 -38.50 -35.34
CA GLU Y 24 52.13 -37.21 -35.75
C GLU Y 24 52.64 -36.88 -37.16
N SER Y 25 51.76 -36.28 -37.96
CA SER Y 25 52.08 -35.97 -39.35
C SER Y 25 52.57 -34.53 -39.47
N ILE Y 26 53.70 -34.36 -40.14
CA ILE Y 26 54.28 -33.05 -40.41
C ILE Y 26 54.40 -32.88 -41.91
N SER Y 27 53.94 -31.74 -42.42
CA SER Y 27 54.03 -31.40 -43.83
C SER Y 27 55.07 -30.31 -44.03
N ALA Y 28 55.89 -30.46 -45.07
CA ALA Y 28 56.99 -29.54 -45.31
C ALA Y 28 57.07 -29.23 -46.80
N ARG Y 29 57.76 -28.14 -47.12
CA ARG Y 29 57.92 -27.68 -48.49
C ARG Y 29 59.40 -27.48 -48.81
N PRO Y 30 59.84 -27.79 -50.02
CA PRO Y 30 61.24 -27.54 -50.38
C PRO Y 30 61.60 -26.07 -50.21
N GLY Y 31 62.80 -25.83 -49.67
CA GLY Y 31 63.28 -24.49 -49.44
C GLY Y 31 62.83 -23.87 -48.14
N GLU Y 32 61.98 -24.55 -47.37
CA GLU Y 32 61.46 -23.99 -46.14
C GLU Y 32 62.39 -24.30 -44.97
N VAL Y 33 62.31 -23.47 -43.93
CA VAL Y 33 62.99 -23.69 -42.67
C VAL Y 33 62.05 -23.25 -41.57
N ASN Y 34 61.52 -24.20 -40.80
CA ASN Y 34 60.44 -23.94 -39.87
C ASN Y 34 60.74 -24.61 -38.53
N GLY Y 35 60.19 -24.04 -37.47
CA GLY Y 35 60.44 -24.57 -36.13
C GLY Y 35 59.33 -25.49 -35.66
N VAL Y 36 59.68 -26.36 -34.70
CA VAL Y 36 58.76 -27.31 -34.12
C VAL Y 36 58.93 -27.29 -32.61
N MET Y 37 57.82 -27.42 -31.88
CA MET Y 37 57.82 -27.42 -30.43
C MET Y 37 56.95 -28.57 -29.92
N VAL Y 38 57.45 -29.29 -28.91
CA VAL Y 38 56.73 -30.37 -28.27
C VAL Y 38 56.71 -30.11 -26.77
N SER Y 39 55.61 -30.47 -26.12
CA SER Y 39 55.40 -30.22 -24.70
C SER Y 39 55.47 -31.53 -23.93
N TYR Y 40 56.18 -31.52 -22.81
CA TYR Y 40 56.38 -32.71 -21.99
C TYR Y 40 55.75 -32.58 -20.60
N VAL Y 41 54.92 -31.57 -20.35
CA VAL Y 41 54.37 -31.37 -19.02
C VAL Y 41 53.57 -32.58 -18.57
N ALA Y 42 52.83 -33.20 -19.50
CA ALA Y 42 51.99 -34.33 -19.13
C ALA Y 42 52.79 -35.55 -18.69
N TRP Y 43 54.07 -35.62 -19.07
CA TRP Y 43 54.90 -36.78 -18.76
C TRP Y 43 55.89 -36.52 -17.63
N SER Y 44 56.57 -35.38 -17.65
CA SER Y 44 57.62 -35.12 -16.66
C SER Y 44 57.10 -34.42 -15.41
N ALA Y 45 55.81 -34.08 -15.37
CA ALA Y 45 55.28 -33.41 -14.17
C ALA Y 45 55.11 -34.39 -13.01
N PRO Y 46 54.33 -35.47 -13.14
CA PRO Y 46 54.12 -36.36 -11.99
C PRO Y 46 55.39 -37.05 -11.51
N LEU Y 47 56.42 -37.17 -12.35
CA LEU Y 47 57.65 -37.82 -11.92
C LEU Y 47 58.39 -37.03 -10.84
N GLY Y 48 58.04 -35.76 -10.66
CA GLY Y 48 58.81 -34.95 -9.73
C GLY Y 48 60.20 -34.69 -10.27
N GLY Y 49 61.15 -34.53 -9.35
CA GLY Y 49 62.53 -34.34 -9.77
C GLY Y 49 62.77 -32.97 -10.36
N HIS Y 50 63.82 -32.89 -11.19
CA HIS Y 50 64.27 -31.63 -11.77
C HIS Y 50 63.83 -31.46 -13.22
N GLY Y 51 62.94 -32.31 -13.72
CA GLY Y 51 62.38 -32.08 -15.04
C GLY Y 51 63.26 -32.57 -16.16
N LEU Y 52 63.15 -31.90 -17.31
CA LEU Y 52 63.81 -32.34 -18.53
C LEU Y 52 65.32 -32.10 -18.45
N THR Y 53 66.01 -32.57 -19.48
CA THR Y 53 67.46 -32.44 -19.57
C THR Y 53 67.83 -32.29 -21.04
N ASN Y 54 69.01 -31.71 -21.28
CA ASN Y 54 69.44 -31.39 -22.64
C ASN Y 54 70.01 -32.58 -23.39
N LYS Y 55 69.75 -33.81 -22.97
CA LYS Y 55 70.28 -34.99 -23.66
C LYS Y 55 69.27 -35.54 -24.66
N THR Y 56 69.05 -34.82 -25.76
CA THR Y 56 68.18 -35.32 -26.81
C THR Y 56 68.99 -36.10 -27.84
N THR Y 57 68.28 -36.91 -28.63
CA THR Y 57 68.89 -37.69 -29.69
C THR Y 57 67.91 -37.82 -30.85
N PHE Y 58 68.38 -37.56 -32.06
CA PHE Y 58 67.55 -37.55 -33.25
C PHE Y 58 68.04 -38.62 -34.23
N GLU Y 59 67.09 -39.22 -34.94
CA GLU Y 59 67.40 -40.22 -35.95
C GLU Y 59 66.41 -40.09 -37.09
N PHE Y 60 66.93 -40.17 -38.33
CA PHE Y 60 66.12 -40.05 -39.52
C PHE Y 60 66.07 -41.38 -40.26
N GLU Y 61 64.89 -41.78 -40.70
CA GLU Y 61 64.68 -43.03 -41.42
C GLU Y 61 63.90 -42.78 -42.70
N ASN Y 62 64.15 -43.61 -43.70
CA ASN Y 62 63.49 -43.49 -44.99
C ASN Y 62 62.39 -44.52 -45.12
N VAL Y 63 61.23 -44.07 -45.65
CA VAL Y 63 60.14 -44.95 -45.99
C VAL Y 63 59.84 -44.91 -47.49
N SER Y 64 59.86 -43.72 -48.10
CA SER Y 64 59.65 -43.56 -49.53
C SER Y 64 60.57 -42.44 -50.00
N VAL Y 65 61.67 -42.81 -50.65
CA VAL Y 65 62.63 -41.87 -51.19
C VAL Y 65 62.99 -42.29 -52.62
N THR Y 66 63.01 -41.32 -53.52
CA THR Y 66 63.34 -41.55 -54.91
C THR Y 66 64.75 -41.04 -55.18
N GLU Y 67 65.59 -41.90 -55.74
CA GLU Y 67 66.98 -41.53 -55.96
C GLU Y 67 67.07 -40.39 -56.97
N PRO Y 68 67.96 -39.42 -56.77
CA PRO Y 68 68.04 -38.30 -57.69
C PRO Y 68 68.59 -38.72 -59.04
N LEU Y 69 68.19 -37.99 -60.08
CA LEU Y 69 68.65 -38.24 -61.44
C LEU Y 69 69.86 -37.40 -61.83
N VAL Y 70 70.33 -36.52 -60.95
CA VAL Y 70 71.50 -35.67 -61.21
C VAL Y 70 72.42 -35.76 -60.01
N ASN Y 71 73.71 -35.51 -60.25
CA ASN Y 71 74.72 -35.62 -59.21
C ASN Y 71 75.18 -34.24 -58.75
N SER Y 72 75.57 -34.16 -57.48
CA SER Y 72 76.18 -32.97 -56.94
C SER Y 72 77.67 -32.93 -57.31
N ALA Y 73 78.25 -31.74 -57.21
CA ALA Y 73 79.65 -31.54 -57.55
C ALA Y 73 80.28 -30.51 -56.63
N PHE Y 74 81.60 -30.56 -56.53
CA PHE Y 74 82.37 -29.67 -55.67
C PHE Y 74 83.70 -29.38 -56.34
N GLU Y 75 84.13 -28.12 -56.30
CA GLU Y 75 85.36 -27.72 -56.96
C GLU Y 75 86.00 -26.57 -56.17
N ARG Y 76 87.29 -26.35 -56.43
CA ARG Y 76 88.05 -25.29 -55.79
C ARG Y 76 88.45 -24.23 -56.80
N THR Y 77 88.76 -23.03 -56.29
CA THR Y 77 89.28 -21.95 -57.09
C THR Y 77 90.33 -21.21 -56.28
N PRO Y 78 91.34 -20.62 -56.93
CA PRO Y 78 92.33 -19.84 -56.18
C PRO Y 78 91.74 -18.55 -55.64
N PHE Y 79 92.49 -17.92 -54.74
CA PHE Y 79 92.05 -16.69 -54.12
C PHE Y 79 91.74 -15.62 -55.17
N ASN Y 80 90.57 -15.00 -55.05
CA ASN Y 80 90.15 -13.93 -55.95
C ASN Y 80 90.27 -14.31 -57.41
N THR Y 81 89.89 -15.54 -57.76
CA THR Y 81 90.04 -16.06 -59.11
C THR Y 81 88.68 -16.48 -59.66
N THR Y 82 88.38 -16.04 -60.88
CA THR Y 82 87.14 -16.43 -61.52
C THR Y 82 87.16 -17.91 -61.86
N LEU Y 83 86.00 -18.56 -61.75
CA LEU Y 83 85.86 -19.99 -61.97
C LEU Y 83 84.94 -20.23 -63.16
N ALA Y 84 85.27 -21.26 -63.95
CA ALA Y 84 84.46 -21.66 -65.09
C ALA Y 84 84.22 -23.16 -65.03
N GLY Y 85 83.07 -23.59 -65.56
CA GLY Y 85 82.73 -25.00 -65.54
C GLY Y 85 81.55 -25.29 -66.43
N SER Y 86 81.12 -26.54 -66.41
CA SER Y 86 80.00 -27.00 -67.23
C SER Y 86 79.13 -27.95 -66.43
N LEU Y 87 77.82 -27.84 -66.63
CA LEU Y 87 76.86 -28.67 -65.92
C LEU Y 87 76.47 -29.92 -66.70
N ALA Y 88 76.98 -30.11 -67.91
CA ALA Y 88 76.53 -31.23 -68.73
C ALA Y 88 76.95 -32.58 -68.16
N ALA Y 89 78.15 -32.66 -67.57
CA ALA Y 89 78.66 -33.94 -67.12
C ALA Y 89 77.90 -34.50 -65.93
N LEU Y 90 77.04 -33.71 -65.29
CA LEU Y 90 76.38 -34.13 -64.07
C LEU Y 90 75.03 -34.81 -64.29
N PHE Y 91 74.60 -34.97 -65.54
CA PHE Y 91 73.31 -35.58 -65.85
C PHE Y 91 73.53 -36.85 -66.65
N PRO Y 92 73.74 -38.00 -65.99
CA PRO Y 92 73.96 -39.26 -66.73
C PRO Y 92 72.64 -39.89 -67.17
N ASN Y 93 72.01 -39.28 -68.16
CA ASN Y 93 70.76 -39.81 -68.67
C ASN Y 93 71.02 -41.09 -69.46
N PRO Y 94 70.41 -42.22 -69.07
CA PRO Y 94 70.63 -43.47 -69.83
C PRO Y 94 70.04 -43.45 -71.22
N GLU Y 95 69.13 -42.52 -71.53
CA GLU Y 95 68.52 -42.42 -72.85
C GLU Y 95 68.77 -41.02 -73.39
N GLY Y 96 69.28 -40.95 -74.62
CA GLY Y 96 69.52 -39.66 -75.25
C GLY Y 96 68.23 -38.86 -75.35
N GLU Y 97 68.31 -37.58 -74.98
CA GLU Y 97 67.15 -36.71 -75.03
C GLU Y 97 67.63 -35.26 -74.88
N ALA Y 98 66.73 -34.33 -75.21
CA ALA Y 98 67.07 -32.92 -75.13
C ALA Y 98 67.37 -32.54 -73.68
N VAL Y 99 68.37 -31.69 -73.51
CA VAL Y 99 68.81 -31.23 -72.19
C VAL Y 99 68.79 -29.72 -72.16
N GLU Y 100 68.15 -29.16 -71.13
CA GLU Y 100 68.12 -27.73 -70.89
C GLU Y 100 68.50 -27.47 -69.45
N TYR Y 101 69.35 -26.47 -69.24
CA TYR Y 101 69.87 -26.14 -67.92
C TYR Y 101 69.20 -24.87 -67.41
N GLU Y 102 69.27 -24.68 -66.09
CA GLU Y 102 68.65 -23.54 -65.45
C GLU Y 102 69.25 -23.37 -64.06
N ILE Y 103 69.24 -22.13 -63.58
CA ILE Y 103 69.72 -21.78 -62.24
C ILE Y 103 68.55 -21.27 -61.43
N LEU Y 104 68.33 -21.86 -60.26
CA LEU Y 104 67.25 -21.44 -59.37
C LEU Y 104 67.65 -20.12 -58.76
N GLU Y 105 66.85 -19.08 -59.01
CA GLU Y 105 67.20 -17.72 -58.60
C GLU Y 105 66.70 -17.37 -57.21
N LEU Y 106 65.92 -18.24 -56.57
CA LEU Y 106 65.51 -17.98 -55.19
C LEU Y 106 66.64 -18.24 -54.20
N TYR Y 107 67.73 -18.85 -54.65
CA TYR Y 107 68.82 -19.29 -53.78
C TYR Y 107 70.15 -18.74 -54.29
N PRO Y 108 70.28 -17.42 -54.37
CA PRO Y 108 71.47 -16.83 -54.96
C PRO Y 108 72.69 -17.08 -54.08
N PRO Y 109 73.89 -17.14 -54.67
CA PRO Y 109 75.09 -17.27 -53.85
C PRO Y 109 75.26 -16.05 -52.95
N VAL Y 110 75.79 -16.29 -51.75
CA VAL Y 110 75.89 -15.24 -50.76
C VAL Y 110 77.15 -14.40 -50.92
N ASN Y 111 78.18 -14.93 -51.59
CA ASN Y 111 79.45 -14.24 -51.76
C ASN Y 111 79.97 -14.36 -53.18
N GLY Y 112 79.12 -14.12 -54.17
CA GLY Y 112 79.57 -14.18 -55.54
C GLY Y 112 78.41 -13.98 -56.50
N ILE Y 113 78.72 -14.07 -57.79
CA ILE Y 113 77.74 -13.95 -58.85
C ILE Y 113 77.95 -15.09 -59.84
N VAL Y 114 76.85 -15.73 -60.24
CA VAL Y 114 76.88 -16.84 -61.18
C VAL Y 114 76.16 -16.42 -62.46
N GLU Y 115 76.77 -16.76 -63.59
CA GLU Y 115 76.20 -16.48 -64.90
C GLU Y 115 76.12 -17.78 -65.68
N LEU Y 116 74.98 -18.02 -66.32
CA LEU Y 116 74.75 -19.24 -67.09
C LEU Y 116 74.90 -18.92 -68.56
N GLY Y 117 75.77 -19.66 -69.23
CA GLY Y 117 76.04 -19.48 -70.65
C GLY Y 117 75.17 -20.35 -71.53
N GLU Y 118 75.81 -20.97 -72.52
CA GLU Y 118 75.12 -21.85 -73.44
C GLU Y 118 75.56 -23.30 -73.26
N ASN Y 119 74.61 -24.21 -73.40
CA ASN Y 119 74.88 -25.64 -73.30
C ASN Y 119 75.54 -25.99 -71.96
N GLY Y 120 74.98 -25.45 -70.88
CA GLY Y 120 75.42 -25.81 -69.56
C GLY Y 120 76.67 -25.13 -69.06
N ALA Y 121 77.25 -24.23 -69.85
CA ALA Y 121 78.41 -23.49 -69.39
C ALA Y 121 78.01 -22.39 -68.42
N PHE Y 122 78.79 -22.23 -67.36
CA PHE Y 122 78.50 -21.25 -66.33
C PHE Y 122 79.80 -20.61 -65.86
N THR Y 123 79.68 -19.43 -65.27
CA THR Y 123 80.82 -18.68 -64.76
C THR Y 123 80.50 -18.18 -63.36
N TYR Y 124 81.42 -18.41 -62.43
CA TYR Y 124 81.29 -17.96 -61.04
C TYR Y 124 82.35 -16.90 -60.80
N ARG Y 125 81.93 -15.77 -60.22
CA ARG Y 125 82.78 -14.60 -60.06
C ARG Y 125 82.81 -14.20 -58.58
N PRO Y 126 83.72 -14.78 -57.81
CA PRO Y 126 83.70 -14.53 -56.35
C PRO Y 126 83.95 -13.07 -56.02
N ALA Y 127 83.39 -12.66 -54.89
CA ALA Y 127 83.57 -11.30 -54.41
C ALA Y 127 85.01 -11.08 -53.96
N THR Y 128 85.45 -9.83 -54.08
CA THR Y 128 86.81 -9.48 -53.73
C THR Y 128 87.10 -9.80 -52.26
N SER Y 129 88.26 -10.39 -52.00
CA SER Y 129 88.72 -10.66 -50.65
C SER Y 129 87.80 -11.62 -49.90
N PHE Y 130 87.29 -12.63 -50.60
CA PHE Y 130 86.46 -13.64 -49.95
C PHE Y 130 87.26 -14.90 -49.67
N THR Y 131 86.88 -15.61 -48.61
CA THR Y 131 87.51 -16.87 -48.25
C THR Y 131 86.52 -17.70 -47.46
N GLY Y 132 86.09 -18.82 -48.03
CA GLY Y 132 85.12 -19.68 -47.40
C GLY Y 132 84.47 -20.59 -48.42
N ILE Y 133 83.25 -21.03 -48.08
CA ILE Y 133 82.47 -21.94 -48.91
C ILE Y 133 81.30 -21.17 -49.50
N ASP Y 134 80.84 -21.64 -50.67
CA ASP Y 134 79.72 -21.00 -51.35
C ASP Y 134 78.95 -22.07 -52.13
N ARG Y 135 77.70 -21.76 -52.46
CA ARG Y 135 76.81 -22.73 -53.08
C ARG Y 135 75.90 -22.03 -54.08
N PHE Y 136 75.34 -22.83 -55.00
CA PHE Y 136 74.20 -22.42 -55.79
C PHE Y 136 73.51 -23.68 -56.31
N TRP Y 137 72.25 -23.54 -56.67
CA TRP Y 137 71.40 -24.67 -57.03
C TRP Y 137 70.97 -24.54 -58.49
N PHE Y 138 71.09 -25.66 -59.22
CA PHE Y 138 70.80 -25.70 -60.65
C PHE Y 138 69.75 -26.76 -60.93
N SER Y 139 69.16 -26.68 -62.11
CA SER Y 139 68.12 -27.61 -62.54
C SER Y 139 68.42 -28.10 -63.95
N ILE Y 140 68.27 -29.40 -64.17
CA ILE Y 140 68.44 -30.01 -65.49
C ILE Y 140 67.22 -30.86 -65.77
N ASN Y 141 66.45 -30.47 -66.79
CA ASN Y 141 65.22 -31.18 -67.15
C ASN Y 141 64.29 -31.32 -65.96
N GLY Y 142 64.24 -30.28 -65.12
CA GLY Y 142 63.38 -30.31 -63.95
C GLY Y 142 63.92 -31.07 -62.76
N ASN Y 143 65.17 -31.51 -62.81
CA ASN Y 143 65.80 -32.22 -61.70
C ASN Y 143 66.76 -31.28 -60.98
N VAL Y 144 66.61 -31.19 -59.66
CA VAL Y 144 67.33 -30.22 -58.85
C VAL Y 144 68.56 -30.89 -58.25
N GLY Y 145 69.70 -30.22 -58.34
CA GLY Y 145 70.92 -30.71 -57.74
C GLY Y 145 71.63 -29.58 -57.00
N GLU Y 146 72.70 -29.95 -56.31
CA GLU Y 146 73.48 -29.02 -55.51
C GLU Y 146 74.87 -28.88 -56.12
N PHE Y 147 75.44 -27.69 -56.03
CA PHE Y 147 76.79 -27.42 -56.48
C PHE Y 147 77.50 -26.60 -55.42
N VAL Y 148 78.71 -27.01 -55.05
CA VAL Y 148 79.47 -26.39 -53.97
C VAL Y 148 80.77 -25.83 -54.53
N ILE Y 149 81.24 -24.74 -53.93
CA ILE Y 149 82.49 -24.08 -54.31
C ILE Y 149 83.21 -23.67 -53.04
N ALA Y 150 84.54 -23.78 -53.05
CA ALA Y 150 85.37 -23.38 -51.93
C ALA Y 150 86.43 -22.41 -52.41
N VAL Y 151 86.58 -21.28 -51.72
CA VAL Y 151 87.56 -20.26 -52.05
C VAL Y 151 88.62 -20.31 -50.95
N ASP Y 152 89.81 -20.78 -51.31
CA ASP Y 152 90.89 -20.92 -50.34
C ASP Y 152 91.64 -19.59 -50.19
N PRO Y 153 92.24 -19.35 -49.03
CA PRO Y 153 93.00 -18.10 -48.86
C PRO Y 153 94.31 -18.12 -49.62
N ALA Y 154 94.86 -16.93 -49.82
CA ALA Y 154 96.14 -16.80 -50.51
C ALA Y 154 97.26 -17.49 -49.75
N GLN Y 155 97.15 -17.62 -48.43
CA GLN Y 155 98.16 -18.30 -47.62
C GLN Y 155 97.46 -19.19 -46.61
N GLY Y 156 98.17 -20.23 -46.18
CA GLY Y 156 97.63 -21.18 -45.23
C GLY Y 156 97.14 -22.44 -45.90
N PRO Y 157 96.66 -23.39 -45.11
CA PRO Y 157 96.20 -24.68 -45.67
C PRO Y 157 94.89 -24.53 -46.40
N GLN Y 158 94.63 -25.52 -47.26
CA GLN Y 158 93.40 -25.53 -48.05
C GLN Y 158 92.20 -25.79 -47.14
N ILE Y 159 91.03 -25.33 -47.60
CA ILE Y 159 89.80 -25.53 -46.84
C ILE Y 159 89.27 -26.94 -47.09
N ALA Y 160 88.99 -27.66 -46.00
CA ALA Y 160 88.48 -29.02 -46.12
C ALA Y 160 87.11 -29.01 -46.79
N GLN Y 161 86.83 -30.07 -47.54
CA GLN Y 161 85.57 -30.18 -48.25
C GLN Y 161 84.43 -30.45 -47.28
N PRO Y 162 83.37 -29.63 -47.25
CA PRO Y 162 82.26 -29.90 -46.35
C PRO Y 162 81.31 -30.94 -46.94
N PRO Y 163 80.48 -31.58 -46.12
CA PRO Y 163 79.52 -32.55 -46.66
C PRO Y 163 78.38 -31.86 -47.38
N PHE Y 164 77.71 -32.63 -48.25
CA PHE Y 164 76.58 -32.11 -48.98
C PHE Y 164 75.37 -31.94 -48.07
N THR Y 165 74.43 -31.10 -48.51
CA THR Y 165 73.25 -30.80 -47.72
C THR Y 165 72.23 -31.93 -47.85
N PRO Y 166 71.82 -32.57 -46.76
CA PRO Y 166 70.79 -33.62 -46.87
C PRO Y 166 69.46 -33.04 -47.31
N ALA Y 167 68.57 -33.94 -47.75
CA ALA Y 167 67.23 -33.51 -48.16
C ALA Y 167 66.47 -32.89 -46.99
N VAL Y 168 66.55 -33.52 -45.82
CA VAL Y 168 65.98 -32.98 -44.60
C VAL Y 168 66.98 -33.17 -43.47
N TYR Y 169 67.10 -32.15 -42.63
CA TYR Y 169 68.10 -32.15 -41.57
C TYR Y 169 67.57 -31.36 -40.38
N VAL Y 170 68.21 -31.56 -39.24
CA VAL Y 170 67.89 -30.85 -38.01
C VAL Y 170 69.20 -30.28 -37.46
N PRO Y 171 69.44 -28.97 -37.54
CA PRO Y 171 70.68 -28.41 -36.97
C PRO Y 171 70.74 -28.69 -35.48
N LEU Y 172 71.87 -29.26 -35.04
CA LEU Y 172 72.01 -29.64 -33.64
C LEU Y 172 72.45 -28.48 -32.75
N SER Y 173 72.95 -27.39 -33.33
CA SER Y 173 73.32 -26.22 -32.55
C SER Y 173 72.12 -25.35 -32.22
N ARG Y 174 71.01 -25.50 -32.93
CA ARG Y 174 69.80 -24.74 -32.70
C ARG Y 174 68.78 -25.64 -32.02
N ARG Y 175 68.86 -25.70 -30.69
CA ARG Y 175 68.05 -26.64 -29.92
C ARG Y 175 68.07 -26.20 -28.46
N GLU Y 176 66.90 -26.08 -27.86
CA GLU Y 176 66.78 -25.59 -26.51
C GLU Y 176 65.65 -26.30 -25.78
N VAL Y 177 65.77 -26.37 -24.46
CA VAL Y 177 64.73 -26.92 -23.58
C VAL Y 177 64.39 -25.86 -22.55
N ASN Y 178 63.10 -25.60 -22.38
CA ASN Y 178 62.61 -24.56 -21.47
C ASN Y 178 62.16 -25.22 -20.18
N LYS Y 179 62.99 -25.11 -19.14
CA LYS Y 179 62.65 -25.70 -17.85
C LYS Y 179 61.44 -25.03 -17.22
N GLN Y 180 61.15 -23.77 -17.58
CA GLN Y 180 60.03 -23.08 -16.98
C GLN Y 180 58.70 -23.74 -17.33
N THR Y 181 58.61 -24.32 -18.54
CA THR Y 181 57.35 -24.93 -18.97
C THR Y 181 57.53 -26.33 -19.54
N GLN Y 182 58.73 -26.92 -19.46
CA GLN Y 182 58.96 -28.28 -19.93
C GLN Y 182 58.57 -28.44 -21.40
N ALA Y 183 59.29 -27.72 -22.26
CA ALA Y 183 59.07 -27.78 -23.70
C ALA Y 183 60.41 -27.88 -24.41
N LEU Y 184 60.38 -28.47 -25.60
CA LEU Y 184 61.57 -28.65 -26.42
C LEU Y 184 61.36 -27.96 -27.76
N ARG Y 185 62.35 -27.19 -28.20
CA ARG Y 185 62.32 -26.50 -29.48
C ARG Y 185 63.48 -26.96 -30.35
N PHE Y 186 63.18 -27.25 -31.62
CA PHE Y 186 64.20 -27.57 -32.60
C PHE Y 186 63.75 -27.07 -33.96
N VAL Y 187 64.70 -26.97 -34.89
CA VAL Y 187 64.48 -26.39 -36.20
C VAL Y 187 64.50 -27.52 -37.23
N LEU Y 188 63.50 -27.54 -38.11
CA LEU Y 188 63.39 -28.52 -39.17
C LEU Y 188 63.61 -27.80 -40.49
N GLY Y 189 64.57 -28.27 -41.28
CA GLY Y 189 64.93 -27.64 -42.54
C GLY Y 189 64.79 -28.63 -43.69
N VAL Y 190 64.37 -28.12 -44.84
CA VAL Y 190 64.19 -28.92 -46.05
C VAL Y 190 65.03 -28.30 -47.16
N SER Y 191 65.84 -29.11 -47.81
CA SER Y 191 66.66 -28.62 -48.90
C SER Y 191 65.81 -28.46 -50.16
N PRO Y 192 66.18 -27.55 -51.08
CA PRO Y 192 65.42 -27.41 -52.32
C PRO Y 192 65.43 -28.68 -53.16
N ALA Y 193 66.41 -29.55 -52.94
CA ALA Y 193 66.52 -30.79 -53.71
C ALA Y 193 65.47 -31.82 -53.33
N ALA Y 194 64.75 -31.61 -52.24
CA ALA Y 194 63.71 -32.55 -51.85
C ALA Y 194 62.66 -32.65 -52.96
N LYS Y 195 62.19 -33.88 -53.20
CA LYS Y 195 61.25 -34.13 -54.27
C LYS Y 195 59.86 -34.34 -53.69
N PRO Y 196 58.82 -33.74 -54.27
CA PRO Y 196 57.48 -33.89 -53.69
C PRO Y 196 57.04 -35.35 -53.61
N ALA Y 197 56.19 -35.63 -52.62
CA ALA Y 197 55.55 -36.92 -52.37
C ALA Y 197 56.46 -37.91 -51.65
N ASP Y 198 57.70 -37.55 -51.34
CA ASP Y 198 58.52 -38.41 -50.50
C ASP Y 198 58.12 -38.29 -49.04
N ILE Y 199 58.54 -39.26 -48.24
CA ILE Y 199 58.21 -39.32 -46.82
C ILE Y 199 59.45 -39.72 -46.04
N TYR Y 200 59.68 -39.06 -44.91
CA TYR Y 200 60.74 -39.40 -43.99
C TYR Y 200 60.17 -39.56 -42.59
N ARG Y 201 60.90 -40.28 -41.73
CA ARG Y 201 60.50 -40.52 -40.36
C ARG Y 201 61.60 -40.04 -39.42
N LEU Y 202 61.19 -39.37 -38.35
CA LEU Y 202 62.12 -38.80 -37.36
C LEU Y 202 61.82 -39.41 -36.00
N ASN Y 203 62.87 -39.83 -35.30
CA ASN Y 203 62.76 -40.42 -33.97
C ASN Y 203 63.44 -39.51 -32.95
N ILE Y 204 62.76 -39.25 -31.84
CA ILE Y 204 63.25 -38.37 -30.79
C ILE Y 204 63.24 -39.15 -29.48
N ARG Y 205 64.34 -39.07 -28.74
CA ARG Y 205 64.42 -39.63 -27.39
C ARG Y 205 64.87 -38.53 -26.44
N GLN Y 206 64.02 -38.24 -25.44
CA GLN Y 206 64.25 -37.16 -24.51
C GLN Y 206 64.47 -37.74 -23.12
N ALA Y 207 65.26 -37.04 -22.31
CA ALA Y 207 65.65 -37.52 -20.99
C ALA Y 207 65.20 -36.55 -19.90
N ALA Y 208 64.81 -37.11 -18.76
CA ALA Y 208 64.46 -36.35 -17.58
C ALA Y 208 65.16 -36.96 -16.38
N ILE Y 209 65.44 -36.12 -15.38
CA ILE Y 209 66.22 -36.52 -14.22
C ILE Y 209 65.38 -36.40 -12.97
N ASP Y 210 65.49 -37.38 -12.08
CA ASP Y 210 64.84 -37.30 -10.78
C ASP Y 210 65.67 -36.44 -9.83
N CYS Y 211 65.30 -36.47 -8.55
CA CYS Y 211 65.94 -35.60 -7.57
C CYS Y 211 67.43 -35.87 -7.44
N GLU Y 212 67.84 -37.14 -7.40
CA GLU Y 212 69.23 -37.49 -7.14
C GLU Y 212 70.08 -37.54 -8.41
N GLY Y 213 69.48 -37.41 -9.58
CA GLY Y 213 70.22 -37.37 -10.82
C GLY Y 213 70.07 -38.57 -11.73
N ASN Y 214 69.27 -39.56 -11.36
CA ASN Y 214 68.99 -40.68 -12.25
C ASN Y 214 68.04 -40.24 -13.35
N GLU Y 215 68.11 -40.95 -14.48
CA GLU Y 215 67.52 -40.49 -15.73
C GLU Y 215 66.34 -41.36 -16.15
N TYR Y 216 65.33 -40.71 -16.72
CA TYR Y 216 64.24 -41.37 -17.43
C TYR Y 216 64.41 -41.14 -18.93
N PHE Y 217 63.51 -41.73 -19.71
CA PHE Y 217 63.56 -41.58 -21.16
C PHE Y 217 62.15 -41.70 -21.74
N HIS Y 218 61.95 -41.04 -22.88
CA HIS Y 218 60.68 -41.03 -23.58
C HIS Y 218 60.94 -40.98 -25.07
N ILE Y 219 60.25 -41.82 -25.83
CA ILE Y 219 60.50 -41.99 -27.27
C ILE Y 219 59.23 -41.66 -28.03
N SER Y 220 59.37 -40.86 -29.08
CA SER Y 220 58.27 -40.53 -29.96
C SER Y 220 58.81 -40.37 -31.38
N CYS Y 221 57.93 -40.54 -32.37
CA CYS Y 221 58.33 -40.48 -33.76
C CYS Y 221 57.32 -39.69 -34.56
N TYR Y 222 57.79 -39.01 -35.61
CA TYR Y 222 56.97 -38.15 -36.45
C TYR Y 222 57.22 -38.47 -37.91
N ASP Y 223 56.21 -38.24 -38.74
CA ASP Y 223 56.29 -38.50 -40.18
C ASP Y 223 56.33 -37.17 -40.92
N ILE Y 224 57.29 -37.03 -41.82
CA ILE Y 224 57.50 -35.81 -42.60
C ILE Y 224 57.26 -36.15 -44.07
N SER Y 225 56.38 -35.39 -44.72
CA SER Y 225 56.05 -35.59 -46.11
C SER Y 225 56.23 -34.29 -46.88
N ILE Y 226 56.81 -34.38 -48.08
CA ILE Y 226 57.05 -33.19 -48.89
C ILE Y 226 55.78 -32.85 -49.68
N GLY Y 227 55.62 -31.57 -49.99
CA GLY Y 227 54.44 -31.12 -50.71
C GLY Y 227 54.64 -29.83 -51.47
N SER Y 228 53.55 -29.12 -51.72
CA SER Y 228 53.57 -27.85 -52.46
C SER Y 228 52.21 -27.18 -52.25
N CYS Y 229 51.97 -26.10 -52.99
CA CYS Y 229 50.68 -25.41 -52.93
C CYS Y 229 50.38 -24.80 -54.28
N GLY Y 230 49.11 -24.50 -54.51
CA GLY Y 230 48.67 -23.94 -55.77
C GLY Y 230 47.30 -23.28 -55.69
N CYS Z 23 35.59 -54.10 -69.24
CA CYS Z 23 36.54 -52.99 -69.33
C CYS Z 23 35.81 -51.69 -69.61
N GLU Z 24 36.19 -50.63 -68.90
CA GLU Z 24 35.56 -49.34 -69.08
C GLU Z 24 35.87 -48.80 -70.47
N SER Z 25 34.93 -48.01 -71.00
CA SER Z 25 35.00 -47.52 -72.37
C SER Z 25 35.30 -46.03 -72.39
N ILE Z 26 36.26 -45.64 -73.23
CA ILE Z 26 36.61 -44.24 -73.45
C ILE Z 26 36.47 -43.94 -74.93
N SER Z 27 35.75 -42.87 -75.25
CA SER Z 27 35.55 -42.43 -76.62
C SER Z 27 36.24 -41.08 -76.81
N ALA Z 28 37.06 -40.99 -77.86
CA ALA Z 28 37.85 -39.80 -78.11
C ALA Z 28 37.77 -39.42 -79.58
N ARG Z 29 38.03 -38.14 -79.86
CA ARG Z 29 38.01 -37.61 -81.21
C ARG Z 29 39.40 -37.20 -81.66
N PRO Z 30 39.69 -37.25 -82.96
CA PRO Z 30 41.01 -36.80 -83.43
C PRO Z 30 41.27 -35.35 -83.06
N GLY Z 31 42.52 -35.05 -82.69
CA GLY Z 31 42.92 -33.71 -82.35
C GLY Z 31 42.51 -33.24 -80.97
N GLU Z 32 41.93 -34.12 -80.16
CA GLU Z 32 41.41 -33.73 -78.86
C GLU Z 32 42.38 -34.10 -77.74
N VAL Z 33 42.37 -33.31 -76.68
CA VAL Z 33 43.11 -33.60 -75.45
C VAL Z 33 42.13 -33.36 -74.31
N ASN Z 34 41.80 -34.42 -73.58
CA ASN Z 34 40.66 -34.39 -72.66
C ASN Z 34 41.03 -34.52 -71.19
N GLY Z 35 41.86 -35.49 -70.82
CA GLY Z 35 42.18 -35.71 -69.42
C GLY Z 35 41.19 -36.62 -68.73
N VAL Z 36 41.68 -37.44 -67.80
CA VAL Z 36 40.87 -38.46 -67.14
C VAL Z 36 41.18 -38.43 -65.65
N MET Z 37 40.24 -38.93 -64.85
CA MET Z 37 40.38 -39.01 -63.40
C MET Z 37 39.77 -40.30 -62.91
N VAL Z 38 40.49 -41.02 -62.05
CA VAL Z 38 40.03 -42.26 -61.45
C VAL Z 38 40.22 -42.18 -59.94
N SER Z 39 39.27 -42.74 -59.20
CA SER Z 39 39.24 -42.65 -57.75
C SER Z 39 39.61 -44.00 -57.15
N TYR Z 40 40.55 -44.01 -56.21
CA TYR Z 40 41.03 -45.23 -55.58
C TYR Z 40 40.60 -45.36 -54.13
N VAL Z 41 39.67 -44.53 -53.66
CA VAL Z 41 39.29 -44.58 -52.25
C VAL Z 41 38.70 -45.94 -51.89
N ALA Z 42 37.94 -46.55 -52.81
CA ALA Z 42 37.28 -47.81 -52.50
C ALA Z 42 38.28 -48.92 -52.22
N TRP Z 43 39.50 -48.80 -52.73
CA TRP Z 43 40.52 -49.84 -52.58
C TRP Z 43 41.61 -49.47 -51.58
N SER Z 44 42.11 -48.24 -51.64
CA SER Z 44 43.23 -47.86 -50.78
C SER Z 44 42.79 -47.59 -49.35
N ALA Z 45 41.56 -47.15 -49.15
CA ALA Z 45 41.13 -46.72 -47.82
C ALA Z 45 41.26 -47.81 -46.77
N PRO Z 46 40.70 -49.02 -46.95
CA PRO Z 46 40.80 -50.04 -45.89
C PRO Z 46 42.22 -50.49 -45.61
N LEU Z 47 43.15 -50.33 -46.54
CA LEU Z 47 44.52 -50.80 -46.31
C LEU Z 47 45.25 -49.98 -45.25
N GLY Z 48 44.72 -48.81 -44.89
CA GLY Z 48 45.48 -47.96 -44.00
C GLY Z 48 46.74 -47.45 -44.69
N GLY Z 49 47.80 -47.31 -43.90
CA GLY Z 49 49.07 -46.90 -44.49
C GLY Z 49 49.05 -45.45 -44.94
N HIS Z 50 49.87 -45.17 -45.95
CA HIS Z 50 50.08 -43.81 -46.44
C HIS Z 50 49.44 -43.57 -47.81
N GLY Z 51 48.50 -44.41 -48.22
CA GLY Z 51 47.76 -44.13 -49.44
C GLY Z 51 48.56 -44.42 -50.70
N LEU Z 52 48.22 -43.70 -51.76
CA LEU Z 52 48.77 -43.97 -53.07
C LEU Z 52 50.23 -43.50 -53.16
N THR Z 53 50.81 -43.69 -54.35
CA THR Z 53 52.19 -43.33 -54.61
C THR Z 53 52.32 -43.00 -56.10
N ASN Z 54 53.39 -42.29 -56.44
CA ASN Z 54 53.63 -41.81 -57.80
C ASN Z 54 54.20 -42.89 -58.73
N LYS Z 55 54.05 -44.19 -58.46
CA LYS Z 55 54.68 -45.23 -59.26
C LYS Z 55 53.75 -45.81 -60.32
N THR Z 56 52.88 -44.98 -60.89
CA THR Z 56 51.96 -45.45 -61.93
C THR Z 56 52.75 -45.86 -63.18
N THR Z 57 52.19 -46.82 -63.92
CA THR Z 57 52.77 -47.29 -65.17
C THR Z 57 51.66 -47.50 -66.19
N PHE Z 58 51.94 -47.15 -67.45
CA PHE Z 58 50.97 -47.22 -68.53
C PHE Z 58 51.48 -48.14 -69.64
N GLU Z 59 50.56 -48.78 -70.33
CA GLU Z 59 50.87 -49.65 -71.46
C GLU Z 59 49.74 -49.58 -72.47
N PHE Z 60 50.09 -49.64 -73.76
CA PHE Z 60 49.14 -49.55 -74.85
C PHE Z 60 49.19 -50.82 -75.69
N GLU Z 61 48.02 -51.26 -76.15
CA GLU Z 61 47.89 -52.44 -77.00
C GLU Z 61 47.02 -52.10 -78.21
N ASN Z 62 47.38 -52.64 -79.37
CA ASN Z 62 46.65 -52.39 -80.61
C ASN Z 62 45.69 -53.56 -80.85
N VAL Z 63 44.50 -53.46 -80.27
CA VAL Z 63 43.50 -54.51 -80.47
C VAL Z 63 42.97 -54.49 -81.88
N SER Z 64 42.73 -53.29 -82.44
CA SER Z 64 42.21 -53.18 -83.81
C SER Z 64 42.66 -51.82 -84.34
N VAL Z 65 43.65 -51.84 -85.24
CA VAL Z 65 44.20 -50.63 -85.81
C VAL Z 65 44.42 -50.83 -87.30
N THR Z 66 44.19 -49.77 -88.07
CA THR Z 66 44.39 -49.78 -89.51
C THR Z 66 45.68 -49.06 -89.84
N GLU Z 67 46.46 -49.62 -90.75
CA GLU Z 67 47.75 -49.04 -91.08
C GLU Z 67 47.57 -47.76 -91.89
N PRO Z 68 48.57 -46.86 -91.85
CA PRO Z 68 48.46 -45.61 -92.61
C PRO Z 68 48.83 -45.80 -94.07
N LEU Z 69 48.12 -45.11 -94.95
CA LEU Z 69 48.38 -45.17 -96.39
C LEU Z 69 49.33 -44.09 -96.87
N VAL Z 70 49.86 -43.26 -95.97
CA VAL Z 70 50.82 -42.22 -96.31
C VAL Z 70 51.95 -42.27 -95.29
N ASN Z 71 53.09 -41.68 -95.67
CA ASN Z 71 54.30 -41.74 -94.86
C ASN Z 71 54.67 -40.35 -94.37
N SER Z 72 54.94 -40.24 -93.07
CA SER Z 72 55.45 -38.99 -92.53
C SER Z 72 56.88 -38.75 -92.98
N ALA Z 73 57.30 -37.49 -92.95
CA ALA Z 73 58.62 -37.11 -93.41
C ALA Z 73 59.24 -36.11 -92.45
N PHE Z 74 60.58 -36.09 -92.44
CA PHE Z 74 61.35 -35.19 -91.59
C PHE Z 74 62.42 -34.53 -92.44
N GLU Z 75 62.60 -33.22 -92.27
CA GLU Z 75 63.52 -32.45 -93.09
C GLU Z 75 64.16 -31.36 -92.25
N ARG Z 76 64.98 -30.54 -92.90
CA ARG Z 76 65.74 -29.50 -92.22
C ARG Z 76 65.90 -28.28 -93.13
N THR Z 77 66.33 -27.18 -92.52
CA THR Z 77 66.70 -25.97 -93.25
C THR Z 77 67.59 -25.12 -92.35
N PRO Z 78 68.52 -24.36 -92.92
CA PRO Z 78 69.40 -23.53 -92.07
C PRO Z 78 68.66 -22.34 -91.46
N PHE Z 79 69.41 -21.58 -90.67
CA PHE Z 79 68.89 -20.42 -89.97
C PHE Z 79 68.32 -19.40 -90.95
N ASN Z 80 67.11 -18.92 -90.66
CA ASN Z 80 66.43 -17.90 -91.47
C ASN Z 80 66.39 -18.27 -92.95
N THR Z 81 66.34 -19.57 -93.26
CA THR Z 81 66.37 -20.06 -94.63
C THR Z 81 65.03 -20.70 -94.97
N THR Z 82 64.46 -20.30 -96.10
CA THR Z 82 63.21 -20.88 -96.56
C THR Z 82 63.42 -22.34 -96.98
N LEU Z 83 62.42 -23.17 -96.72
CA LEU Z 83 62.45 -24.59 -97.05
C LEU Z 83 61.40 -24.88 -98.11
N ALA Z 84 61.80 -25.60 -99.15
CA ALA Z 84 60.89 -25.97 -100.23
C ALA Z 84 60.93 -27.48 -100.41
N GLY Z 85 59.79 -28.03 -100.82
CA GLY Z 85 59.68 -29.47 -100.96
C GLY Z 85 58.40 -29.84 -101.67
N SER Z 86 58.06 -31.13 -101.59
CA SER Z 86 56.87 -31.64 -102.25
C SER Z 86 56.31 -32.80 -101.47
N LEU Z 87 54.98 -32.95 -101.51
CA LEU Z 87 54.29 -34.03 -100.82
C LEU Z 87 54.01 -35.22 -101.72
N ALA Z 88 54.37 -35.16 -103.00
CA ALA Z 88 54.02 -36.23 -103.92
C ALA Z 88 54.72 -37.54 -103.57
N ALA Z 89 55.98 -37.47 -103.14
CA ALA Z 89 56.73 -38.69 -102.88
C ALA Z 89 56.21 -39.46 -101.67
N LEU Z 90 55.32 -38.88 -100.88
CA LEU Z 90 54.86 -39.48 -99.64
C LEU Z 90 53.61 -40.35 -99.82
N PHE Z 91 53.14 -40.52 -101.05
CA PHE Z 91 51.96 -41.34 -101.33
C PHE Z 91 52.35 -42.47 -102.27
N PRO Z 92 52.81 -43.61 -101.76
CA PRO Z 92 53.27 -44.69 -102.65
C PRO Z 92 52.15 -45.58 -103.16
N ASN Z 93 51.15 -44.98 -103.80
CA ASN Z 93 50.05 -45.76 -104.35
C ASN Z 93 50.53 -46.54 -105.58
N PRO Z 94 50.38 -47.87 -105.60
CA PRO Z 94 50.78 -48.61 -106.81
C PRO Z 94 49.78 -48.51 -107.94
N GLU Z 95 48.56 -48.06 -107.68
CA GLU Z 95 47.53 -47.94 -108.70
C GLU Z 95 47.62 -46.57 -109.39
N GLY Z 96 46.97 -46.49 -110.54
CA GLY Z 96 46.87 -45.23 -111.26
C GLY Z 96 45.58 -44.51 -110.92
N GLU Z 97 45.69 -43.34 -110.29
CA GLU Z 97 44.52 -42.60 -109.85
C GLU Z 97 44.90 -41.14 -109.64
N ALA Z 98 43.89 -40.29 -109.61
CA ALA Z 98 44.11 -38.87 -109.37
C ALA Z 98 44.47 -38.62 -107.91
N VAL Z 99 45.30 -37.60 -107.70
CA VAL Z 99 45.74 -37.22 -106.36
C VAL Z 99 45.47 -35.74 -106.16
N GLU Z 100 44.94 -35.42 -104.99
CA GLU Z 100 44.69 -34.04 -104.58
C GLU Z 100 45.32 -33.81 -103.22
N TYR Z 101 45.98 -32.66 -103.08
CA TYR Z 101 46.73 -32.33 -101.87
C TYR Z 101 46.00 -31.26 -101.09
N GLU Z 102 46.06 -31.37 -99.76
CA GLU Z 102 45.35 -30.45 -98.88
C GLU Z 102 46.18 -30.25 -97.63
N ILE Z 103 46.05 -29.07 -97.02
CA ILE Z 103 46.71 -28.73 -95.77
C ILE Z 103 45.64 -28.49 -94.72
N LEU Z 104 45.66 -29.28 -93.65
CA LEU Z 104 44.72 -29.09 -92.55
C LEU Z 104 45.04 -27.77 -91.87
N GLU Z 105 44.01 -26.94 -91.68
CA GLU Z 105 44.20 -25.59 -91.16
C GLU Z 105 43.80 -25.44 -89.70
N LEU Z 106 43.19 -26.46 -89.10
CA LEU Z 106 42.95 -26.41 -87.66
C LEU Z 106 44.22 -26.57 -86.85
N TYR Z 107 45.33 -26.93 -87.51
CA TYR Z 107 46.61 -27.20 -86.84
C TYR Z 107 47.71 -26.42 -87.53
N PRO Z 108 47.65 -25.09 -87.49
CA PRO Z 108 48.63 -24.28 -88.22
C PRO Z 108 50.01 -24.38 -87.59
N PRO Z 109 51.06 -24.13 -88.36
CA PRO Z 109 52.41 -24.17 -87.80
C PRO Z 109 52.58 -23.12 -86.70
N VAL Z 110 53.38 -23.46 -85.71
CA VAL Z 110 53.53 -22.59 -84.54
C VAL Z 110 54.48 -21.43 -84.81
N ASN Z 111 55.56 -21.65 -85.56
CA ASN Z 111 56.60 -20.64 -85.75
C ASN Z 111 56.92 -20.44 -87.22
N GLY Z 112 55.90 -20.40 -88.07
CA GLY Z 112 56.14 -20.20 -89.48
C GLY Z 112 54.84 -20.17 -90.25
N ILE Z 113 54.97 -20.22 -91.57
CA ILE Z 113 53.83 -20.24 -92.48
C ILE Z 113 54.08 -21.28 -93.56
N VAL Z 114 53.03 -22.00 -93.92
CA VAL Z 114 53.10 -23.02 -94.96
C VAL Z 114 52.24 -22.58 -96.14
N GLU Z 115 52.82 -22.58 -97.33
CA GLU Z 115 52.14 -22.18 -98.56
C GLU Z 115 52.14 -23.36 -99.51
N LEU Z 116 50.95 -23.88 -99.80
CA LEU Z 116 50.85 -25.05 -100.67
C LEU Z 116 51.00 -24.63 -102.13
N GLY Z 117 51.96 -25.24 -102.83
CA GLY Z 117 52.17 -25.00 -104.23
C GLY Z 117 51.32 -25.91 -105.09
N GLU Z 118 51.64 -25.92 -106.38
CA GLU Z 118 50.91 -26.75 -107.34
C GLU Z 118 51.49 -28.15 -107.38
N ASN Z 119 50.60 -29.13 -107.57
CA ASN Z 119 50.99 -30.52 -107.75
C ASN Z 119 51.84 -31.01 -106.58
N GLY Z 120 51.44 -30.64 -105.37
CA GLY Z 120 52.09 -31.14 -104.17
C GLY Z 120 53.28 -30.34 -103.69
N ALA Z 121 53.73 -29.35 -104.45
CA ALA Z 121 54.83 -28.52 -103.99
C ALA Z 121 54.36 -27.63 -102.83
N PHE Z 122 55.30 -27.28 -101.96
CA PHE Z 122 54.99 -26.44 -100.81
C PHE Z 122 56.21 -25.60 -100.46
N THR Z 123 55.97 -24.57 -99.66
CA THR Z 123 57.02 -23.68 -99.19
C THR Z 123 56.75 -23.28 -97.75
N TYR Z 124 57.73 -23.54 -96.88
CA TYR Z 124 57.65 -23.21 -95.47
C TYR Z 124 58.61 -22.06 -95.19
N ARG Z 125 58.09 -20.98 -94.63
CA ARG Z 125 58.88 -19.77 -94.39
C ARG Z 125 59.00 -19.54 -92.88
N PRO Z 126 60.10 -19.94 -92.25
CA PRO Z 126 60.20 -19.77 -90.79
C PRO Z 126 60.28 -18.31 -90.40
N ALA Z 127 59.76 -18.02 -89.21
CA ALA Z 127 59.86 -16.67 -88.66
C ALA Z 127 61.31 -16.36 -88.33
N THR Z 128 61.66 -15.08 -88.45
CA THR Z 128 63.03 -14.65 -88.23
C THR Z 128 63.47 -14.93 -86.80
N SER Z 129 64.67 -15.50 -86.65
CA SER Z 129 65.30 -15.75 -85.36
C SER Z 129 64.73 -16.96 -84.64
N PHE Z 130 63.92 -17.78 -85.31
CA PHE Z 130 63.37 -18.95 -84.67
C PHE Z 130 64.35 -20.12 -84.72
N THR Z 131 64.36 -20.91 -83.66
CA THR Z 131 65.26 -22.06 -83.56
C THR Z 131 64.57 -23.16 -82.78
N GLY Z 132 64.25 -24.26 -83.44
CA GLY Z 132 63.56 -25.36 -82.80
C GLY Z 132 62.91 -26.25 -83.84
N ILE Z 133 61.83 -26.91 -83.41
CA ILE Z 133 61.09 -27.86 -84.23
C ILE Z 133 59.73 -27.26 -84.56
N ASP Z 134 59.18 -27.65 -85.71
CA ASP Z 134 57.87 -27.19 -86.14
C ASP Z 134 57.16 -28.31 -86.89
N ARG Z 135 55.84 -28.22 -86.97
CA ARG Z 135 55.03 -29.26 -87.58
C ARG Z 135 53.93 -28.63 -88.42
N PHE Z 136 53.42 -29.41 -89.36
CA PHE Z 136 52.20 -29.05 -90.09
C PHE Z 136 51.64 -30.31 -90.71
N TRP Z 137 50.31 -30.45 -90.63
CA TRP Z 137 49.62 -31.68 -91.00
C TRP Z 137 49.02 -31.53 -92.39
N PHE Z 138 49.22 -32.54 -93.23
CA PHE Z 138 48.78 -32.53 -94.61
C PHE Z 138 47.89 -33.73 -94.89
N SER Z 139 47.13 -33.65 -95.97
CA SER Z 139 46.26 -34.72 -96.42
C SER Z 139 46.48 -34.96 -97.89
N ILE Z 140 46.53 -36.24 -98.29
CA ILE Z 140 46.68 -36.64 -99.68
C ILE Z 140 45.52 -37.55 -100.04
N ASN Z 141 44.55 -37.02 -100.78
CA ASN Z 141 43.41 -37.79 -101.26
C ASN Z 141 42.64 -38.40 -100.10
N GLY Z 142 42.61 -37.71 -98.96
CA GLY Z 142 41.84 -38.15 -97.82
C GLY Z 142 42.60 -38.93 -96.76
N ASN Z 143 43.92 -38.98 -96.85
CA ASN Z 143 44.74 -39.68 -95.86
C ASN Z 143 45.64 -38.67 -95.16
N VAL Z 144 45.64 -38.73 -93.82
CA VAL Z 144 46.33 -37.74 -93.00
C VAL Z 144 47.75 -38.21 -92.73
N GLY Z 145 48.66 -37.25 -92.59
CA GLY Z 145 50.04 -37.56 -92.28
C GLY Z 145 50.71 -36.36 -91.64
N GLU Z 146 51.84 -36.62 -91.00
CA GLU Z 146 52.58 -35.60 -90.27
C GLU Z 146 53.85 -35.23 -91.03
N PHE Z 147 54.14 -33.94 -91.10
CA PHE Z 147 55.40 -33.44 -91.64
C PHE Z 147 56.10 -32.63 -90.56
N VAL Z 148 57.36 -32.97 -90.29
CA VAL Z 148 58.14 -32.31 -89.26
C VAL Z 148 59.27 -31.53 -89.92
N ILE Z 149 59.59 -30.37 -89.37
CA ILE Z 149 60.63 -29.51 -89.89
C ILE Z 149 61.48 -29.03 -88.71
N ALA Z 150 62.80 -28.99 -88.92
CA ALA Z 150 63.74 -28.49 -87.94
C ALA Z 150 64.57 -27.36 -88.53
N VAL Z 151 64.72 -26.28 -87.78
CA VAL Z 151 65.53 -25.14 -88.17
C VAL Z 151 66.72 -25.09 -87.21
N ASP Z 152 67.92 -25.00 -87.78
CA ASP Z 152 69.12 -25.12 -86.95
C ASP Z 152 69.84 -23.79 -86.80
N PRO Z 153 70.49 -23.55 -85.67
CA PRO Z 153 71.26 -22.31 -85.52
C PRO Z 153 72.47 -22.30 -86.44
N ALA Z 154 72.90 -21.10 -86.79
CA ALA Z 154 74.03 -20.92 -87.69
C ALA Z 154 75.38 -20.93 -86.96
N GLN Z 155 75.40 -21.10 -85.64
CA GLN Z 155 76.63 -21.08 -84.86
C GLN Z 155 76.65 -22.20 -83.82
N GLY Z 156 76.18 -23.39 -84.19
CA GLY Z 156 76.13 -24.49 -83.26
C GLY Z 156 75.88 -25.83 -83.93
N PRO Z 157 75.74 -26.88 -83.13
CA PRO Z 157 75.51 -28.21 -83.69
C PRO Z 157 74.07 -28.40 -84.16
N GLN Z 158 73.88 -29.45 -84.96
CA GLN Z 158 72.58 -29.76 -85.51
C GLN Z 158 71.69 -30.40 -84.46
N ILE Z 159 70.37 -30.23 -84.62
CA ILE Z 159 69.42 -30.75 -83.65
C ILE Z 159 69.10 -32.21 -83.97
N ALA Z 160 68.92 -33.01 -82.93
CA ALA Z 160 68.60 -34.42 -83.11
C ALA Z 160 67.15 -34.58 -83.57
N GLN Z 161 66.93 -35.54 -84.46
CA GLN Z 161 65.59 -35.77 -84.99
C GLN Z 161 64.65 -36.22 -83.88
N PRO Z 162 63.47 -35.65 -83.76
CA PRO Z 162 62.52 -36.09 -82.73
C PRO Z 162 61.67 -37.24 -83.22
N PRO Z 163 61.03 -37.98 -82.32
CA PRO Z 163 60.16 -39.07 -82.75
C PRO Z 163 58.81 -38.56 -83.23
N PHE Z 164 58.25 -39.24 -84.23
CA PHE Z 164 56.96 -38.87 -84.76
C PHE Z 164 55.88 -39.08 -83.70
N THR Z 165 54.89 -38.19 -83.70
CA THR Z 165 53.83 -38.27 -82.70
C THR Z 165 52.96 -39.51 -82.95
N PRO Z 166 52.73 -40.33 -81.93
CA PRO Z 166 51.89 -41.52 -82.13
C PRO Z 166 50.44 -41.14 -82.41
N ALA Z 167 49.62 -42.17 -82.66
CA ALA Z 167 48.20 -41.96 -82.86
C ALA Z 167 47.51 -41.58 -81.55
N VAL Z 168 47.84 -42.28 -80.46
CA VAL Z 168 47.34 -41.97 -79.14
C VAL Z 168 48.49 -42.08 -78.15
N TYR Z 169 48.52 -41.16 -77.19
CA TYR Z 169 49.63 -41.10 -76.25
C TYR Z 169 49.14 -40.49 -74.94
N VAL Z 170 49.93 -40.70 -73.89
CA VAL Z 170 49.66 -40.15 -72.56
C VAL Z 170 50.95 -39.49 -72.08
N PRO Z 171 51.01 -38.17 -71.99
CA PRO Z 171 52.26 -37.53 -71.52
C PRO Z 171 52.63 -38.01 -70.13
N LEU Z 172 53.93 -38.18 -69.91
CA LEU Z 172 54.41 -38.71 -68.64
C LEU Z 172 54.66 -37.62 -67.60
N SER Z 173 54.97 -36.41 -68.02
CA SER Z 173 55.22 -35.33 -67.07
C SER Z 173 53.93 -34.79 -66.47
N ARG Z 174 52.82 -34.90 -67.20
CA ARG Z 174 51.53 -34.38 -66.74
C ARG Z 174 50.74 -35.46 -66.01
N ARG Z 175 51.15 -35.71 -64.77
CA ARG Z 175 50.51 -36.73 -63.94
C ARG Z 175 50.63 -36.31 -62.48
N GLU Z 176 49.57 -36.52 -61.72
CA GLU Z 176 49.57 -36.16 -60.31
C GLU Z 176 48.57 -37.03 -59.56
N VAL Z 177 48.78 -37.15 -58.26
CA VAL Z 177 47.90 -37.90 -57.38
C VAL Z 177 47.53 -37.00 -56.21
N ASN Z 178 46.24 -36.92 -55.92
CA ASN Z 178 45.74 -36.09 -54.82
C ASN Z 178 45.64 -36.96 -53.58
N LYS Z 179 46.66 -36.89 -52.73
CA LYS Z 179 46.72 -37.77 -51.56
C LYS Z 179 45.55 -37.56 -50.62
N GLN Z 180 44.96 -36.36 -50.59
CA GLN Z 180 43.86 -36.11 -49.66
C GLN Z 180 42.61 -36.89 -50.04
N THR Z 181 42.37 -37.10 -51.33
CA THR Z 181 41.18 -37.79 -51.80
C THR Z 181 41.51 -39.08 -52.55
N GLN Z 182 42.78 -39.46 -52.64
CA GLN Z 182 43.18 -40.70 -53.29
C GLN Z 182 42.62 -40.79 -54.71
N ALA Z 183 43.03 -39.86 -55.55
CA ALA Z 183 42.61 -39.81 -56.95
C ALA Z 183 43.82 -39.62 -57.84
N LEU Z 184 43.76 -40.21 -59.03
CA LEU Z 184 44.84 -40.13 -60.01
C LEU Z 184 44.37 -39.35 -61.23
N ARG Z 185 45.22 -38.44 -61.71
CA ARG Z 185 44.92 -37.63 -62.88
C ARG Z 185 45.99 -37.84 -63.94
N PHE Z 186 45.57 -37.94 -65.20
CA PHE Z 186 46.49 -38.03 -66.32
C PHE Z 186 45.78 -37.49 -67.56
N VAL Z 187 46.57 -37.21 -68.60
CA VAL Z 187 46.09 -36.54 -69.80
C VAL Z 187 46.14 -37.52 -70.95
N LEU Z 188 45.04 -37.62 -71.70
CA LEU Z 188 44.96 -38.45 -72.89
C LEU Z 188 44.81 -37.56 -74.12
N GLY Z 189 45.69 -37.73 -75.08
CA GLY Z 189 45.68 -36.92 -76.29
C GLY Z 189 45.69 -37.78 -77.53
N VAL Z 190 44.83 -37.43 -78.48
CA VAL Z 190 44.67 -38.18 -79.72
C VAL Z 190 45.25 -37.33 -80.86
N SER Z 191 46.18 -37.93 -81.61
CA SER Z 191 46.77 -37.22 -82.74
C SER Z 191 45.74 -37.08 -83.86
N PRO Z 192 45.90 -36.08 -84.73
CA PRO Z 192 44.97 -35.92 -85.85
C PRO Z 192 44.99 -37.12 -86.79
N ALA Z 193 46.10 -37.85 -86.81
CA ALA Z 193 46.25 -38.97 -87.74
C ALA Z 193 45.37 -40.16 -87.38
N ALA Z 194 44.78 -40.18 -86.18
CA ALA Z 194 43.95 -41.30 -85.79
C ALA Z 194 42.79 -41.49 -86.75
N LYS Z 195 42.51 -42.75 -87.10
CA LYS Z 195 41.41 -43.07 -88.01
C LYS Z 195 40.20 -43.53 -87.21
N PRO Z 196 38.99 -43.10 -87.58
CA PRO Z 196 37.81 -43.52 -86.81
C PRO Z 196 37.57 -45.02 -86.90
N ALA Z 197 36.76 -45.51 -85.96
CA ALA Z 197 36.37 -46.92 -85.90
C ALA Z 197 37.50 -47.79 -85.36
N ASP Z 198 38.66 -47.20 -85.08
CA ASP Z 198 39.76 -47.95 -84.50
C ASP Z 198 39.56 -48.13 -83.00
N ILE Z 199 40.32 -49.04 -82.42
CA ILE Z 199 40.24 -49.34 -80.99
C ILE Z 199 41.65 -49.53 -80.45
N TYR Z 200 41.89 -49.00 -79.25
CA TYR Z 200 43.11 -49.22 -78.51
C TYR Z 200 42.76 -49.64 -77.08
N ARG Z 201 43.71 -50.29 -76.41
CA ARG Z 201 43.55 -50.71 -75.03
C ARG Z 201 44.65 -50.12 -74.18
N LEU Z 202 44.29 -49.63 -72.99
CA LEU Z 202 45.23 -49.01 -72.07
C LEU Z 202 45.20 -49.77 -70.75
N ASN Z 203 46.37 -50.12 -70.24
CA ASN Z 203 46.52 -50.83 -68.98
C ASN Z 203 47.24 -49.95 -67.98
N ILE Z 204 46.72 -49.86 -66.76
CA ILE Z 204 47.26 -49.00 -65.72
C ILE Z 204 47.59 -49.87 -64.51
N ARG Z 205 48.80 -49.73 -64.00
CA ARG Z 205 49.23 -50.40 -62.77
C ARG Z 205 49.61 -49.35 -61.75
N GLN Z 206 48.81 -49.23 -60.69
CA GLN Z 206 48.99 -48.20 -59.69
C GLN Z 206 49.44 -48.84 -58.39
N ALA Z 207 50.28 -48.13 -57.65
CA ALA Z 207 50.92 -48.65 -56.45
C ALA Z 207 50.46 -47.89 -55.22
N ALA Z 208 50.21 -48.65 -54.15
CA ALA Z 208 49.90 -48.09 -52.84
C ALA Z 208 50.92 -48.61 -51.84
N ILE Z 209 51.08 -47.89 -50.73
CA ILE Z 209 52.15 -48.15 -49.77
C ILE Z 209 51.54 -48.28 -48.38
N ASP Z 210 52.07 -49.22 -47.59
CA ASP Z 210 51.59 -49.41 -46.23
C ASP Z 210 52.28 -48.42 -45.29
N CYS Z 211 52.14 -48.67 -43.98
CA CYS Z 211 52.66 -47.77 -42.96
C CYS Z 211 54.16 -47.89 -42.78
N GLU Z 212 54.81 -48.90 -43.37
CA GLU Z 212 56.24 -49.11 -43.17
C GLU Z 212 57.05 -48.98 -44.46
N GLY Z 213 56.41 -48.68 -45.59
CA GLY Z 213 57.11 -48.52 -46.85
C GLY Z 213 56.89 -49.63 -47.84
N ASN Z 214 56.27 -50.74 -47.45
CA ASN Z 214 55.99 -51.83 -48.37
C ASN Z 214 54.85 -51.45 -49.31
N GLU Z 215 54.82 -52.09 -50.47
CA GLU Z 215 53.99 -51.65 -51.58
C GLU Z 215 52.89 -52.67 -51.91
N TYR Z 216 51.73 -52.14 -52.28
CA TYR Z 216 50.66 -52.91 -52.90
C TYR Z 216 50.54 -52.47 -54.35
N PHE Z 217 49.76 -53.22 -55.14
CA PHE Z 217 49.55 -52.90 -56.54
C PHE Z 217 48.12 -53.20 -56.95
N HIS Z 218 47.64 -52.46 -57.94
CA HIS Z 218 46.29 -52.61 -58.49
C HIS Z 218 46.36 -52.41 -59.99
N ILE Z 219 45.58 -53.21 -60.72
CA ILE Z 219 45.65 -53.24 -62.18
C ILE Z 219 44.25 -53.08 -62.75
N SER Z 220 44.12 -52.25 -63.78
CA SER Z 220 42.86 -52.06 -64.49
C SER Z 220 43.18 -51.69 -65.93
N CYS Z 221 42.19 -51.87 -66.80
CA CYS Z 221 42.37 -51.62 -68.22
C CYS Z 221 41.18 -50.87 -68.77
N TYR Z 222 41.42 -50.09 -69.83
CA TYR Z 222 40.39 -49.26 -70.46
C TYR Z 222 40.48 -49.40 -71.97
N ASP Z 223 39.33 -49.34 -72.63
CA ASP Z 223 39.25 -49.45 -74.09
C ASP Z 223 39.03 -48.05 -74.67
N ILE Z 224 39.83 -47.70 -75.67
CA ILE Z 224 39.77 -46.40 -76.32
C ILE Z 224 39.35 -46.62 -77.76
N SER Z 225 38.26 -45.98 -78.18
CA SER Z 225 37.73 -46.11 -79.54
C SER Z 225 37.68 -44.72 -80.17
N ILE Z 226 38.19 -44.62 -81.40
CA ILE Z 226 38.22 -43.34 -82.10
C ILE Z 226 36.85 -43.06 -82.68
N GLY Z 227 36.30 -41.89 -82.38
CA GLY Z 227 34.99 -41.49 -82.84
C GLY Z 227 35.04 -40.45 -83.93
N SER Z 228 33.93 -39.76 -84.12
CA SER Z 228 33.80 -38.73 -85.14
C SER Z 228 32.66 -37.79 -84.75
N CYS Z 229 32.35 -36.85 -85.63
CA CYS Z 229 31.32 -35.87 -85.35
C CYS Z 229 29.94 -36.53 -85.40
N GLY Z 230 28.96 -35.80 -84.87
CA GLY Z 230 27.58 -36.29 -84.82
C GLY Z 230 26.57 -35.17 -84.65
N CYS AA 23 34.65 -74.01 -48.01
CA CYS AA 23 35.82 -73.18 -47.76
C CYS AA 23 35.67 -71.82 -48.44
N GLU AA 24 36.12 -70.77 -47.76
CA GLU AA 24 36.01 -69.43 -48.31
C GLU AA 24 36.83 -69.31 -49.60
N SER AA 25 36.32 -68.53 -50.53
CA SER AA 25 36.89 -68.40 -51.87
C SER AA 25 37.54 -67.03 -52.03
N ILE AA 26 38.74 -67.02 -52.61
CA ILE AA 26 39.47 -65.80 -52.91
C ILE AA 26 39.77 -65.79 -54.40
N SER AA 27 39.44 -64.69 -55.07
CA SER AA 27 39.71 -64.51 -56.50
C SER AA 27 40.78 -63.44 -56.66
N ALA AA 28 41.87 -63.79 -57.34
CA ALA AA 28 43.00 -62.89 -57.48
C ALA AA 28 43.41 -62.82 -58.95
N ARG AA 29 43.98 -61.69 -59.35
CA ARG AA 29 44.42 -61.46 -60.72
C ARG AA 29 45.94 -61.53 -60.80
N PRO AA 30 46.50 -61.93 -61.94
CA PRO AA 30 47.96 -61.94 -62.07
C PRO AA 30 48.55 -60.55 -61.86
N GLY AA 31 49.70 -60.51 -61.20
CA GLY AA 31 50.41 -59.26 -60.99
C GLY AA 31 49.87 -58.39 -59.87
N GLU AA 32 48.90 -58.88 -59.10
CA GLU AA 32 48.25 -58.07 -58.07
C GLU AA 32 48.78 -58.44 -56.69
N VAL AA 33 48.73 -57.47 -55.78
CA VAL AA 33 49.05 -57.68 -54.37
C VAL AA 33 47.95 -56.99 -53.58
N ASN AA 34 47.13 -57.77 -52.89
CA ASN AA 34 45.87 -57.27 -52.36
C ASN AA 34 45.83 -57.14 -50.84
N GLY AA 35 46.17 -58.18 -50.09
CA GLY AA 35 46.07 -58.13 -48.65
C GLY AA 35 44.73 -58.63 -48.15
N VAL AA 36 44.74 -59.37 -47.04
CA VAL AA 36 43.55 -60.02 -46.51
C VAL AA 36 43.48 -59.77 -45.01
N MET AA 37 42.27 -59.85 -44.46
CA MET AA 37 42.03 -59.65 -43.04
C MET AA 37 41.01 -60.65 -42.56
N VAL AA 38 41.29 -61.31 -41.43
CA VAL AA 38 40.40 -62.28 -40.82
C VAL AA 38 40.23 -61.91 -39.35
N SER AA 39 39.02 -62.09 -38.83
CA SER AA 39 38.67 -61.68 -37.47
C SER AA 39 38.46 -62.92 -36.61
N TYR AA 40 39.18 -62.98 -35.48
CA TYR AA 40 39.12 -64.12 -34.58
C TYR AA 40 38.33 -63.81 -33.30
N VAL AA 41 37.60 -62.70 -33.25
CA VAL AA 41 36.89 -62.34 -32.03
C VAL AA 41 35.89 -63.42 -31.65
N ALA AA 42 35.22 -64.01 -32.65
CA ALA AA 42 34.17 -64.98 -32.37
C ALA AA 42 34.73 -66.22 -31.67
N TRP AA 43 36.04 -66.48 -31.81
CA TRP AA 43 36.64 -67.68 -31.25
C TRP AA 43 37.43 -67.39 -29.97
N SER AA 44 38.38 -66.46 -30.05
CA SER AA 44 39.29 -66.22 -28.93
C SER AA 44 38.65 -65.42 -27.80
N ALA AA 45 37.56 -64.70 -28.08
CA ALA AA 45 36.97 -63.85 -27.04
C ALA AA 45 36.51 -64.62 -25.82
N PRO AA 46 35.70 -65.68 -25.95
CA PRO AA 46 35.24 -66.39 -24.75
C PRO AA 46 36.33 -67.13 -23.99
N LEU AA 47 37.47 -67.42 -24.62
CA LEU AA 47 38.51 -68.18 -23.94
C LEU AA 47 39.21 -67.36 -22.86
N GLY AA 48 38.98 -66.05 -22.78
CA GLY AA 48 39.74 -65.25 -21.85
C GLY AA 48 41.20 -65.19 -22.26
N GLY AA 49 42.08 -65.16 -21.26
CA GLY AA 49 43.49 -65.17 -21.55
C GLY AA 49 43.96 -63.87 -22.19
N HIS AA 50 45.00 -64.00 -23.02
CA HIS AA 50 45.65 -62.85 -23.64
C HIS AA 50 45.46 -62.81 -25.15
N GLY AA 51 44.43 -63.46 -25.68
CA GLY AA 51 44.13 -63.34 -27.09
C GLY AA 51 45.15 -64.04 -27.98
N LEU AA 52 45.32 -63.49 -29.17
CA LEU AA 52 46.18 -64.12 -30.17
C LEU AA 52 47.64 -64.01 -29.78
N THR AA 53 48.49 -64.76 -30.51
CA THR AA 53 49.87 -64.96 -30.10
C THR AA 53 50.89 -64.40 -31.09
N ASN AA 54 50.54 -64.23 -32.36
CA ASN AA 54 51.46 -63.77 -33.39
C ASN AA 54 52.46 -64.85 -33.80
N LYS AA 55 52.03 -66.11 -33.87
CA LYS AA 55 52.84 -67.21 -34.36
C LYS AA 55 52.08 -68.01 -35.41
N THR AA 56 51.49 -67.31 -36.37
CA THR AA 56 50.72 -67.98 -37.42
C THR AA 56 51.63 -68.82 -38.30
N THR AA 57 51.03 -69.80 -38.99
CA THR AA 57 51.73 -70.67 -39.92
C THR AA 57 50.88 -70.85 -41.16
N PHE AA 58 51.53 -70.88 -42.33
CA PHE AA 58 50.85 -70.94 -43.61
C PHE AA 58 51.36 -72.13 -44.42
N GLU AA 59 50.50 -72.64 -45.30
CA GLU AA 59 50.86 -73.76 -46.17
C GLU AA 59 50.04 -73.67 -47.45
N PHE AA 60 50.66 -74.04 -48.57
CA PHE AA 60 50.03 -74.01 -49.88
C PHE AA 60 49.93 -75.42 -50.45
N GLU AA 61 48.83 -75.69 -51.15
CA GLU AA 61 48.60 -76.97 -51.82
C GLU AA 61 48.16 -76.71 -53.24
N ASN AA 62 48.66 -77.52 -54.18
CA ASN AA 62 48.33 -77.37 -55.60
C ASN AA 62 47.20 -78.34 -55.97
N VAL AA 63 45.97 -77.85 -55.78
CA VAL AA 63 44.81 -78.67 -56.11
C VAL AA 63 44.68 -78.83 -57.62
N SER AA 64 44.92 -77.76 -58.38
CA SER AA 64 44.81 -77.81 -59.83
C SER AA 64 45.72 -76.73 -60.40
N VAL AA 65 46.84 -77.14 -60.99
CA VAL AA 65 47.82 -76.22 -61.55
C VAL AA 65 48.34 -76.79 -62.86
N THR AA 66 48.57 -75.91 -63.82
CA THR AA 66 49.10 -76.27 -65.14
C THR AA 66 50.58 -75.96 -65.18
N GLU AA 67 51.38 -76.89 -65.71
CA GLU AA 67 52.81 -76.70 -65.74
C GLU AA 67 53.18 -75.58 -66.72
N PRO AA 68 54.33 -74.93 -66.50
CA PRO AA 68 54.75 -73.86 -67.42
C PRO AA 68 55.40 -74.44 -68.67
N LEU AA 69 55.16 -73.81 -69.81
CA LEU AA 69 55.73 -74.24 -71.07
C LEU AA 69 57.04 -73.53 -71.40
N VAL AA 70 57.52 -72.65 -70.52
CA VAL AA 70 58.79 -71.95 -70.72
C VAL AA 70 59.59 -72.04 -69.42
N ASN AA 71 60.90 -71.85 -69.53
CA ASN AA 71 61.80 -72.00 -68.41
C ASN AA 71 62.44 -70.67 -68.05
N SER AA 72 62.44 -70.36 -66.76
CA SER AA 72 63.13 -69.17 -66.28
C SER AA 72 64.64 -69.37 -66.36
N ALA AA 73 65.39 -68.27 -66.33
CA ALA AA 73 66.83 -68.31 -66.47
C ALA AA 73 67.46 -67.30 -65.51
N PHE AA 74 68.72 -67.54 -65.18
CA PHE AA 74 69.49 -66.70 -64.29
C PHE AA 74 70.90 -66.51 -64.85
N GLU AA 75 71.43 -65.30 -64.70
CA GLU AA 75 72.73 -64.97 -65.27
C GLU AA 75 73.42 -63.94 -64.38
N ARG AA 76 74.68 -63.66 -64.69
CA ARG AA 76 75.50 -62.73 -63.95
C ARG AA 76 76.26 -61.83 -64.93
N THR AA 77 76.62 -60.64 -64.45
CA THR AA 77 77.43 -59.70 -65.21
C THR AA 77 78.34 -58.94 -64.26
N PRO AA 78 79.50 -58.48 -64.74
CA PRO AA 78 80.38 -57.70 -63.87
C PRO AA 78 79.88 -56.27 -63.66
N PHE AA 79 80.64 -55.53 -62.86
CA PHE AA 79 80.29 -54.16 -62.52
C PHE AA 79 80.23 -53.28 -63.76
N ASN AA 80 79.15 -52.50 -63.88
CA ASN AA 80 78.98 -51.55 -64.97
C ASN AA 80 79.22 -52.20 -66.33
N THR AA 81 78.88 -53.47 -66.46
CA THR AA 81 79.10 -54.22 -67.68
C THR AA 81 77.77 -54.57 -68.33
N THR AA 82 77.64 -54.27 -69.62
CA THR AA 82 76.42 -54.59 -70.34
C THR AA 82 76.28 -56.10 -70.48
N LEU AA 83 75.04 -56.59 -70.43
CA LEU AA 83 74.73 -58.01 -70.53
C LEU AA 83 73.90 -58.25 -71.77
N ALA AA 84 74.35 -59.20 -72.60
CA ALA AA 84 73.64 -59.58 -73.82
C ALA AA 84 73.30 -61.06 -73.77
N GLY AA 85 72.22 -61.42 -74.43
CA GLY AA 85 71.77 -62.81 -74.41
C GLY AA 85 70.64 -63.02 -75.38
N SER AA 86 69.99 -64.17 -75.26
CA SER AA 86 68.90 -64.53 -76.15
C SER AA 86 67.87 -65.34 -75.38
N LEU AA 87 66.60 -65.14 -75.73
CA LEU AA 87 65.51 -65.87 -75.10
C LEU AA 87 65.13 -67.15 -75.83
N ALA AA 88 65.69 -67.37 -77.02
CA ALA AA 88 65.28 -68.52 -77.83
C ALA AA 88 65.58 -69.84 -77.17
N ALA AA 89 66.68 -69.94 -76.41
CA ALA AA 89 67.06 -71.20 -75.80
C ALA AA 89 66.07 -71.65 -74.73
N LEU AA 90 65.19 -70.76 -74.26
CA LEU AA 90 64.30 -71.07 -73.16
C LEU AA 90 62.96 -71.68 -73.59
N PHE AA 91 62.73 -71.82 -74.89
CA PHE AA 91 61.48 -72.42 -75.37
C PHE AA 91 61.79 -73.80 -75.93
N PRO AA 92 61.48 -74.88 -75.23
CA PRO AA 92 61.91 -76.21 -75.65
C PRO AA 92 60.98 -76.95 -76.61
N ASN AA 93 60.06 -76.25 -77.28
CA ASN AA 93 59.08 -76.93 -78.10
C ASN AA 93 59.78 -77.79 -79.16
N PRO AA 94 59.47 -79.08 -79.25
CA PRO AA 94 60.04 -79.91 -80.32
C PRO AA 94 59.22 -79.92 -81.61
N GLU AA 95 58.17 -79.13 -81.69
CA GLU AA 95 57.27 -79.13 -82.82
C GLU AA 95 57.61 -77.98 -83.78
N GLY AA 96 57.00 -78.03 -84.96
CA GLY AA 96 57.21 -77.01 -85.96
C GLY AA 96 56.18 -75.90 -85.87
N GLU AA 97 56.61 -74.73 -85.40
CA GLU AA 97 55.70 -73.60 -85.26
C GLU AA 97 56.52 -72.31 -85.17
N ALA AA 98 55.87 -71.20 -85.48
CA ALA AA 98 56.53 -69.91 -85.41
C ALA AA 98 56.63 -69.44 -83.96
N VAL AA 99 57.66 -68.65 -83.69
CA VAL AA 99 57.90 -68.11 -82.35
C VAL AA 99 58.02 -66.59 -82.45
N GLU AA 100 57.30 -65.91 -81.55
CA GLU AA 100 57.36 -64.46 -81.44
C GLU AA 100 57.71 -64.11 -80.00
N TYR AA 101 58.61 -63.14 -79.84
CA TYR AA 101 59.13 -62.76 -78.54
C TYR AA 101 58.60 -61.38 -78.17
N GLU AA 102 58.25 -61.23 -76.89
CA GLU AA 102 57.69 -59.98 -76.40
C GLU AA 102 58.13 -59.75 -74.97
N ILE AA 103 58.39 -58.50 -74.64
CA ILE AA 103 58.77 -58.09 -73.29
C ILE AA 103 57.60 -57.36 -72.66
N LEU AA 104 57.07 -57.92 -71.57
CA LEU AA 104 55.99 -57.27 -70.84
C LEU AA 104 56.49 -55.94 -70.30
N GLU AA 105 55.68 -54.89 -70.49
CA GLU AA 105 56.10 -53.54 -70.14
C GLU AA 105 55.43 -53.00 -68.89
N LEU AA 106 54.43 -53.68 -68.34
CA LEU AA 106 53.90 -53.30 -67.05
C LEU AA 106 54.86 -53.62 -65.91
N TYR AA 107 55.94 -54.35 -66.17
CA TYR AA 107 56.84 -54.83 -65.14
C TYR AA 107 58.27 -54.49 -65.54
N PRO AA 108 58.59 -53.20 -65.66
CA PRO AA 108 59.90 -52.80 -66.17
C PRO AA 108 61.00 -53.10 -65.17
N PRO AA 109 62.24 -53.24 -65.62
CA PRO AA 109 63.35 -53.41 -64.67
C PRO AA 109 63.48 -52.19 -63.76
N VAL AA 110 63.89 -52.46 -62.52
CA VAL AA 110 63.93 -51.42 -61.50
C VAL AA 110 65.21 -50.60 -61.61
N ASN AA 111 66.32 -51.26 -61.94
CA ASN AA 111 67.63 -50.61 -61.95
C ASN AA 111 68.32 -50.75 -63.30
N GLY AA 112 67.58 -50.70 -64.40
CA GLY AA 112 68.19 -50.81 -65.70
C GLY AA 112 67.16 -50.65 -66.80
N ILE AA 113 67.58 -50.96 -68.02
CA ILE AA 113 66.71 -50.91 -69.18
C ILE AA 113 67.00 -52.11 -70.06
N VAL AA 114 65.92 -52.71 -70.59
CA VAL AA 114 66.01 -53.89 -71.43
C VAL AA 114 65.60 -53.52 -72.85
N GLU AA 115 66.43 -53.88 -73.82
CA GLU AA 115 66.20 -53.59 -75.23
C GLU AA 115 66.11 -54.92 -75.97
N LEU AA 116 64.93 -55.23 -76.51
CA LEU AA 116 64.73 -56.48 -77.22
C LEU AA 116 65.33 -56.41 -78.61
N GLY AA 117 66.12 -57.42 -78.97
CA GLY AA 117 66.73 -57.51 -80.28
C GLY AA 117 65.88 -58.31 -81.25
N GLU AA 118 66.56 -58.92 -82.21
CA GLU AA 118 65.89 -59.73 -83.21
C GLU AA 118 66.03 -61.22 -82.90
N ASN AA 119 64.95 -61.96 -83.18
CA ASN AA 119 64.95 -63.41 -83.02
C ASN AA 119 65.36 -63.81 -81.60
N GLY AA 120 64.79 -63.11 -80.62
CA GLY AA 120 65.01 -63.45 -79.22
C GLY AA 120 66.23 -62.80 -78.58
N ALA AA 121 67.06 -62.11 -79.36
CA ALA AA 121 68.20 -61.43 -78.78
C ALA AA 121 67.74 -60.24 -77.95
N PHE AA 122 68.53 -59.89 -76.94
CA PHE AA 122 68.21 -58.79 -76.05
C PHE AA 122 69.48 -58.22 -75.47
N THR AA 123 69.38 -57.04 -74.89
CA THR AA 123 70.49 -56.37 -74.24
C THR AA 123 70.00 -55.63 -73.01
N TYR AA 124 70.65 -55.88 -71.88
CA TYR AA 124 70.31 -55.26 -70.60
C TYR AA 124 71.43 -54.30 -70.23
N ARG AA 125 71.06 -53.04 -69.98
CA ARG AA 125 72.04 -52.00 -69.69
C ARG AA 125 71.85 -51.51 -68.26
N PRO AA 126 72.61 -52.01 -67.29
CA PRO AA 126 72.41 -51.58 -65.90
C PRO AA 126 72.82 -50.13 -65.69
N ALA AA 127 72.16 -49.49 -64.73
CA ALA AA 127 72.52 -48.13 -64.37
C ALA AA 127 73.90 -48.11 -63.72
N THR AA 128 74.61 -47.01 -63.93
CA THR AA 128 75.97 -46.89 -63.42
C THR AA 128 75.98 -46.96 -61.90
N SER AA 129 76.91 -47.73 -61.34
CA SER AA 129 77.13 -47.85 -59.91
C SER AA 129 76.08 -48.71 -59.22
N PHE AA 130 75.30 -49.47 -59.98
CA PHE AA 130 74.30 -50.35 -59.37
C PHE AA 130 74.92 -51.69 -59.01
N THR AA 131 74.43 -52.26 -57.91
CA THR AA 131 74.91 -53.56 -57.45
C THR AA 131 73.79 -54.26 -56.70
N GLY AA 132 73.29 -55.35 -57.27
CA GLY AA 132 72.19 -56.07 -56.67
C GLY AA 132 71.54 -56.99 -57.69
N ILE AA 133 70.26 -57.27 -57.46
CA ILE AA 133 69.49 -58.19 -58.30
C ILE AA 133 68.50 -57.38 -59.12
N ASP AA 134 68.14 -57.89 -60.29
CA ASP AA 134 67.18 -57.25 -61.17
C ASP AA 134 66.36 -58.31 -61.88
N ARG AA 135 65.22 -57.90 -62.43
CA ARG AA 135 64.29 -58.80 -63.07
C ARG AA 135 63.65 -58.13 -64.28
N PHE AA 136 63.18 -58.96 -65.21
CA PHE AA 136 62.31 -58.49 -66.28
C PHE AA 136 61.58 -59.69 -66.85
N TRP AA 137 60.30 -59.48 -67.20
CA TRP AA 137 59.40 -60.55 -67.55
C TRP AA 137 59.20 -60.59 -69.06
N PHE AA 138 59.33 -61.78 -69.64
CA PHE AA 138 59.24 -61.96 -71.08
C PHE AA 138 58.13 -62.96 -71.40
N SER AA 139 57.69 -62.92 -72.66
CA SER AA 139 56.66 -63.82 -73.16
C SER AA 139 57.11 -64.39 -74.50
N ILE AA 140 56.97 -65.70 -74.66
CA ILE AA 140 57.31 -66.39 -75.90
C ILE AA 140 56.06 -67.06 -76.43
N ASN AA 141 55.50 -66.52 -77.51
CA ASN AA 141 54.36 -67.12 -78.18
C ASN AA 141 53.17 -67.28 -77.24
N GLY AA 142 53.06 -66.38 -76.25
CA GLY AA 142 51.93 -66.37 -75.36
C GLY AA 142 52.16 -67.04 -74.01
N ASN AA 143 53.39 -67.44 -73.71
CA ASN AA 143 53.72 -68.06 -72.42
C ASN AA 143 54.67 -67.16 -71.67
N VAL AA 144 54.35 -66.89 -70.41
CA VAL AA 144 55.09 -65.93 -69.59
C VAL AA 144 56.19 -66.65 -68.83
N GLY AA 145 57.29 -65.93 -68.60
CA GLY AA 145 58.40 -66.48 -67.84
C GLY AA 145 59.16 -65.36 -67.16
N GLU AA 146 60.07 -65.76 -66.26
CA GLU AA 146 60.85 -64.82 -65.48
C GLU AA 146 62.33 -64.92 -65.87
N PHE AA 147 63.01 -63.78 -65.90
CA PHE AA 147 64.45 -63.72 -66.09
C PHE AA 147 65.05 -62.91 -64.95
N VAL AA 148 66.15 -63.40 -64.39
CA VAL AA 148 66.81 -62.77 -63.27
C VAL AA 148 68.23 -62.40 -63.67
N ILE AA 149 68.69 -61.23 -63.23
CA ILE AA 149 70.03 -60.74 -63.52
C ILE AA 149 70.64 -60.23 -62.23
N ALA AA 150 71.93 -60.53 -62.03
CA ALA AA 150 72.68 -60.07 -60.88
C ALA AA 150 73.90 -59.29 -61.33
N VAL AA 151 74.11 -58.13 -60.72
CA VAL AA 151 75.26 -57.28 -61.00
C VAL AA 151 76.16 -57.31 -59.77
N ASP AA 152 77.43 -57.67 -59.97
CA ASP AA 152 78.31 -57.91 -58.85
C ASP AA 152 79.33 -56.78 -58.70
N PRO AA 153 79.77 -56.49 -57.48
CA PRO AA 153 80.81 -55.47 -57.31
C PRO AA 153 82.14 -55.92 -57.88
N ALA AA 154 82.96 -54.94 -58.26
CA ALA AA 154 84.26 -55.23 -58.85
C ALA AA 154 85.36 -55.45 -57.80
N GLN AA 155 85.03 -55.35 -56.51
CA GLN AA 155 86.02 -55.50 -55.45
C GLN AA 155 85.52 -56.38 -54.31
N GLY AA 156 84.75 -57.43 -54.62
CA GLY AA 156 84.21 -58.28 -53.59
C GLY AA 156 83.69 -59.60 -54.12
N PRO AA 157 83.08 -60.39 -53.24
CA PRO AA 157 82.54 -61.69 -53.66
C PRO AA 157 81.26 -61.56 -54.45
N GLN AA 158 80.91 -62.64 -55.15
CA GLN AA 158 79.70 -62.66 -55.94
C GLN AA 158 78.47 -62.87 -55.06
N ILE AA 159 77.30 -62.55 -55.62
CA ILE AA 159 76.05 -62.68 -54.88
C ILE AA 159 75.46 -64.06 -55.11
N ALA AA 160 74.88 -64.62 -54.05
CA ALA AA 160 74.24 -65.93 -54.16
C ALA AA 160 72.98 -65.84 -54.99
N GLN AA 161 72.73 -66.87 -55.79
CA GLN AA 161 71.56 -66.86 -56.66
C GLN AA 161 70.28 -66.89 -55.81
N PRO AA 162 69.32 -66.01 -56.07
CA PRO AA 162 68.08 -66.02 -55.29
C PRO AA 162 67.09 -67.03 -55.83
N PRO AA 163 66.05 -67.35 -55.08
CA PRO AA 163 65.03 -68.29 -55.58
C PRO AA 163 64.04 -67.59 -56.50
N PHE AA 164 63.59 -68.31 -57.52
CA PHE AA 164 62.62 -67.77 -58.46
C PHE AA 164 61.30 -67.50 -57.76
N THR AA 165 60.64 -66.43 -58.16
CA THR AA 165 59.39 -66.03 -57.53
C THR AA 165 58.30 -67.07 -57.83
N PRO AA 166 57.58 -67.56 -56.82
CA PRO AA 166 56.53 -68.54 -57.09
C PRO AA 166 55.35 -67.92 -57.83
N ALA AA 167 54.36 -68.77 -58.14
CA ALA AA 167 53.14 -68.30 -58.77
C ALA AA 167 52.29 -67.51 -57.77
N VAL AA 168 52.14 -68.04 -56.56
CA VAL AA 168 51.46 -67.33 -55.47
C VAL AA 168 52.29 -67.49 -54.21
N TYR AA 169 52.27 -66.46 -53.37
CA TYR AA 169 53.09 -66.46 -52.17
C TYR AA 169 52.50 -65.48 -51.17
N VAL AA 170 52.96 -65.61 -49.92
CA VAL AA 170 52.58 -64.73 -48.84
C VAL AA 170 53.86 -64.32 -48.11
N PRO AA 171 54.27 -63.05 -48.18
CA PRO AA 171 55.51 -62.66 -47.50
C PRO AA 171 55.44 -62.94 -46.00
N LEU AA 172 56.56 -63.40 -45.44
CA LEU AA 172 56.59 -63.79 -44.04
C LEU AA 172 56.80 -62.61 -43.10
N SER AA 173 57.38 -61.52 -43.58
CA SER AA 173 57.66 -60.36 -42.74
C SER AA 173 56.48 -59.41 -42.61
N ARG AA 174 55.58 -59.38 -43.59
CA ARG AA 174 54.45 -58.45 -43.59
C ARG AA 174 53.24 -59.14 -42.96
N ARG AA 175 53.19 -59.10 -41.63
CA ARG AA 175 52.13 -59.74 -40.87
C ARG AA 175 52.02 -59.06 -39.52
N GLU AA 176 50.79 -58.95 -39.01
CA GLU AA 176 50.56 -58.34 -37.72
C GLU AA 176 49.21 -58.80 -37.18
N VAL AA 177 49.07 -58.74 -35.86
CA VAL AA 177 47.82 -59.07 -35.19
C VAL AA 177 47.44 -57.90 -34.30
N ASN AA 178 46.19 -57.42 -34.46
CA ASN AA 178 45.69 -56.28 -33.69
C ASN AA 178 45.01 -56.85 -32.43
N LYS AA 179 45.75 -56.81 -31.32
CA LYS AA 179 45.27 -57.44 -30.09
C LYS AA 179 44.03 -56.76 -29.53
N GLN AA 180 43.78 -55.50 -29.89
CA GLN AA 180 42.59 -54.82 -29.39
C GLN AA 180 41.32 -55.28 -30.08
N THR AA 181 41.44 -55.92 -31.26
CA THR AA 181 40.28 -56.42 -31.97
C THR AA 181 40.45 -57.85 -32.45
N GLN AA 182 41.55 -58.52 -32.11
CA GLN AA 182 41.77 -59.92 -32.47
C GLN AA 182 41.60 -60.13 -33.97
N ALA AA 183 42.33 -59.35 -34.76
CA ALA AA 183 42.28 -59.44 -36.21
C ALA AA 183 43.68 -59.70 -36.75
N LEU AA 184 43.76 -60.58 -37.75
CA LEU AA 184 45.02 -60.96 -38.36
C LEU AA 184 45.11 -60.37 -39.76
N ARG AA 185 46.27 -59.81 -40.08
CA ARG AA 185 46.52 -59.20 -41.38
C ARG AA 185 47.70 -59.88 -42.05
N PHE AA 186 47.55 -60.18 -43.34
CA PHE AA 186 48.64 -60.73 -44.14
C PHE AA 186 48.44 -60.31 -45.58
N VAL AA 187 49.51 -60.44 -46.37
CA VAL AA 187 49.57 -59.93 -47.74
C VAL AA 187 49.61 -61.11 -48.69
N LEU AA 188 48.80 -61.06 -49.75
CA LEU AA 188 48.75 -62.07 -50.79
C LEU AA 188 49.23 -61.46 -52.10
N GLY AA 189 50.23 -62.08 -52.72
CA GLY AA 189 50.77 -61.58 -53.96
C GLY AA 189 50.82 -62.63 -55.04
N VAL AA 190 50.28 -62.30 -56.22
CA VAL AA 190 50.20 -63.23 -57.34
C VAL AA 190 51.22 -62.80 -58.38
N SER AA 191 52.12 -63.71 -58.73
CA SER AA 191 53.13 -63.42 -59.74
C SER AA 191 52.48 -63.33 -61.12
N PRO AA 192 53.09 -62.59 -62.05
CA PRO AA 192 52.52 -62.53 -63.41
C PRO AA 192 52.51 -63.88 -64.10
N ALA AA 193 53.36 -64.80 -63.66
CA ALA AA 193 53.44 -66.11 -64.28
C ALA AA 193 52.19 -66.95 -64.04
N ALA AA 194 51.34 -66.56 -63.09
CA ALA AA 194 50.14 -67.34 -62.82
C ALA AA 194 49.27 -67.42 -64.05
N LYS AA 195 48.71 -68.62 -64.30
CA LYS AA 195 47.85 -68.84 -65.46
C LYS AA 195 46.40 -68.85 -65.03
N PRO AA 196 45.49 -68.21 -65.78
CA PRO AA 196 44.10 -68.17 -65.35
C PRO AA 196 43.48 -69.57 -65.31
N ALA AA 197 42.39 -69.68 -64.56
CA ALA AA 197 41.61 -70.90 -64.35
C ALA AA 197 42.27 -71.86 -63.37
N ASP AA 198 43.48 -71.56 -62.89
CA ASP AA 198 44.13 -72.42 -61.92
C ASP AA 198 43.52 -72.20 -60.54
N ILE AA 199 43.81 -73.14 -59.63
CA ILE AA 199 43.30 -73.10 -58.27
C ILE AA 199 44.42 -73.49 -57.31
N TYR AA 200 44.50 -72.78 -56.19
CA TYR AA 200 45.40 -73.10 -55.09
C TYR AA 200 44.62 -73.13 -53.79
N ARG AA 201 45.18 -73.80 -52.79
CA ARG AA 201 44.58 -73.88 -51.46
C ARG AA 201 45.56 -73.40 -50.41
N LEU AA 202 45.07 -72.65 -49.44
CA LEU AA 202 45.88 -72.08 -48.38
C LEU AA 202 45.34 -72.56 -47.03
N ASN AA 203 46.24 -73.00 -46.17
CA ASN AA 203 45.89 -73.48 -44.83
C ASN AA 203 46.56 -72.58 -43.79
N ILE AA 204 45.80 -72.16 -42.79
CA ILE AA 204 46.28 -71.25 -41.76
C ILE AA 204 46.02 -71.91 -40.40
N ARG AA 205 47.04 -71.89 -39.55
CA ARG AA 205 46.96 -72.44 -38.20
C ARG AA 205 47.37 -71.35 -37.21
N GLN AA 206 46.40 -70.84 -36.47
CA GLN AA 206 46.61 -69.68 -35.60
C GLN AA 206 46.54 -70.14 -34.15
N ALA AA 207 47.29 -69.44 -33.29
CA ALA AA 207 47.46 -69.84 -31.89
C ALA AA 207 46.99 -68.72 -30.98
N ALA AA 208 46.27 -69.09 -29.91
CA ALA AA 208 45.90 -68.19 -28.83
C ALA AA 208 46.57 -68.66 -27.54
N ILE AA 209 46.39 -67.86 -26.48
CA ILE AA 209 47.01 -68.14 -25.20
C ILE AA 209 46.01 -67.90 -24.08
N ASP AA 210 46.07 -68.74 -23.05
CA ASP AA 210 45.25 -68.58 -21.85
C ASP AA 210 45.88 -67.53 -20.95
N CYS AA 211 45.41 -67.45 -19.70
CA CYS AA 211 45.94 -66.48 -18.76
C CYS AA 211 47.27 -66.89 -18.16
N GLU AA 212 47.81 -68.06 -18.53
CA GLU AA 212 49.04 -68.56 -17.94
C GLU AA 212 50.14 -68.83 -18.96
N GLY AA 213 49.82 -68.82 -20.26
CA GLY AA 213 50.81 -69.05 -21.29
C GLY AA 213 50.65 -70.33 -22.09
N ASN AA 214 49.57 -71.07 -21.88
CA ASN AA 214 49.32 -72.29 -22.65
C ASN AA 214 48.54 -71.95 -23.91
N GLU AA 215 48.73 -72.74 -24.95
CA GLU AA 215 48.25 -72.37 -26.28
C GLU AA 215 46.95 -73.08 -26.64
N TYR AA 216 46.10 -72.36 -27.38
CA TYR AA 216 44.98 -72.92 -28.10
C TYR AA 216 45.24 -72.72 -29.59
N PHE AA 217 44.72 -73.63 -30.42
CA PHE AA 217 44.99 -73.60 -31.85
C PHE AA 217 43.69 -73.62 -32.64
N HIS AA 218 43.70 -72.96 -33.80
CA HIS AA 218 42.57 -72.92 -34.71
C HIS AA 218 43.08 -73.10 -36.14
N ILE AA 219 42.28 -73.76 -36.97
CA ILE AA 219 42.68 -74.12 -38.32
C ILE AA 219 41.56 -73.74 -39.29
N SER AA 220 41.95 -73.18 -40.43
CA SER AA 220 41.00 -72.82 -41.48
C SER AA 220 41.72 -72.87 -42.81
N CYS AA 221 40.95 -72.93 -43.89
CA CYS AA 221 41.50 -73.04 -45.23
C CYS AA 221 40.73 -72.14 -46.19
N TYR AA 222 41.42 -71.69 -47.23
CA TYR AA 222 40.86 -70.78 -48.22
C TYR AA 222 41.26 -71.23 -49.61
N ASP AA 223 40.37 -70.99 -50.58
CA ASP AA 223 40.60 -71.39 -51.97
C ASP AA 223 40.94 -70.15 -52.79
N ILE AA 224 42.00 -70.24 -53.59
CA ILE AA 224 42.47 -69.14 -54.42
C ILE AA 224 42.36 -69.57 -55.87
N SER AA 225 41.63 -68.80 -56.68
CA SER AA 225 41.45 -69.09 -58.09
C SER AA 225 41.94 -67.89 -58.90
N ILE AA 226 42.75 -68.16 -59.93
CA ILE AA 226 43.30 -67.09 -60.76
C ILE AA 226 42.24 -66.64 -61.75
N GLY AA 227 42.02 -65.32 -61.81
CA GLY AA 227 41.02 -64.74 -62.68
C GLY AA 227 41.63 -63.98 -63.84
N SER AA 228 40.81 -63.11 -64.44
CA SER AA 228 41.23 -62.31 -65.58
C SER AA 228 40.33 -61.09 -65.67
N CYS AA 229 40.57 -60.28 -66.69
CA CYS AA 229 39.80 -59.05 -66.88
C CYS AA 229 38.36 -59.37 -67.27
N GLY AA 230 37.51 -58.36 -67.16
CA GLY AA 230 36.10 -58.50 -67.49
C GLY AA 230 35.41 -57.17 -67.71
N CYS BA 23 45.34 -59.43 -12.17
CA CYS BA 23 46.57 -58.94 -12.79
C CYS BA 23 46.31 -57.64 -13.55
N GLU BA 24 46.74 -56.52 -12.96
CA GLU BA 24 46.66 -55.25 -13.66
C GLU BA 24 47.60 -55.26 -14.86
N SER BA 25 47.22 -54.50 -15.89
CA SER BA 25 47.91 -54.53 -17.17
C SER BA 25 48.78 -53.30 -17.33
N ILE BA 26 50.03 -53.51 -17.74
CA ILE BA 26 50.97 -52.44 -18.05
C ILE BA 26 51.43 -52.61 -19.49
N SER BA 27 51.79 -51.50 -20.12
CA SER BA 27 52.30 -51.50 -21.48
C SER BA 27 53.61 -50.74 -21.52
N ALA BA 28 54.52 -51.16 -22.39
CA ALA BA 28 55.83 -50.54 -22.46
C ALA BA 28 56.34 -50.60 -23.90
N ARG BA 29 57.28 -49.71 -24.20
CA ARG BA 29 57.89 -49.61 -25.52
C ARG BA 29 59.40 -49.86 -25.40
N PRO BA 30 60.02 -50.56 -26.34
CA PRO BA 30 61.46 -50.78 -26.25
C PRO BA 30 62.23 -49.48 -26.19
N GLY BA 31 63.25 -49.44 -25.35
CA GLY BA 31 64.06 -48.25 -25.15
C GLY BA 31 63.50 -47.25 -24.17
N GLU BA 32 62.35 -47.52 -23.58
CA GLU BA 32 61.71 -46.58 -22.67
C GLU BA 32 62.08 -46.91 -21.22
N VAL BA 33 62.18 -45.85 -20.41
CA VAL BA 33 62.32 -45.97 -18.96
C VAL BA 33 61.27 -45.09 -18.33
N ASN BA 34 60.42 -45.67 -17.49
CA ASN BA 34 59.24 -44.98 -16.97
C ASN BA 34 59.00 -45.41 -15.53
N GLY BA 35 58.35 -44.54 -14.78
CA GLY BA 35 58.09 -44.80 -13.37
C GLY BA 35 56.69 -45.35 -13.12
N VAL BA 36 56.54 -46.02 -11.98
CA VAL BA 36 55.28 -46.60 -11.57
C VAL BA 36 55.07 -46.31 -10.09
N MET BA 37 53.83 -46.06 -9.69
CA MET BA 37 53.49 -45.76 -8.31
C MET BA 37 52.22 -46.53 -7.92
N VAL BA 38 52.24 -47.13 -6.74
CA VAL BA 38 51.10 -47.87 -6.20
C VAL BA 38 50.80 -47.34 -4.82
N SER BA 39 49.51 -47.21 -4.50
CA SER BA 39 49.05 -46.63 -3.25
C SER BA 39 48.56 -47.73 -2.32
N TYR BA 40 49.01 -47.69 -1.07
CA TYR BA 40 48.66 -48.71 -0.07
C TYR BA 40 47.78 -48.16 1.04
N VAL BA 41 47.24 -46.96 0.90
CA VAL BA 41 46.49 -46.35 2.00
C VAL BA 41 45.29 -47.21 2.36
N ALA BA 42 44.62 -47.78 1.36
CA ALA BA 42 43.42 -48.57 1.64
C ALA BA 42 43.73 -49.79 2.49
N TRP BA 43 44.94 -50.33 2.37
CA TRP BA 43 45.28 -51.57 3.08
C TRP BA 43 45.92 -51.28 4.44
N SER BA 44 46.94 -50.43 4.46
CA SER BA 44 47.73 -50.21 5.67
C SER BA 44 47.15 -49.14 6.59
N ALA BA 45 46.08 -48.47 6.19
CA ALA BA 45 45.50 -47.44 7.07
C ALA BA 45 44.76 -48.07 8.25
N PRO BA 46 43.75 -48.92 8.05
CA PRO BA 46 43.03 -49.48 9.20
C PRO BA 46 43.89 -50.34 10.11
N LEU BA 47 45.01 -50.86 9.62
CA LEU BA 47 45.87 -51.70 10.45
C LEU BA 47 46.54 -50.93 11.58
N GLY BA 48 46.53 -49.61 11.53
CA GLY BA 48 47.24 -48.85 12.54
C GLY BA 48 48.74 -49.04 12.39
N GLY BA 49 49.45 -48.86 13.50
CA GLY BA 49 50.88 -49.08 13.48
C GLY BA 49 51.64 -47.95 12.81
N HIS BA 50 52.83 -48.29 12.30
CA HIS BA 50 53.73 -47.32 11.70
C HIS BA 50 53.71 -47.34 10.18
N GLY BA 51 52.79 -48.09 9.57
CA GLY BA 51 52.65 -48.02 8.12
C GLY BA 51 53.62 -48.92 7.39
N LEU BA 52 54.02 -48.46 6.19
CA LEU BA 52 54.82 -49.27 5.29
C LEU BA 52 56.27 -49.34 5.76
N THR BA 53 57.03 -50.21 5.10
CA THR BA 53 58.43 -50.42 5.41
C THR BA 53 59.18 -50.68 4.10
N ASN BA 54 60.48 -50.42 4.12
CA ASN BA 54 61.30 -50.51 2.91
C ASN BA 54 61.65 -51.94 2.53
N LYS BA 55 60.99 -52.96 3.10
CA LYS BA 55 61.29 -54.35 2.76
C LYS BA 55 60.38 -54.83 1.62
N THR BA 56 60.78 -54.46 0.40
CA THR BA 56 60.09 -54.93 -0.79
C THR BA 56 60.86 -56.07 -1.44
N THR BA 57 60.18 -56.78 -2.34
CA THR BA 57 60.79 -57.87 -3.09
C THR BA 57 60.09 -58.01 -4.43
N PHE BA 58 60.87 -58.13 -5.49
CA PHE BA 58 60.35 -58.23 -6.85
C PHE BA 58 60.77 -59.56 -7.48
N GLU BA 59 59.91 -60.08 -8.35
CA GLU BA 59 60.17 -61.30 -9.07
C GLU BA 59 59.57 -61.20 -10.46
N PHE BA 60 60.31 -61.68 -11.46
CA PHE BA 60 59.88 -61.62 -12.86
C PHE BA 60 59.64 -63.03 -13.37
N GLU BA 61 58.52 -63.22 -14.07
CA GLU BA 61 58.14 -64.51 -14.62
C GLU BA 61 57.84 -64.35 -16.11
N ASN BA 62 58.06 -65.43 -16.86
CA ASN BA 62 57.81 -65.42 -18.30
C ASN BA 62 56.51 -66.15 -18.60
N VAL BA 63 55.71 -65.57 -19.50
CA VAL BA 63 54.51 -66.20 -20.01
C VAL BA 63 54.57 -66.41 -21.52
N SER BA 64 55.04 -65.40 -22.26
CA SER BA 64 55.23 -65.50 -23.70
C SER BA 64 56.51 -64.76 -24.04
N VAL BA 65 57.58 -65.51 -24.29
CA VAL BA 65 58.88 -64.94 -24.62
C VAL BA 65 59.49 -65.75 -25.76
N THR BA 66 60.10 -65.07 -26.71
CA THR BA 66 60.73 -65.69 -27.87
C THR BA 66 62.24 -65.53 -27.76
N GLU BA 67 62.97 -66.62 -27.90
CA GLU BA 67 64.41 -66.57 -27.76
C GLU BA 67 65.03 -65.74 -28.88
N PRO BA 68 66.08 -64.97 -28.59
CA PRO BA 68 66.66 -64.11 -29.63
C PRO BA 68 67.34 -64.92 -30.72
N LEU BA 69 67.40 -64.32 -31.91
CA LEU BA 69 68.09 -64.92 -33.05
C LEU BA 69 69.53 -64.44 -33.21
N VAL BA 70 70.00 -63.55 -32.33
CA VAL BA 70 71.35 -63.02 -32.38
C VAL BA 70 71.93 -63.05 -30.97
N ASN BA 71 73.23 -63.32 -30.88
CA ASN BA 71 73.89 -63.46 -29.58
C ASN BA 71 74.62 -62.19 -29.20
N SER BA 72 74.66 -61.90 -27.90
CA SER BA 72 75.42 -60.77 -27.40
C SER BA 72 76.90 -61.16 -27.29
N ALA BA 73 77.75 -60.14 -27.15
CA ALA BA 73 79.19 -60.34 -27.10
C ALA BA 73 79.82 -59.39 -26.10
N PHE BA 74 81.09 -59.63 -25.80
CA PHE BA 74 81.86 -58.81 -24.87
C PHE BA 74 83.33 -58.95 -25.20
N GLU BA 75 84.07 -57.84 -25.10
CA GLU BA 75 85.49 -57.84 -25.44
C GLU BA 75 86.19 -56.73 -24.68
N ARG BA 76 87.52 -56.78 -24.69
CA ARG BA 76 88.37 -55.86 -23.97
C ARG BA 76 89.32 -55.16 -24.92
N THR BA 77 89.77 -53.98 -24.51
CA THR BA 77 90.78 -53.21 -25.24
C THR BA 77 91.71 -52.54 -24.25
N PRO BA 78 92.98 -52.34 -24.60
CA PRO BA 78 93.90 -51.64 -23.70
C PRO BA 78 93.61 -50.15 -23.65
N PHE BA 79 94.36 -49.47 -22.78
CA PHE BA 79 94.19 -48.04 -22.58
C PHE BA 79 94.43 -47.29 -23.88
N ASN BA 80 93.54 -46.32 -24.16
CA ASN BA 80 93.66 -45.46 -25.34
C ASN BA 80 93.90 -46.25 -26.62
N THR BA 81 93.33 -47.45 -26.72
CA THR BA 81 93.57 -48.36 -27.83
C THR BA 81 92.31 -48.53 -28.66
N THR BA 82 92.44 -48.39 -29.97
CA THR BA 82 91.31 -48.60 -30.86
C THR BA 82 90.95 -50.09 -30.90
N LEU BA 83 89.66 -50.36 -31.02
CA LEU BA 83 89.13 -51.72 -31.05
C LEU BA 83 88.51 -52.00 -32.41
N ALA BA 84 88.68 -53.22 -32.90
CA ALA BA 84 88.11 -53.66 -34.16
C ALA BA 84 87.49 -55.03 -33.99
N GLY BA 85 86.49 -55.33 -34.82
CA GLY BA 85 85.81 -56.59 -34.74
C GLY BA 85 84.84 -56.77 -35.88
N SER BA 86 84.05 -57.84 -35.81
CA SER BA 86 83.09 -58.16 -36.85
C SER BA 86 81.80 -58.67 -36.22
N LEU BA 87 80.67 -58.27 -36.81
CA LEU BA 87 79.37 -58.68 -36.30
C LEU BA 87 78.86 -59.98 -36.94
N ALA BA 88 79.57 -60.51 -37.94
CA ALA BA 88 79.06 -61.66 -38.68
C ALA BA 88 78.96 -62.90 -37.81
N ALA BA 89 79.93 -63.12 -36.91
CA ALA BA 89 79.97 -64.35 -36.15
C ALA BA 89 78.82 -64.49 -35.16
N LEU BA 90 78.07 -63.41 -34.92
CA LEU BA 90 77.03 -63.42 -33.90
C LEU BA 90 75.66 -63.81 -34.43
N PHE BA 91 75.54 -64.18 -35.70
CA PHE BA 91 74.26 -64.53 -36.32
C PHE BA 91 74.31 -65.96 -36.82
N PRO BA 92 73.91 -66.95 -36.02
CA PRO BA 92 73.91 -68.35 -36.47
C PRO BA 92 72.67 -68.71 -37.26
N ASN BA 93 72.54 -68.13 -38.45
CA ASN BA 93 71.40 -68.42 -39.29
C ASN BA 93 71.50 -69.86 -39.82
N PRO BA 94 70.52 -70.72 -39.56
CA PRO BA 94 70.64 -72.11 -40.03
C PRO BA 94 70.47 -72.26 -41.53
N GLU BA 95 69.77 -71.34 -42.20
CA GLU BA 95 69.68 -71.32 -43.65
C GLU BA 95 70.54 -70.18 -44.18
N GLY BA 96 71.49 -70.51 -45.05
CA GLY BA 96 72.31 -69.49 -45.66
C GLY BA 96 71.48 -68.49 -46.42
N GLU BA 97 71.66 -67.20 -46.12
CA GLU BA 97 70.88 -66.15 -46.75
C GLU BA 97 71.64 -64.84 -46.66
N ALA BA 98 71.25 -63.90 -47.51
CA ALA BA 98 71.86 -62.58 -47.48
C ALA BA 98 71.58 -61.90 -46.14
N VAL BA 99 72.61 -61.28 -45.57
CA VAL BA 99 72.53 -60.65 -44.27
C VAL BA 99 73.07 -59.23 -44.36
N GLU BA 100 72.43 -58.32 -43.63
CA GLU BA 100 72.85 -56.93 -43.58
C GLU BA 100 72.96 -56.51 -42.13
N TYR BA 101 73.83 -55.54 -41.87
CA TYR BA 101 74.14 -55.08 -40.52
C TYR BA 101 73.73 -53.62 -40.38
N GLU BA 102 73.49 -53.21 -39.14
CA GLU BA 102 73.08 -51.84 -38.84
C GLU BA 102 73.35 -51.55 -37.38
N ILE BA 103 73.64 -50.28 -37.10
CA ILE BA 103 73.86 -49.80 -35.73
C ILE BA 103 72.73 -48.85 -35.37
N LEU BA 104 72.03 -49.14 -34.28
CA LEU BA 104 70.93 -48.31 -33.82
C LEU BA 104 71.51 -47.00 -33.31
N GLU BA 105 71.16 -45.90 -33.97
CA GLU BA 105 71.75 -44.61 -33.65
C GLU BA 105 71.05 -43.89 -32.51
N LEU BA 106 69.90 -44.39 -32.04
CA LEU BA 106 69.22 -43.76 -30.93
C LEU BA 106 69.92 -43.99 -29.60
N TYR BA 107 70.86 -44.94 -29.56
CA TYR BA 107 71.54 -45.31 -28.32
C TYR BA 107 73.05 -45.26 -28.54
N PRO BA 108 73.60 -44.08 -28.81
CA PRO BA 108 75.01 -43.97 -29.12
C PRO BA 108 75.87 -44.25 -27.90
N PRO BA 109 77.10 -44.71 -28.08
CA PRO BA 109 77.98 -44.92 -26.93
C PRO BA 109 78.25 -43.60 -26.21
N VAL BA 110 78.41 -43.69 -24.90
CA VAL BA 110 78.56 -42.48 -24.09
C VAL BA 110 80.01 -42.01 -24.02
N ASN BA 111 80.97 -42.90 -24.22
CA ASN BA 111 82.39 -42.58 -24.11
C ASN BA 111 83.18 -43.15 -25.29
N GLY BA 112 82.71 -42.91 -26.50
CA GLY BA 112 83.42 -43.38 -27.67
C GLY BA 112 82.64 -43.11 -28.93
N ILE BA 113 83.20 -43.57 -30.04
CA ILE BA 113 82.59 -43.44 -31.36
C ILE BA 113 82.72 -44.77 -32.09
N VAL BA 114 81.64 -45.18 -32.75
CA VAL BA 114 81.59 -46.44 -33.48
C VAL BA 114 81.35 -46.14 -34.95
N GLU BA 115 82.09 -46.84 -35.80
CA GLU BA 115 81.95 -46.72 -37.25
C GLU BA 115 81.72 -48.11 -37.82
N LEU BA 116 80.79 -48.23 -38.76
CA LEU BA 116 80.43 -49.50 -39.36
C LEU BA 116 81.04 -49.59 -40.75
N GLY BA 117 81.77 -50.67 -41.00
CA GLY BA 117 82.44 -50.89 -42.27
C GLY BA 117 81.63 -51.74 -43.21
N GLU BA 118 82.33 -52.59 -43.96
CA GLU BA 118 81.70 -53.45 -44.94
C GLU BA 118 81.56 -54.88 -44.43
N ASN BA 119 80.37 -55.44 -44.62
CA ASN BA 119 80.07 -56.81 -44.21
C ASN BA 119 80.41 -57.05 -42.73
N GLY BA 120 79.79 -56.24 -41.87
CA GLY BA 120 79.86 -56.48 -40.44
C GLY BA 120 81.11 -55.98 -39.76
N ALA BA 121 82.06 -55.40 -40.48
CA ALA BA 121 83.26 -54.87 -39.85
C ALA BA 121 82.95 -53.52 -39.21
N PHE BA 122 83.42 -53.34 -37.98
CA PHE BA 122 83.17 -52.12 -37.23
C PHE BA 122 84.44 -51.70 -36.50
N THR BA 123 84.53 -50.41 -36.20
CA THR BA 123 85.67 -49.84 -35.49
C THR BA 123 85.17 -49.01 -34.33
N TYR BA 124 85.72 -49.25 -33.14
CA TYR BA 124 85.38 -48.51 -31.94
C TYR BA 124 86.60 -47.70 -31.50
N ARG BA 125 86.39 -46.40 -31.28
CA ARG BA 125 87.47 -45.47 -30.99
C ARG BA 125 87.21 -44.81 -29.65
N PRO BA 126 87.73 -45.37 -28.55
CA PRO BA 126 87.41 -44.83 -27.22
C PRO BA 126 87.95 -43.42 -27.04
N ALA BA 127 87.24 -42.67 -26.20
CA ALA BA 127 87.67 -41.32 -25.85
C ALA BA 127 88.94 -41.37 -25.02
N THR BA 128 89.79 -40.36 -25.20
CA THR BA 128 91.08 -40.33 -24.51
C THR BA 128 90.86 -40.29 -23.00
N SER BA 129 91.67 -41.06 -22.28
CA SER BA 129 91.68 -41.12 -20.82
C SER BA 129 90.45 -41.79 -20.23
N PHE BA 130 89.71 -42.56 -21.02
CA PHE BA 130 88.54 -43.24 -20.50
C PHE BA 130 88.92 -44.57 -19.85
N THR BA 131 88.13 -44.97 -18.86
CA THR BA 131 88.35 -46.25 -18.17
C THR BA 131 87.02 -46.69 -17.56
N GLY BA 132 86.46 -47.77 -18.06
CA GLY BA 132 85.20 -48.27 -17.56
C GLY BA 132 84.54 -49.19 -18.57
N ILE BA 133 83.21 -49.24 -18.51
CA ILE BA 133 82.40 -50.10 -19.36
C ILE BA 133 81.68 -49.25 -20.39
N ASP BA 134 81.38 -49.84 -21.54
CA ASP BA 134 80.68 -49.14 -22.61
C ASP BA 134 79.80 -50.15 -23.36
N ARG BA 135 78.86 -49.62 -24.13
CA ARG BA 135 77.90 -50.44 -24.84
C ARG BA 135 77.55 -49.79 -26.17
N PHE BA 136 77.05 -50.60 -27.09
CA PHE BA 136 76.39 -50.10 -28.28
C PHE BA 136 75.54 -51.23 -28.86
N TRP BA 137 74.42 -50.85 -29.47
CA TRP BA 137 73.41 -51.80 -29.93
C TRP BA 137 73.44 -51.91 -31.44
N PHE BA 138 73.30 -53.13 -31.94
CA PHE BA 138 73.37 -53.41 -33.37
C PHE BA 138 72.19 -54.27 -33.78
N SER BA 139 71.88 -54.23 -35.08
CA SER BA 139 70.78 -55.01 -35.65
C SER BA 139 71.30 -55.79 -36.84
N ILE BA 140 71.07 -57.10 -36.82
CA ILE BA 140 71.46 -57.99 -37.91
C ILE BA 140 70.20 -58.52 -38.57
N ASN BA 141 69.87 -57.98 -39.74
CA ASN BA 141 68.71 -58.44 -40.50
C ASN BA 141 67.43 -58.31 -39.71
N GLY BA 142 67.30 -57.23 -38.94
CA GLY BA 142 66.09 -56.94 -38.20
C GLY BA 142 66.04 -57.49 -36.79
N ASN BA 143 67.09 -58.18 -36.34
CA ASN BA 143 67.16 -58.72 -34.98
C ASN BA 143 68.12 -57.88 -34.17
N VAL BA 144 67.67 -57.40 -33.02
CA VAL BA 144 68.48 -56.51 -32.20
C VAL BA 144 69.31 -57.33 -31.23
N GLY BA 145 70.54 -56.87 -30.98
CA GLY BA 145 71.43 -57.51 -30.04
C GLY BA 145 72.22 -56.45 -29.28
N GLU BA 146 73.02 -56.92 -28.33
CA GLU BA 146 73.82 -56.05 -27.49
C GLU BA 146 75.30 -56.35 -27.69
N PHE BA 147 76.13 -55.32 -27.56
CA PHE BA 147 77.58 -55.46 -27.62
C PHE BA 147 78.18 -54.65 -26.47
N VAL BA 148 79.05 -55.30 -25.69
CA VAL BA 148 79.65 -54.69 -24.51
C VAL BA 148 81.16 -54.57 -24.74
N ILE BA 149 81.73 -53.48 -24.25
CA ILE BA 149 83.16 -53.22 -24.37
C ILE BA 149 83.66 -52.72 -23.02
N ALA BA 150 84.85 -53.16 -22.64
CA ALA BA 150 85.48 -52.78 -21.37
C ALA BA 150 86.85 -52.20 -21.65
N VAL BA 151 87.13 -51.04 -21.07
CA VAL BA 151 88.40 -50.34 -21.23
C VAL BA 151 89.13 -50.42 -19.90
N ASP BA 152 90.05 -51.38 -19.79
CA ASP BA 152 90.80 -51.55 -18.55
C ASP BA 152 91.88 -50.47 -18.43
N PRO BA 153 92.23 -50.09 -17.20
CA PRO BA 153 93.23 -49.04 -17.03
C PRO BA 153 94.63 -49.52 -17.39
N ALA BA 154 95.52 -48.54 -17.62
CA ALA BA 154 96.91 -48.87 -17.93
C ALA BA 154 97.59 -49.58 -16.78
N GLN BA 155 97.14 -49.39 -15.55
CA GLN BA 155 97.71 -50.03 -14.38
C GLN BA 155 96.59 -50.49 -13.47
N GLY BA 156 96.88 -51.51 -12.66
CA GLY BA 156 95.90 -52.07 -11.74
C GLY BA 156 95.18 -53.26 -12.33
N PRO BA 157 94.29 -53.87 -11.55
CA PRO BA 157 93.58 -55.06 -12.01
C PRO BA 157 92.55 -54.73 -13.08
N GLN BA 158 92.23 -55.75 -13.87
CA GLN BA 158 91.26 -55.62 -14.94
C GLN BA 158 89.86 -55.46 -14.36
N ILE BA 159 88.96 -54.91 -15.18
CA ILE BA 159 87.58 -54.71 -14.75
C ILE BA 159 86.79 -56.01 -14.98
N ALA BA 160 86.04 -56.41 -13.96
CA ALA BA 160 85.25 -57.63 -14.06
C ALA BA 160 84.16 -57.47 -15.12
N GLN BA 161 83.84 -58.57 -15.78
CA GLN BA 161 82.83 -58.55 -16.83
C GLN BA 161 81.44 -58.35 -16.22
N PRO BA 162 80.69 -57.32 -16.62
CA PRO BA 162 79.36 -57.13 -16.04
C PRO BA 162 78.33 -57.99 -16.74
N PRO BA 163 77.18 -58.22 -16.11
CA PRO BA 163 76.13 -59.01 -16.76
C PRO BA 163 75.45 -58.23 -17.87
N PHE BA 164 74.81 -58.97 -18.77
CA PHE BA 164 74.10 -58.36 -19.87
C PHE BA 164 72.80 -57.71 -19.37
N THR BA 165 72.26 -56.81 -20.19
CA THR BA 165 71.06 -56.08 -19.83
C THR BA 165 69.82 -56.94 -20.08
N PRO BA 166 69.01 -57.22 -19.07
CA PRO BA 166 67.79 -58.02 -19.31
C PRO BA 166 66.80 -57.28 -20.20
N ALA BA 167 65.84 -58.04 -20.72
CA ALA BA 167 64.79 -57.44 -21.56
C ALA BA 167 63.97 -56.44 -20.77
N VAL BA 168 63.60 -56.79 -19.53
CA VAL BA 168 62.91 -55.88 -18.62
C VAL BA 168 63.53 -56.03 -17.24
N TYR BA 169 63.72 -54.91 -16.56
CA TYR BA 169 64.41 -54.90 -15.28
C TYR BA 169 63.84 -53.79 -14.41
N VAL BA 170 64.11 -53.90 -13.11
CA VAL BA 170 63.71 -52.87 -12.15
C VAL BA 170 64.91 -52.53 -11.28
N PRO BA 171 65.59 -51.40 -11.49
CA PRO BA 171 66.73 -51.07 -10.63
C PRO BA 171 66.32 -51.05 -9.16
N LEU BA 172 67.14 -51.67 -8.32
CA LEU BA 172 66.80 -51.76 -6.90
C LEU BA 172 67.33 -50.59 -6.09
N SER BA 173 68.21 -49.76 -6.68
CA SER BA 173 68.67 -48.57 -5.98
C SER BA 173 67.70 -47.40 -6.14
N ARG BA 174 66.91 -47.40 -7.21
CA ARG BA 174 65.94 -46.34 -7.47
C ARG BA 174 64.56 -46.74 -6.96
N ARG BA 175 64.44 -46.74 -5.63
CA ARG BA 175 63.24 -47.20 -4.96
C ARG BA 175 63.02 -46.36 -3.71
N GLU BA 176 61.76 -46.03 -3.43
CA GLU BA 176 61.44 -45.19 -2.29
C GLU BA 176 60.00 -45.43 -1.85
N VAL BA 177 59.76 -45.23 -0.56
CA VAL BA 177 58.43 -45.32 0.03
C VAL BA 177 58.13 -44.01 0.75
N ASN BA 178 56.96 -43.46 0.51
CA ASN BA 178 56.55 -42.18 1.09
C ASN BA 178 55.64 -42.47 2.28
N LYS BA 179 56.22 -42.42 3.48
CA LYS BA 179 55.45 -42.70 4.68
C LYS BA 179 54.34 -41.68 4.91
N GLN BA 180 54.48 -40.46 4.39
CA GLN BA 180 53.44 -39.45 4.58
C GLN BA 180 52.12 -39.83 3.92
N THR BA 181 52.16 -40.58 2.81
CA THR BA 181 50.93 -40.94 2.13
C THR BA 181 50.86 -42.43 1.79
N GLN BA 182 51.78 -43.26 2.27
CA GLN BA 182 51.74 -44.70 2.04
C GLN BA 182 51.69 -45.02 0.55
N ALA BA 183 52.74 -44.62 -0.15
CA ALA BA 183 52.88 -44.87 -1.58
C ALA BA 183 54.27 -45.41 -1.87
N LEU BA 184 54.36 -46.27 -2.89
CA LEU BA 184 55.61 -46.89 -3.29
C LEU BA 184 55.93 -46.49 -4.73
N ARG BA 185 57.18 -46.09 -4.97
CA ARG BA 185 57.65 -45.73 -6.29
C ARG BA 185 58.80 -46.64 -6.70
N PHE BA 186 58.78 -47.06 -7.96
CA PHE BA 186 59.88 -47.84 -8.54
C PHE BA 186 59.94 -47.54 -10.03
N VAL BA 187 61.07 -47.89 -10.64
CA VAL BA 187 61.36 -47.57 -12.03
C VAL BA 187 61.33 -48.86 -12.84
N LEU BA 188 60.61 -48.84 -13.95
CA LEU BA 188 60.54 -49.95 -14.87
C LEU BA 188 61.22 -49.56 -16.18
N GLY BA 189 62.20 -50.36 -16.60
CA GLY BA 189 62.96 -50.08 -17.81
C GLY BA 189 62.86 -51.23 -18.79
N VAL BA 190 62.88 -50.89 -20.08
CA VAL BA 190 62.80 -51.87 -21.15
C VAL BA 190 64.01 -51.70 -22.05
N SER BA 191 64.69 -52.81 -22.33
CA SER BA 191 65.86 -52.77 -23.19
C SER BA 191 65.44 -52.63 -24.66
N PRO BA 192 66.33 -52.12 -25.51
CA PRO BA 192 66.01 -52.04 -26.94
C PRO BA 192 65.76 -53.41 -27.56
N ALA BA 193 66.32 -54.46 -26.95
CA ALA BA 193 66.22 -55.81 -27.49
C ALA BA 193 64.87 -56.45 -27.23
N ALA BA 194 64.00 -55.83 -26.44
CA ALA BA 194 62.68 -56.39 -26.20
C ALA BA 194 61.93 -56.56 -27.52
N LYS BA 195 61.34 -57.74 -27.70
CA LYS BA 195 60.62 -58.03 -28.94
C LYS BA 195 59.15 -57.72 -28.76
N PRO BA 196 58.53 -56.97 -29.65
CA PRO BA 196 57.11 -56.62 -29.45
C PRO BA 196 56.23 -57.84 -29.41
N ALA BA 197 55.12 -57.71 -28.67
CA ALA BA 197 54.09 -58.73 -28.47
C ALA BA 197 54.43 -59.75 -27.41
N ASP BA 198 55.59 -59.67 -26.77
CA ASP BA 198 55.87 -60.55 -25.63
C ASP BA 198 55.18 -60.01 -24.38
N ILE BA 199 55.10 -60.86 -23.37
CA ILE BA 199 54.45 -60.53 -22.11
C ILE BA 199 55.31 -61.05 -20.97
N TYR BA 200 55.50 -60.22 -19.95
CA TYR BA 200 56.17 -60.60 -18.71
C TYR BA 200 55.25 -60.34 -17.54
N ARG BA 201 55.53 -61.00 -16.42
CA ARG BA 201 54.75 -60.86 -15.20
C ARG BA 201 55.67 -60.43 -14.06
N LEU BA 202 55.20 -59.48 -13.25
CA LEU BA 202 55.96 -58.93 -12.14
C LEU BA 202 55.19 -59.18 -10.85
N ASN BA 203 55.89 -59.65 -9.83
CA ASN BA 203 55.32 -59.90 -8.51
C ASN BA 203 55.95 -58.97 -7.49
N ILE BA 204 55.13 -58.46 -6.56
CA ILE BA 204 55.58 -57.53 -5.53
C ILE BA 204 55.08 -58.03 -4.18
N ARG BA 205 55.95 -57.99 -3.19
CA ARG BA 205 55.61 -58.31 -1.81
C ARG BA 205 56.05 -57.18 -0.90
N GLN BA 206 55.08 -56.51 -0.28
CA GLN BA 206 55.35 -55.32 0.52
C GLN BA 206 55.00 -55.61 1.97
N ALA BA 207 55.74 -54.97 2.88
CA ALA BA 207 55.65 -55.25 4.30
C ALA BA 207 55.24 -54.00 5.07
N ALA BA 208 54.46 -54.20 6.13
CA ALA BA 208 54.09 -53.13 7.04
C ALA BA 208 54.24 -53.65 8.47
N ILE BA 209 54.45 -52.73 9.40
CA ILE BA 209 54.77 -53.07 10.78
C ILE BA 209 53.70 -52.46 11.69
N ASP BA 210 53.34 -53.20 12.73
CA ASP BA 210 52.42 -52.69 13.74
C ASP BA 210 53.17 -51.79 14.72
N CYS BA 211 52.48 -51.42 15.79
CA CYS BA 211 53.03 -50.45 16.74
C CYS BA 211 54.21 -50.99 17.53
N GLU BA 212 54.46 -52.30 17.52
CA GLU BA 212 55.53 -52.89 18.33
C GLU BA 212 56.64 -53.52 17.51
N GLY BA 213 56.50 -53.59 16.19
CA GLY BA 213 57.56 -54.08 15.33
C GLY BA 213 57.26 -55.36 14.57
N ASN BA 214 56.11 -55.98 14.79
CA ASN BA 214 55.73 -57.16 14.03
C ASN BA 214 55.23 -56.76 12.64
N GLU BA 215 55.42 -57.65 11.69
CA GLU BA 215 55.25 -57.32 10.27
C GLU BA 215 54.00 -57.96 9.68
N TYR BA 216 53.43 -57.26 8.70
CA TYR BA 216 52.40 -57.79 7.82
C TYR BA 216 52.98 -57.92 6.41
N PHE BA 217 52.18 -58.44 5.49
CA PHE BA 217 52.61 -58.57 4.11
C PHE BA 217 51.43 -58.47 3.16
N HIS BA 218 51.70 -58.03 1.94
CA HIS BA 218 50.71 -57.89 0.88
C HIS BA 218 51.34 -58.23 -0.45
N ILE BA 219 50.63 -59.01 -1.27
CA ILE BA 219 51.16 -59.54 -2.52
C ILE BA 219 50.25 -59.13 -3.66
N SER BA 220 50.84 -58.65 -4.74
CA SER BA 220 50.10 -58.30 -5.95
C SER BA 220 51.01 -58.49 -7.15
N CYS BA 221 50.40 -58.61 -8.33
CA CYS BA 221 51.16 -58.91 -9.54
C CYS BA 221 50.62 -58.08 -10.69
N TYR BA 222 51.50 -57.78 -11.64
CA TYR BA 222 51.19 -56.97 -12.80
C TYR BA 222 51.71 -57.63 -14.06
N ASP BA 223 50.99 -57.43 -15.17
CA ASP BA 223 51.35 -58.00 -16.46
C ASP BA 223 51.90 -56.89 -17.35
N ILE BA 224 53.08 -57.14 -17.93
CA ILE BA 224 53.75 -56.18 -18.79
C ILE BA 224 53.82 -56.77 -20.20
N SER BA 225 53.31 -56.03 -21.17
CA SER BA 225 53.27 -56.46 -22.56
C SER BA 225 53.97 -55.44 -23.42
N ILE BA 226 54.88 -55.89 -24.29
CA ILE BA 226 55.63 -54.99 -25.15
C ILE BA 226 54.74 -54.54 -26.31
N GLY BA 227 55.01 -53.34 -26.82
CA GLY BA 227 54.20 -52.79 -27.89
C GLY BA 227 54.95 -51.79 -28.76
N SER BA 228 54.19 -50.90 -29.39
CA SER BA 228 54.75 -49.86 -30.27
C SER BA 228 53.62 -48.88 -30.58
N CYS BA 229 53.89 -47.94 -31.48
CA CYS BA 229 52.87 -46.98 -31.89
C CYS BA 229 53.15 -46.56 -33.33
N GLY BA 230 52.11 -46.02 -33.97
CA GLY BA 230 52.21 -45.61 -35.36
C GLY BA 230 51.15 -44.61 -35.76
N CYS CA 23 48.39 -20.54 -54.74
CA CYS CA 23 48.64 -19.38 -55.58
C CYS CA 23 47.53 -18.35 -55.46
N GLU CA 24 47.72 -17.38 -54.57
CA GLU CA 24 46.77 -16.28 -54.45
C GLU CA 24 46.74 -15.49 -55.75
N SER CA 25 45.56 -14.97 -56.09
CA SER CA 25 45.35 -14.34 -57.39
C SER CA 25 45.48 -12.83 -57.29
N ILE CA 26 46.24 -12.25 -58.21
CA ILE CA 26 46.40 -10.81 -58.34
C ILE CA 26 46.03 -10.41 -59.75
N SER CA 27 45.31 -9.29 -59.87
CA SER CA 27 44.89 -8.76 -61.15
C SER CA 27 45.56 -7.40 -61.37
N ALA CA 28 46.05 -7.18 -62.58
CA ALA CA 28 46.77 -5.95 -62.90
C ALA CA 28 46.35 -5.46 -64.28
N ARG CA 29 46.57 -4.17 -64.51
CA ARG CA 29 46.22 -3.49 -65.75
C ARG CA 29 47.45 -2.87 -66.38
N PRO CA 30 47.59 -2.90 -67.70
CA PRO CA 30 48.74 -2.27 -68.34
C PRO CA 30 48.83 -0.79 -67.99
N GLY CA 31 50.05 -0.32 -67.75
CA GLY CA 31 50.29 1.07 -67.41
C GLY CA 31 50.06 1.42 -65.96
N GLU CA 32 49.69 0.45 -65.13
CA GLU CA 32 49.40 0.72 -63.73
C GLU CA 32 50.61 0.44 -62.85
N VAL CA 33 50.73 1.20 -61.78
CA VAL CA 33 51.73 0.96 -60.73
C VAL CA 33 51.00 0.98 -59.40
N ASN CA 34 51.06 -0.14 -58.67
CA ASN CA 34 50.25 -0.33 -57.48
C ASN CA 34 51.06 -1.06 -56.42
N GLY CA 35 50.69 -0.85 -55.16
CA GLY CA 35 51.40 -1.46 -54.06
C GLY CA 35 50.75 -2.74 -53.58
N VAL CA 36 51.53 -3.57 -52.90
CA VAL CA 36 51.09 -4.84 -52.35
C VAL CA 36 51.64 -4.97 -50.94
N MET CA 37 50.86 -5.60 -50.06
CA MET CA 37 51.25 -5.76 -48.66
C MET CA 37 50.85 -7.15 -48.18
N VAL CA 38 51.75 -7.80 -47.45
CA VAL CA 38 51.50 -9.12 -46.87
C VAL CA 38 51.85 -9.06 -45.39
N SER CA 39 51.16 -9.86 -44.58
CA SER CA 39 51.33 -9.87 -43.14
C SER CA 39 51.88 -11.21 -42.69
N TYR CA 40 52.94 -11.18 -41.89
CA TYR CA 40 53.62 -12.38 -41.41
C TYR CA 40 53.42 -12.62 -39.92
N VAL CA 41 52.49 -11.91 -39.28
CA VAL CA 41 52.33 -12.06 -37.84
C VAL CA 41 51.97 -13.48 -37.47
N ALA CA 42 51.12 -14.13 -38.28
CA ALA CA 42 50.68 -15.48 -37.95
C ALA CA 42 51.84 -16.47 -37.93
N TRP CA 43 52.87 -16.23 -38.72
CA TRP CA 43 53.99 -17.16 -38.85
C TRP CA 43 55.16 -16.79 -37.96
N SER CA 44 55.45 -15.49 -37.84
CA SER CA 44 56.62 -15.04 -37.10
C SER CA 44 56.34 -14.76 -35.64
N ALA CA 45 55.08 -14.57 -35.26
CA ALA CA 45 54.79 -14.26 -33.86
C ALA CA 45 55.19 -15.38 -32.92
N PRO CA 46 54.80 -16.64 -33.15
CA PRO CA 46 55.12 -17.69 -32.17
C PRO CA 46 56.59 -18.12 -32.19
N LEU CA 47 57.35 -17.78 -33.23
CA LEU CA 47 58.75 -18.16 -33.26
C LEU CA 47 59.60 -17.39 -32.26
N GLY CA 48 59.05 -16.33 -31.66
CA GLY CA 48 59.87 -15.49 -30.81
C GLY CA 48 60.93 -14.78 -31.61
N GLY CA 49 62.08 -14.55 -30.97
CA GLY CA 49 63.18 -13.93 -31.68
C GLY CA 49 62.92 -12.46 -31.97
N HIS CA 50 63.57 -11.96 -33.02
CA HIS CA 50 63.53 -10.56 -33.38
C HIS CA 50 62.66 -10.26 -34.60
N GLY CA 51 61.86 -11.22 -35.05
CA GLY CA 51 60.93 -10.94 -36.12
C GLY CA 51 61.56 -11.06 -37.50
N LEU CA 52 61.05 -10.24 -38.43
CA LEU CA 52 61.43 -10.35 -39.82
C LEU CA 52 62.80 -9.70 -40.06
N THR CA 53 63.27 -9.82 -41.30
CA THR CA 53 64.54 -9.26 -41.72
C THR CA 53 64.42 -8.82 -43.18
N ASN CA 54 65.32 -7.92 -43.59
CA ASN CA 54 65.25 -7.35 -44.93
C ASN CA 54 65.81 -8.27 -46.00
N LYS CA 55 66.00 -9.56 -45.73
CA LYS CA 55 66.53 -10.48 -46.73
C LYS CA 55 65.43 -11.14 -47.52
N THR CA 56 64.75 -10.38 -48.38
CA THR CA 56 63.73 -10.95 -49.25
C THR CA 56 64.30 -11.20 -50.64
N THR CA 57 63.69 -12.16 -51.35
CA THR CA 57 64.10 -12.50 -52.70
C THR CA 57 62.87 -12.75 -53.56
N PHE CA 58 62.88 -12.20 -54.77
CA PHE CA 58 61.76 -12.31 -55.70
C PHE CA 58 62.21 -13.02 -56.97
N GLU CA 59 61.27 -13.73 -57.59
CA GLU CA 59 61.53 -14.42 -58.85
C GLU CA 59 60.25 -14.44 -59.67
N PHE CA 60 60.38 -14.24 -60.98
CA PHE CA 60 59.26 -14.20 -61.89
C PHE CA 60 59.31 -15.40 -62.83
N GLU CA 61 58.15 -16.02 -63.06
CA GLU CA 61 58.02 -17.17 -63.93
C GLU CA 61 56.86 -16.96 -64.89
N ASN CA 62 56.98 -17.55 -66.08
CA ASN CA 62 55.93 -17.45 -67.08
C ASN CA 62 55.10 -18.73 -67.14
N VAL CA 63 53.80 -18.56 -67.33
CA VAL CA 63 52.88 -19.66 -67.55
C VAL CA 63 52.14 -19.51 -68.88
N SER CA 64 51.67 -18.31 -69.18
CA SER CA 64 51.04 -18.00 -70.46
C SER CA 64 51.52 -16.62 -70.89
N VAL CA 65 52.40 -16.58 -71.89
CA VAL CA 65 52.94 -15.33 -72.41
C VAL CA 65 53.00 -15.42 -73.93
N THR CA 66 52.60 -14.34 -74.60
CA THR CA 66 52.60 -14.27 -76.06
C THR CA 66 53.70 -13.34 -76.50
N GLU CA 67 54.57 -13.81 -77.38
CA GLU CA 67 55.70 -13.00 -77.82
C GLU CA 67 55.20 -11.80 -78.62
N PRO CA 68 55.83 -10.63 -78.47
CA PRO CA 68 55.34 -9.45 -79.17
C PRO CA 68 55.59 -9.52 -80.66
N LEU CA 69 54.76 -8.79 -81.42
CA LEU CA 69 54.89 -8.71 -82.86
C LEU CA 69 55.72 -7.52 -83.33
N VAL CA 70 56.20 -6.68 -82.42
CA VAL CA 70 57.02 -5.53 -82.76
C VAL CA 70 58.26 -5.55 -81.88
N ASN CA 71 59.31 -4.89 -82.36
CA ASN CA 71 60.60 -4.88 -81.67
C ASN CA 71 60.88 -3.51 -81.07
N SER CA 72 61.62 -3.50 -79.97
CA SER CA 72 62.06 -2.25 -79.37
C SER CA 72 63.31 -1.73 -80.07
N ALA CA 73 63.65 -0.48 -79.79
CA ALA CA 73 64.79 0.17 -80.43
C ALA CA 73 65.42 1.16 -79.46
N PHE CA 74 66.67 1.51 -79.76
CA PHE CA 74 67.45 2.44 -78.96
C PHE CA 74 68.38 3.23 -79.87
N GLU CA 75 68.57 4.51 -79.56
CA GLU CA 75 69.40 5.37 -80.39
C GLU CA 75 69.98 6.49 -79.55
N ARG CA 76 70.99 7.15 -80.09
CA ARG CA 76 71.68 8.26 -79.43
C ARG CA 76 71.56 9.53 -80.26
N THR CA 77 71.57 10.67 -79.57
CA THR CA 77 71.56 11.97 -80.22
C THR CA 77 72.56 12.88 -79.50
N PRO CA 78 73.17 13.82 -80.22
CA PRO CA 78 74.10 14.75 -79.55
C PRO CA 78 73.36 15.81 -78.74
N PHE CA 79 74.15 16.61 -78.03
CA PHE CA 79 73.60 17.65 -77.17
C PHE CA 79 72.76 18.63 -77.97
N ASN CA 80 71.59 18.99 -77.42
CA ASN CA 80 70.69 19.97 -78.03
C ASN CA 80 70.46 19.68 -79.51
N THR CA 81 70.40 18.42 -79.89
CA THR CA 81 70.29 18.02 -81.29
C THR CA 81 68.94 17.36 -81.53
N THR CA 82 68.22 17.84 -82.54
CA THR CA 82 66.96 17.21 -82.92
C THR CA 82 67.22 15.84 -83.54
N LEU CA 83 66.31 14.90 -83.30
CA LEU CA 83 66.44 13.53 -83.76
C LEU CA 83 65.28 13.20 -84.70
N ALA CA 84 65.57 12.38 -85.70
CA ALA CA 84 64.56 11.90 -86.64
C ALA CA 84 64.73 10.41 -86.85
N GLY CA 85 63.63 9.75 -87.20
CA GLY CA 85 63.67 8.31 -87.39
C GLY CA 85 62.41 7.82 -88.04
N SER CA 86 62.32 6.50 -88.18
CA SER CA 86 61.17 5.86 -88.81
C SER CA 86 60.77 4.62 -88.01
N LEU CA 87 59.46 4.41 -87.88
CA LEU CA 87 58.93 3.27 -87.15
C LEU CA 87 58.67 2.07 -88.05
N ALA CA 88 58.82 2.21 -89.36
CA ALA CA 88 58.46 1.14 -90.28
C ALA CA 88 59.34 -0.10 -90.09
N ALA CA 89 60.64 0.10 -89.87
CA ALA CA 89 61.56 -1.03 -89.81
C ALA CA 89 61.35 -1.91 -88.57
N LEU CA 90 60.54 -1.46 -87.62
CA LEU CA 90 60.37 -2.17 -86.36
C LEU CA 90 59.21 -3.16 -86.37
N PHE CA 91 58.53 -3.34 -87.51
CA PHE CA 91 57.38 -4.23 -87.60
C PHE CA 91 57.66 -5.30 -88.65
N PRO CA 92 58.29 -6.41 -88.29
CA PRO CA 92 58.60 -7.49 -89.24
C PRO CA 92 57.40 -8.41 -89.53
N ASN CA 93 56.36 -7.84 -90.13
CA ASN CA 93 55.17 -8.63 -90.43
C ASN CA 93 55.50 -9.65 -91.52
N PRO CA 94 55.25 -10.95 -91.28
CA PRO CA 94 55.53 -11.95 -92.31
C PRO CA 94 54.56 -11.91 -93.49
N GLU CA 95 53.41 -11.26 -93.34
CA GLU CA 95 52.42 -11.17 -94.41
C GLU CA 95 52.15 -9.70 -94.69
N GLY CA 96 52.30 -9.31 -95.95
CA GLY CA 96 52.09 -7.92 -96.35
C GLY CA 96 50.69 -7.43 -96.04
N GLU CA 97 50.59 -6.29 -95.36
CA GLU CA 97 49.29 -5.74 -95.00
C GLU CA 97 49.46 -4.27 -94.70
N ALA CA 98 48.32 -3.56 -94.66
CA ALA CA 98 48.33 -2.14 -94.34
C ALA CA 98 48.84 -1.92 -92.92
N VAL CA 99 49.60 -0.85 -92.74
CA VAL CA 99 50.18 -0.51 -91.45
C VAL CA 99 49.85 0.94 -91.12
N GLU CA 100 49.37 1.16 -89.90
CA GLU CA 100 49.10 2.49 -89.38
C GLU CA 100 49.86 2.67 -88.06
N TYR CA 101 50.40 3.86 -87.87
CA TYR CA 101 51.24 4.16 -86.71
C TYR CA 101 50.49 5.09 -85.76
N GLU CA 102 50.87 5.03 -84.49
CA GLU CA 102 50.24 5.84 -83.46
C GLU CA 102 51.20 5.98 -82.29
N ILE CA 103 51.00 7.04 -81.51
CA ILE CA 103 51.79 7.32 -80.32
C ILE CA 103 50.84 7.36 -79.13
N LEU CA 104 51.12 6.54 -78.13
CA LEU CA 104 50.29 6.49 -76.93
C LEU CA 104 50.52 7.78 -76.15
N GLU CA 105 49.49 8.62 -76.06
CA GLU CA 105 49.63 9.93 -75.47
C GLU CA 105 49.53 9.91 -73.94
N LEU CA 106 49.12 8.80 -73.34
CA LEU CA 106 49.09 8.71 -71.89
C LEU CA 106 50.48 8.67 -71.29
N TYR CA 107 51.52 8.46 -72.11
CA TYR CA 107 52.88 8.26 -71.64
C TYR CA 107 53.83 9.21 -72.37
N PRO CA 108 53.64 10.51 -72.19
CA PRO CA 108 54.44 11.48 -72.94
C PRO CA 108 55.89 11.46 -72.47
N PRO CA 109 56.83 11.85 -73.32
CA PRO CA 109 58.22 11.96 -72.87
C PRO CA 109 58.35 13.02 -71.79
N VAL CA 110 59.25 12.76 -70.85
CA VAL CA 110 59.39 13.63 -69.68
C VAL CA 110 60.27 14.84 -69.97
N ASN CA 111 61.17 14.74 -70.96
CA ASN CA 111 62.11 15.80 -71.26
C ASN CA 111 62.22 16.03 -72.77
N GLY CA 112 61.08 16.16 -73.44
CA GLY CA 112 61.11 16.41 -74.86
C GLY CA 112 59.71 16.42 -75.45
N ILE CA 113 59.66 16.57 -76.77
CA ILE CA 113 58.41 16.55 -77.52
C ILE CA 113 58.60 15.66 -78.74
N VAL CA 114 57.54 14.94 -79.10
CA VAL CA 114 57.57 14.02 -80.23
C VAL CA 114 56.44 14.38 -81.19
N GLU CA 115 56.74 14.33 -82.48
CA GLU CA 115 55.77 14.58 -83.53
C GLU CA 115 55.79 13.41 -84.49
N LEU CA 116 54.60 12.98 -84.93
CA LEU CA 116 54.45 11.85 -85.82
C LEU CA 116 54.13 12.35 -87.22
N GLY CA 117 54.91 11.92 -88.19
CA GLY CA 117 54.77 12.38 -89.57
C GLY CA 117 53.96 11.43 -90.42
N GLU CA 118 54.50 11.15 -91.62
CA GLU CA 118 53.82 10.31 -92.60
C GLU CA 118 54.52 8.96 -92.72
N ASN CA 119 53.73 7.90 -92.63
CA ASN CA 119 54.22 6.53 -92.75
C ASN CA 119 55.41 6.28 -91.80
N GLY CA 120 55.13 6.43 -90.52
CA GLY CA 120 56.10 6.05 -89.49
C GLY CA 120 57.22 7.02 -89.24
N ALA CA 121 57.25 8.16 -89.94
CA ALA CA 121 58.28 9.15 -89.69
C ALA CA 121 57.93 9.96 -88.45
N PHE CA 122 58.93 10.18 -87.59
CA PHE CA 122 58.73 10.91 -86.35
C PHE CA 122 59.92 11.80 -86.09
N THR CA 123 59.70 12.84 -85.29
CA THR CA 123 60.73 13.80 -84.92
C THR CA 123 60.73 13.98 -83.41
N TYR CA 124 61.90 13.88 -82.80
CA TYR CA 124 62.07 14.07 -81.36
C TYR CA 124 62.91 15.32 -81.14
N ARG CA 125 62.38 16.26 -80.35
CA ARG CA 125 62.99 17.56 -80.13
C ARG CA 125 63.30 17.71 -78.64
N PRO CA 126 64.51 17.35 -78.21
CA PRO CA 126 64.81 17.36 -76.78
C PRO CA 126 64.79 18.76 -76.19
N ALA CA 127 64.49 18.82 -74.90
CA ALA CA 127 64.50 20.09 -74.18
C ALA CA 127 65.92 20.60 -74.05
N THR CA 128 66.05 21.93 -74.07
CA THR CA 128 67.37 22.55 -74.00
C THR CA 128 68.07 22.19 -72.69
N SER CA 129 69.36 21.87 -72.79
CA SER CA 129 70.21 21.58 -71.65
C SER CA 129 69.87 20.26 -70.96
N PHE CA 130 69.34 19.29 -71.71
CA PHE CA 130 69.01 18.01 -71.13
C PHE CA 130 70.18 17.03 -71.30
N THR CA 131 70.28 16.09 -70.36
CA THR CA 131 71.30 15.04 -70.44
C THR CA 131 70.81 13.84 -69.64
N GLY CA 132 70.40 12.78 -70.33
CA GLY CA 132 69.90 11.60 -69.66
C GLY CA 132 69.24 10.66 -70.66
N ILE CA 133 68.21 9.95 -70.16
CA ILE CA 133 67.48 8.96 -70.94
C ILE CA 133 66.03 9.42 -71.07
N ASP CA 134 65.37 8.98 -72.13
CA ASP CA 134 63.98 9.33 -72.39
C ASP CA 134 63.30 8.17 -73.10
N ARG CA 135 61.96 8.19 -73.11
CA ARG CA 135 61.19 7.12 -73.69
C ARG CA 135 59.90 7.67 -74.27
N PHE CA 136 59.32 6.90 -75.20
CA PHE CA 136 57.92 7.08 -75.58
C PHE CA 136 57.45 5.78 -76.20
N TRP CA 137 56.13 5.58 -76.17
CA TRP CA 137 55.53 4.30 -76.53
C TRP CA 137 54.72 4.48 -77.81
N PHE CA 138 55.00 3.64 -78.80
CA PHE CA 138 54.33 3.68 -80.09
C PHE CA 138 53.53 2.41 -80.30
N SER CA 139 52.56 2.47 -81.21
CA SER CA 139 51.69 1.35 -81.52
C SER CA 139 51.61 1.17 -83.02
N ILE CA 140 51.73 -0.08 -83.48
CA ILE CA 140 51.62 -0.42 -84.89
C ILE CA 140 50.59 -1.54 -85.01
N ASN CA 141 49.48 -1.24 -85.69
CA ASN CA 141 48.40 -2.21 -85.88
C ASN CA 141 47.96 -2.80 -84.54
N GLY CA 142 47.91 -1.97 -83.50
CA GLY CA 142 47.48 -2.42 -82.19
C GLY CA 142 48.54 -3.12 -81.37
N ASN CA 143 49.78 -3.17 -81.83
CA ASN CA 143 50.88 -3.78 -81.08
C ASN CA 143 51.76 -2.69 -80.51
N VAL CA 144 52.02 -2.77 -79.20
CA VAL CA 144 52.74 -1.73 -78.47
C VAL CA 144 54.19 -2.16 -78.27
N GLY CA 145 55.11 -1.24 -78.52
CA GLY CA 145 56.52 -1.50 -78.31
C GLY CA 145 57.21 -0.26 -77.79
N GLU CA 146 58.31 -0.49 -77.07
CA GLU CA 146 59.04 0.57 -76.40
C GLU CA 146 60.06 1.18 -77.35
N PHE CA 147 60.38 2.45 -77.13
CA PHE CA 147 61.43 3.15 -77.87
C PHE CA 147 62.21 4.00 -76.88
N VAL CA 148 63.54 3.93 -76.96
CA VAL CA 148 64.41 4.56 -75.97
C VAL CA 148 65.34 5.54 -76.67
N ILE CA 149 65.63 6.65 -75.99
CA ILE CA 149 66.53 7.68 -76.48
C ILE CA 149 67.50 8.05 -75.37
N ALA CA 150 68.75 8.31 -75.74
CA ALA CA 150 69.78 8.75 -74.81
C ALA CA 150 70.40 10.04 -75.33
N VAL CA 151 70.62 11.00 -74.44
CA VAL CA 151 71.16 12.31 -74.77
C VAL CA 151 72.51 12.42 -74.07
N ASP CA 152 73.59 12.23 -74.81
CA ASP CA 152 74.92 12.34 -74.22
C ASP CA 152 75.30 13.81 -74.06
N PRO CA 153 76.11 14.15 -73.07
CA PRO CA 153 76.53 15.54 -72.89
C PRO CA 153 77.52 15.97 -73.96
N ALA CA 154 77.68 17.29 -74.07
CA ALA CA 154 78.65 17.83 -75.03
C ALA CA 154 80.05 17.34 -74.75
N GLN CA 155 80.39 17.14 -73.47
CA GLN CA 155 81.70 16.62 -73.09
C GLN CA 155 81.51 15.54 -72.05
N GLY CA 156 82.45 14.60 -72.01
CA GLY CA 156 82.41 13.49 -71.08
C GLY CA 156 82.09 12.18 -71.77
N PRO CA 157 82.16 11.09 -71.03
CA PRO CA 157 81.90 9.78 -71.63
C PRO CA 157 80.44 9.61 -72.00
N GLN CA 158 80.22 8.72 -72.97
CA GLN CA 158 78.86 8.44 -73.43
C GLN CA 158 78.05 7.74 -72.34
N ILE CA 159 76.73 7.87 -72.44
CA ILE CA 159 75.83 7.26 -71.47
C ILE CA 159 75.59 5.80 -71.87
N ALA CA 160 75.77 4.89 -70.92
CA ALA CA 160 75.57 3.48 -71.19
C ALA CA 160 74.10 3.20 -71.53
N GLN CA 161 73.88 2.21 -72.38
CA GLN CA 161 72.53 1.85 -72.80
C GLN CA 161 71.81 1.14 -71.65
N PRO CA 162 70.65 1.61 -71.22
CA PRO CA 162 69.92 0.92 -70.15
C PRO CA 162 69.10 -0.23 -70.71
N PRO CA 163 68.78 -1.23 -69.89
CA PRO CA 163 67.95 -2.33 -70.38
C PRO CA 163 66.51 -1.92 -70.58
N PHE CA 164 65.83 -2.64 -71.46
CA PHE CA 164 64.42 -2.36 -71.72
C PHE CA 164 63.57 -2.70 -70.50
N THR CA 165 62.44 -2.01 -70.37
CA THR CA 165 61.56 -2.23 -69.24
C THR CA 165 60.77 -3.52 -69.43
N PRO CA 166 60.78 -4.44 -68.46
CA PRO CA 166 60.03 -5.69 -68.64
C PRO CA 166 58.53 -5.47 -68.70
N ALA CA 167 57.80 -6.56 -68.91
CA ALA CA 167 56.34 -6.48 -68.92
C ALA CA 167 55.80 -6.28 -67.51
N VAL CA 168 56.33 -7.02 -66.55
CA VAL CA 168 56.00 -6.82 -65.13
C VAL CA 168 57.30 -6.87 -64.34
N TYR CA 169 57.40 -5.99 -63.35
CA TYR CA 169 58.63 -5.85 -62.59
C TYR CA 169 58.30 -5.41 -61.18
N VAL CA 170 59.26 -5.58 -60.28
CA VAL CA 170 59.14 -5.14 -58.89
C VAL CA 170 60.39 -4.35 -58.53
N PRO CA 171 60.32 -3.02 -58.45
CA PRO CA 171 61.52 -2.25 -58.09
C PRO CA 171 62.07 -2.70 -56.75
N LEU CA 172 63.35 -3.02 -56.71
CA LEU CA 172 63.96 -3.54 -55.50
C LEU CA 172 64.39 -2.44 -54.54
N SER CA 173 64.48 -1.20 -55.00
CA SER CA 173 64.81 -0.09 -54.12
C SER CA 173 63.63 0.38 -53.29
N ARG CA 174 62.41 0.21 -53.80
CA ARG CA 174 61.21 0.63 -53.09
C ARG CA 174 60.61 -0.55 -52.32
N ARG CA 175 61.28 -0.90 -51.23
CA ARG CA 175 60.92 -2.07 -50.44
C ARG CA 175 61.21 -1.79 -48.97
N GLU CA 176 60.34 -2.27 -48.09
CA GLU CA 176 60.50 -2.03 -46.67
C GLU CA 176 59.75 -3.09 -45.88
N VAL CA 177 60.17 -3.26 -44.62
CA VAL CA 177 59.52 -4.19 -43.69
C VAL CA 177 59.23 -3.42 -42.41
N ASN CA 178 58.01 -3.54 -41.92
CA ASN CA 178 57.58 -2.83 -40.72
C ASN CA 178 57.70 -3.78 -39.53
N LYS CA 179 58.79 -3.65 -38.78
CA LYS CA 179 59.02 -4.52 -37.64
C LYS CA 179 57.95 -4.36 -36.57
N GLN CA 180 57.29 -3.20 -36.50
CA GLN CA 180 56.28 -2.99 -35.48
C GLN CA 180 55.11 -3.94 -35.64
N THR CA 181 54.79 -4.34 -36.88
CA THR CA 181 53.65 -5.22 -37.11
C THR CA 181 53.97 -6.41 -38.00
N GLN CA 182 55.23 -6.65 -38.35
CA GLN CA 182 55.62 -7.82 -39.14
C GLN CA 182 54.87 -7.84 -40.47
N ALA CA 183 55.14 -6.84 -41.30
CA ALA CA 183 54.52 -6.73 -42.61
C ALA CA 183 55.55 -6.32 -43.65
N LEU CA 184 55.32 -6.76 -44.89
CA LEU CA 184 56.21 -6.47 -46.00
C LEU CA 184 55.45 -5.67 -47.04
N ARG CA 185 56.08 -4.62 -47.57
CA ARG CA 185 55.51 -3.79 -48.63
C ARG CA 185 56.43 -3.78 -49.83
N PHE CA 186 55.85 -3.95 -51.01
CA PHE CA 186 56.57 -3.82 -52.27
C PHE CA 186 55.63 -3.25 -53.31
N VAL CA 187 56.20 -2.78 -54.42
CA VAL CA 187 55.47 -2.10 -55.47
C VAL CA 187 55.46 -2.99 -56.70
N LEU CA 188 54.27 -3.24 -57.25
CA LEU CA 188 54.10 -4.01 -58.47
C LEU CA 188 53.78 -3.07 -59.62
N GLY CA 189 54.56 -3.17 -60.69
CA GLY CA 189 54.40 -2.30 -61.85
C GLY CA 189 54.15 -3.11 -63.11
N VAL CA 190 53.35 -2.55 -64.01
CA VAL CA 190 53.01 -3.20 -65.28
C VAL CA 190 53.31 -2.21 -66.40
N SER CA 191 54.05 -2.67 -67.40
CA SER CA 191 54.38 -1.82 -68.53
C SER CA 191 53.17 -1.69 -69.46
N PRO CA 192 53.09 -0.60 -70.24
CA PRO CA 192 51.98 -0.46 -71.19
C PRO CA 192 51.98 -1.56 -72.25
N ALA CA 193 53.13 -2.18 -72.48
CA ALA CA 193 53.26 -3.21 -73.50
C ALA CA 193 52.70 -4.56 -73.08
N ALA CA 194 52.29 -4.70 -71.82
CA ALA CA 194 51.72 -5.97 -71.38
C ALA CA 194 50.46 -6.27 -72.18
N LYS CA 195 50.28 -7.54 -72.53
CA LYS CA 195 49.17 -7.97 -73.36
C LYS CA 195 48.09 -8.61 -72.51
N PRO CA 196 46.83 -8.20 -72.65
CA PRO CA 196 45.78 -8.77 -71.79
C PRO CA 196 45.65 -10.27 -71.98
N ALA CA 197 45.19 -10.94 -70.93
CA ALA CA 197 44.97 -12.38 -70.84
C ALA CA 197 46.25 -13.16 -70.55
N ASP CA 198 47.40 -12.50 -70.46
CA ASP CA 198 48.62 -13.18 -70.06
C ASP CA 198 48.63 -13.41 -68.55
N ILE CA 199 49.46 -14.35 -68.11
CA ILE CA 199 49.57 -14.70 -66.70
C ILE CA 199 51.04 -14.85 -66.35
N TYR CA 200 51.45 -14.29 -65.21
CA TYR CA 200 52.79 -14.43 -64.67
C TYR CA 200 52.69 -14.94 -63.23
N ARG CA 201 53.79 -15.53 -62.75
CA ARG CA 201 53.86 -16.06 -61.40
C ARG CA 201 55.03 -15.40 -60.67
N LEU CA 202 54.82 -15.09 -59.39
CA LEU CA 202 55.83 -14.42 -58.57
C LEU CA 202 56.11 -15.30 -57.34
N ASN CA 203 57.39 -15.46 -57.03
CA ASN CA 203 57.82 -16.25 -55.88
C ASN CA 203 58.56 -15.36 -54.90
N ILE CA 204 58.29 -15.54 -53.61
CA ILE CA 204 58.88 -14.73 -52.54
C ILE CA 204 59.41 -15.66 -51.48
N ARG CA 205 60.62 -15.39 -50.99
CA ARG CA 205 61.17 -16.06 -49.81
C ARG CA 205 61.57 -15.01 -48.80
N GLN CA 206 61.01 -15.10 -47.59
CA GLN CA 206 61.23 -14.12 -46.55
C GLN CA 206 61.90 -14.78 -45.36
N ALA CA 207 62.75 -14.01 -44.67
CA ALA CA 207 63.58 -14.53 -43.59
C ALA CA 207 63.22 -13.87 -42.28
N ALA CA 208 63.29 -14.66 -41.21
CA ALA CA 208 63.13 -14.17 -39.84
C ALA CA 208 64.26 -14.74 -39.00
N ILE CA 209 64.62 -14.04 -37.94
CA ILE CA 209 65.79 -14.38 -37.14
C ILE CA 209 65.34 -14.66 -35.70
N ASP CA 210 65.98 -15.64 -35.08
CA ASP CA 210 65.75 -15.92 -33.67
C ASP CA 210 66.61 -15.00 -32.80
N CYS CA 211 66.62 -15.27 -31.49
CA CYS CA 211 67.31 -14.40 -30.55
C CYS CA 211 68.80 -14.31 -30.84
N GLU CA 212 69.45 -15.41 -31.19
CA GLU CA 212 70.89 -15.46 -31.34
C GLU CA 212 71.35 -15.05 -32.74
N GLY CA 213 70.44 -14.83 -33.68
CA GLY CA 213 70.78 -14.41 -35.01
C GLY CA 213 70.61 -15.45 -36.10
N ASN CA 214 70.20 -16.67 -35.76
CA ASN CA 214 69.95 -17.70 -36.75
C ASN CA 214 68.65 -17.40 -37.49
N GLU CA 215 68.53 -17.91 -38.71
CA GLU CA 215 67.50 -17.50 -39.65
C GLU CA 215 66.48 -18.61 -39.89
N TYR CA 216 65.23 -18.20 -40.11
CA TYR CA 216 64.17 -19.06 -40.63
C TYR CA 216 63.85 -18.59 -42.04
N PHE CA 217 62.91 -19.29 -42.69
CA PHE CA 217 62.48 -18.93 -44.04
C PHE CA 217 61.04 -19.35 -44.27
N HIS CA 218 60.39 -18.67 -45.22
CA HIS CA 218 58.99 -18.91 -45.56
C HIS CA 218 58.78 -18.53 -47.01
N ILE CA 219 58.10 -19.40 -47.76
CA ILE CA 219 57.97 -19.27 -49.21
C ILE CA 219 56.50 -19.21 -49.58
N SER CA 220 56.17 -18.33 -50.53
CA SER CA 220 54.81 -18.20 -51.03
C SER CA 220 54.88 -17.69 -52.46
N CYS CA 221 53.77 -17.85 -53.18
CA CYS CA 221 53.72 -17.46 -54.59
C CYS CA 221 52.35 -16.90 -54.92
N TYR CA 222 52.33 -15.99 -55.89
CA TYR CA 222 51.12 -15.30 -56.31
C TYR CA 222 51.03 -15.28 -57.82
N ASP CA 223 49.80 -15.30 -58.34
CA ASP CA 223 49.55 -15.33 -59.77
C ASP CA 223 49.05 -13.96 -60.22
N ILE CA 224 49.68 -13.42 -61.26
CA ILE CA 224 49.34 -12.11 -61.80
C ILE CA 224 48.80 -12.30 -63.21
N SER CA 225 47.60 -11.79 -63.46
CA SER CA 225 46.94 -11.91 -64.76
C SER CA 225 46.56 -10.52 -65.25
N ILE CA 226 46.91 -10.22 -66.50
CA ILE CA 226 46.60 -8.92 -67.08
C ILE CA 226 45.11 -8.84 -67.40
N GLY CA 227 44.56 -7.64 -67.38
CA GLY CA 227 43.15 -7.45 -67.66
C GLY CA 227 42.82 -6.08 -68.22
N SER CA 228 41.58 -5.65 -68.04
CA SER CA 228 41.10 -4.35 -68.51
C SER CA 228 39.76 -4.08 -67.84
N CYS CA 229 39.08 -3.03 -68.28
CA CYS CA 229 37.76 -2.71 -67.76
C CYS CA 229 36.96 -2.00 -68.85
N GLY CA 230 35.64 -2.00 -68.69
CA GLY CA 230 34.75 -1.39 -69.66
C GLY CA 230 33.33 -1.28 -69.15
N CYS DA 23 25.70 -32.00 -85.70
CA CYS DA 23 26.28 -30.66 -85.73
C CYS DA 23 25.20 -29.61 -85.51
N GLU DA 24 25.54 -28.58 -84.74
CA GLU DA 24 24.58 -27.51 -84.47
C GLU DA 24 24.29 -26.73 -85.74
N SER DA 25 23.09 -26.16 -85.80
CA SER DA 25 22.59 -25.48 -86.99
C SER DA 25 22.52 -23.97 -86.75
N ILE DA 26 23.05 -23.20 -87.69
CA ILE DA 26 22.99 -21.75 -87.67
C ILE DA 26 22.35 -21.29 -88.97
N SER DA 27 21.32 -20.45 -88.86
CA SER DA 27 20.62 -19.90 -90.01
C SER DA 27 20.90 -18.41 -90.09
N ALA DA 28 21.37 -17.96 -91.26
CA ALA DA 28 21.76 -16.57 -91.45
C ALA DA 28 21.16 -16.05 -92.75
N ARG DA 29 21.03 -14.73 -92.83
CA ARG DA 29 20.49 -14.06 -94.01
C ARG DA 29 21.58 -13.26 -94.71
N PRO DA 30 21.48 -13.06 -96.01
CA PRO DA 30 22.48 -12.23 -96.69
C PRO DA 30 22.52 -10.82 -96.11
N GLY DA 31 23.74 -10.29 -95.94
CA GLY DA 31 23.93 -8.94 -95.47
C GLY DA 31 23.84 -8.75 -93.97
N GLU DA 32 23.63 -9.82 -93.21
CA GLU DA 32 23.48 -9.70 -91.77
C GLU DA 32 24.81 -9.89 -91.06
N VAL DA 33 24.93 -9.27 -89.89
CA VAL DA 33 26.08 -9.44 -89.00
C VAL DA 33 25.50 -9.64 -87.60
N ASN DA 34 25.59 -10.85 -87.07
CA ASN DA 34 24.81 -11.25 -85.91
C ASN DA 34 25.61 -11.46 -84.65
N GLY DA 35 26.67 -12.28 -84.68
CA GLY DA 35 27.42 -12.59 -83.48
C GLY DA 35 26.89 -13.82 -82.77
N VAL DA 36 27.78 -14.60 -82.17
CA VAL DA 36 27.43 -15.87 -81.55
C VAL DA 36 28.20 -16.02 -80.25
N MET DA 37 27.63 -16.78 -79.33
CA MET DA 37 28.25 -17.06 -78.03
C MET DA 37 28.12 -18.54 -77.72
N VAL DA 38 29.22 -19.14 -77.27
CA VAL DA 38 29.27 -20.54 -76.88
C VAL DA 38 29.85 -20.63 -75.48
N SER DA 39 29.28 -21.50 -74.66
CA SER DA 39 29.62 -21.62 -73.25
C SER DA 39 30.44 -22.89 -73.03
N TYR DA 40 31.58 -22.74 -72.37
CA TYR DA 40 32.50 -23.85 -72.14
C TYR DA 40 32.56 -24.30 -70.69
N VAL DA 41 31.65 -23.82 -69.83
CA VAL DA 41 31.72 -24.16 -68.41
C VAL DA 41 31.58 -25.67 -68.22
N ALA DA 42 30.72 -26.32 -69.02
CA ALA DA 42 30.47 -27.73 -68.82
C ALA DA 42 31.73 -28.57 -69.02
N TRP DA 43 32.71 -28.06 -69.76
CA TRP DA 43 33.91 -28.82 -70.07
C TRP DA 43 35.12 -28.31 -69.29
N SER DA 44 35.34 -26.99 -69.27
CA SER DA 44 36.54 -26.44 -68.66
C SER DA 44 36.47 -26.45 -67.14
N ALA DA 45 35.26 -26.39 -66.58
CA ALA DA 45 35.14 -26.25 -65.13
C ALA DA 45 35.79 -27.40 -64.36
N PRO DA 46 35.49 -28.67 -64.64
CA PRO DA 46 36.07 -29.75 -63.82
C PRO DA 46 37.58 -29.88 -63.97
N LEU DA 47 38.18 -29.33 -65.01
CA LEU DA 47 39.62 -29.48 -65.22
C LEU DA 47 40.45 -28.64 -64.27
N GLY DA 48 39.84 -27.75 -63.49
CA GLY DA 48 40.63 -26.86 -62.68
C GLY DA 48 41.45 -25.92 -63.55
N GLY DA 49 42.66 -25.62 -63.08
CA GLY DA 49 43.55 -24.79 -63.87
C GLY DA 49 43.06 -23.35 -63.96
N HIS DA 50 43.46 -22.69 -65.04
CA HIS DA 50 43.18 -21.28 -65.26
C HIS DA 50 42.10 -21.05 -66.32
N GLY DA 51 41.41 -22.10 -66.76
CA GLY DA 51 40.29 -21.91 -67.65
C GLY DA 51 40.73 -21.71 -69.10
N LEU DA 52 39.85 -21.05 -69.87
CA LEU DA 52 40.06 -20.89 -71.30
C LEU DA 52 41.28 -20.02 -71.58
N THR DA 53 41.59 -19.88 -72.87
CA THR DA 53 42.72 -19.09 -73.32
C THR DA 53 42.42 -18.60 -74.72
N ASN DA 54 43.11 -17.53 -75.13
CA ASN DA 54 42.80 -16.84 -76.38
C ASN DA 54 43.29 -17.58 -77.63
N LYS DA 55 43.74 -18.83 -77.53
CA LYS DA 55 44.25 -19.53 -78.70
C LYS DA 55 43.15 -20.30 -79.43
N THR DA 56 42.28 -19.58 -80.14
CA THR DA 56 41.25 -20.23 -80.94
C THR DA 56 41.70 -20.35 -82.39
N THR DA 57 40.93 -21.11 -83.17
CA THR DA 57 41.21 -21.31 -84.59
C THR DA 57 39.92 -21.66 -85.30
N PHE DA 58 39.72 -21.07 -86.48
CA PHE DA 58 38.50 -21.22 -87.25
C PHE DA 58 38.84 -21.74 -88.65
N GLU DA 59 37.99 -22.62 -89.17
CA GLU DA 59 38.10 -23.12 -90.53
C GLU DA 59 36.72 -23.19 -91.16
N PHE DA 60 36.66 -23.00 -92.47
CA PHE DA 60 35.41 -23.07 -93.22
C PHE DA 60 35.50 -24.15 -94.29
N GLU DA 61 34.37 -24.80 -94.56
CA GLU DA 61 34.29 -25.85 -95.57
C GLU DA 61 33.05 -25.64 -96.41
N ASN DA 62 33.16 -25.89 -97.71
CA ASN DA 62 32.05 -25.71 -98.64
C ASN DA 62 31.37 -27.06 -98.87
N VAL DA 63 30.40 -27.36 -98.02
CA VAL DA 63 29.65 -28.60 -98.18
C VAL DA 63 28.74 -28.54 -99.40
N SER DA 64 28.11 -27.38 -99.63
CA SER DA 64 27.23 -27.21 -100.79
C SER DA 64 27.19 -25.72 -101.12
N VAL DA 65 27.88 -25.33 -102.17
CA VAL DA 65 27.94 -23.93 -102.61
C VAL DA 65 27.80 -23.87 -104.12
N THR DA 66 27.21 -22.79 -104.59
CA THR DA 66 26.98 -22.58 -106.02
C THR DA 66 27.96 -21.53 -106.55
N GLU DA 67 28.49 -21.78 -107.74
CA GLU DA 67 29.41 -20.85 -108.36
C GLU DA 67 28.68 -19.54 -108.70
N PRO DA 68 29.33 -18.39 -108.54
CA PRO DA 68 28.68 -17.13 -108.94
C PRO DA 68 28.80 -16.91 -110.45
N LEU DA 69 27.75 -16.33 -111.02
CA LEU DA 69 27.64 -16.14 -112.46
C LEU DA 69 28.15 -14.77 -112.92
N VAL DA 70 28.69 -13.96 -112.02
CA VAL DA 70 29.23 -12.65 -112.36
C VAL DA 70 30.58 -12.50 -111.68
N ASN DA 71 31.38 -11.58 -112.20
CA ASN DA 71 32.75 -11.38 -111.74
C ASN DA 71 32.89 -10.01 -111.08
N SER DA 72 33.54 -9.98 -109.92
CA SER DA 72 33.84 -8.72 -109.27
C SER DA 72 34.96 -7.99 -110.01
N ALA DA 73 35.06 -6.69 -109.77
CA ALA DA 73 36.03 -5.85 -110.45
C ALA DA 73 36.71 -4.92 -109.46
N PHE DA 74 37.92 -4.49 -109.80
CA PHE DA 74 38.69 -3.56 -109.01
C PHE DA 74 39.33 -2.52 -109.93
N GLU DA 75 39.32 -1.26 -109.50
CA GLU DA 75 39.79 -0.18 -110.34
C GLU DA 75 40.36 0.94 -109.47
N ARG DA 76 41.07 1.86 -110.11
CA ARG DA 76 41.70 2.99 -109.45
C ARG DA 76 41.25 4.30 -110.10
N THR DA 77 41.50 5.39 -109.40
CA THR DA 77 41.24 6.73 -109.91
C THR DA 77 42.14 7.71 -109.17
N PRO DA 78 42.54 8.81 -109.81
CA PRO DA 78 43.39 9.79 -109.12
C PRO DA 78 42.61 10.61 -108.10
N PHE DA 79 43.36 11.47 -107.42
CA PHE DA 79 42.79 12.31 -106.37
C PHE DA 79 41.70 13.21 -106.93
N ASN DA 80 40.56 13.26 -106.24
CA ASN DA 80 39.45 14.13 -106.60
C ASN DA 80 39.08 13.99 -108.07
N THR DA 81 39.23 12.80 -108.62
CA THR DA 81 38.97 12.54 -110.03
C THR DA 81 37.76 11.61 -110.16
N THR DA 82 36.80 12.00 -110.98
CA THR DA 82 35.63 11.15 -111.22
C THR DA 82 36.05 9.88 -111.94
N LEU DA 83 35.37 8.79 -111.60
CA LEU DA 83 35.63 7.49 -112.21
C LEU DA 83 34.40 7.03 -112.97
N ALA DA 84 34.61 6.61 -114.23
CA ALA DA 84 33.54 6.15 -115.09
C ALA DA 84 33.86 4.75 -115.59
N GLY DA 85 32.82 3.96 -115.83
CA GLY DA 85 33.01 2.61 -116.29
C GLY DA 85 31.72 2.00 -116.74
N SER DA 86 31.72 0.67 -116.88
CA SER DA 86 30.55 -0.07 -117.33
C SER DA 86 30.53 -1.44 -116.68
N LEU DA 87 29.32 -1.92 -116.39
CA LEU DA 87 29.14 -3.23 -115.81
C LEU DA 87 28.94 -4.32 -116.85
N ALA DA 88 28.90 -3.97 -118.14
CA ALA DA 88 28.59 -4.95 -119.17
C ALA DA 88 29.66 -6.03 -119.26
N ALA DA 89 30.94 -5.65 -119.14
CA ALA DA 89 32.01 -6.62 -119.33
C ALA DA 89 32.02 -7.70 -118.27
N LEU DA 90 31.34 -7.51 -117.14
CA LEU DA 90 31.39 -8.44 -116.03
C LEU DA 90 30.41 -9.60 -116.15
N PHE DA 91 29.55 -9.61 -117.17
CA PHE DA 91 28.61 -10.69 -117.35
C PHE DA 91 29.03 -11.53 -118.55
N PRO DA 92 29.61 -12.72 -118.36
CA PRO DA 92 30.17 -13.48 -119.48
C PRO DA 92 29.20 -14.40 -120.20
N ASN DA 93 27.89 -14.22 -120.06
CA ASN DA 93 26.94 -15.16 -120.63
C ASN DA 93 27.17 -15.30 -122.13
N PRO DA 94 27.35 -16.52 -122.65
CA PRO DA 94 27.48 -16.69 -124.11
C PRO DA 94 26.16 -16.87 -124.82
N GLU DA 95 25.04 -16.80 -124.12
CA GLU DA 95 23.73 -17.04 -124.68
C GLU DA 95 23.04 -15.72 -125.02
N GLY DA 96 22.03 -15.82 -125.90
CA GLY DA 96 21.26 -14.66 -126.30
C GLY DA 96 20.11 -14.38 -125.35
N GLU DA 97 20.23 -13.32 -124.56
CA GLU DA 97 19.19 -12.98 -123.59
C GLU DA 97 19.33 -11.51 -123.23
N ALA DA 98 18.24 -10.95 -122.70
CA ALA DA 98 18.24 -9.56 -122.28
C ALA DA 98 18.99 -9.40 -120.96
N VAL DA 99 19.63 -8.25 -120.80
CA VAL DA 99 20.38 -7.93 -119.59
C VAL DA 99 19.86 -6.63 -119.02
N GLU DA 100 19.60 -6.63 -117.71
CA GLU DA 100 19.20 -5.44 -116.99
C GLU DA 100 20.13 -5.23 -115.81
N TYR DA 101 20.53 -3.98 -115.61
CA TYR DA 101 21.50 -3.61 -114.60
C TYR DA 101 20.80 -2.87 -113.47
N GLU DA 102 21.24 -3.13 -112.24
CA GLU DA 102 20.63 -2.53 -111.06
C GLU DA 102 21.69 -2.37 -109.98
N ILE DA 103 21.57 -1.29 -109.21
CA ILE DA 103 22.45 -1.02 -108.08
C ILE DA 103 21.66 -1.20 -106.80
N LEU DA 104 22.13 -2.08 -105.92
CA LEU DA 104 21.48 -2.30 -104.64
C LEU DA 104 21.66 -1.05 -103.78
N GLU DA 105 20.57 -0.53 -103.23
CA GLU DA 105 20.59 0.76 -102.55
C GLU DA 105 20.58 0.63 -101.03
N LEU DA 106 20.40 -0.57 -100.48
CA LEU DA 106 20.59 -0.76 -99.05
C LEU DA 106 22.04 -0.57 -98.65
N TYR DA 107 22.95 -0.54 -99.61
CA TYR DA 107 24.39 -0.66 -99.37
C TYR DA 107 25.11 0.48 -100.08
N PRO DA 108 24.80 1.72 -99.73
CA PRO DA 108 25.33 2.86 -100.48
C PRO DA 108 26.82 3.00 -100.26
N PRO DA 109 27.55 3.60 -101.21
CA PRO DA 109 28.98 3.82 -101.02
C PRO DA 109 29.23 4.71 -99.82
N VAL DA 110 30.25 4.37 -99.05
CA VAL DA 110 30.53 5.09 -97.81
C VAL DA 110 31.07 6.50 -98.05
N ASN DA 111 31.92 6.68 -99.06
CA ASN DA 111 32.61 7.95 -99.27
C ASN DA 111 32.37 8.50 -100.67
N GLY DA 112 31.19 8.30 -101.25
CA GLY DA 112 30.92 8.80 -102.57
C GLY DA 112 29.48 8.58 -102.96
N ILE DA 113 29.20 8.80 -104.24
CA ILE DA 113 27.88 8.58 -104.81
C ILE DA 113 28.04 7.85 -106.14
N VAL DA 114 27.19 6.85 -106.37
CA VAL DA 114 27.21 6.06 -107.59
C VAL DA 114 25.99 6.42 -108.42
N GLU DA 115 26.22 6.75 -109.68
CA GLU DA 115 25.15 7.15 -110.61
C GLU DA 115 25.13 6.13 -111.76
N LEU DA 116 24.06 5.34 -111.82
CA LEU DA 116 23.95 4.34 -112.87
C LEU DA 116 23.56 4.99 -114.19
N GLY DA 117 24.33 4.71 -115.23
CA GLY DA 117 24.05 5.22 -116.56
C GLY DA 117 23.20 4.24 -117.36
N GLU DA 118 23.21 4.44 -118.68
CA GLU DA 118 22.45 3.59 -119.57
C GLU DA 118 23.27 2.41 -120.05
N ASN DA 119 22.61 1.26 -120.19
CA ASN DA 119 23.23 0.06 -120.75
C ASN DA 119 24.50 -0.31 -119.99
N GLY DA 120 24.40 -0.27 -118.65
CA GLY DA 120 25.47 -0.71 -117.79
C GLY DA 120 26.52 0.33 -117.46
N ALA DA 121 26.47 1.51 -118.07
CA ALA DA 121 27.42 2.56 -117.74
C ALA DA 121 27.12 3.11 -116.35
N PHE DA 122 28.18 3.57 -115.69
CA PHE DA 122 28.05 4.12 -114.33
C PHE DA 122 29.11 5.20 -114.14
N THR DA 123 28.87 6.05 -113.15
CA THR DA 123 29.81 7.11 -112.78
C THR DA 123 29.87 7.22 -111.27
N TYR DA 124 31.08 7.18 -110.73
CA TYR DA 124 31.32 7.28 -109.30
C TYR DA 124 32.02 8.59 -109.01
N ARG DA 125 31.44 9.41 -108.14
CA ARG DA 125 31.96 10.72 -107.82
C ARG DA 125 32.44 10.75 -106.38
N PRO DA 126 33.74 10.60 -106.11
CA PRO DA 126 34.20 10.56 -104.72
C PRO DA 126 34.07 11.91 -104.04
N ALA DA 127 33.89 11.87 -102.73
CA ALA DA 127 33.85 13.09 -101.94
C ALA DA 127 35.22 13.76 -101.96
N THR DA 128 35.20 15.10 -101.93
CA THR DA 128 36.45 15.85 -102.01
C THR DA 128 37.35 15.54 -100.84
N SER DA 129 38.64 15.34 -101.12
CA SER DA 129 39.67 15.12 -100.12
C SER DA 129 39.66 13.70 -99.56
N PHE DA 130 38.90 12.79 -100.16
CA PHE DA 130 38.85 11.42 -99.68
C PHE DA 130 40.02 10.62 -100.25
N THR DA 131 40.52 9.67 -99.44
CA THR DA 131 41.63 8.83 -99.85
C THR DA 131 41.50 7.49 -99.14
N GLY DA 132 41.27 6.43 -99.89
CA GLY DA 132 41.09 5.11 -99.33
C GLY DA 132 40.34 4.21 -100.30
N ILE DA 133 39.64 3.24 -99.73
CA ILE DA 133 38.93 2.23 -100.49
C ILE DA 133 37.43 2.49 -100.37
N ASP DA 134 36.67 2.05 -101.37
CA ASP DA 134 35.22 2.21 -101.38
C ASP DA 134 34.61 1.02 -102.10
N ARG DA 135 33.32 0.78 -101.84
CA ARG DA 135 32.62 -0.36 -102.38
C ARG DA 135 31.21 0.03 -102.80
N PHE DA 136 30.64 -0.74 -103.71
CA PHE DA 136 29.22 -0.63 -104.05
C PHE DA 136 28.81 -1.90 -104.76
N TRP DA 137 27.63 -2.40 -104.43
CA TRP DA 137 27.15 -3.70 -104.87
C TRP DA 137 26.16 -3.53 -106.01
N PHE DA 138 26.33 -4.32 -107.07
CA PHE DA 138 25.50 -4.23 -108.25
C PHE DA 138 24.87 -5.60 -108.55
N SER DA 139 23.83 -5.58 -109.35
CA SER DA 139 23.14 -6.78 -109.78
C SER DA 139 22.94 -6.75 -111.29
N ILE DA 140 23.17 -7.90 -111.94
CA ILE DA 140 22.98 -8.05 -113.38
C ILE DA 140 22.03 -9.21 -113.59
N ASN DA 141 20.79 -8.89 -113.98
CA ASN DA 141 19.79 -9.90 -114.32
C ASN DA 141 19.50 -10.81 -113.14
N GLY DA 142 19.72 -10.31 -111.93
CA GLY DA 142 19.44 -11.05 -110.71
C GLY DA 142 20.62 -11.72 -110.06
N ASN DA 143 21.84 -11.43 -110.52
CA ASN DA 143 23.05 -11.99 -109.93
C ASN DA 143 23.82 -10.89 -109.22
N VAL DA 144 24.17 -11.14 -107.96
CA VAL DA 144 24.81 -10.13 -107.13
C VAL DA 144 26.31 -10.14 -107.36
N GLY DA 145 26.92 -8.97 -107.34
CA GLY DA 145 28.36 -8.85 -107.50
C GLY DA 145 28.90 -7.71 -106.65
N GLU DA 146 30.22 -7.64 -106.59
CA GLU DA 146 30.91 -6.62 -105.81
C GLU DA 146 31.82 -5.80 -106.73
N PHE DA 147 31.87 -4.49 -106.50
CA PHE DA 147 32.78 -3.60 -107.18
C PHE DA 147 33.57 -2.82 -106.13
N VAL DA 148 34.89 -2.78 -106.29
CA VAL DA 148 35.79 -2.11 -105.36
C VAL DA 148 36.49 -0.98 -106.10
N ILE DA 149 36.56 0.19 -105.46
CA ILE DA 149 37.19 1.36 -106.03
C ILE DA 149 38.19 1.91 -105.02
N ALA DA 150 39.35 2.33 -105.52
CA ALA DA 150 40.39 2.91 -104.69
C ALA DA 150 40.71 4.32 -105.18
N VAL DA 151 40.85 5.24 -104.24
CA VAL DA 151 41.21 6.63 -104.53
C VAL DA 151 42.58 6.89 -103.92
N ASP DA 152 43.53 7.32 -104.77
CA ASP DA 152 44.91 7.43 -104.32
C ASP DA 152 45.31 8.88 -104.13
N PRO DA 153 46.22 9.17 -103.19
CA PRO DA 153 46.68 10.54 -103.03
C PRO DA 153 47.47 11.03 -104.23
N ALA DA 154 47.45 12.34 -104.44
CA ALA DA 154 48.14 12.94 -105.57
C ALA DA 154 49.61 13.23 -105.27
N GLN DA 155 50.10 12.93 -104.07
CA GLN DA 155 51.48 13.22 -103.68
C GLN DA 155 52.14 12.03 -102.99
N GLY DA 156 51.82 10.81 -103.39
CA GLY DA 156 52.37 9.63 -102.75
C GLY DA 156 52.15 8.36 -103.54
N PRO DA 157 52.51 7.23 -102.94
CA PRO DA 157 52.35 5.95 -103.63
C PRO DA 157 50.91 5.47 -103.67
N GLN DA 158 50.66 4.52 -104.56
CA GLN DA 158 49.32 3.96 -104.70
C GLN DA 158 49.06 2.90 -103.63
N ILE DA 159 47.79 2.59 -103.44
CA ILE DA 159 47.38 1.65 -102.41
C ILE DA 159 47.33 0.25 -102.98
N ALA DA 160 47.68 -0.74 -102.16
CA ALA DA 160 47.63 -2.13 -102.59
C ALA DA 160 46.19 -2.61 -102.69
N GLN DA 161 45.93 -3.45 -103.70
CA GLN DA 161 44.57 -3.94 -103.91
C GLN DA 161 44.14 -4.80 -102.73
N PRO DA 162 42.94 -4.59 -102.19
CA PRO DA 162 42.48 -5.42 -101.07
C PRO DA 162 41.81 -6.69 -101.57
N PRO DA 163 41.62 -7.67 -100.69
CA PRO DA 163 40.95 -8.91 -101.12
C PRO DA 163 39.43 -8.74 -101.16
N PHE DA 164 38.81 -9.38 -102.14
CA PHE DA 164 37.36 -9.32 -102.27
C PHE DA 164 36.71 -9.97 -101.06
N THR DA 165 35.59 -9.40 -100.62
CA THR DA 165 34.92 -9.91 -99.44
C THR DA 165 34.34 -11.31 -99.71
N PRO DA 166 34.59 -12.28 -98.85
CA PRO DA 166 34.05 -13.62 -99.08
C PRO DA 166 32.54 -13.65 -98.96
N ALA DA 167 31.96 -14.83 -99.18
CA ALA DA 167 30.52 -15.00 -98.98
C ALA DA 167 30.16 -15.00 -97.51
N VAL DA 168 30.95 -15.70 -96.69
CA VAL DA 168 30.83 -15.67 -95.24
C VAL DA 168 32.22 -15.51 -94.65
N TYR DA 169 32.28 -14.93 -93.46
CA TYR DA 169 33.56 -14.68 -92.82
C TYR DA 169 33.35 -14.45 -91.33
N VAL DA 170 34.44 -14.53 -90.58
CA VAL DA 170 34.46 -14.27 -89.15
C VAL DA 170 35.66 -13.36 -88.87
N PRO DA 171 35.46 -12.09 -88.52
CA PRO DA 171 36.61 -11.22 -88.27
C PRO DA 171 37.49 -11.77 -87.16
N LEU DA 172 38.81 -11.67 -87.35
CA LEU DA 172 39.75 -12.23 -86.40
C LEU DA 172 40.11 -11.25 -85.29
N SER DA 173 39.74 -9.99 -85.41
CA SER DA 173 40.01 -9.00 -84.37
C SER DA 173 38.89 -8.88 -83.36
N ARG DA 174 37.66 -9.24 -83.74
CA ARG DA 174 36.50 -9.14 -82.86
C ARG DA 174 36.24 -10.50 -82.21
N ARG DA 175 37.02 -10.78 -81.17
CA ARG DA 175 36.96 -12.06 -80.48
C ARG DA 175 37.42 -11.87 -79.05
N GLU DA 176 36.63 -12.35 -78.10
CA GLU DA 176 36.97 -12.21 -76.70
C GLU DA 176 36.46 -13.43 -75.93
N VAL DA 177 37.11 -13.72 -74.82
CA VAL DA 177 36.71 -14.79 -73.92
C VAL DA 177 36.50 -14.19 -72.54
N ASN DA 178 35.35 -14.49 -71.93
CA ASN DA 178 35.00 -13.98 -70.61
C ASN DA 178 35.47 -14.99 -69.58
N LYS DA 179 36.64 -14.73 -69.00
CA LYS DA 179 37.26 -15.67 -68.07
C LYS DA 179 36.40 -15.92 -66.83
N GLN DA 180 35.54 -14.98 -66.45
CA GLN DA 180 34.71 -15.19 -65.26
C GLN DA 180 33.66 -16.27 -65.48
N THR DA 181 33.15 -16.42 -66.70
CA THR DA 181 32.11 -17.41 -66.96
C THR DA 181 32.50 -18.41 -68.05
N GLN DA 182 33.73 -18.37 -68.55
CA GLN DA 182 34.21 -19.33 -69.55
C GLN DA 182 33.28 -19.36 -70.75
N ALA DA 183 33.18 -18.22 -71.44
CA ALA DA 183 32.35 -18.09 -72.63
C ALA DA 183 33.16 -17.42 -73.73
N LEU DA 184 32.89 -17.83 -74.97
CA LEU DA 184 33.59 -17.30 -76.14
C LEU DA 184 32.60 -16.53 -76.99
N ARG DA 185 33.03 -15.37 -77.49
CA ARG DA 185 32.23 -14.53 -78.37
C ARG DA 185 32.95 -14.30 -79.68
N PHE DA 186 32.22 -14.35 -80.78
CA PHE DA 186 32.77 -14.04 -82.08
C PHE DA 186 31.65 -13.53 -82.98
N VAL DA 187 32.04 -12.90 -84.08
CA VAL DA 187 31.12 -12.21 -84.98
C VAL DA 187 31.06 -12.97 -86.30
N LEU DA 188 29.85 -13.25 -86.76
CA LEU DA 188 29.61 -13.90 -88.04
C LEU DA 188 28.94 -12.93 -88.99
N GLY DA 189 29.55 -12.69 -90.14
CA GLY DA 189 29.03 -11.76 -91.13
C GLY DA 189 28.84 -12.46 -92.46
N VAL DA 190 27.67 -12.23 -93.07
CA VAL DA 190 27.30 -12.84 -94.33
C VAL DA 190 27.33 -11.78 -95.40
N SER DA 191 28.14 -12.00 -96.43
CA SER DA 191 28.22 -11.05 -97.53
C SER DA 191 26.92 -11.07 -98.33
N PRO DA 192 26.56 -9.96 -98.96
CA PRO DA 192 25.31 -9.90 -99.73
C PRO DA 192 25.28 -10.91 -100.86
N ALA DA 193 26.45 -11.29 -101.37
CA ALA DA 193 26.51 -12.20 -102.51
C ALA DA 193 26.10 -13.62 -102.14
N ALA DA 194 25.94 -13.93 -100.86
CA ALA DA 194 25.60 -15.28 -100.44
C ALA DA 194 24.25 -15.67 -101.02
N LYS DA 195 24.25 -16.62 -101.94
CA LYS DA 195 23.00 -17.07 -102.54
C LYS DA 195 22.25 -17.97 -101.57
N PRO DA 196 20.93 -17.89 -101.51
CA PRO DA 196 20.18 -18.72 -100.55
C PRO DA 196 20.26 -20.20 -100.91
N ALA DA 197 19.87 -21.03 -99.94
CA ALA DA 197 19.83 -22.48 -100.09
C ALA DA 197 21.22 -23.09 -100.01
N ASP DA 198 22.26 -22.26 -99.91
CA ASP DA 198 23.61 -22.78 -99.76
C ASP DA 198 23.86 -23.20 -98.32
N ILE DA 199 24.92 -23.97 -98.12
CA ILE DA 199 25.28 -24.49 -96.80
C ILE DA 199 26.79 -24.38 -96.64
N TYR DA 200 27.22 -23.93 -95.46
CA TYR DA 200 28.63 -23.88 -95.08
C TYR DA 200 28.82 -24.58 -93.75
N ARG DA 201 30.06 -25.01 -93.49
CA ARG DA 201 30.43 -25.65 -92.24
C ARG DA 201 31.57 -24.90 -91.58
N LEU DA 202 31.48 -24.72 -90.27
CA LEU DA 202 32.47 -24.00 -89.49
C LEU DA 202 33.04 -24.93 -88.43
N ASN DA 203 34.37 -24.97 -88.33
CA ASN DA 203 35.05 -25.78 -87.32
C ASN DA 203 35.80 -24.86 -86.37
N ILE DA 204 35.66 -25.13 -85.07
CA ILE DA 204 36.29 -24.31 -84.03
C ILE DA 204 37.14 -25.22 -83.15
N ARG DA 205 38.38 -24.82 -82.93
CA ARG DA 205 39.28 -25.50 -81.99
C ARG DA 205 39.66 -24.51 -80.90
N GLN DA 206 39.30 -24.83 -79.66
CA GLN DA 206 39.49 -23.95 -78.53
C GLN DA 206 40.39 -24.62 -77.49
N ALA DA 207 41.21 -23.81 -76.83
CA ALA DA 207 42.25 -24.32 -75.94
C ALA DA 207 42.04 -23.81 -74.52
N ALA DA 208 42.32 -24.69 -73.56
CA ALA DA 208 42.34 -24.35 -72.15
C ALA DA 208 43.68 -24.76 -71.56
N ILE DA 209 44.04 -24.16 -70.43
CA ILE DA 209 45.35 -24.37 -69.82
C ILE DA 209 45.16 -24.87 -68.39
N ASP DA 210 46.04 -25.78 -67.97
CA ASP DA 210 46.04 -26.26 -66.60
C ASP DA 210 46.76 -25.26 -65.70
N CYS DA 211 46.98 -25.66 -64.45
CA CYS DA 211 47.57 -24.76 -63.46
C CYS DA 211 49.04 -24.46 -63.72
N GLU DA 212 49.70 -25.21 -64.62
CA GLU DA 212 51.11 -25.04 -64.88
C GLU DA 212 51.41 -24.50 -66.26
N GLY DA 213 50.39 -24.24 -67.08
CA GLY DA 213 50.60 -23.72 -68.42
C GLY DA 213 50.38 -24.71 -69.54
N ASN DA 214 50.29 -26.01 -69.24
CA ASN DA 214 50.02 -27.00 -70.27
C ASN DA 214 48.59 -26.85 -70.79
N GLU DA 215 48.39 -27.23 -72.04
CA GLU DA 215 47.18 -26.90 -72.78
C GLU DA 215 46.32 -28.12 -73.04
N TYR DA 216 45.01 -27.92 -72.94
CA TYR DA 216 44.01 -28.85 -73.41
C TYR DA 216 43.39 -28.29 -74.68
N PHE DA 217 42.60 -29.11 -75.38
CA PHE DA 217 41.96 -28.69 -76.61
C PHE DA 217 40.57 -29.28 -76.73
N HIS DA 218 39.69 -28.56 -77.42
CA HIS DA 218 38.33 -28.97 -77.69
C HIS DA 218 37.97 -28.62 -79.13
N ILE DA 219 37.13 -29.44 -79.75
CA ILE DA 219 36.77 -29.28 -81.16
C ILE DA 219 35.26 -29.44 -81.31
N SER DA 220 34.66 -28.55 -82.09
CA SER DA 220 33.24 -28.62 -82.39
C SER DA 220 33.02 -27.97 -83.75
N CYS DA 221 31.88 -28.30 -84.37
CA CYS DA 221 31.57 -27.81 -85.70
C CYS DA 221 30.13 -27.33 -85.75
N TYR DA 222 29.87 -26.39 -86.65
CA TYR DA 222 28.55 -25.80 -86.82
C TYR DA 222 28.23 -25.70 -88.30
N ASP DA 223 26.95 -25.84 -88.64
CA ASP DA 223 26.47 -25.78 -90.01
C ASP DA 223 25.76 -24.46 -90.23
N ILE DA 224 26.12 -23.76 -91.30
CA ILE DA 224 25.56 -22.46 -91.64
C ILE DA 224 24.80 -22.60 -92.95
N SER DA 225 23.51 -22.25 -92.94
CA SER DA 225 22.66 -22.31 -94.12
C SER DA 225 22.11 -20.93 -94.41
N ILE DA 226 22.20 -20.51 -95.67
CA ILE DA 226 21.75 -19.18 -96.06
C ILE DA 226 20.23 -19.22 -96.27
N GLY DA 227 19.52 -18.30 -95.63
CA GLY DA 227 18.08 -18.23 -95.70
C GLY DA 227 17.59 -17.05 -96.51
N SER DA 228 16.33 -16.68 -96.27
CA SER DA 228 15.70 -15.58 -96.98
C SER DA 228 14.54 -15.06 -96.14
N CYS DA 229 13.84 -14.07 -96.69
CA CYS DA 229 12.72 -13.47 -95.98
C CYS DA 229 11.54 -14.45 -95.90
N GLY DA 230 10.63 -14.16 -94.97
CA GLY DA 230 9.46 -14.99 -94.76
C GLY DA 230 8.35 -14.27 -94.02
N CYS EA 23 74.98 -14.14 34.73
CA CYS EA 23 76.18 -13.98 33.93
C CYS EA 23 76.14 -12.68 33.14
N GLU EA 24 76.56 -11.59 33.78
CA GLU EA 24 76.56 -10.29 33.13
C GLU EA 24 77.50 -10.30 31.93
N SER EA 25 77.13 -9.57 30.89
CA SER EA 25 77.84 -9.58 29.63
C SER EA 25 78.70 -8.33 29.49
N ILE EA 26 79.94 -8.53 29.05
CA ILE EA 26 80.89 -7.44 28.79
C ILE EA 26 81.42 -7.62 27.38
N SER EA 27 81.41 -6.54 26.61
CA SER EA 27 81.96 -6.56 25.26
C SER EA 27 83.44 -6.17 25.30
N ALA EA 28 84.17 -6.60 24.27
CA ALA EA 28 85.60 -6.33 24.20
C ALA EA 28 86.03 -6.24 22.75
N ARG EA 29 87.17 -5.58 22.52
CA ARG EA 29 87.75 -5.44 21.20
C ARG EA 29 89.23 -5.76 21.30
N PRO EA 30 89.83 -6.38 20.27
CA PRO EA 30 91.27 -6.66 20.34
C PRO EA 30 92.08 -5.39 20.50
N GLY EA 31 93.13 -5.47 21.31
CA GLY EA 31 94.03 -4.36 21.51
C GLY EA 31 93.56 -3.30 22.48
N GLU EA 32 92.33 -3.40 22.97
CA GLU EA 32 91.80 -2.40 23.88
C GLU EA 32 92.12 -2.76 25.32
N VAL EA 33 92.23 -1.73 26.16
CA VAL EA 33 92.40 -1.89 27.60
C VAL EA 33 91.40 -0.97 28.28
N ASN EA 34 90.52 -1.53 29.09
CA ASN EA 34 89.39 -0.79 29.65
C ASN EA 34 89.23 -1.14 31.12
N GLY EA 35 88.59 -0.23 31.85
CA GLY EA 35 88.35 -0.40 33.27
C GLY EA 35 86.92 -0.81 33.57
N VAL EA 36 86.74 -1.47 34.71
CA VAL EA 36 85.44 -1.98 35.14
C VAL EA 36 85.26 -1.67 36.62
N MET EA 37 84.04 -1.29 37.00
CA MET EA 37 83.72 -0.98 38.38
C MET EA 37 82.44 -1.70 38.77
N VAL EA 38 82.41 -2.25 39.98
CA VAL EA 38 81.25 -2.96 40.51
C VAL EA 38 80.96 -2.43 41.92
N SER EA 39 79.68 -2.22 42.21
CA SER EA 39 79.24 -1.66 43.48
C SER EA 39 78.77 -2.78 44.39
N TYR EA 40 79.02 -2.63 45.69
CA TYR EA 40 78.67 -3.64 46.69
C TYR EA 40 77.82 -3.11 47.82
N VAL EA 41 77.37 -1.85 47.76
CA VAL EA 41 76.65 -1.28 48.89
C VAL EA 41 75.38 -2.07 49.18
N ALA EA 42 74.74 -2.60 48.13
CA ALA EA 42 73.48 -3.31 48.32
C ALA EA 42 73.66 -4.60 49.12
N TRP EA 43 74.90 -5.07 49.29
CA TRP EA 43 75.15 -6.34 49.97
C TRP EA 43 75.85 -6.15 51.31
N SER EA 44 76.95 -5.39 51.33
CA SER EA 44 77.74 -5.26 52.56
C SER EA 44 77.13 -4.27 53.54
N ALA EA 45 76.26 -3.37 53.09
CA ALA EA 45 75.73 -2.34 53.98
C ALA EA 45 74.96 -2.92 55.17
N PRO EA 46 73.96 -3.79 54.99
CA PRO EA 46 73.20 -4.28 56.14
C PRO EA 46 73.99 -5.14 57.11
N LEU EA 47 75.10 -5.74 56.68
CA LEU EA 47 75.86 -6.61 57.58
C LEU EA 47 76.57 -5.83 58.67
N GLY EA 48 76.81 -4.53 58.47
CA GLY EA 48 77.49 -3.73 59.45
C GLY EA 48 79.00 -3.93 59.42
N GLY EA 49 79.67 -3.27 60.35
CA GLY EA 49 81.11 -3.36 60.41
C GLY EA 49 81.78 -2.50 59.34
N HIS EA 50 83.04 -2.84 59.05
CA HIS EA 50 83.80 -2.10 58.06
C HIS EA 50 83.36 -2.41 56.63
N GLY EA 51 82.79 -3.59 56.39
CA GLY EA 51 82.32 -3.93 55.06
C GLY EA 51 83.32 -4.73 54.26
N LEU EA 52 83.78 -4.17 53.14
CA LEU EA 52 84.65 -4.92 52.23
C LEU EA 52 86.03 -5.09 52.82
N THR EA 53 86.81 -5.99 52.19
CA THR EA 53 88.18 -6.26 52.60
C THR EA 53 88.96 -6.64 51.36
N ASN EA 54 90.27 -6.38 51.39
CA ASN EA 54 91.13 -6.63 50.24
C ASN EA 54 91.52 -8.10 50.14
N LYS EA 55 90.57 -8.96 49.74
CA LYS EA 55 90.85 -10.38 49.53
C LYS EA 55 90.15 -10.91 48.29
N THR EA 56 89.98 -10.09 47.26
CA THR EA 56 89.33 -10.54 46.05
C THR EA 56 90.19 -11.56 45.32
N THR EA 57 89.54 -12.52 44.67
CA THR EA 57 90.22 -13.55 43.90
C THR EA 57 89.56 -13.67 42.53
N PHE EA 58 90.38 -13.78 41.48
CA PHE EA 58 89.90 -13.82 40.10
C PHE EA 58 90.24 -15.17 39.49
N GLU EA 59 89.31 -15.69 38.69
CA GLU EA 59 89.49 -16.94 37.97
C GLU EA 59 88.96 -16.77 36.56
N PHE EA 60 89.67 -17.34 35.58
CA PHE EA 60 89.27 -17.27 34.18
C PHE EA 60 88.97 -18.66 33.65
N GLU EA 61 87.90 -18.76 32.87
CA GLU EA 61 87.46 -20.03 32.28
C GLU EA 61 87.17 -19.83 30.80
N ASN EA 62 87.41 -20.88 30.03
CA ASN EA 62 87.15 -20.84 28.60
C ASN EA 62 85.84 -21.55 28.28
N VAL EA 63 85.03 -20.93 27.42
CA VAL EA 63 83.80 -21.53 26.93
C VAL EA 63 83.85 -21.78 25.43
N SER EA 64 84.42 -20.86 24.67
CA SER EA 64 84.57 -21.01 23.22
C SER EA 64 85.84 -20.27 22.80
N VAL EA 65 86.94 -21.01 22.68
CA VAL EA 65 88.23 -20.45 22.28
C VAL EA 65 88.74 -21.22 21.07
N THR EA 66 89.20 -20.47 20.07
CA THR EA 66 89.75 -21.06 18.85
C THR EA 66 91.27 -21.15 19.01
N GLU EA 67 91.80 -22.36 18.89
CA GLU EA 67 93.23 -22.55 19.10
C GLU EA 67 94.02 -21.75 18.07
N PRO EA 68 95.08 -21.07 18.47
CA PRO EA 68 95.85 -20.28 17.50
C PRO EA 68 96.57 -21.17 16.50
N LEU EA 69 96.74 -20.65 15.29
CA LEU EA 69 97.43 -21.36 14.22
C LEU EA 69 98.88 -20.94 14.06
N VAL EA 70 99.40 -20.10 14.95
CA VAL EA 70 100.79 -19.67 14.91
C VAL EA 70 101.38 -19.79 16.31
N ASN EA 71 102.70 -19.87 16.37
CA ASN EA 71 103.43 -20.08 17.62
C ASN EA 71 104.18 -18.81 18.00
N SER EA 72 104.02 -18.41 19.25
CA SER EA 72 104.84 -17.32 19.78
C SER EA 72 106.29 -17.78 19.89
N ALA EA 73 107.16 -16.85 20.28
CA ALA EA 73 108.57 -17.16 20.39
C ALA EA 73 109.24 -16.20 21.37
N PHE EA 74 110.43 -16.58 21.83
CA PHE EA 74 111.21 -15.76 22.74
C PHE EA 74 112.69 -15.92 22.37
N GLU EA 75 113.40 -14.79 22.31
CA GLU EA 75 114.81 -14.81 21.94
C GLU EA 75 115.54 -13.71 22.69
N ARG EA 76 116.85 -13.88 22.82
CA ARG EA 76 117.70 -12.99 23.60
C ARG EA 76 118.82 -12.44 22.73
N THR EA 77 119.32 -11.26 23.13
CA THR EA 77 120.43 -10.62 22.46
C THR EA 77 121.35 -9.98 23.49
N PRO EA 78 122.64 -9.84 23.20
CA PRO EA 78 123.53 -9.14 24.13
C PRO EA 78 123.32 -7.63 24.10
N PHE EA 79 124.03 -6.96 25.00
CA PHE EA 79 123.89 -5.51 25.15
C PHE EA 79 124.31 -4.79 23.88
N ASN EA 80 123.46 -3.86 23.44
CA ASN EA 80 123.71 -3.07 22.23
C ASN EA 80 124.03 -3.94 21.03
N THR EA 81 123.40 -5.09 20.91
CA THR EA 81 123.62 -6.01 19.80
C THR EA 81 122.36 -6.09 18.95
N THR EA 82 122.50 -5.77 17.67
CA THR EA 82 121.37 -5.90 16.74
C THR EA 82 120.99 -7.37 16.62
N LEU EA 83 119.69 -7.63 16.59
CA LEU EA 83 119.17 -9.00 16.53
C LEU EA 83 118.55 -9.26 15.17
N ALA EA 84 118.76 -10.48 14.67
CA ALA EA 84 118.20 -10.90 13.40
C ALA EA 84 117.53 -12.25 13.59
N GLY EA 85 116.48 -12.49 12.81
CA GLY EA 85 115.74 -13.73 12.93
C GLY EA 85 114.83 -13.94 11.74
N SER EA 86 113.91 -14.88 11.90
CA SER EA 86 112.97 -15.22 10.83
C SER EA 86 111.64 -15.62 11.44
N LEU EA 87 110.56 -15.25 10.73
CA LEU EA 87 109.21 -15.63 11.14
C LEU EA 87 108.73 -16.92 10.51
N ALA EA 88 109.53 -17.52 9.62
CA ALA EA 88 109.06 -18.70 8.88
C ALA EA 88 108.77 -19.88 9.80
N ALA EA 89 109.62 -20.12 10.80
CA ALA EA 89 109.48 -21.30 11.63
C ALA EA 89 108.30 -21.23 12.58
N LEU EA 90 107.63 -20.08 12.68
CA LEU EA 90 106.55 -19.90 13.63
C LEU EA 90 105.17 -20.22 13.07
N PHE EA 91 105.09 -20.72 11.83
CA PHE EA 91 103.82 -21.04 11.19
C PHE EA 91 103.84 -22.48 10.71
N PRO EA 92 103.55 -23.46 11.59
CA PRO EA 92 103.61 -24.88 11.23
C PRO EA 92 102.44 -25.36 10.37
N ASN EA 93 102.20 -24.67 9.26
CA ASN EA 93 101.13 -25.09 8.37
C ASN EA 93 101.51 -26.40 7.70
N PRO EA 94 100.58 -27.36 7.59
CA PRO EA 94 100.91 -28.62 6.94
C PRO EA 94 100.83 -28.58 5.43
N GLU EA 95 99.97 -27.74 4.87
CA GLU EA 95 99.80 -27.68 3.42
C GLU EA 95 100.89 -26.82 2.78
N GLY EA 96 101.14 -27.09 1.50
CA GLY EA 96 102.02 -26.24 0.72
C GLY EA 96 101.26 -25.12 0.07
N GLU EA 97 101.28 -23.94 0.69
CA GLU EA 97 100.48 -22.81 0.24
C GLU EA 97 101.29 -21.53 0.38
N ALA EA 98 100.89 -20.51 -0.37
CA ALA EA 98 101.57 -19.23 -0.33
C ALA EA 98 101.46 -18.60 1.05
N VAL EA 99 102.51 -17.88 1.44
CA VAL EA 99 102.58 -17.23 2.74
C VAL EA 99 102.99 -15.78 2.52
N GLU EA 100 102.62 -14.93 3.48
CA GLU EA 100 103.00 -13.52 3.44
C GLU EA 100 103.06 -13.00 4.86
N TYR EA 101 104.06 -12.18 5.13
CA TYR EA 101 104.35 -11.70 6.48
C TYR EA 101 104.14 -10.18 6.55
N GLU EA 102 103.61 -9.74 7.68
CA GLU EA 102 103.37 -8.32 7.91
C GLU EA 102 103.57 -8.01 9.39
N ILE EA 103 103.82 -6.74 9.68
CA ILE EA 103 104.00 -6.26 11.04
C ILE EA 103 102.82 -5.37 11.40
N LEU EA 104 102.19 -5.66 12.53
CA LEU EA 104 101.08 -4.84 13.02
C LEU EA 104 101.67 -3.55 13.58
N GLU EA 105 101.51 -2.46 12.82
CA GLU EA 105 102.17 -1.21 13.15
C GLU EA 105 101.44 -0.41 14.22
N LEU EA 106 100.22 -0.82 14.60
CA LEU EA 106 99.52 -0.11 15.67
C LEU EA 106 100.14 -0.36 17.03
N TYR EA 107 100.97 -1.40 17.17
CA TYR EA 107 101.59 -1.77 18.44
C TYR EA 107 103.10 -1.80 18.26
N PRO EA 108 103.72 -0.66 17.98
CA PRO EA 108 105.16 -0.64 17.73
C PRO EA 108 105.95 -0.93 18.99
N PRO EA 109 107.17 -1.44 18.86
CA PRO EA 109 107.99 -1.68 20.05
C PRO EA 109 108.31 -0.38 20.76
N VAL EA 110 108.49 -0.47 22.08
CA VAL EA 110 108.68 0.72 22.90
C VAL EA 110 110.13 1.19 22.89
N ASN EA 111 111.08 0.26 23.01
CA ASN EA 111 112.49 0.62 23.17
C ASN EA 111 113.34 0.16 21.97
N GLY EA 112 112.77 0.13 20.78
CA GLY EA 112 113.52 -0.28 19.62
C GLY EA 112 112.76 -0.02 18.34
N ILE EA 113 113.35 -0.46 17.23
CA ILE EA 113 112.74 -0.37 15.91
C ILE EA 113 112.92 -1.69 15.19
N VAL EA 114 111.91 -2.07 14.42
CA VAL EA 114 111.90 -3.33 13.70
C VAL EA 114 111.88 -3.05 12.21
N GLU EA 115 112.56 -3.91 11.46
CA GLU EA 115 112.60 -3.83 10.00
C GLU EA 115 112.25 -5.21 9.45
N LEU EA 116 111.34 -5.24 8.48
CA LEU EA 116 110.89 -6.49 7.87
C LEU EA 116 111.50 -6.63 6.49
N GLY EA 117 112.14 -7.76 6.24
CA GLY EA 117 112.77 -8.05 4.97
C GLY EA 117 111.89 -8.90 4.07
N GLU EA 118 112.52 -9.80 3.33
CA GLU EA 118 111.80 -10.70 2.46
C GLU EA 118 111.74 -12.10 3.07
N ASN EA 119 110.63 -12.79 2.81
CA ASN EA 119 110.44 -14.16 3.25
C ASN EA 119 110.56 -14.28 4.78
N GLY EA 120 110.00 -13.30 5.49
CA GLY EA 120 109.92 -13.39 6.93
C GLY EA 120 111.18 -13.01 7.68
N ALA EA 121 112.21 -12.53 6.99
CA ALA EA 121 113.41 -12.08 7.66
C ALA EA 121 113.18 -10.69 8.26
N PHE EA 122 113.60 -10.52 9.52
CA PHE EA 122 113.36 -9.28 10.24
C PHE EA 122 114.60 -8.91 11.05
N THR EA 123 114.68 -7.64 11.41
CA THR EA 123 115.80 -7.11 12.18
C THR EA 123 115.26 -6.25 13.32
N TYR EA 124 115.82 -6.45 14.51
CA TYR EA 124 115.49 -5.65 15.68
C TYR EA 124 116.72 -4.85 16.09
N ARG EA 125 116.52 -3.56 16.36
CA ARG EA 125 117.62 -2.63 16.60
C ARG EA 125 117.41 -1.92 17.93
N PRO EA 126 117.89 -2.49 19.04
CA PRO EA 126 117.59 -1.91 20.35
C PRO EA 126 118.17 -0.51 20.51
N ALA EA 127 117.48 0.29 21.31
CA ALA EA 127 117.95 1.64 21.59
C ALA EA 127 119.16 1.61 22.52
N THR EA 128 119.94 2.68 22.47
CA THR EA 128 121.18 2.73 23.24
C THR EA 128 120.90 2.69 24.74
N SER EA 129 121.68 1.90 25.46
CA SER EA 129 121.64 1.83 26.93
C SER EA 129 120.34 1.22 27.45
N PHE EA 130 119.56 0.58 26.59
CA PHE EA 130 118.33 -0.04 27.03
C PHE EA 130 118.58 -1.46 27.54
N THR EA 131 117.84 -1.84 28.58
CA THR EA 131 117.91 -3.19 29.13
C THR EA 131 116.54 -3.56 29.66
N GLY EA 132 116.01 -4.69 29.20
CA GLY EA 132 114.70 -5.13 29.63
C GLY EA 132 113.99 -6.01 28.62
N ILE EA 133 112.66 -5.97 28.61
CA ILE EA 133 111.83 -6.78 27.74
C ILE EA 133 111.13 -5.88 26.74
N ASP EA 134 111.11 -6.29 25.48
CA ASP EA 134 110.45 -5.54 24.42
C ASP EA 134 109.63 -6.52 23.58
N ARG EA 135 108.61 -5.98 22.90
CA ARG EA 135 107.65 -6.81 22.19
C ARG EA 135 107.30 -6.17 20.86
N PHE EA 136 106.84 -7.01 19.93
CA PHE EA 136 106.13 -6.56 18.74
C PHE EA 136 105.29 -7.71 18.23
N TRP EA 137 104.21 -7.37 17.53
CA TRP EA 137 103.23 -8.33 17.08
C TRP EA 137 103.30 -8.48 15.56
N PHE EA 138 103.29 -9.72 15.09
CA PHE EA 138 103.45 -10.03 13.68
C PHE EA 138 102.24 -10.83 13.19
N SER EA 139 101.90 -10.61 11.92
CA SER EA 139 100.77 -11.28 11.29
C SER EA 139 101.27 -12.14 10.15
N ILE EA 140 100.92 -13.42 10.17
CA ILE EA 140 101.30 -14.37 9.13
C ILE EA 140 100.02 -14.89 8.49
N ASN EA 141 99.81 -14.53 7.22
CA ASN EA 141 98.68 -15.04 6.45
C ASN EA 141 97.36 -14.82 7.19
N GLY EA 142 97.24 -13.69 7.88
CA GLY EA 142 96.05 -13.36 8.62
C GLY EA 142 96.03 -13.83 10.06
N ASN EA 143 97.02 -14.60 10.49
CA ASN EA 143 97.10 -15.09 11.86
C ASN EA 143 98.07 -14.23 12.65
N VAL EA 144 97.73 -13.96 13.92
CA VAL EA 144 98.48 -13.04 14.76
C VAL EA 144 99.24 -13.83 15.82
N GLY EA 145 100.39 -13.30 16.22
CA GLY EA 145 101.19 -13.92 17.25
C GLY EA 145 102.01 -12.88 18.00
N GLU EA 146 102.76 -13.36 18.99
CA GLU EA 146 103.59 -12.51 19.83
C GLU EA 146 105.04 -12.95 19.74
N PHE EA 147 105.95 -11.99 19.65
CA PHE EA 147 107.38 -12.25 19.66
C PHE EA 147 108.01 -11.36 20.74
N VAL EA 148 108.82 -11.96 21.60
CA VAL EA 148 109.38 -11.27 22.76
C VAL EA 148 110.89 -11.25 22.64
N ILE EA 149 111.50 -10.11 22.98
CA ILE EA 149 112.95 -9.94 22.94
C ILE EA 149 113.40 -9.42 24.30
N ALA EA 150 114.45 -10.02 24.84
CA ALA EA 150 115.05 -9.58 26.09
C ALA EA 150 116.48 -9.13 25.83
N VAL EA 151 116.81 -7.94 26.28
CA VAL EA 151 118.13 -7.34 26.08
C VAL EA 151 118.90 -7.46 27.39
N ASP EA 152 119.98 -8.24 27.36
CA ASP EA 152 120.76 -8.45 28.57
C ASP EA 152 121.63 -7.23 28.86
N PRO EA 153 121.94 -6.99 30.14
CA PRO EA 153 122.81 -5.85 30.47
C PRO EA 153 124.24 -6.11 30.04
N ALA EA 154 125.04 -5.03 30.07
CA ALA EA 154 126.45 -5.16 29.72
C ALA EA 154 127.17 -6.11 30.67
N GLN EA 155 126.92 -5.98 31.97
CA GLN EA 155 127.50 -6.85 32.98
C GLN EA 155 126.41 -7.34 33.92
N GLY EA 156 126.39 -8.64 34.17
CA GLY EA 156 125.40 -9.23 35.05
C GLY EA 156 124.86 -10.53 34.52
N PRO EA 157 123.96 -11.16 35.28
CA PRO EA 157 123.40 -12.45 34.87
C PRO EA 157 122.35 -12.28 33.78
N GLN EA 158 121.95 -13.43 33.21
CA GLN EA 158 120.95 -13.44 32.16
C GLN EA 158 119.59 -13.04 32.71
N ILE EA 159 118.76 -12.45 31.84
CA ILE EA 159 117.42 -12.06 32.24
C ILE EA 159 116.47 -13.22 32.04
N ALA EA 160 115.56 -13.41 32.99
CA ALA EA 160 114.63 -14.53 32.94
C ALA EA 160 113.59 -14.32 31.84
N GLN EA 161 113.12 -15.42 31.28
CA GLN EA 161 112.10 -15.36 30.24
C GLN EA 161 110.73 -15.12 30.87
N PRO EA 162 110.00 -14.08 30.46
CA PRO EA 162 108.70 -13.82 31.07
C PRO EA 162 107.60 -14.62 30.40
N PRO EA 163 106.45 -14.79 31.04
CA PRO EA 163 105.35 -15.51 30.40
C PRO EA 163 104.73 -14.71 29.28
N PHE EA 164 104.08 -15.42 28.36
CA PHE EA 164 103.44 -14.77 27.23
C PHE EA 164 102.16 -14.07 27.66
N THR EA 165 101.66 -13.20 26.79
CA THR EA 165 100.48 -12.41 27.09
C THR EA 165 99.22 -13.24 26.83
N PRO EA 166 98.36 -13.45 27.83
CA PRO EA 166 97.11 -14.19 27.57
C PRO EA 166 96.17 -13.42 26.66
N ALA EA 167 95.17 -14.12 26.15
CA ALA EA 167 94.18 -13.48 25.29
C ALA EA 167 93.48 -12.34 26.02
N VAL EA 168 92.98 -12.60 27.23
CA VAL EA 168 92.41 -11.58 28.08
C VAL EA 168 92.94 -11.80 29.49
N TYR EA 169 93.30 -10.70 30.16
CA TYR EA 169 93.98 -10.79 31.44
C TYR EA 169 93.58 -9.61 32.32
N VAL EA 170 93.74 -9.79 33.61
CA VAL EA 170 93.52 -8.75 34.61
C VAL EA 170 94.81 -8.61 35.42
N PRO EA 171 95.54 -7.50 35.30
CA PRO EA 171 96.76 -7.35 36.10
C PRO EA 171 96.44 -7.28 37.59
N LEU EA 172 96.80 -8.33 38.33
CA LEU EA 172 96.42 -8.43 39.73
C LEU EA 172 97.09 -7.38 40.61
N SER EA 173 98.23 -6.83 40.18
CA SER EA 173 98.85 -5.77 40.95
C SER EA 173 97.98 -4.52 40.99
N ARG EA 174 97.25 -4.25 39.90
CA ARG EA 174 96.40 -3.07 39.80
C ARG EA 174 95.00 -3.44 40.27
N ARG EA 175 94.63 -2.93 41.44
CA ARG EA 175 93.30 -3.15 41.99
C ARG EA 175 93.14 -2.28 43.23
N GLU EA 176 91.90 -1.88 43.49
CA GLU EA 176 91.60 -1.06 44.66
C GLU EA 176 90.14 -1.24 45.05
N VAL EA 177 89.87 -1.04 46.34
CA VAL EA 177 88.51 -1.03 46.87
C VAL EA 177 88.30 0.31 47.57
N ASN EA 178 87.25 1.03 47.17
CA ASN EA 178 86.92 2.31 47.78
C ASN EA 178 86.05 2.03 49.00
N LYS EA 179 86.73 1.81 50.13
CA LYS EA 179 86.04 1.43 51.35
C LYS EA 179 85.07 2.51 51.81
N GLN EA 180 85.26 3.76 51.40
CA GLN EA 180 84.34 4.82 51.77
C GLN EA 180 82.98 4.66 51.10
N THR EA 181 82.91 3.94 49.97
CA THR EA 181 81.66 3.76 49.26
C THR EA 181 81.44 2.32 48.82
N GLN EA 182 82.29 1.38 49.24
CA GLN EA 182 82.09 -0.05 48.99
C GLN EA 182 81.99 -0.32 47.49
N ALA EA 183 83.09 -0.06 46.79
CA ALA EA 183 83.18 -0.32 45.37
C ALA EA 183 84.52 -0.99 45.06
N LEU EA 184 84.57 -1.69 43.94
CA LEU EA 184 85.77 -2.38 43.49
C LEU EA 184 86.05 -1.99 42.04
N ARG EA 185 87.33 -1.77 41.74
CA ARG EA 185 87.77 -1.41 40.40
C ARG EA 185 88.96 -2.25 39.98
N PHE EA 186 88.99 -2.61 38.72
CA PHE EA 186 90.11 -3.38 38.16
C PHE EA 186 90.22 -3.06 36.68
N VAL EA 187 91.34 -3.48 36.09
CA VAL EA 187 91.67 -3.19 34.70
C VAL EA 187 91.54 -4.48 33.90
N LEU EA 188 90.80 -4.41 32.80
CA LEU EA 188 90.58 -5.54 31.90
C LEU EA 188 91.34 -5.29 30.61
N GLY EA 189 92.26 -6.18 30.27
CA GLY EA 189 93.10 -6.02 29.10
C GLY EA 189 92.92 -7.12 28.08
N VAL EA 190 92.79 -6.75 26.82
CA VAL EA 190 92.58 -7.69 25.72
C VAL EA 190 93.83 -7.69 24.85
N SER EA 191 94.41 -8.86 24.66
CA SER EA 191 95.61 -8.96 23.82
C SER EA 191 95.22 -8.75 22.35
N PRO EA 192 96.10 -8.17 21.53
CA PRO EA 192 95.79 -8.02 20.11
C PRO EA 192 95.61 -9.34 19.39
N ALA EA 193 96.08 -10.45 19.95
CA ALA EA 193 95.98 -11.75 19.32
C ALA EA 193 94.61 -12.40 19.49
N ALA EA 194 93.75 -11.85 20.34
CA ALA EA 194 92.43 -12.43 20.54
C ALA EA 194 91.65 -12.43 19.23
N LYS EA 195 90.88 -13.49 19.01
CA LYS EA 195 90.12 -13.66 17.78
C LYS EA 195 88.66 -13.33 18.02
N PRO EA 196 87.97 -12.68 17.08
CA PRO EA 196 86.57 -12.33 17.31
C PRO EA 196 85.69 -13.56 17.48
N ALA EA 197 84.55 -13.35 18.12
CA ALA EA 197 83.50 -14.37 18.28
C ALA EA 197 83.83 -15.37 19.37
N ASP EA 198 85.00 -15.25 20.00
CA ASP EA 198 85.31 -16.09 21.14
C ASP EA 198 84.77 -15.47 22.42
N ILE EA 199 84.59 -16.32 23.44
CA ILE EA 199 83.95 -15.92 24.68
C ILE EA 199 84.77 -16.45 25.86
N TYR EA 200 84.91 -15.63 26.88
CA TYR EA 200 85.62 -15.99 28.11
C TYR EA 200 84.75 -15.65 29.31
N ARG EA 201 84.96 -16.38 30.41
CA ARG EA 201 84.19 -16.18 31.63
C ARG EA 201 85.14 -15.84 32.77
N LEU EA 202 84.73 -14.89 33.61
CA LEU EA 202 85.53 -14.42 34.73
C LEU EA 202 84.71 -14.56 36.00
N ASN EA 203 85.30 -15.15 37.04
CA ASN EA 203 84.64 -15.35 38.33
C ASN EA 203 85.34 -14.52 39.39
N ILE EA 204 84.56 -13.82 40.21
CA ILE EA 204 85.08 -12.95 41.26
C ILE EA 204 84.46 -13.37 42.59
N ARG EA 205 85.31 -13.63 43.58
CA ARG EA 205 84.88 -13.80 44.96
C ARG EA 205 85.47 -12.71 45.83
N GLN EA 206 84.60 -11.99 46.53
CA GLN EA 206 84.97 -10.85 47.36
C GLN EA 206 84.63 -11.15 48.81
N ALA EA 207 85.47 -10.66 49.73
CA ALA EA 207 85.29 -10.92 51.15
C ALA EA 207 84.81 -9.66 51.86
N ALA EA 208 84.07 -9.88 52.95
CA ALA EA 208 83.61 -8.81 53.81
C ALA EA 208 83.65 -9.28 55.25
N ILE EA 209 83.81 -8.34 56.17
CA ILE EA 209 84.00 -8.64 57.58
C ILE EA 209 82.91 -7.91 58.37
N ASP EA 210 82.30 -8.62 59.32
CA ASP EA 210 81.19 -8.07 60.10
C ASP EA 210 81.75 -7.15 61.19
N CYS EA 211 80.87 -6.75 62.12
CA CYS EA 211 81.29 -5.99 63.28
C CYS EA 211 82.07 -6.84 64.28
N GLU EA 212 81.85 -8.15 64.34
CA GLU EA 212 82.51 -9.04 65.28
C GLU EA 212 83.76 -9.65 64.68
N GLY EA 213 84.28 -9.06 63.60
CA GLY EA 213 85.54 -9.48 63.04
C GLY EA 213 85.59 -10.89 62.50
N ASN EA 214 84.55 -11.34 61.81
CA ASN EA 214 84.60 -12.60 61.07
C ASN EA 214 84.00 -12.40 59.69
N GLU EA 215 84.41 -13.25 58.76
CA GLU EA 215 84.30 -12.95 57.34
C GLU EA 215 82.98 -13.41 56.74
N TYR EA 216 82.62 -12.77 55.63
CA TYR EA 216 81.59 -13.22 54.71
C TYR EA 216 82.20 -13.33 53.33
N PHE EA 217 81.41 -13.77 52.36
CA PHE EA 217 81.90 -13.92 51.00
C PHE EA 217 80.75 -13.74 50.01
N HIS EA 218 81.11 -13.40 48.77
CA HIS EA 218 80.16 -13.16 47.69
C HIS EA 218 80.79 -13.56 46.38
N ILE EA 219 80.05 -14.26 45.54
CA ILE EA 219 80.55 -14.80 44.28
C ILE EA 219 79.71 -14.23 43.14
N SER EA 220 80.36 -13.86 42.04
CA SER EA 220 79.70 -13.36 40.85
C SER EA 220 80.55 -13.70 39.64
N CYS EA 221 79.94 -13.62 38.46
CA CYS EA 221 80.62 -13.98 37.23
C CYS EA 221 80.21 -13.03 36.12
N TYR EA 222 81.09 -12.91 35.12
CA TYR EA 222 80.86 -12.05 33.97
C TYR EA 222 81.32 -12.77 32.71
N ASP EA 223 80.61 -12.53 31.61
CA ASP EA 223 80.94 -13.12 30.32
C ASP EA 223 81.57 -12.05 29.43
N ILE EA 224 82.73 -12.36 28.87
CA ILE EA 224 83.47 -11.45 28.00
C ILE EA 224 83.48 -12.05 26.60
N SER EA 225 82.98 -11.30 25.63
CA SER EA 225 82.92 -11.73 24.24
C SER EA 225 83.64 -10.72 23.36
N ILE EA 226 84.46 -11.20 22.44
CA ILE EA 226 85.25 -10.33 21.58
C ILE EA 226 84.36 -9.80 20.46
N GLY EA 227 84.54 -8.52 20.12
CA GLY EA 227 83.77 -7.89 19.07
C GLY EA 227 84.63 -7.13 18.09
N SER EA 228 84.02 -6.19 17.37
CA SER EA 228 84.75 -5.38 16.40
C SER EA 228 83.90 -4.14 16.10
N CYS EA 229 84.27 -3.39 15.07
CA CYS EA 229 83.55 -2.20 14.65
C CYS EA 229 83.51 -2.13 13.14
N GLY EA 230 82.52 -1.42 12.61
CA GLY EA 230 82.36 -1.28 11.18
C GLY EA 230 81.59 -0.03 10.80
N CYS FA 23 64.55 -29.16 -1.05
CA CYS FA 23 65.77 -28.36 -1.05
C CYS FA 23 65.51 -27.03 -1.74
N GLU FA 24 65.85 -25.95 -1.05
CA GLU FA 24 65.64 -24.62 -1.62
C GLU FA 24 66.47 -24.46 -2.89
N SER FA 25 65.92 -23.72 -3.85
CA SER FA 25 66.51 -23.58 -5.17
C SER FA 25 67.19 -22.22 -5.31
N ILE FA 26 68.39 -22.22 -5.87
CA ILE FA 26 69.14 -21.00 -6.15
C ILE FA 26 69.47 -21.00 -7.64
N SER FA 27 69.24 -19.87 -8.30
CA SER FA 27 69.53 -19.70 -9.71
C SER FA 27 70.75 -18.81 -9.86
N ALA FA 28 71.72 -19.26 -10.65
CA ALA FA 28 72.99 -18.56 -10.80
C ALA FA 28 73.32 -18.41 -12.28
N ARG FA 29 74.19 -17.44 -12.58
CA ARG FA 29 74.62 -17.14 -13.93
C ARG FA 29 76.14 -17.24 -14.04
N PRO FA 30 76.67 -17.64 -15.21
CA PRO FA 30 78.13 -17.63 -15.37
C PRO FA 30 78.74 -16.26 -15.19
N GLY FA 31 79.85 -16.17 -14.47
CA GLY FA 31 80.54 -14.92 -14.25
C GLY FA 31 79.98 -14.06 -13.14
N GLU FA 32 78.99 -14.54 -12.40
CA GLU FA 32 78.34 -13.75 -11.36
C GLU FA 32 78.94 -14.07 -9.99
N VAL FA 33 78.80 -13.11 -9.08
CA VAL FA 33 79.15 -13.28 -7.67
C VAL FA 33 78.07 -12.52 -6.89
N ASN FA 34 77.25 -13.26 -6.14
CA ASN FA 34 75.99 -12.71 -5.62
C ASN FA 34 75.89 -12.63 -4.11
N GLY FA 35 76.32 -13.65 -3.36
CA GLY FA 35 76.17 -13.61 -1.92
C GLY FA 35 74.80 -14.05 -1.46
N VAL FA 36 74.74 -14.69 -0.28
CA VAL FA 36 73.50 -15.27 0.23
C VAL FA 36 73.42 -15.04 1.73
N MET FA 37 72.20 -15.03 2.25
CA MET FA 37 71.95 -14.87 3.68
C MET FA 37 70.89 -15.86 4.13
N VAL FA 38 71.09 -16.46 5.30
CA VAL FA 38 70.14 -17.38 5.91
C VAL FA 38 69.98 -17.00 7.38
N SER FA 39 68.75 -17.11 7.89
CA SER FA 39 68.41 -16.68 9.23
C SER FA 39 68.09 -17.89 10.09
N TYR FA 40 68.75 -18.00 11.24
CA TYR FA 40 68.58 -19.12 12.15
C TYR FA 40 67.78 -18.78 13.41
N VAL FA 41 67.14 -17.61 13.45
CA VAL FA 41 66.46 -17.20 14.68
C VAL FA 41 65.38 -18.21 15.06
N ALA FA 42 64.67 -18.74 14.07
CA ALA FA 42 63.58 -19.67 14.36
C ALA FA 42 64.06 -20.95 15.02
N TRP FA 43 65.36 -21.24 14.93
CA TRP FA 43 65.92 -22.47 15.49
C TRP FA 43 66.78 -22.20 16.73
N SER FA 44 67.63 -21.17 16.67
CA SER FA 44 68.59 -20.95 17.75
C SER FA 44 67.98 -20.15 18.90
N ALA FA 45 66.95 -19.36 18.63
CA ALA FA 45 66.39 -18.51 19.68
C ALA FA 45 65.86 -19.29 20.87
N PRO FA 46 65.05 -20.33 20.71
CA PRO FA 46 64.51 -21.02 21.89
C PRO FA 46 65.49 -21.89 22.64
N LEU FA 47 66.67 -22.17 22.06
CA LEU FA 47 67.65 -22.99 22.76
C LEU FA 47 68.30 -22.26 23.93
N GLY FA 48 68.10 -20.95 24.05
CA GLY FA 48 68.86 -20.21 25.04
C GLY FA 48 70.31 -20.15 24.64
N GLY FA 49 71.19 -20.28 25.62
CA GLY FA 49 72.61 -20.35 25.30
C GLY FA 49 73.12 -19.05 24.73
N HIS FA 50 74.13 -19.17 23.86
CA HIS FA 50 74.84 -18.01 23.32
C HIS FA 50 74.60 -17.82 21.83
N GLY FA 51 73.94 -18.77 21.16
CA GLY FA 51 73.63 -18.60 19.75
C GLY FA 51 74.65 -19.27 18.84
N LEU FA 52 74.83 -18.68 17.67
CA LEU FA 52 75.72 -19.25 16.66
C LEU FA 52 77.18 -19.14 17.11
N THR FA 53 78.01 -20.02 16.54
CA THR FA 53 79.40 -20.17 16.97
C THR FA 53 80.42 -19.79 15.90
N ASN FA 54 79.99 -19.62 14.64
CA ASN FA 54 80.92 -19.35 13.55
C ASN FA 54 81.81 -20.56 13.28
N LYS FA 55 81.18 -21.72 13.12
CA LYS FA 55 81.87 -22.97 12.85
C LYS FA 55 81.14 -23.74 11.75
N THR FA 56 80.80 -23.05 10.67
CA THR FA 56 80.07 -23.69 9.58
C THR FA 56 81.01 -24.54 8.73
N THR FA 57 80.40 -25.45 7.96
CA THR FA 57 81.12 -26.32 7.04
C THR FA 57 80.31 -26.47 5.77
N PHE FA 58 80.99 -26.40 4.62
CA PHE FA 58 80.35 -26.48 3.32
C PHE FA 58 80.88 -27.67 2.53
N GLU FA 59 79.99 -28.28 1.75
CA GLU FA 59 80.36 -29.39 0.86
C GLU FA 59 79.55 -29.28 -0.41
N PHE FA 60 80.18 -29.60 -1.53
CA PHE FA 60 79.55 -29.54 -2.84
C PHE FA 60 79.40 -30.94 -3.42
N GLU FA 61 78.25 -31.20 -4.03
CA GLU FA 61 77.96 -32.49 -4.66
C GLU FA 61 77.37 -32.25 -6.04
N ASN FA 62 77.63 -33.18 -6.95
CA ASN FA 62 77.10 -33.08 -8.30
C ASN FA 62 75.83 -33.89 -8.46
N VAL FA 63 74.89 -33.34 -9.21
CA VAL FA 63 73.70 -34.09 -9.63
C VAL FA 63 73.51 -34.09 -11.13
N SER FA 64 74.01 -33.09 -11.85
CA SER FA 64 74.00 -33.12 -13.32
C SER FA 64 75.13 -32.21 -13.79
N VAL FA 65 76.19 -32.80 -14.32
CA VAL FA 65 77.36 -32.05 -14.79
C VAL FA 65 77.78 -32.62 -16.13
N THR FA 66 78.12 -31.73 -17.06
CA THR FA 66 78.61 -32.10 -18.38
C THR FA 66 80.11 -31.88 -18.42
N GLU FA 67 80.86 -32.92 -18.77
CA GLU FA 67 82.31 -32.81 -18.79
C GLU FA 67 82.75 -31.80 -19.85
N PRO FA 68 83.75 -30.98 -19.54
CA PRO FA 68 84.19 -29.96 -20.52
C PRO FA 68 84.80 -30.62 -21.76
N LEU FA 69 84.61 -29.98 -22.90
CA LEU FA 69 85.19 -30.46 -24.15
C LEU FA 69 86.52 -29.77 -24.49
N VAL FA 70 87.00 -28.88 -23.63
CA VAL FA 70 88.27 -28.19 -23.84
C VAL FA 70 89.05 -28.22 -22.54
N ASN FA 71 90.35 -28.49 -22.64
CA ASN FA 71 91.19 -28.61 -21.46
C ASN FA 71 91.77 -27.25 -21.07
N SER FA 72 91.96 -27.06 -19.77
CA SER FA 72 92.68 -25.89 -19.29
C SER FA 72 94.19 -26.14 -19.35
N ALA FA 73 94.95 -25.05 -19.32
CA ALA FA 73 96.40 -25.14 -19.47
C ALA FA 73 97.07 -24.19 -18.49
N PHE FA 74 98.39 -24.33 -18.37
CA PHE FA 74 99.19 -23.50 -17.48
C PHE FA 74 100.61 -23.43 -18.03
N GLU FA 75 101.20 -22.23 -17.99
CA GLU FA 75 102.53 -22.02 -18.52
C GLU FA 75 103.25 -21.00 -17.65
N ARG FA 76 104.55 -20.84 -17.92
CA ARG FA 76 105.41 -19.95 -17.16
C ARG FA 76 106.16 -19.02 -18.09
N THR FA 77 106.55 -17.86 -17.56
CA THR FA 77 107.29 -16.86 -18.32
C THR FA 77 108.26 -16.13 -17.40
N PRO FA 78 109.48 -15.85 -17.86
CA PRO FA 78 110.43 -15.12 -17.00
C PRO FA 78 110.02 -13.67 -16.81
N PHE FA 79 110.77 -12.99 -15.94
CA PHE FA 79 110.49 -11.59 -15.63
C PHE FA 79 110.53 -10.73 -16.89
N ASN FA 80 109.52 -9.87 -17.03
CA ASN FA 80 109.46 -8.90 -18.13
C ASN FA 80 109.72 -9.55 -19.49
N THR FA 81 109.30 -10.80 -19.66
CA THR FA 81 109.51 -11.54 -20.89
C THR FA 81 108.18 -11.79 -21.58
N THR FA 82 108.12 -11.55 -22.88
CA THR FA 82 106.90 -11.80 -23.63
C THR FA 82 106.70 -13.30 -23.79
N LEU FA 83 105.43 -13.71 -23.92
CA LEU FA 83 105.06 -15.11 -24.04
C LEU FA 83 104.23 -15.31 -25.29
N ALA FA 84 104.33 -16.52 -25.86
CA ALA FA 84 103.56 -16.89 -27.04
C ALA FA 84 103.10 -18.33 -26.90
N GLY FA 85 102.06 -18.68 -27.64
CA GLY FA 85 101.52 -20.03 -27.57
C GLY FA 85 100.40 -20.21 -28.57
N SER FA 86 99.79 -21.40 -28.53
CA SER FA 86 98.71 -21.74 -29.43
C SER FA 86 97.61 -22.44 -28.66
N LEU FA 87 96.36 -22.16 -29.03
CA LEU FA 87 95.21 -22.76 -28.37
C LEU FA 87 94.74 -24.04 -29.04
N ALA FA 88 95.33 -24.42 -30.17
CA ALA FA 88 94.83 -25.55 -30.94
C ALA FA 88 95.00 -26.86 -30.18
N ALA FA 89 96.05 -26.98 -29.38
CA ALA FA 89 96.32 -28.24 -28.68
C ALA FA 89 95.34 -28.51 -27.55
N LEU FA 90 94.49 -27.55 -27.20
CA LEU FA 90 93.58 -27.69 -26.07
C LEU FA 90 92.18 -28.14 -26.47
N PHE FA 91 91.97 -28.55 -27.72
CA PHE FA 91 90.66 -28.98 -28.19
C PHE FA 91 90.77 -30.40 -28.74
N PRO FA 92 90.75 -31.43 -27.89
CA PRO FA 92 90.94 -32.81 -28.35
C PRO FA 92 89.69 -33.38 -29.02
N ASN FA 93 89.28 -32.76 -30.12
CA ASN FA 93 88.12 -33.25 -30.84
C ASN FA 93 88.48 -34.54 -31.58
N PRO FA 94 87.76 -35.64 -31.35
CA PRO FA 94 88.06 -36.88 -32.08
C PRO FA 94 87.67 -36.81 -33.56
N GLU FA 95 86.82 -35.86 -33.94
CA GLU FA 95 86.39 -35.72 -35.31
C GLU FA 95 87.18 -34.62 -36.02
N GLY FA 96 86.85 -34.40 -37.28
CA GLY FA 96 87.45 -33.33 -38.06
C GLY FA 96 86.43 -32.32 -38.53
N GLU FA 97 86.45 -31.12 -37.95
CA GLU FA 97 85.51 -30.07 -38.33
C GLU FA 97 86.21 -28.72 -38.19
N ALA FA 98 85.63 -27.72 -38.84
CA ALA FA 98 86.18 -26.37 -38.79
C ALA FA 98 86.16 -25.86 -37.35
N VAL FA 99 87.19 -25.11 -36.99
CA VAL FA 99 87.31 -24.56 -35.65
C VAL FA 99 87.60 -23.07 -35.75
N GLU FA 100 87.16 -22.32 -34.73
CA GLU FA 100 87.46 -20.91 -34.62
C GLU FA 100 87.67 -20.57 -33.16
N TYR FA 101 88.50 -19.56 -32.91
CA TYR FA 101 88.92 -19.20 -31.57
C TYR FA 101 88.44 -17.80 -31.24
N GLU FA 102 88.28 -17.52 -29.95
CA GLU FA 102 87.85 -16.22 -29.48
C GLU FA 102 88.35 -16.02 -28.06
N ILE FA 103 88.53 -14.76 -27.69
CA ILE FA 103 88.95 -14.38 -26.34
C ILE FA 103 87.81 -13.58 -25.71
N LEU FA 104 87.33 -14.05 -24.56
CA LEU FA 104 86.22 -13.40 -23.88
C LEU FA 104 86.71 -12.07 -23.33
N GLU FA 105 86.15 -10.97 -23.83
CA GLU FA 105 86.60 -9.64 -23.43
C GLU FA 105 85.94 -9.14 -22.15
N LEU FA 106 84.91 -9.83 -21.66
CA LEU FA 106 84.30 -9.44 -20.39
C LEU FA 106 85.21 -9.71 -19.20
N TYR FA 107 86.20 -10.58 -19.35
CA TYR FA 107 87.10 -10.99 -18.28
C TYR FA 107 88.54 -10.81 -18.72
N PRO FA 108 88.98 -9.57 -18.90
CA PRO FA 108 90.34 -9.33 -19.39
C PRO FA 108 91.36 -9.61 -18.31
N PRO FA 109 92.61 -9.87 -18.69
CA PRO FA 109 93.66 -10.03 -17.67
C PRO FA 109 93.85 -8.76 -16.87
N VAL FA 110 94.21 -8.91 -15.60
CA VAL FA 110 94.31 -7.76 -14.71
C VAL FA 110 95.68 -7.10 -14.79
N ASN FA 111 96.72 -7.82 -15.24
CA ASN FA 111 98.07 -7.29 -15.28
C ASN FA 111 98.77 -7.58 -16.61
N GLY FA 112 98.07 -7.47 -17.71
CA GLY FA 112 98.68 -7.70 -19.00
C GLY FA 112 97.69 -7.46 -20.14
N ILE FA 113 98.17 -7.71 -21.35
CA ILE FA 113 97.36 -7.57 -22.56
C ILE FA 113 97.56 -8.81 -23.42
N VAL FA 114 96.48 -9.25 -24.06
CA VAL FA 114 96.50 -10.44 -24.91
C VAL FA 114 96.03 -10.05 -26.31
N GLU FA 115 96.55 -10.77 -27.30
CA GLU FA 115 96.24 -10.51 -28.71
C GLU FA 115 96.04 -11.86 -29.40
N LEU FA 116 94.84 -12.11 -29.88
CA LEU FA 116 94.56 -13.35 -30.59
C LEU FA 116 95.25 -13.34 -31.95
N GLY FA 117 95.93 -14.43 -32.28
CA GLY FA 117 96.70 -14.54 -33.49
C GLY FA 117 95.99 -15.31 -34.58
N GLU FA 118 96.79 -15.98 -35.41
CA GLU FA 118 96.24 -16.71 -36.55
C GLU FA 118 96.05 -18.18 -36.19
N ASN FA 119 94.83 -18.67 -36.37
CA ASN FA 119 94.49 -20.07 -36.17
C ASN FA 119 95.05 -20.60 -34.85
N GLY FA 120 94.55 -19.99 -33.76
CA GLY FA 120 94.87 -20.43 -32.42
C GLY FA 120 96.10 -19.80 -31.82
N ALA FA 121 96.87 -19.05 -32.58
CA ALA FA 121 98.05 -18.39 -32.03
C ALA FA 121 97.64 -17.20 -31.17
N PHE FA 122 98.47 -16.87 -30.19
CA PHE FA 122 98.21 -15.76 -29.30
C PHE FA 122 99.51 -15.30 -28.68
N THR FA 123 99.50 -14.08 -28.13
CA THR FA 123 100.66 -13.49 -27.50
C THR FA 123 100.24 -12.75 -26.24
N TYR FA 124 101.01 -12.93 -25.17
CA TYR FA 124 100.73 -12.30 -23.88
C TYR FA 124 101.90 -11.40 -23.52
N ARG FA 125 101.63 -10.11 -23.34
CA ARG FA 125 102.66 -9.11 -23.07
C ARG FA 125 102.47 -8.55 -21.67
N PRO FA 126 103.19 -9.06 -20.66
CA PRO FA 126 102.96 -8.61 -19.29
C PRO FA 126 103.40 -7.16 -19.08
N ALA FA 127 102.74 -6.51 -18.12
CA ALA FA 127 103.15 -5.17 -17.73
C ALA FA 127 104.52 -5.20 -17.07
N THR FA 128 105.25 -4.11 -17.20
CA THR FA 128 106.61 -4.04 -16.67
C THR FA 128 106.59 -4.18 -15.16
N SER FA 129 107.57 -4.93 -14.64
CA SER FA 129 107.81 -5.10 -13.21
C SER FA 129 106.74 -5.91 -12.51
N PHE FA 130 105.88 -6.61 -13.26
CA PHE FA 130 104.85 -7.45 -12.63
C PHE FA 130 105.41 -8.82 -12.28
N THR FA 131 104.86 -9.40 -11.21
CA THR FA 131 105.17 -10.77 -10.82
C THR FA 131 103.98 -11.32 -10.05
N GLY FA 132 103.57 -12.54 -10.40
CA GLY FA 132 102.43 -13.16 -9.79
C GLY FA 132 101.73 -14.07 -10.77
N ILE FA 133 100.40 -14.15 -10.63
CA ILE FA 133 99.56 -15.02 -11.44
C ILE FA 133 98.54 -14.17 -12.19
N ASP FA 134 98.23 -14.58 -13.42
CA ASP FA 134 97.24 -13.89 -14.25
C ASP FA 134 96.46 -14.93 -15.04
N ARG FA 135 95.28 -14.53 -15.50
CA ARG FA 135 94.37 -15.43 -16.18
C ARG FA 135 93.73 -14.73 -17.38
N PHE FA 136 93.25 -15.54 -18.32
CA PHE FA 136 92.32 -15.08 -19.33
C PHE FA 136 91.53 -16.28 -19.83
N TRP FA 137 90.30 -16.03 -20.24
CA TRP FA 137 89.35 -17.07 -20.58
C TRP FA 137 89.12 -17.06 -22.08
N PHE FA 138 89.33 -18.21 -22.72
CA PHE FA 138 89.23 -18.35 -24.17
C PHE FA 138 88.05 -19.25 -24.52
N SER FA 139 87.59 -19.12 -25.76
CA SER FA 139 86.46 -19.90 -26.27
C SER FA 139 86.86 -20.57 -27.58
N ILE FA 140 86.59 -21.86 -27.68
CA ILE FA 140 86.88 -22.64 -28.89
C ILE FA 140 85.58 -23.27 -29.36
N ASN FA 141 85.11 -22.87 -30.54
CA ASN FA 141 83.95 -23.48 -31.18
C ASN FA 141 82.74 -23.49 -30.25
N GLY FA 142 82.63 -22.46 -29.40
CA GLY FA 142 81.52 -22.34 -28.48
C GLY FA 142 81.81 -22.82 -27.07
N ASN FA 143 82.83 -23.65 -26.88
CA ASN FA 143 83.20 -24.12 -25.56
C ASN FA 143 84.06 -23.07 -24.86
N VAL FA 144 84.25 -23.25 -23.55
CA VAL FA 144 84.97 -22.29 -22.72
C VAL FA 144 86.02 -23.04 -21.91
N GLY FA 145 87.17 -22.40 -21.73
CA GLY FA 145 88.25 -22.97 -20.95
C GLY FA 145 89.07 -21.87 -20.30
N GLU FA 146 89.99 -22.28 -19.44
CA GLU FA 146 90.83 -21.36 -18.69
C GLU FA 146 92.27 -21.48 -19.14
N PHE FA 147 93.03 -20.40 -18.99
CA PHE FA 147 94.45 -20.38 -19.28
C PHE FA 147 95.14 -19.57 -18.19
N VAL FA 148 96.19 -20.12 -17.59
CA VAL FA 148 96.89 -19.50 -16.48
C VAL FA 148 98.34 -19.26 -16.89
N ILE FA 149 98.83 -18.05 -16.62
CA ILE FA 149 100.20 -17.66 -16.95
C ILE FA 149 100.85 -17.11 -15.69
N ALA FA 150 102.10 -17.50 -15.45
CA ALA FA 150 102.84 -17.09 -14.26
C ALA FA 150 104.06 -16.28 -14.67
N VAL FA 151 104.26 -15.15 -14.00
CA VAL FA 151 105.40 -14.28 -14.25
C VAL FA 151 106.39 -14.47 -13.11
N ASP FA 152 107.56 -15.03 -13.42
CA ASP FA 152 108.52 -15.37 -12.39
C ASP FA 152 109.26 -14.13 -11.90
N PRO FA 153 109.64 -14.10 -10.62
CA PRO FA 153 110.47 -13.00 -10.13
C PRO FA 153 111.85 -13.03 -10.77
N ALA FA 154 112.44 -11.84 -10.91
CA ALA FA 154 113.76 -11.74 -11.53
C ALA FA 154 114.82 -12.46 -10.70
N GLN FA 155 114.80 -12.29 -9.38
CA GLN FA 155 115.81 -12.88 -8.48
C GLN FA 155 115.07 -13.44 -7.26
N GLY FA 156 114.82 -14.75 -7.29
CA GLY FA 156 114.17 -15.40 -6.18
C GLY FA 156 113.71 -16.81 -6.51
N PRO FA 157 113.13 -17.50 -5.52
CA PRO FA 157 112.68 -18.87 -5.75
C PRO FA 157 111.47 -18.92 -6.67
N GLN FA 158 111.28 -20.09 -7.27
CA GLN FA 158 110.15 -20.33 -8.15
C GLN FA 158 108.83 -20.27 -7.37
N ILE FA 159 107.79 -19.81 -8.05
CA ILE FA 159 106.47 -19.68 -7.45
C ILE FA 159 105.63 -20.91 -7.80
N ALA FA 160 104.84 -21.37 -6.83
CA ALA FA 160 104.09 -22.61 -6.98
C ALA FA 160 102.91 -22.44 -7.93
N GLN FA 161 102.49 -23.55 -8.52
CA GLN FA 161 101.35 -23.54 -9.42
C GLN FA 161 100.06 -23.36 -8.62
N PRO FA 162 99.12 -22.53 -9.08
CA PRO FA 162 97.84 -22.41 -8.39
C PRO FA 162 96.82 -23.37 -8.98
N PRO FA 163 95.82 -23.77 -8.20
CA PRO FA 163 94.77 -24.64 -8.75
C PRO FA 163 93.82 -23.88 -9.65
N PHE FA 164 93.19 -24.62 -10.55
CA PHE FA 164 92.20 -24.02 -11.45
C PHE FA 164 90.91 -23.70 -10.69
N THR FA 165 90.22 -22.66 -11.14
CA THR FA 165 89.00 -22.23 -10.46
C THR FA 165 87.87 -23.21 -10.74
N PRO FA 166 87.22 -23.77 -9.72
CA PRO FA 166 86.13 -24.71 -9.97
C PRO FA 166 84.96 -24.03 -10.66
N ALA FA 167 83.96 -24.84 -11.00
CA ALA FA 167 82.75 -24.32 -11.64
C ALA FA 167 82.00 -23.39 -10.70
N VAL FA 168 81.78 -23.82 -9.46
CA VAL FA 168 81.17 -23.01 -8.42
C VAL FA 168 81.98 -23.18 -7.15
N TYR FA 169 82.20 -22.08 -6.43
CA TYR FA 169 83.03 -22.11 -5.24
C TYR FA 169 82.50 -21.11 -4.22
N VAL FA 170 82.87 -21.33 -2.97
CA VAL FA 170 82.47 -20.46 -1.86
C VAL FA 170 83.72 -19.95 -1.17
N PRO FA 171 84.16 -18.72 -1.43
CA PRO FA 171 85.35 -18.20 -0.74
C PRO FA 171 85.17 -18.29 0.78
N LEU FA 172 86.03 -19.08 1.40
CA LEU FA 172 85.85 -19.42 2.82
C LEU FA 172 86.29 -18.30 3.75
N SER FA 173 87.04 -17.32 3.28
CA SER FA 173 87.45 -16.19 4.12
C SER FA 173 86.40 -15.08 4.15
N ARG FA 174 85.47 -15.06 3.20
CA ARG FA 174 84.40 -14.07 3.16
C ARG FA 174 83.12 -14.66 3.77
N ARG FA 175 83.14 -14.77 5.10
CA ARG FA 175 82.09 -15.46 5.82
C ARG FA 175 81.98 -14.89 7.23
N GLU FA 176 80.76 -14.68 7.68
CA GLU FA 176 80.53 -14.07 8.99
C GLU FA 176 79.16 -14.46 9.51
N VAL FA 177 79.00 -14.33 10.82
CA VAL FA 177 77.73 -14.55 11.50
C VAL FA 177 77.45 -13.35 12.39
N ASN FA 178 76.26 -12.78 12.24
CA ASN FA 178 75.86 -11.59 13.02
C ASN FA 178 75.11 -12.06 14.25
N LYS FA 179 75.74 -11.93 15.41
CA LYS FA 179 75.14 -12.41 16.65
C LYS FA 179 73.95 -11.57 17.08
N GLN FA 180 73.76 -10.38 16.50
CA GLN FA 180 72.60 -9.57 16.87
C GLN FA 180 71.30 -10.12 16.31
N THR FA 181 71.37 -10.87 15.21
CA THR FA 181 70.15 -11.44 14.63
C THR FA 181 70.31 -12.88 14.19
N GLN FA 182 71.42 -13.55 14.53
CA GLN FA 182 71.60 -14.96 14.21
C GLN FA 182 71.45 -15.21 12.71
N ALA FA 183 72.14 -14.40 11.91
CA ALA FA 183 72.10 -14.51 10.46
C ALA FA 183 73.49 -14.79 9.91
N LEU FA 184 73.57 -15.70 8.95
CA LEU FA 184 74.83 -16.11 8.35
C LEU FA 184 74.92 -15.54 6.94
N ARG FA 185 76.12 -15.08 6.57
CA ARG FA 185 76.38 -14.55 5.24
C ARG FA 185 77.57 -15.28 4.63
N PHE FA 186 77.48 -15.58 3.33
CA PHE FA 186 78.59 -16.14 2.58
C PHE FA 186 78.44 -15.73 1.13
N VAL FA 187 79.52 -15.88 0.37
CA VAL FA 187 79.60 -15.39 -1.01
C VAL FA 187 79.61 -16.60 -1.93
N LEU FA 188 78.75 -16.57 -2.93
CA LEU FA 188 78.66 -17.61 -3.95
C LEU FA 188 79.11 -17.05 -5.29
N GLY FA 189 80.02 -17.73 -5.94
CA GLY FA 189 80.54 -17.27 -7.22
C GLY FA 189 80.49 -18.38 -8.25
N VAL FA 190 80.40 -17.96 -9.52
CA VAL FA 190 80.30 -18.88 -10.64
C VAL FA 190 81.38 -18.52 -11.66
N SER FA 191 82.14 -19.51 -12.11
CA SER FA 191 83.15 -19.28 -13.11
C SER FA 191 82.49 -19.09 -14.49
N PRO FA 192 83.17 -18.40 -15.42
CA PRO FA 192 82.58 -18.22 -16.76
C PRO FA 192 82.37 -19.53 -17.48
N ALA FA 193 83.08 -20.57 -17.07
CA ALA FA 193 83.05 -21.86 -17.77
C ALA FA 193 81.88 -22.73 -17.38
N ALA FA 194 81.09 -22.35 -16.38
CA ALA FA 194 79.95 -23.17 -15.98
C ALA FA 194 78.94 -23.25 -17.11
N LYS FA 195 78.69 -24.47 -17.58
CA LYS FA 195 77.78 -24.67 -18.70
C LYS FA 195 76.34 -24.51 -18.23
N PRO FA 196 75.48 -23.84 -19.00
CA PRO FA 196 74.08 -23.68 -18.56
C PRO FA 196 73.36 -25.02 -18.48
N ALA FA 197 72.34 -25.06 -17.63
CA ALA FA 197 71.47 -26.20 -17.38
C ALA FA 197 72.07 -27.22 -16.42
N ASP FA 198 73.30 -27.02 -15.95
CA ASP FA 198 73.87 -27.91 -14.96
C ASP FA 198 73.26 -27.63 -13.58
N ILE FA 199 73.45 -28.58 -12.67
CA ILE FA 199 72.91 -28.47 -11.32
C ILE FA 199 73.97 -28.96 -10.33
N TYR FA 200 74.13 -28.24 -9.23
CA TYR FA 200 74.99 -28.63 -8.13
C TYR FA 200 74.21 -28.52 -6.83
N ARG FA 201 74.68 -29.25 -5.81
CA ARG FA 201 74.05 -29.27 -4.50
C ARG FA 201 75.07 -28.82 -3.46
N LEU FA 202 74.64 -27.95 -2.55
CA LEU FA 202 75.48 -27.40 -1.49
C LEU FA 202 74.90 -27.79 -0.15
N ASN FA 203 75.75 -28.31 0.73
CA ASN FA 203 75.35 -28.73 2.08
C ASN FA 203 76.02 -27.82 3.10
N ILE FA 204 75.27 -27.41 4.12
CA ILE FA 204 75.76 -26.53 5.16
C ILE FA 204 75.48 -27.18 6.51
N ARG FA 205 76.47 -27.16 7.40
CA ARG FA 205 76.32 -27.63 8.76
C ARG FA 205 76.73 -26.52 9.72
N GLN FA 206 75.76 -25.95 10.43
CA GLN FA 206 75.99 -24.83 11.32
C GLN FA 206 75.95 -25.32 12.76
N ALA FA 207 76.73 -24.68 13.62
CA ALA FA 207 76.87 -25.07 15.01
C ALA FA 207 76.42 -23.96 15.94
N ALA FA 208 75.83 -24.34 17.06
CA ALA FA 208 75.44 -23.39 18.10
C ALA FA 208 75.80 -23.99 19.45
N ILE FA 209 76.01 -23.12 20.43
CA ILE FA 209 76.49 -23.52 21.75
C ILE FA 209 75.46 -23.16 22.80
N ASP FA 210 75.41 -23.94 23.86
CA ASP FA 210 74.60 -23.59 25.03
C ASP FA 210 75.39 -22.68 25.95
N CYS FA 211 74.82 -22.43 27.12
CA CYS FA 211 75.41 -21.46 28.05
C CYS FA 211 76.73 -21.95 28.66
N GLU FA 212 77.25 -23.13 28.35
CA GLU FA 212 78.48 -23.62 28.95
C GLU FA 212 79.50 -24.15 27.96
N GLY FA 213 79.26 -24.01 26.65
CA GLY FA 213 80.21 -24.42 25.64
C GLY FA 213 79.82 -25.68 24.88
N ASN FA 214 78.83 -26.43 25.34
CA ASN FA 214 78.38 -27.61 24.62
C ASN FA 214 77.66 -27.19 23.34
N GLU FA 215 77.77 -28.03 22.32
CA GLU FA 215 77.41 -27.65 20.95
C GLU FA 215 76.13 -28.35 20.48
N TYR FA 216 75.35 -27.63 19.70
CA TYR FA 216 74.29 -28.19 18.88
C TYR FA 216 74.72 -28.18 17.42
N PHE FA 217 73.84 -28.66 16.54
CA PHE FA 217 74.14 -28.69 15.11
C PHE FA 217 72.86 -28.62 14.31
N HIS FA 218 73.00 -28.21 13.05
CA HIS FA 218 71.87 -28.08 12.12
C HIS FA 218 72.38 -28.26 10.71
N ILE FA 219 71.61 -28.98 9.89
CA ILE FA 219 72.02 -29.36 8.55
C ILE FA 219 70.94 -28.92 7.56
N SER FA 220 71.38 -28.40 6.42
CA SER FA 220 70.47 -28.00 5.35
C SER FA 220 71.22 -28.04 4.04
N CYS FA 221 70.48 -28.01 2.93
CA CYS FA 221 71.08 -28.11 1.61
C CYS FA 221 70.28 -27.29 0.62
N TYR FA 222 70.95 -26.87 -0.45
CA TYR FA 222 70.36 -26.05 -1.50
C TYR FA 222 70.81 -26.55 -2.87
N ASP FA 223 69.96 -26.35 -3.87
CA ASP FA 223 70.25 -26.76 -5.24
C ASP FA 223 70.59 -25.53 -6.07
N ILE FA 224 71.73 -25.57 -6.76
CA ILE FA 224 72.20 -24.46 -7.59
C ILE FA 224 72.15 -24.91 -9.03
N SER FA 225 71.43 -24.15 -9.86
CA SER FA 225 71.25 -24.47 -11.27
C SER FA 225 71.69 -23.31 -12.12
N ILE FA 226 72.54 -23.57 -13.11
CA ILE FA 226 73.06 -22.51 -13.97
C ILE FA 226 71.97 -22.05 -14.92
N GLY FA 227 71.99 -20.77 -15.25
CA GLY FA 227 70.95 -20.19 -16.10
C GLY FA 227 71.47 -19.19 -17.09
N SER FA 228 70.58 -18.29 -17.54
CA SER FA 228 70.94 -17.27 -18.52
C SER FA 228 69.88 -16.18 -18.52
N CYS FA 229 69.89 -15.31 -19.54
CA CYS FA 229 68.88 -14.27 -19.66
C CYS FA 229 68.65 -13.99 -21.14
N GLY FA 230 67.51 -13.37 -21.44
CA GLY FA 230 67.14 -13.06 -22.80
C GLY FA 230 66.06 -12.01 -22.90
N CYS GA 23 52.53 -42.20 22.84
CA CYS GA 23 53.78 -42.21 22.08
C CYS GA 23 53.89 -40.98 21.20
N GLU GA 24 54.41 -39.89 21.75
CA GLU GA 24 54.69 -38.72 20.94
C GLU GA 24 55.71 -39.06 19.86
N SER GA 25 55.57 -38.43 18.71
CA SER GA 25 56.42 -38.71 17.56
C SER GA 25 57.49 -37.63 17.42
N ILE GA 26 58.73 -38.07 17.23
CA ILE GA 26 59.86 -37.18 17.00
C ILE GA 26 60.52 -37.58 15.69
N SER GA 27 60.84 -36.58 14.87
CA SER GA 27 61.50 -36.80 13.59
C SER GA 27 62.91 -36.24 13.66
N ALA GA 28 63.90 -37.06 13.32
CA ALA GA 28 65.30 -36.70 13.43
C ALA GA 28 66.00 -36.96 12.11
N ARG GA 29 67.12 -36.25 11.90
CA ARG GA 29 67.92 -36.37 10.70
C ARG GA 29 69.34 -36.79 11.06
N PRO GA 30 70.00 -37.60 10.22
CA PRO GA 30 71.39 -37.99 10.54
C PRO GA 30 72.31 -36.78 10.63
N GLY GA 31 73.23 -36.81 11.60
CA GLY GA 31 74.16 -35.72 11.79
C GLY GA 31 73.62 -34.54 12.56
N GLU GA 32 72.43 -34.65 13.14
CA GLU GA 32 71.79 -33.52 13.81
C GLU GA 32 71.88 -33.65 15.32
N VAL GA 33 71.82 -32.52 16.00
CA VAL GA 33 71.73 -32.44 17.45
C VAL GA 33 70.73 -31.32 17.76
N ASN GA 34 69.57 -31.66 18.30
CA ASN GA 34 68.44 -30.74 18.34
C ASN GA 34 68.06 -30.25 19.72
N GLY GA 35 67.82 -31.15 20.68
CA GLY GA 35 67.34 -30.72 21.98
C GLY GA 35 65.84 -30.81 22.12
N VAL GA 36 65.36 -31.10 23.33
CA VAL GA 36 63.95 -31.34 23.57
C VAL GA 36 63.59 -30.77 24.94
N MET GA 37 62.32 -30.38 25.09
CA MET GA 37 61.78 -29.87 26.35
C MET GA 37 60.44 -30.54 26.60
N VAL GA 38 60.18 -30.89 27.86
CA VAL GA 38 58.90 -31.45 28.27
C VAL GA 38 58.47 -30.77 29.56
N SER GA 39 57.20 -30.41 29.64
CA SER GA 39 56.66 -29.63 30.75
C SER GA 39 55.84 -30.53 31.66
N TYR GA 40 56.15 -30.50 32.95
CA TYR GA 40 55.49 -31.34 33.94
C TYR GA 40 54.54 -30.56 34.85
N VAL GA 41 54.23 -29.30 34.52
CA VAL GA 41 53.42 -28.48 35.41
C VAL GA 41 52.06 -29.13 35.64
N ALA GA 42 51.48 -29.72 34.61
CA ALA GA 42 50.14 -30.28 34.73
C ALA GA 42 50.09 -31.49 35.65
N TRP GA 43 51.24 -32.06 36.00
CA TRP GA 43 51.29 -33.26 36.83
C TRP GA 43 51.83 -32.99 38.23
N SER GA 44 52.83 -32.14 38.38
CA SER GA 44 53.47 -31.92 39.67
C SER GA 44 52.89 -30.73 40.44
N ALA GA 45 52.19 -29.82 39.76
CA ALA GA 45 51.64 -28.66 40.45
C ALA GA 45 50.64 -29.05 41.53
N PRO GA 46 49.63 -29.87 41.26
CA PRO GA 46 48.65 -30.20 42.32
C PRO GA 46 49.20 -31.08 43.42
N LEU GA 47 50.36 -31.70 43.24
CA LEU GA 47 50.91 -32.59 44.26
C LEU GA 47 51.48 -31.81 45.44
N GLY GA 48 51.72 -30.51 45.30
CA GLY GA 48 52.41 -29.79 46.35
C GLY GA 48 53.87 -30.20 46.40
N GLY GA 49 54.43 -30.15 47.61
CA GLY GA 49 55.81 -30.57 47.77
C GLY GA 49 56.78 -29.61 47.09
N HIS GA 50 57.93 -30.16 46.72
CA HIS GA 50 59.02 -29.39 46.16
C HIS GA 50 59.15 -29.54 44.64
N GLY GA 51 58.35 -30.39 44.02
CA GLY GA 51 58.38 -30.52 42.57
C GLY GA 51 59.38 -31.56 42.09
N LEU GA 52 59.98 -31.29 40.95
CA LEU GA 52 60.90 -32.24 40.33
C LEU GA 52 62.17 -32.38 41.17
N THR GA 53 62.86 -33.50 40.98
CA THR GA 53 63.99 -33.88 41.83
C THR GA 53 65.29 -34.02 41.05
N ASN GA 54 65.25 -34.00 39.73
CA ASN GA 54 66.46 -34.18 38.92
C ASN GA 54 67.02 -35.59 39.08
N LYS GA 55 66.18 -36.60 38.87
CA LYS GA 55 66.58 -38.00 38.94
C LYS GA 55 66.07 -38.78 37.74
N THR GA 56 66.13 -38.17 36.56
CA THR GA 56 65.59 -38.80 35.35
C THR GA 56 66.42 -40.02 34.96
N THR GA 57 65.77 -40.95 34.27
CA THR GA 57 66.41 -42.15 33.75
C THR GA 57 65.91 -42.40 32.33
N PHE GA 58 66.83 -42.75 31.44
CA PHE GA 58 66.53 -42.94 30.03
C PHE GA 58 66.85 -44.38 29.61
N GLU GA 59 66.09 -44.89 28.65
CA GLU GA 59 66.33 -46.21 28.07
C GLU GA 59 65.94 -46.18 26.60
N PHE GA 60 66.70 -46.90 25.77
CA PHE GA 60 66.44 -46.97 24.34
C PHE GA 60 66.08 -48.39 23.95
N GLU GA 61 65.13 -48.52 23.02
CA GLU GA 61 64.68 -49.79 22.51
C GLU GA 61 64.53 -49.72 21.01
N ASN GA 62 64.65 -50.87 20.34
CA ASN GA 62 64.49 -50.93 18.91
C ASN GA 62 63.13 -51.46 18.53
N VAL GA 63 62.55 -50.88 17.49
CA VAL GA 63 61.33 -51.40 16.86
C VAL GA 63 61.58 -51.81 15.43
N SER GA 64 62.34 -51.01 14.68
CA SER GA 64 62.78 -51.36 13.33
C SER GA 64 64.19 -50.85 13.14
N VAL GA 65 65.13 -51.76 12.95
CA VAL GA 65 66.54 -51.41 12.74
C VAL GA 65 67.11 -52.31 11.66
N THR GA 66 67.90 -51.73 10.77
CA THR GA 66 68.56 -52.45 9.70
C THR GA 66 70.04 -52.59 10.06
N GLU GA 67 70.51 -53.84 10.10
CA GLU GA 67 71.89 -54.08 10.51
C GLU GA 67 72.85 -53.43 9.50
N PRO GA 68 73.93 -52.83 9.97
CA PRO GA 68 74.87 -52.18 9.05
C PRO GA 68 75.55 -53.19 8.16
N LEU GA 69 75.86 -52.78 6.93
CA LEU GA 69 76.55 -53.62 5.97
C LEU GA 69 78.05 -53.36 5.94
N VAL GA 70 78.56 -52.47 6.79
CA VAL GA 70 79.99 -52.20 6.89
C VAL GA 70 80.37 -52.21 8.37
N ASN GA 71 81.63 -52.47 8.64
CA ASN GA 71 82.13 -52.62 10.01
C ASN GA 71 83.01 -51.44 10.38
N SER GA 72 82.77 -50.87 11.55
CA SER GA 72 83.65 -49.84 12.09
C SER GA 72 84.97 -50.47 12.52
N ALA GA 73 86.01 -49.65 12.58
CA ALA GA 73 87.35 -50.13 12.90
C ALA GA 73 88.03 -49.16 13.85
N PHE GA 74 89.12 -49.63 14.45
CA PHE GA 74 89.90 -48.82 15.38
C PHE GA 74 91.38 -49.17 15.22
N GLU GA 75 92.23 -48.18 15.43
CA GLU GA 75 93.67 -48.35 15.27
C GLU GA 75 94.41 -47.40 16.21
N ARG GA 76 95.72 -47.59 16.28
CA ARG GA 76 96.60 -46.76 17.11
C ARG GA 76 97.78 -46.28 16.28
N THR GA 77 98.29 -45.10 16.64
CA THR GA 77 99.46 -44.54 15.99
C THR GA 77 100.37 -43.93 17.04
N PRO GA 78 101.69 -44.01 16.88
CA PRO GA 78 102.59 -43.37 17.84
C PRO GA 78 102.54 -41.85 17.73
N PHE GA 79 103.23 -41.19 18.66
CA PHE GA 79 103.27 -39.74 18.68
C PHE GA 79 103.86 -39.20 17.39
N ASN GA 80 103.19 -38.21 16.82
CA ASN GA 80 103.67 -37.50 15.62
C ASN GA 80 104.04 -38.46 14.50
N THR GA 81 103.34 -39.58 14.39
CA THR GA 81 103.63 -40.60 13.39
C THR GA 81 102.46 -40.68 12.41
N THR GA 82 102.77 -40.65 11.12
CA THR GA 82 101.73 -40.77 10.11
C THR GA 82 101.17 -42.19 10.09
N LEU GA 83 99.91 -42.31 9.69
CA LEU GA 83 99.21 -43.59 9.66
C LEU GA 83 98.68 -43.86 8.26
N ALA GA 84 98.58 -45.15 7.93
CA ALA GA 84 98.07 -45.59 6.64
C ALA GA 84 97.18 -46.80 6.86
N GLY GA 85 96.30 -47.05 5.89
CA GLY GA 85 95.39 -48.16 6.00
C GLY GA 85 94.54 -48.28 4.75
N SER GA 86 93.65 -49.27 4.76
CA SER GA 86 92.76 -49.53 3.64
C SER GA 86 91.36 -49.78 4.13
N LEU GA 87 90.37 -49.28 3.37
CA LEU GA 87 88.97 -49.46 3.74
C LEU GA 87 88.38 -50.73 3.15
N ALA GA 88 89.12 -51.43 2.29
CA ALA GA 88 88.56 -52.57 1.58
C ALA GA 88 88.15 -53.70 2.52
N ALA GA 89 88.93 -53.92 3.58
CA ALA GA 89 88.66 -55.03 4.48
C ALA GA 89 87.39 -54.84 5.32
N LEU GA 90 86.80 -53.65 5.29
CA LEU GA 90 85.66 -53.33 6.14
C LEU GA 90 84.31 -53.50 5.45
N PHE GA 91 84.26 -54.14 4.28
CA PHE GA 91 83.03 -54.32 3.52
C PHE GA 91 82.86 -55.81 3.22
N PRO GA 92 82.34 -56.59 4.17
CA PRO GA 92 82.20 -58.03 3.96
C PRO GA 92 81.02 -58.38 3.04
N ASN GA 93 81.13 -57.98 1.78
CA ASN GA 93 80.07 -58.27 0.83
C ASN GA 93 80.17 -59.73 0.38
N PRO GA 94 79.14 -60.55 0.56
CA PRO GA 94 79.19 -61.92 0.04
C PRO GA 94 78.95 -61.99 -1.46
N GLU GA 95 78.10 -61.14 -2.01
CA GLU GA 95 77.88 -61.10 -3.44
C GLU GA 95 79.02 -60.36 -4.13
N GLY GA 96 79.27 -60.72 -5.39
CA GLY GA 96 80.31 -60.11 -6.18
C GLY GA 96 79.80 -58.89 -6.91
N GLU GA 97 80.36 -57.73 -6.58
CA GLU GA 97 79.94 -56.48 -7.19
C GLU GA 97 81.08 -55.47 -7.07
N ALA GA 98 81.06 -54.48 -7.97
CA ALA GA 98 82.04 -53.42 -7.94
C ALA GA 98 81.80 -52.50 -6.76
N VAL GA 99 82.89 -51.90 -6.25
CA VAL GA 99 82.84 -51.05 -5.08
C VAL GA 99 83.57 -49.75 -5.37
N GLU GA 100 83.20 -48.71 -4.62
CA GLU GA 100 83.89 -47.43 -4.66
C GLU GA 100 83.79 -46.81 -3.28
N TYR GA 101 84.77 -45.96 -2.96
CA TYR GA 101 84.93 -45.41 -1.63
C TYR GA 101 84.78 -43.91 -1.66
N GLU GA 102 84.49 -43.32 -0.50
CA GLU GA 102 84.32 -41.88 -0.37
C GLU GA 102 84.52 -41.48 1.08
N ILE GA 103 84.94 -40.24 1.28
CA ILE GA 103 85.12 -39.67 2.62
C ILE GA 103 84.13 -38.54 2.77
N LEU GA 104 83.32 -38.60 3.83
CA LEU GA 104 82.29 -37.58 4.07
C LEU GA 104 82.98 -36.31 4.56
N GLU GA 105 83.10 -35.33 3.66
CA GLU GA 105 83.76 -34.08 4.02
C GLU GA 105 82.93 -33.21 4.94
N LEU GA 106 81.63 -33.47 5.08
CA LEU GA 106 80.80 -32.66 5.95
C LEU GA 106 81.13 -32.87 7.43
N TYR GA 107 81.85 -33.93 7.77
CA TYR GA 107 82.23 -34.23 9.14
C TYR GA 107 83.74 -34.45 9.20
N PRO GA 108 84.52 -33.39 9.00
CA PRO GA 108 85.97 -33.54 8.95
C PRO GA 108 86.54 -33.84 10.33
N PRO GA 109 87.72 -34.45 10.41
CA PRO GA 109 88.36 -34.64 11.71
C PRO GA 109 88.75 -33.31 12.32
N VAL GA 110 88.85 -33.29 13.65
CA VAL GA 110 89.09 -32.06 14.39
C VAL GA 110 90.57 -31.81 14.55
N ASN GA 111 91.36 -32.90 14.63
CA ASN GA 111 92.79 -32.79 14.92
C ASN GA 111 93.64 -33.53 13.90
N GLY GA 112 93.32 -33.44 12.62
CA GLY GA 112 94.13 -34.10 11.62
C GLY GA 112 93.58 -33.84 10.23
N ILE GA 113 94.27 -34.43 9.24
CA ILE GA 113 93.87 -34.34 7.85
C ILE GA 113 93.99 -35.71 7.22
N VAL GA 114 93.00 -36.05 6.39
CA VAL GA 114 92.92 -37.35 5.75
C VAL GA 114 92.95 -37.16 4.23
N GLU GA 115 93.40 -38.20 3.53
CA GLU GA 115 93.52 -38.15 2.08
C GLU GA 115 93.14 -39.53 1.54
N LEU GA 116 92.06 -39.59 0.77
CA LEU GA 116 91.62 -40.86 0.18
C LEU GA 116 92.62 -41.29 -0.88
N GLY GA 117 93.01 -42.56 -0.84
CA GLY GA 117 94.02 -43.10 -1.71
C GLY GA 117 93.44 -43.90 -2.86
N GLU GA 118 94.24 -44.84 -3.36
CA GLU GA 118 93.84 -45.64 -4.51
C GLU GA 118 93.14 -46.90 -4.06
N ASN GA 119 91.92 -47.09 -4.54
CA ASN GA 119 91.14 -48.31 -4.30
C ASN GA 119 91.14 -48.68 -2.81
N GLY GA 120 90.61 -47.78 -2.00
CA GLY GA 120 90.43 -48.01 -0.59
C GLY GA 120 91.58 -47.57 0.29
N ALA GA 121 92.71 -47.19 -0.28
CA ALA GA 121 93.83 -46.72 0.53
C ALA GA 121 93.55 -45.31 1.05
N PHE GA 122 94.20 -44.99 2.17
CA PHE GA 122 94.05 -43.67 2.77
C PHE GA 122 95.24 -43.40 3.68
N THR GA 123 95.43 -42.14 4.04
CA THR GA 123 96.51 -41.71 4.91
C THR GA 123 96.00 -40.66 5.88
N TYR GA 124 96.36 -40.81 7.15
CA TYR GA 124 95.95 -39.89 8.21
C TYR GA 124 97.20 -39.23 8.78
N ARG GA 125 97.28 -37.91 8.68
CA ARG GA 125 98.45 -37.14 9.10
C ARG GA 125 98.09 -36.28 10.29
N PRO GA 126 98.39 -36.70 11.52
CA PRO GA 126 97.97 -35.93 12.69
C PRO GA 126 98.73 -34.61 12.80
N ALA GA 127 98.07 -33.65 13.43
CA ALA GA 127 98.71 -32.37 13.70
C ALA GA 127 99.82 -32.54 14.72
N THR GA 128 100.81 -31.66 14.65
CA THR GA 128 101.97 -31.75 15.53
C THR GA 128 101.54 -31.59 16.98
N SER GA 129 102.11 -32.44 17.85
CA SER GA 129 101.95 -32.39 19.30
C SER GA 129 100.56 -32.81 19.77
N PHE GA 130 99.73 -33.36 18.90
CA PHE GA 130 98.40 -33.78 19.31
C PHE GA 130 98.45 -35.13 20.01
N THR GA 131 97.55 -35.32 20.96
CA THR GA 131 97.41 -36.59 21.65
C THR GA 131 95.97 -36.72 22.14
N GLY GA 132 95.31 -37.79 21.74
CA GLY GA 132 93.92 -38.03 22.10
C GLY GA 132 93.26 -38.94 21.09
N ILE GA 133 91.94 -38.78 20.97
CA ILE GA 133 91.12 -39.59 20.08
C ILE GA 133 90.64 -38.71 18.93
N ASP GA 134 90.41 -39.33 17.77
CA ASP GA 134 89.95 -38.63 16.59
C ASP GA 134 89.08 -39.58 15.77
N ARG GA 135 88.29 -39.01 14.86
CA ARG GA 135 87.33 -39.78 14.08
C ARG GA 135 87.22 -39.21 12.67
N PHE GA 136 86.73 -40.05 11.77
CA PHE GA 136 86.25 -39.61 10.47
C PHE GA 136 85.30 -40.66 9.93
N TRP GA 137 84.36 -40.23 9.10
CA TRP GA 137 83.29 -41.07 8.60
C TRP GA 137 83.48 -41.32 7.11
N PHE GA 138 83.39 -42.58 6.70
CA PHE GA 138 83.62 -42.98 5.33
C PHE GA 138 82.39 -43.68 4.78
N SER GA 139 82.25 -43.66 3.46
CA SER GA 139 81.12 -44.26 2.77
C SER GA 139 81.64 -45.27 1.75
N ILE GA 140 81.15 -46.51 1.84
CA ILE GA 140 81.52 -47.58 0.92
C ILE GA 140 80.26 -47.98 0.15
N ASN GA 141 80.28 -47.78 -1.16
CA ASN GA 141 79.19 -48.21 -2.03
C ASN GA 141 77.84 -47.72 -1.52
N GLY GA 142 77.82 -46.56 -0.87
CA GLY GA 142 76.61 -45.98 -0.34
C GLY GA 142 76.34 -46.26 1.13
N ASN GA 143 77.14 -47.10 1.77
CA ASN GA 143 76.96 -47.45 3.17
C ASN GA 143 77.95 -46.67 4.02
N VAL GA 144 77.49 -46.20 5.19
CA VAL GA 144 78.28 -45.34 6.05
C VAL GA 144 78.88 -46.16 7.18
N GLY GA 145 80.05 -45.75 7.65
CA GLY GA 145 80.72 -46.41 8.75
C GLY GA 145 81.65 -45.46 9.46
N GLU GA 146 82.16 -45.89 10.60
CA GLU GA 146 83.02 -45.07 11.44
C GLU GA 146 84.42 -45.66 11.50
N PHE GA 147 85.41 -44.78 11.55
CA PHE GA 147 86.80 -45.17 11.74
C PHE GA 147 87.38 -44.31 12.85
N VAL GA 148 88.01 -44.96 13.83
CA VAL GA 148 88.53 -44.30 15.02
C VAL GA 148 90.04 -44.48 15.05
N ILE GA 149 90.77 -43.39 15.27
CA ILE GA 149 92.22 -43.40 15.30
C ILE GA 149 92.68 -42.77 16.61
N ALA GA 150 93.60 -43.42 17.29
CA ALA GA 150 94.09 -42.98 18.59
C ALA GA 150 95.57 -42.64 18.48
N VAL GA 151 95.94 -41.48 19.04
CA VAL GA 151 97.32 -41.01 19.04
C VAL GA 151 97.88 -41.20 20.44
N ASP GA 152 98.74 -42.20 20.61
CA ASP GA 152 99.33 -42.46 21.92
C ASP GA 152 100.28 -41.34 22.31
N PRO GA 153 100.39 -41.03 23.60
CA PRO GA 153 101.35 -40.00 24.03
C PRO GA 153 102.78 -40.46 23.85
N ALA GA 154 103.68 -39.48 23.76
CA ALA GA 154 105.10 -39.79 23.62
C ALA GA 154 105.63 -40.57 24.82
N GLN GA 155 105.22 -40.19 26.02
CA GLN GA 155 105.67 -40.87 27.24
C GLN GA 155 104.46 -41.17 28.10
N GLY GA 156 104.56 -42.24 28.89
CA GLY GA 156 103.51 -42.64 29.79
C GLY GA 156 102.67 -43.77 29.24
N PRO GA 157 101.65 -44.19 30.00
CA PRO GA 157 100.81 -45.31 29.56
C PRO GA 157 99.97 -44.96 28.34
N GLN GA 158 99.60 -45.98 27.58
CA GLN GA 158 98.78 -45.78 26.40
C GLN GA 158 97.36 -45.37 26.80
N ILE GA 159 96.58 -44.96 25.81
CA ILE GA 159 95.23 -44.47 26.04
C ILE GA 159 94.22 -45.55 25.71
N ALA GA 160 93.18 -45.65 26.54
CA ALA GA 160 92.23 -46.75 26.45
C ALA GA 160 91.32 -46.61 25.23
N GLN GA 161 90.81 -47.74 24.76
CA GLN GA 161 89.90 -47.75 23.61
C GLN GA 161 88.57 -47.11 23.98
N PRO GA 162 88.05 -46.19 23.16
CA PRO GA 162 86.73 -45.61 23.44
C PRO GA 162 85.64 -46.42 22.76
N PRO GA 163 84.40 -46.30 23.23
CA PRO GA 163 83.30 -47.01 22.56
C PRO GA 163 82.82 -46.26 21.32
N PHE GA 164 82.28 -47.02 20.38
CA PHE GA 164 81.74 -46.43 19.16
C PHE GA 164 80.47 -45.65 19.47
N THR GA 165 80.22 -44.61 18.67
CA THR GA 165 79.04 -43.77 18.88
C THR GA 165 77.79 -44.49 18.39
N PRO GA 166 76.77 -44.67 19.24
CA PRO GA 166 75.56 -45.36 18.79
C PRO GA 166 74.83 -44.58 17.71
N ALA GA 167 73.75 -45.18 17.22
CA ALA GA 167 72.94 -44.52 16.19
C ALA GA 167 72.27 -43.28 16.75
N VAL GA 168 71.59 -43.40 17.88
CA VAL GA 168 70.98 -42.28 18.58
C VAL GA 168 71.37 -42.36 20.05
N TYR GA 169 71.81 -41.24 20.61
CA TYR GA 169 72.32 -41.20 21.97
C TYR GA 169 71.84 -39.92 22.64
N VAL GA 170 71.87 -39.94 23.96
CA VAL GA 170 71.48 -38.79 24.78
C VAL GA 170 72.60 -38.49 25.77
N PRO GA 171 73.45 -37.50 25.53
CA PRO GA 171 74.53 -37.19 26.49
C PRO GA 171 73.95 -36.92 27.87
N LEU GA 172 74.38 -37.72 28.85
CA LEU GA 172 73.79 -37.65 30.17
C LEU GA 172 74.27 -36.44 30.97
N SER GA 173 75.42 -35.88 30.63
CA SER GA 173 75.91 -34.71 31.36
C SER GA 173 75.19 -33.43 30.96
N ARG GA 174 74.54 -33.40 29.80
CA ARG GA 174 73.82 -32.23 29.31
C ARG GA 174 72.33 -32.38 29.58
N ARG GA 175 71.97 -32.16 30.85
CA ARG GA 175 70.60 -32.40 31.31
C ARG GA 175 70.34 -31.52 32.52
N GLU GA 176 69.15 -30.91 32.56
CA GLU GA 176 68.81 -30.00 33.64
C GLU GA 176 67.30 -29.96 33.81
N VAL GA 177 66.88 -29.58 35.00
CA VAL GA 177 65.47 -29.38 35.34
C VAL GA 177 65.31 -27.99 35.95
N ASN GA 178 64.33 -27.25 35.47
CA ASN GA 178 64.04 -25.90 35.95
C ASN GA 178 62.94 -25.97 36.99
N LYS GA 179 63.22 -25.50 38.19
CA LYS GA 179 62.25 -25.55 39.28
C LYS GA 179 61.26 -24.41 39.26
N GLN GA 180 61.51 -23.35 38.47
CA GLN GA 180 60.56 -22.25 38.40
C GLN GA 180 59.36 -22.61 37.53
N THR GA 181 59.56 -23.40 36.47
CA THR GA 181 58.48 -23.78 35.58
C THR GA 181 58.30 -25.29 35.47
N GLN GA 182 59.10 -26.07 36.21
CA GLN GA 182 58.96 -27.53 36.21
C GLN GA 182 59.08 -28.09 34.80
N ALA GA 183 60.23 -27.83 34.17
CA ALA GA 183 60.49 -28.27 32.81
C ALA GA 183 61.82 -29.01 32.77
N LEU GA 184 61.90 -30.02 31.91
CA LEU GA 184 63.09 -30.85 31.77
C LEU GA 184 63.70 -30.63 30.39
N ARG GA 185 65.03 -30.57 30.34
CA ARG GA 185 65.77 -30.37 29.09
C ARG GA 185 66.78 -31.49 28.91
N PHE GA 186 66.89 -31.97 27.67
CA PHE GA 186 67.94 -32.91 27.30
C PHE GA 186 68.21 -32.75 25.81
N VAL GA 187 69.35 -33.27 25.37
CA VAL GA 187 69.85 -33.02 24.02
C VAL GA 187 69.90 -34.35 23.29
N LEU GA 188 68.91 -34.59 22.44
CA LEU GA 188 68.93 -35.76 21.57
C LEU GA 188 69.93 -35.55 20.44
N GLY GA 189 70.62 -36.62 20.05
CA GLY GA 189 71.59 -36.55 18.98
C GLY GA 189 71.58 -37.78 18.09
N VAL GA 190 71.86 -37.60 16.81
CA VAL GA 190 71.83 -38.68 15.83
C VAL GA 190 73.17 -38.76 15.13
N SER GA 191 73.71 -39.98 15.03
CA SER GA 191 74.98 -40.17 14.36
C SER GA 191 74.80 -40.10 12.84
N PRO GA 192 75.86 -39.76 12.10
CA PRO GA 192 75.74 -39.72 10.63
C PRO GA 192 75.44 -41.07 10.03
N ALA GA 193 75.72 -42.14 10.77
CA ALA GA 193 75.54 -43.50 10.26
C ALA GA 193 74.11 -44.00 10.35
N ALA GA 194 73.21 -43.25 10.99
CA ALA GA 194 71.83 -43.68 11.08
C ALA GA 194 71.22 -43.82 9.69
N LYS GA 195 70.43 -44.87 9.49
CA LYS GA 195 69.84 -45.14 8.19
C LYS GA 195 68.41 -44.62 8.15
N PRO GA 196 68.00 -43.94 7.07
CA PRO GA 196 66.64 -43.41 7.04
C PRO GA 196 65.59 -44.51 7.10
N ALA GA 197 64.40 -44.14 7.57
CA ALA GA 197 63.24 -45.01 7.75
C ALA GA 197 63.33 -45.90 8.98
N ASP GA 198 64.43 -45.88 9.72
CA ASP GA 198 64.50 -46.62 10.97
C ASP GA 198 63.71 -45.91 12.05
N ILE GA 199 63.36 -46.66 13.09
CA ILE GA 199 62.56 -46.15 14.20
C ILE GA 199 63.14 -46.67 15.51
N TYR GA 200 63.27 -45.79 16.50
CA TYR GA 200 63.69 -46.16 17.84
C TYR GA 200 62.68 -45.62 18.85
N ARG GA 201 62.69 -46.21 20.04
CA ARG GA 201 61.80 -45.82 21.12
C ARG GA 201 62.62 -45.38 22.33
N LEU GA 202 62.20 -44.28 22.95
CA LEU GA 202 62.88 -43.70 24.10
C LEU GA 202 61.90 -43.61 25.25
N ASN GA 203 62.31 -44.11 26.42
CA ASN GA 203 61.50 -44.06 27.63
C ASN GA 203 62.14 -43.13 28.65
N ILE GA 204 61.30 -42.43 29.41
CA ILE GA 204 61.74 -41.50 30.44
C ILE GA 204 60.95 -41.78 31.71
N ARG GA 205 61.66 -41.80 32.84
CA ARG GA 205 61.05 -42.01 34.15
C ARG GA 205 61.52 -40.92 35.08
N GLN GA 206 60.66 -39.92 35.31
CA GLN GA 206 61.01 -38.75 36.09
C GLN GA 206 60.47 -38.89 37.50
N ALA GA 207 61.18 -38.29 38.45
CA ALA GA 207 60.85 -38.39 39.87
C ALA GA 207 60.51 -37.02 40.43
N ALA GA 208 59.57 -37.00 41.38
CA ALA GA 208 59.22 -35.80 42.12
C ALA GA 208 59.05 -36.17 43.58
N ILE GA 209 59.16 -35.18 44.45
CA ILE GA 209 59.16 -35.41 45.89
C ILE GA 209 58.09 -34.57 46.56
N ASP GA 210 57.59 -35.05 47.69
CA ASP GA 210 56.72 -34.28 48.55
C ASP GA 210 57.57 -33.49 49.55
N CYS GA 211 56.91 -32.91 50.56
CA CYS GA 211 57.60 -32.04 51.50
C CYS GA 211 58.65 -32.77 52.32
N GLU GA 212 58.41 -34.02 52.72
CA GLU GA 212 59.32 -34.74 53.60
C GLU GA 212 60.37 -35.54 52.84
N GLY GA 213 60.40 -35.49 51.52
CA GLY GA 213 61.39 -36.19 50.74
C GLY GA 213 60.94 -37.49 50.10
N ASN GA 214 59.73 -37.94 50.37
CA ASN GA 214 59.20 -39.12 49.71
C ASN GA 214 58.97 -38.83 48.24
N GLU GA 215 59.02 -39.88 47.43
CA GLU GA 215 59.11 -39.74 45.98
C GLU GA 215 57.84 -40.16 45.27
N TYR GA 216 57.54 -39.46 44.17
CA TYR GA 216 56.57 -39.87 43.18
C TYR GA 216 57.30 -40.14 41.86
N PHE GA 217 56.64 -40.83 40.94
CA PHE GA 217 57.25 -41.18 39.68
C PHE GA 217 56.26 -41.03 38.53
N HIS GA 218 56.78 -40.80 37.33
CA HIS GA 218 55.99 -40.63 36.13
C HIS GA 218 56.76 -41.21 34.94
N ILE GA 219 56.05 -41.94 34.08
CA ILE GA 219 56.67 -42.68 32.99
C ILE GA 219 56.03 -42.22 31.68
N SER GA 220 56.86 -42.03 30.66
CA SER GA 220 56.41 -41.67 29.33
C SER GA 220 57.38 -42.22 28.30
N CYS GA 221 56.97 -42.24 27.04
CA CYS GA 221 57.80 -42.81 25.98
C CYS GA 221 57.59 -42.02 24.70
N TYR GA 222 58.59 -42.07 23.82
CA TYR GA 222 58.57 -41.35 22.56
C TYR GA 222 59.14 -42.23 21.46
N ASP GA 223 58.67 -42.01 20.23
CA ASP GA 223 59.13 -42.75 19.06
C ASP GA 223 59.94 -41.83 18.17
N ILE GA 224 61.15 -42.25 17.82
CA ILE GA 224 62.08 -41.45 17.02
C ILE GA 224 62.26 -42.15 15.67
N SER GA 225 61.92 -41.45 14.60
CA SER GA 225 62.00 -41.99 13.25
C SER GA 225 62.99 -41.15 12.43
N ILE GA 226 63.94 -41.81 11.79
CA ILE GA 226 64.98 -41.10 11.04
C ILE GA 226 64.37 -40.54 9.76
N GLY GA 227 64.63 -39.25 9.51
CA GLY GA 227 64.14 -38.58 8.33
C GLY GA 227 65.21 -38.43 7.26
N SER GA 228 65.05 -37.42 6.42
CA SER GA 228 65.98 -37.15 5.34
C SER GA 228 65.65 -35.79 4.73
N CYS GA 229 66.38 -35.43 3.69
CA CYS GA 229 66.16 -34.17 3.00
C CYS GA 229 65.04 -34.31 1.97
N GLY GA 230 64.82 -33.25 1.21
CA GLY GA 230 63.81 -33.24 0.19
C GLY GA 230 63.61 -31.87 -0.44
N CYS HA 23 57.23 -23.47 56.60
CA CYS HA 23 58.59 -23.70 56.11
C CYS HA 23 59.02 -22.60 55.15
N GLU HA 24 59.58 -21.52 55.69
CA GLU HA 24 60.07 -20.44 54.85
C GLU HA 24 61.24 -20.91 54.00
N SER HA 25 61.40 -20.30 52.84
CA SER HA 25 62.36 -20.74 51.84
C SER HA 25 63.58 -19.83 51.80
N ILE HA 26 64.76 -20.43 51.75
CA ILE HA 26 66.02 -19.72 51.58
C ILE HA 26 66.73 -20.33 50.37
N SER HA 27 67.46 -19.49 49.65
CA SER HA 27 68.24 -19.91 48.50
C SER HA 27 69.72 -19.63 48.76
N ALA HA 28 70.58 -20.56 48.36
CA ALA HA 28 72.00 -20.42 48.58
C ALA HA 28 72.75 -20.95 47.37
N ARG HA 29 73.99 -20.47 47.21
CA ARG HA 29 74.85 -20.84 46.12
C ARG HA 29 76.13 -21.47 46.67
N PRO HA 30 76.65 -22.53 46.04
CA PRO HA 30 77.86 -23.15 46.58
C PRO HA 30 79.00 -22.13 46.73
N GLY HA 31 79.66 -22.18 47.88
CA GLY HA 31 80.78 -21.30 48.15
C GLY HA 31 80.42 -19.97 48.77
N GLU HA 32 79.14 -19.65 48.90
CA GLU HA 32 78.72 -18.37 49.46
C GLU HA 32 78.56 -18.49 50.98
N VAL HA 33 78.81 -17.37 51.66
CA VAL HA 33 78.56 -17.26 53.09
C VAL HA 33 77.74 -15.99 53.31
N ASN HA 34 76.59 -16.13 53.96
CA ASN HA 34 75.62 -15.05 54.05
C ASN HA 34 75.03 -15.00 55.45
N GLY HA 35 74.46 -13.85 55.78
CA GLY HA 35 73.84 -13.63 57.08
C GLY HA 35 72.33 -13.68 57.00
N VAL HA 36 71.71 -14.04 58.12
CA VAL HA 36 70.27 -14.17 58.23
C VAL HA 36 69.82 -13.52 59.53
N MET HA 37 68.69 -12.82 59.48
CA MET HA 37 68.13 -12.16 60.65
C MET HA 37 66.65 -12.52 60.78
N VAL HA 38 66.21 -12.77 62.01
CA VAL HA 38 64.83 -13.09 62.31
C VAL HA 38 64.38 -12.24 63.50
N SER HA 39 63.16 -11.71 63.41
CA SER HA 39 62.63 -10.80 64.40
C SER HA 39 61.58 -11.50 65.25
N TYR HA 40 61.67 -11.36 66.57
CA TYR HA 40 60.76 -11.99 67.51
C TYR HA 40 59.88 -11.00 68.25
N VAL HA 41 59.82 -9.74 67.81
CA VAL HA 41 59.07 -8.74 68.56
C VAL HA 41 57.59 -9.12 68.65
N ALA HA 42 57.03 -9.69 67.58
CA ALA HA 42 55.61 -9.98 67.58
C ALA HA 42 55.24 -11.05 68.59
N TRP HA 43 56.20 -11.88 69.01
CA TRP HA 43 55.93 -13.01 69.90
C TRP HA 43 56.32 -12.74 71.35
N SER HA 44 57.44 -12.07 71.58
CA SER HA 44 57.94 -11.86 72.94
C SER HA 44 57.48 -10.55 73.54
N ALA HA 45 57.04 -9.60 72.73
CA ALA HA 45 56.64 -8.30 73.26
C ALA HA 45 55.48 -8.40 74.25
N PRO HA 46 54.38 -9.07 73.94
CA PRO HA 46 53.25 -9.11 74.89
C PRO HA 46 53.52 -9.93 76.14
N LEU HA 47 54.52 -10.81 76.14
CA LEU HA 47 54.79 -11.62 77.31
C LEU HA 47 55.38 -10.81 78.45
N GLY HA 48 56.05 -9.70 78.16
CA GLY HA 48 56.67 -8.90 79.19
C GLY HA 48 58.03 -9.46 79.61
N GLY HA 49 58.68 -8.74 80.52
CA GLY HA 49 59.98 -9.17 80.99
C GLY HA 49 61.09 -8.76 80.03
N HIS HA 50 62.18 -9.53 80.10
CA HIS HA 50 63.36 -9.24 79.29
C HIS HA 50 63.26 -9.78 77.86
N GLY HA 51 62.31 -10.66 77.59
CA GLY HA 51 62.16 -11.18 76.24
C GLY HA 51 63.08 -12.36 76.02
N LEU HA 52 63.89 -12.27 74.97
CA LEU HA 52 64.77 -13.38 74.61
C LEU HA 52 65.81 -13.61 75.69
N THR HA 53 66.25 -14.86 75.82
CA THR HA 53 67.16 -15.26 76.89
C THR HA 53 68.42 -15.94 76.39
N ASN HA 54 68.67 -15.93 75.08
CA ASN HA 54 69.93 -16.44 74.53
C ASN HA 54 70.14 -17.92 74.87
N LYS HA 55 69.21 -18.76 74.40
CA LYS HA 55 69.33 -20.21 74.56
C LYS HA 55 68.93 -20.91 73.26
N THR HA 56 69.34 -20.36 72.12
CA THR HA 56 68.95 -20.93 70.84
C THR HA 56 69.60 -22.28 70.61
N THR HA 57 68.91 -23.16 69.91
CA THR HA 57 69.40 -24.48 69.54
C THR HA 57 69.12 -24.70 68.06
N PHE HA 58 70.12 -25.23 67.34
CA PHE HA 58 70.03 -25.44 65.90
C PHE HA 58 70.12 -26.93 65.59
N GLU HA 59 69.33 -27.37 64.62
CA GLU HA 59 69.33 -28.75 64.16
C GLU HA 59 69.12 -28.77 62.66
N PHE HA 60 69.85 -29.66 61.98
CA PHE HA 60 69.78 -29.79 60.53
C PHE HA 60 69.26 -31.18 60.16
N GLU HA 61 68.42 -31.23 59.12
CA GLU HA 61 67.87 -32.47 58.61
C GLU HA 61 68.04 -32.51 57.09
N ASN HA 62 68.14 -33.72 56.56
CA ASN HA 62 68.32 -33.92 55.12
C ASN HA 62 66.99 -34.36 54.51
N VAL HA 63 66.51 -33.62 53.53
CA VAL HA 63 65.30 -34.00 52.81
C VAL HA 63 65.63 -34.61 51.46
N SER HA 64 66.66 -34.08 50.77
CA SER HA 64 67.09 -34.62 49.49
C SER HA 64 68.56 -34.28 49.30
N VAL HA 65 69.44 -35.25 49.54
CA VAL HA 65 70.88 -35.06 49.42
C VAL HA 65 71.43 -36.14 48.52
N THR HA 66 72.31 -35.75 47.60
CA THR HA 66 72.95 -36.70 46.70
C THR HA 66 74.25 -37.19 47.32
N GLU HA 67 74.44 -38.51 47.31
CA GLU HA 67 75.63 -39.08 47.91
C GLU HA 67 76.88 -38.59 47.18
N PRO HA 68 77.92 -38.17 47.90
CA PRO HA 68 79.15 -37.73 47.23
C PRO HA 68 79.86 -38.91 46.56
N LEU HA 69 80.44 -38.64 45.40
CA LEU HA 69 81.13 -39.66 44.63
C LEU HA 69 82.65 -39.63 44.82
N VAL HA 70 83.16 -38.77 45.70
CA VAL HA 70 84.57 -38.72 46.01
C VAL HA 70 84.75 -38.67 47.52
N ASN HA 71 85.95 -39.00 47.97
CA ASN HA 71 86.26 -39.11 49.39
C ASN HA 71 87.24 -38.02 49.79
N SER HA 72 86.94 -37.34 50.90
CA SER HA 72 87.90 -36.40 51.47
C SER HA 72 89.05 -37.16 52.12
N ALA HA 73 90.10 -36.44 52.47
CA ALA HA 73 91.28 -37.04 53.07
C ALA HA 73 91.96 -36.03 53.99
N PHE HA 74 92.80 -36.57 54.89
CA PHE HA 74 93.53 -35.77 55.85
C PHE HA 74 94.94 -36.33 55.99
N GLU HA 75 95.93 -35.45 56.07
CA GLU HA 75 97.32 -35.85 56.15
C GLU HA 75 98.10 -34.83 56.96
N ARG HA 76 99.27 -35.26 57.44
CA ARG HA 76 100.10 -34.45 58.32
C ARG HA 76 101.45 -34.19 57.67
N THR HA 77 102.15 -33.18 58.19
CA THR HA 77 103.47 -32.82 57.72
C THR HA 77 104.32 -32.36 58.90
N PRO HA 78 105.63 -32.56 58.85
CA PRO HA 78 106.50 -31.94 59.86
C PRO HA 78 106.71 -30.46 59.58
N PHE HA 79 107.36 -29.79 60.54
CA PHE HA 79 107.61 -28.37 60.42
C PHE HA 79 108.48 -28.07 59.21
N ASN HA 80 108.06 -27.08 58.42
CA ASN HA 80 108.81 -26.65 57.23
C ASN HA 80 109.14 -27.80 56.30
N THR HA 81 108.20 -28.70 56.08
CA THR HA 81 108.41 -29.86 55.21
C THR HA 81 107.42 -29.82 54.04
N THR HA 82 107.95 -29.87 52.83
CA THR HA 82 107.08 -29.97 51.65
C THR HA 82 106.37 -31.32 51.64
N LEU HA 83 105.14 -31.32 51.16
CA LEU HA 83 104.32 -32.52 51.13
C LEU HA 83 104.02 -32.93 49.70
N ALA HA 84 103.98 -34.24 49.47
CA ALA HA 84 103.62 -34.80 48.17
C ALA HA 84 102.57 -35.87 48.38
N GLY HA 85 101.67 -35.99 47.41
CA GLY HA 85 100.59 -36.94 47.52
C GLY HA 85 99.98 -37.25 46.18
N SER HA 86 98.82 -37.92 46.21
CA SER HA 86 98.13 -38.30 44.99
C SER HA 86 96.64 -38.21 45.21
N LEU HA 87 95.92 -37.76 44.18
CA LEU HA 87 94.47 -37.68 44.22
C LEU HA 87 93.79 -38.92 43.66
N ALA HA 88 94.56 -39.89 43.15
CA ALA HA 88 93.96 -41.04 42.49
C ALA HA 88 93.14 -41.87 43.48
N ALA HA 89 93.64 -42.07 44.70
CA ALA HA 89 93.00 -42.96 45.65
C ALA HA 89 91.67 -42.42 46.17
N LEU HA 90 91.34 -41.16 45.90
CA LEU HA 90 90.15 -40.54 46.46
C LEU HA 90 88.93 -40.65 45.56
N PHE HA 91 89.02 -41.36 44.43
CA PHE HA 91 87.92 -41.51 43.49
C PHE HA 91 87.66 -43.00 43.27
N PRO HA 92 86.83 -43.63 44.12
CA PRO HA 92 86.55 -45.07 43.99
C PRO HA 92 85.53 -45.39 42.91
N ASN HA 93 85.85 -45.03 41.66
CA ASN HA 93 84.96 -45.34 40.57
C ASN HA 93 84.92 -46.86 40.34
N PRO HA 94 83.76 -47.40 39.95
CA PRO HA 94 83.68 -48.84 39.68
C PRO HA 94 84.07 -49.23 38.27
N GLU HA 95 84.52 -48.28 37.44
CA GLU HA 95 84.83 -48.52 36.05
C GLU HA 95 86.20 -47.97 35.72
N GLY HA 96 86.78 -48.48 34.64
CA GLY HA 96 88.06 -48.00 34.17
C GLY HA 96 87.92 -46.82 33.22
N GLU HA 97 86.94 -45.97 33.48
CA GLU HA 97 86.70 -44.81 32.62
C GLU HA 97 87.82 -43.79 32.78
N ALA HA 98 88.03 -43.01 31.72
CA ALA HA 98 89.06 -41.98 31.75
C ALA HA 98 88.75 -40.94 32.81
N VAL HA 99 89.80 -40.42 33.43
CA VAL HA 99 89.67 -39.46 34.52
C VAL HA 99 90.56 -38.26 34.24
N GLU HA 100 90.20 -37.13 34.83
CA GLU HA 100 91.00 -35.91 34.73
C GLU HA 100 90.87 -35.15 36.04
N TYR HA 101 91.95 -34.48 36.43
CA TYR HA 101 92.05 -33.82 37.72
C TYR HA 101 92.15 -32.32 37.52
N GLU HA 102 91.72 -31.58 38.54
CA GLU HA 102 91.73 -30.12 38.48
C GLU HA 102 91.74 -29.57 39.90
N ILE HA 103 92.17 -28.31 40.02
CA ILE HA 103 92.20 -27.59 41.29
C ILE HA 103 91.27 -26.39 41.18
N LEU HA 104 90.39 -26.23 42.16
CA LEU HA 104 89.47 -25.10 42.18
C LEU HA 104 90.27 -23.85 42.58
N GLU HA 105 90.52 -22.98 41.60
CA GLU HA 105 91.39 -21.83 41.84
C GLU HA 105 90.72 -20.75 42.68
N LEU HA 106 89.39 -20.72 42.72
CA LEU HA 106 88.71 -19.73 43.55
C LEU HA 106 88.93 -19.98 45.03
N TYR HA 107 89.52 -21.12 45.40
CA TYR HA 107 89.63 -21.53 46.80
C TYR HA 107 91.08 -21.83 47.14
N PRO HA 108 91.96 -20.84 47.01
CA PRO HA 108 93.38 -21.08 47.25
C PRO HA 108 93.64 -21.32 48.73
N PRO HA 109 94.68 -22.06 49.07
CA PRO HA 109 95.03 -22.24 50.49
C PRO HA 109 95.51 -20.93 51.09
N VAL HA 110 95.33 -20.83 52.40
CA VAL HA 110 95.62 -19.57 53.10
C VAL HA 110 97.10 -19.46 53.43
N ASN HA 111 97.73 -20.53 53.90
CA ASN HA 111 99.10 -20.49 54.39
C ASN HA 111 100.03 -21.37 53.56
N GLY HA 112 99.77 -21.54 52.27
CA GLY HA 112 100.62 -22.35 51.44
C GLY HA 112 100.32 -22.16 49.97
N ILE HA 113 101.00 -22.95 49.15
CA ILE HA 113 100.78 -22.97 47.70
C ILE HA 113 100.74 -24.42 47.24
N VAL HA 114 99.74 -24.75 46.43
CA VAL HA 114 99.62 -26.09 45.88
C VAL HA 114 100.15 -26.10 44.46
N GLU HA 115 100.43 -27.30 43.95
CA GLU HA 115 100.90 -27.47 42.58
C GLU HA 115 100.42 -28.83 42.10
N LEU HA 116 99.74 -28.85 40.95
CA LEU HA 116 99.16 -30.07 40.41
C LEU HA 116 100.06 -30.60 39.30
N GLY HA 117 100.39 -31.88 39.39
CA GLY HA 117 101.24 -32.55 38.42
C GLY HA 117 100.46 -33.37 37.43
N GLU HA 118 100.96 -34.56 37.13
CA GLU HA 118 100.33 -35.47 36.19
C GLU HA 118 99.69 -36.63 36.93
N ASN HA 119 98.54 -37.07 36.44
CA ASN HA 119 97.83 -38.23 36.98
C ASN HA 119 97.54 -38.06 38.47
N GLY HA 120 97.13 -36.84 38.84
CA GLY HA 120 96.68 -36.57 40.19
C GLY HA 120 97.79 -36.31 41.19
N ALA HA 121 99.05 -36.31 40.78
CA ALA HA 121 100.13 -35.98 41.70
C ALA HA 121 100.14 -34.48 41.98
N PHE HA 122 100.41 -34.13 43.24
CA PHE HA 122 100.38 -32.74 43.66
C PHE HA 122 101.42 -32.52 44.75
N THR HA 123 101.74 -31.24 44.96
CA THR HA 123 102.74 -30.83 45.94
C THR HA 123 102.20 -29.67 46.75
N TYR HA 124 102.48 -29.68 48.05
CA TYR HA 124 102.08 -28.60 48.96
C TYR HA 124 103.33 -28.06 49.63
N ARG HA 125 103.46 -26.73 49.66
CA ARG HA 125 104.66 -26.06 50.17
C ARG HA 125 104.24 -25.05 51.22
N PRO HA 126 104.21 -25.44 52.50
CA PRO HA 126 103.73 -24.51 53.53
C PRO HA 126 104.64 -23.30 53.68
N ALA HA 127 104.04 -22.20 54.08
CA ALA HA 127 104.79 -20.97 54.31
C ALA HA 127 105.69 -21.11 55.54
N THR HA 128 106.77 -20.34 55.56
CA THR HA 128 107.75 -20.45 56.63
C THR HA 128 107.12 -20.08 57.97
N SER HA 129 107.45 -20.85 59.00
CA SER HA 129 107.04 -20.58 60.38
C SER HA 129 105.53 -20.73 60.57
N PHE HA 130 104.86 -21.43 59.67
CA PHE HA 130 103.43 -21.64 59.81
C PHE HA 130 103.15 -22.95 60.55
N THR HA 131 102.11 -22.93 61.38
CA THR HA 131 101.68 -24.12 62.12
C THR HA 131 100.19 -24.03 62.32
N GLY HA 132 99.45 -25.03 61.84
CA GLY HA 132 98.01 -25.04 61.97
C GLY HA 132 97.39 -25.95 60.93
N ILE HA 133 96.16 -25.61 60.56
CA ILE HA 133 95.37 -26.40 59.62
C ILE HA 133 95.16 -25.58 58.35
N ASP HA 134 95.32 -26.23 57.20
CA ASP HA 134 95.13 -25.60 55.91
C ASP HA 134 94.28 -26.50 55.03
N ARG HA 135 93.67 -25.91 54.01
CA ARG HA 135 92.72 -26.63 53.16
C ARG HA 135 92.92 -26.21 51.71
N PHE HA 136 92.49 -27.09 50.81
CA PHE HA 136 92.29 -26.75 49.41
C PHE HA 136 91.30 -27.75 48.82
N TRP HA 137 90.60 -27.31 47.77
CA TRP HA 137 89.53 -28.08 47.16
C TRP HA 137 89.95 -28.53 45.77
N PHE HA 138 89.60 -29.76 45.42
CA PHE HA 138 89.97 -30.37 44.15
C PHE HA 138 88.75 -30.97 43.49
N SER HA 139 88.80 -31.03 42.16
CA SER HA 139 87.72 -31.58 41.36
C SER HA 139 88.25 -32.74 40.53
N ILE HA 140 87.58 -33.89 40.64
CA ILE HA 140 87.93 -35.10 39.88
C ILE HA 140 86.76 -35.42 38.97
N ASN HA 141 86.99 -35.31 37.66
CA ASN HA 141 85.98 -35.66 36.66
C ASN HA 141 84.66 -34.97 36.93
N GLY HA 142 84.72 -33.77 37.51
CA GLY HA 142 83.53 -32.99 37.81
C GLY HA 142 83.01 -33.13 39.23
N ASN HA 143 83.64 -33.94 40.07
CA ASN HA 143 83.19 -34.15 41.44
C ASN HA 143 84.13 -33.42 42.39
N VAL HA 144 83.55 -32.68 43.34
CA VAL HA 144 84.31 -31.82 44.24
C VAL HA 144 84.58 -32.57 45.54
N GLY HA 145 85.68 -32.23 46.19
CA GLY HA 145 86.04 -32.84 47.46
C GLY HA 145 86.92 -31.92 48.27
N GLU HA 146 87.16 -32.33 49.51
CA GLU HA 146 87.93 -31.54 50.46
C GLU HA 146 89.19 -32.30 50.85
N PHE HA 147 90.30 -31.58 51.00
CA PHE HA 147 91.58 -32.17 51.38
C PHE HA 147 92.18 -31.28 52.46
N VAL HA 148 92.56 -31.86 53.59
CA VAL HA 148 92.94 -31.12 54.79
C VAL HA 148 94.39 -31.42 55.12
N ILE HA 149 95.16 -30.38 55.45
CA ILE HA 149 96.56 -30.49 55.83
C ILE HA 149 96.73 -29.90 57.23
N ALA HA 150 97.42 -30.64 58.09
CA ALA HA 150 97.82 -30.16 59.40
C ALA HA 150 99.34 -30.09 59.45
N VAL HA 151 99.86 -28.91 59.78
CA VAL HA 151 101.31 -28.67 59.83
C VAL HA 151 101.74 -28.75 61.29
N ASP HA 152 102.57 -29.74 61.60
CA ASP HA 152 102.99 -29.94 62.97
C ASP HA 152 104.03 -28.89 63.37
N PRO HA 153 104.10 -28.53 64.64
CA PRO HA 153 105.11 -27.57 65.08
C PRO HA 153 106.49 -28.22 65.11
N ALA HA 154 107.51 -27.35 65.23
CA ALA HA 154 108.88 -27.86 65.33
C ALA HA 154 109.06 -28.73 66.57
N GLN HA 155 108.52 -28.30 67.71
CA GLN HA 155 108.57 -29.09 68.93
C GLN HA 155 107.18 -29.11 69.56
N GLY HA 156 106.82 -30.24 70.14
CA GLY HA 156 105.52 -30.40 70.77
C GLY HA 156 104.74 -31.56 70.21
N PRO HA 157 103.54 -31.78 70.74
CA PRO HA 157 102.74 -32.94 70.32
C PRO HA 157 102.08 -32.72 68.98
N GLN HA 158 101.53 -33.81 68.45
CA GLN HA 158 100.84 -33.76 67.16
C GLN HA 158 99.55 -32.95 67.27
N ILE HA 159 99.15 -32.34 66.15
CA ILE HA 159 97.91 -31.58 66.11
C ILE HA 159 96.76 -32.51 65.81
N ALA HA 160 95.64 -32.31 66.51
CA ALA HA 160 94.48 -33.18 66.35
C ALA HA 160 93.86 -33.02 64.97
N GLN HA 161 93.29 -34.10 64.47
CA GLN HA 161 92.61 -34.06 63.18
C GLN HA 161 91.25 -33.36 63.32
N PRO HA 162 90.97 -32.32 62.55
CA PRO HA 162 89.69 -31.63 62.69
C PRO HA 162 88.62 -32.29 61.84
N PRO HA 163 87.35 -32.08 62.17
CA PRO HA 163 86.28 -32.66 61.35
C PRO HA 163 86.18 -32.00 59.99
N PHE HA 164 85.63 -32.73 59.04
CA PHE HA 164 85.48 -32.22 57.69
C PHE HA 164 84.36 -31.18 57.63
N THR HA 165 84.37 -30.39 56.56
CA THR HA 165 83.40 -29.31 56.42
C THR HA 165 82.07 -29.85 55.92
N PRO HA 166 80.96 -29.65 56.64
CA PRO HA 166 79.66 -30.12 56.15
C PRO HA 166 79.25 -29.38 54.89
N ALA HA 167 78.21 -29.89 54.24
CA ALA HA 167 77.67 -29.23 53.05
C ALA HA 167 77.14 -27.84 53.39
N VAL HA 168 76.41 -27.73 54.50
CA VAL HA 168 75.95 -26.45 55.01
C VAL HA 168 76.10 -26.47 56.53
N TYR HA 169 76.53 -25.34 57.09
CA TYR HA 169 76.84 -25.28 58.51
C TYR HA 169 76.57 -23.88 59.02
N VAL HA 170 76.39 -23.79 60.35
CA VAL HA 170 76.14 -22.53 61.02
C VAL HA 170 77.16 -22.36 62.15
N PRO HA 171 78.20 -21.56 61.98
CA PRO HA 171 79.14 -21.33 63.09
C PRO HA 171 78.46 -20.63 64.26
N LEU HA 172 78.33 -21.34 65.38
CA LEU HA 172 77.55 -20.82 66.50
C LEU HA 172 78.24 -19.67 67.22
N SER HA 173 79.55 -19.48 67.00
CA SER HA 173 80.27 -18.44 67.72
C SER HA 173 79.67 -17.06 67.45
N ARG HA 174 79.19 -16.82 66.23
CA ARG HA 174 78.73 -15.49 65.84
C ARG HA 174 77.26 -15.24 66.16
N ARG HA 175 76.55 -16.23 66.69
CA ARG HA 175 75.15 -16.03 67.03
C ARG HA 175 75.02 -14.97 68.11
N GLU HA 176 74.10 -14.03 67.90
CA GLU HA 176 73.87 -12.95 68.86
C GLU HA 176 72.38 -12.60 68.85
N VAL HA 177 71.92 -12.07 69.97
CA VAL HA 177 70.54 -11.61 70.13
C VAL HA 177 70.58 -10.15 70.53
N ASN HA 178 69.90 -9.31 69.74
CA ASN HA 178 69.81 -7.88 70.03
C ASN HA 178 68.67 -7.66 71.01
N LYS HA 179 68.98 -7.83 72.30
CA LYS HA 179 67.96 -7.74 73.33
C LYS HA 179 67.25 -6.40 73.32
N GLN HA 180 67.89 -5.34 72.82
CA GLN HA 180 67.24 -4.04 72.76
C GLN HA 180 66.11 -4.00 71.74
N THR HA 181 66.09 -4.91 70.78
CA THR HA 181 65.06 -4.91 69.75
C THR HA 181 64.53 -6.30 69.44
N GLN HA 182 64.88 -7.30 70.24
CA GLN HA 182 64.33 -8.65 70.10
C GLN HA 182 64.55 -9.19 68.69
N ALA HA 183 65.82 -9.36 68.32
CA ALA HA 183 66.18 -9.92 67.02
C ALA HA 183 67.33 -10.91 67.21
N LEU HA 184 67.43 -11.85 66.28
CA LEU HA 184 68.46 -12.88 66.30
C LEU HA 184 69.19 -12.88 64.97
N ARG HA 185 70.52 -12.98 65.02
CA ARG HA 185 71.36 -13.02 63.84
C ARG HA 185 72.34 -14.19 63.92
N PHE HA 186 72.51 -14.86 62.79
CA PHE HA 186 73.50 -15.94 62.69
C PHE HA 186 74.04 -15.96 61.26
N VAL HA 187 75.03 -16.82 61.05
CA VAL HA 187 75.76 -16.88 59.79
C VAL HA 187 75.51 -18.24 59.15
N LEU HA 188 75.14 -18.23 57.87
CA LEU HA 188 74.88 -19.44 57.11
C LEU HA 188 75.96 -19.59 56.04
N GLY HA 189 76.68 -20.70 56.07
CA GLY HA 189 77.77 -20.95 55.15
C GLY HA 189 77.57 -22.22 54.37
N VAL HA 190 77.92 -22.19 53.09
CA VAL HA 190 77.76 -23.32 52.19
C VAL HA 190 79.14 -23.71 51.67
N SER HA 191 79.48 -24.98 51.82
CA SER HA 191 80.77 -25.46 51.33
C SER HA 191 80.73 -25.56 49.81
N PRO HA 192 81.87 -25.40 49.13
CA PRO HA 192 81.87 -25.51 47.66
C PRO HA 192 81.46 -26.89 47.16
N ALA HA 193 81.53 -27.92 48.00
CA ALA HA 193 81.21 -29.28 47.58
C ALA HA 193 79.71 -29.53 47.45
N ALA HA 194 78.87 -28.63 47.95
CA ALA HA 194 77.43 -28.83 47.85
C ALA HA 194 77.01 -28.95 46.40
N LYS HA 195 76.14 -29.92 46.11
CA LYS HA 195 75.68 -30.15 44.75
C LYS HA 195 74.34 -29.45 44.54
N PRO HA 196 74.16 -28.71 43.45
CA PRO HA 196 72.92 -27.95 43.27
C PRO HA 196 71.71 -28.88 43.17
N ALA HA 197 70.54 -28.29 43.41
CA ALA HA 197 69.26 -28.98 43.32
C ALA HA 197 68.97 -29.79 44.58
N ASP HA 198 69.89 -29.78 45.54
CA ASP HA 198 69.64 -30.43 46.82
C ASP HA 198 68.97 -29.46 47.79
N ILE HA 199 68.34 -30.02 48.81
CA ILE HA 199 67.54 -29.24 49.76
C ILE HA 199 67.88 -29.70 51.17
N TYR HA 200 68.01 -28.74 52.09
CA TYR HA 200 68.26 -29.01 53.49
C TYR HA 200 67.26 -28.24 54.34
N ARG HA 201 67.00 -28.76 55.54
CA ARG HA 201 66.05 -28.16 56.48
C ARG HA 201 66.76 -27.80 57.77
N LEU HA 202 66.44 -26.63 58.32
CA LEU HA 202 67.03 -26.12 59.55
C LEU HA 202 65.93 -25.85 60.55
N ASN HA 203 66.12 -26.28 61.80
CA ASN HA 203 65.17 -26.08 62.88
C ASN HA 203 65.79 -25.21 63.96
N ILE HA 204 65.03 -24.23 64.44
CA ILE HA 204 65.51 -23.28 65.44
C ILE HA 204 64.52 -23.28 66.60
N ARG HA 205 65.03 -23.43 67.82
CA ARG HA 205 64.22 -23.39 69.03
C ARG HA 205 64.75 -22.29 69.93
N GLN HA 206 63.97 -21.23 70.10
CA GLN HA 206 64.38 -20.05 70.83
C GLN HA 206 63.62 -19.97 72.15
N ALA HA 207 64.28 -19.41 73.17
CA ALA HA 207 63.73 -19.35 74.51
C ALA HA 207 63.54 -17.89 74.93
N ALA HA 208 62.56 -17.67 75.81
CA ALA HA 208 62.29 -16.35 76.36
C ALA HA 208 61.80 -16.50 77.79
N ILE HA 209 62.00 -15.45 78.58
CA ILE HA 209 61.63 -15.43 79.99
C ILE HA 209 60.73 -14.22 80.23
N ASP HA 210 59.60 -14.45 80.90
CA ASP HA 210 58.67 -13.38 81.21
C ASP HA 210 59.07 -12.68 82.50
N CYS HA 211 58.20 -11.82 83.02
CA CYS HA 211 58.51 -11.04 84.21
C CYS HA 211 58.58 -11.88 85.48
N GLU HA 212 57.97 -13.07 85.49
CA GLU HA 212 57.88 -13.87 86.71
C GLU HA 212 58.76 -15.11 86.65
N GLY HA 213 59.65 -15.21 85.67
CA GLY HA 213 60.57 -16.33 85.60
C GLY HA 213 60.08 -17.55 84.85
N ASN HA 214 58.91 -17.48 84.25
CA ASN HA 214 58.43 -18.58 83.42
C ASN HA 214 59.15 -18.58 82.08
N GLU HA 215 59.53 -19.76 81.61
CA GLU HA 215 60.22 -19.91 80.34
C GLU HA 215 59.23 -20.22 79.23
N TYR HA 216 59.40 -19.56 78.09
CA TYR HA 216 58.60 -19.80 76.91
C TYR HA 216 59.54 -20.14 75.75
N PHE HA 217 59.09 -21.05 74.90
CA PHE HA 217 59.90 -21.55 73.79
C PHE HA 217 59.15 -21.39 72.48
N HIS HA 218 59.90 -21.14 71.41
CA HIS HA 218 59.35 -20.94 70.08
C HIS HA 218 60.14 -21.79 69.08
N ILE HA 219 59.43 -22.40 68.14
CA ILE HA 219 60.04 -23.30 67.16
C ILE HA 219 59.68 -22.80 65.76
N SER HA 220 60.67 -22.81 64.87
CA SER HA 220 60.47 -22.43 63.48
C SER HA 220 61.45 -23.23 62.63
N CYS HA 221 61.20 -23.29 61.33
CA CYS HA 221 62.03 -24.07 60.43
C CYS HA 221 62.23 -23.29 59.13
N TYR HA 222 63.31 -23.63 58.43
CA TYR HA 222 63.70 -22.98 57.19
C TYR HA 222 64.17 -24.03 56.20
N ASP HA 223 63.77 -23.89 54.94
CA ASP HA 223 64.18 -24.80 53.88
C ASP HA 223 65.26 -24.12 53.04
N ILE HA 224 66.41 -24.77 52.90
CA ILE HA 224 67.55 -24.24 52.17
C ILE HA 224 67.71 -25.07 50.91
N SER HA 225 67.63 -24.43 49.75
CA SER HA 225 67.78 -25.09 48.46
C SER HA 225 68.97 -24.49 47.73
N ILE HA 226 69.81 -25.36 47.18
CA ILE HA 226 71.04 -24.91 46.53
C ILE HA 226 70.71 -24.43 45.12
N GLY HA 227 71.20 -23.24 44.77
CA GLY HA 227 71.02 -22.67 43.46
C GLY HA 227 72.29 -22.70 42.63
N SER HA 228 72.38 -21.78 41.68
CA SER HA 228 73.54 -21.67 40.82
C SER HA 228 73.45 -20.35 40.05
N CYS HA 229 74.39 -20.16 39.13
CA CYS HA 229 74.46 -18.95 38.34
C CYS HA 229 73.71 -19.12 37.02
N GLY HA 230 73.68 -18.05 36.23
CA GLY HA 230 73.02 -18.07 34.94
C GLY HA 230 73.26 -16.80 34.15
N CYS IA 23 82.98 2.51 11.75
CA CYS IA 23 83.81 3.20 10.76
C CYS IA 23 83.18 4.52 10.33
N GLU IA 24 83.58 5.61 10.98
CA GLU IA 24 83.09 6.92 10.63
C GLU IA 24 83.57 7.31 9.24
N SER IA 25 82.79 8.16 8.58
CA SER IA 25 83.04 8.53 7.20
C SER IA 25 83.55 9.97 7.10
N ILE IA 26 84.59 10.16 6.29
CA ILE IA 26 85.15 11.46 5.99
C ILE IA 26 85.23 11.60 4.48
N SER IA 27 84.90 12.79 3.97
CA SER IA 27 84.94 13.08 2.55
C SER IA 27 86.01 14.12 2.28
N ALA IA 28 86.88 13.85 1.31
CA ALA IA 28 87.98 14.75 0.99
C ALA IA 28 88.06 14.93 -0.52
N ARG IA 29 88.48 16.13 -0.92
CA ARG IA 29 88.66 16.50 -2.32
C ARG IA 29 90.14 16.59 -2.65
N PRO IA 30 90.58 16.12 -3.82
CA PRO IA 30 92.01 16.20 -4.14
C PRO IA 30 92.53 17.61 -4.04
N GLY IA 31 93.71 17.76 -3.43
CA GLY IA 31 94.37 19.04 -3.32
C GLY IA 31 94.12 19.79 -2.03
N GLU IA 32 93.13 19.38 -1.23
CA GLU IA 32 92.84 20.10 0.00
C GLU IA 32 93.71 19.62 1.14
N VAL IA 33 93.83 20.46 2.17
CA VAL IA 33 94.40 20.10 3.45
C VAL IA 33 93.44 20.60 4.53
N ASN IA 34 92.95 19.69 5.37
CA ASN IA 34 91.87 20.00 6.29
C ASN IA 34 92.20 19.45 7.67
N GLY IA 35 91.58 20.05 8.68
CA GLY IA 35 91.77 19.63 10.06
C GLY IA 35 90.64 18.77 10.58
N VAL IA 36 90.98 17.92 11.55
CA VAL IA 36 90.03 17.00 12.16
C VAL IA 36 90.19 17.05 13.67
N MET IA 37 89.07 17.01 14.39
CA MET IA 37 89.07 17.04 15.85
C MET IA 37 88.17 15.93 16.37
N VAL IA 38 88.61 15.27 17.44
CA VAL IA 38 87.86 14.21 18.09
C VAL IA 38 87.87 14.44 19.60
N SER IA 39 86.72 14.24 20.23
CA SER IA 39 86.54 14.51 21.66
C SER IA 39 86.53 13.20 22.42
N TYR IA 40 87.33 13.13 23.49
CA TYR IA 40 87.48 11.93 24.30
C TYR IA 40 86.88 12.05 25.69
N VAL IA 41 86.16 13.13 25.99
CA VAL IA 41 85.68 13.35 27.35
C VAL IA 41 84.79 12.20 27.80
N ALA IA 42 83.96 11.68 26.90
CA ALA IA 42 83.01 10.65 27.29
C ALA IA 42 83.71 9.38 27.76
N TRP IA 43 84.96 9.16 27.33
CA TRP IA 43 85.68 7.94 27.67
C TRP IA 43 86.65 8.14 28.82
N SER IA 44 87.29 9.30 28.90
CA SER IA 44 88.34 9.54 29.89
C SER IA 44 87.80 10.17 31.17
N ALA IA 45 86.57 10.70 31.16
CA ALA IA 45 86.05 11.37 32.35
C ALA IA 45 85.95 10.44 33.54
N PRO IA 46 85.33 9.25 33.43
CA PRO IA 46 85.17 8.41 34.63
C PRO IA 46 86.44 7.76 35.13
N LEU IA 47 87.44 7.55 34.26
CA LEU IA 47 88.66 6.89 34.71
C LEU IA 47 89.42 7.72 35.74
N GLY IA 48 89.22 9.04 35.76
CA GLY IA 48 89.93 9.88 36.70
C GLY IA 48 91.38 10.09 36.28
N GLY IA 49 92.10 10.79 37.16
CA GLY IA 49 93.51 11.04 36.91
C GLY IA 49 93.74 12.11 35.86
N HIS IA 50 94.93 12.07 35.26
CA HIS IA 50 95.30 13.08 34.28
C HIS IA 50 94.41 13.03 33.05
N GLY IA 51 94.12 11.85 32.52
CA GLY IA 51 93.31 11.75 31.32
C GLY IA 51 94.15 11.30 30.14
N LEU IA 52 94.15 12.09 29.07
CA LEU IA 52 94.85 11.71 27.86
C LEU IA 52 96.36 11.86 28.03
N THR IA 53 97.10 11.28 27.07
CA THR IA 53 98.54 11.34 27.07
C THR IA 53 99.02 11.31 25.62
N ASN IA 54 100.20 11.88 25.38
CA ASN IA 54 100.73 12.02 24.02
C ASN IA 54 101.45 10.75 23.60
N LYS IA 55 100.66 9.74 23.21
CA LYS IA 55 101.18 8.50 22.66
C LYS IA 55 100.33 8.02 21.49
N THR IA 56 99.63 8.92 20.81
CA THR IA 56 98.77 8.54 19.71
C THR IA 56 99.58 7.92 18.58
N THR IA 57 99.01 6.90 17.94
CA THR IA 57 99.65 6.20 16.83
C THR IA 57 98.66 6.10 15.67
N PHE IA 58 99.12 6.46 14.47
CA PHE IA 58 98.30 6.46 13.28
C PHE IA 58 98.80 5.39 12.31
N GLU IA 59 97.85 4.71 11.66
CA GLU IA 59 98.16 3.69 10.67
C GLU IA 59 97.15 3.80 9.54
N PHE IA 60 97.62 3.61 8.31
CA PHE IA 60 96.80 3.73 7.11
C PHE IA 60 96.70 2.37 6.42
N GLU IA 61 95.50 2.06 5.92
CA GLU IA 61 95.23 0.82 5.20
C GLU IA 61 94.47 1.12 3.93
N ASN IA 62 94.78 0.36 2.88
CA ASN IA 62 94.08 0.50 1.61
C ASN IA 62 92.93 -0.48 1.51
N VAL IA 63 91.80 0.00 1.00
CA VAL IA 63 90.63 -0.84 0.74
C VAL IA 63 90.29 -0.88 -0.75
N SER IA 64 90.37 0.26 -1.43
CA SER IA 64 90.11 0.34 -2.87
C SER IA 64 91.00 1.44 -3.43
N VAL IA 65 92.14 1.06 -4.00
CA VAL IA 65 93.10 1.99 -4.57
C VAL IA 65 93.40 1.57 -6.00
N THR IA 66 93.48 2.55 -6.89
CA THR IA 66 93.80 2.31 -8.29
C THR IA 66 95.28 2.57 -8.53
N GLU IA 67 95.97 1.58 -9.07
CA GLU IA 67 97.40 1.73 -9.29
C GLU IA 67 97.65 2.89 -10.26
N PRO IA 68 98.59 3.78 -9.95
CA PRO IA 68 98.86 4.90 -10.86
C PRO IA 68 99.40 4.43 -12.20
N LEU IA 69 99.06 5.16 -13.25
CA LEU IA 69 99.53 4.84 -14.60
C LEU IA 69 100.72 5.68 -15.03
N VAL IA 70 101.30 6.48 -14.13
CA VAL IA 70 102.47 7.28 -14.42
C VAL IA 70 103.46 7.13 -13.27
N ASN IA 71 104.71 7.46 -13.55
CA ASN IA 71 105.80 7.29 -12.60
C ASN IA 71 106.32 8.65 -12.15
N SER IA 72 106.46 8.83 -10.83
CA SER IA 72 107.11 10.02 -10.31
C SER IA 72 108.60 9.96 -10.60
N ALA IA 73 109.25 11.12 -10.48
CA ALA IA 73 110.66 11.21 -10.79
C ALA IA 73 111.34 12.17 -9.82
N PHE IA 74 112.65 11.98 -9.66
CA PHE IA 74 113.47 12.83 -8.82
C PHE IA 74 114.77 13.13 -9.54
N GLU IA 75 115.16 14.41 -9.55
CA GLU IA 75 116.35 14.84 -10.26
C GLU IA 75 116.98 16.00 -9.52
N ARG IA 76 118.24 16.27 -9.83
CA ARG IA 76 119.05 17.24 -9.11
C ARG IA 76 119.72 18.21 -10.07
N THR IA 77 120.06 19.38 -9.56
CA THR IA 77 120.81 20.39 -10.29
C THR IA 77 121.81 21.04 -9.35
N PRO IA 78 122.93 21.52 -9.87
CA PRO IA 78 123.86 22.29 -9.03
C PRO IA 78 123.35 23.70 -8.76
N PHE IA 79 124.14 24.44 -7.97
CA PHE IA 79 123.69 25.72 -7.43
C PHE IA 79 123.57 26.78 -8.52
N ASN IA 80 122.39 27.41 -8.58
CA ASN IA 80 122.05 28.41 -9.60
C ASN IA 80 122.29 27.90 -11.02
N THR IA 81 121.82 26.70 -11.34
CA THR IA 81 121.90 26.15 -12.68
C THR IA 81 120.52 25.80 -13.17
N THR IA 82 120.16 26.32 -14.34
CA THR IA 82 118.88 25.97 -14.95
C THR IA 82 118.84 24.49 -15.28
N LEU IA 83 117.73 23.84 -14.96
CA LEU IA 83 117.58 22.41 -15.17
C LEU IA 83 116.67 22.15 -16.36
N ALA IA 84 116.98 21.09 -17.11
CA ALA IA 84 116.19 20.69 -18.27
C ALA IA 84 115.94 19.19 -18.19
N GLY IA 85 114.83 18.76 -18.77
CA GLY IA 85 114.48 17.37 -18.73
C GLY IA 85 113.34 17.07 -19.68
N SER IA 86 112.75 15.88 -19.51
CA SER IA 86 111.67 15.43 -20.36
C SER IA 86 110.67 14.63 -19.54
N LEU IA 87 109.39 14.81 -19.85
CA LEU IA 87 108.33 14.05 -19.20
C LEU IA 87 107.98 12.77 -19.96
N ALA IA 88 108.58 12.55 -21.13
CA ALA IA 88 108.20 11.41 -21.94
C ALA IA 88 108.51 10.09 -21.26
N ALA IA 89 109.67 9.98 -20.61
CA ALA IA 89 110.08 8.71 -20.00
C ALA IA 89 109.23 8.32 -18.80
N LEU IA 90 108.38 9.22 -18.30
CA LEU IA 90 107.60 8.96 -17.09
C LEU IA 90 106.25 8.32 -17.39
N PHE IA 91 105.92 8.04 -18.65
CA PHE IA 91 104.65 7.44 -19.01
C PHE IA 91 104.89 6.11 -19.71
N PRO IA 92 104.91 4.99 -18.99
CA PRO IA 92 105.15 3.67 -19.60
C PRO IA 92 103.90 3.06 -20.24
N ASN IA 93 103.32 3.77 -21.20
CA ASN IA 93 102.16 3.22 -21.89
C ASN IA 93 102.57 2.01 -22.73
N PRO IA 94 101.69 1.00 -22.83
CA PRO IA 94 102.02 -0.18 -23.63
C PRO IA 94 101.71 -0.03 -25.11
N GLU IA 95 101.24 1.13 -25.55
CA GLU IA 95 100.80 1.32 -26.92
C GLU IA 95 101.42 2.61 -27.47
N GLY IA 96 101.28 2.78 -28.79
CA GLY IA 96 101.72 4.00 -29.43
C GLY IA 96 100.62 5.03 -29.52
N GLU IA 97 99.77 5.09 -28.50
CA GLU IA 97 98.66 6.02 -28.48
C GLU IA 97 99.15 7.46 -28.36
N ALA IA 98 98.30 8.39 -28.76
CA ALA IA 98 98.65 9.80 -28.73
C ALA IA 98 98.88 10.27 -27.30
N VAL IA 99 99.79 11.22 -27.14
CA VAL IA 99 100.16 11.75 -25.84
C VAL IA 99 100.10 13.27 -25.89
N GLU IA 100 99.52 13.86 -24.84
CA GLU IA 100 99.49 15.31 -24.68
C GLU IA 100 99.84 15.65 -23.24
N TYR IA 101 100.79 16.58 -23.07
CA TYR IA 101 101.32 16.92 -21.76
C TYR IA 101 100.70 18.22 -21.27
N GLU IA 102 100.77 18.44 -19.96
CA GLU IA 102 100.23 19.65 -19.35
C GLU IA 102 100.88 19.85 -17.99
N ILE IA 103 100.78 21.08 -17.49
CA ILE IA 103 101.27 21.44 -16.16
C ILE IA 103 100.09 21.96 -15.35
N LEU IA 104 99.91 21.40 -14.15
CA LEU IA 104 98.82 21.83 -13.26
C LEU IA 104 99.23 23.15 -12.64
N GLU IA 105 98.57 24.23 -13.05
CA GLU IA 105 98.97 25.56 -12.64
C GLU IA 105 98.44 25.96 -11.27
N LEU IA 106 97.51 25.19 -10.69
CA LEU IA 106 97.06 25.47 -9.34
C LEU IA 106 98.13 25.17 -8.30
N TYR IA 107 99.20 24.49 -8.68
CA TYR IA 107 100.23 24.02 -7.74
C TYR IA 107 101.60 24.45 -8.24
N PRO IA 108 101.84 25.75 -8.34
CA PRO IA 108 103.09 26.23 -8.90
C PRO IA 108 104.26 25.97 -7.96
N PRO IA 109 105.48 25.86 -8.47
CA PRO IA 109 106.63 25.69 -7.60
C PRO IA 109 106.81 26.90 -6.69
N VAL IA 110 107.35 26.66 -5.50
CA VAL IA 110 107.47 27.71 -4.51
C VAL IA 110 108.71 28.58 -4.72
N ASN IA 111 109.84 27.97 -5.11
CA ASN IA 111 111.11 28.69 -5.22
C ASN IA 111 111.67 28.68 -6.64
N GLY IA 112 110.81 28.56 -7.65
CA GLY IA 112 111.27 28.57 -9.02
C GLY IA 112 110.12 28.80 -9.97
N ILE IA 113 110.45 28.75 -11.26
CA ILE IA 113 109.47 28.89 -12.33
C ILE IA 113 109.70 27.78 -13.35
N VAL IA 114 108.62 27.11 -13.73
CA VAL IA 114 108.70 26.05 -14.73
C VAL IA 114 108.30 26.61 -16.08
N GLU IA 115 108.68 25.91 -17.15
CA GLU IA 115 108.32 26.29 -18.50
C GLU IA 115 108.16 25.02 -19.32
N LEU IA 116 107.00 24.85 -19.95
CA LEU IA 116 106.69 23.66 -20.72
C LEU IA 116 106.92 23.93 -22.19
N GLY IA 117 107.71 23.08 -22.84
CA GLY IA 117 107.98 23.21 -24.26
C GLY IA 117 107.03 22.38 -25.09
N GLU IA 118 107.58 21.48 -25.91
CA GLU IA 118 106.79 20.59 -26.74
C GLU IA 118 107.34 19.17 -26.61
N ASN IA 119 106.44 18.20 -26.78
CA ASN IA 119 106.80 16.79 -26.69
C ASN IA 119 107.42 16.47 -25.33
N GLY IA 120 106.88 17.07 -24.28
CA GLY IA 120 107.28 16.77 -22.93
C GLY IA 120 108.54 17.46 -22.46
N ALA IA 121 109.15 18.32 -23.28
CA ALA IA 121 110.32 19.05 -22.83
C ALA IA 121 109.92 20.18 -21.89
N PHE IA 122 110.70 20.36 -20.82
CA PHE IA 122 110.39 21.36 -19.82
C PHE IA 122 111.68 21.94 -19.26
N THR IA 123 111.57 23.12 -18.65
CA THR IA 123 112.69 23.83 -18.08
C THR IA 123 112.33 24.32 -16.68
N TYR IA 124 113.29 24.22 -15.76
CA TYR IA 124 113.14 24.70 -14.39
C TYR IA 124 114.22 25.71 -14.12
N ARG IA 125 113.86 26.79 -13.42
CA ARG IA 125 114.73 27.95 -13.24
C ARG IA 125 114.71 28.39 -11.78
N PRO IA 126 115.60 27.87 -10.95
CA PRO IA 126 115.54 28.17 -9.51
C PRO IA 126 115.83 29.65 -9.23
N ALA IA 127 115.25 30.13 -8.14
CA ALA IA 127 115.47 31.49 -7.70
C ALA IA 127 116.89 31.64 -7.15
N THR IA 128 117.37 32.88 -7.12
CA THR IA 128 118.74 33.14 -6.68
C THR IA 128 118.92 32.79 -5.22
N SER IA 129 120.04 32.15 -4.91
CA SER IA 129 120.44 31.84 -3.54
C SER IA 129 119.52 30.84 -2.87
N PHE IA 130 118.70 30.12 -3.64
CA PHE IA 130 117.83 29.12 -3.06
C PHE IA 130 118.53 27.77 -2.95
N THR IA 131 118.22 27.05 -1.89
CA THR IA 131 118.79 25.71 -1.66
C THR IA 131 117.78 24.90 -0.87
N GLY IA 132 117.27 23.84 -1.47
CA GLY IA 132 116.29 23.00 -0.81
C GLY IA 132 115.56 22.13 -1.82
N ILE IA 133 114.35 21.72 -1.44
CA ILE IA 133 113.51 20.85 -2.25
C ILE IA 133 112.38 21.67 -2.85
N ASP IA 134 112.07 21.38 -4.11
CA ASP IA 134 110.97 22.04 -4.80
C ASP IA 134 110.17 21.00 -5.56
N ARG IA 135 108.92 21.36 -5.86
CA ARG IA 135 107.98 20.41 -6.46
C ARG IA 135 107.15 21.10 -7.54
N PHE IA 136 106.66 20.29 -8.47
CA PHE IA 136 105.61 20.72 -9.38
C PHE IA 136 104.89 19.46 -9.87
N TRP IA 137 103.64 19.63 -10.29
CA TRP IA 137 102.79 18.51 -10.65
C TRP IA 137 102.39 18.61 -12.11
N PHE IA 138 102.45 17.47 -12.80
CA PHE IA 138 102.21 17.40 -14.23
C PHE IA 138 101.11 16.37 -14.52
N SER IA 139 100.49 16.52 -15.69
CA SER IA 139 99.42 15.64 -16.13
C SER IA 139 99.72 15.14 -17.53
N ILE IA 140 99.55 13.84 -17.75
CA ILE IA 140 99.74 13.22 -19.05
C ILE IA 140 98.47 12.45 -19.37
N ASN IA 141 97.75 12.87 -20.42
CA ASN IA 141 96.51 12.22 -20.81
C ASN IA 141 95.54 12.11 -19.63
N GLY IA 142 95.60 13.08 -18.71
CA GLY IA 142 94.76 13.06 -17.53
C GLY IA 142 95.33 12.35 -16.33
N ASN IA 143 96.50 11.73 -16.46
CA ASN IA 143 97.14 11.03 -15.35
C ASN IA 143 98.11 11.97 -14.65
N VAL IA 144 97.93 12.13 -13.35
CA VAL IA 144 98.71 13.09 -12.57
C VAL IA 144 99.92 12.38 -11.96
N GLY IA 145 100.96 13.15 -11.69
CA GLY IA 145 102.18 12.63 -11.10
C GLY IA 145 102.94 13.73 -10.39
N GLU IA 146 104.00 13.32 -9.70
CA GLU IA 146 104.83 14.23 -8.92
C GLU IA 146 106.23 14.28 -9.52
N PHE IA 147 106.85 15.46 -9.47
CA PHE IA 147 108.23 15.65 -9.88
C PHE IA 147 108.92 16.47 -8.79
N VAL IA 148 110.05 15.97 -8.30
CA VAL IA 148 110.76 16.56 -7.17
C VAL IA 148 112.13 17.02 -7.64
N ILE IA 149 112.55 18.20 -7.19
CA ILE IA 149 113.83 18.79 -7.56
C ILE IA 149 114.55 19.23 -6.30
N ALA IA 150 115.85 18.93 -6.23
CA ALA IA 150 116.69 19.35 -5.12
C ALA IA 150 117.83 20.20 -5.66
N VAL IA 151 118.02 21.38 -5.07
CA VAL IA 151 119.05 22.32 -5.49
C VAL IA 151 120.19 22.24 -4.49
N ASP IA 152 121.34 21.77 -4.93
CA ASP IA 152 122.49 21.64 -4.05
C ASP IA 152 123.04 23.01 -3.68
N PRO IA 153 123.65 23.16 -2.51
CA PRO IA 153 124.27 24.43 -2.15
C PRO IA 153 125.53 24.67 -2.96
N ALA IA 154 126.01 25.91 -2.89
CA ALA IA 154 127.26 26.26 -3.59
C ALA IA 154 128.42 25.42 -3.07
N GLN IA 155 128.53 25.27 -1.75
CA GLN IA 155 129.56 24.46 -1.14
C GLN IA 155 128.93 23.60 -0.05
N GLY IA 156 129.32 22.33 0.00
CA GLY IA 156 128.80 21.42 0.99
C GLY IA 156 128.49 20.05 0.41
N PRO IA 157 128.00 19.15 1.25
CA PRO IA 157 127.74 17.77 0.80
C PRO IA 157 126.46 17.68 -0.01
N GLN IA 158 126.19 16.47 -0.49
CA GLN IA 158 125.01 16.21 -1.30
C GLN IA 158 123.74 16.21 -0.44
N ILE IA 159 122.64 16.67 -1.03
CA ILE IA 159 121.36 16.68 -0.33
C ILE IA 159 120.66 15.34 -0.53
N ALA IA 160 120.07 14.82 0.54
CA ALA IA 160 119.40 13.53 0.49
C ALA IA 160 118.11 13.62 -0.31
N GLN IA 161 117.75 12.52 -0.96
CA GLN IA 161 116.50 12.45 -1.71
C GLN IA 161 115.34 12.21 -0.76
N PRO IA 162 114.30 13.07 -0.78
CA PRO IA 162 113.19 12.88 0.15
C PRO IA 162 112.18 11.90 -0.41
N PRO IA 163 111.36 11.28 0.45
CA PRO IA 163 110.33 10.37 -0.06
C PRO IA 163 109.21 11.11 -0.77
N PHE IA 164 108.54 10.40 -1.67
CA PHE IA 164 107.42 10.98 -2.39
C PHE IA 164 106.22 11.16 -1.47
N THR IA 165 105.38 12.12 -1.81
CA THR IA 165 104.20 12.42 -1.00
C THR IA 165 103.12 11.35 -1.23
N PRO IA 166 102.61 10.72 -0.18
CA PRO IA 166 101.56 9.71 -0.38
C PRO IA 166 100.29 10.33 -0.94
N ALA IA 167 99.33 9.45 -1.25
CA ALA IA 167 98.04 9.92 -1.74
C ALA IA 167 97.30 10.71 -0.67
N VAL IA 168 97.19 10.15 0.53
CA VAL IA 168 96.64 10.85 1.69
C VAL IA 168 97.58 10.61 2.86
N TYR IA 169 97.86 11.67 3.61
CA TYR IA 169 98.86 11.60 4.66
C TYR IA 169 98.45 12.49 5.82
N VAL IA 170 98.94 12.14 7.00
CA VAL IA 170 98.82 12.94 8.21
C VAL IA 170 100.22 13.26 8.70
N PRO IA 171 100.63 14.53 8.77
CA PRO IA 171 102.00 14.81 9.24
C PRO IA 171 102.17 14.42 10.70
N LEU IA 172 102.92 13.34 10.93
CA LEU IA 172 103.03 12.79 12.27
C LEU IA 172 103.79 13.73 13.20
N SER IA 173 104.74 14.50 12.65
CA SER IA 173 105.55 15.39 13.47
C SER IA 173 104.71 16.47 14.15
N ARG IA 174 103.57 16.83 13.57
CA ARG IA 174 102.72 17.91 14.08
C ARG IA 174 101.42 17.29 14.59
N ARG IA 175 101.12 17.53 15.86
CA ARG IA 175 99.90 17.03 16.48
C ARG IA 175 99.84 17.61 17.89
N GLU IA 176 98.62 17.78 18.40
CA GLU IA 176 98.43 18.32 19.74
C GLU IA 176 97.22 17.66 20.39
N VAL IA 177 97.22 17.64 21.71
CA VAL IA 177 96.10 17.16 22.52
C VAL IA 177 95.79 18.23 23.56
N ASN IA 178 94.55 18.71 23.55
CA ASN IA 178 94.11 19.74 24.50
C ASN IA 178 93.75 19.05 25.81
N LYS IA 179 94.78 18.84 26.64
CA LYS IA 179 94.59 18.11 27.89
C LYS IA 179 93.59 18.79 28.82
N GLN IA 180 93.35 20.09 28.64
CA GLN IA 180 92.39 20.78 29.48
C GLN IA 180 90.95 20.36 29.20
N THR IA 181 90.67 19.83 28.01
CA THR IA 181 89.32 19.38 27.66
C THR IA 181 89.32 18.04 26.94
N GLN IA 182 90.40 17.27 27.02
CA GLN IA 182 90.47 15.92 26.47
C GLN IA 182 90.00 15.89 25.01
N ALA IA 183 90.76 16.59 24.16
CA ALA IA 183 90.49 16.62 22.73
C ALA IA 183 91.80 16.38 21.98
N LEU IA 184 91.67 15.97 20.73
CA LEU IA 184 92.81 15.68 19.88
C LEU IA 184 92.61 16.33 18.52
N ARG IA 185 93.69 16.88 17.97
CA ARG IA 185 93.68 17.53 16.67
C ARG IA 185 94.81 16.99 15.81
N PHE IA 186 94.54 16.88 14.51
CA PHE IA 186 95.57 16.51 13.54
C PHE IA 186 95.17 17.05 12.17
N VAL IA 187 96.16 17.12 11.28
CA VAL IA 187 95.98 17.68 9.95
C VAL IA 187 95.92 16.53 8.94
N LEU IA 188 94.90 16.56 8.09
CA LEU IA 188 94.70 15.55 7.05
C LEU IA 188 94.85 16.22 5.70
N GLY IA 189 95.80 15.73 4.90
CA GLY IA 189 96.08 16.32 3.60
C GLY IA 189 96.01 15.32 2.47
N VAL IA 190 95.43 15.72 1.34
CA VAL IA 190 95.26 14.86 0.19
C VAL IA 190 96.12 15.38 -0.95
N SER IA 191 96.94 14.51 -1.53
CA SER IA 191 97.79 14.91 -2.64
C SER IA 191 96.95 15.14 -3.89
N PRO IA 192 97.41 15.99 -4.81
CA PRO IA 192 96.68 16.19 -6.07
C PRO IA 192 96.58 14.93 -6.91
N ALA IA 193 97.46 13.96 -6.65
CA ALA IA 193 97.50 12.74 -7.44
C ALA IA 193 96.43 11.73 -7.03
N ALA IA 194 95.72 11.97 -5.93
CA ALA IA 194 94.68 11.05 -5.50
C ALA IA 194 93.60 10.95 -6.58
N LYS IA 195 93.15 9.72 -6.85
CA LYS IA 195 92.14 9.51 -7.87
C LYS IA 195 90.77 9.43 -7.23
N PRO IA 196 89.76 10.12 -7.77
CA PRO IA 196 88.44 10.11 -7.12
C PRO IA 196 87.82 8.72 -7.13
N ALA IA 197 86.92 8.49 -6.17
CA ALA IA 197 86.20 7.25 -5.94
C ALA IA 197 87.02 6.22 -5.18
N ASP IA 198 88.28 6.50 -4.87
CA ASP IA 198 89.07 5.58 -4.07
C ASP IA 198 88.80 5.82 -2.58
N ILE IA 199 89.14 4.82 -1.77
CA ILE IA 199 88.82 4.83 -0.34
C ILE IA 199 90.05 4.39 0.44
N TYR IA 200 90.31 5.06 1.56
CA TYR IA 200 91.39 4.72 2.47
C TYR IA 200 90.85 4.67 3.89
N ARG IA 201 91.54 3.89 4.74
CA ARG IA 201 91.14 3.71 6.13
C ARG IA 201 92.26 4.17 7.05
N LEU IA 202 91.88 4.78 8.17
CA LEU IA 202 92.82 5.31 9.16
C LEU IA 202 92.47 4.73 10.52
N ASN IA 203 93.48 4.24 11.24
CA ASN IA 203 93.31 3.70 12.58
C ASN IA 203 94.06 4.57 13.59
N ILE IA 204 93.45 4.78 14.74
CA ILE IA 204 94.02 5.61 15.81
C ILE IA 204 93.96 4.84 17.12
N ARG IA 205 95.10 4.74 17.79
CA ARG IA 205 95.18 4.17 19.12
C ARG IA 205 95.69 5.23 20.09
N GLN IA 206 94.89 5.55 21.10
CA GLN IA 206 95.17 6.65 22.01
C GLN IA 206 95.29 6.11 23.42
N ALA IA 207 96.23 6.66 24.18
CA ALA IA 207 96.53 6.19 25.53
C ALA IA 207 96.01 7.17 26.58
N ALA IA 208 95.70 6.62 27.74
CA ALA IA 208 95.29 7.41 28.90
C ALA IA 208 95.85 6.78 30.15
N ILE IA 209 96.03 7.59 31.19
CA ILE IA 209 96.67 7.16 32.42
C ILE IA 209 95.73 7.46 33.59
N ASP IA 210 95.51 6.46 34.44
CA ASP IA 210 94.60 6.61 35.56
C ASP IA 210 95.21 7.49 36.64
N CYS IA 211 94.45 7.66 37.73
CA CYS IA 211 94.94 8.43 38.86
C CYS IA 211 96.16 7.78 39.50
N GLU IA 212 96.25 6.46 39.44
CA GLU IA 212 97.34 5.72 40.05
C GLU IA 212 98.60 5.68 39.19
N GLY IA 213 98.55 6.24 37.98
CA GLY IA 213 99.71 6.25 37.13
C GLY IA 213 99.90 5.02 36.28
N ASN IA 214 98.82 4.47 35.71
CA ASN IA 214 98.89 3.28 34.87
C ASN IA 214 98.00 3.46 33.66
N GLU IA 215 98.33 2.78 32.58
CA GLU IA 215 97.86 3.16 31.26
C GLU IA 215 96.54 2.47 30.90
N TYR IA 216 95.80 3.12 30.02
CA TYR IA 216 94.66 2.54 29.32
C TYR IA 216 94.87 2.79 27.84
N PHE IA 217 93.92 2.30 27.03
CA PHE IA 217 94.02 2.49 25.58
C PHE IA 217 92.62 2.50 24.97
N HIS IA 218 92.53 3.11 23.78
CA HIS IA 218 91.29 3.23 23.03
C HIS IA 218 91.60 3.19 21.55
N ILE IA 219 90.77 2.51 20.77
CA ILE IA 219 90.99 2.31 19.34
C ILE IA 219 89.76 2.77 18.59
N SER IA 220 89.99 3.47 17.47
CA SER IA 220 88.92 3.91 16.59
C SER IA 220 89.47 3.99 15.17
N CYS IA 221 88.57 4.02 14.20
CA CYS IA 221 88.97 4.05 12.80
C CYS IA 221 87.99 4.93 12.02
N TYR IA 222 88.48 5.45 10.89
CA TYR IA 222 87.71 6.33 10.03
C TYR IA 222 87.91 5.93 8.58
N ASP IA 223 86.88 6.15 7.76
CA ASP IA 223 86.93 5.87 6.33
C ASP IA 223 87.00 7.18 5.56
N ILE IA 224 87.96 7.28 4.66
CA ILE IA 224 88.17 8.48 3.85
C ILE IA 224 87.90 8.12 2.39
N SER IA 225 86.96 8.81 1.78
CA SER IA 225 86.61 8.59 0.38
C SER IA 225 86.85 9.86 -0.42
N ILE IA 226 87.50 9.73 -1.57
CA ILE IA 226 87.86 10.89 -2.37
C ILE IA 226 86.63 11.35 -3.15
N GLY IA 227 86.31 12.63 -3.03
CA GLY IA 227 85.19 13.24 -3.73
C GLY IA 227 85.64 14.08 -4.91
N SER IA 228 84.80 15.06 -5.25
CA SER IA 228 85.10 15.96 -6.36
C SER IA 228 84.09 17.11 -6.34
N CYS IA 229 84.20 17.97 -7.35
CA CYS IA 229 83.33 19.13 -7.47
C CYS IA 229 82.08 18.77 -8.27
N GLY IA 230 81.22 19.77 -8.45
CA GLY IA 230 79.99 19.59 -9.21
C GLY IA 230 79.22 20.89 -9.35
N CYS JA 23 66.96 -9.18 -21.94
CA CYS JA 23 67.55 -8.17 -22.83
C CYS JA 23 66.63 -6.96 -22.97
N GLU JA 24 66.99 -5.86 -22.34
CA GLU JA 24 66.27 -4.62 -22.57
C GLU JA 24 66.45 -4.18 -24.03
N SER JA 25 65.47 -3.44 -24.53
CA SER JA 25 65.46 -3.00 -25.91
C SER JA 25 65.78 -1.52 -26.00
N ILE JA 26 66.75 -1.18 -26.85
CA ILE JA 26 67.15 0.19 -27.09
C ILE JA 26 67.04 0.46 -28.59
N SER JA 27 66.43 1.57 -28.95
CA SER JA 27 66.30 1.99 -30.34
C SER JA 27 67.17 3.22 -30.57
N ALA JA 28 68.05 3.13 -31.56
CA ALA JA 28 69.02 4.19 -31.84
C ALA JA 28 68.92 4.61 -33.30
N ARG JA 29 69.13 5.90 -33.54
CA ARG JA 29 69.07 6.49 -34.87
C ARG JA 29 70.48 6.81 -35.37
N PRO JA 30 70.77 6.71 -36.67
CA PRO JA 30 72.11 7.08 -37.15
C PRO JA 30 72.44 8.53 -36.85
N GLY JA 31 73.68 8.79 -36.41
CA GLY JA 31 74.12 10.13 -36.10
C GLY JA 31 73.77 10.61 -34.71
N GLU JA 32 73.08 9.81 -33.91
CA GLU JA 32 72.63 10.25 -32.61
C GLU JA 32 73.67 9.95 -31.53
N VAL JA 33 73.59 10.71 -30.43
CA VAL JA 33 74.37 10.45 -29.23
C VAL JA 33 73.44 10.75 -28.05
N ASN JA 34 73.01 9.70 -27.34
CA ASN JA 34 71.89 9.81 -26.43
C ASN JA 34 72.24 9.70 -24.95
N GLY JA 35 73.06 8.75 -24.55
CA GLY JA 35 73.33 8.56 -23.14
C GLY JA 35 72.33 7.64 -22.47
N VAL JA 36 72.76 6.89 -21.46
CA VAL JA 36 71.92 5.89 -20.82
C VAL JA 36 72.24 5.88 -19.33
N MET JA 37 71.27 5.47 -18.53
CA MET JA 37 71.43 5.36 -17.09
C MET JA 37 70.75 4.10 -16.58
N VAL JA 38 71.43 3.37 -15.71
CA VAL JA 38 70.90 2.17 -15.08
C VAL JA 38 71.06 2.30 -13.57
N SER JA 39 70.09 1.76 -12.83
CA SER JA 39 70.03 1.91 -11.37
C SER JA 39 70.29 0.56 -10.72
N TYR JA 40 71.21 0.53 -9.76
CA TYR JA 40 71.59 -0.69 -9.08
C TYR JA 40 71.14 -0.75 -7.63
N VAL JA 41 70.26 0.15 -7.20
CA VAL JA 41 69.87 0.20 -5.79
C VAL JA 41 69.20 -1.12 -5.38
N ALA JA 42 68.42 -1.71 -6.29
CA ALA JA 42 67.69 -2.92 -5.95
C ALA JA 42 68.62 -4.11 -5.70
N TRP JA 43 69.87 -4.03 -6.13
CA TRP JA 43 70.83 -5.13 -6.02
C TRP JA 43 71.94 -4.86 -5.03
N SER JA 44 72.41 -3.62 -4.92
CA SER JA 44 73.56 -3.29 -4.10
C SER JA 44 73.20 -2.89 -2.68
N ALA JA 45 71.99 -2.36 -2.48
CA ALA JA 45 71.62 -1.90 -1.15
C ALA JA 45 71.67 -2.98 -0.09
N PRO JA 46 71.08 -4.17 -0.28
CA PRO JA 46 71.09 -5.17 0.79
C PRO JA 46 72.44 -5.78 1.06
N LEU JA 47 73.42 -5.61 0.16
CA LEU JA 47 74.74 -6.18 0.39
C LEU JA 47 75.52 -5.44 1.46
N GLY JA 48 75.04 -4.27 1.90
CA GLY JA 48 75.85 -3.46 2.79
C GLY JA 48 77.09 -2.97 2.06
N GLY JA 49 78.19 -2.87 2.81
CA GLY JA 49 79.44 -2.50 2.18
C GLY JA 49 79.44 -1.06 1.70
N HIS JA 50 80.27 -0.81 0.69
CA HIS JA 50 80.48 0.52 0.15
C HIS JA 50 79.77 0.75 -1.17
N GLY JA 51 79.14 -0.28 -1.75
CA GLY JA 51 78.38 -0.09 -2.96
C GLY JA 51 79.24 -0.17 -4.22
N LEU JA 52 78.79 0.52 -5.26
CA LEU JA 52 79.48 0.47 -6.55
C LEU JA 52 80.87 1.08 -6.42
N THR JA 53 81.80 0.57 -7.23
CA THR JA 53 83.21 0.94 -7.13
C THR JA 53 83.80 1.19 -8.51
N ASN JA 54 83.01 1.75 -9.42
CA ASN JA 54 83.49 2.01 -10.78
C ASN JA 54 83.93 0.66 -11.36
N LYS JA 55 85.03 0.62 -12.13
CA LYS JA 55 85.56 -0.65 -12.63
C LYS JA 55 84.53 -1.40 -13.47
N THR JA 56 83.99 -0.72 -14.48
CA THR JA 56 83.00 -1.34 -15.35
C THR JA 56 83.66 -1.80 -16.65
N THR JA 57 83.08 -2.83 -17.26
CA THR JA 57 83.59 -3.40 -18.50
C THR JA 57 82.45 -3.53 -19.50
N PHE JA 58 82.75 -3.23 -20.77
CA PHE JA 58 81.77 -3.28 -21.85
C PHE JA 58 82.27 -4.14 -22.99
N GLU JA 59 81.36 -4.80 -23.68
CA GLU JA 59 81.67 -5.61 -24.84
C GLU JA 59 80.51 -5.55 -25.82
N PHE JA 60 80.84 -5.55 -27.11
CA PHE JA 60 79.84 -5.52 -28.17
C PHE JA 60 79.87 -6.82 -28.95
N GLU JA 61 78.69 -7.30 -29.34
CA GLU JA 61 78.55 -8.51 -30.13
C GLU JA 61 77.56 -8.27 -31.26
N ASN JA 62 77.76 -8.99 -32.36
CA ASN JA 62 76.87 -8.87 -33.51
C ASN JA 62 75.84 -9.99 -33.51
N VAL JA 63 74.60 -9.63 -33.86
CA VAL JA 63 73.54 -10.59 -34.12
C VAL JA 63 73.04 -10.49 -35.55
N SER JA 64 72.89 -9.28 -36.07
CA SER JA 64 72.53 -9.07 -37.48
C SER JA 64 73.25 -7.83 -37.97
N VAL JA 65 74.23 -8.01 -38.84
CA VAL JA 65 74.99 -6.91 -39.42
C VAL JA 65 75.14 -7.15 -40.91
N THR JA 66 75.00 -6.07 -41.70
CA THR JA 66 75.14 -6.12 -43.14
C THR JA 66 76.47 -5.46 -43.51
N GLU JA 67 77.31 -6.19 -44.24
CA GLU JA 67 78.61 -5.66 -44.60
C GLU JA 67 78.45 -4.44 -45.49
N PRO JA 68 79.27 -3.41 -45.31
CA PRO JA 68 79.13 -2.21 -46.16
C PRO JA 68 79.50 -2.51 -47.60
N LEU JA 69 78.85 -1.79 -48.51
CA LEU JA 69 79.14 -1.92 -49.94
C LEU JA 69 80.13 -0.87 -50.43
N VAL JA 70 80.67 -0.04 -49.54
CA VAL JA 70 81.68 0.95 -49.89
C VAL JA 70 82.80 0.87 -48.86
N ASN JA 71 83.95 1.40 -49.23
CA ASN JA 71 85.16 1.33 -48.41
C ASN JA 71 85.54 2.72 -47.92
N SER JA 72 85.95 2.81 -46.66
CA SER JA 72 86.52 4.05 -46.15
C SER JA 72 87.96 4.21 -46.64
N ALA JA 73 88.51 5.40 -46.46
CA ALA JA 73 89.84 5.70 -46.94
C ALA JA 73 90.53 6.69 -46.00
N PHE JA 74 91.84 6.81 -46.17
CA PHE JA 74 92.67 7.70 -45.38
C PHE JA 74 93.76 8.28 -46.26
N GLU JA 75 94.13 9.53 -46.00
CA GLU JA 75 95.12 10.21 -46.82
C GLU JA 75 95.83 11.27 -45.98
N ARG JA 76 96.96 11.74 -46.51
CA ARG JA 76 97.76 12.77 -45.86
C ARG JA 76 97.97 13.94 -46.81
N THR JA 77 98.04 15.14 -46.24
CA THR JA 77 98.33 16.34 -46.99
C THR JA 77 99.34 17.18 -46.21
N PRO JA 78 100.25 17.87 -46.89
CA PRO JA 78 101.22 18.71 -46.17
C PRO JA 78 100.56 19.93 -45.56
N PHE JA 79 101.35 20.66 -44.76
CA PHE JA 79 100.86 21.85 -44.10
C PHE JA 79 100.34 22.87 -45.10
N ASN JA 80 99.15 23.40 -44.83
CA ASN JA 80 98.53 24.45 -45.65
C ASN JA 80 98.52 24.08 -47.14
N THR JA 81 98.38 22.79 -47.44
CA THR JA 81 98.41 22.30 -48.81
C THR JA 81 97.05 21.76 -49.18
N THR JA 82 96.49 22.24 -50.29
CA THR JA 82 95.21 21.75 -50.75
C THR JA 82 95.30 20.29 -51.17
N LEU JA 83 94.21 19.56 -50.99
CA LEU JA 83 94.14 18.13 -51.29
C LEU JA 83 93.05 17.88 -52.32
N ALA JA 84 93.26 16.87 -53.16
CA ALA JA 84 92.29 16.47 -54.16
C ALA JA 84 92.25 14.96 -54.27
N GLY JA 85 91.14 14.45 -54.78
CA GLY JA 85 90.98 13.02 -54.92
C GLY JA 85 89.69 12.69 -55.63
N SER JA 86 89.41 11.39 -55.73
CA SER JA 86 88.22 10.90 -56.40
C SER JA 86 87.56 9.82 -55.56
N LEU JA 87 86.22 9.81 -55.57
CA LEU JA 87 85.47 8.84 -54.79
C LEU JA 87 85.16 7.57 -55.57
N ALA JA 88 85.50 7.53 -56.86
CA ALA JA 88 85.09 6.40 -57.70
C ALA JA 88 85.77 5.10 -57.30
N ALA JA 89 87.00 5.18 -56.78
CA ALA JA 89 87.75 3.97 -56.45
C ALA JA 89 87.24 3.27 -55.20
N LEU JA 90 86.30 3.88 -54.46
CA LEU JA 90 85.83 3.33 -53.20
C LEU JA 90 84.50 2.59 -53.32
N PHE JA 91 84.06 2.27 -54.54
CA PHE JA 91 82.78 1.59 -54.76
C PHE JA 91 83.04 0.35 -55.60
N PRO JA 92 83.49 -0.75 -55.00
CA PRO JA 92 83.83 -1.96 -55.76
C PRO JA 92 82.59 -2.76 -56.17
N ASN JA 93 81.75 -2.14 -56.99
CA ASN JA 93 80.56 -2.84 -57.47
C ASN JA 93 80.96 -3.89 -58.50
N PRO JA 94 80.54 -5.15 -58.32
CA PRO JA 94 80.87 -6.18 -59.33
C PRO JA 94 80.16 -5.98 -60.65
N GLU JA 95 79.12 -5.16 -60.69
CA GLU JA 95 78.36 -4.92 -61.90
C GLU JA 95 78.81 -3.63 -62.57
N GLY JA 96 78.22 -3.38 -63.75
CA GLY JA 96 78.37 -2.10 -64.42
C GLY JA 96 77.05 -1.36 -64.41
N GLU JA 97 76.98 -0.30 -63.61
CA GLU JA 97 75.72 0.41 -63.42
C GLU JA 97 76.02 1.88 -63.17
N ALA JA 98 75.01 2.70 -63.39
CA ALA JA 98 75.16 4.14 -63.19
C ALA JA 98 75.36 4.45 -61.72
N VAL JA 99 76.21 5.44 -61.45
CA VAL JA 99 76.53 5.85 -60.08
C VAL JA 99 76.40 7.36 -59.98
N GLU JA 100 76.14 7.82 -58.76
CA GLU JA 100 76.14 9.24 -58.45
C GLU JA 100 76.65 9.42 -57.03
N TYR JA 101 77.23 10.59 -56.78
CA TYR JA 101 77.91 10.88 -55.53
C TYR JA 101 77.25 12.04 -54.82
N GLU JA 102 77.42 12.09 -53.50
CA GLU JA 102 76.84 13.15 -52.69
C GLU JA 102 77.65 13.28 -51.41
N ILE JA 103 77.62 14.47 -50.83
CA ILE JA 103 78.29 14.77 -49.57
C ILE JA 103 77.24 15.11 -48.53
N LEU JA 104 77.26 14.39 -47.41
CA LEU JA 104 76.28 14.60 -46.34
C LEU JA 104 76.61 15.92 -45.65
N GLU JA 105 75.74 16.92 -45.84
CA GLU JA 105 75.99 18.24 -45.29
C GLU JA 105 75.61 18.35 -43.82
N LEU JA 106 74.95 17.34 -43.26
CA LEU JA 106 74.62 17.39 -41.83
C LEU JA 106 75.86 17.18 -40.97
N TYR JA 107 76.95 16.68 -41.54
CA TYR JA 107 78.17 16.36 -40.81
C TYR JA 107 79.36 17.03 -41.49
N PRO JA 108 79.40 18.35 -41.51
CA PRO JA 108 80.48 19.05 -42.19
C PRO JA 108 81.80 18.90 -41.45
N PRO JA 109 82.92 19.02 -42.14
CA PRO JA 109 84.21 18.99 -41.44
C PRO JA 109 84.35 20.17 -40.50
N VAL JA 110 85.09 19.96 -39.43
CA VAL JA 110 85.22 20.99 -38.39
C VAL JA 110 86.34 21.99 -38.70
N ASN JA 111 87.32 21.60 -39.52
CA ASN JA 111 88.46 22.46 -39.79
C ASN JA 111 88.79 22.54 -41.28
N GLY JA 112 87.78 22.57 -42.14
CA GLY JA 112 88.05 22.66 -43.56
C GLY JA 112 86.76 22.83 -44.34
N ILE JA 113 86.93 22.92 -45.67
CA ILE JA 113 85.80 23.05 -46.59
C ILE JA 113 86.00 22.09 -47.75
N VAL JA 114 84.93 21.44 -48.16
CA VAL JA 114 84.95 20.46 -49.23
C VAL JA 114 84.04 20.93 -50.36
N GLU JA 115 84.35 20.46 -51.57
CA GLU JA 115 83.57 20.84 -52.76
C GLU JA 115 83.52 19.62 -53.68
N LEU JA 116 82.31 19.08 -53.86
CA LEU JA 116 82.14 17.92 -54.72
C LEU JA 116 82.38 18.29 -56.16
N GLY JA 117 83.18 17.49 -56.86
CA GLY JA 117 83.58 17.76 -58.22
C GLY JA 117 82.78 16.97 -59.23
N GLU JA 118 83.41 16.71 -60.37
CA GLU JA 118 82.74 16.00 -61.46
C GLU JA 118 83.05 14.51 -61.39
N ASN JA 119 82.01 13.70 -61.42
CA ASN JA 119 82.13 12.24 -61.46
C ASN JA 119 83.08 11.75 -60.38
N GLY JA 120 82.73 12.05 -59.13
CA GLY JA 120 83.47 11.55 -57.99
C GLY JA 120 84.66 12.37 -57.56
N ALA JA 121 85.02 13.41 -58.31
CA ALA JA 121 86.13 14.26 -57.91
C ALA JA 121 85.70 15.18 -56.77
N PHE JA 122 86.68 15.59 -55.96
CA PHE JA 122 86.42 16.47 -54.83
C PHE JA 122 87.70 17.21 -54.49
N THR JA 123 87.57 18.27 -53.69
CA THR JA 123 88.69 19.08 -53.28
C THR JA 123 88.52 19.49 -51.83
N TYR JA 124 89.58 19.34 -51.04
CA TYR JA 124 89.58 19.67 -49.62
C TYR JA 124 90.55 20.82 -49.39
N ARG JA 125 90.05 21.91 -48.81
CA ARG JA 125 90.85 23.12 -48.59
C ARG JA 125 90.99 23.36 -47.09
N PRO JA 126 92.10 22.94 -46.47
CA PRO JA 126 92.23 23.11 -45.02
C PRO JA 126 92.35 24.57 -44.62
N ALA JA 127 91.89 24.85 -43.41
CA ALA JA 127 92.02 26.19 -42.86
C ALA JA 127 93.48 26.48 -42.54
N THR JA 128 93.82 27.78 -42.58
CA THR JA 128 95.21 28.18 -42.37
C THR JA 128 95.67 27.81 -40.97
N SER JA 129 96.91 27.31 -40.88
CA SER JA 129 97.58 26.99 -39.62
C SER JA 129 97.00 25.77 -38.93
N PHE JA 130 96.09 25.05 -39.57
CA PHE JA 130 95.49 23.88 -38.93
C PHE JA 130 96.44 22.69 -38.98
N THR JA 131 96.36 21.85 -37.96
CA THR JA 131 97.10 20.59 -37.91
C THR JA 131 96.36 19.63 -37.01
N GLY JA 132 96.06 18.44 -37.54
CA GLY JA 132 95.32 17.44 -36.82
C GLY JA 132 94.61 16.51 -37.78
N ILE JA 133 93.45 16.02 -37.34
CA ILE JA 133 92.64 15.07 -38.09
C ILE JA 133 91.29 15.68 -38.37
N ASP JA 134 90.70 15.32 -39.51
CA ASP JA 134 89.38 15.80 -39.90
C ASP JA 134 88.68 14.71 -40.69
N ARG JA 135 87.35 14.84 -40.80
CA ARG JA 135 86.53 13.82 -41.43
C ARG JA 135 85.43 14.47 -42.25
N PHE JA 136 84.91 13.72 -43.21
CA PHE JA 136 83.65 14.03 -43.85
C PHE JA 136 83.06 12.74 -44.40
N TRP JA 137 81.74 12.67 -44.42
CA TRP JA 137 81.01 11.46 -44.75
C TRP JA 137 80.38 11.62 -46.13
N PHE JA 138 80.63 10.65 -47.01
CA PHE JA 138 80.18 10.70 -48.39
C PHE JA 138 79.21 9.56 -48.67
N SER JA 139 78.31 9.79 -49.61
CA SER JA 139 77.30 8.82 -50.00
C SER JA 139 77.45 8.49 -51.48
N ILE JA 140 77.50 7.19 -51.80
CA ILE JA 140 77.62 6.71 -53.17
C ILE JA 140 76.44 5.80 -53.45
N ASN JA 141 75.57 6.23 -54.38
CA ASN JA 141 74.46 5.39 -54.84
C ASN JA 141 73.61 4.91 -53.67
N GLY JA 142 73.51 5.72 -52.63
CA GLY JA 142 72.72 5.39 -51.46
C GLY JA 142 73.48 4.82 -50.30
N ASN JA 143 74.67 4.27 -50.53
CA ASN JA 143 75.50 3.78 -49.44
C ASN JA 143 76.26 4.93 -48.79
N VAL JA 144 76.84 4.64 -47.62
CA VAL JA 144 77.53 5.66 -46.82
C VAL JA 144 78.90 5.13 -46.44
N GLY JA 145 79.89 6.04 -46.42
CA GLY JA 145 81.24 5.68 -46.05
C GLY JA 145 81.93 6.86 -45.39
N GLU JA 146 83.14 6.59 -44.90
CA GLU JA 146 83.93 7.58 -44.18
C GLU JA 146 85.18 7.93 -44.97
N PHE JA 147 85.61 9.18 -44.89
CA PHE JA 147 86.86 9.64 -45.48
C PHE JA 147 87.61 10.44 -44.42
N VAL JA 148 88.88 10.09 -44.21
CA VAL JA 148 89.71 10.72 -43.19
C VAL JA 148 90.88 11.42 -43.87
N ILE JA 149 91.19 12.62 -43.41
CA ILE JA 149 92.28 13.43 -43.97
C ILE JA 149 93.17 13.90 -42.83
N ALA JA 150 94.48 13.79 -43.02
CA ALA JA 150 95.46 14.18 -42.02
C ALA JA 150 96.28 15.36 -42.53
N VAL JA 151 96.41 16.39 -41.69
CA VAL JA 151 97.19 17.58 -42.03
C VAL JA 151 98.48 17.51 -41.23
N ASP JA 152 99.57 17.14 -41.89
CA ASP JA 152 100.84 16.99 -41.20
C ASP JA 152 101.38 18.33 -40.76
N PRO JA 153 102.06 18.39 -39.61
CA PRO JA 153 102.64 19.65 -39.16
C PRO JA 153 103.78 20.10 -40.07
N ALA JA 154 104.03 21.41 -40.08
CA ALA JA 154 105.10 21.95 -40.92
C ALA JA 154 106.46 21.40 -40.52
N GLN JA 155 106.69 21.22 -39.22
CA GLN JA 155 107.96 20.72 -38.71
C GLN JA 155 107.70 19.61 -37.71
N GLY JA 156 108.66 18.70 -37.60
CA GLY JA 156 108.58 17.61 -36.64
C GLY JA 156 108.02 16.34 -37.24
N PRO JA 157 107.87 15.32 -36.40
CA PRO JA 157 107.39 14.03 -36.90
C PRO JA 157 105.94 14.07 -37.32
N GLN JA 158 105.59 13.14 -38.21
CA GLN JA 158 104.23 13.06 -38.73
C GLN JA 158 103.28 12.53 -37.64
N ILE JA 159 101.98 12.70 -37.90
CA ILE JA 159 100.95 12.25 -36.97
C ILE JA 159 100.47 10.87 -37.36
N ALA JA 160 100.22 10.03 -36.36
CA ALA JA 160 99.85 8.64 -36.59
C ALA JA 160 98.43 8.53 -37.14
N GLN JA 161 98.19 7.43 -37.84
CA GLN JA 161 96.87 7.20 -38.42
C GLN JA 161 95.85 6.89 -37.33
N PRO JA 162 94.67 7.47 -37.36
CA PRO JA 162 93.65 7.13 -36.36
C PRO JA 162 92.76 6.00 -36.86
N PRO JA 163 92.13 5.26 -35.96
CA PRO JA 163 91.21 4.21 -36.39
C PRO JA 163 89.87 4.78 -36.84
N PHE JA 164 89.17 4.01 -37.67
CA PHE JA 164 87.85 4.42 -38.14
C PHE JA 164 86.82 4.26 -37.03
N THR JA 165 85.78 5.10 -37.10
CA THR JA 165 84.74 5.07 -36.07
C THR JA 165 83.84 3.85 -36.27
N PRO JA 166 83.68 2.99 -35.27
CA PRO JA 166 82.81 1.82 -35.43
C PRO JA 166 81.36 2.24 -35.68
N ALA JA 167 80.54 1.24 -35.98
CA ALA JA 167 79.12 1.51 -36.21
C ALA JA 167 78.45 2.04 -34.95
N VAL JA 168 78.71 1.41 -33.81
CA VAL JA 168 78.25 1.89 -32.51
C VAL JA 168 79.40 1.77 -31.53
N TYR JA 169 79.57 2.78 -30.69
CA TYR JA 169 80.70 2.84 -29.77
C TYR JA 169 80.26 3.50 -28.48
N VAL JA 170 81.02 3.21 -27.42
CA VAL JA 170 80.78 3.79 -26.11
C VAL JA 170 82.05 4.51 -25.66
N PRO JA 171 82.12 5.85 -25.71
CA PRO JA 171 83.33 6.53 -25.24
C PRO JA 171 83.66 6.18 -23.81
N LEU JA 172 84.82 5.55 -23.60
CA LEU JA 172 85.15 5.01 -22.28
C LEU JA 172 85.66 6.07 -21.33
N SER JA 173 85.97 7.27 -21.79
CA SER JA 173 86.36 8.36 -20.90
C SER JA 173 85.18 9.12 -20.35
N ARG JA 174 83.99 8.93 -20.90
CA ARG JA 174 82.78 9.58 -20.42
C ARG JA 174 81.91 8.55 -19.70
N ARG JA 175 82.19 8.39 -18.41
CA ARG JA 175 81.57 7.34 -17.62
C ARG JA 175 81.73 7.68 -16.15
N GLU JA 176 80.67 7.43 -15.37
CA GLU JA 176 80.69 7.78 -13.96
C GLU JA 176 79.67 6.94 -13.22
N VAL JA 177 79.87 6.81 -11.90
CA VAL JA 177 78.95 6.13 -11.01
C VAL JA 177 78.65 7.05 -9.85
N ASN JA 178 77.36 7.21 -9.54
CA ASN JA 178 76.92 8.13 -8.48
C ASN JA 178 76.73 7.31 -7.21
N LYS JA 179 77.68 7.41 -6.29
CA LYS JA 179 77.58 6.68 -5.03
C LYS JA 179 76.42 7.13 -4.17
N GLN JA 180 75.89 8.33 -4.41
CA GLN JA 180 74.75 8.80 -3.63
C GLN JA 180 73.52 7.95 -3.87
N THR JA 181 73.26 7.57 -5.13
CA THR JA 181 72.07 6.82 -5.47
C THR JA 181 72.37 5.50 -6.18
N GLN JA 182 73.63 5.09 -6.24
CA GLN JA 182 73.99 3.80 -6.84
C GLN JA 182 73.46 3.71 -8.27
N ALA JA 183 73.95 4.60 -9.13
CA ALA JA 183 73.53 4.65 -10.52
C ALA JA 183 74.75 4.80 -11.42
N LEU JA 184 74.63 4.31 -12.64
CA LEU JA 184 75.71 4.35 -13.62
C LEU JA 184 75.25 5.12 -14.85
N ARG JA 185 76.10 5.99 -15.36
CA ARG JA 185 75.84 6.76 -16.58
C ARG JA 185 76.94 6.50 -17.60
N PHE JA 186 76.55 6.26 -18.84
CA PHE JA 186 77.49 6.15 -19.94
C PHE JA 186 76.84 6.74 -21.19
N VAL JA 187 77.65 6.92 -22.23
CA VAL JA 187 77.23 7.60 -23.44
C VAL JA 187 77.26 6.61 -24.60
N LEU JA 188 76.15 6.51 -25.31
CA LEU JA 188 76.02 5.63 -26.47
C LEU JA 188 75.99 6.49 -27.73
N GLY JA 189 76.81 6.14 -28.69
CA GLY JA 189 76.89 6.89 -29.95
C GLY JA 189 76.75 5.98 -31.14
N VAL JA 190 76.14 6.51 -32.19
CA VAL JA 190 75.90 5.78 -33.44
C VAL JA 190 76.49 6.58 -34.59
N SER JA 191 77.31 5.93 -35.41
CA SER JA 191 77.90 6.59 -36.55
C SER JA 191 76.85 6.82 -37.64
N PRO JA 192 77.04 7.82 -38.49
CA PRO JA 192 76.07 8.06 -39.57
C PRO JA 192 75.96 6.91 -40.55
N ALA JA 193 76.97 6.05 -40.58
CA ALA JA 193 77.05 4.98 -41.56
C ALA JA 193 76.32 3.71 -41.13
N ALA JA 194 75.72 3.68 -39.94
CA ALA JA 194 75.00 2.50 -39.49
C ALA JA 194 73.78 2.29 -40.36
N LYS JA 195 73.60 1.06 -40.85
CA LYS JA 195 72.49 0.74 -41.74
C LYS JA 195 71.26 0.44 -40.89
N PRO JA 196 70.11 1.06 -41.19
CA PRO JA 196 68.91 0.75 -40.38
C PRO JA 196 68.50 -0.71 -40.53
N ALA JA 197 67.84 -1.21 -39.48
CA ALA JA 197 67.39 -2.59 -39.34
C ALA JA 197 68.49 -3.52 -38.80
N ASP JA 198 69.70 -3.02 -38.58
CA ASP JA 198 70.74 -3.84 -37.96
C ASP JA 198 70.53 -3.92 -36.46
N ILE JA 199 71.19 -4.90 -35.84
CA ILE JA 199 71.06 -5.15 -34.40
C ILE JA 199 72.43 -5.47 -33.83
N TYR JA 200 72.74 -4.90 -32.67
CA TYR JA 200 73.95 -5.21 -31.93
C TYR JA 200 73.58 -5.53 -30.48
N ARG JA 201 74.49 -6.21 -29.79
CA ARG JA 201 74.28 -6.60 -28.40
C ARG JA 201 75.39 -6.03 -27.54
N LEU JA 202 75.01 -5.40 -26.43
CA LEU JA 202 75.95 -4.77 -25.51
C LEU JA 202 75.91 -5.52 -24.17
N ASN JA 203 77.08 -5.86 -23.65
CA ASN JA 203 77.21 -6.54 -22.37
C ASN JA 203 77.92 -5.63 -21.37
N ILE JA 204 77.54 -5.75 -20.11
CA ILE JA 204 78.10 -4.92 -19.04
C ILE JA 204 78.39 -5.81 -17.84
N ARG JA 205 79.51 -5.55 -17.18
CA ARG JA 205 79.87 -6.21 -15.93
C ARG JA 205 80.26 -5.14 -14.91
N GLN JA 206 79.46 -5.01 -13.86
CA GLN JA 206 79.62 -3.96 -12.88
C GLN JA 206 80.02 -4.57 -11.55
N ALA JA 207 81.05 -4.00 -10.93
CA ALA JA 207 81.58 -4.53 -9.69
C ALA JA 207 81.13 -3.71 -8.50
N ALA JA 208 80.99 -4.39 -7.36
CA ALA JA 208 80.69 -3.73 -6.10
C ALA JA 208 81.53 -4.40 -5.01
N ILE JA 209 81.76 -3.67 -3.92
CA ILE JA 209 82.67 -4.10 -2.87
C ILE JA 209 81.93 -4.15 -1.54
N ASP JA 210 82.38 -5.02 -0.65
CA ASP JA 210 81.93 -5.03 0.73
C ASP JA 210 82.81 -4.08 1.54
N CYS JA 211 82.67 -4.16 2.87
CA CYS JA 211 83.39 -3.24 3.75
C CYS JA 211 84.90 -3.36 3.64
N GLU JA 212 85.44 -4.56 3.44
CA GLU JA 212 86.87 -4.78 3.50
C GLU JA 212 87.55 -4.76 2.13
N GLY JA 213 86.83 -4.46 1.06
CA GLY JA 213 87.41 -4.37 -0.27
C GLY JA 213 87.14 -5.55 -1.18
N ASN JA 214 86.64 -6.67 -0.65
CA ASN JA 214 86.30 -7.81 -1.48
C ASN JA 214 85.17 -7.44 -2.44
N GLU JA 215 85.19 -8.03 -3.62
CA GLU JA 215 84.36 -7.58 -4.73
C GLU JA 215 83.23 -8.55 -5.03
N TYR JA 216 82.09 -8.00 -5.44
CA TYR JA 216 81.01 -8.74 -6.05
C TYR JA 216 80.98 -8.41 -7.54
N PHE JA 217 80.00 -8.97 -8.25
CA PHE JA 217 79.89 -8.74 -9.68
C PHE JA 217 78.46 -8.95 -10.14
N HIS JA 218 78.07 -8.21 -11.19
CA HIS JA 218 76.74 -8.27 -11.78
C HIS JA 218 76.87 -8.17 -13.29
N ILE JA 219 76.07 -8.95 -14.01
CA ILE JA 219 76.16 -9.03 -15.47
C ILE JA 219 74.78 -8.78 -16.05
N SER JA 220 74.73 -7.99 -17.12
CA SER JA 220 73.49 -7.69 -17.83
C SER JA 220 73.83 -7.38 -19.28
N CYS JA 221 72.81 -7.39 -20.13
CA CYS JA 221 73.01 -7.17 -21.55
C CYS JA 221 71.80 -6.46 -22.14
N TYR JA 222 72.02 -5.78 -23.26
CA TYR JA 222 70.99 -4.98 -23.93
C TYR JA 222 71.10 -5.17 -25.43
N ASP JA 223 69.98 -4.99 -26.13
CA ASP JA 223 69.92 -5.12 -27.58
C ASP JA 223 69.67 -3.75 -28.20
N ILE JA 224 70.50 -3.38 -29.17
CA ILE JA 224 70.42 -2.09 -29.84
C ILE JA 224 70.04 -2.34 -31.29
N SER JA 225 68.95 -1.72 -31.73
CA SER JA 225 68.47 -1.86 -33.10
C SER JA 225 68.39 -0.48 -33.75
N ILE JA 226 68.95 -0.37 -34.95
CA ILE JA 226 69.02 0.92 -35.64
C ILE JA 226 67.64 1.28 -36.16
N GLY JA 227 67.22 2.52 -35.91
CA GLY JA 227 65.91 3.01 -36.30
C GLY JA 227 65.98 3.94 -37.50
N SER JA 228 64.98 4.81 -37.60
CA SER JA 228 64.86 5.76 -38.70
C SER JA 228 63.75 6.74 -38.35
N CYS JA 229 63.45 7.62 -39.30
CA CYS JA 229 62.42 8.63 -39.11
C CYS JA 229 61.10 8.17 -39.72
N GLY JA 230 60.11 9.07 -39.70
CA GLY JA 230 58.81 8.78 -40.25
C GLY JA 230 57.87 9.98 -40.20
N CYS KA 23 5.15 -70.01 27.31
CA CYS KA 23 6.50 -70.55 27.23
C CYS KA 23 7.38 -69.73 26.28
N GLU KA 24 7.90 -68.61 26.77
CA GLU KA 24 8.85 -67.84 25.98
C GLU KA 24 10.02 -68.73 25.59
N SER KA 25 10.37 -68.73 24.31
CA SER KA 25 11.36 -69.67 23.80
C SER KA 25 12.76 -69.10 23.93
N ILE KA 26 13.68 -69.94 24.40
CA ILE KA 26 15.10 -69.59 24.51
C ILE KA 26 15.89 -70.57 23.66
N SER KA 27 17.00 -70.09 23.10
CA SER KA 27 17.90 -70.91 22.31
C SER KA 27 19.31 -70.81 22.87
N ALA KA 28 20.01 -71.93 22.89
CA ALA KA 28 21.34 -71.97 23.48
C ALA KA 28 22.24 -72.86 22.63
N ARG KA 29 23.54 -72.64 22.75
CA ARG KA 29 24.56 -73.36 22.01
C ARG KA 29 25.51 -74.07 22.98
N PRO KA 30 25.96 -75.28 22.67
CA PRO KA 30 26.89 -75.96 23.57
C PRO KA 30 28.15 -75.14 23.80
N GLY KA 31 28.60 -75.09 25.04
CA GLY KA 31 29.79 -74.36 25.41
C GLY KA 31 29.56 -72.91 25.75
N GLU KA 32 28.35 -72.39 25.58
CA GLU KA 32 28.06 -70.99 25.82
C GLU KA 32 27.68 -70.75 27.28
N VAL KA 33 27.88 -69.52 27.73
CA VAL KA 33 27.42 -69.06 29.04
C VAL KA 33 26.89 -67.65 28.86
N ASN KA 34 25.57 -67.50 28.94
CA ASN KA 34 24.91 -66.25 28.59
C ASN KA 34 23.89 -65.89 29.67
N GLY KA 35 23.70 -64.60 29.87
CA GLY KA 35 22.78 -64.13 30.90
C GLY KA 35 21.38 -63.89 30.37
N VAL KA 36 20.43 -63.83 31.30
CA VAL KA 36 19.02 -63.60 30.97
C VAL KA 36 18.47 -62.57 31.95
N MET KA 37 17.45 -61.83 31.51
CA MET KA 37 16.85 -60.77 32.31
C MET KA 37 15.35 -60.74 32.07
N VAL KA 38 14.58 -60.58 33.15
CA VAL KA 38 13.13 -60.50 33.09
C VAL KA 38 12.67 -59.31 33.91
N SER KA 39 11.65 -58.62 33.43
CA SER KA 39 11.14 -57.41 34.06
C SER KA 39 9.78 -57.69 34.69
N TYR KA 40 9.64 -57.32 35.97
CA TYR KA 40 8.41 -57.56 36.72
C TYR KA 40 7.62 -56.29 37.01
N VAL KA 41 7.95 -55.17 36.36
CA VAL KA 41 7.28 -53.90 36.69
C VAL KA 41 5.79 -54.01 36.44
N ALA KA 42 5.38 -54.71 35.39
CA ALA KA 42 3.96 -54.78 35.04
C ALA KA 42 3.15 -55.55 36.08
N TRP KA 43 3.81 -56.31 36.96
CA TRP KA 43 3.12 -57.14 37.94
C TRP KA 43 3.27 -56.61 39.36
N SER KA 44 4.50 -56.34 39.80
CA SER KA 44 4.73 -55.92 41.17
C SER KA 44 4.53 -54.43 41.39
N ALA KA 45 4.26 -53.66 40.33
CA ALA KA 45 4.03 -52.23 40.53
C ALA KA 45 2.67 -51.94 41.13
N PRO KA 46 1.54 -52.36 40.53
CA PRO KA 46 0.24 -52.03 41.13
C PRO KA 46 0.04 -52.61 42.50
N LEU KA 47 0.74 -53.68 42.86
CA LEU KA 47 0.57 -54.26 44.20
C LEU KA 47 1.03 -53.31 45.29
N GLY KA 48 1.85 -52.30 44.95
CA GLY KA 48 2.40 -51.46 45.98
C GLY KA 48 3.43 -52.22 46.81
N GLY KA 49 3.56 -51.83 48.07
CA GLY KA 49 4.47 -52.53 48.94
C GLY KA 49 5.92 -52.22 48.62
N HIS KA 50 6.79 -53.19 48.92
CA HIS KA 50 8.22 -53.03 48.81
C HIS KA 50 8.82 -53.77 47.61
N GLY KA 51 7.98 -54.18 46.65
CA GLY KA 51 8.52 -54.74 45.43
C GLY KA 51 8.98 -56.18 45.58
N LEU KA 52 9.98 -56.54 44.77
CA LEU KA 52 10.43 -57.92 44.68
C LEU KA 52 11.24 -58.32 45.91
N THR KA 53 11.69 -59.57 45.90
CA THR KA 53 12.47 -60.14 46.99
C THR KA 53 13.39 -61.20 46.41
N ASN KA 54 14.44 -61.53 47.17
CA ASN KA 54 15.46 -62.47 46.70
C ASN KA 54 15.06 -63.93 46.87
N LYS KA 55 13.79 -64.24 47.04
CA LYS KA 55 13.33 -65.62 47.21
C LYS KA 55 12.92 -66.29 45.90
N THR KA 56 13.84 -66.43 44.95
CA THR KA 56 13.53 -67.12 43.71
C THR KA 56 13.80 -68.62 43.85
N THR KA 57 13.18 -69.39 42.97
CA THR KA 57 13.35 -70.83 42.93
C THR KA 57 13.29 -71.32 41.50
N PHE KA 58 14.24 -72.16 41.11
CA PHE KA 58 14.34 -72.67 39.75
C PHE KA 58 14.16 -74.19 39.75
N GLU KA 59 13.59 -74.71 38.66
CA GLU KA 59 13.42 -76.14 38.48
C GLU KA 59 13.59 -76.46 36.99
N PHE KA 60 14.28 -77.56 36.71
CA PHE KA 60 14.53 -78.00 35.34
C PHE KA 60 13.78 -79.29 35.06
N GLU KA 61 13.14 -79.34 33.89
CA GLU KA 61 12.37 -80.51 33.46
C GLU KA 61 12.80 -80.93 32.07
N ASN KA 62 12.75 -82.23 31.82
CA ASN KA 62 13.10 -82.78 30.51
C ASN KA 62 11.86 -83.03 29.68
N VAL KA 63 11.92 -82.70 28.39
CA VAL KA 63 10.87 -83.02 27.44
C VAL KA 63 11.38 -83.89 26.31
N SER KA 64 12.58 -83.60 25.78
CA SER KA 64 13.21 -84.43 24.76
C SER KA 64 14.71 -84.43 25.04
N VAL KA 65 15.20 -85.52 25.64
CA VAL KA 65 16.61 -85.67 25.96
C VAL KA 65 17.06 -87.05 25.53
N THR KA 66 18.23 -87.12 24.91
CA THR KA 66 18.80 -88.37 24.42
C THR KA 66 19.92 -88.79 25.36
N GLU KA 67 19.87 -90.03 25.84
CA GLU KA 67 20.85 -90.50 26.79
C GLU KA 67 22.23 -90.54 26.13
N PRO KA 68 23.30 -90.21 26.86
CA PRO KA 68 24.63 -90.19 26.25
C PRO KA 68 25.10 -91.60 25.92
N LEU KA 69 25.95 -91.69 24.88
CA LEU KA 69 26.54 -92.95 24.49
C LEU KA 69 27.89 -93.20 25.14
N VAL KA 70 28.41 -92.26 25.93
CA VAL KA 70 29.68 -92.41 26.62
C VAL KA 70 29.47 -92.03 28.08
N ASN KA 71 30.34 -92.55 28.94
CA ASN KA 71 30.24 -92.33 30.37
C ASN KA 71 31.29 -91.32 30.83
N SER KA 72 31.02 -90.69 31.97
CA SER KA 72 32.00 -89.82 32.61
C SER KA 72 32.87 -90.63 33.57
N ALA KA 73 33.98 -90.03 33.98
CA ALA KA 73 34.92 -90.71 34.86
C ALA KA 73 35.53 -89.70 35.82
N PHE KA 74 36.12 -90.23 36.90
CA PHE KA 74 36.79 -89.43 37.91
C PHE KA 74 38.00 -90.20 38.42
N GLU KA 75 39.08 -89.48 38.70
CA GLU KA 75 40.32 -90.11 39.12
C GLU KA 75 41.04 -89.19 40.10
N ARG KA 76 42.01 -89.77 40.81
CA ARG KA 76 42.84 -89.05 41.76
C ARG KA 76 44.31 -89.27 41.43
N THR KA 77 45.14 -88.29 41.78
CA THR KA 77 46.57 -88.38 41.58
C THR KA 77 47.27 -87.81 42.81
N PRO KA 78 48.46 -88.31 43.15
CA PRO KA 78 49.18 -87.75 44.29
C PRO KA 78 49.71 -86.36 43.99
N PHE KA 79 50.10 -85.65 45.06
CA PHE KA 79 50.59 -84.30 44.92
C PHE KA 79 51.76 -84.25 43.94
N ASN KA 80 51.69 -83.29 43.01
CA ASN KA 80 52.74 -83.07 42.02
C ASN KA 80 53.14 -84.36 41.30
N THR KA 81 52.16 -85.17 40.92
CA THR KA 81 52.40 -86.47 40.30
C THR KA 81 51.71 -86.53 38.95
N THR KA 82 52.39 -87.11 37.97
CA THR KA 82 51.80 -87.29 36.64
C THR KA 82 50.73 -88.37 36.70
N LEU KA 83 49.70 -88.21 35.86
CA LEU KA 83 48.59 -89.14 35.78
C LEU KA 83 48.51 -89.74 34.38
N ALA KA 84 48.18 -91.04 34.32
CA ALA KA 84 48.01 -91.74 33.06
C ALA KA 84 46.72 -92.54 33.09
N GLY KA 85 46.13 -92.74 31.92
CA GLY KA 85 44.89 -93.47 31.84
C GLY KA 85 44.55 -93.81 30.40
N SER KA 86 43.36 -94.37 30.22
CA SER KA 86 42.89 -94.79 28.91
C SER KA 86 41.43 -94.41 28.75
N LEU KA 87 41.06 -93.98 27.54
CA LEU KA 87 39.69 -93.58 27.24
C LEU KA 87 38.84 -94.72 26.69
N ALA KA 88 39.43 -95.89 26.45
CA ALA KA 88 38.70 -96.96 25.79
C ALA KA 88 37.57 -97.52 26.65
N ALA KA 89 37.78 -97.64 27.96
CA ALA KA 89 36.80 -98.28 28.82
C ALA KA 89 35.52 -97.47 28.96
N LEU KA 90 35.51 -96.22 28.52
CA LEU KA 90 34.38 -95.33 28.73
C LEU KA 90 33.36 -95.37 27.60
N PHE KA 91 33.52 -96.24 26.61
CA PHE KA 91 32.62 -96.27 25.47
C PHE KA 91 32.02 -97.66 25.31
N PRO KA 92 30.93 -97.96 26.02
CA PRO KA 92 30.31 -99.30 25.95
C PRO KA 92 29.43 -99.47 24.71
N ASN KA 93 30.06 -99.50 23.55
CA ASN KA 93 29.31 -99.72 22.32
C ASN KA 93 28.79 -101.14 22.27
N PRO KA 94 27.48 -101.34 22.07
CA PRO KA 94 26.93 -102.70 22.05
C PRO KA 94 27.25 -103.50 20.80
N GLU KA 95 27.74 -102.89 19.72
CA GLU KA 95 28.25 -103.63 18.58
C GLU KA 95 29.67 -103.19 18.28
N GLY KA 96 30.53 -104.17 18.01
CA GLY KA 96 31.93 -103.85 17.69
C GLY KA 96 32.01 -102.95 16.47
N GLU KA 97 32.83 -101.92 16.57
CA GLU KA 97 33.04 -100.99 15.46
C GLU KA 97 34.34 -100.24 15.70
N ALA KA 98 34.87 -99.65 14.62
CA ALA KA 98 36.08 -98.86 14.72
C ALA KA 98 35.82 -97.62 15.57
N VAL KA 99 36.78 -97.29 16.42
CA VAL KA 99 36.65 -96.18 17.36
C VAL KA 99 37.89 -95.31 17.29
N GLU KA 100 37.67 -94.00 17.35
CA GLU KA 100 38.75 -93.02 17.39
C GLU KA 100 38.48 -92.03 18.50
N TYR KA 101 39.56 -91.46 19.04
CA TYR KA 101 39.49 -90.58 20.18
C TYR KA 101 39.96 -89.18 19.80
N GLU KA 102 39.52 -88.20 20.58
CA GLU KA 102 39.88 -86.81 20.33
C GLU KA 102 39.70 -86.01 21.62
N ILE KA 103 40.42 -84.90 21.71
CA ILE KA 103 40.33 -83.98 22.84
C ILE KA 103 39.84 -82.64 22.31
N LEU KA 104 38.77 -82.12 22.89
CA LEU KA 104 38.22 -80.83 22.49
C LEU KA 104 39.17 -79.74 22.98
N GLU KA 105 39.81 -79.06 22.05
CA GLU KA 105 40.85 -78.09 22.39
C GLU KA 105 40.29 -76.74 22.80
N LEU KA 106 39.00 -76.48 22.59
CA LEU KA 106 38.42 -75.23 23.05
C LEU KA 106 38.32 -75.16 24.56
N TYR KA 107 38.54 -76.27 25.27
CA TYR KA 107 38.27 -76.36 26.70
C TYR KA 107 39.50 -76.93 27.41
N PRO KA 108 40.64 -76.24 27.31
CA PRO KA 108 41.88 -76.79 27.86
C PRO KA 108 41.83 -76.82 29.37
N PRO KA 109 42.56 -77.74 30.01
CA PRO KA 109 42.64 -77.72 31.47
C PRO KA 109 43.26 -76.42 31.96
N VAL KA 110 42.74 -75.93 33.08
CA VAL KA 110 43.15 -74.62 33.58
C VAL KA 110 44.48 -74.68 34.33
N ASN KA 111 44.79 -75.81 34.96
CA ASN KA 111 46.01 -75.96 35.76
C ASN KA 111 46.73 -77.26 35.40
N GLY KA 112 46.93 -77.51 34.12
CA GLY KA 112 47.64 -78.70 33.71
C GLY KA 112 47.74 -78.78 32.21
N ILE KA 113 48.30 -79.89 31.74
CA ILE KA 113 48.44 -80.17 30.32
C ILE KA 113 48.07 -81.62 30.06
N VAL KA 114 47.36 -81.84 28.97
CA VAL KA 114 46.91 -83.18 28.57
C VAL KA 114 47.49 -83.51 27.21
N GLU KA 115 48.00 -84.74 27.10
CA GLU KA 115 48.52 -85.26 25.84
C GLU KA 115 47.79 -86.54 25.50
N LEU KA 116 47.40 -86.69 24.24
CA LEU KA 116 46.65 -87.85 23.78
C LEU KA 116 47.59 -88.80 23.05
N GLY KA 117 47.58 -90.06 23.46
CA GLY KA 117 48.46 -91.07 22.91
C GLY KA 117 47.80 -91.92 21.85
N GLU KA 118 48.18 -93.20 21.85
CA GLU KA 118 47.71 -94.12 20.82
C GLU KA 118 46.70 -95.09 21.40
N ASN KA 119 45.60 -95.29 20.66
CA ASN KA 119 44.44 -96.06 21.14
C ASN KA 119 43.92 -95.53 22.47
N GLY KA 120 43.69 -94.22 22.52
CA GLY KA 120 42.99 -93.64 23.66
C GLY KA 120 43.83 -93.45 24.90
N ALA KA 121 45.11 -93.79 24.86
CA ALA KA 121 45.98 -93.52 26.00
C ALA KA 121 46.27 -92.03 26.09
N PHE KA 122 46.30 -91.51 27.31
CA PHE KA 122 46.52 -90.09 27.54
C PHE KA 122 47.38 -89.90 28.78
N THR KA 123 48.02 -88.74 28.86
CA THR KA 123 48.86 -88.38 29.98
C THR KA 123 48.50 -86.98 30.46
N TYR KA 124 48.27 -86.84 31.76
CA TYR KA 124 47.96 -85.56 32.37
C TYR KA 124 49.12 -85.15 33.28
N ARG KA 125 49.65 -83.96 33.04
CA ARG KA 125 50.84 -83.48 33.75
C ARG KA 125 50.50 -82.21 34.52
N PRO KA 126 50.12 -82.33 35.80
CA PRO KA 126 49.63 -81.16 36.53
C PRO KA 126 50.70 -80.10 36.72
N ALA KA 127 50.24 -78.86 36.89
CA ALA KA 127 51.15 -77.76 37.15
C ALA KA 127 51.83 -77.96 38.50
N THR KA 128 53.07 -77.46 38.59
CA THR KA 128 53.86 -77.64 39.79
C THR KA 128 53.16 -77.06 41.01
N SER KA 129 53.08 -77.83 42.08
CA SER KA 129 52.52 -77.37 43.35
C SER KA 129 51.07 -76.92 43.19
N PHE KA 130 50.24 -77.79 42.61
CA PHE KA 130 48.82 -77.49 42.47
C PHE KA 130 47.99 -78.40 43.38
N THR KA 131 46.89 -77.85 43.86
CA THR KA 131 45.96 -78.61 44.70
C THR KA 131 44.55 -78.12 44.42
N GLY KA 132 43.72 -78.98 43.85
CA GLY KA 132 42.36 -78.62 43.52
C GLY KA 132 41.75 -79.62 42.55
N ILE KA 133 40.77 -79.15 41.81
CA ILE KA 133 40.04 -79.96 40.83
C ILE KA 133 40.33 -79.44 39.43
N ASP KA 134 40.29 -80.34 38.46
CA ASP KA 134 40.55 -79.97 37.07
C ASP KA 134 39.69 -80.85 36.16
N ARG KA 135 39.53 -80.40 34.92
CA ARG KA 135 38.65 -81.07 33.97
C ARG KA 135 39.25 -80.98 32.57
N PHE KA 136 38.81 -81.89 31.71
CA PHE KA 136 39.01 -81.78 30.27
C PHE KA 136 37.96 -82.63 29.58
N TRP KA 137 37.66 -82.27 28.33
CA TRP KA 137 36.55 -82.86 27.59
C TRP KA 137 37.10 -83.65 26.42
N PHE KA 138 36.62 -84.89 26.27
CA PHE KA 138 37.09 -85.80 25.25
C PHE KA 138 35.93 -86.27 24.38
N SER KA 139 36.22 -86.57 23.13
CA SER KA 139 35.22 -87.03 22.17
C SER KA 139 35.63 -88.40 21.65
N ILE KA 140 34.74 -89.37 21.80
CA ILE KA 140 34.95 -90.74 21.32
C ILE KA 140 33.97 -90.98 20.19
N ASN KA 141 34.48 -90.96 18.95
CA ASN KA 141 33.67 -91.26 17.77
C ASN KA 141 32.46 -90.33 17.69
N GLY KA 142 32.68 -89.05 17.97
CA GLY KA 142 31.65 -88.04 17.84
C GLY KA 142 30.78 -87.83 19.06
N ASN KA 143 31.02 -88.55 20.15
CA ASN KA 143 30.24 -88.43 21.37
C ASN KA 143 31.10 -87.74 22.43
N VAL KA 144 30.54 -86.71 23.06
CA VAL KA 144 31.28 -85.88 24.01
C VAL KA 144 31.05 -86.40 25.42
N GLY KA 145 32.11 -86.36 26.23
CA GLY KA 145 32.03 -86.80 27.62
C GLY KA 145 32.97 -85.99 28.48
N GLU KA 146 32.76 -86.09 29.78
CA GLU KA 146 33.52 -85.32 30.77
C GLU KA 146 34.50 -86.23 31.49
N PHE KA 147 35.68 -85.68 31.79
CA PHE KA 147 36.68 -86.36 32.60
C PHE KA 147 37.14 -85.41 33.70
N VAL KA 148 37.25 -85.91 34.92
CA VAL KA 148 37.56 -85.10 36.09
C VAL KA 148 38.79 -85.67 36.77
N ILE KA 149 39.66 -84.79 37.27
CA ILE KA 149 40.84 -85.16 38.02
C ILE KA 149 40.88 -84.33 39.30
N ALA KA 150 41.28 -84.95 40.40
CA ALA KA 150 41.43 -84.28 41.68
C ALA KA 150 42.87 -84.40 42.15
N VAL KA 151 43.46 -83.28 42.56
CA VAL KA 151 44.85 -83.25 43.01
C VAL KA 151 44.87 -83.02 44.51
N ASP KA 152 44.91 -84.10 45.28
CA ASP KA 152 44.92 -83.98 46.73
C ASP KA 152 46.27 -83.44 47.21
N PRO KA 153 46.28 -82.67 48.29
CA PRO KA 153 47.54 -82.13 48.80
C PRO KA 153 48.39 -83.20 49.47
N ALA KA 154 49.68 -82.87 49.65
CA ALA KA 154 50.59 -83.79 50.31
C ALA KA 154 50.19 -84.07 51.75
N GLN KA 155 49.49 -83.15 52.39
CA GLN KA 155 49.04 -83.33 53.76
C GLN KA 155 47.59 -82.87 53.89
N GLY KA 156 46.90 -83.44 54.86
CA GLY KA 156 45.51 -83.12 55.10
C GLY KA 156 44.59 -84.15 54.46
N PRO KA 157 43.29 -83.99 54.68
CA PRO KA 157 42.32 -84.95 54.14
C PRO KA 157 42.17 -84.83 52.64
N GLN KA 158 41.68 -85.91 52.04
CA GLN KA 158 41.48 -85.95 50.59
C GLN KA 158 40.37 -84.99 50.19
N ILE KA 159 40.43 -84.54 48.93
CA ILE KA 159 39.41 -83.63 48.42
C ILE KA 159 38.18 -84.43 48.02
N ALA KA 160 37.02 -84.00 48.50
CA ALA KA 160 35.78 -84.71 48.20
C ALA KA 160 35.48 -84.67 46.71
N GLN KA 161 34.88 -85.73 46.20
CA GLN KA 161 34.55 -85.81 44.78
C GLN KA 161 33.42 -84.85 44.45
N PRO KA 162 33.58 -83.94 43.50
CA PRO KA 162 32.50 -83.03 43.15
C PRO KA 162 31.53 -83.68 42.18
N PRO KA 163 30.34 -83.11 42.00
CA PRO KA 163 29.39 -83.69 41.04
C PRO KA 163 29.76 -83.32 39.62
N PHE KA 164 29.19 -84.08 38.68
CA PHE KA 164 29.43 -83.81 37.27
C PHE KA 164 28.65 -82.60 36.80
N THR KA 165 29.09 -82.04 35.68
CA THR KA 165 28.47 -80.84 35.13
C THR KA 165 27.19 -81.20 34.38
N PRO KA 166 26.03 -80.65 34.75
CA PRO KA 166 24.81 -80.96 34.01
C PRO KA 166 24.85 -80.38 32.60
N ALA KA 167 23.94 -80.89 31.75
CA ALA KA 167 23.84 -80.37 30.39
C ALA KA 167 23.46 -78.90 30.38
N VAL KA 168 22.52 -78.51 31.23
CA VAL KA 168 22.14 -77.12 31.42
C VAL KA 168 21.97 -76.86 32.91
N TYR KA 169 22.42 -75.69 33.36
CA TYR KA 169 22.40 -75.37 34.78
C TYR KA 169 22.30 -73.86 34.93
N VAL KA 170 21.90 -73.44 36.13
CA VAL KA 170 21.80 -72.03 36.49
C VAL KA 170 22.54 -71.84 37.81
N PRO KA 171 23.72 -71.21 37.81
CA PRO KA 171 24.43 -71.01 39.08
C PRO KA 171 23.56 -70.23 40.06
N LEU KA 172 23.57 -70.66 41.32
CA LEU KA 172 22.72 -70.05 42.33
C LEU KA 172 23.42 -68.91 43.06
N SER KA 173 24.72 -68.72 42.87
CA SER KA 173 25.41 -67.60 43.48
C SER KA 173 25.42 -66.36 42.59
N ARG KA 174 25.26 -66.54 41.28
CA ARG KA 174 25.23 -65.43 40.33
C ARG KA 174 23.78 -65.07 40.02
N ARG KA 175 23.22 -64.26 40.90
CA ARG KA 175 21.79 -63.94 40.85
C ARG KA 175 21.56 -62.64 41.59
N GLU KA 176 20.73 -61.77 41.02
CA GLU KA 176 20.47 -60.46 41.61
C GLU KA 176 19.07 -60.00 41.24
N VAL KA 177 18.52 -59.13 42.08
CA VAL KA 177 17.26 -58.45 41.82
C VAL KA 177 17.52 -56.96 41.97
N ASN KA 178 17.11 -56.18 40.97
CA ASN KA 178 17.33 -54.74 40.96
C ASN KA 178 16.06 -54.06 41.47
N LYS KA 179 16.04 -53.77 42.78
CA LYS KA 179 14.87 -53.15 43.38
C LYS KA 179 14.55 -51.81 42.75
N GLN KA 180 15.54 -51.13 42.15
CA GLN KA 180 15.29 -49.83 41.55
C GLN KA 180 14.35 -49.94 40.35
N THR KA 181 14.47 -51.01 39.56
CA THR KA 181 13.67 -51.15 38.35
C THR KA 181 12.88 -52.45 38.30
N GLN KA 182 12.87 -53.24 39.37
CA GLN KA 182 12.07 -54.46 39.45
C GLN KA 182 12.43 -55.42 38.31
N ALA KA 183 13.68 -55.89 38.34
CA ALA KA 183 14.17 -56.83 37.34
C ALA KA 183 14.98 -57.92 38.02
N LEU KA 184 15.03 -59.09 37.38
CA LEU KA 184 15.77 -60.23 37.87
C LEU KA 184 16.78 -60.66 36.82
N ARG KA 185 18.01 -60.93 37.25
CA ARG KA 185 19.08 -61.38 36.38
C ARG KA 185 19.63 -62.71 36.87
N PHE KA 186 19.80 -63.65 35.95
CA PHE KA 186 20.45 -64.92 36.25
C PHE KA 186 21.29 -65.33 35.05
N VAL KA 187 22.11 -66.37 35.24
CA VAL KA 187 23.06 -66.83 34.24
C VAL KA 187 22.67 -68.24 33.82
N LEU KA 188 22.60 -68.46 32.51
CA LEU KA 188 22.26 -69.75 31.94
C LEU KA 188 23.50 -70.30 31.25
N GLY KA 189 23.93 -71.49 31.65
CA GLY KA 189 25.13 -72.11 31.10
C GLY KA 189 24.79 -73.43 30.44
N VAL KA 190 25.48 -73.74 29.34
CA VAL KA 190 25.29 -74.96 28.58
C VAL KA 190 26.61 -75.70 28.54
N SER KA 191 26.60 -76.96 28.94
CA SER KA 191 27.81 -77.76 28.93
C SER KA 191 28.17 -78.18 27.52
N PRO KA 192 29.45 -78.45 27.25
CA PRO KA 192 29.84 -78.91 25.91
C PRO KA 192 29.18 -80.22 25.53
N ALA KA 193 28.73 -80.99 26.51
CA ALA KA 193 28.12 -82.30 26.27
C ALA KA 193 26.68 -82.20 25.82
N ALA KA 194 26.07 -81.02 25.86
CA ALA KA 194 24.70 -80.87 25.38
C ALA KA 194 24.61 -81.29 23.92
N LYS KA 195 23.54 -82.01 23.58
CA LYS KA 195 23.38 -82.55 22.24
C LYS KA 195 22.36 -81.72 21.48
N PRO KA 196 22.61 -81.37 20.22
CA PRO KA 196 21.66 -80.53 19.48
C PRO KA 196 20.30 -81.19 19.36
N ALA KA 197 19.27 -80.33 19.24
CA ALA KA 197 17.90 -80.76 19.00
C ALA KA 197 17.21 -81.20 20.29
N ASP KA 198 17.91 -81.18 21.41
CA ASP KA 198 17.27 -81.45 22.70
C ASP KA 198 16.53 -80.21 23.19
N ILE KA 199 15.61 -80.44 24.12
CA ILE KA 199 14.78 -79.37 24.67
C ILE KA 199 14.67 -79.57 26.17
N TYR KA 200 14.78 -78.47 26.92
CA TYR KA 200 14.59 -78.46 28.37
C TYR KA 200 13.59 -77.36 28.73
N ARG KA 201 12.99 -77.50 29.91
CA ARG KA 201 12.02 -76.53 30.40
C ARG KA 201 12.46 -76.02 31.77
N LEU KA 202 12.39 -74.71 31.96
CA LEU KA 202 12.80 -74.06 33.20
C LEU KA 202 11.56 -73.43 33.84
N ASN KA 203 11.40 -73.62 35.15
CA ASN KA 203 10.30 -73.05 35.91
C ASN KA 203 10.86 -72.10 36.97
N ILE KA 204 10.28 -70.91 37.05
CA ILE KA 204 10.73 -69.86 37.97
C ILE KA 204 9.54 -69.42 38.82
N ARG KA 205 9.76 -69.32 40.13
CA ARG KA 205 8.78 -68.76 41.04
C ARG KA 205 9.43 -67.60 41.80
N GLN KA 206 8.87 -66.40 41.65
CA GLN KA 206 9.44 -65.19 42.20
C GLN KA 206 8.46 -64.56 43.17
N ALA KA 207 8.99 -64.04 44.29
CA ALA KA 207 8.17 -63.53 45.37
C ALA KA 207 8.28 -62.02 45.49
N ALA KA 208 7.18 -61.39 45.88
CA ALA KA 208 7.13 -59.97 46.18
C ALA KA 208 6.39 -59.79 47.49
N ILE KA 209 6.74 -58.71 48.21
CA ILE KA 209 6.23 -58.50 49.56
C ILE KA 209 5.44 -57.19 49.59
N ASP KA 210 4.38 -57.16 50.41
CA ASP KA 210 3.65 -55.94 50.66
C ASP KA 210 4.27 -55.17 51.81
N CYS KA 211 3.55 -54.14 52.28
CA CYS KA 211 4.11 -53.25 53.28
C CYS KA 211 4.45 -53.96 54.59
N GLU KA 212 3.56 -54.83 55.07
CA GLU KA 212 3.75 -55.48 56.36
C GLU KA 212 4.65 -56.71 56.29
N GLY KA 213 5.04 -57.13 55.09
CA GLY KA 213 5.94 -58.26 54.95
C GLY KA 213 5.34 -59.54 54.43
N ASN KA 214 4.03 -59.55 54.12
CA ASN KA 214 3.42 -60.73 53.52
C ASN KA 214 3.83 -60.83 52.06
N GLU KA 215 3.71 -62.04 51.50
CA GLU KA 215 4.34 -62.37 50.23
C GLU KA 215 3.31 -62.68 49.15
N TYR KA 216 3.69 -62.36 47.92
CA TYR KA 216 2.99 -62.79 46.70
C TYR KA 216 3.91 -63.72 45.92
N PHE KA 217 3.43 -64.25 44.80
CA PHE KA 217 4.22 -65.16 43.98
C PHE KA 217 3.82 -65.07 42.51
N HIS KA 218 4.79 -65.33 41.64
CA HIS KA 218 4.60 -65.34 40.19
C HIS KA 218 5.31 -66.56 39.62
N ILE KA 219 4.60 -67.35 38.83
CA ILE KA 219 5.13 -68.56 38.22
C ILE KA 219 5.17 -68.38 36.71
N SER KA 220 6.33 -68.67 36.12
CA SER KA 220 6.50 -68.60 34.68
C SER KA 220 7.49 -69.69 34.25
N CYS KA 221 7.44 -70.04 32.97
CA CYS KA 221 8.28 -71.11 32.45
C CYS KA 221 8.83 -70.73 31.08
N TYR KA 222 10.00 -71.27 30.77
CA TYR KA 222 10.69 -71.00 29.51
C TYR KA 222 11.20 -72.30 28.92
N ASP KA 223 11.32 -72.34 27.59
CA ASP KA 223 11.79 -73.51 26.88
C ASP KA 223 13.19 -73.25 26.33
N ILE KA 224 14.11 -74.18 26.58
CA ILE KA 224 15.49 -74.07 26.13
C ILE KA 224 15.75 -75.19 25.13
N SER KA 225 16.18 -74.83 23.93
CA SER KA 225 16.44 -75.79 22.87
C SER KA 225 17.86 -75.59 22.35
N ILE KA 226 18.61 -76.69 22.25
CA ILE KA 226 19.99 -76.62 21.82
C ILE KA 226 20.04 -76.42 20.31
N GLY KA 227 21.10 -75.76 19.83
CA GLY KA 227 21.24 -75.49 18.41
C GLY KA 227 22.69 -75.43 17.95
N SER KA 228 22.93 -74.72 16.86
CA SER KA 228 24.27 -74.56 16.30
C SER KA 228 24.23 -73.43 15.29
N CYS KA 229 25.30 -73.28 14.51
CA CYS KA 229 25.36 -72.25 13.48
C CYS KA 229 26.21 -72.76 12.33
N GLY KA 230 26.02 -72.15 11.17
CA GLY KA 230 26.73 -72.56 9.96
C GLY KA 230 26.59 -71.56 8.83
N CYS LA 23 3.15 -94.87 -4.67
CA CYS LA 23 4.44 -94.57 -4.06
C CYS LA 23 5.26 -93.67 -4.96
N GLU LA 24 5.93 -92.69 -4.37
CA GLU LA 24 6.75 -91.77 -5.13
C GLU LA 24 7.94 -92.50 -5.76
N SER LA 25 8.36 -92.02 -6.93
CA SER LA 25 9.38 -92.67 -7.74
C SER LA 25 10.66 -91.86 -7.73
N ILE LA 26 11.79 -92.54 -7.51
CA ILE LA 26 13.11 -91.94 -7.57
C ILE LA 26 13.92 -92.71 -8.60
N SER LA 27 14.53 -91.97 -9.53
CA SER LA 27 15.39 -92.57 -10.55
C SER LA 27 16.84 -92.22 -10.24
N ALA LA 28 17.68 -93.24 -10.13
CA ALA LA 28 19.07 -93.07 -9.74
C ALA LA 28 19.97 -93.77 -10.75
N ARG LA 29 21.25 -93.37 -10.76
CA ARG LA 29 22.23 -93.89 -11.69
C ARG LA 29 23.42 -94.47 -10.93
N PRO LA 30 24.07 -95.51 -11.46
CA PRO LA 30 25.23 -96.08 -10.76
C PRO LA 30 26.32 -95.03 -10.55
N GLY LA 31 26.96 -95.10 -9.38
CA GLY LA 31 28.05 -94.20 -9.05
C GLY LA 31 27.62 -92.82 -8.60
N GLU LA 32 26.33 -92.57 -8.44
CA GLU LA 32 25.84 -91.25 -8.13
C GLU LA 32 25.50 -91.11 -6.65
N VAL LA 33 25.64 -89.90 -6.13
CA VAL LA 33 25.24 -89.55 -4.78
C VAL LA 33 24.50 -88.22 -4.89
N ASN LA 34 23.18 -88.24 -4.66
CA ASN LA 34 22.33 -87.12 -5.05
C ASN LA 34 21.70 -86.36 -3.90
N GLY LA 35 21.22 -87.04 -2.86
CA GLY LA 35 20.56 -86.35 -1.77
C GLY LA 35 19.10 -86.04 -2.06
N VAL LA 36 18.26 -86.11 -1.03
CA VAL LA 36 16.82 -85.94 -1.17
C VAL LA 36 16.32 -85.04 -0.06
N MET LA 37 15.17 -84.42 -0.28
CA MET LA 37 14.54 -83.56 0.71
C MET LA 37 13.03 -83.74 0.65
N VAL LA 38 12.40 -83.86 1.83
CA VAL LA 38 10.95 -84.01 1.94
C VAL LA 38 10.44 -82.98 2.93
N SER LA 39 9.28 -82.41 2.64
CA SER LA 39 8.69 -81.34 3.45
C SER LA 39 7.53 -81.90 4.26
N TYR LA 40 7.52 -81.59 5.56
CA TYR LA 40 6.52 -82.10 6.49
C TYR LA 40 5.58 -81.02 7.02
N VAL LA 41 5.62 -79.82 6.45
CA VAL LA 41 4.79 -78.74 6.99
C VAL LA 41 3.31 -79.08 6.88
N ALA LA 42 2.92 -79.74 5.80
CA ALA LA 42 1.49 -80.00 5.58
C ALA LA 42 0.91 -80.88 6.67
N TRP LA 43 1.75 -81.65 7.36
CA TRP LA 43 1.30 -82.57 8.40
C TRP LA 43 1.69 -82.12 9.80
N SER LA 44 2.90 -81.58 9.97
CA SER LA 44 3.38 -81.21 11.30
C SER LA 44 2.74 -79.92 11.79
N ALA LA 45 2.44 -79.00 10.87
CA ALA LA 45 2.03 -77.66 11.28
C ALA LA 45 0.76 -77.66 12.12
N PRO LA 46 -0.35 -78.26 11.70
CA PRO LA 46 -1.58 -78.16 12.50
C PRO LA 46 -1.49 -78.81 13.87
N LEU LA 47 -0.55 -79.74 14.09
CA LEU LA 47 -0.45 -80.42 15.37
C LEU LA 47 0.07 -79.52 16.47
N GLY LA 48 0.57 -78.34 16.15
CA GLY LA 48 1.21 -77.53 17.18
C GLY LA 48 2.46 -78.21 17.69
N GLY LA 49 2.72 -78.04 18.98
CA GLY LA 49 3.88 -78.71 19.57
C GLY LA 49 5.19 -78.10 19.11
N HIS LA 50 6.23 -78.93 19.13
CA HIS LA 50 7.59 -78.49 18.84
C HIS LA 50 8.08 -78.96 17.48
N GLY LA 51 7.21 -79.48 16.62
CA GLY LA 51 7.63 -79.85 15.29
C GLY LA 51 8.31 -81.21 15.24
N LEU LA 52 9.17 -81.38 14.23
CA LEU LA 52 9.79 -82.66 13.96
C LEU LA 52 10.82 -83.00 15.04
N THR LA 53 11.42 -84.18 14.89
CA THR LA 53 12.42 -84.67 15.82
C THR LA 53 13.38 -85.57 15.07
N ASN LA 54 14.58 -85.76 15.63
CA ASN LA 54 15.63 -86.50 14.95
C ASN LA 54 15.45 -88.01 15.00
N LYS LA 55 14.29 -88.52 15.40
CA LYS LA 55 14.06 -89.95 15.51
C LYS LA 55 13.45 -90.51 14.21
N THR LA 56 14.32 -90.66 13.21
CA THR LA 56 13.92 -91.26 11.94
C THR LA 56 14.34 -92.72 11.89
N THR LA 57 13.80 -93.43 10.90
CA THR LA 57 14.14 -94.82 10.67
C THR LA 57 13.97 -95.16 9.20
N PHE LA 58 14.92 -95.92 8.65
CA PHE LA 58 14.94 -96.26 7.24
C PHE LA 58 14.97 -97.78 7.08
N GLU LA 59 14.35 -98.26 6.01
CA GLU LA 59 14.31 -99.68 5.70
C GLU LA 59 14.30 -99.87 4.19
N PHE LA 60 14.98 -100.90 3.71
CA PHE LA 60 15.08 -101.20 2.30
C PHE LA 60 14.48 -102.58 2.02
N GLU LA 61 13.72 -102.68 0.93
CA GLU LA 61 13.10 -103.92 0.51
C GLU LA 61 13.49 -104.21 -0.93
N ASN LA 62 13.82 -105.47 -1.23
CA ASN LA 62 14.25 -105.88 -2.57
C ASN LA 62 13.04 -106.38 -3.34
N VAL LA 63 12.33 -105.43 -3.96
CA VAL LA 63 11.15 -105.79 -4.74
C VAL LA 63 11.56 -106.55 -6.01
N SER LA 64 12.63 -106.12 -6.66
CA SER LA 64 13.10 -106.77 -7.89
C SER LA 64 14.61 -106.50 -8.00
N VAL LA 65 15.40 -107.54 -7.75
CA VAL LA 65 16.85 -107.42 -7.77
C VAL LA 65 17.43 -108.67 -8.44
N THR LA 66 18.49 -108.46 -9.22
CA THR LA 66 19.21 -109.55 -9.88
C THR LA 66 20.46 -109.87 -9.09
N GLU LA 67 20.78 -111.16 -8.98
CA GLU LA 67 21.92 -111.58 -8.19
C GLU LA 67 23.22 -111.24 -8.90
N PRO LA 68 24.32 -111.09 -8.16
CA PRO LA 68 25.61 -110.80 -8.79
C PRO LA 68 26.27 -112.07 -9.31
N LEU LA 69 26.89 -111.97 -10.49
CA LEU LA 69 27.57 -113.10 -11.10
C LEU LA 69 29.06 -113.15 -10.76
N VAL LA 70 29.54 -112.24 -9.93
CA VAL LA 70 30.94 -112.21 -9.50
C VAL LA 70 30.98 -112.01 -8.00
N ASN LA 71 32.12 -112.36 -7.39
CA ASN LA 71 32.26 -112.31 -5.94
C ASN LA 71 33.28 -111.26 -5.54
N SER LA 72 32.94 -110.49 -4.50
CA SER LA 72 33.89 -109.53 -3.93
C SER LA 72 34.96 -110.29 -3.14
N ALA LA 73 36.07 -109.60 -2.89
CA ALA LA 73 37.22 -110.21 -2.21
C ALA LA 73 37.79 -109.22 -1.21
N PHE LA 74 38.50 -109.76 -0.23
CA PHE LA 74 39.16 -108.96 0.81
C PHE LA 74 40.51 -109.59 1.13
N GLU LA 75 41.52 -108.74 1.31
CA GLU LA 75 42.88 -109.21 1.53
C GLU LA 75 43.60 -108.22 2.44
N ARG LA 76 44.82 -108.60 2.83
CA ARG LA 76 45.65 -107.80 3.72
C ARG LA 76 47.05 -107.67 3.15
N THR LA 77 47.85 -106.79 3.75
CA THR LA 77 49.22 -106.57 3.34
C THR LA 77 49.94 -105.81 4.45
N PRO LA 78 51.21 -106.13 4.72
CA PRO LA 78 51.93 -105.40 5.76
C PRO LA 78 52.28 -103.99 5.34
N PHE LA 79 52.95 -103.28 6.25
CA PHE LA 79 53.33 -101.90 6.04
C PHE LA 79 54.25 -101.76 4.83
N ASN LA 80 53.93 -100.80 3.97
CA ASN LA 80 54.78 -100.46 2.83
C ASN LA 80 55.13 -101.68 1.99
N THR LA 81 54.25 -102.67 1.95
CA THR LA 81 54.47 -103.91 1.22
C THR LA 81 53.52 -103.95 0.03
N THR LA 82 54.02 -104.45 -1.11
CA THR LA 82 53.19 -104.54 -2.30
C THR LA 82 52.27 -105.75 -2.21
N LEU LA 83 51.09 -105.64 -2.81
CA LEU LA 83 50.12 -106.73 -2.89
C LEU LA 83 50.02 -107.23 -4.33
N ALA LA 84 50.10 -108.54 -4.50
CA ALA LA 84 49.92 -109.19 -5.78
C ALA LA 84 48.79 -110.21 -5.68
N GLY LA 85 48.03 -110.34 -6.76
CA GLY LA 85 46.90 -111.25 -6.75
C GLY LA 85 46.37 -111.47 -8.14
N SER LA 86 45.20 -112.12 -8.20
CA SER LA 86 44.56 -112.43 -9.47
C SER LA 86 43.06 -112.35 -9.31
N LEU LA 87 42.39 -111.90 -10.38
CA LEU LA 87 40.93 -111.79 -10.40
C LEU LA 87 40.26 -113.03 -10.99
N ALA LA 88 41.03 -114.02 -11.44
CA ALA LA 88 40.44 -115.17 -12.12
C ALA LA 88 39.53 -115.97 -11.19
N ALA LA 89 39.93 -116.15 -9.93
CA ALA LA 89 39.17 -117.00 -9.02
C ALA LA 89 37.82 -116.41 -8.67
N LEU LA 90 37.56 -115.15 -9.01
CA LEU LA 90 36.34 -114.46 -8.58
C LEU LA 90 35.20 -114.59 -9.58
N PHE LA 91 35.37 -115.38 -10.65
CA PHE LA 91 34.34 -115.56 -11.66
C PHE LA 91 34.05 -117.05 -11.80
N PRO LA 92 33.18 -117.63 -10.96
CA PRO LA 92 32.90 -119.07 -11.00
C PRO LA 92 31.88 -119.46 -12.07
N ASN LA 93 32.21 -119.20 -13.32
CA ASN LA 93 31.33 -119.59 -14.41
C ASN LA 93 31.46 -121.08 -14.68
N PRO LA 94 30.37 -121.85 -14.64
CA PRO LA 94 30.46 -123.28 -14.95
C PRO LA 94 30.50 -123.59 -16.44
N GLU LA 95 30.24 -122.60 -17.30
CA GLU LA 95 30.26 -122.81 -18.74
C GLU LA 95 31.62 -122.46 -19.32
N GLY LA 96 31.90 -123.00 -20.50
CA GLY LA 96 33.14 -122.71 -21.19
C GLY LA 96 33.01 -121.49 -22.08
N GLU LA 97 33.75 -120.43 -21.78
CA GLU LA 97 33.65 -119.19 -22.53
C GLU LA 97 34.88 -118.34 -22.23
N ALA LA 98 35.13 -117.39 -23.14
CA ALA LA 98 36.26 -116.49 -22.98
C ALA LA 98 35.97 -115.45 -21.91
N VAL LA 99 37.03 -115.02 -21.22
CA VAL LA 99 36.92 -114.02 -20.16
C VAL LA 99 37.91 -112.89 -20.44
N GLU LA 100 37.47 -111.68 -20.14
CA GLU LA 100 38.31 -110.49 -20.26
C GLU LA 100 38.19 -109.68 -18.98
N TYR LA 101 39.32 -109.14 -18.53
CA TYR LA 101 39.40 -108.41 -17.27
C TYR LA 101 39.61 -106.93 -17.54
N GLU LA 102 38.97 -106.11 -16.72
CA GLU LA 102 39.00 -104.66 -16.91
C GLU LA 102 38.92 -103.98 -15.55
N ILE LA 103 39.45 -102.77 -15.48
CA ILE LA 103 39.42 -101.95 -14.28
C ILE LA 103 38.65 -100.68 -14.58
N LEU LA 104 37.60 -100.41 -13.79
CA LEU LA 104 36.82 -99.19 -13.94
C LEU LA 104 37.66 -98.03 -13.46
N GLU LA 105 38.04 -97.14 -14.38
CA GLU LA 105 38.97 -96.06 -14.06
C GLU LA 105 38.29 -94.81 -13.54
N LEU LA 106 36.95 -94.74 -13.57
CA LEU LA 106 36.25 -93.63 -12.95
C LEU LA 106 36.30 -93.68 -11.43
N TYR LA 107 36.79 -94.79 -10.86
CA TYR LA 107 36.80 -94.99 -9.41
C TYR LA 107 38.21 -95.41 -8.99
N PRO LA 108 39.20 -94.54 -9.16
CA PRO LA 108 40.57 -94.92 -8.88
C PRO LA 108 40.80 -95.12 -7.38
N PRO LA 109 41.77 -95.93 -7.00
CA PRO LA 109 42.07 -96.09 -5.57
C PRO LA 109 42.52 -94.76 -4.96
N VAL LA 110 42.15 -94.57 -3.70
CA VAL LA 110 42.41 -93.29 -3.06
C VAL LA 110 43.85 -93.17 -2.57
N ASN LA 111 44.43 -94.26 -2.05
CA ASN LA 111 45.76 -94.20 -1.44
C ASN LA 111 46.73 -95.18 -2.10
N GLY LA 112 46.64 -95.35 -3.41
CA GLY LA 112 47.55 -96.25 -4.10
C GLY LA 112 47.31 -96.24 -5.58
N ILE LA 113 47.90 -97.23 -6.26
CA ILE LA 113 47.75 -97.40 -7.69
C ILE LA 113 47.58 -98.88 -8.00
N VAL LA 114 46.79 -99.18 -9.01
CA VAL LA 114 46.47 -100.55 -9.41
C VAL LA 114 47.00 -100.78 -10.82
N GLU LA 115 47.78 -101.85 -10.98
CA GLU LA 115 48.36 -102.24 -12.27
C GLU LA 115 47.80 -103.59 -12.64
N LEU LA 116 47.04 -103.65 -13.72
CA LEU LA 116 46.43 -104.91 -14.15
C LEU LA 116 47.44 -105.73 -14.94
N GLY LA 117 47.69 -106.95 -14.48
CA GLY LA 117 48.59 -107.87 -15.16
C GLY LA 117 47.88 -108.67 -16.22
N GLU LA 118 48.57 -109.68 -16.72
CA GLU LA 118 48.03 -110.52 -17.78
C GLU LA 118 47.14 -111.62 -17.19
N ASN LA 119 46.05 -111.90 -17.89
CA ASN LA 119 45.15 -113.00 -17.55
C ASN LA 119 44.66 -112.90 -16.11
N GLY LA 120 44.24 -111.69 -15.73
CA GLY LA 120 43.63 -111.46 -14.44
C GLY LA 120 44.58 -111.13 -13.31
N ALA LA 121 45.89 -111.24 -13.52
CA ALA LA 121 46.83 -110.84 -12.49
C ALA LA 121 46.82 -109.33 -12.31
N PHE LA 122 47.14 -108.88 -11.10
CA PHE LA 122 47.17 -107.46 -10.79
C PHE LA 122 48.19 -107.20 -9.70
N THR LA 123 48.58 -105.94 -9.57
CA THR LA 123 49.54 -105.51 -8.56
C THR LA 123 49.08 -104.19 -7.96
N TYR LA 124 48.94 -104.15 -6.65
CA TYR LA 124 48.54 -102.95 -5.92
C TYR LA 124 49.74 -102.45 -5.12
N ARG LA 125 50.10 -101.18 -5.32
CA ARG LA 125 51.27 -100.59 -4.70
C ARG LA 125 50.83 -99.45 -3.78
N PRO LA 126 50.69 -99.70 -2.48
CA PRO LA 126 50.23 -98.64 -1.58
C PRO LA 126 51.25 -97.52 -1.47
N ALA LA 127 50.75 -96.31 -1.25
CA ALA LA 127 51.62 -95.16 -1.03
C ALA LA 127 52.39 -95.32 0.28
N THR LA 128 53.62 -94.81 0.28
CA THR LA 128 54.48 -94.96 1.45
C THR LA 128 53.85 -94.31 2.67
N SER LA 129 53.90 -95.02 3.80
CA SER LA 129 53.42 -94.54 5.09
C SER LA 129 51.90 -94.57 5.22
N PHE LA 130 51.21 -95.22 4.29
CA PHE LA 130 49.76 -95.30 4.36
C PHE LA 130 49.33 -96.42 5.30
N THR LA 131 48.20 -96.21 5.97
CA THR LA 131 47.64 -97.20 6.88
C THR LA 131 46.13 -97.01 6.94
N GLY LA 132 45.38 -97.96 6.41
CA GLY LA 132 43.94 -97.86 6.38
C GLY LA 132 43.36 -98.84 5.37
N ILE LA 133 42.14 -98.54 4.95
CA ILE LA 133 41.39 -99.38 4.02
C ILE LA 133 41.41 -98.72 2.64
N ASP LA 134 41.37 -99.53 1.60
CA ASP LA 134 41.36 -99.03 0.22
C ASP LA 134 40.49 -99.94 -0.63
N ARG LA 135 40.01 -99.39 -1.75
CA ARG LA 135 39.09 -100.09 -2.62
C ARG LA 135 39.48 -99.85 -4.07
N PHE LA 136 39.04 -100.76 -4.94
CA PHE LA 136 39.13 -100.55 -6.38
C PHE LA 136 38.16 -101.49 -7.06
N TRP LA 137 37.54 -101.02 -8.14
CA TRP LA 137 36.43 -101.70 -8.78
C TRP LA 137 36.90 -102.33 -10.09
N PHE LA 138 36.53 -103.59 -10.30
CA PHE LA 138 36.95 -104.35 -11.47
C PHE LA 138 35.73 -104.92 -12.17
N SER LA 139 35.92 -105.30 -13.43
CA SER LA 139 34.88 -105.91 -14.25
C SER LA 139 35.43 -107.17 -14.90
N ILE LA 140 34.64 -108.23 -14.92
CA ILE LA 140 35.00 -109.49 -15.55
C ILE LA 140 33.93 -109.83 -16.57
N ASN LA 141 34.26 -109.72 -17.85
CA ASN LA 141 33.36 -110.11 -18.94
C ASN LA 141 32.04 -109.34 -18.87
N GLY LA 142 32.08 -108.12 -18.34
CA GLY LA 142 30.91 -107.27 -18.29
C GLY LA 142 30.17 -107.25 -16.97
N ASN LA 143 30.69 -107.91 -15.94
CA ASN LA 143 30.07 -107.92 -14.62
C ASN LA 143 30.96 -107.18 -13.64
N VAL LA 144 30.37 -106.31 -12.85
CA VAL LA 144 31.10 -105.42 -11.96
C VAL LA 144 31.24 -106.07 -10.59
N GLY LA 145 32.40 -105.86 -9.96
CA GLY LA 145 32.63 -106.35 -8.62
C GLY LA 145 33.43 -105.35 -7.81
N GLU LA 146 33.60 -105.66 -6.53
CA GLU LA 146 34.33 -104.81 -5.61
C GLU LA 146 35.50 -105.58 -5.00
N PHE LA 147 36.64 -104.91 -4.87
CA PHE LA 147 37.81 -105.46 -4.20
C PHE LA 147 38.23 -104.51 -3.10
N VAL LA 148 38.45 -105.05 -1.90
CA VAL LA 148 38.84 -104.27 -0.73
C VAL LA 148 40.22 -104.72 -0.28
N ILE LA 149 41.07 -103.77 0.08
CA ILE LA 149 42.43 -104.05 0.53
C ILE LA 149 42.67 -103.29 1.82
N ALA LA 150 43.36 -103.92 2.76
CA ALA LA 150 43.72 -103.30 4.03
C ALA LA 150 45.23 -103.34 4.21
N VAL LA 151 45.80 -102.23 4.66
CA VAL LA 151 47.22 -102.11 4.94
C VAL LA 151 47.39 -101.95 6.44
N ASP LA 152 48.22 -102.80 7.04
CA ASP LA 152 48.32 -102.82 8.49
C ASP LA 152 49.64 -102.21 8.95
N PRO LA 153 49.66 -101.53 10.11
CA PRO LA 153 50.92 -101.02 10.63
C PRO LA 153 51.85 -102.14 11.05
N ALA LA 154 53.15 -101.86 11.00
CA ALA LA 154 54.15 -102.85 11.35
C ALA LA 154 54.45 -102.89 12.84
N GLN LA 155 53.79 -102.05 13.65
CA GLN LA 155 54.05 -101.99 15.08
C GLN LA 155 52.76 -102.07 15.91
N GLY LA 156 51.71 -102.67 15.36
CA GLY LA 156 50.45 -102.74 16.05
C GLY LA 156 49.55 -103.86 15.56
N PRO LA 157 48.31 -103.87 16.03
CA PRO LA 157 47.37 -104.93 15.63
C PRO LA 157 46.82 -104.72 14.23
N GLN LA 158 46.18 -105.76 13.72
CA GLN LA 158 45.60 -105.70 12.39
C GLN LA 158 44.24 -105.02 12.43
N ILE LA 159 43.79 -104.56 11.26
CA ILE LA 159 42.52 -103.86 11.16
C ILE LA 159 41.41 -104.86 10.90
N ALA LA 160 40.25 -104.62 11.50
CA ALA LA 160 39.10 -105.49 11.31
C ALA LA 160 38.54 -105.33 9.91
N GLN LA 161 38.07 -106.43 9.34
CA GLN LA 161 37.53 -106.39 7.99
C GLN LA 161 36.28 -105.54 7.95
N PRO LA 162 36.15 -104.62 6.98
CA PRO LA 162 34.94 -103.80 6.90
C PRO LA 162 33.86 -104.50 6.11
N PRO LA 163 32.61 -104.05 6.21
CA PRO LA 163 31.54 -104.67 5.43
C PRO LA 163 31.55 -104.18 3.99
N PHE LA 164 31.21 -105.09 3.07
CA PHE LA 164 31.18 -104.74 1.66
C PHE LA 164 30.09 -103.70 1.39
N THR LA 165 30.38 -102.77 0.50
CA THR LA 165 29.44 -101.71 0.21
C THR LA 165 28.18 -102.28 -0.44
N PRO LA 166 26.98 -101.95 0.03
CA PRO LA 166 25.76 -102.48 -0.60
C PRO LA 166 25.55 -101.90 -1.98
N ALA LA 167 24.49 -102.38 -2.64
CA ALA LA 167 24.10 -101.83 -3.94
C ALA LA 167 23.56 -100.41 -3.79
N VAL LA 168 22.67 -100.20 -2.82
CA VAL LA 168 22.18 -98.87 -2.46
C VAL LA 168 22.25 -98.74 -0.95
N TYR LA 169 22.38 -97.50 -0.49
CA TYR LA 169 22.51 -97.25 0.94
C TYR LA 169 22.18 -95.79 1.23
N VAL LA 170 21.95 -95.51 2.52
CA VAL LA 170 21.70 -94.15 2.99
C VAL LA 170 22.57 -93.93 4.23
N PRO LA 171 23.59 -93.07 4.17
CA PRO LA 171 24.43 -92.87 5.36
C PRO LA 171 23.61 -92.42 6.55
N LEU LA 172 23.98 -92.93 7.72
CA LEU LA 172 23.22 -92.63 8.94
C LEU LA 172 23.67 -91.34 9.60
N SER LA 173 24.92 -90.92 9.40
CA SER LA 173 25.42 -89.70 10.02
C SER LA 173 25.05 -88.45 9.25
N ARG LA 174 24.82 -88.56 7.95
CA ARG LA 174 24.49 -87.41 7.11
C ARG LA 174 22.98 -87.25 7.04
N ARG LA 175 22.43 -86.61 8.08
CA ARG LA 175 21.00 -86.42 8.21
C ARG LA 175 20.76 -85.18 9.06
N GLU LA 176 19.73 -84.40 8.71
CA GLU LA 176 19.39 -83.23 9.49
C GLU LA 176 17.94 -82.86 9.23
N VAL LA 177 17.37 -82.14 10.19
CA VAL LA 177 16.00 -81.64 10.09
C VAL LA 177 16.03 -80.14 10.35
N ASN LA 178 15.40 -79.37 9.47
CA ASN LA 178 15.37 -77.92 9.58
C ASN LA 178 14.10 -77.54 10.33
N LYS LA 179 14.23 -77.34 11.64
CA LYS LA 179 13.08 -77.03 12.48
C LYS LA 179 12.37 -75.76 12.04
N GLN LA 180 13.07 -74.81 11.44
CA GLN LA 180 12.44 -73.56 11.05
C GLN LA 180 11.46 -73.74 9.90
N THR LA 181 11.61 -74.81 9.11
CA THR LA 181 10.70 -75.04 7.98
C THR LA 181 10.19 -76.47 7.92
N GLN LA 182 10.47 -77.30 8.93
CA GLN LA 182 9.98 -78.67 8.97
C GLN LA 182 10.31 -79.42 7.68
N ALA LA 183 11.61 -79.58 7.42
CA ALA LA 183 12.08 -80.31 6.27
C ALA LA 183 13.16 -81.30 6.70
N LEU LA 184 13.17 -82.46 6.05
CA LEU LA 184 14.13 -83.52 6.34
C LEU LA 184 15.05 -83.71 5.15
N ARG LA 185 16.34 -83.85 5.42
CA ARG LA 185 17.34 -84.07 4.38
C ARG LA 185 18.15 -85.33 4.69
N PHE LA 186 18.40 -86.13 3.65
CA PHE LA 186 19.22 -87.32 3.76
C PHE LA 186 19.88 -87.59 2.42
N VAL LA 187 20.92 -88.42 2.45
CA VAL LA 187 21.77 -88.66 1.29
C VAL LA 187 21.51 -90.08 0.79
N LEU LA 188 21.30 -90.21 -0.52
CA LEU LA 188 21.12 -91.49 -1.17
C LEU LA 188 22.32 -91.77 -2.08
N GLY LA 189 22.95 -92.92 -1.87
CA GLY LA 189 24.14 -93.28 -2.63
C GLY LA 189 24.03 -94.62 -3.30
N VAL LA 190 24.33 -94.67 -4.60
CA VAL LA 190 24.22 -95.88 -5.40
C VAL LA 190 25.62 -96.36 -5.73
N SER LA 191 25.92 -97.60 -5.37
CA SER LA 191 27.22 -98.17 -5.66
C SER LA 191 27.33 -98.48 -7.16
N PRO LA 192 28.55 -98.52 -7.70
CA PRO LA 192 28.70 -98.88 -9.12
C PRO LA 192 28.22 -100.29 -9.43
N ALA LA 193 28.16 -101.18 -8.44
CA ALA LA 193 27.74 -102.55 -8.69
C ALA LA 193 26.27 -102.65 -9.05
N ALA LA 194 25.48 -101.60 -8.82
CA ALA LA 194 24.05 -101.66 -9.12
C ALA LA 194 23.84 -101.99 -10.59
N LYS LA 195 22.89 -102.88 -10.86
CA LYS LA 195 22.58 -103.31 -12.21
C LYS LA 195 21.34 -102.59 -12.72
N PRO LA 196 21.34 -102.02 -13.92
CA PRO LA 196 20.17 -101.27 -14.37
C PRO LA 196 18.93 -102.14 -14.47
N ALA LA 197 17.78 -101.48 -14.49
CA ALA LA 197 16.45 -102.08 -14.56
C ALA LA 197 15.99 -102.69 -13.24
N ASP LA 198 16.82 -102.71 -12.21
CA ASP LA 198 16.40 -103.21 -10.92
C ASP LA 198 15.57 -102.16 -10.19
N ILE LA 199 14.87 -102.60 -9.14
CA ILE LA 199 14.01 -101.73 -8.37
C ILE LA 199 14.20 -102.02 -6.89
N TYR LA 200 14.24 -100.96 -6.08
CA TYR LA 200 14.28 -101.06 -4.63
C TYR LA 200 13.17 -100.19 -4.05
N ARG LA 201 12.78 -100.49 -2.80
CA ARG LA 201 11.77 -99.73 -2.10
C ARG LA 201 12.33 -99.26 -0.77
N LEU LA 202 12.06 -97.99 -0.43
CA LEU LA 202 12.55 -97.37 0.79
C LEU LA 202 11.36 -96.92 1.63
N ASN LA 203 11.36 -97.28 2.90
CA ASN LA 203 10.32 -96.88 3.84
C ASN LA 203 10.91 -95.96 4.89
N ILE LA 204 10.24 -94.85 5.14
CA ILE LA 204 10.70 -93.84 6.09
C ILE LA 204 9.64 -93.65 7.16
N ARG LA 205 10.05 -93.74 8.42
CA ARG LA 205 9.19 -93.45 9.56
C ARG LA 205 9.77 -92.25 10.29
N GLN LA 206 8.96 -91.20 10.46
CA GLN LA 206 9.41 -89.95 11.04
C GLN LA 206 8.51 -89.60 12.22
N ALA LA 207 9.09 -88.93 13.21
CA ALA LA 207 8.42 -88.65 14.47
C ALA LA 207 8.33 -87.15 14.72
N ALA LA 208 7.23 -86.75 15.34
CA ALA LA 208 7.03 -85.38 15.79
C ALA LA 208 6.50 -85.43 17.22
N ILE LA 209 6.74 -84.34 17.96
CA ILE LA 209 6.45 -84.29 19.39
C ILE LA 209 5.47 -83.16 19.66
N ASP LA 210 4.53 -83.40 20.57
CA ASP LA 210 3.58 -82.38 20.99
C ASP LA 210 4.26 -81.44 22.00
N CYS LA 211 3.47 -80.56 22.59
CA CYS LA 211 4.00 -79.54 23.49
C CYS LA 211 4.48 -80.10 24.81
N GLU LA 212 4.21 -81.38 25.12
CA GLU LA 212 4.58 -81.97 26.39
C GLU LA 212 5.63 -83.07 26.28
N GLY LA 213 6.08 -83.41 25.07
CA GLY LA 213 7.07 -84.44 24.87
C GLY LA 213 6.55 -85.73 24.30
N ASN LA 214 5.23 -85.91 24.21
CA ASN LA 214 4.67 -87.11 23.60
C ASN LA 214 4.88 -87.07 22.10
N GLU LA 215 4.85 -88.25 21.47
CA GLU LA 215 5.31 -88.43 20.10
C GLU LA 215 4.17 -88.82 19.18
N TYR LA 216 4.18 -88.25 17.98
CA TYR LA 216 3.38 -88.69 16.85
C TYR LA 216 4.29 -89.43 15.88
N PHE LA 217 3.72 -89.95 14.80
CA PHE LA 217 4.49 -90.69 13.81
C PHE LA 217 3.86 -90.55 12.43
N HIS LA 218 4.68 -90.72 11.40
CA HIS LA 218 4.25 -90.65 10.01
C HIS LA 218 5.09 -91.62 9.19
N ILE LA 219 4.45 -92.24 8.19
CA ILE LA 219 5.07 -93.30 7.41
C ILE LA 219 4.84 -93.02 5.93
N SER LA 220 5.90 -93.20 5.14
CA SER LA 220 5.81 -93.06 3.69
C SER LA 220 6.87 -93.94 3.05
N CYS LA 221 6.68 -94.25 1.77
CA CYS LA 221 7.59 -95.14 1.07
C CYS LA 221 7.90 -94.56 -0.31
N TYR LA 222 9.08 -94.92 -0.83
CA TYR LA 222 9.56 -94.43 -2.11
C TYR LA 222 10.14 -95.57 -2.91
N ASP LA 223 10.03 -95.48 -4.24
CA ASP LA 223 10.52 -96.52 -5.15
C ASP LA 223 11.77 -96.01 -5.87
N ILE LA 224 12.82 -96.83 -5.86
CA ILE LA 224 14.10 -96.48 -6.46
C ILE LA 224 14.38 -97.48 -7.58
N SER LA 225 14.61 -96.96 -8.79
CA SER LA 225 14.89 -97.78 -9.96
C SER LA 225 16.23 -97.36 -10.55
N ILE LA 226 17.08 -98.34 -10.86
CA ILE LA 226 18.40 -98.04 -11.40
C ILE LA 226 18.27 -97.74 -12.89
N GLY LA 227 18.81 -96.60 -13.31
CA GLY LA 227 18.75 -96.17 -14.68
C GLY LA 227 20.07 -96.28 -15.40
N SER LA 228 20.18 -95.53 -16.49
CA SER LA 228 21.39 -95.53 -17.31
C SER LA 228 21.43 -94.23 -18.11
N CYS LA 229 22.39 -94.14 -19.02
CA CYS LA 229 22.56 -92.93 -19.82
C CYS LA 229 21.42 -92.80 -20.83
N GLY LA 230 21.33 -91.62 -21.43
CA GLY LA 230 20.31 -91.33 -22.41
C GLY LA 230 20.65 -90.16 -23.31
N CYS MA 23 -22.27 -91.80 9.86
CA CYS MA 23 -21.05 -91.74 10.66
C CYS MA 23 -19.89 -91.22 9.82
N GLU MA 24 -19.11 -90.31 10.39
CA GLU MA 24 -17.95 -89.78 9.69
C GLU MA 24 -16.91 -90.88 9.50
N SER MA 25 -16.13 -90.76 8.43
CA SER MA 25 -15.17 -91.78 8.03
C SER MA 25 -13.76 -91.33 8.34
N ILE MA 26 -12.98 -92.21 8.98
CA ILE MA 26 -11.57 -91.98 9.26
C ILE MA 26 -10.78 -93.13 8.65
N SER MA 27 -9.78 -92.78 7.85
CA SER MA 27 -8.90 -93.77 7.22
C SER MA 27 -7.53 -93.68 7.88
N ALA MA 28 -7.04 -94.83 8.35
CA ALA MA 28 -5.78 -94.89 9.07
C ALA MA 28 -4.90 -95.97 8.48
N ARG MA 29 -3.58 -95.84 8.68
CA ARG MA 29 -2.61 -96.80 8.17
C ARG MA 29 -1.90 -97.47 9.34
N PRO MA 30 -1.51 -98.74 9.23
CA PRO MA 30 -0.81 -99.39 10.35
C PRO MA 30 0.46 -98.65 10.73
N GLY MA 31 0.72 -98.58 12.04
CA GLY MA 31 1.91 -97.94 12.56
C GLY MA 31 1.82 -96.43 12.69
N GLU MA 32 0.69 -95.84 12.37
CA GLU MA 32 0.55 -94.39 12.37
C GLU MA 32 -0.05 -93.90 13.68
N VAL MA 33 0.34 -92.69 14.09
CA VAL MA 33 -0.27 -91.98 15.20
C VAL MA 33 -0.55 -90.57 14.71
N ASN MA 34 -1.82 -90.23 14.54
CA ASN MA 34 -2.21 -89.05 13.79
C ASN MA 34 -2.82 -87.94 14.63
N GLY MA 35 -3.80 -88.24 15.47
CA GLY MA 35 -4.48 -87.19 16.22
C GLY MA 35 -5.66 -86.62 15.48
N VAL MA 36 -6.71 -86.27 16.21
CA VAL MA 36 -7.97 -85.82 15.63
C VAL MA 36 -8.47 -84.61 16.40
N MET MA 37 -9.25 -83.76 15.74
CA MET MA 37 -9.79 -82.56 16.34
C MET MA 37 -11.24 -82.38 15.90
N VAL MA 38 -12.13 -82.15 16.85
CA VAL MA 38 -13.55 -81.93 16.59
C VAL MA 38 -13.98 -80.64 17.26
N SER MA 39 -14.93 -79.94 16.64
CA SER MA 39 -15.37 -78.63 17.09
C SER MA 39 -16.80 -78.72 17.62
N TYR MA 40 -17.02 -78.17 18.81
CA TYR MA 40 -18.33 -78.20 19.47
C TYR MA 40 -18.99 -76.83 19.54
N VAL MA 41 -18.48 -75.84 18.81
CA VAL MA 41 -19.03 -74.50 18.91
C VAL MA 41 -20.49 -74.47 18.47
N ALA MA 42 -20.83 -75.26 17.45
CA ALA MA 42 -22.18 -75.22 16.90
C ALA MA 42 -23.21 -75.70 17.93
N TRP MA 43 -22.81 -76.51 18.90
CA TRP MA 43 -23.74 -77.08 19.85
C TRP MA 43 -23.71 -76.36 21.20
N SER MA 44 -22.53 -76.20 21.79
CA SER MA 44 -22.43 -75.64 23.13
C SER MA 44 -22.62 -74.13 23.17
N ALA MA 45 -22.44 -73.43 22.05
CA ALA MA 45 -22.51 -71.98 22.07
C ALA MA 45 -23.87 -71.46 22.51
N PRO MA 46 -24.99 -71.87 21.91
CA PRO MA 46 -26.29 -71.31 22.33
C PRO MA 46 -26.68 -71.64 23.76
N LEU MA 47 -26.12 -72.70 24.34
CA LEU MA 47 -26.51 -73.10 25.69
C LEU MA 47 -25.99 -72.14 26.76
N GLY MA 48 -25.12 -71.20 26.41
CA GLY MA 48 -24.53 -70.38 27.43
C GLY MA 48 -23.67 -71.21 28.37
N GLY MA 49 -23.68 -70.83 29.64
CA GLY MA 49 -22.94 -71.61 30.61
C GLY MA 49 -21.44 -71.48 30.46
N HIS MA 50 -20.74 -72.54 30.87
CA HIS MA 50 -19.28 -72.56 30.92
C HIS MA 50 -18.67 -73.50 29.89
N GLY MA 51 -19.41 -73.86 28.85
CA GLY MA 51 -18.82 -74.65 27.78
C GLY MA 51 -18.55 -76.10 28.19
N LEU MA 52 -17.52 -76.67 27.58
CA LEU MA 52 -17.22 -78.08 27.75
C LEU MA 52 -16.70 -78.36 29.16
N THR MA 53 -16.68 -79.65 29.51
CA THR MA 53 -16.41 -80.08 30.87
C THR MA 53 -15.09 -80.81 31.05
N ASN MA 54 -14.53 -81.38 29.98
CA ASN MA 54 -13.30 -82.15 30.05
C ASN MA 54 -13.50 -83.51 30.73
N LYS MA 55 -14.64 -84.15 30.49
CA LYS MA 55 -14.94 -85.48 31.02
C LYS MA 55 -15.51 -86.39 29.93
N THR MA 56 -14.87 -86.37 28.77
CA THR MA 56 -15.31 -87.20 27.65
C THR MA 56 -15.20 -88.68 28.00
N THR MA 57 -15.76 -89.51 27.12
CA THR MA 57 -15.71 -90.97 27.27
C THR MA 57 -15.66 -91.61 25.89
N PHE MA 58 -14.80 -92.62 25.75
CA PHE MA 58 -14.58 -93.29 24.47
C PHE MA 58 -14.95 -94.76 24.58
N GLU MA 59 -15.41 -95.34 23.48
CA GLU MA 59 -15.74 -96.76 23.41
C GLU MA 59 -15.49 -97.25 22.00
N PHE MA 60 -15.06 -98.51 21.89
CA PHE MA 60 -14.75 -99.14 20.61
C PHE MA 60 -15.67 -100.33 20.38
N GLU MA 61 -16.02 -100.57 19.11
CA GLU MA 61 -16.82 -101.70 18.71
C GLU MA 61 -16.17 -102.36 17.49
N ASN MA 62 -16.23 -103.68 17.42
CA ASN MA 62 -15.62 -104.43 16.32
C ASN MA 62 -16.70 -104.82 15.31
N VAL MA 63 -16.99 -103.89 14.40
CA VAL MA 63 -17.98 -104.15 13.36
C VAL MA 63 -17.50 -105.23 12.41
N SER MA 64 -16.22 -105.20 12.04
CA SER MA 64 -15.66 -106.19 11.13
C SER MA 64 -14.16 -106.27 11.39
N VAL MA 65 -13.74 -107.37 12.01
CA VAL MA 65 -12.34 -107.59 12.35
C VAL MA 65 -11.99 -109.04 12.11
N THR MA 66 -10.76 -109.27 11.65
CA THR MA 66 -10.25 -110.60 11.37
C THR MA 66 -9.35 -111.05 12.52
N GLU MA 67 -9.52 -112.30 12.94
CA GLU MA 67 -8.75 -112.82 14.05
C GLU MA 67 -7.29 -112.99 13.63
N PRO MA 68 -6.35 -112.83 14.56
CA PRO MA 68 -4.94 -112.99 14.21
C PRO MA 68 -4.53 -114.46 14.16
N LEU MA 69 -3.66 -114.77 13.21
CA LEU MA 69 -3.19 -116.14 12.99
C LEU MA 69 -1.92 -116.46 13.77
N VAL MA 70 -1.40 -115.52 14.56
CA VAL MA 70 -0.21 -115.75 15.37
C VAL MA 70 -0.48 -115.21 16.77
N ASN MA 71 0.30 -115.68 17.73
CA ASN MA 71 0.10 -115.36 19.13
C ASN MA 71 1.26 -114.53 19.67
N SER MA 72 0.95 -113.47 20.41
CA SER MA 72 1.98 -112.70 21.07
C SER MA 72 2.55 -113.47 22.26
N ALA MA 73 3.76 -113.11 22.67
CA ALA MA 73 4.45 -113.81 23.74
C ALA MA 73 5.08 -112.81 24.69
N PHE MA 74 5.27 -113.25 25.93
CA PHE MA 74 5.87 -112.43 26.98
C PHE MA 74 6.85 -113.28 27.77
N GLU MA 75 7.99 -112.68 28.14
CA GLU MA 75 9.05 -113.40 28.83
C GLU MA 75 9.79 -112.45 29.75
N ARG MA 76 10.62 -113.03 30.61
CA ARG MA 76 11.42 -112.29 31.57
C ARG MA 76 12.89 -112.70 31.47
N THR MA 77 13.77 -111.81 31.90
CA THR MA 77 15.19 -112.09 31.98
C THR MA 77 15.77 -111.39 33.19
N PRO MA 78 16.86 -111.91 33.76
CA PRO MA 78 17.49 -111.22 34.90
C PRO MA 78 18.26 -109.98 34.46
N PHE MA 79 18.80 -109.28 35.45
CA PHE MA 79 19.54 -108.05 35.21
C PHE MA 79 20.76 -108.32 34.34
N ASN MA 80 20.94 -107.47 33.32
CA ASN MA 80 22.09 -107.53 32.41
C ASN MA 80 22.31 -108.95 31.88
N THR MA 81 21.24 -109.72 31.69
CA THR MA 81 21.33 -111.10 31.25
C THR MA 81 20.70 -111.21 29.86
N THR MA 82 21.42 -111.84 28.95
CA THR MA 82 20.91 -112.04 27.60
C THR MA 82 19.71 -112.98 27.62
N LEU MA 83 18.75 -112.71 26.73
CA LEU MA 83 17.55 -113.52 26.62
C LEU MA 83 17.54 -114.25 25.29
N ALA MA 84 17.20 -115.54 25.33
CA ALA MA 84 17.15 -116.38 24.14
C ALA MA 84 15.80 -117.05 24.04
N GLY MA 85 15.37 -117.28 22.81
CA GLY MA 85 14.07 -117.88 22.58
C GLY MA 85 13.90 -118.26 21.13
N SER MA 86 12.65 -118.56 20.77
CA SER MA 86 12.33 -118.97 19.41
C SER MA 86 10.91 -118.52 19.07
N LEU MA 87 10.70 -118.20 17.80
CA LEU MA 87 9.39 -117.79 17.32
C LEU MA 87 8.57 -118.94 16.76
N ALA MA 88 9.14 -120.15 16.70
CA ALA MA 88 8.45 -121.26 16.08
C ALA MA 88 7.19 -121.67 16.82
N ALA MA 89 7.20 -121.61 18.16
CA ALA MA 89 6.05 -122.07 18.92
C ALA MA 89 4.86 -121.13 18.81
N LEU MA 90 5.04 -119.95 18.22
CA LEU MA 90 3.97 -118.95 18.17
C LEU MA 90 3.11 -119.03 16.93
N PHE MA 91 3.32 -120.02 16.06
CA PHE MA 91 2.54 -120.19 14.84
C PHE MA 91 1.91 -121.57 14.84
N PRO MA 92 0.75 -121.76 15.48
CA PRO MA 92 0.12 -123.09 15.58
C PRO MA 92 -0.69 -123.48 14.34
N ASN MA 93 -0.04 -123.52 13.20
CA ASN MA 93 -0.71 -123.92 11.97
C ASN MA 93 -0.94 -125.43 11.99
N PRO MA 94 -2.18 -125.90 11.82
CA PRO MA 94 -2.40 -127.36 11.77
C PRO MA 94 -1.99 -127.99 10.45
N GLU MA 95 -1.79 -127.19 9.41
CA GLU MA 95 -1.40 -127.72 8.11
C GLU MA 95 0.12 -127.82 7.99
N GLY MA 96 0.56 -128.60 7.02
CA GLY MA 96 1.97 -128.72 6.73
C GLY MA 96 2.39 -127.78 5.61
N GLU MA 97 3.26 -126.82 5.92
CA GLU MA 97 3.67 -125.83 4.94
C GLU MA 97 5.00 -125.22 5.37
N ALA MA 98 5.70 -124.64 4.41
CA ALA MA 98 6.95 -123.98 4.69
C ALA MA 98 6.70 -122.64 5.39
N VAL MA 99 7.55 -122.32 6.36
CA VAL MA 99 7.43 -121.08 7.13
C VAL MA 99 8.77 -120.35 7.08
N GLU MA 100 8.67 -119.03 7.09
CA GLU MA 100 9.85 -118.16 7.14
C GLU MA 100 9.63 -117.11 8.23
N TYR MA 101 10.71 -116.75 8.90
CA TYR MA 101 10.67 -115.83 10.02
C TYR MA 101 11.35 -114.52 9.63
N GLU MA 102 10.78 -113.41 10.09
CA GLU MA 102 11.28 -112.08 9.73
C GLU MA 102 11.02 -111.13 10.89
N ILE MA 103 11.89 -110.14 11.03
CA ILE MA 103 11.77 -109.12 12.06
C ILE MA 103 11.54 -107.77 11.37
N LEU MA 104 10.43 -107.13 11.70
CA LEU MA 104 10.15 -105.80 11.17
C LEU MA 104 11.18 -104.83 11.73
N GLU MA 105 11.75 -104.00 10.85
CA GLU MA 105 12.85 -103.12 11.22
C GLU MA 105 12.46 -101.65 11.31
N LEU MA 106 11.24 -101.29 10.90
CA LEU MA 106 10.76 -99.94 11.16
C LEU MA 106 10.43 -99.73 12.63
N TYR MA 107 10.43 -100.80 13.44
CA TYR MA 107 9.99 -100.75 14.83
C TYR MA 107 11.07 -101.39 15.71
N PRO MA 108 12.27 -100.83 15.73
CA PRO MA 108 13.37 -101.48 16.45
C PRO MA 108 13.18 -101.41 17.95
N PRO MA 109 13.79 -102.31 18.71
CA PRO MA 109 13.71 -102.23 20.16
C PRO MA 109 14.32 -100.94 20.68
N VAL MA 110 13.75 -100.42 21.76
CA VAL MA 110 14.16 -99.12 22.27
C VAL MA 110 15.41 -99.20 23.14
N ASN MA 111 15.55 -100.25 23.95
CA ASN MA 111 16.65 -100.35 24.90
C ASN MA 111 17.51 -101.59 24.68
N GLY MA 112 17.51 -102.16 23.48
CA GLY MA 112 18.31 -103.33 23.21
C GLY MA 112 18.47 -103.55 21.72
N ILE MA 113 18.97 -104.72 21.38
CA ILE MA 113 19.14 -105.13 19.99
C ILE MA 113 18.69 -106.58 19.85
N VAL MA 114 17.95 -106.87 18.78
CA VAL MA 114 17.42 -108.20 18.52
C VAL MA 114 18.17 -108.82 17.36
N GLU MA 115 18.68 -110.03 17.57
CA GLU MA 115 19.43 -110.77 16.55
C GLU MA 115 18.62 -112.02 16.21
N LEU MA 116 18.22 -112.13 14.94
CA LEU MA 116 17.43 -113.27 14.50
C LEU MA 116 18.34 -114.44 14.16
N GLY MA 117 18.08 -115.58 14.79
CA GLY MA 117 18.81 -116.80 14.52
C GLY MA 117 18.18 -117.62 13.41
N GLU MA 118 18.67 -118.84 13.27
CA GLU MA 118 18.16 -119.74 12.25
C GLU MA 118 16.92 -120.48 12.72
N ASN MA 119 16.01 -120.72 11.79
CA ASN MA 119 14.81 -121.53 12.06
C ASN MA 119 14.02 -120.97 13.24
N GLY MA 120 13.88 -119.65 13.29
CA GLY MA 120 13.04 -119.00 14.27
C GLY MA 120 13.73 -118.64 15.57
N ALA MA 121 14.96 -119.08 15.80
CA ALA MA 121 15.68 -118.70 17.00
C ALA MA 121 16.06 -117.22 16.94
N PHE MA 122 16.17 -116.61 18.11
CA PHE MA 122 16.53 -115.20 18.20
C PHE MA 122 17.29 -114.97 19.50
N THR MA 123 17.94 -113.82 19.58
CA THR MA 123 18.69 -113.42 20.76
C THR MA 123 18.48 -111.93 21.00
N TYR MA 124 18.10 -111.59 22.24
CA TYR MA 124 17.91 -110.21 22.65
C TYR MA 124 18.98 -109.85 23.67
N ARG MA 125 19.72 -108.78 23.39
CA ARG MA 125 20.82 -108.36 24.24
C ARG MA 125 20.49 -107.02 24.87
N PRO MA 126 20.01 -106.96 26.11
CA PRO MA 126 19.65 -105.68 26.70
C PRO MA 126 20.86 -104.81 26.95
N ALA MA 127 20.66 -103.50 26.87
CA ALA MA 127 21.72 -102.56 27.18
C ALA MA 127 22.06 -102.63 28.67
N THR MA 128 23.33 -102.41 28.99
CA THR MA 128 23.80 -102.52 30.36
C THR MA 128 23.07 -101.51 31.26
N SER MA 129 22.64 -101.98 32.43
CA SER MA 129 22.01 -101.13 33.44
C SER MA 129 20.58 -100.75 33.10
N PHE MA 130 19.98 -101.40 32.10
CA PHE MA 130 18.61 -101.10 31.75
C PHE MA 130 17.65 -101.91 32.60
N THR MA 131 16.50 -101.30 32.94
CA THR MA 131 15.49 -101.96 33.75
C THR MA 131 14.13 -101.43 33.34
N GLY MA 132 13.29 -102.29 32.77
CA GLY MA 132 11.97 -101.91 32.34
C GLY MA 132 11.44 -102.90 31.32
N ILE MA 133 10.52 -102.41 30.49
CA ILE MA 133 9.85 -103.22 29.48
C ILE MA 133 10.42 -102.87 28.12
N ASP MA 134 10.39 -103.84 27.20
CA ASP MA 134 10.87 -103.63 25.84
C ASP MA 134 10.00 -104.45 24.89
N ARG MA 135 10.02 -104.08 23.61
CA ARG MA 135 9.17 -104.70 22.62
C ARG MA 135 9.95 -104.88 21.32
N PHE MA 136 9.50 -105.84 20.50
CA PHE MA 136 9.97 -105.97 19.14
C PHE MA 136 8.97 -106.81 18.36
N TRP MA 137 8.71 -106.40 17.12
CA TRP MA 137 7.64 -106.96 16.32
C TRP MA 137 8.21 -107.93 15.30
N PHE MA 138 7.56 -109.08 15.15
CA PHE MA 138 8.01 -110.14 14.25
C PHE MA 138 6.89 -110.51 13.30
N SER MA 139 7.29 -111.16 12.20
CA SER MA 139 6.35 -111.64 11.18
C SER MA 139 6.66 -113.10 10.88
N ILE MA 140 5.62 -113.92 10.81
CA ILE MA 140 5.75 -115.33 10.46
C ILE MA 140 4.88 -115.60 9.24
N ASN MA 141 5.53 -115.86 8.11
CA ASN MA 141 4.83 -116.23 6.88
C ASN MA 141 3.84 -115.15 6.45
N GLY MA 142 4.11 -113.90 6.84
CA GLY MA 142 3.27 -112.78 6.46
C GLY MA 142 2.26 -112.34 7.50
N ASN MA 143 2.30 -112.89 8.70
CA ASN MA 143 1.39 -112.51 9.78
C ASN MA 143 2.19 -111.82 10.87
N VAL MA 144 1.70 -110.65 11.30
CA VAL MA 144 2.42 -109.80 12.24
C VAL MA 144 2.05 -110.17 13.66
N GLY MA 145 3.03 -110.11 14.56
CA GLY MA 145 2.81 -110.39 15.96
C GLY MA 145 3.71 -109.53 16.83
N GLU MA 146 3.41 -109.50 18.12
CA GLU MA 146 4.13 -108.68 19.08
C GLU MA 146 4.83 -109.59 20.09
N PHE MA 147 6.06 -109.23 20.44
CA PHE MA 147 6.82 -109.88 21.50
C PHE MA 147 7.20 -108.84 22.54
N VAL MA 148 6.98 -109.16 23.80
CA VAL MA 148 7.24 -108.25 24.91
C VAL MA 148 8.27 -108.89 25.83
N ILE MA 149 9.26 -108.11 26.25
CA ILE MA 149 10.33 -108.57 27.12
C ILE MA 149 10.47 -107.61 28.28
N ALA MA 150 10.69 -108.16 29.47
CA ALA MA 150 10.89 -107.38 30.68
C ALA MA 150 12.24 -107.72 31.30
N VAL MA 151 12.99 -106.69 31.69
CA VAL MA 151 14.28 -106.85 32.33
C VAL MA 151 14.12 -106.38 33.78
N ASP MA 152 14.41 -107.27 34.74
CA ASP MA 152 14.12 -106.99 36.13
C ASP MA 152 15.39 -106.60 36.88
N PRO MA 153 15.26 -105.76 37.91
CA PRO MA 153 16.43 -105.41 38.72
C PRO MA 153 16.92 -106.60 39.53
N ALA MA 154 18.21 -106.56 39.87
CA ALA MA 154 18.83 -107.64 40.64
C ALA MA 154 18.68 -107.46 42.14
N GLN MA 155 18.05 -106.39 42.60
CA GLN MA 155 17.92 -106.10 44.03
C GLN MA 155 16.51 -105.63 44.37
N GLY MA 156 15.49 -106.24 43.77
CA GLY MA 156 14.13 -105.83 44.01
C GLY MA 156 13.10 -106.79 43.46
N PRO MA 157 11.82 -106.44 43.58
CA PRO MA 157 10.76 -107.32 43.10
C PRO MA 157 10.66 -107.31 41.58
N GLN MA 158 10.04 -108.37 41.06
CA GLN MA 158 9.86 -108.49 39.62
C GLN MA 158 8.78 -107.52 39.14
N ILE MA 159 8.87 -107.16 37.85
CA ILE MA 159 7.92 -106.23 37.27
C ILE MA 159 6.67 -106.98 36.82
N ALA MA 160 5.51 -106.34 37.00
CA ALA MA 160 4.25 -106.96 36.60
C ALA MA 160 4.11 -106.96 35.08
N GLN MA 161 3.51 -108.03 34.56
CA GLN MA 161 3.32 -108.14 33.12
C GLN MA 161 2.37 -107.05 32.63
N PRO MA 162 2.72 -106.32 31.58
CA PRO MA 162 1.82 -105.29 31.05
C PRO MA 162 0.83 -105.88 30.07
N PRO MA 163 -0.22 -105.13 29.72
CA PRO MA 163 -1.19 -105.64 28.74
C PRO MA 163 -0.67 -105.46 27.31
N PHE MA 164 -1.01 -106.42 26.46
CA PHE MA 164 -0.60 -106.35 25.06
C PHE MA 164 -1.26 -105.16 24.37
N THR MA 165 -0.54 -104.53 23.46
CA THR MA 165 -1.06 -103.36 22.78
C THR MA 165 -2.23 -103.75 21.87
N PRO MA 166 -3.37 -103.07 21.95
CA PRO MA 166 -4.49 -103.41 21.08
C PRO MA 166 -4.18 -103.10 19.62
N ALA MA 167 -5.14 -103.45 18.75
CA ALA MA 167 -5.00 -103.12 17.34
C ALA MA 167 -5.14 -101.62 17.12
N VAL MA 168 -6.15 -101.00 17.73
CA VAL MA 168 -6.32 -99.56 17.73
C VAL MA 168 -6.62 -99.12 19.16
N TYR MA 169 -6.26 -97.88 19.47
CA TYR MA 169 -6.44 -97.37 20.82
C TYR MA 169 -6.39 -95.85 20.80
N VAL MA 170 -6.84 -95.25 21.89
CA VAL MA 170 -6.79 -93.82 22.11
C VAL MA 170 -6.21 -93.57 23.49
N PRO MA 171 -5.00 -93.03 23.63
CA PRO MA 171 -4.43 -92.81 24.96
C PRO MA 171 -5.34 -91.92 25.80
N LEU MA 172 -5.50 -92.29 27.07
CA LEU MA 172 -6.42 -91.56 27.93
C LEU MA 172 -5.74 -90.40 28.64
N SER MA 173 -4.41 -90.29 28.56
CA SER MA 173 -3.70 -89.18 29.19
C SER MA 173 -3.44 -88.02 28.23
N ARG MA 174 -3.43 -88.28 26.93
CA ARG MA 174 -3.19 -87.25 25.92
C ARG MA 174 -4.53 -86.74 25.40
N ARG MA 175 -5.04 -85.71 26.08
CA ARG MA 175 -6.38 -85.22 25.81
C ARG MA 175 -6.51 -83.82 26.41
N GLU MA 176 -7.20 -82.94 25.68
CA GLU MA 176 -7.41 -81.58 26.17
C GLU MA 176 -8.61 -80.98 25.45
N VAL MA 177 -9.18 -79.95 26.08
CA VAL MA 177 -10.29 -79.19 25.51
C VAL MA 177 -9.91 -77.71 25.56
N ASN MA 178 -10.06 -77.02 24.44
CA ASN MA 178 -9.73 -75.61 24.33
C ASN MA 178 -10.99 -74.81 24.60
N LYS MA 179 -11.10 -74.28 25.81
CA LYS MA 179 -12.32 -73.60 26.23
C LYS MA 179 -12.60 -72.36 25.40
N GLN MA 180 -11.58 -71.70 24.87
CA GLN MA 180 -11.81 -70.49 24.08
C GLN MA 180 -12.50 -70.78 22.77
N THR MA 181 -12.29 -71.98 22.20
CA THR MA 181 -12.91 -72.32 20.92
C THR MA 181 -13.75 -73.58 21.00
N GLN MA 182 -13.96 -74.16 22.18
CA GLN MA 182 -14.82 -75.32 22.35
C GLN MA 182 -14.41 -76.46 21.43
N ALA MA 183 -13.11 -76.74 21.35
CA ALA MA 183 -12.58 -77.81 20.51
C ALA MA 183 -11.97 -78.90 21.37
N LEU MA 184 -12.18 -80.15 20.96
CA LEU MA 184 -11.65 -81.31 21.66
C LEU MA 184 -10.54 -81.94 20.83
N ARG MA 185 -9.44 -82.30 21.49
CA ARG MA 185 -8.31 -82.93 20.85
C ARG MA 185 -8.03 -84.28 21.51
N PHE MA 186 -7.75 -85.29 20.70
CA PHE MA 186 -7.37 -86.61 21.20
C PHE MA 186 -6.48 -87.29 20.17
N VAL MA 187 -5.78 -88.33 20.61
CA VAL MA 187 -4.77 -89.01 19.81
C VAL MA 187 -5.30 -90.39 19.42
N LEU MA 188 -5.12 -90.74 18.15
CA LEU MA 188 -5.49 -92.05 17.62
C LEU MA 188 -4.24 -92.77 17.16
N GLY MA 189 -4.04 -93.97 17.68
CA GLY MA 189 -2.86 -94.76 17.34
C GLY MA 189 -3.23 -96.15 16.87
N VAL MA 190 -2.62 -96.56 15.76
CA VAL MA 190 -2.89 -97.85 15.14
C VAL MA 190 -1.65 -98.72 15.31
N SER MA 191 -1.84 -99.89 15.89
CA SER MA 191 -0.73 -100.81 16.07
C SER MA 191 -0.30 -101.38 14.72
N PRO MA 192 0.96 -101.79 14.59
CA PRO MA 192 1.41 -102.37 13.31
C PRO MA 192 0.68 -103.65 12.96
N ALA MA 193 0.07 -104.29 13.96
CA ALA MA 193 -0.62 -105.56 13.75
C ALA MA 193 -1.97 -105.40 13.08
N ALA MA 194 -2.50 -104.19 12.97
CA ALA MA 194 -3.81 -103.98 12.38
C ALA MA 194 -3.85 -104.49 10.94
N LYS MA 195 -4.66 -105.50 10.68
CA LYS MA 195 -4.77 -106.03 9.33
C LYS MA 195 -5.59 -105.08 8.47
N PRO MA 196 -5.21 -104.87 7.21
CA PRO MA 196 -5.96 -103.93 6.37
C PRO MA 196 -7.34 -104.46 6.04
N ALA MA 197 -8.18 -103.56 5.53
CA ALA MA 197 -9.55 -103.87 5.10
C ALA MA 197 -10.48 -104.07 6.28
N ASP MA 198 -9.96 -103.94 7.51
CA ASP MA 198 -10.80 -104.07 8.69
C ASP MA 198 -11.49 -102.75 8.99
N ILE MA 199 -12.49 -102.81 9.88
CA ILE MA 199 -13.28 -101.65 10.26
C ILE MA 199 -13.53 -101.68 11.76
N TYR MA 200 -13.44 -100.50 12.39
CA TYR MA 200 -13.79 -100.32 13.78
C TYR MA 200 -14.72 -99.12 13.90
N ARG MA 201 -15.47 -99.06 15.00
CA ARG MA 201 -16.36 -97.95 15.29
C ARG MA 201 -16.01 -97.34 16.63
N LEU MA 202 -16.02 -96.00 16.68
CA LEU MA 202 -15.67 -95.25 17.88
C LEU MA 202 -16.87 -94.39 18.27
N ASN MA 203 -17.21 -94.42 19.55
CA ASN MA 203 -18.32 -93.63 20.10
C ASN MA 203 -17.78 -92.65 21.13
N ILE MA 204 -18.17 -91.39 21.02
CA ILE MA 204 -17.70 -90.33 21.90
C ILE MA 204 -18.89 -89.70 22.59
N ARG MA 205 -18.83 -89.62 23.91
CA ARG MA 205 -19.84 -88.92 24.71
C ARG MA 205 -19.17 -87.75 25.40
N GLN MA 206 -19.61 -86.53 25.09
CA GLN MA 206 -19.01 -85.32 25.60
C GLN MA 206 -20.03 -84.57 26.47
N ALA MA 207 -19.52 -83.83 27.45
CA ALA MA 207 -20.34 -83.18 28.45
C ALA MA 207 -20.11 -81.67 28.43
N ALA MA 208 -21.19 -80.92 28.66
CA ALA MA 208 -21.14 -79.48 28.79
C ALA MA 208 -21.85 -79.08 30.08
N ILE MA 209 -21.65 -77.82 30.49
CA ILE MA 209 -22.15 -77.34 31.78
C ILE MA 209 -22.87 -76.02 31.58
N ASP MA 210 -23.98 -75.85 32.28
CA ASP MA 210 -24.72 -74.59 32.26
C ASP MA 210 -24.09 -73.61 33.25
N CYS MA 211 -24.78 -72.51 33.51
CA CYS MA 211 -24.25 -71.46 34.37
C CYS MA 211 -24.24 -71.84 35.84
N GLU MA 212 -24.85 -72.96 36.22
CA GLU MA 212 -24.98 -73.34 37.62
C GLU MA 212 -24.24 -74.63 37.97
N GLY MA 213 -23.73 -75.34 36.98
CA GLY MA 213 -23.00 -76.57 37.22
C GLY MA 213 -23.69 -77.84 36.76
N ASN MA 214 -24.92 -77.75 36.28
CA ASN MA 214 -25.60 -78.92 35.74
C ASN MA 214 -25.04 -79.26 34.37
N GLU MA 215 -25.22 -80.52 33.95
CA GLU MA 215 -24.51 -81.08 32.82
C GLU MA 215 -25.44 -81.38 31.66
N TYR MA 216 -24.95 -81.12 30.45
CA TYR MA 216 -25.55 -81.60 29.21
C TYR MA 216 -24.66 -82.70 28.64
N PHE MA 217 -25.14 -83.37 27.60
CA PHE MA 217 -24.38 -84.43 26.96
C PHE MA 217 -24.63 -84.44 25.46
N HIS MA 218 -23.65 -84.93 24.71
CA HIS MA 218 -23.72 -85.04 23.26
C HIS MA 218 -23.00 -86.32 22.84
N ILE MA 219 -23.54 -87.00 21.83
CA ILE MA 219 -23.04 -88.30 21.41
C ILE MA 219 -22.82 -88.29 19.90
N SER MA 220 -21.69 -88.86 19.48
CA SER MA 220 -21.38 -89.00 18.06
C SER MA 220 -20.52 -90.24 17.88
N CYS MA 221 -20.49 -90.74 16.65
CA CYS MA 221 -19.76 -91.97 16.35
C CYS MA 221 -18.96 -91.78 15.07
N TYR MA 222 -17.84 -92.50 14.98
CA TYR MA 222 -16.94 -92.41 13.84
C TYR MA 222 -16.51 -93.81 13.42
N ASP MA 223 -16.29 -93.98 12.12
CA ASP MA 223 -15.90 -95.27 11.54
C ASP MA 223 -14.43 -95.20 11.14
N ILE MA 224 -13.66 -96.20 11.55
CA ILE MA 224 -12.23 -96.27 11.27
C ILE MA 224 -11.97 -97.51 10.41
N SER MA 225 -11.33 -97.30 9.27
CA SER MA 225 -11.01 -98.38 8.34
C SER MA 225 -9.51 -98.41 8.13
N ILE MA 226 -8.92 -99.61 8.23
CA ILE MA 226 -7.48 -99.76 8.08
C ILE MA 226 -7.13 -99.77 6.60
N GLY MA 227 -6.19 -98.92 6.21
CA GLY MA 227 -5.80 -98.78 4.82
C GLY MA 227 -4.42 -99.34 4.54
N SER MA 228 -3.84 -98.89 3.43
CA SER MA 228 -2.52 -99.36 3.01
C SER MA 228 -1.93 -98.32 2.07
N CYS MA 229 -0.75 -98.65 1.54
CA CYS MA 229 -0.05 -97.72 0.66
C CYS MA 229 -0.81 -97.56 -0.66
N GLY MA 230 -0.40 -96.56 -1.43
CA GLY MA 230 -1.02 -96.26 -2.70
C GLY MA 230 -0.19 -95.34 -3.58
N CYS NA 23 -21.60 -62.39 37.27
CA CYS NA 23 -20.50 -63.31 37.52
C CYS NA 23 -19.26 -62.91 36.75
N GLU NA 24 -18.54 -61.91 37.25
CA GLU NA 24 -17.29 -61.51 36.63
C GLU NA 24 -16.29 -62.66 36.70
N SER NA 25 -15.51 -62.82 35.64
CA SER NA 25 -14.65 -64.00 35.51
C SER NA 25 -13.22 -63.68 35.95
N ILE NA 26 -12.65 -64.58 36.74
CA ILE NA 26 -11.27 -64.51 37.19
C ILE NA 26 -10.58 -65.80 36.79
N SER NA 27 -9.30 -65.68 36.42
CA SER NA 27 -8.49 -66.82 36.01
C SER NA 27 -7.27 -66.91 36.92
N ALA NA 28 -6.92 -68.13 37.33
CA ALA NA 28 -5.81 -68.34 38.24
C ALA NA 28 -5.03 -69.56 37.82
N ARG NA 29 -3.78 -69.62 38.27
CA ARG NA 29 -2.88 -70.72 37.99
C ARG NA 29 -2.48 -71.41 39.29
N PRO NA 30 -2.37 -72.73 39.33
CA PRO NA 30 -1.94 -73.39 40.57
C PRO NA 30 -0.58 -72.89 41.04
N GLY NA 31 -0.45 -72.70 42.34
CA GLY NA 31 0.78 -72.21 42.94
C GLY NA 31 0.90 -70.71 42.98
N GLU NA 32 -0.05 -69.97 42.42
CA GLU NA 32 0.03 -68.52 42.36
C GLU NA 32 -0.62 -67.90 43.59
N VAL NA 33 -0.17 -66.69 43.92
CA VAL NA 33 -0.78 -65.87 44.97
C VAL NA 33 -0.84 -64.45 44.45
N ASN NA 34 -2.04 -63.96 44.17
CA ASN NA 34 -2.22 -62.69 43.47
C ASN NA 34 -3.30 -61.89 44.17
N GLY NA 35 -3.21 -60.56 44.04
CA GLY NA 35 -4.17 -59.68 44.69
C GLY NA 35 -5.30 -59.26 43.76
N VAL NA 36 -6.36 -58.72 44.37
CA VAL NA 36 -7.54 -58.27 43.65
C VAL NA 36 -8.04 -56.98 44.30
N MET NA 37 -8.61 -56.10 43.49
CA MET NA 37 -9.14 -54.83 43.97
C MET NA 37 -10.46 -54.53 43.28
N VAL NA 38 -11.43 -54.04 44.05
CA VAL NA 38 -12.74 -53.66 43.53
C VAL NA 38 -13.07 -52.28 44.05
N SER NA 39 -13.66 -51.45 43.19
CA SER NA 39 -13.94 -50.06 43.49
C SER NA 39 -15.44 -49.87 43.71
N TYR NA 40 -15.79 -49.21 44.82
CA TYR NA 40 -17.18 -48.98 45.20
C TYR NA 40 -17.61 -47.53 45.05
N VAL NA 41 -16.81 -46.69 44.39
CA VAL NA 41 -17.12 -45.26 44.34
C VAL NA 41 -18.48 -45.03 43.70
N ALA NA 42 -18.81 -45.80 42.66
CA ALA NA 42 -20.07 -45.59 41.97
C ALA NA 42 -21.27 -45.88 42.86
N TRP NA 43 -21.11 -46.77 43.84
CA TRP NA 43 -22.23 -47.17 44.67
C TRP NA 43 -22.32 -46.36 45.96
N SER NA 44 -21.20 -46.25 46.69
CA SER NA 44 -21.22 -45.63 48.01
C SER NA 44 -21.03 -44.12 47.96
N ALA NA 45 -20.82 -43.53 46.77
CA ALA NA 45 -20.67 -42.08 46.72
C ALA NA 45 -21.99 -41.36 46.88
N PRO NA 46 -23.02 -41.60 46.06
CA PRO NA 46 -24.28 -40.86 46.23
C PRO NA 46 -24.96 -41.08 47.57
N LEU NA 47 -24.68 -42.19 48.26
CA LEU NA 47 -25.32 -42.44 49.55
C LEU NA 47 -24.91 -41.42 50.60
N GLY NA 48 -23.84 -40.67 50.38
CA GLY NA 48 -23.34 -39.80 51.43
C GLY NA 48 -22.78 -40.61 52.57
N GLY NA 49 -22.89 -40.05 53.78
CA GLY NA 49 -22.45 -40.78 54.94
C GLY NA 49 -20.93 -40.87 55.02
N HIS NA 50 -20.46 -41.91 55.71
CA HIS NA 50 -19.04 -42.09 55.98
C HIS NA 50 -18.39 -43.13 55.08
N GLY NA 51 -19.09 -43.64 54.08
CA GLY NA 51 -18.45 -44.52 53.13
C GLY NA 51 -18.43 -45.98 53.57
N LEU NA 52 -17.36 -46.67 53.19
CA LEU NA 52 -17.27 -48.11 53.38
C LEU NA 52 -16.92 -48.45 54.84
N THR NA 53 -16.83 -49.74 55.11
CA THR NA 53 -16.53 -50.24 56.45
C THR NA 53 -15.85 -51.59 56.31
N ASN NA 54 -15.16 -51.99 57.39
CA ASN NA 54 -14.37 -53.21 57.38
C ASN NA 54 -15.18 -54.47 57.61
N LYS NA 55 -16.51 -54.43 57.46
CA LYS NA 55 -17.33 -55.61 57.67
C LYS NA 55 -17.58 -56.36 56.38
N THR NA 56 -16.54 -57.01 55.84
CA THR NA 56 -16.68 -57.84 54.65
C THR NA 56 -16.91 -59.30 55.05
N THR NA 57 -17.46 -60.07 54.12
CA THR NA 57 -17.72 -61.49 54.33
C THR NA 57 -17.53 -62.23 53.02
N PHE NA 58 -16.81 -63.35 53.07
CA PHE NA 58 -16.46 -64.13 51.90
C PHE NA 58 -17.00 -65.55 52.04
N GLU NA 59 -17.52 -66.09 50.93
CA GLU NA 59 -18.00 -67.46 50.88
C GLU NA 59 -17.60 -68.09 49.57
N PHE NA 60 -17.21 -69.36 49.61
CA PHE NA 60 -16.81 -70.10 48.43
C PHE NA 60 -17.82 -71.21 48.14
N GLU NA 61 -18.18 -71.35 46.86
CA GLU NA 61 -19.11 -72.36 46.40
C GLU NA 61 -18.49 -73.16 45.27
N ASN NA 62 -18.85 -74.43 45.19
CA ASN NA 62 -18.34 -75.30 44.13
C ASN NA 62 -19.36 -75.41 43.01
N VAL NA 63 -18.88 -75.37 41.77
CA VAL NA 63 -19.70 -75.61 40.59
C VAL NA 63 -19.18 -76.82 39.79
N SER NA 64 -17.86 -76.91 39.63
CA SER NA 64 -17.22 -78.04 38.96
C SER NA 64 -15.93 -78.34 39.70
N VAL NA 65 -15.93 -79.38 40.51
CA VAL NA 65 -14.76 -79.80 41.26
C VAL NA 65 -14.61 -81.31 41.16
N THR NA 66 -13.39 -81.77 40.95
CA THR NA 66 -13.08 -83.20 40.82
C THR NA 66 -12.37 -83.65 42.09
N GLU NA 67 -12.88 -84.71 42.71
CA GLU NA 67 -12.31 -85.17 43.95
C GLU NA 67 -10.89 -85.71 43.71
N PRO NA 68 -9.97 -85.48 44.65
CA PRO NA 68 -8.59 -85.92 44.43
C PRO NA 68 -8.46 -87.43 44.49
N LEU NA 69 -7.44 -87.93 43.79
CA LEU NA 69 -7.13 -89.35 43.77
C LEU NA 69 -6.09 -89.75 44.81
N VAL NA 70 -5.55 -88.81 45.56
CA VAL NA 70 -4.56 -89.07 46.60
C VAL NA 70 -4.99 -88.35 47.87
N ASN NA 71 -4.51 -88.84 49.01
CA ASN NA 71 -4.91 -88.30 50.30
C ASN NA 71 -3.78 -87.50 50.92
N SER NA 72 -4.14 -86.52 51.76
CA SER NA 72 -3.16 -85.80 52.54
C SER NA 72 -2.85 -86.54 53.83
N ALA NA 73 -1.76 -86.14 54.49
CA ALA NA 73 -1.30 -86.81 55.69
C ALA NA 73 -0.66 -85.81 56.64
N PHE NA 74 -0.53 -86.23 57.89
CA PHE NA 74 0.08 -85.42 58.94
C PHE NA 74 0.79 -86.35 59.91
N GLU NA 75 1.93 -85.91 60.43
CA GLU NA 75 2.71 -86.75 61.33
C GLU NA 75 3.61 -85.86 62.18
N ARG NA 76 4.11 -86.44 63.28
CA ARG NA 76 4.88 -85.70 64.27
C ARG NA 76 6.28 -86.32 64.39
N THR NA 77 7.23 -85.49 64.83
CA THR NA 77 8.58 -85.94 65.09
C THR NA 77 9.10 -85.25 66.35
N PRO NA 78 9.98 -85.90 67.12
CA PRO NA 78 10.55 -85.24 68.30
C PRO NA 78 11.59 -84.20 67.92
N PHE NA 79 12.10 -83.53 68.95
CA PHE NA 79 13.07 -82.46 68.76
C PHE NA 79 14.34 -82.99 68.09
N ASN NA 80 14.84 -82.25 67.10
CA ASN NA 80 16.07 -82.57 66.39
C ASN NA 80 16.10 -84.03 65.94
N THR NA 81 14.95 -84.59 65.60
CA THR NA 81 14.82 -86.00 65.26
C THR NA 81 14.50 -86.15 63.78
N THR NA 82 15.28 -86.98 63.09
CA THR NA 82 14.99 -87.26 61.69
C THR NA 82 13.71 -88.08 61.57
N LEU NA 83 12.96 -87.83 60.51
CA LEU NA 83 11.68 -88.48 60.27
C LEU NA 83 11.76 -89.34 59.02
N ALA NA 84 11.12 -90.50 59.05
CA ALA NA 84 11.07 -91.41 57.91
C ALA NA 84 9.63 -91.86 57.68
N GLY NA 85 9.31 -92.11 56.42
CA GLY NA 85 7.96 -92.53 56.08
C GLY NA 85 7.91 -93.07 54.67
N SER NA 86 6.68 -93.36 54.23
CA SER NA 86 6.44 -93.90 52.90
C SER NA 86 5.21 -93.26 52.30
N LEU NA 87 5.25 -93.01 50.99
CA LEU NA 87 4.14 -92.38 50.28
C LEU NA 87 3.19 -93.39 49.66
N ALA NA 88 3.50 -94.68 49.73
CA ALA NA 88 2.69 -95.68 49.03
C ALA NA 88 1.27 -95.77 49.58
N ALA NA 89 1.11 -95.67 50.90
CA ALA NA 89 -0.20 -95.89 51.51
C ALA NA 89 -1.20 -94.78 51.18
N LEU NA 90 -0.74 -93.68 50.60
CA LEU NA 90 -1.59 -92.52 50.37
C LEU NA 90 -2.24 -92.52 48.98
N PHE NA 91 -2.12 -93.61 48.22
CA PHE NA 91 -2.65 -93.69 46.86
C PHE NA 91 -3.54 -94.92 46.76
N PRO NA 92 -4.80 -94.83 47.21
CA PRO NA 92 -5.72 -95.97 47.13
C PRO NA 92 -6.28 -96.18 45.73
N ASN NA 93 -5.42 -96.60 44.82
CA ASN NA 93 -5.86 -96.83 43.44
C ASN NA 93 -6.78 -98.05 43.39
N PRO NA 94 -7.97 -97.93 42.80
CA PRO NA 94 -8.88 -99.07 42.73
C PRO NA 94 -8.45 -100.15 41.73
N GLU NA 95 -7.48 -99.87 40.86
CA GLU NA 95 -6.93 -100.87 39.95
C GLU NA 95 -5.42 -100.90 40.08
N GLY NA 96 -4.87 -102.11 40.19
CA GLY NA 96 -3.43 -102.27 40.26
C GLY NA 96 -2.75 -101.71 39.05
N GLU NA 97 -1.71 -100.90 39.26
CA GLU NA 97 -0.98 -100.28 38.16
C GLU NA 97 0.36 -99.79 38.68
N ALA NA 98 1.25 -99.48 37.74
CA ALA NA 98 2.56 -98.96 38.10
C ALA NA 98 2.44 -97.59 38.76
N VAL NA 99 3.22 -97.37 39.80
CA VAL NA 99 3.21 -96.12 40.54
C VAL NA 99 4.63 -95.57 40.60
N GLU NA 100 4.77 -94.29 40.27
CA GLU NA 100 6.03 -93.57 40.39
C GLU NA 100 5.82 -92.33 41.21
N TYR NA 101 6.68 -92.13 42.20
CA TYR NA 101 6.57 -91.01 43.14
C TYR NA 101 7.49 -89.89 42.72
N GLU NA 102 7.18 -88.68 43.19
CA GLU NA 102 7.95 -87.49 42.85
C GLU NA 102 7.72 -86.43 43.89
N ILE NA 103 8.70 -85.54 44.04
CA ILE NA 103 8.62 -84.41 44.96
C ILE NA 103 8.69 -83.13 44.14
N LEU NA 104 7.71 -82.24 44.34
CA LEU NA 104 7.67 -80.98 43.61
C LEU NA 104 8.72 -80.05 44.19
N GLU NA 105 9.71 -79.69 43.39
CA GLU NA 105 10.85 -78.92 43.88
C GLU NA 105 10.60 -77.41 43.86
N LEU NA 106 9.50 -76.95 43.27
CA LEU NA 106 9.17 -75.53 43.32
C LEU NA 106 8.70 -75.10 44.71
N TYR NA 107 8.41 -76.05 45.60
CA TYR NA 107 7.82 -75.75 46.90
C TYR NA 107 8.64 -76.46 47.99
N PRO NA 108 9.91 -76.11 48.14
CA PRO NA 108 10.77 -76.81 49.09
C PRO NA 108 10.36 -76.50 50.51
N PRO NA 109 10.64 -77.40 51.45
CA PRO NA 109 10.38 -77.09 52.86
C PRO NA 109 11.17 -75.88 53.31
N VAL NA 110 10.56 -75.06 54.15
CA VAL NA 110 11.17 -73.82 54.59
C VAL NA 110 12.12 -74.01 55.77
N ASN NA 111 12.00 -75.11 56.53
CA ASN NA 111 12.83 -75.35 57.68
C ASN NA 111 13.28 -76.81 57.75
N GLY NA 112 13.75 -77.34 56.63
CA GLY NA 112 14.21 -78.71 56.61
C GLY NA 112 14.63 -79.13 55.22
N ILE NA 113 14.99 -80.41 55.11
CA ILE NA 113 15.38 -81.01 53.83
C ILE NA 113 14.69 -82.35 53.70
N VAL NA 114 14.22 -82.64 52.48
CA VAL NA 114 13.51 -83.88 52.18
C VAL NA 114 14.30 -84.63 51.12
N GLU NA 115 14.41 -85.94 51.31
CA GLU NA 115 15.07 -86.83 50.37
C GLU NA 115 14.12 -87.94 49.98
N LEU NA 116 14.06 -88.26 48.69
CA LEU NA 116 13.17 -89.29 48.18
C LEU NA 116 13.99 -90.53 47.85
N GLY NA 117 13.59 -91.66 48.43
CA GLY NA 117 14.26 -92.92 48.22
C GLY NA 117 13.62 -93.75 47.13
N GLU NA 118 13.72 -95.06 47.29
CA GLU NA 118 13.17 -95.99 46.32
C GLU NA 118 11.79 -96.47 46.74
N ASN NA 119 10.88 -96.54 45.77
CA ASN NA 119 9.52 -97.01 45.98
C ASN NA 119 8.82 -96.25 47.10
N GLY NA 120 8.85 -94.92 46.99
CA GLY NA 120 8.05 -94.06 47.84
C GLY NA 120 8.62 -93.80 49.21
N ALA NA 121 9.79 -94.32 49.54
CA ALA NA 121 10.40 -94.03 50.83
C ALA NA 121 11.06 -92.66 50.80
N PHE NA 122 10.82 -91.88 51.86
CA PHE NA 122 11.34 -90.52 51.94
C PHE NA 122 11.90 -90.28 53.33
N THR NA 123 12.82 -89.32 53.41
CA THR NA 123 13.46 -88.94 54.66
C THR NA 123 13.40 -87.44 54.82
N TYR NA 124 12.97 -86.98 56.00
CA TYR NA 124 12.90 -85.57 56.33
C TYR NA 124 13.87 -85.29 57.47
N ARG NA 125 14.77 -84.32 57.26
CA ARG NA 125 15.84 -83.99 58.19
C ARG NA 125 15.66 -82.55 58.65
N PRO NA 126 14.97 -82.32 59.77
CA PRO NA 126 14.68 -80.95 60.19
C PRO NA 126 15.94 -80.19 60.58
N ALA NA 127 15.87 -78.87 60.43
CA ALA NA 127 16.98 -78.01 60.83
C ALA NA 127 17.12 -77.98 62.34
N THR NA 128 18.35 -77.86 62.81
CA THR NA 128 18.62 -77.87 64.24
C THR NA 128 17.92 -76.72 64.94
N SER NA 129 17.34 -77.00 66.11
CA SER NA 129 16.71 -75.98 66.94
C SER NA 129 15.43 -75.44 66.31
N PHE NA 130 14.70 -76.30 65.60
CA PHE NA 130 13.45 -75.88 64.98
C PHE NA 130 12.25 -76.35 65.81
N THR NA 131 11.19 -75.55 65.79
CA THR NA 131 9.95 -75.90 66.48
C THR NA 131 8.80 -75.19 65.78
N GLY NA 132 7.94 -75.95 65.12
CA GLY NA 132 6.83 -75.38 64.38
C GLY NA 132 6.23 -76.42 63.44
N ILE NA 133 5.73 -75.92 62.32
CA ILE NA 133 5.07 -76.74 61.31
C ILE NA 133 5.85 -76.63 60.00
N ASP NA 134 5.78 -77.69 59.19
CA ASP NA 134 6.48 -77.73 57.92
C ASP NA 134 5.64 -78.51 56.91
N ARG NA 135 5.95 -78.34 55.64
CA ARG NA 135 5.17 -78.94 54.56
C ARG NA 135 6.07 -79.28 53.39
N PHE NA 136 5.59 -80.21 52.56
CA PHE NA 136 6.14 -80.41 51.22
C PHE NA 136 5.09 -81.10 50.38
N TRP NA 137 5.19 -80.93 49.08
CA TRP NA 137 4.18 -81.39 48.13
C TRP NA 137 4.75 -82.52 47.28
N PHE NA 138 4.01 -83.62 47.19
CA PHE NA 138 4.42 -84.80 46.46
C PHE NA 138 3.42 -85.11 45.36
N SER NA 139 3.88 -85.86 44.35
CA SER NA 139 3.06 -86.23 43.20
C SER NA 139 3.17 -87.72 42.97
N ILE NA 140 2.03 -88.36 42.74
CA ILE NA 140 1.96 -89.78 42.41
C ILE NA 140 1.15 -89.93 41.13
N ASN NA 141 1.81 -90.40 40.07
CA ASN NA 141 1.15 -90.60 38.78
C ASN NA 141 0.46 -89.32 38.31
N GLY NA 142 1.08 -88.18 38.58
CA GLY NA 142 0.54 -86.90 38.16
C GLY NA 142 -0.54 -86.33 39.07
N ASN NA 143 -0.79 -86.94 40.22
CA ASN NA 143 -1.76 -86.44 41.18
C ASN NA 143 -1.03 -85.81 42.34
N VAL NA 144 -1.41 -84.58 42.68
CA VAL NA 144 -0.70 -83.77 43.66
C VAL NA 144 -1.41 -83.86 45.01
N GLY NA 145 -0.63 -84.09 46.06
CA GLY NA 145 -1.17 -84.13 47.41
C GLY NA 145 -0.28 -83.32 48.34
N GLU NA 146 -0.79 -83.12 49.55
CA GLU NA 146 -0.11 -82.32 50.57
C GLU NA 146 0.34 -83.23 51.70
N PHE NA 147 1.53 -82.95 52.23
CA PHE NA 147 2.07 -83.66 53.39
C PHE NA 147 2.50 -82.63 54.42
N VAL NA 148 2.10 -82.83 55.67
CA VAL NA 148 2.35 -81.89 56.75
C VAL NA 148 3.17 -82.59 57.83
N ILE NA 149 4.11 -81.85 58.42
CA ILE NA 149 4.95 -82.36 59.50
C ILE NA 149 4.97 -81.31 60.61
N ALA NA 150 4.92 -81.78 61.86
CA ALA NA 150 4.96 -80.92 63.03
C ALA NA 150 6.14 -81.31 63.91
N VAL NA 151 6.89 -80.31 64.35
CA VAL NA 151 8.08 -80.53 65.17
C VAL NA 151 7.76 -79.99 66.57
N ASP NA 152 7.40 -80.89 67.48
CA ASP NA 152 7.11 -80.48 68.84
C ASP NA 152 8.40 -80.23 69.62
N PRO NA 153 8.39 -79.33 70.59
CA PRO NA 153 9.62 -79.05 71.33
C PRO NA 153 9.95 -80.15 72.33
N ALA NA 154 11.16 -80.05 72.88
CA ALA NA 154 11.59 -81.01 73.90
C ALA NA 154 10.78 -80.90 75.18
N GLN NA 155 10.32 -79.70 75.52
CA GLN NA 155 9.52 -79.47 76.71
C GLN NA 155 8.31 -78.63 76.36
N GLY NA 156 7.24 -78.80 77.13
CA GLY NA 156 6.01 -78.08 76.92
C GLY NA 156 4.98 -78.91 76.17
N PRO NA 157 3.81 -78.35 75.95
CA PRO NA 157 2.74 -79.09 75.29
C PRO NA 157 2.99 -79.26 73.80
N GLN NA 158 2.31 -80.25 73.22
CA GLN NA 158 2.45 -80.52 71.80
C GLN NA 158 1.77 -79.44 70.98
N ILE NA 159 2.16 -79.36 69.70
CA ILE NA 159 1.57 -78.37 68.80
C ILE NA 159 0.33 -78.95 68.17
N ALA NA 160 -0.77 -78.20 68.21
CA ALA NA 160 -2.03 -78.67 67.66
C ALA NA 160 -1.92 -78.84 66.16
N GLN NA 161 -2.64 -79.83 65.64
CA GLN NA 161 -2.61 -80.12 64.21
C GLN NA 161 -3.35 -79.01 63.45
N PRO NA 162 -2.71 -78.37 62.47
CA PRO NA 162 -3.41 -77.33 61.72
C PRO NA 162 -4.27 -77.92 60.61
N PRO NA 163 -5.23 -77.17 60.09
CA PRO NA 163 -6.05 -77.68 59.00
C PRO NA 163 -5.28 -77.71 57.68
N PHE NA 164 -5.74 -78.56 56.77
CA PHE NA 164 -5.10 -78.68 55.47
C PHE NA 164 -5.37 -77.45 54.62
N THR NA 165 -4.53 -77.23 53.63
CA THR NA 165 -4.64 -76.06 52.77
C THR NA 165 -5.76 -76.27 51.75
N PRO NA 166 -6.75 -75.38 51.68
CA PRO NA 166 -7.81 -75.54 50.68
C PRO NA 166 -7.27 -75.34 49.26
N ALA NA 167 -8.07 -75.77 48.29
CA ALA NA 167 -7.70 -75.59 46.89
C ALA NA 167 -7.59 -74.11 46.54
N VAL NA 168 -8.55 -73.31 46.99
CA VAL NA 168 -8.51 -71.85 46.85
C VAL NA 168 -8.97 -71.25 48.16
N TYR NA 169 -8.31 -70.16 48.55
CA TYR NA 169 -8.57 -69.55 49.86
C TYR NA 169 -8.27 -68.07 49.78
N VAL NA 170 -8.79 -67.34 50.76
CA VAL NA 170 -8.55 -65.90 50.88
C VAL NA 170 -8.12 -65.60 52.30
N PRO NA 171 -6.86 -65.27 52.57
CA PRO NA 171 -6.44 -64.96 53.94
C PRO NA 171 -7.23 -63.77 54.48
N LEU NA 172 -7.87 -63.95 55.63
CA LEU NA 172 -8.70 -62.89 56.18
C LEU NA 172 -7.90 -61.84 56.92
N SER NA 173 -6.65 -62.13 57.28
CA SER NA 173 -5.81 -61.13 57.92
C SER NA 173 -5.27 -60.11 56.93
N ARG NA 174 -5.12 -60.48 55.66
CA ARG NA 174 -4.61 -59.58 54.63
C ARG NA 174 -5.79 -58.97 53.87
N ARG NA 175 -6.33 -57.91 54.45
CA ARG NA 175 -7.53 -57.27 53.93
C ARG NA 175 -7.54 -55.82 54.36
N GLU NA 176 -7.94 -54.93 53.46
CA GLU NA 176 -7.91 -53.51 53.74
C GLU NA 176 -8.96 -52.79 52.91
N VAL NA 177 -9.41 -51.65 53.41
CA VAL NA 177 -10.32 -50.76 52.71
C VAL NA 177 -9.72 -49.36 52.73
N ASN NA 178 -9.69 -48.71 51.57
CA ASN NA 178 -9.07 -47.40 51.42
C ASN NA 178 -10.18 -46.36 51.41
N LYS NA 179 -10.38 -45.69 52.55
CA LYS NA 179 -11.40 -44.66 52.64
C LYS NA 179 -11.10 -43.47 51.76
N GLN NA 180 -9.85 -43.27 51.33
CA GLN NA 180 -9.53 -42.17 50.44
C GLN NA 180 -10.24 -42.31 49.10
N THR NA 181 -10.38 -43.54 48.60
CA THR NA 181 -10.98 -43.73 47.29
C THR NA 181 -12.05 -44.83 47.26
N GLN NA 182 -12.51 -45.31 48.41
CA GLN NA 182 -13.58 -46.31 48.47
C GLN NA 182 -13.23 -47.53 47.62
N ALA NA 183 -12.17 -48.23 48.00
CA ALA NA 183 -11.72 -49.43 47.32
C ALA NA 183 -11.43 -50.52 48.34
N LEU NA 184 -11.66 -51.77 47.93
CA LEU NA 184 -11.41 -52.94 48.77
C LEU NA 184 -10.29 -53.75 48.15
N ARG NA 185 -9.35 -54.20 48.99
CA ARG NA 185 -8.24 -55.04 48.56
C ARG NA 185 -8.25 -56.35 49.34
N PHE NA 186 -8.01 -57.45 48.62
CA PHE NA 186 -7.86 -58.76 49.25
C PHE NA 186 -6.95 -59.61 48.38
N VAL NA 187 -6.47 -60.71 48.96
CA VAL NA 187 -5.47 -61.58 48.33
C VAL NA 187 -6.14 -62.89 47.98
N LEU NA 188 -5.89 -63.38 46.76
CA LEU NA 188 -6.41 -64.66 46.29
C LEU NA 188 -5.24 -65.60 46.08
N GLY NA 189 -5.30 -66.76 46.72
CA GLY NA 189 -4.24 -67.76 46.64
C GLY NA 189 -4.78 -69.08 46.12
N VAL NA 190 -3.94 -69.80 45.38
CA VAL NA 190 -4.30 -71.10 44.81
C VAL NA 190 -3.23 -72.11 45.22
N SER NA 191 -3.67 -73.23 45.76
CA SER NA 191 -2.74 -74.27 46.17
C SER NA 191 -2.23 -75.05 44.97
N PRO NA 192 -1.06 -75.66 45.06
CA PRO NA 192 -0.56 -76.48 43.95
C PRO NA 192 -1.48 -77.65 43.62
N ALA NA 193 -2.28 -78.08 44.59
CA ALA NA 193 -3.17 -79.21 44.41
C ALA NA 193 -4.37 -78.88 43.52
N ALA NA 194 -4.59 -77.61 43.19
CA ALA NA 194 -5.72 -77.25 42.34
C ALA NA 194 -5.62 -77.97 41.00
N LYS NA 195 -6.74 -78.47 40.52
CA LYS NA 195 -6.79 -79.23 39.28
C LYS NA 195 -7.23 -78.33 38.14
N PRO NA 196 -6.49 -78.26 37.03
CA PRO NA 196 -6.90 -77.36 35.95
C PRO NA 196 -8.26 -77.73 35.38
N ALA NA 197 -8.95 -76.72 34.86
CA ALA NA 197 -10.29 -76.79 34.29
C ALA NA 197 -11.38 -76.78 35.35
N ASP NA 198 -11.03 -76.73 36.63
CA ASP NA 198 -12.03 -76.61 37.68
C ASP NA 198 -12.52 -75.18 37.80
N ILE NA 199 -13.67 -75.00 38.45
CA ILE NA 199 -14.29 -73.70 38.61
C ILE NA 199 -14.80 -73.56 40.03
N TYR NA 200 -14.59 -72.38 40.62
CA TYR NA 200 -15.10 -72.02 41.93
C TYR NA 200 -15.82 -70.68 41.84
N ARG NA 201 -16.70 -70.42 42.81
CA ARG NA 201 -17.47 -69.18 42.87
C ARG NA 201 -17.23 -68.51 44.21
N LEU NA 202 -17.08 -67.19 44.19
CA LEU NA 202 -16.81 -66.40 45.38
C LEU NA 202 -17.92 -65.37 45.54
N ASN NA 203 -18.41 -65.22 46.77
CA ASN NA 203 -19.45 -64.25 47.09
C ASN NA 203 -18.91 -63.24 48.10
N ILE NA 204 -19.13 -61.95 47.83
CA ILE NA 204 -18.66 -60.88 48.68
C ILE NA 204 -19.86 -60.04 49.10
N ARG NA 205 -19.92 -59.70 50.38
CA ARG NA 205 -20.99 -58.87 50.94
C ARG NA 205 -20.35 -57.72 51.71
N GLN NA 206 -20.26 -56.56 51.06
CA GLN NA 206 -19.57 -55.40 51.61
C GLN NA 206 -20.58 -54.47 52.24
N ALA NA 207 -20.15 -53.74 53.27
CA ALA NA 207 -21.03 -52.88 54.05
C ALA NA 207 -20.56 -51.43 53.98
N ALA NA 208 -21.54 -50.52 54.00
CA ALA NA 208 -21.28 -49.09 54.06
C ALA NA 208 -22.22 -48.49 55.10
N ILE NA 209 -21.83 -47.35 55.65
CA ILE NA 209 -22.54 -46.73 56.76
C ILE NA 209 -22.95 -45.32 56.40
N ASP NA 210 -24.09 -44.88 56.91
CA ASP NA 210 -24.56 -43.52 56.72
C ASP NA 210 -23.93 -42.59 57.75
N CYS NA 211 -24.42 -41.35 57.78
CA CYS NA 211 -23.84 -40.33 58.63
C CYS NA 211 -24.11 -40.55 60.11
N GLU NA 212 -25.04 -41.42 60.47
CA GLU NA 212 -25.41 -41.64 61.86
C GLU NA 212 -25.06 -43.02 62.38
N GLY NA 213 -24.55 -43.92 61.52
CA GLY NA 213 -24.10 -45.23 61.95
C GLY NA 213 -24.89 -46.39 61.38
N ASN NA 214 -26.01 -46.15 60.71
CA ASN NA 214 -26.76 -47.23 60.10
C ASN NA 214 -26.03 -47.76 58.88
N GLU NA 215 -26.32 -49.01 58.52
CA GLU NA 215 -25.54 -49.76 57.56
C GLU NA 215 -26.33 -50.06 56.29
N TYR NA 216 -25.63 -50.00 55.15
CA TYR NA 216 -26.10 -50.53 53.88
C TYR NA 216 -25.29 -51.77 53.54
N PHE NA 217 -25.68 -52.46 52.48
CA PHE NA 217 -24.97 -53.66 52.05
C PHE NA 217 -25.01 -53.80 50.53
N HIS NA 218 -23.98 -54.44 49.99
CA HIS NA 218 -23.84 -54.69 48.56
C HIS NA 218 -23.29 -56.10 48.36
N ILE NA 219 -23.86 -56.82 47.39
CA ILE NA 219 -23.53 -58.22 47.17
C ILE NA 219 -23.07 -58.39 45.72
N SER NA 220 -21.99 -59.14 45.53
CA SER NA 220 -21.47 -59.44 44.21
C SER NA 220 -20.78 -60.79 44.25
N CYS NA 221 -20.59 -61.39 43.07
CA CYS NA 221 -19.99 -62.70 42.99
C CYS NA 221 -19.04 -62.76 41.80
N TYR NA 222 -18.00 -63.58 41.94
CA TYR NA 222 -16.97 -63.74 40.92
C TYR NA 222 -16.71 -65.22 40.69
N ASP NA 223 -16.42 -65.57 39.44
CA ASP NA 223 -16.17 -66.96 39.05
C ASP NA 223 -14.67 -67.14 38.82
N ILE NA 224 -14.08 -68.14 39.47
CA ILE NA 224 -12.66 -68.42 39.37
C ILE NA 224 -12.49 -69.75 38.65
N SER NA 225 -11.70 -69.75 37.58
CA SER NA 225 -11.44 -70.95 36.79
C SER NA 225 -9.94 -71.20 36.74
N ILE NA 226 -9.55 -72.45 37.01
CA ILE NA 226 -8.13 -72.80 37.04
C ILE NA 226 -7.62 -72.95 35.61
N GLY NA 227 -6.35 -72.61 35.40
CA GLY NA 227 -5.75 -72.69 34.09
C GLY NA 227 -4.33 -73.22 34.10
N SER NA 228 -3.56 -72.87 33.07
CA SER NA 228 -2.18 -73.33 32.94
C SER NA 228 -1.49 -72.46 31.90
N CYS NA 229 -0.27 -72.85 31.53
CA CYS NA 229 0.54 -72.10 30.58
C CYS NA 229 0.50 -72.76 29.21
N GLY NA 230 1.31 -72.24 28.29
CA GLY NA 230 1.39 -72.78 26.94
C GLY NA 230 2.52 -72.19 26.14
N CYS OA 23 28.78 -69.76 9.97
CA CYS OA 23 30.16 -69.65 9.51
C CYS OA 23 30.34 -68.47 8.58
N GLU OA 24 30.94 -67.39 9.10
CA GLU OA 24 31.33 -66.27 8.25
C GLU OA 24 32.49 -66.69 7.35
N SER OA 25 32.57 -66.06 6.19
CA SER OA 25 33.50 -66.46 5.15
C SER OA 25 34.68 -65.52 5.09
N ILE OA 26 35.89 -66.08 5.14
CA ILE OA 26 37.14 -65.34 5.00
C ILE OA 26 37.88 -65.90 3.80
N SER OA 27 38.51 -65.02 3.03
CA SER OA 27 39.30 -65.41 1.87
C SER OA 27 40.75 -65.00 2.08
N ALA OA 28 41.67 -65.88 1.72
CA ALA OA 28 43.08 -65.64 1.94
C ALA OA 28 43.87 -66.10 0.72
N ARG OA 29 45.12 -65.65 0.66
CA ARG OA 29 46.02 -65.95 -0.44
C ARG OA 29 47.33 -66.49 0.11
N PRO OA 30 47.96 -67.45 -0.57
CA PRO OA 30 49.25 -67.96 -0.09
C PRO OA 30 50.28 -66.85 0.00
N GLY OA 31 51.07 -66.86 1.07
CA GLY OA 31 52.09 -65.87 1.30
C GLY OA 31 51.64 -64.60 1.96
N GLU OA 32 50.33 -64.43 2.15
CA GLU OA 32 49.80 -63.21 2.74
C GLU OA 32 49.78 -63.30 4.26
N VAL OA 33 49.93 -62.15 4.91
CA VAL OA 33 49.73 -62.01 6.35
C VAL OA 33 48.83 -60.80 6.55
N ASN OA 34 47.68 -61.00 7.20
CA ASN OA 34 46.66 -59.97 7.27
C ASN OA 34 45.99 -60.02 8.64
N GLY OA 35 45.44 -58.87 9.04
CA GLY OA 35 44.79 -58.77 10.33
C GLY OA 35 43.27 -58.88 10.24
N VAL OA 36 42.65 -59.23 11.36
CA VAL OA 36 41.21 -59.41 11.46
C VAL OA 36 40.73 -58.79 12.77
N MET OA 37 39.57 -58.16 12.73
CA MET OA 37 38.98 -57.52 13.90
C MET OA 37 37.52 -57.89 14.01
N VAL OA 38 37.07 -58.20 15.22
CA VAL OA 38 35.67 -58.47 15.50
C VAL OA 38 35.21 -57.53 16.61
N SER OA 39 33.92 -57.23 16.63
CA SER OA 39 33.35 -56.27 17.57
C SER OA 39 32.34 -56.99 18.45
N TYR OA 40 32.49 -56.84 19.77
CA TYR OA 40 31.62 -57.47 20.74
C TYR OA 40 30.69 -56.49 21.45
N VAL OA 41 30.60 -55.25 20.98
CA VAL OA 41 29.80 -54.25 21.69
C VAL OA 41 28.35 -54.71 21.80
N ALA OA 42 27.82 -55.32 20.74
CA ALA OA 42 26.42 -55.73 20.75
C ALA OA 42 26.16 -56.78 21.83
N TRP OA 43 27.13 -57.63 22.12
CA TRP OA 43 26.93 -58.73 23.06
C TRP OA 43 27.26 -58.34 24.50
N SER OA 44 28.45 -57.77 24.73
CA SER OA 44 28.92 -57.50 26.08
C SER OA 44 28.41 -56.20 26.66
N ALA OA 45 27.84 -55.30 25.83
CA ALA OA 45 27.36 -54.03 26.36
C ALA OA 45 26.23 -54.23 27.36
N PRO OA 46 25.14 -54.93 27.04
CA PRO OA 46 24.03 -55.05 28.00
C PRO OA 46 24.38 -55.85 29.24
N LEU OA 47 25.42 -56.67 29.21
CA LEU OA 47 25.77 -57.48 30.38
C LEU OA 47 26.36 -56.65 31.51
N GLY OA 48 26.68 -55.38 31.27
CA GLY OA 48 27.34 -54.59 32.30
C GLY OA 48 28.71 -55.17 32.61
N GLY OA 49 29.11 -55.09 33.87
CA GLY OA 49 30.37 -55.66 34.26
C GLY OA 49 31.55 -54.86 33.75
N HIS OA 50 32.68 -55.56 33.60
CA HIS OA 50 33.94 -54.95 33.21
C HIS OA 50 34.34 -55.30 31.78
N GLY OA 51 33.40 -55.72 30.94
CA GLY OA 51 33.70 -55.92 29.54
C GLY OA 51 34.46 -57.20 29.27
N LEU OA 52 35.27 -57.17 28.21
CA LEU OA 52 35.95 -58.36 27.73
C LEU OA 52 37.16 -58.69 28.61
N THR OA 53 37.82 -59.80 28.26
CA THR OA 53 38.99 -60.26 28.98
C THR OA 53 39.91 -60.97 28.00
N ASN OA 54 41.19 -61.07 28.37
CA ASN OA 54 42.21 -61.62 27.49
C ASN OA 54 42.24 -63.15 27.46
N LYS OA 55 41.17 -63.83 27.89
CA LYS OA 55 41.17 -65.28 27.88
C LYS OA 55 40.49 -65.83 26.62
N THR OA 56 41.11 -65.62 25.47
CA THR OA 56 40.60 -66.17 24.22
C THR OA 56 41.25 -67.52 23.92
N THR OA 57 40.61 -68.30 23.06
CA THR OA 57 41.10 -69.60 22.64
C THR OA 57 40.75 -69.85 21.19
N PHE OA 58 41.71 -70.33 20.42
CA PHE OA 58 41.54 -70.58 19.00
C PHE OA 58 41.74 -72.07 18.69
N GLU OA 59 40.93 -72.58 17.76
CA GLU OA 59 41.04 -73.96 17.32
C GLU OA 59 40.87 -74.00 15.81
N PHE OA 60 41.66 -74.85 15.15
CA PHE OA 60 41.63 -75.00 13.70
C PHE OA 60 41.10 -76.39 13.34
N GLU OA 61 40.23 -76.44 12.34
CA GLU OA 61 39.65 -77.69 11.87
C GLU OA 61 39.77 -77.77 10.35
N ASN OA 62 39.86 -79.00 9.85
CA ASN OA 62 39.94 -79.23 8.42
C ASN OA 62 38.60 -79.71 7.87
N VAL OA 63 38.23 -79.21 6.70
CA VAL OA 63 37.05 -79.67 5.97
C VAL OA 63 37.44 -80.19 4.59
N SER OA 64 38.28 -79.46 3.87
CA SER OA 64 38.82 -79.89 2.58
C SER OA 64 40.31 -79.57 2.56
N VAL OA 65 41.15 -80.58 2.70
CA VAL OA 65 42.60 -80.42 2.68
C VAL OA 65 43.19 -81.55 1.86
N THR OA 66 44.18 -81.21 1.02
CA THR OA 66 44.85 -82.18 0.16
C THR OA 66 46.26 -82.37 0.68
N GLU OA 67 46.64 -83.62 0.93
CA GLU OA 67 47.95 -83.90 1.48
C GLU OA 67 49.03 -83.51 0.46
N PRO OA 68 50.14 -82.93 0.92
CA PRO OA 68 51.17 -82.49 -0.03
C PRO OA 68 51.89 -83.64 -0.69
N LEU OA 69 52.42 -83.37 -1.88
CA LEU OA 69 53.17 -84.37 -2.63
C LEU OA 69 54.67 -84.30 -2.38
N VAL OA 70 55.14 -83.39 -1.53
CA VAL OA 70 56.55 -83.24 -1.22
C VAL OA 70 56.71 -83.17 0.29
N ASN OA 71 57.92 -83.45 0.76
CA ASN OA 71 58.21 -83.51 2.18
C ASN OA 71 59.15 -82.39 2.59
N SER OA 72 58.92 -81.84 3.79
CA SER OA 72 59.84 -80.85 4.33
C SER OA 72 61.09 -81.52 4.86
N ALA OA 73 62.13 -80.71 5.12
CA ALA OA 73 63.41 -81.22 5.57
C ALA OA 73 64.03 -80.24 6.56
N PHE OA 74 65.00 -80.74 7.31
CA PHE OA 74 65.71 -79.95 8.31
C PHE OA 74 67.13 -80.47 8.42
N GLU OA 75 68.10 -79.56 8.54
CA GLU OA 75 69.50 -79.95 8.60
C GLU OA 75 70.27 -78.91 9.41
N ARG OA 76 71.52 -79.25 9.73
CA ARG OA 76 72.39 -78.42 10.54
C ARG OA 76 73.69 -78.15 9.80
N THR OA 77 74.33 -77.03 10.14
CA THR OA 77 75.64 -76.68 9.62
C THR OA 77 76.48 -76.07 10.73
N PRO OA 78 77.80 -76.26 10.73
CA PRO OA 78 78.64 -75.63 11.75
C PRO OA 78 78.78 -74.14 11.52
N PHE OA 79 79.48 -73.49 12.44
CA PHE OA 79 79.68 -72.05 12.38
C PHE OA 79 80.43 -71.66 11.10
N ASN OA 80 79.95 -70.60 10.46
CA ASN OA 80 80.57 -70.04 9.25
C ASN OA 80 80.87 -71.13 8.23
N THR OA 81 80.04 -72.16 8.16
CA THR OA 81 80.28 -73.31 7.30
C THR OA 81 79.23 -73.36 6.19
N THR OA 82 79.69 -73.52 4.95
CA THR OA 82 78.78 -73.64 3.82
C THR OA 82 78.07 -75.00 3.87
N LEU OA 83 76.81 -75.01 3.44
CA LEU OA 83 76.00 -76.22 3.45
C LEU OA 83 75.64 -76.61 2.02
N ALA OA 84 75.65 -77.92 1.77
CA ALA OA 84 75.30 -78.47 0.47
C ALA OA 84 74.28 -79.59 0.65
N GLY OA 85 73.43 -79.76 -0.35
CA GLY OA 85 72.40 -80.78 -0.28
C GLY OA 85 71.74 -80.97 -1.63
N SER OA 86 70.69 -81.80 -1.63
CA SER OA 86 69.96 -82.12 -2.84
C SER OA 86 68.47 -82.17 -2.54
N LEU OA 87 67.66 -81.70 -3.49
CA LEU OA 87 66.22 -81.68 -3.34
C LEU OA 87 65.54 -82.91 -3.92
N ALA OA 88 66.30 -83.80 -4.57
CA ALA OA 88 65.69 -84.92 -5.27
C ALA OA 88 65.03 -85.90 -4.30
N ALA OA 89 65.65 -86.16 -3.15
CA ALA OA 89 65.16 -87.18 -2.24
C ALA OA 89 63.82 -86.81 -1.61
N LEU OA 90 63.39 -85.57 -1.74
CA LEU OA 90 62.18 -85.09 -1.06
C LEU OA 90 60.91 -85.24 -1.90
N PHE OA 91 61.00 -85.83 -3.09
CA PHE OA 91 59.85 -85.98 -3.98
C PHE OA 91 59.58 -87.47 -4.21
N PRO OA 92 58.74 -88.11 -3.42
CA PRO OA 92 58.45 -89.53 -3.61
C PRO OA 92 57.36 -89.79 -4.65
N ASN OA 93 57.65 -89.44 -5.90
CA ASN OA 93 56.70 -89.68 -6.97
C ASN OA 93 56.57 -91.18 -7.21
N PRO OA 94 55.35 -91.74 -7.17
CA PRO OA 94 55.21 -93.19 -7.35
C PRO OA 94 55.30 -93.65 -8.80
N GLU OA 95 55.24 -92.75 -9.78
CA GLU OA 95 55.45 -93.10 -11.17
C GLU OA 95 56.58 -92.26 -11.73
N GLY OA 96 57.47 -92.89 -12.50
CA GLY OA 96 58.59 -92.20 -13.09
C GLY OA 96 58.15 -91.06 -13.99
N GLU OA 97 58.77 -89.89 -13.82
CA GLU OA 97 58.44 -88.73 -14.64
C GLU OA 97 59.55 -87.70 -14.48
N ALA OA 98 59.60 -86.77 -15.43
CA ALA OA 98 60.60 -85.71 -15.38
C ALA OA 98 60.36 -84.82 -14.16
N VAL OA 99 61.47 -84.38 -13.56
CA VAL OA 99 61.43 -83.52 -12.38
C VAL OA 99 62.24 -82.26 -12.66
N GLU OA 100 61.66 -81.10 -12.37
CA GLU OA 100 62.35 -79.83 -12.46
C GLU OA 100 62.21 -79.09 -11.14
N TYR OA 101 63.31 -78.49 -10.69
CA TYR OA 101 63.38 -77.84 -9.40
C TYR OA 101 63.36 -76.33 -9.57
N GLU OA 102 62.97 -75.63 -8.51
CA GLU OA 102 62.89 -74.19 -8.53
C GLU OA 102 62.93 -73.66 -7.11
N ILE OA 103 63.37 -72.42 -6.97
CA ILE OA 103 63.41 -71.73 -5.68
C ILE OA 103 62.52 -70.50 -5.77
N LEU OA 104 61.57 -70.39 -4.87
CA LEU OA 104 60.64 -69.26 -4.86
C LEU OA 104 61.42 -68.04 -4.39
N GLU OA 105 61.60 -67.06 -5.29
CA GLU OA 105 62.44 -65.91 -5.01
C GLU OA 105 61.74 -64.83 -4.20
N LEU OA 106 60.41 -64.90 -4.05
CA LEU OA 106 59.72 -63.93 -3.21
C LEU OA 106 60.03 -64.12 -1.74
N TYR OA 107 60.67 -65.23 -1.36
CA TYR OA 107 60.86 -65.60 0.04
C TYR OA 107 62.33 -65.89 0.29
N PRO OA 108 63.20 -64.90 0.09
CA PRO OA 108 64.63 -65.15 0.20
C PRO OA 108 65.03 -65.43 1.64
N PRO OA 109 66.12 -66.17 1.86
CA PRO OA 109 66.60 -66.35 3.23
C PRO OA 109 67.02 -65.02 3.84
N VAL OA 110 66.80 -64.91 5.15
CA VAL OA 110 67.05 -63.64 5.83
C VAL OA 110 68.50 -63.48 6.26
N ASN OA 111 69.22 -64.59 6.45
CA ASN OA 111 70.61 -64.55 6.91
C ASN OA 111 71.48 -65.49 6.10
N GLY OA 112 71.39 -65.40 4.77
CA GLY OA 112 72.23 -66.23 3.93
C GLY OA 112 71.84 -66.05 2.46
N ILE OA 113 72.52 -66.83 1.62
CA ILE OA 113 72.26 -66.83 0.19
C ILE OA 113 72.21 -68.28 -0.29
N VAL OA 114 71.18 -68.61 -1.06
CA VAL OA 114 71.02 -69.95 -1.62
C VAL OA 114 71.40 -69.89 -3.09
N GLU OA 115 71.74 -71.06 -3.63
CA GLU OA 115 72.13 -71.18 -5.04
C GLU OA 115 71.69 -72.55 -5.53
N LEU OA 116 70.93 -72.56 -6.63
CA LEU OA 116 70.39 -73.80 -7.17
C LEU OA 116 71.29 -74.28 -8.33
N GLY OA 117 71.71 -75.53 -8.25
CA GLY OA 117 72.61 -76.11 -9.22
C GLY OA 117 71.90 -76.97 -10.25
N GLU OA 118 72.54 -78.07 -10.61
CA GLU OA 118 72.02 -78.96 -11.63
C GLU OA 118 71.39 -80.21 -11.00
N ASN OA 119 70.15 -80.48 -11.40
CA ASN OA 119 69.40 -81.63 -10.90
C ASN OA 119 69.25 -81.60 -9.38
N GLY OA 120 68.73 -80.48 -8.89
CA GLY OA 120 68.36 -80.40 -7.48
C GLY OA 120 69.50 -80.14 -6.53
N ALA OA 121 70.73 -79.99 -7.01
CA ALA OA 121 71.84 -79.69 -6.13
C ALA OA 121 71.86 -78.19 -5.81
N PHE OA 122 71.94 -77.88 -4.52
CA PHE OA 122 71.89 -76.49 -4.08
C PHE OA 122 72.96 -76.25 -3.03
N THR OA 123 73.36 -74.98 -2.91
CA THR OA 123 74.38 -74.56 -1.96
C THR OA 123 73.84 -73.40 -1.13
N TYR OA 124 74.01 -73.50 0.19
CA TYR OA 124 73.58 -72.45 1.12
C TYR OA 124 74.84 -71.88 1.77
N ARG OA 125 74.99 -70.57 1.69
CA ARG OA 125 76.17 -69.87 2.21
C ARG OA 125 75.76 -68.92 3.32
N PRO OA 126 75.87 -69.33 4.58
CA PRO OA 126 75.38 -68.48 5.67
C PRO OA 126 76.20 -67.20 5.81
N ALA OA 127 75.53 -66.17 6.32
CA ALA OA 127 76.21 -64.91 6.59
C ALA OA 127 77.17 -65.06 7.75
N THR OA 128 78.27 -64.32 7.70
CA THR OA 128 79.30 -64.43 8.73
C THR OA 128 78.73 -64.03 10.09
N SER OA 129 79.11 -64.79 11.12
CA SER OA 129 78.75 -64.51 12.51
C SER OA 129 77.27 -64.75 12.79
N PHE OA 130 76.61 -65.61 12.01
CA PHE OA 130 75.20 -65.87 12.22
C PHE OA 130 75.01 -67.06 13.16
N THR OA 131 73.93 -67.02 13.94
CA THR OA 131 73.58 -68.11 14.84
C THR OA 131 72.08 -68.10 15.05
N GLY OA 132 71.38 -69.04 14.44
CA GLY OA 132 69.93 -69.09 14.55
C GLY OA 132 69.34 -70.03 13.51
N ILE OA 133 68.06 -69.82 13.21
CA ILE OA 133 67.31 -70.64 12.28
C ILE OA 133 67.12 -69.87 10.98
N ASP OA 134 67.08 -70.59 9.86
CA ASP OA 134 66.88 -70.00 8.55
C ASP OA 134 65.97 -70.89 7.74
N ARG OA 135 65.37 -70.32 6.70
CA ARG OA 135 64.40 -71.03 5.88
C ARG OA 135 64.51 -70.58 4.42
N PHE OA 136 64.05 -71.44 3.52
CA PHE OA 136 63.78 -71.05 2.15
C PHE OA 136 62.82 -72.07 1.55
N TRP OA 137 62.14 -71.67 0.48
CA TRP OA 137 61.04 -72.44 -0.08
C TRP OA 137 61.39 -72.90 -1.48
N PHE OA 138 61.13 -74.17 -1.76
CA PHE OA 138 61.45 -74.79 -3.04
C PHE OA 138 60.20 -75.35 -3.67
N SER OA 139 60.26 -75.58 -4.98
CA SER OA 139 59.15 -76.12 -5.75
C SER OA 139 59.65 -77.25 -6.63
N ILE OA 140 58.91 -78.37 -6.65
CA ILE OA 140 59.23 -79.52 -7.49
C ILE OA 140 57.98 -79.86 -8.29
N ASN OA 141 58.06 -79.71 -9.60
CA ASN OA 141 56.93 -80.00 -10.48
C ASN OA 141 55.68 -79.21 -10.05
N GLY OA 142 55.88 -77.99 -9.56
CA GLY OA 142 54.79 -77.16 -9.14
C GLY OA 142 54.28 -77.42 -7.73
N ASN OA 143 54.94 -78.29 -6.97
CA ASN OA 143 54.56 -78.58 -5.60
C ASN OA 143 55.50 -77.85 -4.65
N VAL OA 144 54.93 -77.08 -3.74
CA VAL OA 144 55.70 -76.22 -2.85
C VAL OA 144 56.02 -76.98 -1.57
N GLY OA 145 57.23 -76.76 -1.05
CA GLY OA 145 57.65 -77.36 0.20
C GLY OA 145 58.51 -76.39 0.98
N GLU OA 146 58.93 -76.84 2.16
CA GLU OA 146 59.74 -76.04 3.07
C GLU OA 146 61.07 -76.71 3.33
N PHE OA 147 62.11 -75.92 3.53
CA PHE OA 147 63.43 -76.41 3.92
C PHE OA 147 63.93 -75.52 5.05
N VAL OA 148 64.40 -76.14 6.13
CA VAL OA 148 64.82 -75.43 7.33
C VAL OA 148 66.29 -75.71 7.58
N ILE OA 149 67.02 -74.68 8.02
CA ILE OA 149 68.43 -74.78 8.32
C ILE OA 149 68.68 -74.14 9.67
N ALA OA 150 69.56 -74.75 10.46
CA ALA OA 150 69.94 -74.23 11.76
C ALA OA 150 71.46 -74.07 11.81
N VAL OA 151 71.92 -72.95 12.36
CA VAL OA 151 73.33 -72.64 12.48
C VAL OA 151 73.66 -72.60 13.97
N ASP OA 152 74.46 -73.56 14.44
CA ASP OA 152 74.82 -73.61 15.84
C ASP OA 152 76.10 -72.81 16.09
N PRO OA 153 76.26 -72.26 17.29
CA PRO OA 153 77.46 -71.48 17.59
C PRO OA 153 78.69 -72.35 17.73
N ALA OA 154 79.85 -71.71 17.67
CA ALA OA 154 81.11 -72.43 17.82
C ALA OA 154 81.21 -73.12 19.18
N GLN OA 155 80.59 -72.56 20.21
CA GLN OA 155 80.60 -73.14 21.53
C GLN OA 155 79.20 -73.07 22.12
N GLY OA 156 78.90 -74.00 23.03
CA GLY OA 156 77.61 -74.06 23.67
C GLY OA 156 76.74 -75.17 23.11
N PRO OA 157 75.56 -75.34 23.69
CA PRO OA 157 74.67 -76.42 23.24
C PRO OA 157 74.09 -76.14 21.87
N GLN OA 158 73.68 -77.22 21.20
CA GLN OA 158 73.08 -77.11 19.88
C GLN OA 158 71.69 -76.49 19.97
N ILE OA 159 71.24 -75.93 18.85
CA ILE OA 159 69.93 -75.30 18.80
C ILE OA 159 68.88 -76.37 18.56
N ALA OA 160 67.80 -76.34 19.36
CA ALA OA 160 66.74 -77.31 19.21
C ALA OA 160 66.01 -77.13 17.88
N GLN OA 161 65.51 -78.22 17.33
CA GLN OA 161 64.81 -78.18 16.06
C GLN OA 161 63.43 -77.55 16.25
N PRO OA 162 63.08 -76.49 15.53
CA PRO OA 162 61.76 -75.90 15.67
C PRO OA 162 60.74 -76.65 14.83
N PRO OA 163 59.45 -76.49 15.11
CA PRO OA 163 58.43 -77.15 14.31
C PRO OA 163 58.26 -76.48 12.96
N PHE OA 164 57.75 -77.25 12.00
CA PHE OA 164 57.48 -76.71 10.68
C PHE OA 164 56.30 -75.73 10.73
N THR OA 165 56.30 -74.78 9.81
CA THR OA 165 55.25 -73.76 9.77
C THR OA 165 53.97 -74.36 9.19
N PRO OA 166 52.84 -74.24 9.88
CA PRO OA 166 51.60 -74.81 9.33
C PRO OA 166 51.14 -74.06 8.08
N ALA OA 167 50.09 -74.60 7.46
CA ALA OA 167 49.51 -73.95 6.29
C ALA OA 167 48.83 -72.64 6.67
N VAL OA 168 48.02 -72.65 7.73
CA VAL OA 168 47.40 -71.46 8.27
C VAL OA 168 47.59 -71.45 9.78
N TYR OA 169 47.99 -70.31 10.31
CA TYR OA 169 48.31 -70.20 11.73
C TYR OA 169 47.90 -68.83 12.24
N VAL OA 170 47.72 -68.74 13.56
CA VAL OA 170 47.41 -67.48 14.22
C VAL OA 170 48.43 -67.26 15.33
N PRO OA 171 49.39 -66.34 15.16
CA PRO OA 171 50.35 -66.11 16.24
C PRO OA 171 49.65 -65.70 17.53
N LEU OA 172 50.13 -66.25 18.65
CA LEU OA 172 49.47 -66.00 19.92
C LEU OA 172 50.07 -64.80 20.67
N SER OA 173 51.27 -64.37 20.31
CA SER OA 173 51.86 -63.20 20.92
C SER OA 173 51.30 -61.90 20.34
N ARG OA 174 50.77 -61.94 19.13
CA ARG OA 174 50.21 -60.75 18.49
C ARG OA 174 48.69 -60.79 18.60
N ARG OA 175 48.21 -60.31 19.76
CA ARG OA 175 46.81 -60.40 20.11
C ARG OA 175 46.49 -59.32 21.13
N GLU OA 176 45.34 -58.67 20.97
CA GLU OA 176 44.98 -57.58 21.86
C GLU OA 176 43.46 -57.46 21.93
N VAL OA 177 42.99 -56.82 23.00
CA VAL OA 177 41.59 -56.49 23.18
C VAL OA 177 41.50 -55.04 23.62
N ASN OA 178 40.67 -54.26 22.94
CA ASN OA 178 40.54 -52.82 23.19
C ASN OA 178 39.33 -52.63 24.10
N LYS OA 179 39.60 -52.47 25.40
CA LYS OA 179 38.52 -52.29 26.37
C LYS OA 179 37.72 -51.02 26.11
N GLN OA 180 38.31 -50.03 25.43
CA GLN OA 180 37.60 -48.80 25.16
C GLN OA 180 36.43 -49.00 24.21
N THR OA 181 36.52 -49.96 23.28
CA THR OA 181 35.45 -50.15 22.32
C THR OA 181 35.03 -51.62 22.19
N GLN OA 182 35.52 -52.53 23.03
CA GLN OA 182 35.11 -53.93 23.00
C GLN OA 182 35.35 -54.54 21.62
N ALA OA 183 36.62 -54.60 21.23
CA ALA OA 183 37.03 -55.19 19.97
C ALA OA 183 38.23 -56.08 20.19
N LEU OA 184 38.32 -57.16 19.40
CA LEU OA 184 39.42 -58.10 19.48
C LEU OA 184 40.19 -58.09 18.18
N ARG OA 185 41.52 -58.03 18.29
CA ARG OA 185 42.42 -58.04 17.14
C ARG OA 185 43.30 -59.28 17.17
N PHE OA 186 43.48 -59.90 16.01
CA PHE OA 186 44.42 -60.99 15.85
C PHE OA 186 44.90 -61.02 14.41
N VAL OA 187 46.00 -61.75 14.18
CA VAL OA 187 46.69 -61.77 12.90
C VAL OA 187 46.52 -63.15 12.28
N LEU OA 188 46.12 -63.17 11.01
CA LEU OA 188 45.95 -64.41 10.27
C LEU OA 188 47.02 -64.49 9.19
N GLY OA 189 47.77 -65.58 9.19
CA GLY OA 189 48.86 -65.78 8.25
C GLY OA 189 48.67 -67.05 7.45
N VAL OA 190 49.12 -67.03 6.20
CA VAL OA 190 49.02 -68.16 5.29
C VAL OA 190 50.41 -68.48 4.76
N SER OA 191 50.80 -69.75 4.84
CA SER OA 191 52.11 -70.15 4.37
C SER OA 191 52.14 -70.21 2.84
N PRO OA 192 53.32 -70.08 2.23
CA PRO OA 192 53.41 -70.19 0.76
C PRO OA 192 52.98 -71.57 0.25
N ALA OA 193 53.01 -72.57 1.12
CA ALA OA 193 52.69 -73.94 0.73
C ALA OA 193 51.20 -74.23 0.70
N ALA OA 194 50.36 -73.30 1.17
CA ALA OA 194 48.92 -73.53 1.12
C ALA OA 194 48.47 -73.74 -0.32
N LYS OA 195 47.64 -74.76 -0.53
CA LYS OA 195 47.19 -75.09 -1.87
C LYS OA 195 45.85 -74.45 -2.15
N PRO OA 196 45.66 -73.81 -3.31
CA PRO OA 196 44.39 -73.13 -3.57
C PRO OA 196 43.21 -74.10 -3.57
N ALA OA 197 42.04 -73.56 -3.24
CA ALA OA 197 40.76 -74.26 -3.19
C ALA OA 197 40.55 -75.08 -1.92
N ASP OA 198 41.53 -75.11 -1.02
CA ASP OA 198 41.32 -75.77 0.27
C ASP OA 198 40.51 -74.87 1.20
N ILE OA 199 39.98 -75.47 2.26
CA ILE OA 199 39.14 -74.76 3.22
C ILE OA 199 39.54 -75.20 4.63
N TYR OA 200 39.67 -74.23 5.53
CA TYR OA 200 39.89 -74.48 6.94
C TYR OA 200 38.83 -73.74 7.75
N ARG OA 201 38.60 -74.20 8.97
CA ARG OA 201 37.62 -73.61 9.87
C ARG OA 201 38.30 -73.19 11.17
N LEU OA 202 37.95 -72.01 11.66
CA LEU OA 202 38.54 -71.45 12.88
C LEU OA 202 37.44 -71.24 13.90
N ASN OA 203 37.69 -71.68 15.14
CA ASN OA 203 36.76 -71.51 16.24
C ASN OA 203 37.36 -70.58 17.28
N ILE OA 204 36.52 -69.72 17.86
CA ILE OA 204 36.94 -68.73 18.84
C ILE OA 204 36.01 -68.79 20.03
N ARG OA 205 36.56 -68.76 21.24
CA ARG OA 205 35.79 -68.63 22.47
C ARG OA 205 36.34 -67.46 23.26
N GLN OA 206 35.53 -66.43 23.43
CA GLN OA 206 35.94 -65.19 24.09
C GLN OA 206 35.18 -65.04 25.39
N ALA OA 207 35.84 -64.46 26.39
CA ALA OA 207 35.31 -64.38 27.74
C ALA OA 207 35.10 -62.93 28.16
N ALA OA 208 34.04 -62.70 28.93
CA ALA OA 208 33.78 -61.42 29.55
C ALA OA 208 33.46 -61.65 31.02
N ILE OA 209 33.66 -60.62 31.83
CA ILE OA 209 33.53 -60.73 33.28
C ILE OA 209 32.47 -59.75 33.76
N ASP OA 210 31.77 -60.14 34.83
CA ASP OA 210 30.82 -59.24 35.47
C ASP OA 210 31.52 -58.40 36.53
N CYS OA 211 30.73 -57.70 37.33
CA CYS OA 211 31.29 -56.78 38.32
C CYS OA 211 32.15 -57.49 39.36
N GLU OA 212 31.71 -58.66 39.84
CA GLU OA 212 32.38 -59.34 40.94
C GLU OA 212 33.46 -60.30 40.48
N GLY OA 213 33.63 -60.51 39.17
CA GLY OA 213 34.70 -61.33 38.66
C GLY OA 213 34.29 -62.62 37.99
N ASN OA 214 33.01 -62.98 38.02
CA ASN OA 214 32.55 -64.18 37.33
C ASN OA 214 32.60 -63.94 35.82
N GLU OA 215 32.56 -65.03 35.06
CA GLU OA 215 32.86 -65.00 33.63
C GLU OA 215 31.67 -65.46 32.79
N TYR OA 216 31.56 -64.88 31.61
CA TYR OA 216 30.69 -65.34 30.54
C TYR OA 216 31.54 -65.90 29.41
N PHE OA 217 30.87 -66.36 28.34
CA PHE OA 217 31.57 -66.89 27.19
C PHE OA 217 30.74 -66.72 25.94
N HIS OA 218 31.40 -66.66 24.79
CA HIS OA 218 30.78 -66.50 23.49
C HIS OA 218 31.60 -67.26 22.45
N ILE OA 219 30.92 -68.01 21.59
CA ILE OA 219 31.57 -68.89 20.64
C ILE OA 219 31.14 -68.51 19.23
N SER OA 220 32.11 -68.45 18.31
CA SER OA 220 31.85 -68.16 16.91
C SER OA 220 32.89 -68.90 16.07
N CYS OA 221 32.57 -69.07 14.79
CA CYS OA 221 33.45 -69.82 13.90
C CYS OA 221 33.48 -69.14 12.54
N TYR OA 222 34.62 -69.29 11.84
CA TYR OA 222 34.84 -68.68 10.54
C TYR OA 222 35.43 -69.69 9.58
N ASP OA 223 35.16 -69.51 8.29
CA ASP OA 223 35.67 -70.38 7.24
C ASP OA 223 36.71 -69.63 6.43
N ILE OA 224 37.85 -70.26 6.20
CA ILE OA 224 38.96 -69.68 5.44
C ILE OA 224 39.18 -70.52 4.19
N SER OA 225 39.12 -69.89 3.03
CA SER OA 225 39.29 -70.57 1.75
C SER OA 225 40.41 -69.91 0.98
N ILE OA 226 41.33 -70.72 0.47
CA ILE OA 226 42.49 -70.22 -0.26
C ILE OA 226 42.07 -69.82 -1.67
N GLY OA 227 42.79 -68.86 -2.25
CA GLY OA 227 42.45 -68.37 -3.57
C GLY OA 227 43.64 -67.81 -4.34
N SER OA 228 43.37 -66.91 -5.27
CA SER OA 228 44.41 -66.30 -6.08
C SER OA 228 43.80 -65.10 -6.81
N CYS OA 229 44.54 -64.53 -7.75
CA CYS OA 229 44.06 -63.40 -8.53
C CYS OA 229 44.60 -63.51 -9.94
N GLY OA 230 43.94 -62.81 -10.86
CA GLY OA 230 44.31 -62.84 -12.26
C GLY OA 230 43.63 -61.76 -13.09
N CYS PA 23 23.29 -88.40 -25.07
CA CYS PA 23 24.60 -87.87 -24.75
C CYS PA 23 24.93 -86.67 -25.63
N GLU PA 24 25.53 -85.64 -25.03
CA GLU PA 24 25.89 -84.45 -25.78
C GLU PA 24 26.97 -84.77 -26.82
N SER PA 25 26.91 -84.06 -27.94
CA SER PA 25 27.77 -84.31 -29.08
C SER PA 25 28.81 -83.20 -29.21
N ILE PA 26 30.06 -83.59 -29.41
CA ILE PA 26 31.16 -82.66 -29.64
C ILE PA 26 31.82 -83.03 -30.96
N SER PA 27 31.99 -82.04 -31.84
CA SER PA 27 32.64 -82.23 -33.13
C SER PA 27 33.99 -81.52 -33.11
N ALA PA 28 35.05 -82.24 -33.46
CA ALA PA 28 36.40 -81.72 -33.40
C ALA PA 28 37.13 -82.06 -34.69
N ARG PA 29 38.20 -81.31 -34.96
CA ARG PA 29 39.02 -81.49 -36.15
C ARG PA 29 40.44 -81.88 -35.77
N PRO PA 30 41.15 -82.61 -36.61
CA PRO PA 30 42.55 -82.93 -36.31
C PRO PA 30 43.39 -81.67 -36.18
N GLY PA 31 44.33 -81.69 -35.24
CA GLY PA 31 45.25 -80.58 -35.03
C GLY PA 31 44.67 -79.42 -34.25
N GLU PA 32 43.45 -79.54 -33.74
CA GLU PA 32 42.79 -78.44 -33.07
C GLU PA 32 42.89 -78.59 -31.55
N VAL PA 33 42.82 -77.47 -30.85
CA VAL PA 33 42.73 -77.43 -29.39
C VAL PA 33 41.71 -76.36 -29.06
N ASN PA 34 40.58 -76.75 -28.47
CA ASN PA 34 39.41 -75.88 -28.39
C ASN PA 34 39.04 -75.46 -26.98
N GLY PA 35 38.86 -76.40 -26.05
CA GLY PA 35 38.41 -76.05 -24.72
C GLY PA 35 36.90 -76.14 -24.56
N VAL PA 36 36.44 -76.54 -23.38
CA VAL PA 36 35.03 -76.80 -23.14
C VAL PA 36 34.66 -76.27 -21.76
N MET PA 37 33.43 -75.82 -21.61
CA MET PA 37 32.91 -75.31 -20.35
C MET PA 37 31.55 -75.95 -20.07
N VAL PA 38 31.37 -76.44 -18.85
CA VAL PA 38 30.12 -77.05 -18.41
C VAL PA 38 29.69 -76.38 -17.12
N SER PA 39 28.39 -76.13 -16.98
CA SER PA 39 27.84 -75.40 -15.85
C SER PA 39 27.13 -76.36 -14.91
N TYR PA 40 27.44 -76.25 -13.61
CA TYR PA 40 26.88 -77.13 -12.60
C TYR PA 40 25.91 -76.42 -11.66
N VAL PA 41 25.52 -75.17 -11.96
CA VAL PA 41 24.66 -74.43 -11.04
C VAL PA 41 23.33 -75.16 -10.86
N ALA PA 42 22.80 -75.74 -11.94
CA ALA PA 42 21.48 -76.36 -11.86
C ALA PA 42 21.46 -77.52 -10.86
N TRP PA 43 22.61 -78.13 -10.58
CA TRP PA 43 22.68 -79.29 -9.70
C TRP PA 43 23.21 -78.93 -8.32
N SER PA 44 24.34 -78.23 -8.27
CA SER PA 44 25.00 -77.97 -6.98
C SER PA 44 24.29 -76.90 -6.17
N ALA PA 45 23.59 -75.98 -6.82
CA ALA PA 45 23.02 -74.85 -6.09
C ALA PA 45 22.08 -75.29 -4.96
N PRO PA 46 21.07 -76.13 -5.20
CA PRO PA 46 20.16 -76.50 -4.10
C PRO PA 46 20.83 -77.26 -2.97
N LEU PA 47 21.96 -77.92 -3.21
CA LEU PA 47 22.59 -78.71 -2.15
C LEU PA 47 23.21 -77.84 -1.07
N GLY PA 48 23.32 -76.53 -1.29
CA GLY PA 48 24.00 -75.72 -0.31
C GLY PA 48 25.47 -76.10 -0.24
N GLY PA 49 26.02 -75.98 0.97
CA GLY PA 49 27.41 -76.36 1.17
C GLY PA 49 28.37 -75.39 0.50
N HIS PA 50 29.54 -75.91 0.15
CA HIS PA 50 30.62 -75.12 -0.42
C HIS PA 50 30.77 -75.29 -1.92
N GLY PA 51 29.81 -75.92 -2.59
CA GLY PA 51 29.87 -76.01 -4.03
C GLY PA 51 30.84 -77.07 -4.52
N LEU PA 52 31.36 -76.85 -5.73
CA LEU PA 52 32.17 -77.84 -6.40
C LEU PA 52 33.53 -78.01 -5.72
N THR PA 53 34.32 -78.94 -6.25
CA THR PA 53 35.65 -79.22 -5.74
C THR PA 53 36.51 -79.73 -6.89
N ASN PA 54 37.83 -79.64 -6.72
CA ASN PA 54 38.77 -79.97 -7.78
C ASN PA 54 38.93 -81.47 -8.00
N LYS PA 55 38.10 -82.31 -7.39
CA LYS PA 55 38.25 -83.75 -7.55
C LYS PA 55 37.49 -84.26 -8.78
N THR PA 56 37.98 -83.90 -9.96
CA THR PA 56 37.40 -84.41 -11.20
C THR PA 56 38.07 -85.71 -11.62
N THR PA 57 37.46 -86.40 -12.59
CA THR PA 57 38.01 -87.63 -13.14
C THR PA 57 37.50 -87.81 -14.56
N PHE PA 58 38.42 -88.11 -15.47
CA PHE PA 58 38.10 -88.27 -16.89
C PHE PA 58 38.45 -89.67 -17.35
N GLU PA 59 37.66 -90.18 -18.30
CA GLU PA 59 37.90 -91.50 -18.87
C GLU PA 59 37.47 -91.49 -20.33
N PHE PA 60 38.22 -92.21 -21.16
CA PHE PA 60 37.97 -92.29 -22.59
C PHE PA 60 37.61 -93.71 -22.97
N GLU PA 61 36.66 -93.86 -23.90
CA GLU PA 61 36.23 -95.16 -24.41
C GLU PA 61 36.25 -95.12 -25.93
N ASN PA 62 36.82 -96.17 -26.53
CA ASN PA 62 36.94 -96.27 -27.99
C ASN PA 62 35.73 -97.02 -28.55
N VAL PA 63 34.62 -96.29 -28.69
CA VAL PA 63 33.41 -96.89 -29.21
C VAL PA 63 33.61 -97.33 -30.66
N SER PA 64 34.26 -96.49 -31.46
CA SER PA 64 34.48 -96.80 -32.89
C SER PA 64 35.75 -96.06 -33.32
N VAL PA 65 36.81 -96.81 -33.55
CA VAL PA 65 38.09 -96.26 -33.98
C VAL PA 65 38.73 -97.21 -34.98
N THR PA 66 39.46 -96.64 -35.93
CA THR PA 66 40.15 -97.40 -36.96
C THR PA 66 41.63 -97.49 -36.62
N GLU PA 67 42.21 -98.67 -36.86
CA GLU PA 67 43.61 -98.87 -36.53
C GLU PA 67 44.52 -98.04 -37.44
N PRO PA 68 45.72 -97.69 -36.97
CA PRO PA 68 46.66 -96.95 -37.82
C PRO PA 68 47.43 -97.89 -38.73
N LEU PA 69 47.66 -97.45 -39.96
CA LEU PA 69 48.39 -98.24 -40.94
C LEU PA 69 49.88 -97.90 -40.98
N VAL PA 70 50.35 -97.03 -40.10
CA VAL PA 70 51.76 -96.68 -40.00
C VAL PA 70 52.16 -96.70 -38.53
N ASN PA 71 53.46 -96.80 -38.28
CA ASN PA 71 53.99 -96.93 -36.92
C ASN PA 71 54.82 -95.71 -36.57
N SER PA 72 54.68 -95.23 -35.34
CA SER PA 72 55.51 -94.15 -34.85
C SER PA 72 56.92 -94.67 -34.55
N ALA PA 73 57.85 -93.72 -34.38
CA ALA PA 73 59.25 -94.06 -34.15
C ALA PA 73 59.85 -93.10 -33.15
N PHE PA 74 60.91 -93.55 -32.49
CA PHE PA 74 61.64 -92.76 -31.51
C PHE PA 74 63.13 -93.02 -31.67
N GLU PA 75 63.94 -91.96 -31.61
CA GLU PA 75 65.36 -92.07 -31.84
C GLU PA 75 66.09 -91.05 -30.97
N ARG PA 76 67.42 -91.17 -30.94
CA ARG PA 76 68.28 -90.30 -30.14
C ARG PA 76 69.43 -89.78 -30.99
N THR PA 77 70.11 -88.77 -30.47
CA THR PA 77 71.27 -88.19 -31.13
C THR PA 77 72.07 -87.39 -30.11
N PRO PA 78 73.39 -87.35 -30.22
CA PRO PA 78 74.19 -86.61 -29.24
C PRO PA 78 74.04 -85.10 -29.41
N PHE PA 79 74.81 -84.38 -28.59
CA PHE PA 79 74.76 -82.93 -28.58
C PHE PA 79 75.22 -82.36 -29.93
N ASN PA 80 74.44 -81.42 -30.46
CA ASN PA 80 74.80 -80.69 -31.66
C ASN PA 80 75.19 -81.63 -32.81
N THR PA 81 74.61 -82.82 -32.85
CA THR PA 81 74.92 -83.83 -33.86
C THR PA 81 73.70 -84.02 -34.75
N THR PA 82 73.92 -84.04 -36.06
CA THR PA 82 72.81 -84.20 -37.01
C THR PA 82 72.27 -85.62 -36.96
N LEU PA 83 70.99 -85.77 -37.27
CA LEU PA 83 70.32 -87.06 -37.29
C LEU PA 83 69.92 -87.39 -38.72
N ALA PA 84 70.19 -88.62 -39.14
CA ALA PA 84 69.81 -89.12 -40.46
C ALA PA 84 69.03 -90.41 -40.29
N GLY PA 85 68.04 -90.59 -41.15
CA GLY PA 85 67.17 -91.74 -41.04
C GLY PA 85 66.33 -91.93 -42.29
N SER PA 86 65.34 -92.80 -42.17
CA SER PA 86 64.47 -93.12 -43.29
C SER PA 86 63.08 -93.46 -42.77
N LEU PA 87 62.06 -93.09 -43.54
CA LEU PA 87 60.68 -93.38 -43.18
C LEU PA 87 60.15 -94.66 -43.81
N ALA PA 88 60.97 -95.35 -44.62
CA ALA PA 88 60.48 -96.51 -45.35
C ALA PA 88 60.10 -97.64 -44.41
N ALA PA 89 60.86 -97.85 -43.34
CA ALA PA 89 60.62 -98.98 -42.46
C ALA PA 89 59.32 -98.86 -41.68
N LEU PA 90 58.68 -97.70 -41.70
CA LEU PA 90 57.49 -97.45 -40.88
C LEU PA 90 56.19 -97.76 -41.60
N PHE PA 91 56.24 -98.31 -42.82
CA PHE PA 91 55.05 -98.65 -43.58
C PHE PA 91 55.11 -100.14 -43.94
N PRO PA 92 54.62 -101.03 -43.08
CA PRO PA 92 54.74 -102.47 -43.37
C PRO PA 92 53.63 -102.98 -44.27
N ASN PA 93 53.47 -102.39 -45.44
CA ASN PA 93 52.44 -102.85 -46.36
C ASN PA 93 52.83 -104.20 -46.94
N PRO PA 94 51.98 -105.22 -46.84
CA PRO PA 94 52.32 -106.52 -47.45
C PRO PA 94 52.10 -106.56 -48.95
N GLU PA 95 51.33 -105.63 -49.51
CA GLU PA 95 51.10 -105.61 -50.94
C GLU PA 95 52.23 -104.88 -51.66
N GLY PA 96 52.26 -105.04 -52.98
CA GLY PA 96 53.19 -104.32 -53.82
C GLY PA 96 52.54 -103.10 -54.44
N GLU PA 97 53.00 -101.91 -54.07
CA GLU PA 97 52.38 -100.68 -54.54
C GLU PA 97 53.37 -99.54 -54.38
N ALA PA 98 53.09 -98.44 -55.08
CA ALA PA 98 53.94 -97.26 -55.01
C ALA PA 98 53.76 -96.56 -53.67
N VAL PA 99 54.84 -95.99 -53.17
CA VAL PA 99 54.84 -95.26 -51.91
C VAL PA 99 55.40 -93.86 -52.15
N GLU PA 100 54.69 -92.86 -51.61
CA GLU PA 100 55.14 -91.48 -51.68
C GLU PA 100 55.24 -90.95 -50.26
N TYR PA 101 56.31 -90.23 -49.97
CA TYR PA 101 56.61 -89.73 -48.63
C TYR PA 101 56.42 -88.22 -48.62
N GLU PA 102 55.84 -87.70 -47.54
CA GLU PA 102 55.54 -86.29 -47.41
C GLU PA 102 55.67 -85.88 -45.95
N ILE PA 103 56.04 -84.62 -45.74
CA ILE PA 103 56.16 -84.05 -44.41
C ILE PA 103 55.10 -82.97 -44.26
N LEU PA 104 54.23 -83.13 -43.26
CA LEU PA 104 53.21 -82.12 -42.98
C LEU PA 104 53.89 -80.86 -42.48
N GLU PA 105 53.52 -79.71 -43.04
CA GLU PA 105 54.20 -78.45 -42.76
C GLU PA 105 53.43 -77.55 -41.80
N LEU PA 106 52.16 -77.85 -41.52
CA LEU PA 106 51.43 -77.06 -40.53
C LEU PA 106 51.93 -77.30 -39.13
N TYR PA 107 52.75 -78.32 -38.91
CA TYR PA 107 53.29 -78.65 -37.59
C TYR PA 107 54.81 -78.79 -37.69
N PRO PA 108 55.52 -77.69 -37.91
CA PRO PA 108 56.97 -77.76 -38.09
C PRO PA 108 57.67 -78.09 -36.78
N PRO PA 109 58.89 -78.61 -36.83
CA PRO PA 109 59.62 -78.88 -35.60
C PRO PA 109 59.89 -77.59 -34.82
N VAL PA 110 59.92 -77.72 -33.50
CA VAL PA 110 60.01 -76.55 -32.64
C VAL PA 110 61.45 -76.09 -32.44
N ASN PA 111 62.43 -76.99 -32.55
CA ASN PA 111 63.82 -76.65 -32.26
C ASN PA 111 64.76 -77.23 -33.31
N GLY PA 112 64.35 -77.21 -34.57
CA GLY PA 112 65.21 -77.73 -35.62
C GLY PA 112 64.56 -77.58 -36.97
N ILE PA 113 65.18 -78.23 -37.96
CA ILE PA 113 64.69 -78.23 -39.33
C ILE PA 113 64.73 -79.67 -39.85
N VAL PA 114 63.67 -80.07 -40.55
CA VAL PA 114 63.56 -81.40 -41.12
C VAL PA 114 63.67 -81.27 -42.64
N GLU PA 115 64.61 -82.02 -43.22
CA GLU PA 115 64.87 -82.01 -44.65
C GLU PA 115 64.56 -83.40 -45.20
N LEU PA 116 63.53 -83.51 -46.03
CA LEU PA 116 63.16 -84.79 -46.58
C LEU PA 116 64.09 -85.17 -47.73
N GLY PA 117 64.64 -86.37 -47.66
CA GLY PA 117 65.51 -86.89 -48.69
C GLY PA 117 64.75 -87.67 -49.74
N GLU PA 118 65.46 -88.54 -50.44
CA GLU PA 118 64.86 -89.35 -51.49
C GLU PA 118 64.45 -90.72 -50.96
N ASN PA 119 63.31 -91.20 -51.44
CA ASN PA 119 62.81 -92.53 -51.09
C ASN PA 119 62.71 -92.71 -49.59
N GLY PA 120 62.18 -91.70 -48.91
CA GLY PA 120 61.92 -91.78 -47.49
C GLY PA 120 63.05 -91.35 -46.58
N ALA PA 121 64.24 -91.12 -47.13
CA ALA PA 121 65.34 -90.63 -46.31
C ALA PA 121 65.05 -89.20 -45.85
N PHE PA 122 65.62 -88.85 -44.70
CA PHE PA 122 65.43 -87.52 -44.14
C PHE PA 122 66.64 -87.14 -43.31
N THR PA 123 66.76 -85.85 -43.04
CA THR PA 123 67.83 -85.32 -42.21
C THR PA 123 67.28 -84.25 -41.29
N TYR PA 124 67.51 -84.40 -40.00
CA TYR PA 124 67.06 -83.46 -38.99
C TYR PA 124 68.28 -82.76 -38.41
N ARG PA 125 68.28 -81.43 -38.45
CA ARG PA 125 69.42 -80.64 -38.01
C ARG PA 125 69.04 -79.83 -36.77
N PRO PA 126 69.39 -80.28 -35.58
CA PRO PA 126 68.98 -79.55 -34.37
C PRO PA 126 69.69 -78.21 -34.26
N ALA PA 127 68.99 -77.25 -33.64
CA ALA PA 127 69.59 -75.96 -33.38
C ALA PA 127 70.71 -76.08 -32.36
N THR PA 128 71.72 -75.24 -32.51
CA THR PA 128 72.88 -75.30 -31.63
C THR PA 128 72.48 -75.03 -30.19
N SER PA 129 73.01 -75.84 -29.27
CA SER PA 129 72.81 -75.71 -27.83
C SER PA 129 71.46 -76.22 -27.36
N PHE PA 130 70.65 -76.81 -28.24
CA PHE PA 130 69.36 -77.31 -27.84
C PHE PA 130 69.48 -78.66 -27.14
N THR PA 131 68.62 -78.88 -26.15
CA THR PA 131 68.61 -80.13 -25.41
C THR PA 131 67.20 -80.41 -24.93
N GLY PA 132 66.60 -81.48 -25.41
CA GLY PA 132 65.24 -81.83 -25.05
C GLY PA 132 64.64 -82.74 -26.10
N ILE PA 133 63.31 -82.66 -26.22
CA ILE PA 133 62.54 -83.52 -27.11
C ILE PA 133 62.07 -82.68 -28.30
N ASP PA 134 61.85 -83.33 -29.43
CA ASP PA 134 61.37 -82.68 -30.64
C ASP PA 134 60.48 -83.64 -31.41
N ARG PA 135 59.68 -83.09 -32.31
CA ARG PA 135 58.71 -83.88 -33.06
C ARG PA 135 58.62 -83.36 -34.49
N PHE PA 136 58.13 -84.23 -35.38
CA PHE PA 136 57.77 -83.81 -36.73
C PHE PA 136 56.86 -84.89 -37.32
N TRP PA 137 55.81 -84.44 -37.99
CA TRP PA 137 54.74 -85.31 -38.46
C TRP PA 137 54.92 -85.61 -39.94
N PHE PA 138 54.79 -86.88 -40.30
CA PHE PA 138 55.01 -87.33 -41.68
C PHE PA 138 53.81 -88.12 -42.16
N SER PA 139 53.65 -88.18 -43.47
CA SER PA 139 52.58 -88.92 -44.11
C SER PA 139 53.16 -89.87 -45.15
N ILE PA 140 52.75 -91.13 -45.11
CA ILE PA 140 53.18 -92.14 -46.07
C ILE PA 140 51.95 -92.61 -46.83
N ASN PA 141 51.87 -92.26 -48.11
CA ASN PA 141 50.79 -92.72 -48.98
C ASN PA 141 49.42 -92.37 -48.39
N GLY PA 142 49.32 -91.20 -47.75
CA GLY PA 142 48.06 -90.72 -47.23
C GLY PA 142 47.76 -91.09 -45.79
N ASN PA 143 48.67 -91.77 -45.10
CA ASN PA 143 48.48 -92.16 -43.70
C ASN PA 143 49.43 -91.35 -42.83
N VAL PA 144 48.89 -90.75 -41.79
CA VAL PA 144 49.64 -89.84 -40.92
C VAL PA 144 50.32 -90.64 -39.81
N GLY PA 145 51.48 -90.14 -39.38
CA GLY PA 145 52.20 -90.78 -38.28
C GLY PA 145 53.01 -89.74 -37.54
N GLU PA 146 53.57 -90.17 -36.42
CA GLU PA 146 54.36 -89.29 -35.55
C GLU PA 146 55.80 -89.79 -35.49
N PHE PA 147 56.74 -88.84 -35.48
CA PHE PA 147 58.15 -89.13 -35.26
C PHE PA 147 58.66 -88.26 -34.12
N VAL PA 148 59.34 -88.89 -33.16
CA VAL PA 148 59.86 -88.20 -31.97
C VAL PA 148 61.37 -88.31 -31.97
N ILE PA 149 62.03 -87.23 -31.60
CA ILE PA 149 63.50 -87.17 -31.56
C ILE PA 149 63.92 -86.55 -30.24
N ALA PA 150 64.99 -87.08 -29.66
CA ALA PA 150 65.55 -86.58 -28.41
C ALA PA 150 67.00 -86.19 -28.62
N VAL PA 151 67.38 -85.04 -28.07
CA VAL PA 151 68.76 -84.55 -28.13
C VAL PA 151 69.30 -84.54 -26.71
N ASP PA 152 70.44 -85.22 -26.50
CA ASP PA 152 70.93 -85.43 -25.15
C ASP PA 152 72.11 -84.51 -24.85
N PRO PA 153 72.28 -84.11 -23.59
CA PRO PA 153 73.44 -83.29 -23.23
C PRO PA 153 74.74 -84.08 -23.36
N ALA PA 154 75.82 -83.36 -23.62
CA ALA PA 154 77.13 -83.98 -23.80
C ALA PA 154 77.86 -84.22 -22.48
N GLN PA 155 77.29 -83.82 -21.35
CA GLN PA 155 77.93 -83.97 -20.05
C GLN PA 155 76.95 -84.48 -18.99
N GLY PA 156 76.05 -85.37 -19.38
CA GLY PA 156 75.06 -85.88 -18.46
C GLY PA 156 74.39 -87.14 -18.93
N PRO PA 157 73.37 -87.60 -18.20
CA PRO PA 157 72.67 -88.83 -18.57
C PRO PA 157 71.71 -88.61 -19.73
N GLN PA 158 71.30 -89.72 -20.33
CA GLN PA 158 70.35 -89.67 -21.44
C GLN PA 158 68.94 -89.41 -20.92
N ILE PA 159 68.10 -88.88 -21.82
CA ILE PA 159 66.74 -88.53 -21.45
C ILE PA 159 65.84 -89.75 -21.63
N ALA PA 160 64.87 -89.91 -20.72
CA ALA PA 160 63.94 -91.02 -20.81
C ALA PA 160 62.96 -90.81 -21.96
N GLN PA 161 62.59 -91.91 -22.60
CA GLN PA 161 61.68 -91.83 -23.74
C GLN PA 161 60.31 -91.35 -23.29
N PRO PA 162 59.70 -90.38 -23.98
CA PRO PA 162 58.36 -89.93 -23.60
C PRO PA 162 57.30 -90.78 -24.27
N PRO PA 163 56.06 -90.72 -23.77
CA PRO PA 163 54.99 -91.49 -24.41
C PRO PA 163 54.48 -90.81 -25.67
N PHE PA 164 54.09 -91.61 -26.65
CA PHE PA 164 53.57 -91.07 -27.89
C PHE PA 164 52.24 -90.36 -27.65
N THR PA 165 52.02 -89.29 -28.39
CA THR PA 165 50.82 -88.49 -28.20
C THR PA 165 49.59 -89.27 -28.65
N PRO PA 166 48.55 -89.38 -27.82
CA PRO PA 166 47.35 -90.12 -28.23
C PRO PA 166 46.62 -89.42 -29.36
N ALA PA 167 45.56 -90.08 -29.84
CA ALA PA 167 44.71 -89.47 -30.87
C ALA PA 167 43.90 -88.32 -30.28
N VAL PA 168 43.35 -88.50 -29.09
CA VAL PA 168 42.66 -87.44 -28.37
C VAL PA 168 43.10 -87.51 -26.91
N TYR PA 169 43.09 -86.35 -26.25
CA TYR PA 169 43.56 -86.28 -24.87
C TYR PA 169 43.01 -85.03 -24.22
N VAL PA 170 43.08 -85.00 -22.89
CA VAL PA 170 42.68 -83.84 -22.10
C VAL PA 170 43.77 -83.55 -21.09
N PRO PA 171 44.54 -82.48 -21.23
CA PRO PA 171 45.62 -82.22 -20.27
C PRO PA 171 45.08 -82.11 -18.85
N LEU PA 172 45.84 -82.66 -17.90
CA LEU PA 172 45.39 -82.70 -16.51
C LEU PA 172 45.75 -81.42 -15.75
N SER PA 173 46.79 -80.71 -16.17
CA SER PA 173 47.16 -79.48 -15.47
C SER PA 173 46.23 -78.32 -15.82
N ARG PA 174 45.70 -78.29 -17.04
CA ARG PA 174 44.87 -77.18 -17.50
C ARG PA 174 43.40 -77.47 -17.16
N ARG PA 175 43.09 -77.26 -15.88
CA ARG PA 175 41.74 -77.50 -15.38
C ARG PA 175 41.49 -76.55 -14.22
N GLU PA 176 40.33 -75.90 -14.22
CA GLU PA 176 39.98 -74.99 -13.14
C GLU PA 176 38.48 -74.99 -12.96
N VAL PA 177 38.04 -74.68 -11.75
CA VAL PA 177 36.63 -74.57 -11.39
C VAL PA 177 36.39 -73.18 -10.83
N ASN PA 178 35.38 -72.50 -11.36
CA ASN PA 178 35.04 -71.15 -10.92
C ASN PA 178 33.98 -71.26 -9.83
N LYS PA 179 34.44 -71.21 -8.58
CA LYS PA 179 33.54 -71.36 -7.44
C LYS PA 179 32.47 -70.27 -7.40
N GLN PA 180 32.74 -69.09 -7.96
CA GLN PA 180 31.77 -68.00 -7.92
C GLN PA 180 30.55 -68.30 -8.77
N THR PA 181 30.68 -69.12 -9.81
CA THR PA 181 29.55 -69.46 -10.67
C THR PA 181 29.38 -70.95 -10.88
N GLN PA 182 30.14 -71.79 -10.19
CA GLN PA 182 29.99 -73.25 -10.26
C GLN PA 182 30.06 -73.73 -11.71
N ALA PA 183 31.23 -73.53 -12.31
CA ALA PA 183 31.49 -73.97 -13.68
C ALA PA 183 32.84 -74.66 -13.74
N LEU PA 184 32.96 -75.63 -14.65
CA LEU PA 184 34.18 -76.39 -14.85
C LEU PA 184 34.72 -76.10 -16.24
N ARG PA 185 36.03 -75.89 -16.34
CA ARG PA 185 36.71 -75.65 -17.61
C ARG PA 185 37.83 -76.66 -17.80
N PHE PA 186 37.96 -77.16 -19.02
CA PHE PA 186 39.04 -78.07 -19.37
C PHE PA 186 39.34 -77.93 -20.86
N VAL PA 187 40.46 -78.50 -21.27
CA VAL PA 187 40.99 -78.34 -22.62
C VAL PA 187 40.96 -79.69 -23.32
N LEU PA 188 40.42 -79.70 -24.54
CA LEU PA 188 40.37 -80.90 -25.37
C LEU PA 188 41.24 -80.68 -26.60
N GLY PA 189 42.18 -81.59 -26.83
CA GLY PA 189 43.09 -81.47 -27.95
C GLY PA 189 43.12 -82.73 -28.78
N VAL PA 190 43.01 -82.56 -30.09
CA VAL PA 190 42.95 -83.67 -31.04
C VAL PA 190 44.27 -83.70 -31.79
N SER PA 191 44.93 -84.87 -31.77
CA SER PA 191 46.20 -85.01 -32.46
C SER PA 191 45.98 -85.00 -33.98
N PRO PA 192 47.00 -84.61 -34.75
CA PRO PA 192 46.85 -84.63 -36.21
C PRO PA 192 46.59 -86.02 -36.76
N ALA PA 193 46.99 -87.05 -36.01
CA ALA PA 193 46.85 -88.42 -36.49
C ALA PA 193 45.40 -88.90 -36.48
N ALA PA 194 44.50 -88.16 -35.85
CA ALA PA 194 43.12 -88.60 -35.74
C ALA PA 194 42.51 -88.82 -37.13
N LYS PA 195 42.10 -90.05 -37.39
CA LYS PA 195 41.45 -90.37 -38.66
C LYS PA 195 39.98 -89.92 -38.60
N PRO PA 196 39.49 -89.21 -39.61
CA PRO PA 196 38.12 -88.71 -39.55
C PRO PA 196 37.10 -89.85 -39.53
N ALA PA 197 35.86 -89.49 -39.20
CA ALA PA 197 34.73 -90.40 -39.17
C ALA PA 197 34.76 -91.31 -37.95
N ASP PA 198 35.80 -91.21 -37.13
CA ASP PA 198 35.87 -92.00 -35.92
C ASP PA 198 35.05 -91.34 -34.80
N ILE PA 199 34.82 -92.11 -33.73
CA ILE PA 199 34.04 -91.65 -32.60
C ILE PA 199 34.73 -92.07 -31.31
N TYR PA 200 34.76 -91.16 -30.35
CA TYR PA 200 35.24 -91.43 -29.00
C TYR PA 200 34.18 -90.99 -28.00
N ARG PA 201 34.26 -91.55 -26.78
CA ARG PA 201 33.34 -91.21 -25.71
C ARG PA 201 34.13 -90.75 -24.49
N LEU PA 202 33.62 -89.72 -23.82
CA LEU PA 202 34.26 -89.13 -22.65
C LEU PA 202 33.30 -89.23 -21.47
N ASN PA 203 33.80 -89.67 -20.33
CA ASN PA 203 33.03 -89.77 -19.10
C ASN PA 203 33.67 -88.88 -18.03
N ILE PA 204 32.84 -88.10 -17.35
CA ILE PA 204 33.30 -87.14 -16.35
C ILE PA 204 32.57 -87.43 -15.05
N ARG PA 205 33.32 -87.49 -13.95
CA ARG PA 205 32.77 -87.64 -12.61
C ARG PA 205 33.24 -86.45 -11.77
N GLN PA 206 32.29 -85.63 -11.32
CA GLN PA 206 32.58 -84.39 -10.62
C GLN PA 206 32.04 -84.49 -9.20
N ALA PA 207 32.71 -83.79 -8.28
CA ALA PA 207 32.42 -83.89 -6.86
C ALA PA 207 32.05 -82.53 -6.28
N ALA PA 208 31.13 -82.56 -5.32
CA ALA PA 208 30.75 -81.38 -4.55
C ALA PA 208 30.68 -81.78 -3.07
N ILE PA 209 30.88 -80.80 -2.20
CA ILE PA 209 30.97 -81.05 -0.76
C ILE PA 209 29.90 -80.26 -0.04
N ASP PA 210 29.34 -80.85 1.01
CA ASP PA 210 28.37 -80.16 1.85
C ASP PA 210 29.09 -79.20 2.80
N CYS PA 211 28.34 -78.66 3.75
CA CYS PA 211 28.88 -77.69 4.69
C CYS PA 211 29.86 -78.31 5.69
N GLU PA 212 29.96 -79.63 5.76
CA GLU PA 212 30.83 -80.29 6.70
C GLU PA 212 32.00 -81.02 6.05
N GLY PA 213 32.03 -81.11 4.72
CA GLY PA 213 33.13 -81.73 4.02
C GLY PA 213 32.85 -83.08 3.39
N ASN PA 214 31.61 -83.57 3.45
CA ASN PA 214 31.24 -84.84 2.83
C ASN PA 214 30.90 -84.62 1.37
N GLU PA 215 31.18 -85.62 0.54
CA GLU PA 215 31.16 -85.43 -0.90
C GLU PA 215 29.85 -85.91 -1.53
N TYR PA 216 29.38 -85.13 -2.50
CA TYR PA 216 28.38 -85.56 -3.46
C TYR PA 216 29.07 -85.81 -4.80
N PHE PA 217 28.44 -86.57 -5.68
CA PHE PA 217 29.03 -86.92 -6.97
C PHE PA 217 27.99 -86.80 -8.08
N HIS PA 218 28.50 -86.54 -9.28
CA HIS PA 218 27.68 -86.41 -10.48
C HIS PA 218 28.44 -86.98 -11.66
N ILE PA 219 27.72 -87.60 -12.59
CA ILE PA 219 28.33 -88.30 -13.71
C ILE PA 219 27.63 -87.91 -15.00
N SER PA 220 28.42 -87.67 -16.05
CA SER PA 220 27.88 -87.34 -17.36
C SER PA 220 28.89 -87.79 -18.42
N CYS PA 221 28.41 -87.94 -19.64
CA CYS PA 221 29.25 -88.44 -20.72
C CYS PA 221 28.99 -87.62 -21.99
N TYR PA 222 30.00 -87.57 -22.85
CA TYR PA 222 29.95 -86.79 -24.08
C TYR PA 222 30.55 -87.60 -25.22
N ASP PA 223 30.05 -87.35 -26.44
CA ASP PA 223 30.50 -88.08 -27.63
C ASP PA 223 31.34 -87.15 -28.49
N ILE PA 224 32.50 -87.63 -28.92
CA ILE PA 224 33.45 -86.86 -29.73
C ILE PA 224 33.57 -87.57 -31.08
N SER PA 225 33.30 -86.84 -32.15
CA SER PA 225 33.40 -87.37 -33.51
C SER PA 225 34.38 -86.52 -34.30
N ILE PA 226 35.32 -87.17 -34.99
CA ILE PA 226 36.33 -86.46 -35.74
C ILE PA 226 35.74 -86.00 -37.08
N GLY PA 227 35.87 -84.71 -37.37
CA GLY PA 227 35.33 -84.13 -38.58
C GLY PA 227 36.40 -83.78 -39.59
N SER PA 228 36.03 -82.92 -40.53
CA SER PA 228 36.92 -82.49 -41.59
C SER PA 228 36.45 -81.13 -42.10
N CYS PA 229 37.12 -80.63 -43.14
CA CYS PA 229 36.80 -79.34 -43.69
C CYS PA 229 35.42 -79.36 -44.35
N GLY PA 230 34.91 -78.17 -44.67
CA GLY PA 230 33.62 -78.04 -45.31
C GLY PA 230 33.42 -76.67 -45.95
N CYS QA 23 6.33 -14.75 82.34
CA CYS QA 23 7.35 -15.68 82.80
C CYS QA 23 8.69 -15.37 82.13
N GLU QA 24 9.43 -14.44 82.71
CA GLU QA 24 10.73 -14.05 82.16
C GLU QA 24 11.66 -15.26 82.20
N SER QA 25 12.51 -15.37 81.18
CA SER QA 25 13.35 -16.55 81.01
C SER QA 25 14.78 -16.29 81.49
N ILE QA 26 15.35 -17.28 82.16
CA ILE QA 26 16.73 -17.24 82.64
C ILE QA 26 17.41 -18.55 82.24
N SER QA 27 18.66 -18.45 81.83
CA SER QA 27 19.45 -19.61 81.43
C SER QA 27 20.58 -19.82 82.43
N ALA QA 28 20.84 -21.07 82.77
CA ALA QA 28 21.85 -21.39 83.77
C ALA QA 28 22.62 -22.64 83.34
N ARG QA 29 23.82 -22.80 83.90
CA ARG QA 29 24.70 -23.91 83.61
C ARG QA 29 25.07 -24.63 84.90
N PRO QA 30 25.16 -25.96 84.89
CA PRO QA 30 25.51 -26.67 86.14
C PRO QA 30 26.82 -26.19 86.72
N GLY QA 31 26.86 -26.03 88.03
CA GLY QA 31 28.05 -25.61 88.73
C GLY QA 31 28.30 -24.12 88.75
N GLU QA 32 27.42 -23.32 88.16
CA GLU QA 32 27.61 -21.88 88.11
C GLU QA 32 26.82 -21.20 89.22
N VAL QA 33 27.32 -20.05 89.68
CA VAL QA 33 26.62 -19.20 90.62
C VAL QA 33 26.67 -17.78 90.07
N ASN QA 34 25.50 -17.16 89.92
CA ASN QA 34 25.39 -15.86 89.25
C ASN QA 34 24.40 -14.99 89.99
N GLY QA 35 24.49 -13.69 89.74
CA GLY QA 35 23.63 -12.73 90.40
C GLY QA 35 22.51 -12.23 89.50
N VAL QA 36 21.42 -11.78 90.12
CA VAL QA 36 20.24 -11.31 89.43
C VAL QA 36 19.77 -10.02 90.10
N MET QA 37 19.32 -9.06 89.29
CA MET QA 37 18.83 -7.78 89.78
C MET QA 37 17.53 -7.43 89.07
N VAL QA 38 16.58 -6.91 89.84
CA VAL QA 38 15.28 -6.49 89.31
C VAL QA 38 14.96 -5.11 89.87
N SER QA 39 14.44 -4.23 89.00
CA SER QA 39 14.18 -2.84 89.34
C SER QA 39 12.69 -2.63 89.49
N TYR QA 40 12.28 -1.99 90.58
CA TYR QA 40 10.87 -1.74 90.88
C TYR QA 40 10.47 -0.27 90.77
N VAL QA 41 11.35 0.58 90.23
CA VAL QA 41 11.04 2.01 90.21
C VAL QA 41 9.77 2.30 89.44
N ALA QA 42 9.48 1.50 88.41
CA ALA QA 42 8.30 1.75 87.59
C ALA QA 42 7.00 1.49 88.33
N TRP QA 43 7.05 0.78 89.47
CA TRP QA 43 5.86 0.39 90.20
C TRP QA 43 5.70 1.14 91.52
N SER QA 44 6.76 1.21 92.33
CA SER QA 44 6.65 1.83 93.65
C SER QA 44 6.78 3.34 93.62
N ALA QA 45 7.29 3.91 92.54
CA ALA QA 45 7.49 5.36 92.49
C ALA QA 45 6.19 6.14 92.61
N PRO QA 46 5.17 5.90 91.78
CA PRO QA 46 3.94 6.69 91.90
C PRO QA 46 3.21 6.52 93.22
N LEU QA 47 3.37 5.40 93.92
CA LEU QA 47 2.66 5.20 95.17
C LEU QA 47 3.17 6.12 96.26
N GLY QA 48 4.37 6.65 96.13
CA GLY QA 48 4.90 7.57 97.13
C GLY QA 48 5.31 6.86 98.41
N GLY QA 49 5.74 7.66 99.37
CA GLY QA 49 6.10 7.13 100.67
C GLY QA 49 7.50 6.54 100.68
N HIS QA 50 7.72 5.63 101.63
CA HIS QA 50 9.04 5.02 101.81
C HIS QA 50 9.46 4.19 100.61
N GLY QA 51 8.57 3.39 100.04
CA GLY QA 51 8.95 2.56 98.90
C GLY QA 51 8.99 1.09 99.29
N LEU QA 52 10.08 0.42 98.91
CA LEU QA 52 10.19 -1.01 99.15
C LEU QA 52 10.42 -1.30 100.64
N THR QA 53 10.25 -2.57 101.00
CA THR QA 53 10.47 -3.03 102.36
C THR QA 53 11.06 -4.43 102.30
N ASN QA 54 11.86 -4.76 103.32
CA ASN QA 54 12.55 -6.05 103.35
C ASN QA 54 11.61 -7.16 103.81
N LYS QA 55 10.67 -7.56 102.95
CA LYS QA 55 9.74 -8.63 103.25
C LYS QA 55 9.54 -9.57 102.05
N THR QA 56 10.57 -9.75 101.23
CA THR QA 56 10.46 -10.59 100.06
C THR QA 56 10.31 -12.06 100.45
N THR QA 57 9.59 -12.81 99.62
CA THR QA 57 9.38 -14.24 99.83
C THR QA 57 9.62 -14.97 98.51
N PHE QA 58 10.32 -16.09 98.58
CA PHE QA 58 10.66 -16.88 97.40
C PHE QA 58 10.03 -18.26 97.49
N GLU QA 59 9.58 -18.78 96.34
CA GLU QA 59 9.05 -20.13 96.25
C GLU QA 59 9.55 -20.76 94.96
N PHE QA 60 9.81 -22.07 95.00
CA PHE QA 60 10.30 -22.81 93.86
C PHE QA 60 9.31 -23.91 93.47
N GLU QA 61 9.10 -24.07 92.17
CA GLU QA 61 8.20 -25.09 91.64
C GLU QA 61 8.91 -25.85 90.53
N ASN QA 62 8.53 -27.11 90.37
CA ASN QA 62 9.11 -27.99 89.36
C ASN QA 62 8.12 -28.15 88.21
N VAL QA 63 8.57 -27.84 87.00
CA VAL QA 63 7.73 -28.05 85.81
C VAL QA 63 8.21 -29.27 85.04
N SER QA 64 9.51 -29.51 84.99
CA SER QA 64 10.07 -30.69 84.32
C SER QA 64 11.39 -31.03 84.98
N VAL QA 65 11.39 -32.04 85.83
CA VAL QA 65 12.58 -32.49 86.54
C VAL QA 65 12.76 -33.98 86.32
N THR QA 66 13.97 -34.38 85.97
CA THR QA 66 14.31 -35.80 85.78
C THR QA 66 14.81 -36.35 87.11
N GLU QA 67 14.11 -37.35 87.64
CA GLU QA 67 14.46 -37.87 88.94
C GLU QA 67 15.88 -38.44 88.92
N PRO QA 68 16.70 -38.17 89.93
CA PRO QA 68 18.07 -38.67 89.92
C PRO QA 68 18.11 -40.19 90.01
N LEU QA 69 19.13 -40.78 89.38
CA LEU QA 69 19.33 -42.22 89.39
C LEU QA 69 20.37 -42.67 90.41
N VAL QA 70 20.88 -41.75 91.23
CA VAL QA 70 21.84 -42.08 92.28
C VAL QA 70 21.40 -41.43 93.58
N ASN QA 71 21.93 -41.94 94.69
CA ASN QA 71 21.53 -41.52 96.02
C ASN QA 71 22.67 -40.79 96.70
N SER QA 72 22.39 -39.60 97.23
CA SER QA 72 23.35 -38.91 98.06
C SER QA 72 23.51 -39.63 99.39
N ALA QA 73 24.59 -39.31 100.11
CA ALA QA 73 24.90 -39.98 101.35
C ALA QA 73 25.56 -39.00 102.33
N PHE QA 74 25.62 -39.40 103.59
CA PHE QA 74 26.22 -38.60 104.64
C PHE QA 74 26.83 -39.52 105.68
N GLU QA 75 28.03 -39.17 106.14
CA GLU QA 75 28.74 -39.99 107.12
C GLU QA 75 29.56 -39.07 108.02
N ARG QA 76 30.00 -39.63 109.15
CA ARG QA 76 30.75 -38.90 110.16
C ARG QA 76 32.10 -39.57 110.39
N THR QA 77 33.04 -38.79 110.93
CA THR QA 77 34.35 -39.29 111.31
C THR QA 77 34.79 -38.60 112.59
N PRO QA 78 35.62 -39.24 113.41
CA PRO QA 78 36.16 -38.57 114.59
C PRO QA 78 37.23 -37.55 114.23
N PHE QA 79 37.68 -36.82 115.25
CA PHE QA 79 38.66 -35.76 115.05
C PHE QA 79 39.97 -36.33 114.53
N ASN QA 80 40.51 -35.70 113.49
CA ASN QA 80 41.77 -36.12 112.86
C ASN QA 80 41.79 -37.62 112.57
N THR QA 81 40.69 -38.17 112.07
CA THR QA 81 40.60 -39.58 111.74
C THR QA 81 40.31 -39.73 110.25
N THR QA 82 41.16 -40.48 109.56
CA THR QA 82 40.92 -40.77 108.15
C THR QA 82 39.66 -41.61 108.00
N LEU QA 83 38.89 -41.34 106.95
CA LEU QA 83 37.62 -42.01 106.72
C LEU QA 83 37.71 -42.87 105.46
N ALA QA 84 37.03 -44.01 105.48
CA ALA QA 84 36.96 -44.92 104.34
C ALA QA 84 35.52 -45.28 104.08
N GLY QA 85 35.22 -45.53 102.81
CA GLY QA 85 33.86 -45.84 102.43
C GLY QA 85 33.80 -46.48 101.05
N SER QA 86 32.60 -46.53 100.50
CA SER QA 86 32.39 -47.13 99.18
C SER QA 86 31.27 -46.40 98.47
N LEU QA 87 31.43 -46.22 97.15
CA LEU QA 87 30.41 -45.61 96.32
C LEU QA 87 29.46 -46.63 95.72
N ALA QA 88 29.71 -47.93 95.91
CA ALA QA 88 28.91 -48.96 95.24
C ALA QA 88 27.46 -48.93 95.68
N ALA QA 89 27.20 -48.73 96.97
CA ALA QA 89 25.84 -48.83 97.50
C ALA QA 89 24.94 -47.68 97.06
N LEU QA 90 25.49 -46.64 96.44
CA LEU QA 90 24.73 -45.45 96.10
C LEU QA 90 24.13 -45.48 94.70
N PHE QA 91 24.28 -46.60 93.97
CA PHE QA 91 23.77 -46.72 92.61
C PHE QA 91 22.89 -47.96 92.52
N PRO QA 92 21.61 -47.85 92.88
CA PRO QA 92 20.71 -49.01 92.86
C PRO QA 92 20.16 -49.32 91.47
N ASN QA 93 21.05 -49.70 90.56
CA ASN QA 93 20.60 -50.07 89.23
C ASN QA 93 19.87 -51.42 89.29
N PRO QA 94 18.70 -51.54 88.65
CA PRO QA 94 17.95 -52.79 88.75
C PRO QA 94 18.55 -53.91 87.92
N GLU QA 95 19.15 -53.56 86.79
CA GLU QA 95 19.72 -54.51 85.86
C GLU QA 95 21.24 -54.51 86.00
N GLY QA 96 21.82 -55.69 86.22
CA GLY QA 96 23.25 -55.81 86.34
C GLY QA 96 23.96 -55.35 85.08
N GLU QA 97 24.89 -54.39 85.23
CA GLU QA 97 25.62 -53.86 84.09
C GLU QA 97 26.95 -53.31 84.58
N ALA QA 98 27.87 -53.12 83.64
CA ALA QA 98 29.19 -52.61 83.96
C ALA QA 98 29.08 -51.23 84.60
N VAL QA 99 29.87 -51.01 85.64
CA VAL QA 99 29.88 -49.75 86.37
C VAL QA 99 31.30 -49.21 86.42
N GLU QA 100 31.42 -47.89 86.50
CA GLU QA 100 32.70 -47.22 86.62
C GLU QA 100 32.52 -45.95 87.44
N TYR QA 101 33.46 -45.71 88.35
CA TYR QA 101 33.36 -44.62 89.30
C TYR QA 101 34.43 -43.57 89.01
N GLU QA 102 34.05 -42.31 89.15
CA GLU QA 102 34.98 -41.20 88.94
C GLU QA 102 34.67 -40.11 89.95
N ILE QA 103 35.65 -39.23 90.15
CA ILE QA 103 35.52 -38.07 91.03
C ILE QA 103 35.62 -36.82 90.18
N LEU QA 104 34.66 -35.91 90.32
CA LEU QA 104 34.68 -34.65 89.60
C LEU QA 104 35.75 -33.76 90.23
N GLU QA 105 36.83 -33.52 89.48
CA GLU QA 105 37.96 -32.76 90.02
C GLU QA 105 37.73 -31.26 90.01
N LEU QA 106 36.73 -30.77 89.29
CA LEU QA 106 36.45 -29.33 89.31
C LEU QA 106 35.90 -28.86 90.65
N TYR QA 107 35.52 -29.79 91.53
CA TYR QA 107 34.83 -29.46 92.77
C TYR QA 107 35.56 -30.13 93.94
N PRO QA 108 36.83 -29.78 94.15
CA PRO QA 108 37.62 -30.47 95.18
C PRO QA 108 37.12 -30.12 96.57
N PRO QA 109 37.31 -31.01 97.55
CA PRO QA 109 36.93 -30.68 98.91
C PRO QA 109 37.74 -29.50 99.43
N VAL QA 110 37.11 -28.71 100.30
CA VAL QA 110 37.73 -27.48 100.78
C VAL QA 110 38.76 -27.75 101.87
N ASN QA 111 38.45 -28.65 102.81
CA ASN QA 111 39.30 -28.88 103.97
C ASN QA 111 39.81 -30.32 104.04
N GLY QA 112 40.06 -30.94 102.90
CA GLY QA 112 40.58 -32.29 102.90
C GLY QA 112 41.05 -32.71 101.51
N ILE QA 113 41.46 -33.97 101.42
CA ILE QA 113 41.86 -34.57 100.15
C ILE QA 113 41.21 -35.93 100.04
N VAL QA 114 40.81 -36.29 98.81
CA VAL QA 114 40.14 -37.55 98.54
C VAL QA 114 41.02 -38.39 97.63
N GLU QA 115 40.81 -39.70 97.69
CA GLU QA 115 41.52 -40.65 96.83
C GLU QA 115 40.54 -41.74 96.41
N LEU QA 116 40.53 -42.07 95.14
CA LEU QA 116 39.62 -43.06 94.58
C LEU QA 116 40.38 -44.34 94.31
N GLY QA 117 39.88 -45.45 94.84
CA GLY QA 117 40.47 -46.75 94.64
C GLY QA 117 39.78 -47.55 93.56
N GLU QA 118 39.72 -48.86 93.75
CA GLU QA 118 39.07 -49.75 92.81
C GLU QA 118 37.69 -50.14 93.31
N ASN QA 119 36.76 -50.30 92.38
CA ASN QA 119 35.39 -50.75 92.68
C ASN QA 119 34.71 -49.82 93.68
N GLY QA 120 34.90 -48.51 93.51
CA GLY QA 120 34.19 -47.54 94.31
C GLY QA 120 34.76 -47.27 95.68
N ALA QA 121 35.86 -47.91 96.05
CA ALA QA 121 36.50 -47.61 97.32
C ALA QA 121 37.18 -46.25 97.27
N PHE QA 122 37.07 -45.50 98.37
CA PHE QA 122 37.63 -44.16 98.43
C PHE QA 122 38.09 -43.86 99.85
N THR QA 123 38.96 -42.86 99.96
CA THR QA 123 39.54 -42.46 101.23
C THR QA 123 39.47 -40.93 101.36
N TYR QA 124 39.11 -40.46 102.54
CA TYR QA 124 39.06 -39.04 102.85
C TYR QA 124 40.03 -38.75 103.98
N ARG QA 125 40.83 -37.69 103.83
CA ARG QA 125 41.92 -37.38 104.74
C ARG QA 125 41.78 -35.93 105.20
N PRO QA 126 41.02 -35.69 106.28
CA PRO QA 126 40.79 -34.30 106.70
C PRO QA 126 42.08 -33.62 107.15
N ALA QA 127 42.11 -32.31 106.97
CA ALA QA 127 43.26 -31.52 107.38
C ALA QA 127 43.30 -31.41 108.91
N THR QA 128 44.49 -31.15 109.43
CA THR QA 128 44.69 -31.07 110.87
C THR QA 128 43.90 -29.92 111.46
N SER QA 129 43.29 -30.16 112.63
CA SER QA 129 42.58 -29.15 113.40
C SER QA 129 41.31 -28.67 112.72
N PHE QA 130 40.85 -29.35 111.67
CA PHE QA 130 39.64 -28.95 111.00
C PHE QA 130 38.41 -29.57 111.67
N THR QA 131 37.33 -28.80 111.73
CA THR QA 131 36.08 -29.28 112.30
C THR QA 131 34.93 -28.59 111.57
N GLY QA 132 34.06 -29.39 110.95
CA GLY QA 132 32.94 -28.84 110.21
C GLY QA 132 32.40 -29.77 109.15
N ILE QA 133 31.84 -29.19 108.09
CA ILE QA 133 31.21 -29.95 107.00
C ILE QA 133 32.06 -29.78 105.75
N ASP QA 134 32.28 -30.89 105.05
CA ASP QA 134 33.03 -30.88 103.80
C ASP QA 134 32.29 -31.73 102.78
N ARG QA 135 32.55 -31.45 101.50
CA ARG QA 135 31.81 -32.07 100.41
C ARG QA 135 32.75 -32.48 99.30
N PHE QA 136 32.32 -33.48 98.53
CA PHE QA 136 32.89 -33.73 97.22
C PHE QA 136 31.82 -34.40 96.36
N TRP QA 137 31.96 -34.27 95.06
CA TRP QA 137 30.95 -34.73 94.10
C TRP QA 137 31.52 -35.86 93.26
N PHE QA 138 30.75 -36.94 93.12
CA PHE QA 138 31.18 -38.14 92.44
C PHE QA 138 30.25 -38.44 91.28
N SER QA 139 30.77 -39.16 90.29
CA SER QA 139 30.03 -39.54 89.10
C SER QA 139 30.09 -41.05 88.94
N ILE QA 140 28.92 -41.69 88.84
CA ILE QA 140 28.81 -43.13 88.66
C ILE QA 140 28.15 -43.38 87.31
N ASN QA 141 28.91 -43.92 86.37
CA ASN QA 141 28.36 -44.29 85.06
C ASN QA 141 27.63 -43.13 84.41
N GLY QA 142 28.14 -41.91 84.62
CA GLY QA 142 27.54 -40.73 84.04
C GLY QA 142 26.55 -40.01 84.93
N ASN QA 143 26.20 -40.57 86.08
CA ASN QA 143 25.24 -39.96 87.00
C ASN QA 143 25.99 -39.30 88.14
N VAL QA 144 25.59 -38.08 88.48
CA VAL QA 144 26.27 -37.27 89.49
C VAL QA 144 25.48 -37.29 90.78
N GLY QA 145 26.16 -37.11 91.91
CA GLY QA 145 25.53 -37.09 93.21
C GLY QA 145 26.35 -36.30 94.20
N GLU QA 146 25.79 -36.14 95.39
CA GLU QA 146 26.43 -35.38 96.47
C GLU QA 146 26.79 -36.34 97.60
N PHE QA 147 27.94 -36.10 98.22
CA PHE QA 147 28.39 -36.88 99.37
C PHE QA 147 28.92 -35.90 100.42
N VAL QA 148 28.45 -36.04 101.66
CA VAL QA 148 28.70 -35.07 102.71
C VAL QA 148 29.49 -35.75 103.83
N ILE QA 149 30.47 -35.04 104.38
CA ILE QA 149 31.29 -35.53 105.49
C ILE QA 149 31.31 -34.48 106.58
N ALA QA 150 31.10 -34.91 107.82
CA ALA QA 150 31.16 -34.05 108.99
C ALA QA 150 32.27 -34.55 109.91
N VAL QA 151 33.15 -33.62 110.32
CA VAL QA 151 34.28 -33.95 111.18
C VAL QA 151 33.95 -33.46 112.58
N ASP QA 152 33.80 -34.40 113.51
CA ASP QA 152 33.44 -34.04 114.87
C ASP QA 152 34.64 -33.43 115.60
N PRO QA 153 34.41 -32.55 116.56
CA PRO QA 153 35.52 -31.98 117.33
C PRO QA 153 36.13 -33.01 118.26
N ALA QA 154 37.32 -32.68 118.76
CA ALA QA 154 37.99 -33.56 119.71
C ALA QA 154 37.16 -33.77 120.96
N GLN QA 155 36.59 -32.69 121.49
CA GLN QA 155 35.72 -32.75 122.66
C GLN QA 155 34.46 -31.94 122.39
N GLY QA 156 33.31 -32.49 122.77
CA GLY QA 156 32.05 -31.82 122.58
C GLY QA 156 31.00 -32.71 121.97
N PRO QA 157 29.80 -32.16 121.74
CA PRO QA 157 28.70 -32.97 121.21
C PRO QA 157 28.85 -33.23 119.72
N GLN QA 158 27.97 -34.11 119.22
CA GLN QA 158 27.99 -34.46 117.81
C GLN QA 158 27.48 -33.30 116.95
N ILE QA 159 27.96 -33.26 115.71
CA ILE QA 159 27.52 -32.22 114.78
C ILE QA 159 26.28 -32.69 114.03
N ALA QA 160 25.30 -31.80 113.90
CA ALA QA 160 24.04 -32.14 113.26
C ALA QA 160 24.25 -32.36 111.77
N GLN QA 161 23.44 -33.24 111.20
CA GLN QA 161 23.50 -33.53 109.77
C GLN QA 161 22.85 -32.38 109.00
N PRO QA 162 23.55 -31.76 108.04
CA PRO QA 162 22.96 -30.65 107.30
C PRO QA 162 22.11 -31.15 106.13
N PRO QA 163 21.19 -30.34 105.63
CA PRO QA 163 20.40 -30.76 104.47
C PRO QA 163 21.22 -30.80 103.20
N PHE QA 164 20.76 -31.58 102.24
CA PHE QA 164 21.47 -31.74 100.98
C PHE QA 164 21.30 -30.50 100.11
N THR QA 165 22.14 -30.41 99.08
CA THR QA 165 22.13 -29.24 98.20
C THR QA 165 21.06 -29.39 97.12
N PRO QA 166 20.10 -28.48 97.03
CA PRO QA 166 19.08 -28.60 95.97
C PRO QA 166 19.69 -28.38 94.59
N ALA QA 167 18.91 -28.74 93.56
CA ALA QA 167 19.37 -28.55 92.19
C ALA QA 167 19.60 -27.07 91.90
N VAL QA 168 18.67 -26.21 92.31
CA VAL QA 168 18.82 -24.77 92.21
C VAL QA 168 18.31 -24.14 93.50
N TYR QA 169 19.02 -23.13 93.98
CA TYR QA 169 18.70 -22.54 95.28
C TYR QA 169 19.08 -21.08 95.28
N VAL QA 170 18.48 -20.35 96.22
CA VAL QA 170 18.81 -18.95 96.49
C VAL QA 170 19.24 -18.86 97.95
N PRO QA 171 20.50 -18.53 98.24
CA PRO QA 171 20.94 -18.52 99.65
C PRO QA 171 20.04 -17.63 100.51
N LEU QA 172 19.67 -18.16 101.68
CA LEU QA 172 18.70 -17.46 102.52
C LEU QA 172 19.24 -16.13 103.02
N SER QA 173 20.51 -16.09 103.40
CA SER QA 173 21.07 -14.88 104.01
C SER QA 173 21.29 -13.75 103.02
N ARG QA 174 21.70 -14.07 101.79
CA ARG QA 174 22.21 -13.07 100.86
C ARG QA 174 21.04 -12.44 100.09
N ARG QA 175 20.35 -11.51 100.73
CA ARG QA 175 19.36 -10.67 100.06
C ARG QA 175 19.59 -9.23 100.48
N GLU QA 176 19.25 -8.30 99.58
CA GLU QA 176 19.36 -6.88 99.88
C GLU QA 176 18.46 -6.10 98.94
N VAL QA 177 18.08 -4.90 99.37
CA VAL QA 177 17.31 -3.97 98.56
C VAL QA 177 17.98 -2.61 98.63
N ASN QA 178 18.22 -2.00 97.47
CA ASN QA 178 18.82 -0.68 97.38
C ASN QA 178 17.70 0.36 97.44
N LYS QA 179 17.33 0.73 98.66
CA LYS QA 179 16.18 1.61 98.87
C LYS QA 179 16.38 2.97 98.22
N GLN QA 180 17.63 3.38 97.99
CA GLN QA 180 17.88 4.66 97.33
C GLN QA 180 17.49 4.64 95.87
N THR QA 181 17.40 3.46 95.24
CA THR QA 181 17.01 3.37 93.84
C THR QA 181 15.97 2.29 93.60
N GLN QA 182 15.42 1.69 94.65
CA GLN QA 182 14.33 0.72 94.52
C GLN QA 182 14.73 -0.45 93.61
N ALA QA 183 15.74 -1.21 94.03
CA ALA QA 183 16.18 -2.39 93.31
C ALA QA 183 16.40 -3.53 94.29
N LEU QA 184 16.26 -4.76 93.79
CA LEU QA 184 16.42 -5.96 94.58
C LEU QA 184 17.47 -6.85 93.94
N ARG QA 185 18.41 -7.35 94.75
CA ARG QA 185 19.46 -8.23 94.29
C ARG QA 185 19.49 -9.51 95.11
N PHE QA 186 19.67 -10.63 94.44
CA PHE QA 186 19.80 -11.93 95.10
C PHE QA 186 20.75 -12.80 94.29
N VAL QA 187 21.13 -13.93 94.88
CA VAL QA 187 22.12 -14.83 94.32
C VAL QA 187 21.43 -16.12 93.91
N LEU QA 188 21.68 -16.56 92.68
CA LEU QA 188 21.10 -17.79 92.14
C LEU QA 188 22.23 -18.79 91.90
N GLY QA 189 22.15 -19.94 92.56
CA GLY QA 189 23.19 -20.96 92.49
C GLY QA 189 22.63 -22.26 91.93
N VAL QA 190 23.44 -22.95 91.15
CA VAL QA 190 23.08 -24.21 90.52
C VAL QA 190 24.08 -25.27 90.97
N SER QA 191 23.55 -26.37 91.50
CA SER QA 191 24.42 -27.45 91.94
C SER QA 191 24.97 -28.21 90.74
N PRO QA 192 26.12 -28.88 90.89
CA PRO QA 192 26.65 -29.66 89.77
C PRO QA 192 25.75 -30.81 89.35
N ALA QA 193 24.84 -31.25 90.20
CA ALA QA 193 24.00 -32.40 89.91
C ALA QA 193 22.80 -32.08 89.01
N ALA QA 194 22.52 -30.80 88.77
CA ALA QA 194 21.41 -30.45 87.90
C ALA QA 194 21.63 -31.03 86.51
N LYS QA 195 20.57 -31.54 85.91
CA LYS QA 195 20.65 -32.19 84.62
C LYS QA 195 20.20 -31.24 83.52
N PRO QA 196 20.89 -31.18 82.38
CA PRO QA 196 20.46 -30.28 81.31
C PRO QA 196 19.06 -30.61 80.81
N ALA QA 197 18.40 -29.60 80.25
CA ALA QA 197 17.05 -29.66 79.68
C ALA QA 197 15.95 -29.60 80.73
N ASP QA 198 16.28 -29.56 82.01
CA ASP QA 198 15.27 -29.41 83.03
C ASP QA 198 14.92 -27.93 83.21
N ILE QA 199 13.73 -27.69 83.75
CA ILE QA 199 13.19 -26.33 83.90
C ILE QA 199 12.63 -26.18 85.29
N TYR QA 200 12.90 -25.03 85.92
CA TYR QA 200 12.39 -24.70 87.24
C TYR QA 200 11.75 -23.31 87.20
N ARG QA 201 10.79 -23.08 88.08
CA ARG QA 201 10.06 -21.83 88.15
C ARG QA 201 10.27 -21.18 89.51
N LEU QA 202 10.51 -19.86 89.50
CA LEU QA 202 10.77 -19.09 90.71
C LEU QA 202 9.70 -18.03 90.84
N ASN QA 203 9.10 -17.92 92.03
CA ASN QA 203 8.08 -16.93 92.32
C ASN QA 203 8.58 -15.96 93.38
N ILE QA 204 8.33 -14.68 93.19
CA ILE QA 204 8.78 -13.63 94.11
C ILE QA 204 7.60 -12.72 94.42
N ARG QA 205 7.34 -12.53 95.72
CA ARG QA 205 6.39 -11.53 96.18
C ARG QA 205 7.14 -10.47 96.97
N GLN QA 206 6.96 -9.21 96.58
CA GLN QA 206 7.66 -8.09 97.19
C GLN QA 206 6.64 -7.14 97.79
N ALA QA 207 7.05 -6.46 98.87
CA ALA QA 207 6.18 -5.59 99.63
C ALA QA 207 6.64 -4.15 99.54
N ALA QA 208 5.68 -3.22 99.58
CA ALA QA 208 5.97 -1.80 99.61
C ALA QA 208 4.96 -1.12 100.54
N ILE QA 209 5.35 0.03 101.08
CA ILE QA 209 4.55 0.73 102.07
C ILE QA 209 4.29 2.15 101.58
N ASP QA 210 3.03 2.58 101.65
CA ASP QA 210 2.66 3.91 101.18
C ASP QA 210 3.14 4.98 102.14
N CYS QA 211 2.81 6.24 101.81
CA CYS QA 211 3.13 7.36 102.69
C CYS QA 211 2.40 7.26 104.02
N GLU QA 212 1.24 6.65 104.05
CA GLU QA 212 0.44 6.53 105.27
C GLU QA 212 0.87 5.38 106.15
N GLY QA 213 1.84 4.59 105.73
CA GLY QA 213 2.31 3.47 106.52
C GLY QA 213 1.49 2.21 106.37
N ASN QA 214 1.09 1.86 105.15
CA ASN QA 214 0.31 0.66 104.91
C ASN QA 214 0.84 -0.03 103.65
N GLU QA 215 0.63 -1.34 103.57
CA GLU QA 215 1.40 -2.19 102.69
C GLU QA 215 0.77 -2.34 101.31
N TYR QA 216 1.63 -2.59 100.32
CA TYR QA 216 1.23 -3.07 99.02
C TYR QA 216 2.06 -4.32 98.70
N PHE QA 217 1.67 -5.03 97.64
CA PHE QA 217 2.36 -6.25 97.26
C PHE QA 217 2.43 -6.37 95.75
N HIS QA 218 3.46 -7.08 95.28
CA HIS QA 218 3.70 -7.30 93.85
C HIS QA 218 4.24 -8.70 93.66
N ILE QA 219 3.73 -9.40 92.64
CA ILE QA 219 4.08 -10.78 92.37
C ILE QA 219 4.65 -10.88 90.97
N SER QA 220 5.71 -11.68 90.82
CA SER QA 220 6.33 -11.93 89.53
C SER QA 220 6.95 -13.32 89.56
N CYS QA 221 7.25 -13.85 88.37
CA CYS QA 221 7.79 -15.20 88.26
C CYS QA 221 8.84 -15.24 87.17
N TYR QA 222 9.76 -16.18 87.29
CA TYR QA 222 10.84 -16.39 86.33
C TYR QA 222 11.01 -17.87 86.05
N ASP QA 223 11.41 -18.20 84.83
CA ASP QA 223 11.66 -19.57 84.42
C ASP QA 223 13.17 -19.78 84.28
N ILE QA 224 13.68 -20.85 84.88
CA ILE QA 224 15.09 -21.18 84.85
C ILE QA 224 15.25 -22.50 84.12
N SER QA 225 16.02 -22.50 83.03
CA SER QA 225 16.26 -23.69 82.23
C SER QA 225 17.74 -24.01 82.22
N ILE QA 226 18.08 -25.27 82.52
CA ILE QA 226 19.48 -25.67 82.58
C ILE QA 226 20.02 -25.84 81.17
N GLY QA 227 21.19 -25.28 80.91
CA GLY QA 227 21.82 -25.37 79.61
C GLY QA 227 23.23 -25.90 79.66
N SER QA 228 24.03 -25.61 78.65
CA SER QA 228 25.41 -26.06 78.58
C SER QA 228 26.15 -25.19 77.58
N CYS QA 229 27.38 -25.60 77.23
CA CYS QA 229 28.19 -24.87 76.27
C CYS QA 229 28.85 -25.87 75.32
N GLY QA 230 29.22 -25.38 74.15
CA GLY QA 230 29.86 -26.22 73.14
C GLY QA 230 30.75 -25.43 72.22
N CYS RA 23 5.67 -43.63 56.04
CA CYS RA 23 6.93 -44.36 56.17
C CYS RA 23 8.00 -43.77 55.27
N GLU RA 24 8.79 -42.85 55.81
CA GLU RA 24 9.93 -42.33 55.08
C GLU RA 24 10.96 -43.44 54.87
N SER RA 25 11.71 -43.33 53.78
CA SER RA 25 12.62 -44.37 53.35
C SER RA 25 14.05 -43.98 53.67
N ILE RA 26 14.77 -44.89 54.33
CA ILE RA 26 16.18 -44.71 54.65
C ILE RA 26 16.96 -45.89 54.09
N SER RA 27 18.10 -45.60 53.47
CA SER RA 27 18.97 -46.62 52.89
C SER RA 27 20.29 -46.62 53.65
N ALA RA 28 20.72 -47.80 54.09
CA ALA RA 28 21.93 -47.93 54.88
C ALA RA 28 22.81 -49.03 54.30
N ARG RA 29 24.12 -48.88 54.46
CA ARG RA 29 25.11 -49.83 54.00
C ARG RA 29 25.69 -50.60 55.17
N PRO RA 30 26.06 -51.88 55.02
CA PRO RA 30 26.67 -52.60 56.14
C PRO RA 30 27.98 -51.95 56.57
N GLY RA 31 28.20 -51.91 57.88
CA GLY RA 31 29.41 -51.34 58.44
C GLY RA 31 29.43 -49.83 58.53
N GLU RA 32 28.28 -49.17 58.39
CA GLU RA 32 28.22 -47.72 58.35
C GLU RA 32 27.61 -47.16 59.64
N VAL RA 33 27.95 -45.92 59.93
CA VAL RA 33 27.34 -45.14 61.00
C VAL RA 33 27.15 -43.73 60.46
N ASN RA 34 25.89 -43.31 60.30
CA ASN RA 34 25.57 -42.15 59.48
C ASN RA 34 24.98 -40.97 60.23
N GLY RA 35 24.04 -41.17 61.14
CA GLY RA 35 23.41 -40.05 61.81
C GLY RA 35 22.19 -39.54 61.08
N VAL RA 36 21.18 -39.09 61.82
CA VAL RA 36 19.91 -38.66 61.27
C VAL RA 36 19.38 -37.49 62.07
N MET RA 37 18.65 -36.60 61.40
CA MET RA 37 18.05 -35.43 62.03
C MET RA 37 16.64 -35.24 61.50
N VAL RA 38 15.71 -34.91 62.39
CA VAL RA 38 14.33 -34.61 62.04
C VAL RA 38 13.92 -33.30 62.69
N SER RA 39 12.99 -32.58 62.06
CA SER RA 39 12.59 -31.25 62.49
C SER RA 39 11.14 -31.29 62.94
N TYR RA 40 10.87 -30.73 64.11
CA TYR RA 40 9.53 -30.72 64.70
C TYR RA 40 8.91 -29.33 64.75
N VAL RA 41 9.51 -28.33 64.10
CA VAL RA 41 9.00 -26.97 64.21
C VAL RA 41 7.58 -26.89 63.67
N ALA RA 42 7.28 -27.63 62.60
CA ALA RA 42 5.96 -27.55 62.00
C ALA RA 42 4.86 -28.06 62.92
N TRP RA 43 5.21 -28.80 63.97
CA TRP RA 43 4.23 -29.38 64.88
C TRP RA 43 4.29 -28.78 66.27
N SER RA 44 5.47 -28.36 66.73
CA SER RA 44 5.61 -27.93 68.12
C SER RA 44 5.44 -26.42 68.27
N ALA RA 45 5.75 -25.66 67.23
CA ALA RA 45 5.71 -24.20 67.34
C ALA RA 45 4.31 -23.68 67.69
N PRO RA 46 3.25 -24.05 66.97
CA PRO RA 46 1.93 -23.48 67.29
C PRO RA 46 1.37 -23.91 68.64
N LEU RA 47 1.91 -24.96 69.26
CA LEU RA 47 1.41 -25.39 70.55
C LEU RA 47 1.79 -24.44 71.67
N GLY RA 48 2.69 -23.49 71.41
CA GLY RA 48 3.21 -22.68 72.50
C GLY RA 48 4.04 -23.53 73.44
N GLY RA 49 3.99 -23.19 74.72
CA GLY RA 49 4.68 -24.00 75.71
C GLY RA 49 6.18 -23.89 75.59
N HIS RA 50 6.86 -24.94 76.04
CA HIS RA 50 8.32 -24.97 76.11
C HIS RA 50 8.96 -25.85 75.05
N GLY RA 51 8.17 -26.40 74.13
CA GLY RA 51 8.74 -27.18 73.05
C GLY RA 51 9.06 -28.60 73.45
N LEU RA 52 10.11 -29.15 72.84
CA LEU RA 52 10.48 -30.54 73.06
C LEU RA 52 11.01 -30.75 74.48
N THR RA 53 10.97 -32.01 74.92
CA THR RA 53 11.27 -32.35 76.31
C THR RA 53 12.47 -33.28 76.47
N ASN RA 54 12.96 -33.89 75.39
CA ASN RA 54 14.05 -34.85 75.46
C ASN RA 54 13.61 -36.11 76.21
N LYS RA 55 12.50 -36.69 75.78
CA LYS RA 55 11.95 -37.92 76.33
C LYS RA 55 11.53 -38.86 75.22
N THR RA 56 12.40 -39.05 74.23
CA THR RA 56 12.06 -39.88 73.07
C THR RA 56 12.10 -41.36 73.44
N THR RA 57 11.45 -42.17 72.60
CA THR RA 57 11.45 -43.61 72.75
C THR RA 57 11.54 -44.26 71.38
N PHE RA 58 12.31 -45.34 71.28
CA PHE RA 58 12.58 -46.00 70.01
C PHE RA 58 12.21 -47.47 70.10
N GLU RA 59 11.76 -48.03 68.98
CA GLU RA 59 11.46 -49.45 68.88
C GLU RA 59 11.79 -49.92 67.47
N PHE RA 60 12.26 -51.17 67.36
CA PHE RA 60 12.62 -51.77 66.08
C PHE RA 60 11.73 -52.97 65.82
N GLU RA 61 11.27 -53.10 64.57
CA GLU RA 61 10.44 -54.22 64.14
C GLU RA 61 10.97 -54.77 62.84
N ASN RA 62 10.70 -56.05 62.59
CA ASN RA 62 11.16 -56.71 61.38
C ASN RA 62 10.03 -56.79 60.36
N VAL RA 63 10.37 -56.55 59.10
CA VAL RA 63 9.46 -56.82 57.99
C VAL RA 63 10.02 -57.78 56.97
N SER RA 64 11.35 -57.86 56.80
CA SER RA 64 11.96 -58.87 55.94
C SER RA 64 13.37 -59.10 56.46
N VAL RA 65 13.56 -60.21 57.17
CA VAL RA 65 14.84 -60.56 57.76
C VAL RA 65 15.15 -62.01 57.43
N THR RA 66 16.40 -62.28 57.05
CA THR RA 66 16.87 -63.61 56.73
C THR RA 66 17.74 -64.11 57.87
N GLU RA 67 17.39 -65.28 58.42
CA GLU RA 67 18.14 -65.80 59.55
C GLU RA 67 19.58 -66.09 59.14
N PRO RA 68 20.55 -65.83 60.02
CA PRO RA 68 21.95 -66.06 59.66
C PRO RA 68 22.24 -67.54 59.51
N LEU RA 69 23.19 -67.86 58.62
CA LEU RA 69 23.62 -69.24 58.42
C LEU RA 69 24.86 -69.59 59.24
N VAL RA 70 25.36 -68.68 60.06
CA VAL RA 70 26.50 -68.93 60.93
C VAL RA 70 26.17 -68.43 62.32
N ASN RA 71 26.88 -68.95 63.30
CA ASN RA 71 26.62 -68.65 64.70
C ASN RA 71 27.80 -67.90 65.30
N SER RA 72 27.51 -66.85 66.07
CA SER RA 72 28.55 -66.15 66.80
C SER RA 72 29.00 -66.99 68.00
N ALA RA 73 30.15 -66.62 68.55
CA ALA RA 73 30.71 -67.35 69.67
C ALA RA 73 31.42 -66.39 70.61
N PHE RA 74 31.59 -66.82 71.86
CA PHE RA 74 32.24 -66.03 72.89
C PHE RA 74 33.18 -66.91 73.68
N GLU RA 75 34.34 -66.36 74.06
CA GLU RA 75 35.36 -67.12 74.74
C GLU RA 75 36.10 -66.21 75.72
N ARG RA 76 36.82 -66.83 76.65
CA ARG RA 76 37.54 -66.14 77.70
C ARG RA 76 38.99 -66.58 77.71
N THR RA 77 39.89 -65.64 78.01
CA THR RA 77 41.31 -65.92 78.02
C THR RA 77 41.96 -65.30 79.24
N PRO RA 78 42.99 -65.95 79.82
CA PRO RA 78 43.66 -65.35 80.98
C PRO RA 78 44.51 -64.15 80.57
N PHE RA 79 45.01 -63.44 81.59
CA PHE RA 79 45.82 -62.26 81.36
C PHE RA 79 47.06 -62.61 80.56
N ASN RA 80 47.34 -61.79 79.53
CA ASN RA 80 48.55 -61.92 78.71
C ASN RA 80 48.76 -63.34 78.20
N THR RA 81 47.67 -64.06 77.92
CA THR RA 81 47.72 -65.44 77.46
C THR RA 81 47.21 -65.53 76.03
N THR RA 82 47.97 -66.22 75.18
CA THR RA 82 47.54 -66.40 73.80
C THR RA 82 46.33 -67.33 73.75
N LEU RA 83 45.50 -67.13 72.74
CA LEU RA 83 44.26 -67.90 72.56
C LEU RA 83 44.29 -68.59 71.21
N ALA RA 84 43.67 -69.78 71.15
CA ALA RA 84 43.56 -70.55 69.93
C ALA RA 84 42.14 -71.07 69.80
N GLY RA 85 41.73 -71.32 68.56
CA GLY RA 85 40.39 -71.81 68.31
C GLY RA 85 40.21 -72.19 66.86
N SER RA 86 38.99 -72.62 66.54
CA SER RA 86 38.65 -73.05 65.19
C SER RA 86 37.27 -72.50 64.81
N LEU RA 87 37.15 -72.08 63.56
CA LEU RA 87 35.89 -71.52 63.06
C LEU RA 87 34.99 -72.60 62.47
N ALA RA 88 35.47 -73.82 62.32
CA ALA RA 88 34.69 -74.85 61.62
C ALA RA 88 33.43 -75.22 62.37
N ALA RA 89 33.43 -75.11 63.70
CA ALA RA 89 32.28 -75.51 64.49
C ALA RA 89 31.13 -74.53 64.41
N LEU RA 90 31.32 -73.37 63.77
CA LEU RA 90 30.31 -72.32 63.75
C LEU RA 90 29.53 -72.27 62.44
N PHE RA 91 29.61 -73.31 61.61
CA PHE RA 91 28.94 -73.35 60.31
C PHE RA 91 28.11 -74.63 60.24
N PRO RA 92 26.95 -74.66 60.91
CA PRO RA 92 26.11 -75.86 60.93
C PRO RA 92 25.37 -76.09 59.61
N ASN RA 93 26.14 -76.36 58.57
CA ASN RA 93 25.53 -76.63 57.27
C ASN RA 93 24.90 -78.02 57.27
N PRO RA 94 23.61 -78.14 56.96
CA PRO RA 94 23.00 -79.48 56.90
C PRO RA 94 23.52 -80.33 55.76
N GLU RA 95 24.13 -79.73 54.74
CA GLU RA 95 24.63 -80.46 53.59
C GLU RA 95 26.10 -80.81 53.79
N GLY RA 96 26.70 -81.38 52.74
CA GLY RA 96 28.14 -81.60 52.69
C GLY RA 96 28.72 -80.89 51.49
N GLU RA 97 29.52 -79.85 51.76
CA GLU RA 97 30.03 -78.99 50.71
C GLU RA 97 31.37 -78.41 51.14
N ALA RA 98 32.14 -77.97 50.15
CA ALA RA 98 33.44 -77.37 50.41
C ALA RA 98 33.26 -76.04 51.15
N VAL RA 99 34.24 -75.73 52.01
CA VAL RA 99 34.21 -74.52 52.81
C VAL RA 99 35.56 -73.82 52.70
N GLU RA 100 35.52 -72.50 52.94
CA GLU RA 100 36.73 -71.70 53.02
C GLU RA 100 36.45 -70.52 53.94
N TYR RA 101 37.50 -70.06 54.62
CA TYR RA 101 37.37 -69.08 55.68
C TYR RA 101 38.10 -67.80 55.30
N GLU RA 102 37.69 -66.70 55.93
CA GLU RA 102 38.28 -65.39 55.67
C GLU RA 102 38.12 -64.52 56.90
N ILE RA 103 38.97 -63.50 56.99
CA ILE RA 103 38.92 -62.50 58.05
C ILE RA 103 38.74 -61.14 57.40
N LEU RA 104 37.68 -60.42 57.80
CA LEU RA 104 37.41 -59.11 57.23
C LEU RA 104 38.42 -58.12 57.82
N GLU RA 105 39.34 -57.65 56.97
CA GLU RA 105 40.39 -56.76 57.43
C GLU RA 105 39.94 -55.31 57.53
N LEU RA 106 38.76 -54.97 57.03
CA LEU RA 106 38.24 -53.61 57.23
C LEU RA 106 37.88 -53.36 58.68
N TYR RA 107 37.75 -54.42 59.49
CA TYR RA 107 37.28 -54.33 60.87
C TYR RA 107 38.27 -55.03 61.79
N PRO RA 108 39.50 -54.53 61.89
CA PRO RA 108 40.51 -55.20 62.69
C PRO RA 108 40.22 -55.05 64.17
N PRO RA 109 40.72 -55.96 65.02
CA PRO RA 109 40.57 -55.78 66.46
C PRO RA 109 41.33 -54.55 66.94
N VAL RA 110 40.83 -53.95 68.02
CA VAL RA 110 41.39 -52.71 68.50
C VAL RA 110 42.53 -52.94 69.49
N ASN RA 111 42.57 -54.09 70.16
CA ASN RA 111 43.57 -54.36 71.19
C ASN RA 111 44.21 -55.74 71.03
N GLY RA 112 44.45 -56.18 69.81
CA GLY RA 112 45.06 -57.46 69.59
C GLY RA 112 45.37 -57.69 68.13
N ILE RA 113 45.88 -58.89 67.83
CA ILE RA 113 46.19 -59.29 66.47
C ILE RA 113 45.70 -60.71 66.26
N VAL RA 114 45.16 -60.98 65.07
CA VAL RA 114 44.64 -62.28 64.71
C VAL RA 114 45.40 -62.81 63.50
N GLU RA 115 45.42 -64.13 63.37
CA GLU RA 115 46.14 -64.79 62.27
C GLU RA 115 45.35 -66.02 61.88
N LEU RA 116 44.75 -66.00 60.69
CA LEU RA 116 43.97 -67.12 60.21
C LEU RA 116 44.87 -68.33 59.97
N GLY RA 117 44.43 -69.49 60.42
CA GLY RA 117 45.21 -70.71 60.37
C GLY RA 117 44.74 -71.67 59.30
N GLU RA 118 45.06 -72.94 59.50
CA GLU RA 118 44.72 -73.96 58.52
C GLU RA 118 43.35 -74.54 58.79
N ASN RA 119 42.50 -74.55 57.76
CA ASN RA 119 41.17 -75.15 57.82
C ASN RA 119 40.41 -74.69 59.06
N GLY RA 120 40.21 -73.37 59.15
CA GLY RA 120 39.40 -72.79 60.18
C GLY RA 120 40.13 -72.46 61.47
N ALA RA 121 41.39 -72.85 61.61
CA ALA RA 121 42.14 -72.52 62.81
C ALA RA 121 42.54 -71.06 62.80
N PHE RA 122 42.74 -70.51 64.00
CA PHE RA 122 43.16 -69.11 64.14
C PHE RA 122 43.82 -68.94 65.50
N THR RA 123 44.54 -67.83 65.65
CA THR RA 123 45.25 -67.50 66.87
C THR RA 123 45.10 -66.03 67.17
N TYR RA 124 44.76 -65.71 68.42
CA TYR RA 124 44.57 -64.34 68.87
C TYR RA 124 45.64 -64.03 69.91
N ARG RA 125 46.40 -62.95 69.68
CA ARG RA 125 47.52 -62.57 70.53
C ARG RA 125 47.24 -61.22 71.16
N PRO RA 126 46.72 -61.17 72.38
CA PRO RA 126 46.37 -59.88 72.97
C PRO RA 126 47.60 -59.04 73.26
N ALA RA 127 47.42 -57.72 73.19
CA ALA RA 127 48.50 -56.81 73.53
C ALA RA 127 48.81 -56.90 75.03
N THR RA 128 50.07 -56.64 75.37
CA THR RA 128 50.51 -56.76 76.75
C THR RA 128 49.75 -55.81 77.65
N SER RA 129 49.35 -56.30 78.82
CA SER RA 129 48.70 -55.53 79.87
C SER RA 129 47.26 -55.16 79.55
N PHE RA 130 46.70 -55.68 78.45
CA PHE RA 130 45.33 -55.34 78.10
C PHE RA 130 44.34 -56.18 78.90
N THR RA 131 43.17 -55.58 79.16
CA THR RA 131 42.07 -56.28 79.81
C THR RA 131 40.77 -55.63 79.39
N GLY RA 132 39.80 -56.42 78.96
CA GLY RA 132 38.54 -55.90 78.49
C GLY RA 132 37.93 -56.82 77.46
N ILE RA 133 37.19 -56.22 76.54
CA ILE RA 133 36.47 -56.94 75.49
C ILE RA 133 37.05 -56.54 74.13
N ASP RA 134 37.05 -57.47 73.19
CA ASP RA 134 37.55 -57.23 71.85
C ASP RA 134 36.76 -58.09 70.87
N ARG RA 135 36.80 -57.70 69.59
CA ARG RA 135 35.98 -58.34 68.58
C ARG RA 135 36.77 -58.50 67.29
N PHE RA 136 36.34 -59.45 66.46
CA PHE RA 136 36.75 -59.49 65.06
C PHE RA 136 35.67 -60.26 64.30
N TRP RA 137 35.46 -59.85 63.05
CA TRP RA 137 34.37 -60.36 62.22
C TRP RA 137 34.94 -61.32 61.18
N PHE RA 138 34.41 -62.54 61.14
CA PHE RA 138 34.89 -63.58 60.25
C PHE RA 138 33.83 -63.91 59.21
N SER RA 139 34.27 -64.50 58.11
CA SER RA 139 33.40 -64.89 57.01
C SER RA 139 33.64 -66.35 56.66
N ILE RA 140 32.55 -67.11 56.53
CA ILE RA 140 32.61 -68.53 56.19
C ILE RA 140 31.78 -68.73 54.93
N ASN RA 141 32.44 -69.11 53.84
CA ASN RA 141 31.74 -69.48 52.60
C ASN RA 141 30.80 -68.38 52.14
N GLY RA 142 31.16 -67.12 52.39
CA GLY RA 142 30.37 -65.98 51.99
C GLY RA 142 29.50 -65.39 53.06
N ASN RA 143 29.20 -66.14 54.12
CA ASN RA 143 28.41 -65.61 55.22
C ASN RA 143 29.30 -64.83 56.18
N VAL RA 144 28.66 -64.13 57.12
CA VAL RA 144 29.34 -63.27 58.07
C VAL RA 144 28.87 -63.58 59.48
N GLY RA 145 29.77 -63.47 60.45
CA GLY RA 145 29.44 -63.71 61.84
C GLY RA 145 30.36 -62.91 62.73
N GLU RA 146 30.12 -63.03 64.04
CA GLU RA 146 30.88 -62.29 65.04
C GLU RA 146 31.57 -63.26 65.98
N PHE RA 147 32.76 -62.89 66.44
CA PHE RA 147 33.51 -63.65 67.43
C PHE RA 147 34.05 -62.67 68.47
N VAL RA 148 33.77 -62.95 69.75
CA VAL RA 148 34.09 -62.04 70.84
C VAL RA 148 35.08 -62.73 71.77
N ILE RA 149 36.13 -62.01 72.16
CA ILE RA 149 37.16 -62.52 73.06
C ILE RA 149 37.24 -61.60 74.27
N ALA RA 150 37.25 -62.18 75.46
CA ALA RA 150 37.34 -61.43 76.71
C ALA RA 150 38.70 -61.70 77.36
N VAL RA 151 39.34 -60.64 77.85
CA VAL RA 151 40.58 -60.75 78.58
C VAL RA 151 40.30 -60.36 80.02
N ASP RA 152 40.34 -61.34 80.91
CA ASP RA 152 39.97 -61.11 82.30
C ASP RA 152 41.14 -60.49 83.08
N PRO RA 153 40.84 -59.76 84.15
CA PRO RA 153 41.92 -59.18 84.95
C PRO RA 153 42.72 -60.25 85.67
N ALA RA 154 43.98 -59.92 85.97
CA ALA RA 154 44.87 -60.89 86.59
C ALA RA 154 44.53 -61.13 88.06
N GLN RA 155 44.10 -60.08 88.77
CA GLN RA 155 43.93 -60.14 90.21
C GLN RA 155 42.57 -59.55 90.62
N GLY RA 156 41.52 -59.96 89.94
CA GLY RA 156 40.19 -59.49 90.24
C GLY RA 156 39.10 -60.39 89.68
N PRO RA 157 37.85 -60.05 89.96
CA PRO RA 157 36.74 -60.86 89.45
C PRO RA 157 36.64 -60.80 87.94
N GLN RA 158 36.11 -61.88 87.37
CA GLN RA 158 35.97 -61.98 85.93
C GLN RA 158 34.98 -60.94 85.41
N ILE RA 159 35.14 -60.59 84.13
CA ILE RA 159 34.29 -59.60 83.49
C ILE RA 159 33.11 -60.29 82.83
N ALA RA 160 31.93 -59.69 82.96
CA ALA RA 160 30.70 -60.32 82.49
C ALA RA 160 30.64 -60.37 80.97
N GLN RA 161 29.94 -61.37 80.46
CA GLN RA 161 29.77 -61.52 79.02
C GLN RA 161 28.94 -60.38 78.46
N PRO RA 162 29.38 -59.72 77.39
CA PRO RA 162 28.56 -58.66 76.79
C PRO RA 162 27.62 -59.22 75.75
N PRO RA 163 26.57 -58.49 75.41
CA PRO RA 163 25.66 -58.97 74.35
C PRO RA 163 26.24 -58.72 72.96
N PHE RA 164 25.77 -59.54 72.02
CA PHE RA 164 26.20 -59.38 70.63
C PHE RA 164 25.57 -58.15 70.01
N THR RA 165 26.26 -57.58 69.02
CA THR RA 165 25.78 -56.37 68.38
C THR RA 165 24.65 -56.69 67.40
N PRO RA 166 23.47 -56.09 67.54
CA PRO RA 166 22.37 -56.39 66.61
C PRO RA 166 22.71 -55.98 65.19
N ALA RA 167 21.80 -56.32 64.27
CA ALA RA 167 21.99 -55.95 62.88
C ALA RA 167 21.99 -54.43 62.71
N VAL RA 168 20.99 -53.76 63.30
CA VAL RA 168 20.92 -52.31 63.32
C VAL RA 168 20.57 -51.87 64.74
N TYR RA 169 21.24 -50.82 65.20
CA TYR RA 169 21.06 -50.36 66.56
C TYR RA 169 21.15 -48.84 66.61
N VAL RA 170 20.59 -48.26 67.65
CA VAL RA 170 20.63 -46.82 67.88
C VAL RA 170 21.25 -46.56 69.25
N PRO RA 171 22.53 -46.22 69.34
CA PRO RA 171 23.12 -45.90 70.65
C PRO RA 171 22.32 -44.83 71.38
N LEU RA 172 21.77 -45.18 72.54
CA LEU RA 172 20.83 -44.32 73.22
C LEU RA 172 21.50 -43.20 74.01
N SER RA 173 22.81 -43.26 74.23
CA SER RA 173 23.52 -42.19 74.90
C SER RA 173 23.92 -41.06 73.95
N ARG RA 174 23.92 -41.32 72.65
CA ARG RA 174 24.26 -40.31 71.65
C ARG RA 174 22.97 -39.74 71.06
N ARG RA 175 22.34 -38.87 71.84
CA ARG RA 175 21.00 -38.38 71.52
C ARG RA 175 20.83 -37.01 72.14
N GLU RA 176 20.26 -36.07 71.38
CA GLU RA 176 20.10 -34.71 71.86
C GLU RA 176 18.99 -34.01 71.09
N VAL RA 177 18.45 -32.96 71.69
CA VAL RA 177 17.42 -32.13 71.08
C VAL RA 177 17.85 -30.67 71.19
N ASN RA 178 17.71 -29.93 70.10
CA ASN RA 178 18.10 -28.53 70.05
C ASN RA 178 16.85 -27.68 70.24
N LYS RA 179 16.75 -27.03 71.40
CA LYS RA 179 15.60 -26.18 71.68
C LYS RA 179 15.57 -24.90 70.86
N GLN RA 180 16.70 -24.49 70.29
CA GLN RA 180 16.70 -23.30 69.44
C GLN RA 180 15.89 -23.52 68.18
N THR RA 181 15.91 -24.75 67.64
CA THR RA 181 15.18 -25.03 66.41
C THR RA 181 14.30 -26.26 66.49
N GLN RA 182 14.08 -26.83 67.68
CA GLN RA 182 13.17 -27.96 67.83
C GLN RA 182 13.53 -29.12 66.90
N ALA RA 183 14.82 -29.43 66.84
CA ALA RA 183 15.33 -30.49 65.99
C ALA RA 183 15.93 -31.60 66.84
N LEU RA 184 15.67 -32.85 66.45
CA LEU RA 184 16.16 -34.02 67.14
C LEU RA 184 17.24 -34.69 66.32
N ARG RA 185 18.28 -35.18 66.98
CA ARG RA 185 19.38 -35.88 66.34
C ARG RA 185 19.66 -37.19 67.04
N PHE RA 186 19.91 -38.24 66.25
CA PHE RA 186 20.34 -39.53 66.77
C PHE RA 186 21.27 -40.16 65.74
N VAL RA 187 21.97 -41.20 66.16
CA VAL RA 187 23.00 -41.84 65.34
C VAL RA 187 22.52 -43.25 65.01
N LEU RA 188 22.32 -43.50 63.73
CA LEU RA 188 21.97 -44.85 63.27
C LEU RA 188 23.23 -45.59 62.86
N GLY RA 189 23.29 -46.87 63.18
CA GLY RA 189 24.45 -47.68 62.86
C GLY RA 189 24.03 -49.06 62.39
N VAL RA 190 24.85 -49.64 61.51
CA VAL RA 190 24.57 -50.93 60.91
C VAL RA 190 25.78 -51.84 61.12
N SER RA 191 25.52 -53.06 61.58
CA SER RA 191 26.60 -54.00 61.80
C SER RA 191 27.09 -54.58 60.47
N PRO RA 192 28.33 -55.08 60.42
CA PRO RA 192 28.82 -55.70 59.19
C PRO RA 192 28.02 -56.91 58.76
N ALA RA 193 27.31 -57.53 59.70
CA ALA RA 193 26.62 -58.78 59.43
C ALA RA 193 25.27 -58.60 58.75
N ALA RA 194 24.77 -57.37 58.63
CA ALA RA 194 23.48 -57.15 58.01
C ALA RA 194 23.49 -57.66 56.57
N LYS RA 195 22.47 -58.43 56.21
CA LYS RA 195 22.40 -58.99 54.86
C LYS RA 195 21.75 -57.99 53.91
N PRO RA 196 22.34 -57.73 52.74
CA PRO RA 196 21.71 -56.77 51.82
C PRO RA 196 20.33 -57.24 51.38
N ALA RA 197 19.48 -56.26 51.08
CA ALA RA 197 18.08 -56.44 50.68
C ALA RA 197 17.14 -56.65 51.87
N ASP RA 198 17.66 -56.70 53.09
CA ASP RA 198 16.79 -56.81 54.26
C ASP RA 198 16.14 -55.46 54.56
N ILE RA 199 15.08 -55.50 55.37
CA ILE RA 199 14.32 -54.31 55.70
C ILE RA 199 13.95 -54.36 57.18
N TYR RA 200 14.08 -53.22 57.86
CA TYR RA 200 13.65 -53.05 59.24
C TYR RA 200 12.79 -51.79 59.35
N ARG RA 201 12.04 -51.69 60.44
CA ARG RA 201 11.16 -50.55 60.68
C ARG RA 201 11.50 -49.94 62.04
N LEU RA 202 11.62 -48.61 62.07
CA LEU RA 202 11.97 -47.87 63.27
C LEU RA 202 10.79 -46.98 63.65
N ASN RA 203 10.41 -47.03 64.93
CA ASN RA 203 9.33 -46.21 65.46
C ASN RA 203 9.88 -45.21 66.47
N ILE RA 204 9.42 -43.97 66.39
CA ILE RA 204 9.87 -42.89 67.26
C ILE RA 204 8.65 -42.24 67.89
N ARG RA 205 8.70 -42.07 69.21
CA ARG RA 205 7.71 -41.30 69.95
C ARG RA 205 8.41 -40.14 70.65
N GLN RA 206 7.94 -38.92 70.39
CA GLN RA 206 8.57 -37.72 70.92
C GLN RA 206 7.54 -36.95 71.74
N ALA RA 207 8.01 -36.32 72.82
CA ALA RA 207 7.15 -35.64 73.77
C ALA RA 207 7.47 -34.15 73.81
N ALA RA 208 6.42 -33.34 73.95
CA ALA RA 208 6.55 -31.91 74.12
C ALA RA 208 5.63 -31.49 75.26
N ILE RA 209 5.97 -30.36 75.89
CA ILE RA 209 5.28 -29.91 77.09
C ILE RA 209 4.69 -28.53 76.84
N ASP RA 210 3.51 -28.28 77.42
CA ASP RA 210 2.94 -26.96 77.41
C ASP RA 210 3.64 -26.08 78.44
N CYS RA 211 3.13 -24.87 78.63
CA CYS RA 211 3.78 -23.90 79.51
C CYS RA 211 3.65 -24.25 80.99
N GLU RA 212 3.12 -25.41 81.38
CA GLU RA 212 2.96 -25.74 82.79
C GLU RA 212 3.42 -27.14 83.17
N GLY RA 213 3.88 -27.96 82.22
CA GLY RA 213 4.38 -29.28 82.53
C GLY RA 213 3.58 -30.43 81.94
N ASN RA 214 2.42 -30.16 81.35
CA ASN RA 214 1.63 -31.21 80.71
C ASN RA 214 2.19 -31.52 79.34
N GLU RA 215 2.00 -32.77 78.91
CA GLU RA 215 2.74 -33.32 77.77
C GLU RA 215 1.86 -33.48 76.54
N TYR RA 216 2.49 -33.30 75.38
CA TYR RA 216 1.93 -33.67 74.08
C TYR RA 216 2.85 -34.72 73.47
N PHE RA 217 2.27 -35.62 72.66
CA PHE RA 217 3.00 -36.75 72.11
C PHE RA 217 2.83 -36.80 70.60
N HIS RA 218 3.85 -37.34 69.92
CA HIS RA 218 3.87 -37.45 68.47
C HIS RA 218 4.56 -38.76 68.09
N ILE RA 219 4.03 -39.43 67.07
CA ILE RA 219 4.49 -40.76 66.67
C ILE RA 219 4.79 -40.75 65.18
N SER RA 220 5.90 -41.39 64.80
CA SER RA 220 6.30 -41.51 63.41
C SER RA 220 7.13 -42.78 63.25
N CYS RA 221 7.31 -43.21 62.01
CA CYS RA 221 8.02 -44.44 61.74
C CYS RA 221 8.79 -44.31 60.43
N TYR RA 222 9.86 -45.11 60.32
CA TYR RA 222 10.74 -45.08 59.16
C TYR RA 222 11.13 -46.50 58.77
N ASP RA 223 11.36 -46.71 57.47
CA ASP RA 223 11.75 -48.01 56.94
C ASP RA 223 13.21 -47.95 56.52
N ILE RA 224 14.00 -48.92 56.98
CA ILE RA 224 15.43 -48.98 56.71
C ILE RA 224 15.71 -50.23 55.88
N SER RA 225 16.35 -50.04 54.73
CA SER RA 225 16.67 -51.13 53.82
C SER RA 225 18.17 -51.17 53.58
N ILE RA 226 18.75 -52.37 53.67
CA ILE RA 226 20.20 -52.52 53.53
C ILE RA 226 20.57 -52.46 52.06
N GLY RA 227 21.65 -51.74 51.76
CA GLY RA 227 22.12 -51.55 50.41
C GLY RA 227 23.48 -52.16 50.16
N SER RA 228 24.17 -51.64 49.16
CA SER RA 228 25.48 -52.15 48.76
C SER RA 228 26.11 -51.12 47.81
N CYS RA 229 27.25 -51.48 47.24
CA CYS RA 229 27.99 -50.61 46.34
C CYS RA 229 27.63 -50.93 44.89
N GLY RA 230 28.36 -50.30 43.97
CA GLY RA 230 28.15 -50.53 42.55
C GLY RA 230 29.07 -49.70 41.68
N CYS SA 23 -20.48 -31.11 60.80
CA CYS SA 23 -19.55 -32.09 61.36
C CYS SA 23 -18.16 -31.96 60.74
N GLU SA 24 -17.35 -31.09 61.32
CA GLU SA 24 -15.98 -30.97 60.87
C GLU SA 24 -15.24 -32.27 61.14
N SER SA 25 -14.27 -32.59 60.28
CA SER SA 25 -13.60 -33.88 60.31
C SER SA 25 -12.24 -33.76 60.97
N ILE SA 26 -11.96 -34.68 61.90
CA ILE SA 26 -10.68 -34.77 62.58
C ILE SA 26 -10.15 -36.18 62.39
N SER SA 27 -8.84 -36.30 62.18
CA SER SA 27 -8.19 -37.59 62.03
C SER SA 27 -7.16 -37.75 63.13
N ALA SA 28 -7.19 -38.90 63.82
CA ALA SA 28 -6.31 -39.14 64.95
C ALA SA 28 -5.66 -40.52 64.80
N ARG SA 29 -4.46 -40.65 65.37
CA ARG SA 29 -3.68 -41.87 65.35
C ARG SA 29 -3.60 -42.48 66.74
N PRO SA 30 -3.53 -43.80 66.87
CA PRO SA 30 -3.40 -44.40 68.21
C PRO SA 30 -2.13 -43.93 68.91
N GLY SA 31 -2.25 -43.64 70.20
CA GLY SA 31 -1.12 -43.22 71.00
C GLY SA 31 -0.76 -41.75 70.87
N GLU SA 32 -1.52 -40.97 70.11
CA GLU SA 32 -1.19 -39.58 69.87
C GLU SA 32 -1.90 -38.68 70.87
N VAL SA 33 -1.33 -37.49 71.08
CA VAL SA 33 -1.94 -36.43 71.87
C VAL SA 33 -1.63 -35.12 71.15
N ASN SA 34 -2.66 -34.50 70.56
CA ASN SA 34 -2.45 -33.45 69.57
C ASN SA 34 -2.88 -32.05 70.02
N GLY SA 35 -4.09 -31.89 70.55
CA GLY SA 35 -4.57 -30.58 70.92
C GLY SA 35 -5.28 -29.89 69.77
N VAL SA 36 -6.32 -29.11 70.08
CA VAL SA 36 -7.16 -28.48 69.09
C VAL SA 36 -7.45 -27.05 69.52
N MET SA 37 -7.77 -26.19 68.55
CA MET SA 37 -8.10 -24.80 68.81
C MET SA 37 -9.24 -24.38 67.91
N VAL SA 38 -10.23 -23.70 68.48
CA VAL SA 38 -11.39 -23.20 67.75
C VAL SA 38 -11.58 -21.73 68.07
N SER SA 39 -11.98 -20.95 67.07
CA SER SA 39 -12.08 -19.50 67.20
C SER SA 39 -13.55 -19.10 67.17
N TYR SA 40 -13.97 -18.31 68.15
CA TYR SA 40 -15.35 -17.86 68.29
C TYR SA 40 -15.53 -16.39 67.97
N VAL SA 41 -14.53 -15.73 67.38
CA VAL SA 41 -14.62 -14.29 67.13
C VAL SA 41 -15.83 -13.98 66.25
N ALA SA 42 -16.09 -14.82 65.26
CA ALA SA 42 -17.17 -14.56 64.31
C ALA SA 42 -18.55 -14.64 64.97
N TRP SA 43 -18.64 -15.23 66.17
CA TRP SA 43 -19.93 -15.42 66.81
C TRP SA 43 -20.15 -14.47 67.98
N SER SA 44 -19.11 -14.17 68.75
CA SER SA 44 -19.26 -13.39 69.97
C SER SA 44 -18.90 -11.92 69.81
N ALA SA 45 -18.20 -11.55 68.74
CA ALA SA 45 -17.83 -10.15 68.55
C ALA SA 45 -19.04 -9.24 68.43
N PRO SA 46 -20.03 -9.51 67.57
CA PRO SA 46 -21.19 -8.62 67.47
C PRO SA 46 -22.08 -8.62 68.69
N LEU SA 47 -22.00 -9.63 69.55
CA LEU SA 47 -22.85 -9.67 70.73
C LEU SA 47 -22.46 -8.63 71.78
N GLY SA 48 -21.27 -8.03 71.66
CA GLY SA 48 -20.81 -7.15 72.70
C GLY SA 48 -20.55 -7.93 73.98
N GLY SA 49 -20.84 -7.30 75.11
CA GLY SA 49 -20.67 -7.99 76.37
C GLY SA 49 -19.21 -8.26 76.68
N HIS SA 50 -18.99 -9.33 77.45
CA HIS SA 50 -17.66 -9.69 77.92
C HIS SA 50 -17.07 -10.89 77.19
N GLY SA 51 -17.81 -11.51 76.28
CA GLY SA 51 -17.24 -12.59 75.49
C GLY SA 51 -17.39 -13.95 76.15
N LEU SA 52 -16.38 -14.80 75.95
CA LEU SA 52 -16.44 -16.16 76.44
C LEU SA 52 -16.39 -16.17 77.97
N THR SA 53 -16.83 -17.29 78.55
CA THR SA 53 -17.00 -17.41 80.00
C THR SA 53 -16.24 -18.57 80.61
N ASN SA 54 -15.68 -19.47 79.81
CA ASN SA 54 -14.95 -20.63 80.32
C ASN SA 54 -15.89 -21.58 81.05
N LYS SA 55 -16.98 -21.97 80.39
CA LYS SA 55 -17.96 -22.90 80.92
C LYS SA 55 -18.34 -23.94 79.88
N THR SA 56 -17.34 -24.55 79.25
CA THR SA 56 -17.61 -25.52 78.20
C THR SA 56 -18.06 -26.85 78.78
N THR SA 57 -18.72 -27.65 77.95
CA THR SA 57 -19.13 -29.01 78.30
C THR SA 57 -18.91 -29.92 77.11
N PHE SA 58 -18.33 -31.10 77.37
CA PHE SA 58 -17.98 -32.05 76.33
C PHE SA 58 -18.73 -33.35 76.54
N GLU SA 59 -19.19 -33.94 75.43
CA GLU SA 59 -19.83 -35.25 75.44
C GLU SA 59 -19.33 -36.07 74.26
N PHE SA 60 -19.15 -37.37 74.48
CA PHE SA 60 -18.70 -38.28 73.44
C PHE SA 60 -19.81 -39.27 73.11
N GLU SA 61 -19.93 -39.58 71.82
CA GLU SA 61 -20.93 -40.52 71.34
C GLU SA 61 -20.30 -41.48 70.35
N ASN SA 62 -20.90 -42.66 70.23
CA ASN SA 62 -20.41 -43.67 69.30
C ASN SA 62 -21.24 -43.67 68.02
N VAL SA 63 -20.55 -43.75 66.88
CA VAL SA 63 -21.18 -43.98 65.59
C VAL SA 63 -20.75 -45.32 65.01
N SER SA 64 -19.49 -45.71 65.17
CA SER SA 64 -18.99 -47.01 64.75
C SER SA 64 -17.88 -47.42 65.71
N VAL SA 65 -18.15 -48.39 66.56
CA VAL SA 65 -17.17 -48.90 67.51
C VAL SA 65 -17.18 -50.42 67.45
N THR SA 66 -15.99 -51.01 67.45
CA THR SA 66 -15.82 -52.46 67.44
C THR SA 66 -15.42 -52.91 68.84
N GLU SA 67 -16.19 -53.82 69.41
CA GLU SA 67 -15.93 -54.25 70.77
C GLU SA 67 -14.58 -54.95 70.84
N PRO SA 68 -13.80 -54.72 71.89
CA PRO SA 68 -12.48 -55.34 71.98
C PRO SA 68 -12.58 -56.85 72.14
N LEU SA 69 -11.60 -57.56 71.60
CA LEU SA 69 -11.54 -59.01 71.71
C LEU SA 69 -10.67 -59.47 72.88
N VAL SA 70 -10.14 -58.55 73.68
CA VAL SA 70 -9.35 -58.90 74.87
C VAL SA 70 -9.84 -58.04 76.02
N ASN SA 71 -9.55 -58.48 77.24
CA ASN SA 71 -10.04 -57.84 78.45
C ASN SA 71 -8.87 -57.24 79.22
N SER SA 72 -9.05 -55.99 79.67
CA SER SA 72 -8.08 -55.38 80.56
C SER SA 72 -8.22 -55.98 81.96
N ALA SA 73 -7.22 -55.75 82.80
CA ALA SA 73 -7.19 -56.35 84.12
C ALA SA 73 -6.63 -55.34 85.13
N PHE SA 74 -6.59 -55.76 86.39
CA PHE SA 74 -6.08 -54.95 87.47
C PHE SA 74 -5.62 -55.87 88.60
N GLU SA 75 -4.54 -55.49 89.27
CA GLU SA 75 -3.97 -56.31 90.33
C GLU SA 75 -3.27 -55.43 91.35
N ARG SA 76 -2.97 -56.01 92.51
CA ARG SA 76 -2.33 -55.31 93.61
C ARG SA 76 -1.08 -56.07 94.03
N THR SA 77 -0.04 -55.34 94.40
CA THR SA 77 1.18 -55.92 94.92
C THR SA 77 1.63 -55.17 96.16
N PRO SA 78 2.19 -55.85 97.16
CA PRO SA 78 2.65 -55.14 98.36
C PRO SA 78 3.87 -54.28 98.08
N PHE SA 79 4.26 -53.50 99.08
CA PHE SA 79 5.40 -52.61 98.96
C PHE SA 79 6.66 -53.39 98.62
N ASN SA 80 7.41 -52.90 97.63
CA ASN SA 80 8.69 -53.49 97.22
C ASN SA 80 8.59 -55.00 97.03
N THR SA 81 7.46 -55.48 96.55
CA THR SA 81 7.23 -56.91 96.34
C THR SA 81 7.08 -57.18 94.86
N THR SA 82 7.85 -58.14 94.36
CA THR SA 82 7.76 -58.52 92.96
C THR SA 82 6.41 -59.16 92.67
N LEU SA 83 5.95 -59.01 91.43
CA LEU SA 83 4.64 -59.51 91.00
C LEU SA 83 4.81 -60.40 89.79
N ALA SA 84 3.91 -61.38 89.67
CA ALA SA 84 3.92 -62.31 88.54
C ALA SA 84 2.49 -62.56 88.10
N GLY SA 85 2.34 -63.05 86.87
CA GLY SA 85 1.03 -63.32 86.35
C GLY SA 85 1.11 -63.92 84.96
N SER SA 86 -0.04 -64.08 84.33
CA SER SA 86 -0.14 -64.65 82.99
C SER SA 86 -1.20 -63.92 82.20
N LEU SA 87 -0.94 -63.76 80.90
CA LEU SA 87 -1.86 -63.07 80.01
C LEU SA 87 -2.86 -64.00 79.32
N ALA SA 88 -2.75 -65.31 79.54
CA ALA SA 88 -3.59 -66.25 78.80
C ALA SA 88 -5.06 -66.12 79.17
N ALA SA 89 -5.35 -65.78 80.43
CA ALA SA 89 -6.74 -65.70 80.88
C ALA SA 89 -7.48 -64.50 80.31
N LEU SA 90 -6.79 -63.59 79.62
CA LEU SA 90 -7.38 -62.35 79.14
C LEU SA 90 -7.83 -62.43 77.69
N PHE SA 91 -7.80 -63.60 77.06
CA PHE SA 91 -8.16 -63.75 75.65
C PHE SA 91 -9.28 -64.78 75.53
N PRO SA 92 -10.54 -64.40 75.76
CA PRO SA 92 -11.65 -65.37 75.69
C PRO SA 92 -12.06 -65.70 74.27
N ASN SA 93 -11.18 -66.34 73.54
CA ASN SA 93 -11.49 -66.72 72.17
C ASN SA 93 -12.40 -67.95 72.17
N PRO SA 94 -13.62 -67.86 71.59
CA PRO SA 94 -14.46 -69.06 71.50
C PRO SA 94 -13.92 -70.09 70.52
N GLU SA 95 -13.19 -69.66 69.49
CA GLU SA 95 -12.57 -70.57 68.55
C GLU SA 95 -11.26 -71.11 69.13
N GLY SA 96 -10.73 -72.14 68.48
CA GLY SA 96 -9.46 -72.72 68.85
C GLY SA 96 -8.38 -72.35 67.87
N GLU SA 97 -7.54 -71.38 68.25
CA GLU SA 97 -6.43 -70.94 67.41
C GLU SA 97 -5.20 -70.78 68.28
N ALA SA 98 -4.04 -70.76 67.63
CA ALA SA 98 -2.79 -70.54 68.34
C ALA SA 98 -2.71 -69.09 68.84
N VAL SA 99 -1.96 -68.90 69.92
CA VAL SA 99 -1.83 -67.60 70.56
C VAL SA 99 -0.36 -67.25 70.71
N GLU SA 100 -0.04 -65.98 70.42
CA GLU SA 100 1.28 -65.43 70.70
C GLU SA 100 1.08 -64.09 71.38
N TYR SA 101 2.00 -63.76 72.28
CA TYR SA 101 1.90 -62.57 73.12
C TYR SA 101 3.04 -61.61 72.81
N GLU SA 102 2.84 -60.34 73.15
CA GLU SA 102 3.85 -59.33 72.95
C GLU SA 102 3.62 -58.19 73.91
N ILE SA 103 4.67 -57.42 74.18
CA ILE SA 103 4.62 -56.23 75.01
C ILE SA 103 5.00 -55.04 74.16
N LEU SA 104 4.12 -54.03 74.10
CA LEU SA 104 4.36 -52.85 73.30
C LEU SA 104 5.45 -52.02 73.97
N GLU SA 105 6.64 -52.00 73.37
CA GLU SA 105 7.78 -51.31 73.97
C GLU SA 105 7.74 -49.80 73.77
N LEU SA 106 6.87 -49.30 72.90
CA LEU SA 106 6.73 -47.86 72.77
C LEU SA 106 6.08 -47.23 73.99
N TYR SA 107 5.48 -48.02 74.86
CA TYR SA 107 4.73 -47.52 76.02
C TYR SA 107 5.20 -48.24 77.27
N PRO SA 108 6.45 -48.05 77.68
CA PRO SA 108 6.97 -48.78 78.83
C PRO SA 108 6.40 -48.25 80.13
N PRO SA 109 6.41 -49.04 81.20
CA PRO SA 109 5.99 -48.52 82.49
C PRO SA 109 6.93 -47.42 82.97
N VAL SA 110 6.37 -46.48 83.71
CA VAL SA 110 7.14 -45.31 84.14
C VAL SA 110 7.91 -45.57 85.42
N ASN SA 111 7.48 -46.53 86.24
CA ASN SA 111 8.10 -46.79 87.53
C ASN SA 111 8.34 -48.28 87.74
N GLY SA 112 8.79 -48.99 86.72
CA GLY SA 112 9.05 -50.41 86.87
C GLY SA 112 9.62 -50.99 85.59
N ILE SA 113 9.86 -52.30 85.63
CA ILE SA 113 10.38 -53.05 84.49
C ILE SA 113 9.61 -54.34 84.37
N VAL SA 114 9.27 -54.71 83.13
CA VAL SA 114 8.51 -55.91 82.85
C VAL SA 114 9.33 -56.83 81.97
N GLU SA 115 8.99 -58.12 81.99
CA GLU SA 115 9.71 -59.13 81.22
C GLU SA 115 8.71 -60.19 80.79
N LEU SA 116 8.50 -60.31 79.48
CA LEU SA 116 7.57 -61.31 78.97
C LEU SA 116 8.13 -62.70 79.19
N GLY SA 117 7.31 -63.60 79.74
CA GLY SA 117 7.70 -64.94 80.07
C GLY SA 117 7.24 -65.95 79.03
N GLU SA 118 7.13 -67.20 79.47
CA GLU SA 118 6.73 -68.28 78.57
C GLU SA 118 5.21 -68.34 78.46
N ASN SA 119 4.73 -68.59 77.24
CA ASN SA 119 3.32 -68.83 76.95
C ASN SA 119 2.40 -67.96 77.81
N GLY SA 120 2.63 -66.64 77.73
CA GLY SA 120 1.78 -65.69 78.40
C GLY SA 120 2.21 -65.27 79.78
N ALA SA 121 3.23 -65.91 80.34
CA ALA SA 121 3.72 -65.51 81.66
C ALA SA 121 4.48 -64.19 81.56
N PHE SA 122 4.50 -63.46 82.67
CA PHE SA 122 5.19 -62.18 82.73
C PHE SA 122 5.55 -61.88 84.18
N THR SA 123 6.48 -60.95 84.36
CA THR SA 123 6.96 -60.55 85.68
C THR SA 123 7.15 -59.04 85.72
N TYR SA 124 6.68 -58.42 86.79
CA TYR SA 124 6.79 -56.98 86.99
C TYR SA 124 7.62 -56.71 88.22
N ARG SA 125 8.68 -55.92 88.08
CA ARG SA 125 9.61 -55.64 89.17
C ARG SA 125 9.56 -54.15 89.52
N PRO SA 126 8.83 -53.77 90.56
CA PRO SA 126 8.70 -52.34 90.87
C PRO SA 126 10.02 -51.74 91.32
N ALA SA 127 10.19 -50.45 91.03
CA ALA SA 127 11.35 -49.72 91.50
C ALA SA 127 11.28 -49.54 93.01
N THR SA 128 12.44 -49.42 93.64
CA THR SA 128 12.51 -49.31 95.09
C THR SA 128 11.82 -48.03 95.56
N SER SA 129 11.04 -48.15 96.63
CA SER SA 129 10.38 -47.04 97.31
C SER SA 129 9.22 -46.44 96.51
N PHE SA 130 8.77 -47.11 95.45
CA PHE SA 130 7.66 -46.58 94.66
C PHE SA 130 6.33 -46.94 95.29
N THR SA 131 5.35 -46.05 95.12
CA THR SA 131 3.99 -46.29 95.58
C THR SA 131 3.04 -45.47 94.73
N GLY SA 132 2.10 -46.15 94.08
CA GLY SA 132 1.15 -45.50 93.20
C GLY SA 132 0.62 -46.48 92.18
N ILE SA 133 0.28 -45.95 91.00
CA ILE SA 133 -0.31 -46.72 89.92
C ILE SA 133 0.67 -46.76 88.75
N ASP SA 134 0.61 -47.85 87.99
CA ASP SA 134 1.48 -48.02 86.83
C ASP SA 134 0.74 -48.85 85.78
N ARG SA 135 1.21 -48.76 84.54
CA ARG SA 135 0.54 -49.41 83.42
C ARG SA 135 1.57 -50.03 82.49
N PHE SA 136 1.09 -50.96 81.67
CA PHE SA 136 1.83 -51.43 80.51
C PHE SA 136 0.84 -52.08 79.55
N TRP SA 137 1.09 -51.91 78.26
CA TRP SA 137 0.17 -52.31 77.22
C TRP SA 137 0.68 -53.58 76.55
N PHE SA 138 -0.17 -54.60 76.49
CA PHE SA 138 0.18 -55.90 75.94
C PHE SA 138 -0.65 -56.18 74.69
N SER SA 139 -0.14 -57.07 73.84
CA SER SA 139 -0.79 -57.44 72.59
C SER SA 139 -0.93 -58.95 72.52
N ILE SA 140 -2.13 -59.42 72.20
CA ILE SA 140 -2.41 -60.84 72.06
C ILE SA 140 -2.92 -61.09 70.65
N ASN SA 141 -2.13 -61.81 69.85
CA ASN SA 141 -2.55 -62.23 68.52
C ASN SA 141 -3.03 -61.06 67.68
N GLY SA 142 -2.41 -59.89 67.88
CA GLY SA 142 -2.76 -58.69 67.14
C GLY SA 142 -3.68 -57.75 67.85
N ASN SA 143 -4.42 -58.20 68.86
CA ASN SA 143 -5.29 -57.34 69.63
C ASN SA 143 -4.50 -56.64 70.72
N VAL SA 144 -5.10 -55.61 71.32
CA VAL SA 144 -4.43 -54.76 72.30
C VAL SA 144 -5.30 -54.63 73.53
N GLY SA 145 -4.67 -54.59 74.70
CA GLY SA 145 -5.38 -54.42 75.95
C GLY SA 145 -4.51 -53.69 76.95
N GLU SA 146 -5.10 -53.38 78.09
CA GLU SA 146 -4.42 -52.62 79.14
C GLU SA 146 -4.25 -53.49 80.38
N PHE SA 147 -3.11 -53.33 81.05
CA PHE SA 147 -2.83 -54.00 82.31
C PHE SA 147 -2.42 -52.93 83.33
N VAL SA 148 -3.12 -52.90 84.46
CA VAL SA 148 -2.89 -51.90 85.50
C VAL SA 148 -2.39 -52.62 86.75
N ILE SA 149 -1.31 -52.10 87.34
CA ILE SA 149 -0.70 -52.69 88.53
C ILE SA 149 -0.54 -51.59 89.57
N ALA SA 150 -0.93 -51.89 90.80
CA ALA SA 150 -0.91 -50.93 91.90
C ALA SA 150 0.07 -51.40 92.97
N VAL SA 151 0.86 -50.46 93.49
CA VAL SA 151 1.82 -50.74 94.56
C VAL SA 151 1.28 -50.12 95.84
N ASP SA 152 0.99 -50.96 96.82
CA ASP SA 152 0.38 -50.47 98.06
C ASP SA 152 1.42 -49.79 98.94
N PRO SA 153 1.02 -48.79 99.72
CA PRO SA 153 1.95 -48.20 100.69
C PRO SA 153 2.26 -49.18 101.81
N ALA SA 154 3.44 -48.98 102.42
CA ALA SA 154 3.91 -49.92 103.42
C ALA SA 154 3.09 -49.85 104.70
N GLN SA 155 2.78 -48.63 105.17
CA GLN SA 155 2.18 -48.43 106.48
C GLN SA 155 0.99 -47.47 106.39
N GLY SA 156 0.09 -47.73 105.44
CA GLY SA 156 -1.08 -46.91 105.27
C GLY SA 156 -2.20 -47.63 104.56
N PRO SA 157 -3.36 -46.98 104.45
CA PRO SA 157 -4.49 -47.59 103.75
C PRO SA 157 -4.19 -47.82 102.28
N GLN SA 158 -4.82 -48.86 101.73
CA GLN SA 158 -4.61 -49.20 100.33
C GLN SA 158 -5.16 -48.10 99.43
N ILE SA 159 -4.65 -48.07 98.20
CA ILE SA 159 -5.04 -47.05 97.23
C ILE SA 159 -6.20 -47.57 96.38
N ALA SA 160 -7.16 -46.70 96.10
CA ALA SA 160 -8.36 -47.09 95.38
C ALA SA 160 -8.04 -47.45 93.94
N GLN SA 161 -8.85 -48.35 93.39
CA GLN SA 161 -8.68 -48.76 91.99
C GLN SA 161 -8.97 -47.59 91.06
N PRO SA 162 -8.11 -47.32 90.08
CA PRO SA 162 -8.41 -46.25 89.13
C PRO SA 162 -9.22 -46.76 87.95
N PRO SA 163 -9.94 -45.89 87.25
CA PRO SA 163 -10.68 -46.34 86.07
C PRO SA 163 -9.76 -46.61 84.89
N PHE SA 164 -10.23 -47.48 83.99
CA PHE SA 164 -9.48 -47.77 82.79
C PHE SA 164 -9.52 -46.59 81.83
N THR SA 165 -8.44 -46.39 81.09
CA THR SA 165 -8.36 -45.26 80.16
C THR SA 165 -9.27 -45.51 78.96
N PRO SA 166 -10.16 -44.57 78.62
CA PRO SA 166 -11.03 -44.78 77.46
C PRO SA 166 -10.25 -44.82 76.16
N ALA SA 167 -10.98 -45.06 75.08
CA ALA SA 167 -10.36 -45.07 73.75
C ALA SA 167 -9.92 -43.67 73.35
N VAL SA 168 -10.80 -42.69 73.51
CA VAL SA 168 -10.47 -41.28 73.28
C VAL SA 168 -11.04 -40.47 74.44
N TYR SA 169 -10.25 -39.51 74.92
CA TYR SA 169 -10.63 -38.76 76.10
C TYR SA 169 -10.11 -37.33 75.96
N VAL SA 170 -10.72 -36.42 76.72
CA VAL SA 170 -10.35 -35.01 76.73
C VAL SA 170 -10.00 -34.62 78.16
N PRO SA 171 -8.72 -34.51 78.53
CA PRO SA 171 -8.39 -34.08 79.90
C PRO SA 171 -9.03 -32.76 80.24
N LEU SA 172 -9.92 -32.76 81.23
CA LEU SA 172 -10.72 -31.57 81.51
C LEU SA 172 -9.95 -30.51 82.29
N SER SA 173 -8.82 -30.86 82.90
CA SER SA 173 -8.00 -29.88 83.60
C SER SA 173 -7.10 -29.09 82.66
N ARG SA 174 -6.88 -29.58 81.44
CA ARG SA 174 -6.05 -28.88 80.46
C ARG SA 174 -6.96 -28.19 79.45
N ARG SA 175 -7.43 -27.00 79.84
CA ARG SA 175 -8.42 -26.29 79.06
C ARG SA 175 -8.38 -24.82 79.44
N GLU SA 176 -8.54 -23.95 78.44
CA GLU SA 176 -8.44 -22.52 78.67
C GLU SA 176 -9.12 -21.77 77.54
N VAL SA 177 -9.48 -20.51 77.80
CA VAL SA 177 -10.05 -19.62 76.81
C VAL SA 177 -9.26 -18.32 76.85
N ASN SA 178 -8.84 -17.84 75.68
CA ASN SA 178 -8.07 -16.61 75.56
C ASN SA 178 -9.04 -15.47 75.32
N LYS SA 179 -9.25 -14.63 76.33
CA LYS SA 179 -10.21 -13.54 76.21
C LYS SA 179 -9.73 -12.46 75.25
N GLN SA 180 -8.44 -12.42 74.92
CA GLN SA 180 -7.95 -11.42 73.98
C GLN SA 180 -8.36 -11.72 72.55
N THR SA 181 -8.53 -13.00 72.19
CA THR SA 181 -8.90 -13.36 70.83
C THR SA 181 -10.11 -14.29 70.77
N GLN SA 182 -10.74 -14.60 71.91
CA GLN SA 182 -11.93 -15.44 71.93
C GLN SA 182 -11.67 -16.79 71.28
N ALA SA 183 -10.62 -17.47 71.72
CA ALA SA 183 -10.23 -18.77 71.20
C ALA SA 183 -10.18 -19.78 72.32
N LEU SA 184 -10.63 -21.00 72.03
CA LEU SA 184 -10.69 -22.08 73.02
C LEU SA 184 -9.67 -23.15 72.66
N ARG SA 185 -8.93 -23.63 73.66
CA ARG SA 185 -7.95 -24.68 73.49
C ARG SA 185 -8.27 -25.85 74.40
N PHE SA 186 -8.18 -27.07 73.84
CA PHE SA 186 -8.32 -28.28 74.61
C PHE SA 186 -7.39 -29.34 74.03
N VAL SA 187 -7.18 -30.41 74.78
CA VAL SA 187 -6.24 -31.46 74.43
C VAL SA 187 -7.00 -32.72 74.08
N LEU SA 188 -6.70 -33.30 72.93
CA LEU SA 188 -7.31 -34.53 72.47
C LEU SA 188 -6.29 -35.65 72.53
N GLY SA 189 -6.65 -36.76 73.16
CA GLY SA 189 -5.75 -37.89 73.32
C GLY SA 189 -6.40 -39.17 72.83
N VAL SA 190 -5.58 -40.08 72.33
CA VAL SA 190 -6.02 -41.36 71.82
C VAL SA 190 -5.24 -42.46 72.53
N SER SA 191 -5.95 -43.45 73.04
CA SER SA 191 -5.29 -44.56 73.72
C SER SA 191 -4.65 -45.49 72.68
N PRO SA 192 -3.61 -46.23 73.08
CA PRO SA 192 -2.98 -47.17 72.15
C PRO SA 192 -3.92 -48.27 71.68
N ALA SA 193 -5.00 -48.50 72.43
CA ALA SA 193 -5.91 -49.60 72.14
C ALA SA 193 -6.99 -49.24 71.13
N ALA SA 194 -7.10 -47.98 70.72
CA ALA SA 194 -8.11 -47.59 69.75
C ALA SA 194 -7.90 -48.35 68.45
N LYS SA 195 -8.97 -48.90 67.90
CA LYS SA 195 -8.86 -49.71 66.69
C LYS SA 195 -8.97 -48.81 65.46
N PRO SA 196 -8.12 -49.00 64.45
CA PRO SA 196 -8.22 -48.16 63.25
C PRO SA 196 -9.54 -48.36 62.54
N ALA SA 197 -9.98 -47.30 61.85
CA ALA SA 197 -11.21 -47.22 61.08
C ALA SA 197 -12.44 -46.97 61.95
N ASP SA 198 -12.30 -46.90 63.27
CA ASP SA 198 -13.42 -46.55 64.13
C ASP SA 198 -13.68 -45.05 64.06
N ILE SA 199 -14.88 -44.66 64.49
CA ILE SA 199 -15.31 -43.26 64.43
C ILE SA 199 -16.04 -42.91 65.71
N TYR SA 200 -15.76 -41.74 66.26
CA TYR SA 200 -16.45 -41.19 67.42
C TYR SA 200 -16.91 -39.78 67.11
N ARG SA 201 -17.86 -39.29 67.89
CA ARG SA 201 -18.42 -37.95 67.73
C ARG SA 201 -18.26 -37.16 69.02
N LEU SA 202 -17.89 -35.89 68.89
CA LEU SA 202 -17.65 -35.00 70.02
C LEU SA 202 -18.58 -33.79 69.90
N ASN SA 203 -19.24 -33.44 71.00
CA ASN SA 203 -20.13 -32.29 71.05
C ASN SA 203 -19.60 -31.27 72.06
N ILE SA 204 -19.60 -30.00 71.68
CA ILE SA 204 -19.11 -28.92 72.51
C ILE SA 204 -20.21 -27.89 72.67
N ARG SA 205 -20.41 -27.42 73.91
CA ARG SA 205 -21.38 -26.39 74.23
C ARG SA 205 -20.69 -25.27 74.98
N GLN SA 206 -20.60 -24.10 74.35
CA GLN SA 206 -19.82 -22.98 74.88
C GLN SA 206 -20.77 -21.86 75.26
N ALA SA 207 -20.38 -21.10 76.29
CA ALA SA 207 -21.22 -20.06 76.86
C ALA SA 207 -20.53 -18.71 76.76
N ALA SA 208 -21.33 -17.67 76.54
CA ALA SA 208 -20.85 -16.29 76.55
C ALA SA 208 -21.86 -15.45 77.33
N ILE SA 209 -21.40 -14.31 77.83
CA ILE SA 209 -22.19 -13.47 78.72
C ILE SA 209 -22.27 -12.06 78.16
N ASP SA 210 -23.31 -11.34 78.56
CA ASP SA 210 -23.44 -9.92 78.24
C ASP SA 210 -22.91 -9.09 79.41
N CYS SA 211 -23.16 -7.78 79.34
CA CYS SA 211 -22.55 -6.84 80.27
C CYS SA 211 -23.11 -6.95 81.68
N GLU SA 212 -24.10 -7.82 81.90
CA GLU SA 212 -24.72 -7.94 83.21
C GLU SA 212 -24.79 -9.37 83.72
N GLY SA 213 -24.16 -10.32 83.05
CA GLY SA 213 -24.09 -11.69 83.53
C GLY SA 213 -25.03 -12.67 82.85
N ASN SA 214 -25.99 -12.19 82.06
CA ASN SA 214 -26.86 -13.10 81.33
C ASN SA 214 -26.07 -13.84 80.26
N GLU SA 215 -26.50 -15.07 79.97
CA GLU SA 215 -25.70 -16.02 79.22
C GLU SA 215 -26.27 -16.28 77.84
N TYR SA 216 -25.36 -16.49 76.88
CA TYR SA 216 -25.66 -17.03 75.57
C TYR SA 216 -25.02 -18.42 75.47
N PHE SA 217 -25.37 -19.16 74.42
CA PHE SA 217 -24.85 -20.51 74.24
C PHE SA 217 -24.63 -20.81 72.76
N HIS SA 218 -23.75 -21.76 72.49
CA HIS SA 218 -23.40 -22.18 71.14
C HIS SA 218 -23.06 -23.66 71.16
N ILE SA 219 -23.49 -24.38 70.13
CA ILE SA 219 -23.35 -25.84 70.06
C ILE SA 219 -22.70 -26.21 68.74
N SER SA 220 -21.74 -27.13 68.79
CA SER SA 220 -21.07 -27.63 67.59
C SER SA 220 -20.59 -29.04 67.85
N CYS SA 221 -20.28 -29.76 66.78
CA CYS SA 221 -19.90 -31.16 66.90
C CYS SA 221 -18.81 -31.48 65.88
N TYR SA 222 -18.03 -32.52 66.19
CA TYR SA 222 -16.91 -32.96 65.37
C TYR SA 222 -16.88 -34.47 65.30
N ASP SA 223 -16.34 -35.00 64.21
CA ASP SA 223 -16.22 -36.43 63.99
C ASP SA 223 -14.74 -36.82 64.02
N ILE SA 224 -14.42 -37.83 64.83
CA ILE SA 224 -13.05 -38.28 65.03
C ILE SA 224 -12.93 -39.69 64.48
N SER SA 225 -11.99 -39.90 63.56
CA SER SA 225 -11.78 -41.20 62.93
C SER SA 225 -10.34 -41.64 63.14
N ILE SA 226 -10.16 -42.90 63.55
CA ILE SA 226 -8.83 -43.41 63.86
C ILE SA 226 -8.09 -43.73 62.57
N GLY SA 227 -6.85 -43.26 62.46
CA GLY SA 227 -6.03 -43.45 61.30
C GLY SA 227 -4.92 -44.45 61.51
N SER SA 228 -3.86 -44.30 60.73
CA SER SA 228 -2.72 -45.21 60.78
C SER SA 228 -1.59 -44.61 59.95
N CYS SA 229 -0.50 -45.37 59.83
CA CYS SA 229 0.67 -44.92 59.09
C CYS SA 229 0.61 -45.41 57.65
N GLY SA 230 1.69 -45.17 56.92
CA GLY SA 230 1.79 -45.60 55.53
C GLY SA 230 3.10 -45.21 54.89
N CYS TA 23 -18.09 2.48 81.70
CA CYS TA 23 -17.78 1.31 82.53
C CYS TA 23 -16.33 0.91 82.34
N GLU TA 24 -15.43 1.62 83.01
CA GLU TA 24 -14.00 1.42 82.82
C GLU TA 24 -13.58 0.03 83.27
N SER TA 25 -12.48 -0.46 82.70
CA SER TA 25 -12.00 -1.80 82.95
C SER TA 25 -10.70 -1.79 83.74
N ILE TA 26 -10.60 -2.69 84.70
CA ILE TA 26 -9.39 -2.88 85.50
C ILE TA 26 -9.01 -4.35 85.42
N SER TA 27 -7.72 -4.62 85.53
CA SER TA 27 -7.19 -5.97 85.53
C SER TA 27 -6.46 -6.24 86.83
N ALA TA 28 -6.57 -7.47 87.35
CA ALA TA 28 -5.99 -7.82 88.63
C ALA TA 28 -5.50 -9.26 88.58
N ARG TA 29 -4.58 -9.58 89.49
CA ARG TA 29 -3.99 -10.90 89.58
C ARG TA 29 -4.14 -11.43 91.01
N PRO TA 30 -4.43 -12.71 91.20
CA PRO TA 30 -4.59 -13.23 92.56
C PRO TA 30 -3.37 -12.94 93.43
N GLY TA 31 -3.63 -12.48 94.65
CA GLY TA 31 -2.59 -12.20 95.61
C GLY TA 31 -2.00 -10.81 95.54
N GLU TA 32 -2.37 -10.01 94.55
CA GLU TA 32 -1.81 -8.67 94.39
C GLU TA 32 -2.64 -7.64 95.14
N VAL TA 33 -1.97 -6.60 95.62
CA VAL TA 33 -2.62 -5.45 96.25
C VAL TA 33 -2.08 -4.21 95.57
N ASN TA 34 -2.97 -3.42 94.97
CA ASN TA 34 -2.56 -2.30 94.12
C ASN TA 34 -3.43 -1.08 94.44
N GLY TA 35 -2.90 0.09 94.10
CA GLY TA 35 -3.61 1.34 94.32
C GLY TA 35 -4.24 1.87 93.05
N VAL TA 36 -5.27 2.71 93.23
CA VAL TA 36 -6.02 3.29 92.13
C VAL TA 36 -6.26 4.76 92.42
N MET TA 37 -6.16 5.60 91.38
CA MET TA 37 -6.37 7.03 91.50
C MET TA 37 -7.35 7.50 90.44
N VAL TA 38 -8.28 8.36 90.83
CA VAL TA 38 -9.27 8.94 89.93
C VAL TA 38 -9.30 10.45 90.15
N SER TA 39 -9.32 11.19 89.05
CA SER TA 39 -9.28 12.65 89.08
C SER TA 39 -10.66 13.22 88.81
N TYR TA 40 -11.08 14.18 89.63
CA TYR TA 40 -12.41 14.78 89.54
C TYR TA 40 -12.37 16.25 89.13
N VAL TA 41 -11.21 16.77 88.71
CA VAL TA 41 -11.10 18.20 88.42
C VAL TA 41 -12.08 18.61 87.33
N ALA TA 42 -12.26 17.77 86.32
CA ALA TA 42 -13.10 18.14 85.19
C ALA TA 42 -14.55 18.33 85.60
N TRP TA 43 -14.96 17.75 86.72
CA TRP TA 43 -16.35 17.79 87.14
C TRP TA 43 -16.62 18.87 88.18
N SER TA 44 -15.82 18.90 89.25
CA SER TA 44 -16.08 19.81 90.36
C SER TA 44 -15.52 21.20 90.16
N ALA TA 45 -14.64 21.40 89.18
CA ALA TA 45 -14.05 22.71 88.98
C ALA TA 45 -15.06 23.79 88.64
N PRO TA 46 -15.94 23.62 87.64
CA PRO TA 46 -16.89 24.70 87.31
C PRO TA 46 -17.92 24.97 88.40
N LEU TA 47 -18.21 24.00 89.26
CA LEU TA 47 -19.22 24.23 90.29
C LEU TA 47 -18.82 25.31 91.27
N GLY TA 48 -17.52 25.50 91.49
CA GLY TA 48 -17.05 26.46 92.48
C GLY TA 48 -17.08 25.88 93.88
N GLY TA 49 -16.65 26.70 94.83
CA GLY TA 49 -16.62 26.26 96.21
C GLY TA 49 -15.38 25.43 96.51
N HIS TA 50 -15.53 24.54 97.50
CA HIS TA 50 -14.41 23.70 97.94
C HIS TA 50 -14.28 22.44 97.10
N GLY TA 51 -15.35 21.96 96.48
CA GLY TA 51 -15.24 20.77 95.65
C GLY TA 51 -15.58 19.52 96.43
N LEU TA 52 -14.68 18.55 96.39
CA LEU TA 52 -14.92 17.27 97.04
C LEU TA 52 -15.12 17.46 98.54
N THR TA 53 -16.02 16.65 99.13
CA THR TA 53 -16.42 16.82 100.52
C THR TA 53 -16.24 15.55 101.33
N ASN TA 54 -15.50 14.57 100.82
CA ASN TA 54 -15.13 13.38 101.60
C ASN TA 54 -16.36 12.63 102.12
N LYS TA 55 -17.18 12.14 101.19
CA LYS TA 55 -18.33 11.31 101.53
C LYS TA 55 -18.47 10.11 100.59
N THR TA 56 -17.34 9.53 100.17
CA THR TA 56 -17.38 8.45 99.18
C THR TA 56 -18.07 7.22 99.75
N THR TA 57 -18.76 6.49 98.89
CA THR TA 57 -19.43 5.24 99.25
C THR TA 57 -19.09 4.19 98.21
N PHE TA 58 -18.79 2.98 98.66
CA PHE TA 58 -18.37 1.89 97.80
C PHE TA 58 -19.37 0.74 97.87
N GLU TA 59 -19.59 0.09 96.73
CA GLU TA 59 -20.47 -1.06 96.65
C GLU TA 59 -19.91 -2.04 95.63
N PHE TA 60 -19.99 -3.33 95.94
CA PHE TA 60 -19.48 -4.39 95.07
C PHE TA 60 -20.63 -5.25 94.58
N GLU TA 61 -20.57 -5.66 93.31
CA GLU TA 61 -21.59 -6.50 92.70
C GLU TA 61 -20.92 -7.64 91.94
N ASN TA 62 -21.58 -8.78 91.89
CA ASN TA 62 -21.08 -9.92 91.14
C ASN TA 62 -21.76 -9.99 89.77
N VAL TA 63 -20.94 -10.22 88.74
CA VAL TA 63 -21.44 -10.42 87.38
C VAL TA 63 -21.17 -11.85 86.89
N SER TA 64 -19.99 -12.38 87.21
CA SER TA 64 -19.64 -13.76 86.87
C SER TA 64 -18.67 -14.26 87.93
N VAL TA 65 -19.19 -15.00 88.90
CA VAL TA 65 -18.39 -15.52 90.00
C VAL TA 65 -18.62 -17.03 90.10
N THR TA 66 -17.53 -17.77 90.32
CA THR TA 66 -17.62 -19.22 90.44
C THR TA 66 -17.71 -19.63 91.90
N GLU TA 67 -18.63 -20.54 92.19
CA GLU TA 67 -18.83 -20.99 93.56
C GLU TA 67 -17.57 -21.70 94.05
N PRO TA 68 -17.07 -21.35 95.24
CA PRO TA 68 -15.88 -22.03 95.75
C PRO TA 68 -16.21 -23.46 96.15
N LEU TA 69 -15.28 -24.37 95.86
CA LEU TA 69 -15.47 -25.80 96.12
C LEU TA 69 -14.86 -26.25 97.44
N VAL TA 70 -14.31 -25.33 98.24
CA VAL TA 70 -13.75 -25.65 99.54
C VAL TA 70 -14.30 -24.66 100.56
N ASN TA 71 -14.22 -25.04 101.83
CA ASN TA 71 -14.79 -24.28 102.92
C ASN TA 71 -13.69 -23.72 103.81
N SER TA 72 -13.79 -22.44 104.14
CA SER TA 72 -12.88 -21.84 105.11
C SER TA 72 -13.17 -22.41 106.51
N ALA TA 73 -12.39 -21.97 107.48
CA ALA TA 73 -12.55 -22.45 108.84
C ALA TA 73 -11.97 -21.43 109.82
N PHE TA 74 -12.37 -21.57 111.08
CA PHE TA 74 -11.88 -20.72 112.16
C PHE TA 74 -11.74 -21.57 113.42
N GLU TA 75 -10.64 -21.35 114.15
CA GLU TA 75 -10.35 -22.12 115.34
C GLU TA 75 -9.60 -21.25 116.34
N ARG TA 76 -9.58 -21.70 117.59
CA ARG TA 76 -8.95 -20.97 118.69
C ARG TA 76 -7.97 -21.88 119.42
N THR TA 77 -7.00 -21.25 120.08
CA THR TA 77 -6.03 -21.95 120.90
C THR TA 77 -5.73 -21.12 122.14
N PRO TA 78 -5.36 -21.75 123.24
CA PRO TA 78 -4.95 -20.98 124.43
C PRO TA 78 -3.58 -20.35 124.25
N PHE TA 79 -3.19 -19.56 125.24
CA PHE TA 79 -1.93 -18.83 125.17
C PHE TA 79 -0.75 -19.78 125.17
N ASN TA 80 0.15 -19.59 124.21
CA ASN TA 80 1.33 -20.45 124.02
C ASN TA 80 0.96 -21.92 123.96
N THR TA 81 -0.08 -22.26 123.20
CA THR TA 81 -0.52 -23.64 123.05
C THR TA 81 -0.43 -24.03 121.58
N THR TA 82 0.30 -25.11 121.29
CA THR TA 82 0.36 -25.61 119.93
C THR TA 82 -1.00 -26.11 119.49
N LEU TA 83 -1.36 -25.82 118.25
CA LEU TA 83 -2.66 -26.19 117.70
C LEU TA 83 -2.49 -27.31 116.67
N ALA TA 84 -3.41 -28.27 116.71
CA ALA TA 84 -3.42 -29.38 115.76
C ALA TA 84 -4.81 -29.49 115.16
N GLY TA 85 -4.87 -29.87 113.89
CA GLY TA 85 -6.14 -29.98 113.21
C GLY TA 85 -6.03 -30.86 111.99
N SER TA 86 -7.01 -30.71 111.10
CA SER TA 86 -7.06 -31.50 109.87
C SER TA 86 -7.74 -30.70 108.78
N LEU TA 87 -7.24 -30.86 107.55
CA LEU TA 87 -7.84 -30.21 106.39
C LEU TA 87 -8.86 -31.09 105.68
N ALA TA 88 -9.04 -32.33 106.13
CA ALA TA 88 -9.92 -33.25 105.42
C ALA TA 88 -11.37 -32.78 105.41
N ALA TA 89 -11.86 -32.25 106.53
CA ALA TA 89 -13.27 -31.90 106.65
C ALA TA 89 -13.65 -30.68 105.82
N LEU TA 90 -12.69 -29.96 105.25
CA LEU TA 90 -12.95 -28.72 104.54
C LEU TA 90 -13.17 -28.92 103.04
N PHE TA 91 -13.19 -30.17 102.56
CA PHE TA 91 -13.36 -30.47 101.14
C PHE TA 91 -14.50 -31.46 100.99
N PRO TA 92 -15.76 -30.99 100.97
CA PRO TA 92 -16.90 -31.90 100.86
C PRO TA 92 -17.17 -32.35 99.43
N ASN TA 93 -16.22 -33.10 98.87
CA ASN TA 93 -16.43 -33.63 97.53
C ASN TA 93 -17.52 -34.70 97.56
N PRO TA 94 -18.35 -34.79 96.52
CA PRO TA 94 -19.37 -35.84 96.46
C PRO TA 94 -18.89 -37.16 95.89
N GLU TA 95 -17.58 -37.36 95.77
CA GLU TA 95 -17.02 -38.55 95.15
C GLU TA 95 -15.88 -39.09 96.00
N GLY TA 96 -15.55 -40.36 95.78
CA GLY TA 96 -14.43 -40.98 96.45
C GLY TA 96 -13.13 -40.78 95.70
N GLU TA 97 -12.99 -39.63 95.02
CA GLU TA 97 -11.80 -39.35 94.24
C GLU TA 97 -10.61 -39.11 95.15
N ALA TA 98 -9.41 -39.32 94.59
CA ALA TA 98 -8.19 -39.14 95.35
C ALA TA 98 -8.01 -37.67 95.75
N VAL TA 99 -7.36 -37.46 96.88
CA VAL TA 99 -7.14 -36.12 97.42
C VAL TA 99 -5.66 -35.93 97.71
N GLU TA 100 -5.23 -34.68 97.72
CA GLU TA 100 -3.87 -34.32 98.07
C GLU TA 100 -3.86 -32.89 98.60
N TYR TA 101 -3.07 -32.67 99.65
CA TYR TA 101 -3.05 -31.41 100.37
C TYR TA 101 -1.71 -30.72 100.22
N GLU TA 102 -1.74 -29.39 100.18
CA GLU TA 102 -0.53 -28.59 100.07
C GLU TA 102 -0.73 -27.28 100.81
N ILE TA 103 0.38 -26.63 101.12
CA ILE TA 103 0.38 -25.32 101.77
C ILE TA 103 1.04 -24.33 100.83
N LEU TA 104 0.38 -23.19 100.61
CA LEU TA 104 0.90 -22.16 99.71
C LEU TA 104 2.03 -21.43 100.44
N GLU TA 105 3.25 -21.60 99.95
CA GLU TA 105 4.42 -21.04 100.64
C GLU TA 105 4.54 -19.54 100.47
N LEU TA 106 4.01 -18.98 99.39
CA LEU TA 106 4.12 -17.55 99.15
C LEU TA 106 3.41 -16.73 100.23
N TYR TA 107 2.52 -17.33 101.00
CA TYR TA 107 1.67 -16.61 101.95
C TYR TA 107 1.89 -17.17 103.36
N PRO TA 108 3.11 -17.08 103.87
CA PRO TA 108 3.41 -17.69 105.17
C PRO TA 108 2.69 -16.96 106.30
N PRO TA 109 2.41 -17.63 107.40
CA PRO TA 109 1.81 -16.94 108.55
C PRO TA 109 2.77 -15.90 109.11
N VAL TA 110 2.19 -14.84 109.67
CA VAL TA 110 2.99 -13.72 110.14
C VAL TA 110 3.58 -13.98 111.53
N ASN TA 111 2.81 -14.60 112.43
CA ASN TA 111 3.22 -14.79 113.82
C ASN TA 111 3.22 -16.26 114.20
N GLY TA 112 3.76 -17.12 113.34
CA GLY TA 112 3.81 -18.53 113.65
C GLY TA 112 4.45 -19.31 112.52
N ILE TA 113 4.50 -20.63 112.71
CA ILE TA 113 5.02 -21.55 111.69
C ILE TA 113 4.06 -22.72 111.57
N VAL TA 114 3.75 -23.09 110.33
CA VAL TA 114 2.87 -24.21 110.05
C VAL TA 114 3.72 -25.42 109.69
N GLU TA 115 3.10 -26.60 109.79
CA GLU TA 115 3.77 -27.85 109.42
C GLU TA 115 2.70 -28.81 108.93
N LEU TA 116 2.87 -29.31 107.71
CA LEU TA 116 1.89 -30.19 107.09
C LEU TA 116 2.35 -31.64 107.20
N GLY TA 117 1.48 -32.49 107.74
CA GLY TA 117 1.75 -33.90 107.87
C GLY TA 117 1.18 -34.68 106.71
N GLU TA 118 0.75 -35.90 107.01
CA GLU TA 118 0.13 -36.77 106.02
C GLU TA 118 -1.38 -36.82 106.23
N ASN TA 119 -2.10 -36.98 105.12
CA ASN TA 119 -3.56 -37.10 105.15
C ASN TA 119 -4.21 -35.87 105.77
N GLY TA 120 -3.68 -34.69 105.43
CA GLY TA 120 -4.31 -33.45 105.80
C GLY TA 120 -4.07 -32.99 107.23
N ALA TA 121 -3.22 -33.68 108.00
CA ALA TA 121 -2.93 -33.24 109.36
C ALA TA 121 -1.89 -32.13 109.34
N PHE TA 122 -2.15 -31.08 110.11
CA PHE TA 122 -1.27 -29.92 110.15
C PHE TA 122 -1.05 -29.49 111.59
N THR TA 123 0.04 -28.77 111.81
CA THR TA 123 0.41 -28.27 113.13
C THR TA 123 0.75 -26.79 113.04
N TYR TA 124 0.24 -26.00 113.97
CA TYR TA 124 0.52 -24.58 114.05
C TYR TA 124 1.18 -24.28 115.38
N ARG TA 125 2.25 -23.47 115.35
CA ARG TA 125 3.10 -23.24 116.51
C ARG TA 125 3.27 -21.74 116.72
N PRO TA 126 2.38 -21.10 117.49
CA PRO TA 126 2.45 -19.64 117.62
C PRO TA 126 3.73 -19.19 118.30
N ALA TA 127 4.17 -17.98 117.93
CA ALA TA 127 5.36 -17.40 118.50
C ALA TA 127 5.10 -17.00 119.96
N THR TA 128 6.20 -16.86 120.71
CA THR TA 128 6.10 -16.56 122.13
C THR TA 128 5.48 -15.18 122.34
N SER TA 129 4.60 -15.08 123.33
CA SER TA 129 3.99 -13.82 123.76
C SER TA 129 3.11 -13.19 122.68
N PHE TA 130 2.77 -13.94 121.63
CA PHE TA 130 1.92 -13.40 120.59
C PHE TA 130 0.45 -13.55 120.95
N THR TA 131 -0.35 -12.58 120.54
CA THR TA 131 -1.79 -12.63 120.75
C THR TA 131 -2.47 -11.90 119.60
N GLY TA 132 -3.49 -12.53 119.01
CA GLY TA 132 -4.20 -11.91 117.91
C GLY TA 132 -4.72 -12.91 116.89
N ILE TA 133 -4.82 -12.48 115.63
CA ILE TA 133 -5.33 -13.30 114.55
C ILE TA 133 -4.20 -13.61 113.59
N ASP TA 134 -4.13 -14.87 113.15
CA ASP TA 134 -3.11 -15.30 112.20
C ASP TA 134 -3.79 -16.13 111.11
N ARG TA 135 -3.14 -16.18 109.94
CA ARG TA 135 -3.74 -16.79 108.76
C ARG TA 135 -2.72 -17.66 108.05
N PHE TA 136 -3.23 -18.62 107.29
CA PHE TA 136 -2.44 -19.33 106.30
C PHE TA 136 -3.39 -19.95 105.28
N TRP TA 137 -2.93 -20.04 104.04
CA TRP TA 137 -3.77 -20.47 102.93
C TRP TA 137 -3.34 -21.87 102.49
N PHE TA 138 -4.33 -22.72 102.23
CA PHE TA 138 -4.09 -24.12 101.90
C PHE TA 138 -4.80 -24.45 100.58
N SER TA 139 -4.23 -25.42 99.86
CA SER TA 139 -4.76 -25.88 98.59
C SER TA 139 -5.11 -27.36 98.69
N ILE TA 140 -6.35 -27.70 98.38
CA ILE TA 140 -6.82 -29.08 98.37
C ILE TA 140 -7.20 -29.45 96.95
N ASN TA 141 -6.44 -30.35 96.35
CA ASN TA 141 -6.74 -30.86 95.01
C ASN TA 141 -6.92 -29.73 94.01
N GLY TA 142 -6.13 -28.66 94.15
CA GLY TA 142 -6.18 -27.53 93.26
C GLY TA 142 -7.10 -26.41 93.69
N ASN TA 143 -7.91 -26.60 94.73
CA ASN TA 143 -8.82 -25.57 95.22
C ASN TA 143 -8.20 -24.88 96.43
N VAL TA 144 -8.30 -23.56 96.46
CA VAL TA 144 -7.66 -22.75 97.49
C VAL TA 144 -8.69 -22.35 98.53
N GLY TA 145 -8.23 -22.15 99.78
CA GLY TA 145 -9.12 -21.76 100.85
C GLY TA 145 -8.37 -20.96 101.89
N GLU TA 146 -9.09 -20.54 102.92
CA GLU TA 146 -8.56 -19.72 104.00
C GLU TA 146 -8.77 -20.42 105.33
N PHE TA 147 -7.77 -20.33 106.21
CA PHE TA 147 -7.86 -20.86 107.56
C PHE TA 147 -7.39 -19.78 108.53
N VAL TA 148 -8.17 -19.52 109.56
CA VAL TA 148 -7.92 -18.44 110.51
C VAL TA 148 -7.69 -19.04 111.88
N ILE TA 149 -6.70 -18.52 112.60
CA ILE TA 149 -6.37 -18.97 113.95
C ILE TA 149 -6.31 -17.75 114.86
N ALA TA 150 -6.97 -17.86 116.02
CA ALA TA 150 -6.97 -16.81 117.03
C ALA TA 150 -6.27 -17.32 118.28
N VAL TA 151 -5.29 -16.56 118.76
CA VAL TA 151 -4.51 -16.94 119.93
C VAL TA 151 -5.01 -16.11 121.11
N ASP TA 152 -5.62 -16.78 122.08
CA ASP TA 152 -6.19 -16.08 123.22
C ASP TA 152 -5.08 -15.61 124.17
N PRO TA 153 -5.30 -14.53 124.90
CA PRO TA 153 -4.31 -14.07 125.87
C PRO TA 153 -4.27 -14.99 127.09
N ALA TA 154 -3.20 -14.84 127.87
CA ALA TA 154 -3.07 -15.64 129.09
C ALA TA 154 -4.21 -15.35 130.05
N GLN TA 155 -4.55 -14.07 130.21
CA GLN TA 155 -5.66 -13.66 131.06
C GLN TA 155 -6.52 -12.67 130.30
N GLY TA 156 -7.84 -12.84 130.43
CA GLY TA 156 -8.78 -11.97 129.77
C GLY TA 156 -9.85 -12.73 129.00
N PRO TA 157 -10.77 -12.00 128.38
CA PRO TA 157 -11.89 -12.63 127.70
C PRO TA 157 -11.48 -13.24 126.35
N GLN TA 158 -12.38 -14.05 125.81
CA GLN TA 158 -12.16 -14.68 124.52
C GLN TA 158 -12.12 -13.63 123.41
N ILE TA 159 -11.31 -13.90 122.39
CA ILE TA 159 -11.21 -13.00 121.24
C ILE TA 159 -12.32 -13.34 120.25
N ALA TA 160 -12.88 -12.29 119.63
CA ALA TA 160 -13.99 -12.47 118.71
C ALA TA 160 -13.51 -13.02 117.37
N GLN TA 161 -14.41 -13.73 116.69
CA GLN TA 161 -14.09 -14.28 115.38
C GLN TA 161 -14.22 -13.21 114.31
N PRO TA 162 -13.19 -12.95 113.51
CA PRO TA 162 -13.30 -11.91 112.49
C PRO TA 162 -13.90 -12.46 111.20
N PRO TA 163 -14.43 -11.60 110.34
CA PRO TA 163 -14.98 -12.08 109.07
C PRO TA 163 -13.90 -12.58 108.14
N PHE TA 164 -14.29 -13.48 107.24
CA PHE TA 164 -13.36 -14.05 106.28
C PHE TA 164 -12.97 -13.00 105.23
N THR TA 165 -11.88 -13.28 104.53
CA THR TA 165 -11.37 -12.36 103.52
C THR TA 165 -12.16 -12.49 102.23
N PRO TA 166 -12.80 -11.43 101.74
CA PRO TA 166 -13.53 -11.55 100.47
C PRO TA 166 -12.59 -11.77 99.30
N ALA TA 167 -13.18 -12.13 98.15
CA ALA TA 167 -12.39 -12.34 96.96
C ALA TA 167 -11.67 -11.07 96.54
N VAL TA 168 -12.38 -9.94 96.55
CA VAL TA 168 -11.79 -8.63 96.31
C VAL TA 168 -12.40 -7.65 97.30
N TYR TA 169 -11.56 -6.81 97.89
CA TYR TA 169 -12.00 -5.92 98.95
C TYR TA 169 -11.29 -4.58 98.81
N VAL TA 170 -11.92 -3.55 99.37
CA VAL TA 170 -11.33 -2.21 99.46
C VAL TA 170 -11.32 -1.80 100.92
N PRO TA 171 -10.17 -1.76 101.59
CA PRO TA 171 -10.18 -1.34 103.01
C PRO TA 171 -10.55 0.13 103.13
N LEU TA 172 -11.75 0.39 103.63
CA LEU TA 172 -12.28 1.75 103.65
C LEU TA 172 -11.53 2.66 104.63
N SER TA 173 -10.83 2.09 105.61
CA SER TA 173 -10.00 2.92 106.48
C SER TA 173 -8.91 3.63 105.68
N ARG TA 174 -8.33 2.94 104.70
CA ARG TA 174 -7.29 3.50 103.85
C ARG TA 174 -7.93 4.16 102.62
N ARG TA 175 -8.33 5.42 102.82
CA ARG TA 175 -8.91 6.21 101.76
C ARG TA 175 -8.67 7.69 102.06
N GLU TA 176 -8.40 8.46 101.00
CA GLU TA 176 -8.09 9.87 101.16
C GLU TA 176 -8.50 10.62 99.91
N VAL TA 177 -8.74 11.91 100.07
CA VAL TA 177 -9.04 12.83 98.97
C VAL TA 177 -8.05 13.99 99.04
N ASN TA 178 -7.37 14.25 97.93
CA ASN TA 178 -6.42 15.35 97.85
C ASN TA 178 -7.19 16.62 97.46
N LYS TA 179 -7.69 17.31 98.49
CA LYS TA 179 -8.53 18.48 98.25
C LYS TA 179 -7.78 19.58 97.51
N GLN TA 180 -6.45 19.55 97.51
CA GLN TA 180 -5.69 20.57 96.79
C GLN TA 180 -5.77 20.40 95.28
N THR TA 181 -6.06 19.18 94.79
CA THR TA 181 -6.18 18.98 93.35
C THR TA 181 -7.36 18.09 92.97
N GLN TA 182 -8.31 17.86 93.86
CA GLN TA 182 -9.54 17.13 93.54
C GLN TA 182 -9.21 15.75 92.97
N ALA TA 183 -8.60 14.90 93.80
CA ALA TA 183 -8.29 13.53 93.42
C ALA TA 183 -8.65 12.60 94.57
N LEU TA 184 -8.88 11.34 94.23
CA LEU TA 184 -9.26 10.31 95.19
C LEU TA 184 -8.35 9.10 95.02
N ARG TA 185 -7.96 8.50 96.14
CA ARG TA 185 -7.11 7.32 96.13
C ARG TA 185 -7.65 6.27 97.10
N PHE TA 186 -7.58 5.01 96.69
CA PHE TA 186 -7.97 3.90 97.54
C PHE TA 186 -7.13 2.69 97.17
N VAL TA 187 -7.19 1.66 98.01
CA VAL TA 187 -6.38 0.47 97.88
C VAL TA 187 -7.27 -0.68 97.45
N LEU TA 188 -6.89 -1.35 96.37
CA LEU TA 188 -7.63 -2.49 95.83
C LEU TA 188 -6.84 -3.76 96.12
N GLY TA 189 -7.46 -4.69 96.84
CA GLY TA 189 -6.78 -5.92 97.21
C GLY TA 189 -7.49 -7.16 96.69
N VAL TA 190 -6.71 -8.17 96.30
CA VAL TA 190 -7.24 -9.40 95.74
C VAL TA 190 -6.82 -10.55 96.64
N SER TA 191 -7.80 -11.35 97.08
CA SER TA 191 -7.49 -12.50 97.90
C SER TA 191 -6.81 -13.57 97.04
N PRO TA 192 -5.90 -14.36 97.61
CA PRO TA 192 -5.29 -15.46 96.83
C PRO TA 192 -6.30 -16.50 96.37
N ALA TA 193 -7.48 -16.52 96.98
CA ALA TA 193 -8.49 -17.50 96.64
C ALA TA 193 -9.30 -17.13 95.41
N ALA TA 194 -9.11 -15.94 94.86
CA ALA TA 194 -9.87 -15.55 93.67
C ALA TA 194 -9.53 -16.47 92.50
N LYS TA 195 -10.54 -16.76 91.69
CA LYS TA 195 -10.39 -17.66 90.56
C LYS TA 195 -10.26 -16.87 89.26
N PRO TA 196 -9.26 -17.15 88.43
CA PRO TA 196 -9.11 -16.36 87.20
C PRO TA 196 -10.30 -16.52 86.28
N ALA TA 197 -10.52 -15.49 85.45
CA ALA TA 197 -11.60 -15.37 84.48
C ALA TA 197 -12.90 -14.91 85.11
N ASP TA 198 -12.96 -14.70 86.42
CA ASP TA 198 -14.14 -14.13 87.04
C ASP TA 198 -14.08 -12.61 87.00
N ILE TA 199 -15.24 -11.98 87.15
CA ILE TA 199 -15.38 -10.54 86.98
C ILE TA 199 -16.23 -9.98 88.11
N TYR TA 200 -15.85 -8.80 88.60
CA TYR TA 200 -16.58 -8.08 89.63
C TYR TA 200 -16.76 -6.63 89.21
N ARG TA 201 -17.80 -6.00 89.72
CA ARG TA 201 -18.12 -4.61 89.41
C ARG TA 201 -18.13 -3.79 90.69
N LEU TA 202 -17.56 -2.59 90.62
CA LEU TA 202 -17.45 -1.68 91.76
C LEU TA 202 -18.15 -0.38 91.42
N ASN TA 203 -18.96 0.13 92.33
CA ASN TA 203 -19.68 1.38 92.16
C ASN TA 203 -19.19 2.40 93.18
N ILE TA 204 -18.91 3.62 92.69
CA ILE TA 204 -18.39 4.69 93.53
C ILE TA 204 -19.33 5.87 93.42
N ARG TA 205 -19.76 6.39 94.57
CA ARG TA 205 -20.58 7.59 94.65
C ARG TA 205 -19.86 8.64 95.47
N GLN TA 206 -19.56 9.77 94.85
CA GLN TA 206 -18.77 10.83 95.46
C GLN TA 206 -19.63 12.08 95.61
N ALA TA 207 -19.30 12.90 96.60
CA ALA TA 207 -20.07 14.09 96.95
C ALA TA 207 -19.21 15.33 96.82
N ALA TA 208 -19.88 16.47 96.63
CA ALA TA 208 -19.21 17.75 96.57
C ALA TA 208 -20.20 18.85 96.93
N ILE TA 209 -19.69 19.95 97.47
CA ILE TA 209 -20.50 21.09 97.88
C ILE TA 209 -19.99 22.33 97.15
N ASP TA 210 -20.92 23.12 96.64
CA ASP TA 210 -20.58 24.34 95.92
C ASP TA 210 -20.37 25.48 96.92
N CYS TA 211 -20.26 26.71 96.41
CA CYS TA 211 -20.02 27.86 97.27
C CYS TA 211 -21.20 28.14 98.20
N GLU TA 212 -22.44 27.88 97.75
CA GLU TA 212 -23.63 28.22 98.51
C GLU TA 212 -24.10 27.07 99.39
N GLY TA 213 -23.44 25.92 99.34
CA GLY TA 213 -23.80 24.82 100.21
C GLY TA 213 -24.71 23.78 99.60
N ASN TA 214 -24.90 23.79 98.28
CA ASN TA 214 -25.69 22.76 97.62
C ASN TA 214 -24.82 21.53 97.37
N GLU TA 215 -25.31 20.37 97.79
CA GLU TA 215 -24.57 19.13 97.58
C GLU TA 215 -24.74 18.61 96.17
N TYR TA 216 -23.65 18.11 95.59
CA TYR TA 216 -23.66 17.46 94.29
C TYR TA 216 -23.07 16.07 94.42
N PHE TA 217 -23.53 15.16 93.58
CA PHE TA 217 -23.08 13.77 93.64
C PHE TA 217 -22.70 13.29 92.25
N HIS TA 218 -21.76 12.34 92.20
CA HIS TA 218 -21.26 11.78 90.95
C HIS TA 218 -21.10 10.28 91.11
N ILE TA 219 -21.49 9.53 90.08
CA ILE TA 219 -21.50 8.07 90.12
C ILE TA 219 -20.65 7.55 88.97
N SER TA 220 -19.88 6.50 89.24
CA SER TA 220 -19.06 5.84 88.24
C SER TA 220 -18.92 4.37 88.61
N CYS TA 221 -18.51 3.56 87.63
CA CYS TA 221 -18.39 2.12 87.84
C CYS TA 221 -17.13 1.61 87.16
N TYR TA 222 -16.61 0.49 87.66
CA TYR TA 222 -15.42 -0.14 87.12
C TYR TA 222 -15.60 -1.66 87.16
N ASP TA 223 -15.05 -2.35 86.16
CA ASP TA 223 -15.06 -3.80 86.12
C ASP TA 223 -13.66 -4.32 86.45
N ILE TA 224 -13.58 -5.27 87.37
CA ILE TA 224 -12.34 -5.91 87.77
C ILE TA 224 -12.38 -7.35 87.29
N SER TA 225 -11.45 -7.71 86.41
CA SER TA 225 -11.37 -9.06 85.85
C SER TA 225 -10.06 -9.70 86.33
N ILE TA 226 -10.17 -10.93 86.83
CA ILE TA 226 -9.02 -11.62 87.39
C ILE TA 226 -8.18 -12.19 86.24
N GLY TA 227 -6.89 -11.87 86.25
CA GLY TA 227 -5.96 -12.37 85.25
C GLY TA 227 -5.06 -13.45 85.79
N SER TA 228 -3.87 -13.56 85.20
CA SER TA 228 -2.89 -14.55 85.62
C SER TA 228 -1.56 -14.23 84.94
N CYS TA 229 -0.58 -15.11 85.14
CA CYS TA 229 0.74 -14.93 84.58
C CYS TA 229 0.84 -15.61 83.20
N GLY TA 230 2.02 -15.49 82.60
CA GLY TA 230 2.27 -16.10 81.30
C GLY TA 230 3.73 -16.05 80.92
N CYS UA 23 32.96 -23.64 73.37
CA CYS UA 23 34.29 -24.25 73.37
C CYS UA 23 35.25 -23.48 72.48
N GLU UA 24 35.87 -22.44 73.04
CA GLU UA 24 36.83 -21.65 72.29
C GLU UA 24 38.00 -22.54 71.86
N SER UA 25 38.53 -22.28 70.66
CA SER UA 25 39.53 -23.14 70.05
C SER UA 25 40.93 -22.59 70.26
N ILE UA 26 41.87 -23.47 70.57
CA ILE UA 26 43.28 -23.15 70.69
C ILE UA 26 44.06 -24.13 69.84
N SER UA 27 45.20 -23.68 69.33
CA SER UA 27 46.08 -24.51 68.51
C SER UA 27 47.48 -24.49 69.09
N ALA UA 28 48.11 -25.66 69.14
CA ALA UA 28 49.45 -25.78 69.72
C ALA UA 28 50.28 -26.71 68.84
N ARG UA 29 51.60 -26.52 68.92
CA ARG UA 29 52.57 -27.31 68.18
C ARG UA 29 53.44 -28.11 69.13
N PRO UA 30 53.79 -29.35 68.81
CA PRO UA 30 54.61 -30.14 69.72
C PRO UA 30 55.91 -29.42 70.07
N GLY UA 31 56.27 -29.45 71.35
CA GLY UA 31 57.48 -28.82 71.82
C GLY UA 31 57.36 -27.34 72.14
N GLU UA 32 56.20 -26.74 71.90
CA GLU UA 32 56.04 -25.31 72.13
C GLU UA 32 55.50 -25.06 73.54
N VAL UA 33 55.89 -23.92 74.11
CA VAL UA 33 55.37 -23.44 75.39
C VAL UA 33 54.93 -21.99 75.19
N ASN UA 34 53.65 -21.72 75.46
CA ASN UA 34 53.05 -20.45 75.13
C ASN UA 34 52.14 -19.99 76.25
N GLY UA 35 51.88 -18.70 76.30
CA GLY UA 35 51.04 -18.10 77.31
C GLY UA 35 49.65 -17.76 76.80
N VAL UA 36 48.69 -17.72 77.72
CA VAL UA 36 47.29 -17.45 77.41
C VAL UA 36 46.73 -16.47 78.43
N MET UA 37 45.91 -15.54 77.97
CA MET UA 37 45.27 -14.55 78.83
C MET UA 37 43.78 -14.52 78.55
N VAL UA 38 42.99 -14.35 79.62
CA VAL UA 38 41.54 -14.26 79.52
C VAL UA 38 41.07 -13.08 80.35
N SER UA 39 40.14 -12.31 79.80
CA SER UA 39 39.63 -11.10 80.44
C SER UA 39 38.28 -11.38 81.06
N TYR UA 40 38.08 -10.90 82.30
CA TYR UA 40 36.87 -11.14 83.06
C TYR UA 40 36.09 -9.88 83.39
N VAL UA 41 36.46 -8.73 82.83
CA VAL UA 41 35.83 -7.48 83.23
C VAL UA 41 34.34 -7.50 82.95
N ALA UA 42 33.93 -8.13 81.84
CA ALA UA 42 32.53 -8.13 81.47
C ALA UA 42 31.67 -8.80 82.53
N TRP UA 43 32.17 -9.88 83.13
CA TRP UA 43 31.40 -10.66 84.09
C TRP UA 43 31.55 -10.15 85.51
N SER UA 44 32.73 -9.65 85.88
CA SER UA 44 32.99 -9.29 87.27
C SER UA 44 32.63 -7.83 87.57
N ALA UA 45 32.66 -6.97 86.56
CA ALA UA 45 32.46 -5.54 86.82
C ALA UA 45 31.09 -5.25 87.44
N PRO UA 46 29.96 -5.70 86.87
CA PRO UA 46 28.66 -5.34 87.45
C PRO UA 46 28.44 -5.86 88.86
N LEU UA 47 29.05 -6.98 89.23
CA LEU UA 47 28.82 -7.53 90.57
C LEU UA 47 29.34 -6.62 91.66
N GLY UA 48 30.33 -5.79 91.38
CA GLY UA 48 30.88 -4.91 92.39
C GLY UA 48 31.82 -5.64 93.34
N GLY UA 49 32.33 -4.89 94.31
CA GLY UA 49 33.19 -5.47 95.31
C GLY UA 49 34.62 -5.65 94.80
N HIS UA 50 35.32 -6.61 95.41
CA HIS UA 50 36.72 -6.83 95.06
C HIS UA 50 36.89 -7.32 93.63
N GLY UA 51 36.09 -8.29 93.21
CA GLY UA 51 36.25 -8.84 91.87
C GLY UA 51 36.74 -10.26 91.92
N LEU UA 52 37.83 -10.53 91.20
CA LEU UA 52 38.36 -11.89 91.10
C LEU UA 52 39.05 -12.29 92.41
N THR UA 53 39.38 -13.57 92.50
CA THR UA 53 40.06 -14.12 93.66
C THR UA 53 40.91 -15.30 93.21
N ASN UA 54 42.00 -15.55 93.94
CA ASN UA 54 42.94 -16.61 93.59
C ASN UA 54 42.42 -17.98 94.03
N LYS UA 55 41.45 -18.48 93.27
CA LYS UA 55 40.87 -19.80 93.53
C LYS UA 55 40.60 -20.56 92.24
N THR UA 56 41.34 -20.26 91.16
CA THR UA 56 41.12 -20.93 89.89
C THR UA 56 41.45 -22.41 89.99
N THR UA 57 40.64 -23.23 89.33
CA THR UA 57 40.83 -24.67 89.29
C THR UA 57 40.84 -25.14 87.84
N PHE UA 58 41.84 -25.94 87.47
CA PHE UA 58 42.00 -26.43 86.11
C PHE UA 58 41.77 -27.93 86.07
N GLU UA 59 41.18 -28.40 84.97
CA GLU UA 59 40.92 -29.81 84.76
C GLU UA 59 41.08 -30.13 83.29
N PHE UA 60 41.69 -31.28 82.99
CA PHE UA 60 41.96 -31.71 81.63
C PHE UA 60 41.16 -32.97 81.32
N GLU UA 61 40.60 -33.00 80.11
CA GLU UA 61 39.80 -34.14 79.65
C GLU UA 61 40.24 -34.53 78.25
N ASN UA 62 40.28 -35.84 78.00
CA ASN UA 62 40.64 -36.36 76.68
C ASN UA 62 39.39 -36.53 75.83
N VAL UA 63 39.50 -36.16 74.55
CA VAL UA 63 38.44 -36.38 73.59
C VAL UA 63 38.90 -37.31 72.47
N SER UA 64 40.13 -37.16 72.00
CA SER UA 64 40.70 -38.03 70.97
C SER UA 64 42.21 -38.06 71.18
N VAL UA 65 42.70 -39.12 71.82
CA VAL UA 65 44.12 -39.30 72.10
C VAL UA 65 44.55 -40.66 71.58
N THR UA 66 45.68 -40.67 70.87
CA THR UA 66 46.24 -41.93 70.37
C THR UA 66 47.19 -42.51 71.41
N GLU UA 67 46.98 -43.78 71.74
CA GLU UA 67 47.82 -44.41 72.75
C GLU UA 67 49.27 -44.44 72.29
N PRO UA 68 50.22 -44.15 73.18
CA PRO UA 68 51.63 -44.21 72.75
C PRO UA 68 52.07 -45.64 72.47
N LEU UA 69 52.98 -45.78 71.52
CA LEU UA 69 53.52 -47.09 71.15
C LEU UA 69 54.88 -47.35 71.74
N VAL UA 70 55.38 -46.47 72.62
CA VAL UA 70 56.64 -46.66 73.30
C VAL UA 70 56.45 -46.36 74.78
N ASN UA 71 57.39 -46.85 75.59
CA ASN UA 71 57.30 -46.73 77.04
C ASN UA 71 58.39 -45.79 77.54
N SER UA 72 58.01 -44.83 78.39
CA SER UA 72 59.00 -44.02 79.07
C SER UA 72 59.78 -44.88 80.06
N ALA UA 73 60.83 -44.29 80.63
CA ALA UA 73 61.68 -45.03 81.55
C ALA UA 73 62.30 -44.06 82.55
N PHE UA 74 62.73 -44.62 83.68
CA PHE UA 74 63.38 -43.86 84.73
C PHE UA 74 64.49 -44.70 85.32
N GLU UA 75 65.66 -44.10 85.51
CA GLU UA 75 66.83 -44.81 86.01
C GLU UA 75 67.65 -43.89 86.89
N ARG UA 76 68.57 -44.49 87.65
CA ARG UA 76 69.32 -43.78 88.67
C ARG UA 76 70.82 -43.92 88.42
N THR UA 77 71.60 -43.07 89.07
CA THR UA 77 73.04 -43.05 88.92
C THR UA 77 73.68 -42.44 90.17
N PRO UA 78 74.81 -42.97 90.64
CA PRO UA 78 75.50 -42.34 91.78
C PRO UA 78 76.18 -41.05 91.38
N PHE UA 79 76.78 -40.40 92.37
CA PHE UA 79 77.43 -39.12 92.16
C PHE UA 79 78.65 -39.29 91.26
N ASN UA 80 78.75 -38.43 90.24
CA ASN UA 80 79.86 -38.44 89.28
C ASN UA 80 80.09 -39.84 88.70
N THR UA 81 79.02 -40.52 88.30
CA THR UA 81 79.11 -41.84 87.71
C THR UA 81 78.50 -41.81 86.32
N THR UA 82 79.25 -42.28 85.33
CA THR UA 82 78.71 -42.40 83.98
C THR UA 82 77.65 -43.50 83.95
N LEU UA 83 76.60 -43.27 83.17
CA LEU UA 83 75.47 -44.19 83.09
C LEU UA 83 75.41 -44.82 81.70
N ALA UA 84 75.03 -46.10 81.65
CA ALA UA 84 74.85 -46.82 80.41
C ALA UA 84 73.52 -47.54 80.44
N GLY UA 85 72.91 -47.66 79.27
CA GLY UA 85 71.61 -48.30 79.20
C GLY UA 85 71.30 -48.73 77.77
N SER UA 86 70.03 -49.05 77.54
CA SER UA 86 69.58 -49.50 76.23
C SER UA 86 68.15 -49.03 75.99
N LEU UA 87 67.88 -48.62 74.75
CA LEU UA 87 66.52 -48.23 74.36
C LEU UA 87 65.73 -49.40 73.80
N ALA UA 88 66.35 -50.56 73.62
CA ALA UA 88 65.66 -51.67 72.97
C ALA UA 88 64.47 -52.15 73.78
N ALA UA 89 64.61 -52.24 75.10
CA ALA UA 89 63.53 -52.78 75.94
C ALA UA 89 62.34 -51.84 76.02
N LEU UA 90 62.45 -50.62 75.51
CA LEU UA 90 61.40 -49.62 75.64
C LEU UA 90 60.42 -49.62 74.47
N PHE UA 91 60.58 -50.54 73.51
CA PHE UA 91 59.68 -50.61 72.36
C PHE UA 91 59.06 -52.00 72.28
N PRO UA 92 57.89 -52.22 72.90
CA PRO UA 92 57.24 -53.55 72.88
C PRO UA 92 56.47 -53.83 71.59
N ASN UA 93 57.19 -53.85 70.48
CA ASN UA 93 56.54 -54.16 69.21
C ASN UA 93 56.10 -55.63 69.19
N PRO UA 94 54.99 -55.95 68.53
CA PRO UA 94 54.56 -57.35 68.44
C PRO UA 94 55.13 -58.10 67.24
N GLU UA 95 56.04 -57.49 66.50
CA GLU UA 95 56.58 -58.09 65.27
C GLU UA 95 58.08 -57.93 65.25
N GLY UA 96 58.73 -58.74 64.43
CA GLY UA 96 60.17 -58.66 64.26
C GLY UA 96 60.56 -57.66 63.19
N GLU UA 97 59.84 -56.54 63.12
CA GLU UA 97 60.12 -55.52 62.13
C GLU UA 97 61.42 -54.79 62.47
N ALA UA 98 61.99 -54.15 61.44
CA ALA UA 98 63.24 -53.44 61.61
C ALA UA 98 63.08 -52.27 62.57
N VAL UA 99 64.15 -51.98 63.30
CA VAL UA 99 64.16 -50.91 64.30
C VAL UA 99 65.36 -50.01 64.06
N GLU UA 100 65.16 -48.70 64.22
CA GLU UA 100 66.23 -47.72 64.13
C GLU UA 100 66.02 -46.67 65.20
N TYR UA 101 67.10 -46.34 65.91
CA TYR UA 101 67.05 -45.46 67.07
C TYR UA 101 67.69 -44.12 66.74
N GLU UA 102 67.14 -43.05 67.33
CA GLU UA 102 67.66 -41.71 67.14
C GLU UA 102 67.42 -40.90 68.40
N ILE UA 103 68.16 -39.81 68.53
CA ILE UA 103 68.04 -38.88 69.65
C ILE UA 103 67.60 -37.53 69.10
N LEU UA 104 66.57 -36.95 69.70
CA LEU UA 104 66.04 -35.66 69.27
C LEU UA 104 67.01 -34.57 69.73
N GLU UA 105 67.66 -33.92 68.76
CA GLU UA 105 68.70 -32.95 69.09
C GLU UA 105 68.14 -31.64 69.60
N LEU UA 106 66.89 -31.29 69.24
CA LEU UA 106 66.33 -30.00 69.64
C LEU UA 106 66.10 -29.91 71.13
N TYR UA 107 66.17 -31.02 71.87
CA TYR UA 107 65.86 -31.05 73.29
C TYR UA 107 67.01 -31.72 74.04
N PRO UA 108 68.19 -31.11 74.04
CA PRO UA 108 69.35 -31.74 74.67
C PRO UA 108 69.23 -31.70 76.18
N PRO UA 109 69.92 -32.61 76.88
CA PRO UA 109 69.90 -32.56 78.34
C PRO UA 109 70.54 -31.27 78.86
N VAL UA 110 70.07 -30.82 80.01
CA VAL UA 110 70.48 -29.55 80.58
C VAL UA 110 71.81 -29.67 81.31
N ASN UA 111 71.99 -30.73 82.09
CA ASN UA 111 73.17 -30.88 82.95
C ASN UA 111 73.99 -32.11 82.58
N GLY UA 112 74.05 -32.48 81.31
CA GLY UA 112 74.82 -33.64 80.91
C GLY UA 112 74.97 -33.71 79.41
N ILE UA 113 75.62 -34.78 78.96
CA ILE UA 113 75.80 -35.04 77.53
C ILE UA 113 75.48 -36.51 77.29
N VAL UA 114 74.87 -36.78 76.15
CA VAL UA 114 74.45 -38.12 75.77
C VAL UA 114 75.23 -38.56 74.54
N GLU UA 115 75.34 -39.87 74.37
CA GLU UA 115 76.03 -40.45 73.22
C GLU UA 115 75.28 -41.70 72.82
N LEU UA 116 74.91 -41.78 71.54
CA LEU UA 116 74.14 -42.91 71.01
C LEU UA 116 75.09 -43.88 70.32
N GLY UA 117 75.06 -45.14 70.74
CA GLY UA 117 75.92 -46.16 70.17
C GLY UA 117 75.26 -46.89 69.01
N GLU UA 118 75.07 -48.20 69.17
CA GLU UA 118 74.43 -49.02 68.16
C GLU UA 118 73.39 -49.91 68.81
N ASN UA 119 72.33 -50.20 68.06
CA ASN UA 119 71.26 -51.08 68.53
C ASN UA 119 70.66 -50.58 69.83
N GLY UA 120 70.50 -49.26 69.94
CA GLY UA 120 69.86 -48.68 71.09
C GLY UA 120 70.73 -48.46 72.30
N ALA UA 121 72.02 -48.78 72.22
CA ALA UA 121 72.92 -48.55 73.34
C ALA UA 121 73.26 -47.06 73.42
N PHE UA 122 73.18 -46.51 74.63
CA PHE UA 122 73.41 -45.09 74.85
C PHE UA 122 74.21 -44.88 76.12
N THR UA 123 74.86 -43.72 76.22
CA THR UA 123 75.67 -43.36 77.37
C THR UA 123 75.31 -41.95 77.81
N TYR UA 124 75.23 -41.76 79.13
CA TYR UA 124 74.95 -40.46 79.72
C TYR UA 124 76.12 -40.08 80.64
N ARG UA 125 76.53 -38.81 80.56
CA ARG UA 125 77.73 -38.33 81.22
C ARG UA 125 77.40 -37.10 82.05
N PRO UA 126 77.00 -37.26 83.31
CA PRO UA 126 76.58 -36.10 84.10
C PRO UA 126 77.72 -35.11 84.31
N ALA UA 127 77.35 -33.84 84.41
CA ALA UA 127 78.33 -32.79 84.64
C ALA UA 127 78.84 -32.84 86.08
N THR UA 128 80.02 -32.27 86.29
CA THR UA 128 80.66 -32.33 87.60
C THR UA 128 79.82 -31.60 88.64
N SER UA 129 79.71 -32.21 89.82
CA SER UA 129 79.05 -31.62 90.98
C SER UA 129 77.56 -31.37 90.75
N PHE UA 130 76.96 -32.05 89.77
CA PHE UA 130 75.55 -31.89 89.51
C PHE UA 130 74.73 -32.90 90.30
N THR UA 131 73.57 -32.45 90.79
CA THR UA 131 72.66 -33.32 91.52
C THR UA 131 71.24 -32.84 91.25
N GLY UA 132 70.42 -33.72 90.68
CA GLY UA 132 69.06 -33.37 90.37
C GLY UA 132 68.49 -34.32 89.33
N ILE UA 133 67.53 -33.80 88.56
CA ILE UA 133 66.82 -34.57 87.54
C ILE UA 133 67.21 -34.04 86.17
N ASP UA 134 67.43 -34.94 85.22
CA ASP UA 134 67.78 -34.58 83.86
C ASP UA 134 66.94 -35.43 82.90
N ARG UA 135 66.82 -34.94 81.66
CA ARG UA 135 65.94 -35.56 80.69
C ARG UA 135 66.58 -35.53 79.30
N PHE UA 136 66.11 -36.45 78.45
CA PHE UA 136 66.37 -36.38 77.03
C PHE UA 136 65.29 -37.20 76.33
N TRP UA 137 65.04 -36.88 75.06
CA TRP UA 137 63.94 -37.47 74.31
C TRP UA 137 64.51 -38.32 73.17
N PHE UA 138 63.98 -39.52 73.01
CA PHE UA 138 64.45 -40.48 72.02
C PHE UA 138 63.33 -40.83 71.06
N SER UA 139 63.72 -41.31 69.88
CA SER UA 139 62.77 -41.68 68.83
C SER UA 139 63.07 -43.09 68.36
N ILE UA 140 62.00 -43.87 68.15
CA ILE UA 140 62.10 -45.24 67.67
C ILE UA 140 61.07 -45.42 66.57
N ASN UA 141 61.53 -45.55 65.33
CA ASN UA 141 60.63 -45.74 64.18
C ASN UA 141 59.59 -44.64 64.12
N GLY UA 142 59.95 -43.43 64.55
CA GLY UA 142 59.04 -42.31 64.54
C GLY UA 142 58.25 -42.12 65.82
N ASN UA 143 58.27 -43.09 66.73
CA ASN UA 143 57.60 -42.95 68.01
C ASN UA 143 58.52 -42.24 69.00
N VAL UA 144 57.95 -41.35 69.80
CA VAL UA 144 58.71 -40.50 70.71
C VAL UA 144 58.41 -40.90 72.14
N GLY UA 145 59.38 -40.70 73.02
CA GLY UA 145 59.24 -41.03 74.42
C GLY UA 145 60.16 -40.19 75.27
N GLU UA 146 60.04 -40.35 76.59
CA GLU UA 146 60.83 -39.59 77.55
C GLU UA 146 61.70 -40.54 78.36
N PHE UA 147 62.86 -40.06 78.79
CA PHE UA 147 63.78 -40.82 79.61
C PHE UA 147 64.31 -39.91 80.72
N VAL UA 148 64.01 -40.25 81.96
CA VAL UA 148 64.31 -39.41 83.11
C VAL UA 148 65.47 -40.02 83.89
N ILE UA 149 66.45 -39.20 84.26
CA ILE UA 149 67.62 -39.63 85.00
C ILE UA 149 67.75 -38.76 86.25
N ALA UA 150 68.01 -39.40 87.38
CA ALA UA 150 68.24 -38.72 88.65
C ALA UA 150 69.66 -39.01 89.12
N VAL UA 151 70.41 -37.95 89.42
CA VAL UA 151 71.79 -38.07 89.86
C VAL UA 151 71.80 -37.89 91.37
N ASP UA 152 72.19 -38.93 92.09
CA ASP UA 152 72.17 -38.89 93.55
C ASP UA 152 73.34 -38.06 94.08
N PRO UA 153 73.19 -37.47 95.26
CA PRO UA 153 74.30 -36.70 95.84
C PRO UA 153 75.41 -37.62 96.33
N ALA UA 154 76.56 -37.00 96.62
CA ALA UA 154 77.68 -37.77 97.16
C ALA UA 154 77.32 -38.41 98.50
N GLN UA 155 76.68 -37.64 99.38
CA GLN UA 155 76.23 -38.14 100.66
C GLN UA 155 74.81 -37.64 100.93
N GLY UA 156 73.93 -38.55 101.33
CA GLY UA 156 72.56 -38.19 101.62
C GLY UA 156 71.59 -39.27 101.18
N PRO UA 157 70.30 -39.03 101.42
CA PRO UA 157 69.29 -40.04 101.08
C PRO UA 157 69.03 -40.10 99.58
N GLN UA 158 68.20 -41.07 99.21
CA GLN UA 158 67.87 -41.28 97.80
C GLN UA 158 66.88 -40.23 97.32
N ILE UA 159 66.99 -39.87 96.03
CA ILE UA 159 66.09 -38.90 95.44
C ILE UA 159 64.84 -39.60 94.94
N ALA UA 160 63.68 -38.96 95.14
CA ALA UA 160 62.42 -39.56 94.74
C ALA UA 160 62.23 -39.51 93.23
N GLN UA 161 61.46 -40.45 92.70
CA GLN UA 161 61.17 -40.48 91.27
C GLN UA 161 60.08 -39.47 90.95
N PRO UA 162 60.30 -38.54 90.02
CA PRO UA 162 59.26 -37.57 89.69
C PRO UA 162 58.30 -38.12 88.66
N PRO UA 163 57.08 -37.59 88.60
CA PRO UA 163 56.13 -38.06 87.58
C PRO UA 163 56.54 -37.66 86.18
N PHE UA 164 56.11 -38.45 85.21
CA PHE UA 164 56.40 -38.16 83.81
C PHE UA 164 55.63 -36.95 83.34
N THR UA 165 56.17 -36.27 82.33
CA THR UA 165 55.54 -35.06 81.81
C THR UA 165 54.34 -35.42 80.93
N PRO UA 166 53.15 -34.87 81.20
CA PRO UA 166 51.99 -35.18 80.35
C PRO UA 166 52.18 -34.65 78.93
N ALA UA 167 51.23 -35.03 78.07
CA ALA UA 167 51.25 -34.52 76.70
C ALA UA 167 51.06 -33.01 76.66
N VAL UA 168 50.05 -32.51 77.38
CA VAL UA 168 49.83 -31.08 77.54
C VAL UA 168 49.55 -30.81 79.01
N TYR UA 169 50.14 -29.74 79.53
CA TYR UA 169 50.06 -29.48 80.96
C TYR UA 169 50.05 -27.97 81.20
N VAL UA 170 49.50 -27.58 82.34
CA VAL UA 170 49.52 -26.21 82.81
C VAL UA 170 50.10 -26.24 84.22
N PRO UA 171 51.25 -25.63 84.49
CA PRO UA 171 51.78 -25.63 85.86
C PRO UA 171 50.89 -24.82 86.79
N LEU UA 172 50.16 -25.52 87.66
CA LEU UA 172 49.15 -24.85 88.49
C LEU UA 172 49.77 -23.84 89.44
N SER UA 173 50.92 -24.18 90.03
CA SER UA 173 51.56 -23.29 90.99
C SER UA 173 51.95 -21.96 90.38
N ARG UA 174 52.22 -21.92 89.07
CA ARG UA 174 52.64 -20.70 88.37
C ARG UA 174 51.42 -20.13 87.67
N ARG UA 175 50.82 -19.11 88.27
CA ARG UA 175 49.67 -18.42 87.71
C ARG UA 175 49.47 -17.12 88.47
N GLU UA 176 48.75 -16.19 87.86
CA GLU UA 176 48.50 -14.90 88.47
C GLU UA 176 47.18 -14.34 87.96
N VAL UA 177 46.60 -13.44 88.76
CA VAL UA 177 45.39 -12.72 88.39
C VAL UA 177 45.67 -11.24 88.59
N ASN UA 178 45.48 -10.45 87.53
CA ASN UA 178 45.70 -9.00 87.58
C ASN UA 178 44.45 -8.35 88.15
N LYS UA 179 44.38 -8.34 89.48
CA LYS UA 179 43.20 -7.82 90.15
C LYS UA 179 42.93 -6.36 89.82
N GLN UA 180 43.96 -5.64 89.37
CA GLN UA 180 43.75 -4.24 88.98
C GLN UA 180 42.91 -4.12 87.71
N THR UA 181 42.88 -5.15 86.86
CA THR UA 181 42.10 -5.09 85.63
C THR UA 181 41.36 -6.39 85.34
N GLN UA 182 41.22 -7.28 86.33
CA GLN UA 182 40.39 -8.47 86.21
C GLN UA 182 40.82 -9.32 85.01
N ALA UA 183 42.03 -9.84 85.08
CA ALA UA 183 42.56 -10.72 84.03
C ALA UA 183 43.26 -11.90 84.69
N LEU UA 184 43.36 -12.99 83.92
CA LEU UA 184 44.00 -14.22 84.39
C LEU UA 184 44.99 -14.68 83.33
N ARG UA 185 46.16 -15.13 83.79
CA ARG UA 185 47.22 -15.59 82.91
C ARG UA 185 47.80 -16.90 83.42
N PHE UA 186 48.11 -17.80 82.49
CA PHE UA 186 48.74 -19.07 82.82
C PHE UA 186 49.58 -19.53 81.64
N VAL UA 187 50.44 -20.51 81.90
CA VAL UA 187 51.39 -21.02 80.92
C VAL UA 187 50.88 -22.36 80.42
N LEU UA 188 50.75 -22.48 79.10
CA LEU UA 188 50.31 -23.72 78.45
C LEU UA 188 51.51 -24.31 77.71
N GLY UA 189 51.87 -25.54 78.08
CA GLY UA 189 53.03 -26.19 77.50
C GLY UA 189 52.71 -27.54 76.92
N VAL UA 190 53.29 -27.84 75.75
CA VAL UA 190 53.05 -29.10 75.04
C VAL UA 190 54.34 -29.91 75.04
N SER UA 191 54.25 -31.16 75.44
CA SER UA 191 55.40 -32.03 75.43
C SER UA 191 55.79 -32.38 73.99
N PRO UA 192 57.08 -32.62 73.73
CA PRO UA 192 57.47 -33.01 72.37
C PRO UA 192 56.91 -34.34 71.92
N ALA UA 193 56.36 -35.14 72.84
CA ALA UA 193 55.83 -36.45 72.51
C ALA UA 193 54.37 -36.40 72.07
N ALA UA 194 53.73 -35.24 72.09
CA ALA UA 194 52.35 -35.14 71.63
C ALA UA 194 52.26 -35.50 70.15
N LYS UA 195 51.18 -36.19 69.79
CA LYS UA 195 50.98 -36.64 68.42
C LYS UA 195 50.05 -35.68 67.70
N PRO UA 196 50.37 -35.23 66.49
CA PRO UA 196 49.48 -34.28 65.80
C PRO UA 196 48.13 -34.90 65.50
N ALA UA 197 47.13 -34.04 65.38
CA ALA UA 197 45.73 -34.36 65.11
C ALA UA 197 44.97 -34.80 66.35
N ASP UA 198 45.61 -34.86 67.52
CA ASP UA 198 44.90 -35.17 68.74
C ASP UA 198 44.33 -33.90 69.36
N ILE UA 199 43.33 -34.08 70.23
CA ILE UA 199 42.58 -32.97 70.80
C ILE UA 199 42.42 -33.20 72.29
N TYR UA 200 42.53 -32.11 73.06
CA TYR UA 200 42.35 -32.14 74.51
C TYR UA 200 41.42 -31.00 74.92
N ARG UA 201 40.76 -31.17 76.05
CA ARG UA 201 39.80 -30.20 76.55
C ARG UA 201 40.23 -29.73 77.94
N LEU UA 202 40.17 -28.41 78.16
CA LEU UA 202 40.57 -27.79 79.41
C LEU UA 202 39.36 -27.08 80.02
N ASN UA 203 39.14 -27.29 81.31
CA ASN UA 203 38.05 -26.66 82.04
C ASN UA 203 38.59 -25.73 83.11
N ILE UA 204 38.06 -24.51 83.18
CA ILE UA 204 38.50 -23.50 84.12
C ILE UA 204 37.29 -23.04 84.91
N ARG UA 205 37.41 -23.06 86.23
CA ARG UA 205 36.40 -22.49 87.12
C ARG UA 205 37.05 -21.40 87.97
N GLN UA 206 36.46 -20.21 87.95
CA GLN UA 206 37.04 -19.04 88.60
C GLN UA 206 36.04 -18.50 89.61
N ALA UA 207 36.56 -17.89 90.67
CA ALA UA 207 35.75 -17.39 91.77
C ALA UA 207 35.81 -15.87 91.84
N ALA UA 208 34.78 -15.29 92.47
CA ALA UA 208 34.71 -13.86 92.70
C ALA UA 208 33.91 -13.62 93.97
N ILE UA 209 34.11 -12.45 94.58
CA ILE UA 209 33.51 -12.10 95.85
C ILE UA 209 32.78 -10.77 95.70
N ASP UA 210 31.53 -10.74 96.15
CA ASP UA 210 30.73 -9.52 96.07
C ASP UA 210 31.20 -8.49 97.09
N CYS UA 211 30.50 -7.36 97.12
CA CYS UA 211 30.81 -6.32 98.09
C CYS UA 211 30.58 -6.80 99.52
N GLU UA 212 29.60 -7.66 99.73
CA GLU UA 212 29.24 -8.13 101.06
C GLU UA 212 30.12 -9.27 101.54
N GLY UA 213 31.04 -9.77 100.70
CA GLY UA 213 31.93 -10.81 101.12
C GLY UA 213 31.41 -12.21 100.93
N ASN UA 214 30.75 -12.50 99.80
CA ASN UA 214 30.25 -13.83 99.51
C ASN UA 214 30.55 -14.16 98.05
N GLU UA 215 30.64 -15.46 97.76
CA GLU UA 215 31.32 -15.90 96.56
C GLU UA 215 30.37 -16.02 95.36
N TYR UA 216 30.96 -15.85 94.18
CA TYR UA 216 30.33 -16.21 92.91
C TYR UA 216 31.29 -17.14 92.17
N PHE UA 217 30.83 -17.69 91.05
CA PHE UA 217 31.65 -18.61 90.28
C PHE UA 217 31.35 -18.48 88.80
N HIS UA 218 32.31 -18.89 87.98
CA HIS UA 218 32.21 -18.86 86.53
C HIS UA 218 32.93 -20.08 85.96
N ILE UA 219 32.38 -20.67 84.91
CA ILE UA 219 32.92 -21.87 84.30
C ILE UA 219 33.07 -21.64 82.80
N SER UA 220 34.19 -22.09 82.25
CA SER UA 220 34.45 -22.00 80.81
C SER UA 220 35.40 -23.13 80.43
N CYS UA 221 35.49 -23.39 79.12
CA CYS UA 221 36.32 -24.46 78.62
C CYS UA 221 36.94 -24.05 77.30
N TYR UA 222 38.04 -24.72 76.96
CA TYR UA 222 38.79 -24.44 75.74
C TYR UA 222 39.20 -25.76 75.09
N ASP UA 223 39.35 -25.74 73.76
CA ASP UA 223 39.74 -26.91 72.99
C ASP UA 223 41.18 -26.72 72.50
N ILE UA 224 42.02 -27.72 72.75
CA ILE UA 224 43.42 -27.69 72.35
C ILE UA 224 43.63 -28.79 71.32
N SER UA 225 44.11 -28.42 70.13
CA SER UA 225 44.36 -29.35 69.05
C SER UA 225 45.80 -29.21 68.59
N ILE UA 226 46.46 -30.33 68.33
CA ILE UA 226 47.89 -30.34 68.01
C ILE UA 226 48.05 -30.13 66.51
N GLY UA 227 48.88 -29.15 66.13
CA GLY UA 227 49.18 -28.87 64.75
C GLY UA 227 50.57 -29.30 64.35
N SER UA 228 51.11 -28.64 63.34
CA SER UA 228 52.45 -28.94 62.84
C SER UA 228 52.88 -27.81 61.91
N CYS UA 229 54.05 -27.99 61.29
CA CYS UA 229 54.60 -27.00 60.38
C CYS UA 229 54.14 -27.29 58.95
N GLY UA 230 54.59 -26.46 58.01
CA GLY UA 230 54.24 -26.61 56.62
C GLY UA 230 55.06 -25.73 55.70
N CYS VA 23 31.44 -47.54 42.48
CA CYS VA 23 32.83 -47.90 42.27
C CYS VA 23 33.50 -46.94 41.28
N GLU VA 24 34.21 -45.95 41.79
CA GLU VA 24 34.97 -45.07 40.91
C GLU VA 24 36.05 -45.86 40.20
N SER VA 25 36.44 -45.37 39.02
CA SER VA 25 37.41 -46.05 38.17
C SER VA 25 38.74 -45.32 38.22
N ILE VA 26 39.81 -46.07 38.44
CA ILE VA 26 41.17 -45.55 38.44
C ILE VA 26 42.00 -46.38 37.47
N SER VA 27 42.85 -45.70 36.71
CA SER VA 27 43.73 -46.36 35.74
C SER VA 27 45.19 -46.07 36.10
N ALA VA 28 46.01 -47.11 36.07
CA ALA VA 28 47.40 -47.00 36.49
C ALA VA 28 48.30 -47.72 35.51
N ARG VA 29 49.56 -47.30 35.48
CA ARG VA 29 50.60 -47.91 34.65
C ARG VA 29 51.60 -48.66 35.53
N PRO VA 30 52.22 -49.73 35.04
CA PRO VA 30 53.29 -50.36 35.83
C PRO VA 30 54.43 -49.39 36.07
N GLY VA 31 54.96 -49.41 37.30
CA GLY VA 31 56.07 -48.56 37.67
C GLY VA 31 55.69 -47.15 38.07
N GLU VA 32 54.40 -46.83 38.15
CA GLU VA 32 53.97 -45.48 38.47
C GLU VA 32 53.71 -45.32 39.96
N VAL VA 33 53.76 -44.07 40.41
CA VAL VA 33 53.36 -43.68 41.77
C VAL VA 33 52.68 -42.33 41.65
N ASN VA 34 51.38 -42.27 41.94
CA ASN VA 34 50.57 -41.13 41.50
C ASN VA 34 50.00 -40.32 42.66
N GLY VA 35 49.31 -40.98 43.59
CA GLY VA 35 48.66 -40.25 44.67
C GLY VA 35 47.22 -39.90 44.34
N VAL VA 36 46.39 -39.75 45.37
CA VAL VA 36 44.95 -39.57 45.19
C VAL VA 36 44.43 -38.64 46.27
N MET VA 37 43.32 -37.96 45.96
CA MET VA 37 42.64 -37.07 46.90
C MET VA 37 41.15 -37.36 46.88
N VAL VA 38 40.53 -37.37 48.05
CA VAL VA 38 39.09 -37.53 48.19
C VAL VA 38 38.59 -36.48 49.18
N SER VA 39 37.47 -35.84 48.84
CA SER VA 39 36.93 -34.74 49.63
C SER VA 39 35.68 -35.20 50.36
N TYR VA 40 35.65 -34.98 51.67
CA TYR VA 40 34.54 -35.41 52.52
C TYR VA 40 33.65 -34.25 52.98
N VAL VA 41 33.83 -33.04 52.43
CA VAL VA 41 33.06 -31.91 52.91
C VAL VA 41 31.57 -32.14 52.74
N ALA VA 42 31.17 -32.90 51.72
CA ALA VA 42 29.75 -33.12 51.47
C ALA VA 42 29.12 -34.02 52.52
N TRP VA 43 29.94 -34.75 53.28
CA TRP VA 43 29.44 -35.72 54.26
C TRP VA 43 29.71 -35.31 55.69
N SER VA 44 30.84 -34.66 55.96
CA SER VA 44 31.25 -34.37 57.33
C SER VA 44 30.82 -32.98 57.78
N ALA VA 45 30.62 -32.06 56.86
CA ALA VA 45 30.26 -30.69 57.24
C ALA VA 45 28.96 -30.60 58.02
N PRO VA 46 27.85 -31.20 57.58
CA PRO VA 46 26.59 -31.04 58.32
C PRO VA 46 26.53 -31.79 59.64
N LEU VA 47 27.47 -32.71 59.90
CA LEU VA 47 27.46 -33.44 61.15
C LEU VA 47 27.93 -32.61 62.34
N GLY VA 48 28.47 -31.41 62.10
CA GLY VA 48 29.05 -30.66 63.19
C GLY VA 48 30.30 -31.37 63.72
N GLY VA 49 30.51 -31.25 65.02
CA GLY VA 49 31.62 -31.95 65.63
C GLY VA 49 32.96 -31.40 65.16
N HIS VA 50 33.97 -32.28 65.18
CA HIS VA 50 35.34 -31.90 64.86
C HIS VA 50 35.79 -32.38 63.48
N GLY VA 51 34.98 -33.18 62.80
CA GLY VA 51 35.33 -33.61 61.45
C GLY VA 51 36.18 -34.87 61.43
N LEU VA 52 36.99 -35.00 60.39
CA LEU VA 52 37.82 -36.18 60.22
C LEU VA 52 38.83 -36.30 61.35
N THR VA 53 39.17 -37.54 61.70
CA THR VA 53 40.05 -37.81 62.83
C THR VA 53 41.10 -38.86 62.46
N ASN VA 54 41.60 -38.80 61.24
CA ASN VA 54 42.63 -39.75 60.78
C ASN VA 54 42.02 -41.14 60.93
N LYS VA 55 42.78 -42.14 61.40
CA LYS VA 55 42.22 -43.47 61.68
C LYS VA 55 41.57 -44.08 60.45
N THR VA 56 42.27 -44.06 59.33
CA THR VA 56 41.74 -44.65 58.10
C THR VA 56 42.23 -46.08 57.94
N THR VA 57 41.47 -46.89 57.21
CA THR VA 57 41.79 -48.29 56.98
C THR VA 57 41.62 -48.63 55.50
N PHE VA 58 42.53 -49.46 54.98
CA PHE VA 58 42.51 -49.86 53.58
C PHE VA 58 42.53 -51.38 53.47
N GLU VA 59 41.94 -51.89 52.39
CA GLU VA 59 41.95 -53.31 52.09
C GLU VA 59 41.96 -53.50 50.58
N PHE VA 60 42.67 -54.52 50.13
CA PHE VA 60 42.77 -54.84 48.70
C PHE VA 60 42.13 -56.19 48.43
N GLU VA 61 41.35 -56.27 47.36
CA GLU VA 61 40.70 -57.50 46.94
C GLU VA 61 40.94 -57.72 45.45
N ASN VA 62 40.96 -58.99 45.05
CA ASN VA 62 41.15 -59.33 43.65
C ASN VA 62 39.81 -59.60 42.97
N VAL VA 63 39.68 -59.10 41.74
CA VAL VA 63 38.56 -59.44 40.88
C VAL VA 63 39.02 -60.20 39.64
N SER VA 64 40.15 -59.82 39.07
CA SER VA 64 40.76 -60.53 37.94
C SER VA 64 42.27 -60.38 38.05
N VAL VA 65 42.96 -61.48 38.33
CA VAL VA 65 44.41 -61.48 38.45
C VAL VA 65 44.96 -62.70 37.74
N THR VA 66 46.05 -62.52 37.01
CA THR VA 66 46.73 -63.59 36.29
C THR VA 66 47.98 -63.98 37.06
N GLU VA 67 48.10 -65.26 37.38
CA GLU VA 67 49.22 -65.71 38.19
C GLU VA 67 50.53 -65.50 37.41
N PRO VA 68 51.61 -65.10 38.08
CA PRO VA 68 52.87 -64.88 37.36
C PRO VA 68 53.42 -66.19 36.83
N LEU VA 69 54.13 -66.11 35.71
CA LEU VA 69 54.78 -67.27 35.13
C LEU VA 69 56.25 -67.38 35.50
N VAL VA 70 56.76 -66.48 36.34
CA VAL VA 70 58.13 -66.55 36.84
C VAL VA 70 58.10 -66.32 38.35
N ASN VA 71 59.16 -66.77 39.02
CA ASN VA 71 59.23 -66.73 40.47
C ASN VA 71 60.31 -65.75 40.91
N SER VA 72 60.01 -64.95 41.92
CA SER VA 72 61.01 -64.08 42.53
C SER VA 72 61.97 -64.91 43.37
N ALA VA 73 63.11 -64.31 43.71
CA ALA VA 73 64.14 -65.01 44.46
C ALA VA 73 64.83 -64.05 45.42
N PHE VA 74 65.55 -64.62 46.38
CA PHE VA 74 66.25 -63.85 47.39
C PHE VA 74 67.56 -64.57 47.73
N GLU VA 75 68.61 -63.78 47.98
CA GLU VA 75 69.93 -64.32 48.28
C GLU VA 75 70.66 -63.37 49.20
N ARG VA 76 71.76 -63.87 49.79
CA ARG VA 76 72.58 -63.11 50.71
C ARG VA 76 74.02 -63.09 50.21
N THR VA 77 74.70 -61.96 50.42
CA THR VA 77 76.09 -61.81 50.04
C THR VA 77 76.88 -61.19 51.18
N PRO VA 78 78.10 -61.64 51.45
CA PRO VA 78 78.88 -61.04 52.53
C PRO VA 78 79.31 -59.62 52.19
N PHE VA 79 79.91 -58.96 53.18
CA PHE VA 79 80.36 -57.58 53.02
C PHE VA 79 81.37 -57.47 51.88
N ASN VA 80 81.15 -56.49 51.01
CA ASN VA 80 82.08 -56.17 49.92
C ASN VA 80 82.44 -57.41 49.09
N THR VA 81 81.50 -58.34 48.94
CA THR VA 81 81.74 -59.59 48.23
C THR VA 81 80.91 -59.59 46.95
N THR VA 82 81.54 -59.97 45.84
CA THR VA 82 80.82 -60.08 44.58
C THR VA 82 79.90 -61.30 44.61
N LEU VA 83 78.83 -61.24 43.82
CA LEU VA 83 77.82 -62.29 43.79
C LEU VA 83 77.61 -62.76 42.35
N ALA VA 84 77.22 -64.01 42.20
CA ALA VA 84 76.94 -64.60 40.90
C ALA VA 84 75.69 -65.46 41.02
N GLY VA 85 75.03 -65.67 39.88
CA GLY VA 85 73.82 -66.46 39.87
C GLY VA 85 73.31 -66.64 38.46
N SER VA 86 72.13 -67.26 38.36
CA SER VA 86 71.52 -67.54 37.07
C SER VA 86 70.01 -67.39 37.17
N LEU VA 87 69.40 -66.87 36.11
CA LEU VA 87 67.96 -66.67 36.06
C LEU VA 87 67.21 -67.87 35.49
N ALA VA 88 67.92 -68.90 35.04
CA ALA VA 88 67.26 -70.01 34.36
C ALA VA 88 66.33 -70.78 35.30
N ALA VA 89 66.73 -70.95 36.56
CA ALA VA 89 65.94 -71.74 37.50
C ALA VA 89 64.62 -71.08 37.89
N LEU VA 90 64.41 -69.83 37.50
CA LEU VA 90 63.23 -69.08 37.93
C LEU VA 90 62.12 -69.08 36.88
N PHE VA 91 62.21 -69.91 35.85
CA PHE VA 91 61.21 -69.98 34.79
C PHE VA 91 60.69 -71.40 34.68
N PRO VA 92 59.72 -71.81 35.52
CA PRO VA 92 59.24 -73.19 35.52
C PRO VA 92 58.27 -73.49 34.37
N ASN VA 93 58.77 -73.35 33.14
CA ASN VA 93 57.94 -73.65 31.99
C ASN VA 93 57.76 -75.17 31.86
N PRO VA 94 56.53 -75.67 31.86
CA PRO VA 94 56.33 -77.11 31.70
C PRO VA 94 56.59 -77.58 30.27
N GLU VA 95 56.54 -76.66 29.31
CA GLU VA 95 56.87 -77.00 27.93
C GLU VA 95 58.35 -76.78 27.67
N GLY VA 96 58.76 -77.10 26.44
CA GLY VA 96 60.10 -76.85 25.98
C GLY VA 96 60.13 -75.87 24.83
N GLU VA 97 60.63 -74.67 25.10
CA GLU VA 97 60.76 -73.63 24.08
C GLU VA 97 62.00 -72.81 24.37
N ALA VA 98 62.41 -72.05 23.37
CA ALA VA 98 63.59 -71.19 23.51
C ALA VA 98 63.34 -70.11 24.55
N VAL VA 99 64.41 -69.69 25.22
CA VAL VA 99 64.34 -68.69 26.27
C VAL VA 99 65.35 -67.59 25.98
N GLU VA 100 65.01 -66.37 26.37
CA GLU VA 100 65.92 -65.24 26.30
C GLU VA 100 65.68 -64.36 27.51
N TYR VA 101 66.76 -63.79 28.03
CA TYR VA 101 66.74 -63.05 29.28
C TYR VA 101 67.03 -61.58 29.02
N GLU VA 102 66.54 -60.72 29.91
CA GLU VA 102 66.72 -59.29 29.76
C GLU VA 102 66.63 -58.64 31.13
N ILE VA 103 67.33 -57.51 31.28
CA ILE VA 103 67.33 -56.74 32.52
C ILE VA 103 66.65 -55.42 32.24
N LEU VA 104 65.62 -55.10 33.03
CA LEU VA 104 64.88 -53.85 32.87
C LEU VA 104 65.77 -52.71 33.34
N GLU VA 105 66.40 -52.03 32.38
CA GLU VA 105 67.32 -50.94 32.71
C GLU VA 105 66.60 -49.70 33.22
N LEU VA 106 65.28 -49.63 33.11
CA LEU VA 106 64.55 -48.46 33.55
C LEU VA 106 64.44 -48.39 35.07
N TYR VA 107 64.69 -49.49 35.78
CA TYR VA 107 64.63 -49.55 37.23
C TYR VA 107 65.95 -50.13 37.74
N PRO VA 108 67.03 -49.39 37.63
CA PRO VA 108 68.34 -49.91 38.02
C PRO VA 108 68.46 -50.01 39.53
N PRO VA 109 69.39 -50.84 40.02
CA PRO VA 109 69.63 -50.89 41.47
C PRO VA 109 70.21 -49.57 41.97
N VAL VA 110 70.00 -49.32 43.25
CA VAL VA 110 70.38 -48.03 43.85
C VAL VA 110 71.81 -48.08 44.36
N ASN VA 111 72.25 -49.26 44.83
CA ASN VA 111 73.55 -49.38 45.47
C ASN VA 111 74.37 -50.52 44.85
N GLY VA 112 74.42 -50.60 43.53
CA GLY VA 112 75.22 -51.62 42.90
C GLY VA 112 75.09 -51.56 41.40
N ILE VA 113 75.80 -52.49 40.74
CA ILE VA 113 75.76 -52.62 39.29
C ILE VA 113 75.57 -54.09 38.95
N VAL VA 114 74.78 -54.34 37.89
CA VAL VA 114 74.48 -55.68 37.44
C VAL VA 114 74.90 -55.82 35.98
N GLU VA 115 75.23 -57.06 35.59
CA GLU VA 115 75.70 -57.34 34.23
C GLU VA 115 75.11 -58.67 33.81
N LEU VA 116 74.28 -58.64 32.77
CA LEU VA 116 73.68 -59.86 32.26
C LEU VA 116 74.74 -60.71 31.56
N GLY VA 117 74.78 -62.00 31.90
CA GLY VA 117 75.78 -62.90 31.41
C GLY VA 117 75.29 -63.79 30.28
N GLU VA 118 75.93 -64.94 30.14
CA GLU VA 118 75.60 -65.86 29.06
C GLU VA 118 74.49 -66.81 29.50
N ASN VA 119 73.42 -66.87 28.72
CA ASN VA 119 72.33 -67.83 28.92
C ASN VA 119 71.85 -67.82 30.36
N GLY VA 120 71.39 -66.65 30.80
CA GLY VA 120 70.78 -66.51 32.11
C GLY VA 120 71.71 -66.20 33.25
N ALA VA 121 73.02 -66.23 33.01
CA ALA VA 121 73.97 -65.90 34.07
C ALA VA 121 74.01 -64.39 34.29
N PHE VA 122 74.34 -63.99 35.51
CA PHE VA 122 74.43 -62.59 35.86
C PHE VA 122 75.42 -62.42 37.00
N THR VA 123 75.88 -61.19 37.19
CA THR VA 123 76.83 -60.85 38.24
C THR VA 123 76.43 -59.54 38.88
N TYR VA 124 76.51 -59.48 40.21
CA TYR VA 124 76.15 -58.31 40.99
C TYR VA 124 77.37 -57.85 41.78
N ARG VA 125 77.73 -56.58 41.61
CA ARG VA 125 78.94 -56.02 42.22
C ARG VA 125 78.53 -54.88 43.15
N PRO VA 126 78.36 -55.14 44.45
CA PRO VA 126 77.91 -54.08 45.35
C PRO VA 126 78.96 -52.99 45.51
N ALA VA 127 78.47 -51.77 45.76
CA ALA VA 127 79.36 -50.66 46.02
C ALA VA 127 80.08 -50.86 47.36
N THR VA 128 81.28 -50.31 47.45
CA THR VA 128 82.09 -50.48 48.65
C THR VA 128 81.39 -49.88 49.86
N SER VA 129 81.47 -50.58 50.99
CA SER VA 129 80.97 -50.13 52.29
C SER VA 129 79.45 -50.12 52.37
N PHE VA 130 78.75 -50.72 51.40
CA PHE VA 130 77.30 -50.74 51.45
C PHE VA 130 76.80 -51.91 52.30
N THR VA 131 75.66 -51.71 52.94
CA THR VA 131 74.97 -52.76 53.68
C THR VA 131 73.50 -52.44 53.74
N GLY VA 132 72.65 -53.41 53.41
CA GLY VA 132 71.23 -53.22 53.38
C GLY VA 132 70.59 -54.12 52.35
N ILE VA 133 69.49 -53.64 51.77
CA ILE VA 133 68.69 -54.39 50.81
C ILE VA 133 68.75 -53.68 49.46
N ASP VA 134 68.83 -54.47 48.40
CA ASP VA 134 68.86 -53.94 47.03
C ASP VA 134 68.00 -54.81 46.13
N ARG VA 135 67.56 -54.23 45.03
CA ARG VA 135 66.63 -54.89 44.12
C ARG VA 135 67.03 -54.64 42.68
N PHE VA 136 66.58 -55.54 41.80
CA PHE VA 136 66.61 -55.30 40.37
C PHE VA 136 65.60 -56.23 39.71
N TRP VA 137 64.96 -55.72 38.66
CA TRP VA 137 63.85 -56.39 38.01
C TRP VA 137 64.30 -56.99 36.69
N PHE VA 138 64.04 -58.29 36.50
CA PHE VA 138 64.45 -59.02 35.32
C PHE VA 138 63.22 -59.49 34.56
N SER VA 139 63.41 -59.75 33.26
CA SER VA 139 62.35 -60.23 32.39
C SER VA 139 62.80 -61.49 31.67
N ILE VA 140 61.92 -62.47 31.57
CA ILE VA 140 62.20 -63.74 30.91
C ILE VA 140 61.11 -63.99 29.88
N ASN VA 141 61.49 -64.01 28.61
CA ASN VA 141 60.57 -64.36 27.53
C ASN VA 141 59.31 -63.51 27.56
N GLY VA 142 59.45 -62.24 27.94
CA GLY VA 142 58.34 -61.32 28.02
C GLY VA 142 57.73 -61.17 29.40
N ASN VA 143 57.94 -62.12 30.29
CA ASN VA 143 57.45 -62.02 31.65
C ASN VA 143 58.38 -61.15 32.49
N VAL VA 144 57.94 -60.82 33.70
CA VAL VA 144 58.68 -59.95 34.60
C VAL VA 144 58.73 -60.58 35.98
N GLY VA 145 59.87 -60.42 36.67
CA GLY VA 145 60.05 -60.95 38.00
C GLY VA 145 60.93 -60.03 38.81
N GLU VA 146 61.10 -60.39 40.08
CA GLU VA 146 61.87 -59.59 41.02
C GLU VA 146 63.03 -60.41 41.58
N PHE VA 147 64.16 -59.75 41.82
CA PHE VA 147 65.31 -60.37 42.47
C PHE VA 147 65.80 -59.44 43.58
N VAL VA 148 65.93 -60.00 44.78
CA VAL VA 148 66.31 -59.23 45.96
C VAL VA 148 67.64 -59.75 46.47
N ILE VA 149 68.56 -58.83 46.75
CA ILE VA 149 69.89 -59.17 47.23
C ILE VA 149 70.19 -58.33 48.47
N ALA VA 150 70.75 -58.97 49.50
CA ALA VA 150 71.06 -58.32 50.76
C ALA VA 150 72.55 -58.40 51.03
N VAL VA 151 73.13 -57.30 51.50
CA VAL VA 151 74.54 -57.22 51.85
C VAL VA 151 74.65 -57.28 53.37
N ASP VA 152 75.23 -58.36 53.88
CA ASP VA 152 75.29 -58.56 55.32
C ASP VA 152 76.33 -57.65 55.95
N PRO VA 153 76.09 -57.20 57.19
CA PRO VA 153 77.11 -56.41 57.88
C PRO VA 153 78.35 -57.23 58.18
N ALA VA 154 79.49 -56.55 58.21
CA ALA VA 154 80.76 -57.26 58.41
C ALA VA 154 80.87 -57.88 59.79
N GLN VA 155 80.46 -57.16 60.83
CA GLN VA 155 80.71 -57.56 62.22
C GLN VA 155 79.43 -57.41 63.05
N GLY VA 156 78.32 -57.93 62.53
CA GLY VA 156 77.06 -57.87 63.23
C GLY VA 156 76.10 -58.96 62.82
N PRO VA 157 74.95 -59.01 63.48
CA PRO VA 157 73.95 -60.03 63.14
C PRO VA 157 73.40 -59.84 61.73
N GLN VA 158 72.98 -60.95 61.12
CA GLN VA 158 72.50 -60.92 59.76
C GLN VA 158 71.23 -60.10 59.65
N ILE VA 159 70.95 -59.62 58.44
CA ILE VA 159 69.79 -58.79 58.19
C ILE VA 159 68.61 -59.67 57.83
N ALA VA 160 67.44 -59.34 58.36
CA ALA VA 160 66.25 -60.16 58.14
C ALA VA 160 65.75 -60.04 56.71
N GLN VA 161 65.12 -61.11 56.22
CA GLN VA 161 64.60 -61.12 54.86
C GLN VA 161 63.42 -60.16 54.74
N PRO VA 162 63.38 -59.31 53.72
CA PRO VA 162 62.23 -58.43 53.54
C PRO VA 162 61.17 -59.08 52.67
N PRO VA 163 59.92 -58.65 52.77
CA PRO VA 163 58.88 -59.19 51.89
C PRO VA 163 58.97 -58.61 50.48
N PHE VA 164 58.43 -59.35 49.52
CA PHE VA 164 58.40 -58.89 48.14
C PHE VA 164 57.36 -57.80 47.96
N THR VA 165 57.61 -56.90 47.01
CA THR VA 165 56.69 -55.80 46.76
C THR VA 165 55.42 -56.31 46.07
N PRO VA 166 54.24 -56.07 46.62
CA PRO VA 166 53.02 -56.54 45.96
C PRO VA 166 52.82 -55.89 44.60
N ALA VA 167 51.78 -56.34 43.90
CA ALA VA 167 51.47 -55.77 42.59
C ALA VA 167 51.05 -54.31 42.72
N VAL VA 168 50.14 -54.02 43.65
CA VAL VA 168 49.73 -52.66 43.95
C VAL VA 168 49.67 -52.51 45.47
N TYR VA 169 50.17 -51.40 45.98
CA TYR VA 169 50.29 -51.20 47.42
C TYR VA 169 50.08 -49.73 47.74
N VAL VA 170 49.74 -49.48 49.00
CA VAL VA 170 49.55 -48.12 49.51
C VAL VA 170 50.44 -47.92 50.73
N PRO VA 171 51.55 -47.17 50.61
CA PRO VA 171 52.38 -46.92 51.79
C PRO VA 171 51.59 -46.27 52.91
N LEU VA 172 51.51 -46.93 54.07
CA LEU VA 172 50.64 -46.48 55.14
C LEU VA 172 51.22 -45.31 55.93
N SER VA 173 52.50 -45.00 55.76
CA SER VA 173 53.10 -43.86 56.44
C SER VA 173 52.95 -42.57 55.66
N ARG VA 174 52.65 -42.65 54.37
CA ARG VA 174 52.44 -41.47 53.53
C ARG VA 174 50.95 -41.21 53.39
N ARG VA 175 50.38 -40.66 54.45
CA ARG VA 175 48.93 -40.49 54.56
C ARG VA 175 48.64 -39.35 55.50
N GLU VA 176 47.70 -38.48 55.11
CA GLU VA 176 47.39 -37.31 55.91
C GLU VA 176 45.95 -36.88 55.64
N VAL VA 177 45.38 -36.15 56.59
CA VAL VA 177 44.04 -35.59 56.48
C VAL VA 177 44.13 -34.10 56.74
N ASN VA 178 43.56 -33.30 55.85
CA ASN VA 178 43.57 -31.84 55.98
C ASN VA 178 42.29 -31.42 56.70
N LYS VA 179 42.44 -30.93 57.94
CA LYS VA 179 41.28 -30.54 58.73
C LYS VA 179 40.70 -29.20 58.29
N GLN VA 180 41.44 -28.41 57.50
CA GLN VA 180 40.91 -27.14 57.04
C GLN VA 180 39.88 -27.31 55.92
N THR VA 181 39.96 -28.41 55.17
CA THR VA 181 39.04 -28.62 54.06
C THR VA 181 38.48 -30.05 54.02
N GLN VA 182 38.77 -30.87 55.03
CA GLN VA 182 38.21 -32.22 55.11
C GLN VA 182 38.55 -33.02 53.85
N ALA VA 183 39.84 -33.19 53.61
CA ALA VA 183 40.33 -33.94 52.46
C ALA VA 183 41.39 -34.94 52.91
N LEU VA 184 41.40 -36.10 52.26
CA LEU VA 184 42.31 -37.19 52.58
C LEU VA 184 43.25 -37.42 51.41
N ARG VA 185 44.54 -37.61 51.70
CA ARG VA 185 45.55 -37.89 50.70
C ARG VA 185 46.28 -39.17 51.04
N PHE VA 186 46.48 -40.02 50.03
CA PHE VA 186 47.29 -41.22 50.16
C PHE VA 186 47.99 -41.46 48.83
N VAL VA 187 48.99 -42.34 48.87
CA VAL VA 187 49.86 -42.58 47.72
C VAL VA 187 49.58 -43.99 47.20
N LEU VA 188 49.28 -44.08 45.90
CA LEU VA 188 49.06 -45.36 45.24
C LEU VA 188 50.21 -45.63 44.28
N GLY VA 189 50.79 -46.81 44.37
CA GLY VA 189 51.91 -47.17 43.53
C GLY VA 189 51.73 -48.55 42.95
N VAL VA 190 52.25 -48.73 41.73
CA VAL VA 190 52.12 -49.97 40.98
C VAL VA 190 53.51 -50.52 40.71
N SER VA 191 53.70 -51.80 41.01
CA SER VA 191 55.00 -52.43 40.78
C SER VA 191 55.21 -52.69 39.29
N PRO VA 192 56.46 -52.80 38.84
CA PRO VA 192 56.70 -53.10 37.42
C PRO VA 192 56.12 -54.43 36.98
N ALA VA 193 55.90 -55.36 37.90
CA ALA VA 193 55.46 -56.70 37.54
C ALA VA 193 53.96 -56.82 37.32
N ALA VA 194 53.18 -55.77 37.58
CA ALA VA 194 51.75 -55.82 37.36
C ALA VA 194 51.46 -56.08 35.89
N LYS VA 195 50.58 -57.03 35.61
CA LYS VA 195 50.29 -57.39 34.23
C LYS VA 195 49.17 -56.50 33.69
N PRO VA 196 49.29 -55.96 32.47
CA PRO VA 196 48.23 -55.11 31.94
C PRO VA 196 46.92 -55.88 31.80
N ALA VA 197 45.82 -55.13 31.89
CA ALA VA 197 44.45 -55.60 31.79
C ALA VA 197 43.94 -56.22 33.09
N ASP VA 198 44.76 -56.31 34.14
CA ASP VA 198 44.29 -56.81 35.41
C ASP VA 198 43.45 -55.73 36.12
N ILE VA 199 42.72 -56.17 37.14
CA ILE VA 199 41.83 -55.29 37.90
C ILE VA 199 41.94 -55.64 39.38
N TYR VA 200 42.01 -54.61 40.22
CA TYR VA 200 42.00 -54.76 41.67
C TYR VA 200 40.95 -53.84 42.27
N ARG VA 201 40.51 -54.17 43.48
CA ARG VA 201 39.51 -53.38 44.19
C ARG VA 201 40.09 -52.91 45.52
N LEU VA 202 39.87 -51.64 45.83
CA LEU VA 202 40.37 -51.00 47.05
C LEU VA 202 39.19 -50.51 47.87
N ASN VA 203 39.19 -50.83 49.16
CA ASN VA 203 38.15 -50.38 50.07
C ASN VA 203 38.75 -49.42 51.10
N ILE VA 204 37.96 -48.42 51.49
CA ILE VA 204 38.40 -47.41 52.44
C ILE VA 204 37.31 -47.22 53.49
N ARG VA 205 37.70 -47.14 54.75
CA ARG VA 205 36.80 -46.80 55.85
C ARG VA 205 37.38 -45.61 56.59
N GLN VA 206 36.64 -44.51 56.63
CA GLN VA 206 37.10 -43.26 57.20
C GLN VA 206 36.24 -42.89 58.40
N ALA VA 207 36.89 -42.42 59.46
CA ALA VA 207 36.21 -42.11 60.71
C ALA VA 207 36.13 -40.61 60.93
N ALA VA 208 35.05 -40.20 61.60
CA ALA VA 208 34.86 -38.82 62.00
C ALA VA 208 34.24 -38.82 63.40
N ILE VA 209 34.47 -37.73 64.13
CA ILE VA 209 34.10 -37.65 65.53
C ILE VA 209 33.12 -36.50 65.73
N ASP VA 210 32.22 -36.65 66.70
CA ASP VA 210 31.35 -35.56 67.12
C ASP VA 210 32.06 -34.70 68.15
N CYS VA 211 31.32 -33.74 68.70
CA CYS VA 211 31.91 -32.77 69.61
C CYS VA 211 32.41 -33.39 70.91
N GLU VA 212 32.00 -34.62 71.24
CA GLU VA 212 32.36 -35.24 72.51
C GLU VA 212 33.32 -36.41 72.37
N GLY VA 213 33.66 -36.82 71.15
CA GLY VA 213 34.59 -37.92 70.93
C GLY VA 213 33.99 -39.16 70.31
N ASN VA 214 32.66 -39.28 70.27
CA ASN VA 214 32.03 -40.42 69.62
C ASN VA 214 32.24 -40.35 68.11
N GLU VA 215 32.22 -41.53 67.48
CA GLU VA 215 32.70 -41.68 66.11
C GLU VA 215 31.58 -41.92 65.11
N TYR VA 216 31.81 -41.47 63.88
CA TYR VA 216 31.03 -41.85 62.72
C TYR VA 216 31.95 -42.55 61.73
N PHE VA 217 31.36 -43.29 60.79
CA PHE VA 217 32.15 -44.05 59.82
C PHE VA 217 31.55 -43.92 58.43
N HIS VA 218 32.40 -44.08 57.42
CA HIS VA 218 32.02 -43.99 56.01
C HIS VA 218 32.83 -44.99 55.21
N ILE VA 219 32.17 -45.67 54.28
CA ILE VA 219 32.79 -46.74 53.50
C ILE VA 219 32.63 -46.43 52.02
N SER VA 220 33.70 -46.68 51.26
CA SER VA 220 33.69 -46.50 49.81
C SER VA 220 34.74 -47.41 49.20
N CYS VA 221 34.66 -47.62 47.89
CA CYS VA 221 35.56 -48.52 47.20
C CYS VA 221 35.84 -47.99 45.80
N TYR VA 222 37.00 -48.38 45.27
CA TYR VA 222 37.45 -47.94 43.96
C TYR VA 222 38.05 -49.13 43.21
N ASP VA 223 37.92 -49.11 41.88
CA ASP VA 223 38.41 -50.18 41.01
C ASP VA 223 39.66 -49.68 40.28
N ILE VA 224 40.73 -50.45 40.37
CA ILE VA 224 42.02 -50.10 39.76
C ILE VA 224 42.30 -51.09 38.65
N SER VA 225 42.50 -50.58 37.44
CA SER VA 225 42.77 -51.41 36.27
C SER VA 225 44.10 -50.99 35.66
N ILE VA 226 44.95 -51.97 35.35
CA ILE VA 226 46.29 -51.68 34.83
C ILE VA 226 46.20 -51.29 33.37
N GLY VA 227 46.87 -50.20 33.01
CA GLY VA 227 46.88 -49.68 31.65
C GLY VA 227 48.19 -49.93 30.94
N SER VA 228 48.48 -49.08 29.97
CA SER VA 228 49.69 -49.19 29.16
C SER VA 228 49.82 -47.91 28.34
N CYS VA 229 50.82 -47.89 27.47
CA CYS VA 229 51.09 -46.73 26.63
C CYS VA 229 50.31 -46.83 25.32
N GLY VA 230 50.58 -45.88 24.42
CA GLY VA 230 49.94 -45.87 23.12
C GLY VA 230 50.56 -44.86 22.17
N CYS WA 23 -65.18 -25.49 28.73
CA CYS WA 23 -65.02 -26.56 29.70
C CYS WA 23 -63.59 -27.10 29.70
N GLU WA 24 -62.69 -26.37 30.35
CA GLU WA 24 -61.32 -26.84 30.49
C GLU WA 24 -61.30 -28.11 31.33
N SER WA 25 -60.39 -29.02 31.00
CA SER WA 25 -60.37 -30.35 31.60
C SER WA 25 -59.34 -30.42 32.72
N ILE WA 26 -59.76 -30.99 33.84
CA ILE WA 26 -58.88 -31.26 34.98
C ILE WA 26 -58.94 -32.75 35.26
N SER WA 27 -57.82 -33.29 35.75
CA SER WA 27 -57.71 -34.69 36.10
C SER WA 27 -57.22 -34.81 37.54
N ALA WA 28 -57.80 -35.74 38.29
CA ALA WA 28 -57.48 -35.90 39.70
C ALA WA 28 -57.43 -37.39 40.05
N ARG WA 29 -56.70 -37.69 41.12
CA ARG WA 29 -56.55 -39.04 41.64
C ARG WA 29 -57.21 -39.16 43.00
N PRO WA 30 -57.82 -40.30 43.33
CA PRO WA 30 -58.40 -40.46 44.66
C PRO WA 30 -57.36 -40.28 45.76
N GLY WA 31 -57.75 -39.58 46.82
CA GLY WA 31 -56.88 -39.35 47.96
C GLY WA 31 -55.95 -38.17 47.80
N GLU WA 32 -55.97 -37.48 46.67
CA GLU WA 32 -55.05 -36.39 46.42
C GLU WA 32 -55.64 -35.06 46.84
N VAL WA 33 -54.77 -34.13 47.23
CA VAL WA 33 -55.14 -32.74 47.48
C VAL WA 33 -54.15 -31.87 46.72
N ASN WA 34 -54.66 -31.01 45.84
CA ASN WA 34 -53.81 -30.25 44.93
C ASN WA 34 -54.41 -28.87 44.71
N GLY WA 35 -53.54 -27.92 44.35
CA GLY WA 35 -53.96 -26.54 44.15
C GLY WA 35 -54.22 -26.21 42.69
N VAL WA 36 -54.99 -25.15 42.48
CA VAL WA 36 -55.36 -24.68 41.15
C VAL WA 36 -55.24 -23.17 41.12
N MET WA 37 -54.76 -22.63 40.00
CA MET WA 37 -54.56 -21.20 39.84
C MET WA 37 -55.09 -20.76 38.48
N VAL WA 38 -55.86 -19.67 38.48
CA VAL WA 38 -56.39 -19.09 37.26
C VAL WA 38 -56.03 -17.60 37.24
N SER WA 39 -55.79 -17.07 36.04
CA SER WA 39 -55.32 -15.70 35.85
C SER WA 39 -56.41 -14.89 35.17
N TYR WA 40 -56.77 -13.75 35.76
CA TYR WA 40 -57.81 -12.88 35.24
C TYR WA 40 -57.26 -11.60 34.62
N VAL WA 41 -55.95 -11.51 34.37
CA VAL WA 41 -55.37 -10.26 33.88
C VAL WA 41 -55.98 -9.88 32.54
N ALA WA 42 -56.24 -10.86 31.67
CA ALA WA 42 -56.75 -10.54 30.34
C ALA WA 42 -58.15 -9.94 30.38
N TRP WA 43 -58.89 -10.12 31.48
CA TRP WA 43 -60.26 -9.64 31.59
C TRP WA 43 -60.37 -8.38 32.42
N SER WA 44 -59.79 -8.38 33.62
CA SER WA 44 -59.95 -7.25 34.54
C SER WA 44 -58.94 -6.14 34.30
N ALA WA 45 -58.00 -6.31 33.36
CA ALA WA 45 -57.03 -5.24 33.10
C ALA WA 45 -57.66 -4.09 32.33
N PRO WA 46 -58.22 -4.30 31.14
CA PRO WA 46 -58.78 -3.16 30.39
C PRO WA 46 -59.93 -2.46 31.10
N LEU WA 47 -60.63 -3.15 32.00
CA LEU WA 47 -61.76 -2.53 32.70
C LEU WA 47 -61.33 -1.39 33.60
N GLY WA 48 -60.04 -1.29 33.92
CA GLY WA 48 -59.62 -0.29 34.88
C GLY WA 48 -60.14 -0.64 36.27
N GLY WA 49 -60.25 0.38 37.10
CA GLY WA 49 -60.80 0.18 38.42
C GLY WA 49 -59.78 -0.43 39.38
N HIS WA 50 -60.30 -1.12 40.39
CA HIS WA 50 -59.49 -1.68 41.46
C HIS WA 50 -59.26 -3.18 41.31
N GLY WA 51 -59.61 -3.76 40.17
CA GLY WA 51 -59.28 -5.16 39.94
C GLY WA 51 -60.24 -6.12 40.62
N LEU WA 52 -59.72 -7.31 40.93
CA LEU WA 52 -60.54 -8.39 41.44
C LEU WA 52 -61.05 -8.09 42.85
N THR WA 53 -61.89 -8.99 43.36
CA THR WA 53 -62.45 -8.89 44.69
C THR WA 53 -62.63 -10.29 45.24
N ASN WA 54 -62.71 -10.39 46.57
CA ASN WA 54 -62.79 -11.70 47.23
C ASN WA 54 -64.18 -12.32 47.20
N LYS WA 55 -65.10 -11.82 46.37
CA LYS WA 55 -66.45 -12.37 46.31
C LYS WA 55 -66.56 -13.42 45.20
N THR WA 56 -66.08 -14.62 45.51
CA THR WA 56 -66.19 -15.75 44.59
C THR WA 56 -67.28 -16.71 45.07
N THR WA 57 -67.72 -17.58 44.16
CA THR WA 57 -68.73 -18.57 44.46
C THR WA 57 -68.48 -19.82 43.64
N PHE WA 58 -68.61 -20.98 44.29
CA PHE WA 58 -68.35 -22.27 43.65
C PHE WA 58 -69.62 -23.11 43.67
N GLU WA 59 -69.82 -23.90 42.62
CA GLU WA 59 -70.94 -24.82 42.54
C GLU WA 59 -70.48 -26.09 41.82
N PHE WA 60 -70.94 -27.24 42.29
CA PHE WA 60 -70.56 -28.53 41.74
C PHE WA 60 -71.79 -29.20 41.14
N GLU WA 61 -71.62 -29.82 39.97
CA GLU WA 61 -72.68 -30.53 39.28
C GLU WA 61 -72.21 -31.91 38.87
N ASN WA 62 -73.12 -32.87 38.86
CA ASN WA 62 -72.81 -34.23 38.45
C ASN WA 62 -73.19 -34.46 37.00
N VAL WA 63 -72.32 -35.18 36.28
CA VAL WA 63 -72.60 -35.61 34.92
C VAL WA 63 -72.54 -37.13 34.79
N SER WA 64 -71.53 -37.76 35.38
CA SER WA 64 -71.40 -39.22 35.42
C SER WA 64 -70.94 -39.60 36.81
N VAL WA 65 -71.86 -40.07 37.64
CA VAL WA 65 -71.56 -40.50 39.01
C VAL WA 65 -72.27 -41.82 39.27
N THR WA 66 -71.56 -42.74 39.91
CA THR WA 66 -72.10 -44.06 40.25
C THR WA 66 -72.33 -44.12 41.75
N GLU WA 67 -73.54 -44.53 42.14
CA GLU WA 67 -73.88 -44.55 43.55
C GLU WA 67 -73.02 -45.58 44.29
N PRO WA 68 -72.64 -45.30 45.54
CA PRO WA 68 -71.78 -46.24 46.26
C PRO WA 68 -72.51 -47.52 46.64
N LEU WA 69 -71.74 -48.58 46.81
CA LEU WA 69 -72.27 -49.88 47.22
C LEU WA 69 -72.08 -50.16 48.70
N VAL WA 70 -71.51 -49.23 49.46
CA VAL WA 70 -71.30 -49.39 50.89
C VAL WA 70 -71.68 -48.10 51.59
N ASN WA 71 -72.31 -48.21 52.75
CA ASN WA 71 -72.80 -47.05 53.48
C ASN WA 71 -71.77 -46.60 54.52
N SER WA 72 -71.75 -45.29 54.77
CA SER WA 72 -70.92 -44.74 55.83
C SER WA 72 -71.63 -44.84 57.17
N ALA WA 73 -70.85 -44.68 58.25
CA ALA WA 73 -71.37 -44.83 59.59
C ALA WA 73 -70.75 -43.78 60.51
N PHE WA 74 -71.42 -43.56 61.64
CA PHE WA 74 -70.95 -42.63 62.67
C PHE WA 74 -71.37 -43.17 64.03
N GLU WA 75 -70.45 -43.11 64.99
CA GLU WA 75 -70.70 -43.64 66.33
C GLU WA 75 -69.94 -42.81 67.35
N ARG WA 76 -70.31 -42.99 68.61
CA ARG WA 76 -69.73 -42.26 69.73
C ARG WA 76 -69.11 -43.23 70.74
N THR WA 77 -68.12 -42.74 71.47
CA THR WA 77 -67.50 -43.48 72.54
C THR WA 77 -67.26 -42.57 73.74
N PRO WA 78 -67.27 -43.10 74.96
CA PRO WA 78 -67.02 -42.25 76.13
C PRO WA 78 -65.56 -41.80 76.18
N PHE WA 79 -65.30 -40.81 77.03
CA PHE WA 79 -63.97 -40.26 77.17
C PHE WA 79 -62.98 -41.36 77.55
N ASN WA 80 -61.85 -41.38 76.83
CA ASN WA 80 -60.77 -42.32 77.13
C ASN WA 80 -61.28 -43.76 77.23
N THR WA 81 -62.15 -44.15 76.31
CA THR WA 81 -62.81 -45.44 76.34
C THR WA 81 -62.59 -46.16 75.01
N THR WA 82 -62.34 -47.47 75.09
CA THR WA 82 -62.17 -48.26 73.88
C THR WA 82 -63.51 -48.45 73.17
N LEU WA 83 -63.46 -48.60 71.85
CA LEU WA 83 -64.65 -48.77 71.03
C LEU WA 83 -64.54 -50.05 70.21
N ALA WA 84 -65.67 -50.69 69.97
CA ALA WA 84 -65.73 -51.90 69.17
C ALA WA 84 -66.94 -51.84 68.25
N GLY WA 85 -66.86 -52.56 67.14
CA GLY WA 85 -67.95 -52.56 66.18
C GLY WA 85 -67.73 -53.60 65.12
N SER WA 86 -68.63 -53.60 64.13
CA SER WA 86 -68.58 -54.56 63.04
C SER WA 86 -68.88 -53.85 61.72
N LEU WA 87 -68.19 -54.25 60.66
CA LEU WA 87 -68.37 -53.65 59.35
C LEU WA 87 -69.38 -54.39 58.48
N ALA WA 88 -69.92 -55.52 58.97
CA ALA WA 88 -70.78 -56.34 58.13
C ALA WA 88 -72.09 -55.64 57.78
N ALA WA 89 -72.65 -54.88 58.71
CA ALA WA 89 -73.96 -54.29 58.50
C ALA WA 89 -73.96 -53.20 57.44
N LEU WA 90 -72.79 -52.74 57.01
CA LEU WA 90 -72.68 -51.61 56.09
C LEU WA 90 -72.64 -52.02 54.62
N PHE WA 91 -72.76 -53.32 54.31
CA PHE WA 91 -72.70 -53.81 52.94
C PHE WA 91 -74.02 -54.49 52.59
N PRO WA 92 -75.00 -53.76 52.05
CA PRO WA 92 -76.29 -54.35 51.67
C PRO WA 92 -76.27 -55.02 50.30
N ASN WA 93 -75.49 -56.08 50.17
CA ASN WA 93 -75.42 -56.80 48.90
C ASN WA 93 -76.72 -57.56 48.68
N PRO WA 94 -77.45 -57.30 47.58
CA PRO WA 94 -78.70 -58.04 47.35
C PRO WA 94 -78.50 -59.49 46.94
N GLU WA 95 -77.28 -59.89 46.56
CA GLU WA 95 -76.98 -61.28 46.28
C GLU WA 95 -75.97 -61.78 47.30
N GLY WA 96 -76.31 -62.87 47.99
CA GLY WA 96 -75.38 -63.47 48.93
C GLY WA 96 -74.08 -63.88 48.26
N GLU WA 97 -72.96 -63.45 48.82
CA GLU WA 97 -71.66 -63.73 48.22
C GLU WA 97 -70.59 -63.57 49.29
N ALA WA 98 -69.40 -64.10 48.98
CA ALA WA 98 -68.28 -64.00 49.90
C ALA WA 98 -67.93 -62.54 50.17
N VAL WA 99 -67.65 -62.24 51.43
CA VAL WA 99 -67.34 -60.88 51.87
C VAL WA 99 -65.98 -60.88 52.54
N GLU WA 100 -65.10 -59.98 52.11
CA GLU WA 100 -63.81 -59.78 52.74
C GLU WA 100 -63.62 -58.31 53.05
N TYR WA 101 -63.10 -58.04 54.24
CA TYR WA 101 -62.95 -56.68 54.75
C TYR WA 101 -61.48 -56.28 54.70
N GLU WA 102 -61.25 -54.97 54.75
CA GLU WA 102 -59.90 -54.43 54.70
C GLU WA 102 -59.92 -53.00 55.19
N ILE WA 103 -58.80 -52.57 55.77
CA ILE WA 103 -58.61 -51.20 56.25
C ILE WA 103 -57.49 -50.57 55.42
N LEU WA 104 -57.80 -49.46 54.78
CA LEU WA 104 -56.82 -48.76 53.96
C LEU WA 104 -55.77 -48.15 54.88
N GLU WA 105 -54.51 -48.56 54.70
CA GLU WA 105 -53.44 -48.16 55.61
C GLU WA 105 -52.80 -46.83 55.23
N LEU WA 106 -53.13 -46.27 54.07
CA LEU WA 106 -52.58 -44.97 53.71
C LEU WA 106 -53.28 -43.83 54.42
N TYR WA 107 -54.37 -44.11 55.14
CA TYR WA 107 -55.19 -43.09 55.79
C TYR WA 107 -55.40 -43.46 57.25
N PRO WA 108 -54.33 -43.54 58.03
CA PRO WA 108 -54.45 -43.99 59.41
C PRO WA 108 -55.15 -42.95 60.27
N PRO WA 109 -55.80 -43.37 61.36
CA PRO WA 109 -56.39 -42.39 62.27
C PRO WA 109 -55.31 -41.50 62.88
N VAL WA 110 -55.66 -40.24 63.10
CA VAL WA 110 -54.69 -39.27 63.58
C VAL WA 110 -54.57 -39.29 65.10
N ASN WA 111 -55.58 -39.76 65.81
CA ASN WA 111 -55.60 -39.77 67.27
C ASN WA 111 -56.10 -41.11 67.79
N GLY WA 112 -55.57 -42.21 67.28
CA GLY WA 112 -55.98 -43.51 67.77
C GLY WA 112 -55.32 -44.62 66.97
N ILE WA 113 -55.71 -45.85 67.31
CA ILE WA 113 -55.23 -47.03 66.62
C ILE WA 113 -56.41 -47.95 66.35
N VAL WA 114 -56.42 -48.55 65.16
CA VAL WA 114 -57.50 -49.45 64.74
C VAL WA 114 -56.91 -50.82 64.46
N GLU WA 115 -57.60 -51.84 64.96
CA GLU WA 115 -57.20 -53.24 64.77
C GLU WA 115 -58.36 -53.98 64.13
N LEU WA 116 -58.08 -54.76 63.09
CA LEU WA 116 -59.10 -55.47 62.34
C LEU WA 116 -59.14 -56.92 62.81
N GLY WA 117 -60.33 -57.37 63.18
CA GLY WA 117 -60.52 -58.71 63.70
C GLY WA 117 -60.98 -59.70 62.65
N GLU WA 118 -61.83 -60.62 63.07
CA GLU WA 118 -62.28 -61.70 62.21
C GLU WA 118 -63.75 -61.48 61.81
N ASN WA 119 -64.00 -61.56 60.50
CA ASN WA 119 -65.33 -61.30 59.94
C ASN WA 119 -65.84 -59.91 60.32
N GLY WA 120 -65.07 -58.89 59.94
CA GLY WA 120 -65.53 -57.53 60.04
C GLY WA 120 -65.46 -56.91 61.41
N ALA WA 121 -64.99 -57.63 62.42
CA ALA WA 121 -64.86 -57.06 63.74
C ALA WA 121 -63.61 -56.19 63.82
N PHE WA 122 -63.76 -55.01 64.42
CA PHE WA 122 -62.66 -54.06 64.54
C PHE WA 122 -62.67 -53.46 65.93
N THR WA 123 -61.50 -52.98 66.35
CA THR WA 123 -61.33 -52.35 67.66
C THR WA 123 -60.62 -51.02 67.48
N TYR WA 124 -61.20 -49.97 68.05
CA TYR WA 124 -60.62 -48.63 68.01
C TYR WA 124 -60.21 -48.23 69.41
N ARG WA 125 -58.95 -47.82 69.56
CA ARG WA 125 -58.37 -47.51 70.86
C ARG WA 125 -57.86 -46.07 70.83
N PRO WA 126 -58.66 -45.10 71.27
CA PRO WA 126 -58.25 -43.70 71.16
C PRO WA 126 -57.04 -43.39 72.05
N ALA WA 127 -56.30 -42.37 71.63
CA ALA WA 127 -55.15 -41.93 72.40
C ALA WA 127 -55.60 -41.37 73.75
N THR WA 128 -54.75 -41.54 74.75
CA THR WA 128 -55.08 -41.11 76.10
C THR WA 128 -55.40 -39.62 76.14
N SER WA 129 -56.48 -39.26 76.84
CA SER WA 129 -56.87 -37.87 77.03
C SER WA 129 -57.14 -37.18 75.70
N PHE WA 130 -57.87 -37.83 74.80
CA PHE WA 130 -58.24 -37.21 73.54
C PHE WA 130 -59.71 -36.79 73.57
N THR WA 131 -60.01 -35.73 72.83
CA THR WA 131 -61.38 -35.23 72.73
C THR WA 131 -61.54 -34.54 71.38
N GLY WA 132 -62.32 -35.12 70.49
CA GLY WA 132 -62.52 -34.57 69.17
C GLY WA 132 -63.13 -35.61 68.24
N ILE WA 133 -62.78 -35.49 66.97
CA ILE WA 133 -63.31 -36.35 65.91
C ILE WA 133 -62.16 -37.13 65.30
N ASP WA 134 -62.47 -38.29 64.72
CA ASP WA 134 -61.47 -39.13 64.09
C ASP WA 134 -62.14 -39.92 62.97
N ARG WA 135 -61.31 -40.49 62.08
CA ARG WA 135 -61.81 -41.18 60.90
C ARG WA 135 -60.88 -42.34 60.56
N PHE WA 136 -61.41 -43.27 59.78
CA PHE WA 136 -60.61 -44.29 59.13
C PHE WA 136 -61.42 -44.88 57.99
N TRP WA 137 -60.72 -45.28 56.93
CA TRP WA 137 -61.35 -45.70 55.68
C TRP WA 137 -61.21 -47.20 55.51
N PHE WA 138 -62.32 -47.87 55.20
CA PHE WA 138 -62.37 -49.31 55.06
C PHE WA 138 -62.85 -49.68 53.67
N SER WA 139 -62.61 -50.93 53.29
CA SER WA 139 -62.99 -51.44 52.00
C SER WA 139 -63.67 -52.80 52.15
N ILE WA 140 -64.80 -52.98 51.45
CA ILE WA 140 -65.54 -54.23 51.45
C ILE WA 140 -65.71 -54.66 50.00
N ASN WA 141 -65.11 -55.79 49.63
CA ASN WA 141 -65.18 -56.30 48.27
C ASN WA 141 -64.74 -55.25 47.26
N GLY WA 142 -63.73 -54.46 47.62
CA GLY WA 142 -63.21 -53.45 46.73
C GLY WA 142 -63.99 -52.15 46.70
N ASN WA 143 -64.97 -51.98 47.59
CA ASN WA 143 -65.77 -50.76 47.66
C ASN WA 143 -65.34 -49.97 48.89
N VAL WA 144 -65.00 -48.70 48.68
CA VAL WA 144 -64.44 -47.86 49.73
C VAL WA 144 -65.56 -47.16 50.47
N GLY WA 145 -65.44 -47.12 51.80
CA GLY WA 145 -66.41 -46.43 52.63
C GLY WA 145 -65.70 -45.57 53.66
N GLU WA 146 -66.51 -44.83 54.42
CA GLU WA 146 -66.01 -43.92 55.44
C GLU WA 146 -66.60 -44.30 56.79
N PHE WA 147 -65.82 -44.13 57.85
CA PHE WA 147 -66.26 -44.37 59.22
C PHE WA 147 -65.80 -43.21 60.07
N VAL WA 148 -66.74 -42.59 60.79
CA VAL WA 148 -66.48 -41.41 61.60
C VAL WA 148 -66.71 -41.77 63.06
N ILE WA 149 -65.81 -41.31 63.93
CA ILE WA 149 -65.88 -41.56 65.36
C ILE WA 149 -65.70 -40.23 66.09
N ALA WA 150 -66.48 -40.04 67.16
CA ALA WA 150 -66.41 -38.84 67.97
C ALA WA 150 -66.12 -39.22 69.42
N VAL WA 151 -65.29 -38.42 70.07
CA VAL WA 151 -64.88 -38.66 71.46
C VAL WA 151 -65.33 -37.45 72.27
N ASP WA 152 -66.48 -37.56 72.92
CA ASP WA 152 -66.98 -36.47 73.73
C ASP WA 152 -66.20 -36.37 75.04
N PRO WA 153 -66.06 -35.17 75.59
CA PRO WA 153 -65.33 -35.04 76.86
C PRO WA 153 -66.13 -35.56 78.04
N ALA WA 154 -65.42 -35.73 79.16
CA ALA WA 154 -66.06 -36.22 80.38
C ALA WA 154 -67.11 -35.24 80.90
N GLN WA 155 -66.98 -33.95 80.63
CA GLN WA 155 -67.94 -32.95 81.07
C GLN WA 155 -68.22 -31.99 79.94
N GLY WA 156 -69.40 -31.37 79.98
CA GLY WA 156 -69.82 -30.44 78.97
C GLY WA 156 -70.73 -31.09 77.94
N PRO WA 157 -71.24 -30.28 77.02
CA PRO WA 157 -72.16 -30.82 76.00
C PRO WA 157 -71.46 -31.74 75.03
N GLN WA 158 -72.24 -32.62 74.42
CA GLN WA 158 -71.70 -33.57 73.46
C GLN WA 158 -71.25 -32.86 72.20
N ILE WA 159 -70.41 -33.54 71.42
CA ILE WA 159 -69.88 -32.97 70.18
C ILE WA 159 -70.88 -33.24 69.06
N ALA WA 160 -71.23 -32.19 68.33
CA ALA WA 160 -72.18 -32.31 67.24
C ALA WA 160 -71.61 -33.19 66.13
N GLN WA 161 -72.49 -33.91 65.45
CA GLN WA 161 -72.06 -34.81 64.39
C GLN WA 161 -71.60 -34.02 63.17
N PRO WA 162 -70.38 -34.21 62.67
CA PRO WA 162 -69.95 -33.48 61.48
C PRO WA 162 -70.48 -34.14 60.22
N PRO WA 163 -70.56 -33.40 59.11
CA PRO WA 163 -71.03 -34.00 57.87
C PRO WA 163 -69.99 -34.94 57.26
N PHE WA 164 -70.47 -35.87 56.44
CA PHE WA 164 -69.57 -36.80 55.77
C PHE WA 164 -68.75 -36.07 54.71
N THR WA 165 -67.60 -36.66 54.39
CA THR WA 165 -66.69 -36.05 53.41
C THR WA 165 -67.22 -36.25 52.00
N PRO WA 166 -67.44 -35.18 51.23
CA PRO WA 166 -67.91 -35.38 49.85
C PRO WA 166 -66.86 -36.08 49.00
N ALA WA 167 -67.28 -36.47 47.79
CA ALA WA 167 -66.34 -37.09 46.86
C ALA WA 167 -65.30 -36.10 46.37
N VAL WA 168 -65.72 -34.90 46.01
CA VAL WA 168 -64.81 -33.81 45.65
C VAL WA 168 -65.33 -32.53 46.29
N TYR WA 169 -64.41 -31.72 46.78
CA TYR WA 169 -64.78 -30.53 47.54
C TYR WA 169 -63.69 -29.48 47.36
N VAL WA 170 -64.03 -28.25 47.72
CA VAL WA 170 -63.12 -27.12 47.69
C VAL WA 170 -63.19 -26.44 49.05
N PRO WA 171 -62.16 -26.55 49.90
CA PRO WA 171 -62.21 -25.85 51.20
C PRO WA 171 -62.34 -24.35 50.99
N LEU WA 172 -63.36 -23.76 51.61
CA LEU WA 172 -63.62 -22.34 51.42
C LEU WA 172 -62.67 -21.45 52.21
N SER WA 173 -62.18 -21.93 53.37
CA SER WA 173 -61.24 -21.14 54.15
C SER WA 173 -59.90 -20.96 53.44
N ARG WA 174 -59.52 -21.91 52.59
CA ARG WA 174 -58.24 -21.84 51.86
C ARG WA 174 -58.52 -21.25 50.49
N ARG WA 175 -58.38 -19.93 50.40
CA ARG WA 175 -58.71 -19.20 49.18
C ARG WA 175 -58.09 -17.81 49.28
N GLU WA 176 -57.55 -17.32 48.16
CA GLU WA 176 -56.89 -16.03 48.16
C GLU WA 176 -56.87 -15.46 46.75
N VAL WA 177 -56.87 -14.14 46.68
CA VAL WA 177 -56.77 -13.40 45.42
C VAL WA 177 -55.58 -12.48 45.52
N ASN WA 178 -54.70 -12.52 44.52
CA ASN WA 178 -53.47 -11.73 44.52
C ASN WA 178 -53.72 -10.50 43.66
N LYS WA 179 -54.01 -9.38 44.33
CA LYS WA 179 -54.28 -8.13 43.59
C LYS WA 179 -53.06 -7.68 42.79
N GLN WA 180 -51.86 -8.02 43.23
CA GLN WA 180 -50.66 -7.59 42.51
C GLN WA 180 -50.58 -8.18 41.11
N THR WA 181 -51.19 -9.34 40.88
CA THR WA 181 -51.12 -9.98 39.56
C THR WA 181 -52.48 -10.47 39.08
N GLN WA 182 -53.56 -10.22 39.81
CA GLN WA 182 -54.91 -10.59 39.39
C GLN WA 182 -55.00 -12.09 39.12
N ALA WA 183 -54.83 -12.88 40.18
CA ALA WA 183 -54.92 -14.32 40.11
C ALA WA 183 -55.71 -14.85 41.29
N LEU WA 184 -56.38 -15.99 41.08
CA LEU WA 184 -57.17 -16.65 42.11
C LEU WA 184 -56.56 -18.00 42.43
N ARG WA 185 -56.50 -18.34 43.71
CA ARG WA 185 -55.98 -19.63 44.16
C ARG WA 185 -57.00 -20.33 45.03
N PHE WA 186 -57.26 -21.60 44.73
CA PHE WA 186 -58.10 -22.44 45.56
C PHE WA 186 -57.53 -23.85 45.57
N VAL WA 187 -58.03 -24.68 46.48
CA VAL WA 187 -57.52 -26.02 46.72
C VAL WA 187 -58.57 -27.03 46.32
N LEU WA 188 -58.17 -28.00 45.51
CA LEU WA 188 -59.05 -29.07 45.06
C LEU WA 188 -58.65 -30.37 45.75
N GLY WA 189 -59.60 -31.00 46.42
CA GLY WA 189 -59.34 -32.23 47.16
C GLY WA 189 -60.26 -33.34 46.70
N VAL WA 190 -59.72 -34.56 46.66
CA VAL WA 190 -60.46 -35.74 46.24
C VAL WA 190 -60.45 -36.74 47.40
N SER WA 191 -61.62 -37.22 47.77
CA SER WA 191 -61.71 -38.21 48.84
C SER WA 191 -61.25 -39.57 48.35
N PRO WA 192 -60.78 -40.43 49.25
CA PRO WA 192 -60.39 -41.79 48.82
C PRO WA 192 -61.54 -42.61 48.27
N ALA WA 193 -62.78 -42.22 48.53
CA ALA WA 193 -63.95 -42.98 48.09
C ALA WA 193 -64.36 -42.66 46.66
N ALA WA 194 -63.75 -41.65 46.04
CA ALA WA 194 -64.08 -41.33 44.66
C ALA WA 194 -63.80 -42.53 43.76
N LYS WA 195 -64.71 -42.80 42.83
CA LYS WA 195 -64.61 -43.96 41.97
C LYS WA 195 -64.02 -43.57 40.63
N PRO WA 196 -63.06 -44.33 40.08
CA PRO WA 196 -62.44 -43.93 38.81
C PRO WA 196 -63.46 -43.84 37.68
N ALA WA 197 -63.15 -42.98 36.72
CA ALA WA 197 -63.94 -42.81 35.49
C ALA WA 197 -65.17 -41.95 35.71
N ASP WA 198 -65.37 -41.45 36.93
CA ASP WA 198 -66.46 -40.51 37.15
C ASP WA 198 -66.06 -39.12 36.69
N ILE WA 199 -67.07 -38.25 36.55
CA ILE WA 199 -66.85 -36.88 36.09
C ILE WA 199 -67.72 -35.94 36.92
N TYR WA 200 -67.12 -34.83 37.35
CA TYR WA 200 -67.84 -33.75 38.00
C TYR WA 200 -67.56 -32.45 37.27
N ARG WA 201 -68.45 -31.47 37.46
CA ARG WA 201 -68.32 -30.16 36.84
C ARG WA 201 -68.31 -29.08 37.92
N LEU WA 202 -67.44 -28.10 37.76
CA LEU WA 202 -67.28 -27.02 38.73
C LEU WA 202 -67.57 -25.69 38.03
N ASN WA 203 -68.37 -24.84 38.67
CA ASN WA 203 -68.71 -23.52 38.16
C ASN WA 203 -68.18 -22.46 39.11
N ILE WA 204 -67.53 -21.44 38.57
CA ILE WA 204 -66.92 -20.37 39.34
C ILE WA 204 -67.45 -19.04 38.83
N ARG WA 205 -67.86 -18.17 39.75
CA ARG WA 205 -68.21 -16.79 39.43
C ARG WA 205 -67.31 -15.86 40.23
N GLN WA 206 -66.64 -14.96 39.55
CA GLN WA 206 -65.68 -14.04 40.15
C GLN WA 206 -66.10 -12.61 39.87
N ALA WA 207 -65.80 -11.72 40.81
CA ALA WA 207 -66.27 -10.35 40.76
C ALA WA 207 -65.09 -9.38 40.75
N ALA WA 208 -65.25 -8.31 39.98
CA ALA WA 208 -64.30 -7.19 39.96
C ALA WA 208 -65.08 -5.90 40.16
N ILE WA 209 -64.38 -4.86 40.61
CA ILE WA 209 -65.01 -3.60 40.97
C ILE WA 209 -64.34 -2.46 40.20
N ASP WA 210 -65.14 -1.47 39.80
CA ASP WA 210 -64.61 -0.27 39.19
C ASP WA 210 -64.18 0.73 40.27
N CYS WA 211 -63.90 1.96 39.83
CA CYS WA 211 -63.38 2.97 40.75
C CYS WA 211 -64.36 3.30 41.87
N GLU WA 212 -65.65 3.47 41.57
CA GLU WA 212 -66.63 3.87 42.57
C GLU WA 212 -67.16 2.69 43.38
N GLY WA 213 -66.88 1.46 42.98
CA GLY WA 213 -67.27 0.30 43.74
C GLY WA 213 -68.34 -0.59 43.13
N ASN WA 214 -68.83 -0.27 41.93
CA ASN WA 214 -69.77 -1.14 41.24
C ASN WA 214 -69.04 -2.37 40.72
N GLU WA 215 -69.78 -3.45 40.54
CA GLU WA 215 -69.22 -4.78 40.35
C GLU WA 215 -69.43 -5.31 38.94
N TYR WA 216 -68.47 -6.09 38.48
CA TYR WA 216 -68.59 -6.92 37.28
C TYR WA 216 -68.61 -8.38 37.69
N PHE WA 217 -68.75 -9.27 36.71
CA PHE WA 217 -68.77 -10.70 36.99
C PHE WA 217 -68.25 -11.48 35.79
N HIS WA 218 -67.68 -12.65 36.07
CA HIS WA 218 -67.11 -13.54 35.07
C HIS WA 218 -67.41 -14.98 35.46
N ILE WA 219 -67.87 -15.78 34.51
CA ILE WA 219 -68.31 -17.15 34.77
C ILE WA 219 -67.50 -18.10 33.91
N SER WA 220 -67.05 -19.20 34.51
CA SER WA 220 -66.31 -20.24 33.80
C SER WA 220 -66.54 -21.56 34.50
N CYS WA 221 -66.26 -22.65 33.79
CA CYS WA 221 -66.51 -23.97 34.33
C CYS WA 221 -65.38 -24.92 33.92
N TYR WA 222 -65.15 -25.93 34.75
CA TYR WA 222 -64.10 -26.91 34.54
C TYR WA 222 -64.64 -28.31 34.79
N ASP WA 223 -64.12 -29.28 34.03
CA ASP WA 223 -64.54 -30.68 34.15
C ASP WA 223 -63.46 -31.45 34.90
N ILE WA 224 -63.85 -32.15 35.95
CA ILE WA 224 -62.94 -32.96 36.76
C ILE WA 224 -63.28 -34.42 36.51
N SER WA 225 -62.30 -35.20 36.07
CA SER WA 225 -62.48 -36.61 35.78
C SER WA 225 -61.53 -37.42 36.65
N ILE WA 226 -62.07 -38.40 37.37
CA ILE WA 226 -61.27 -39.22 38.26
C ILE WA 226 -60.46 -40.22 37.43
N GLY WA 227 -59.22 -40.46 37.84
CA GLY WA 227 -58.35 -41.36 37.12
C GLY WA 227 -57.43 -42.17 38.00
N SER WA 228 -56.30 -42.60 37.46
CA SER WA 228 -55.30 -43.39 38.18
C SER WA 228 -54.05 -43.44 37.32
N CYS WA 229 -53.07 -44.23 37.74
CA CYS WA 229 -51.84 -44.39 36.98
C CYS WA 229 -51.25 -45.76 37.28
N GLY WA 230 -50.36 -46.20 36.38
CA GLY WA 230 -49.74 -47.51 36.52
C GLY WA 230 -48.62 -47.73 35.52
N CYS XA 23 -71.29 -61.76 11.70
CA CYS XA 23 -70.75 -61.72 13.04
C CYS XA 23 -69.27 -62.11 13.02
N GLU XA 24 -68.46 -61.38 13.79
CA GLU XA 24 -67.04 -61.67 13.85
C GLU XA 24 -66.80 -63.02 14.52
N SER XA 25 -65.71 -63.68 14.12
CA SER XA 25 -65.43 -65.05 14.53
C SER XA 25 -64.25 -65.07 15.51
N ILE XA 26 -64.42 -65.82 16.59
CA ILE XA 26 -63.37 -66.03 17.59
C ILE XA 26 -63.19 -67.53 17.76
N SER XA 27 -61.94 -67.98 17.72
CA SER XA 27 -61.59 -69.38 17.91
C SER XA 27 -60.78 -69.53 19.18
N ALA XA 28 -61.21 -70.43 20.06
CA ALA XA 28 -60.58 -70.60 21.36
C ALA XA 28 -60.36 -72.08 21.64
N ARG XA 29 -59.38 -72.38 22.50
CA ARG XA 29 -59.02 -73.74 22.85
C ARG XA 29 -59.37 -74.02 24.30
N PRO XA 30 -59.68 -75.26 24.66
CA PRO XA 30 -59.95 -75.59 26.06
C PRO XA 30 -58.77 -75.25 26.96
N GLY XA 31 -59.06 -74.74 28.15
CA GLY XA 31 -58.04 -74.40 29.12
C GLY XA 31 -57.33 -73.10 28.88
N GLU XA 32 -57.74 -72.33 27.88
CA GLU XA 32 -57.04 -71.10 27.51
C GLU XA 32 -57.74 -69.88 28.09
N VAL XA 33 -56.95 -68.83 28.33
CA VAL XA 33 -57.47 -67.53 28.73
C VAL XA 33 -56.70 -66.50 27.91
N ASN XA 34 -57.37 -65.84 26.98
CA ASN XA 34 -56.69 -65.08 25.93
C ASN XA 34 -56.83 -63.58 26.07
N GLY XA 35 -58.05 -63.05 26.20
CA GLY XA 35 -58.22 -61.61 26.24
C GLY XA 35 -58.48 -61.01 24.87
N VAL XA 36 -59.38 -60.03 24.80
CA VAL XA 36 -59.82 -59.46 23.53
C VAL XA 36 -59.82 -57.94 23.65
N MET XA 37 -59.70 -57.27 22.50
CA MET XA 37 -59.64 -55.82 22.43
C MET XA 37 -60.47 -55.36 21.25
N VAL XA 38 -61.32 -54.35 21.47
CA VAL XA 38 -62.16 -53.77 20.43
C VAL XA 38 -61.98 -52.26 20.45
N SER XA 39 -62.06 -51.64 19.28
CA SER XA 39 -61.81 -50.21 19.12
C SER XA 39 -63.09 -49.51 18.72
N TYR XA 40 -63.43 -48.45 19.45
CA TYR XA 40 -64.67 -47.71 19.23
C TYR XA 40 -64.45 -46.32 18.65
N VAL XA 41 -63.23 -45.99 18.20
CA VAL XA 41 -62.98 -44.64 17.71
C VAL XA 41 -63.86 -44.32 16.51
N ALA XA 42 -64.09 -45.29 15.64
CA ALA XA 42 -64.86 -45.02 14.42
C ALA XA 42 -66.28 -44.58 14.75
N TRP XA 43 -66.82 -45.00 15.89
CA TRP XA 43 -68.20 -44.68 16.25
C TRP XA 43 -68.27 -43.54 17.27
N SER XA 44 -67.32 -43.49 18.21
CA SER XA 44 -67.41 -42.53 19.29
C SER XA 44 -66.80 -41.18 18.92
N ALA XA 45 -65.81 -41.18 18.03
CA ALA XA 45 -65.10 -39.94 17.72
C ALA XA 45 -66.03 -38.84 17.19
N PRO XA 46 -66.83 -39.08 16.15
CA PRO XA 46 -67.66 -37.98 15.62
C PRO XA 46 -68.72 -37.48 16.59
N LEU XA 47 -69.11 -38.28 17.59
CA LEU XA 47 -70.17 -37.87 18.50
C LEU XA 47 -69.73 -36.74 19.43
N GLY XA 48 -68.44 -36.48 19.53
CA GLY XA 48 -67.99 -35.52 20.52
C GLY XA 48 -68.24 -36.05 21.92
N GLY XA 49 -68.44 -35.12 22.84
CA GLY XA 49 -68.77 -35.52 24.21
C GLY XA 49 -67.55 -36.06 24.94
N HIS XA 50 -67.82 -36.96 25.88
CA HIS XA 50 -66.79 -37.49 26.78
C HIS XA 50 -66.37 -38.91 26.45
N GLY XA 51 -66.79 -39.44 25.30
CA GLY XA 51 -66.32 -40.75 24.89
C GLY XA 51 -67.07 -41.89 25.60
N LEU XA 52 -66.37 -43.01 25.73
CA LEU XA 52 -66.98 -44.23 26.24
C LEU XA 52 -67.27 -44.10 27.75
N THR XA 53 -67.85 -45.16 28.30
CA THR XA 53 -68.19 -45.22 29.71
C THR XA 53 -68.12 -46.68 30.16
N ASN XA 54 -67.93 -46.89 31.45
CA ASN XA 54 -67.76 -48.23 31.99
C ASN XA 54 -69.05 -49.04 32.06
N LYS XA 55 -70.13 -48.58 31.44
CA LYS XA 55 -71.40 -49.29 31.48
C LYS XA 55 -71.56 -50.33 30.37
N THR XA 56 -70.79 -51.40 30.42
CA THR XA 56 -70.92 -52.48 29.44
C THR XA 56 -71.87 -53.55 29.96
N THR XA 57 -72.30 -54.43 29.06
CA THR XA 57 -73.15 -55.56 29.41
C THR XA 57 -72.86 -56.71 28.45
N PHE XA 58 -72.76 -57.91 29.01
CA PHE XA 58 -72.42 -59.11 28.26
C PHE XA 58 -73.53 -60.14 28.38
N GLU XA 59 -73.71 -60.93 27.32
CA GLU XA 59 -74.72 -61.99 27.30
C GLU XA 59 -74.23 -63.11 26.39
N PHE XA 60 -74.54 -64.35 26.79
CA PHE XA 60 -74.14 -65.54 26.06
C PHE XA 60 -75.37 -66.28 25.56
N GLU XA 61 -75.29 -66.82 24.35
CA GLU XA 61 -76.36 -67.60 23.75
C GLU XA 61 -75.80 -68.95 23.31
N ASN XA 62 -76.54 -70.02 23.60
CA ASN XA 62 -76.11 -71.38 23.28
C ASN XA 62 -76.70 -71.77 21.92
N VAL XA 63 -76.06 -71.28 20.86
CA VAL XA 63 -76.53 -71.57 19.51
C VAL XA 63 -76.40 -73.05 19.21
N SER XA 64 -75.27 -73.67 19.59
CA SER XA 64 -75.03 -75.08 19.31
C SER XA 64 -74.08 -75.61 20.39
N VAL XA 65 -74.63 -76.38 21.32
CA VAL XA 65 -73.87 -76.96 22.42
C VAL XA 65 -74.32 -78.39 22.63
N THR XA 66 -73.40 -79.21 23.15
CA THR XA 66 -73.66 -80.63 23.41
C THR XA 66 -73.72 -80.84 24.92
N GLU XA 67 -74.66 -81.68 25.35
CA GLU XA 67 -74.84 -81.91 26.78
C GLU XA 67 -73.65 -82.68 27.35
N PRO XA 68 -73.36 -82.49 28.64
CA PRO XA 68 -72.26 -83.24 29.26
C PRO XA 68 -72.71 -84.64 29.66
N LEU XA 69 -71.86 -85.63 29.39
CA LEU XA 69 -72.17 -87.02 29.72
C LEU XA 69 -71.72 -87.41 31.12
N VAL XA 70 -71.15 -86.48 31.88
CA VAL XA 70 -70.71 -86.74 33.25
C VAL XA 70 -71.20 -85.60 34.13
N ASN XA 71 -71.27 -85.86 35.43
CA ASN XA 71 -71.80 -84.90 36.39
C ASN XA 71 -70.71 -84.42 37.34
N SER XA 72 -70.67 -83.12 37.58
CA SER XA 72 -69.75 -82.57 38.57
C SER XA 72 -70.27 -82.85 39.97
N ALA XA 73 -69.39 -82.67 40.96
CA ALA XA 73 -69.74 -82.97 42.34
C ALA XA 73 -69.07 -81.96 43.26
N PHE XA 74 -69.64 -81.81 44.45
CA PHE XA 74 -69.13 -80.91 45.47
C PHE XA 74 -69.17 -81.61 46.82
N GLU XA 75 -68.14 -81.42 47.62
CA GLU XA 75 -68.00 -82.12 48.89
C GLU XA 75 -67.30 -81.23 49.90
N ARG XA 76 -67.22 -81.72 51.14
CA ARG XA 76 -66.60 -81.01 52.24
C ARG XA 76 -65.71 -81.94 53.04
N THR XA 77 -64.80 -81.35 53.81
CA THR XA 77 -63.96 -82.09 54.72
C THR XA 77 -63.58 -81.17 55.87
N PRO XA 78 -63.34 -81.71 57.07
CA PRO XA 78 -62.94 -80.85 58.19
C PRO XA 78 -61.50 -80.36 58.07
N PHE XA 79 -61.10 -79.55 59.05
CA PHE XA 79 -59.77 -78.97 59.07
C PHE XA 79 -58.70 -80.06 59.11
N ASN XA 80 -57.70 -79.92 58.24
CA ASN XA 80 -56.55 -80.81 58.21
C ASN XA 80 -56.98 -82.28 58.15
N THR XA 81 -58.11 -82.55 57.51
CA THR XA 81 -58.67 -83.89 57.44
C THR XA 81 -58.61 -84.36 55.99
N THR XA 82 -58.10 -85.57 55.78
CA THR XA 82 -58.06 -86.14 54.44
C THR XA 82 -59.46 -86.45 53.96
N LEU XA 83 -59.68 -86.29 52.66
CA LEU XA 83 -60.97 -86.56 52.03
C LEU XA 83 -60.83 -87.73 51.06
N ALA XA 84 -61.75 -88.68 51.16
CA ALA XA 84 -61.76 -89.86 50.31
C ALA XA 84 -63.10 -89.96 49.59
N GLY XA 85 -63.07 -90.52 48.39
CA GLY XA 85 -64.27 -90.65 47.62
C GLY XA 85 -64.07 -91.54 46.41
N SER XA 86 -65.01 -91.48 45.49
CA SER XA 86 -64.95 -92.30 44.29
C SER XA 86 -65.61 -91.54 43.13
N LEU XA 87 -65.06 -91.75 41.93
CA LEU XA 87 -65.59 -91.12 40.73
C LEU XA 87 -66.60 -91.99 40.00
N ALA XA 88 -66.83 -93.23 40.46
CA ALA XA 88 -67.69 -94.14 39.73
C ALA XA 88 -69.14 -93.69 39.71
N ALA XA 89 -69.61 -93.04 40.78
CA ALA XA 89 -71.02 -92.66 40.85
C ALA XA 89 -71.37 -91.52 39.91
N LEU XA 90 -70.38 -90.88 39.29
CA LEU XA 90 -70.60 -89.69 38.48
C LEU XA 90 -70.76 -89.99 37.00
N PHE XA 91 -70.80 -91.27 36.60
CA PHE XA 91 -70.97 -91.65 35.20
C PHE XA 91 -72.18 -92.58 35.11
N PRO XA 92 -73.38 -92.04 34.98
CA PRO XA 92 -74.58 -92.89 34.96
C PRO XA 92 -74.87 -93.48 33.59
N ASN XA 93 -73.92 -94.21 33.03
CA ASN XA 93 -74.14 -94.83 31.73
C ASN XA 93 -75.13 -95.99 31.87
N PRO XA 94 -76.22 -96.01 31.11
CA PRO XA 94 -77.14 -97.15 31.20
C PRO XA 94 -76.67 -98.38 30.44
N GLU XA 95 -75.70 -98.25 29.55
CA GLU XA 95 -75.21 -99.38 28.78
C GLU XA 95 -74.17 -100.16 29.58
N GLY XA 96 -73.94 -101.40 29.15
CA GLY XA 96 -72.91 -102.23 29.74
C GLY XA 96 -71.60 -102.09 28.98
N GLU XA 97 -70.62 -101.44 29.60
CA GLU XA 97 -69.35 -101.18 28.95
C GLU XA 97 -68.28 -100.94 30.00
N ALA XA 98 -67.02 -101.12 29.58
CA ALA XA 98 -65.90 -100.88 30.47
C ALA XA 98 -65.62 -99.39 30.59
N VAL XA 99 -65.15 -98.98 31.78
CA VAL XA 99 -64.86 -97.59 32.06
C VAL XA 99 -63.43 -97.49 32.59
N GLU XA 100 -62.81 -96.34 32.31
CA GLU XA 100 -61.48 -96.03 32.81
C GLU XA 100 -61.48 -94.63 33.38
N TYR XA 101 -60.71 -94.44 34.44
CA TYR XA 101 -60.65 -93.17 35.16
C TYR XA 101 -59.29 -92.54 34.97
N GLU XA 102 -59.27 -91.22 34.83
CA GLU XA 102 -58.04 -90.49 34.57
C GLU XA 102 -58.14 -89.11 35.21
N ILE XA 103 -56.98 -88.55 35.56
CA ILE XA 103 -56.88 -87.22 36.15
C ILE XA 103 -56.09 -86.34 35.19
N LEU XA 104 -56.68 -85.23 34.77
CA LEU XA 104 -56.01 -84.27 33.89
C LEU XA 104 -54.95 -83.55 34.71
N GLU XA 105 -53.68 -83.79 34.37
CA GLU XA 105 -52.58 -83.28 35.19
C GLU XA 105 -52.11 -81.89 34.77
N LEU XA 106 -52.60 -81.36 33.64
CA LEU XA 106 -52.27 -79.98 33.28
C LEU XA 106 -52.93 -78.98 34.20
N TYR XA 107 -53.88 -79.40 35.03
CA TYR XA 107 -54.59 -78.51 35.95
C TYR XA 107 -54.54 -79.11 37.36
N PRO XA 108 -53.36 -79.17 37.96
CA PRO XA 108 -53.23 -79.80 39.27
C PRO XA 108 -53.90 -78.97 40.36
N PRO XA 109 -54.28 -79.59 41.47
CA PRO XA 109 -54.89 -78.82 42.55
C PRO XA 109 -53.92 -77.78 43.11
N VAL XA 110 -54.47 -76.66 43.54
CA VAL XA 110 -53.65 -75.53 43.98
C VAL XA 110 -53.14 -75.73 45.40
N ASN XA 111 -53.99 -76.19 46.33
CA ASN XA 111 -53.65 -76.27 47.73
C ASN XA 111 -53.68 -77.70 48.25
N GLY XA 112 -53.35 -78.68 47.42
CA GLY XA 112 -53.34 -80.05 47.86
C GLY XA 112 -52.77 -80.97 46.81
N ILE XA 113 -52.96 -82.26 47.03
CA ILE XA 113 -52.51 -83.30 46.11
C ILE XA 113 -53.60 -84.35 45.98
N VAL XA 114 -53.85 -84.80 44.76
CA VAL XA 114 -54.88 -85.80 44.48
C VAL XA 114 -54.20 -87.11 44.11
N GLU XA 115 -54.63 -88.19 44.75
CA GLU XA 115 -54.07 -89.53 44.54
C GLU XA 115 -55.20 -90.42 44.04
N LEU XA 116 -55.15 -90.79 42.76
CA LEU XA 116 -56.17 -91.64 42.19
C LEU XA 116 -55.98 -93.09 42.64
N GLY XA 117 -57.04 -93.69 43.17
CA GLY XA 117 -57.02 -95.07 43.59
C GLY XA 117 -57.51 -95.99 42.48
N GLU XA 118 -57.81 -97.22 42.89
CA GLU XA 118 -58.30 -98.21 41.93
C GLU XA 118 -59.81 -98.12 41.77
N ASN XA 119 -60.28 -98.44 40.57
CA ASN XA 119 -61.71 -98.50 40.28
C ASN XA 119 -62.42 -97.20 40.63
N GLY XA 120 -61.78 -96.08 40.31
CA GLY XA 120 -62.38 -94.78 40.48
C GLY XA 120 -62.23 -94.16 41.85
N ALA XA 121 -61.64 -94.87 42.81
CA ALA XA 121 -61.41 -94.30 44.13
C ALA XA 121 -60.29 -93.27 44.06
N PHE XA 122 -60.35 -92.30 44.96
CA PHE XA 122 -59.35 -91.24 45.01
C PHE XA 122 -59.20 -90.76 46.44
N THR XA 123 -58.07 -90.09 46.70
CA THR XA 123 -57.79 -89.50 48.00
C THR XA 123 -57.20 -88.11 47.80
N TYR XA 124 -57.77 -87.12 48.49
CA TYR XA 124 -57.30 -85.75 48.44
C TYR XA 124 -56.75 -85.37 49.79
N ARG XA 125 -55.50 -84.94 49.82
CA ARG XA 125 -54.81 -84.61 51.08
C ARG XA 125 -54.53 -83.11 51.13
N PRO XA 126 -55.35 -82.31 51.81
CA PRO XA 126 -55.10 -80.87 51.83
C PRO XA 126 -53.84 -80.52 52.58
N ALA XA 127 -53.22 -79.41 52.17
CA ALA XA 127 -52.03 -78.92 52.87
C ALA XA 127 -52.41 -78.44 54.27
N THR XA 128 -51.46 -78.55 55.18
CA THR XA 128 -51.72 -78.19 56.57
C THR XA 128 -52.05 -76.70 56.69
N SER XA 129 -53.10 -76.40 57.44
CA SER XA 129 -53.52 -75.03 57.75
C SER XA 129 -54.21 -74.35 56.58
N PHE XA 130 -54.67 -75.11 55.59
CA PHE XA 130 -55.37 -74.52 54.46
C PHE XA 130 -56.87 -74.40 54.76
N THR XA 131 -57.47 -73.33 54.24
CA THR XA 131 -58.90 -73.08 54.45
C THR XA 131 -59.42 -72.32 53.24
N GLY XA 132 -60.21 -72.99 52.41
CA GLY XA 132 -60.76 -72.39 51.22
C GLY XA 132 -61.30 -73.45 50.29
N ILE XA 133 -61.39 -73.09 49.01
CA ILE XA 133 -61.95 -73.94 47.97
C ILE XA 133 -60.80 -74.50 47.13
N ASP XA 134 -60.99 -75.71 46.61
CA ASP XA 134 -60.00 -76.36 45.76
C ASP XA 134 -60.72 -77.14 44.67
N ARG XA 135 -59.99 -77.45 43.61
CA ARG XA 135 -60.56 -78.12 42.45
C ARG XA 135 -59.58 -79.14 41.90
N PHE XA 136 -60.10 -80.07 41.12
CA PHE XA 136 -59.28 -80.95 40.30
C PHE XA 136 -60.17 -81.58 39.25
N TRP XA 137 -59.67 -81.62 38.01
CA TRP XA 137 -60.45 -82.02 36.85
C TRP XA 137 -60.17 -83.49 36.55
N PHE XA 138 -61.25 -84.26 36.40
CA PHE XA 138 -61.16 -85.69 36.15
C PHE XA 138 -61.82 -86.03 34.82
N SER XA 139 -61.49 -87.21 34.30
CA SER XA 139 -62.04 -87.71 33.06
C SER XA 139 -62.49 -89.16 33.24
N ILE XA 140 -63.64 -89.50 32.67
CA ILE XA 140 -64.17 -90.86 32.72
C ILE XA 140 -64.44 -91.30 31.28
N ASN XA 141 -63.66 -92.27 30.80
CA ASN XA 141 -63.89 -92.88 29.50
C ASN XA 141 -63.84 -91.84 28.38
N GLY XA 142 -63.12 -90.73 28.61
CA GLY XA 142 -62.95 -89.71 27.61
C GLY XA 142 -63.85 -88.50 27.76
N ASN XA 143 -64.62 -88.41 28.84
CA ASN XA 143 -65.48 -87.27 29.09
C ASN XA 143 -64.98 -86.52 30.32
N VAL XA 144 -64.94 -85.19 30.22
CA VAL XA 144 -64.32 -84.33 31.23
C VAL XA 144 -65.38 -83.83 32.19
N GLY XA 145 -65.00 -83.70 33.46
CA GLY XA 145 -65.87 -83.15 34.47
C GLY XA 145 -65.08 -82.37 35.51
N GLU XA 146 -65.80 -81.72 36.40
CA GLU XA 146 -65.20 -80.91 37.45
C GLU XA 146 -65.57 -81.49 38.82
N PHE XA 147 -64.61 -81.48 39.74
CA PHE XA 147 -64.84 -81.83 41.13
C PHE XA 147 -64.37 -80.68 42.00
N VAL XA 148 -65.23 -80.26 42.93
CA VAL XA 148 -64.94 -79.13 43.82
C VAL XA 148 -64.84 -79.65 45.25
N ILE XA 149 -63.94 -79.06 46.03
CA ILE XA 149 -63.71 -79.44 47.41
C ILE XA 149 -63.57 -78.18 48.25
N ALA XA 150 -64.14 -78.20 49.44
CA ALA XA 150 -64.03 -77.11 50.40
C ALA XA 150 -63.48 -77.64 51.72
N VAL XA 151 -62.52 -76.91 52.28
CA VAL XA 151 -61.91 -77.25 53.56
C VAL XA 151 -62.34 -76.17 54.57
N ASP XA 152 -62.98 -76.59 55.64
CA ASP XA 152 -63.58 -75.62 56.55
C ASP XA 152 -62.75 -75.48 57.83
N PRO XA 153 -62.73 -74.31 58.44
CA PRO XA 153 -62.01 -74.16 59.71
C PRO XA 153 -62.65 -74.95 60.83
N ALA XA 154 -61.83 -75.32 61.81
CA ALA XA 154 -62.31 -76.08 62.95
C ALA XA 154 -62.89 -75.20 64.06
N GLN XA 155 -62.90 -73.89 63.88
CA GLN XA 155 -63.39 -72.96 64.90
C GLN XA 155 -64.27 -71.89 64.29
N GLY XA 156 -65.12 -72.25 63.33
CA GLY XA 156 -65.96 -71.27 62.67
C GLY XA 156 -67.06 -71.89 61.84
N PRO XA 157 -67.79 -71.07 61.11
CA PRO XA 157 -68.90 -71.58 60.29
C PRO XA 157 -68.42 -72.24 59.01
N GLN XA 158 -69.33 -72.95 58.36
CA GLN XA 158 -69.02 -73.62 57.11
C GLN XA 158 -69.00 -72.62 55.96
N ILE XA 159 -68.31 -73.00 54.88
CA ILE XA 159 -68.22 -72.14 53.70
C ILE XA 159 -69.35 -72.46 52.74
N ALA XA 160 -69.94 -71.42 52.15
CA ALA XA 160 -71.04 -71.61 51.21
C ALA XA 160 -70.54 -72.24 49.92
N GLN XA 161 -71.35 -73.11 49.35
CA GLN XA 161 -70.97 -73.80 48.11
C GLN XA 161 -70.84 -72.79 46.99
N PRO XA 162 -69.77 -72.84 46.20
CA PRO XA 162 -69.65 -71.91 45.07
C PRO XA 162 -70.31 -72.46 43.83
N PRO XA 163 -70.47 -71.65 42.79
CA PRO XA 163 -71.07 -72.16 41.55
C PRO XA 163 -70.03 -72.87 40.69
N PHE XA 164 -70.49 -73.89 39.98
CA PHE XA 164 -69.61 -74.61 39.07
C PHE XA 164 -69.17 -73.72 37.93
N THR XA 165 -67.92 -73.89 37.48
CA THR XA 165 -67.38 -73.04 36.44
C THR XA 165 -68.05 -73.33 35.10
N PRO XA 166 -68.57 -72.32 34.40
CA PRO XA 166 -69.21 -72.59 33.11
C PRO XA 166 -68.22 -73.08 32.07
N ALA XA 167 -68.75 -73.39 30.88
CA ALA XA 167 -67.89 -73.79 29.78
C ALA XA 167 -67.09 -72.62 29.23
N VAL XA 168 -67.76 -71.47 29.04
CA VAL XA 168 -67.10 -70.23 28.63
C VAL XA 168 -67.66 -69.10 29.47
N TYR XA 169 -66.78 -68.21 29.90
CA TYR XA 169 -67.16 -67.14 30.80
C TYR XA 169 -66.28 -65.91 30.56
N VAL XA 170 -66.76 -64.77 31.02
CA VAL XA 170 -66.02 -63.51 30.94
C VAL XA 170 -66.03 -62.87 32.32
N PRO XA 171 -64.89 -62.80 33.02
CA PRO XA 171 -64.90 -62.19 34.36
C PRO XA 171 -65.39 -60.75 34.31
N LEU XA 172 -66.17 -60.37 35.33
CA LEU XA 172 -66.76 -59.04 35.36
C LEU XA 172 -65.82 -58.00 35.96
N SER XA 173 -64.86 -58.42 36.78
CA SER XA 173 -63.95 -57.46 37.40
C SER XA 173 -62.78 -57.10 36.49
N ARG XA 174 -62.35 -58.01 35.62
CA ARG XA 174 -61.21 -57.77 34.73
C ARG XA 174 -61.72 -57.10 33.45
N ARG XA 175 -61.95 -55.80 33.57
CA ARG XA 175 -62.48 -55.01 32.46
C ARG XA 175 -61.99 -53.58 32.62
N GLU XA 176 -61.73 -52.91 31.49
CA GLU XA 176 -61.29 -51.53 31.52
C GLU XA 176 -61.53 -50.90 30.16
N VAL XA 177 -61.59 -49.57 30.15
CA VAL XA 177 -61.73 -48.79 28.92
C VAL XA 177 -60.65 -47.71 28.93
N ASN XA 178 -59.94 -47.59 27.82
CA ASN XA 178 -58.86 -46.62 27.67
C ASN XA 178 -59.47 -45.37 27.02
N LYS XA 179 -59.76 -44.36 27.85
CA LYS XA 179 -60.43 -43.16 27.36
C LYS XA 179 -59.61 -42.41 26.33
N GLN XA 180 -58.28 -42.49 26.37
CA GLN XA 180 -57.46 -41.76 25.42
C GLN XA 180 -57.66 -42.27 23.99
N THR XA 181 -57.79 -43.60 23.82
CA THR XA 181 -57.90 -44.19 22.49
C THR XA 181 -59.25 -44.85 22.26
N GLN XA 182 -60.19 -44.76 23.19
CA GLN XA 182 -61.54 -45.31 23.03
C GLN XA 182 -61.48 -46.79 22.67
N ALA XA 183 -60.96 -47.58 23.59
CA ALA XA 183 -60.83 -49.02 23.41
C ALA XA 183 -61.36 -49.74 24.64
N LEU XA 184 -61.92 -50.93 24.43
CA LEU XA 184 -62.46 -51.76 25.49
C LEU XA 184 -61.67 -53.06 25.57
N ARG XA 185 -61.30 -53.45 26.78
CA ARG XA 185 -60.57 -54.68 27.04
C ARG XA 185 -61.37 -55.59 27.96
N PHE XA 186 -61.37 -56.89 27.67
CA PHE XA 186 -61.98 -57.87 28.53
C PHE XA 186 -61.30 -59.21 28.32
N VAL XA 187 -61.54 -60.14 29.25
CA VAL XA 187 -60.86 -61.42 29.29
C VAL XA 187 -61.87 -62.52 28.98
N LEU XA 188 -61.52 -63.41 28.07
CA LEU XA 188 -62.33 -64.55 27.71
C LEU XA 188 -61.60 -65.82 28.13
N GLY XA 189 -62.27 -66.65 28.92
CA GLY XA 189 -61.66 -67.88 29.41
C GLY XA 189 -62.53 -69.08 29.11
N VAL XA 190 -61.89 -70.13 28.62
CA VAL XA 190 -62.55 -71.36 28.21
C VAL XA 190 -62.23 -72.44 29.24
N SER XA 191 -63.26 -73.03 29.82
CA SER XA 191 -63.06 -74.08 30.81
C SER XA 191 -62.54 -75.35 30.12
N PRO XA 192 -61.82 -76.20 30.86
CA PRO XA 192 -61.35 -77.45 30.26
C PRO XA 192 -62.47 -78.35 29.78
N ALA XA 193 -63.66 -78.22 30.36
CA ALA XA 193 -64.78 -79.10 30.03
C ALA XA 193 -65.40 -78.80 28.67
N ALA XA 194 -65.11 -77.64 28.07
CA ALA XA 194 -65.70 -77.28 26.80
C ALA XA 194 -65.42 -78.33 25.74
N LYS XA 195 -66.46 -78.98 25.25
CA LYS XA 195 -66.28 -79.99 24.21
C LYS XA 195 -65.95 -79.30 22.88
N PRO XA 196 -65.05 -79.85 22.07
CA PRO XA 196 -64.71 -79.20 20.81
C PRO XA 196 -65.86 -79.28 19.81
N ALA XA 197 -65.76 -78.45 18.78
CA ALA XA 197 -66.71 -78.34 17.67
C ALA XA 197 -67.98 -77.59 18.06
N ASP XA 198 -68.15 -77.19 19.32
CA ASP XA 198 -69.32 -76.44 19.72
C ASP XA 198 -69.19 -74.98 19.31
N ILE XA 199 -70.29 -74.24 19.43
CA ILE XA 199 -70.35 -72.84 19.05
C ILE XA 199 -71.10 -72.07 20.12
N TYR XA 200 -70.61 -70.88 20.44
CA TYR XA 200 -71.27 -69.95 21.34
C TYR XA 200 -71.35 -68.58 20.69
N ARG XA 201 -72.31 -67.77 21.15
CA ARG XA 201 -72.48 -66.41 20.67
C ARG XA 201 -72.43 -65.45 21.84
N LEU XA 202 -71.70 -64.35 21.67
CA LEU XA 202 -71.51 -63.34 22.70
C LEU XA 202 -72.02 -62.00 22.17
N ASN XA 203 -72.87 -61.35 22.96
CA ASN XA 203 -73.43 -60.05 22.61
C ASN XA 203 -72.90 -59.00 23.57
N ILE XA 204 -72.44 -57.87 23.02
CA ILE XA 204 -71.87 -56.79 23.80
C ILE XA 204 -72.68 -55.53 23.53
N ARG XA 205 -73.10 -54.88 24.61
CA ARG XA 205 -73.74 -53.57 24.55
C ARG XA 205 -72.87 -52.56 25.27
N GLN XA 206 -72.48 -51.48 24.58
CA GLN XA 206 -71.56 -50.50 25.11
C GLN XA 206 -72.19 -49.13 25.06
N ALA XA 207 -71.85 -48.28 26.02
CA ALA XA 207 -72.46 -46.98 26.18
C ALA XA 207 -71.43 -45.86 26.02
N ALA XA 208 -71.88 -44.74 25.46
CA ALA XA 208 -71.09 -43.53 25.35
C ALA XA 208 -71.90 -42.37 25.89
N ILE XA 209 -71.20 -41.30 26.26
CA ILE XA 209 -71.81 -40.16 26.93
C ILE XA 209 -71.47 -38.90 26.17
N ASP XA 210 -72.46 -38.03 25.99
CA ASP XA 210 -72.26 -36.75 25.32
C ASP XA 210 -71.64 -35.74 26.29
N CYS XA 211 -71.65 -34.47 25.89
CA CYS XA 211 -71.04 -33.42 26.70
C CYS XA 211 -71.89 -33.02 27.90
N GLU XA 212 -73.12 -33.52 28.03
CA GLU XA 212 -74.00 -33.13 29.11
C GLU XA 212 -74.38 -34.29 30.03
N GLY XA 213 -73.93 -35.51 29.74
CA GLY XA 213 -74.24 -36.66 30.56
C GLY XA 213 -75.25 -37.63 29.99
N ASN XA 214 -75.89 -37.29 28.88
CA ASN XA 214 -76.81 -38.21 28.23
C ASN XA 214 -76.04 -39.33 27.54
N GLU XA 215 -76.72 -40.43 27.26
CA GLU XA 215 -76.07 -41.67 26.86
C GLU XA 215 -76.46 -42.09 25.45
N TYR XA 216 -75.47 -42.61 24.72
CA TYR XA 216 -75.67 -43.34 23.49
C TYR XA 216 -75.37 -44.81 23.74
N PHE XA 217 -75.76 -45.67 22.79
CA PHE XA 217 -75.54 -47.10 22.92
C PHE XA 217 -75.14 -47.70 21.59
N HIS XA 218 -74.38 -48.80 21.65
CA HIS XA 218 -73.93 -49.53 20.47
C HIS XA 218 -73.93 -51.02 20.80
N ILE XA 219 -74.29 -51.83 19.80
CA ILE XA 219 -74.49 -53.26 19.99
C ILE XA 219 -73.72 -54.03 18.92
N SER XA 220 -73.05 -55.11 19.35
CA SER XA 220 -72.33 -55.98 18.43
C SER XA 220 -72.33 -57.39 19.02
N CYS XA 221 -72.09 -58.37 18.15
CA CYS XA 221 -72.10 -59.76 18.57
C CYS XA 221 -70.93 -60.50 17.93
N TYR XA 222 -70.46 -61.54 18.62
CA TYR XA 222 -69.31 -62.32 18.19
C TYR XA 222 -69.61 -63.80 18.35
N ASP XA 223 -69.02 -64.61 17.48
CA ASP XA 223 -69.22 -66.05 17.48
C ASP XA 223 -67.96 -66.74 18.00
N ILE XA 224 -68.13 -67.66 18.95
CA ILE XA 224 -67.02 -68.37 19.57
C ILE XA 224 -67.17 -69.86 19.24
N SER XA 225 -66.14 -70.44 18.64
CA SER XA 225 -66.13 -71.86 18.28
C SER XA 225 -64.98 -72.54 19.01
N ILE XA 226 -65.25 -73.67 19.64
CA ILE XA 226 -64.24 -74.40 20.39
C ILE XA 226 -63.40 -75.21 19.42
N GLY XA 227 -62.08 -75.03 19.48
CA GLY XA 227 -61.15 -75.69 18.58
C GLY XA 227 -60.37 -76.79 19.26
N SER XA 228 -59.25 -77.15 18.63
CA SER XA 228 -58.39 -78.21 19.13
C SER XA 228 -57.00 -78.02 18.55
N CYS XA 229 -56.11 -78.97 18.86
CA CYS XA 229 -54.73 -78.88 18.40
C CYS XA 229 -54.65 -79.10 16.89
N GLY XA 230 -53.50 -78.74 16.33
CA GLY XA 230 -53.27 -78.88 14.91
C GLY XA 230 -51.80 -78.84 14.54
N CYS YA 23 -86.11 -39.84 -0.97
CA CYS YA 23 -85.94 -39.65 0.46
C CYS YA 23 -84.69 -40.39 0.95
N GLU YA 24 -83.90 -39.72 1.78
CA GLU YA 24 -82.68 -40.33 2.30
C GLU YA 24 -83.03 -41.52 3.19
N SER YA 25 -82.15 -42.51 3.20
CA SER YA 25 -82.38 -43.78 3.87
C SER YA 25 -81.54 -43.86 5.14
N ILE YA 26 -82.18 -44.23 6.24
CA ILE YA 26 -81.51 -44.45 7.52
C ILE YA 26 -81.83 -45.87 7.97
N SER YA 27 -80.78 -46.64 8.30
CA SER YA 27 -80.92 -48.00 8.78
C SER YA 27 -80.50 -48.06 10.24
N ALA YA 28 -81.38 -48.61 11.08
CA ALA YA 28 -81.15 -48.66 12.51
C ALA YA 28 -81.44 -50.06 13.03
N ARG YA 29 -80.75 -50.43 14.11
CA ARG YA 29 -80.93 -51.73 14.75
C ARG YA 29 -81.74 -51.60 16.03
N PRO YA 30 -82.46 -52.64 16.45
CA PRO YA 30 -83.18 -52.56 17.72
C PRO YA 30 -82.23 -52.30 18.89
N GLY YA 31 -82.68 -51.48 19.82
CA GLY YA 31 -81.93 -51.20 21.03
C GLY YA 31 -80.81 -50.20 20.87
N GLU YA 32 -80.67 -49.59 19.71
CA GLU YA 32 -79.56 -48.69 19.44
C GLU YA 32 -79.99 -47.23 19.59
N VAL YA 33 -79.04 -46.39 19.96
CA VAL YA 33 -79.21 -44.94 20.01
C VAL YA 33 -78.00 -44.34 19.30
N ASN YA 34 -78.23 -43.70 18.15
CA ASN YA 34 -77.14 -43.36 17.25
C ASN YA 34 -76.87 -41.87 17.12
N GLY YA 35 -77.87 -41.06 16.78
CA GLY YA 35 -77.64 -39.64 16.56
C GLY YA 35 -77.38 -39.32 15.11
N VAL YA 36 -77.91 -38.17 14.65
CA VAL YA 36 -77.84 -37.80 13.24
C VAL YA 36 -77.45 -36.32 13.14
N MET YA 37 -76.87 -35.95 12.01
CA MET YA 37 -76.47 -34.58 11.74
C MET YA 37 -76.82 -34.23 10.30
N VAL YA 38 -77.41 -33.05 10.11
CA VAL YA 38 -77.77 -32.54 8.79
C VAL YA 38 -77.25 -31.13 8.67
N SER YA 39 -76.72 -30.79 7.48
CA SER YA 39 -76.08 -29.51 7.24
C SER YA 39 -76.98 -28.62 6.39
N TYR YA 40 -77.16 -27.38 6.83
CA TYR YA 40 -78.03 -26.42 6.17
C TYR YA 40 -77.26 -25.29 5.50
N VAL YA 41 -75.94 -25.39 5.39
CA VAL YA 41 -75.15 -24.29 4.81
C VAL YA 41 -75.58 -24.04 3.37
N ALA YA 42 -75.88 -25.09 2.62
CA ALA YA 42 -76.20 -24.93 1.21
C ALA YA 42 -77.48 -24.12 1.01
N TRP YA 43 -78.34 -24.06 2.03
CA TRP YA 43 -79.62 -23.37 1.90
C TRP YA 43 -79.63 -22.01 2.60
N SER YA 44 -79.28 -21.97 3.88
CA SER YA 44 -79.38 -20.76 4.67
C SER YA 44 -78.27 -19.76 4.38
N ALA YA 45 -77.16 -20.19 3.80
CA ALA YA 45 -76.03 -19.28 3.60
C ALA YA 45 -76.38 -18.10 2.71
N PRO YA 46 -76.92 -18.29 1.51
CA PRO YA 46 -77.22 -17.12 0.65
C PRO YA 46 -78.33 -16.24 1.18
N LEU YA 47 -79.17 -16.72 2.10
CA LEU YA 47 -80.27 -15.90 2.59
C LEU YA 47 -79.79 -14.77 3.49
N GLY YA 48 -78.52 -14.75 3.89
CA GLY YA 48 -78.09 -13.76 4.83
C GLY YA 48 -78.75 -13.95 6.18
N GLY YA 49 -79.02 -12.84 6.86
CA GLY YA 49 -79.72 -12.92 8.13
C GLY YA 49 -78.86 -13.55 9.21
N HIS YA 50 -79.54 -14.16 10.20
CA HIS YA 50 -78.89 -14.74 11.37
C HIS YA 50 -78.90 -16.26 11.34
N GLY YA 51 -79.24 -16.87 10.22
CA GLY YA 51 -79.16 -18.32 10.12
C GLY YA 51 -80.33 -19.02 10.79
N LEU YA 52 -80.07 -20.22 11.30
CA LEU YA 52 -81.12 -21.07 11.84
C LEU YA 52 -81.71 -20.45 13.10
N THR YA 53 -82.96 -20.82 13.38
CA THR YA 53 -83.74 -20.22 14.47
C THR YA 53 -83.85 -21.10 15.70
N ASN YA 54 -83.61 -22.41 15.56
CA ASN YA 54 -83.69 -23.35 16.68
C ASN YA 54 -85.14 -23.59 17.11
N LYS YA 55 -86.05 -23.78 16.15
CA LYS YA 55 -87.45 -24.12 16.42
C LYS YA 55 -87.92 -25.23 15.49
N THR YA 56 -87.09 -26.26 15.34
CA THR YA 56 -87.43 -27.38 14.46
C THR YA 56 -88.71 -28.07 14.94
N THR YA 57 -89.23 -28.95 14.09
CA THR YA 57 -90.41 -29.74 14.39
C THR YA 57 -90.27 -31.11 13.73
N PHE YA 58 -90.73 -32.15 14.41
CA PHE YA 58 -90.59 -33.53 13.94
C PHE YA 58 -91.95 -34.21 13.91
N GLU YA 59 -92.09 -35.15 12.97
CA GLU YA 59 -93.31 -35.94 12.84
C GLU YA 59 -92.96 -37.33 12.34
N PHE YA 60 -93.69 -38.33 12.83
CA PHE YA 60 -93.49 -39.72 12.45
C PHE YA 60 -94.72 -40.24 11.71
N GLU YA 61 -94.49 -41.12 10.73
CA GLU YA 61 -95.55 -41.78 9.99
C GLU YA 61 -95.22 -43.26 9.86
N ASN YA 62 -96.27 -44.09 9.83
CA ASN YA 62 -96.11 -45.55 9.73
C ASN YA 62 -96.41 -45.98 8.31
N VAL YA 63 -95.37 -46.01 7.47
CA VAL YA 63 -95.55 -46.47 6.10
C VAL YA 63 -95.80 -47.97 6.06
N SER YA 64 -95.07 -48.73 6.89
CA SER YA 64 -95.24 -50.19 6.92
C SER YA 64 -94.79 -50.66 8.30
N VAL YA 65 -95.75 -51.04 9.14
CA VAL YA 65 -95.48 -51.49 10.50
C VAL YA 65 -96.35 -52.69 10.82
N THR YA 66 -95.78 -53.62 11.59
CA THR YA 66 -96.49 -54.82 12.02
C THR YA 66 -96.95 -54.65 13.47
N GLU YA 67 -98.14 -55.14 13.76
CA GLU YA 67 -98.70 -54.98 15.08
C GLU YA 67 -97.99 -55.90 16.08
N PRO YA 68 -98.01 -55.57 17.37
CA PRO YA 68 -97.37 -56.44 18.37
C PRO YA 68 -98.30 -57.57 18.78
N LEU YA 69 -97.72 -58.75 18.98
CA LEU YA 69 -98.49 -59.92 19.39
C LEU YA 69 -98.53 -60.11 20.90
N VAL YA 70 -97.92 -59.20 21.66
CA VAL YA 70 -97.93 -59.25 23.12
C VAL YA 70 -98.27 -57.87 23.65
N ASN YA 71 -98.72 -57.82 24.90
CA ASN YA 71 -99.19 -56.58 25.51
C ASN YA 71 -98.25 -56.17 26.65
N SER YA 72 -97.90 -54.89 26.69
CA SER YA 72 -97.13 -54.36 27.79
C SER YA 72 -98.01 -54.24 29.04
N ALA YA 73 -97.37 -54.06 30.19
CA ALA YA 73 -98.09 -54.02 31.45
C ALA YA 73 -97.45 -52.98 32.37
N PHE YA 74 -98.21 -52.56 33.37
CA PHE YA 74 -97.76 -51.60 34.36
C PHE YA 74 -98.36 -51.96 35.71
N GLU YA 75 -97.56 -51.81 36.76
CA GLU YA 75 -97.97 -52.21 38.10
C GLU YA 75 -97.32 -51.30 39.14
N ARG YA 76 -97.77 -51.44 40.38
CA ARG YA 76 -97.26 -50.65 41.50
C ARG YA 76 -96.88 -51.57 42.65
N THR YA 77 -95.99 -51.07 43.51
CA THR YA 77 -95.62 -51.77 44.74
C THR YA 77 -95.27 -50.74 45.79
N PRO YA 78 -95.46 -51.05 47.07
CA PRO YA 78 -95.11 -50.07 48.12
C PRO YA 78 -93.60 -49.97 48.32
N PHE YA 79 -93.24 -49.09 49.25
CA PHE YA 79 -91.84 -48.85 49.56
C PHE YA 79 -91.16 -50.12 50.05
N ASN YA 80 -89.98 -50.40 49.50
CA ASN YA 80 -89.16 -51.53 49.93
C ASN YA 80 -89.96 -52.83 49.97
N THR YA 81 -90.94 -52.97 49.10
CA THR YA 81 -91.82 -54.13 49.07
C THR YA 81 -91.57 -54.92 47.79
N THR YA 82 -91.36 -56.23 47.94
CA THR YA 82 -91.14 -57.09 46.79
C THR YA 82 -92.42 -57.20 45.97
N LEU YA 83 -92.26 -57.31 44.66
CA LEU YA 83 -93.39 -57.44 43.74
C LEU YA 83 -93.28 -58.77 43.00
N ALA YA 84 -94.40 -59.49 42.94
CA ALA YA 84 -94.47 -60.77 42.24
C ALA YA 84 -95.63 -60.73 41.25
N GLY YA 85 -95.48 -61.46 40.15
CA GLY YA 85 -96.49 -61.47 39.12
C GLY YA 85 -96.24 -62.59 38.13
N SER YA 86 -96.91 -62.49 36.98
CA SER YA 86 -96.80 -63.50 35.95
C SER YA 86 -96.96 -62.86 34.58
N LEU YA 87 -96.22 -63.39 33.60
CA LEU YA 87 -96.28 -62.89 32.24
C LEU YA 87 -97.31 -63.62 31.38
N ALA YA 88 -97.97 -64.65 31.92
CA ALA YA 88 -98.87 -65.47 31.12
C ALA YA 88 -100.07 -64.67 30.61
N ALA YA 89 -100.57 -63.72 31.40
CA ALA YA 89 -101.77 -62.99 30.99
C ALA YA 89 -101.52 -62.04 29.83
N LEU YA 90 -100.25 -61.82 29.45
CA LEU YA 90 -99.90 -60.83 28.44
C LEU YA 90 -99.80 -61.41 27.04
N PHE YA 91 -100.10 -62.69 26.85
CA PHE YA 91 -100.03 -63.33 25.53
C PHE YA 91 -101.39 -63.92 25.19
N PRO YA 92 -102.30 -63.12 24.59
CA PRO YA 92 -103.64 -63.61 24.26
C PRO YA 92 -103.72 -64.40 22.95
N ASN YA 93 -102.95 -65.47 22.87
CA ASN YA 93 -102.97 -66.30 21.68
C ASN YA 93 -104.28 -67.08 21.61
N PRO YA 94 -105.04 -67.00 20.52
CA PRO YA 94 -106.28 -67.78 20.43
C PRO YA 94 -106.05 -69.26 20.15
N GLU YA 95 -104.86 -69.64 19.68
CA GLU YA 95 -104.55 -71.03 19.39
C GLU YA 95 -103.95 -71.71 20.62
N GLY YA 96 -104.04 -73.03 20.64
CA GLY YA 96 -103.39 -73.82 21.68
C GLY YA 96 -102.01 -74.25 21.26
N GLU YA 97 -100.99 -73.78 21.98
CA GLU YA 97 -99.62 -74.06 21.61
C GLU YA 97 -98.72 -73.88 22.82
N ALA YA 98 -97.53 -74.47 22.75
CA ALA YA 98 -96.57 -74.36 23.83
C ALA YA 98 -95.95 -72.97 23.86
N VAL YA 99 -95.77 -72.43 25.07
CA VAL YA 99 -95.21 -71.10 25.26
C VAL YA 99 -94.00 -71.20 26.17
N GLU YA 100 -92.96 -70.46 25.82
CA GLU YA 100 -91.74 -70.37 26.62
C GLU YA 100 -91.49 -68.92 26.96
N TYR YA 101 -91.15 -68.66 28.21
CA TYR YA 101 -90.96 -67.31 28.72
C TYR YA 101 -89.46 -67.03 28.87
N GLU YA 102 -89.07 -65.80 28.54
CA GLU YA 102 -87.67 -65.41 28.56
C GLU YA 102 -87.55 -63.96 28.99
N ILE YA 103 -86.41 -63.64 29.60
CA ILE YA 103 -86.08 -62.28 30.02
C ILE YA 103 -84.83 -61.85 29.28
N LEU YA 104 -84.93 -60.77 28.51
CA LEU YA 104 -83.77 -60.24 27.81
C LEU YA 104 -82.79 -59.68 28.83
N GLU YA 105 -81.52 -60.07 28.70
CA GLU YA 105 -80.51 -59.73 29.69
C GLU YA 105 -79.58 -58.60 29.24
N LEU YA 106 -79.66 -58.18 27.98
CA LEU YA 106 -78.94 -56.99 27.56
C LEU YA 106 -79.54 -55.71 28.13
N TYR YA 107 -80.72 -55.80 28.75
CA TYR YA 107 -81.46 -54.62 29.22
C TYR YA 107 -81.85 -54.83 30.67
N PRO YA 108 -80.87 -54.95 31.57
CA PRO YA 108 -81.18 -55.27 32.96
C PRO YA 108 -81.88 -54.11 33.65
N PRO YA 109 -82.67 -54.38 34.68
CA PRO YA 109 -83.30 -53.28 35.42
C PRO YA 109 -82.26 -52.38 36.07
N VAL YA 110 -82.59 -51.10 36.15
CA VAL YA 110 -81.64 -50.11 36.63
C VAL YA 110 -81.53 -50.10 38.15
N ASN YA 111 -82.65 -50.28 38.87
CA ASN YA 111 -82.67 -50.15 40.32
C ASN YA 111 -83.22 -51.40 41.01
N GLY YA 112 -82.94 -52.57 40.48
CA GLY YA 112 -83.43 -53.79 41.09
C GLY YA 112 -82.93 -55.01 40.38
N ILE YA 113 -83.52 -56.16 40.71
CA ILE YA 113 -83.20 -57.43 40.10
C ILE YA 113 -84.48 -58.20 39.86
N VAL YA 114 -84.57 -58.83 38.69
CA VAL YA 114 -85.74 -59.60 38.28
C VAL YA 114 -85.38 -61.07 38.26
N GLU YA 115 -86.20 -61.89 38.93
CA GLU YA 115 -86.01 -63.32 39.00
C GLU YA 115 -87.19 -63.99 38.29
N LEU YA 116 -86.90 -64.79 37.26
CA LEU YA 116 -87.96 -65.45 36.51
C LEU YA 116 -88.36 -66.74 37.20
N GLY YA 117 -89.66 -66.86 37.49
CA GLY YA 117 -90.20 -68.06 38.08
C GLY YA 117 -90.62 -69.07 37.02
N GLU YA 118 -91.37 -70.07 37.47
CA GLU YA 118 -91.83 -71.12 36.57
C GLU YA 118 -93.15 -70.73 35.93
N ASN YA 119 -93.34 -71.18 34.69
CA ASN YA 119 -94.59 -70.99 33.96
C ASN YA 119 -94.98 -69.51 33.90
N GLY YA 120 -93.98 -68.66 33.64
CA GLY YA 120 -94.22 -67.24 33.44
C GLY YA 120 -94.23 -66.40 34.70
N ALA YA 121 -94.14 -67.01 35.88
CA ALA YA 121 -94.07 -66.23 37.10
C ALA YA 121 -92.73 -65.51 37.20
N PHE YA 122 -92.73 -64.39 37.92
CA PHE YA 122 -91.52 -63.60 38.10
C PHE YA 122 -91.58 -62.90 39.45
N THR YA 123 -90.42 -62.47 39.92
CA THR YA 123 -90.28 -61.73 41.16
C THR YA 123 -89.28 -60.61 40.97
N TYR YA 124 -89.69 -59.38 41.27
CA TYR YA 124 -88.85 -58.20 41.15
C TYR YA 124 -88.55 -57.69 42.55
N ARG YA 125 -87.27 -57.57 42.89
CA ARG YA 125 -86.86 -57.17 44.23
C ARG YA 125 -86.22 -55.79 44.16
N PRO YA 126 -86.92 -54.72 44.53
CA PRO YA 126 -86.33 -53.38 44.43
C PRO YA 126 -85.21 -53.17 45.44
N ALA YA 127 -84.26 -52.32 45.07
CA ALA YA 127 -83.19 -51.96 45.98
C ALA YA 127 -83.73 -51.10 47.11
N THR YA 128 -83.11 -51.24 48.29
CA THR YA 128 -83.57 -50.53 49.47
C THR YA 128 -83.46 -49.02 49.27
N SER YA 129 -84.51 -48.30 49.66
CA SER YA 129 -84.56 -46.84 49.63
C SER YA 129 -84.81 -46.28 48.23
N PHE YA 130 -85.14 -47.11 47.25
CA PHE YA 130 -85.39 -46.62 45.91
C PHE YA 130 -86.84 -46.16 45.75
N THR YA 131 -87.02 -45.07 45.00
CA THR YA 131 -88.35 -44.57 44.68
C THR YA 131 -88.31 -43.98 43.27
N GLY YA 132 -89.03 -44.60 42.35
CA GLY YA 132 -89.05 -44.14 40.98
C GLY YA 132 -89.67 -45.20 40.08
N ILE YA 133 -89.31 -45.13 38.80
CA ILE YA 133 -89.83 -46.03 37.78
C ILE YA 133 -88.73 -47.01 37.40
N ASP YA 134 -89.13 -48.22 37.01
CA ASP YA 134 -88.20 -49.26 36.59
C ASP YA 134 -88.80 -50.01 35.41
N ARG YA 135 -87.93 -50.71 34.68
CA ARG YA 135 -88.33 -51.42 33.48
C ARG YA 135 -87.57 -52.74 33.37
N PHE YA 136 -88.15 -53.67 32.64
CA PHE YA 136 -87.45 -54.89 32.25
C PHE YA 136 -88.20 -55.52 31.08
N TRP YA 137 -87.43 -55.96 30.08
CA TRP YA 137 -87.97 -56.41 28.81
C TRP YA 137 -88.04 -57.92 28.79
N PHE YA 138 -89.19 -58.46 28.40
CA PHE YA 138 -89.45 -59.89 28.39
C PHE YA 138 -89.83 -60.34 26.98
N SER YA 139 -89.63 -61.63 26.72
CA SER YA 139 -89.98 -62.24 25.45
C SER YA 139 -90.85 -63.47 25.71
N ILE YA 140 -91.97 -63.57 25.00
CA ILE YA 140 -92.87 -64.71 25.09
C ILE YA 140 -92.93 -65.37 23.73
N ASN YA 141 -92.35 -66.57 23.63
CA ASN YA 141 -92.42 -67.37 22.41
C ASN YA 141 -91.83 -66.63 21.22
N GLY YA 142 -90.89 -65.72 21.48
CA GLY YA 142 -90.23 -64.99 20.42
C GLY YA 142 -90.79 -63.61 20.14
N ASN YA 143 -91.70 -63.11 20.97
CA ASN YA 143 -92.28 -61.78 20.81
C ASN YA 143 -91.87 -60.92 22.00
N VAL YA 144 -91.40 -59.71 21.70
CA VAL YA 144 -90.81 -58.83 22.71
C VAL YA 144 -91.89 -57.90 23.26
N GLY YA 145 -91.83 -57.62 24.55
CA GLY YA 145 -92.73 -56.68 25.19
C GLY YA 145 -92.04 -55.98 26.33
N GLU YA 146 -92.70 -54.94 26.83
CA GLU YA 146 -92.16 -54.10 27.88
C GLU YA 146 -92.99 -54.25 29.16
N PHE YA 147 -92.30 -54.26 30.30
CA PHE YA 147 -92.94 -54.24 31.60
C PHE YA 147 -92.40 -53.05 32.39
N VAL YA 148 -93.30 -52.28 32.99
CA VAL YA 148 -92.94 -51.09 33.75
C VAL YA 148 -93.40 -51.27 35.19
N ILE YA 149 -92.53 -50.90 36.13
CA ILE YA 149 -92.81 -51.04 37.55
C ILE YA 149 -92.53 -49.71 38.22
N ALA YA 150 -93.43 -49.31 39.12
CA ALA YA 150 -93.29 -48.07 39.88
C ALA YA 150 -93.25 -48.40 41.37
N VAL YA 151 -92.28 -47.81 42.07
CA VAL YA 151 -92.13 -47.96 43.51
C VAL YA 151 -92.48 -46.63 44.15
N ASP YA 152 -93.45 -46.65 45.07
CA ASP YA 152 -93.97 -45.41 45.62
C ASP YA 152 -93.39 -45.14 47.01
N PRO YA 153 -93.26 -43.87 47.40
CA PRO YA 153 -92.78 -43.56 48.75
C PRO YA 153 -93.80 -43.97 49.79
N ALA YA 154 -93.29 -44.26 51.00
CA ALA YA 154 -94.14 -44.70 52.09
C ALA YA 154 -94.76 -43.54 52.87
N GLN YA 155 -94.44 -42.29 52.52
CA GLN YA 155 -94.96 -41.13 53.25
C GLN YA 155 -95.39 -40.02 52.30
N GLY YA 156 -96.05 -40.36 51.20
CA GLY YA 156 -96.46 -39.35 50.24
C GLY YA 156 -97.38 -39.90 49.17
N PRO YA 157 -97.68 -39.08 48.16
CA PRO YA 157 -98.58 -39.51 47.10
C PRO YA 157 -97.92 -40.48 46.14
N GLN YA 158 -98.75 -41.19 45.39
CA GLN YA 158 -98.25 -42.14 44.41
C GLN YA 158 -97.80 -41.42 43.14
N ILE YA 159 -97.02 -42.13 42.33
CA ILE YA 159 -96.47 -41.57 41.10
C ILE YA 159 -97.44 -41.82 39.96
N ALA YA 160 -97.55 -40.85 39.05
CA ALA YA 160 -98.42 -40.99 37.89
C ALA YA 160 -97.82 -41.97 36.90
N GLN YA 161 -98.68 -42.74 36.24
CA GLN YA 161 -98.21 -43.74 35.29
C GLN YA 161 -97.53 -43.05 34.11
N PRO YA 162 -96.36 -43.52 33.67
CA PRO YA 162 -95.70 -42.92 32.52
C PRO YA 162 -96.17 -43.54 31.22
N PRO YA 163 -95.86 -42.93 30.09
CA PRO YA 163 -96.25 -43.53 28.80
C PRO YA 163 -95.25 -44.58 28.36
N PHE YA 164 -95.77 -45.63 27.71
CA PHE YA 164 -94.92 -46.70 27.23
C PHE YA 164 -93.98 -46.18 26.14
N THR YA 165 -92.77 -46.72 26.11
CA THR YA 165 -91.77 -46.26 25.16
C THR YA 165 -92.18 -46.66 23.74
N PRO YA 166 -92.20 -45.72 22.79
CA PRO YA 166 -92.57 -46.09 21.41
C PRO YA 166 -91.52 -46.99 20.78
N ALA YA 167 -91.85 -47.50 19.60
CA ALA YA 167 -90.90 -48.30 18.84
C ALA YA 167 -89.71 -47.46 18.39
N VAL YA 168 -89.97 -46.25 17.91
CA VAL YA 168 -88.92 -45.30 17.53
C VAL YA 168 -89.32 -43.92 18.01
N TYR YA 169 -88.34 -43.16 18.49
CA TYR YA 169 -88.61 -41.86 19.08
C TYR YA 169 -87.39 -40.97 18.91
N VAL YA 170 -87.61 -39.67 19.07
CA VAL YA 170 -86.56 -38.67 19.03
C VAL YA 170 -86.71 -37.78 20.26
N PRO YA 171 -85.81 -37.84 21.24
CA PRO YA 171 -85.96 -36.99 22.43
C PRO YA 171 -85.99 -35.52 22.06
N LEU YA 172 -86.85 -34.77 22.75
CA LEU YA 172 -87.03 -33.35 22.45
C LEU YA 172 -86.09 -32.45 23.23
N SER YA 173 -85.35 -33.00 24.19
CA SER YA 173 -84.38 -32.20 24.95
C SER YA 173 -82.98 -32.30 24.40
N ARG YA 174 -82.61 -33.45 23.83
CA ARG YA 174 -81.28 -33.66 23.25
C ARG YA 174 -81.32 -33.19 21.80
N ARG YA 175 -81.07 -31.89 21.62
CA ARG YA 175 -81.23 -31.25 20.32
C ARG YA 175 -80.54 -29.89 20.36
N GLU YA 176 -79.72 -29.61 19.36
CA GLU YA 176 -78.97 -28.37 19.32
C GLU YA 176 -78.63 -28.02 17.88
N VAL YA 177 -78.34 -26.75 17.66
CA VAL YA 177 -77.94 -26.22 16.36
C VAL YA 177 -76.63 -25.47 16.52
N ASN YA 178 -75.67 -25.76 15.64
CA ASN YA 178 -74.35 -25.12 15.69
C ASN YA 178 -74.39 -23.93 14.74
N LYS YA 179 -74.57 -22.73 15.31
CA LYS YA 179 -74.74 -21.53 14.50
C LYS YA 179 -73.51 -21.22 13.66
N GLN YA 180 -72.31 -21.55 14.15
CA GLN YA 180 -71.10 -21.25 13.39
C GLN YA 180 -71.04 -21.98 12.06
N THR YA 181 -71.66 -23.17 11.96
CA THR YA 181 -71.60 -23.94 10.74
C THR YA 181 -72.99 -24.31 10.21
N GLN YA 182 -74.06 -23.83 10.85
CA GLN YA 182 -75.42 -24.08 10.38
C GLN YA 182 -75.67 -25.59 10.23
N ALA YA 183 -75.58 -26.31 11.34
CA ALA YA 183 -75.80 -27.73 11.38
C ALA YA 183 -76.76 -28.08 12.52
N LEU YA 184 -77.58 -29.10 12.29
CA LEU YA 184 -78.57 -29.52 13.27
C LEU YA 184 -78.21 -30.91 13.79
N ARG YA 185 -78.33 -31.11 15.10
CA ARG YA 185 -78.05 -32.38 15.73
C ARG YA 185 -79.27 -32.85 16.50
N PHE YA 186 -79.57 -34.15 16.39
CA PHE YA 186 -80.65 -34.76 17.15
C PHE YA 186 -80.34 -36.24 17.32
N VAL YA 187 -81.05 -36.87 18.25
CA VAL YA 187 -80.78 -38.24 18.67
C VAL YA 187 -81.95 -39.12 18.24
N LEU YA 188 -81.63 -40.25 17.61
CA LEU YA 188 -82.63 -41.22 17.20
C LEU YA 188 -82.47 -42.48 18.02
N GLY YA 189 -83.56 -42.91 18.66
CA GLY YA 189 -83.51 -44.07 19.53
C GLY YA 189 -84.52 -45.13 19.14
N VAL YA 190 -84.07 -46.38 19.01
CA VAL YA 190 -84.90 -47.49 18.60
C VAL YA 190 -85.12 -48.39 19.80
N SER YA 191 -86.38 -48.62 20.16
CA SER YA 191 -86.69 -49.48 21.28
C SER YA 191 -86.40 -50.93 20.94
N PRO YA 192 -86.12 -51.77 21.95
CA PRO YA 192 -85.92 -53.20 21.67
C PRO YA 192 -87.11 -53.87 21.03
N ALA YA 193 -88.32 -53.36 21.27
CA ALA YA 193 -89.53 -53.98 20.75
C ALA YA 193 -89.66 -53.84 19.24
N ALA YA 194 -88.86 -53.00 18.61
CA ALA YA 194 -88.95 -52.82 17.16
C ALA YA 194 -88.74 -54.15 16.45
N LYS YA 195 -89.56 -54.42 15.44
CA LYS YA 195 -89.50 -55.68 14.71
C LYS YA 195 -88.84 -55.46 13.36
N PRO YA 196 -87.88 -56.28 12.96
CA PRO YA 196 -87.16 -56.00 11.71
C PRO YA 196 -88.08 -56.00 10.49
N ALA YA 197 -87.55 -55.48 9.40
CA ALA YA 197 -88.25 -55.41 8.11
C ALA YA 197 -89.31 -54.31 8.10
N ASP YA 198 -89.50 -53.63 9.21
CA ASP YA 198 -90.46 -52.53 9.25
C ASP YA 198 -89.83 -51.26 8.69
N ILE YA 199 -90.68 -50.28 8.38
CA ILE YA 199 -90.25 -49.02 7.82
C ILE YA 199 -91.05 -47.89 8.46
N TYR YA 200 -90.35 -46.80 8.80
CA TYR YA 200 -90.95 -45.59 9.32
C TYR YA 200 -90.48 -44.40 8.49
N ARG YA 201 -91.23 -43.31 8.57
CA ARG YA 201 -90.91 -42.07 7.88
C ARG YA 201 -90.85 -40.93 8.88
N LEU YA 202 -89.84 -40.07 8.71
CA LEU YA 202 -89.62 -38.94 9.61
C LEU YA 202 -89.62 -37.65 8.78
N ASN YA 203 -90.38 -36.66 9.23
CA ASN YA 203 -90.48 -35.37 8.56
C ASN YA 203 -89.90 -34.29 9.45
N ILE YA 204 -89.06 -33.42 8.89
CA ILE YA 204 -88.39 -32.36 9.62
C ILE YA 204 -88.75 -31.03 8.96
N ARG YA 205 -89.16 -30.06 9.78
CA ARG YA 205 -89.47 -28.72 9.33
C ARG YA 205 -88.60 -27.74 10.11
N GLN YA 206 -87.61 -27.16 9.43
CA GLN YA 206 -86.62 -26.31 10.07
C GLN YA 206 -86.85 -24.87 9.62
N ALA YA 207 -86.56 -23.93 10.52
CA ALA YA 207 -86.87 -22.53 10.32
C ALA YA 207 -85.60 -21.69 10.44
N ALA YA 208 -85.29 -20.93 9.39
CA ALA YA 208 -84.27 -19.91 9.42
C ALA YA 208 -84.92 -18.56 9.73
N ILE YA 209 -84.09 -17.55 9.94
CA ILE YA 209 -84.56 -16.24 10.36
C ILE YA 209 -83.95 -15.15 9.48
N ASP YA 210 -84.75 -14.15 9.16
CA ASP YA 210 -84.28 -13.00 8.43
C ASP YA 210 -83.52 -12.06 9.36
N CYS YA 211 -82.80 -11.09 8.78
CA CYS YA 211 -82.05 -10.14 9.57
C CYS YA 211 -82.95 -9.30 10.48
N GLU YA 212 -84.25 -9.23 10.19
CA GLU YA 212 -85.19 -8.46 10.99
C GLU YA 212 -86.06 -9.32 11.89
N GLY YA 213 -85.93 -10.65 11.83
CA GLY YA 213 -86.69 -11.54 12.68
C GLY YA 213 -87.78 -12.33 12.00
N ASN YA 214 -87.92 -12.21 10.68
CA ASN YA 214 -88.90 -13.00 9.95
C ASN YA 214 -88.33 -14.38 9.62
N GLU YA 215 -89.23 -15.33 9.37
CA GLU YA 215 -88.84 -16.72 9.27
C GLU YA 215 -88.89 -17.23 7.84
N TYR YA 216 -87.88 -18.03 7.48
CA TYR YA 216 -87.91 -18.89 6.31
C TYR YA 216 -88.09 -20.32 6.78
N PHE YA 217 -88.59 -21.19 5.91
CA PHE YA 217 -88.87 -22.57 6.28
C PHE YA 217 -88.34 -23.52 5.21
N HIS YA 218 -87.95 -24.72 5.64
CA HIS YA 218 -87.44 -25.76 4.77
C HIS YA 218 -87.90 -27.10 5.30
N ILE YA 219 -88.25 -28.02 4.39
CA ILE YA 219 -88.86 -29.30 4.76
C ILE YA 219 -88.11 -30.42 4.06
N SER YA 220 -87.88 -31.52 4.80
CA SER YA 220 -87.26 -32.71 4.25
C SER YA 220 -87.76 -33.92 5.02
N CYS YA 221 -87.61 -35.10 4.43
CA CYS YA 221 -88.11 -36.32 5.03
C CYS YA 221 -87.07 -37.42 4.87
N TYR YA 222 -87.11 -38.38 5.82
CA TYR YA 222 -86.16 -39.47 5.86
C TYR YA 222 -86.89 -40.78 6.14
N ASP YA 223 -86.37 -41.88 5.59
CA ASP YA 223 -86.96 -43.19 5.74
C ASP YA 223 -86.11 -44.02 6.70
N ILE YA 224 -86.76 -44.64 7.68
CA ILE YA 224 -86.08 -45.43 8.70
C ILE YA 224 -86.58 -46.87 8.57
N SER YA 225 -85.64 -47.81 8.38
CA SER YA 225 -85.95 -49.22 8.24
C SER YA 225 -85.19 -50.01 9.31
N ILE YA 226 -85.89 -50.92 9.98
CA ILE YA 226 -85.29 -51.70 11.05
C ILE YA 226 -84.47 -52.83 10.44
N GLY YA 227 -83.21 -52.95 10.87
CA GLY YA 227 -82.31 -53.96 10.39
C GLY YA 227 -82.07 -55.07 11.39
N SER YA 228 -80.98 -55.80 11.19
CA SER YA 228 -80.61 -56.92 12.05
C SER YA 228 -79.12 -57.18 11.88
N CYS YA 229 -78.64 -58.23 12.56
CA CYS YA 229 -77.23 -58.57 12.51
C CYS YA 229 -76.83 -59.05 11.11
N GLY YA 230 -75.53 -59.10 10.88
CA GLY YA 230 -75.00 -59.54 9.61
C GLY YA 230 -73.54 -59.98 9.70
N CYS ZA 23 -74.80 -3.21 12.01
CA CYS ZA 23 -75.19 -4.12 13.07
C CYS ZA 23 -73.99 -4.95 13.54
N GLU ZA 24 -73.13 -4.32 14.35
CA GLU ZA 24 -72.01 -5.04 14.92
C GLU ZA 24 -72.51 -6.13 15.86
N SER ZA 25 -71.73 -7.20 15.97
CA SER ZA 25 -72.16 -8.38 16.70
C SER ZA 25 -71.52 -8.43 18.09
N ILE ZA 26 -72.37 -8.60 19.10
CA ILE ZA 26 -71.93 -8.81 20.48
C ILE ZA 26 -72.43 -10.18 20.92
N SER ZA 27 -71.70 -10.81 21.81
CA SER ZA 27 -72.06 -12.10 22.38
C SER ZA 27 -72.01 -12.01 23.89
N ALA ZA 28 -72.92 -12.72 24.56
CA ALA ZA 28 -73.03 -12.65 26.00
C ALA ZA 28 -73.45 -14.00 26.55
N ARG ZA 29 -73.27 -14.17 27.85
CA ARG ZA 29 -73.61 -15.39 28.57
C ARG ZA 29 -74.51 -15.06 29.76
N PRO ZA 30 -75.51 -15.89 30.06
CA PRO ZA 30 -76.37 -15.61 31.22
C PRO ZA 30 -75.56 -15.53 32.50
N GLY ZA 31 -75.91 -14.56 33.35
CA GLY ZA 31 -75.22 -14.34 34.60
C GLY ZA 31 -73.99 -13.46 34.50
N GLU ZA 32 -73.62 -13.02 33.30
CA GLU ZA 32 -72.43 -12.21 33.11
C GLU ZA 32 -72.77 -10.72 33.16
N VAL ZA 33 -71.81 -9.94 33.66
CA VAL ZA 33 -71.88 -8.48 33.61
C VAL ZA 33 -70.53 -8.00 33.07
N ASN ZA 34 -70.58 -7.32 31.92
CA ASN ZA 34 -69.35 -6.98 31.21
C ASN ZA 34 -69.49 -5.56 30.64
N GLY ZA 35 -68.34 -4.91 30.47
CA GLY ZA 35 -68.33 -3.55 29.94
C GLY ZA 35 -68.07 -3.49 28.45
N VAL ZA 36 -68.41 -2.35 27.86
CA VAL ZA 36 -68.24 -2.12 26.43
C VAL ZA 36 -67.74 -0.70 26.23
N MET ZA 37 -66.90 -0.50 25.21
CA MET ZA 37 -66.34 0.81 24.89
C MET ZA 37 -66.39 1.03 23.39
N VAL ZA 38 -66.73 2.25 22.99
CA VAL ZA 38 -66.74 2.66 21.59
C VAL ZA 38 -65.97 3.96 21.48
N SER ZA 39 -65.30 4.17 20.35
CA SER ZA 39 -64.44 5.31 20.13
C SER ZA 39 -65.02 6.20 19.03
N TYR ZA 40 -65.15 7.50 19.32
CA TYR ZA 40 -65.73 8.46 18.40
C TYR ZA 40 -64.69 9.40 17.81
N VAL ZA 41 -63.40 9.11 17.96
CA VAL ZA 41 -62.38 10.05 17.50
C VAL ZA 41 -62.51 10.31 16.01
N ALA ZA 42 -62.93 9.29 15.24
CA ALA ZA 42 -63.02 9.45 13.80
C ALA ZA 42 -64.14 10.42 13.41
N TRP ZA 43 -65.23 10.46 14.17
CA TRP ZA 43 -66.39 11.25 13.80
C TRP ZA 43 -66.35 12.66 14.37
N SER ZA 44 -66.01 12.80 15.65
CA SER ZA 44 -66.07 14.11 16.31
C SER ZA 44 -64.79 14.91 16.18
N ALA ZA 45 -63.67 14.29 15.78
CA ALA ZA 45 -62.43 15.05 15.65
C ALA ZA 45 -62.53 16.13 14.58
N PRO ZA 46 -62.93 15.83 13.34
CA PRO ZA 46 -62.95 16.88 12.31
C PRO ZA 46 -64.01 17.96 12.54
N LEU ZA 47 -65.04 17.68 13.33
CA LEU ZA 47 -66.06 18.68 13.57
C LEU ZA 47 -65.54 19.86 14.39
N GLY ZA 48 -64.39 19.71 15.03
CA GLY ZA 48 -63.94 20.76 15.93
C GLY ZA 48 -64.84 20.85 17.15
N GLY ZA 49 -64.91 22.05 17.72
CA GLY ZA 49 -65.80 22.26 18.84
C GLY ZA 49 -65.27 21.63 20.11
N HIS ZA 50 -66.20 21.32 21.02
CA HIS ZA 50 -65.88 20.83 22.35
C HIS ZA 50 -66.06 19.33 22.50
N GLY ZA 51 -66.22 18.61 21.39
CA GLY ZA 51 -66.22 17.15 21.47
C GLY ZA 51 -67.56 16.58 21.91
N LEU ZA 52 -67.49 15.45 22.61
CA LEU ZA 52 -68.68 14.70 22.97
C LEU ZA 52 -69.41 15.33 24.15
N THR ZA 53 -70.58 14.78 24.45
CA THR ZA 53 -71.42 15.25 25.54
C THR ZA 53 -72.11 14.06 26.19
N ASN ZA 54 -72.53 14.23 27.43
CA ASN ZA 54 -73.13 13.14 28.20
C ASN ZA 54 -74.57 12.86 27.84
N LYS ZA 55 -75.07 13.32 26.70
CA LYS ZA 55 -76.47 13.12 26.34
C LYS ZA 55 -76.66 11.87 25.48
N THR ZA 56 -76.42 10.70 26.06
CA THR ZA 56 -76.63 9.45 25.34
C THR ZA 56 -78.05 8.94 25.58
N THR ZA 57 -78.48 8.03 24.71
CA THR ZA 57 -79.81 7.42 24.81
C THR ZA 57 -79.74 5.99 24.29
N PHE ZA 58 -80.30 5.06 25.06
CA PHE ZA 58 -80.29 3.64 24.74
C PHE ZA 58 -81.71 3.14 24.52
N GLU ZA 59 -81.86 2.22 23.57
CA GLU ZA 59 -83.15 1.60 23.29
C GLU ZA 59 -82.91 0.14 22.93
N PHE ZA 60 -83.77 -0.74 23.46
CA PHE ZA 60 -83.67 -2.17 23.23
C PHE ZA 60 -84.84 -2.65 22.40
N GLU ZA 61 -84.54 -3.45 21.38
CA GLU ZA 61 -85.54 -4.02 20.48
C GLU ZA 61 -85.38 -5.53 20.41
N ASN ZA 62 -86.49 -6.23 20.28
CA ASN ZA 62 -86.47 -7.67 20.14
C ASN ZA 62 -86.54 -8.07 18.67
N VAL ZA 63 -85.81 -9.13 18.33
CA VAL ZA 63 -85.86 -9.74 17.00
C VAL ZA 63 -86.33 -11.19 17.05
N SER ZA 64 -85.82 -11.96 18.01
CA SER ZA 64 -86.28 -13.34 18.23
C SER ZA 64 -86.12 -13.65 19.71
N VAL ZA 65 -87.23 -13.62 20.44
CA VAL ZA 65 -87.25 -13.88 21.88
C VAL ZA 65 -88.35 -14.89 22.18
N THR ZA 66 -88.04 -15.86 23.03
CA THR ZA 66 -88.97 -16.91 23.41
C THR ZA 66 -89.55 -16.57 24.77
N GLU ZA 67 -90.88 -16.55 24.86
CA GLU ZA 67 -91.53 -16.18 26.11
C GLU ZA 67 -91.25 -17.23 27.18
N PRO ZA 68 -91.11 -16.80 28.44
CA PRO ZA 68 -90.77 -17.76 29.50
C PRO ZA 68 -91.91 -18.72 29.79
N LEU ZA 69 -91.56 -19.90 30.31
CA LEU ZA 69 -92.54 -20.89 30.71
C LEU ZA 69 -92.86 -20.85 32.19
N VAL ZA 70 -92.26 -19.93 32.95
CA VAL ZA 70 -92.52 -19.79 34.38
C VAL ZA 70 -92.74 -18.32 34.68
N ASN ZA 71 -93.37 -18.04 35.82
CA ASN ZA 71 -93.75 -16.69 36.20
C ASN ZA 71 -93.00 -16.27 37.45
N SER ZA 72 -92.58 -15.00 37.48
CA SER ZA 72 -91.95 -14.44 38.66
C SER ZA 72 -92.99 -14.13 39.74
N ALA ZA 73 -92.51 -13.95 40.96
CA ALA ZA 73 -93.38 -13.69 42.10
C ALA ZA 73 -92.71 -12.69 43.04
N PHE ZA 74 -93.53 -12.09 43.89
CA PHE ZA 74 -93.06 -11.11 44.87
C PHE ZA 74 -93.87 -11.28 46.15
N GLU ZA 75 -93.19 -11.20 47.29
CA GLU ZA 75 -93.83 -11.40 48.59
C GLU ZA 75 -93.20 -10.47 49.60
N ARG ZA 76 -93.94 -10.23 50.69
CA ARG ZA 76 -93.49 -9.39 51.80
C ARG ZA 76 -93.42 -10.22 53.08
N THR ZA 77 -92.52 -9.81 53.98
CA THR ZA 77 -92.38 -10.44 55.27
C THR ZA 77 -92.18 -9.37 56.33
N PRO ZA 78 -92.65 -9.59 57.57
CA PRO ZA 78 -92.40 -8.61 58.63
C PRO ZA 78 -90.96 -8.67 59.13
N PHE ZA 79 -90.64 -7.72 60.00
CA PHE ZA 79 -89.28 -7.61 60.54
C PHE ZA 79 -88.89 -8.89 61.26
N ASN ZA 80 -87.65 -9.34 61.01
CA ASN ZA 80 -87.09 -10.53 61.65
C ASN ZA 80 -88.03 -11.73 61.59
N THR ZA 81 -88.80 -11.84 60.51
CA THR ZA 81 -89.81 -12.88 60.37
C THR ZA 81 -89.41 -13.86 59.28
N THR ZA 82 -89.44 -15.15 59.61
CA THR ZA 82 -89.16 -16.19 58.62
C THR ZA 82 -90.29 -16.26 57.60
N LEU ZA 83 -89.92 -16.55 56.36
CA LEU ZA 83 -90.87 -16.62 55.26
C LEU ZA 83 -90.95 -18.05 54.72
N ALA ZA 84 -92.16 -18.47 54.36
CA ALA ZA 84 -92.41 -19.79 53.79
C ALA ZA 84 -93.28 -19.65 52.56
N GLY ZA 85 -93.09 -20.56 51.61
CA GLY ZA 85 -93.86 -20.50 50.38
C GLY ZA 85 -93.68 -21.78 49.59
N SER ZA 86 -94.22 -21.75 48.36
CA SER ZA 86 -94.14 -22.90 47.46
C SER ZA 86 -93.94 -22.42 46.04
N LEU ZA 87 -93.15 -23.17 45.28
CA LEU ZA 87 -92.86 -22.82 43.89
C LEU ZA 87 -93.79 -23.49 42.90
N ALA ZA 88 -94.71 -24.34 43.36
CA ALA ZA 88 -95.54 -25.11 42.44
C ALA ZA 88 -96.47 -24.23 41.62
N ALA ZA 89 -97.03 -23.18 42.23
CA ALA ZA 89 -98.04 -22.38 41.56
C ALA ZA 89 -97.47 -21.55 40.41
N LEU ZA 90 -96.14 -21.48 40.29
CA LEU ZA 90 -95.51 -20.61 39.31
C LEU ZA 90 -95.21 -21.30 37.98
N PHE ZA 91 -95.66 -22.54 37.80
CA PHE ZA 91 -95.39 -23.31 36.57
C PHE ZA 91 -96.72 -23.75 35.97
N PRO ZA 92 -97.38 -22.90 35.19
CA PRO ZA 92 -98.66 -23.28 34.57
C PRO ZA 92 -98.48 -24.17 33.34
N ASN ZA 93 -98.00 -25.38 33.57
CA ASN ZA 93 -97.78 -26.30 32.46
C ASN ZA 93 -99.13 -26.76 31.92
N PRO ZA 94 -99.40 -26.59 30.61
CA PRO ZA 94 -100.69 -27.03 30.07
C PRO ZA 94 -100.89 -28.53 30.09
N GLU ZA 95 -99.81 -29.32 30.02
CA GLU ZA 95 -99.90 -30.78 30.02
C GLU ZA 95 -99.31 -31.30 31.33
N GLY ZA 96 -100.10 -32.07 32.06
CA GLY ZA 96 -99.63 -32.65 33.30
C GLY ZA 96 -98.40 -33.51 33.08
N GLU ZA 97 -97.35 -33.27 33.87
CA GLU ZA 97 -96.09 -33.99 33.72
C GLU ZA 97 -95.31 -33.89 35.01
N ALA ZA 98 -94.30 -34.74 35.14
CA ALA ZA 98 -93.45 -34.73 36.31
C ALA ZA 98 -92.73 -33.38 36.42
N VAL ZA 99 -92.65 -32.86 37.64
CA VAL ZA 99 -92.05 -31.56 37.89
C VAL ZA 99 -91.05 -31.69 39.03
N GLU ZA 100 -89.88 -31.08 38.84
CA GLU ZA 100 -88.84 -31.05 39.86
C GLU ZA 100 -88.36 -29.62 40.03
N TYR ZA 101 -87.89 -29.31 41.24
CA TYR ZA 101 -87.49 -27.96 41.60
C TYR ZA 101 -86.01 -27.92 41.95
N GLU ZA 102 -85.41 -26.74 41.80
CA GLU ZA 102 -84.00 -26.55 42.09
C GLU ZA 102 -83.75 -25.07 42.36
N ILE ZA 103 -82.70 -24.79 43.11
CA ILE ZA 103 -82.26 -23.43 43.42
C ILE ZA 103 -80.88 -23.24 42.83
N LEU ZA 104 -80.74 -22.21 41.98
CA LEU ZA 104 -79.46 -21.91 41.36
C LEU ZA 104 -78.53 -21.35 42.44
N GLU ZA 105 -77.51 -22.14 42.79
CA GLU ZA 105 -76.64 -21.80 43.91
C GLU ZA 105 -75.57 -20.78 43.54
N LEU ZA 106 -75.39 -20.48 42.25
CA LEU ZA 106 -74.41 -19.47 41.86
C LEU ZA 106 -74.87 -18.07 42.21
N TYR ZA 107 -76.13 -17.88 42.60
CA TYR ZA 107 -76.70 -16.56 42.83
C TYR ZA 107 -77.38 -16.55 44.20
N PRO ZA 108 -76.61 -16.74 45.27
CA PRO ZA 108 -77.22 -16.85 46.60
C PRO ZA 108 -77.78 -15.53 47.06
N PRO ZA 109 -78.77 -15.54 47.95
CA PRO ZA 109 -79.27 -14.28 48.50
C PRO ZA 109 -78.17 -13.57 49.29
N VAL ZA 110 -78.20 -12.24 49.23
CA VAL ZA 110 -77.13 -11.45 49.86
C VAL ZA 110 -77.39 -11.20 51.34
N ASN ZA 111 -78.65 -11.25 51.77
CA ASN ZA 111 -79.01 -10.96 53.15
C ASN ZA 111 -79.99 -11.99 53.69
N GLY ZA 112 -79.68 -13.27 53.51
CA GLY ZA 112 -80.56 -14.31 54.03
C GLY ZA 112 -80.06 -15.68 53.63
N ILE ZA 113 -80.83 -16.69 54.04
CA ILE ZA 113 -80.55 -18.08 53.70
C ILE ZA 113 -81.84 -18.73 53.24
N VAL ZA 114 -81.74 -19.51 52.16
CA VAL ZA 114 -82.87 -20.22 51.59
C VAL ZA 114 -82.66 -21.71 51.75
N GLU ZA 115 -83.77 -22.42 51.95
CA GLU ZA 115 -83.73 -23.88 52.10
C GLU ZA 115 -84.87 -24.47 51.29
N LEU ZA 116 -84.57 -25.47 50.48
CA LEU ZA 116 -85.57 -26.09 49.61
C LEU ZA 116 -86.03 -27.41 50.23
N GLY ZA 117 -87.34 -27.55 50.41
CA GLY ZA 117 -87.94 -28.73 50.98
C GLY ZA 117 -88.39 -29.72 49.94
N GLU ZA 118 -89.56 -30.30 50.16
CA GLU ZA 118 -90.11 -31.31 49.27
C GLU ZA 118 -91.30 -30.76 48.49
N ASN ZA 119 -91.37 -31.14 47.22
CA ASN ZA 119 -92.43 -30.70 46.31
C ASN ZA 119 -92.53 -29.17 46.27
N GLY ZA 120 -91.38 -28.52 46.08
CA GLY ZA 120 -91.37 -27.09 45.83
C GLY ZA 120 -91.53 -26.21 47.04
N ALA ZA 121 -91.58 -26.78 48.24
CA ALA ZA 121 -91.67 -25.97 49.44
C ALA ZA 121 -90.29 -25.44 49.82
N PHE ZA 122 -90.23 -24.14 50.12
CA PHE ZA 122 -88.98 -23.47 50.43
C PHE ZA 122 -89.15 -22.61 51.67
N THR ZA 123 -88.04 -22.35 52.35
CA THR ZA 123 -88.01 -21.53 53.55
C THR ZA 123 -86.91 -20.48 53.41
N TYR ZA 124 -87.26 -19.23 53.69
CA TYR ZA 124 -86.33 -18.11 53.64
C TYR ZA 124 -86.18 -17.54 55.05
N ARG ZA 125 -84.94 -17.47 55.53
CA ARG ZA 125 -84.66 -17.03 56.90
C ARG ZA 125 -83.81 -15.76 56.85
N PRO ZA 126 -84.42 -14.58 56.94
CA PRO ZA 126 -83.66 -13.35 56.76
C PRO ZA 126 -82.66 -13.11 57.88
N ALA ZA 127 -81.60 -12.37 57.53
CA ALA ZA 127 -80.60 -12.00 58.52
C ALA ZA 127 -81.18 -11.01 59.52
N THR ZA 128 -80.71 -11.08 60.76
CA THR ZA 128 -81.23 -10.24 61.82
C THR ZA 128 -80.99 -8.77 61.51
N SER ZA 129 -82.00 -7.94 61.79
CA SER ZA 129 -81.91 -6.49 61.64
C SER ZA 129 -81.79 -6.05 60.19
N PHE ZA 130 -82.33 -6.83 59.27
CA PHE ZA 130 -82.27 -6.46 57.86
C PHE ZA 130 -83.53 -5.70 57.45
N THR ZA 131 -83.36 -4.81 56.47
CA THR ZA 131 -84.49 -4.05 55.93
C THR ZA 131 -84.15 -3.64 54.50
N GLY ZA 132 -84.81 -4.25 53.53
CA GLY ZA 132 -84.55 -3.96 52.14
C GLY ZA 132 -85.18 -5.01 51.25
N ILE ZA 133 -84.58 -5.20 50.08
CA ILE ZA 133 -85.04 -6.14 49.07
C ILE ZA 133 -84.05 -7.28 48.96
N ASP ZA 134 -84.54 -8.45 48.57
CA ASP ZA 134 -83.69 -9.64 48.41
C ASP ZA 134 -84.23 -10.48 47.27
N ARG ZA 135 -83.39 -11.37 46.75
CA ARG ZA 135 -83.72 -12.16 45.58
C ARG ZA 135 -83.08 -13.53 45.66
N PHE ZA 136 -83.64 -14.46 44.89
CA PHE ZA 136 -82.97 -15.72 44.59
C PHE ZA 136 -83.60 -16.29 43.34
N TRP ZA 137 -82.83 -17.13 42.64
CA TRP ZA 137 -83.23 -17.65 41.33
C TRP ZA 137 -83.49 -19.14 41.44
N PHE ZA 138 -84.67 -19.56 40.97
CA PHE ZA 138 -85.10 -20.95 41.05
C PHE ZA 138 -85.27 -21.51 39.65
N SER ZA 139 -85.24 -22.84 39.56
CA SER ZA 139 -85.42 -23.55 38.30
C SER ZA 139 -86.48 -24.62 38.47
N ILE ZA 140 -87.46 -24.63 37.57
CA ILE ZA 140 -88.55 -25.60 37.59
C ILE ZA 140 -88.47 -26.39 36.29
N ASN ZA 141 -87.93 -27.60 36.37
CA ASN ZA 141 -87.84 -28.49 35.21
C ASN ZA 141 -87.06 -27.83 34.07
N GLY ZA 142 -85.97 -27.16 34.42
CA GLY ZA 142 -85.09 -26.58 33.43
C GLY ZA 142 -85.42 -25.16 33.01
N ASN ZA 143 -86.48 -24.57 33.56
CA ASN ZA 143 -86.88 -23.20 33.25
C ASN ZA 143 -86.53 -22.30 34.42
N VAL ZA 144 -85.87 -21.18 34.13
CA VAL ZA 144 -85.35 -20.28 35.15
C VAL ZA 144 -86.36 -19.16 35.39
N GLY ZA 145 -86.54 -18.82 36.67
CA GLY ZA 145 -87.42 -17.74 37.04
C GLY ZA 145 -86.83 -16.93 38.18
N GLU ZA 146 -87.51 -15.83 38.52
CA GLU ZA 146 -87.05 -14.93 39.57
C GLU ZA 146 -88.07 -14.92 40.70
N PHE ZA 147 -87.58 -14.71 41.92
CA PHE ZA 147 -88.42 -14.55 43.10
C PHE ZA 147 -87.86 -13.42 43.93
N VAL ZA 148 -88.70 -12.45 44.26
CA VAL ZA 148 -88.28 -11.24 44.97
C VAL ZA 148 -88.94 -11.21 46.33
N ILE ZA 149 -88.17 -10.82 47.35
CA ILE ZA 149 -88.66 -10.73 48.72
C ILE ZA 149 -88.30 -9.35 49.26
N ALA ZA 150 -89.23 -8.74 49.98
CA ALA ZA 150 -89.04 -7.43 50.58
C ALA ZA 150 -89.24 -7.53 52.09
N VAL ZA 151 -88.30 -6.98 52.85
CA VAL ZA 151 -88.33 -7.01 54.30
C VAL ZA 151 -88.67 -5.60 54.78
N ASP ZA 152 -89.92 -5.38 55.15
CA ASP ZA 152 -90.35 -4.08 55.62
C ASP ZA 152 -89.87 -3.84 57.06
N PRO ZA 153 -89.60 -2.59 57.42
CA PRO ZA 153 -89.13 -2.32 58.78
C PRO ZA 153 -90.24 -2.45 59.80
N ALA ZA 154 -89.83 -2.53 61.07
CA ALA ZA 154 -90.81 -2.62 62.15
C ALA ZA 154 -91.67 -1.38 62.26
N GLN ZA 155 -91.17 -0.22 61.85
CA GLN ZA 155 -91.92 1.02 61.90
C GLN ZA 155 -91.71 1.79 60.60
N GLY ZA 156 -92.66 2.65 60.28
CA GLY ZA 156 -92.59 3.45 59.08
C GLY ZA 156 -93.33 2.83 57.92
N PRO ZA 157 -93.35 3.52 56.78
CA PRO ZA 157 -94.07 3.00 55.62
C PRO ZA 157 -93.40 1.77 55.03
N GLN ZA 158 -94.20 0.99 54.32
CA GLN ZA 158 -93.69 -0.22 53.69
C GLN ZA 158 -92.79 0.13 52.52
N ILE ZA 159 -91.99 -0.85 52.08
CA ILE ZA 159 -91.09 -0.65 50.96
C ILE ZA 159 -91.85 -0.88 49.66
N ALA ZA 160 -91.71 0.05 48.72
CA ALA ZA 160 -92.39 -0.08 47.44
C ALA ZA 160 -91.86 -1.29 46.67
N GLN ZA 161 -92.73 -1.90 45.88
CA GLN ZA 161 -92.36 -3.07 45.11
C GLN ZA 161 -91.45 -2.66 43.95
N PRO ZA 162 -90.26 -3.21 43.82
CA PRO ZA 162 -89.39 -2.84 42.69
C PRO ZA 162 -89.75 -3.61 41.44
N PRO ZA 163 -89.32 -3.14 40.28
CA PRO ZA 163 -89.61 -3.88 39.04
C PRO ZA 163 -88.73 -5.12 38.91
N PHE ZA 164 -89.15 -6.04 38.05
CA PHE ZA 164 -88.39 -7.25 37.82
C PHE ZA 164 -87.16 -6.97 36.97
N THR ZA 165 -86.21 -7.91 37.02
CA THR ZA 165 -84.96 -7.75 36.30
C THR ZA 165 -85.15 -8.13 34.83
N PRO ZA 166 -84.88 -7.23 33.88
CA PRO ZA 166 -85.01 -7.61 32.46
C PRO ZA 166 -83.98 -8.65 32.07
N ALA ZA 167 -84.23 -9.28 30.91
CA ALA ZA 167 -83.28 -10.27 30.39
C ALA ZA 167 -81.94 -9.63 30.09
N VAL ZA 168 -81.94 -8.46 29.47
CA VAL ZA 168 -80.73 -7.68 29.23
C VAL ZA 168 -81.03 -6.23 29.55
N TYR ZA 169 -80.06 -5.55 30.14
CA TYR ZA 169 -80.25 -4.18 30.60
C TYR ZA 169 -78.92 -3.46 30.58
N VAL ZA 170 -78.99 -2.13 30.60
CA VAL ZA 170 -77.80 -1.27 30.67
C VAL ZA 170 -78.00 -0.29 31.83
N PRO ZA 171 -77.30 -0.46 32.95
CA PRO ZA 171 -77.45 0.52 34.05
C PRO ZA 171 -77.07 1.91 33.58
N LEU ZA 172 -77.98 2.86 33.81
CA LEU ZA 172 -77.77 4.23 33.34
C LEU ZA 172 -76.91 5.05 34.27
N SER ZA 173 -76.74 4.62 35.53
CA SER ZA 173 -75.85 5.32 36.45
C SER ZA 173 -74.38 5.00 36.18
N ARG ZA 174 -74.10 3.83 35.62
CA ARG ZA 174 -72.73 3.42 35.33
C ARG ZA 174 -72.40 3.73 33.88
N ARG ZA 175 -72.07 5.00 33.64
CA ARG ZA 175 -71.85 5.50 32.30
C ARG ZA 175 -70.96 6.73 32.36
N GLU ZA 176 -70.02 6.84 31.43
CA GLU ZA 176 -69.09 7.96 31.43
C GLU ZA 176 -68.59 8.20 30.01
N VAL ZA 177 -68.13 9.42 29.78
CA VAL ZA 177 -67.53 9.82 28.51
C VAL ZA 177 -66.18 10.44 28.82
N ASN ZA 178 -65.14 9.99 28.12
CA ASN ZA 178 -63.78 10.45 28.36
C ASN ZA 178 -63.45 11.52 27.34
N LYS ZA 179 -63.59 12.78 27.74
CA LYS ZA 179 -63.32 13.89 26.84
C LYS ZA 179 -61.87 13.90 26.35
N GLN ZA 180 -60.95 13.31 27.12
CA GLN ZA 180 -59.55 13.30 26.71
C GLN ZA 180 -59.35 12.53 25.42
N THR ZA 181 -60.03 11.39 25.26
CA THR ZA 181 -59.83 10.57 24.08
C THR ZA 181 -61.12 10.29 23.31
N GLN ZA 182 -62.23 10.99 23.62
CA GLN ZA 182 -63.47 10.84 22.86
C GLN ZA 182 -63.92 9.39 22.81
N ALA ZA 183 -64.23 8.83 23.98
CA ALA ZA 183 -64.71 7.46 24.09
C ALA ZA 183 -65.91 7.41 25.04
N LEU ZA 184 -66.75 6.41 24.83
CA LEU ZA 184 -67.93 6.18 25.66
C LEU ZA 184 -67.84 4.81 26.30
N ARG ZA 185 -68.20 4.73 27.58
CA ARG ZA 185 -68.21 3.49 28.32
C ARG ZA 185 -69.58 3.23 28.91
N PHE ZA 186 -70.03 1.98 28.83
CA PHE ZA 186 -71.27 1.55 29.45
C PHE ZA 186 -71.14 0.08 29.83
N VAL ZA 187 -72.04 -0.38 30.69
CA VAL ZA 187 -72.00 -1.73 31.25
C VAL ZA 187 -73.20 -2.50 30.70
N LEU ZA 188 -72.92 -3.67 30.13
CA LEU ZA 188 -73.95 -4.56 29.61
C LEU ZA 188 -74.07 -5.76 30.52
N GLY ZA 189 -75.27 -6.00 31.04
CA GLY ZA 189 -75.52 -7.09 31.96
C GLY ZA 189 -76.60 -8.02 31.43
N VAL ZA 190 -76.44 -9.31 31.69
CA VAL ZA 190 -77.37 -10.34 31.24
C VAL ZA 190 -77.91 -11.06 32.47
N SER ZA 191 -79.22 -11.20 32.54
CA SER ZA 191 -79.83 -11.86 33.67
C SER ZA 191 -79.68 -13.38 33.55
N PRO ZA 192 -79.73 -14.12 34.66
CA PRO ZA 192 -79.64 -15.58 34.59
C PRO ZA 192 -80.77 -16.21 33.80
N ALA ZA 193 -81.88 -15.48 33.63
CA ALA ZA 193 -83.04 -16.02 32.95
C ALA ZA 193 -82.95 -15.92 31.43
N ALA ZA 194 -81.91 -15.28 30.90
CA ALA ZA 194 -81.77 -15.19 29.45
C ALA ZA 194 -81.67 -16.59 28.86
N LYS ZA 195 -82.44 -16.82 27.79
CA LYS ZA 195 -82.48 -18.14 27.16
C LYS ZA 195 -81.53 -18.19 26.00
N PRO ZA 196 -80.64 -19.18 25.92
CA PRO ZA 196 -79.64 -19.18 24.84
C PRO ZA 196 -80.30 -19.23 23.47
N ALA ZA 197 -79.58 -18.68 22.48
CA ALA ZA 197 -79.98 -18.58 21.08
C ALA ZA 197 -80.92 -17.41 20.82
N ASP ZA 198 -81.31 -16.66 21.86
CA ASP ZA 198 -82.08 -15.45 21.64
C ASP ZA 198 -81.19 -14.33 21.13
N ILE ZA 199 -81.82 -13.29 20.58
CA ILE ZA 199 -81.12 -12.16 20.00
C ILE ZA 199 -81.84 -10.88 20.39
N TYR ZA 200 -81.07 -9.86 20.77
CA TYR ZA 200 -81.59 -8.53 21.06
C TYR ZA 200 -80.81 -7.50 20.26
N ARG ZA 201 -81.42 -6.33 20.08
CA ARG ZA 201 -80.80 -5.23 19.34
C ARG ZA 201 -80.76 -3.98 20.22
N LEU ZA 202 -79.63 -3.30 20.22
CA LEU ZA 202 -79.43 -2.09 21.00
C LEU ZA 202 -79.15 -0.92 20.08
N ASN ZA 203 -79.81 0.21 20.34
CA ASN ZA 203 -79.64 1.43 19.55
C ASN ZA 203 -79.09 2.53 20.44
N ILE ZA 204 -78.07 3.23 19.96
CA ILE ZA 204 -77.40 4.29 20.71
C ILE ZA 204 -77.37 5.54 19.85
N ARG ZA 205 -77.73 6.68 20.45
CA ARG ZA 205 -77.57 7.98 19.81
C ARG ZA 205 -76.71 8.86 20.72
N GLN ZA 206 -75.56 9.27 20.22
CA GLN ZA 206 -74.60 10.05 20.99
C GLN ZA 206 -74.52 11.45 20.41
N ALA ZA 207 -74.37 12.44 21.30
CA ALA ZA 207 -74.42 13.84 20.92
C ALA ZA 207 -73.05 14.48 21.05
N ALA ZA 208 -72.70 15.29 20.05
CA ALA ZA 208 -71.47 16.09 20.07
C ALA ZA 208 -71.85 17.56 19.91
N ILE ZA 209 -71.01 18.43 20.46
CA ILE ZA 209 -71.34 19.85 20.60
C ILE ZA 209 -70.24 20.67 19.96
N ASP ZA 210 -70.64 21.70 19.22
CA ASP ZA 210 -69.68 22.57 18.54
C ASP ZA 210 -69.14 23.63 19.50
N CYS ZA 211 -68.46 24.62 18.94
CA CYS ZA 211 -67.77 25.64 19.75
C CYS ZA 211 -68.71 26.64 20.38
N GLU ZA 212 -69.96 26.75 19.92
CA GLU ZA 212 -70.89 27.74 20.45
C GLU ZA 212 -72.06 27.14 21.21
N GLY ZA 213 -72.16 25.82 21.28
CA GLY ZA 213 -73.20 25.17 22.06
C GLY ZA 213 -74.17 24.32 21.28
N ASN ZA 214 -74.20 24.43 19.94
CA ASN ZA 214 -75.10 23.63 19.15
C ASN ZA 214 -74.61 22.18 19.09
N GLU ZA 215 -75.52 21.27 18.79
CA GLU ZA 215 -75.30 19.84 18.95
C GLU ZA 215 -75.34 19.09 17.63
N TYR ZA 216 -74.66 17.96 17.60
CA TYR ZA 216 -74.74 16.98 16.54
C TYR ZA 216 -75.25 15.66 17.12
N PHE ZA 217 -75.46 14.67 16.26
CA PHE ZA 217 -75.92 13.37 16.71
C PHE ZA 217 -75.37 12.28 15.80
N HIS ZA 218 -75.15 11.09 16.37
CA HIS ZA 218 -74.63 9.94 15.66
C HIS ZA 218 -75.34 8.70 16.18
N ILE ZA 219 -75.79 7.84 15.25
CA ILE ZA 219 -76.63 6.69 15.58
C ILE ZA 219 -75.92 5.42 15.13
N SER ZA 220 -75.95 4.41 15.99
CA SER ZA 220 -75.39 3.09 15.68
C SER ZA 220 -76.18 2.04 16.44
N CYS ZA 221 -76.06 0.80 15.98
CA CYS ZA 221 -76.82 -0.30 16.57
C CYS ZA 221 -75.94 -1.53 16.68
N TYR ZA 222 -76.23 -2.35 17.69
CA TYR ZA 222 -75.47 -3.56 17.96
C TYR ZA 222 -76.43 -4.73 18.20
N ASP ZA 223 -76.03 -5.93 17.80
CA ASP ZA 223 -76.83 -7.13 17.96
C ASP ZA 223 -76.24 -7.97 19.08
N ILE ZA 224 -77.07 -8.31 20.06
CA ILE ZA 224 -76.66 -9.10 21.22
C ILE ZA 224 -77.33 -10.47 21.12
N SER ZA 225 -76.52 -11.52 21.09
CA SER ZA 225 -77.02 -12.89 20.99
C SER ZA 225 -76.55 -13.68 22.19
N ILE ZA 226 -77.48 -14.35 22.86
CA ILE ZA 226 -77.14 -15.12 24.06
C ILE ZA 226 -76.38 -16.37 23.65
N GLY ZA 227 -75.40 -16.76 24.48
CA GLY ZA 227 -74.58 -17.92 24.21
C GLY ZA 227 -74.51 -18.88 25.38
N SER ZA 228 -73.47 -19.71 25.41
CA SER ZA 228 -73.31 -20.69 26.47
C SER ZA 228 -71.86 -21.17 26.48
N CYS ZA 229 -71.59 -22.15 27.34
CA CYS ZA 229 -70.25 -22.69 27.50
C CYS ZA 229 -69.96 -23.75 26.45
N GLY ZA 230 -68.81 -24.41 26.60
CA GLY ZA 230 -68.41 -25.47 25.68
C GLY ZA 230 -67.24 -26.28 26.19
N CYS AB 23 -46.64 -46.77 37.69
CA CYS AB 23 -45.83 -47.66 38.50
C CYS AB 23 -44.39 -47.71 38.00
N GLU AB 24 -43.55 -46.85 38.57
CA GLU AB 24 -42.13 -46.89 38.25
C GLU AB 24 -41.53 -48.21 38.73
N SER AB 25 -40.55 -48.70 37.97
CA SER AB 25 -40.01 -50.03 38.19
C SER AB 25 -38.72 -49.96 38.99
N ILE AB 26 -38.66 -50.78 40.04
CA ILE AB 26 -37.46 -50.93 40.86
C ILE AB 26 -37.08 -52.41 40.85
N SER AB 27 -35.78 -52.67 40.93
CA SER AB 27 -35.25 -54.03 40.98
C SER AB 27 -34.41 -54.19 42.24
N ALA AB 28 -34.46 -55.36 42.84
CA ALA AB 28 -33.75 -55.61 44.08
C ALA AB 28 -33.25 -57.05 44.10
N ARG AB 29 -32.25 -57.30 44.96
CA ARG AB 29 -31.62 -58.60 45.10
C ARG AB 29 -31.73 -59.08 46.54
N PRO AB 30 -31.95 -60.38 46.78
CA PRO AB 30 -32.01 -60.87 48.15
C PRO AB 30 -30.72 -60.56 48.91
N GLY AB 31 -30.88 -60.18 50.18
CA GLY AB 31 -29.75 -59.83 51.02
C GLY AB 31 -29.23 -58.42 50.84
N GLU AB 32 -29.85 -57.63 49.98
CA GLU AB 32 -29.37 -56.28 49.71
C GLU AB 32 -30.05 -55.28 50.63
N VAL AB 33 -29.40 -54.13 50.79
CA VAL AB 33 -29.98 -52.97 51.48
C VAL AB 33 -29.49 -51.73 50.75
N ASN AB 34 -30.42 -51.02 50.10
CA ASN AB 34 -30.07 -49.93 49.20
C ASN AB 34 -31.01 -48.76 49.44
N GLY AB 35 -30.53 -47.56 49.13
CA GLY AB 35 -31.30 -46.35 49.34
C GLY AB 35 -32.03 -45.89 48.09
N VAL AB 36 -33.03 -45.03 48.28
CA VAL AB 36 -33.84 -44.49 47.20
C VAL AB 36 -34.09 -43.01 47.48
N MET AB 37 -34.18 -42.23 46.40
CA MET AB 37 -34.46 -40.80 46.50
C MET AB 37 -35.49 -40.40 45.46
N VAL AB 38 -36.40 -39.51 45.86
CA VAL AB 38 -37.40 -38.94 44.97
C VAL AB 38 -37.37 -37.43 45.14
N SER AB 39 -37.53 -36.70 44.04
CA SER AB 39 -37.44 -35.25 44.04
C SER AB 39 -38.84 -34.67 43.81
N TYR AB 40 -39.25 -33.77 44.71
CA TYR AB 40 -40.57 -33.17 44.67
C TYR AB 40 -40.55 -31.71 44.21
N VAL AB 41 -39.44 -31.22 43.67
CA VAL AB 41 -39.34 -29.80 43.34
C VAL AB 41 -40.40 -29.41 42.33
N ALA AB 42 -40.63 -30.26 41.32
CA ALA AB 42 -41.58 -29.92 40.28
C ALA AB 42 -43.00 -29.76 40.82
N TRP AB 43 -43.32 -30.46 41.92
CA TRP AB 43 -44.67 -30.40 42.46
C TRP AB 43 -44.79 -29.32 43.53
N SER AB 44 -43.87 -29.30 44.48
CA SER AB 44 -43.97 -28.42 45.64
C SER AB 44 -43.42 -27.01 45.39
N ALA AB 45 -42.77 -26.78 44.25
CA ALA AB 45 -42.22 -25.44 44.00
C ALA AB 45 -43.33 -24.44 43.71
N PRO AB 46 -44.17 -24.61 42.69
CA PRO AB 46 -45.17 -23.58 42.38
C PRO AB 46 -46.17 -23.34 43.49
N LEU AB 47 -46.40 -24.31 44.38
CA LEU AB 47 -47.38 -24.10 45.44
C LEU AB 47 -46.92 -23.08 46.45
N GLY AB 48 -45.63 -22.74 46.49
CA GLY AB 48 -45.17 -21.82 47.49
C GLY AB 48 -45.22 -22.46 48.88
N GLY AB 49 -45.32 -21.61 49.89
CA GLY AB 49 -45.40 -22.12 51.24
C GLY AB 49 -44.05 -22.55 51.78
N HIS AB 50 -44.09 -23.50 52.72
CA HIS AB 50 -42.90 -23.95 53.42
C HIS AB 50 -42.41 -25.31 52.94
N GLY AB 51 -42.83 -25.74 51.75
CA GLY AB 51 -42.26 -26.94 51.18
C GLY AB 51 -42.80 -28.22 51.82
N LEU AB 52 -41.95 -29.25 51.82
CA LEU AB 52 -42.36 -30.58 52.25
C LEU AB 52 -42.48 -30.65 53.76
N THR AB 53 -42.90 -31.82 54.24
CA THR AB 53 -43.07 -32.08 55.66
C THR AB 53 -42.76 -33.55 55.92
N ASN AB 54 -42.44 -33.85 57.18
CA ASN AB 54 -42.00 -35.20 57.55
C ASN AB 54 -43.15 -36.18 57.74
N LYS AB 55 -44.35 -35.88 57.23
CA LYS AB 55 -45.50 -36.78 57.38
C LYS AB 55 -45.65 -37.72 56.19
N THR AB 56 -44.75 -38.69 56.08
CA THR AB 56 -44.84 -39.69 55.02
C THR AB 56 -45.63 -40.89 55.49
N THR AB 57 -46.06 -41.72 54.54
CA THR AB 57 -46.79 -42.94 54.83
C THR AB 57 -46.50 -43.97 53.76
N PHE AB 58 -46.17 -45.20 54.17
CA PHE AB 58 -45.80 -46.28 53.28
C PHE AB 58 -46.78 -47.43 53.44
N GLU AB 59 -47.08 -48.10 52.33
CA GLU AB 59 -47.93 -49.29 52.33
C GLU AB 59 -47.40 -50.27 51.29
N PHE AB 60 -47.39 -51.56 51.65
CA PHE AB 60 -46.90 -52.61 50.78
C PHE AB 60 -48.07 -53.49 50.35
N GLU AB 61 -48.11 -53.82 49.06
CA GLU AB 61 -49.15 -54.66 48.48
C GLU AB 61 -48.52 -55.82 47.73
N ASN AB 62 -49.23 -56.94 47.68
CA ASN AB 62 -48.76 -58.10 46.95
C ASN AB 62 -49.47 -58.23 45.60
N VAL AB 63 -48.71 -58.61 44.58
CA VAL AB 63 -49.24 -58.89 43.26
C VAL AB 63 -48.89 -60.31 42.82
N SER AB 64 -47.64 -60.71 43.00
CA SER AB 64 -47.18 -62.06 42.72
C SER AB 64 -46.27 -62.50 43.85
N VAL AB 65 -46.75 -63.40 44.69
CA VAL AB 65 -45.99 -63.89 45.84
C VAL AB 65 -46.21 -65.39 45.96
N THR AB 66 -45.13 -66.12 46.22
CA THR AB 66 -45.17 -67.56 46.40
C THR AB 66 -44.94 -67.87 47.88
N GLU AB 67 -45.87 -68.59 48.48
CA GLU AB 67 -45.76 -68.87 49.91
C GLU AB 67 -44.55 -69.75 50.19
N PRO AB 68 -43.87 -69.55 51.32
CA PRO AB 68 -42.66 -70.33 51.58
C PRO AB 68 -42.97 -71.79 51.84
N LEU AB 69 -42.00 -72.65 51.55
CA LEU AB 69 -42.11 -74.07 51.83
C LEU AB 69 -41.46 -74.47 53.15
N VAL AB 70 -40.84 -73.54 53.86
CA VAL AB 70 -40.16 -73.80 55.13
C VAL AB 70 -40.62 -72.76 56.14
N ASN AB 71 -40.87 -73.21 57.36
CA ASN AB 71 -41.36 -72.31 58.41
C ASN AB 71 -40.21 -71.70 59.18
N SER AB 72 -40.51 -70.61 59.88
CA SER AB 72 -39.56 -69.98 60.78
C SER AB 72 -39.79 -70.46 62.22
N ALA AB 73 -38.82 -70.19 63.08
CA ALA AB 73 -38.87 -70.65 64.45
C ALA AB 73 -38.24 -69.63 65.38
N PHE AB 74 -38.57 -69.77 66.67
CA PHE AB 74 -38.06 -68.90 67.72
C PHE AB 74 -37.89 -69.72 68.98
N GLU AB 75 -36.81 -69.45 69.72
CA GLU AB 75 -36.51 -70.21 70.93
C GLU AB 75 -35.70 -69.35 71.88
N ARG AB 76 -35.55 -69.84 73.11
CA ARG AB 76 -34.86 -69.13 74.18
C ARG AB 76 -33.78 -70.01 74.78
N THR AB 77 -32.76 -69.36 75.35
CA THR AB 77 -31.70 -70.05 76.07
C THR AB 77 -31.33 -69.23 77.30
N PRO AB 78 -30.91 -69.89 78.38
CA PRO AB 78 -30.50 -69.13 79.58
C PRO AB 78 -29.15 -68.45 79.37
N PHE AB 79 -28.75 -67.70 80.40
CA PHE AB 79 -27.51 -66.94 80.34
C PHE AB 79 -26.32 -67.88 80.17
N ASN AB 80 -25.40 -67.50 79.28
CA ASN AB 80 -24.17 -68.25 79.03
C ASN AB 80 -24.44 -69.73 78.82
N THR AB 81 -25.56 -70.08 78.21
CA THR AB 81 -25.99 -71.46 78.05
C THR AB 81 -25.97 -71.85 76.58
N THR AB 82 -25.38 -73.01 76.29
CA THR AB 82 -25.38 -73.52 74.93
C THR AB 82 -26.77 -74.00 74.54
N LEU AB 83 -27.12 -73.81 73.27
CA LEU AB 83 -28.42 -74.18 72.74
C LEU AB 83 -28.26 -75.26 71.68
N ALA AB 84 -29.18 -76.22 71.66
CA ALA AB 84 -29.20 -77.30 70.69
C ALA AB 84 -30.60 -77.45 70.13
N GLY AB 85 -30.67 -77.91 68.88
CA GLY AB 85 -31.95 -78.08 68.23
C GLY AB 85 -31.80 -78.84 66.94
N SER AB 86 -32.93 -78.99 66.24
CA SER AB 86 -32.97 -79.70 64.97
C SER AB 86 -33.81 -78.93 63.97
N LEU AB 87 -33.39 -78.96 62.70
CA LEU AB 87 -34.08 -78.26 61.63
C LEU AB 87 -35.08 -79.15 60.90
N ALA AB 88 -35.19 -80.42 61.25
CA ALA AB 88 -36.04 -81.34 60.50
C ALA AB 88 -37.51 -80.96 60.60
N ALA AB 89 -37.97 -80.54 61.78
CA ALA AB 89 -39.38 -80.27 61.99
C ALA AB 89 -39.88 -79.06 61.21
N LEU AB 90 -38.98 -78.27 60.65
CA LEU AB 90 -39.34 -77.02 59.99
C LEU AB 90 -39.64 -77.18 58.51
N PHE AB 91 -39.65 -78.40 57.98
CA PHE AB 91 -39.89 -78.66 56.56
C PHE AB 91 -41.06 -79.62 56.41
N PRO AB 92 -42.30 -79.12 56.44
CA PRO AB 92 -43.47 -80.01 56.29
C PRO AB 92 -43.74 -80.38 54.83
N ASN AB 93 -42.82 -81.14 54.25
CA ASN AB 93 -43.00 -81.58 52.87
C ASN AB 93 -44.19 -82.53 52.78
N PRO AB 94 -45.12 -82.29 51.85
CA PRO AB 94 -46.29 -83.17 51.76
C PRO AB 94 -46.00 -84.56 51.24
N GLU AB 95 -44.87 -84.76 50.56
CA GLU AB 95 -44.49 -86.06 50.04
C GLU AB 95 -43.05 -86.37 50.45
N GLY AB 96 -42.83 -87.60 50.89
CA GLY AB 96 -41.52 -87.99 51.37
C GLY AB 96 -40.47 -87.84 50.28
N GLU AB 97 -39.33 -87.25 50.63
CA GLU AB 97 -38.24 -87.07 49.69
C GLU AB 97 -36.96 -86.83 50.49
N ALA AB 98 -35.83 -86.95 49.80
CA ALA AB 98 -34.53 -86.72 50.43
C ALA AB 98 -34.42 -85.25 50.83
N VAL AB 99 -33.85 -85.02 52.01
CA VAL AB 99 -33.71 -83.68 52.56
C VAL AB 99 -32.27 -83.46 52.98
N GLU AB 100 -31.71 -82.31 52.58
CA GLU AB 100 -30.36 -81.91 52.97
C GLU AB 100 -30.40 -80.50 53.52
N TYR AB 101 -29.68 -80.29 54.61
CA TYR AB 101 -29.69 -79.02 55.33
C TYR AB 101 -28.42 -78.23 55.02
N GLU AB 102 -28.49 -76.92 55.25
CA GLU AB 102 -27.37 -76.04 54.99
C GLU AB 102 -27.56 -74.74 55.75
N ILE AB 103 -26.46 -74.07 56.04
CA ILE AB 103 -26.45 -72.78 56.71
C ILE AB 103 -25.83 -71.75 55.78
N LEU AB 104 -26.53 -70.65 55.56
CA LEU AB 104 -26.04 -69.60 54.68
C LEU AB 104 -24.95 -68.84 55.43
N GLU AB 105 -23.72 -68.88 54.89
CA GLU AB 105 -22.58 -68.32 55.58
C GLU AB 105 -22.39 -66.84 55.33
N LEU AB 106 -23.16 -66.24 54.42
CA LEU AB 106 -23.02 -64.81 54.17
C LEU AB 106 -23.60 -63.96 55.30
N TYR AB 107 -24.54 -64.50 56.06
CA TYR AB 107 -25.21 -63.77 57.14
C TYR AB 107 -24.91 -64.45 58.48
N PRO AB 108 -23.65 -64.45 58.91
CA PRO AB 108 -23.29 -65.14 60.14
C PRO AB 108 -23.91 -64.46 61.35
N PRO AB 109 -24.12 -65.19 62.44
CA PRO AB 109 -24.65 -64.57 63.65
C PRO AB 109 -23.68 -63.53 64.19
N VAL AB 110 -24.24 -62.47 64.78
CA VAL AB 110 -23.43 -61.34 65.22
C VAL AB 110 -22.83 -61.57 66.61
N ASN AB 111 -23.47 -62.38 67.44
CA ASN AB 111 -23.02 -62.61 68.81
C ASN AB 111 -23.05 -64.09 69.16
N GLY AB 112 -22.46 -64.91 68.31
CA GLY AB 112 -22.40 -66.34 68.59
C GLY AB 112 -21.78 -67.10 67.45
N ILE AB 113 -21.73 -68.42 67.62
CA ILE AB 113 -21.21 -69.33 66.60
C ILE AB 113 -22.19 -70.48 66.46
N VAL AB 114 -22.47 -70.85 65.21
CA VAL AB 114 -23.41 -71.93 64.89
C VAL AB 114 -22.65 -73.04 64.21
N GLU AB 115 -22.92 -74.27 64.66
CA GLU AB 115 -22.32 -75.46 64.09
C GLU AB 115 -23.43 -76.38 63.62
N LEU AB 116 -23.24 -77.00 62.45
CA LEU AB 116 -24.24 -77.88 61.86
C LEU AB 116 -23.75 -79.32 61.93
N GLY AB 117 -24.58 -80.19 62.48
CA GLY AB 117 -24.24 -81.59 62.66
C GLY AB 117 -24.82 -82.48 61.59
N GLU AB 118 -25.29 -83.66 62.01
CA GLU AB 118 -25.82 -84.64 61.08
C GLU AB 118 -27.35 -84.65 61.11
N ASN AB 119 -27.94 -84.72 59.93
CA ASN AB 119 -29.39 -84.77 59.76
C ASN AB 119 -30.06 -83.61 60.48
N GLY AB 120 -29.64 -82.39 60.16
CA GLY AB 120 -30.34 -81.21 60.63
C GLY AB 120 -30.06 -80.80 62.06
N ALA AB 121 -29.16 -81.50 62.74
CA ALA AB 121 -28.81 -81.10 64.11
C ALA AB 121 -27.81 -79.96 64.09
N PHE AB 122 -28.06 -78.95 64.92
CA PHE AB 122 -27.24 -77.76 64.97
C PHE AB 122 -27.01 -77.36 66.42
N THR AB 123 -25.92 -76.63 66.65
CA THR AB 123 -25.54 -76.17 67.97
C THR AB 123 -25.23 -74.69 67.93
N TYR AB 124 -25.80 -73.93 68.86
CA TYR AB 124 -25.56 -72.50 68.98
C TYR AB 124 -24.83 -72.24 70.29
N ARG AB 125 -23.72 -71.52 70.22
CA ARG AB 125 -22.84 -71.28 71.36
C ARG AB 125 -22.71 -69.77 71.57
N PRO AB 126 -23.58 -69.17 72.39
CA PRO AB 126 -23.57 -67.70 72.51
C PRO AB 126 -22.28 -67.19 73.13
N ALA AB 127 -21.93 -65.96 72.75
CA ALA AB 127 -20.75 -65.32 73.30
C ALA AB 127 -20.95 -65.00 74.77
N THR AB 128 -19.87 -65.09 75.54
CA THR AB 128 -19.96 -64.87 76.98
C THR AB 128 -20.46 -63.47 77.28
N SER AB 129 -21.35 -63.37 78.27
CA SER AB 129 -21.90 -62.13 78.77
C SER AB 129 -22.86 -61.47 77.78
N PHE AB 130 -23.42 -62.23 76.84
CA PHE AB 130 -24.33 -61.65 75.87
C PHE AB 130 -25.76 -61.67 76.41
N THR AB 131 -26.56 -60.70 75.97
CA THR AB 131 -27.97 -60.63 76.34
C THR AB 131 -28.70 -59.82 75.29
N GLY AB 132 -29.59 -60.48 74.54
CA GLY AB 132 -30.34 -59.81 73.50
C GLY AB 132 -30.94 -60.83 72.54
N ILE AB 133 -31.02 -60.43 71.27
CA ILE AB 133 -31.61 -61.24 70.22
C ILE AB 133 -30.53 -61.60 69.21
N ASP AB 134 -30.72 -62.70 68.49
CA ASP AB 134 -29.75 -63.17 67.51
C ASP AB 134 -30.50 -63.91 66.40
N ARG AB 135 -29.83 -64.08 65.27
CA ARG AB 135 -30.46 -64.69 64.10
C ARG AB 135 -29.42 -65.47 63.30
N PHE AB 136 -29.91 -66.41 62.50
CA PHE AB 136 -29.14 -66.99 61.42
C PHE AB 136 -30.09 -67.64 60.43
N TRP AB 137 -29.62 -67.84 59.21
CA TRP AB 137 -30.45 -68.26 58.09
C TRP AB 137 -30.00 -69.63 57.60
N PHE AB 138 -30.96 -70.53 57.40
CA PHE AB 138 -30.69 -71.89 56.96
C PHE AB 138 -31.43 -72.17 55.66
N SER AB 139 -31.05 -73.27 55.01
CA SER AB 139 -31.64 -73.68 53.75
C SER AB 139 -31.93 -75.17 53.78
N ILE AB 140 -33.13 -75.54 53.32
CA ILE AB 140 -33.55 -76.93 53.22
C ILE AB 140 -34.01 -77.16 51.80
N ASN AB 141 -33.29 -78.01 51.06
CA ASN AB 141 -33.62 -78.32 49.67
C ASN AB 141 -33.76 -77.04 48.84
N GLY AB 142 -32.93 -76.05 49.13
CA GLY AB 142 -32.97 -74.80 48.40
C GLY AB 142 -34.01 -73.81 48.87
N ASN AB 143 -34.72 -74.11 49.95
CA ASN AB 143 -35.72 -73.20 50.50
C ASN AB 143 -35.14 -72.51 51.73
N VAL AB 144 -35.27 -71.19 51.78
CA VAL AB 144 -34.61 -70.37 52.80
C VAL AB 144 -35.60 -70.03 53.89
N GLY AB 145 -35.18 -70.19 55.15
CA GLY AB 145 -36.00 -69.82 56.28
C GLY AB 145 -35.16 -69.10 57.32
N GLU AB 146 -35.85 -68.53 58.30
CA GLU AB 146 -35.22 -67.75 59.36
C GLU AB 146 -35.37 -68.48 60.68
N PHE AB 147 -34.33 -68.41 61.52
CA PHE AB 147 -34.37 -68.97 62.87
C PHE AB 147 -33.92 -67.88 63.83
N VAL AB 148 -34.74 -67.60 64.84
CA VAL AB 148 -34.47 -66.53 65.80
C VAL AB 148 -34.11 -67.15 67.14
N ILE AB 149 -33.18 -66.52 67.85
CA ILE AB 149 -32.76 -66.95 69.17
C ILE AB 149 -32.75 -65.74 70.09
N ALA AB 150 -33.16 -65.95 71.35
CA ALA AB 150 -33.17 -64.91 72.35
C ALA AB 150 -32.37 -65.36 73.57
N VAL AB 151 -31.57 -64.47 74.12
CA VAL AB 151 -30.73 -64.75 75.27
C VAL AB 151 -31.20 -63.85 76.40
N ASP AB 152 -31.92 -64.42 77.36
CA ASP AB 152 -32.42 -63.65 78.48
C ASP AB 152 -31.33 -63.48 79.54
N PRO AB 153 -31.38 -62.40 80.32
CA PRO AB 153 -30.36 -62.19 81.36
C PRO AB 153 -30.57 -63.13 82.54
N ALA AB 154 -29.53 -63.23 83.36
CA ALA AB 154 -29.61 -64.07 84.56
C ALA AB 154 -30.68 -63.58 85.52
N GLN AB 155 -30.94 -62.28 85.57
CA GLN AB 155 -31.96 -61.72 86.44
C GLN AB 155 -32.79 -60.71 85.64
N GLY AB 156 -34.04 -60.54 86.07
CA GLY AB 156 -34.94 -59.61 85.42
C GLY AB 156 -35.93 -60.31 84.51
N PRO AB 157 -36.83 -59.53 83.91
CA PRO AB 157 -37.86 -60.13 83.05
C PRO AB 157 -37.27 -60.67 81.76
N GLN AB 158 -37.98 -61.64 81.17
CA GLN AB 158 -37.56 -62.23 79.92
C GLN AB 158 -37.73 -61.24 78.78
N ILE AB 159 -36.98 -61.47 77.70
CA ILE AB 159 -37.04 -60.59 76.54
C ILE AB 159 -38.24 -60.97 75.68
N ALA AB 160 -39.03 -59.97 75.31
CA ALA AB 160 -40.21 -60.23 74.49
C ALA AB 160 -39.80 -60.73 73.10
N GLN AB 161 -40.68 -61.53 72.51
CA GLN AB 161 -40.40 -62.10 71.20
C GLN AB 161 -40.56 -61.05 70.12
N PRO AB 162 -39.56 -60.79 69.29
CA PRO AB 162 -39.71 -59.82 68.21
C PRO AB 162 -40.38 -60.44 67.01
N PRO AB 163 -40.94 -59.62 66.10
CA PRO AB 163 -41.56 -60.18 64.91
C PRO AB 163 -40.52 -60.65 63.90
N PHE AB 164 -40.95 -61.55 63.01
CA PHE AB 164 -40.04 -62.06 61.99
C PHE AB 164 -39.76 -60.99 60.94
N THR AB 165 -38.68 -61.18 60.20
CA THR AB 165 -38.25 -60.21 59.20
C THR AB 165 -39.09 -60.36 57.94
N PRO AB 166 -39.77 -59.31 57.49
CA PRO AB 166 -40.54 -59.42 56.24
C PRO AB 166 -39.64 -59.61 55.03
N ALA AB 167 -40.24 -60.07 53.94
CA ALA AB 167 -39.50 -60.25 52.70
C ALA AB 167 -38.94 -58.92 52.20
N VAL AB 168 -39.75 -57.86 52.25
CA VAL AB 168 -39.31 -56.51 51.92
C VAL AB 168 -39.87 -55.56 52.97
N TYR AB 169 -39.04 -54.61 53.38
CA TYR AB 169 -39.41 -53.70 54.45
C TYR AB 169 -38.71 -52.37 54.23
N VAL AB 170 -39.24 -51.34 54.88
CA VAL AB 170 -38.67 -49.99 54.84
C VAL AB 170 -38.53 -49.52 56.28
N PRO AB 171 -37.33 -49.44 56.84
CA PRO AB 171 -37.19 -48.94 58.22
C PRO AB 171 -37.77 -47.54 58.35
N LEU AB 172 -38.58 -47.35 59.39
CA LEU AB 172 -39.22 -46.05 59.60
C LEU AB 172 -38.36 -45.08 60.37
N SER AB 173 -37.31 -45.57 61.04
CA SER AB 173 -36.40 -44.68 61.75
C SER AB 173 -35.38 -44.03 60.82
N ARG AB 174 -35.07 -44.66 59.70
CA ARG AB 174 -34.10 -44.14 58.74
C ARG AB 174 -34.87 -43.47 57.61
N ARG AB 175 -35.07 -42.17 57.74
CA ARG AB 175 -35.89 -41.41 56.81
C ARG AB 175 -35.65 -39.93 57.03
N GLU AB 176 -35.47 -39.19 55.94
CA GLU AB 176 -35.16 -37.77 56.04
C GLU AB 176 -35.71 -37.05 54.83
N VAL AB 177 -36.09 -35.78 55.05
CA VAL AB 177 -36.54 -34.89 53.98
C VAL AB 177 -35.63 -33.67 53.99
N ASN AB 178 -35.11 -33.31 52.82
CA ASN AB 178 -34.17 -32.21 52.68
C ASN AB 178 -34.95 -31.00 52.19
N LYS AB 179 -35.26 -30.08 53.11
CA LYS AB 179 -35.99 -28.88 52.76
C LYS AB 179 -35.21 -27.96 51.82
N GLN AB 180 -33.88 -28.05 51.81
CA GLN AB 180 -33.09 -27.23 50.90
C GLN AB 180 -33.36 -27.55 49.44
N THR AB 181 -33.68 -28.82 49.13
CA THR AB 181 -33.91 -29.19 47.74
C THR AB 181 -35.19 -30.00 47.54
N GLN AB 182 -36.04 -30.14 48.55
CA GLN AB 182 -37.31 -30.84 48.42
C GLN AB 182 -37.09 -32.26 47.88
N ALA AB 183 -36.37 -33.06 48.65
CA ALA AB 183 -36.09 -34.44 48.28
C ALA AB 183 -36.32 -35.34 49.49
N LEU AB 184 -36.78 -36.56 49.22
CA LEU AB 184 -37.08 -37.54 50.26
C LEU AB 184 -36.14 -38.72 50.12
N ARG AB 185 -35.60 -39.19 51.23
CA ARG AB 185 -34.71 -40.34 51.26
C ARG AB 185 -35.29 -41.43 52.17
N PHE AB 186 -35.19 -42.67 51.72
CA PHE AB 186 -35.59 -43.81 52.52
C PHE AB 186 -34.77 -45.02 52.10
N VAL AB 187 -34.77 -46.05 52.95
CA VAL AB 187 -33.93 -47.23 52.78
C VAL AB 187 -34.83 -48.41 52.45
N LEU AB 188 -34.48 -49.13 51.39
CA LEU AB 188 -35.20 -50.33 50.97
C LEU AB 188 -34.32 -51.53 51.22
N GLY AB 189 -34.83 -52.51 51.96
CA GLY AB 189 -34.07 -53.70 52.31
C GLY AB 189 -34.82 -54.95 51.91
N VAL AB 190 -34.07 -55.96 51.47
CA VAL AB 190 -34.63 -57.23 51.04
C VAL AB 190 -34.06 -58.33 51.91
N SER AB 191 -34.94 -59.16 52.48
CA SER AB 191 -34.49 -60.27 53.30
C SER AB 191 -33.93 -61.38 52.40
N PRO AB 192 -33.01 -62.20 52.92
CA PRO AB 192 -32.48 -63.31 52.12
C PRO AB 192 -33.56 -64.32 51.73
N ALA AB 193 -34.66 -64.34 52.47
CA ALA AB 193 -35.76 -65.27 52.19
C ALA AB 193 -36.55 -64.90 50.95
N ALA AB 194 -36.35 -63.70 50.41
CA ALA AB 194 -37.07 -63.30 49.21
C ALA AB 194 -36.80 -64.28 48.08
N LYS AB 195 -37.86 -64.66 47.38
CA LYS AB 195 -37.76 -65.63 46.30
C LYS AB 195 -37.73 -64.91 44.96
N PRO AB 196 -36.79 -65.21 44.08
CA PRO AB 196 -36.68 -64.45 42.83
C PRO AB 196 -37.93 -64.58 41.98
N ALA AB 197 -38.16 -63.54 41.17
CA ALA AB 197 -39.27 -63.41 40.23
C ALA AB 197 -40.57 -62.96 40.88
N ASP AB 198 -40.60 -62.73 42.19
CA ASP AB 198 -41.79 -62.17 42.80
C ASP AB 198 -41.82 -60.65 42.60
N ILE AB 199 -42.98 -60.06 42.83
CA ILE AB 199 -43.19 -58.63 42.63
C ILE AB 199 -43.98 -58.08 43.81
N TYR AB 200 -43.58 -56.89 44.28
CA TYR AB 200 -44.28 -56.16 45.32
C TYR AB 200 -44.56 -54.75 44.85
N ARG AB 201 -45.54 -54.10 45.48
CA ARG AB 201 -45.91 -52.73 45.17
C ARG AB 201 -45.85 -51.89 46.44
N LEU AB 202 -45.33 -50.67 46.32
CA LEU AB 202 -45.17 -49.75 47.44
C LEU AB 202 -45.90 -48.45 47.12
N ASN AB 203 -46.68 -47.96 48.07
CA ASN AB 203 -47.45 -46.74 47.92
C ASN AB 203 -46.94 -45.69 48.91
N ILE AB 204 -46.79 -44.46 48.43
CA ILE AB 204 -46.24 -43.36 49.22
C ILE AB 204 -47.21 -42.19 49.15
N ARG AB 205 -47.46 -41.56 50.29
CA ARG AB 205 -48.25 -40.33 50.35
C ARG AB 205 -47.45 -39.28 51.11
N GLN AB 206 -47.08 -38.20 50.43
CA GLN AB 206 -46.21 -37.18 50.97
C GLN AB 206 -46.97 -35.87 51.10
N ALA AB 207 -46.73 -35.15 52.18
CA ALA AB 207 -47.46 -33.94 52.51
C ALA AB 207 -46.59 -32.69 52.35
N ALA AB 208 -47.24 -31.58 51.99
CA ALA AB 208 -46.59 -30.28 51.94
C ALA AB 208 -47.54 -29.26 52.53
N ILE AB 209 -46.97 -28.20 53.12
CA ILE AB 209 -47.73 -27.21 53.87
C ILE AB 209 -47.60 -25.85 53.19
N ASP AB 210 -48.69 -25.09 53.19
CA ASP AB 210 -48.65 -23.72 52.70
C ASP AB 210 -48.17 -22.79 53.82
N CYS AB 211 -48.31 -21.48 53.57
CA CYS AB 211 -47.80 -20.49 54.50
C CYS AB 211 -48.43 -20.59 55.88
N GLU AB 212 -49.75 -20.77 55.96
CA GLU AB 212 -50.47 -20.73 57.22
C GLU AB 212 -50.53 -22.09 57.91
N GLY AB 213 -50.06 -23.15 57.26
CA GLY AB 213 -49.99 -24.46 57.89
C GLY AB 213 -50.92 -25.52 57.33
N ASN AB 214 -51.78 -25.18 56.37
CA ASN AB 214 -52.62 -26.20 55.77
C ASN AB 214 -51.80 -27.09 54.84
N GLU AB 215 -52.28 -28.32 54.65
CA GLU AB 215 -51.48 -29.38 54.04
C GLU AB 215 -52.02 -29.77 52.67
N TYR AB 216 -51.10 -30.12 51.78
CA TYR AB 216 -51.41 -30.80 50.52
C TYR AB 216 -50.98 -32.27 50.62
N PHE AB 217 -51.20 -33.01 49.55
CA PHE AB 217 -50.83 -34.42 49.51
C PHE AB 217 -50.53 -34.84 48.08
N HIS AB 218 -49.59 -35.77 47.93
CA HIS AB 218 -49.19 -36.31 46.64
C HIS AB 218 -48.97 -37.81 46.79
N ILE AB 219 -49.41 -38.58 45.79
CA ILE AB 219 -49.41 -40.03 45.86
C ILE AB 219 -48.69 -40.60 44.64
N SER AB 220 -47.86 -41.61 44.88
CA SER AB 220 -47.16 -42.31 43.82
C SER AB 220 -46.89 -43.73 44.27
N CYS AB 221 -46.62 -44.61 43.30
CA CYS AB 221 -46.43 -46.03 43.58
C CYS AB 221 -45.28 -46.55 42.74
N TYR AB 222 -44.58 -47.55 43.29
CA TYR AB 222 -43.42 -48.16 42.65
C TYR AB 222 -43.53 -49.68 42.72
N ASP AB 223 -43.02 -50.35 41.69
CA ASP AB 223 -43.04 -51.80 41.60
C ASP AB 223 -41.65 -52.34 41.88
N ILE AB 224 -41.56 -53.32 42.77
CA ILE AB 224 -40.30 -53.94 43.16
C ILE AB 224 -40.34 -55.40 42.73
N SER AB 225 -39.37 -55.81 41.92
CA SER AB 225 -39.28 -57.17 41.42
C SER AB 225 -37.95 -57.78 41.85
N ILE AB 226 -38.00 -58.97 42.46
CA ILE AB 226 -36.79 -59.62 42.94
C ILE AB 226 -35.98 -60.14 41.76
N GLY AB 227 -34.66 -60.02 41.85
CA GLY AB 227 -33.78 -60.44 40.77
C GLY AB 227 -32.68 -61.37 41.23
N SER AB 228 -31.59 -61.42 40.48
CA SER AB 228 -30.46 -62.29 40.79
C SER AB 228 -29.26 -61.86 39.96
N CYS AB 229 -28.19 -62.63 40.05
CA CYS AB 229 -26.95 -62.32 39.35
C CYS AB 229 -26.94 -62.98 37.97
N GLY AB 230 -25.78 -62.94 37.32
CA GLY AB 230 -25.61 -63.53 36.01
C GLY AB 230 -24.15 -63.65 35.61
N CYS BB 23 -48.58 -80.15 15.39
CA CYS BB 23 -47.70 -80.10 16.55
C CYS BB 23 -46.24 -80.09 16.12
N GLU BB 24 -45.42 -79.30 16.80
CA GLU BB 24 -44.01 -79.21 16.47
C GLU BB 24 -43.32 -80.54 16.75
N SER BB 25 -42.27 -80.82 15.97
CA SER BB 25 -41.58 -82.10 16.02
C SER BB 25 -40.21 -81.92 16.67
N ILE BB 26 -39.90 -82.80 17.62
CA ILE BB 26 -38.60 -82.84 18.28
C ILE BB 26 -38.02 -84.23 18.07
N SER BB 27 -36.79 -84.28 17.56
CA SER BB 27 -36.08 -85.53 17.34
C SER BB 27 -34.93 -85.63 18.33
N ALA BB 28 -34.87 -86.75 19.06
CA ALA BB 28 -33.89 -86.93 20.12
C ALA BB 28 -33.28 -88.31 20.01
N ARG BB 29 -32.08 -88.46 20.58
CA ARG BB 29 -31.34 -89.71 20.56
C ARG BB 29 -31.21 -90.27 21.97
N PRO BB 30 -31.11 -91.59 22.13
CA PRO BB 30 -30.92 -92.15 23.47
C PRO BB 30 -29.64 -91.63 24.11
N GLY BB 31 -29.72 -91.34 25.41
CA GLY BB 31 -28.57 -90.89 26.16
C GLY BB 31 -28.24 -89.42 26.01
N GLU BB 32 -29.03 -88.66 25.27
CA GLU BB 32 -28.76 -87.26 25.02
C GLU BB 32 -29.52 -86.38 25.98
N VAL BB 33 -28.93 -85.22 26.30
CA VAL BB 33 -29.59 -84.16 27.06
C VAL BB 33 -29.31 -82.87 26.30
N ASN BB 34 -30.36 -82.27 25.73
CA ASN BB 34 -30.20 -81.23 24.74
C ASN BB 34 -30.64 -79.85 25.20
N GLY BB 35 -31.86 -79.70 25.72
CA GLY BB 35 -32.36 -78.39 26.08
C GLY BB 35 -33.14 -77.73 24.97
N VAL BB 36 -34.19 -76.99 25.33
CA VAL BB 36 -35.11 -76.40 24.36
C VAL BB 36 -35.41 -74.96 24.80
N MET BB 37 -35.74 -74.11 23.83
CA MET BB 37 -36.08 -72.73 24.09
C MET BB 37 -37.28 -72.34 23.23
N VAL BB 38 -38.28 -71.72 23.85
CA VAL BB 38 -39.48 -71.27 23.18
C VAL BB 38 -39.70 -69.81 23.51
N SER BB 39 -40.15 -69.03 22.52
CA SER BB 39 -40.31 -67.59 22.65
C SER BB 39 -41.79 -67.25 22.71
N TYR BB 40 -42.18 -66.46 23.70
CA TYR BB 40 -43.57 -66.08 23.93
C TYR BB 40 -43.86 -64.63 23.59
N VAL BB 41 -42.92 -63.91 22.97
CA VAL BB 41 -43.11 -62.48 22.74
C VAL BB 41 -44.36 -62.23 21.90
N ALA BB 42 -44.60 -63.08 20.90
CA ALA BB 42 -45.72 -62.85 19.99
C ALA BB 42 -47.06 -62.88 20.71
N TRP BB 43 -47.13 -63.53 21.87
CA TRP BB 43 -48.37 -63.66 22.61
C TRP BB 43 -48.41 -62.74 23.83
N SER BB 44 -47.32 -62.69 24.59
CA SER BB 44 -47.32 -61.93 25.85
C SER BB 44 -47.21 -60.43 25.61
N ALA BB 45 -46.54 -60.03 24.54
CA ALA BB 45 -46.24 -58.60 24.35
C ALA BB 45 -47.50 -57.73 24.30
N PRO BB 46 -48.48 -58.01 23.44
CA PRO BB 46 -49.65 -57.12 23.37
C PRO BB 46 -50.46 -57.03 24.65
N LEU BB 47 -50.39 -58.04 25.53
CA LEU BB 47 -51.18 -58.03 26.75
C LEU BB 47 -50.71 -57.01 27.76
N GLY BB 48 -49.55 -56.39 27.57
CA GLY BB 48 -49.02 -55.51 28.58
C GLY BB 48 -48.70 -56.28 29.85
N GLY BB 49 -49.05 -55.70 31.00
CA GLY BB 49 -48.85 -56.39 32.24
C GLY BB 49 -47.38 -56.59 32.56
N HIS BB 50 -47.08 -57.68 33.27
CA HIS BB 50 -45.73 -57.96 33.74
C HIS BB 50 -45.09 -59.16 33.05
N GLY BB 51 -45.66 -59.60 31.92
CA GLY BB 51 -45.02 -60.65 31.16
C GLY BB 51 -45.22 -62.03 31.76
N LEU BB 52 -44.29 -62.93 31.44
CA LEU BB 52 -44.42 -64.33 31.81
C LEU BB 52 -44.27 -64.52 33.33
N THR BB 53 -44.41 -65.76 33.76
CA THR BB 53 -44.29 -66.13 35.17
C THR BB 53 -43.79 -67.56 35.25
N ASN BB 54 -43.28 -67.92 36.43
CA ASN BB 54 -42.68 -69.24 36.62
C ASN BB 54 -43.70 -70.34 36.88
N LYS BB 55 -44.98 -70.12 36.59
CA LYS BB 55 -46.01 -71.15 36.80
C LYS BB 55 -46.20 -72.05 35.59
N THR BB 56 -45.18 -72.81 35.21
CA THR BB 56 -45.31 -73.74 34.10
C THR BB 56 -45.78 -75.11 34.59
N THR BB 57 -46.25 -75.92 33.66
CA THR BB 57 -46.69 -77.28 33.95
C THR BB 57 -46.47 -78.16 32.73
N PHE BB 58 -45.94 -79.35 32.95
CA PHE BB 58 -45.59 -80.27 31.88
C PHE BB 58 -46.35 -81.58 32.05
N GLU BB 59 -46.69 -82.21 30.93
CA GLU BB 59 -47.37 -83.50 30.95
C GLU BB 59 -46.88 -84.34 29.79
N PHE BB 60 -46.75 -85.65 30.01
CA PHE BB 60 -46.29 -86.59 29.01
C PHE BB 60 -47.39 -87.59 28.68
N GLU BB 61 -47.51 -87.93 27.40
CA GLU BB 61 -48.48 -88.90 26.92
C GLU BB 61 -47.78 -89.93 26.04
N ASN BB 62 -48.15 -91.19 26.21
CA ASN BB 62 -47.54 -92.28 25.45
C ASN BB 62 -48.42 -92.59 24.24
N VAL BB 63 -48.17 -91.85 23.15
CA VAL BB 63 -48.94 -92.06 21.93
C VAL BB 63 -48.57 -93.40 21.29
N SER BB 64 -47.29 -93.75 21.31
CA SER BB 64 -46.82 -95.01 20.72
C SER BB 64 -45.53 -95.40 21.42
N VAL BB 65 -45.63 -96.37 22.33
CA VAL BB 65 -44.49 -96.85 23.10
C VAL BB 65 -44.50 -98.37 23.12
N THR BB 66 -43.30 -98.95 23.08
CA THR BB 66 -43.12 -100.40 23.11
C THR BB 66 -42.69 -100.81 24.51
N GLU BB 67 -43.22 -101.94 24.98
CA GLU BB 67 -42.90 -102.40 26.32
C GLU BB 67 -41.46 -102.88 26.39
N PRO BB 68 -40.84 -102.82 27.57
CA PRO BB 68 -39.48 -103.34 27.73
C PRO BB 68 -39.49 -104.84 27.94
N LEU BB 69 -38.53 -105.53 27.32
CA LEU BB 69 -38.43 -106.99 27.44
C LEU BB 69 -37.52 -107.41 28.59
N VAL BB 70 -37.00 -106.46 29.37
CA VAL BB 70 -36.18 -106.78 30.53
C VAL BB 70 -36.64 -105.91 31.70
N ASN BB 71 -36.29 -106.34 32.90
CA ASN BB 71 -36.74 -105.68 34.12
C ASN BB 71 -35.55 -105.05 34.84
N SER BB 72 -35.73 -103.80 35.29
CA SER BB 72 -34.73 -103.15 36.12
C SER BB 72 -34.74 -103.78 37.52
N ALA BB 73 -33.66 -103.53 38.26
CA ALA BB 73 -33.51 -104.11 39.58
C ALA BB 73 -32.83 -103.11 40.51
N PHE BB 74 -33.02 -103.32 41.81
CA PHE BB 74 -32.46 -102.46 42.84
C PHE BB 74 -31.97 -103.32 43.99
N GLU BB 75 -30.83 -102.94 44.57
CA GLU BB 75 -30.21 -103.73 45.62
C GLU BB 75 -29.49 -102.81 46.59
N ARG BB 76 -28.96 -103.40 47.66
CA ARG BB 76 -28.23 -102.68 48.69
C ARG BB 76 -26.94 -103.43 49.03
N THR BB 77 -26.04 -102.73 49.72
CA THR BB 77 -24.82 -103.34 50.21
C THR BB 77 -24.35 -102.57 51.43
N PRO BB 78 -23.63 -103.20 52.35
CA PRO BB 78 -23.10 -102.47 53.52
C PRO BB 78 -21.96 -101.54 53.14
N PHE BB 79 -21.50 -100.79 54.14
CA PHE BB 79 -20.43 -99.83 53.94
C PHE BB 79 -19.15 -100.54 53.50
N ASN BB 80 -18.51 -99.99 52.46
CA ASN BB 80 -17.24 -100.50 51.98
C ASN BB 80 -17.28 -102.01 51.72
N THR BB 81 -18.44 -102.54 51.38
CA THR BB 81 -18.64 -103.97 51.17
C THR BB 81 -18.90 -104.22 49.69
N THR BB 82 -18.16 -105.16 49.11
CA THR BB 82 -18.37 -105.51 47.72
C THR BB 82 -19.71 -106.21 47.54
N LEU BB 83 -20.35 -105.98 46.39
CA LEU BB 83 -21.64 -106.58 46.06
C LEU BB 83 -21.47 -107.50 44.86
N ALA BB 84 -22.12 -108.67 44.92
CA ALA BB 84 -22.10 -109.62 43.83
C ALA BB 84 -23.54 -109.98 43.47
N GLY BB 85 -23.74 -110.39 42.23
CA GLY BB 85 -25.07 -110.73 41.77
C GLY BB 85 -25.03 -111.30 40.37
N SER BB 86 -26.20 -111.38 39.75
CA SER BB 86 -26.30 -111.94 38.41
C SER BB 86 -27.43 -111.24 37.66
N LEU BB 87 -27.27 -111.14 36.35
CA LEU BB 87 -28.29 -110.53 35.49
C LEU BB 87 -29.26 -111.54 34.91
N ALA BB 88 -29.03 -112.84 35.11
CA ALA BB 88 -29.86 -113.85 34.46
C ALA BB 88 -31.31 -113.78 34.93
N ALA BB 89 -31.54 -113.45 36.20
CA ALA BB 89 -32.89 -113.42 36.72
C ALA BB 89 -33.73 -112.28 36.16
N LEU BB 90 -33.11 -111.33 35.46
CA LEU BB 90 -33.80 -110.15 34.97
C LEU BB 90 -34.33 -110.29 33.56
N PHE BB 91 -34.19 -111.46 32.93
CA PHE BB 91 -34.69 -111.69 31.58
C PHE BB 91 -35.69 -112.83 31.61
N PRO BB 92 -36.98 -112.55 31.81
CA PRO BB 92 -37.96 -113.64 31.91
C PRO BB 92 -38.46 -114.13 30.57
N ASN BB 93 -37.56 -114.56 29.70
CA ASN BB 93 -37.98 -115.08 28.40
C ASN BB 93 -38.67 -116.42 28.59
N PRO BB 94 -39.90 -116.58 28.06
CA PRO BB 94 -40.58 -117.88 28.21
C PRO BB 94 -40.20 -118.87 27.12
N GLU BB 95 -39.13 -118.58 26.39
CA GLU BB 95 -38.73 -119.39 25.25
C GLU BB 95 -37.26 -119.78 25.42
N GLY BB 96 -36.92 -120.94 24.87
CA GLY BB 96 -35.56 -121.41 24.91
C GLY BB 96 -34.70 -120.81 23.82
N GLU BB 97 -33.69 -120.03 24.21
CA GLU BB 97 -32.83 -119.37 23.24
C GLU BB 97 -31.53 -118.98 23.92
N ALA BB 98 -30.49 -118.81 23.11
CA ALA BB 98 -29.20 -118.38 23.62
C ALA BB 98 -29.24 -116.91 24.01
N VAL BB 99 -28.57 -116.59 25.12
CA VAL BB 99 -28.52 -115.22 25.63
C VAL BB 99 -27.07 -114.82 25.83
N GLU BB 100 -26.81 -113.52 25.67
CA GLU BB 100 -25.50 -112.95 25.90
C GLU BB 100 -25.66 -111.69 26.73
N TYR BB 101 -24.70 -111.45 27.62
CA TYR BB 101 -24.75 -110.33 28.54
C TYR BB 101 -23.65 -109.33 28.19
N GLU BB 102 -23.96 -108.04 28.35
CA GLU BB 102 -23.04 -106.97 27.99
C GLU BB 102 -23.28 -105.78 28.90
N ILE BB 103 -22.25 -104.96 29.07
CA ILE BB 103 -22.32 -103.73 29.85
C ILE BB 103 -22.05 -102.56 28.92
N LEU BB 104 -22.99 -101.63 28.87
CA LEU BB 104 -22.81 -100.41 28.07
C LEU BB 104 -21.76 -99.55 28.74
N GLU BB 105 -20.61 -99.39 28.08
CA GLU BB 105 -19.47 -98.72 28.69
C GLU BB 105 -19.46 -97.21 28.45
N LEU BB 106 -20.40 -96.68 27.68
CA LEU BB 106 -20.53 -95.24 27.59
C LEU BB 106 -21.10 -94.64 28.87
N TYR BB 107 -21.58 -95.47 29.79
CA TYR BB 107 -22.29 -95.01 30.98
C TYR BB 107 -21.68 -95.67 32.22
N PRO BB 108 -20.40 -95.41 32.49
CA PRO BB 108 -19.72 -96.10 33.58
C PRO BB 108 -20.27 -95.68 34.94
N PRO BB 109 -20.15 -96.53 35.94
CA PRO BB 109 -20.59 -96.14 37.29
C PRO BB 109 -19.80 -94.93 37.79
N VAL BB 110 -20.49 -94.03 38.47
CA VAL BB 110 -19.87 -92.78 38.90
C VAL BB 110 -18.93 -92.98 40.09
N ASN BB 111 -19.31 -93.82 41.06
CA ASN BB 111 -18.54 -93.97 42.29
C ASN BB 111 -18.07 -95.41 42.51
N GLY BB 112 -17.75 -96.12 41.44
CA GLY BB 112 -17.30 -97.49 41.58
C GLY BB 112 -16.86 -98.07 40.27
N ILE BB 113 -16.77 -99.39 40.24
CA ILE BB 113 -16.39 -100.12 39.03
C ILE BB 113 -17.21 -101.41 38.98
N VAL BB 114 -17.54 -101.84 37.76
CA VAL BB 114 -18.36 -103.02 37.53
C VAL BB 114 -17.56 -104.03 36.72
N GLU BB 115 -17.52 -105.27 37.19
CA GLU BB 115 -16.78 -106.35 36.55
C GLU BB 115 -17.78 -107.44 36.17
N LEU BB 116 -18.01 -107.59 34.87
CA LEU BB 116 -18.95 -108.61 34.40
C LEU BB 116 -18.30 -109.99 34.49
N GLY BB 117 -19.02 -110.93 35.09
CA GLY BB 117 -18.56 -112.29 35.21
C GLY BB 117 -19.06 -113.17 34.08
N GLU BB 118 -19.17 -114.46 34.37
CA GLU BB 118 -19.65 -115.42 33.39
C GLU BB 118 -21.12 -115.73 33.61
N ASN BB 119 -21.83 -115.98 32.51
CA ASN BB 119 -23.23 -116.37 32.56
C ASN BB 119 -24.07 -115.37 33.37
N GLY BB 120 -23.80 -114.09 33.14
CA GLY BB 120 -24.58 -113.03 33.75
C GLY BB 120 -24.12 -112.60 35.12
N ALA BB 121 -23.15 -113.28 35.72
CA ALA BB 121 -22.64 -112.87 37.02
C ALA BB 121 -21.84 -111.57 36.89
N PHE BB 122 -21.77 -110.84 37.99
CA PHE BB 122 -21.05 -109.57 38.02
C PHE BB 122 -20.60 -109.27 39.43
N THR BB 123 -19.68 -108.33 39.56
CA THR BB 123 -19.17 -107.87 40.84
C THR BB 123 -19.00 -106.36 40.80
N TYR BB 124 -19.60 -105.67 41.77
CA TYR BB 124 -19.51 -104.22 41.87
C TYR BB 124 -18.66 -103.87 43.09
N ARG BB 125 -17.61 -103.10 42.88
CA ARG BB 125 -16.67 -102.75 43.93
C ARG BB 125 -16.77 -101.27 44.24
N PRO BB 126 -17.48 -100.85 45.28
CA PRO BB 126 -17.61 -99.42 45.55
C PRO BB 126 -16.30 -98.81 46.03
N ALA BB 127 -16.12 -97.53 45.70
CA ALA BB 127 -14.96 -96.81 46.18
C ALA BB 127 -15.03 -96.63 47.70
N THR BB 128 -13.87 -96.64 48.33
CA THR BB 128 -13.82 -96.57 49.79
C THR BB 128 -14.40 -95.25 50.28
N SER BB 129 -15.22 -95.32 51.32
CA SER BB 129 -15.84 -94.19 51.99
C SER BB 129 -17.03 -93.61 51.24
N PHE BB 130 -17.43 -94.21 50.14
CA PHE BB 130 -18.58 -93.71 49.40
C PHE BB 130 -19.89 -94.08 50.08
N THR BB 131 -20.88 -93.20 49.96
CA THR BB 131 -22.19 -93.44 50.55
C THR BB 131 -23.23 -92.70 49.71
N GLY BB 132 -24.10 -93.44 49.05
CA GLY BB 132 -25.12 -92.86 48.20
C GLY BB 132 -25.61 -93.87 47.20
N ILE BB 133 -26.16 -93.36 46.10
CA ILE BB 133 -26.76 -94.19 45.05
C ILE BB 133 -25.82 -94.25 43.86
N ASP BB 134 -25.83 -95.37 43.15
CA ASP BB 134 -25.02 -95.54 41.96
C ASP BB 134 -25.81 -96.36 40.93
N ARG BB 135 -25.40 -96.22 39.67
CA ARG BB 135 -26.12 -96.85 38.57
C ARG BB 135 -25.12 -97.45 37.58
N PHE BB 136 -25.60 -98.43 36.82
CA PHE BB 136 -24.86 -98.92 35.66
C PHE BB 136 -25.85 -99.68 34.77
N TRP BB 137 -25.65 -99.55 33.46
CA TRP BB 137 -26.61 -100.02 32.46
C TRP BB 137 -26.09 -101.29 31.81
N PHE BB 138 -26.98 -102.26 31.62
CA PHE BB 138 -26.64 -103.55 31.04
C PHE BB 138 -27.56 -103.86 29.86
N SER BB 139 -27.09 -104.75 28.99
CA SER BB 139 -27.86 -105.23 27.85
C SER BB 139 -27.90 -106.74 27.86
N ILE BB 140 -29.09 -107.30 27.71
CA ILE BB 140 -29.31 -108.74 27.65
C ILE BB 140 -29.89 -109.08 26.29
N ASN BB 141 -29.08 -109.71 25.44
CA ASN BB 141 -29.54 -110.19 24.14
C ASN BB 141 -30.05 -109.04 23.28
N GLY BB 142 -29.57 -107.83 23.54
CA GLY BB 142 -29.94 -106.67 22.75
C GLY BB 142 -30.99 -105.78 23.37
N ASN BB 143 -31.40 -106.04 24.61
CA ASN BB 143 -32.39 -105.23 25.31
C ASN BB 143 -31.73 -104.52 26.48
N VAL BB 144 -31.95 -103.22 26.59
CA VAL BB 144 -31.28 -102.39 27.58
C VAL BB 144 -32.11 -102.36 28.85
N GLY BB 145 -31.43 -102.19 29.98
CA GLY BB 145 -32.11 -102.10 31.26
C GLY BB 145 -31.25 -101.35 32.26
N GLU BB 146 -31.88 -100.90 33.34
CA GLU BB 146 -31.21 -100.12 34.37
C GLU BB 146 -30.99 -100.98 35.61
N PHE BB 147 -29.83 -100.85 36.22
CA PHE BB 147 -29.51 -101.50 37.48
C PHE BB 147 -29.04 -100.44 38.46
N VAL BB 148 -29.67 -100.39 39.63
CA VAL BB 148 -29.38 -99.36 40.63
C VAL BB 148 -28.78 -100.03 41.86
N ILE BB 149 -27.83 -99.33 42.49
CA ILE BB 149 -27.16 -99.81 43.69
C ILE BB 149 -27.08 -98.68 44.69
N ALA BB 150 -27.30 -99.02 45.97
CA ALA BB 150 -27.19 -98.08 47.07
C ALA BB 150 -26.19 -98.60 48.09
N VAL BB 151 -25.34 -97.73 48.59
CA VAL BB 151 -24.35 -98.07 49.62
C VAL BB 151 -24.71 -97.28 50.86
N ASP BB 152 -24.91 -97.99 51.98
CA ASP BB 152 -25.44 -97.35 53.18
C ASP BB 152 -24.33 -97.11 54.19
N PRO BB 153 -24.47 -96.06 55.02
CA PRO BB 153 -23.47 -95.81 56.06
C PRO BB 153 -23.48 -96.90 57.12
N ALA BB 154 -22.32 -97.08 57.75
CA ALA BB 154 -22.18 -98.10 58.79
C ALA BB 154 -22.62 -97.62 60.16
N GLN BB 155 -23.05 -96.36 60.29
CA GLN BB 155 -23.44 -95.79 61.58
C GLN BB 155 -24.74 -95.00 61.47
N GLY BB 156 -25.69 -95.48 60.67
CA GLY BB 156 -26.94 -94.80 60.49
C GLY BB 156 -28.00 -95.64 59.81
N PRO BB 157 -29.14 -95.03 59.50
CA PRO BB 157 -30.22 -95.76 58.84
C PRO BB 157 -29.96 -95.98 57.35
N GLN BB 158 -30.74 -96.88 56.78
CA GLN BB 158 -30.63 -97.18 55.36
C GLN BB 158 -31.27 -96.09 54.52
N ILE BB 159 -30.88 -96.04 53.25
CA ILE BB 159 -31.37 -95.02 52.33
C ILE BB 159 -32.62 -95.53 51.63
N ALA BB 160 -33.57 -94.62 51.42
CA ALA BB 160 -34.81 -94.99 50.74
C ALA BB 160 -34.56 -95.26 49.27
N GLN BB 161 -35.28 -96.24 48.72
CA GLN BB 161 -35.10 -96.59 47.32
C GLN BB 161 -35.52 -95.44 46.42
N PRO BB 162 -34.73 -95.09 45.41
CA PRO BB 162 -35.13 -94.00 44.51
C PRO BB 162 -35.98 -94.52 43.36
N PRO BB 163 -36.66 -93.64 42.65
CA PRO BB 163 -37.46 -94.09 41.49
C PRO BB 163 -36.58 -94.32 40.27
N PHE BB 164 -36.98 -95.29 39.46
CA PHE BB 164 -36.24 -95.61 38.24
C PHE BB 164 -36.36 -94.46 37.24
N THR BB 165 -35.29 -94.25 36.48
CA THR BB 165 -35.28 -93.16 35.52
C THR BB 165 -36.23 -93.46 34.37
N PRO BB 166 -37.15 -92.56 34.04
CA PRO BB 166 -38.08 -92.83 32.92
C PRO BB 166 -37.37 -92.87 31.58
N ALA BB 167 -38.13 -93.22 30.55
CA ALA BB 167 -37.59 -93.20 29.19
C ALA BB 167 -37.27 -91.78 28.75
N VAL BB 168 -38.17 -90.83 29.05
CA VAL BB 168 -37.94 -89.42 28.78
C VAL BB 168 -38.43 -88.62 29.98
N TYR BB 169 -37.78 -87.49 30.23
CA TYR BB 169 -38.11 -86.69 31.41
C TYR BB 169 -37.66 -85.26 31.19
N VAL BB 170 -38.16 -84.38 32.04
CA VAL BB 170 -37.80 -82.97 32.04
C VAL BB 170 -37.56 -82.55 33.49
N PRO BB 171 -36.31 -82.31 33.91
CA PRO BB 171 -36.08 -81.94 35.31
C PRO BB 171 -36.84 -80.69 35.69
N LEU BB 172 -37.38 -80.68 36.91
CA LEU BB 172 -38.20 -79.57 37.37
C LEU BB 172 -37.39 -78.44 37.97
N SER BB 173 -36.13 -78.68 38.33
CA SER BB 173 -35.29 -77.63 38.91
C SER BB 173 -34.57 -76.82 37.85
N ARG BB 174 -34.32 -77.38 36.68
CA ARG BB 174 -33.59 -76.69 35.61
C ARG BB 174 -34.59 -76.02 34.67
N ARG BB 175 -35.11 -74.88 35.12
CA ARG BB 175 -36.12 -74.14 34.37
C ARG BB 175 -36.00 -72.67 34.72
N GLU BB 176 -36.02 -71.82 33.70
CA GLU BB 176 -35.92 -70.39 33.91
C GLU BB 176 -36.68 -69.67 32.80
N VAL BB 177 -37.08 -68.44 33.10
CA VAL BB 177 -37.76 -67.57 32.15
C VAL BB 177 -37.02 -66.25 32.10
N ASN BB 178 -36.69 -65.79 30.90
CA ASN BB 178 -35.96 -64.54 30.69
C ASN BB 178 -36.99 -63.43 30.51
N LYS BB 179 -37.25 -62.69 31.58
CA LYS BB 179 -38.26 -61.63 31.53
C LYS BB 179 -37.91 -60.54 30.54
N GLN BB 180 -36.62 -60.31 30.28
CA GLN BB 180 -36.23 -59.25 29.35
C GLN BB 180 -36.65 -59.55 27.92
N THR BB 181 -36.81 -60.83 27.56
CA THR BB 181 -37.17 -61.18 26.19
C THR BB 181 -38.33 -62.18 26.14
N GLN BB 182 -38.94 -62.52 27.27
CA GLN BB 182 -40.11 -63.40 27.28
C GLN BB 182 -39.81 -64.71 26.57
N ALA BB 183 -38.85 -65.46 27.11
CA ALA BB 183 -38.47 -66.75 26.56
C ALA BB 183 -38.36 -67.77 27.69
N LEU BB 184 -38.82 -68.99 27.42
CA LEU BB 184 -38.80 -70.07 28.39
C LEU BB 184 -37.74 -71.09 27.99
N ARG BB 185 -36.93 -71.51 28.95
CA ARG BB 185 -35.87 -72.49 28.73
C ARG BB 185 -36.06 -73.67 29.66
N PHE BB 186 -35.95 -74.88 29.12
CA PHE BB 186 -36.04 -76.09 29.91
C PHE BB 186 -35.17 -77.17 29.27
N VAL BB 187 -34.95 -78.25 30.01
CA VAL BB 187 -34.01 -79.29 29.64
C VAL BB 187 -34.79 -80.57 29.33
N LEU BB 188 -34.41 -81.23 28.25
CA LEU BB 188 -34.99 -82.50 27.85
C LEU BB 188 -33.91 -83.57 27.85
N GLY BB 189 -34.15 -84.66 28.56
CA GLY BB 189 -33.18 -85.74 28.67
C GLY BB 189 -33.79 -87.08 28.35
N VAL BB 190 -33.10 -87.83 27.51
CA VAL BB 190 -33.56 -89.14 27.03
C VAL BB 190 -32.71 -90.21 27.68
N SER BB 191 -33.35 -91.14 28.38
CA SER BB 191 -32.63 -92.23 29.02
C SER BB 191 -32.06 -93.18 27.96
N PRO BB 192 -30.98 -93.90 28.29
CA PRO BB 192 -30.43 -94.85 27.31
C PRO BB 192 -31.40 -95.94 26.90
N ALA BB 193 -32.37 -96.26 27.76
CA ALA BB 193 -33.28 -97.37 27.49
C ALA BB 193 -34.33 -97.03 26.43
N ALA BB 194 -34.44 -95.77 26.02
CA ALA BB 194 -35.45 -95.40 25.04
C ALA BB 194 -35.26 -96.20 23.75
N LYS BB 195 -36.29 -96.94 23.37
CA LYS BB 195 -36.23 -97.74 22.15
C LYS BB 195 -36.54 -96.86 20.95
N PRO BB 196 -35.79 -96.96 19.85
CA PRO BB 196 -36.03 -96.09 18.71
C PRO BB 196 -37.39 -96.37 18.07
N ALA BB 197 -37.82 -95.41 17.23
CA ALA BB 197 -39.06 -95.49 16.48
C ALA BB 197 -40.28 -95.22 17.36
N ASP BB 198 -40.08 -95.01 18.65
CA ASP BB 198 -41.18 -94.66 19.54
C ASP BB 198 -41.49 -93.17 19.44
N ILE BB 199 -42.65 -92.79 19.96
CA ILE BB 199 -43.13 -91.42 19.92
C ILE BB 199 -43.75 -91.07 21.26
N TYR BB 200 -43.43 -89.87 21.76
CA TYR BB 200 -44.06 -89.31 22.95
C TYR BB 200 -44.62 -87.94 22.62
N ARG BB 201 -45.52 -87.46 23.48
CA ARG BB 201 -46.13 -86.15 23.32
C ARG BB 201 -45.96 -85.35 24.61
N LEU BB 202 -45.70 -84.06 24.45
CA LEU BB 202 -45.47 -83.16 25.58
C LEU BB 202 -46.43 -81.99 25.48
N ASN BB 203 -47.10 -81.69 26.59
CA ASN BB 203 -48.04 -80.57 26.67
C ASN BB 203 -47.52 -79.57 27.69
N ILE BB 204 -47.47 -78.29 27.31
CA ILE BB 204 -46.94 -77.22 28.14
C ILE BB 204 -48.04 -76.19 28.35
N ARG BB 205 -48.29 -75.85 29.61
CA ARG BB 205 -49.20 -74.78 29.98
C ARG BB 205 -48.41 -73.68 30.68
N GLN BB 206 -48.46 -72.47 30.12
CA GLN BB 206 -47.66 -71.36 30.60
C GLN BB 206 -48.59 -70.21 30.99
N ALA BB 207 -48.16 -69.43 31.99
CA ALA BB 207 -48.98 -68.39 32.58
C ALA BB 207 -48.33 -67.03 32.41
N ALA BB 208 -49.18 -66.02 32.19
CA ALA BB 208 -48.76 -64.63 32.13
C ALA BB 208 -49.64 -63.82 33.07
N ILE BB 209 -49.11 -62.67 33.51
CA ILE BB 209 -49.76 -61.86 34.55
C ILE BB 209 -49.97 -60.46 34.00
N ASP BB 210 -51.17 -59.93 34.21
CA ASP BB 210 -51.46 -58.56 33.81
C ASP BB 210 -50.87 -57.57 34.82
N CYS BB 211 -51.25 -56.30 34.68
CA CYS BB 211 -50.67 -55.26 35.52
C CYS BB 211 -51.18 -55.30 36.96
N GLU BB 212 -52.16 -56.14 37.27
CA GLU BB 212 -52.75 -56.17 38.61
C GLU BB 212 -52.50 -57.49 39.34
N GLY BB 213 -52.07 -58.53 38.64
CA GLY BB 213 -51.79 -59.81 39.27
C GLY BB 213 -52.69 -60.96 38.83
N ASN BB 214 -53.56 -60.75 37.85
CA ASN BB 214 -54.42 -61.81 37.34
C ASN BB 214 -53.70 -62.56 36.22
N GLU BB 215 -54.06 -63.83 36.05
CA GLU BB 215 -53.29 -64.70 35.17
C GLU BB 215 -53.98 -64.93 33.83
N TYR BB 216 -53.18 -64.95 32.78
CA TYR BB 216 -53.55 -65.49 31.48
C TYR BB 216 -52.85 -66.83 31.31
N PHE BB 217 -53.34 -67.64 30.36
CA PHE BB 217 -52.78 -68.98 30.14
C PHE BB 217 -52.65 -69.27 28.66
N HIS BB 218 -51.63 -70.04 28.31
CA HIS BB 218 -51.36 -70.48 26.95
C HIS BB 218 -50.99 -71.95 26.97
N ILE BB 219 -51.38 -72.68 25.92
CA ILE BB 219 -51.19 -74.12 25.85
C ILE BB 219 -50.62 -74.48 24.48
N SER BB 220 -49.63 -75.36 24.47
CA SER BB 220 -49.04 -75.86 23.23
C SER BB 220 -48.51 -77.27 23.49
N CYS BB 221 -48.33 -78.02 22.40
CA CYS BB 221 -47.91 -79.41 22.52
C CYS BB 221 -46.81 -79.69 21.50
N TYR BB 222 -45.95 -80.66 21.84
CA TYR BB 222 -44.81 -81.03 21.02
C TYR BB 222 -44.72 -82.55 20.94
N ASP BB 223 -44.24 -83.04 19.81
CA ASP BB 223 -44.09 -84.47 19.57
C ASP BB 223 -42.61 -84.84 19.60
N ILE BB 224 -42.29 -85.88 20.35
CA ILE BB 224 -40.92 -86.35 20.53
C ILE BB 224 -40.82 -87.76 19.96
N SER BB 225 -39.88 -87.98 19.05
CA SER BB 225 -39.66 -89.27 18.43
C SER BB 225 -38.20 -89.69 18.65
N ILE BB 226 -38.00 -90.94 19.06
CA ILE BB 226 -36.66 -91.43 19.36
C ILE BB 226 -35.99 -91.81 18.05
N GLY BB 227 -34.83 -91.22 17.78
CA GLY BB 227 -34.08 -91.46 16.57
C GLY BB 227 -32.92 -92.40 16.77
N SER BB 228 -31.97 -92.33 15.83
CA SER BB 228 -30.79 -93.17 15.87
C SER BB 228 -29.70 -92.53 15.03
N CYS BB 229 -28.56 -93.21 14.94
CA CYS BB 229 -27.42 -92.69 14.20
C CYS BB 229 -27.70 -92.72 12.69
N GLY BB 230 -26.90 -91.96 11.96
CA GLY BB 230 -27.02 -91.90 10.51
C GLY BB 230 -25.80 -91.33 9.84
N CYS CB 23 -44.66 45.21 54.54
CA CYS CB 23 -45.16 44.63 55.79
C CYS CB 23 -44.08 43.80 56.47
N GLU CB 24 -43.25 44.45 57.26
CA GLU CB 24 -42.17 43.75 57.96
C GLU CB 24 -42.78 42.70 58.91
N SER CB 25 -42.11 41.57 59.01
CA SER CB 25 -42.64 40.43 59.75
C SER CB 25 -42.02 40.34 61.15
N ILE CB 26 -42.86 40.02 62.13
CA ILE CB 26 -42.44 39.81 63.50
C ILE CB 26 -42.99 38.47 63.96
N SER CB 27 -42.22 37.78 64.81
CA SER CB 27 -42.62 36.50 65.35
C SER CB 27 -42.68 36.59 66.87
N ALA CB 28 -43.66 35.91 67.46
CA ALA CB 28 -43.86 35.96 68.90
C ALA CB 28 -44.32 34.60 69.40
N ARG CB 29 -44.18 34.40 70.70
CA ARG CB 29 -44.56 33.17 71.38
C ARG CB 29 -45.53 33.48 72.51
N PRO CB 30 -46.55 32.64 72.74
CA PRO CB 30 -47.49 32.93 73.83
C PRO CB 30 -46.78 33.06 75.16
N GLY CB 31 -47.22 34.04 75.95
CA GLY CB 31 -46.64 34.28 77.25
C GLY CB 31 -45.39 35.14 77.27
N GLU CB 32 -44.89 35.53 76.10
CA GLU CB 32 -43.67 36.32 76.02
C GLU CB 32 -43.98 37.81 75.95
N VAL CB 33 -43.08 38.62 76.50
CA VAL CB 33 -43.15 40.07 76.38
C VAL CB 33 -41.79 40.57 75.92
N ASN CB 34 -41.76 41.30 74.81
CA ASN CB 34 -40.52 41.68 74.16
C ASN CB 34 -40.61 43.11 73.67
N GLY CB 35 -39.45 43.74 73.50
CA GLY CB 35 -39.39 45.11 73.03
C GLY CB 35 -39.00 45.21 71.56
N VAL CB 36 -39.37 46.33 70.95
CA VAL CB 36 -39.12 46.58 69.54
C VAL CB 36 -38.61 48.01 69.38
N MET CB 37 -37.71 48.22 68.43
CA MET CB 37 -37.14 49.53 68.15
C MET CB 37 -37.12 49.77 66.64
N VAL CB 38 -37.42 51.00 66.25
CA VAL CB 38 -37.43 51.41 64.85
C VAL CB 38 -36.68 52.73 64.73
N SER CB 39 -35.85 52.84 63.69
CA SER CB 39 -35.00 54.00 63.47
C SER CB 39 -35.59 54.87 62.36
N TYR CB 40 -35.65 56.18 62.61
CA TYR CB 40 -36.24 57.13 61.67
C TYR CB 40 -35.22 58.10 61.09
N VAL CB 41 -33.93 57.90 61.33
CA VAL CB 41 -32.93 58.87 60.89
C VAL CB 41 -32.98 59.07 59.38
N ALA CB 42 -33.29 58.00 58.64
CA ALA CB 42 -33.27 58.09 57.18
C ALA CB 42 -34.40 58.95 56.63
N TRP CB 43 -35.39 59.30 57.45
CA TRP CB 43 -36.56 60.05 56.99
C TRP CB 43 -36.60 61.46 57.56
N SER CB 44 -36.48 61.61 58.88
CA SER CB 44 -36.63 62.92 59.50
C SER CB 44 -35.40 63.79 59.31
N ALA CB 45 -34.22 63.19 59.19
CA ALA CB 45 -32.99 63.96 59.12
C ALA CB 45 -32.96 64.97 57.98
N PRO CB 46 -33.25 64.61 56.73
CA PRO CB 46 -33.17 65.60 55.64
C PRO CB 46 -34.15 66.75 55.77
N LEU CB 47 -35.25 66.59 56.52
CA LEU CB 47 -36.24 67.65 56.64
C LEU CB 47 -35.80 68.77 57.58
N GLY CB 48 -34.79 68.54 58.42
CA GLY CB 48 -34.34 69.56 59.33
C GLY CB 48 -35.25 69.71 60.53
N GLY CB 49 -34.92 70.72 61.35
CA GLY CB 49 -35.71 70.98 62.54
C GLY CB 49 -35.40 69.99 63.66
N HIS CB 50 -36.34 69.91 64.60
CA HIS CB 50 -36.20 69.02 65.74
C HIS CB 50 -36.39 67.55 65.37
N GLY CB 51 -37.18 67.27 64.34
CA GLY CB 51 -37.40 65.90 63.92
C GLY CB 51 -38.66 65.28 64.47
N LEU CB 52 -38.52 64.21 65.25
CA LEU CB 52 -39.67 63.46 65.71
C LEU CB 52 -40.43 64.24 66.78
N THR CB 53 -41.63 63.74 67.10
CA THR CB 53 -42.48 64.34 68.11
C THR CB 53 -43.34 63.24 68.71
N ASN CB 54 -43.76 63.44 69.96
CA ASN CB 54 -44.53 62.43 70.68
C ASN CB 54 -46.00 62.46 70.29
N LYS CB 55 -46.32 62.02 69.07
CA LYS CB 55 -47.70 61.95 68.59
C LYS CB 55 -47.98 60.61 67.91
N THR CB 56 -47.24 59.57 68.25
CA THR CB 56 -47.43 58.27 67.61
C THR CB 56 -48.83 57.73 67.92
N THR CB 57 -49.39 57.02 66.93
CA THR CB 57 -50.70 56.40 67.07
C THR CB 57 -50.61 54.94 66.64
N PHE CB 58 -51.16 54.04 67.46
CA PHE CB 58 -51.10 52.61 67.21
C PHE CB 58 -52.49 52.08 66.91
N GLU CB 59 -52.59 51.16 65.96
CA GLU CB 59 -53.84 50.52 65.60
C GLU CB 59 -53.58 49.06 65.26
N PHE CB 60 -54.48 48.19 65.70
CA PHE CB 60 -54.37 46.75 65.49
C PHE CB 60 -55.50 46.27 64.58
N GLU CB 61 -55.18 45.32 63.71
CA GLU CB 61 -56.14 44.70 62.82
C GLU CB 61 -55.96 43.20 62.83
N ASN CB 62 -57.04 42.48 62.51
CA ASN CB 62 -57.03 41.03 62.48
C ASN CB 62 -57.07 40.55 61.04
N VAL CB 63 -56.16 39.65 60.69
CA VAL CB 63 -56.14 39.03 59.37
C VAL CB 63 -56.54 37.56 59.43
N SER CB 64 -56.15 36.87 60.50
CA SER CB 64 -56.52 35.46 60.70
C SER CB 64 -56.50 35.18 62.20
N VAL CB 65 -57.68 35.15 62.80
CA VAL CB 65 -57.84 34.89 64.23
C VAL CB 65 -58.85 33.78 64.42
N THR CB 66 -58.54 32.85 65.31
CA THR CB 66 -59.43 31.75 65.63
C THR CB 66 -60.24 32.12 66.87
N GLU CB 67 -61.56 32.05 66.75
CA GLU CB 67 -62.42 32.45 67.85
C GLU CB 67 -62.16 31.54 69.06
N PRO CB 68 -62.09 32.09 70.27
CA PRO CB 68 -61.86 31.25 71.44
C PRO CB 68 -63.07 30.36 71.72
N LEU CB 69 -62.80 29.15 72.22
CA LEU CB 69 -63.83 28.21 72.59
C LEU CB 69 -64.15 28.22 74.07
N VAL CB 70 -63.54 29.14 74.84
CA VAL CB 70 -63.80 29.26 76.27
C VAL CB 70 -64.02 30.74 76.58
N ASN CB 71 -64.72 30.99 77.68
CA ASN CB 71 -65.10 32.35 78.07
C ASN CB 71 -64.31 32.77 79.31
N SER CB 72 -63.80 34.00 79.28
CA SER CB 72 -63.19 34.58 80.47
C SER CB 72 -64.26 34.85 81.51
N ALA CB 73 -63.83 35.34 82.67
CA ALA CB 73 -64.76 35.61 83.76
C ALA CB 73 -64.18 36.68 84.67
N PHE CB 74 -65.06 37.27 85.49
CA PHE CB 74 -64.66 38.27 86.47
C PHE CB 74 -65.55 38.13 87.69
N GLU CB 75 -64.94 38.18 88.87
CA GLU CB 75 -65.67 38.05 90.13
C GLU CB 75 -64.95 38.85 91.20
N ARG CB 76 -65.68 39.19 92.26
CA ARG CB 76 -65.17 40.03 93.32
C ARG CB 76 -65.37 39.35 94.67
N THR CB 77 -64.57 39.77 95.65
CA THR CB 77 -64.61 39.21 96.99
C THR CB 77 -64.44 40.32 98.02
N PRO CB 78 -64.96 40.14 99.23
CA PRO CB 78 -64.71 41.13 100.28
C PRO CB 78 -63.28 41.05 100.82
N PHE CB 79 -62.96 41.97 101.72
CA PHE CB 79 -61.62 42.06 102.27
C PHE CB 79 -61.30 40.84 103.13
N ASN CB 80 -60.13 40.25 102.88
CA ASN CB 80 -59.69 39.03 103.59
C ASN CB 80 -60.74 37.93 103.54
N THR CB 81 -61.40 37.76 102.41
CA THR CB 81 -62.41 36.72 102.25
C THR CB 81 -61.96 35.73 101.19
N THR CB 82 -61.85 34.46 101.56
CA THR CB 82 -61.52 33.42 100.59
C THR CB 82 -62.64 33.31 99.57
N LEU CB 83 -62.26 33.14 98.31
CA LEU CB 83 -63.21 33.07 97.21
C LEU CB 83 -63.32 31.64 96.70
N ALA CB 84 -64.55 31.24 96.37
CA ALA CB 84 -64.82 29.92 95.82
C ALA CB 84 -65.66 30.07 94.55
N GLY CB 85 -65.41 29.19 93.59
CA GLY CB 85 -66.11 29.27 92.33
C GLY CB 85 -66.01 27.96 91.58
N SER CB 86 -66.37 28.01 90.31
CA SER CB 86 -66.35 26.84 89.45
C SER CB 86 -66.00 27.25 88.03
N LEU CB 87 -65.23 26.40 87.35
CA LEU CB 87 -64.87 26.62 85.95
C LEU CB 87 -65.83 25.95 84.99
N ALA CB 88 -66.81 25.19 85.48
CA ALA CB 88 -67.70 24.44 84.60
C ALA CB 88 -68.52 25.36 83.71
N ALA CB 89 -69.04 26.44 84.28
CA ALA CB 89 -69.92 27.34 83.53
C ALA CB 89 -69.19 28.13 82.45
N LEU CB 90 -67.86 28.11 82.45
CA LEU CB 90 -67.08 28.92 81.52
C LEU CB 90 -66.79 28.21 80.21
N PHE CB 91 -67.20 26.95 80.06
CA PHE CB 91 -66.94 26.18 78.84
C PHE CB 91 -68.27 25.80 78.20
N PRO CB 92 -68.76 26.55 77.19
CA PRO CB 92 -70.05 26.24 76.56
C PRO CB 92 -69.94 25.22 75.42
N ASN CB 93 -69.51 24.01 75.75
CA ASN CB 93 -69.43 22.97 74.74
C ASN CB 93 -70.84 22.60 74.26
N PRO CB 94 -71.00 22.28 72.98
CA PRO CB 94 -72.33 21.95 72.46
C PRO CB 94 -72.72 20.50 72.64
N GLU CB 95 -71.80 19.63 73.10
CA GLU CB 95 -72.06 18.20 73.18
C GLU CB 95 -71.56 17.68 74.51
N GLY CB 96 -72.14 16.56 74.94
CA GLY CB 96 -71.69 15.89 76.14
C GLY CB 96 -70.42 15.10 75.89
N GLU CB 97 -69.31 15.61 76.41
CA GLU CB 97 -68.00 15.00 76.19
C GLU CB 97 -67.15 15.13 77.43
N ALA CB 98 -66.16 14.25 77.55
CA ALA CB 98 -65.28 14.28 78.71
C ALA CB 98 -64.56 15.61 78.81
N VAL CB 99 -64.44 16.13 80.03
CA VAL CB 99 -63.79 17.40 80.28
C VAL CB 99 -62.77 17.21 81.39
N GLU CB 100 -61.74 18.05 81.39
CA GLU CB 100 -60.71 18.04 82.41
C GLU CB 100 -60.15 19.44 82.56
N TYR CB 101 -59.94 19.85 83.81
CA TYR CB 101 -59.52 21.21 84.14
C TYR CB 101 -58.11 21.19 84.71
N GLU CB 102 -57.35 22.24 84.38
CA GLU CB 102 -55.98 22.37 84.86
C GLU CB 102 -55.66 23.84 85.03
N ILE CB 103 -54.62 24.11 85.81
CA ILE CB 103 -54.14 25.48 86.06
C ILE CB 103 -52.73 25.60 85.49
N LEU CB 104 -52.52 26.64 84.68
CA LEU CB 104 -51.21 26.88 84.08
C LEU CB 104 -50.28 27.39 85.19
N GLU CB 105 -49.29 26.56 85.55
CA GLU CB 105 -48.43 26.88 86.68
C GLU CB 105 -47.42 27.96 86.36
N LEU CB 106 -47.11 28.19 85.08
CA LEU CB 106 -46.15 29.21 84.73
C LEU CB 106 -46.66 30.63 85.02
N TYR CB 107 -47.94 30.78 85.29
CA TYR CB 107 -48.57 32.10 85.42
C TYR CB 107 -49.25 32.21 86.79
N PRO CB 108 -48.50 32.03 87.87
CA PRO CB 108 -49.10 32.04 89.20
C PRO CB 108 -49.63 33.42 89.55
N PRO CB 109 -50.66 33.51 90.38
CA PRO CB 109 -51.15 34.82 90.83
C PRO CB 109 -50.10 35.53 91.67
N VAL CB 110 -50.14 36.86 91.63
CA VAL CB 110 -49.13 37.67 92.29
C VAL CB 110 -49.42 37.82 93.77
N ASN CB 111 -50.68 38.01 94.15
CA ASN CB 111 -51.05 38.33 95.53
C ASN CB 111 -51.99 37.30 96.14
N GLY CB 112 -51.87 36.04 95.74
CA GLY CB 112 -52.72 35.01 96.30
C GLY CB 112 -52.24 33.62 95.94
N ILE CB 113 -53.04 32.63 96.31
CA ILE CB 113 -52.76 31.24 95.99
C ILE CB 113 -54.06 30.57 95.56
N VAL CB 114 -53.95 29.75 94.52
CA VAL CB 114 -55.10 29.06 93.95
C VAL CB 114 -54.99 27.57 94.25
N GLU CB 115 -56.15 26.94 94.39
CA GLU CB 115 -56.23 25.50 94.61
C GLU CB 115 -57.32 24.95 93.71
N LEU CB 116 -57.02 23.85 93.03
CA LEU CB 116 -57.96 23.24 92.08
C LEU CB 116 -58.53 21.97 92.70
N GLY CB 117 -59.85 21.89 92.76
CA GLY CB 117 -60.56 20.76 93.32
C GLY CB 117 -61.02 19.79 92.26
N GLU CB 118 -62.20 19.20 92.48
CA GLU CB 118 -62.77 18.26 91.54
C GLU CB 118 -63.82 18.94 90.66
N ASN CB 119 -63.87 18.52 89.40
CA ASN CB 119 -64.88 19.00 88.46
C ASN CB 119 -64.85 20.52 88.34
N GLY CB 120 -63.64 21.08 88.30
CA GLY CB 120 -63.49 22.50 88.06
C GLY CB 120 -63.72 23.40 89.26
N ALA CB 121 -63.92 22.84 90.45
CA ALA CB 121 -64.04 23.66 91.64
C ALA CB 121 -62.67 24.17 92.07
N PHE CB 122 -62.58 25.47 92.33
CA PHE CB 122 -61.31 26.10 92.67
C PHE CB 122 -61.49 27.03 93.86
N THR CB 123 -60.37 27.32 94.53
CA THR CB 123 -60.35 28.19 95.70
C THR CB 123 -59.25 29.22 95.55
N TYR CB 124 -59.58 30.47 95.82
CA TYR CB 124 -58.61 31.57 95.81
C TYR CB 124 -58.48 32.11 97.22
N ARG CB 125 -57.23 32.33 97.65
CA ARG CB 125 -56.92 32.66 99.04
C ARG CB 125 -56.05 33.91 99.07
N PRO CB 126 -56.66 35.09 99.06
CA PRO CB 126 -55.87 36.32 98.95
C PRO CB 126 -54.96 36.53 100.14
N ALA CB 127 -53.84 37.20 99.87
CA ALA CB 127 -52.89 37.52 100.92
C ALA CB 127 -53.43 38.62 101.82
N THR CB 128 -52.91 38.67 103.04
CA THR CB 128 -53.40 39.62 104.03
C THR CB 128 -53.12 41.06 103.59
N SER CB 129 -54.10 41.93 103.81
CA SER CB 129 -53.97 43.37 103.58
C SER CB 129 -53.85 43.71 102.10
N PHE CB 130 -54.11 42.75 101.21
CA PHE CB 130 -54.04 43.03 99.79
C PHE CB 130 -55.34 43.61 99.27
N THR CB 131 -55.23 44.52 98.32
CA THR CB 131 -56.40 45.14 97.68
C THR CB 131 -56.03 45.54 96.27
N GLY CB 132 -56.72 44.99 95.29
CA GLY CB 132 -56.47 45.30 93.90
C GLY CB 132 -56.97 44.18 93.01
N ILE CB 133 -56.37 44.09 91.83
CA ILE CB 133 -56.74 43.12 90.81
C ILE CB 133 -55.68 42.03 90.74
N ASP CB 134 -56.13 40.78 90.66
CA ASP CB 134 -55.23 39.64 90.53
C ASP CB 134 -55.77 38.72 89.45
N ARG CB 135 -54.88 37.90 88.90
CA ARG CB 135 -55.21 37.09 87.74
C ARG CB 135 -54.66 35.67 87.91
N PHE CB 136 -55.30 34.72 87.22
CA PHE CB 136 -54.76 33.40 87.04
C PHE CB 136 -55.37 32.82 85.76
N TRP CB 137 -54.62 31.93 85.11
CA TRP CB 137 -54.99 31.39 83.82
C TRP CB 137 -55.28 29.91 83.94
N PHE CB 138 -56.35 29.47 83.29
CA PHE CB 138 -56.82 28.10 83.38
C PHE CB 138 -57.00 27.51 81.99
N SER CB 139 -56.82 26.20 81.87
CA SER CB 139 -56.97 25.48 80.62
C SER CB 139 -58.06 24.43 80.78
N ILE CB 140 -59.04 24.44 79.89
CA ILE CB 140 -60.13 23.47 79.89
C ILE CB 140 -60.06 22.68 78.60
N ASN CB 141 -59.73 21.39 78.71
CA ASN CB 141 -59.71 20.50 77.56
C ASN CB 141 -58.81 21.04 76.44
N GLY CB 142 -57.73 21.72 76.83
CA GLY CB 142 -56.79 22.28 75.87
C GLY CB 142 -57.04 23.72 75.50
N ASN CB 143 -58.17 24.31 75.91
CA ASN CB 143 -58.49 25.70 75.60
C ASN CB 143 -58.13 26.57 76.80
N VAL CB 144 -57.45 27.69 76.53
CA VAL CB 144 -56.93 28.57 77.57
C VAL CB 144 -57.88 29.74 77.75
N GLY CB 145 -57.94 30.25 78.98
CA GLY CB 145 -58.77 31.40 79.29
C GLY CB 145 -58.19 32.21 80.42
N GLU CB 146 -58.84 33.33 80.72
CA GLU CB 146 -58.40 34.25 81.76
C GLU CB 146 -59.48 34.39 82.82
N PHE CB 147 -59.05 34.43 84.08
CA PHE CB 147 -59.94 34.68 85.21
C PHE CB 147 -59.40 35.86 86.01
N VAL CB 148 -60.26 36.85 86.27
CA VAL CB 148 -59.87 38.07 86.94
C VAL CB 148 -60.63 38.17 88.25
N ILE CB 149 -59.90 38.50 89.32
CA ILE CB 149 -60.47 38.62 90.67
C ILE CB 149 -60.04 39.96 91.25
N ALA CB 150 -60.99 40.66 91.87
CA ALA CB 150 -60.74 41.94 92.51
C ALA CB 150 -61.00 41.80 93.99
N VAL CB 151 -60.04 42.22 94.81
CA VAL CB 151 -60.15 42.15 96.26
C VAL CB 151 -60.54 43.54 96.76
N ASP CB 152 -61.74 43.66 97.31
CA ASP CB 152 -62.25 44.96 97.71
C ASP CB 152 -61.61 45.44 99.01
N PRO CB 153 -61.53 46.74 99.23
CA PRO CB 153 -60.98 47.25 100.49
C PRO CB 153 -61.94 46.99 101.64
N ALA CB 154 -61.39 47.06 102.85
CA ALA CB 154 -62.20 46.90 104.05
C ALA CB 154 -63.26 48.00 104.13
N GLN CB 155 -62.86 49.24 103.87
CA GLN CB 155 -63.78 50.37 103.85
C GLN CB 155 -63.55 51.18 102.59
N GLY CB 156 -64.65 51.55 101.92
CA GLY CB 156 -64.56 52.33 100.71
C GLY CB 156 -65.49 51.81 99.63
N PRO CB 157 -65.48 52.48 98.47
CA PRO CB 157 -66.38 52.10 97.39
C PRO CB 157 -65.94 50.84 96.66
N GLN CB 158 -66.83 50.33 95.82
CA GLN CB 158 -66.56 49.13 95.05
C GLN CB 158 -65.51 49.40 93.98
N ILE CB 159 -64.69 48.39 93.71
CA ILE CB 159 -63.65 48.50 92.69
C ILE CB 159 -64.24 48.19 91.33
N ALA CB 160 -63.85 48.97 90.33
CA ALA CB 160 -64.38 48.80 88.99
C ALA CB 160 -63.77 47.58 88.30
N GLN CB 161 -64.53 46.98 87.39
CA GLN CB 161 -64.05 45.84 86.63
C GLN CB 161 -63.11 46.31 85.52
N PRO CB 162 -61.90 45.78 85.41
CA PRO CB 162 -60.99 46.21 84.35
C PRO CB 162 -61.22 45.42 83.08
N PRO CB 163 -60.77 45.92 81.93
CA PRO CB 163 -60.94 45.18 80.69
C PRO CB 163 -60.04 43.95 80.65
N PHE CB 164 -60.46 42.97 79.85
CA PHE CB 164 -59.69 41.74 79.72
C PHE CB 164 -58.42 41.96 78.91
N THR CB 165 -57.52 41.00 78.99
CA THR CB 165 -56.23 41.10 78.31
C THR CB 165 -56.37 40.70 76.85
N PRO CB 166 -56.07 41.57 75.89
CA PRO CB 166 -56.14 41.16 74.48
C PRO CB 166 -55.12 40.09 74.15
N ALA CB 167 -55.28 39.50 72.96
CA ALA CB 167 -54.34 38.48 72.52
C ALA CB 167 -52.94 39.07 72.36
N VAL CB 168 -52.84 40.23 71.73
CA VAL CB 168 -51.59 40.98 71.63
C VAL CB 168 -51.90 42.44 71.88
N TYR CB 169 -51.04 43.09 72.66
CA TYR CB 169 -51.29 44.45 73.09
C TYR CB 169 -49.98 45.21 73.20
N VAL CB 170 -50.09 46.54 73.11
CA VAL CB 170 -48.95 47.43 73.30
C VAL CB 170 -49.31 48.43 74.39
N PRO CB 171 -48.72 48.35 75.59
CA PRO CB 171 -49.04 49.34 76.61
C PRO CB 171 -48.54 50.73 76.22
N LEU CB 172 -49.47 51.62 75.89
CA LEU CB 172 -49.10 52.91 75.31
C LEU CB 172 -48.38 53.82 76.30
N SER CB 173 -48.54 53.59 77.61
CA SER CB 173 -47.79 54.39 78.57
C SER CB 173 -46.30 54.14 78.45
N ARG CB 174 -45.90 52.91 78.18
CA ARG CB 174 -44.48 52.55 78.06
C ARG CB 174 -43.99 52.79 76.63
N ARG CB 175 -43.88 54.06 76.28
CA ARG CB 175 -43.41 54.47 74.97
C ARG CB 175 -42.51 55.68 75.11
N GLU CB 176 -41.43 55.71 74.33
CA GLU CB 176 -40.49 56.82 74.37
C GLU CB 176 -39.89 57.01 72.98
N VAL CB 177 -39.40 58.22 72.74
CA VAL CB 177 -38.68 58.56 71.52
C VAL CB 177 -37.33 59.15 71.91
N ASN CB 178 -36.26 58.58 71.36
CA ASN CB 178 -34.91 59.08 71.62
C ASN CB 178 -34.63 60.20 70.63
N LYS CB 179 -35.05 61.42 71.01
CA LYS CB 179 -34.94 62.56 70.13
C LYS CB 179 -33.49 62.87 69.76
N GLN CB 180 -32.54 62.43 70.58
CA GLN CB 180 -31.12 62.67 70.27
C GLN CB 180 -30.65 61.82 69.10
N THR CB 181 -31.33 60.71 68.79
CA THR CB 181 -30.93 59.84 67.70
C THR CB 181 -32.09 59.40 66.83
N GLN CB 182 -33.26 60.02 66.98
CA GLN CB 182 -34.41 59.78 66.11
C GLN CB 182 -34.76 58.30 66.06
N ALA CB 183 -35.19 57.77 67.21
CA ALA CB 183 -35.59 56.38 67.33
C ALA CB 183 -36.84 56.30 68.18
N LEU CB 184 -37.56 55.20 68.02
CA LEU CB 184 -38.80 54.94 68.74
C LEU CB 184 -38.77 53.53 69.31
N ARG CB 185 -39.18 53.40 70.58
CA ARG CB 185 -39.21 52.13 71.27
C ARG CB 185 -40.57 51.92 71.91
N PHE CB 186 -41.02 50.66 71.93
CA PHE CB 186 -42.28 50.31 72.57
C PHE CB 186 -42.22 48.84 72.98
N VAL CB 187 -43.17 48.44 73.81
CA VAL CB 187 -43.21 47.09 74.37
C VAL CB 187 -44.35 46.33 73.70
N LEU CB 188 -44.05 45.12 73.22
CA LEU CB 188 -45.03 44.25 72.57
C LEU CB 188 -45.28 43.05 73.47
N GLY CB 189 -46.51 42.92 73.95
CA GLY CB 189 -46.87 41.84 74.86
C GLY CB 189 -47.87 40.90 74.22
N VAL CB 190 -47.68 39.60 74.44
CA VAL CB 190 -48.54 38.56 73.88
C VAL CB 190 -49.19 37.82 75.03
N SER CB 191 -50.51 37.74 75.02
CA SER CB 191 -51.22 37.05 76.08
C SER CB 191 -50.97 35.54 75.97
N PRO CB 192 -50.94 34.82 77.09
CA PRO CB 192 -50.76 33.36 77.02
C PRO CB 192 -51.88 32.65 76.29
N ALA CB 193 -53.03 33.31 76.14
CA ALA CB 193 -54.19 32.71 75.51
C ALA CB 193 -54.14 32.74 74.00
N ALA CB 194 -53.18 33.44 73.40
CA ALA CB 194 -53.07 33.49 71.96
C ALA CB 194 -52.84 32.09 71.40
N LYS CB 195 -53.51 31.78 70.30
CA LYS CB 195 -53.39 30.44 69.71
C LYS CB 195 -52.36 30.47 68.58
N PRO CB 196 -51.49 29.47 68.46
CA PRO CB 196 -50.48 29.51 67.40
C PRO CB 196 -51.11 29.52 66.02
N ALA CB 197 -50.34 30.03 65.05
CA ALA CB 197 -50.70 30.12 63.63
C ALA CB 197 -51.60 31.31 63.32
N ASP CB 198 -52.01 32.09 64.31
CA ASP CB 198 -52.78 33.29 64.03
C ASP CB 198 -51.84 34.44 63.67
N ILE CB 199 -52.41 35.46 63.03
CA ILE CB 199 -51.64 36.59 62.51
C ILE CB 199 -52.39 37.87 62.84
N TYR CB 200 -51.63 38.89 63.25
CA TYR CB 200 -52.17 40.22 63.53
C TYR CB 200 -51.31 41.27 62.83
N ARG CB 201 -51.92 42.42 62.54
CA ARG CB 201 -51.26 43.50 61.84
C ARG CB 201 -51.32 44.76 62.69
N LEU CB 202 -50.19 45.46 62.79
CA LEU CB 202 -50.06 46.67 63.59
C LEU CB 202 -49.69 47.84 62.69
N ASN CB 203 -50.39 48.96 62.85
CA ASN CB 203 -50.15 50.16 62.06
C ASN CB 203 -49.61 51.26 62.97
N ILE CB 204 -48.57 51.94 62.50
CA ILE CB 204 -47.91 53.00 63.27
C ILE CB 204 -47.89 54.26 62.41
N ARG CB 205 -48.40 55.36 62.94
CA ARG CB 205 -48.28 56.67 62.32
C ARG CB 205 -47.48 57.58 63.23
N GLN CB 206 -46.41 58.14 62.71
CA GLN CB 206 -45.48 58.96 63.48
C GLN CB 206 -45.43 60.36 62.89
N ALA CB 207 -45.29 61.35 63.76
CA ALA CB 207 -45.29 62.75 63.37
C ALA CB 207 -43.90 63.36 63.50
N ALA CB 208 -43.65 64.39 62.70
CA ALA CB 208 -42.42 65.14 62.76
C ALA CB 208 -42.70 66.59 62.41
N ILE CB 209 -41.84 67.49 62.88
CA ILE CB 209 -42.03 68.92 62.71
C ILE CB 209 -40.79 69.50 62.04
N ASP CB 210 -41.01 70.32 61.01
CA ASP CB 210 -39.91 70.91 60.27
C ASP CB 210 -39.25 72.03 61.08
N CYS CB 211 -38.25 72.66 60.47
CA CYS CB 211 -37.58 73.79 61.11
C CYS CB 211 -38.53 74.95 61.34
N GLU CB 212 -39.36 75.27 60.35
CA GLU CB 212 -40.31 76.37 60.47
C GLU CB 212 -41.39 76.12 61.49
N GLY CB 213 -41.58 74.87 61.93
CA GLY CB 213 -42.58 74.55 62.92
C GLY CB 213 -43.90 74.08 62.35
N ASN CB 214 -43.88 73.13 61.42
CA ASN CB 214 -45.10 72.56 60.86
C ASN CB 214 -44.91 71.07 60.64
N GLU CB 215 -46.01 70.34 60.64
CA GLU CB 215 -45.98 68.90 60.84
C GLU CB 215 -45.75 68.14 59.53
N TYR CB 216 -45.12 66.97 59.66
CA TYR CB 216 -45.09 65.95 58.65
C TYR CB 216 -45.63 64.66 59.26
N PHE CB 217 -45.70 63.60 58.46
CA PHE CB 217 -46.22 62.34 58.94
C PHE CB 217 -45.60 61.17 58.19
N HIS CB 218 -45.67 59.99 58.79
CA HIS CB 218 -45.13 58.77 58.21
C HIS CB 218 -45.94 57.58 58.71
N ILE CB 219 -46.19 56.62 57.82
CA ILE CB 219 -47.02 55.46 58.13
C ILE CB 219 -46.25 54.19 57.77
N SER CB 220 -46.36 53.18 58.63
CA SER CB 220 -45.74 51.89 58.42
C SER CB 220 -46.59 50.82 59.11
N CYS CB 221 -46.29 49.56 58.80
CA CYS CB 221 -47.06 48.46 59.35
C CYS CB 221 -46.16 47.25 59.53
N TYR CB 222 -46.56 46.35 60.43
CA TYR CB 222 -45.82 45.14 60.74
C TYR CB 222 -46.79 43.98 60.91
N ASP CB 223 -46.34 42.77 60.55
CA ASP CB 223 -47.13 41.56 60.69
C ASP CB 223 -46.60 40.77 61.87
N ILE CB 224 -47.49 40.36 62.76
CA ILE CB 224 -47.15 39.58 63.95
C ILE CB 224 -47.79 38.22 63.81
N SER CB 225 -46.98 37.17 63.78
CA SER CB 225 -47.46 35.80 63.63
C SER CB 225 -47.06 34.99 64.86
N ILE CB 226 -48.04 34.31 65.47
CA ILE CB 226 -47.78 33.53 66.67
C ILE CB 226 -47.04 32.27 66.29
N GLY CB 227 -45.97 31.97 67.03
CA GLY CB 227 -45.17 30.78 66.78
C GLY CB 227 -45.01 29.91 68.00
N SER CB 228 -43.97 29.07 68.01
CA SER CB 228 -43.70 28.19 69.13
C SER CB 228 -42.25 27.73 69.02
N CYS CB 229 -41.87 26.75 69.84
CA CYS CB 229 -40.53 26.20 69.83
C CYS CB 229 -40.61 24.69 70.02
N GLY CB 230 -39.57 24.00 69.57
CA GLY CB 230 -39.53 22.55 69.65
C GLY CB 230 -38.11 22.00 69.65
N CYS DB 23 -55.94 9.17 41.90
CA CYS DB 23 -55.87 9.29 43.34
C CYS DB 23 -54.68 8.49 43.87
N GLU DB 24 -53.86 9.12 44.72
CA GLU DB 24 -52.74 8.43 45.32
C GLU DB 24 -53.23 7.22 46.10
N SER DB 25 -52.46 6.13 46.04
CA SER DB 25 -52.81 4.89 46.70
C SER DB 25 -52.00 4.73 47.97
N ILE DB 26 -52.68 4.34 49.05
CA ILE DB 26 -52.05 4.12 50.34
C ILE DB 26 -52.40 2.71 50.80
N SER DB 27 -51.39 1.99 51.28
CA SER DB 27 -51.57 0.62 51.77
C SER DB 27 -51.31 0.60 53.27
N ALA DB 28 -52.25 0.04 54.02
CA ALA DB 28 -52.19 0.02 55.47
C ALA DB 28 -52.41 -1.39 55.99
N ARG DB 29 -51.62 -1.77 57.01
CA ARG DB 29 -51.75 -3.05 57.68
C ARG DB 29 -52.64 -2.91 58.92
N PRO DB 30 -53.47 -3.90 59.24
CA PRO DB 30 -54.28 -3.80 60.47
C PRO DB 30 -53.41 -3.64 61.71
N GLY DB 31 -53.83 -2.76 62.61
CA GLY DB 31 -53.10 -2.52 63.84
C GLY DB 31 -51.97 -1.53 63.73
N GLU DB 32 -51.82 -0.87 62.59
CA GLU DB 32 -50.69 0.02 62.36
C GLU DB 32 -51.08 1.48 62.56
N VAL DB 33 -50.08 2.31 62.83
CA VAL DB 33 -50.24 3.77 62.90
C VAL DB 33 -49.01 4.39 62.25
N ASN DB 34 -49.19 5.05 61.11
CA ASN DB 34 -48.06 5.37 60.24
C ASN DB 34 -47.77 6.86 60.15
N GLY DB 35 -48.75 7.66 59.73
CA GLY DB 35 -48.51 9.06 59.49
C GLY DB 35 -48.18 9.37 58.04
N VAL DB 36 -48.55 10.57 57.57
CA VAL DB 36 -48.43 10.92 56.16
C VAL DB 36 -48.06 12.39 56.04
N MET DB 37 -47.40 12.73 54.93
CA MET DB 37 -47.03 14.11 54.61
C MET DB 37 -47.39 14.43 53.18
N VAL DB 38 -47.93 15.62 52.96
CA VAL DB 38 -48.24 16.14 51.64
C VAL DB 38 -47.67 17.54 51.52
N SER DB 39 -47.03 17.83 50.39
CA SER DB 39 -46.31 19.09 50.18
C SER DB 39 -47.14 19.97 49.25
N TYR DB 40 -47.42 21.20 49.69
CA TYR DB 40 -48.25 22.14 48.94
C TYR DB 40 -47.44 23.26 48.29
N VAL DB 41 -46.11 23.18 48.29
CA VAL DB 41 -45.31 24.28 47.74
C VAL DB 41 -45.66 24.52 46.28
N ALA DB 42 -45.88 23.45 45.52
CA ALA DB 42 -46.15 23.60 44.10
C ALA DB 42 -47.44 24.37 43.81
N TRP DB 43 -48.33 24.49 44.80
CA TRP DB 43 -49.60 25.16 44.62
C TRP DB 43 -49.69 26.49 45.37
N SER DB 44 -49.07 26.58 46.54
CA SER DB 44 -49.23 27.75 47.40
C SER DB 44 -48.15 28.81 47.17
N ALA DB 45 -46.98 28.41 46.70
CA ALA DB 45 -45.89 29.36 46.53
C ALA DB 45 -46.22 30.49 45.57
N PRO DB 46 -46.71 30.23 44.34
CA PRO DB 46 -46.96 31.34 43.42
C PRO DB 46 -48.12 32.24 43.79
N LEU DB 47 -48.99 31.81 44.70
CA LEU DB 47 -50.12 32.65 45.11
C LEU DB 47 -49.70 33.83 45.97
N GLY DB 48 -48.47 33.83 46.47
CA GLY DB 48 -48.08 34.88 47.40
C GLY DB 48 -48.82 34.72 48.72
N GLY DB 49 -49.15 35.85 49.34
CA GLY DB 49 -49.91 35.79 50.56
C GLY DB 49 -49.11 35.19 51.70
N HIS DB 50 -49.83 34.59 52.64
CA HIS DB 50 -49.24 34.06 53.86
C HIS DB 50 -49.12 32.54 53.87
N GLY DB 51 -49.66 31.86 52.85
CA GLY DB 51 -49.50 30.41 52.78
C GLY DB 51 -50.66 29.66 53.41
N LEU DB 52 -50.36 28.49 53.94
CA LEU DB 52 -51.38 27.62 54.51
C LEU DB 52 -51.98 28.24 55.76
N THR DB 53 -53.20 27.81 56.10
CA THR DB 53 -53.98 28.44 57.16
C THR DB 53 -54.20 27.55 58.37
N ASN DB 54 -54.02 26.23 58.24
CA ASN DB 54 -54.29 25.30 59.32
C ASN DB 54 -55.81 25.17 59.56
N LYS DB 55 -56.57 25.07 58.49
CA LYS DB 55 -58.03 24.91 58.53
C LYS DB 55 -58.44 23.71 57.70
N THR DB 56 -57.77 22.58 57.90
CA THR DB 56 -58.01 21.40 57.07
C THR DB 56 -59.26 20.67 57.53
N THR DB 57 -59.89 19.95 56.59
CA THR DB 57 -61.08 19.15 56.87
C THR DB 57 -60.91 17.77 56.24
N PHE DB 58 -61.40 16.74 56.92
CA PHE DB 58 -61.28 15.36 56.46
C PHE DB 58 -62.64 14.70 56.39
N GLU DB 59 -62.79 13.76 55.46
CA GLU DB 59 -64.01 12.97 55.33
C GLU DB 59 -63.63 11.59 54.82
N PHE DB 60 -64.36 10.57 55.28
CA PHE DB 60 -64.14 9.19 54.89
C PHE DB 60 -65.37 8.65 54.16
N GLU DB 61 -65.13 7.95 53.05
CA GLU DB 61 -66.18 7.34 52.26
C GLU DB 61 -65.82 5.90 51.98
N ASN DB 62 -66.84 5.05 51.90
CA ASN DB 62 -66.64 3.63 51.62
C ASN DB 62 -66.73 3.35 50.13
N VAL DB 63 -65.84 2.46 49.66
CA VAL DB 63 -65.97 1.93 48.31
C VAL DB 63 -66.06 0.40 48.30
N SER DB 64 -65.51 -0.30 49.28
CA SER DB 64 -65.71 -1.74 49.41
C SER DB 64 -65.50 -2.09 50.87
N VAL DB 65 -66.59 -2.41 51.58
CA VAL DB 65 -66.53 -2.76 52.99
C VAL DB 65 -67.37 -4.02 53.20
N THR DB 66 -66.84 -4.95 53.98
CA THR DB 66 -67.53 -6.18 54.34
C THR DB 66 -68.05 -6.04 55.76
N GLU DB 67 -69.35 -6.23 55.94
CA GLU DB 67 -69.94 -6.04 57.25
C GLU DB 67 -69.35 -7.07 58.23
N PRO DB 68 -69.08 -6.68 59.47
CA PRO DB 68 -68.49 -7.62 60.42
C PRO DB 68 -69.47 -8.74 60.76
N LEU DB 69 -68.93 -9.93 61.02
CA LEU DB 69 -69.74 -11.07 61.41
C LEU DB 69 -69.86 -11.22 62.92
N VAL DB 70 -69.25 -10.32 63.70
CA VAL DB 70 -69.34 -10.34 65.15
C VAL DB 70 -69.69 -8.94 65.62
N ASN DB 71 -70.20 -8.85 66.85
CA ASN DB 71 -70.67 -7.60 67.42
C ASN DB 71 -69.78 -7.18 68.58
N SER DB 72 -69.51 -5.88 68.68
CA SER DB 72 -68.81 -5.34 69.83
C SER DB 72 -69.76 -5.19 71.01
N ALA DB 73 -69.20 -5.00 72.19
CA ALA DB 73 -70.01 -4.92 73.40
C ALA DB 73 -69.37 -3.94 74.38
N PHE DB 74 -70.18 -3.53 75.37
CA PHE DB 74 -69.75 -2.58 76.38
C PHE DB 74 -70.40 -2.96 77.71
N GLU DB 75 -69.65 -2.79 78.80
CA GLU DB 75 -70.12 -3.17 80.11
C GLU DB 75 -69.50 -2.26 81.17
N ARG DB 76 -70.07 -2.31 82.37
CA ARG DB 76 -69.60 -1.51 83.50
C ARG DB 76 -69.28 -2.43 84.68
N THR DB 77 -68.28 -2.03 85.46
CA THR DB 77 -67.93 -2.73 86.68
C THR DB 77 -67.67 -1.72 87.80
N PRO DB 78 -68.05 -2.03 89.04
CA PRO DB 78 -67.78 -1.10 90.13
C PRO DB 78 -66.30 -1.04 90.48
N PHE DB 79 -65.96 -0.09 91.36
CA PHE DB 79 -64.58 0.11 91.76
C PHE DB 79 -63.99 -1.17 92.34
N ASN DB 80 -62.78 -1.51 91.88
CA ASN DB 80 -62.04 -2.66 92.39
C ASN DB 80 -62.89 -3.93 92.42
N THR DB 81 -63.80 -4.09 91.46
CA THR DB 81 -64.71 -5.22 91.42
C THR DB 81 -64.37 -6.07 90.20
N THR DB 82 -64.14 -7.37 90.44
CA THR DB 82 -63.86 -8.28 89.35
C THR DB 82 -65.10 -8.46 88.47
N LEU DB 83 -64.87 -8.72 87.19
CA LEU DB 83 -65.94 -8.86 86.21
C LEU DB 83 -65.80 -10.19 85.48
N ALA DB 84 -66.94 -10.74 85.06
CA ALA DB 84 -66.97 -11.98 84.30
C ALA DB 84 -68.00 -11.85 83.19
N GLY DB 85 -67.81 -12.65 82.15
CA GLY DB 85 -68.72 -12.60 81.02
C GLY DB 85 -68.47 -13.75 80.07
N SER DB 86 -69.23 -13.75 78.98
CA SER DB 86 -69.14 -14.79 77.97
C SER DB 86 -69.14 -14.17 76.59
N LEU DB 87 -68.32 -14.74 75.69
CA LEU DB 87 -68.22 -14.22 74.33
C LEU DB 87 -69.20 -14.91 73.38
N ALA DB 88 -69.93 -15.92 73.84
CA ALA DB 88 -70.77 -16.70 72.93
C ALA DB 88 -71.91 -15.87 72.37
N ALA DB 89 -72.44 -14.92 73.14
CA ALA DB 89 -73.59 -14.14 72.69
C ALA DB 89 -73.24 -13.16 71.58
N LEU DB 90 -71.96 -12.98 71.25
CA LEU DB 90 -71.53 -11.98 70.29
C LEU DB 90 -71.26 -12.54 68.90
N PHE DB 91 -71.67 -13.79 68.63
CA PHE DB 91 -71.43 -14.44 67.34
C PHE DB 91 -72.77 -14.93 66.78
N PRO DB 92 -73.58 -14.05 66.21
CA PRO DB 92 -74.91 -14.45 65.71
C PRO DB 92 -74.82 -15.21 64.39
N ASN DB 93 -74.27 -16.41 64.45
CA ASN DB 93 -74.18 -17.23 63.25
C ASN DB 93 -75.54 -17.87 62.97
N PRO DB 94 -76.15 -17.62 61.80
CA PRO DB 94 -77.43 -18.28 61.51
C PRO DB 94 -77.30 -19.76 61.23
N GLU DB 95 -76.10 -20.25 60.95
CA GLU DB 95 -75.90 -21.67 60.73
C GLU DB 95 -75.47 -22.35 62.03
N GLY DB 96 -75.23 -23.67 61.94
CA GLY DB 96 -74.71 -24.43 63.05
C GLY DB 96 -73.34 -25.00 62.72
N GLU DB 97 -72.31 -24.46 63.37
CA GLU DB 97 -70.95 -24.94 63.18
C GLU DB 97 -70.19 -24.79 64.49
N ALA DB 98 -69.14 -25.59 64.63
CA ALA DB 98 -68.30 -25.51 65.82
C ALA DB 98 -67.61 -24.16 65.89
N VAL DB 99 -67.41 -23.68 67.12
CA VAL DB 99 -66.81 -22.37 67.36
C VAL DB 99 -65.68 -22.52 68.35
N GLU DB 100 -64.73 -21.59 68.27
CA GLU DB 100 -63.64 -21.49 69.23
C GLU DB 100 -63.28 -20.02 69.40
N TYR DB 101 -62.79 -19.69 70.58
CA TYR DB 101 -62.53 -18.31 70.97
C TYR DB 101 -61.04 -18.10 71.15
N GLU DB 102 -60.62 -16.84 71.10
CA GLU DB 102 -59.22 -16.49 71.24
C GLU DB 102 -59.10 -15.05 71.70
N ILE DB 103 -57.97 -14.73 72.32
CA ILE DB 103 -57.65 -13.37 72.76
C ILE DB 103 -56.36 -12.95 72.07
N LEU DB 104 -56.41 -11.81 71.39
CA LEU DB 104 -55.25 -11.31 70.67
C LEU DB 104 -54.27 -10.73 71.69
N GLU DB 105 -53.13 -11.42 71.86
CA GLU DB 105 -52.16 -10.99 72.86
C GLU DB 105 -51.30 -9.81 72.39
N LEU DB 106 -51.31 -9.50 71.10
CA LEU DB 106 -50.58 -8.32 70.63
C LEU DB 106 -51.20 -7.02 71.12
N TYR DB 107 -52.43 -7.06 71.62
CA TYR DB 107 -53.17 -5.87 72.03
C TYR DB 107 -53.72 -6.06 73.44
N PRO DB 108 -52.84 -6.18 74.43
CA PRO DB 108 -53.29 -6.44 75.80
C PRO DB 108 -53.94 -5.21 76.39
N PRO DB 109 -54.81 -5.38 77.39
CA PRO DB 109 -55.35 -4.22 78.10
C PRO DB 109 -54.25 -3.48 78.84
N VAL DB 110 -54.42 -2.16 78.96
CA VAL DB 110 -53.39 -1.31 79.55
C VAL DB 110 -53.50 -1.21 81.06
N ASN DB 111 -54.67 -1.50 81.64
CA ASN DB 111 -54.88 -1.36 83.07
C ASN DB 111 -55.62 -2.55 83.65
N GLY DB 112 -55.29 -3.76 83.21
CA GLY DB 112 -55.95 -4.93 83.73
C GLY DB 112 -55.37 -6.20 83.14
N ILE DB 113 -55.92 -7.33 83.56
CA ILE DB 113 -55.52 -8.64 83.09
C ILE DB 113 -56.77 -9.45 82.78
N VAL DB 114 -56.68 -10.24 81.71
CA VAL DB 114 -57.80 -11.05 81.23
C VAL DB 114 -57.39 -12.51 81.16
N GLU DB 115 -58.37 -13.40 81.31
CA GLU DB 115 -58.11 -14.83 81.27
C GLU DB 115 -59.27 -15.48 80.52
N LEU DB 116 -58.96 -16.17 79.43
CA LEU DB 116 -59.98 -16.85 78.64
C LEU DB 116 -60.46 -18.09 79.38
N GLY DB 117 -61.78 -18.21 79.52
CA GLY DB 117 -62.39 -19.28 80.27
C GLY DB 117 -62.84 -20.43 79.39
N GLU DB 118 -63.81 -21.19 79.90
CA GLU DB 118 -64.28 -22.37 79.19
C GLU DB 118 -65.44 -22.01 78.26
N ASN DB 119 -65.27 -22.34 76.99
CA ASN DB 119 -66.32 -22.15 75.98
C ASN DB 119 -66.90 -20.74 76.03
N GLY DB 120 -66.03 -19.76 75.79
CA GLY DB 120 -66.44 -18.38 75.67
C GLY DB 120 -66.43 -17.59 76.96
N ALA DB 121 -66.28 -18.25 78.10
CA ALA DB 121 -66.23 -17.52 79.37
C ALA DB 121 -64.90 -16.79 79.51
N PHE DB 122 -64.91 -15.71 80.28
CA PHE DB 122 -63.70 -14.93 80.51
C PHE DB 122 -63.86 -14.15 81.80
N THR DB 123 -62.73 -13.67 82.32
CA THR DB 123 -62.71 -12.90 83.56
C THR DB 123 -61.73 -11.75 83.42
N TYR DB 124 -62.15 -10.56 83.83
CA TYR DB 124 -61.33 -9.35 83.77
C TYR DB 124 -61.10 -8.85 85.19
N ARG DB 125 -59.84 -8.73 85.58
CA ARG DB 125 -59.46 -8.37 86.94
C ARG DB 125 -58.76 -7.02 86.92
N PRO DB 126 -59.46 -5.92 87.20
CA PRO DB 126 -58.84 -4.61 87.08
C PRO DB 126 -57.75 -4.39 88.13
N ALA DB 127 -56.76 -3.59 87.76
CA ALA DB 127 -55.72 -3.21 88.70
C ALA DB 127 -56.30 -2.33 89.80
N THR DB 128 -55.70 -2.41 90.98
CA THR DB 128 -56.20 -1.67 92.13
C THR DB 128 -56.13 -0.17 91.87
N SER DB 129 -57.15 0.55 92.33
CA SER DB 129 -57.23 2.00 92.29
C SER DB 129 -57.42 2.55 90.88
N PHE DB 130 -57.71 1.71 89.90
CA PHE DB 130 -57.91 2.19 88.54
C PHE DB 130 -59.34 2.68 88.34
N THR DB 131 -59.49 3.66 87.46
CA THR DB 131 -60.81 4.14 87.04
C THR DB 131 -60.68 4.78 85.67
N GLY DB 132 -61.55 4.39 84.75
CA GLY DB 132 -61.50 4.89 83.40
C GLY DB 132 -62.04 3.85 82.43
N ILE DB 133 -61.51 3.89 81.21
CA ILE DB 133 -61.93 3.01 80.13
C ILE DB 133 -60.78 2.08 79.77
N ASP DB 134 -61.12 0.87 79.34
CA ASP DB 134 -60.13 -0.12 78.93
C ASP DB 134 -60.72 -0.97 77.81
N ARG DB 135 -59.83 -1.63 77.07
CA ARG DB 135 -60.24 -2.40 75.90
C ARG DB 135 -59.42 -3.68 75.80
N PHE DB 136 -59.99 -4.66 75.11
CA PHE DB 136 -59.23 -5.81 74.63
C PHE DB 136 -59.97 -6.40 73.44
N TRP DB 137 -59.21 -6.98 72.53
CA TRP DB 137 -59.74 -7.45 71.25
C TRP DB 137 -59.78 -8.97 71.24
N PHE DB 138 -60.95 -9.52 70.94
CA PHE DB 138 -61.18 -10.96 70.92
C PHE DB 138 -61.44 -11.43 69.50
N SER DB 139 -61.17 -12.71 69.25
CA SER DB 139 -61.36 -13.32 67.95
C SER DB 139 -62.25 -14.55 68.09
N ILE DB 140 -63.27 -14.65 67.25
CA ILE DB 140 -64.20 -15.78 67.26
C ILE DB 140 -64.18 -16.42 65.88
N ASN DB 141 -63.73 -17.68 65.82
CA ASN DB 141 -63.78 -18.46 64.59
C ASN DB 141 -63.14 -17.72 63.43
N GLY DB 142 -62.12 -16.91 63.71
CA GLY DB 142 -61.41 -16.17 62.70
C GLY DB 142 -61.83 -14.71 62.56
N ASN DB 143 -63.03 -14.35 63.03
CA ASN DB 143 -63.46 -12.97 63.00
C ASN DB 143 -62.91 -12.21 64.21
N VAL DB 144 -62.98 -10.88 64.14
CA VAL DB 144 -62.41 -10.02 65.17
C VAL DB 144 -63.47 -9.01 65.60
N GLY DB 145 -63.43 -8.66 66.89
CA GLY DB 145 -64.36 -7.68 67.43
C GLY DB 145 -63.71 -6.95 68.60
N GLU DB 146 -64.45 -5.98 69.13
CA GLU DB 146 -63.97 -5.14 70.22
C GLU DB 146 -64.85 -5.35 71.45
N PHE DB 147 -64.24 -5.32 72.62
CA PHE DB 147 -64.94 -5.38 73.90
C PHE DB 147 -64.41 -4.25 74.78
N VAL DB 148 -65.33 -3.48 75.37
CA VAL DB 148 -64.97 -2.30 76.14
C VAL DB 148 -65.49 -2.47 77.56
N ILE DB 149 -64.67 -2.07 78.54
CA ILE DB 149 -65.01 -2.15 79.95
C ILE DB 149 -64.70 -0.82 80.61
N ALA DB 150 -65.61 -0.36 81.48
CA ALA DB 150 -65.44 0.89 82.19
C ALA DB 150 -65.43 0.62 83.69
N VAL DB 151 -64.47 1.22 84.40
CA VAL DB 151 -64.35 1.07 85.84
C VAL DB 151 -64.93 2.34 86.47
N ASP DB 152 -66.09 2.19 87.10
CA ASP DB 152 -66.80 3.34 87.62
C ASP DB 152 -66.09 3.89 88.86
N PRO DB 153 -66.11 5.21 89.06
CA PRO DB 153 -65.51 5.76 90.28
C PRO DB 153 -66.29 5.35 91.52
N ALA DB 154 -65.57 5.29 92.64
CA ALA DB 154 -66.18 4.82 93.88
C ALA DB 154 -67.22 5.79 94.41
N GLN DB 155 -66.96 7.09 94.37
CA GLN DB 155 -67.78 8.08 95.05
C GLN DB 155 -68.07 9.27 94.11
N GLY DB 156 -68.50 8.97 92.89
CA GLY DB 156 -68.82 9.99 91.93
C GLY DB 156 -69.74 9.51 90.83
N PRO DB 157 -70.15 10.43 89.95
CA PRO DB 157 -71.05 10.06 88.86
C PRO DB 157 -70.39 9.07 87.90
N GLN DB 158 -71.24 8.25 87.27
CA GLN DB 158 -70.75 7.20 86.40
C GLN DB 158 -70.08 7.81 85.15
N ILE DB 159 -69.26 6.99 84.49
CA ILE DB 159 -68.54 7.41 83.31
C ILE DB 159 -69.43 7.21 82.08
N ALA DB 160 -69.35 8.16 81.15
CA ALA DB 160 -70.16 8.07 79.94
C ALA DB 160 -69.59 7.02 78.99
N GLN DB 161 -70.47 6.40 78.22
CA GLN DB 161 -70.04 5.37 77.28
C GLN DB 161 -69.22 5.99 76.16
N PRO DB 162 -68.05 5.45 75.83
CA PRO DB 162 -67.27 5.98 74.73
C PRO DB 162 -67.62 5.29 73.42
N PRO DB 163 -67.40 5.95 72.28
CA PRO DB 163 -67.68 5.30 71.00
C PRO DB 163 -66.65 4.23 70.66
N PHE DB 164 -67.07 3.28 69.83
CA PHE DB 164 -66.17 2.23 69.38
C PHE DB 164 -65.20 2.79 68.33
N THR DB 165 -63.99 2.24 68.31
CA THR DB 165 -62.98 2.71 67.38
C THR DB 165 -63.35 2.29 65.96
N PRO DB 166 -63.45 3.21 65.01
CA PRO DB 166 -63.79 2.82 63.64
C PRO DB 166 -62.71 1.96 63.01
N ALA DB 167 -62.98 1.50 61.79
CA ALA DB 167 -62.01 0.68 61.07
C ALA DB 167 -60.74 1.47 60.79
N VAL DB 168 -60.88 2.69 60.25
CA VAL DB 168 -59.77 3.60 60.05
C VAL DB 168 -60.18 4.97 60.54
N TYR DB 169 -59.26 5.66 61.21
CA TYR DB 169 -59.54 6.94 61.82
C TYR DB 169 -58.33 7.84 61.69
N VAL DB 170 -58.56 9.14 61.85
CA VAL DB 170 -57.51 10.14 61.81
C VAL DB 170 -57.63 11.03 63.04
N PRO DB 171 -56.81 10.83 64.08
CA PRO DB 171 -56.92 11.69 65.26
C PRO DB 171 -56.77 13.16 64.90
N LEU DB 172 -57.79 13.97 65.20
CA LEU DB 172 -57.81 15.35 64.77
C LEU DB 172 -57.01 16.26 65.69
N SER DB 173 -56.51 15.77 66.82
CA SER DB 173 -55.61 16.56 67.65
C SER DB 173 -54.15 16.42 67.25
N ARG DB 174 -53.82 15.41 66.45
CA ARG DB 174 -52.45 15.20 65.99
C ARG DB 174 -52.36 15.62 64.52
N ARG DB 175 -52.13 16.93 64.34
CA ARG DB 175 -52.21 17.53 63.02
C ARG DB 175 -51.54 18.90 63.07
N GLU DB 176 -50.69 19.18 62.10
CA GLU DB 176 -49.94 20.43 62.09
C GLU DB 176 -49.56 20.78 60.66
N VAL DB 177 -49.29 22.07 60.44
CA VAL DB 177 -48.85 22.58 59.15
C VAL DB 177 -47.56 23.36 59.37
N ASN DB 178 -46.51 22.98 58.65
CA ASN DB 178 -45.24 23.68 58.73
C ASN DB 178 -45.26 24.85 57.75
N LYS DB 179 -45.08 26.06 58.26
CA LYS DB 179 -45.15 27.25 57.42
C LYS DB 179 -43.83 27.57 56.74
N GLN DB 180 -42.73 26.92 57.13
CA GLN DB 180 -41.45 27.14 56.46
C GLN DB 180 -41.38 26.38 55.13
N THR DB 181 -42.00 25.21 55.05
CA THR DB 181 -41.94 24.38 53.86
C THR DB 181 -43.32 24.10 53.27
N GLN DB 182 -44.38 24.61 53.87
CA GLN DB 182 -45.74 24.40 53.37
C GLN DB 182 -46.05 22.91 53.26
N ALA DB 183 -45.99 22.23 54.40
CA ALA DB 183 -46.23 20.79 54.46
C ALA DB 183 -47.23 20.49 55.57
N LEU DB 184 -48.02 19.44 55.37
CA LEU DB 184 -49.05 19.04 56.31
C LEU DB 184 -48.76 17.64 56.84
N ARG DB 185 -48.88 17.47 58.15
CA ARG DB 185 -48.72 16.17 58.80
C ARG DB 185 -50.02 15.77 59.49
N PHE DB 186 -50.46 14.55 59.25
CA PHE DB 186 -51.54 13.94 60.01
C PHE DB 186 -51.19 12.48 60.24
N VAL DB 187 -51.96 11.83 61.10
CA VAL DB 187 -51.67 10.47 61.55
C VAL DB 187 -52.81 9.57 61.09
N LEU DB 188 -52.50 8.60 60.25
CA LEU DB 188 -53.46 7.59 59.85
C LEU DB 188 -53.37 6.40 60.79
N GLY DB 189 -54.52 5.86 61.18
CA GLY DB 189 -54.56 4.72 62.08
C GLY DB 189 -55.55 3.69 61.60
N VAL DB 190 -55.22 2.42 61.86
CA VAL DB 190 -56.03 1.30 61.43
C VAL DB 190 -56.29 0.40 62.64
N SER DB 191 -57.54 0.03 62.86
CA SER DB 191 -57.88 -0.84 63.97
C SER DB 191 -57.55 -2.29 63.64
N PRO DB 192 -57.36 -3.14 64.65
CA PRO DB 192 -57.08 -4.56 64.38
C PRO DB 192 -58.22 -5.25 63.64
N ALA DB 193 -59.42 -4.69 63.73
CA ALA DB 193 -60.61 -5.33 63.18
C ALA DB 193 -60.80 -5.10 61.69
N ALA DB 194 -60.00 -4.25 61.06
CA ALA DB 194 -60.15 -3.98 59.64
C ALA DB 194 -59.90 -5.26 58.85
N LYS DB 195 -60.83 -5.62 57.97
CA LYS DB 195 -60.70 -6.85 57.20
C LYS DB 195 -59.78 -6.61 56.00
N PRO DB 196 -58.80 -7.48 55.75
CA PRO DB 196 -57.92 -7.28 54.60
C PRO DB 196 -58.69 -7.33 53.29
N ALA DB 197 -58.15 -6.63 52.29
CA ALA DB 197 -58.71 -6.46 50.94
C ALA DB 197 -59.78 -5.40 50.87
N ASP DB 198 -60.14 -4.76 51.98
CA ASP DB 198 -61.11 -3.67 51.93
C ASP DB 198 -60.44 -2.39 51.44
N ILE DB 199 -61.29 -1.44 51.03
CA ILE DB 199 -60.82 -0.17 50.47
C ILE DB 199 -61.65 0.96 51.03
N TYR DB 200 -60.98 2.04 51.44
CA TYR DB 200 -61.63 3.27 51.89
C TYR DB 200 -61.05 4.45 51.12
N ARG DB 201 -61.82 5.53 51.06
CA ARG DB 201 -61.41 6.75 50.37
C ARG DB 201 -61.38 7.91 51.36
N LEU DB 202 -60.32 8.72 51.30
CA LEU DB 202 -60.13 9.85 52.20
C LEU DB 202 -60.08 11.13 51.38
N ASN DB 203 -60.85 12.13 51.80
CA ASN DB 203 -60.89 13.42 51.14
C ASN DB 203 -60.33 14.49 52.07
N ILE DB 204 -59.51 15.38 51.51
CA ILE DB 204 -58.87 16.46 52.27
C ILE DB 204 -59.16 17.77 51.56
N ARG DB 205 -59.51 18.79 52.34
CA ARG DB 205 -59.70 20.14 51.84
C ARG DB 205 -58.85 21.09 52.68
N GLN DB 206 -57.89 21.75 52.03
CA GLN DB 206 -56.94 22.62 52.70
C GLN DB 206 -57.17 24.06 52.26
N ALA DB 207 -56.91 24.99 53.17
CA ALA DB 207 -57.16 26.41 52.92
C ALA DB 207 -55.86 27.20 53.03
N ALA DB 208 -55.74 28.21 52.18
CA ALA DB 208 -54.65 29.17 52.24
C ALA DB 208 -55.22 30.57 52.05
N ILE DB 209 -54.51 31.57 52.57
CA ILE DB 209 -54.98 32.94 52.59
C ILE DB 209 -54.06 33.81 51.75
N ASP DB 210 -54.61 34.89 51.21
CA ASP DB 210 -53.80 35.92 50.57
C ASP DB 210 -53.26 36.87 51.65
N CYS DB 211 -52.69 37.98 51.20
CA CYS DB 211 -52.06 38.92 52.12
C CYS DB 211 -53.06 39.62 53.03
N GLU DB 212 -54.35 39.56 52.75
CA GLU DB 212 -55.35 40.30 53.50
C GLU DB 212 -56.31 39.42 54.29
N GLY DB 213 -56.20 38.10 54.18
CA GLY DB 213 -57.03 37.18 54.93
C GLY DB 213 -58.12 36.47 54.15
N ASN DB 214 -58.17 36.65 52.83
CA ASN DB 214 -59.14 35.95 52.00
C ASN DB 214 -58.59 34.59 51.60
N GLU DB 215 -59.47 33.59 51.59
CA GLU DB 215 -59.04 32.20 51.51
C GLU DB 215 -59.04 31.68 50.08
N TYR DB 216 -58.09 30.76 49.81
CA TYR DB 216 -58.12 29.87 48.66
C TYR DB 216 -58.29 28.46 49.18
N PHE DB 217 -58.83 27.58 48.33
CA PHE DB 217 -59.11 26.20 48.73
C PHE DB 217 -58.56 25.21 47.71
N HIS DB 218 -58.17 24.04 48.21
CA HIS DB 218 -57.65 22.96 47.39
C HIS DB 218 -58.20 21.64 47.88
N ILE DB 219 -58.56 20.76 46.95
CA ILE DB 219 -59.24 19.50 47.26
C ILE DB 219 -58.44 18.35 46.65
N SER DB 220 -58.27 17.29 47.42
CA SER DB 220 -57.59 16.08 46.95
C SER DB 220 -58.16 14.89 47.70
N CYS DB 221 -57.95 13.70 47.14
CA CYS DB 221 -58.49 12.48 47.74
C CYS DB 221 -57.50 11.35 47.58
N TYR DB 222 -57.59 10.36 48.48
CA TYR DB 222 -56.69 9.22 48.51
C TYR DB 222 -57.50 7.96 48.80
N ASP DB 223 -57.00 6.83 48.30
CA ASP DB 223 -57.63 5.53 48.49
C ASP DB 223 -56.76 4.69 49.42
N ILE DB 224 -57.37 4.12 50.45
CA ILE DB 224 -56.67 3.32 51.46
C ILE DB 224 -57.15 1.88 51.33
N SER DB 225 -56.22 0.96 51.10
CA SER DB 225 -56.53 -0.45 50.93
C SER DB 225 -55.82 -1.25 52.01
N ILE DB 226 -56.55 -2.14 52.68
CA ILE DB 226 -56.00 -2.90 53.80
C ILE DB 226 -55.11 -4.01 53.26
N GLY DB 227 -53.89 -4.09 53.78
CA GLY DB 227 -52.92 -5.08 53.35
C GLY DB 227 -52.81 -6.25 54.32
N SER DB 228 -51.65 -6.88 54.31
CA SER DB 228 -51.39 -8.04 55.16
C SER DB 228 -49.89 -8.34 55.10
N CYS DB 229 -49.52 -9.43 55.77
CA CYS DB 229 -48.12 -9.84 55.82
C CYS DB 229 -47.79 -10.77 54.65
N GLY DB 230 -46.59 -11.33 54.67
CA GLY DB 230 -46.16 -12.26 53.64
C GLY DB 230 -44.81 -12.88 53.94
N CYS EB 23 -59.69 31.30 22.67
CA CYS EB 23 -60.34 30.76 23.86
C CYS EB 23 -59.39 29.84 24.63
N GLU EB 24 -58.59 30.42 25.52
CA GLU EB 24 -57.76 29.62 26.40
C GLU EB 24 -58.64 28.72 27.27
N SER EB 25 -58.16 27.52 27.53
CA SER EB 25 -58.94 26.52 28.24
C SER EB 25 -58.54 26.47 29.71
N ILE EB 26 -59.55 26.46 30.58
CA ILE EB 26 -59.36 26.36 32.02
C ILE EB 26 -60.18 25.19 32.54
N SER EB 27 -59.58 24.37 33.39
CA SER EB 27 -60.25 23.23 34.01
C SER EB 27 -60.41 23.49 35.50
N ALA EB 28 -61.64 23.34 36.00
CA ALA EB 28 -61.96 23.64 37.39
C ALA EB 28 -62.69 22.47 38.01
N ARG EB 29 -62.52 22.29 39.32
CA ARG EB 29 -63.14 21.23 40.09
C ARG EB 29 -64.16 21.79 41.06
N PRO EB 30 -65.25 21.09 41.35
CA PRO EB 30 -66.21 21.60 42.34
C PRO EB 30 -65.55 21.76 43.71
N GLY EB 31 -65.91 22.84 44.39
CA GLY EB 31 -65.36 23.13 45.71
C GLY EB 31 -64.01 23.82 45.71
N GLU EB 32 -63.48 24.16 44.54
CA GLU EB 32 -62.15 24.73 44.44
C GLU EB 32 -62.21 26.26 44.36
N VAL EB 33 -61.12 26.89 44.78
CA VAL EB 33 -60.89 28.32 44.57
C VAL EB 33 -59.42 28.49 44.23
N ASN EB 34 -59.13 28.88 42.99
CA ASN EB 34 -57.78 28.74 42.45
C ASN EB 34 -57.06 30.07 42.19
N GLY EB 35 -57.67 31.02 41.50
CA GLY EB 35 -56.98 32.25 41.15
C GLY EB 35 -56.27 32.15 39.82
N VAL EB 36 -56.19 33.27 39.10
CA VAL EB 36 -55.62 33.29 37.76
C VAL EB 36 -54.82 34.57 37.59
N MET EB 37 -53.86 34.54 36.65
CA MET EB 37 -53.05 35.71 36.35
C MET EB 37 -52.84 35.80 34.85
N VAL EB 38 -53.00 37.00 34.30
CA VAL EB 38 -52.80 37.25 32.87
C VAL EB 38 -51.87 38.45 32.73
N SER EB 39 -50.95 38.38 31.78
CA SER EB 39 -49.90 39.37 31.59
C SER EB 39 -50.19 40.19 30.34
N TYR EB 40 -50.18 41.51 30.47
CA TYR EB 40 -50.44 42.42 29.36
C TYR EB 40 -49.19 43.14 28.86
N VAL EB 41 -48.00 42.72 29.30
CA VAL EB 41 -46.79 43.44 28.91
C VAL EB 41 -46.63 43.46 27.40
N ALA EB 42 -47.11 42.42 26.71
CA ALA EB 42 -46.93 42.34 25.27
C ALA EB 42 -47.86 43.28 24.51
N TRP EB 43 -48.85 43.87 25.19
CA TRP EB 43 -49.85 44.71 24.53
C TRP EB 43 -49.75 46.18 24.93
N SER EB 44 -49.60 46.47 26.23
CA SER EB 44 -49.62 47.85 26.70
C SER EB 44 -48.25 48.50 26.73
N ALA EB 45 -47.17 47.72 26.70
CA ALA EB 45 -45.84 48.31 26.76
C ALA EB 45 -45.56 49.24 25.58
N PRO EB 46 -45.76 48.84 24.32
CA PRO EB 46 -45.46 49.76 23.21
C PRO EB 46 -46.39 50.96 23.13
N LEU EB 47 -47.54 50.92 23.80
CA LEU EB 47 -48.46 52.06 23.75
C LEU EB 47 -47.92 53.27 24.50
N GLY EB 48 -46.87 53.11 25.29
CA GLY EB 48 -46.45 54.19 26.15
C GLY EB 48 -47.50 54.45 27.22
N GLY EB 49 -47.65 55.72 27.57
CA GLY EB 49 -48.69 56.06 28.52
C GLY EB 49 -48.40 55.54 29.92
N HIS EB 50 -49.48 55.39 30.69
CA HIS EB 50 -49.39 55.00 32.09
C HIS EB 50 -49.73 53.54 32.33
N GLY EB 51 -50.04 52.77 31.29
CA GLY EB 51 -50.30 51.35 31.47
C GLY EB 51 -51.74 51.05 31.86
N LEU EB 52 -51.90 49.96 32.60
CA LEU EB 52 -53.23 49.50 32.98
C LEU EB 52 -53.89 50.49 33.94
N THR EB 53 -55.22 50.45 34.00
CA THR EB 53 -56.00 51.45 34.72
C THR EB 53 -56.84 50.86 35.84
N ASN EB 54 -56.95 49.54 35.94
CA ASN EB 54 -57.78 48.91 36.98
C ASN EB 54 -59.25 49.22 36.76
N LYS EB 55 -59.74 48.94 35.55
CA LYS EB 55 -61.14 49.15 35.20
C LYS EB 55 -61.71 47.95 34.44
N THR EB 56 -61.46 46.75 34.95
CA THR EB 56 -61.87 45.53 34.24
C THR EB 56 -63.37 45.30 34.38
N THR EB 57 -63.89 44.42 33.53
CA THR EB 57 -65.29 44.02 33.55
C THR EB 57 -65.40 42.56 33.16
N PHE EB 58 -66.18 41.80 33.92
CA PHE EB 58 -66.32 40.37 33.72
C PHE EB 58 -67.76 40.00 33.44
N GLU EB 59 -67.95 39.07 32.50
CA GLU EB 59 -69.28 38.58 32.15
C GLU EB 59 -69.19 37.06 31.94
N PHE EB 60 -70.23 36.36 32.36
CA PHE EB 60 -70.32 34.92 32.20
C PHE EB 60 -71.42 34.56 31.22
N GLU EB 61 -71.14 33.58 30.35
CA GLU EB 61 -72.10 33.09 29.37
C GLU EB 61 -72.13 31.57 29.41
N ASN EB 62 -73.29 31.00 29.14
CA ASN EB 62 -73.46 29.56 29.14
C ASN EB 62 -73.29 28.99 27.74
N VAL EB 63 -72.60 27.85 27.66
CA VAL EB 63 -72.54 27.06 26.44
C VAL EB 63 -73.16 25.68 26.65
N SER EB 64 -72.90 25.06 27.79
CA SER EB 64 -73.51 23.78 28.15
C SER EB 64 -73.78 23.80 29.65
N VAL EB 65 -75.06 23.84 30.02
CA VAL EB 65 -75.47 23.81 31.42
C VAL EB 65 -76.65 22.88 31.56
N THR EB 66 -76.61 22.02 32.59
CA THR EB 66 -77.67 21.08 32.89
C THR EB 66 -78.48 21.62 34.06
N GLU EB 67 -79.77 21.78 33.87
CA GLU EB 67 -80.60 22.35 34.92
C GLU EB 67 -80.58 21.43 36.14
N PRO EB 68 -80.48 21.98 37.35
CA PRO EB 68 -80.43 21.12 38.53
C PRO EB 68 -81.74 20.37 38.74
N LEU EB 69 -81.64 19.18 39.31
CA LEU EB 69 -82.80 18.37 39.63
C LEU EB 69 -83.29 18.56 41.05
N VAL EB 70 -82.66 19.46 41.81
CA VAL EB 70 -83.09 19.79 43.16
C VAL EB 70 -83.12 21.30 43.30
N ASN EB 71 -83.86 21.77 44.30
CA ASN EB 71 -84.07 23.20 44.52
C ASN EB 71 -83.42 23.64 45.82
N SER EB 72 -82.79 24.81 45.80
CA SER EB 72 -82.28 25.39 47.03
C SER EB 72 -83.42 26.01 47.82
N ALA EB 73 -83.13 26.36 49.07
CA ALA EB 73 -84.17 26.89 49.96
C ALA EB 73 -83.56 27.92 50.88
N PHE EB 74 -84.43 28.64 51.59
CA PHE EB 74 -84.03 29.64 52.55
C PHE EB 74 -85.05 29.68 53.68
N GLU EB 75 -84.58 29.92 54.90
CA GLU EB 75 -85.45 29.89 56.08
C GLU EB 75 -84.87 30.81 57.14
N ARG EB 76 -85.69 31.14 58.13
CA ARG EB 76 -85.31 32.02 59.21
C ARG EB 76 -85.58 31.34 60.54
N THR EB 77 -84.76 31.64 61.53
CA THR EB 77 -84.94 31.11 62.87
C THR EB 77 -84.74 32.23 63.89
N PRO EB 78 -85.46 32.20 65.02
CA PRO EB 78 -85.25 33.23 66.04
C PRO EB 78 -83.90 33.07 66.73
N PHE EB 79 -83.55 34.09 67.52
CA PHE EB 79 -82.29 34.10 68.24
C PHE EB 79 -82.19 32.90 69.16
N ASN EB 80 -81.04 32.21 69.12
CA ASN EB 80 -80.76 31.08 69.99
C ASN EB 80 -81.87 30.04 69.97
N THR EB 81 -82.53 29.87 68.83
CA THR EB 81 -83.66 28.96 68.70
C THR EB 81 -83.33 27.85 67.71
N THR EB 82 -83.55 26.61 68.13
CA THR EB 82 -83.29 25.48 67.26
C THR EB 82 -84.25 25.48 66.07
N LEU EB 83 -83.80 24.93 64.95
CA LEU EB 83 -84.58 24.86 63.73
C LEU EB 83 -84.68 23.42 63.26
N ALA EB 84 -85.80 23.10 62.59
CA ALA EB 84 -86.04 21.77 62.07
C ALA EB 84 -86.69 21.88 60.70
N GLY EB 85 -86.53 20.82 59.91
CA GLY EB 85 -87.10 20.82 58.58
C GLY EB 85 -86.92 19.47 57.93
N SER EB 86 -87.31 19.39 56.66
CA SER EB 86 -87.23 18.16 55.89
C SER EB 86 -86.71 18.45 54.49
N LEU EB 87 -85.87 17.55 53.99
CA LEU EB 87 -85.31 17.69 52.65
C LEU EB 87 -86.20 17.07 51.57
N ALA EB 88 -87.26 16.37 51.96
CA ALA EB 88 -88.05 15.63 50.98
C ALA EB 88 -88.76 16.56 50.00
N ALA EB 89 -89.24 17.72 50.48
CA ALA EB 89 -89.99 18.62 49.62
C ALA EB 89 -89.14 19.26 48.52
N LEU EB 90 -87.82 19.13 48.59
CA LEU EB 90 -86.92 19.80 47.65
C LEU EB 90 -86.54 18.94 46.46
N PHE EB 91 -87.10 17.74 46.33
CA PHE EB 91 -86.78 16.83 45.22
C PHE EB 91 -88.03 16.62 44.38
N PRO EB 92 -88.31 17.47 43.38
CA PRO EB 92 -89.51 17.36 42.57
C PRO EB 92 -89.43 16.28 41.49
N ASN EB 93 -89.16 15.05 41.91
CA ASN EB 93 -89.07 13.97 40.94
C ASN EB 93 -90.46 13.62 40.41
N PRO EB 94 -90.65 13.64 39.09
CA PRO EB 94 -91.96 13.25 38.55
C PRO EB 94 -92.22 11.76 38.60
N GLU EB 95 -91.18 10.93 38.71
CA GLU EB 95 -91.34 9.50 38.78
C GLU EB 95 -91.57 9.06 40.23
N GLY EB 96 -91.80 7.76 40.40
CA GLY EB 96 -91.84 7.15 41.71
C GLY EB 96 -90.66 6.23 41.91
N GLU EB 97 -89.71 6.63 42.76
CA GLU EB 97 -88.47 5.88 42.91
C GLU EB 97 -87.94 6.09 44.33
N ALA EB 98 -87.11 5.14 44.76
CA ALA EB 98 -86.52 5.22 46.08
C ALA EB 98 -85.57 6.41 46.18
N VAL EB 99 -85.50 6.99 47.37
CA VAL EB 99 -84.66 8.15 47.62
C VAL EB 99 -83.85 7.93 48.90
N GLU EB 100 -82.73 8.64 48.99
CA GLU EB 100 -81.92 8.67 50.18
C GLU EB 100 -81.25 10.03 50.28
N TYR EB 101 -80.89 10.40 51.50
CA TYR EB 101 -80.37 11.74 51.79
C TYR EB 101 -78.99 11.63 52.43
N GLU EB 102 -78.21 12.70 52.27
CA GLU EB 102 -76.86 12.75 52.81
C GLU EB 102 -76.44 14.21 52.94
N ILE EB 103 -75.57 14.47 53.92
CA ILE EB 103 -75.04 15.79 54.17
C ILE EB 103 -73.56 15.77 53.82
N LEU EB 104 -73.14 16.70 52.97
CA LEU EB 104 -71.74 16.78 52.54
C LEU EB 104 -70.92 17.30 53.70
N GLU EB 105 -70.24 16.40 54.39
CA GLU EB 105 -69.46 16.76 55.57
C GLU EB 105 -68.20 17.54 55.23
N LEU EB 106 -67.80 17.58 53.95
CA LEU EB 106 -66.59 18.30 53.58
C LEU EB 106 -66.78 19.81 53.70
N TYR EB 107 -68.02 20.29 53.58
CA TYR EB 107 -68.34 21.72 53.64
C TYR EB 107 -69.28 21.97 54.82
N PRO EB 108 -68.77 21.83 56.04
CA PRO EB 108 -69.63 21.97 57.22
C PRO EB 108 -70.00 23.43 57.46
N PRO EB 109 -71.08 23.69 58.19
CA PRO EB 109 -71.41 25.07 58.54
C PRO EB 109 -70.36 25.66 59.48
N VAL EB 110 -70.23 26.98 59.42
CA VAL EB 110 -69.17 27.68 60.14
C VAL EB 110 -69.65 28.06 61.54
N ASN EB 111 -70.96 28.25 61.71
CA ASN EB 111 -71.52 28.73 62.97
C ASN EB 111 -72.70 27.88 63.41
N GLY EB 112 -72.56 26.57 63.37
CA GLY EB 112 -73.63 25.71 63.83
C GLY EB 112 -73.29 24.24 63.62
N ILE EB 113 -74.23 23.39 64.00
CA ILE EB 113 -74.11 21.94 63.84
C ILE EB 113 -75.41 21.40 63.29
N VAL EB 114 -75.29 20.44 62.37
CA VAL EB 114 -76.44 19.83 61.71
C VAL EB 114 -76.46 18.34 62.03
N GLU EB 115 -77.66 17.77 62.00
CA GLU EB 115 -77.85 16.34 62.30
C GLU EB 115 -78.92 15.81 61.35
N LEU EB 116 -78.53 14.88 60.49
CA LEU EB 116 -79.47 14.31 59.54
C LEU EB 116 -80.41 13.34 60.24
N GLY EB 117 -81.71 13.53 60.03
CA GLY EB 117 -82.73 12.74 60.68
C GLY EB 117 -83.28 11.63 59.80
N GLU EB 118 -84.48 11.18 60.15
CA GLU EB 118 -85.11 10.10 59.40
C GLU EB 118 -85.77 10.63 58.14
N ASN EB 119 -85.66 9.85 57.07
CA ASN EB 119 -86.34 10.09 55.79
C ASN EB 119 -86.40 11.58 55.47
N GLY EB 120 -85.23 12.20 55.44
CA GLY EB 120 -85.10 13.58 55.01
C GLY EB 120 -85.23 14.62 56.09
N ALA EB 121 -85.52 14.24 57.33
CA ALA EB 121 -85.59 15.20 58.41
C ALA EB 121 -84.19 15.63 58.84
N PHE EB 122 -84.09 16.85 59.35
CA PHE EB 122 -82.82 17.38 59.81
C PHE EB 122 -83.08 18.42 60.89
N THR EB 123 -82.03 18.72 61.67
CA THR EB 123 -82.11 19.69 62.74
C THR EB 123 -80.84 20.54 62.75
N TYR EB 124 -81.02 21.85 62.91
CA TYR EB 124 -79.92 22.81 62.93
C TYR EB 124 -79.90 23.50 64.28
N ARG EB 125 -78.78 23.40 64.99
CA ARG EB 125 -78.65 23.95 66.34
C ARG EB 125 -77.61 25.07 66.32
N PRO EB 126 -78.02 26.33 66.25
CA PRO EB 126 -77.04 27.41 66.15
C PRO EB 126 -76.24 27.58 67.42
N ALA EB 127 -75.01 28.09 67.26
CA ALA EB 127 -74.17 28.39 68.40
C ALA EB 127 -74.72 29.57 69.17
N THR EB 128 -74.41 29.61 70.47
CA THR EB 128 -74.93 30.66 71.32
C THR EB 128 -74.41 32.02 70.88
N SER EB 129 -75.29 33.03 70.92
CA SER EB 129 -74.97 34.42 70.64
C SER EB 129 -74.67 34.68 69.17
N PHE EB 130 -74.98 33.75 68.28
CA PHE EB 130 -74.69 33.95 66.87
C PHE EB 130 -75.84 34.71 66.19
N THR EB 131 -75.48 35.50 65.19
CA THR EB 131 -76.46 36.19 64.36
C THR EB 131 -75.82 36.47 63.00
N GLY EB 132 -76.49 36.06 61.93
CA GLY EB 132 -75.98 36.22 60.61
C GLY EB 132 -76.56 35.17 59.68
N ILE EB 133 -75.75 34.74 58.71
CA ILE EB 133 -76.16 33.78 57.69
C ILE EB 133 -75.24 32.56 57.78
N ASP EB 134 -75.79 31.40 57.43
CA ASP EB 134 -75.05 30.15 57.45
C ASP EB 134 -75.58 29.24 56.34
N ARG EB 135 -74.77 28.25 55.98
CA ARG EB 135 -75.08 27.37 54.86
C ARG EB 135 -74.70 25.94 55.19
N PHE EB 136 -75.30 25.01 54.46
CA PHE EB 136 -74.82 23.63 54.42
C PHE EB 136 -75.36 22.98 53.17
N TRP EB 137 -74.53 22.16 52.55
CA TRP EB 137 -74.81 21.57 51.25
C TRP EB 137 -75.30 20.15 51.43
N PHE EB 138 -76.47 19.83 50.85
CA PHE EB 138 -77.10 18.54 51.00
C PHE EB 138 -77.18 17.84 49.65
N SER EB 139 -77.18 16.51 49.71
CA SER EB 139 -77.22 15.67 48.51
C SER EB 139 -78.45 14.77 48.57
N ILE EB 140 -79.23 14.76 47.48
CA ILE EB 140 -80.42 13.92 47.38
C ILE EB 140 -80.24 13.00 46.18
N ASN EB 141 -80.14 11.70 46.44
CA ASN EB 141 -80.09 10.70 45.37
C ASN EB 141 -79.00 11.01 44.35
N GLY EB 142 -77.89 11.57 44.81
CA GLY EB 142 -76.78 11.91 43.95
C GLY EB 142 -76.74 13.36 43.48
N ASN EB 143 -77.85 14.07 43.56
CA ASN EB 143 -77.90 15.47 43.19
C ASN EB 143 -77.58 16.35 44.39
N VAL EB 144 -77.04 17.53 44.12
CA VAL EB 144 -76.55 18.44 45.16
C VAL EB 144 -77.37 19.72 45.12
N GLY EB 145 -77.55 20.33 46.29
CA GLY EB 145 -78.28 21.58 46.40
C GLY EB 145 -77.84 22.35 47.62
N GLU EB 146 -78.32 23.58 47.73
CA GLU EB 146 -77.93 24.49 48.79
C GLU EB 146 -79.09 24.70 49.76
N PHE EB 147 -78.77 24.94 51.02
CA PHE EB 147 -79.76 25.30 52.03
C PHE EB 147 -79.19 26.44 52.85
N VAL EB 148 -79.97 27.52 52.99
CA VAL EB 148 -79.54 28.73 53.66
C VAL EB 148 -80.41 28.94 54.90
N ILE EB 149 -79.78 29.20 56.03
CA ILE EB 149 -80.46 29.42 57.29
C ILE EB 149 -80.00 30.76 57.87
N ALA EB 150 -80.95 31.56 58.32
CA ALA EB 150 -80.69 32.90 58.83
C ALA EB 150 -81.01 32.97 60.31
N VAL EB 151 -80.10 33.53 61.10
CA VAL EB 151 -80.29 33.72 62.53
C VAL EB 151 -80.48 35.21 62.77
N ASP EB 152 -81.71 35.60 63.07
CA ASP EB 152 -82.03 37.02 63.16
C ASP EB 152 -81.59 37.60 64.50
N PRO EB 153 -81.38 38.91 64.57
CA PRO EB 153 -81.09 39.54 65.86
C PRO EB 153 -82.29 39.51 66.78
N ALA EB 154 -82.01 39.55 68.08
CA ALA EB 154 -83.09 39.45 69.07
C ALA EB 154 -83.88 40.74 69.18
N GLN EB 155 -83.22 41.90 69.09
CA GLN EB 155 -83.83 43.18 69.38
C GLN EB 155 -83.53 44.18 68.27
N GLY EB 156 -83.74 43.76 67.02
CA GLY EB 156 -83.51 44.63 65.89
C GLY EB 156 -84.23 44.19 64.64
N PRO EB 157 -84.11 44.98 63.57
CA PRO EB 157 -84.78 44.63 62.31
C PRO EB 157 -84.25 43.33 61.73
N GLN EB 158 -85.12 42.64 60.99
CA GLN EB 158 -84.75 41.35 60.43
C GLN EB 158 -83.68 41.54 59.35
N ILE EB 159 -82.87 40.50 59.15
CA ILE EB 159 -81.79 40.57 58.16
C ILE EB 159 -82.33 40.15 56.81
N ALA EB 160 -81.82 40.79 55.75
CA ALA EB 160 -82.32 40.56 54.41
C ALA EB 160 -81.83 39.23 53.86
N GLN EB 161 -82.63 38.65 52.97
CA GLN EB 161 -82.27 37.38 52.36
C GLN EB 161 -81.08 37.58 51.43
N PRO EB 162 -80.07 36.70 51.46
CA PRO EB 162 -78.96 36.82 50.53
C PRO EB 162 -79.19 35.99 49.29
N PRO EB 163 -78.53 36.30 48.19
CA PRO EB 163 -78.68 35.49 46.98
C PRO EB 163 -77.92 34.17 47.10
N PHE EB 164 -78.37 33.19 46.32
CA PHE EB 164 -77.71 31.89 46.30
C PHE EB 164 -76.39 31.99 45.54
N THR EB 165 -75.46 31.11 45.88
CA THR EB 165 -74.14 31.13 45.24
C THR EB 165 -74.23 30.54 43.84
N PRO EB 166 -73.82 31.27 42.80
CA PRO EB 166 -73.90 30.72 41.45
C PRO EB 166 -73.01 29.51 41.28
N ALA EB 167 -73.08 28.90 40.09
CA ALA EB 167 -72.24 27.75 39.79
C ALA EB 167 -70.77 28.12 39.78
N VAL EB 168 -70.42 29.19 39.07
CA VAL EB 168 -69.07 29.74 39.06
C VAL EB 168 -69.18 31.25 39.22
N TYR EB 169 -68.33 31.81 40.08
CA TYR EB 169 -68.39 33.23 40.39
C TYR EB 169 -66.98 33.76 40.54
N VAL EB 170 -66.84 35.08 40.39
CA VAL EB 170 -65.57 35.78 40.54
C VAL EB 170 -65.77 36.87 41.57
N PRO EB 171 -65.28 36.72 42.80
CA PRO EB 171 -65.43 37.80 43.79
C PRO EB 171 -64.79 39.09 43.31
N LEU EB 172 -65.60 40.14 43.15
CA LEU EB 172 -65.12 41.36 42.52
C LEU EB 172 -64.30 42.24 43.46
N SER EB 173 -64.36 42.00 44.77
CA SER EB 173 -63.52 42.76 45.69
C SER EB 173 -62.10 42.23 45.76
N ARG EB 174 -61.87 41.02 45.26
CA ARG EB 174 -60.53 40.42 45.25
C ARG EB 174 -59.96 40.49 43.84
N ARG EB 175 -59.32 41.61 43.56
CA ARG EB 175 -58.90 41.92 42.20
C ARG EB 175 -57.91 43.07 42.24
N GLU EB 176 -56.80 42.92 41.51
CA GLU EB 176 -55.75 43.93 41.53
C GLU EB 176 -54.96 43.88 40.23
N VAL EB 177 -54.34 45.00 39.89
CA VAL EB 177 -53.45 45.12 38.74
C VAL EB 177 -52.10 45.63 39.24
N ASN EB 178 -51.03 44.92 38.90
CA ASN EB 178 -49.69 45.29 39.32
C ASN EB 178 -49.08 46.16 38.25
N LYS EB 179 -48.92 47.46 38.55
CA LYS EB 179 -48.40 48.38 37.56
C LYS EB 179 -46.92 48.18 37.30
N GLN EB 180 -46.22 47.42 38.14
CA GLN EB 180 -44.80 47.17 37.91
C GLN EB 180 -44.56 46.18 36.77
N THR EB 181 -45.47 45.23 36.56
CA THR EB 181 -45.30 44.25 35.50
C THR EB 181 -46.53 44.10 34.61
N GLN EB 182 -47.52 44.99 34.75
CA GLN EB 182 -48.69 44.96 33.88
C GLN EB 182 -49.39 43.60 33.90
N ALA EB 183 -49.63 43.09 35.10
CA ALA EB 183 -50.29 41.80 35.29
C ALA EB 183 -51.56 41.99 36.10
N LEU EB 184 -52.58 41.20 35.76
CA LEU EB 184 -53.89 41.25 36.42
C LEU EB 184 -54.12 39.94 37.15
N ARG EB 185 -54.62 40.03 38.38
CA ARG EB 185 -54.92 38.88 39.20
C ARG EB 185 -56.37 38.92 39.66
N PHE EB 186 -57.08 37.81 39.51
CA PHE EB 186 -58.43 37.66 40.02
C PHE EB 186 -58.62 36.24 40.53
N VAL EB 187 -59.71 36.02 41.25
CA VAL EB 187 -59.98 34.77 41.94
C VAL EB 187 -61.18 34.11 41.29
N LEU EB 188 -61.04 32.82 40.95
CA LEU EB 188 -62.11 32.04 40.36
C LEU EB 188 -62.49 30.92 41.33
N GLY EB 189 -63.79 30.81 41.61
CA GLY EB 189 -64.27 29.80 42.54
C GLY EB 189 -65.46 29.06 41.97
N VAL EB 190 -65.56 27.79 42.33
CA VAL EB 190 -66.61 26.89 41.84
C VAL EB 190 -67.38 26.36 43.02
N SER EB 191 -68.71 26.45 42.94
CA SER EB 191 -69.55 25.93 44.00
C SER EB 191 -69.56 24.40 43.98
N PRO EB 192 -69.86 23.76 45.11
CA PRO EB 192 -69.92 22.30 45.13
C PRO EB 192 -71.00 21.74 44.21
N ALA EB 193 -71.98 22.57 43.85
CA ALA EB 193 -73.13 22.12 43.08
C ALA EB 193 -72.86 22.08 41.58
N ALA EB 194 -71.71 22.55 41.11
CA ALA EB 194 -71.41 22.52 39.69
C ALA EB 194 -71.38 21.08 39.19
N LYS EB 195 -72.05 20.83 38.07
CA LYS EB 195 -72.14 19.47 37.55
C LYS EB 195 -70.94 19.18 36.65
N PRO EB 196 -70.24 18.06 36.85
CA PRO EB 196 -69.09 17.76 35.99
C PRO EB 196 -69.51 17.64 34.53
N ALA EB 197 -68.56 17.98 33.65
CA ALA EB 197 -68.71 17.99 32.19
C ALA EB 197 -69.41 19.25 31.69
N ASP EB 198 -69.84 20.14 32.56
CA ASP EB 198 -70.43 21.39 32.12
C ASP EB 198 -69.34 22.37 31.67
N ILE EB 199 -69.76 23.37 30.90
CA ILE EB 199 -68.83 24.35 30.34
C ILE EB 199 -69.46 25.74 30.46
N TYR EB 200 -68.64 26.71 30.88
CA TYR EB 200 -69.03 28.12 30.93
C TYR EB 200 -67.99 28.95 30.19
N ARG EB 201 -68.38 30.17 29.83
CA ARG EB 201 -67.49 31.09 29.13
C ARG EB 201 -67.37 32.39 29.93
N LEU EB 202 -66.15 32.91 30.01
CA LEU EB 202 -65.84 34.12 30.75
C LEU EB 202 -65.24 35.14 29.80
N ASN EB 203 -65.75 36.37 29.85
CA ASN EB 203 -65.25 37.47 29.03
C ASN EB 203 -64.61 38.54 29.91
N ILE EB 204 -63.47 39.05 29.48
CA ILE EB 204 -62.73 40.08 30.20
C ILE EB 204 -62.48 41.25 29.27
N ARG EB 205 -62.68 42.46 29.78
CA ARG EB 205 -62.42 43.68 29.03
C ARG EB 205 -61.59 44.61 29.91
N GLN EB 206 -60.37 44.90 29.48
CA GLN EB 206 -59.40 45.64 30.27
C GLN EB 206 -59.12 46.97 29.61
N ALA EB 207 -58.78 47.97 30.43
CA ALA EB 207 -58.57 49.33 29.98
C ALA EB 207 -57.15 49.79 30.30
N ALA EB 208 -56.59 50.57 29.37
CA ALA EB 208 -55.30 51.22 29.57
C ALA EB 208 -55.40 52.66 29.10
N ILE EB 209 -54.54 53.51 29.63
CA ILE EB 209 -54.63 54.95 29.41
C ILE EB 209 -53.31 55.46 28.84
N ASP EB 210 -53.40 56.43 27.93
CA ASP EB 210 -52.22 57.14 27.49
C ASP EB 210 -51.83 58.19 28.52
N CYS EB 211 -50.86 59.02 28.16
CA CYS EB 211 -50.33 60.00 29.11
C CYS EB 211 -51.36 61.03 29.55
N GLU EB 212 -52.42 61.26 28.77
CA GLU EB 212 -53.38 62.30 29.08
C GLU EB 212 -54.69 61.78 29.66
N GLY EB 213 -54.84 60.47 29.84
CA GLY EB 213 -56.02 59.91 30.44
C GLY EB 213 -57.05 59.35 29.47
N ASN EB 214 -56.74 59.25 28.19
CA ASN EB 214 -57.62 58.64 27.21
C ASN EB 214 -57.39 57.13 27.19
N GLU EB 215 -58.47 56.37 27.02
CA GLU EB 215 -58.42 54.93 27.28
C GLU EB 215 -58.15 54.13 26.01
N TYR EB 216 -57.51 52.99 26.21
CA TYR EB 216 -57.43 51.91 25.24
C TYR EB 216 -58.08 50.67 25.85
N PHE EB 217 -58.68 49.84 25.01
CA PHE EB 217 -59.47 48.71 25.48
C PHE EB 217 -59.01 47.42 24.82
N HIS EB 218 -59.14 46.31 25.55
CA HIS EB 218 -58.72 44.99 25.09
C HIS EB 218 -59.74 43.96 25.58
N ILE EB 219 -60.06 43.00 24.72
CA ILE EB 219 -61.09 42.01 25.00
C ILE EB 219 -60.50 40.62 24.82
N SER EB 220 -60.85 39.71 25.73
CA SER EB 220 -60.42 38.32 25.65
C SER EB 220 -61.47 37.45 26.34
N CYS EB 221 -61.44 36.16 26.03
CA CYS EB 221 -62.43 35.24 26.59
C CYS EB 221 -61.75 33.91 26.89
N TYR EB 222 -62.34 33.17 27.84
CA TYR EB 222 -61.82 31.89 28.30
C TYR EB 222 -62.94 30.90 28.48
N ASP EB 223 -62.64 29.62 28.30
CA ASP EB 223 -63.61 28.54 28.45
C ASP EB 223 -63.29 27.75 29.71
N ILE EB 224 -64.29 27.60 30.58
CA ILE EB 224 -64.13 26.88 31.84
C ILE EB 224 -64.96 25.61 31.77
N SER EB 225 -64.31 24.46 31.96
CA SER EB 225 -64.96 23.16 31.91
C SER EB 225 -64.78 22.48 33.26
N ILE EB 226 -65.88 22.00 33.83
CA ILE EB 226 -65.85 21.40 35.16
C ILE EB 226 -65.19 20.03 35.07
N GLY EB 227 -64.23 19.78 35.95
CA GLY EB 227 -63.49 18.53 35.98
C GLY EB 227 -64.02 17.58 37.04
N SER EB 228 -63.13 16.71 37.51
CA SER EB 228 -63.47 15.71 38.52
C SER EB 228 -62.19 15.05 38.99
N CYS EB 229 -62.35 14.10 39.91
CA CYS EB 229 -61.22 13.36 40.45
C CYS EB 229 -60.83 12.23 39.52
N GLY EB 230 -59.79 11.50 39.92
CA GLY EB 230 -59.31 10.36 39.15
C GLY EB 230 -58.20 9.60 39.85
N CYS FB 23 -42.28 64.77 32.48
CA CYS FB 23 -43.18 64.46 33.58
C CYS FB 23 -42.51 63.57 34.61
N GLU FB 24 -41.72 64.18 35.50
CA GLU FB 24 -41.06 63.42 36.55
C GLU FB 24 -42.10 62.76 37.44
N SER FB 25 -41.79 61.55 37.89
CA SER FB 25 -42.76 60.74 38.61
C SER FB 25 -42.56 60.82 40.12
N ILE FB 26 -43.67 60.87 40.85
CA ILE FB 26 -43.67 60.85 42.30
C ILE FB 26 -44.63 59.76 42.76
N SER FB 27 -44.33 59.16 43.91
CA SER FB 27 -45.18 58.14 44.52
C SER FB 27 -45.63 58.61 45.89
N ALA FB 28 -46.84 58.23 46.27
CA ALA FB 28 -47.41 58.68 47.53
C ALA FB 28 -48.35 57.62 48.07
N ARG FB 29 -48.63 57.70 49.37
CA ARG FB 29 -49.48 56.75 50.08
C ARG FB 29 -50.57 57.49 50.84
N PRO FB 30 -51.79 56.95 50.90
CA PRO FB 30 -52.85 57.66 51.64
C PRO FB 30 -52.46 57.89 53.09
N GLY FB 31 -52.83 59.05 53.61
CA GLY FB 31 -52.55 59.41 54.98
C GLY FB 31 -51.15 59.93 55.24
N GLU FB 32 -50.30 59.99 54.23
CA GLU FB 32 -48.93 60.45 54.41
C GLU FB 32 -48.79 61.92 54.04
N VAL FB 33 -47.84 62.59 54.70
CA VAL FB 33 -47.48 63.96 54.37
C VAL FB 33 -45.96 64.00 54.24
N ASN FB 34 -45.46 64.47 53.09
CA ASN FB 34 -44.04 64.40 52.78
C ASN FB 34 -43.61 65.69 52.11
N GLY FB 35 -42.31 65.98 52.21
CA GLY FB 35 -41.75 67.18 51.61
C GLY FB 35 -41.05 66.90 50.29
N VAL FB 36 -40.93 67.93 49.46
CA VAL FB 36 -40.31 67.85 48.15
C VAL FB 36 -39.42 69.06 47.95
N MET FB 37 -38.27 68.85 47.31
CA MET FB 37 -37.32 69.91 47.02
C MET FB 37 -36.88 69.82 45.57
N VAL FB 38 -36.73 70.98 44.93
CA VAL FB 38 -36.28 71.08 43.55
C VAL FB 38 -35.17 72.11 43.46
N SER FB 39 -34.14 71.81 42.68
CA SER FB 39 -32.97 72.66 42.53
C SER FB 39 -33.04 73.40 41.20
N TYR FB 40 -32.68 74.69 41.21
CA TYR FB 40 -32.77 75.54 40.04
C TYR FB 40 -31.42 76.14 39.62
N VAL FB 41 -30.33 75.69 40.22
CA VAL FB 41 -29.03 76.31 39.95
C VAL FB 41 -28.69 76.22 38.47
N ALA FB 42 -29.00 75.08 37.84
CA ALA FB 42 -28.61 74.90 36.45
C ALA FB 42 -29.27 75.91 35.52
N TRP FB 43 -30.41 76.46 35.93
CA TRP FB 43 -31.18 77.35 35.06
C TRP FB 43 -30.90 78.83 35.37
N SER FB 44 -30.96 79.20 36.64
CA SER FB 44 -30.83 80.61 37.03
C SER FB 44 -29.39 81.06 37.21
N ALA FB 45 -28.44 80.14 37.34
CA ALA FB 45 -27.05 80.54 37.56
C ALA FB 45 -26.50 81.36 36.41
N PRO FB 46 -26.61 80.96 35.14
CA PRO FB 46 -25.99 81.75 34.06
C PRO FB 46 -26.68 83.06 33.77
N LEU FB 47 -27.95 83.23 34.15
CA LEU FB 47 -28.65 84.48 33.86
C LEU FB 47 -28.07 85.65 34.64
N GLY FB 48 -27.50 85.42 35.81
CA GLY FB 48 -27.00 86.50 36.64
C GLY FB 48 -28.10 87.11 37.49
N GLY FB 49 -27.70 88.07 38.32
CA GLY FB 49 -28.65 88.72 39.19
C GLY FB 49 -28.92 87.92 40.46
N HIS FB 50 -30.11 88.16 41.03
CA HIS FB 50 -30.49 87.51 42.27
C HIS FB 50 -31.12 86.13 42.06
N GLY FB 51 -31.45 85.77 40.83
CA GLY FB 51 -32.00 84.45 40.58
C GLY FB 51 -33.48 84.39 40.91
N LEU FB 52 -33.85 83.40 41.72
CA LEU FB 52 -35.26 83.19 42.03
C LEU FB 52 -35.86 84.40 42.73
N THR FB 53 -37.13 84.69 42.42
CA THR FB 53 -37.79 85.89 42.90
C THR FB 53 -39.04 85.60 43.71
N ASN FB 54 -39.27 84.34 44.06
CA ASN FB 54 -40.37 83.97 44.96
C ASN FB 54 -41.73 84.41 44.40
N LYS FB 55 -42.10 83.87 43.24
CA LYS FB 55 -43.41 84.08 42.65
C LYS FB 55 -43.98 82.78 42.10
N THR FB 56 -43.80 81.68 42.81
CA THR FB 56 -44.23 80.37 42.32
C THR FB 56 -45.76 80.30 42.25
N THR FB 57 -46.25 79.51 41.30
CA THR FB 57 -47.67 79.25 41.14
C THR FB 57 -47.88 77.77 40.90
N PHE FB 58 -48.91 77.20 41.53
CA PHE FB 58 -49.20 75.78 41.47
C PHE FB 58 -50.56 75.54 40.85
N GLU FB 59 -50.66 74.46 40.08
CA GLU FB 59 -51.92 74.02 39.47
C GLU FB 59 -52.01 72.51 39.56
N PHE FB 60 -53.22 72.01 39.80
CA PHE FB 60 -53.48 70.58 39.87
C PHE FB 60 -54.47 70.18 38.77
N GLU FB 61 -54.21 69.04 38.15
CA GLU FB 61 -55.05 68.50 37.10
C GLU FB 61 -55.32 67.02 37.37
N ASN FB 62 -56.51 66.57 36.97
CA ASN FB 62 -56.92 65.19 37.17
C ASN FB 62 -56.75 64.43 35.86
N VAL FB 63 -55.88 63.42 35.85
CA VAL FB 63 -55.71 62.61 34.66
C VAL FB 63 -56.56 61.34 34.76
N SER FB 64 -56.60 60.74 35.95
CA SER FB 64 -57.39 59.52 36.18
C SER FB 64 -57.79 59.50 37.66
N VAL FB 65 -59.04 59.87 37.93
CA VAL FB 65 -59.56 59.92 39.28
C VAL FB 65 -60.88 59.14 39.33
N THR FB 66 -61.07 58.40 40.41
CA THR FB 66 -62.28 57.62 40.61
C THR FB 66 -63.26 58.42 41.47
N GLU FB 67 -64.49 58.54 41.00
CA GLU FB 67 -65.48 59.31 41.72
C GLU FB 67 -65.75 58.68 43.09
N PRO FB 68 -65.83 59.47 44.16
CA PRO FB 68 -66.12 58.89 45.47
C PRO FB 68 -67.57 58.42 45.56
N LEU FB 69 -67.76 57.29 46.24
CA LEU FB 69 -69.09 56.72 46.42
C LEU FB 69 -69.74 57.12 47.73
N VAL FB 70 -69.09 57.97 48.53
CA VAL FB 70 -69.64 58.45 49.78
C VAL FB 70 -69.51 59.98 49.80
N ASN FB 71 -70.36 60.61 50.60
CA ASN FB 71 -70.45 62.06 50.66
C ASN FB 71 -69.91 62.57 51.99
N SER FB 72 -69.08 63.62 51.92
CA SER FB 72 -68.66 64.30 53.12
C SER FB 72 -69.83 65.02 53.76
N ALA FB 73 -69.58 65.68 54.89
CA ALA FB 73 -70.63 66.39 55.59
C ALA FB 73 -70.01 67.42 56.52
N PHE FB 74 -70.87 68.32 57.02
CA PHE FB 74 -70.46 69.38 57.94
C PHE FB 74 -71.63 69.70 58.86
N GLU FB 75 -71.34 69.96 60.13
CA GLU FB 75 -72.39 70.23 61.11
C GLU FB 75 -71.83 71.14 62.19
N ARG FB 76 -72.74 71.71 62.98
CA ARG FB 76 -72.41 72.70 63.99
C ARG FB 76 -72.87 72.23 65.36
N THR FB 77 -72.22 72.76 66.39
CA THR FB 77 -72.55 72.42 67.78
C THR FB 77 -72.33 73.65 68.66
N PRO FB 78 -73.12 73.81 69.72
CA PRO FB 78 -72.88 74.93 70.64
C PRO FB 78 -71.69 74.65 71.56
N PHE FB 79 -71.41 75.64 72.41
CA PHE FB 79 -70.26 75.57 73.30
C PHE FB 79 -70.48 74.53 74.39
N ASN FB 80 -69.52 73.62 74.51
CA ASN FB 80 -69.61 72.49 75.45
C ASN FB 80 -70.94 71.75 75.35
N THR FB 81 -71.32 71.35 74.15
CA THR FB 81 -72.52 70.54 73.92
C THR FB 81 -72.12 69.27 73.19
N THR FB 82 -72.56 68.12 73.71
CA THR FB 82 -72.33 66.87 73.00
C THR FB 82 -73.15 66.85 71.72
N LEU FB 83 -72.58 66.27 70.66
CA LEU FB 83 -73.21 66.22 69.35
C LEU FB 83 -73.55 64.78 69.01
N ALA FB 84 -74.70 64.61 68.35
CA ALA FB 84 -75.16 63.29 67.91
C ALA FB 84 -75.55 63.37 66.44
N GLY FB 85 -75.37 62.26 65.74
CA GLY FB 85 -75.68 62.23 64.32
C GLY FB 85 -75.76 60.82 63.81
N SER FB 86 -75.74 60.69 62.49
CA SER FB 86 -75.82 59.39 61.84
C SER FB 86 -74.98 59.39 60.57
N LEU FB 87 -74.33 58.27 60.30
CA LEU FB 87 -73.54 58.11 59.08
C LEU FB 87 -74.35 57.52 57.94
N ALA FB 88 -75.59 57.08 58.19
CA ALA FB 88 -76.35 56.37 57.18
C ALA FB 88 -76.66 57.25 55.98
N ALA FB 89 -77.04 58.50 56.19
CA ALA FB 89 -77.48 59.36 55.11
C ALA FB 89 -76.36 59.73 54.13
N LEU FB 90 -75.10 59.49 54.49
CA LEU FB 90 -73.96 59.91 53.68
C LEU FB 90 -73.61 58.90 52.58
N PHE FB 91 -74.24 57.72 52.56
CA PHE FB 91 -73.96 56.70 51.57
C PHE FB 91 -75.17 56.54 50.66
N PRO FB 92 -75.14 57.11 49.42
CA PRO FB 92 -76.27 56.99 48.49
C PRO FB 92 -76.18 55.81 47.54
N ASN FB 93 -76.35 54.61 48.08
CA ASN FB 93 -76.34 53.42 47.25
C ASN FB 93 -77.69 53.24 46.55
N PRO FB 94 -77.71 52.73 45.32
CA PRO FB 94 -78.98 52.47 44.64
C PRO FB 94 -79.58 51.11 44.98
N GLU FB 95 -78.93 50.32 45.84
CA GLU FB 95 -79.36 48.97 46.16
C GLU FB 95 -79.54 48.82 47.67
N GLY FB 96 -80.35 47.86 48.06
CA GLY FB 96 -80.56 47.57 49.46
C GLY FB 96 -79.52 46.61 50.02
N GLU FB 97 -78.29 46.73 49.55
CA GLU FB 97 -77.22 45.84 50.00
C GLU FB 97 -76.86 46.14 51.45
N ALA FB 98 -76.28 45.14 52.11
CA ALA FB 98 -75.92 45.25 53.51
C ALA FB 98 -74.86 46.35 53.69
N VAL FB 99 -74.90 47.00 54.84
CA VAL FB 99 -74.00 48.10 55.16
C VAL FB 99 -73.35 47.84 56.51
N GLU FB 100 -72.18 48.43 56.72
CA GLU FB 100 -71.48 48.36 57.98
C GLU FB 100 -70.58 49.59 58.12
N TYR FB 101 -70.53 50.14 59.33
CA TYR FB 101 -69.84 51.40 59.58
C TYR FB 101 -68.67 51.18 60.51
N GLU FB 102 -67.59 51.91 60.25
CA GLU FB 102 -66.40 51.84 61.08
C GLU FB 102 -65.77 53.23 61.19
N ILE FB 103 -64.86 53.37 62.14
CA ILE FB 103 -64.12 54.59 62.36
C ILE FB 103 -62.64 54.30 62.19
N LEU FB 104 -61.96 55.12 61.39
CA LEU FB 104 -60.53 54.96 61.15
C LEU FB 104 -59.78 55.47 62.37
N GLU FB 105 -59.17 54.56 63.13
CA GLU FB 105 -58.52 54.92 64.37
C GLU FB 105 -57.18 55.62 64.17
N LEU FB 106 -56.55 55.48 63.00
CA LEU FB 106 -55.25 56.10 62.79
C LEU FB 106 -55.34 57.62 62.72
N TYR FB 107 -56.52 58.18 62.50
CA TYR FB 107 -56.71 59.62 62.34
C TYR FB 107 -57.71 60.11 63.37
N PRO FB 108 -57.39 60.00 64.66
CA PRO FB 108 -58.34 60.38 65.70
C PRO FB 108 -58.54 61.88 65.75
N PRO FB 109 -59.70 62.34 66.24
CA PRO FB 109 -59.90 63.78 66.36
C PRO FB 109 -58.93 64.40 67.36
N VAL FB 110 -58.64 65.68 67.16
CA VAL FB 110 -57.63 66.34 67.97
C VAL FB 110 -58.20 66.89 69.27
N ASN FB 111 -59.41 67.46 69.25
CA ASN FB 111 -59.97 68.14 70.42
C ASN FB 111 -61.29 67.50 70.84
N GLY FB 112 -61.37 66.17 70.80
CA GLY FB 112 -62.58 65.50 71.22
C GLY FB 112 -62.44 64.01 71.14
N ILE FB 113 -63.54 63.32 71.45
CA ILE FB 113 -63.61 61.87 71.36
C ILE FB 113 -64.90 61.50 70.65
N VAL FB 114 -64.85 60.38 69.92
CA VAL FB 114 -65.97 59.90 69.12
C VAL FB 114 -66.35 58.50 69.58
N GLU FB 115 -67.65 58.25 69.62
CA GLU FB 115 -68.18 56.94 69.97
C GLU FB 115 -69.11 56.48 68.86
N LEU FB 116 -68.92 55.24 68.41
CA LEU FB 116 -69.71 54.68 67.32
C LEU FB 116 -70.73 53.71 67.89
N GLY FB 117 -72.01 53.96 67.58
CA GLY FB 117 -73.11 53.15 68.05
C GLY FB 117 -73.55 52.12 67.03
N GLU FB 118 -74.84 51.82 67.02
CA GLU FB 118 -75.40 50.86 66.09
C GLU FB 118 -76.04 51.57 64.90
N ASN FB 119 -75.95 50.93 63.74
CA ASN FB 119 -76.58 51.42 62.53
C ASN FB 119 -76.11 52.83 62.19
N GLY FB 120 -74.82 53.08 62.37
CA GLY FB 120 -74.24 54.34 61.95
C GLY FB 120 -74.41 55.49 62.92
N ALA FB 121 -75.08 55.29 64.05
CA ALA FB 121 -75.21 56.35 65.03
C ALA FB 121 -73.88 56.57 65.74
N PHE FB 122 -73.56 57.85 65.98
CA PHE FB 122 -72.29 58.21 66.59
C PHE FB 122 -72.48 59.41 67.49
N THR FB 123 -71.53 59.60 68.41
CA THR FB 123 -71.57 60.68 69.39
C THR FB 123 -70.22 61.37 69.41
N TYR FB 124 -70.22 62.70 69.38
CA TYR FB 124 -69.00 63.49 69.48
C TYR FB 124 -69.02 64.27 70.79
N ARG FB 125 -67.91 64.25 71.51
CA ARG FB 125 -67.83 64.80 72.86
C ARG FB 125 -66.69 65.82 72.92
N PRO FB 126 -66.96 67.09 72.61
CA PRO FB 126 -65.87 68.06 72.54
C PRO FB 126 -65.20 68.28 73.89
N ALA FB 127 -63.91 68.60 73.83
CA ALA FB 127 -63.14 68.87 75.03
C ALA FB 127 -63.55 70.21 75.63
N THR FB 128 -63.26 70.36 76.93
CA THR FB 128 -63.68 71.57 77.63
C THR FB 128 -62.95 72.80 77.10
N SER FB 129 -63.69 73.88 76.94
CA SER FB 129 -63.14 75.19 76.56
C SER FB 129 -62.58 75.19 75.14
N PHE FB 130 -62.89 74.18 74.34
CA PHE FB 130 -62.41 74.14 72.96
C PHE FB 130 -63.35 74.90 72.04
N THR FB 131 -62.76 75.56 71.05
CA THR FB 131 -63.53 76.29 70.04
C THR FB 131 -62.73 76.30 68.74
N GLY FB 132 -63.30 75.74 67.69
CA GLY FB 132 -62.66 75.68 66.41
C GLY FB 132 -63.22 74.56 65.57
N ILE FB 133 -62.40 74.06 64.64
CA ILE FB 133 -62.79 73.03 63.70
C ILE FB 133 -62.08 71.73 64.07
N ASP FB 134 -62.83 70.63 64.04
CA ASP FB 134 -62.28 69.31 64.34
C ASP FB 134 -62.76 68.34 63.27
N ARG FB 135 -62.03 67.23 63.13
CA ARG FB 135 -62.28 66.29 62.04
C ARG FB 135 -62.19 64.85 62.57
N PHE FB 136 -62.86 63.95 61.86
CA PHE FB 136 -62.62 62.52 62.00
C PHE FB 136 -63.09 61.84 60.74
N TRP FB 137 -62.46 60.72 60.40
CA TRP FB 137 -62.68 60.02 59.15
C TRP FB 137 -63.41 58.72 59.42
N PHE FB 138 -64.37 58.39 58.55
CA PHE FB 138 -65.21 57.22 58.71
C PHE FB 138 -65.19 56.38 57.44
N SER FB 139 -65.38 55.08 57.62
CA SER FB 139 -65.40 54.12 56.52
C SER FB 139 -66.75 53.44 56.47
N ILE FB 140 -67.41 53.48 55.31
CA ILE FB 140 -68.70 52.85 55.09
C ILE FB 140 -68.52 51.79 54.01
N ASN FB 141 -68.66 50.52 54.39
CA ASN FB 141 -68.61 49.41 53.43
C ASN FB 141 -67.36 49.48 52.57
N GLY FB 142 -66.24 49.91 53.15
CA GLY FB 142 -64.99 50.02 52.44
C GLY FB 142 -64.71 51.37 51.82
N ASN FB 143 -65.69 52.28 51.81
CA ASN FB 143 -65.51 53.62 51.26
C ASN FB 143 -65.22 54.61 52.37
N VAL FB 144 -64.28 55.53 52.12
CA VAL FB 144 -63.81 56.48 53.12
C VAL FB 144 -64.39 57.85 52.82
N GLY FB 145 -64.57 58.65 53.88
CA GLY FB 145 -65.10 59.99 53.72
C GLY FB 145 -64.63 60.88 54.86
N GLU FB 146 -65.05 62.14 54.81
CA GLU FB 146 -64.68 63.15 55.78
C GLU FB 146 -65.93 63.72 56.44
N PHE FB 147 -65.85 63.96 57.75
CA PHE FB 147 -66.92 64.62 58.50
C PHE FB 147 -66.28 65.73 59.31
N VAL FB 148 -66.89 66.92 59.27
CA VAL FB 148 -66.31 68.12 59.88
C VAL FB 148 -67.28 68.63 60.95
N ILE FB 149 -66.72 69.08 62.07
CA ILE FB 149 -67.50 69.63 63.18
C ILE FB 149 -66.91 70.97 63.56
N ALA FB 150 -67.75 71.97 63.74
CA ALA FB 150 -67.35 73.28 64.21
C ALA FB 150 -68.00 73.54 65.57
N VAL FB 151 -67.17 73.91 66.55
CA VAL FB 151 -67.63 74.16 67.91
C VAL FB 151 -67.72 75.67 68.08
N ASP FB 152 -68.94 76.17 68.27
CA ASP FB 152 -69.14 77.60 68.40
C ASP FB 152 -68.67 78.09 69.77
N PRO FB 153 -68.23 79.35 69.85
CA PRO FB 153 -67.82 79.89 71.15
C PRO FB 153 -69.04 80.14 72.04
N ALA FB 154 -68.76 80.39 73.32
CA ALA FB 154 -69.84 80.70 74.26
C ALA FB 154 -70.59 81.95 73.83
N GLN FB 155 -69.87 82.99 73.42
CA GLN FB 155 -70.48 84.21 72.91
C GLN FB 155 -69.74 84.64 71.66
N GLY FB 156 -70.49 85.26 70.74
CA GLY FB 156 -69.92 85.73 69.50
C GLY FB 156 -70.64 85.19 68.28
N PRO FB 157 -70.17 85.57 67.09
CA PRO FB 157 -70.85 85.16 65.86
C PRO FB 157 -70.56 83.71 65.50
N GLN FB 158 -71.30 83.24 64.50
CA GLN FB 158 -71.13 81.87 64.02
C GLN FB 158 -69.80 81.70 63.29
N ILE FB 159 -69.26 80.49 63.37
CA ILE FB 159 -68.00 80.19 62.69
C ILE FB 159 -68.28 79.76 61.25
N ALA FB 160 -67.44 80.23 60.33
CA ALA FB 160 -67.65 79.93 58.91
C ALA FB 160 -67.29 78.48 58.62
N GLN FB 161 -68.02 77.89 57.68
CA GLN FB 161 -67.75 76.52 57.25
C GLN FB 161 -66.50 76.48 56.39
N PRO FB 162 -65.51 75.64 56.72
CA PRO FB 162 -64.29 75.60 55.91
C PRO FB 162 -64.43 74.64 54.74
N PRO FB 163 -63.60 74.78 53.72
CA PRO FB 163 -63.66 73.85 52.59
C PRO FB 163 -63.16 72.47 52.97
N PHE FB 164 -63.62 71.46 52.23
CA PHE FB 164 -63.24 70.09 52.50
C PHE FB 164 -61.80 69.83 52.08
N THR FB 165 -61.25 68.73 52.57
CA THR FB 165 -59.86 68.38 52.29
C THR FB 165 -59.75 67.73 50.92
N PRO FB 166 -58.96 68.29 50.00
CA PRO FB 166 -58.81 67.63 48.69
C PRO FB 166 -58.06 66.32 48.80
N ALA FB 167 -58.12 65.53 47.72
CA ALA FB 167 -57.42 64.26 47.70
C ALA FB 167 -55.93 64.46 47.86
N VAL FB 168 -55.36 65.42 47.14
CA VAL FB 168 -53.96 65.81 47.29
C VAL FB 168 -53.89 67.33 47.26
N TYR FB 169 -53.12 67.90 48.16
CA TYR FB 169 -53.07 69.35 48.31
C TYR FB 169 -51.66 69.77 48.68
N VAL FB 170 -51.35 71.02 48.32
CA VAL FB 170 -50.09 71.65 48.71
C VAL FB 170 -50.43 72.91 49.51
N PRO FB 171 -50.23 72.93 50.83
CA PRO FB 171 -50.58 74.13 51.59
C PRO FB 171 -49.70 75.31 51.18
N LEU FB 172 -50.30 76.29 50.50
CA LEU FB 172 -49.53 77.38 49.93
C LEU FB 172 -48.99 78.34 50.99
N SER FB 173 -49.54 78.33 52.19
CA SER FB 173 -48.96 79.13 53.26
C SER FB 173 -47.55 78.66 53.60
N ARG FB 174 -47.28 77.37 53.43
CA ARG FB 174 -45.97 76.79 53.71
C ARG FB 174 -45.20 76.71 52.39
N ARG FB 175 -44.17 77.53 52.27
CA ARG FB 175 -43.30 77.50 51.10
C ARG FB 175 -42.13 78.42 51.35
N GLU FB 176 -40.98 78.07 50.77
CA GLU FB 176 -39.77 78.85 50.93
C GLU FB 176 -38.85 78.61 49.76
N VAL FB 177 -38.02 79.60 49.45
CA VAL FB 177 -36.97 79.50 48.45
C VAL FB 177 -35.65 79.87 49.11
N ASN FB 178 -34.67 78.97 49.02
CA ASN FB 178 -33.35 79.21 49.60
C ASN FB 178 -32.54 80.01 48.58
N LYS FB 179 -32.67 81.34 48.67
CA LYS FB 179 -32.02 82.22 47.70
C LYS FB 179 -30.50 82.08 47.73
N GLN FB 180 -29.94 81.55 48.82
CA GLN FB 180 -28.50 81.36 48.89
C GLN FB 180 -28.03 80.20 48.02
N THR FB 181 -28.91 79.25 47.69
CA THR FB 181 -28.53 78.11 46.87
C THR FB 181 -29.53 77.81 45.76
N GLN FB 182 -30.48 78.72 45.51
CA GLN FB 182 -31.41 78.57 44.39
C GLN FB 182 -32.15 77.24 44.45
N ALA FB 183 -32.93 77.06 45.51
CA ALA FB 183 -33.71 75.84 45.70
C ALA FB 183 -35.11 76.23 46.17
N LEU FB 184 -36.05 75.32 45.95
CA LEU FB 184 -37.44 75.52 46.32
C LEU FB 184 -37.95 74.29 47.06
N ARG FB 185 -38.66 74.52 48.16
CA ARG FB 185 -39.21 73.45 48.98
C ARG FB 185 -40.68 73.70 49.25
N PHE FB 186 -41.48 72.63 49.22
CA PHE FB 186 -42.90 72.71 49.51
C PHE FB 186 -43.34 71.39 50.14
N VAL FB 187 -44.56 71.39 50.66
CA VAL FB 187 -45.12 70.26 51.40
C VAL FB 187 -46.23 69.64 50.55
N LEU FB 188 -46.16 68.32 50.36
CA LEU FB 188 -47.14 67.57 49.58
C LEU FB 188 -47.90 66.66 50.53
N GLY FB 189 -49.21 66.88 50.65
CA GLY FB 189 -50.05 66.13 51.57
C GLY FB 189 -51.09 65.33 50.84
N VAL FB 190 -51.33 64.11 51.33
CA VAL FB 190 -52.29 63.18 50.75
C VAL FB 190 -53.38 62.92 51.77
N SER FB 191 -54.63 63.10 51.36
CA SER FB 191 -55.75 62.83 52.25
C SER FB 191 -55.93 61.33 52.43
N PRO FB 192 -56.43 60.87 53.57
CA PRO FB 192 -56.70 59.44 53.74
C PRO FB 192 -57.75 58.91 52.78
N ALA FB 193 -58.57 59.80 52.22
CA ALA FB 193 -59.65 59.41 51.32
C ALA FB 193 -59.18 59.08 49.92
N ALA FB 194 -57.94 59.43 49.57
CA ALA FB 194 -57.45 59.15 48.22
C ALA FB 194 -57.48 57.65 47.95
N LYS FB 195 -57.94 57.29 46.75
CA LYS FB 195 -58.06 55.88 46.38
C LYS FB 195 -56.84 55.46 45.58
N PRO FB 196 -56.25 54.29 45.86
CA PRO FB 196 -55.02 53.91 45.16
C PRO FB 196 -55.24 53.70 43.67
N ALA FB 197 -54.14 53.75 42.93
CA ALA FB 197 -54.13 53.53 41.48
C ALA FB 197 -54.56 54.77 40.72
N ASP FB 198 -54.90 55.84 41.44
CA ASP FB 198 -55.24 57.10 40.78
C ASP FB 198 -53.99 57.94 40.56
N ILE FB 199 -54.10 58.90 39.64
CA ILE FB 199 -52.97 59.71 39.23
C ILE FB 199 -53.38 61.17 39.18
N TYR FB 200 -52.49 62.05 39.62
CA TYR FB 200 -52.69 63.50 39.57
C TYR FB 200 -51.44 64.16 39.01
N ARG FB 201 -51.63 65.32 38.40
CA ARG FB 201 -50.53 66.07 37.78
C ARG FB 201 -50.42 67.43 38.44
N LEU FB 202 -49.19 67.84 38.72
CA LEU FB 202 -48.89 69.12 39.37
C LEU FB 202 -48.02 69.96 38.45
N ASN FB 203 -48.39 71.22 38.26
CA ASN FB 203 -47.65 72.16 37.43
C ASN FB 203 -47.06 73.27 38.30
N ILE FB 204 -45.81 73.64 38.02
CA ILE FB 204 -45.10 74.66 38.77
C ILE FB 204 -44.56 75.69 37.79
N ARG FB 205 -44.82 76.97 38.06
CA ARG FB 205 -44.31 78.07 37.26
C ARG FB 205 -43.48 78.98 38.16
N GLN FB 206 -42.17 78.90 38.03
CA GLN FB 206 -41.24 79.65 38.87
C GLN FB 206 -40.70 80.84 38.10
N ALA FB 207 -40.35 81.90 38.82
CA ALA FB 207 -39.92 83.15 38.23
C ALA FB 207 -38.53 83.53 38.74
N ALA FB 208 -37.80 84.28 37.92
CA ALA FB 208 -36.48 84.77 38.28
C ALA FB 208 -36.25 86.13 37.65
N ILE FB 209 -35.40 86.92 38.28
CA ILE FB 209 -35.07 88.27 37.82
C ILE FB 209 -33.57 88.36 37.63
N ASP FB 210 -33.15 88.86 36.46
CA ASP FB 210 -31.74 88.98 36.14
C ASP FB 210 -31.19 90.30 36.69
N CYS FB 211 -29.97 90.65 36.29
CA CYS FB 211 -29.33 91.85 36.81
C CYS FB 211 -30.01 93.13 36.34
N GLU FB 212 -30.54 93.14 35.10
CA GLU FB 212 -31.08 94.36 34.50
C GLU FB 212 -32.59 94.50 34.75
N GLY FB 213 -33.19 93.55 35.45
CA GLY FB 213 -34.61 93.63 35.76
C GLY FB 213 -35.53 92.90 34.80
N ASN FB 214 -34.98 92.09 33.90
CA ASN FB 214 -35.81 91.28 33.02
C ASN FB 214 -36.32 90.05 33.78
N GLU FB 215 -37.60 89.78 33.64
CA GLU FB 215 -38.21 88.62 34.29
C GLU FB 215 -38.11 87.39 33.40
N TYR FB 216 -37.75 86.26 34.00
CA TYR FB 216 -37.71 84.98 33.32
C TYR FB 216 -38.60 84.00 34.06
N PHE FB 217 -39.18 83.05 33.33
CA PHE FB 217 -40.09 82.07 33.90
C PHE FB 217 -39.69 80.68 33.47
N HIS FB 218 -39.99 79.70 34.33
CA HIS FB 218 -39.67 78.29 34.08
C HIS FB 218 -40.87 77.45 34.47
N ILE FB 219 -41.18 76.46 33.64
CA ILE FB 219 -42.37 75.61 33.83
C ILE FB 219 -41.91 74.16 33.90
N SER FB 220 -42.50 73.42 34.84
CA SER FB 220 -42.24 72.00 34.99
C SER FB 220 -43.50 71.33 35.50
N CYS FB 221 -43.51 69.99 35.46
CA CYS FB 221 -44.68 69.23 35.87
C CYS FB 221 -44.24 67.94 36.53
N TYR FB 222 -45.14 67.39 37.34
CA TYR FB 222 -44.88 66.17 38.11
C TYR FB 222 -46.13 65.32 38.14
N ASP FB 223 -45.95 64.00 38.05
CA ASP FB 223 -47.06 63.05 38.13
C ASP FB 223 -47.05 62.41 39.51
N ILE FB 224 -48.19 62.45 40.19
CA ILE FB 224 -48.36 61.87 41.51
C ILE FB 224 -49.32 60.70 41.40
N SER FB 225 -48.85 59.51 41.73
CA SER FB 225 -49.64 58.29 41.66
C SER FB 225 -49.76 57.67 43.04
N ILE FB 226 -50.98 57.31 43.42
CA ILE FB 226 -51.23 56.80 44.76
C ILE FB 226 -50.81 55.34 44.83
N GLY FB 227 -50.00 55.00 45.84
CA GLY FB 227 -49.56 53.65 46.08
C GLY FB 227 -50.27 53.00 47.24
N SER FB 228 -49.59 52.06 47.88
CA SER FB 228 -50.13 51.36 49.04
C SER FB 228 -49.00 50.55 49.67
N CYS FB 229 -49.34 49.79 50.70
CA CYS FB 229 -48.38 48.97 51.42
C CYS FB 229 -48.26 47.59 50.78
N GLY FB 230 -47.37 46.78 51.35
CA GLY FB 230 -47.15 45.42 50.87
C GLY FB 230 -46.37 44.58 51.85
N CYS GB 23 -36.47 23.27 71.91
CA CYS GB 23 -36.31 22.33 73.01
C CYS GB 23 -34.88 21.78 73.08
N GLU GB 24 -34.17 22.17 74.12
CA GLU GB 24 -32.80 21.71 74.32
C GLU GB 24 -32.80 20.34 75.00
N SER GB 25 -31.66 19.65 74.90
CA SER GB 25 -31.53 18.29 75.39
C SER GB 25 -30.59 18.23 76.57
N ILE GB 26 -31.02 17.56 77.64
CA ILE GB 26 -30.22 17.30 78.82
C ILE GB 26 -30.28 15.81 79.11
N SER GB 27 -29.12 15.22 79.42
CA SER GB 27 -29.02 13.81 79.76
C SER GB 27 -28.71 13.67 81.24
N ALA GB 28 -29.30 12.65 81.86
CA ALA GB 28 -29.14 12.45 83.30
C ALA GB 28 -29.13 10.97 83.61
N ARG GB 29 -28.59 10.64 84.78
CA ARG GB 29 -28.45 9.27 85.24
C ARG GB 29 -29.10 9.11 86.62
N PRO GB 30 -29.78 8.00 86.89
CA PRO GB 30 -30.44 7.84 88.19
C PRO GB 30 -29.46 8.03 89.34
N GLY GB 31 -29.90 8.78 90.35
CA GLY GB 31 -29.10 9.02 91.53
C GLY GB 31 -28.15 10.20 91.45
N GLU GB 32 -27.93 10.75 90.25
CA GLU GB 32 -27.00 11.85 90.10
C GLU GB 32 -27.65 13.18 90.44
N VAL GB 33 -26.84 14.12 90.92
CA VAL GB 33 -27.27 15.48 91.17
C VAL GB 33 -26.25 16.41 90.51
N ASN GB 34 -26.72 17.26 89.60
CA ASN GB 34 -25.84 18.05 88.75
C ASN GB 34 -26.36 19.47 88.66
N GLY GB 35 -25.47 20.38 88.26
CA GLY GB 35 -25.80 21.78 88.11
C GLY GB 35 -25.94 22.19 86.66
N VAL GB 36 -26.74 23.24 86.45
CA VAL GB 36 -27.02 23.76 85.10
C VAL GB 36 -26.92 25.28 85.15
N MET GB 37 -26.42 25.86 84.05
CA MET GB 37 -26.28 27.30 83.93
C MET GB 37 -26.79 27.75 82.57
N VAL GB 38 -27.48 28.89 82.55
CA VAL GB 38 -28.01 29.47 81.32
C VAL GB 38 -27.63 30.95 81.28
N SER GB 39 -27.19 31.41 80.11
CA SER GB 39 -26.71 32.78 79.94
C SER GB 39 -27.76 33.59 79.21
N TYR GB 40 -27.98 34.82 79.69
CA TYR GB 40 -29.00 35.71 79.14
C TYR GB 40 -28.43 37.00 78.56
N VAL GB 41 -27.10 37.12 78.44
CA VAL GB 41 -26.52 38.38 77.98
C VAL GB 41 -27.03 38.76 76.60
N ALA GB 42 -27.35 37.77 75.77
CA ALA GB 42 -27.79 38.05 74.41
C ALA GB 42 -29.16 38.72 74.40
N TRP GB 43 -30.02 38.39 75.36
CA TRP GB 43 -31.40 38.88 75.36
C TRP GB 43 -31.59 40.14 76.19
N SER GB 44 -30.95 40.21 77.36
CA SER GB 44 -31.20 41.32 78.28
C SER GB 44 -30.29 42.50 78.03
N ALA GB 45 -29.16 42.30 77.36
CA ALA GB 45 -28.20 43.39 77.17
C ALA GB 45 -28.78 44.56 76.40
N PRO GB 46 -29.40 44.39 75.23
CA PRO GB 46 -29.90 45.55 74.48
C PRO GB 46 -31.04 46.28 75.16
N LEU GB 47 -31.76 45.64 76.08
CA LEU GB 47 -32.89 46.29 76.73
C LEU GB 47 -32.46 47.36 77.72
N GLY GB 48 -31.23 47.29 78.23
CA GLY GB 48 -30.75 48.28 79.17
C GLY GB 48 -31.30 48.05 80.56
N GLY GB 49 -30.99 48.99 81.46
CA GLY GB 49 -31.47 48.90 82.82
C GLY GB 49 -30.71 47.87 83.64
N HIS GB 50 -31.35 47.42 84.71
CA HIS GB 50 -30.71 46.46 85.61
C HIS GB 50 -30.51 45.11 84.93
N GLY GB 51 -31.48 44.66 84.15
CA GLY GB 51 -31.35 43.37 83.50
C GLY GB 51 -32.26 42.33 84.13
N LEU GB 52 -31.67 41.25 84.61
CA LEU GB 52 -32.46 40.15 85.16
C LEU GB 52 -33.03 40.51 86.51
N THR GB 53 -33.94 39.67 86.99
CA THR GB 53 -34.59 39.85 88.28
C THR GB 53 -34.95 38.48 88.84
N ASN GB 54 -34.99 38.39 90.16
CA ASN GB 54 -35.25 37.11 90.84
C ASN GB 54 -36.76 36.82 90.87
N LYS GB 55 -37.27 36.39 89.71
CA LYS GB 55 -38.66 35.99 89.58
C LYS GB 55 -38.82 34.75 88.70
N THR GB 56 -37.78 33.92 88.61
CA THR GB 56 -37.84 32.73 87.77
C THR GB 56 -38.91 31.77 88.29
N THR GB 57 -39.59 31.10 87.36
CA THR GB 57 -40.64 30.14 87.67
C THR GB 57 -40.38 28.85 86.90
N PHE GB 58 -40.47 27.73 87.60
CA PHE GB 58 -40.18 26.41 87.03
C PHE GB 58 -41.45 25.57 86.99
N GLU GB 59 -41.64 24.85 85.88
CA GLU GB 59 -42.73 23.91 85.73
C GLU GB 59 -42.21 22.64 85.10
N PHE GB 60 -42.78 21.51 85.50
CA PHE GB 60 -42.39 20.20 84.99
C PHE GB 60 -43.58 19.53 84.32
N GLU GB 61 -43.33 18.87 83.20
CA GLU GB 61 -44.36 18.17 82.44
C GLU GB 61 -43.87 16.79 82.05
N ASN GB 62 -44.78 15.83 82.04
CA ASN GB 62 -44.46 14.47 81.62
C ASN GB 62 -44.75 14.30 80.13
N VAL GB 63 -43.84 13.61 79.44
CA VAL GB 63 -44.01 13.23 78.04
C VAL GB 63 -44.05 11.72 77.88
N SER GB 64 -43.19 11.01 78.60
CA SER GB 64 -43.18 9.55 78.58
C SER GB 64 -42.65 9.07 79.93
N VAL GB 65 -43.56 8.68 80.82
CA VAL GB 65 -43.21 8.20 82.15
C VAL GB 65 -43.85 6.85 82.36
N THR GB 66 -43.07 5.90 82.89
CA THR GB 66 -43.55 4.56 83.19
C THR GB 66 -44.01 4.53 84.64
N GLU GB 67 -45.26 4.12 84.85
CA GLU GB 67 -45.81 4.14 86.20
C GLU GB 67 -45.05 3.16 87.09
N PRO GB 68 -44.76 3.53 88.34
CA PRO GB 68 -44.02 2.62 89.22
C PRO GB 68 -44.86 1.41 89.59
N LEU GB 69 -44.17 0.29 89.79
CA LEU GB 69 -44.83 -0.96 90.18
C LEU GB 69 -44.71 -1.24 91.67
N VAL GB 70 -44.19 -0.30 92.46
CA VAL GB 70 -44.08 -0.45 93.91
C VAL GB 70 -44.58 0.83 94.56
N ASN GB 71 -44.88 0.72 95.85
CA ASN GB 71 -45.47 1.82 96.61
C ASN GB 71 -44.50 2.27 97.70
N SER GB 72 -44.30 3.58 97.81
CA SER GB 72 -43.54 4.12 98.92
C SER GB 72 -44.32 3.97 100.22
N ALA GB 73 -43.71 4.41 101.33
CA ALA GB 73 -44.35 4.29 102.62
C ALA GB 73 -43.74 5.31 103.57
N PHE GB 74 -44.41 5.51 104.71
CA PHE GB 74 -43.98 6.44 105.74
C PHE GB 74 -44.40 5.92 107.10
N GLU GB 75 -43.51 6.01 108.07
CA GLU GB 75 -43.78 5.53 109.42
C GLU GB 75 -43.06 6.42 110.43
N ARG GB 76 -43.53 6.34 111.68
CA ARG GB 76 -42.99 7.12 112.78
C ARG GB 76 -42.42 6.20 113.85
N THR GB 77 -41.55 6.76 114.68
CA THR GB 77 -40.95 6.05 115.81
C THR GB 77 -40.85 6.98 117.00
N PRO GB 78 -40.99 6.46 118.22
CA PRO GB 78 -40.68 7.29 119.40
C PRO GB 78 -39.18 7.43 119.60
N PHE GB 79 -38.82 8.31 120.53
CA PHE GB 79 -37.44 8.70 120.71
C PHE GB 79 -36.57 7.53 121.15
N ASN GB 80 -35.48 7.31 120.42
CA ASN GB 80 -34.55 6.21 120.70
C ASN GB 80 -35.25 4.86 120.86
N THR GB 81 -36.06 4.47 119.88
CA THR GB 81 -36.65 3.14 119.85
C THR GB 81 -36.41 2.52 118.48
N THR GB 82 -35.95 1.27 118.48
CA THR GB 82 -35.74 0.56 117.23
C THR GB 82 -37.08 0.34 116.53
N LEU GB 83 -37.04 0.35 115.20
CA LEU GB 83 -38.23 0.18 114.38
C LEU GB 83 -38.15 -1.12 113.58
N ALA GB 84 -39.28 -1.80 113.47
CA ALA GB 84 -39.38 -3.02 112.69
C ALA GB 84 -40.56 -2.91 111.73
N GLY GB 85 -40.41 -3.52 110.56
CA GLY GB 85 -41.45 -3.44 109.56
C GLY GB 85 -41.31 -4.54 108.54
N SER GB 86 -42.05 -4.39 107.43
CA SER GB 86 -42.04 -5.38 106.36
C SER GB 86 -42.16 -4.68 105.02
N LEU GB 87 -41.43 -5.19 104.02
CA LEU GB 87 -41.51 -4.66 102.67
C LEU GB 87 -42.55 -5.37 101.82
N ALA GB 88 -43.18 -6.43 102.34
CA ALA GB 88 -44.08 -7.23 101.52
C ALA GB 88 -45.30 -6.43 101.07
N ALA GB 89 -45.87 -5.62 101.96
CA ALA GB 89 -47.13 -4.93 101.65
C ALA GB 89 -46.96 -3.85 100.59
N LEU GB 90 -45.73 -3.47 100.25
CA LEU GB 90 -45.49 -2.38 99.32
C LEU GB 90 -45.46 -2.82 97.86
N PHE GB 91 -45.60 -4.11 97.59
CA PHE GB 91 -45.58 -4.64 96.22
C PHE GB 91 -46.94 -5.22 95.89
N PRO GB 92 -47.77 -4.52 95.10
CA PRO GB 92 -49.09 -5.04 94.77
C PRO GB 92 -49.14 -5.86 93.48
N ASN GB 93 -48.42 -6.98 93.45
CA ASN GB 93 -48.43 -7.81 92.27
C ASN GB 93 -49.75 -8.58 92.17
N PRO GB 94 -50.29 -8.75 90.96
CA PRO GB 94 -51.52 -9.51 90.80
C PRO GB 94 -51.32 -11.02 90.71
N GLU GB 95 -50.09 -11.50 90.71
CA GLU GB 95 -49.77 -12.91 90.52
C GLU GB 95 -48.84 -13.39 91.63
N GLY GB 96 -48.87 -14.69 91.87
CA GLY GB 96 -48.03 -15.28 92.89
C GLY GB 96 -46.62 -15.57 92.43
N GLU GB 97 -46.04 -14.65 91.67
CA GLU GB 97 -44.68 -14.81 91.19
C GLU GB 97 -43.68 -14.67 92.32
N ALA GB 98 -42.50 -15.25 92.13
CA ALA GB 98 -41.48 -15.23 93.16
C ALA GB 98 -41.04 -13.80 93.46
N VAL GB 99 -40.72 -13.54 94.72
CA VAL GB 99 -40.32 -12.22 95.19
C VAL GB 99 -38.99 -12.34 95.91
N GLU GB 100 -38.07 -11.43 95.61
CA GLU GB 100 -36.79 -11.35 96.30
C GLU GB 100 -36.50 -9.89 96.62
N TYR GB 101 -36.13 -9.61 97.86
CA TYR GB 101 -35.95 -8.26 98.35
C TYR GB 101 -34.47 -7.91 98.39
N GLU GB 102 -34.18 -6.60 98.44
CA GLU GB 102 -32.81 -6.13 98.42
C GLU GB 102 -32.78 -4.70 98.96
N ILE GB 103 -31.60 -4.26 99.35
CA ILE GB 103 -31.36 -2.90 99.83
C ILE GB 103 -30.28 -2.28 98.96
N LEU GB 104 -30.52 -1.05 98.49
CA LEU GB 104 -29.55 -0.33 97.66
C LEU GB 104 -28.49 0.25 98.58
N GLU GB 105 -27.31 -0.36 98.56
CA GLU GB 105 -26.25 0.03 99.49
C GLU GB 105 -25.65 1.38 99.15
N LEU GB 106 -25.74 1.82 97.89
CA LEU GB 106 -25.15 3.10 97.52
C LEU GB 106 -25.81 4.28 98.22
N TYR GB 107 -26.99 4.09 98.81
CA TYR GB 107 -27.78 5.18 99.38
C TYR GB 107 -28.12 4.85 100.83
N PRO GB 108 -27.13 4.75 101.70
CA PRO GB 108 -27.39 4.37 103.09
C PRO GB 108 -28.07 5.50 103.85
N PRO GB 109 -28.79 5.19 104.92
CA PRO GB 109 -29.37 6.26 105.73
C PRO GB 109 -28.29 7.09 106.40
N VAL GB 110 -28.63 8.33 106.71
CA VAL GB 110 -27.65 9.30 107.21
C VAL GB 110 -27.53 9.18 108.72
N ASN GB 111 -28.66 8.96 109.41
CA ASN GB 111 -28.69 8.99 110.87
C ASN GB 111 -29.13 7.66 111.46
N GLY GB 112 -28.84 6.55 110.79
CA GLY GB 112 -29.22 5.26 111.33
C GLY GB 112 -28.55 4.13 110.56
N ILE GB 113 -28.88 2.91 110.96
CA ILE GB 113 -28.40 1.71 110.29
C ILE GB 113 -29.58 0.80 110.04
N VAL GB 114 -29.70 0.32 108.80
CA VAL GB 114 -30.75 -0.61 108.44
C VAL GB 114 -30.20 -2.03 108.47
N GLU GB 115 -31.09 -3.01 108.56
CA GLU GB 115 -30.71 -4.42 108.55
C GLU GB 115 -31.85 -5.20 107.91
N LEU GB 116 -31.54 -5.93 106.85
CA LEU GB 116 -32.53 -6.68 106.09
C LEU GB 116 -32.59 -8.11 106.61
N GLY GB 117 -33.79 -8.56 106.96
CA GLY GB 117 -33.98 -9.92 107.45
C GLY GB 117 -34.35 -10.87 106.34
N GLU GB 118 -35.41 -11.66 106.56
CA GLU GB 118 -35.88 -12.62 105.57
C GLU GB 118 -37.36 -12.35 105.28
N ASN GB 119 -37.74 -12.60 104.03
CA ASN GB 119 -39.12 -12.41 103.59
C ASN GB 119 -39.58 -10.97 103.81
N GLY GB 120 -38.70 -10.02 103.52
CA GLY GB 120 -39.04 -8.62 103.57
C GLY GB 120 -39.01 -7.99 104.94
N ALA GB 121 -38.62 -8.73 105.97
CA ALA GB 121 -38.51 -8.14 107.30
C ALA GB 121 -37.23 -7.34 107.43
N PHE GB 122 -37.33 -6.16 108.04
CA PHE GB 122 -36.20 -5.26 108.17
C PHE GB 122 -36.24 -4.56 109.52
N THR GB 123 -35.09 -4.04 109.93
CA THR GB 123 -34.93 -3.36 111.21
C THR GB 123 -34.22 -2.03 110.99
N TYR GB 124 -34.73 -0.98 111.62
CA TYR GB 124 -34.11 0.33 111.59
C TYR GB 124 -33.71 0.70 113.02
N ARG GB 125 -32.53 1.30 113.17
CA ARG GB 125 -31.93 1.55 114.47
C ARG GB 125 -31.37 2.97 114.51
N PRO GB 126 -32.16 3.95 114.93
CA PRO GB 126 -31.69 5.34 114.87
C PRO GB 126 -30.53 5.60 115.82
N ALA GB 127 -29.71 6.57 115.44
CA ALA GB 127 -28.57 6.96 116.27
C ALA GB 127 -29.05 7.71 117.51
N THR GB 128 -28.19 7.74 118.52
CA THR GB 128 -28.55 8.36 119.80
C THR GB 128 -28.79 9.85 119.63
N SER GB 129 -29.82 10.37 120.30
CA SER GB 129 -30.13 11.79 120.34
C SER GB 129 -30.48 12.36 118.98
N PHE GB 130 -30.92 11.52 118.05
CA PHE GB 130 -31.30 12.00 116.74
C PHE GB 130 -32.80 12.27 116.67
N THR GB 131 -33.16 13.31 115.92
CA THR GB 131 -34.56 13.67 115.71
C THR GB 131 -34.68 14.35 114.36
N GLY GB 132 -35.46 13.77 113.47
CA GLY GB 132 -35.65 14.31 112.14
C GLY GB 132 -36.19 13.25 111.20
N ILE GB 133 -35.91 13.45 109.92
CA ILE GB 133 -36.37 12.58 108.84
C ILE GB 133 -35.17 11.84 108.26
N ASP GB 134 -35.33 10.55 108.03
CA ASP GB 134 -34.28 9.72 107.46
C ASP GB 134 -34.90 8.83 106.38
N ARG GB 135 -34.05 8.38 105.46
CA ARG GB 135 -34.51 7.66 104.27
C ARG GB 135 -33.62 6.48 103.99
N PHE GB 136 -34.18 5.50 103.28
CA PHE GB 136 -33.40 4.46 102.63
C PHE GB 136 -34.23 3.89 101.48
N TRP GB 137 -33.54 3.32 100.51
CA TRP GB 137 -34.15 2.86 99.27
C TRP GB 137 -34.07 1.34 99.19
N PHE GB 138 -35.16 0.73 98.72
CA PHE GB 138 -35.26 -0.72 98.64
C PHE GB 138 -35.64 -1.14 97.22
N SER GB 139 -35.30 -2.37 96.87
CA SER GB 139 -35.57 -2.93 95.56
C SER GB 139 -36.30 -4.25 95.70
N ILE GB 140 -37.30 -4.45 94.85
CA ILE GB 140 -38.11 -5.67 94.85
C ILE GB 140 -38.24 -6.12 93.40
N ASN GB 141 -37.58 -7.24 93.05
CA ASN GB 141 -37.63 -7.78 91.70
C ASN GB 141 -37.19 -6.74 90.67
N GLY GB 142 -36.28 -5.85 91.07
CA GLY GB 142 -35.81 -4.81 90.20
C GLY GB 142 -36.59 -3.50 90.28
N ASN GB 143 -37.72 -3.48 90.97
CA ASN GB 143 -38.48 -2.25 91.15
C ASN GB 143 -37.99 -1.54 92.40
N VAL GB 144 -37.78 -0.22 92.27
CA VAL GB 144 -37.20 0.59 93.33
C VAL GB 144 -38.28 1.46 93.95
N GLY GB 145 -38.16 1.72 95.25
CA GLY GB 145 -39.10 2.57 95.95
C GLY GB 145 -38.41 3.35 97.05
N GLU GB 146 -39.17 4.23 97.68
CA GLU GB 146 -38.67 5.07 98.76
C GLU GB 146 -39.41 4.73 100.05
N PHE GB 147 -38.67 4.71 101.16
CA PHE GB 147 -39.25 4.50 102.48
C PHE GB 147 -38.73 5.61 103.39
N VAL GB 148 -39.65 6.28 104.09
CA VAL GB 148 -39.33 7.45 104.89
C VAL GB 148 -39.60 7.13 106.35
N ILE GB 149 -38.70 7.56 107.23
CA ILE GB 149 -38.83 7.36 108.67
C ILE GB 149 -38.69 8.71 109.36
N ALA GB 150 -39.62 9.00 110.27
CA ALA GB 150 -39.56 10.21 111.10
C ALA GB 150 -39.34 9.81 112.54
N VAL GB 151 -38.32 10.36 113.17
CA VAL GB 151 -37.96 10.04 114.54
C VAL GB 151 -38.48 11.17 115.43
N ASP GB 152 -39.43 10.84 116.30
CA ASP GB 152 -40.06 11.85 117.13
C ASP GB 152 -39.12 12.30 118.24
N PRO GB 153 -39.26 13.53 118.73
CA PRO GB 153 -38.44 13.98 119.85
C PRO GB 153 -38.87 13.33 121.16
N ALA GB 154 -38.02 13.46 122.17
CA ALA GB 154 -38.35 12.92 123.48
C ALA GB 154 -39.60 13.58 124.04
N GLN GB 155 -39.69 14.90 123.93
CA GLN GB 155 -40.85 15.65 124.37
C GLN GB 155 -41.26 16.63 123.27
N GLY GB 156 -42.56 16.78 123.08
CA GLY GB 156 -43.09 17.65 122.07
C GLY GB 156 -44.04 16.95 121.11
N PRO GB 157 -44.59 17.70 120.16
CA PRO GB 157 -45.60 17.15 119.25
C PRO GB 157 -44.98 16.25 118.19
N GLN GB 158 -45.86 15.57 117.46
CA GLN GB 158 -45.43 14.69 116.38
C GLN GB 158 -44.85 15.51 115.23
N ILE GB 159 -43.92 14.89 114.49
CA ILE GB 159 -43.33 15.52 113.32
C ILE GB 159 -44.21 15.27 112.11
N ALA GB 160 -44.40 16.29 111.30
CA ALA GB 160 -45.26 16.18 110.13
C ALA GB 160 -44.64 15.29 109.07
N GLN GB 161 -45.50 14.63 108.29
CA GLN GB 161 -45.03 13.77 107.22
C GLN GB 161 -44.59 14.61 106.02
N PRO GB 162 -43.37 14.44 105.53
CA PRO GB 162 -42.92 15.24 104.39
C PRO GB 162 -43.34 14.59 103.07
N PRO GB 163 -43.41 15.37 101.99
CA PRO GB 163 -43.78 14.78 100.70
C PRO GB 163 -42.66 13.88 100.16
N PHE GB 164 -43.07 12.89 99.35
CA PHE GB 164 -42.10 11.99 98.75
C PHE GB 164 -41.27 12.73 97.70
N THR GB 165 -40.06 12.23 97.49
CA THR GB 165 -39.15 12.86 96.53
C THR GB 165 -39.57 12.50 95.10
N PRO GB 166 -39.80 13.48 94.23
CA PRO GB 166 -40.18 13.17 92.85
C PRO GB 166 -39.08 12.42 92.11
N ALA GB 167 -39.40 12.00 90.89
CA ALA GB 167 -38.40 11.34 90.05
C ALA GB 167 -37.27 12.29 89.68
N VAL GB 168 -37.62 13.49 89.20
CA VAL GB 168 -36.66 14.55 88.94
C VAL GB 168 -37.22 15.83 89.56
N TYR GB 169 -36.34 16.61 90.19
CA TYR GB 169 -36.78 17.80 90.89
C TYR GB 169 -35.68 18.84 90.87
N VAL GB 170 -36.08 20.08 91.09
CA VAL GB 170 -35.18 21.22 91.24
C VAL GB 170 -35.46 21.84 92.61
N PRO GB 171 -34.50 21.87 93.54
CA PRO GB 171 -34.78 22.48 94.85
C PRO GB 171 -35.37 23.87 94.68
N LEU GB 172 -36.62 24.03 95.12
CA LEU GB 172 -37.39 25.22 94.78
C LEU GB 172 -36.74 26.48 95.34
N SER GB 173 -36.27 26.42 96.59
CA SER GB 173 -35.75 27.61 97.26
C SER GB 173 -34.28 27.87 96.96
N ARG GB 174 -33.63 27.04 96.16
CA ARG GB 174 -32.20 27.15 95.87
C ARG GB 174 -32.04 27.58 94.42
N ARG GB 175 -31.71 28.86 94.23
CA ARG GB 175 -31.45 29.42 92.91
C ARG GB 175 -30.71 30.73 93.08
N GLU GB 176 -29.98 31.13 92.04
CA GLU GB 176 -29.23 32.38 92.07
C GLU GB 176 -29.07 32.91 90.64
N VAL GB 177 -29.05 34.23 90.53
CA VAL GB 177 -28.78 34.91 89.27
C VAL GB 177 -27.57 35.81 89.48
N ASN GB 178 -26.55 35.63 88.64
CA ASN GB 178 -25.34 36.45 88.72
C ASN GB 178 -25.60 37.75 87.95
N LYS GB 179 -26.21 38.70 88.66
CA LYS GB 179 -26.63 39.94 88.03
C LYS GB 179 -25.46 40.71 87.42
N GLN GB 180 -24.23 40.45 87.89
CA GLN GB 180 -23.08 41.13 87.32
C GLN GB 180 -22.78 40.67 85.90
N THR GB 181 -23.28 39.48 85.49
CA THR GB 181 -23.03 38.99 84.14
C THR GB 181 -24.28 38.38 83.51
N GLN GB 182 -25.45 38.56 84.12
CA GLN GB 182 -26.72 38.12 83.55
C GLN GB 182 -26.69 36.62 83.24
N ALA GB 183 -26.57 35.83 84.32
CA ALA GB 183 -26.59 34.38 84.20
C ALA GB 183 -27.46 33.81 85.31
N LEU GB 184 -27.96 32.60 85.09
CA LEU GB 184 -28.83 31.91 86.03
C LEU GB 184 -28.31 30.50 86.26
N ARG GB 185 -28.33 30.07 87.53
CA ARG GB 185 -27.89 28.74 87.91
C ARG GB 185 -28.91 28.08 88.81
N PHE GB 186 -29.08 26.77 88.65
CA PHE GB 186 -29.94 25.98 89.51
C PHE GB 186 -29.40 24.57 89.58
N VAL GB 187 -29.95 23.77 90.50
CA VAL GB 187 -29.50 22.42 90.76
C VAL GB 187 -30.57 21.45 90.29
N LEU GB 188 -30.16 20.46 89.48
CA LEU GB 188 -31.06 19.45 88.95
C LEU GB 188 -30.74 18.12 89.61
N GLY GB 189 -31.74 17.52 90.23
CA GLY GB 189 -31.54 16.28 90.96
C GLY GB 189 -32.42 15.15 90.47
N VAL GB 190 -31.86 13.96 90.32
CA VAL GB 190 -32.56 12.79 89.82
C VAL GB 190 -32.64 11.76 90.94
N SER GB 191 -33.85 11.33 91.26
CA SER GB 191 -34.02 10.32 92.30
C SER GB 191 -33.55 8.96 91.80
N PRO GB 192 -33.08 8.08 92.69
CA PRO GB 192 -32.68 6.74 92.25
C PRO GB 192 -33.83 5.93 91.67
N ALA GB 193 -35.06 6.32 92.00
CA ALA GB 193 -36.24 5.59 91.54
C ALA GB 193 -36.56 5.84 90.07
N ALA GB 194 -35.98 6.86 89.46
CA ALA GB 194 -36.27 7.13 88.06
C ALA GB 194 -35.90 5.94 87.19
N LYS GB 195 -36.76 5.62 86.23
CA LYS GB 195 -36.53 4.46 85.38
C LYS GB 195 -35.91 4.90 84.06
N PRO GB 196 -34.89 4.22 83.55
CA PRO GB 196 -34.22 4.69 82.35
C PRO GB 196 -35.13 4.64 81.13
N ALA GB 197 -34.79 5.45 80.13
CA ALA GB 197 -35.51 5.61 78.88
C ALA GB 197 -36.72 6.54 78.99
N ASP GB 198 -37.02 7.06 80.17
CA ASP GB 198 -38.11 8.01 80.32
C ASP GB 198 -37.62 9.42 80.04
N ILE GB 199 -38.57 10.32 79.76
CA ILE GB 199 -38.27 11.68 79.35
C ILE GB 199 -39.16 12.64 80.12
N TYR GB 200 -38.59 13.78 80.50
CA TYR GB 200 -39.31 14.83 81.21
C TYR GB 200 -39.00 16.18 80.57
N ARG GB 201 -39.93 17.12 80.70
CA ARG GB 201 -39.81 18.45 80.12
C ARG GB 201 -39.88 19.50 81.22
N LEU GB 202 -39.03 20.52 81.11
CA LEU GB 202 -38.93 21.59 82.08
C LEU GB 202 -39.17 22.92 81.37
N ASN GB 203 -39.94 23.80 81.99
CA ASN GB 203 -40.23 25.13 81.45
C ASN GB 203 -39.74 26.18 82.43
N ILE GB 204 -39.11 27.23 81.89
CA ILE GB 204 -38.52 28.30 82.70
C ILE GB 204 -39.00 29.63 82.13
N ARG GB 205 -39.56 30.47 82.99
CA ARG GB 205 -39.86 31.86 82.64
C ARG GB 205 -38.98 32.78 83.48
N GLN GB 206 -38.25 33.66 82.81
CA GLN GB 206 -37.34 34.59 83.46
C GLN GB 206 -37.79 36.01 83.17
N ALA GB 207 -37.71 36.88 84.17
CA ALA GB 207 -38.16 38.26 84.07
C ALA GB 207 -36.98 39.21 84.00
N ALA GB 208 -37.21 40.36 83.38
CA ALA GB 208 -36.23 41.42 83.31
C ALA GB 208 -36.95 42.76 83.37
N ILE GB 209 -36.24 43.79 83.81
CA ILE GB 209 -36.81 45.11 84.03
C ILE GB 209 -36.01 46.12 83.21
N ASP GB 210 -36.72 46.98 82.49
CA ASP GB 210 -36.06 47.97 81.63
C ASP GB 210 -35.48 49.10 82.48
N CYS GB 211 -34.90 50.07 81.78
CA CYS GB 211 -34.35 51.24 82.46
C CYS GB 211 -35.44 52.04 83.17
N GLU GB 212 -36.63 52.12 82.57
CA GLU GB 212 -37.73 52.89 83.13
C GLU GB 212 -38.42 52.18 84.29
N GLY GB 213 -38.05 50.95 84.59
CA GLY GB 213 -38.64 50.22 85.69
C GLY GB 213 -39.90 49.45 85.34
N ASN GB 214 -39.91 48.75 84.21
CA ASN GB 214 -41.06 47.95 83.79
C ASN GB 214 -40.56 46.63 83.23
N GLU GB 215 -41.42 45.62 83.28
CA GLU GB 215 -40.98 44.24 83.18
C GLU GB 215 -40.95 43.74 81.75
N TYR GB 216 -40.11 42.71 81.54
CA TYR GB 216 -40.12 41.90 80.33
C TYR GB 216 -40.11 40.44 80.78
N PHE GB 217 -40.28 39.53 79.82
CA PHE GB 217 -40.30 38.11 80.13
C PHE GB 217 -39.70 37.31 78.98
N HIS GB 218 -39.22 36.11 79.30
CA HIS GB 218 -38.61 35.20 78.34
C HIS GB 218 -38.91 33.78 78.76
N ILE GB 219 -39.15 32.91 77.78
CA ILE GB 219 -39.55 31.53 78.02
C ILE GB 219 -38.62 30.59 77.27
N SER GB 220 -38.22 29.51 77.93
CA SER GB 220 -37.41 28.47 77.33
C SER GB 220 -37.80 27.13 77.95
N CYS GB 221 -37.42 26.05 77.27
CA CYS GB 221 -37.78 24.72 77.74
C CYS GB 221 -36.63 23.76 77.44
N TYR GB 222 -36.57 22.69 78.23
CA TYR GB 222 -35.52 21.68 78.11
C TYR GB 222 -36.14 20.29 78.26
N ASP GB 223 -35.56 19.31 77.57
CA ASP GB 223 -35.96 17.92 77.68
C ASP GB 223 -34.91 17.16 78.47
N ILE GB 224 -35.36 16.41 79.47
CA ILE GB 224 -34.48 15.62 80.33
C ILE GB 224 -34.82 14.15 80.10
N SER GB 225 -33.82 13.38 79.68
CA SER GB 225 -34.00 11.96 79.40
C SER GB 225 -33.04 11.15 80.26
N ILE GB 226 -33.54 10.06 80.84
CA ILE GB 226 -32.74 9.26 81.76
C ILE GB 226 -31.85 8.33 80.97
N GLY GB 227 -30.57 8.26 81.38
CA GLY GB 227 -29.60 7.39 80.77
C GLY GB 227 -29.17 6.26 81.69
N SER GB 228 -27.95 5.79 81.47
CA SER GB 228 -27.39 4.71 82.28
C SER GB 228 -25.92 4.57 81.94
N CYS GB 229 -25.28 3.56 82.55
CA CYS GB 229 -23.87 3.30 82.33
C CYS GB 229 -23.67 2.34 81.17
N GLY GB 230 -22.40 2.05 80.88
CA GLY GB 230 -22.05 1.13 79.80
C GLY GB 230 -20.56 0.95 79.66
N CYS HB 23 -42.36 -12.13 55.96
CA CYS HB 23 -41.93 -13.12 56.93
C CYS HB 23 -40.46 -13.48 56.74
N GLU HB 24 -39.59 -12.76 57.45
CA GLU HB 24 -38.18 -13.09 57.43
C GLU HB 24 -37.96 -14.47 58.07
N SER HB 25 -36.92 -15.16 57.61
CA SER HB 25 -36.65 -16.52 58.02
C SER HB 25 -35.52 -16.57 59.04
N ILE HB 26 -35.76 -17.29 60.13
CA ILE HB 26 -34.77 -17.52 61.18
C ILE HB 26 -34.62 -19.02 61.38
N SER HB 27 -33.38 -19.49 61.41
CA SER HB 27 -33.08 -20.90 61.63
C SER HB 27 -32.45 -21.08 63.00
N ALA HB 28 -33.03 -21.96 63.81
CA ALA HB 28 -32.58 -22.18 65.18
C ALA HB 28 -32.28 -23.65 65.39
N ARG HB 29 -31.35 -23.93 66.30
CA ARG HB 29 -30.95 -25.29 66.65
C ARG HB 29 -31.38 -25.62 68.08
N PRO HB 30 -31.71 -26.87 68.40
CA PRO HB 30 -32.06 -27.20 69.78
C PRO HB 30 -30.93 -26.93 70.75
N GLY HB 31 -31.23 -26.26 71.87
CA GLY HB 31 -30.24 -25.95 72.88
C GLY HB 31 -29.51 -24.65 72.68
N GLU HB 32 -29.77 -23.93 71.60
CA GLU HB 32 -29.04 -22.72 71.29
C GLU HB 32 -29.68 -21.50 71.94
N VAL HB 33 -28.89 -20.44 72.09
CA VAL HB 33 -29.36 -19.13 72.51
C VAL HB 33 -28.54 -18.11 71.73
N ASN HB 34 -29.20 -17.36 70.85
CA ASN HB 34 -28.48 -16.62 69.81
C ASN HB 34 -28.59 -15.11 69.95
N GLY HB 35 -29.81 -14.60 70.03
CA GLY HB 35 -30.01 -13.16 70.04
C GLY HB 35 -30.24 -12.59 68.66
N VAL HB 36 -30.97 -11.48 68.57
CA VAL HB 36 -31.39 -10.90 67.31
C VAL HB 36 -31.40 -9.38 67.43
N MET HB 37 -31.14 -8.70 66.32
CA MET HB 37 -31.14 -7.25 66.26
C MET HB 37 -31.87 -6.79 65.01
N VAL HB 38 -32.72 -5.79 65.17
CA VAL HB 38 -33.48 -5.21 64.06
C VAL HB 38 -33.32 -3.70 64.09
N SER HB 39 -33.14 -3.09 62.93
CA SER HB 39 -32.87 -1.67 62.79
C SER HB 39 -34.12 -0.96 62.30
N TYR HB 40 -34.56 0.06 63.04
CA TYR HB 40 -35.78 0.80 62.73
C TYR HB 40 -35.50 2.18 62.14
N VAL HB 41 -34.25 2.49 61.79
CA VAL HB 41 -33.93 3.84 61.34
C VAL HB 41 -34.70 4.19 60.07
N ALA HB 42 -34.90 3.23 59.17
CA ALA HB 42 -35.56 3.52 57.92
C ALA HB 42 -37.02 3.93 58.10
N TRP HB 43 -37.60 3.67 59.28
CA TRP HB 43 -39.00 3.96 59.55
C TRP HB 43 -39.20 5.07 60.56
N SER HB 44 -38.30 5.21 61.53
CA SER HB 44 -38.49 6.15 62.62
C SER HB 44 -37.79 7.49 62.38
N ALA HB 45 -36.73 7.50 61.57
CA ALA HB 45 -35.98 8.73 61.35
C ALA HB 45 -36.84 9.83 60.75
N PRO HB 46 -37.58 9.61 59.65
CA PRO HB 46 -38.36 10.71 59.06
C PRO HB 46 -39.52 11.17 59.91
N LEU HB 47 -39.93 10.39 60.92
CA LEU HB 47 -41.06 10.80 61.75
C LEU HB 47 -40.71 11.92 62.70
N GLY HB 48 -39.43 12.24 62.86
CA GLY HB 48 -39.06 13.22 63.87
C GLY HB 48 -39.31 12.67 65.26
N GLY HB 49 -39.67 13.57 66.17
CA GLY HB 49 -40.00 13.13 67.51
C GLY HB 49 -38.77 12.60 68.23
N HIS HB 50 -39.00 11.66 69.15
CA HIS HB 50 -37.96 11.12 70.00
C HIS HB 50 -37.54 9.71 69.60
N GLY HB 51 -38.24 9.06 68.67
CA GLY HB 51 -37.85 7.74 68.23
C GLY HB 51 -38.50 6.64 69.05
N LEU HB 52 -37.79 5.52 69.16
CA LEU HB 52 -38.32 4.37 69.87
C LEU HB 52 -38.50 4.69 71.35
N THR HB 53 -39.49 4.04 71.97
CA THR HB 53 -39.87 4.35 73.35
C THR HB 53 -40.04 3.07 74.16
N ASN HB 54 -39.29 2.03 73.81
CA ASN HB 54 -39.40 0.74 74.50
C ASN HB 54 -40.83 0.25 74.26
N LYS HB 55 -41.52 -0.30 75.27
CA LYS HB 55 -42.92 -0.68 75.12
C LYS HB 55 -43.12 -1.66 73.98
N THR HB 56 -42.34 -2.74 73.97
CA THR HB 56 -42.46 -3.74 72.92
C THR HB 56 -43.33 -4.91 73.39
N THR HB 57 -43.90 -5.63 72.43
CA THR HB 57 -44.77 -6.76 72.71
C THR HB 57 -44.45 -7.91 71.76
N PHE HB 58 -44.45 -9.12 72.29
CA PHE HB 58 -44.15 -10.33 71.52
C PHE HB 58 -45.28 -11.33 71.66
N GLU HB 59 -45.51 -12.10 70.60
CA GLU HB 59 -46.51 -13.16 70.60
C GLU HB 59 -46.00 -14.31 69.74
N PHE HB 60 -46.29 -15.53 70.18
CA PHE HB 60 -45.88 -16.73 69.45
C PHE HB 60 -47.10 -17.49 68.95
N GLU HB 61 -47.00 -17.98 67.72
CA GLU HB 61 -48.06 -18.78 67.10
C GLU HB 61 -47.44 -20.01 66.46
N ASN HB 62 -48.25 -21.06 66.36
CA ASN HB 62 -47.80 -22.31 65.76
C ASN HB 62 -48.25 -22.41 64.31
N VAL HB 63 -47.37 -22.92 63.46
CA VAL HB 63 -47.74 -23.27 62.09
C VAL HB 63 -47.47 -24.74 61.78
N SER HB 64 -46.52 -25.38 62.45
CA SER HB 64 -46.32 -26.82 62.32
C SER HB 64 -45.63 -27.30 63.58
N VAL HB 65 -46.37 -28.00 64.44
CA VAL HB 65 -45.85 -28.50 65.70
C VAL HB 65 -46.27 -29.94 65.87
N THR HB 66 -45.36 -30.78 66.33
CA THR HB 66 -45.62 -32.19 66.59
C THR HB 66 -45.74 -32.39 68.09
N GLU HB 67 -46.84 -32.98 68.52
CA GLU HB 67 -47.07 -33.17 69.95
C GLU HB 67 -45.99 -34.09 70.52
N PRO HB 68 -45.48 -33.80 71.73
CA PRO HB 68 -44.46 -34.68 72.31
C PRO HB 68 -45.02 -36.05 72.63
N LEU HB 69 -44.18 -37.07 72.50
CA LEU HB 69 -44.56 -38.43 72.84
C LEU HB 69 -44.21 -38.82 74.27
N VAL HB 70 -43.63 -37.90 75.04
CA VAL HB 70 -43.28 -38.14 76.44
C VAL HB 70 -43.78 -36.98 77.27
N ASN HB 71 -43.96 -37.24 78.57
CA ASN HB 71 -44.53 -36.26 79.49
C ASN HB 71 -43.45 -35.78 80.45
N SER HB 72 -43.41 -34.46 80.68
CA SER HB 72 -42.54 -33.92 81.71
C SER HB 72 -43.14 -34.19 83.09
N ALA HB 73 -42.31 -34.03 84.11
CA ALA HB 73 -42.72 -34.35 85.48
C ALA HB 73 -42.07 -33.38 86.46
N PHE HB 74 -42.64 -33.33 87.65
CA PHE HB 74 -42.16 -32.47 88.73
C PHE HB 74 -42.29 -33.22 90.05
N GLU HB 75 -41.30 -33.05 90.92
CA GLU HB 75 -41.25 -33.75 92.19
C GLU HB 75 -40.65 -32.86 93.26
N ARG HB 76 -40.69 -33.34 94.49
CA ARG HB 76 -40.20 -32.60 95.65
C ARG HB 76 -39.29 -33.50 96.48
N THR HB 77 -38.34 -32.87 97.17
CA THR HB 77 -37.41 -33.58 98.03
C THR HB 77 -37.08 -32.73 99.25
N PRO HB 78 -37.02 -33.31 100.45
CA PRO HB 78 -36.68 -32.52 101.62
C PRO HB 78 -35.24 -32.03 101.58
N PHE HB 79 -34.90 -31.18 102.56
CA PHE HB 79 -33.57 -30.61 102.64
C PHE HB 79 -32.52 -31.71 102.78
N ASN HB 80 -31.46 -31.61 101.98
CA ASN HB 80 -30.32 -32.51 102.05
C ASN HB 80 -30.75 -33.97 102.00
N THR HB 81 -31.82 -34.28 101.27
CA THR HB 81 -32.36 -35.64 101.19
C THR HB 81 -32.19 -36.15 99.77
N THR HB 82 -31.73 -37.39 99.63
CA THR HB 82 -31.60 -38.00 98.32
C THR HB 82 -32.97 -38.36 97.77
N LEU HB 83 -33.08 -38.40 96.44
CA LEU HB 83 -34.33 -38.68 95.76
C LEU HB 83 -34.13 -39.85 94.79
N ALA HB 84 -35.20 -40.60 94.57
CA ALA HB 84 -35.19 -41.72 93.63
C ALA HB 84 -36.49 -41.71 92.84
N GLY HB 85 -36.46 -42.31 91.66
CA GLY HB 85 -37.63 -42.34 90.82
C GLY HB 85 -37.41 -43.23 89.61
N SER HB 86 -38.39 -43.23 88.73
CA SER HB 86 -38.36 -44.04 87.52
C SER HB 86 -38.91 -43.26 86.34
N LEU HB 87 -38.29 -43.44 85.18
CA LEU HB 87 -38.71 -42.75 83.97
C LEU HB 87 -39.74 -43.54 83.17
N ALA HB 88 -40.06 -44.77 83.61
CA ALA HB 88 -40.93 -45.63 82.80
C ALA HB 88 -42.34 -45.07 82.68
N ALA HB 89 -42.82 -44.38 83.71
CA ALA HB 89 -44.19 -43.90 83.71
C ALA HB 89 -44.41 -42.72 82.76
N LEU HB 90 -43.34 -42.18 82.19
CA LEU HB 90 -43.43 -40.98 81.36
C LEU HB 90 -43.43 -41.28 79.86
N PHE HB 91 -43.64 -42.53 79.45
CA PHE HB 91 -43.65 -42.92 78.05
C PHE HB 91 -44.93 -43.69 77.78
N PRO HB 92 -46.06 -42.99 77.61
CA PRO HB 92 -47.35 -43.68 77.41
C PRO HB 92 -47.51 -44.21 75.99
N ASN HB 93 -46.65 -45.15 75.61
CA ASN HB 93 -46.76 -45.74 74.29
C ASN HB 93 -47.92 -46.73 74.27
N PRO HB 94 -48.87 -46.57 73.33
CA PRO HB 94 -49.95 -47.55 73.22
C PRO HB 94 -49.52 -48.87 72.60
N GLU HB 95 -48.49 -48.86 71.76
CA GLU HB 95 -47.97 -50.08 71.16
C GLU HB 95 -46.95 -50.74 72.10
N GLY HB 96 -46.61 -51.98 71.80
CA GLY HB 96 -45.67 -52.73 72.63
C GLY HB 96 -44.31 -52.88 71.98
N GLU HB 97 -43.34 -52.10 72.45
CA GLU HB 97 -41.99 -52.15 71.92
C GLU HB 97 -41.00 -51.95 73.06
N ALA HB 98 -39.76 -52.36 72.81
CA ALA HB 98 -38.72 -52.24 73.82
C ALA HB 98 -38.42 -50.77 74.10
N VAL HB 99 -37.93 -50.51 75.32
CA VAL HB 99 -37.62 -49.16 75.76
C VAL HB 99 -36.18 -49.10 76.25
N GLU HB 100 -35.59 -47.93 76.15
CA GLU HB 100 -34.26 -47.67 76.69
C GLU HB 100 -34.14 -46.19 77.00
N TYR HB 101 -33.38 -45.88 78.04
CA TYR HB 101 -33.35 -44.54 78.60
C TYR HB 101 -31.94 -43.98 78.52
N GLU HB 102 -31.85 -42.65 78.54
CA GLU HB 102 -30.57 -41.97 78.48
C GLU HB 102 -30.70 -40.61 79.16
N ILE HB 103 -29.56 -40.07 79.58
CA ILE HB 103 -29.49 -38.74 80.19
C ILE HB 103 -28.59 -37.88 79.29
N LEU HB 104 -29.12 -36.75 78.84
CA LEU HB 104 -28.38 -35.86 77.95
C LEU HB 104 -27.29 -35.17 78.77
N GLU HB 105 -26.04 -35.57 78.54
CA GLU HB 105 -24.93 -35.07 79.33
C GLU HB 105 -24.53 -33.65 78.96
N LEU HB 106 -24.94 -33.15 77.80
CA LEU HB 106 -24.65 -31.76 77.46
C LEU HB 106 -25.40 -30.78 78.34
N TYR HB 107 -26.40 -31.24 79.09
CA TYR HB 107 -27.27 -30.37 79.88
C TYR HB 107 -27.33 -30.89 81.31
N PRO HB 108 -26.21 -30.89 82.03
CA PRO HB 108 -26.19 -31.45 83.37
C PRO HB 108 -26.87 -30.53 84.36
N PRO HB 109 -27.36 -31.07 85.49
CA PRO HB 109 -27.90 -30.20 86.53
C PRO HB 109 -26.81 -29.32 87.12
N VAL HB 110 -27.21 -28.14 87.56
CA VAL HB 110 -26.26 -27.13 88.04
C VAL HB 110 -25.94 -27.36 89.50
N ASN HB 111 -26.93 -27.85 90.27
CA ASN HB 111 -26.79 -28.00 91.71
C ASN HB 111 -27.07 -29.43 92.16
N GLY HB 112 -26.54 -30.42 91.44
CA GLY HB 112 -26.75 -31.79 91.84
C GLY HB 112 -26.06 -32.75 90.90
N ILE HB 113 -26.22 -34.04 91.18
CA ILE HB 113 -25.65 -35.10 90.37
C ILE HB 113 -26.70 -36.19 90.21
N VAL HB 114 -26.78 -36.74 89.00
CA VAL HB 114 -27.76 -37.77 88.66
C VAL HB 114 -27.02 -39.02 88.18
N GLU HB 115 -27.66 -40.17 88.39
CA GLU HB 115 -27.11 -41.46 87.99
C GLU HB 115 -28.23 -42.30 87.42
N LEU HB 116 -28.08 -42.74 86.17
CA LEU HB 116 -29.10 -43.54 85.51
C LEU HB 116 -29.04 -44.96 86.06
N GLY HB 117 -30.20 -45.48 86.47
CA GLY HB 117 -30.30 -46.77 87.11
C GLY HB 117 -30.71 -47.87 86.15
N GLU HB 118 -31.37 -48.89 86.69
CA GLU HB 118 -31.78 -50.04 85.90
C GLU HB 118 -33.22 -49.88 85.43
N ASN HB 119 -33.42 -50.07 84.12
CA ASN HB 119 -34.75 -50.06 83.51
C ASN HB 119 -35.54 -48.84 83.97
N GLY HB 120 -34.98 -47.66 83.73
CA GLY HB 120 -35.65 -46.41 83.98
C GLY HB 120 -35.45 -45.82 85.36
N ALA HB 121 -34.84 -46.56 86.28
CA ALA HB 121 -34.59 -46.03 87.61
C ALA HB 121 -33.48 -44.98 87.57
N PHE HB 122 -33.55 -44.02 88.48
CA PHE HB 122 -32.56 -42.97 88.56
C PHE HB 122 -32.48 -42.45 89.99
N THR HB 123 -31.37 -41.80 90.30
CA THR HB 123 -31.14 -41.25 91.64
C THR HB 123 -30.54 -39.85 91.51
N TYR HB 124 -31.09 -38.91 92.27
CA TYR HB 124 -30.64 -37.52 92.26
C TYR HB 124 -30.09 -37.17 93.63
N ARG HB 125 -28.81 -36.81 93.69
CA ARG HB 125 -28.14 -36.51 94.95
C ARG HB 125 -27.85 -35.02 95.03
N PRO HB 126 -28.64 -34.24 95.77
CA PRO HB 126 -28.41 -32.79 95.80
C PRO HB 126 -27.15 -32.43 96.55
N ALA HB 127 -26.60 -31.28 96.19
CA ALA HB 127 -25.44 -30.75 96.89
C ALA HB 127 -25.83 -30.29 98.29
N THR HB 128 -24.86 -30.27 99.19
CA THR HB 128 -25.14 -29.91 100.58
C THR HB 128 -25.59 -28.47 100.69
N SER HB 129 -26.63 -28.24 101.50
CA SER HB 129 -27.14 -26.91 101.82
C SER HB 129 -27.81 -26.22 100.65
N PHE HB 130 -28.11 -26.93 99.57
CA PHE HB 130 -28.76 -26.30 98.44
C PHE HB 130 -30.28 -26.22 98.66
N THR HB 131 -30.88 -25.18 98.10
CA THR HB 131 -32.33 -25.02 98.11
C THR HB 131 -32.72 -24.21 96.89
N GLY HB 132 -33.72 -24.69 96.16
CA GLY HB 132 -34.18 -24.03 94.95
C GLY HB 132 -34.69 -25.05 93.95
N ILE HB 133 -34.63 -24.69 92.68
CA ILE HB 133 -35.13 -25.52 91.59
C ILE HB 133 -33.95 -26.04 90.78
N ASP HB 134 -34.09 -27.25 90.25
CA ASP HB 134 -33.06 -27.86 89.43
C ASP HB 134 -33.73 -28.65 88.30
N ARG HB 135 -32.98 -28.87 87.22
CA ARG HB 135 -33.52 -29.51 86.04
C ARG HB 135 -32.50 -30.49 85.47
N PHE HB 136 -33.01 -31.47 84.73
CA PHE HB 136 -32.16 -32.30 83.88
C PHE HB 136 -33.05 -32.90 82.79
N TRP HB 137 -32.44 -33.14 81.62
CA TRP HB 137 -33.17 -33.55 80.44
C TRP HB 137 -32.86 -35.01 80.12
N PHE HB 138 -33.91 -35.80 79.91
CA PHE HB 138 -33.81 -37.23 79.69
C PHE HB 138 -34.32 -37.57 78.30
N SER HB 139 -33.87 -38.71 77.77
CA SER HB 139 -34.28 -39.18 76.46
C SER HB 139 -34.82 -40.60 76.59
N ILE HB 140 -36.02 -40.83 76.07
CA ILE HB 140 -36.66 -42.13 76.08
C ILE HB 140 -36.87 -42.58 74.66
N ASN HB 141 -36.25 -43.70 74.28
CA ASN HB 141 -36.42 -44.31 72.97
C ASN HB 141 -36.23 -43.30 71.84
N GLY HB 142 -35.44 -42.26 72.08
CA GLY HB 142 -35.17 -41.24 71.09
C GLY HB 142 -35.96 -39.94 71.27
N ASN HB 143 -36.92 -39.92 72.19
CA ASN HB 143 -37.73 -38.73 72.44
C ASN HB 143 -37.20 -38.02 73.67
N VAL HB 144 -37.31 -36.68 73.66
CA VAL HB 144 -36.73 -35.83 74.70
C VAL HB 144 -37.83 -35.30 75.60
N GLY HB 145 -37.52 -35.15 76.88
CA GLY HB 145 -38.45 -34.60 77.85
C GLY HB 145 -37.71 -33.89 78.96
N GLU HB 146 -38.48 -33.28 79.85
CA GLU HB 146 -37.94 -32.50 80.95
C GLU HB 146 -38.32 -33.12 82.28
N PHE HB 147 -37.45 -32.99 83.28
CA PHE HB 147 -37.73 -33.43 84.64
C PHE HB 147 -37.25 -32.34 85.59
N VAL HB 148 -38.12 -31.90 86.49
CA VAL HB 148 -37.85 -30.79 87.39
C VAL HB 148 -37.91 -31.31 88.82
N ILE HB 149 -36.89 -30.96 89.62
CA ILE HB 149 -36.78 -31.41 91.00
C ILE HB 149 -36.63 -30.18 91.88
N ALA HB 150 -37.36 -30.15 93.00
CA ALA HB 150 -37.39 -29.02 93.91
C ALA HB 150 -36.80 -29.43 95.25
N VAL HB 151 -35.93 -28.59 95.79
CA VAL HB 151 -35.34 -28.80 97.11
C VAL HB 151 -35.90 -27.72 98.03
N ASP HB 152 -36.88 -28.09 98.86
CA ASP HB 152 -37.56 -27.11 99.69
C ASP HB 152 -36.71 -26.74 100.90
N PRO HB 153 -36.91 -25.54 101.44
CA PRO HB 153 -36.15 -25.14 102.63
C PRO HB 153 -36.53 -25.96 103.85
N ALA HB 154 -35.59 -26.05 104.79
CA ALA HB 154 -35.80 -26.88 105.98
C ALA HB 154 -36.76 -26.23 106.98
N GLN HB 155 -36.70 -24.91 107.12
CA GLN HB 155 -37.42 -24.19 108.18
C GLN HB 155 -38.20 -23.02 107.59
N GLY HB 156 -38.93 -23.28 106.52
CA GLY HB 156 -39.73 -22.25 105.89
C GLY HB 156 -40.81 -22.83 104.99
N PRO HB 157 -41.65 -21.95 104.44
CA PRO HB 157 -42.72 -22.41 103.54
C PRO HB 157 -42.15 -23.02 102.27
N GLN HB 158 -42.91 -23.96 101.71
CA GLN HB 158 -42.48 -24.65 100.50
C GLN HB 158 -42.44 -23.69 99.32
N ILE HB 159 -41.61 -24.02 98.34
CA ILE HB 159 -41.44 -23.18 97.16
C ILE HB 159 -42.45 -23.57 96.10
N ALA HB 160 -42.96 -22.57 95.38
CA ALA HB 160 -44.01 -22.80 94.40
C ALA HB 160 -43.46 -23.54 93.18
N GLN HB 161 -44.34 -24.30 92.53
CA GLN HB 161 -43.95 -25.05 91.34
C GLN HB 161 -43.64 -24.09 90.20
N PRO HB 162 -42.54 -24.27 89.48
CA PRO HB 162 -42.25 -23.40 88.33
C PRO HB 162 -42.82 -23.97 87.05
N PRO HB 163 -43.08 -23.13 86.06
CA PRO HB 163 -43.58 -23.64 84.78
C PRO HB 163 -42.48 -24.29 83.96
N PHE HB 164 -42.89 -25.20 83.09
CA PHE HB 164 -41.93 -25.87 82.21
C PHE HB 164 -41.46 -24.92 81.11
N THR HB 165 -40.24 -25.13 80.64
CA THR HB 165 -39.67 -24.27 79.62
C THR HB 165 -40.34 -24.56 78.28
N PRO HB 166 -40.92 -23.56 77.61
CA PRO HB 166 -41.54 -23.82 76.31
C PRO HB 166 -40.52 -24.26 75.27
N ALA HB 167 -41.02 -24.60 74.08
CA ALA HB 167 -40.13 -25.02 73.00
C ALA HB 167 -39.22 -23.88 72.56
N VAL HB 168 -39.80 -22.70 72.33
CA VAL HB 168 -39.03 -21.49 72.03
C VAL HB 168 -39.59 -20.35 72.87
N TYR HB 169 -38.69 -19.56 73.44
CA TYR HB 169 -39.09 -18.50 74.36
C TYR HB 169 -38.17 -17.30 74.17
N VAL HB 170 -38.66 -16.14 74.61
CA VAL HB 170 -37.90 -14.89 74.54
C VAL HB 170 -37.84 -14.29 75.94
N PRO HB 171 -36.72 -14.41 76.66
CA PRO HB 171 -36.64 -13.78 77.99
C PRO HB 171 -36.96 -12.30 77.94
N LEU HB 172 -38.04 -11.89 78.59
CA LEU HB 172 -38.53 -10.53 78.44
C LEU HB 172 -37.71 -9.52 79.25
N SER HB 173 -36.97 -9.98 80.26
CA SER HB 173 -36.13 -9.07 81.02
C SER HB 173 -34.84 -8.71 80.28
N ARG HB 174 -34.46 -9.49 79.28
CA ARG HB 174 -33.25 -9.23 78.48
C ARG HB 174 -33.67 -8.58 77.17
N ARG HB 175 -33.88 -7.27 77.24
CA ARG HB 175 -34.42 -6.51 76.11
C ARG HB 175 -34.03 -5.06 76.27
N GLU HB 176 -33.63 -4.43 75.17
CA GLU HB 176 -33.19 -3.04 75.21
C GLU HB 176 -33.35 -2.41 73.83
N VAL HB 177 -33.44 -1.09 73.82
CA VAL HB 177 -33.52 -0.30 72.59
C VAL HB 177 -32.43 0.76 72.66
N ASN HB 178 -31.67 0.88 71.57
CA ASN HB 178 -30.57 1.85 71.51
C ASN HB 178 -31.10 3.12 70.86
N LYS HB 179 -31.28 4.17 71.67
CA LYS HB 179 -31.81 5.42 71.16
C LYS HB 179 -30.83 6.12 70.23
N GLN HB 180 -29.54 5.79 70.29
CA GLN HB 180 -28.57 6.44 69.41
C GLN HB 180 -28.67 5.94 67.98
N THR HB 181 -29.16 4.72 67.76
CA THR HB 181 -29.26 4.18 66.42
C THR HB 181 -30.61 3.53 66.14
N GLN HB 182 -31.58 3.64 67.05
CA GLN HB 182 -32.93 3.14 66.82
C GLN HB 182 -32.91 1.65 66.49
N ALA HB 183 -32.11 0.89 67.23
CA ALA HB 183 -31.98 -0.55 67.03
C ALA HB 183 -32.47 -1.30 68.26
N LEU HB 184 -33.22 -2.37 68.04
CA LEU HB 184 -33.79 -3.17 69.10
C LEU HB 184 -33.04 -4.49 69.21
N ARG HB 185 -32.78 -4.93 70.44
CA ARG HB 185 -32.11 -6.19 70.72
C ARG HB 185 -32.96 -7.03 71.65
N PHE HB 186 -33.08 -8.32 71.33
CA PHE HB 186 -33.71 -9.29 72.22
C PHE HB 186 -33.01 -10.62 72.05
N VAL HB 187 -33.31 -11.54 72.98
CA VAL HB 187 -32.64 -12.84 73.05
C VAL HB 187 -33.63 -13.93 72.71
N LEU HB 188 -33.25 -14.79 71.77
CA LEU HB 188 -34.07 -15.93 71.36
C LEU HB 188 -33.41 -17.21 71.85
N GLY HB 189 -34.20 -18.07 72.49
CA GLY HB 189 -33.68 -19.32 73.02
C GLY HB 189 -34.55 -20.50 72.64
N VAL HB 190 -33.92 -21.67 72.46
CA VAL HB 190 -34.60 -22.88 72.04
C VAL HB 190 -34.33 -23.97 73.07
N SER HB 191 -35.39 -24.61 73.54
CA SER HB 191 -35.24 -25.69 74.50
C SER HB 191 -34.68 -26.94 73.79
N PRO HB 192 -34.01 -27.82 74.52
CA PRO HB 192 -33.49 -29.04 73.88
C PRO HB 192 -34.59 -29.93 73.32
N ALA HB 193 -35.82 -29.76 73.81
CA ALA HB 193 -36.93 -30.62 73.43
C ALA HB 193 -37.55 -30.27 72.09
N ALA HB 194 -37.22 -29.13 71.51
CA ALA HB 194 -37.82 -28.73 70.25
C ALA HB 194 -37.48 -29.75 69.16
N LYS HB 195 -38.51 -30.29 68.52
CA LYS HB 195 -38.30 -31.31 67.49
C LYS HB 195 -37.87 -30.65 66.19
N PRO HB 196 -36.85 -31.19 65.50
CA PRO HB 196 -36.43 -30.58 64.24
C PRO HB 196 -37.53 -30.63 63.18
N ALA HB 197 -37.45 -29.69 62.24
CA ALA HB 197 -38.40 -29.57 61.14
C ALA HB 197 -39.68 -28.87 61.57
N ASP HB 198 -39.78 -28.48 62.83
CA ASP HB 198 -40.93 -27.70 63.28
C ASP HB 198 -40.76 -26.23 62.89
N ILE HB 199 -41.88 -25.50 62.91
CA ILE HB 199 -41.89 -24.10 62.54
C ILE HB 199 -42.79 -23.34 63.50
N TYR HB 200 -42.33 -22.18 63.98
CA TYR HB 200 -43.12 -21.27 64.79
C TYR HB 200 -43.09 -19.88 64.17
N ARG HB 201 -44.01 -19.03 64.61
CA ARG HB 201 -44.11 -17.66 64.12
C ARG HB 201 -44.07 -16.70 65.29
N LEU HB 202 -43.35 -15.59 65.13
CA LEU HB 202 -43.18 -14.58 66.16
C LEU HB 202 -43.63 -13.24 65.60
N ASN HB 203 -44.46 -12.52 66.36
CA ASN HB 203 -44.94 -11.21 65.98
C ASN HB 203 -44.44 -10.16 66.96
N ILE HB 204 -44.04 -9.01 66.44
CA ILE HB 204 -43.48 -7.92 67.23
C ILE HB 204 -44.23 -6.65 66.91
N ARG HB 205 -44.59 -5.89 67.95
CA ARG HB 205 -45.22 -4.59 67.81
C ARG HB 205 -44.41 -3.57 68.57
N GLN HB 206 -43.71 -2.70 67.85
CA GLN HB 206 -42.80 -1.72 68.44
C GLN HB 206 -43.45 -0.35 68.37
N ALA HB 207 -43.24 0.45 69.41
CA ALA HB 207 -43.86 1.76 69.52
C ALA HB 207 -42.82 2.87 69.43
N ALA HB 208 -43.21 3.97 68.79
CA ALA HB 208 -42.39 5.18 68.73
C ALA HB 208 -43.28 6.36 69.04
N ILE HB 209 -42.68 7.44 69.53
CA ILE HB 209 -43.41 8.60 70.02
C ILE HB 209 -43.01 9.83 69.21
N ASP HB 210 -43.94 10.77 69.07
CA ASP HB 210 -43.63 12.07 68.50
C ASP HB 210 -43.09 12.99 69.59
N CYS HB 211 -42.92 14.26 69.24
CA CYS HB 211 -42.30 15.21 70.15
C CYS HB 211 -43.19 15.57 71.34
N GLU HB 212 -44.38 15.01 71.50
CA GLU HB 212 -45.27 15.38 72.60
C GLU HB 212 -45.76 14.19 73.43
N GLY HB 213 -45.43 12.95 73.04
CA GLY HB 213 -45.81 11.78 73.79
C GLY HB 213 -46.82 10.86 73.12
N ASN HB 214 -47.31 11.23 71.94
CA ASN HB 214 -48.26 10.39 71.20
C ASN HB 214 -47.50 9.33 70.42
N GLU HB 215 -48.09 8.14 70.30
CA GLU HB 215 -47.37 6.98 69.84
C GLU HB 215 -47.67 6.65 68.37
N TYR HB 216 -46.66 6.07 67.72
CA TYR HB 216 -46.81 5.36 66.47
C TYR HB 216 -46.50 3.88 66.72
N PHE HB 217 -46.97 3.01 65.83
CA PHE HB 217 -46.79 1.58 66.00
C PHE HB 217 -46.36 0.94 64.70
N HIS HB 218 -45.57 -0.13 64.82
CA HIS HB 218 -45.07 -0.89 63.68
C HIS HB 218 -45.16 -2.37 63.99
N ILE HB 219 -45.65 -3.15 63.02
CA ILE HB 219 -45.92 -4.57 63.21
C ILE HB 219 -45.11 -5.36 62.19
N SER HB 220 -44.46 -6.42 62.65
CA SER HB 220 -43.68 -7.31 61.79
C SER HB 220 -43.70 -8.70 62.37
N CYS HB 221 -43.36 -9.69 61.55
CA CYS HB 221 -43.42 -11.08 61.97
C CYS HB 221 -42.25 -11.84 61.35
N TYR HB 222 -41.86 -12.92 62.02
CA TYR HB 222 -40.73 -13.74 61.61
C TYR HB 222 -41.08 -15.22 61.75
N ASP HB 223 -40.48 -16.05 60.91
CA ASP HB 223 -40.72 -17.49 60.91
C ASP HB 223 -39.47 -18.20 61.44
N ILE HB 224 -39.65 -19.01 62.48
CA ILE HB 224 -38.56 -19.72 63.12
C ILE HB 224 -38.72 -21.20 62.82
N SER HB 225 -37.69 -21.80 62.22
CA SER HB 225 -37.71 -23.21 61.82
C SER HB 225 -36.53 -23.91 62.48
N ILE HB 226 -36.81 -25.07 63.09
CA ILE HB 226 -35.77 -25.78 63.84
C ILE HB 226 -34.86 -26.53 62.88
N GLY HB 227 -33.56 -26.39 63.08
CA GLY HB 227 -32.56 -27.02 62.26
C GLY HB 227 -31.90 -28.21 62.94
N SER HB 228 -30.67 -28.50 62.51
CA SER HB 228 -29.91 -29.62 63.05
C SER HB 228 -28.47 -29.49 62.54
N CYS HB 229 -27.66 -30.49 62.86
CA CYS HB 229 -26.26 -30.49 62.45
C CYS HB 229 -26.09 -31.19 61.11
N GLY HB 230 -24.84 -31.33 60.70
CA GLY HB 230 -24.51 -32.00 59.44
C GLY HB 230 -23.03 -31.97 59.14
#